data_9HXC
#
_entry.id   9HXC
#
loop_
_entity.id
_entity.type
_entity.pdbx_description
1 polymer 'Asgard tubulin AtubA with residues from TEV protease cleavage site'
2 polymer 'Asgard tubulin AtubB2'
3 non-polymer "GUANOSINE-5'-DIPHOSPHATE"
#
loop_
_entity_poly.entity_id
_entity_poly.type
_entity_poly.pdbx_seq_one_letter_code
_entity_poly.pdbx_strand_id
1 'polypeptide(L)'
;MAGEIVCIQVGQAGNQIAGAFWQKICAEHGIDPVNGKAIDVVGDTDIFFNTIGDKYIPRAVVVDLEPAVVENIREKFGTL
FDPKSIVSGADGAGNNFAIGFNEHGAETLEKVMQVVEQRVSETESIGGFILTHSCGGGTGSGFGSKILKTIRERYPKVPI
FTFSIFPSPKISETVVEPYNAIMTLSNLIKYASCSIVLDNEALFSIAEKKLEVENPSLEDLNLIIAQVLTNVTASLRFSG
TLNLDLGKLVTNLVPFSNLHFLMASTAPLVLAGKESYEKMTAKELSAQVFGDEYICAACKPTTGRYLAASVLFRGAVKTS
DVNEAMATVKEQNSFVNWIPTGFKISKSETSPKDSALGVIMLGNNSEIVSVFERIGANFDRLWSRKAFAHWFTDSGFEEK
DLDDARALVQKVIDDYRKLTEDAENLYF
;
A,B,E,G,I,K,M,O,Q,S,U,W,Y,a
2 'polypeptide(L)'
;MAREVITIHVGELGIQIAPNFWKYLCDEHNIDYKGQEKGKIRGVIDNFFEKASIGKWIPRTILVDLGPNAIRKVTKKDMK
DFFDPKRCVMGLAGDANLFAKGYYSYGTRFMEEIMDKIQKEVDQTEHLQGFIVVHSIGDGTGAGLAPLIMEAIKKKHPKL
VMMSYSIVPSQNMDCSTILPYNAILSLDKLTSCADISMIIDNDSIYRIVATQGKENELSESIFDQVLAKALVEITATLRF
NSPLNRSMMEMSTNLVPFPRNHFLMTSMSPLETSLTSAHQKIETKELMQDLIDQDHILAPITVEKGVFTAFVIALRGENP
HSILQNSIKGFGDRVKFSEIFPTAIKADSTTLTDEKLARSGITLMNHSGVANLFQFLLTQFELMYDHDAFTTWYYQEGMQ
PSEFEAAKNNIQKLITEYKQDEY
;
D,C,F,H,J,L,N,P,R,T,V,X,Z,b
#
loop_
_chem_comp.id
_chem_comp.type
_chem_comp.name
_chem_comp.formula
GDP RNA linking GUANOSINE-5'-DIPHOSPHATE 'C10 H15 N5 O11 P2'
#
# COMPACT_ATOMS: atom_id res chain seq x y z
N ALA A 2 67.07 -49.13 -64.11
CA ALA A 2 68.28 -49.62 -63.47
C ALA A 2 68.23 -51.14 -63.25
N GLY A 3 67.19 -51.67 -62.58
CA GLY A 3 67.06 -53.10 -62.25
C GLY A 3 66.62 -53.92 -63.45
N GLU A 4 67.41 -53.86 -64.51
CA GLU A 4 67.10 -54.51 -65.78
C GLU A 4 67.35 -56.00 -65.68
N ILE A 5 66.47 -56.79 -66.27
CA ILE A 5 66.59 -58.24 -66.17
C ILE A 5 66.89 -58.96 -67.45
N VAL A 6 67.87 -59.84 -67.40
CA VAL A 6 68.19 -60.64 -68.58
C VAL A 6 67.76 -62.07 -68.33
N CYS A 7 66.88 -62.59 -69.17
CA CYS A 7 66.42 -63.95 -68.96
C CYS A 7 67.22 -64.90 -69.83
N ILE A 8 67.47 -66.09 -69.35
CA ILE A 8 68.15 -67.11 -70.13
C ILE A 8 67.25 -68.32 -70.16
N GLN A 9 66.94 -68.80 -71.34
CA GLN A 9 66.03 -69.92 -71.48
C GLN A 9 66.78 -71.10 -72.02
N VAL A 10 66.87 -72.21 -71.29
CA VAL A 10 67.69 -73.29 -71.84
C VAL A 10 66.92 -74.59 -71.97
N GLY A 11 66.89 -75.11 -73.19
CA GLY A 11 66.25 -76.38 -73.48
C GLY A 11 64.78 -76.24 -73.80
N GLN A 12 64.15 -77.35 -74.19
CA GLN A 12 62.75 -77.29 -74.59
C GLN A 12 61.79 -76.87 -73.51
N ALA A 13 61.94 -77.37 -72.29
CA ALA A 13 61.02 -76.97 -71.25
C ALA A 13 61.25 -75.54 -70.92
N GLY A 14 62.51 -75.14 -70.95
CA GLY A 14 62.89 -73.80 -70.58
C GLY A 14 62.25 -72.81 -71.52
N ASN A 15 62.25 -73.13 -72.80
CA ASN A 15 61.71 -72.26 -73.80
C ASN A 15 60.20 -72.23 -73.76
N GLN A 16 59.55 -73.36 -73.47
CA GLN A 16 58.09 -73.33 -73.43
C GLN A 16 57.55 -72.59 -72.23
N ILE A 17 58.22 -72.74 -71.09
CA ILE A 17 57.77 -72.07 -69.89
C ILE A 17 58.01 -70.59 -70.01
N ALA A 18 59.20 -70.22 -70.44
CA ALA A 18 59.51 -68.83 -70.61
C ALA A 18 58.62 -68.21 -71.66
N GLY A 19 58.28 -68.96 -72.69
CA GLY A 19 57.42 -68.47 -73.72
C GLY A 19 56.08 -68.04 -73.13
N ALA A 20 55.49 -68.91 -72.30
CA ALA A 20 54.22 -68.58 -71.68
C ALA A 20 54.35 -67.32 -70.83
N PHE A 21 55.47 -67.19 -70.13
CA PHE A 21 55.73 -66.00 -69.35
C PHE A 21 55.74 -64.76 -70.20
N TRP A 22 56.51 -64.78 -71.27
CA TRP A 22 56.63 -63.59 -72.07
C TRP A 22 55.32 -63.15 -72.65
N GLN A 23 54.50 -64.10 -73.06
CA GLN A 23 53.23 -63.75 -73.62
C GLN A 23 52.27 -63.20 -72.57
N LYS A 24 52.41 -63.60 -71.30
CA LYS A 24 51.54 -63.03 -70.27
C LYS A 24 52.03 -61.63 -69.89
N ILE A 25 53.34 -61.40 -69.90
CA ILE A 25 53.91 -60.10 -69.58
C ILE A 25 53.44 -59.08 -70.60
N CYS A 26 53.41 -59.49 -71.85
CA CYS A 26 52.96 -58.66 -72.93
C CYS A 26 51.47 -58.33 -72.84
N ALA A 27 50.72 -59.06 -72.04
CA ALA A 27 49.33 -58.73 -71.95
C ALA A 27 49.16 -57.66 -70.89
N GLU A 28 49.89 -57.79 -69.80
CA GLU A 28 49.74 -56.82 -68.69
C GLU A 28 50.29 -55.45 -69.10
N HIS A 29 51.38 -55.43 -69.88
CA HIS A 29 52.01 -54.13 -70.23
C HIS A 29 51.29 -53.50 -71.43
N GLY A 30 50.63 -54.32 -72.25
CA GLY A 30 49.91 -53.82 -73.43
C GLY A 30 50.77 -53.87 -74.68
N ILE A 31 51.30 -55.04 -75.02
CA ILE A 31 52.18 -55.19 -76.21
C ILE A 31 51.61 -56.35 -77.05
N ASP A 32 51.75 -56.32 -78.37
CA ASP A 32 51.24 -57.46 -79.14
C ASP A 32 52.12 -58.71 -78.93
N PRO A 33 51.63 -59.80 -78.32
CA PRO A 33 52.37 -61.01 -77.99
C PRO A 33 52.98 -61.71 -79.19
N VAL A 34 52.52 -61.40 -80.40
CA VAL A 34 53.10 -62.07 -81.56
C VAL A 34 53.89 -61.16 -82.48
N ASN A 35 54.01 -59.88 -82.11
CA ASN A 35 54.75 -58.91 -82.93
C ASN A 35 55.74 -58.09 -82.14
N GLY A 36 55.41 -57.78 -80.89
CA GLY A 36 56.20 -56.90 -80.05
C GLY A 36 55.80 -55.45 -80.25
N LYS A 37 54.91 -55.23 -81.22
CA LYS A 37 54.56 -53.82 -81.56
C LYS A 37 53.49 -53.30 -80.62
N ALA A 38 53.69 -52.06 -80.13
CA ALA A 38 52.72 -51.43 -79.27
C ALA A 38 52.70 -49.94 -79.48
N ILE A 39 51.57 -49.34 -79.20
CA ILE A 39 51.50 -47.89 -79.27
C ILE A 39 51.46 -47.33 -77.87
N ASP A 40 50.52 -47.82 -77.08
CA ASP A 40 50.31 -47.36 -75.73
C ASP A 40 50.53 -48.46 -74.72
N VAL A 41 51.56 -48.31 -73.91
CA VAL A 41 51.91 -49.33 -72.94
C VAL A 41 51.90 -48.73 -71.57
N VAL A 42 51.83 -49.57 -70.57
CA VAL A 42 51.83 -49.12 -69.20
C VAL A 42 52.90 -49.86 -68.44
N GLY A 43 53.28 -49.32 -67.29
CA GLY A 43 54.25 -49.97 -66.42
C GLY A 43 55.66 -49.61 -66.87
N ASP A 44 56.65 -50.14 -66.17
CA ASP A 44 58.03 -49.87 -66.48
C ASP A 44 58.53 -50.97 -67.42
N THR A 45 58.33 -50.77 -68.72
CA THR A 45 58.60 -51.80 -69.70
C THR A 45 60.07 -51.99 -69.94
N ASP A 46 60.87 -51.04 -69.48
CA ASP A 46 62.30 -51.09 -69.67
C ASP A 46 62.95 -52.19 -68.85
N ILE A 47 62.28 -52.71 -67.85
CA ILE A 47 62.91 -53.74 -67.04
C ILE A 47 63.12 -55.01 -67.86
N PHE A 48 62.11 -55.41 -68.64
CA PHE A 48 62.23 -56.62 -69.45
C PHE A 48 62.35 -56.42 -70.96
N PHE A 49 62.02 -55.24 -71.49
CA PHE A 49 62.06 -55.09 -72.94
C PHE A 49 63.00 -54.00 -73.42
N ASN A 50 63.66 -54.26 -74.52
CA ASN A 50 64.50 -53.29 -75.20
C ASN A 50 63.64 -52.59 -76.24
N THR A 51 63.30 -51.33 -76.04
CA THR A 51 62.38 -50.75 -76.99
C THR A 51 63.12 -50.01 -78.10
N ILE A 52 62.84 -50.41 -79.33
CA ILE A 52 63.39 -49.78 -80.51
C ILE A 52 62.24 -49.34 -81.39
N GLY A 53 62.09 -48.04 -81.62
CA GLY A 53 60.94 -47.59 -82.38
C GLY A 53 59.70 -47.94 -81.58
N ASP A 54 58.73 -48.62 -82.20
CA ASP A 54 57.53 -49.01 -81.52
C ASP A 54 57.51 -50.51 -81.20
N LYS A 55 58.67 -51.16 -81.30
CA LYS A 55 58.77 -52.58 -81.01
C LYS A 55 59.46 -52.84 -79.68
N TYR A 56 58.82 -53.65 -78.86
CA TYR A 56 59.33 -54.01 -77.57
C TYR A 56 59.95 -55.37 -77.66
N ILE A 57 61.26 -55.43 -77.53
CA ILE A 57 61.98 -56.66 -77.71
C ILE A 57 62.34 -57.30 -76.38
N PRO A 58 61.83 -58.46 -76.01
CA PRO A 58 62.07 -59.02 -74.73
C PRO A 58 63.52 -59.32 -74.65
N ARG A 59 64.12 -59.02 -73.48
CA ARG A 59 65.56 -59.31 -73.24
C ARG A 59 65.70 -60.74 -72.76
N ALA A 60 66.06 -61.65 -73.66
CA ALA A 60 66.21 -63.03 -73.35
C ALA A 60 67.26 -63.64 -74.24
N VAL A 61 67.93 -64.63 -73.73
CA VAL A 61 68.88 -65.39 -74.48
C VAL A 61 68.26 -66.75 -74.65
N VAL A 62 68.06 -67.18 -75.88
CA VAL A 62 67.38 -68.44 -76.08
C VAL A 62 68.38 -69.49 -76.50
N VAL A 63 68.49 -70.52 -75.70
CA VAL A 63 69.54 -71.50 -75.90
C VAL A 63 69.11 -72.93 -76.08
N ASP A 64 69.65 -73.56 -77.11
CA ASP A 64 69.39 -74.97 -77.27
C ASP A 64 70.60 -75.67 -77.89
N LEU A 65 70.53 -76.97 -78.05
CA LEU A 65 71.56 -77.75 -78.71
C LEU A 65 70.93 -78.31 -79.95
N GLU A 66 69.61 -78.13 -80.01
CA GLU A 66 68.76 -78.57 -81.10
C GLU A 66 69.13 -77.86 -82.42
N PRO A 67 69.27 -78.58 -83.55
CA PRO A 67 69.58 -78.07 -84.88
C PRO A 67 68.67 -76.99 -85.49
N ALA A 68 67.40 -76.88 -85.08
CA ALA A 68 66.54 -75.87 -85.72
C ALA A 68 65.70 -75.10 -84.73
N VAL A 69 66.34 -74.58 -83.71
CA VAL A 69 65.64 -73.84 -82.68
C VAL A 69 64.99 -72.55 -83.18
N VAL A 70 65.54 -71.87 -84.19
CA VAL A 70 64.91 -70.62 -84.59
C VAL A 70 63.55 -70.84 -85.24
N GLU A 71 63.49 -71.78 -86.17
CA GLU A 71 62.25 -72.05 -86.87
C GLU A 71 61.18 -72.53 -85.91
N ASN A 72 61.59 -73.27 -84.89
CA ASN A 72 60.69 -73.82 -83.89
C ASN A 72 60.08 -72.73 -83.02
N ILE A 73 60.69 -71.55 -83.01
CA ILE A 73 60.20 -70.44 -82.24
C ILE A 73 59.30 -69.61 -83.09
N ARG A 74 59.71 -69.32 -84.32
CA ARG A 74 58.85 -68.53 -85.25
C ARG A 74 57.47 -69.16 -85.33
N GLU A 75 57.39 -70.49 -85.41
CA GLU A 75 56.12 -71.17 -85.54
C GLU A 75 55.18 -70.98 -84.36
N LYS A 76 55.69 -70.69 -83.16
CA LYS A 76 54.79 -70.55 -82.03
C LYS A 76 54.72 -69.13 -81.46
N PHE A 77 55.82 -68.39 -81.53
CA PHE A 77 55.90 -67.07 -80.93
C PHE A 77 55.98 -65.92 -81.94
N GLY A 78 55.78 -66.19 -83.22
CA GLY A 78 55.78 -65.13 -84.20
C GLY A 78 57.12 -64.45 -84.28
N THR A 79 57.10 -63.14 -84.16
CA THR A 79 58.31 -62.35 -84.24
C THR A 79 58.61 -61.65 -82.94
N LEU A 80 58.05 -62.15 -81.84
CA LEU A 80 58.26 -61.54 -80.55
C LEU A 80 59.74 -61.56 -80.15
N PHE A 81 60.45 -62.64 -80.47
CA PHE A 81 61.84 -62.75 -80.07
C PHE A 81 62.75 -62.36 -81.20
N ASP A 82 63.83 -61.67 -80.89
CA ASP A 82 64.82 -61.23 -81.87
C ASP A 82 65.75 -62.40 -82.22
N PRO A 83 65.79 -62.90 -83.47
CA PRO A 83 66.57 -64.04 -83.93
C PRO A 83 68.04 -63.95 -83.61
N LYS A 84 68.57 -62.75 -83.41
CA LYS A 84 69.99 -62.62 -83.11
C LYS A 84 70.33 -63.16 -81.73
N SER A 85 69.32 -63.30 -80.88
CA SER A 85 69.47 -63.77 -79.53
C SER A 85 69.21 -65.27 -79.42
N ILE A 86 68.96 -65.94 -80.54
CA ILE A 86 68.65 -67.35 -80.48
C ILE A 86 69.86 -68.17 -80.90
N VAL A 87 70.33 -69.02 -80.01
CA VAL A 87 71.51 -69.82 -80.26
C VAL A 87 71.15 -71.27 -80.57
N SER A 88 71.35 -71.66 -81.81
CA SER A 88 71.05 -72.98 -82.29
C SER A 88 72.21 -73.91 -82.06
N GLY A 89 71.92 -75.21 -82.06
CA GLY A 89 72.98 -76.21 -81.82
C GLY A 89 73.18 -77.07 -83.05
N ALA A 90 73.89 -78.19 -82.92
CA ALA A 90 74.21 -79.02 -84.11
C ALA A 90 73.58 -80.41 -84.00
N ASP A 91 73.79 -81.09 -82.87
CA ASP A 91 73.25 -82.47 -82.68
C ASP A 91 72.17 -82.43 -81.59
N GLY A 92 72.60 -82.37 -80.32
CA GLY A 92 71.64 -82.36 -79.20
C GLY A 92 72.14 -83.22 -78.05
N ALA A 93 71.61 -83.02 -76.85
CA ALA A 93 72.00 -83.89 -75.70
C ALA A 93 70.87 -84.87 -75.40
N GLY A 94 71.10 -86.16 -75.61
CA GLY A 94 70.07 -87.17 -75.41
C GLY A 94 69.75 -87.47 -73.96
N ASN A 95 69.18 -86.50 -73.26
CA ASN A 95 68.87 -86.65 -71.83
C ASN A 95 70.07 -87.09 -71.08
N ASN A 96 71.19 -86.49 -71.40
CA ASN A 96 72.42 -86.85 -70.77
C ASN A 96 73.14 -85.61 -70.33
N PHE A 97 73.19 -85.42 -69.03
CA PHE A 97 73.82 -84.26 -68.42
C PHE A 97 75.22 -84.11 -68.97
N ALA A 98 75.95 -85.21 -69.14
CA ALA A 98 77.33 -85.17 -69.56
C ALA A 98 77.52 -84.58 -70.96
N ILE A 99 76.49 -84.60 -71.78
CA ILE A 99 76.63 -84.07 -73.11
C ILE A 99 76.33 -82.61 -73.04
N GLY A 100 75.29 -82.25 -72.30
CA GLY A 100 75.01 -80.84 -72.19
C GLY A 100 76.15 -80.12 -71.46
N PHE A 101 76.77 -80.79 -70.48
CA PHE A 101 77.81 -80.21 -69.67
C PHE A 101 79.23 -80.34 -70.24
N ASN A 102 79.62 -81.52 -70.72
CA ASN A 102 80.99 -81.63 -71.22
C ASN A 102 81.02 -81.49 -72.73
N GLU A 103 80.37 -82.42 -73.41
CA GLU A 103 80.50 -82.50 -74.87
C GLU A 103 79.48 -81.65 -75.63
N HIS A 104 79.52 -80.34 -75.41
CA HIS A 104 78.58 -79.43 -76.07
C HIS A 104 79.15 -78.62 -77.23
N GLY A 105 80.46 -78.49 -77.28
CA GLY A 105 81.11 -77.67 -78.29
C GLY A 105 81.48 -76.33 -77.70
N ALA A 106 82.76 -75.96 -77.81
CA ALA A 106 83.22 -74.69 -77.25
C ALA A 106 82.54 -73.52 -77.93
N GLU A 107 82.31 -73.66 -79.23
CA GLU A 107 81.71 -72.61 -80.02
C GLU A 107 80.29 -72.32 -79.61
N THR A 108 79.56 -73.35 -79.21
CA THR A 108 78.18 -73.19 -78.84
C THR A 108 78.14 -72.32 -77.60
N LEU A 109 79.01 -72.63 -76.65
CA LEU A 109 79.02 -71.85 -75.43
C LEU A 109 79.52 -70.44 -75.66
N GLU A 110 80.52 -70.27 -76.50
CA GLU A 110 81.02 -68.92 -76.73
C GLU A 110 79.94 -68.07 -77.35
N LYS A 111 79.13 -68.62 -78.27
CA LYS A 111 78.08 -67.80 -78.84
C LYS A 111 77.06 -67.43 -77.78
N VAL A 112 76.74 -68.34 -76.84
CA VAL A 112 75.78 -67.99 -75.82
C VAL A 112 76.33 -66.86 -75.01
N MET A 113 77.60 -66.93 -74.64
CA MET A 113 78.18 -65.86 -73.87
C MET A 113 78.24 -64.53 -74.61
N GLN A 114 78.46 -64.55 -75.92
CA GLN A 114 78.46 -63.29 -76.65
C GLN A 114 77.08 -62.67 -76.62
N VAL A 115 76.04 -63.51 -76.74
CA VAL A 115 74.70 -62.98 -76.71
C VAL A 115 74.41 -62.40 -75.33
N VAL A 116 74.84 -63.09 -74.26
CA VAL A 116 74.60 -62.56 -72.94
C VAL A 116 75.31 -61.24 -72.77
N GLU A 117 76.57 -61.13 -73.23
CA GLU A 117 77.27 -59.88 -73.09
C GLU A 117 76.53 -58.77 -73.82
N GLN A 118 75.99 -59.04 -75.01
CA GLN A 118 75.27 -57.97 -75.69
C GLN A 118 74.05 -57.55 -74.90
N ARG A 119 73.34 -58.50 -74.31
CA ARG A 119 72.15 -58.14 -73.57
C ARG A 119 72.46 -57.35 -72.32
N VAL A 120 73.60 -57.65 -71.68
CA VAL A 120 74.01 -56.90 -70.46
C VAL A 120 74.65 -55.57 -70.88
N SER A 121 75.00 -55.44 -72.17
CA SER A 121 75.67 -54.21 -72.66
C SER A 121 74.63 -53.15 -73.03
N GLU A 122 73.35 -53.53 -73.06
CA GLU A 122 72.27 -52.59 -73.42
C GLU A 122 71.53 -52.18 -72.14
N THR A 123 72.22 -52.26 -71.00
CA THR A 123 71.57 -51.98 -69.69
C THR A 123 72.38 -50.93 -68.92
N GLU A 124 71.71 -49.99 -68.23
CA GLU A 124 72.37 -49.00 -67.39
C GLU A 124 72.89 -49.73 -66.16
N SER A 125 72.22 -50.83 -65.79
CA SER A 125 72.62 -51.66 -64.65
C SER A 125 72.07 -53.09 -64.80
N ILE A 126 72.71 -54.09 -64.21
CA ILE A 126 72.14 -55.43 -64.31
C ILE A 126 71.42 -55.73 -63.00
N GLY A 127 70.10 -55.89 -63.05
CA GLY A 127 69.30 -56.16 -61.86
C GLY A 127 69.36 -57.61 -61.44
N GLY A 128 69.69 -58.48 -62.39
CA GLY A 128 69.77 -59.89 -62.12
C GLY A 128 69.49 -60.70 -63.36
N PHE A 129 69.73 -62.00 -63.24
CA PHE A 129 69.48 -62.91 -64.33
C PHE A 129 68.43 -63.90 -63.90
N ILE A 130 67.59 -64.33 -64.84
CA ILE A 130 66.64 -65.39 -64.54
C ILE A 130 66.82 -66.54 -65.49
N LEU A 131 67.08 -67.72 -64.96
CA LEU A 131 67.26 -68.91 -65.78
C LEU A 131 66.06 -69.84 -65.70
N THR A 132 65.50 -70.20 -66.84
CA THR A 132 64.35 -71.10 -66.84
C THR A 132 64.77 -72.44 -67.47
N HIS A 133 64.55 -73.55 -66.77
CA HIS A 133 65.04 -74.86 -67.31
C HIS A 133 64.38 -76.07 -66.63
N SER A 134 64.79 -77.28 -67.04
CA SER A 134 64.26 -78.55 -66.48
C SER A 134 65.39 -79.51 -66.17
N CYS A 135 65.44 -79.94 -64.91
CA CYS A 135 66.53 -80.73 -64.37
C CYS A 135 66.74 -82.13 -64.94
N GLY A 136 65.71 -82.73 -65.53
CA GLY A 136 65.89 -84.10 -66.05
C GLY A 136 66.26 -84.18 -67.54
N GLY A 137 66.44 -83.04 -68.17
CA GLY A 137 66.72 -83.01 -69.60
C GLY A 137 68.19 -83.16 -69.90
N GLY A 138 68.57 -82.99 -71.18
CA GLY A 138 69.97 -83.09 -71.54
C GLY A 138 70.62 -81.74 -71.82
N THR A 139 69.82 -80.67 -71.97
CA THR A 139 70.41 -79.39 -72.26
C THR A 139 70.07 -78.41 -71.17
N GLY A 140 68.85 -78.51 -70.64
CA GLY A 140 68.38 -77.60 -69.59
C GLY A 140 69.02 -77.97 -68.28
N SER A 141 69.65 -79.15 -68.28
CA SER A 141 70.37 -79.64 -67.07
C SER A 141 71.87 -79.37 -67.25
N GLY A 142 72.54 -80.14 -68.11
CA GLY A 142 73.97 -79.94 -68.29
C GLY A 142 74.39 -78.62 -68.93
N PHE A 143 73.68 -78.12 -69.92
CA PHE A 143 74.17 -76.92 -70.56
C PHE A 143 73.75 -75.77 -69.70
N GLY A 144 72.52 -75.83 -69.19
CA GLY A 144 72.01 -74.79 -68.31
C GLY A 144 72.93 -74.66 -67.10
N SER A 145 73.46 -75.79 -66.60
CA SER A 145 74.37 -75.77 -65.47
C SER A 145 75.70 -75.14 -65.83
N LYS A 146 76.23 -75.42 -67.02
CA LYS A 146 77.48 -74.78 -67.37
C LYS A 146 77.27 -73.29 -67.55
N ILE A 147 76.10 -72.90 -68.06
CA ILE A 147 75.82 -71.49 -68.19
C ILE A 147 75.78 -70.88 -66.80
N LEU A 148 75.14 -71.49 -65.79
CA LEU A 148 75.18 -70.83 -64.48
C LEU A 148 76.59 -70.65 -63.99
N LYS A 149 77.41 -71.66 -64.21
CA LYS A 149 78.79 -71.57 -63.76
C LYS A 149 79.47 -70.43 -64.46
N THR A 150 79.29 -70.34 -65.77
CA THR A 150 79.96 -69.35 -66.59
C THR A 150 79.47 -67.94 -66.27
N ILE A 151 78.15 -67.76 -66.08
CA ILE A 151 77.59 -66.47 -65.78
C ILE A 151 78.07 -65.99 -64.45
N ARG A 152 78.10 -66.88 -63.45
CA ARG A 152 78.50 -66.46 -62.08
C ARG A 152 79.99 -66.11 -62.05
N GLU A 153 80.80 -66.76 -62.88
CA GLU A 153 82.21 -66.42 -62.93
C GLU A 153 82.43 -65.06 -63.58
N ARG A 154 81.66 -64.74 -64.62
CA ARG A 154 81.81 -63.45 -65.29
C ARG A 154 81.13 -62.31 -64.52
N TYR A 155 80.02 -62.60 -63.86
CA TYR A 155 79.26 -61.55 -63.14
C TYR A 155 79.01 -62.00 -61.73
N PRO A 156 80.04 -62.08 -60.86
CA PRO A 156 79.81 -62.41 -59.46
C PRO A 156 79.08 -61.23 -58.81
N LYS A 157 78.37 -61.47 -57.69
CA LYS A 157 77.65 -60.38 -56.97
C LYS A 157 76.39 -59.95 -57.75
N VAL A 158 75.90 -60.78 -58.66
CA VAL A 158 74.63 -60.46 -59.39
C VAL A 158 73.62 -61.56 -59.06
N PRO A 159 72.41 -61.25 -58.55
CA PRO A 159 71.46 -62.29 -58.14
C PRO A 159 70.94 -63.18 -59.28
N ILE A 160 71.25 -64.49 -59.26
CA ILE A 160 70.69 -65.37 -60.26
C ILE A 160 69.55 -66.18 -59.68
N PHE A 161 68.41 -66.08 -60.32
CA PHE A 161 67.26 -66.85 -59.93
C PHE A 161 67.01 -67.91 -60.91
N THR A 162 66.82 -69.12 -60.43
CA THR A 162 66.56 -70.18 -61.34
C THR A 162 65.20 -70.75 -61.05
N PHE A 163 64.47 -71.02 -62.10
CA PHE A 163 63.17 -71.66 -61.99
C PHE A 163 63.27 -73.00 -62.63
N SER A 164 63.09 -74.05 -61.87
CA SER A 164 63.32 -75.31 -62.51
C SER A 164 62.39 -76.41 -62.12
N ILE A 165 62.22 -77.27 -63.11
CA ILE A 165 61.38 -78.44 -62.96
C ILE A 165 62.19 -79.63 -62.47
N PHE A 166 61.74 -80.17 -61.37
CA PHE A 166 62.35 -81.32 -60.74
C PHE A 166 61.55 -82.56 -61.06
N PRO A 167 62.13 -83.74 -60.80
CA PRO A 167 61.35 -84.94 -61.03
C PRO A 167 60.06 -84.92 -60.23
N SER A 168 59.04 -85.60 -60.74
CA SER A 168 57.78 -85.69 -60.05
C SER A 168 57.94 -86.72 -58.95
N PRO A 169 57.17 -86.59 -57.88
CA PRO A 169 57.33 -87.48 -56.73
C PRO A 169 56.98 -88.95 -56.99
N LYS A 170 55.95 -89.23 -57.78
CA LYS A 170 55.51 -90.60 -57.97
C LYS A 170 56.14 -91.27 -59.18
N ILE A 171 55.64 -90.95 -60.37
CA ILE A 171 56.16 -91.53 -61.59
C ILE A 171 57.35 -90.75 -62.13
N SER A 172 58.28 -91.43 -62.79
CA SER A 172 59.44 -90.76 -63.36
C SER A 172 59.43 -90.84 -64.87
N GLU A 173 60.24 -90.01 -65.53
CA GLU A 173 60.26 -90.00 -66.99
C GLU A 173 61.24 -91.04 -67.53
N THR A 174 62.54 -90.76 -67.43
CA THR A 174 63.55 -91.69 -67.91
C THR A 174 64.26 -92.34 -66.74
N VAL A 175 64.95 -93.46 -66.98
CA VAL A 175 65.74 -94.08 -65.88
C VAL A 175 66.91 -93.18 -65.50
N VAL A 176 67.47 -92.43 -66.47
CA VAL A 176 68.62 -91.59 -66.21
C VAL A 176 68.28 -90.34 -65.43
N GLU A 177 67.00 -90.06 -65.25
CA GLU A 177 66.57 -88.83 -64.67
C GLU A 177 67.24 -88.48 -63.35
N PRO A 178 67.41 -89.37 -62.35
CA PRO A 178 68.08 -89.08 -61.10
C PRO A 178 69.55 -88.70 -61.25
N TYR A 179 70.21 -89.06 -62.36
CA TYR A 179 71.60 -88.67 -62.48
C TYR A 179 71.63 -87.26 -62.96
N ASN A 180 70.70 -86.97 -63.86
CA ASN A 180 70.67 -85.63 -64.42
C ASN A 180 70.21 -84.68 -63.33
N ALA A 181 69.26 -85.12 -62.50
CA ALA A 181 68.72 -84.28 -61.45
C ALA A 181 69.74 -83.96 -60.36
N ILE A 182 70.56 -84.93 -59.96
CA ILE A 182 71.55 -84.62 -58.95
C ILE A 182 72.63 -83.75 -59.44
N MET A 183 73.16 -83.99 -60.62
CA MET A 183 74.21 -83.10 -61.04
C MET A 183 73.68 -81.70 -61.27
N THR A 184 72.43 -81.56 -61.73
CA THR A 184 71.88 -80.24 -61.92
C THR A 184 71.74 -79.56 -60.58
N LEU A 185 71.27 -80.31 -59.57
CA LEU A 185 71.09 -79.76 -58.25
C LEU A 185 72.42 -79.37 -57.65
N SER A 186 73.46 -80.15 -57.86
CA SER A 186 74.75 -79.80 -57.32
C SER A 186 75.20 -78.44 -57.85
N ASN A 187 75.00 -78.20 -59.15
CA ASN A 187 75.37 -76.91 -59.70
C ASN A 187 74.42 -75.80 -59.24
N LEU A 188 73.15 -76.09 -59.00
CA LEU A 188 72.27 -75.06 -58.48
C LEU A 188 72.72 -74.66 -57.09
N ILE A 189 73.17 -75.65 -56.30
CA ILE A 189 73.63 -75.38 -54.95
C ILE A 189 74.83 -74.46 -54.97
N LYS A 190 75.78 -74.73 -55.87
CA LYS A 190 76.96 -73.90 -55.98
C LYS A 190 76.79 -72.53 -56.64
N TYR A 191 75.92 -72.41 -57.66
CA TYR A 191 75.86 -71.14 -58.39
C TYR A 191 74.60 -70.26 -58.31
N ALA A 192 73.41 -70.76 -57.98
CA ALA A 192 72.23 -69.88 -58.01
C ALA A 192 72.16 -69.04 -56.74
N SER A 193 71.51 -67.88 -56.79
CA SER A 193 71.33 -67.13 -55.54
C SER A 193 70.09 -67.66 -54.86
N CYS A 194 69.10 -67.96 -55.68
CA CYS A 194 67.82 -68.53 -55.28
C CYS A 194 67.36 -69.51 -56.31
N SER A 195 66.71 -70.57 -55.87
CA SER A 195 66.17 -71.51 -56.82
C SER A 195 64.74 -71.82 -56.45
N ILE A 196 63.85 -71.80 -57.42
CA ILE A 196 62.47 -72.11 -57.15
C ILE A 196 62.22 -73.53 -57.61
N VAL A 197 61.77 -74.34 -56.68
CA VAL A 197 61.55 -75.74 -56.98
C VAL A 197 60.11 -75.97 -57.37
N LEU A 198 59.93 -76.45 -58.59
CA LEU A 198 58.63 -76.73 -59.16
C LEU A 198 58.58 -78.16 -59.66
N ASP A 199 57.42 -78.79 -59.71
CA ASP A 199 57.37 -80.06 -60.41
C ASP A 199 56.00 -80.30 -61.04
N ASN A 200 55.92 -81.27 -61.94
CA ASN A 200 54.68 -81.48 -62.65
C ASN A 200 53.60 -82.17 -61.89
N GLU A 201 53.94 -82.98 -60.90
CA GLU A 201 52.87 -83.67 -60.22
C GLU A 201 52.06 -82.66 -59.44
N ALA A 202 52.74 -81.72 -58.79
CA ALA A 202 52.00 -80.74 -58.04
C ALA A 202 51.21 -79.86 -58.97
N LEU A 203 51.79 -79.51 -60.11
CA LEU A 203 51.10 -78.62 -61.01
C LEU A 203 49.90 -79.30 -61.62
N PHE A 204 49.98 -80.60 -61.92
CA PHE A 204 48.80 -81.24 -62.49
C PHE A 204 47.66 -81.27 -61.53
N SER A 205 47.92 -81.52 -60.24
CA SER A 205 46.82 -81.54 -59.30
C SER A 205 46.16 -80.17 -59.25
N ILE A 206 46.97 -79.12 -59.34
CA ILE A 206 46.41 -77.78 -59.33
C ILE A 206 45.61 -77.56 -60.61
N ALA A 207 46.15 -77.94 -61.76
CA ALA A 207 45.43 -77.71 -62.99
C ALA A 207 44.09 -78.44 -63.02
N GLU A 208 44.03 -79.63 -62.45
CA GLU A 208 42.78 -80.37 -62.46
C GLU A 208 41.78 -79.91 -61.39
N LYS A 209 42.25 -79.36 -60.28
CA LYS A 209 41.35 -78.98 -59.21
C LYS A 209 41.06 -77.48 -59.06
N LYS A 210 42.00 -76.62 -59.43
CA LYS A 210 41.82 -75.19 -59.24
C LYS A 210 41.45 -74.50 -60.55
N LEU A 211 41.93 -75.02 -61.66
CA LEU A 211 41.56 -74.44 -62.95
C LEU A 211 40.33 -75.19 -63.43
N GLU A 212 39.52 -74.57 -64.29
CA GLU A 212 38.34 -75.25 -64.82
C GLU A 212 38.62 -76.23 -65.96
N VAL A 213 39.85 -76.22 -66.46
CA VAL A 213 40.21 -77.06 -67.60
C VAL A 213 40.10 -78.55 -67.33
N GLU A 214 39.46 -79.23 -68.25
CA GLU A 214 39.29 -80.67 -68.19
C GLU A 214 40.40 -81.31 -68.98
N ASN A 215 41.04 -82.32 -68.42
CA ASN A 215 42.12 -83.02 -69.11
C ASN A 215 43.20 -82.07 -69.62
N PRO A 216 43.86 -81.30 -68.74
CA PRO A 216 44.89 -80.34 -69.07
C PRO A 216 46.12 -81.00 -69.62
N SER A 217 46.81 -80.30 -70.50
CA SER A 217 48.07 -80.77 -71.07
C SER A 217 49.16 -79.86 -70.56
N LEU A 218 50.38 -80.05 -71.04
CA LEU A 218 51.50 -79.22 -70.59
C LEU A 218 51.26 -77.76 -70.98
N GLU A 219 50.46 -77.53 -72.01
CA GLU A 219 50.20 -76.18 -72.46
C GLU A 219 49.43 -75.41 -71.41
N ASP A 220 48.59 -76.10 -70.64
CA ASP A 220 47.78 -75.47 -69.63
C ASP A 220 48.60 -75.40 -68.36
N LEU A 221 49.43 -76.41 -68.16
CA LEU A 221 50.24 -76.53 -66.97
C LEU A 221 51.24 -75.38 -66.90
N ASN A 222 51.68 -74.91 -68.07
CA ASN A 222 52.64 -73.84 -68.18
C ASN A 222 52.04 -72.51 -67.84
N LEU A 223 50.73 -72.43 -67.69
CA LEU A 223 50.14 -71.17 -67.38
C LEU A 223 50.11 -71.00 -65.88
N ILE A 224 50.40 -72.07 -65.14
CA ILE A 224 50.43 -71.97 -63.72
C ILE A 224 51.83 -71.51 -63.42
N ILE A 225 52.80 -72.10 -64.12
CA ILE A 225 54.17 -71.68 -63.89
C ILE A 225 54.32 -70.25 -64.33
N ALA A 226 53.78 -69.90 -65.49
CA ALA A 226 53.89 -68.54 -65.93
C ALA A 226 53.21 -67.62 -64.94
N GLN A 227 52.08 -68.01 -64.35
CA GLN A 227 51.47 -67.09 -63.40
C GLN A 227 52.40 -66.86 -62.20
N VAL A 228 53.14 -67.87 -61.78
CA VAL A 228 54.07 -67.65 -60.68
C VAL A 228 55.12 -66.64 -61.11
N LEU A 229 55.65 -66.81 -62.32
CA LEU A 229 56.65 -65.90 -62.86
C LEU A 229 56.14 -64.49 -63.10
N THR A 230 54.91 -64.32 -63.53
CA THR A 230 54.52 -62.94 -63.74
C THR A 230 54.26 -62.28 -62.41
N ASN A 231 53.69 -62.99 -61.44
CA ASN A 231 53.41 -62.31 -60.18
C ASN A 231 54.64 -61.96 -59.40
N VAL A 232 55.67 -62.79 -59.46
CA VAL A 232 56.89 -62.56 -58.70
C VAL A 232 57.65 -61.34 -59.22
N THR A 233 57.26 -60.84 -60.39
CA THR A 233 58.01 -59.71 -61.01
C THR A 233 57.11 -58.48 -61.07
N ALA A 234 55.96 -58.50 -60.40
CA ALA A 234 54.99 -57.39 -60.52
C ALA A 234 55.59 -56.08 -59.98
N SER A 235 56.11 -56.13 -58.76
CA SER A 235 56.68 -54.90 -58.12
C SER A 235 57.77 -54.32 -59.02
N LEU A 236 58.63 -55.19 -59.59
CA LEU A 236 59.68 -54.71 -60.51
C LEU A 236 58.97 -54.00 -61.68
N ARG A 237 58.04 -54.69 -62.35
CA ARG A 237 57.39 -54.13 -63.56
C ARG A 237 56.53 -52.89 -63.26
N PHE A 238 55.75 -52.88 -62.17
CA PHE A 238 54.87 -51.76 -61.93
C PHE A 238 55.43 -50.75 -60.96
N SER A 239 56.73 -50.80 -60.70
CA SER A 239 57.38 -49.86 -59.80
C SER A 239 56.74 -49.75 -58.43
N GLY A 240 56.50 -48.51 -58.01
CA GLY A 240 55.91 -48.19 -56.73
C GLY A 240 56.96 -47.50 -55.89
N THR A 241 56.55 -46.69 -54.93
CA THR A 241 57.55 -45.99 -54.13
C THR A 241 58.37 -47.01 -53.36
N LEU A 242 57.70 -48.02 -52.81
CA LEU A 242 58.36 -49.08 -52.07
C LEU A 242 58.23 -50.26 -53.00
N ASN A 243 59.28 -51.05 -53.17
CA ASN A 243 59.17 -52.19 -54.09
C ASN A 243 60.17 -53.34 -53.85
N LEU A 244 60.04 -54.40 -54.64
CA LEU A 244 60.93 -55.56 -54.53
C LEU A 244 61.69 -55.90 -55.78
N ASP A 245 63.01 -55.90 -55.66
CA ASP A 245 63.87 -56.29 -56.75
C ASP A 245 64.39 -57.69 -56.45
N LEU A 246 65.19 -58.26 -57.32
CA LEU A 246 65.68 -59.59 -57.07
C LEU A 246 66.66 -59.60 -55.91
N GLY A 247 67.37 -58.51 -55.72
CA GLY A 247 68.32 -58.42 -54.62
C GLY A 247 67.62 -58.26 -53.28
N LYS A 248 66.33 -57.91 -53.27
CA LYS A 248 65.64 -57.75 -52.00
C LYS A 248 65.23 -59.16 -51.60
N LEU A 249 64.85 -59.95 -52.60
CA LEU A 249 64.44 -61.32 -52.29
C LEU A 249 65.61 -62.16 -51.83
N VAL A 250 66.78 -61.99 -52.41
CA VAL A 250 67.88 -62.82 -51.95
C VAL A 250 68.26 -62.43 -50.54
N THR A 251 68.38 -61.13 -50.28
CA THR A 251 68.78 -60.72 -48.96
C THR A 251 67.81 -61.21 -47.91
N ASN A 252 66.51 -61.08 -48.16
CA ASN A 252 65.55 -61.45 -47.16
C ASN A 252 65.24 -62.92 -47.01
N LEU A 253 65.28 -63.70 -48.08
CA LEU A 253 64.94 -65.10 -47.95
C LEU A 253 66.09 -66.05 -47.76
N VAL A 254 67.33 -65.65 -47.98
CA VAL A 254 68.38 -66.65 -47.83
C VAL A 254 69.30 -66.37 -46.62
N PRO A 255 69.08 -66.99 -45.42
CA PRO A 255 69.88 -66.75 -44.23
C PRO A 255 71.29 -67.31 -44.28
N PHE A 256 71.50 -68.34 -45.10
CA PHE A 256 72.82 -68.92 -45.30
C PHE A 256 73.02 -69.16 -46.77
N SER A 257 74.25 -69.13 -47.21
CA SER A 257 74.50 -69.26 -48.62
C SER A 257 74.08 -70.55 -49.30
N ASN A 258 73.93 -71.67 -48.58
CA ASN A 258 73.53 -72.89 -49.27
C ASN A 258 72.09 -73.33 -48.98
N LEU A 259 71.26 -72.46 -48.42
CA LEU A 259 69.88 -72.85 -48.15
C LEU A 259 68.93 -71.93 -48.88
N HIS A 260 69.10 -71.81 -50.17
CA HIS A 260 68.34 -70.92 -51.03
C HIS A 260 67.22 -71.54 -51.86
N PHE A 261 66.87 -72.77 -51.57
CA PHE A 261 65.82 -73.43 -52.33
C PHE A 261 64.45 -73.07 -51.79
N LEU A 262 63.65 -72.43 -52.62
CA LEU A 262 62.35 -71.90 -52.25
C LEU A 262 61.17 -72.59 -52.89
N MET A 263 60.07 -72.60 -52.17
CA MET A 263 58.79 -73.06 -52.65
C MET A 263 58.03 -71.87 -53.18
N ALA A 264 57.13 -72.09 -54.13
CA ALA A 264 56.28 -71.01 -54.62
C ALA A 264 54.83 -71.42 -54.65
N SER A 265 53.96 -70.45 -54.41
CA SER A 265 52.51 -70.61 -54.43
C SER A 265 51.75 -69.36 -54.84
N THR A 266 50.74 -69.50 -55.70
CA THR A 266 49.91 -68.36 -56.08
C THR A 266 48.44 -68.64 -56.10
N ALA A 267 47.67 -67.59 -55.95
CA ALA A 267 46.23 -67.67 -56.12
C ALA A 267 45.69 -66.28 -56.44
N PRO A 268 44.57 -66.18 -57.16
CA PRO A 268 43.76 -67.17 -57.83
C PRO A 268 44.44 -67.57 -59.11
N LEU A 269 44.08 -68.71 -59.66
CA LEU A 269 44.59 -69.06 -60.97
C LEU A 269 43.49 -68.92 -61.98
N VAL A 270 43.63 -67.96 -62.88
CA VAL A 270 42.57 -67.69 -63.82
C VAL A 270 43.04 -67.76 -65.27
N LEU A 271 42.31 -68.52 -66.08
CA LEU A 271 42.62 -68.64 -67.50
C LEU A 271 42.03 -67.42 -68.16
N ALA A 272 42.59 -66.98 -69.28
CA ALA A 272 42.06 -65.76 -69.88
C ALA A 272 40.56 -65.85 -70.13
N GLY A 273 39.87 -64.77 -69.78
CA GLY A 273 38.44 -64.65 -69.93
C GLY A 273 37.81 -64.40 -68.56
N LYS A 274 36.60 -63.86 -68.52
CA LYS A 274 36.01 -63.58 -67.20
C LYS A 274 35.36 -64.82 -66.60
N GLU A 275 36.20 -65.78 -66.26
CA GLU A 275 35.79 -67.07 -65.72
C GLU A 275 35.93 -67.09 -64.20
N SER A 276 36.49 -66.02 -63.66
CA SER A 276 36.74 -65.85 -62.25
C SER A 276 35.54 -65.33 -61.48
N TYR A 277 35.63 -65.43 -60.17
CA TYR A 277 34.64 -64.87 -59.26
C TYR A 277 35.28 -63.82 -58.38
N GLU A 278 34.57 -62.73 -58.16
CA GLU A 278 35.08 -61.64 -57.36
C GLU A 278 35.02 -61.89 -55.87
N LYS A 279 35.91 -62.76 -55.39
CA LYS A 279 36.00 -63.06 -53.96
C LYS A 279 36.41 -61.80 -53.22
N MET A 280 37.33 -61.08 -53.85
CA MET A 280 37.88 -59.81 -53.37
C MET A 280 38.38 -59.82 -51.96
N THR A 281 38.84 -60.95 -51.47
CA THR A 281 39.22 -60.95 -50.09
C THR A 281 40.64 -61.37 -49.90
N ALA A 282 41.43 -60.47 -49.33
CA ALA A 282 42.84 -60.72 -49.09
C ALA A 282 43.01 -61.84 -48.09
N LYS A 283 42.10 -61.91 -47.13
CA LYS A 283 42.17 -62.93 -46.11
C LYS A 283 42.03 -64.30 -46.71
N GLU A 284 41.16 -64.44 -47.69
CA GLU A 284 40.94 -65.72 -48.30
C GLU A 284 42.12 -66.08 -49.16
N LEU A 285 42.69 -65.10 -49.85
CA LEU A 285 43.83 -65.40 -50.68
C LEU A 285 45.03 -65.79 -49.83
N SER A 286 45.22 -65.16 -48.67
CA SER A 286 46.35 -65.56 -47.84
C SER A 286 46.10 -66.97 -47.31
N ALA A 287 44.86 -67.27 -46.92
CA ALA A 287 44.59 -68.59 -46.41
C ALA A 287 44.88 -69.65 -47.45
N GLN A 288 44.55 -69.34 -48.70
CA GLN A 288 44.81 -70.25 -49.80
C GLN A 288 46.27 -70.35 -50.20
N VAL A 289 46.99 -69.25 -50.22
CA VAL A 289 48.34 -69.32 -50.74
C VAL A 289 49.22 -70.13 -49.81
N PHE A 290 48.92 -70.07 -48.51
CA PHE A 290 49.66 -70.80 -47.49
C PHE A 290 49.13 -72.19 -47.19
N GLY A 291 48.13 -72.63 -47.93
CA GLY A 291 47.61 -73.97 -47.68
C GLY A 291 48.48 -74.88 -48.49
N ASP A 292 48.20 -76.17 -48.51
CA ASP A 292 49.04 -77.06 -49.29
C ASP A 292 48.55 -77.19 -50.74
N GLU A 293 47.28 -76.91 -50.97
CA GLU A 293 46.64 -77.07 -52.26
C GLU A 293 47.17 -76.22 -53.41
N TYR A 294 47.82 -75.09 -53.16
CA TYR A 294 48.37 -74.28 -54.26
C TYR A 294 49.87 -74.36 -54.36
N ILE A 295 50.50 -75.25 -53.63
CA ILE A 295 51.95 -75.32 -53.67
C ILE A 295 52.35 -75.97 -54.97
N CYS A 296 53.29 -75.39 -55.69
CA CYS A 296 53.67 -75.90 -56.99
C CYS A 296 54.78 -76.95 -57.00
N ALA A 297 54.97 -77.63 -55.86
CA ALA A 297 55.97 -78.69 -55.70
C ALA A 297 55.43 -79.79 -54.81
N ALA A 298 55.94 -81.00 -55.01
CA ALA A 298 55.51 -82.17 -54.28
C ALA A 298 56.08 -82.24 -52.89
N CYS A 299 55.48 -81.43 -52.05
CA CYS A 299 55.84 -81.26 -50.66
C CYS A 299 54.59 -80.83 -49.92
N LYS A 300 54.62 -80.85 -48.60
CA LYS A 300 53.46 -80.42 -47.81
C LYS A 300 53.86 -79.42 -46.73
N PRO A 301 54.05 -78.13 -47.07
CA PRO A 301 54.57 -77.06 -46.24
C PRO A 301 53.88 -76.81 -44.92
N THR A 302 52.59 -77.14 -44.78
CA THR A 302 51.96 -76.85 -43.49
C THR A 302 52.49 -77.75 -42.38
N THR A 303 53.25 -78.80 -42.71
CA THR A 303 53.79 -79.69 -41.71
C THR A 303 55.25 -79.44 -41.43
N GLY A 304 55.85 -78.44 -42.06
CA GLY A 304 57.27 -78.18 -41.88
C GLY A 304 57.49 -76.96 -41.01
N ARG A 305 58.65 -76.33 -41.15
CA ARG A 305 58.95 -75.14 -40.37
C ARG A 305 59.58 -74.11 -41.31
N TYR A 306 59.19 -72.84 -41.18
CA TYR A 306 59.72 -71.80 -42.05
C TYR A 306 60.93 -71.07 -41.53
N LEU A 307 61.88 -70.80 -42.43
CA LEU A 307 63.01 -70.04 -41.97
C LEU A 307 62.69 -68.60 -42.26
N ALA A 308 62.03 -68.40 -43.37
CA ALA A 308 61.64 -67.10 -43.85
C ALA A 308 60.61 -67.28 -44.93
N ALA A 309 59.80 -66.27 -45.14
CA ALA A 309 58.85 -66.29 -46.24
C ALA A 309 58.52 -64.90 -46.69
N SER A 310 58.04 -64.76 -47.91
CA SER A 310 57.64 -63.45 -48.37
C SER A 310 56.30 -63.52 -49.04
N VAL A 311 55.54 -62.45 -48.87
CA VAL A 311 54.25 -62.38 -49.51
C VAL A 311 54.07 -61.08 -50.25
N LEU A 312 53.73 -61.19 -51.53
CA LEU A 312 53.45 -60.03 -52.34
C LEU A 312 51.99 -59.99 -52.70
N PHE A 313 51.36 -58.90 -52.32
CA PHE A 313 49.95 -58.70 -52.59
C PHE A 313 49.82 -57.80 -53.78
N ARG A 314 48.90 -58.14 -54.68
CA ARG A 314 48.64 -57.30 -55.82
C ARG A 314 47.21 -56.80 -55.82
N GLY A 315 47.05 -55.58 -56.29
CA GLY A 315 45.75 -54.98 -56.46
C GLY A 315 45.32 -54.19 -55.24
N ALA A 316 44.04 -53.85 -55.18
CA ALA A 316 43.54 -52.98 -54.12
C ALA A 316 43.27 -53.71 -52.82
N VAL A 317 44.35 -54.12 -52.20
CA VAL A 317 44.34 -54.84 -50.94
C VAL A 317 44.40 -53.86 -49.78
N LYS A 318 43.50 -54.01 -48.82
CA LYS A 318 43.48 -53.11 -47.67
C LYS A 318 44.57 -53.45 -46.68
N THR A 319 45.23 -52.43 -46.14
CA THR A 319 46.28 -52.61 -45.14
C THR A 319 45.77 -53.37 -43.95
N SER A 320 44.57 -53.06 -43.53
CA SER A 320 43.98 -53.69 -42.37
C SER A 320 43.79 -55.18 -42.56
N ASP A 321 43.47 -55.61 -43.79
CA ASP A 321 43.24 -57.02 -44.04
C ASP A 321 44.55 -57.74 -44.13
N VAL A 322 45.58 -57.05 -44.60
CA VAL A 322 46.87 -57.70 -44.66
C VAL A 322 47.32 -57.98 -43.26
N ASN A 323 47.17 -57.01 -42.37
CA ASN A 323 47.64 -57.24 -41.03
C ASN A 323 46.87 -58.34 -40.34
N GLU A 324 45.56 -58.39 -40.51
CA GLU A 324 44.82 -59.45 -39.84
C GLU A 324 45.12 -60.80 -40.48
N ALA A 325 45.19 -60.84 -41.80
CA ALA A 325 45.44 -62.07 -42.50
C ALA A 325 46.79 -62.64 -42.13
N MET A 326 47.79 -61.78 -42.00
CA MET A 326 49.09 -62.30 -41.68
C MET A 326 49.17 -62.71 -40.23
N ALA A 327 48.38 -62.09 -39.36
CA ALA A 327 48.38 -62.51 -37.97
C ALA A 327 47.91 -63.96 -37.90
N THR A 328 46.90 -64.30 -38.71
CA THR A 328 46.39 -65.67 -38.76
C THR A 328 47.45 -66.62 -39.22
N VAL A 329 48.20 -66.23 -40.25
CA VAL A 329 49.26 -67.07 -40.77
C VAL A 329 50.33 -67.32 -39.73
N LYS A 330 50.73 -66.28 -39.00
CA LYS A 330 51.74 -66.48 -37.98
C LYS A 330 51.25 -67.44 -36.90
N GLU A 331 49.97 -67.33 -36.50
CA GLU A 331 49.45 -68.23 -35.48
C GLU A 331 49.34 -69.68 -35.91
N GLN A 332 48.95 -69.92 -37.16
CA GLN A 332 48.78 -71.28 -37.64
C GLN A 332 50.04 -72.02 -38.03
N ASN A 333 51.03 -71.33 -38.60
CA ASN A 333 52.22 -72.00 -39.06
C ASN A 333 53.34 -72.08 -38.04
N SER A 334 54.42 -72.72 -38.43
CA SER A 334 55.56 -72.90 -37.55
C SER A 334 56.80 -72.31 -38.14
N PHE A 335 57.47 -71.51 -37.32
CA PHE A 335 58.69 -70.77 -37.69
C PHE A 335 59.85 -71.11 -36.77
N VAL A 336 61.07 -70.87 -37.26
CA VAL A 336 62.25 -71.09 -36.44
C VAL A 336 62.50 -69.79 -35.63
N ASN A 337 62.78 -69.94 -34.34
CA ASN A 337 62.98 -68.80 -33.40
C ASN A 337 64.04 -67.78 -33.86
N TRP A 338 65.27 -68.21 -34.16
CA TRP A 338 66.33 -67.19 -34.45
C TRP A 338 65.81 -66.13 -35.41
N ILE A 339 65.36 -66.48 -36.61
CA ILE A 339 64.74 -65.43 -37.47
C ILE A 339 63.46 -65.03 -36.73
N PRO A 340 63.41 -63.85 -36.06
CA PRO A 340 62.27 -63.51 -35.20
C PRO A 340 61.13 -62.77 -35.90
N THR A 341 61.40 -62.16 -37.05
CA THR A 341 60.37 -61.40 -37.73
C THR A 341 59.63 -62.23 -38.78
N GLY A 342 60.19 -63.39 -39.16
CA GLY A 342 59.50 -64.29 -40.09
C GLY A 342 59.38 -63.91 -41.56
N PHE A 343 58.65 -62.84 -41.81
CA PHE A 343 58.26 -62.42 -43.14
C PHE A 343 58.83 -61.17 -43.77
N LYS A 344 58.81 -61.18 -45.08
CA LYS A 344 59.00 -59.98 -45.90
C LYS A 344 57.67 -59.69 -46.60
N ILE A 345 57.09 -58.54 -46.35
CA ILE A 345 55.79 -58.22 -46.94
C ILE A 345 55.83 -57.03 -47.86
N SER A 346 55.19 -57.20 -49.01
CA SER A 346 55.13 -56.13 -50.01
C SER A 346 53.81 -56.07 -50.74
N LYS A 347 53.48 -54.87 -51.19
CA LYS A 347 52.27 -54.63 -51.96
C LYS A 347 52.52 -53.86 -53.24
N SER A 348 51.77 -54.22 -54.28
CA SER A 348 51.76 -53.52 -55.57
C SER A 348 50.33 -53.28 -55.95
N GLU A 349 49.97 -52.02 -56.08
CA GLU A 349 48.60 -51.61 -56.33
C GLU A 349 48.02 -52.01 -57.69
N THR A 350 48.85 -52.43 -58.61
CA THR A 350 48.34 -52.80 -59.92
C THR A 350 47.90 -54.25 -59.97
N SER A 351 46.62 -54.42 -60.34
CA SER A 351 45.93 -55.69 -60.44
C SER A 351 46.47 -56.55 -61.57
N PRO A 352 46.43 -57.88 -61.45
CA PRO A 352 46.75 -58.82 -62.50
C PRO A 352 45.63 -58.67 -63.52
N LYS A 353 45.87 -58.92 -64.79
CA LYS A 353 44.81 -58.68 -65.76
C LYS A 353 43.49 -59.45 -65.62
N ASP A 354 43.50 -60.65 -65.04
CA ASP A 354 42.26 -61.42 -64.95
C ASP A 354 41.63 -61.46 -63.56
N SER A 355 42.09 -60.62 -62.64
CA SER A 355 41.53 -60.57 -61.29
C SER A 355 41.78 -59.24 -60.64
N ALA A 356 40.85 -58.71 -59.88
CA ALA A 356 41.22 -57.47 -59.24
C ALA A 356 42.36 -57.65 -58.24
N LEU A 357 42.35 -58.76 -57.52
CA LEU A 357 43.35 -59.04 -56.51
C LEU A 357 44.11 -60.31 -56.79
N GLY A 358 45.31 -60.40 -56.23
CA GLY A 358 46.04 -61.68 -56.28
C GLY A 358 47.22 -61.71 -55.32
N VAL A 359 47.66 -62.92 -54.97
CA VAL A 359 48.77 -63.11 -54.05
C VAL A 359 49.80 -64.12 -54.49
N ILE A 360 51.07 -63.77 -54.33
CA ILE A 360 52.15 -64.71 -54.54
C ILE A 360 52.98 -64.84 -53.29
N MET A 361 53.29 -66.08 -52.94
CA MET A 361 54.09 -66.36 -51.78
C MET A 361 55.27 -67.23 -52.13
N LEU A 362 56.40 -66.91 -51.52
CA LEU A 362 57.63 -67.67 -51.66
C LEU A 362 58.17 -68.02 -50.31
N GLY A 363 58.88 -69.12 -50.18
CA GLY A 363 59.54 -69.28 -48.89
C GLY A 363 60.40 -70.49 -48.68
N ASN A 364 61.11 -70.44 -47.56
CA ASN A 364 62.04 -71.48 -47.14
C ASN A 364 61.40 -72.37 -46.15
N ASN A 365 60.98 -73.50 -46.59
CA ASN A 365 60.29 -74.40 -45.72
C ASN A 365 61.10 -75.65 -45.69
N SER A 366 61.43 -76.10 -44.51
CA SER A 366 62.30 -77.24 -44.28
C SER A 366 61.82 -78.52 -44.93
N GLU A 367 60.55 -78.53 -45.26
CA GLU A 367 59.88 -79.63 -45.91
C GLU A 367 60.51 -79.93 -47.25
N ILE A 368 61.16 -78.95 -47.88
CA ILE A 368 61.75 -79.09 -49.20
C ILE A 368 62.75 -80.23 -49.29
N VAL A 369 63.32 -80.63 -48.18
CA VAL A 369 64.29 -81.69 -48.30
C VAL A 369 63.63 -82.96 -48.77
N SER A 370 62.32 -83.15 -48.57
CA SER A 370 61.75 -84.40 -49.00
C SER A 370 61.84 -84.56 -50.51
N VAL A 371 61.93 -83.46 -51.26
CA VAL A 371 62.05 -83.56 -52.69
C VAL A 371 63.43 -84.07 -53.00
N PHE A 372 64.41 -83.48 -52.34
CA PHE A 372 65.78 -83.82 -52.59
C PHE A 372 66.11 -85.24 -52.08
N GLU A 373 65.50 -85.65 -50.98
CA GLU A 373 65.76 -86.97 -50.43
C GLU A 373 65.26 -88.06 -51.38
N ARG A 374 64.10 -87.86 -52.01
CA ARG A 374 63.60 -88.85 -52.95
C ARG A 374 64.53 -88.99 -54.13
N ILE A 375 65.05 -87.87 -54.62
CA ILE A 375 65.95 -87.91 -55.77
C ILE A 375 67.21 -88.63 -55.38
N GLY A 376 67.74 -88.31 -54.20
CA GLY A 376 68.93 -88.94 -53.69
C GLY A 376 68.76 -90.44 -53.62
N ALA A 377 67.69 -90.91 -53.00
CA ALA A 377 67.48 -92.34 -52.87
C ALA A 377 67.37 -93.06 -54.22
N ASN A 378 66.72 -92.45 -55.21
CA ASN A 378 66.60 -93.14 -56.48
C ASN A 378 67.96 -93.28 -57.13
N PHE A 379 68.77 -92.24 -57.01
CA PHE A 379 70.12 -92.25 -57.53
C PHE A 379 70.92 -93.32 -56.84
N ASP A 380 70.86 -93.36 -55.51
CA ASP A 380 71.70 -94.31 -54.80
C ASP A 380 71.44 -95.73 -55.25
N ARG A 381 70.17 -96.09 -55.48
CA ARG A 381 69.92 -97.45 -55.90
C ARG A 381 70.48 -97.76 -57.30
N LEU A 382 70.32 -96.82 -58.23
CA LEU A 382 70.81 -97.02 -59.58
C LEU A 382 72.32 -96.97 -59.64
N TRP A 383 72.90 -96.07 -58.85
CA TRP A 383 74.32 -95.83 -58.78
C TRP A 383 75.04 -97.01 -58.18
N SER A 384 74.45 -97.61 -57.15
CA SER A 384 75.03 -98.78 -56.53
C SER A 384 75.11 -99.90 -57.56
N ARG A 385 74.08 -100.04 -58.39
CA ARG A 385 74.05 -101.12 -59.41
C ARG A 385 74.72 -100.68 -60.72
N LYS A 386 75.01 -99.38 -60.84
CA LYS A 386 75.69 -98.83 -62.06
C LYS A 386 74.80 -99.10 -63.28
N ALA A 387 73.51 -98.80 -63.19
CA ALA A 387 72.60 -98.97 -64.35
C ALA A 387 72.55 -97.66 -65.14
N PHE A 388 72.82 -97.70 -66.45
CA PHE A 388 72.83 -96.49 -67.31
C PHE A 388 74.00 -95.59 -66.92
N ALA A 389 74.95 -96.11 -66.13
CA ALA A 389 76.08 -95.28 -65.64
C ALA A 389 77.07 -95.04 -66.77
N HIS A 390 77.35 -96.06 -67.59
CA HIS A 390 78.30 -95.92 -68.71
C HIS A 390 77.96 -94.66 -69.52
N TRP A 391 76.71 -94.21 -69.48
CA TRP A 391 76.36 -93.08 -70.31
C TRP A 391 76.98 -91.80 -69.79
N PHE A 392 77.37 -91.78 -68.53
CA PHE A 392 77.94 -90.61 -67.94
C PHE A 392 79.45 -90.69 -67.89
N THR A 393 79.99 -91.88 -67.66
CA THR A 393 81.44 -91.96 -67.54
C THR A 393 82.11 -92.04 -68.90
N ASP A 394 81.37 -92.47 -69.92
CA ASP A 394 81.96 -92.53 -71.24
C ASP A 394 81.82 -91.19 -71.93
N SER A 395 81.22 -90.22 -71.23
CA SER A 395 80.98 -88.89 -71.74
C SER A 395 81.77 -87.87 -70.93
N GLY A 396 82.79 -88.35 -70.21
CA GLY A 396 83.68 -87.48 -69.48
C GLY A 396 83.60 -87.40 -67.96
N PHE A 397 82.60 -87.98 -67.30
CA PHE A 397 82.60 -87.88 -65.84
C PHE A 397 83.33 -89.02 -65.18
N GLU A 398 83.89 -88.74 -64.03
CA GLU A 398 84.50 -89.79 -63.25
C GLU A 398 83.48 -90.21 -62.20
N GLU A 399 83.65 -91.39 -61.64
CA GLU A 399 82.74 -91.82 -60.58
C GLU A 399 82.82 -90.80 -59.45
N LYS A 400 84.00 -90.22 -59.28
CA LYS A 400 84.24 -89.20 -58.31
C LYS A 400 83.31 -88.00 -58.47
N ASP A 401 82.93 -87.64 -59.70
CA ASP A 401 82.11 -86.47 -59.88
C ASP A 401 80.68 -86.80 -59.55
N LEU A 402 80.29 -88.02 -59.87
CA LEU A 402 78.95 -88.45 -59.56
C LEU A 402 78.78 -88.57 -58.04
N ASP A 403 79.85 -89.01 -57.35
CA ASP A 403 79.83 -89.13 -55.91
C ASP A 403 79.93 -87.78 -55.22
N ASP A 404 80.71 -86.85 -55.75
CA ASP A 404 80.81 -85.56 -55.11
C ASP A 404 79.52 -84.78 -55.28
N ALA A 405 78.85 -84.92 -56.43
CA ALA A 405 77.61 -84.20 -56.60
C ALA A 405 76.60 -84.70 -55.59
N ARG A 406 76.56 -86.01 -55.36
CA ARG A 406 75.65 -86.57 -54.41
C ARG A 406 75.97 -86.06 -53.01
N ALA A 407 77.25 -85.99 -52.67
CA ALA A 407 77.66 -85.52 -51.36
C ALA A 407 77.23 -84.10 -51.09
N LEU A 408 77.30 -83.23 -52.10
CA LEU A 408 76.90 -81.85 -51.89
C LEU A 408 75.42 -81.77 -51.64
N VAL A 409 74.65 -82.56 -52.37
CA VAL A 409 73.22 -82.58 -52.18
C VAL A 409 72.90 -83.03 -50.77
N GLN A 410 73.60 -84.06 -50.30
CA GLN A 410 73.32 -84.53 -48.95
C GLN A 410 73.69 -83.47 -47.93
N LYS A 411 74.76 -82.70 -48.17
CA LYS A 411 75.09 -81.66 -47.20
C LYS A 411 73.95 -80.69 -47.04
N VAL A 412 73.32 -80.27 -48.14
CA VAL A 412 72.21 -79.35 -48.03
C VAL A 412 71.05 -79.97 -47.27
N ILE A 413 70.75 -81.24 -47.56
CA ILE A 413 69.67 -81.90 -46.84
C ILE A 413 69.96 -81.97 -45.36
N ASP A 414 71.17 -82.34 -45.00
CA ASP A 414 71.51 -82.45 -43.60
C ASP A 414 71.45 -81.11 -42.92
N ASP A 415 71.86 -80.03 -43.60
CA ASP A 415 71.80 -78.72 -42.96
C ASP A 415 70.36 -78.28 -42.75
N TYR A 416 69.48 -78.52 -43.71
CA TYR A 416 68.09 -78.16 -43.47
C TYR A 416 67.46 -78.94 -42.34
N ARG A 417 67.75 -80.24 -42.29
CA ARG A 417 67.13 -81.06 -41.28
C ARG A 417 67.68 -80.77 -39.91
N LYS A 418 68.99 -80.58 -39.79
CA LYS A 418 69.54 -80.33 -38.47
C LYS A 418 68.98 -79.06 -37.92
N LEU A 419 68.93 -78.02 -38.75
CA LEU A 419 68.45 -76.75 -38.28
C LEU A 419 67.03 -76.91 -37.78
N THR A 420 66.20 -77.61 -38.56
CA THR A 420 64.80 -77.80 -38.23
C THR A 420 64.62 -78.54 -36.93
N GLU A 421 65.37 -79.61 -36.70
CA GLU A 421 65.23 -80.33 -35.45
C GLU A 421 65.75 -79.52 -34.26
N ASP A 422 66.86 -78.79 -34.44
CA ASP A 422 67.40 -78.00 -33.34
C ASP A 422 66.41 -76.95 -32.90
N ALA A 423 65.65 -76.44 -33.87
CA ALA A 423 64.67 -75.38 -33.70
C ALA A 423 63.66 -75.65 -32.63
N GLU A 424 63.31 -76.90 -32.36
CA GLU A 424 62.27 -77.13 -31.37
C GLU A 424 62.67 -76.60 -30.00
N ASN A 425 63.95 -76.63 -29.67
CA ASN A 425 64.40 -76.19 -28.36
C ASN A 425 64.97 -74.79 -28.38
N LEU A 426 64.85 -74.06 -29.49
CA LEU A 426 65.46 -72.73 -29.53
C LEU A 426 64.50 -71.73 -28.97
N TYR A 427 63.34 -72.24 -28.59
CA TYR A 427 62.30 -71.48 -27.92
C TYR A 427 62.32 -71.59 -26.39
N PHE A 428 63.29 -72.34 -25.78
CA PHE A 428 63.35 -72.59 -24.33
C PHE A 428 64.78 -72.41 -23.79
N ALA B 2 64.77 -14.47 -41.47
CA ALA B 2 64.02 -15.74 -41.36
C ALA B 2 65.00 -16.86 -41.03
N ARG B 3 64.82 -17.54 -39.90
CA ARG B 3 65.69 -18.69 -39.57
C ARG B 3 65.26 -19.83 -40.49
N GLU B 4 66.07 -20.16 -41.49
CA GLU B 4 65.63 -21.14 -42.52
C GLU B 4 66.06 -22.58 -42.23
N VAL B 5 65.17 -23.54 -42.44
CA VAL B 5 65.44 -24.97 -42.28
C VAL B 5 65.52 -25.74 -43.59
N ILE B 6 66.54 -26.57 -43.73
CA ILE B 6 66.67 -27.40 -44.94
C ILE B 6 66.19 -28.81 -44.66
N THR B 7 65.25 -29.30 -45.47
CA THR B 7 64.69 -30.64 -45.22
C THR B 7 65.25 -31.62 -46.23
N ILE B 8 65.73 -32.76 -45.75
CA ILE B 8 66.30 -33.78 -46.62
C ILE B 8 65.51 -35.07 -46.46
N HIS B 9 65.06 -35.67 -47.56
CA HIS B 9 64.29 -36.91 -47.49
C HIS B 9 65.16 -38.05 -47.98
N VAL B 10 65.42 -39.02 -47.12
CA VAL B 10 66.34 -40.08 -47.52
C VAL B 10 65.71 -41.46 -47.48
N GLY B 11 65.79 -42.17 -48.58
CA GLY B 11 65.27 -43.51 -48.63
C GLY B 11 63.88 -43.56 -49.19
N GLU B 12 63.42 -44.77 -49.49
CA GLU B 12 62.13 -44.95 -50.15
C GLU B 12 60.96 -44.41 -49.34
N LEU B 13 60.98 -44.59 -48.02
CA LEU B 13 59.86 -44.11 -47.22
C LEU B 13 59.94 -42.61 -47.01
N GLY B 14 61.12 -42.07 -46.74
CA GLY B 14 61.19 -40.64 -46.51
C GLY B 14 60.67 -39.91 -47.72
N ILE B 15 60.98 -40.45 -48.89
CA ILE B 15 60.53 -39.90 -50.14
C ILE B 15 59.03 -40.13 -50.30
N GLN B 16 58.52 -41.31 -49.96
CA GLN B 16 57.09 -41.57 -50.05
C GLN B 16 56.26 -40.56 -49.31
N ILE B 17 56.75 -40.15 -48.16
CA ILE B 17 56.11 -39.17 -47.30
C ILE B 17 56.11 -37.78 -47.90
N ALA B 18 57.21 -37.39 -48.55
CA ALA B 18 57.38 -36.04 -49.08
C ALA B 18 56.11 -35.41 -49.67
N PRO B 19 55.34 -35.98 -50.60
CA PRO B 19 54.18 -35.32 -51.14
C PRO B 19 53.13 -34.99 -50.11
N ASN B 20 53.08 -35.68 -48.99
CA ASN B 20 52.04 -35.38 -48.04
C ASN B 20 52.50 -34.27 -47.17
N PHE B 21 53.77 -34.31 -46.84
CA PHE B 21 54.36 -33.30 -45.99
C PHE B 21 54.31 -31.97 -46.70
N TRP B 22 54.76 -31.95 -47.94
CA TRP B 22 54.80 -30.71 -48.67
C TRP B 22 53.44 -30.21 -49.08
N LYS B 23 52.46 -31.08 -49.35
CA LYS B 23 51.15 -30.55 -49.65
C LYS B 23 50.59 -29.91 -48.41
N TYR B 24 50.79 -30.49 -47.22
CA TYR B 24 50.25 -29.82 -46.05
C TYR B 24 50.83 -28.45 -45.89
N LEU B 25 52.14 -28.29 -46.12
CA LEU B 25 52.72 -26.98 -45.95
C LEU B 25 52.20 -26.01 -47.00
N CYS B 26 52.00 -26.49 -48.22
CA CYS B 26 51.50 -25.62 -49.27
C CYS B 26 50.11 -25.13 -48.94
N ASP B 27 49.26 -26.00 -48.41
CA ASP B 27 47.95 -25.49 -48.13
C ASP B 27 47.96 -24.63 -46.90
N GLU B 28 48.77 -24.99 -45.93
CA GLU B 28 48.81 -24.26 -44.70
C GLU B 28 49.20 -22.80 -44.87
N HIS B 29 50.14 -22.53 -45.78
CA HIS B 29 50.61 -21.17 -46.04
C HIS B 29 49.96 -20.48 -47.24
N ASN B 30 48.88 -21.05 -47.81
CA ASN B 30 48.19 -20.54 -49.02
C ASN B 30 49.01 -20.47 -50.31
N ILE B 31 49.73 -21.53 -50.61
CA ILE B 31 50.50 -21.69 -51.82
C ILE B 31 49.95 -22.90 -52.55
N ASP B 32 49.88 -22.85 -53.87
CA ASP B 32 49.34 -23.96 -54.61
C ASP B 32 50.42 -25.01 -54.79
N TYR B 33 50.11 -26.11 -55.44
CA TYR B 33 51.09 -27.20 -55.51
C TYR B 33 52.08 -26.99 -56.62
N LYS B 34 51.89 -25.92 -57.36
CA LYS B 34 52.80 -25.53 -58.41
C LYS B 34 53.75 -24.46 -57.90
N GLY B 35 53.61 -24.09 -56.62
CA GLY B 35 54.44 -23.07 -56.02
C GLY B 35 53.90 -21.66 -56.22
N GLN B 36 52.74 -21.54 -56.83
CA GLN B 36 52.16 -20.24 -57.08
C GLN B 36 51.40 -19.76 -55.88
N GLU B 37 51.34 -18.46 -55.69
CA GLU B 37 50.61 -17.95 -54.54
C GLU B 37 49.13 -18.08 -54.79
N LYS B 38 48.38 -18.36 -53.75
CA LYS B 38 46.95 -18.53 -53.83
C LYS B 38 46.25 -17.62 -52.84
N GLY B 39 46.22 -16.33 -53.11
CA GLY B 39 45.68 -15.40 -52.15
C GLY B 39 46.79 -14.91 -51.22
N LYS B 40 46.42 -14.55 -50.00
CA LYS B 40 47.36 -13.96 -49.06
C LYS B 40 48.26 -15.01 -48.42
N ILE B 41 49.55 -14.76 -48.43
CA ILE B 41 50.49 -15.71 -47.83
C ILE B 41 50.58 -15.46 -46.36
N ARG B 42 50.52 -16.52 -45.59
CA ARG B 42 50.56 -16.40 -44.15
C ARG B 42 51.62 -17.30 -43.53
N GLY B 43 52.18 -16.84 -42.42
CA GLY B 43 53.22 -17.57 -41.68
C GLY B 43 54.58 -17.18 -42.22
N VAL B 44 55.65 -17.69 -41.64
CA VAL B 44 56.95 -17.30 -42.12
C VAL B 44 57.31 -18.25 -43.21
N ILE B 45 56.85 -17.91 -44.39
CA ILE B 45 57.00 -18.78 -45.52
C ILE B 45 58.43 -19.10 -45.87
N ASP B 46 59.29 -18.13 -45.65
CA ASP B 46 60.68 -18.21 -45.96
C ASP B 46 61.38 -19.32 -45.22
N ASN B 47 60.87 -19.78 -44.09
CA ASN B 47 61.62 -20.79 -43.39
C ASN B 47 61.69 -22.12 -44.13
N PHE B 48 60.67 -22.45 -44.91
CA PHE B 48 60.67 -23.72 -45.65
C PHE B 48 60.69 -23.56 -47.16
N PHE B 49 60.36 -22.38 -47.68
CA PHE B 49 60.36 -22.22 -49.12
C PHE B 49 61.31 -21.14 -49.60
N GLU B 50 61.97 -21.44 -50.69
CA GLU B 50 62.88 -20.53 -51.35
C GLU B 50 62.10 -19.69 -52.33
N LYS B 51 62.40 -18.41 -52.42
CA LYS B 51 61.70 -17.60 -53.39
C LYS B 51 62.47 -17.58 -54.71
N ALA B 52 61.79 -17.91 -55.78
CA ALA B 52 62.33 -17.94 -57.11
C ALA B 52 62.54 -16.53 -57.64
N SER B 53 63.24 -16.43 -58.77
CA SER B 53 63.44 -15.14 -59.45
C SER B 53 62.11 -14.61 -60.01
N ILE B 54 61.13 -15.50 -60.04
CA ILE B 54 59.77 -15.32 -60.50
C ILE B 54 58.85 -15.54 -59.30
N GLY B 55 57.54 -15.41 -59.48
CA GLY B 55 56.59 -15.53 -58.37
C GLY B 55 56.50 -16.89 -57.65
N LYS B 56 57.09 -17.93 -58.22
CA LYS B 56 57.08 -19.27 -57.66
C LYS B 56 57.88 -19.50 -56.36
N TRP B 57 57.27 -20.23 -55.43
CA TRP B 57 57.93 -20.69 -54.23
C TRP B 57 58.47 -22.10 -54.46
N ILE B 58 59.68 -22.36 -54.01
CA ILE B 58 60.35 -23.64 -54.19
C ILE B 58 60.58 -24.32 -52.85
N PRO B 59 60.17 -25.56 -52.64
CA PRO B 59 60.35 -26.18 -51.37
C PRO B 59 61.83 -26.26 -51.14
N ARG B 60 62.29 -25.92 -49.96
CA ARG B 60 63.72 -25.96 -49.68
C ARG B 60 64.13 -27.36 -49.27
N THR B 61 64.24 -28.24 -50.28
CA THR B 61 64.49 -29.65 -50.00
C THR B 61 65.27 -30.46 -51.03
N ILE B 62 65.91 -31.50 -50.51
CA ILE B 62 66.71 -32.48 -51.26
C ILE B 62 66.16 -33.92 -51.12
N LEU B 63 66.06 -34.63 -52.25
CA LEU B 63 65.55 -36.02 -52.21
C LEU B 63 66.65 -37.03 -52.55
N VAL B 64 66.95 -37.97 -51.66
CA VAL B 64 68.02 -38.95 -51.89
C VAL B 64 67.53 -40.40 -51.94
N ASP B 65 67.84 -41.10 -53.04
CA ASP B 65 67.44 -42.50 -53.26
C ASP B 65 68.54 -43.29 -53.96
N LEU B 66 68.95 -44.44 -53.43
CA LEU B 66 70.02 -45.19 -54.08
C LEU B 66 69.52 -45.92 -55.33
N GLY B 67 68.20 -45.97 -55.51
CA GLY B 67 67.63 -46.50 -56.74
C GLY B 67 66.96 -45.28 -57.41
N PRO B 68 66.36 -45.39 -58.58
CA PRO B 68 65.67 -44.31 -59.26
C PRO B 68 64.17 -44.16 -58.98
N ASN B 69 63.57 -45.11 -58.28
CA ASN B 69 62.11 -45.18 -58.32
C ASN B 69 61.32 -44.37 -57.33
N ALA B 70 61.83 -44.12 -56.12
CA ALA B 70 60.97 -43.37 -55.22
C ALA B 70 60.86 -41.96 -55.72
N ILE B 71 61.97 -41.46 -56.25
CA ILE B 71 61.99 -40.11 -56.75
C ILE B 71 61.20 -40.02 -58.01
N ARG B 72 61.37 -40.95 -58.95
CA ARG B 72 60.59 -40.83 -60.15
C ARG B 72 59.11 -40.75 -59.88
N LYS B 73 58.58 -41.57 -58.98
CA LYS B 73 57.15 -41.46 -58.76
C LYS B 73 56.79 -40.13 -58.09
N VAL B 74 57.55 -39.69 -57.12
CA VAL B 74 57.21 -38.43 -56.47
C VAL B 74 57.27 -37.21 -57.35
N THR B 75 58.32 -37.08 -58.15
CA THR B 75 58.43 -35.86 -58.92
C THR B 75 57.76 -35.91 -60.28
N LYS B 76 57.45 -37.09 -60.79
CA LYS B 76 56.79 -37.16 -62.08
C LYS B 76 55.30 -37.49 -61.99
N LYS B 77 54.84 -38.18 -60.95
CA LYS B 77 53.42 -38.52 -60.91
C LYS B 77 52.65 -37.91 -59.75
N ASP B 78 53.22 -37.87 -58.54
CA ASP B 78 52.41 -37.37 -57.43
C ASP B 78 52.41 -35.87 -57.21
N MET B 79 53.54 -35.20 -57.37
CA MET B 79 53.51 -33.76 -57.15
C MET B 79 54.38 -33.08 -58.19
N LYS B 80 53.84 -33.04 -59.40
CA LYS B 80 54.53 -32.59 -60.59
C LYS B 80 54.91 -31.14 -60.50
N ASP B 81 56.12 -30.84 -60.97
CA ASP B 81 56.67 -29.49 -61.08
C ASP B 81 56.94 -28.78 -59.76
N PHE B 82 56.78 -29.48 -58.65
CA PHE B 82 57.01 -28.84 -57.37
C PHE B 82 58.44 -28.96 -56.89
N PHE B 83 59.01 -30.12 -57.05
CA PHE B 83 60.34 -30.37 -56.53
C PHE B 83 61.34 -30.02 -57.61
N ASP B 84 62.45 -29.42 -57.22
CA ASP B 84 63.51 -29.03 -58.14
C ASP B 84 64.37 -30.24 -58.53
N PRO B 85 64.41 -30.68 -59.80
CA PRO B 85 65.11 -31.87 -60.25
C PRO B 85 66.60 -31.81 -60.01
N LYS B 86 67.14 -30.62 -59.80
CA LYS B 86 68.58 -30.51 -59.60
C LYS B 86 68.92 -30.77 -58.15
N ARG B 87 67.91 -31.02 -57.33
CA ARG B 87 68.08 -31.32 -55.93
C ARG B 87 67.74 -32.78 -55.67
N CYS B 88 67.64 -33.59 -56.73
CA CYS B 88 67.37 -35.00 -56.55
C CYS B 88 68.60 -35.84 -56.84
N VAL B 89 68.92 -36.75 -55.94
CA VAL B 89 70.09 -37.61 -56.09
C VAL B 89 69.66 -39.03 -56.29
N MET B 90 70.03 -39.63 -57.41
CA MET B 90 69.62 -41.00 -57.67
C MET B 90 70.74 -41.93 -58.03
N GLY B 91 70.73 -43.08 -57.40
CA GLY B 91 71.65 -44.15 -57.73
C GLY B 91 70.97 -45.13 -58.65
N LEU B 92 71.61 -46.27 -58.89
CA LEU B 92 71.03 -47.28 -59.77
C LEU B 92 70.75 -48.59 -59.05
N ALA B 93 71.64 -49.01 -58.17
CA ALA B 93 71.53 -50.32 -57.56
C ALA B 93 70.54 -50.45 -56.41
N GLY B 94 70.13 -49.36 -55.77
CA GLY B 94 69.27 -49.53 -54.61
C GLY B 94 70.14 -50.00 -53.47
N ASP B 95 69.55 -50.69 -52.49
CA ASP B 95 70.31 -51.08 -51.33
C ASP B 95 70.17 -52.55 -50.89
N ALA B 96 69.41 -53.36 -51.60
CA ALA B 96 69.20 -54.78 -51.26
C ALA B 96 68.77 -54.96 -49.81
N ASN B 97 68.12 -53.93 -49.25
CA ASN B 97 67.68 -53.83 -47.86
C ASN B 97 68.81 -53.88 -46.85
N LEU B 98 70.05 -53.61 -47.25
CA LEU B 98 71.15 -53.67 -46.32
C LEU B 98 71.72 -52.33 -45.88
N PHE B 99 71.92 -52.21 -44.57
CA PHE B 99 72.61 -51.07 -43.96
C PHE B 99 73.95 -50.93 -44.62
N ALA B 100 74.61 -52.06 -44.85
CA ALA B 100 75.94 -52.02 -45.41
C ALA B 100 76.02 -51.24 -46.73
N LYS B 101 74.99 -51.30 -47.59
CA LYS B 101 75.16 -50.55 -48.81
C LYS B 101 74.96 -49.09 -48.57
N GLY B 102 73.99 -48.75 -47.74
CA GLY B 102 73.74 -47.35 -47.49
C GLY B 102 74.90 -46.64 -46.78
N TYR B 103 75.60 -47.33 -45.88
CA TYR B 103 76.66 -46.68 -45.12
C TYR B 103 78.12 -46.98 -45.54
N TYR B 104 78.43 -48.15 -46.13
CA TYR B 104 79.84 -48.45 -46.42
C TYR B 104 80.16 -48.70 -47.90
N SER B 105 79.41 -49.55 -48.58
CA SER B 105 79.85 -49.96 -49.93
C SER B 105 79.29 -49.25 -51.16
N TYR B 106 78.10 -48.67 -51.08
CA TYR B 106 77.55 -48.07 -52.29
C TYR B 106 77.26 -46.63 -52.08
N GLY B 107 76.58 -46.31 -51.00
CA GLY B 107 76.12 -44.96 -50.75
C GLY B 107 77.23 -43.97 -50.57
N THR B 108 78.42 -44.46 -50.30
CA THR B 108 79.56 -43.60 -50.07
C THR B 108 80.02 -42.92 -51.33
N ARG B 109 79.75 -43.50 -52.49
CA ARG B 109 80.21 -42.91 -53.74
C ARG B 109 79.37 -41.71 -54.11
N PHE B 110 78.26 -41.50 -53.43
CA PHE B 110 77.38 -40.41 -53.74
C PHE B 110 77.59 -39.27 -52.78
N MET B 111 78.52 -39.39 -51.84
CA MET B 111 78.61 -38.31 -50.88
C MET B 111 79.12 -37.02 -51.47
N GLU B 112 79.93 -37.05 -52.51
CA GLU B 112 80.38 -35.78 -53.05
C GLU B 112 79.20 -35.06 -53.68
N GLU B 113 78.36 -35.81 -54.39
CA GLU B 113 77.19 -35.26 -55.04
C GLU B 113 76.21 -34.70 -54.03
N ILE B 114 76.00 -35.45 -52.94
CA ILE B 114 75.05 -35.04 -51.94
C ILE B 114 75.53 -33.81 -51.21
N MET B 115 76.80 -33.77 -50.81
CA MET B 115 77.24 -32.60 -50.09
C MET B 115 77.32 -31.39 -50.99
N ASP B 116 77.54 -31.59 -52.29
CA ASP B 116 77.56 -30.47 -53.22
C ASP B 116 76.16 -29.89 -53.34
N LYS B 117 75.14 -30.74 -53.43
CA LYS B 117 73.80 -30.22 -53.52
C LYS B 117 73.40 -29.54 -52.24
N ILE B 118 73.84 -30.08 -51.10
CA ILE B 118 73.49 -29.43 -49.85
C ILE B 118 74.12 -28.08 -49.81
N GLN B 119 75.39 -27.94 -50.17
CA GLN B 119 75.96 -26.61 -50.11
C GLN B 119 75.23 -25.66 -51.03
N LYS B 120 74.83 -26.10 -52.22
CA LYS B 120 74.14 -25.17 -53.08
C LYS B 120 72.87 -24.65 -52.43
N GLU B 121 72.21 -25.50 -51.64
CA GLU B 121 70.99 -25.11 -50.94
C GLU B 121 71.33 -24.18 -49.75
N VAL B 122 72.42 -24.47 -49.05
CA VAL B 122 72.89 -23.67 -47.91
C VAL B 122 73.30 -22.29 -48.35
N ASP B 123 73.93 -22.19 -49.49
CA ASP B 123 74.40 -20.93 -50.03
C ASP B 123 73.27 -19.96 -50.38
N GLN B 124 72.02 -20.42 -50.40
CA GLN B 124 70.96 -19.51 -50.75
C GLN B 124 70.39 -18.85 -49.50
N THR B 125 70.88 -19.23 -48.31
CA THR B 125 70.30 -18.69 -47.08
C THR B 125 71.26 -17.99 -46.12
N GLU B 126 70.87 -16.78 -45.72
CA GLU B 126 71.65 -15.94 -44.78
C GLU B 126 71.67 -16.47 -43.35
N HIS B 127 70.54 -16.99 -42.91
CA HIS B 127 70.43 -17.46 -41.53
C HIS B 127 69.87 -18.83 -41.48
N LEU B 128 70.74 -19.82 -41.45
CA LEU B 128 70.34 -21.21 -41.44
C LEU B 128 70.25 -21.66 -40.01
N GLN B 129 69.09 -22.14 -39.64
CA GLN B 129 68.78 -22.59 -38.31
C GLN B 129 69.20 -24.03 -38.12
N GLY B 130 68.92 -24.83 -39.14
CA GLY B 130 69.25 -26.24 -39.03
C GLY B 130 68.72 -27.10 -40.15
N PHE B 131 68.88 -28.39 -39.95
CA PHE B 131 68.47 -29.41 -40.90
C PHE B 131 67.52 -30.41 -40.31
N ILE B 132 66.59 -30.88 -41.13
CA ILE B 132 65.72 -31.96 -40.74
C ILE B 132 65.91 -33.10 -41.70
N VAL B 133 66.26 -34.26 -41.19
CA VAL B 133 66.46 -35.40 -42.07
C VAL B 133 65.36 -36.40 -41.81
N VAL B 134 64.59 -36.70 -42.83
CA VAL B 134 63.47 -37.60 -42.72
C VAL B 134 63.85 -38.93 -43.30
N HIS B 135 63.80 -39.98 -42.49
CA HIS B 135 64.24 -41.24 -43.01
C HIS B 135 63.64 -42.43 -42.32
N SER B 136 63.61 -43.52 -43.04
CA SER B 136 63.27 -44.81 -42.49
C SER B 136 64.45 -45.31 -41.72
N ILE B 137 64.26 -46.13 -40.69
CA ILE B 137 65.46 -46.77 -40.04
C ILE B 137 65.40 -48.26 -40.40
N GLY B 138 64.49 -48.61 -41.30
CA GLY B 138 64.26 -49.97 -41.76
C GLY B 138 65.22 -50.44 -42.83
N ASP B 139 64.98 -49.96 -44.05
CA ASP B 139 65.74 -50.26 -45.25
C ASP B 139 67.12 -49.68 -45.21
N GLY B 140 68.01 -50.25 -46.01
CA GLY B 140 69.39 -49.82 -46.09
C GLY B 140 69.61 -48.39 -46.55
N THR B 141 68.82 -47.90 -47.49
CA THR B 141 69.08 -46.53 -47.90
C THR B 141 68.79 -45.59 -46.75
N GLY B 142 67.63 -45.73 -46.11
CA GLY B 142 67.31 -44.87 -44.98
C GLY B 142 68.25 -45.10 -43.81
N ALA B 143 68.36 -46.35 -43.38
CA ALA B 143 69.17 -46.73 -42.22
C ALA B 143 70.65 -46.43 -42.41
N GLY B 144 71.16 -46.57 -43.62
CA GLY B 144 72.55 -46.37 -43.94
C GLY B 144 72.89 -44.92 -44.32
N LEU B 145 72.32 -44.41 -45.39
CA LEU B 145 72.70 -43.08 -45.76
C LEU B 145 72.26 -42.02 -44.82
N ALA B 146 71.09 -42.11 -44.19
CA ALA B 146 70.73 -40.94 -43.43
C ALA B 146 71.83 -40.60 -42.43
N PRO B 147 72.39 -41.51 -41.59
CA PRO B 147 73.52 -41.21 -40.74
C PRO B 147 74.80 -40.87 -41.48
N LEU B 148 74.98 -41.32 -42.72
CA LEU B 148 76.21 -40.97 -43.41
C LEU B 148 76.17 -39.48 -43.76
N ILE B 149 74.98 -39.04 -44.16
CA ILE B 149 74.72 -37.67 -44.54
C ILE B 149 74.81 -36.80 -43.31
N MET B 150 74.19 -37.24 -42.22
CA MET B 150 74.22 -36.45 -41.01
C MET B 150 75.64 -36.21 -40.54
N GLU B 151 76.50 -37.24 -40.56
CA GLU B 151 77.86 -37.02 -40.12
C GLU B 151 78.58 -36.03 -41.02
N ALA B 152 78.38 -36.13 -42.33
CA ALA B 152 79.05 -35.22 -43.24
C ALA B 152 78.64 -33.77 -43.00
N ILE B 153 77.37 -33.55 -42.66
CA ILE B 153 76.91 -32.21 -42.36
C ILE B 153 77.43 -31.71 -41.04
N LYS B 154 77.37 -32.52 -39.98
CA LYS B 154 77.82 -32.03 -38.68
C LYS B 154 79.28 -31.63 -38.68
N LYS B 155 80.08 -32.28 -39.55
CA LYS B 155 81.54 -32.00 -39.58
C LYS B 155 81.80 -30.72 -40.37
N LYS B 156 80.80 -30.21 -41.09
CA LYS B 156 80.97 -29.02 -41.92
C LYS B 156 80.26 -27.82 -41.33
N HIS B 157 79.14 -28.06 -40.68
CA HIS B 157 78.31 -27.01 -40.11
C HIS B 157 77.98 -27.35 -38.66
N PRO B 158 78.97 -27.40 -37.76
CA PRO B 158 78.88 -27.88 -36.39
C PRO B 158 78.00 -27.06 -35.46
N LYS B 159 77.68 -25.84 -35.86
CA LYS B 159 76.88 -24.95 -35.03
C LYS B 159 75.38 -25.02 -35.29
N LEU B 160 74.97 -25.83 -36.26
CA LEU B 160 73.56 -25.94 -36.59
C LEU B 160 72.90 -27.04 -35.80
N VAL B 161 71.59 -26.94 -35.60
CA VAL B 161 70.90 -28.01 -34.91
C VAL B 161 70.40 -29.00 -35.92
N MET B 162 70.67 -30.27 -35.68
CA MET B 162 70.18 -31.29 -36.58
C MET B 162 69.14 -32.16 -35.94
N MET B 163 68.00 -32.26 -36.62
CA MET B 163 66.92 -33.08 -36.14
C MET B 163 66.63 -34.18 -37.12
N SER B 164 66.37 -35.36 -36.61
CA SER B 164 65.99 -36.43 -37.49
C SER B 164 64.59 -36.87 -37.17
N TYR B 165 63.91 -37.38 -38.17
CA TYR B 165 62.59 -37.94 -38.02
C TYR B 165 62.74 -39.40 -38.43
N SER B 166 62.90 -40.26 -37.44
CA SER B 166 63.21 -41.67 -37.63
C SER B 166 61.97 -42.51 -37.59
N ILE B 167 61.69 -43.20 -38.68
CA ILE B 167 60.47 -43.96 -38.73
C ILE B 167 60.72 -45.44 -38.62
N VAL B 168 60.17 -46.04 -37.57
CA VAL B 168 60.38 -47.44 -37.30
C VAL B 168 59.31 -48.25 -38.02
N PRO B 169 59.67 -49.15 -38.94
CA PRO B 169 58.78 -49.98 -39.71
C PRO B 169 58.04 -50.90 -38.81
N SER B 170 56.88 -51.31 -39.26
CA SER B 170 56.07 -52.28 -38.57
C SER B 170 56.59 -53.70 -38.61
N GLN B 171 56.05 -54.53 -37.73
CA GLN B 171 56.34 -55.96 -37.64
C GLN B 171 55.39 -56.79 -38.50
N ASN B 172 54.54 -56.11 -39.25
CA ASN B 172 53.58 -56.74 -40.13
C ASN B 172 53.62 -56.14 -41.56
N MET B 173 52.90 -55.07 -41.84
CA MET B 173 52.81 -54.61 -43.22
C MET B 173 54.14 -54.19 -43.83
N ASP B 174 55.06 -53.69 -43.03
CA ASP B 174 56.34 -53.23 -43.52
C ASP B 174 57.46 -54.20 -43.13
N CYS B 175 57.12 -55.39 -42.68
CA CYS B 175 58.20 -56.20 -42.13
C CYS B 175 59.20 -56.73 -43.12
N SER B 176 60.35 -57.06 -42.54
CA SER B 176 61.53 -57.62 -43.18
C SER B 176 62.25 -58.57 -42.25
N THR B 177 62.83 -59.59 -42.82
CA THR B 177 63.56 -60.62 -42.10
C THR B 177 64.87 -60.14 -41.53
N ILE B 178 65.35 -58.99 -41.98
CA ILE B 178 66.58 -58.41 -41.44
C ILE B 178 66.36 -57.06 -40.81
N LEU B 179 65.11 -56.74 -40.49
CA LEU B 179 64.83 -55.46 -39.86
C LEU B 179 65.66 -55.20 -38.60
N PRO B 180 65.81 -56.14 -37.65
CA PRO B 180 66.59 -55.93 -36.45
C PRO B 180 68.04 -55.59 -36.72
N TYR B 181 68.62 -55.98 -37.86
CA TYR B 181 70.01 -55.62 -38.02
C TYR B 181 70.09 -54.21 -38.44
N ASN B 182 69.22 -53.79 -39.34
CA ASN B 182 69.38 -52.44 -39.79
C ASN B 182 68.99 -51.47 -38.70
N ALA B 183 67.99 -51.82 -37.89
CA ALA B 183 67.56 -50.91 -36.85
C ALA B 183 68.63 -50.68 -35.79
N ILE B 184 69.34 -51.73 -35.37
CA ILE B 184 70.36 -51.55 -34.36
C ILE B 184 71.58 -50.88 -34.95
N LEU B 185 71.98 -51.29 -36.14
CA LEU B 185 73.16 -50.72 -36.74
C LEU B 185 72.98 -49.23 -36.99
N SER B 186 71.78 -48.80 -37.37
CA SER B 186 71.56 -47.39 -37.59
C SER B 186 71.28 -46.58 -36.32
N LEU B 187 70.67 -47.18 -35.27
CA LEU B 187 70.48 -46.42 -34.01
C LEU B 187 71.83 -46.08 -33.45
N ASP B 188 72.78 -46.98 -33.67
CA ASP B 188 74.13 -46.79 -33.22
C ASP B 188 74.75 -45.52 -33.80
N LYS B 189 74.35 -45.11 -35.01
CA LYS B 189 74.98 -43.94 -35.57
C LYS B 189 74.14 -42.72 -35.24
N LEU B 190 72.82 -42.89 -35.12
CA LEU B 190 71.96 -41.75 -34.82
C LEU B 190 72.30 -41.20 -33.47
N THR B 191 72.76 -42.10 -32.61
CA THR B 191 73.17 -41.77 -31.26
C THR B 191 74.22 -40.66 -31.26
N SER B 192 75.18 -40.67 -32.19
CA SER B 192 76.16 -39.59 -32.18
C SER B 192 75.87 -38.50 -33.22
N CYS B 193 75.04 -38.81 -34.23
CA CYS B 193 74.72 -37.88 -35.33
C CYS B 193 73.75 -36.75 -35.04
N ALA B 194 72.57 -37.08 -34.51
CA ALA B 194 71.51 -36.09 -34.36
C ALA B 194 71.57 -35.38 -33.03
N ASP B 195 71.04 -34.17 -32.97
CA ASP B 195 70.90 -33.48 -31.70
C ASP B 195 69.55 -33.83 -31.12
N ILE B 196 68.57 -33.96 -32.00
CA ILE B 196 67.20 -34.31 -31.66
C ILE B 196 66.78 -35.46 -32.53
N SER B 197 66.22 -36.53 -31.97
CA SER B 197 65.76 -37.61 -32.84
C SER B 197 64.37 -38.06 -32.49
N MET B 198 63.44 -37.86 -33.41
CA MET B 198 62.07 -38.22 -33.13
C MET B 198 61.84 -39.65 -33.52
N ILE B 199 61.17 -40.42 -32.69
CA ILE B 199 60.85 -41.79 -33.08
C ILE B 199 59.38 -41.97 -33.27
N ILE B 200 59.00 -42.38 -34.47
CA ILE B 200 57.61 -42.66 -34.77
C ILE B 200 57.49 -44.13 -35.09
N ASP B 201 56.60 -44.82 -34.41
CA ASP B 201 56.42 -46.26 -34.62
C ASP B 201 55.22 -46.60 -35.53
N ASN B 202 55.46 -47.19 -36.72
CA ASN B 202 54.35 -47.46 -37.62
C ASN B 202 53.33 -48.42 -37.05
N ASP B 203 53.71 -49.29 -36.10
CA ASP B 203 52.70 -50.18 -35.56
C ASP B 203 51.71 -49.43 -34.71
N SER B 204 52.12 -48.32 -34.11
CA SER B 204 51.20 -47.57 -33.32
C SER B 204 50.28 -46.88 -34.28
N ILE B 205 50.80 -46.41 -35.39
CA ILE B 205 49.93 -45.73 -36.32
C ILE B 205 48.90 -46.70 -36.84
N TYR B 206 49.30 -47.91 -37.19
CA TYR B 206 48.31 -48.81 -37.72
C TYR B 206 47.22 -49.14 -36.69
N ARG B 207 47.57 -49.39 -35.41
CA ARG B 207 46.49 -49.72 -34.48
C ARG B 207 45.65 -48.52 -34.07
N ILE B 208 46.25 -47.33 -34.06
CA ILE B 208 45.52 -46.15 -33.68
C ILE B 208 44.52 -45.77 -34.74
N VAL B 209 44.94 -45.78 -35.98
CA VAL B 209 44.04 -45.44 -37.04
C VAL B 209 42.95 -46.49 -37.13
N ALA B 210 43.31 -47.76 -37.03
CA ALA B 210 42.28 -48.79 -37.08
C ALA B 210 41.24 -48.62 -36.00
N THR B 211 41.66 -48.20 -34.80
CA THR B 211 40.73 -47.95 -33.73
C THR B 211 39.78 -46.81 -34.08
N GLN B 212 40.33 -45.71 -34.60
CA GLN B 212 39.50 -44.55 -34.96
C GLN B 212 38.57 -44.88 -36.10
N GLY B 213 39.02 -45.76 -36.96
CA GLY B 213 38.29 -46.19 -38.13
C GLY B 213 37.37 -47.36 -37.87
N LYS B 214 37.17 -47.77 -36.62
CA LYS B 214 36.33 -48.96 -36.39
C LYS B 214 34.89 -48.75 -36.88
N GLU B 215 34.47 -47.49 -37.02
CA GLU B 215 33.15 -47.13 -37.47
C GLU B 215 33.03 -46.87 -38.98
N ASN B 216 34.14 -46.95 -39.73
CA ASN B 216 34.07 -46.61 -41.14
C ASN B 216 35.13 -47.30 -42.02
N GLU B 217 35.13 -47.00 -43.31
CA GLU B 217 36.06 -47.64 -44.24
C GLU B 217 37.37 -46.88 -44.45
N LEU B 218 37.55 -45.75 -43.79
CA LEU B 218 38.74 -44.93 -43.96
C LEU B 218 39.10 -44.69 -45.43
N SER B 219 40.40 -44.76 -45.71
CA SER B 219 41.05 -44.60 -47.00
C SER B 219 42.41 -45.20 -46.84
N GLU B 220 42.97 -45.80 -47.86
CA GLU B 220 44.31 -46.37 -47.68
C GLU B 220 45.38 -45.30 -47.52
N SER B 221 45.07 -44.06 -47.90
CA SER B 221 46.02 -42.97 -47.78
C SER B 221 46.18 -42.46 -46.35
N ILE B 222 45.30 -42.86 -45.46
CA ILE B 222 45.32 -42.35 -44.10
C ILE B 222 46.57 -42.66 -43.33
N PHE B 223 47.22 -43.76 -43.59
CA PHE B 223 48.38 -44.09 -42.82
C PHE B 223 49.51 -43.12 -43.10
N ASP B 224 49.65 -42.74 -44.37
CA ASP B 224 50.71 -41.82 -44.75
C ASP B 224 50.36 -40.41 -44.35
N GLN B 225 49.06 -40.07 -44.34
CA GLN B 225 48.73 -38.72 -43.96
C GLN B 225 49.03 -38.53 -42.49
N VAL B 226 48.79 -39.52 -41.64
CA VAL B 226 49.08 -39.36 -40.22
C VAL B 226 50.57 -39.23 -39.98
N LEU B 227 51.37 -40.04 -40.65
CA LEU B 227 52.80 -39.98 -40.45
C LEU B 227 53.38 -38.63 -40.91
N ALA B 228 52.93 -38.15 -42.08
CA ALA B 228 53.39 -36.87 -42.59
C ALA B 228 52.94 -35.72 -41.72
N LYS B 229 51.70 -35.79 -41.23
CA LYS B 229 51.16 -34.73 -40.42
C LYS B 229 51.91 -34.58 -39.15
N ALA B 230 52.31 -35.68 -38.52
CA ALA B 230 53.05 -35.50 -37.29
C ALA B 230 54.27 -34.63 -37.53
N LEU B 231 54.97 -34.81 -38.65
CA LEU B 231 56.14 -33.93 -38.83
C LEU B 231 55.71 -32.49 -39.02
N VAL B 232 54.62 -32.27 -39.75
CA VAL B 232 54.16 -30.92 -40.02
C VAL B 232 53.83 -30.19 -38.73
N GLU B 233 53.14 -30.89 -37.82
CA GLU B 233 52.77 -30.29 -36.55
C GLU B 233 53.97 -30.04 -35.66
N ILE B 234 54.98 -30.92 -35.68
CA ILE B 234 56.17 -30.72 -34.86
C ILE B 234 56.81 -29.42 -35.27
N THR B 235 56.85 -29.19 -36.58
CA THR B 235 57.42 -28.01 -37.18
C THR B 235 56.53 -26.78 -37.20
N ALA B 236 55.30 -26.84 -36.70
CA ALA B 236 54.43 -25.68 -36.80
C ALA B 236 54.99 -24.48 -36.09
N THR B 237 55.69 -24.68 -34.99
CA THR B 237 56.21 -23.58 -34.22
C THR B 237 57.42 -22.97 -34.86
N LEU B 238 57.98 -23.62 -35.88
CA LEU B 238 59.13 -23.10 -36.55
C LEU B 238 58.68 -22.28 -37.75
N ARG B 239 57.37 -22.29 -38.03
CA ARG B 239 56.82 -21.62 -39.20
C ARG B 239 55.90 -20.46 -38.84
N PHE B 240 55.32 -20.51 -37.67
CA PHE B 240 54.43 -19.46 -37.22
C PHE B 240 55.05 -18.76 -36.04
N ASN B 241 54.66 -17.53 -35.77
CA ASN B 241 55.28 -16.81 -34.66
C ASN B 241 54.66 -17.22 -33.33
N SER B 242 55.03 -18.42 -32.95
CA SER B 242 54.56 -19.16 -31.80
C SER B 242 55.29 -18.75 -30.53
N PRO B 243 54.68 -18.90 -29.32
CA PRO B 243 55.41 -18.61 -28.08
C PRO B 243 56.07 -19.90 -27.57
N LEU B 244 56.38 -20.84 -28.46
CA LEU B 244 56.95 -22.15 -28.04
C LEU B 244 57.84 -22.71 -29.16
N ASN B 245 58.83 -23.52 -28.81
CA ASN B 245 59.73 -24.15 -29.77
C ASN B 245 60.02 -23.18 -30.91
N ARG B 246 60.20 -21.89 -30.57
CA ARG B 246 60.45 -20.85 -31.52
C ARG B 246 61.54 -21.21 -32.52
N SER B 247 62.52 -21.98 -32.08
CA SER B 247 63.61 -22.38 -32.94
C SER B 247 64.09 -23.77 -32.55
N MET B 248 64.85 -24.40 -33.44
CA MET B 248 65.39 -25.72 -33.20
C MET B 248 66.32 -25.74 -32.01
N MET B 249 67.00 -24.64 -31.77
CA MET B 249 67.90 -24.54 -30.64
C MET B 249 67.11 -24.58 -29.33
N GLU B 250 65.89 -24.05 -29.35
CA GLU B 250 65.05 -24.03 -28.13
C GLU B 250 64.42 -25.41 -27.94
N MET B 251 64.16 -26.13 -29.03
CA MET B 251 63.64 -27.48 -28.84
C MET B 251 64.70 -28.33 -28.17
N SER B 252 65.94 -28.14 -28.58
CA SER B 252 67.03 -28.89 -28.02
C SER B 252 67.19 -28.58 -26.54
N THR B 253 67.18 -27.30 -26.17
CA THR B 253 67.39 -26.91 -24.75
C THR B 253 66.20 -27.35 -23.88
N ASN B 254 64.99 -27.39 -24.43
CA ASN B 254 63.82 -27.76 -23.67
C ASN B 254 63.69 -29.26 -23.44
N LEU B 255 64.09 -30.05 -24.42
CA LEU B 255 63.91 -31.48 -24.36
C LEU B 255 65.11 -32.38 -24.08
N VAL B 256 66.34 -31.98 -24.38
CA VAL B 256 67.46 -32.90 -24.24
C VAL B 256 68.51 -32.52 -23.16
N PRO B 257 68.44 -33.05 -21.92
CA PRO B 257 69.36 -32.72 -20.84
C PRO B 257 70.76 -33.29 -20.94
N PHE B 258 70.93 -34.38 -21.68
CA PHE B 258 72.23 -34.99 -21.84
C PHE B 258 72.41 -35.30 -23.30
N PRO B 259 73.61 -35.21 -23.88
CA PRO B 259 73.88 -35.48 -25.28
C PRO B 259 73.32 -36.80 -25.82
N ARG B 260 73.29 -37.85 -25.01
CA ARG B 260 72.78 -39.12 -25.51
C ARG B 260 71.28 -39.27 -25.35
N ASN B 261 70.66 -38.57 -24.41
CA ASN B 261 69.25 -38.78 -24.17
C ASN B 261 68.40 -37.88 -25.03
N HIS B 262 68.52 -38.06 -26.33
CA HIS B 262 67.82 -37.21 -27.27
C HIS B 262 66.70 -37.87 -28.06
N PHE B 263 66.33 -39.10 -27.70
CA PHE B 263 65.31 -39.78 -28.47
C PHE B 263 63.94 -39.44 -27.91
N LEU B 264 63.10 -38.84 -28.74
CA LEU B 264 61.80 -38.33 -28.32
C LEU B 264 60.58 -39.03 -28.90
N MET B 265 59.53 -39.05 -28.10
CA MET B 265 58.25 -39.62 -28.46
C MET B 265 57.22 -38.55 -28.73
N THR B 266 56.20 -38.85 -29.55
CA THR B 266 55.16 -37.85 -29.75
C THR B 266 53.78 -38.40 -29.54
N SER B 267 52.87 -37.46 -29.38
CA SER B 267 51.45 -37.71 -29.22
C SER B 267 50.66 -36.69 -29.99
N MET B 268 49.64 -37.13 -30.70
CA MET B 268 48.90 -36.18 -31.52
C MET B 268 47.39 -36.34 -31.50
N SER B 269 46.70 -35.21 -31.53
CA SER B 269 45.25 -35.17 -31.57
C SER B 269 44.80 -33.99 -32.41
N PRO B 270 43.83 -34.18 -33.30
CA PRO B 270 42.98 -35.32 -33.62
C PRO B 270 43.51 -36.36 -34.60
N LEU B 271 44.82 -36.45 -34.80
CA LEU B 271 45.47 -37.38 -35.74
C LEU B 271 45.26 -36.97 -37.18
N GLU B 272 44.02 -36.88 -37.62
CA GLU B 272 43.72 -36.34 -38.93
C GLU B 272 42.34 -35.73 -38.96
N THR B 273 42.19 -34.65 -39.70
CA THR B 273 40.95 -33.92 -39.80
C THR B 273 39.83 -34.81 -40.32
N SER B 274 40.13 -35.65 -41.31
CA SER B 274 39.17 -36.55 -41.92
C SER B 274 38.75 -37.70 -40.99
N LEU B 275 39.52 -37.93 -39.93
CA LEU B 275 39.16 -38.97 -38.93
C LEU B 275 38.14 -38.36 -37.96
N THR B 276 38.26 -37.05 -37.70
CA THR B 276 37.33 -36.36 -36.78
C THR B 276 36.47 -35.36 -37.57
N SER B 277 35.31 -35.81 -38.07
CA SER B 277 34.45 -34.93 -38.90
C SER B 277 33.13 -34.63 -38.17
N ALA B 278 32.21 -33.94 -38.83
CA ALA B 278 30.91 -33.58 -38.22
C ALA B 278 31.12 -32.70 -36.99
N HIS B 279 30.45 -33.01 -35.87
CA HIS B 279 30.56 -32.17 -34.65
C HIS B 279 31.88 -32.48 -33.93
N GLN B 280 32.87 -31.61 -34.08
CA GLN B 280 34.20 -31.87 -33.47
C GLN B 280 34.58 -30.68 -32.60
N LYS B 281 33.63 -30.21 -31.79
CA LYS B 281 33.96 -29.13 -30.84
C LYS B 281 34.83 -29.73 -29.74
N ILE B 282 36.13 -29.89 -30.01
CA ILE B 282 37.06 -30.48 -29.00
C ILE B 282 37.43 -29.37 -28.03
N GLU B 283 36.86 -29.39 -26.82
CA GLU B 283 37.13 -28.31 -25.84
C GLU B 283 38.58 -28.42 -25.36
N THR B 284 39.15 -27.29 -24.96
CA THR B 284 40.56 -27.28 -24.47
C THR B 284 40.76 -28.43 -23.48
N LYS B 285 39.74 -28.75 -22.70
CA LYS B 285 39.87 -29.79 -21.64
C LYS B 285 40.06 -31.18 -22.26
N GLU B 286 39.27 -31.55 -23.26
CA GLU B 286 39.39 -32.89 -23.78
C GLU B 286 40.66 -33.00 -24.58
N LEU B 287 41.06 -31.95 -25.29
CA LEU B 287 42.26 -32.06 -26.08
C LEU B 287 43.44 -32.43 -25.21
N MET B 288 43.59 -31.81 -24.05
CA MET B 288 44.74 -32.21 -23.26
C MET B 288 44.63 -33.57 -22.64
N GLN B 289 43.44 -34.08 -22.41
CA GLN B 289 43.39 -35.44 -21.89
C GLN B 289 43.71 -36.41 -23.03
N ASP B 290 43.29 -36.09 -24.25
CA ASP B 290 43.53 -36.96 -25.39
C ASP B 290 45.01 -37.09 -25.67
N LEU B 291 45.75 -36.02 -25.46
CA LEU B 291 47.17 -36.05 -25.75
C LEU B 291 48.01 -36.93 -24.83
N ILE B 292 47.47 -37.41 -23.71
CA ILE B 292 48.26 -38.35 -22.91
C ILE B 292 47.53 -39.69 -22.85
N ASP B 293 46.58 -39.88 -23.75
CA ASP B 293 45.82 -41.10 -23.85
C ASP B 293 46.60 -42.14 -24.65
N GLN B 294 46.37 -43.40 -24.38
CA GLN B 294 47.08 -44.42 -25.12
C GLN B 294 46.82 -44.39 -26.61
N ASP B 295 45.64 -43.98 -27.02
CA ASP B 295 45.33 -44.07 -28.43
C ASP B 295 45.84 -42.89 -29.23
N HIS B 296 46.53 -41.97 -28.60
CA HIS B 296 47.10 -40.85 -29.32
C HIS B 296 48.61 -40.86 -29.31
N ILE B 297 49.22 -41.90 -28.74
CA ILE B 297 50.66 -41.91 -28.65
C ILE B 297 51.23 -42.75 -29.76
N LEU B 298 52.13 -42.18 -30.55
CA LEU B 298 52.63 -42.89 -31.72
C LEU B 298 53.88 -43.69 -31.37
N ALA B 299 53.72 -44.55 -30.36
CA ALA B 299 54.75 -45.42 -29.82
C ALA B 299 54.06 -46.43 -28.94
N PRO B 300 54.63 -47.61 -28.68
CA PRO B 300 54.07 -48.58 -27.75
C PRO B 300 54.39 -48.19 -26.31
N ILE B 301 53.92 -47.01 -25.95
CA ILE B 301 54.17 -46.38 -24.66
C ILE B 301 52.95 -45.90 -23.95
N THR B 302 52.87 -46.25 -22.69
CA THR B 302 51.85 -45.81 -21.78
C THR B 302 52.55 -44.77 -20.92
N VAL B 303 52.01 -43.56 -20.79
CA VAL B 303 52.78 -42.56 -20.04
C VAL B 303 52.90 -42.90 -18.58
N GLU B 304 51.89 -43.60 -18.06
CA GLU B 304 51.83 -44.04 -16.69
C GLU B 304 52.88 -45.07 -16.34
N LYS B 305 53.50 -45.70 -17.33
CA LYS B 305 54.48 -46.73 -17.09
C LYS B 305 55.84 -46.30 -17.58
N GLY B 306 56.52 -45.50 -16.79
CA GLY B 306 57.80 -44.92 -17.14
C GLY B 306 57.93 -43.55 -16.54
N VAL B 307 59.07 -42.89 -16.79
CA VAL B 307 59.35 -41.61 -16.19
C VAL B 307 59.71 -40.54 -17.21
N PHE B 308 59.14 -39.36 -17.03
CA PHE B 308 59.40 -38.21 -17.88
C PHE B 308 60.63 -37.48 -17.45
N THR B 309 61.35 -36.98 -18.42
CA THR B 309 62.50 -36.13 -18.18
C THR B 309 62.16 -34.73 -18.67
N ALA B 310 61.34 -34.66 -19.70
CA ALA B 310 60.93 -33.38 -20.27
C ALA B 310 59.57 -33.55 -20.94
N PHE B 311 58.75 -32.51 -20.95
CA PHE B 311 57.47 -32.64 -21.60
C PHE B 311 56.91 -31.33 -22.11
N VAL B 312 56.77 -31.21 -23.42
CA VAL B 312 56.26 -29.99 -24.02
C VAL B 312 54.99 -30.21 -24.82
N ILE B 313 53.95 -29.46 -24.49
CA ILE B 313 52.68 -29.56 -25.19
C ILE B 313 52.42 -28.34 -26.07
N ALA B 314 52.36 -28.55 -27.37
CA ALA B 314 52.14 -27.46 -28.30
C ALA B 314 50.75 -27.55 -28.89
N LEU B 315 49.93 -26.57 -28.58
CA LEU B 315 48.56 -26.58 -29.03
C LEU B 315 48.38 -25.54 -30.12
N ARG B 316 47.29 -25.64 -30.85
CA ARG B 316 46.99 -24.64 -31.85
C ARG B 316 45.55 -24.20 -31.64
N GLY B 317 45.28 -22.91 -31.79
CA GLY B 317 43.94 -22.35 -31.64
C GLY B 317 43.79 -21.76 -30.26
N GLU B 318 42.63 -21.17 -29.97
CA GLU B 318 42.50 -20.61 -28.66
C GLU B 318 42.44 -21.71 -27.64
N ASN B 319 43.27 -21.57 -26.64
CA ASN B 319 43.46 -22.50 -25.55
C ASN B 319 43.75 -21.71 -24.28
N PRO B 320 42.74 -21.25 -23.55
CA PRO B 320 42.91 -20.37 -22.41
C PRO B 320 43.91 -20.97 -21.44
N HIS B 321 44.78 -20.14 -20.91
CA HIS B 321 45.83 -20.66 -20.06
C HIS B 321 45.35 -21.21 -18.75
N SER B 322 44.23 -20.71 -18.24
CA SER B 322 43.72 -21.23 -16.99
C SER B 322 43.23 -22.65 -17.14
N ILE B 323 42.90 -23.05 -18.35
CA ILE B 323 42.43 -24.39 -18.57
C ILE B 323 43.64 -25.23 -18.71
N LEU B 324 44.64 -24.73 -19.41
CA LEU B 324 45.80 -25.57 -19.61
C LEU B 324 46.43 -25.87 -18.27
N GLN B 325 46.43 -24.92 -17.34
CA GLN B 325 47.01 -25.19 -16.06
C GLN B 325 46.20 -26.16 -15.24
N ASN B 326 44.87 -26.11 -15.32
CA ASN B 326 44.13 -27.09 -14.55
C ASN B 326 44.29 -28.47 -15.16
N SER B 327 44.41 -28.56 -16.49
CA SER B 327 44.60 -29.84 -17.13
C SER B 327 45.91 -30.46 -16.72
N ILE B 328 46.97 -29.65 -16.62
CA ILE B 328 48.25 -30.17 -16.21
C ILE B 328 48.20 -30.62 -14.76
N LYS B 329 47.63 -29.82 -13.89
CA LYS B 329 47.59 -30.23 -12.49
C LYS B 329 46.83 -31.55 -12.35
N GLY B 330 45.80 -31.70 -13.17
CA GLY B 330 44.92 -32.85 -13.20
C GLY B 330 45.57 -34.10 -13.78
N PHE B 331 46.81 -34.00 -14.25
CA PHE B 331 47.51 -35.16 -14.75
C PHE B 331 47.84 -36.05 -13.55
N GLY B 332 47.97 -35.46 -12.36
CA GLY B 332 48.24 -36.27 -11.18
C GLY B 332 49.54 -37.02 -11.30
N ASP B 333 49.49 -38.31 -11.04
CA ASP B 333 50.66 -39.17 -11.12
C ASP B 333 50.74 -39.95 -12.40
N ARG B 334 49.94 -39.56 -13.40
CA ARG B 334 50.01 -40.21 -14.69
C ARG B 334 51.25 -39.69 -15.39
N VAL B 335 51.59 -38.45 -15.10
CA VAL B 335 52.75 -37.82 -15.65
C VAL B 335 53.73 -37.56 -14.53
N LYS B 336 54.74 -38.39 -14.43
CA LYS B 336 55.67 -38.29 -13.33
C LYS B 336 57.09 -38.21 -13.79
N PHE B 337 57.90 -37.43 -13.07
CA PHE B 337 59.32 -37.22 -13.42
C PHE B 337 60.19 -37.75 -12.28
N SER B 338 61.49 -37.49 -12.33
CA SER B 338 62.41 -37.93 -11.24
C SER B 338 62.25 -36.99 -10.05
N GLU B 339 62.85 -37.35 -8.90
CA GLU B 339 62.79 -36.46 -7.71
C GLU B 339 63.86 -35.38 -7.87
N ILE B 340 64.69 -35.49 -8.92
CA ILE B 340 65.73 -34.44 -9.17
C ILE B 340 65.17 -33.45 -10.20
N PHE B 341 63.88 -33.52 -10.53
CA PHE B 341 63.33 -32.52 -11.42
C PHE B 341 62.03 -31.98 -10.88
N PRO B 342 61.69 -30.74 -11.17
CA PRO B 342 60.40 -30.18 -10.94
C PRO B 342 59.54 -30.77 -12.02
N THR B 343 58.23 -30.79 -11.87
CA THR B 343 57.39 -31.30 -12.94
C THR B 343 57.29 -30.28 -14.04
N ALA B 344 58.33 -30.20 -14.82
CA ALA B 344 58.52 -29.21 -15.85
C ALA B 344 57.74 -29.51 -17.10
N ILE B 345 56.44 -29.32 -17.00
CA ILE B 345 55.53 -29.53 -18.10
C ILE B 345 55.17 -28.17 -18.65
N LYS B 346 55.52 -27.92 -19.92
CA LYS B 346 55.29 -26.57 -20.51
C LYS B 346 54.23 -26.63 -21.61
N ALA B 347 53.23 -25.75 -21.56
CA ALA B 347 52.18 -25.79 -22.55
C ALA B 347 51.74 -24.40 -22.94
N ASP B 348 51.43 -24.23 -24.22
CA ASP B 348 50.90 -22.97 -24.76
C ASP B 348 50.33 -23.24 -26.14
N SER B 349 49.78 -22.21 -26.81
CA SER B 349 49.24 -22.41 -28.16
C SER B 349 49.61 -21.37 -29.21
N THR B 350 49.57 -21.84 -30.46
CA THR B 350 49.85 -21.05 -31.66
C THR B 350 48.71 -21.02 -32.67
N THR B 351 48.99 -20.44 -33.83
CA THR B 351 48.05 -20.23 -34.92
C THR B 351 47.49 -21.45 -35.64
N LEU B 352 46.17 -21.44 -35.81
CA LEU B 352 45.48 -22.53 -36.56
C LEU B 352 45.20 -22.08 -37.99
N THR B 353 45.46 -22.95 -38.95
CA THR B 353 45.33 -22.77 -40.37
C THR B 353 44.25 -23.63 -41.02
N ASP B 354 43.82 -24.68 -40.32
CA ASP B 354 42.87 -25.66 -40.83
C ASP B 354 41.46 -25.25 -40.43
N GLU B 355 40.67 -24.82 -41.41
CA GLU B 355 39.35 -24.26 -41.16
C GLU B 355 38.34 -25.28 -40.64
N LYS B 356 38.66 -26.56 -40.69
CA LYS B 356 37.74 -27.56 -40.20
C LYS B 356 37.91 -27.91 -38.73
N LEU B 357 38.97 -27.42 -38.08
CA LEU B 357 39.19 -27.78 -36.69
C LEU B 357 39.17 -26.62 -35.75
N ALA B 358 38.43 -26.78 -34.66
CA ALA B 358 38.38 -25.76 -33.63
C ALA B 358 39.73 -25.55 -32.96
N ARG B 359 40.48 -26.63 -32.78
CA ARG B 359 41.79 -26.62 -32.16
C ARG B 359 42.47 -27.94 -32.36
N SER B 360 43.75 -27.99 -32.10
CA SER B 360 44.51 -29.23 -32.23
C SER B 360 45.78 -29.19 -31.43
N GLY B 361 46.50 -30.31 -31.36
CA GLY B 361 47.80 -30.23 -30.70
C GLY B 361 48.67 -31.48 -30.81
N ILE B 362 49.93 -31.29 -30.42
CA ILE B 362 50.95 -32.32 -30.46
C ILE B 362 51.88 -32.18 -29.27
N THR B 363 52.40 -33.30 -28.77
CA THR B 363 53.36 -33.15 -27.69
C THR B 363 54.66 -33.80 -28.06
N LEU B 364 55.72 -33.32 -27.40
CA LEU B 364 57.05 -33.86 -27.53
C LEU B 364 57.48 -34.37 -26.16
N MET B 365 57.81 -35.64 -26.07
CA MET B 365 58.14 -36.20 -24.78
C MET B 365 59.49 -36.85 -24.69
N ASN B 366 60.18 -36.58 -23.61
CA ASN B 366 61.44 -37.27 -23.37
C ASN B 366 61.07 -38.18 -22.23
N HIS B 367 60.87 -39.45 -22.56
CA HIS B 367 60.31 -40.44 -21.64
C HIS B 367 61.05 -41.75 -21.74
N SER B 368 61.27 -42.39 -20.60
CA SER B 368 62.04 -43.62 -20.50
C SER B 368 61.47 -44.79 -21.25
N GLY B 369 60.21 -44.72 -21.66
CA GLY B 369 59.54 -45.78 -22.39
C GLY B 369 60.20 -46.05 -23.74
N VAL B 370 61.01 -45.13 -24.23
CA VAL B 370 61.71 -45.38 -25.48
C VAL B 370 62.62 -46.59 -25.36
N ALA B 371 63.14 -46.82 -24.17
CA ALA B 371 64.03 -47.90 -23.89
C ALA B 371 63.39 -49.24 -24.18
N ASN B 372 62.06 -49.31 -24.10
CA ASN B 372 61.38 -50.56 -24.33
C ASN B 372 61.36 -50.92 -25.80
N LEU B 373 61.36 -49.92 -26.69
CA LEU B 373 61.36 -50.19 -28.10
C LEU B 373 62.74 -50.62 -28.48
N PHE B 374 63.73 -49.97 -27.88
CA PHE B 374 65.08 -50.33 -28.20
C PHE B 374 65.34 -51.73 -27.70
N GLN B 375 64.87 -52.11 -26.50
CA GLN B 375 65.13 -53.46 -26.04
C GLN B 375 64.42 -54.48 -26.89
N PHE B 376 63.21 -54.18 -27.36
CA PHE B 376 62.51 -55.12 -28.21
C PHE B 376 63.33 -55.44 -29.44
N LEU B 377 63.80 -54.40 -30.12
CA LEU B 377 64.57 -54.59 -31.33
C LEU B 377 65.92 -55.22 -31.04
N LEU B 378 66.53 -54.89 -29.89
CA LEU B 378 67.81 -55.44 -29.56
C LEU B 378 67.70 -56.92 -29.29
N THR B 379 66.64 -57.37 -28.62
CA THR B 379 66.50 -58.79 -28.39
C THR B 379 66.41 -59.53 -29.72
N GLN B 380 65.65 -58.99 -30.68
CA GLN B 380 65.54 -59.67 -31.96
C GLN B 380 66.89 -59.73 -32.66
N PHE B 381 67.67 -58.66 -32.55
CA PHE B 381 69.01 -58.57 -33.11
C PHE B 381 69.86 -59.69 -32.56
N GLU B 382 69.86 -59.84 -31.24
CA GLU B 382 70.68 -60.86 -30.62
C GLU B 382 70.31 -62.26 -31.03
N LEU B 383 69.02 -62.57 -31.17
CA LEU B 383 68.68 -63.93 -31.57
C LEU B 383 69.24 -64.25 -32.94
N MET B 384 69.18 -63.29 -33.86
CA MET B 384 69.70 -63.51 -35.19
C MET B 384 71.21 -63.50 -35.21
N TYR B 385 71.81 -62.53 -34.56
CA TYR B 385 73.25 -62.36 -34.62
C TYR B 385 73.98 -63.55 -34.05
N ASP B 386 73.53 -64.04 -32.91
CA ASP B 386 74.21 -65.12 -32.21
C ASP B 386 74.19 -66.43 -32.99
N HIS B 387 73.35 -66.54 -34.01
CA HIS B 387 73.30 -67.75 -34.81
C HIS B 387 73.62 -67.43 -36.27
N ASP B 388 74.26 -66.28 -36.52
CA ASP B 388 74.67 -65.79 -37.82
C ASP B 388 73.58 -65.72 -38.90
N ALA B 389 72.35 -65.40 -38.55
CA ALA B 389 71.37 -65.39 -39.63
C ALA B 389 71.60 -64.19 -40.51
N PHE B 390 71.70 -64.41 -41.82
CA PHE B 390 71.85 -63.34 -42.78
C PHE B 390 73.06 -62.45 -42.57
N THR B 391 74.12 -62.91 -41.92
CA THR B 391 75.23 -62.00 -41.73
C THR B 391 76.17 -61.98 -42.89
N THR B 392 76.10 -63.01 -43.73
CA THR B 392 76.99 -63.08 -44.87
C THR B 392 76.72 -61.93 -45.82
N TRP B 393 75.49 -61.48 -45.89
CA TRP B 393 75.17 -60.43 -46.81
C TRP B 393 75.78 -59.10 -46.41
N TYR B 394 76.09 -58.92 -45.14
CA TYR B 394 76.69 -57.67 -44.70
C TYR B 394 78.19 -57.79 -44.74
N TYR B 395 78.70 -58.98 -44.46
CA TYR B 395 80.15 -59.19 -44.43
C TYR B 395 80.71 -59.08 -45.83
N GLN B 396 79.91 -59.45 -46.82
CA GLN B 396 80.31 -59.39 -48.22
C GLN B 396 80.49 -57.98 -48.71
N GLU B 397 79.97 -56.99 -47.98
CA GLU B 397 80.12 -55.62 -48.41
C GLU B 397 80.93 -54.79 -47.43
N GLY B 398 81.77 -55.46 -46.63
CA GLY B 398 82.68 -54.76 -45.73
C GLY B 398 82.33 -54.65 -44.24
N MET B 399 81.23 -55.22 -43.79
CA MET B 399 80.99 -55.09 -42.37
C MET B 399 81.68 -56.11 -41.52
N GLN B 400 82.93 -55.84 -41.21
CA GLN B 400 83.74 -56.73 -40.40
C GLN B 400 82.87 -57.01 -39.15
N PRO B 401 82.79 -58.24 -38.62
CA PRO B 401 81.97 -58.64 -37.48
C PRO B 401 82.00 -57.77 -36.23
N SER B 402 83.14 -57.15 -35.91
CA SER B 402 83.21 -56.33 -34.70
C SER B 402 82.32 -55.09 -34.79
N GLU B 403 81.89 -54.77 -36.01
CA GLU B 403 81.03 -53.64 -36.28
C GLU B 403 79.64 -53.90 -35.68
N PHE B 404 79.21 -55.17 -35.73
CA PHE B 404 77.92 -55.56 -35.21
C PHE B 404 77.99 -55.61 -33.71
N GLU B 405 79.12 -56.09 -33.21
CA GLU B 405 79.30 -56.20 -31.77
C GLU B 405 79.33 -54.80 -31.14
N ALA B 406 79.95 -53.84 -31.81
CA ALA B 406 79.97 -52.51 -31.27
C ALA B 406 78.58 -51.92 -31.18
N ALA B 407 77.75 -52.13 -32.21
CA ALA B 407 76.40 -51.58 -32.16
C ALA B 407 75.60 -52.21 -31.05
N LYS B 408 75.79 -53.52 -30.86
CA LYS B 408 75.09 -54.24 -29.81
C LYS B 408 75.39 -53.64 -28.45
N ASN B 409 76.66 -53.37 -28.19
CA ASN B 409 77.01 -52.83 -26.90
C ASN B 409 76.54 -51.41 -26.71
N ASN B 410 76.64 -50.58 -27.75
CA ASN B 410 76.20 -49.16 -27.62
C ASN B 410 74.71 -49.11 -27.28
N ILE B 411 73.88 -49.92 -27.94
CA ILE B 411 72.46 -49.85 -27.69
C ILE B 411 72.17 -50.38 -26.30
N GLN B 412 72.82 -51.46 -25.87
CA GLN B 412 72.48 -51.94 -24.55
C GLN B 412 72.81 -50.85 -23.52
N LYS B 413 73.90 -50.09 -23.73
CA LYS B 413 74.24 -49.01 -22.82
C LYS B 413 73.18 -47.91 -22.86
N LEU B 414 72.65 -47.60 -24.04
CA LEU B 414 71.65 -46.56 -24.19
C LEU B 414 70.37 -46.94 -23.44
N ILE B 415 69.99 -48.22 -23.53
CA ILE B 415 68.80 -48.72 -22.86
C ILE B 415 68.99 -48.60 -21.36
N THR B 416 70.17 -48.99 -20.91
CA THR B 416 70.50 -48.95 -19.51
C THR B 416 70.39 -47.55 -18.97
N GLU B 417 70.91 -46.56 -19.71
CA GLU B 417 70.85 -45.17 -19.30
C GLU B 417 69.42 -44.62 -19.25
N TYR B 418 68.56 -44.97 -20.22
CA TYR B 418 67.20 -44.44 -20.17
C TYR B 418 66.40 -45.01 -19.03
N LYS B 419 66.73 -46.21 -18.60
CA LYS B 419 65.99 -46.83 -17.52
C LYS B 419 66.53 -46.49 -16.13
N GLN B 420 67.55 -45.63 -16.05
CA GLN B 420 68.17 -45.33 -14.73
C GLN B 420 67.08 -44.89 -13.74
N ASP B 421 66.18 -43.99 -14.15
CA ASP B 421 65.18 -43.43 -13.21
C ASP B 421 64.09 -44.47 -12.88
N GLU B 422 63.94 -45.49 -13.73
CA GLU B 422 62.94 -46.56 -13.45
C GLU B 422 63.32 -47.24 -12.13
N TYR B 423 64.60 -47.59 -11.97
CA TYR B 423 65.07 -48.24 -10.71
C TYR B 423 65.05 -47.21 -9.58
N ALA C 2 30.14 -10.84 -91.50
CA ALA C 2 31.52 -10.47 -91.81
C ALA C 2 32.45 -11.69 -91.85
N GLY C 3 32.49 -12.52 -90.80
CA GLY C 3 33.37 -13.70 -90.70
C GLY C 3 32.85 -14.88 -91.52
N GLU C 4 32.70 -14.65 -92.81
CA GLU C 4 32.13 -15.62 -93.74
C GLU C 4 33.14 -16.70 -94.05
N ILE C 5 32.70 -17.94 -94.12
CA ILE C 5 33.62 -19.04 -94.34
C ILE C 5 33.45 -19.76 -95.66
N VAL C 6 34.56 -19.96 -96.36
CA VAL C 6 34.51 -20.71 -97.60
C VAL C 6 35.17 -22.06 -97.38
N CYS C 7 34.44 -23.14 -97.60
CA CYS C 7 35.01 -24.45 -97.39
C CYS C 7 35.51 -25.01 -98.72
N ILE C 8 36.59 -25.75 -98.68
CA ILE C 8 37.12 -26.40 -99.86
C ILE C 8 37.21 -27.87 -99.55
N GLN C 9 36.59 -28.70 -100.37
CA GLN C 9 36.56 -30.13 -100.13
C GLN C 9 37.36 -30.82 -101.20
N VAL C 10 38.44 -31.53 -100.86
CA VAL C 10 39.20 -32.11 -101.96
C VAL C 10 39.35 -33.61 -101.82
N GLY C 11 38.93 -34.32 -102.85
CA GLY C 11 39.06 -35.77 -102.91
C GLY C 11 37.91 -36.50 -102.26
N GLN C 12 37.90 -37.83 -102.37
CA GLN C 12 36.79 -38.60 -101.85
C GLN C 12 36.59 -38.51 -100.36
N ALA C 13 37.66 -38.58 -99.58
CA ALA C 13 37.48 -38.51 -98.14
C ALA C 13 37.03 -37.12 -97.78
N GLY C 14 37.57 -36.15 -98.48
CA GLY C 14 37.27 -34.77 -98.20
C GLY C 14 35.81 -34.49 -98.39
N ASN C 15 35.25 -35.04 -99.46
CA ASN C 15 33.86 -34.82 -99.77
C ASN C 15 32.95 -35.59 -98.83
N GLN C 16 33.33 -36.79 -98.41
CA GLN C 16 32.46 -37.52 -97.51
C GLN C 16 32.41 -36.93 -96.12
N ILE C 17 33.56 -36.45 -95.64
CA ILE C 17 33.61 -35.86 -94.33
C ILE C 17 32.88 -34.54 -94.31
N ALA C 18 33.16 -33.71 -95.30
CA ALA C 18 32.50 -32.45 -95.40
C ALA C 18 31.01 -32.63 -95.58
N GLY C 19 30.61 -33.67 -96.31
CA GLY C 19 29.23 -33.94 -96.53
C GLY C 19 28.53 -34.15 -95.20
N ALA C 20 29.11 -34.99 -94.34
CA ALA C 20 28.52 -35.25 -93.03
C ALA C 20 28.41 -33.96 -92.24
N PHE C 21 29.42 -33.11 -92.34
CA PHE C 21 29.38 -31.81 -91.67
C PHE C 21 28.23 -30.98 -92.15
N TRP C 22 28.08 -30.83 -93.44
CA TRP C 22 27.05 -29.97 -93.95
C TRP C 22 25.67 -30.42 -93.55
N GLN C 23 25.46 -31.73 -93.56
CA GLN C 23 24.16 -32.22 -93.18
C GLN C 23 23.89 -32.04 -91.68
N LYS C 24 24.93 -32.02 -90.84
CA LYS C 24 24.67 -31.76 -89.42
C LYS C 24 24.43 -30.27 -89.18
N ILE C 25 25.11 -29.41 -89.92
CA ILE C 25 24.93 -27.96 -89.80
C ILE C 25 23.50 -27.60 -90.15
N CYS C 26 22.99 -28.23 -91.19
CA CYS C 26 21.64 -28.02 -91.63
C CYS C 26 20.60 -28.52 -90.62
N ALA C 27 21.00 -29.32 -89.66
CA ALA C 27 20.02 -29.76 -88.71
C ALA C 27 19.94 -28.75 -87.60
N GLU C 28 21.09 -28.22 -87.19
CA GLU C 28 21.11 -27.25 -86.07
C GLU C 28 20.46 -25.93 -86.50
N HIS C 29 20.66 -25.51 -87.75
CA HIS C 29 20.14 -24.20 -88.20
C HIS C 29 18.68 -24.32 -88.60
N GLY C 30 18.25 -25.51 -88.99
CA GLY C 30 16.85 -25.74 -89.40
C GLY C 30 16.68 -25.61 -90.90
N ILE C 31 17.45 -26.38 -91.68
CA ILE C 31 17.39 -26.31 -93.17
C ILE C 31 17.18 -27.74 -93.67
N ASP C 32 16.48 -27.94 -94.81
CA ASP C 32 16.36 -29.31 -95.29
C ASP C 32 17.70 -29.83 -95.85
N PRO C 33 18.34 -30.86 -95.26
CA PRO C 33 19.63 -31.39 -95.64
C PRO C 33 19.70 -31.91 -97.07
N VAL C 34 18.56 -32.17 -97.70
CA VAL C 34 18.61 -32.67 -99.07
C VAL C 34 18.07 -31.71 -100.11
N ASN C 35 17.65 -30.52 -99.68
CA ASN C 35 17.11 -29.51 -100.61
C ASN C 35 17.72 -28.14 -100.43
N GLY C 36 18.07 -27.78 -99.20
CA GLY C 36 18.56 -26.46 -98.87
C GLY C 36 17.41 -25.52 -98.55
N LYS C 37 16.18 -26.02 -98.73
CA LYS C 37 15.01 -25.12 -98.57
C LYS C 37 14.61 -25.04 -97.09
N ALA C 38 14.34 -23.82 -96.64
CA ALA C 38 13.90 -23.61 -95.27
C ALA C 38 12.97 -22.45 -95.18
N ILE C 39 12.10 -22.47 -94.19
CA ILE C 39 11.23 -21.33 -93.96
C ILE C 39 11.71 -20.58 -92.73
N ASP C 40 11.86 -21.31 -91.64
CA ASP C 40 12.26 -20.73 -90.38
C ASP C 40 13.58 -21.29 -89.91
N VAL C 41 14.59 -20.46 -89.85
CA VAL C 41 15.91 -20.90 -89.46
C VAL C 41 16.38 -20.11 -88.27
N VAL C 42 17.37 -20.62 -87.59
CA VAL C 42 17.91 -19.94 -86.44
C VAL C 42 19.40 -19.81 -86.60
N GLY C 43 20.01 -18.91 -85.83
CA GLY C 43 21.45 -18.75 -85.85
C GLY C 43 21.86 -17.83 -86.96
N ASP C 44 23.15 -17.58 -87.09
CA ASP C 44 23.66 -16.71 -88.12
C ASP C 44 24.02 -17.56 -89.33
N THR C 45 23.04 -17.78 -90.20
CA THR C 45 23.21 -18.71 -91.32
C THR C 45 24.07 -18.14 -92.40
N ASP C 46 24.30 -16.85 -92.35
CA ASP C 46 25.10 -16.18 -93.37
C ASP C 46 26.56 -16.57 -93.29
N ILE C 47 27.02 -17.12 -92.17
CA ILE C 47 28.42 -17.46 -92.10
C ILE C 47 28.76 -18.58 -93.08
N PHE C 48 27.92 -19.61 -93.16
CA PHE C 48 28.18 -20.72 -94.07
C PHE C 48 27.27 -20.83 -95.29
N PHE C 49 26.13 -20.15 -95.33
CA PHE C 49 25.24 -20.32 -96.47
C PHE C 49 24.94 -19.04 -97.21
N ASN C 50 24.86 -19.16 -98.52
CA ASN C 50 24.45 -18.06 -99.39
C ASN C 50 22.95 -18.17 -99.59
N THR C 51 22.17 -17.27 -99.01
CA THR C 51 20.74 -17.49 -99.12
C THR C 51 20.15 -16.74 -100.30
N ILE C 52 19.49 -17.49 -101.16
CA ILE C 52 18.80 -16.95 -102.32
C ILE C 52 17.36 -17.38 -102.26
N GLY C 53 16.43 -16.44 -102.14
CA GLY C 53 15.04 -16.84 -101.98
C GLY C 53 14.94 -17.60 -100.67
N ASP C 54 14.36 -18.80 -100.69
CA ASP C 54 14.23 -19.60 -99.49
C ASP C 54 15.21 -20.76 -99.49
N LYS C 55 16.22 -20.72 -100.37
CA LYS C 55 17.22 -21.78 -100.43
C LYS C 55 18.55 -21.34 -99.84
N TYR C 56 19.06 -22.15 -98.95
CA TYR C 56 20.32 -21.89 -98.29
C TYR C 56 21.38 -22.71 -98.96
N ILE C 57 22.30 -22.05 -99.64
CA ILE C 57 23.30 -22.73 -100.41
C ILE C 57 24.63 -22.75 -99.69
N PRO C 58 25.16 -23.90 -99.29
CA PRO C 58 26.35 -23.95 -98.52
C PRO C 58 27.46 -23.42 -99.37
N ARG C 59 28.33 -22.61 -98.77
CA ARG C 59 29.50 -22.03 -99.46
C ARG C 59 30.64 -23.03 -99.42
N ALA C 60 30.84 -23.79 -100.49
CA ALA C 60 31.86 -24.78 -100.57
C ALA C 60 32.31 -24.93 -101.99
N VAL C 61 33.55 -25.28 -102.15
CA VAL C 61 34.12 -25.57 -103.43
C VAL C 61 34.38 -27.05 -103.43
N VAL C 62 33.78 -27.78 -104.35
CA VAL C 62 33.94 -29.22 -104.31
C VAL C 62 34.87 -29.66 -105.41
N VAL C 63 35.97 -30.27 -105.02
CA VAL C 63 37.02 -30.57 -105.96
C VAL C 63 37.43 -32.01 -106.09
N ASP C 64 37.51 -32.48 -107.32
CA ASP C 64 38.02 -33.81 -107.52
C ASP C 64 38.79 -33.89 -108.85
N LEU C 65 39.36 -35.04 -109.15
CA LEU C 65 40.04 -35.28 -110.41
C LEU C 65 39.23 -36.35 -111.10
N GLU C 66 38.31 -36.90 -110.34
CA GLU C 66 37.39 -37.95 -110.76
C GLU C 66 36.47 -37.47 -111.89
N PRO C 67 36.31 -38.24 -113.00
CA PRO C 67 35.45 -37.95 -114.14
C PRO C 67 33.95 -37.68 -113.89
N ALA C 68 33.35 -38.16 -112.80
CA ALA C 68 31.91 -37.91 -112.62
C ALA C 68 31.55 -37.51 -111.22
N VAL C 69 32.24 -36.51 -110.71
CA VAL C 69 32.01 -36.05 -109.36
C VAL C 69 30.62 -35.43 -109.15
N VAL C 70 30.00 -34.81 -110.16
CA VAL C 70 28.70 -34.21 -109.89
C VAL C 70 27.62 -35.24 -109.64
N GLU C 71 27.56 -36.25 -110.48
CA GLU C 71 26.55 -37.28 -110.34
C GLU C 71 26.70 -38.02 -109.02
N ASN C 72 27.95 -38.18 -108.60
CA ASN C 72 28.28 -38.88 -107.36
C ASN C 72 27.81 -38.12 -106.13
N ILE C 73 27.54 -36.83 -106.29
CA ILE C 73 27.10 -35.99 -105.21
C ILE C 73 25.60 -35.98 -105.21
N ARG C 74 24.99 -35.80 -106.37
CA ARG C 74 23.50 -35.80 -106.46
C ARG C 74 22.95 -37.06 -105.80
N GLU C 75 23.59 -38.21 -106.04
CA GLU C 75 23.10 -39.46 -105.51
C GLU C 75 23.10 -39.54 -103.98
N LYS C 76 23.95 -38.76 -103.29
CA LYS C 76 23.98 -38.87 -101.84
C LYS C 76 23.48 -37.62 -101.13
N PHE C 77 23.72 -36.44 -101.70
CA PHE C 77 23.38 -35.19 -101.07
C PHE C 77 22.23 -34.41 -101.71
N GLY C 78 21.52 -35.03 -102.65
CA GLY C 78 20.38 -34.38 -103.25
C GLY C 78 20.79 -33.13 -103.99
N THR C 79 20.13 -32.04 -103.67
CA THR C 79 20.39 -30.77 -104.33
C THR C 79 20.95 -29.74 -103.36
N LEU C 80 21.50 -30.22 -102.25
CA LEU C 80 22.05 -29.31 -101.25
C LEU C 80 23.19 -28.47 -101.82
N PHE C 81 24.03 -29.05 -102.66
CA PHE C 81 25.17 -28.33 -103.20
C PHE C 81 24.85 -27.79 -104.57
N ASP C 82 25.32 -26.58 -104.85
CA ASP C 82 25.12 -25.92 -106.15
C ASP C 82 26.12 -26.47 -107.16
N PRO C 83 25.69 -27.14 -108.26
CA PRO C 83 26.53 -27.77 -109.27
C PRO C 83 27.56 -26.85 -109.89
N LYS C 84 27.36 -25.55 -109.83
CA LYS C 84 28.31 -24.63 -110.43
C LYS C 84 29.61 -24.59 -109.64
N SER C 85 29.56 -25.05 -108.39
CA SER C 85 30.69 -25.06 -107.49
C SER C 85 31.41 -26.40 -107.50
N ILE C 86 30.97 -27.34 -108.34
CA ILE C 86 31.59 -28.64 -108.34
C ILE C 86 32.53 -28.78 -109.53
N VAL C 87 33.79 -29.04 -109.24
CA VAL C 87 34.80 -29.13 -110.28
C VAL C 87 35.19 -30.58 -110.54
N SER C 88 34.80 -31.07 -111.71
CA SER C 88 35.08 -32.42 -112.12
C SER C 88 36.40 -32.53 -112.78
N GLY C 89 36.95 -33.75 -112.83
CA GLY C 89 38.27 -33.97 -113.44
C GLY C 89 38.15 -34.84 -114.67
N ALA C 90 39.27 -35.37 -115.18
CA ALA C 90 39.23 -36.14 -116.44
C ALA C 90 39.66 -37.59 -116.20
N ASP C 91 40.81 -37.78 -115.55
CA ASP C 91 41.33 -39.16 -115.32
C ASP C 91 41.30 -39.46 -113.81
N GLY C 92 42.24 -38.90 -113.05
CA GLY C 92 42.30 -39.14 -111.60
C GLY C 92 43.74 -39.33 -111.15
N ALA C 93 44.01 -39.19 -109.85
CA ALA C 93 45.37 -39.44 -109.33
C ALA C 93 45.39 -40.77 -108.58
N GLY C 94 46.12 -41.75 -109.10
CA GLY C 94 46.14 -43.09 -108.49
C GLY C 94 46.95 -43.17 -107.20
N ASN C 95 46.47 -42.51 -106.15
CA ASN C 95 47.19 -42.49 -104.87
C ASN C 95 48.61 -42.05 -105.08
N ASN C 96 48.78 -41.04 -105.89
CA ASN C 96 50.09 -40.55 -106.17
C ASN C 96 50.09 -39.06 -106.06
N PHE C 97 50.78 -38.59 -105.03
CA PHE C 97 50.88 -37.18 -104.73
C PHE C 97 51.33 -36.43 -105.97
N ALA C 98 52.28 -37.00 -106.72
CA ALA C 98 52.85 -36.33 -107.88
C ALA C 98 51.85 -36.06 -108.98
N ILE C 99 50.76 -36.81 -109.02
CA ILE C 99 49.79 -36.59 -110.06
C ILE C 99 48.86 -35.53 -109.58
N GLY C 100 48.45 -35.61 -108.34
CA GLY C 100 47.57 -34.57 -107.84
C GLY C 100 48.30 -33.22 -107.83
N PHE C 101 49.61 -33.24 -107.54
CA PHE C 101 50.40 -32.02 -107.42
C PHE C 101 51.01 -31.52 -108.73
N ASN C 102 51.61 -32.39 -109.55
CA ASN C 102 52.21 -31.88 -110.76
C ASN C 102 51.29 -32.09 -111.96
N GLU C 103 51.00 -33.34 -112.26
CA GLU C 103 50.28 -33.66 -113.49
C GLU C 103 48.76 -33.66 -113.34
N HIS C 104 48.20 -32.52 -112.98
CA HIS C 104 46.75 -32.41 -112.79
C HIS C 104 46.00 -31.70 -113.90
N GLY C 105 46.69 -30.91 -114.70
CA GLY C 105 46.06 -30.12 -115.75
C GLY C 105 45.89 -28.69 -115.28
N ALA C 106 46.42 -27.75 -116.06
CA ALA C 106 46.32 -26.34 -115.69
C ALA C 106 44.89 -25.89 -115.62
N GLU C 107 44.07 -26.39 -116.53
CA GLU C 107 42.68 -26.02 -116.62
C GLU C 107 41.89 -26.43 -115.41
N THR C 108 42.24 -27.59 -114.83
CA THR C 108 41.52 -28.10 -113.68
C THR C 108 41.74 -27.13 -112.55
N LEU C 109 42.98 -26.71 -112.37
CA LEU C 109 43.28 -25.80 -111.28
C LEU C 109 42.68 -24.43 -111.53
N GLU C 110 42.71 -23.95 -112.77
CA GLU C 110 42.14 -22.63 -113.02
C GLU C 110 40.67 -22.63 -112.71
N LYS C 111 39.94 -23.71 -113.06
CA LYS C 111 38.52 -23.72 -112.73
C LYS C 111 38.32 -23.70 -111.23
N VAL C 112 39.16 -24.41 -110.46
CA VAL C 112 38.96 -24.40 -109.03
C VAL C 112 39.15 -22.99 -108.53
N MET C 113 40.19 -22.31 -109.01
CA MET C 113 40.40 -20.95 -108.57
C MET C 113 39.28 -20.00 -108.96
N GLN C 114 38.67 -20.19 -110.12
CA GLN C 114 37.57 -19.31 -110.49
C GLN C 114 36.41 -19.53 -109.55
N VAL C 115 36.16 -20.77 -109.16
CA VAL C 115 35.07 -21.05 -108.24
C VAL C 115 35.37 -20.41 -106.90
N VAL C 116 36.63 -20.52 -106.43
CA VAL C 116 36.96 -19.91 -105.15
C VAL C 116 36.77 -18.42 -105.23
N GLU C 117 37.22 -17.77 -106.31
CA GLU C 117 37.03 -16.35 -106.42
C GLU C 117 35.56 -15.98 -106.38
N GLN C 118 34.69 -16.75 -107.03
CA GLN C 118 33.29 -16.40 -106.95
C GLN C 118 32.77 -16.52 -105.54
N ARG C 119 33.19 -17.54 -104.81
CA ARG C 119 32.69 -17.70 -103.46
C ARG C 119 33.18 -16.60 -102.54
N VAL C 120 34.40 -16.12 -102.76
CA VAL C 120 34.95 -15.01 -101.91
C VAL C 120 34.38 -13.68 -102.41
N SER C 121 33.78 -13.67 -103.60
CA SER C 121 33.23 -12.42 -104.19
C SER C 121 31.80 -12.17 -103.67
N GLU C 122 31.21 -13.16 -103.01
CA GLU C 122 29.82 -13.03 -102.49
C GLU C 122 29.91 -12.80 -100.98
N THR C 123 31.03 -12.26 -100.50
CA THR C 123 31.22 -12.07 -99.04
C THR C 123 31.59 -10.61 -98.74
N GLU C 124 31.07 -10.03 -97.64
CA GLU C 124 31.42 -8.70 -97.22
C GLU C 124 32.84 -8.73 -96.68
N SER C 125 33.25 -9.91 -96.17
CA SER C 125 34.60 -10.14 -95.66
C SER C 125 34.95 -11.64 -95.67
N ILE C 126 36.23 -11.99 -95.77
CA ILE C 126 36.56 -13.42 -95.72
C ILE C 126 37.04 -13.75 -94.32
N GLY C 127 36.28 -14.58 -93.59
CA GLY C 127 36.62 -14.96 -92.23
C GLY C 127 37.69 -16.02 -92.17
N GLY C 128 37.82 -16.78 -93.25
CA GLY C 128 38.79 -17.84 -93.33
C GLY C 128 38.35 -18.93 -94.28
N PHE C 129 39.28 -19.84 -94.54
CA PHE C 129 38.98 -20.96 -95.41
C PHE C 129 39.13 -22.24 -94.60
N ILE C 130 38.31 -23.22 -94.91
CA ILE C 130 38.48 -24.53 -94.29
C ILE C 130 38.67 -25.60 -95.34
N LEU C 131 39.77 -26.32 -95.26
CA LEU C 131 40.06 -27.39 -96.22
C LEU C 131 39.87 -28.76 -95.59
N THR C 132 39.06 -29.61 -96.22
CA THR C 132 38.86 -30.94 -95.68
C THR C 132 39.47 -31.96 -96.65
N HIS C 133 40.36 -32.84 -96.15
CA HIS C 133 41.05 -33.78 -97.07
C HIS C 133 41.70 -34.97 -96.35
N SER C 134 42.37 -35.85 -97.11
CA SER C 134 43.06 -37.03 -96.57
C SER C 134 44.46 -37.18 -97.16
N CYS C 135 45.44 -37.22 -96.28
CA CYS C 135 46.85 -37.17 -96.64
C CYS C 135 47.41 -38.35 -97.43
N GLY C 136 46.78 -39.52 -97.39
CA GLY C 136 47.32 -40.66 -98.12
C GLY C 136 46.73 -40.86 -99.53
N GLY C 137 45.85 -39.96 -99.95
CA GLY C 137 45.19 -40.12 -101.23
C GLY C 137 46.00 -39.54 -102.37
N GLY C 138 45.40 -39.48 -103.57
CA GLY C 138 46.11 -38.91 -104.71
C GLY C 138 45.61 -37.52 -105.08
N THR C 139 44.44 -37.10 -104.56
CA THR C 139 43.94 -35.80 -104.93
C THR C 139 43.83 -34.93 -103.70
N GLY C 140 43.44 -35.53 -102.57
CA GLY C 140 43.27 -34.80 -101.31
C GLY C 140 44.62 -34.47 -100.73
N SER C 141 45.65 -35.12 -101.29
CA SER C 141 47.04 -34.87 -100.85
C SER C 141 47.70 -33.91 -101.84
N GLY C 142 48.04 -34.38 -103.05
CA GLY C 142 48.70 -33.51 -104.01
C GLY C 142 47.88 -32.35 -104.54
N PHE C 143 46.59 -32.53 -104.81
CA PHE C 143 45.88 -31.42 -105.41
C PHE C 143 45.48 -30.50 -104.29
N GLY C 144 45.07 -31.09 -103.16
CA GLY C 144 44.70 -30.30 -102.02
C GLY C 144 45.88 -29.45 -101.57
N SER C 145 47.10 -29.98 -101.68
CA SER C 145 48.30 -29.24 -101.34
C SER C 145 48.55 -28.11 -102.31
N LYS C 146 48.35 -28.32 -103.61
CA LYS C 146 48.55 -27.22 -104.52
C LYS C 146 47.53 -26.14 -104.27
N ILE C 147 46.31 -26.55 -103.92
CA ILE C 147 45.30 -25.57 -103.62
C ILE C 147 45.74 -24.77 -102.41
N LEU C 148 46.26 -25.40 -101.33
CA LEU C 148 46.67 -24.53 -100.22
C LEU C 148 47.73 -23.55 -100.64
N LYS C 149 48.66 -23.99 -101.47
CA LYS C 149 49.69 -23.10 -101.92
C LYS C 149 49.09 -21.95 -102.69
N THR C 150 48.18 -22.27 -103.60
CA THR C 150 47.59 -21.28 -104.47
C THR C 150 46.70 -20.31 -103.69
N ILE C 151 45.92 -20.81 -102.74
CA ILE C 151 45.03 -19.97 -101.95
C ILE C 151 45.83 -19.03 -101.12
N ARG C 152 46.91 -19.52 -100.50
CA ARG C 152 47.71 -18.67 -99.59
C ARG C 152 48.46 -17.60 -100.39
N GLU C 153 48.82 -17.88 -101.63
CA GLU C 153 49.47 -16.88 -102.45
C GLU C 153 48.49 -15.80 -102.86
N ARG C 154 47.24 -16.17 -103.17
CA ARG C 154 46.25 -15.17 -103.57
C ARG C 154 45.66 -14.41 -102.38
N TYR C 155 45.52 -15.10 -101.24
CA TYR C 155 44.89 -14.47 -100.05
C TYR C 155 45.81 -14.66 -98.87
N PRO C 156 46.98 -13.99 -98.80
CA PRO C 156 47.82 -14.07 -97.62
C PRO C 156 47.11 -13.33 -96.49
N LYS C 157 47.44 -13.65 -95.23
CA LYS C 157 46.84 -12.97 -94.05
C LYS C 157 45.39 -13.45 -93.84
N VAL C 158 45.01 -14.60 -94.41
CA VAL C 158 43.65 -15.16 -94.17
C VAL C 158 43.82 -16.53 -93.49
N PRO C 159 43.20 -16.78 -92.32
CA PRO C 159 43.43 -18.04 -91.60
C PRO C 159 42.93 -19.30 -92.35
N ILE C 160 43.85 -20.21 -92.72
CA ILE C 160 43.41 -21.45 -93.32
C ILE C 160 43.49 -22.57 -92.33
N PHE C 161 42.37 -23.24 -92.13
CA PHE C 161 42.31 -24.39 -91.27
C PHE C 161 42.17 -25.62 -92.08
N THR C 162 42.98 -26.59 -91.78
CA THR C 162 42.88 -27.82 -92.52
C THR C 162 42.53 -28.93 -91.58
N PHE C 163 41.62 -29.76 -92.00
CA PHE C 163 41.24 -30.95 -91.25
C PHE C 163 41.66 -32.13 -92.04
N SER C 164 42.57 -32.92 -91.51
CA SER C 164 43.01 -34.00 -92.36
C SER C 164 43.28 -35.29 -91.69
N ILE C 165 43.06 -36.31 -92.50
CA ILE C 165 43.28 -37.67 -92.08
C ILE C 165 44.69 -38.12 -92.37
N PHE C 166 45.35 -38.56 -91.32
CA PHE C 166 46.72 -39.04 -91.38
C PHE C 166 46.71 -40.56 -91.36
N PRO C 167 47.86 -41.16 -91.70
CA PRO C 167 47.90 -42.61 -91.61
C PRO C 167 47.56 -43.10 -90.22
N SER C 168 47.01 -44.31 -90.13
CA SER C 168 46.70 -44.88 -88.85
C SER C 168 47.99 -45.39 -88.26
N PRO C 169 48.07 -45.45 -86.93
CA PRO C 169 49.31 -45.85 -86.28
C PRO C 169 49.74 -47.30 -86.50
N LYS C 170 48.81 -48.23 -86.56
CA LYS C 170 49.18 -49.64 -86.68
C LYS C 170 49.23 -50.13 -88.12
N ILE C 171 48.05 -50.39 -88.69
CA ILE C 171 47.99 -50.87 -90.08
C ILE C 171 47.98 -49.72 -91.07
N SER C 172 48.54 -49.95 -92.25
CA SER C 172 48.57 -48.90 -93.28
C SER C 172 47.72 -49.32 -94.48
N GLU C 173 47.39 -48.36 -95.34
CA GLU C 173 46.56 -48.66 -96.50
C GLU C 173 47.41 -49.13 -97.68
N THR C 174 48.09 -48.20 -98.33
CA THR C 174 48.95 -48.54 -99.46
C THR C 174 50.42 -48.44 -99.07
N VAL C 175 51.30 -49.06 -99.85
CA VAL C 175 52.75 -48.91 -99.56
C VAL C 175 53.20 -47.47 -99.82
N VAL C 176 52.57 -46.78 -100.77
CA VAL C 176 52.97 -45.43 -101.12
C VAL C 176 52.53 -44.41 -100.10
N GLU C 177 51.70 -44.82 -99.16
CA GLU C 177 51.10 -43.89 -98.24
C GLU C 177 52.08 -42.96 -97.53
N PRO C 178 53.25 -43.38 -97.00
CA PRO C 178 54.22 -42.52 -96.37
C PRO C 178 54.82 -41.46 -97.30
N TYR C 179 54.78 -41.65 -98.62
CA TYR C 179 55.36 -40.63 -99.47
C TYR C 179 54.33 -39.57 -99.64
N ASN C 180 53.07 -40.01 -99.75
CA ASN C 180 52.00 -39.07 -99.94
C ASN C 180 51.84 -38.27 -98.66
N ALA C 181 51.97 -38.95 -97.52
CA ALA C 181 51.79 -38.30 -96.23
C ALA C 181 52.87 -37.27 -95.93
N ILE C 182 54.12 -37.55 -96.26
CA ILE C 182 55.15 -36.55 -96.01
C ILE C 182 55.06 -35.37 -96.88
N MET C 183 54.83 -35.56 -98.17
CA MET C 183 54.74 -34.37 -98.98
C MET C 183 53.53 -33.54 -98.61
N THR C 184 52.43 -34.19 -98.21
CA THR C 184 51.26 -33.44 -97.80
C THR C 184 51.58 -32.65 -96.55
N LEU C 185 52.28 -33.28 -95.61
CA LEU C 185 52.62 -32.63 -94.37
C LEU C 185 53.57 -31.48 -94.62
N SER C 186 54.52 -31.63 -95.54
CA SER C 186 55.42 -30.53 -95.82
C SER C 186 54.64 -29.31 -96.28
N ASN C 187 53.65 -29.51 -97.14
CA ASN C 187 52.86 -28.38 -97.58
C ASN C 187 51.94 -27.85 -96.47
N LEU C 188 51.46 -28.71 -95.57
CA LEU C 188 50.66 -28.20 -94.47
C LEU C 188 51.53 -27.33 -93.57
N ILE C 189 52.79 -27.72 -93.39
CA ILE C 189 53.70 -26.98 -92.55
C ILE C 189 53.92 -25.60 -93.14
N LYS C 190 54.13 -25.52 -94.44
CA LYS C 190 54.34 -24.24 -95.11
C LYS C 190 53.10 -23.36 -95.28
N TYR C 191 51.93 -23.93 -95.56
CA TYR C 191 50.78 -23.09 -95.88
C TYR C 191 49.57 -22.99 -94.93
N ALA C 192 49.30 -23.95 -94.05
CA ALA C 192 48.09 -23.86 -93.22
C ALA C 192 48.32 -22.92 -92.04
N SER C 193 47.27 -22.31 -91.49
CA SER C 193 47.48 -21.51 -90.29
C SER C 193 47.39 -22.45 -89.10
N CYS C 194 46.48 -23.40 -89.20
CA CYS C 194 46.24 -24.45 -88.23
C CYS C 194 45.90 -25.72 -88.92
N SER C 195 46.34 -26.84 -88.36
CA SER C 195 45.97 -28.11 -88.94
C SER C 195 45.48 -29.03 -87.86
N ILE C 196 44.36 -29.69 -88.08
CA ILE C 196 43.84 -30.61 -87.10
C ILE C 196 44.19 -32.01 -87.55
N VAL C 197 44.91 -32.70 -86.69
CA VAL C 197 45.35 -34.04 -87.03
C VAL C 197 44.38 -35.07 -86.51
N LEU C 198 43.82 -35.82 -87.44
CA LEU C 198 42.86 -36.86 -87.17
C LEU C 198 43.32 -38.18 -87.78
N ASP C 199 42.91 -39.31 -87.22
CA ASP C 199 43.18 -40.54 -87.95
C ASP C 199 42.11 -41.59 -87.68
N ASN C 200 42.07 -42.63 -88.50
CA ASN C 200 41.01 -43.61 -88.34
C ASN C 200 41.17 -44.58 -87.22
N GLU C 201 42.38 -44.85 -86.78
CA GLU C 201 42.50 -45.83 -85.72
C GLU C 201 41.90 -45.24 -84.46
N ALA C 202 42.19 -43.97 -84.20
CA ALA C 202 41.64 -43.38 -83.02
C ALA C 202 40.14 -43.28 -83.12
N LEU C 203 39.65 -42.93 -84.31
CA LEU C 203 38.23 -42.77 -84.46
C LEU C 203 37.50 -44.09 -84.34
N PHE C 204 38.08 -45.19 -84.83
CA PHE C 204 37.39 -46.46 -84.69
C PHE C 204 37.26 -46.85 -83.25
N SER C 205 38.30 -46.65 -82.44
CA SER C 205 38.17 -47.03 -81.05
C SER C 205 37.06 -46.24 -80.39
N ILE C 206 36.93 -44.98 -80.76
CA ILE C 206 35.88 -44.16 -80.21
C ILE C 206 34.53 -44.68 -80.69
N ALA C 207 34.40 -44.96 -81.98
CA ALA C 207 33.13 -45.43 -82.49
C ALA C 207 32.69 -46.73 -81.84
N GLU C 208 33.62 -47.62 -81.56
CA GLU C 208 33.26 -48.88 -80.94
C GLU C 208 33.01 -48.79 -79.43
N LYS C 209 33.65 -47.84 -78.73
CA LYS C 209 33.50 -47.76 -77.30
C LYS C 209 32.60 -46.65 -76.77
N LYS C 210 32.49 -45.53 -77.47
CA LYS C 210 31.71 -44.41 -76.97
C LYS C 210 30.37 -44.32 -77.67
N LEU C 211 30.29 -44.75 -78.91
CA LEU C 211 29.01 -44.75 -79.61
C LEU C 211 28.38 -46.13 -79.39
N GLU C 212 27.06 -46.22 -79.48
CA GLU C 212 26.41 -47.52 -79.30
C GLU C 212 26.46 -48.43 -80.53
N VAL C 213 26.92 -47.90 -81.65
CA VAL C 213 26.93 -48.65 -82.91
C VAL C 213 27.83 -49.87 -82.87
N GLU C 214 27.27 -50.98 -83.33
CA GLU C 214 27.98 -52.23 -83.43
C GLU C 214 28.55 -52.35 -84.81
N ASN C 215 29.81 -52.74 -84.91
CA ASN C 215 30.46 -52.89 -86.21
C ASN C 215 30.32 -51.65 -87.10
N PRO C 216 30.81 -50.48 -86.68
CA PRO C 216 30.72 -49.23 -87.40
C PRO C 216 31.52 -49.26 -88.67
N SER C 217 31.04 -48.51 -89.66
CA SER C 217 31.74 -48.35 -90.92
C SER C 217 32.22 -46.93 -91.02
N LEU C 218 32.78 -46.55 -92.16
CA LEU C 218 33.26 -45.18 -92.33
C LEU C 218 32.10 -44.19 -92.25
N GLU C 219 30.90 -44.65 -92.55
CA GLU C 219 29.74 -43.77 -92.53
C GLU C 219 29.46 -43.31 -91.12
N ASP C 220 29.76 -44.15 -90.13
CA ASP C 220 29.52 -43.83 -88.74
C ASP C 220 30.70 -43.06 -88.22
N LEU C 221 31.88 -43.41 -88.73
CA LEU C 221 33.12 -42.83 -88.29
C LEU C 221 33.14 -41.33 -88.63
N ASN C 222 32.49 -40.99 -89.74
CA ASN C 222 32.43 -39.62 -90.22
C ASN C 222 31.54 -38.76 -89.38
N LEU C 223 30.77 -39.35 -88.48
CA LEU C 223 29.92 -38.55 -87.65
C LEU C 223 30.67 -38.10 -86.43
N ILE C 224 31.84 -38.66 -86.20
CA ILE C 224 32.64 -38.25 -85.08
C ILE C 224 33.41 -37.07 -85.61
N ILE C 225 33.92 -37.21 -86.83
CA ILE C 225 34.67 -36.10 -87.40
C ILE C 225 33.72 -34.93 -87.59
N ALA C 226 32.54 -35.19 -88.14
CA ALA C 226 31.60 -34.11 -88.31
C ALA C 226 31.26 -33.49 -86.98
N GLN C 227 31.13 -34.27 -85.91
CA GLN C 227 30.81 -33.62 -84.65
C GLN C 227 31.93 -32.67 -84.22
N VAL C 228 33.18 -33.03 -84.49
CA VAL C 228 34.27 -32.11 -84.15
C VAL C 228 34.10 -30.84 -84.95
N LEU C 229 33.83 -30.97 -86.24
CA LEU C 229 33.62 -29.82 -87.10
C LEU C 229 32.41 -28.98 -86.76
N THR C 230 31.31 -29.57 -86.34
CA THR C 230 30.22 -28.68 -86.04
C THR C 230 30.47 -27.98 -84.73
N ASN C 231 31.05 -28.65 -83.74
CA ASN C 231 31.23 -27.96 -82.47
C ASN C 231 32.26 -26.85 -82.54
N VAL C 232 33.30 -27.02 -83.34
CA VAL C 232 34.34 -26.01 -83.42
C VAL C 232 33.85 -24.73 -84.08
N THR C 233 32.66 -24.77 -84.69
CA THR C 233 32.16 -23.60 -85.43
C THR C 233 30.90 -23.07 -84.75
N ALA C 234 30.60 -23.54 -83.53
CA ALA C 234 29.34 -23.15 -82.87
C ALA C 234 29.30 -21.65 -82.59
N SER C 235 30.35 -21.14 -81.93
CA SER C 235 30.40 -19.70 -81.57
C SER C 235 30.24 -18.85 -82.84
N LEU C 236 30.89 -19.24 -83.93
CA LEU C 236 30.73 -18.49 -85.20
C LEU C 236 29.26 -18.54 -85.58
N ARG C 237 28.67 -19.74 -85.67
CA ARG C 237 27.27 -19.89 -86.15
C ARG C 237 26.25 -19.27 -85.19
N PHE C 238 26.38 -19.42 -83.87
CA PHE C 238 25.39 -18.90 -82.97
C PHE C 238 25.74 -17.56 -82.36
N SER C 239 26.71 -16.87 -82.94
CA SER C 239 27.12 -15.55 -82.48
C SER C 239 27.45 -15.50 -81.00
N GLY C 240 26.88 -14.51 -80.32
CA GLY C 240 27.08 -14.27 -78.90
C GLY C 240 27.83 -12.96 -78.76
N THR C 241 27.69 -12.29 -77.61
CA THR C 241 28.38 -11.02 -77.47
C THR C 241 29.88 -11.25 -77.52
N LEU C 242 30.33 -12.31 -76.86
CA LEU C 242 31.74 -12.68 -76.85
C LEU C 242 31.77 -13.92 -77.70
N ASN C 243 32.74 -14.07 -78.59
CA ASN C 243 32.76 -15.27 -79.43
C ASN C 243 34.14 -15.63 -80.02
N LEU C 244 34.19 -16.74 -80.76
CA LEU C 244 35.41 -17.21 -81.39
C LEU C 244 35.33 -17.37 -82.88
N ASP C 245 36.22 -16.66 -83.57
CA ASP C 245 36.33 -16.77 -85.00
C ASP C 245 37.58 -17.58 -85.30
N LEU C 246 37.87 -17.82 -86.56
CA LEU C 246 39.05 -18.61 -86.88
C LEU C 246 40.31 -17.85 -86.56
N GLY C 247 40.27 -16.53 -86.64
CA GLY C 247 41.43 -15.73 -86.33
C GLY C 247 41.69 -15.66 -84.82
N LYS C 248 40.71 -16.05 -83.99
CA LYS C 248 40.94 -15.99 -82.56
C LYS C 248 41.69 -17.27 -82.24
N LEU C 249 41.31 -18.35 -82.92
CA LEU C 249 41.98 -19.61 -82.67
C LEU C 249 43.42 -19.60 -83.13
N VAL C 250 43.71 -18.97 -84.27
CA VAL C 250 45.08 -18.97 -84.70
C VAL C 250 45.92 -18.15 -83.76
N THR C 251 45.44 -16.96 -83.40
CA THR C 251 46.22 -16.11 -82.53
C THR C 251 46.50 -16.79 -81.20
N ASN C 252 45.49 -17.42 -80.60
CA ASN C 252 45.69 -18.01 -79.31
C ASN C 252 46.38 -19.35 -79.26
N LEU C 253 46.21 -20.21 -80.25
CA LEU C 253 46.83 -21.51 -80.18
C LEU C 253 48.17 -21.64 -80.87
N VAL C 254 48.58 -20.72 -81.72
CA VAL C 254 49.85 -20.95 -82.39
C VAL C 254 50.96 -19.97 -81.94
N PRO C 255 51.85 -20.33 -80.97
CA PRO C 255 52.90 -19.46 -80.47
C PRO C 255 54.03 -19.18 -81.43
N PHE C 256 54.25 -20.10 -82.37
CA PHE C 256 55.25 -19.94 -83.42
C PHE C 256 54.66 -20.35 -84.72
N SER C 257 55.14 -19.78 -85.80
CA SER C 257 54.55 -20.06 -87.09
C SER C 257 54.61 -21.51 -87.58
N ASN C 258 55.54 -22.34 -87.11
CA ASN C 258 55.55 -23.71 -87.61
C ASN C 258 55.09 -24.77 -86.60
N LEU C 259 54.43 -24.36 -85.52
CA LEU C 259 53.95 -25.34 -84.55
C LEU C 259 52.45 -25.25 -84.41
N HIS C 260 51.74 -25.35 -85.52
CA HIS C 260 50.31 -25.20 -85.59
C HIS C 260 49.48 -26.47 -85.67
N PHE C 261 50.10 -27.62 -85.44
CA PHE C 261 49.37 -28.87 -85.52
C PHE C 261 48.67 -29.17 -84.22
N LEU C 262 47.35 -29.24 -84.30
CA LEU C 262 46.47 -29.41 -83.14
C LEU C 262 45.75 -30.74 -83.06
N MET C 263 45.52 -31.15 -81.85
CA MET C 263 44.70 -32.31 -81.54
C MET C 263 43.29 -31.86 -81.29
N ALA C 264 42.31 -32.72 -81.55
CA ALA C 264 40.92 -32.38 -81.25
C ALA C 264 40.25 -33.49 -80.49
N SER C 265 39.33 -33.08 -79.62
CA SER C 265 38.52 -33.98 -78.79
C SER C 265 37.14 -33.44 -78.45
N THR C 266 36.10 -34.27 -78.56
CA THR C 266 34.75 -33.85 -78.18
C THR C 266 34.00 -34.87 -77.36
N ALA C 267 33.04 -34.36 -76.60
CA ALA C 267 32.11 -35.22 -75.90
C ALA C 267 30.84 -34.43 -75.60
N PRO C 268 29.68 -35.09 -75.48
CA PRO C 268 29.36 -36.48 -75.68
C PRO C 268 29.24 -36.74 -77.16
N LEU C 269 29.32 -37.99 -77.58
CA LEU C 269 29.08 -38.30 -78.97
C LEU C 269 27.74 -38.99 -79.08
N VAL C 270 26.80 -38.33 -79.72
CA VAL C 270 25.45 -38.87 -79.78
C VAL C 270 24.94 -39.00 -81.21
N LEU C 271 24.45 -40.18 -81.55
CA LEU C 271 23.88 -40.44 -82.87
C LEU C 271 22.48 -39.89 -82.83
N ALA C 272 21.93 -39.48 -83.96
CA ALA C 272 20.60 -38.90 -83.93
C ALA C 272 19.59 -39.79 -83.24
N GLY C 273 18.78 -39.19 -82.38
CA GLY C 273 17.76 -39.88 -81.62
C GLY C 273 18.03 -39.70 -80.14
N LYS C 274 17.02 -39.88 -79.29
CA LYS C 274 17.26 -39.67 -77.85
C LYS C 274 17.89 -40.90 -77.20
N GLU C 275 19.12 -41.17 -77.60
CA GLU C 275 19.88 -42.32 -77.14
C GLU C 275 20.85 -41.92 -76.03
N SER C 276 20.92 -40.63 -75.76
CA SER C 276 21.80 -40.04 -74.77
C SER C 276 21.23 -40.08 -73.38
N TYR C 277 22.09 -39.82 -72.40
CA TYR C 277 21.70 -39.68 -71.01
C TYR C 277 22.04 -38.29 -70.51
N GLU C 278 21.14 -37.71 -69.75
CA GLU C 278 21.31 -36.37 -69.24
C GLU C 278 22.27 -36.28 -68.07
N LYS C 279 23.57 -36.42 -68.37
CA LYS C 279 24.60 -36.31 -67.34
C LYS C 279 24.60 -34.89 -66.80
N MET C 280 24.40 -33.94 -67.72
CA MET C 280 24.33 -32.51 -67.48
C MET C 280 25.45 -31.95 -66.65
N THR C 281 26.64 -32.52 -66.73
CA THR C 281 27.65 -32.01 -65.87
C THR C 281 28.86 -31.58 -66.64
N ALA C 282 29.17 -30.29 -66.51
CA ALA C 282 30.31 -29.72 -67.19
C ALA C 282 31.60 -30.33 -66.69
N LYS C 283 31.63 -30.65 -65.41
CA LYS C 283 32.81 -31.23 -64.82
C LYS C 283 33.14 -32.56 -65.44
N GLU C 284 32.11 -33.35 -65.72
CA GLU C 284 32.32 -34.64 -66.29
C GLU C 284 32.75 -34.51 -67.71
N LEU C 285 32.16 -33.56 -68.43
CA LEU C 285 32.56 -33.40 -69.81
C LEU C 285 33.98 -32.91 -69.92
N SER C 286 34.43 -32.03 -69.02
CA SER C 286 35.81 -31.59 -69.11
C SER C 286 36.73 -32.75 -68.77
N ALA C 287 36.36 -33.56 -67.78
CA ALA C 287 37.20 -34.68 -67.43
C ALA C 287 37.36 -35.63 -68.60
N GLN C 288 36.28 -35.84 -69.34
CA GLN C 288 36.29 -36.68 -70.51
C GLN C 288 37.01 -36.09 -71.70
N VAL C 289 36.83 -34.81 -71.97
CA VAL C 289 37.39 -34.28 -73.20
C VAL C 289 38.90 -34.27 -73.13
N PHE C 290 39.45 -34.10 -71.91
CA PHE C 290 40.88 -34.08 -71.67
C PHE C 290 41.48 -35.43 -71.35
N GLY C 291 40.70 -36.50 -71.40
CA GLY C 291 41.24 -37.81 -71.13
C GLY C 291 41.81 -38.28 -72.43
N ASP C 292 42.31 -39.50 -72.49
CA ASP C 292 42.86 -39.96 -73.76
C ASP C 292 41.80 -40.64 -74.63
N GLU C 293 40.75 -41.12 -74.00
CA GLU C 293 39.70 -41.88 -74.67
C GLU C 293 38.90 -41.16 -75.75
N TYR C 294 38.81 -39.84 -75.75
CA TYR C 294 38.08 -39.12 -76.80
C TYR C 294 38.98 -38.42 -77.80
N ILE C 295 40.27 -38.68 -77.75
CA ILE C 295 41.17 -37.98 -78.64
C ILE C 295 41.02 -38.60 -80.01
N CYS C 296 40.87 -37.78 -81.04
CA CYS C 296 40.63 -38.30 -82.37
C CYS C 296 41.87 -38.58 -83.21
N ALA C 297 43.01 -38.79 -82.55
CA ALA C 297 44.29 -39.11 -83.19
C ALA C 297 45.08 -40.09 -82.36
N ALA C 298 45.93 -40.86 -83.02
CA ALA C 298 46.72 -41.89 -82.37
C ALA C 298 47.90 -41.34 -81.62
N CYS C 299 47.58 -40.81 -80.48
CA CYS C 299 48.51 -40.17 -79.57
C CYS C 299 47.93 -40.30 -78.17
N LYS C 300 48.72 -40.01 -77.15
CA LYS C 300 48.24 -40.09 -75.78
C LYS C 300 48.56 -38.81 -74.99
N PRO C 301 47.79 -37.73 -75.17
CA PRO C 301 48.00 -36.39 -74.65
C PRO C 301 48.19 -36.25 -73.16
N THR C 302 47.68 -37.16 -72.33
CA THR C 302 47.88 -36.97 -70.90
C THR C 302 49.33 -37.19 -70.48
N THR C 303 50.16 -37.72 -71.37
CA THR C 303 51.56 -37.96 -71.05
C THR C 303 52.49 -36.92 -71.66
N GLY C 304 51.94 -35.93 -72.36
CA GLY C 304 52.77 -34.93 -73.01
C GLY C 304 52.74 -33.62 -72.25
N ARG C 305 53.02 -32.52 -72.95
CA ARG C 305 53.01 -31.21 -72.32
C ARG C 305 52.29 -30.24 -73.26
N TYR C 306 51.44 -29.38 -72.71
CA TYR C 306 50.70 -28.45 -73.55
C TYR C 306 51.33 -27.09 -73.74
N LEU C 307 51.25 -26.57 -74.96
CA LEU C 307 51.80 -25.24 -75.15
C LEU C 307 50.65 -24.29 -74.94
N ALA C 308 49.50 -24.73 -75.39
CA ALA C 308 48.28 -23.97 -75.32
C ALA C 308 47.13 -24.89 -75.58
N ALA C 309 45.96 -24.53 -75.10
CA ALA C 309 44.76 -25.30 -75.40
C ALA C 309 43.54 -24.42 -75.34
N SER C 310 42.47 -24.82 -75.99
CA SER C 310 41.24 -24.06 -75.89
C SER C 310 40.07 -24.96 -75.63
N VAL C 311 39.14 -24.44 -74.87
CA VAL C 311 37.94 -25.20 -74.60
C VAL C 311 36.69 -24.40 -74.85
N LEU C 312 35.81 -24.94 -75.68
CA LEU C 312 34.53 -24.33 -75.95
C LEU C 312 33.41 -25.13 -75.36
N PHE C 313 32.66 -24.48 -74.50
CA PHE C 313 31.54 -25.12 -73.85
C PHE C 313 30.28 -24.71 -74.54
N ARG C 314 29.40 -25.66 -74.77
CA ARG C 314 28.12 -25.36 -75.37
C ARG C 314 26.97 -25.70 -74.45
N GLY C 315 25.93 -24.88 -74.51
CA GLY C 315 24.71 -25.11 -73.77
C GLY C 315 24.74 -24.42 -72.43
N ALA C 316 23.80 -24.78 -71.57
CA ALA C 316 23.63 -24.10 -70.29
C ALA C 316 24.62 -24.54 -69.22
N VAL C 317 25.86 -24.19 -69.44
CA VAL C 317 26.97 -24.50 -68.57
C VAL C 317 27.14 -23.41 -67.53
N LYS C 318 27.22 -23.79 -66.26
CA LYS C 318 27.38 -22.81 -65.20
C LYS C 318 28.81 -22.29 -65.13
N THR C 319 28.97 -20.99 -64.92
CA THR C 319 30.28 -20.37 -64.79
C THR C 319 31.07 -20.99 -63.68
N SER C 320 30.41 -21.28 -62.58
CA SER C 320 31.06 -21.84 -61.42
C SER C 320 31.64 -23.21 -61.72
N ASP C 321 30.98 -24.01 -62.57
CA ASP C 321 31.46 -25.34 -62.86
C ASP C 321 32.59 -25.27 -63.82
N VAL C 322 32.58 -24.26 -64.69
CA VAL C 322 33.69 -24.14 -65.61
C VAL C 322 34.92 -23.82 -64.82
N ASN C 323 34.82 -22.92 -63.86
CA ASN C 323 36.00 -22.55 -63.14
C ASN C 323 36.53 -23.70 -62.32
N GLU C 324 35.65 -24.47 -61.69
CA GLU C 324 36.16 -25.57 -60.90
C GLU C 324 36.71 -26.67 -61.80
N ALA C 325 36.01 -26.96 -62.89
CA ALA C 325 36.44 -28.01 -63.78
C ALA C 325 37.78 -27.69 -64.40
N MET C 326 38.00 -26.42 -64.75
CA MET C 326 39.25 -26.09 -65.35
C MET C 326 40.37 -26.07 -64.34
N ALA C 327 40.05 -25.78 -63.07
CA ALA C 327 41.08 -25.83 -62.06
C ALA C 327 41.61 -27.25 -61.95
N THR C 328 40.72 -28.23 -62.05
CA THR C 328 41.12 -29.63 -62.00
C THR C 328 42.03 -29.97 -63.17
N VAL C 329 41.68 -29.48 -64.34
CA VAL C 329 42.48 -29.74 -65.53
C VAL C 329 43.87 -29.15 -65.39
N LYS C 330 43.96 -27.92 -64.88
CA LYS C 330 45.28 -27.33 -64.71
C LYS C 330 46.12 -28.14 -63.73
N GLU C 331 45.52 -28.63 -62.64
CA GLU C 331 46.28 -29.41 -61.67
C GLU C 331 46.76 -30.76 -62.19
N GLN C 332 45.92 -31.44 -62.98
CA GLN C 332 46.28 -32.75 -63.48
C GLN C 332 47.22 -32.79 -64.66
N ASN C 333 47.13 -31.83 -65.57
CA ASN C 333 47.96 -31.87 -66.76
C ASN C 333 49.27 -31.11 -66.63
N SER C 334 50.04 -31.16 -67.69
CA SER C 334 51.35 -30.52 -67.71
C SER C 334 51.45 -29.51 -68.82
N PHE C 335 51.90 -28.32 -68.45
CA PHE C 335 52.01 -27.16 -69.33
C PHE C 335 53.44 -26.63 -69.36
N VAL C 336 53.77 -25.91 -70.42
CA VAL C 336 55.09 -25.29 -70.51
C VAL C 336 55.00 -23.90 -69.81
N ASN C 337 56.00 -23.59 -68.99
CA ASN C 337 56.04 -22.34 -68.18
C ASN C 337 55.87 -21.05 -69.00
N TRP C 338 56.68 -20.82 -70.04
CA TRP C 338 56.61 -19.49 -70.72
C TRP C 338 55.15 -19.11 -70.99
N ILE C 339 54.38 -19.91 -71.74
CA ILE C 339 52.93 -19.56 -71.87
C ILE C 339 52.37 -19.72 -70.46
N PRO C 340 52.08 -18.64 -69.70
CA PRO C 340 51.70 -18.76 -68.29
C PRO C 340 50.20 -18.90 -68.04
N THR C 341 49.36 -18.52 -69.00
CA THR C 341 47.93 -18.58 -68.80
C THR C 341 47.33 -19.87 -69.33
N GLY C 342 48.07 -20.63 -70.15
CA GLY C 342 47.61 -21.94 -70.63
C GLY C 342 46.48 -22.02 -71.65
N PHE C 343 45.32 -21.57 -71.23
CA PHE C 343 44.08 -21.73 -71.98
C PHE C 343 43.39 -20.54 -72.59
N LYS C 344 42.61 -20.85 -73.63
CA LYS C 344 41.62 -19.95 -74.18
C LYS C 344 40.24 -20.55 -73.90
N ILE C 345 39.41 -19.85 -73.15
CA ILE C 345 38.10 -20.41 -72.80
C ILE C 345 36.94 -19.61 -73.34
N SER C 346 35.97 -20.34 -73.90
CA SER C 346 34.81 -19.71 -74.47
C SER C 346 33.53 -20.51 -74.25
N LYS C 347 32.42 -19.81 -74.21
CA LYS C 347 31.11 -20.41 -74.05
C LYS C 347 30.10 -19.92 -75.08
N SER C 348 29.24 -20.84 -75.52
CA SER C 348 28.12 -20.57 -76.41
C SER C 348 26.88 -21.20 -75.82
N GLU C 349 25.91 -20.38 -75.49
CA GLU C 349 24.71 -20.82 -74.81
C GLU C 349 23.79 -21.74 -75.60
N THR C 350 23.99 -21.87 -76.90
CA THR C 350 23.12 -22.73 -77.67
C THR C 350 23.62 -24.17 -77.69
N SER C 351 22.73 -25.05 -77.25
CA SER C 351 22.92 -26.49 -77.12
C SER C 351 23.07 -27.16 -78.48
N PRO C 352 23.83 -28.25 -78.58
CA PRO C 352 23.93 -29.09 -79.76
C PRO C 352 22.58 -29.78 -79.87
N LYS C 353 22.14 -30.14 -81.07
CA LYS C 353 20.80 -30.72 -81.15
C LYS C 353 20.50 -32.00 -80.38
N ASP C 354 21.49 -32.86 -80.14
CA ASP C 354 21.21 -34.12 -79.45
C ASP C 354 21.64 -34.17 -77.98
N SER C 355 21.99 -33.03 -77.40
CA SER C 355 22.40 -32.99 -76.00
C SER C 355 22.22 -31.63 -75.41
N ALA C 356 21.79 -31.50 -74.18
CA ALA C 356 21.71 -30.14 -73.68
C ALA C 356 23.08 -29.47 -73.60
N LEU C 357 24.09 -30.24 -73.21
CA LEU C 357 25.44 -29.72 -73.06
C LEU C 357 26.44 -30.42 -73.95
N GLY C 358 27.54 -29.75 -74.23
CA GLY C 358 28.64 -30.42 -74.91
C GLY C 358 29.93 -29.63 -74.87
N VAL C 359 31.06 -30.32 -75.06
CA VAL C 359 32.37 -29.68 -75.01
C VAL C 359 33.30 -30.07 -76.15
N ILE C 360 33.97 -29.08 -76.72
CA ILE C 360 35.02 -29.33 -77.69
C ILE C 360 36.33 -28.73 -77.23
N MET C 361 37.39 -29.52 -77.32
CA MET C 361 38.69 -29.07 -76.94
C MET C 361 39.69 -29.25 -78.06
N LEU C 362 40.56 -28.25 -78.20
CA LEU C 362 41.64 -28.27 -79.17
C LEU C 362 42.94 -27.97 -78.48
N GLY C 363 44.04 -28.48 -78.99
CA GLY C 363 45.28 -27.99 -78.39
C GLY C 363 46.58 -28.48 -78.94
N ASN C 364 47.64 -27.82 -78.48
CA ASN C 364 49.00 -28.10 -78.88
C ASN C 364 49.67 -28.94 -77.86
N ASN C 365 49.77 -30.19 -78.14
CA ASN C 365 50.35 -31.10 -77.20
C ASN C 365 51.53 -31.69 -77.87
N SER C 366 52.66 -31.62 -77.21
CA SER C 366 53.95 -32.06 -77.73
C SER C 366 53.97 -33.51 -78.16
N GLU C 367 53.02 -34.26 -77.68
CA GLU C 367 52.82 -35.66 -77.97
C GLU C 367 52.61 -35.87 -79.46
N ILE C 368 52.10 -34.86 -80.17
CA ILE C 368 51.78 -34.96 -81.58
C ILE C 368 52.95 -35.40 -82.44
N VAL C 369 54.17 -35.17 -81.97
CA VAL C 369 55.26 -35.57 -82.81
C VAL C 369 55.28 -37.07 -83.01
N SER C 370 54.70 -37.86 -82.10
CA SER C 370 54.78 -39.28 -82.31
C SER C 370 54.06 -39.71 -83.58
N VAL C 371 53.09 -38.92 -84.03
CA VAL C 371 52.38 -39.25 -85.25
C VAL C 371 53.33 -39.02 -86.39
N PHE C 372 53.98 -37.88 -86.36
CA PHE C 372 54.87 -37.50 -87.43
C PHE C 372 56.12 -38.38 -87.46
N GLU C 373 56.61 -38.79 -86.30
CA GLU C 373 57.79 -39.63 -86.24
C GLU C 373 57.55 -40.99 -86.87
N ARG C 374 56.35 -41.57 -86.64
CA ARG C 374 56.06 -42.86 -87.25
C ARG C 374 56.01 -42.75 -88.76
N ILE C 375 55.44 -41.67 -89.26
CA ILE C 375 55.34 -41.48 -90.71
C ILE C 375 56.75 -41.33 -91.27
N GLY C 376 57.57 -40.53 -90.60
CA GLY C 376 58.94 -40.30 -91.01
C GLY C 376 59.68 -41.60 -91.11
N ALA C 377 59.64 -42.42 -90.07
CA ALA C 377 60.35 -43.67 -90.08
C ALA C 377 59.92 -44.63 -91.18
N ASN C 378 58.61 -44.69 -91.48
CA ASN C 378 58.17 -45.60 -92.52
C ASN C 378 58.72 -45.14 -93.86
N PHE C 379 58.71 -43.84 -94.08
CA PHE C 379 59.24 -43.26 -95.28
C PHE C 379 60.71 -43.56 -95.40
N ASP C 380 61.46 -43.34 -94.35
CA ASP C 380 62.89 -43.53 -94.44
C ASP C 380 63.26 -44.93 -94.85
N ARG C 381 62.55 -45.93 -94.35
CA ARG C 381 62.89 -47.29 -94.76
C ARG C 381 62.59 -47.55 -96.24
N LEU C 382 61.44 -47.07 -96.72
CA LEU C 382 61.08 -47.28 -98.12
C LEU C 382 61.93 -46.45 -99.05
N TRP C 383 62.26 -45.25 -98.61
CA TRP C 383 63.03 -44.29 -99.37
C TRP C 383 64.46 -44.74 -99.52
N SER C 384 65.02 -45.32 -98.46
CA SER C 384 66.36 -45.84 -98.51
C SER C 384 66.44 -46.94 -99.56
N ARG C 385 65.40 -47.79 -99.62
CA ARG C 385 65.37 -48.92 -100.58
C ARG C 385 64.79 -48.49 -101.94
N LYS C 386 64.20 -47.30 -102.00
CA LYS C 386 63.60 -46.78 -103.26
C LYS C 386 62.51 -47.72 -103.75
N ALA C 387 61.60 -48.13 -102.86
CA ALA C 387 60.48 -49.01 -103.25
C ALA C 387 59.28 -48.13 -103.63
N PHE C 388 58.71 -48.33 -104.82
CA PHE C 388 57.56 -47.51 -105.30
C PHE C 388 58.01 -46.06 -105.54
N ALA C 389 59.33 -45.81 -105.57
CA ALA C 389 59.85 -44.44 -105.72
C ALA C 389 59.68 -43.96 -107.17
N HIS C 390 59.93 -44.85 -108.14
CA HIS C 390 59.78 -44.49 -109.56
C HIS C 390 58.44 -43.80 -109.79
N TRP C 391 57.45 -44.07 -108.94
CA TRP C 391 56.14 -43.52 -109.19
C TRP C 391 56.12 -42.02 -108.93
N PHE C 392 57.08 -41.52 -108.17
CA PHE C 392 57.13 -40.13 -107.86
C PHE C 392 58.12 -39.40 -108.74
N THR C 393 59.23 -40.05 -109.08
CA THR C 393 60.22 -39.32 -109.85
C THR C 393 59.89 -39.34 -111.33
N ASP C 394 59.09 -40.31 -111.77
CA ASP C 394 58.72 -40.35 -113.18
C ASP C 394 57.50 -39.46 -113.41
N SER C 395 57.02 -38.83 -112.34
CA SER C 395 55.86 -37.96 -112.37
C SER C 395 56.25 -36.54 -112.03
N GLY C 396 57.55 -36.25 -112.17
CA GLY C 396 58.05 -34.90 -111.97
C GLY C 396 58.83 -34.54 -110.71
N PHE C 397 58.92 -35.39 -109.69
CA PHE C 397 59.70 -34.99 -108.53
C PHE C 397 61.14 -35.39 -108.63
N GLU C 398 61.98 -34.62 -108.01
CA GLU C 398 63.38 -34.99 -107.94
C GLU C 398 63.59 -35.62 -106.58
N GLU C 399 64.66 -36.39 -106.43
CA GLU C 399 64.96 -36.99 -105.13
C GLU C 399 65.10 -35.86 -104.12
N LYS C 400 65.61 -34.72 -104.60
CA LYS C 400 65.75 -33.53 -103.80
C LYS C 400 64.44 -33.07 -103.18
N ASP C 401 63.30 -33.25 -103.86
CA ASP C 401 62.06 -32.74 -103.32
C ASP C 401 61.57 -33.70 -102.26
N LEU C 402 61.80 -34.98 -102.48
CA LEU C 402 61.39 -35.97 -101.51
C LEU C 402 62.24 -35.81 -100.24
N ASP C 403 63.52 -35.47 -100.40
CA ASP C 403 64.41 -35.26 -99.28
C ASP C 403 64.13 -33.94 -98.56
N ASP C 404 63.80 -32.88 -99.31
CA ASP C 404 63.52 -31.63 -98.65
C ASP C 404 62.21 -31.69 -97.88
N ALA C 405 61.22 -32.41 -98.40
CA ALA C 405 59.98 -32.51 -97.68
C ALA C 405 60.20 -33.22 -96.37
N ARG C 406 61.03 -34.27 -96.39
CA ARG C 406 61.33 -34.99 -95.18
C ARG C 406 62.04 -34.11 -94.19
N ALA C 407 62.99 -33.29 -94.67
CA ALA C 407 63.74 -32.41 -93.81
C ALA C 407 62.86 -31.39 -93.11
N LEU C 408 61.85 -30.87 -93.80
CA LEU C 408 60.97 -29.90 -93.17
C LEU C 408 60.17 -30.55 -92.07
N VAL C 409 59.71 -31.78 -92.32
CA VAL C 409 58.95 -32.49 -91.32
C VAL C 409 59.82 -32.72 -90.11
N GLN C 410 61.08 -33.10 -90.31
CA GLN C 410 61.94 -33.32 -89.18
C GLN C 410 62.17 -32.04 -88.42
N LYS C 411 62.27 -30.90 -89.10
CA LYS C 411 62.47 -29.66 -88.37
C LYS C 411 61.34 -29.42 -87.41
N VAL C 412 60.10 -29.65 -87.83
CA VAL C 412 58.98 -29.44 -86.92
C VAL C 412 59.05 -30.39 -85.75
N ILE C 413 59.39 -31.66 -86.00
CA ILE C 413 59.50 -32.61 -84.90
C ILE C 413 60.56 -32.18 -83.92
N ASP C 414 61.72 -31.77 -84.42
CA ASP C 414 62.79 -31.38 -83.54
C ASP C 414 62.41 -30.15 -82.75
N ASP C 415 61.68 -29.20 -83.34
CA ASP C 415 61.31 -28.01 -82.59
C ASP C 415 60.31 -28.36 -81.49
N TYR C 416 59.35 -29.24 -81.76
CA TYR C 416 58.44 -29.60 -80.68
C TYR C 416 59.14 -30.32 -79.56
N ARG C 417 60.05 -31.23 -79.91
CA ARG C 417 60.69 -32.00 -78.88
C ARG C 417 61.67 -31.18 -78.09
N LYS C 418 62.44 -30.30 -78.73
CA LYS C 418 63.39 -29.52 -77.98
C LYS C 418 62.68 -28.64 -77.01
N LEU C 419 61.60 -28.00 -77.46
CA LEU C 419 60.89 -27.10 -76.59
C LEU C 419 60.39 -27.87 -75.37
N THR C 420 59.82 -29.05 -75.61
CA THR C 420 59.26 -29.86 -74.56
C THR C 420 60.30 -30.28 -73.54
N GLU C 421 61.47 -30.72 -74.00
CA GLU C 421 62.50 -31.11 -73.04
C GLU C 421 63.05 -29.90 -72.28
N ASP C 422 63.24 -28.76 -72.95
CA ASP C 422 63.77 -27.58 -72.29
C ASP C 422 62.85 -27.14 -71.18
N ALA C 423 61.55 -27.34 -71.40
CA ALA C 423 60.48 -26.93 -70.51
C ALA C 423 60.62 -27.44 -69.11
N GLU C 424 61.24 -28.60 -68.90
CA GLU C 424 61.30 -29.11 -67.55
C GLU C 424 62.05 -28.16 -66.60
N ASN C 425 63.04 -27.44 -67.12
CA ASN C 425 63.83 -26.56 -66.29
C ASN C 425 63.41 -25.11 -66.41
N LEU C 426 62.29 -24.83 -67.10
CA LEU C 426 61.91 -23.42 -67.27
C LEU C 426 61.12 -22.97 -66.08
N TYR C 427 60.90 -23.90 -65.18
CA TYR C 427 60.23 -23.69 -63.92
C TYR C 427 61.19 -23.42 -62.75
N PHE C 428 62.55 -23.40 -62.96
CA PHE C 428 63.55 -23.25 -61.89
C PHE C 428 64.64 -22.23 -62.29
N ALA D 2 22.95 21.50 -66.58
CA ALA D 2 23.24 20.09 -66.25
C ALA D 2 24.64 19.75 -66.78
N ARG D 3 25.55 19.36 -65.88
CA ARG D 3 26.90 18.93 -66.33
C ARG D 3 26.72 17.57 -66.98
N GLU D 4 26.82 17.49 -68.31
CA GLU D 4 26.50 16.23 -69.02
C GLU D 4 27.71 15.35 -69.29
N VAL D 5 27.56 14.04 -69.09
CA VAL D 5 28.59 13.04 -69.35
C VAL D 5 28.31 12.15 -70.57
N ILE D 6 29.30 11.97 -71.42
CA ILE D 6 29.13 11.09 -72.58
C ILE D 6 29.77 9.74 -72.31
N THR D 7 29.00 8.66 -72.47
CA THR D 7 29.52 7.33 -72.16
C THR D 7 29.83 6.58 -73.46
N ILE D 8 31.02 6.01 -73.56
CA ILE D 8 31.41 5.27 -74.74
C ILE D 8 31.72 3.83 -74.36
N HIS D 9 31.13 2.86 -75.05
CA HIS D 9 31.38 1.45 -74.76
C HIS D 9 32.26 0.86 -75.85
N VAL D 10 33.44 0.38 -75.49
CA VAL D 10 34.34 -0.09 -76.52
C VAL D 10 34.74 -1.54 -76.34
N GLY D 11 34.53 -2.33 -77.37
CA GLY D 11 34.92 -3.73 -77.33
C GLY D 11 33.77 -4.61 -76.94
N GLU D 12 33.96 -5.91 -77.11
CA GLU D 12 32.90 -6.88 -76.89
C GLU D 12 32.36 -6.87 -75.47
N LEU D 13 33.24 -6.71 -74.47
CA LEU D 13 32.75 -6.72 -73.10
C LEU D 13 32.11 -5.41 -72.73
N GLY D 14 32.69 -4.29 -73.14
CA GLY D 14 32.08 -3.02 -72.76
C GLY D 14 30.67 -2.96 -73.28
N ILE D 15 30.48 -3.50 -74.48
CA ILE D 15 29.18 -3.56 -75.10
C ILE D 15 28.30 -4.57 -74.38
N GLN D 16 28.83 -5.74 -73.99
CA GLN D 16 28.04 -6.73 -73.26
C GLN D 16 27.42 -6.16 -72.02
N ILE D 17 28.16 -5.31 -71.32
CA ILE D 17 27.73 -4.64 -70.11
C ILE D 17 26.63 -3.63 -70.35
N ALA D 18 26.70 -2.88 -71.45
CA ALA D 18 25.77 -1.80 -71.75
C ALA D 18 24.33 -2.08 -71.35
N PRO D 19 23.63 -3.16 -71.72
CA PRO D 19 22.25 -3.34 -71.34
C PRO D 19 22.01 -3.39 -69.85
N ASN D 20 23.01 -3.73 -69.06
CA ASN D 20 22.75 -3.83 -67.65
C ASN D 20 22.94 -2.47 -67.05
N PHE D 21 23.93 -1.77 -67.55
CA PHE D 21 24.22 -0.44 -67.07
C PHE D 21 23.06 0.46 -67.37
N TRP D 22 22.61 0.44 -68.61
CA TRP D 22 21.54 1.32 -69.00
C TRP D 22 20.20 0.93 -68.43
N LYS D 23 19.92 -0.35 -68.22
CA LYS D 23 18.66 -0.67 -67.58
C LYS D 23 18.68 -0.16 -66.16
N TYR D 24 19.81 -0.27 -65.45
CA TYR D 24 19.79 0.26 -64.10
C TYR D 24 19.48 1.73 -64.09
N LEU D 25 20.08 2.49 -65.02
CA LEU D 25 19.82 3.91 -65.01
C LEU D 25 18.36 4.21 -65.36
N CYS D 26 17.79 3.45 -66.29
CA CYS D 26 16.42 3.66 -66.68
C CYS D 26 15.48 3.40 -65.50
N ASP D 27 15.74 2.38 -64.73
CA ASP D 27 14.83 2.14 -63.64
C ASP D 27 15.08 3.13 -62.53
N GLU D 28 16.33 3.50 -62.32
CA GLU D 28 16.67 4.39 -61.24
C GLU D 28 16.02 5.75 -61.37
N HIS D 29 15.91 6.26 -62.60
CA HIS D 29 15.32 7.57 -62.87
C HIS D 29 13.84 7.53 -63.31
N ASN D 30 13.17 6.37 -63.20
CA ASN D 30 11.79 6.16 -63.66
C ASN D 30 11.49 6.37 -65.16
N ILE D 31 12.34 5.79 -65.99
CA ILE D 31 12.20 5.80 -67.44
C ILE D 31 12.09 4.36 -67.88
N ASP D 32 11.27 4.07 -68.86
CA ASP D 32 11.11 2.70 -69.32
C ASP D 32 12.25 2.35 -70.27
N TYR D 33 12.28 1.15 -70.77
CA TYR D 33 13.43 0.75 -71.59
C TYR D 33 13.28 1.20 -73.02
N LYS D 34 12.15 1.82 -73.32
CA LYS D 34 11.90 2.38 -74.62
C LYS D 34 12.18 3.86 -74.60
N GLY D 35 12.64 4.38 -73.46
CA GLY D 35 12.93 5.79 -73.31
C GLY D 35 11.72 6.62 -72.92
N GLN D 36 10.60 5.98 -72.68
CA GLN D 36 9.39 6.69 -72.32
C GLN D 36 9.35 6.95 -70.85
N GLU D 37 8.73 8.04 -70.43
CA GLU D 37 8.66 8.32 -69.02
C GLU D 37 7.68 7.38 -68.35
N LYS D 38 7.99 7.00 -67.13
CA LYS D 38 7.16 6.09 -66.37
C LYS D 38 6.81 6.69 -65.03
N GLY D 39 5.93 7.69 -65.02
CA GLY D 39 5.65 8.38 -63.77
C GLY D 39 6.58 9.56 -63.62
N LYS D 40 6.87 9.93 -62.38
CA LYS D 40 7.67 11.12 -62.10
C LYS D 40 9.15 10.88 -62.32
N ILE D 41 9.81 11.76 -63.06
CA ILE D 41 11.23 11.60 -63.30
C ILE D 41 12.00 12.18 -62.15
N ARG D 42 12.99 11.44 -61.69
CA ARG D 42 13.78 11.89 -60.56
C ARG D 42 15.26 11.84 -60.84
N GLY D 43 16.01 12.76 -60.23
CA GLY D 43 17.45 12.85 -60.38
C GLY D 43 17.77 13.77 -61.56
N VAL D 44 19.03 14.04 -61.82
CA VAL D 44 19.34 14.94 -62.90
C VAL D 44 19.43 14.10 -64.13
N ILE D 45 18.30 13.88 -64.74
CA ILE D 45 18.21 12.99 -65.86
C ILE D 45 19.06 13.40 -67.03
N ASP D 46 19.18 14.69 -67.21
CA ASP D 46 19.89 15.28 -68.30
C ASP D 46 21.35 14.90 -68.32
N ASN D 47 21.94 14.51 -67.20
CA ASN D 47 23.36 14.23 -67.27
C ASN D 47 23.69 13.01 -68.12
N PHE D 48 22.79 12.02 -68.17
CA PHE D 48 23.06 10.82 -68.97
C PHE D 48 22.11 10.62 -70.13
N PHE D 49 20.99 11.31 -70.15
CA PHE D 49 20.06 11.12 -71.25
C PHE D 49 19.77 12.39 -72.02
N GLU D 50 19.72 12.26 -73.32
CA GLU D 50 19.40 13.33 -74.24
C GLU D 50 17.90 13.39 -74.41
N LYS D 51 17.33 14.58 -74.43
CA LYS D 51 15.90 14.67 -74.66
C LYS D 51 15.61 14.80 -76.14
N ALA D 52 14.75 13.94 -76.63
CA ALA D 52 14.32 13.90 -78.01
C ALA D 52 13.39 15.04 -78.32
N SER D 53 13.11 15.25 -79.61
CA SER D 53 12.14 16.26 -80.04
C SER D 53 10.71 15.87 -79.61
N ILE D 54 10.58 14.63 -79.20
CA ILE D 54 9.39 13.96 -78.72
C ILE D 54 9.63 13.57 -77.26
N GLY D 55 8.67 12.93 -76.60
CA GLY D 55 8.79 12.60 -75.18
C GLY D 55 9.89 11.58 -74.78
N LYS D 56 10.49 10.92 -75.75
CA LYS D 56 11.53 9.93 -75.53
C LYS D 56 12.89 10.45 -75.04
N TRP D 57 13.45 9.73 -74.06
CA TRP D 57 14.80 9.97 -73.58
C TRP D 57 15.76 9.04 -74.32
N ILE D 58 16.89 9.56 -74.72
CA ILE D 58 17.89 8.82 -75.47
C ILE D 58 19.18 8.67 -74.66
N PRO D 59 19.74 7.49 -74.46
CA PRO D 59 20.92 7.36 -73.68
C PRO D 59 21.99 8.12 -74.39
N ARG D 60 22.77 8.90 -73.67
CA ARG D 60 23.81 9.68 -74.31
C ARG D 60 25.07 8.82 -74.47
N THR D 61 25.03 7.93 -75.48
CA THR D 61 26.11 6.98 -75.64
C THR D 61 26.43 6.49 -77.05
N ILE D 62 27.69 6.08 -77.19
CA ILE D 62 28.29 5.53 -78.42
C ILE D 62 28.81 4.10 -78.22
N LEU D 63 28.48 3.19 -79.16
CA LEU D 63 28.95 1.79 -79.07
C LEU D 63 29.97 1.46 -80.16
N VAL D 64 31.18 1.05 -79.78
CA VAL D 64 32.23 0.76 -80.77
C VAL D 64 32.70 -0.71 -80.76
N ASP D 65 32.63 -1.36 -81.92
CA ASP D 65 33.02 -2.79 -82.09
C ASP D 65 33.72 -3.01 -83.43
N LEU D 66 34.89 -3.62 -83.45
CA LEU D 66 35.57 -3.84 -84.72
C LEU D 66 34.95 -4.97 -85.52
N GLY D 67 34.07 -5.74 -84.89
CA GLY D 67 33.31 -6.75 -85.60
C GLY D 67 31.85 -6.24 -85.53
N PRO D 68 30.86 -6.92 -86.11
CA PRO D 68 29.46 -6.53 -86.05
C PRO D 68 28.63 -7.13 -84.91
N ASN D 69 29.18 -8.07 -84.17
CA ASN D 69 28.31 -8.90 -83.35
C ASN D 69 27.95 -8.42 -81.95
N ALA D 70 28.83 -7.68 -81.27
CA ALA D 70 28.42 -7.32 -79.92
C ALA D 70 27.29 -6.33 -80.02
N ILE D 71 27.40 -5.46 -81.01
CA ILE D 71 26.39 -4.44 -81.21
C ILE D 71 25.13 -5.06 -81.70
N ARG D 72 25.19 -5.95 -82.68
CA ARG D 72 23.96 -6.52 -83.17
C ARG D 72 23.17 -7.17 -82.05
N LYS D 73 23.81 -7.92 -81.16
CA LYS D 73 23.01 -8.52 -80.12
C LYS D 73 22.44 -7.48 -79.17
N VAL D 74 23.24 -6.50 -78.78
CA VAL D 74 22.72 -5.50 -77.85
C VAL D 74 21.58 -4.66 -78.39
N THR D 75 21.69 -4.18 -79.61
CA THR D 75 20.66 -3.29 -80.08
C THR D 75 19.49 -3.98 -80.76
N LYS D 76 19.64 -5.23 -81.17
CA LYS D 76 18.53 -5.93 -81.81
C LYS D 76 17.85 -6.95 -80.90
N LYS D 77 18.55 -7.52 -79.92
CA LYS D 77 17.90 -8.54 -79.11
C LYS D 77 17.76 -8.18 -77.63
N ASP D 78 18.78 -7.59 -77.02
CA ASP D 78 18.66 -7.35 -75.57
C ASP D 78 17.96 -6.07 -75.16
N MET D 79 18.19 -4.95 -75.85
CA MET D 79 17.52 -3.75 -75.41
C MET D 79 17.09 -2.96 -76.64
N LYS D 80 16.04 -3.48 -77.26
CA LYS D 80 15.53 -3.02 -78.53
C LYS D 80 15.03 -1.60 -78.45
N ASP D 81 15.32 -0.82 -79.48
CA ASP D 81 14.86 0.55 -79.67
C ASP D 81 15.41 1.56 -78.68
N PHE D 82 16.33 1.16 -77.82
CA PHE D 82 16.85 2.09 -76.85
C PHE D 82 18.07 2.85 -77.34
N PHE D 83 18.96 2.15 -78.00
CA PHE D 83 20.21 2.75 -78.43
C PHE D 83 20.00 3.33 -79.81
N ASP D 84 20.58 4.49 -80.07
CA ASP D 84 20.50 5.17 -81.36
C ASP D 84 21.45 4.52 -82.38
N PRO D 85 20.98 3.91 -83.48
CA PRO D 85 21.79 3.19 -84.44
C PRO D 85 22.81 4.08 -85.14
N LYS D 86 22.61 5.38 -85.09
CA LYS D 86 23.54 6.27 -85.76
C LYS D 86 24.73 6.56 -84.87
N ARG D 87 24.71 6.00 -83.67
CA ARG D 87 25.79 6.16 -82.72
C ARG D 87 26.54 4.84 -82.56
N CYS D 88 26.29 3.89 -83.46
CA CYS D 88 26.99 2.61 -83.40
C CYS D 88 28.04 2.51 -84.49
N VAL D 89 29.25 2.13 -84.13
CA VAL D 89 30.34 1.99 -85.08
C VAL D 89 30.74 0.55 -85.22
N MET D 90 30.65 0.02 -86.42
CA MET D 90 31.00 -1.38 -86.61
C MET D 90 31.97 -1.64 -87.72
N GLY D 91 32.95 -2.45 -87.40
CA GLY D 91 33.91 -2.92 -88.39
C GLY D 91 33.50 -4.30 -88.86
N LEU D 92 34.36 -4.95 -89.63
CA LEU D 92 34.05 -6.28 -90.14
C LEU D 92 35.01 -7.35 -89.62
N ALA D 93 36.29 -7.03 -89.53
CA ALA D 93 37.29 -8.04 -89.20
C ALA D 93 37.41 -8.40 -87.72
N GLY D 94 36.94 -7.57 -86.80
CA GLY D 94 37.18 -7.90 -85.41
C GLY D 94 38.63 -7.59 -85.10
N ASP D 95 39.20 -8.24 -84.09
CA ASP D 95 40.55 -7.91 -83.70
C ASP D 95 41.50 -9.09 -83.52
N ALA D 96 41.07 -10.33 -83.75
CA ALA D 96 41.92 -11.52 -83.61
C ALA D 96 42.60 -11.57 -82.24
N ASN D 97 41.97 -10.95 -81.24
CA ASN D 97 42.44 -10.78 -79.87
C ASN D 97 43.74 -10.00 -79.74
N LEU D 98 44.12 -9.23 -80.75
CA LEU D 98 45.36 -8.47 -80.69
C LEU D 98 45.23 -6.98 -80.46
N PHE D 99 46.04 -6.49 -79.53
CA PHE D 99 46.19 -5.06 -79.27
C PHE D 99 46.55 -4.39 -80.57
N ALA D 100 47.44 -5.02 -81.33
CA ALA D 100 47.91 -4.42 -82.55
C ALA D 100 46.77 -4.04 -83.50
N LYS D 101 45.69 -4.81 -83.59
CA LYS D 101 44.67 -4.38 -84.52
C LYS D 101 43.89 -3.21 -83.97
N GLY D 102 43.60 -3.27 -82.69
CA GLY D 102 42.83 -2.20 -82.10
C GLY D 102 43.56 -0.85 -82.12
N TYR D 103 44.87 -0.85 -81.94
CA TYR D 103 45.62 0.41 -81.86
C TYR D 103 46.42 0.83 -83.12
N TYR D 104 46.90 -0.10 -83.96
CA TYR D 104 47.76 0.32 -85.07
C TYR D 104 47.24 -0.03 -86.47
N SER D 105 46.85 -1.29 -86.70
CA SER D 105 46.57 -1.68 -88.09
C SER D 105 45.13 -1.66 -88.61
N TYR D 106 44.13 -1.79 -87.75
CA TYR D 106 42.77 -1.86 -88.26
C TYR D 106 41.94 -0.78 -87.69
N GLY D 107 41.97 -0.63 -86.38
CA GLY D 107 41.10 0.29 -85.69
C GLY D 107 41.35 1.74 -86.04
N THR D 108 42.49 2.02 -86.62
CA THR D 108 42.86 3.36 -86.97
C THR D 108 42.04 3.89 -88.12
N ARG D 109 41.51 3.01 -88.97
CA ARG D 109 40.77 3.46 -90.13
C ARG D 109 39.38 3.92 -89.73
N PHE D 110 38.99 3.66 -88.49
CA PHE D 110 37.67 4.04 -88.03
C PHE D 110 37.73 5.29 -87.21
N MET D 111 38.91 5.89 -87.04
CA MET D 111 38.92 7.04 -86.17
C MET D 111 38.20 8.23 -86.71
N GLU D 112 38.12 8.41 -88.03
CA GLU D 112 37.38 9.56 -88.50
C GLU D 112 35.91 9.40 -88.19
N GLU D 113 35.40 8.18 -88.37
CA GLU D 113 34.01 7.88 -88.09
C GLU D 113 33.69 8.04 -86.62
N ILE D 114 34.59 7.58 -85.76
CA ILE D 114 34.37 7.62 -84.34
C ILE D 114 34.41 9.05 -83.86
N MET D 115 35.39 9.84 -84.28
CA MET D 115 35.45 11.20 -83.79
C MET D 115 34.32 12.04 -84.34
N ASP D 116 33.81 11.70 -85.53
CA ASP D 116 32.68 12.42 -86.08
C ASP D 116 31.44 12.14 -85.26
N LYS D 117 31.23 10.89 -84.86
CA LYS D 117 30.07 10.59 -84.05
C LYS D 117 30.20 11.23 -82.68
N ILE D 118 31.41 11.26 -82.13
CA ILE D 118 31.57 11.89 -80.85
C ILE D 118 31.24 13.34 -80.96
N GLN D 119 31.74 14.04 -81.99
CA GLN D 119 31.39 15.45 -82.04
C GLN D 119 29.90 15.65 -82.18
N LYS D 120 29.22 14.82 -82.95
CA LYS D 120 27.78 15.02 -83.05
C LYS D 120 27.11 14.93 -81.70
N GLU D 121 27.62 14.05 -80.82
CA GLU D 121 27.07 13.89 -79.49
C GLU D 121 27.45 15.11 -78.61
N VAL D 122 28.68 15.60 -78.75
CA VAL D 122 29.19 16.74 -78.00
C VAL D 122 28.43 18.01 -78.36
N ASP D 123 28.11 18.16 -79.62
CA ASP D 123 27.40 19.32 -80.11
C ASP D 123 25.99 19.45 -79.56
N GLN D 124 25.47 18.41 -78.91
CA GLN D 124 24.12 18.53 -78.39
C GLN D 124 24.12 19.05 -76.97
N THR D 125 25.32 19.26 -76.38
CA THR D 125 25.37 19.67 -74.99
C THR D 125 26.14 20.97 -74.68
N GLU D 126 25.48 21.85 -73.94
CA GLU D 126 26.04 23.15 -73.52
C GLU D 126 27.15 23.05 -72.49
N HIS D 127 27.01 22.12 -71.56
CA HIS D 127 27.99 21.99 -70.49
C HIS D 127 28.42 20.57 -70.35
N LEU D 128 29.51 20.22 -71.00
CA LEU D 128 30.02 18.88 -70.98
C LEU D 128 31.04 18.78 -69.88
N GLN D 129 30.80 17.85 -68.98
CA GLN D 129 31.63 17.62 -67.82
C GLN D 129 32.78 16.70 -68.17
N GLY D 130 32.46 15.67 -68.93
CA GLY D 130 33.48 14.70 -69.28
C GLY D 130 32.99 13.47 -69.98
N PHE D 131 33.91 12.54 -70.13
CA PHE D 131 33.65 11.28 -70.81
C PHE D 131 33.95 10.09 -69.95
N ILE D 132 33.17 9.04 -70.12
CA ILE D 132 33.46 7.77 -69.47
C ILE D 132 33.64 6.71 -70.53
N VAL D 133 34.78 6.06 -70.54
CA VAL D 133 35.02 5.03 -71.53
C VAL D 133 35.04 3.69 -70.84
N VAL D 134 34.13 2.82 -71.23
CA VAL D 134 34.01 1.51 -70.63
C VAL D 134 34.62 0.49 -71.53
N HIS D 135 35.63 -0.21 -71.03
CA HIS D 135 36.29 -1.14 -71.92
C HIS D 135 36.97 -2.28 -71.22
N SER D 136 37.13 -3.35 -71.94
CA SER D 136 37.94 -4.48 -71.52
C SER D 136 39.36 -4.10 -71.70
N ILE D 137 40.30 -4.64 -70.91
CA ILE D 137 41.76 -4.40 -71.23
C ILE D 137 42.31 -5.73 -71.72
N GLY D 138 41.43 -6.69 -71.95
CA GLY D 138 41.76 -8.04 -72.39
C GLY D 138 41.98 -8.16 -73.89
N ASP D 139 40.89 -8.15 -74.62
CA ASP D 139 40.82 -8.28 -76.06
C ASP D 139 41.36 -7.07 -76.76
N GLY D 140 41.76 -7.25 -78.02
CA GLY D 140 42.32 -6.20 -78.83
C GLY D 140 41.41 -5.01 -79.08
N THR D 141 40.12 -5.22 -79.27
CA THR D 141 39.30 -4.05 -79.52
C THR D 141 39.28 -3.16 -78.29
N GLY D 142 39.01 -3.74 -77.12
CA GLY D 142 39.00 -2.96 -75.89
C GLY D 142 40.38 -2.40 -75.57
N ALA D 143 41.38 -3.27 -75.50
CA ALA D 143 42.74 -2.91 -75.15
C ALA D 143 43.37 -1.92 -76.11
N GLY D 144 43.06 -2.04 -77.39
CA GLY D 144 43.61 -1.22 -78.44
C GLY D 144 42.82 0.06 -78.71
N LEU D 145 41.57 -0.05 -79.13
CA LEU D 145 40.86 1.16 -79.41
C LEU D 145 40.56 2.01 -78.24
N ALA D 146 40.27 1.47 -77.06
CA ALA D 146 39.85 2.42 -76.07
C ALA D 146 40.92 3.49 -75.87
N PRO D 147 42.23 3.22 -75.68
CA PRO D 147 43.25 4.24 -75.64
C PRO D 147 43.41 5.03 -76.94
N LEU D 148 43.05 4.48 -78.10
CA LEU D 148 43.22 5.25 -79.31
C LEU D 148 42.19 6.37 -79.31
N ILE D 149 40.99 6.03 -78.84
CA ILE D 149 39.87 6.94 -78.75
C ILE D 149 40.15 7.96 -77.70
N MET D 150 40.64 7.53 -76.55
CA MET D 150 40.92 8.46 -75.48
C MET D 150 41.93 9.51 -75.92
N GLU D 151 43.00 9.11 -76.62
CA GLU D 151 43.97 10.10 -77.04
C GLU D 151 43.35 11.09 -78.02
N ALA D 152 42.53 10.61 -78.94
CA ALA D 152 41.92 11.51 -79.91
C ALA D 152 41.03 12.54 -79.24
N ILE D 153 40.33 12.13 -78.18
CA ILE D 153 39.48 13.06 -77.44
C ILE D 153 40.30 14.04 -76.64
N LYS D 154 41.31 13.58 -75.90
CA LYS D 154 42.06 14.51 -75.06
C LYS D 154 42.74 15.60 -75.87
N LYS D 155 43.08 15.29 -77.12
CA LYS D 155 43.80 16.27 -77.98
C LYS D 155 42.81 17.29 -78.54
N LYS D 156 41.50 17.03 -78.42
CA LYS D 156 40.49 17.91 -78.99
C LYS D 156 39.74 18.66 -77.90
N HIS D 157 39.55 18.01 -76.75
CA HIS D 157 38.81 18.57 -75.65
C HIS D 157 39.63 18.44 -74.36
N PRO D 158 40.79 19.12 -74.25
CA PRO D 158 41.78 18.98 -73.19
C PRO D 158 41.33 19.39 -71.81
N LYS D 159 40.24 20.15 -71.72
CA LYS D 159 39.74 20.64 -70.45
C LYS D 159 38.71 19.74 -69.79
N LEU D 160 38.34 18.66 -70.43
CA LEU D 160 37.36 17.75 -69.88
C LEU D 160 38.02 16.68 -69.05
N VAL D 161 37.28 16.12 -68.09
CA VAL D 161 37.82 15.02 -67.31
C VAL D 161 37.48 13.72 -67.97
N MET D 162 38.48 12.88 -68.16
CA MET D 162 38.21 11.59 -68.74
C MET D 162 38.42 10.46 -67.77
N MET D 163 37.39 9.64 -67.63
CA MET D 163 37.44 8.50 -66.76
C MET D 163 37.30 7.23 -67.54
N SER D 164 38.08 6.23 -67.17
CA SER D 164 37.92 4.95 -67.81
C SER D 164 37.49 3.93 -66.80
N TYR D 165 36.77 2.94 -67.27
CA TYR D 165 36.37 1.82 -66.46
C TYR D 165 37.00 0.61 -67.12
N SER D 166 38.14 0.20 -66.58
CA SER D 166 38.99 -0.84 -67.14
C SER D 166 38.70 -2.17 -66.52
N ILE D 167 38.28 -3.12 -67.32
CA ILE D 167 37.93 -4.40 -66.75
C ILE D 167 38.95 -5.47 -67.06
N VAL D 168 39.55 -6.01 -66.01
CA VAL D 168 40.59 -7.00 -66.16
C VAL D 168 39.96 -8.38 -66.22
N PRO D 169 40.14 -9.13 -67.30
CA PRO D 169 39.60 -10.45 -67.52
C PRO D 169 40.18 -11.40 -66.53
N SER D 170 39.44 -12.44 -66.26
CA SER D 170 39.86 -13.51 -65.39
C SER D 170 40.93 -14.41 -65.97
N GLN D 171 41.56 -15.19 -65.09
CA GLN D 171 42.56 -16.19 -65.44
C GLN D 171 41.95 -17.56 -65.67
N ASN D 172 40.63 -17.62 -65.66
CA ASN D 172 39.86 -18.83 -65.88
C ASN D 172 38.75 -18.64 -66.92
N MET D 173 37.56 -18.20 -66.55
CA MET D 173 36.46 -18.17 -67.51
C MET D 173 36.68 -17.26 -68.70
N ASP D 174 37.44 -16.19 -68.54
CA ASP D 174 37.70 -15.25 -69.61
C ASP D 174 39.12 -15.38 -70.13
N CYS D 175 39.83 -16.43 -69.77
CA CYS D 175 41.23 -16.42 -70.12
C CYS D 175 41.57 -16.55 -71.57
N SER D 176 42.78 -16.09 -71.86
CA SER D 176 43.45 -16.08 -73.15
C SER D 176 44.94 -16.27 -73.01
N THR D 177 45.52 -16.94 -73.98
CA THR D 177 46.93 -17.24 -74.01
C THR D 177 47.80 -16.03 -74.25
N ILE D 178 47.21 -14.93 -74.70
CA ILE D 178 47.96 -13.70 -74.92
C ILE D 178 47.45 -12.55 -74.07
N LEU D 179 46.70 -12.87 -73.02
CA LEU D 179 46.20 -11.84 -72.15
C LEU D 179 47.27 -10.90 -71.61
N PRO D 180 48.43 -11.39 -71.11
CA PRO D 180 49.48 -10.54 -70.60
C PRO D 180 50.04 -9.56 -71.61
N TYR D 181 49.93 -9.84 -72.92
CA TYR D 181 50.50 -8.85 -73.81
C TYR D 181 49.54 -7.73 -73.95
N ASN D 182 48.27 -8.05 -74.08
CA ASN D 182 47.37 -6.96 -74.30
C ASN D 182 47.23 -6.11 -73.05
N ALA D 183 47.28 -6.74 -71.87
CA ALA D 183 47.12 -5.99 -70.65
C ALA D 183 48.26 -5.01 -70.42
N ILE D 184 49.50 -5.41 -70.68
CA ILE D 184 50.61 -4.50 -70.47
C ILE D 184 50.66 -3.44 -71.54
N LEU D 185 50.43 -3.82 -72.78
CA LEU D 185 50.49 -2.87 -73.86
C LEU D 185 49.44 -1.81 -73.71
N SER D 186 48.25 -2.17 -73.21
CA SER D 186 47.23 -1.16 -73.03
C SER D 186 47.34 -0.37 -71.72
N LEU D 187 47.90 -0.95 -70.63
CA LEU D 187 48.09 -0.15 -69.41
C LEU D 187 49.07 0.97 -69.72
N ASP D 188 50.00 0.68 -70.61
CA ASP D 188 50.98 1.65 -71.02
C ASP D 188 50.33 2.88 -71.63
N LYS D 189 49.17 2.74 -72.28
CA LYS D 189 48.59 3.90 -72.91
C LYS D 189 47.61 4.54 -71.94
N LEU D 190 46.97 3.75 -71.09
CA LEU D 190 46.00 4.30 -70.15
C LEU D 190 46.69 5.23 -69.21
N THR D 191 47.95 4.92 -68.93
CA THR D 191 48.79 5.70 -68.07
C THR D 191 48.83 7.16 -68.51
N SER D 192 48.88 7.46 -69.82
CA SER D 192 48.91 8.86 -70.22
C SER D 192 47.53 9.38 -70.67
N CYS D 193 46.61 8.46 -71.02
CA CYS D 193 45.29 8.81 -71.55
C CYS D 193 44.24 9.29 -70.56
N ALA D 194 44.01 8.53 -69.49
CA ALA D 194 42.91 8.83 -68.58
C ALA D 194 43.33 9.73 -67.45
N ASP D 195 42.38 10.47 -66.89
CA ASP D 195 42.66 11.25 -65.70
C ASP D 195 42.34 10.38 -64.49
N ILE D 196 41.31 9.57 -64.63
CA ILE D 196 40.87 8.64 -63.60
C ILE D 196 40.74 7.26 -64.23
N SER D 197 41.29 6.22 -63.63
CA SER D 197 41.11 4.91 -64.23
C SER D 197 40.70 3.88 -63.19
N MET D 198 39.49 3.35 -63.33
CA MET D 198 39.02 2.40 -62.35
C MET D 198 39.43 1.02 -62.76
N ILE D 199 39.92 0.22 -61.84
CA ILE D 199 40.23 -1.16 -62.18
C ILE D 199 39.33 -2.12 -61.48
N ILE D 200 38.63 -2.93 -62.27
CA ILE D 200 37.76 -3.95 -61.72
C ILE D 200 38.31 -5.28 -62.15
N ASP D 201 38.52 -6.19 -61.20
CA ASP D 201 39.08 -7.50 -61.49
C ASP D 201 38.01 -8.61 -61.56
N ASN D 202 37.80 -9.23 -62.73
CA ASN D 202 36.74 -10.23 -62.82
C ASN D 202 36.98 -11.43 -61.92
N ASP D 203 38.22 -11.74 -61.55
CA ASP D 203 38.40 -12.88 -60.67
C ASP D 203 37.88 -12.59 -59.29
N SER D 204 37.88 -11.33 -58.88
CA SER D 204 37.36 -11.02 -57.59
C SER D 204 35.86 -11.15 -57.68
N ILE D 205 35.29 -10.73 -58.79
CA ILE D 205 33.85 -10.84 -58.89
C ILE D 205 33.45 -12.29 -58.84
N TYR D 206 34.15 -13.16 -59.56
CA TYR D 206 33.74 -14.53 -59.53
C TYR D 206 33.84 -15.15 -58.14
N ARG D 207 34.92 -14.89 -57.38
CA ARG D 207 34.98 -15.51 -56.05
C ARG D 207 34.06 -14.86 -55.03
N ILE D 208 33.78 -13.58 -55.18
CA ILE D 208 32.91 -12.90 -54.26
C ILE D 208 31.49 -13.35 -54.43
N VAL D 209 31.03 -13.41 -55.67
CA VAL D 209 29.68 -13.84 -55.90
C VAL D 209 29.53 -15.29 -55.50
N ALA D 210 30.50 -16.13 -55.84
CA ALA D 210 30.42 -17.52 -55.45
C ALA D 210 30.31 -17.68 -53.94
N THR D 211 31.02 -16.85 -53.19
CA THR D 211 30.94 -16.90 -51.74
C THR D 211 29.53 -16.53 -51.27
N GLN D 212 28.97 -15.45 -51.82
CA GLN D 212 27.64 -15.02 -51.41
C GLN D 212 26.59 -16.03 -51.81
N GLY D 213 26.84 -16.71 -52.90
CA GLY D 213 25.95 -17.70 -53.46
C GLY D 213 26.17 -19.09 -52.90
N LYS D 214 27.00 -19.27 -51.87
CA LYS D 214 27.26 -20.62 -51.39
C LYS D 214 25.99 -21.32 -50.89
N GLU D 215 24.98 -20.53 -50.54
CA GLU D 215 23.70 -21.02 -50.03
C GLU D 215 22.63 -21.22 -51.12
N ASN D 216 22.92 -20.86 -52.38
CA ASN D 216 21.87 -20.92 -53.39
C ASN D 216 22.39 -21.14 -54.83
N GLU D 217 21.48 -21.18 -55.79
CA GLU D 217 21.87 -21.42 -57.18
C GLU D 217 22.12 -20.16 -58.01
N LEU D 218 22.00 -18.98 -57.40
CA LEU D 218 22.18 -17.74 -58.11
C LEU D 218 21.43 -17.67 -59.44
N SER D 219 22.09 -17.10 -60.45
CA SER D 219 21.66 -16.93 -61.82
C SER D 219 22.92 -16.67 -62.60
N GLU D 220 23.00 -17.11 -63.83
CA GLU D 220 24.22 -16.82 -64.59
C GLU D 220 24.38 -15.35 -64.92
N SER D 221 23.30 -14.58 -64.83
CA SER D 221 23.36 -13.16 -65.12
C SER D 221 24.00 -12.34 -64.02
N ILE D 222 24.20 -12.93 -62.84
CA ILE D 222 24.71 -12.19 -61.71
C ILE D 222 26.09 -11.61 -61.89
N PHE D 223 26.94 -12.25 -62.67
CA PHE D 223 28.27 -11.74 -62.80
C PHE D 223 28.27 -10.41 -63.54
N ASP D 224 27.42 -10.31 -64.56
CA ASP D 224 27.34 -9.09 -65.33
C ASP D 224 26.60 -8.02 -64.57
N GLN D 225 25.63 -8.42 -63.74
CA GLN D 225 24.91 -7.40 -63.02
C GLN D 225 25.83 -6.74 -62.01
N VAL D 226 26.72 -7.51 -61.36
CA VAL D 226 27.62 -6.91 -60.39
C VAL D 226 28.60 -5.96 -61.06
N LEU D 227 29.14 -6.36 -62.20
CA LEU D 227 30.10 -5.51 -62.88
C LEU D 227 29.45 -4.21 -63.37
N ALA D 228 28.24 -4.31 -63.94
CA ALA D 228 27.53 -3.13 -64.40
C ALA D 228 27.13 -2.23 -63.26
N LYS D 229 26.70 -2.81 -62.15
CA LYS D 229 26.25 -2.05 -61.02
C LYS D 229 27.37 -1.25 -60.44
N ALA D 230 28.57 -1.81 -60.37
CA ALA D 230 29.62 -1.01 -59.81
C ALA D 230 29.76 0.29 -60.58
N LEU D 231 29.65 0.27 -61.91
CA LEU D 231 29.78 1.56 -62.59
C LEU D 231 28.62 2.48 -62.25
N VAL D 232 27.42 1.93 -62.15
CA VAL D 232 26.24 2.75 -61.86
C VAL D 232 26.39 3.46 -60.53
N GLU D 233 26.87 2.73 -59.52
CA GLU D 233 27.05 3.29 -58.19
C GLU D 233 28.17 4.34 -58.17
N ILE D 234 29.25 4.13 -58.93
CA ILE D 234 30.35 5.11 -58.96
C ILE D 234 29.79 6.42 -59.45
N THR D 235 28.93 6.34 -60.46
CA THR D 235 28.29 7.48 -61.09
C THR D 235 27.06 8.01 -60.37
N ALA D 236 26.64 7.43 -59.25
CA ALA D 236 25.42 7.90 -58.60
C ALA D 236 25.52 9.35 -58.19
N THR D 237 26.69 9.79 -57.78
CA THR D 237 26.84 11.14 -57.29
C THR D 237 26.89 12.14 -58.42
N LEU D 238 26.99 11.66 -59.66
CA LEU D 238 27.03 12.56 -60.79
C LEU D 238 25.61 12.72 -61.33
N ARG D 239 24.65 11.98 -60.77
CA ARG D 239 23.29 11.97 -61.25
C ARG D 239 22.31 12.51 -60.23
N PHE D 240 22.65 12.43 -58.97
CA PHE D 240 21.79 12.92 -57.91
C PHE D 240 22.47 14.10 -57.25
N ASN D 241 21.72 14.97 -56.60
CA ASN D 241 22.35 16.12 -55.96
C ASN D 241 22.96 15.76 -54.62
N SER D 242 24.06 15.05 -54.74
CA SER D 242 24.84 14.46 -53.68
C SER D 242 25.79 15.45 -53.05
N PRO D 243 26.20 15.29 -51.76
CA PRO D 243 27.20 16.17 -51.17
C PRO D 243 28.60 15.58 -51.37
N LEU D 244 28.78 14.76 -52.41
CA LEU D 244 30.09 14.08 -52.63
C LEU D 244 30.28 13.84 -54.14
N ASN D 245 31.54 13.76 -54.59
CA ASN D 245 31.86 13.50 -55.99
C ASN D 245 30.86 14.20 -56.90
N ARG D 246 30.47 15.42 -56.51
CA ARG D 246 29.51 16.21 -57.25
C ARG D 246 29.79 16.25 -58.73
N SER D 247 31.06 16.24 -59.10
CA SER D 247 31.46 16.28 -60.49
C SER D 247 32.73 15.48 -60.70
N MET D 248 33.02 15.17 -61.96
CA MET D 248 34.21 14.41 -62.31
C MET D 248 35.47 15.14 -61.93
N MET D 249 35.43 16.46 -61.97
CA MET D 249 36.57 17.26 -61.58
C MET D 249 36.86 17.11 -60.11
N GLU D 250 35.82 16.90 -59.30
CA GLU D 250 35.99 16.74 -57.84
C GLU D 250 36.47 15.33 -57.55
N MET D 251 36.08 14.35 -58.37
CA MET D 251 36.60 13.02 -58.13
C MET D 251 38.09 13.02 -58.38
N SER D 252 38.51 13.74 -59.41
CA SER D 252 39.91 13.81 -59.74
C SER D 252 40.70 14.48 -58.62
N THR D 253 40.20 15.61 -58.11
CA THR D 253 40.94 16.35 -57.05
C THR D 253 40.96 15.56 -55.74
N ASN D 254 39.92 14.77 -55.45
CA ASN D 254 39.85 14.02 -54.21
C ASN D 254 40.71 12.78 -54.21
N LEU D 255 40.82 12.12 -55.35
CA LEU D 255 41.53 10.86 -55.42
C LEU D 255 42.92 10.80 -56.08
N VAL D 256 43.27 11.72 -56.98
CA VAL D 256 44.54 11.57 -57.69
C VAL D 256 45.58 12.66 -57.40
N PRO D 257 46.55 12.48 -56.46
CA PRO D 257 47.55 13.47 -56.11
C PRO D 257 48.67 13.71 -57.12
N PHE D 258 48.93 12.75 -57.98
CA PHE D 258 49.97 12.89 -58.98
C PHE D 258 49.40 12.40 -60.29
N PRO D 259 49.74 12.97 -61.44
CA PRO D 259 49.25 12.58 -62.75
C PRO D 259 49.32 11.08 -63.06
N ARG D 260 50.35 10.38 -62.58
CA ARG D 260 50.42 8.96 -62.88
C ARG D 260 49.68 8.08 -61.88
N ASN D 261 49.47 8.55 -60.67
CA ASN D 261 48.86 7.68 -59.68
C ASN D 261 47.36 7.79 -59.69
N HIS D 262 46.78 7.42 -60.81
CA HIS D 262 45.35 7.54 -61.00
C HIS D 262 44.58 6.24 -61.06
N PHE D 263 45.22 5.11 -60.76
CA PHE D 263 44.51 3.84 -60.87
C PHE D 263 43.83 3.54 -59.56
N LEU D 264 42.50 3.41 -59.62
CA LEU D 264 41.68 3.24 -58.42
C LEU D 264 40.99 1.90 -58.27
N MET D 265 40.82 1.51 -57.03
CA MET D 265 40.12 0.30 -56.63
C MET D 265 38.77 0.57 -56.06
N THR D 266 37.84 -0.39 -56.15
CA THR D 266 36.55 -0.16 -55.53
C THR D 266 36.12 -1.29 -54.62
N SER D 267 35.15 -0.95 -53.80
CA SER D 267 34.51 -1.87 -52.87
C SER D 267 33.04 -1.61 -52.84
N MET D 268 32.23 -2.66 -52.87
CA MET D 268 30.79 -2.46 -52.92
C MET D 268 29.98 -3.37 -52.03
N SER D 269 28.92 -2.80 -51.45
CA SER D 269 27.99 -3.54 -50.62
C SER D 269 26.58 -2.99 -50.81
N PRO D 270 25.58 -3.85 -50.97
CA PRO D 270 25.51 -5.30 -50.90
C PRO D 270 25.83 -6.10 -52.16
N LEU D 271 26.57 -5.54 -53.11
CA LEU D 271 26.93 -6.17 -54.39
C LEU D 271 25.75 -6.26 -55.33
N GLU D 272 24.69 -6.93 -54.92
CA GLU D 272 23.46 -6.95 -55.69
C GLU D 272 22.26 -7.17 -54.78
N THR D 273 21.16 -6.53 -55.11
CA THR D 273 19.95 -6.60 -54.33
C THR D 273 19.44 -8.03 -54.22
N SER D 274 19.52 -8.77 -55.31
CA SER D 274 19.07 -10.15 -55.37
C SER D 274 19.96 -11.11 -54.58
N LEU D 275 21.17 -10.66 -54.24
CA LEU D 275 22.09 -11.49 -53.41
C LEU D 275 21.70 -11.30 -51.94
N THR D 276 21.21 -10.11 -51.59
CA THR D 276 20.80 -9.82 -50.19
C THR D 276 19.29 -9.62 -50.14
N SER D 277 18.53 -10.70 -49.93
CA SER D 277 17.04 -10.62 -49.92
C SER D 277 16.51 -10.90 -48.51
N ALA D 278 15.17 -10.97 -48.36
CA ALA D 278 14.54 -11.22 -47.04
C ALA D 278 14.91 -10.10 -46.06
N HIS D 279 15.31 -10.46 -44.85
CA HIS D 279 15.62 -9.44 -43.81
C HIS D 279 17.01 -8.85 -44.07
N GLN D 280 17.05 -7.65 -44.64
CA GLN D 280 18.36 -7.04 -44.99
C GLN D 280 18.45 -5.67 -44.33
N LYS D 281 18.08 -5.59 -43.05
CA LYS D 281 18.23 -4.31 -42.32
C LYS D 281 19.73 -4.11 -42.07
N ILE D 282 20.45 -3.62 -43.09
CA ILE D 282 21.92 -3.40 -42.94
C ILE D 282 22.10 -2.08 -42.22
N GLU D 283 22.46 -2.12 -40.94
CA GLU D 283 22.60 -0.88 -40.14
C GLU D 283 23.82 -0.10 -40.64
N THR D 284 23.79 1.23 -40.48
CA THR D 284 24.93 2.08 -40.93
C THR D 284 26.25 1.45 -40.47
N LYS D 285 26.25 0.82 -39.30
CA LYS D 285 27.50 0.28 -38.72
C LYS D 285 28.02 -0.91 -39.54
N GLU D 286 27.16 -1.85 -39.92
CA GLU D 286 27.66 -3.00 -40.63
C GLU D 286 28.04 -2.61 -42.03
N LEU D 287 27.29 -1.69 -42.65
CA LEU D 287 27.64 -1.33 -44.01
C LEU D 287 29.06 -0.83 -44.09
N MET D 288 29.49 0.02 -43.15
CA MET D 288 30.85 0.48 -43.29
C MET D 288 31.90 -0.56 -42.96
N GLN D 289 31.57 -1.56 -42.16
CA GLN D 289 32.58 -2.58 -41.94
C GLN D 289 32.65 -3.47 -43.19
N ASP D 290 31.52 -3.70 -43.84
CA ASP D 290 31.48 -4.54 -45.03
C ASP D 290 32.29 -3.94 -46.15
N LEU D 291 32.28 -2.63 -46.26
CA LEU D 291 32.99 -1.97 -47.33
C LEU D 291 34.51 -2.05 -47.25
N ILE D 292 35.09 -2.47 -46.13
CA ILE D 292 36.55 -2.66 -46.12
C ILE D 292 36.87 -4.12 -45.86
N ASP D 293 35.87 -4.98 -46.03
CA ASP D 293 36.01 -6.42 -45.87
C ASP D 293 36.59 -7.03 -47.12
N GLN D 294 37.29 -8.13 -46.99
CA GLN D 294 37.85 -8.76 -48.16
C GLN D 294 36.82 -9.20 -49.17
N ASP D 295 35.65 -9.58 -48.73
CA ASP D 295 34.69 -10.13 -49.67
C ASP D 295 33.89 -9.07 -50.41
N HIS D 296 34.18 -7.80 -50.17
CA HIS D 296 33.50 -6.75 -50.88
C HIS D 296 34.44 -5.96 -51.78
N ILE D 297 35.69 -6.37 -51.85
CA ILE D 297 36.64 -5.60 -52.66
C ILE D 297 36.81 -6.25 -54.00
N LEU D 298 36.58 -5.48 -55.07
CA LEU D 298 36.61 -6.07 -56.41
C LEU D 298 38.02 -5.99 -57.00
N ALA D 299 38.95 -6.55 -56.26
CA ALA D 299 40.36 -6.61 -56.58
C ALA D 299 41.02 -7.61 -55.65
N PRO D 300 42.14 -8.23 -55.98
CA PRO D 300 42.87 -9.11 -55.08
C PRO D 300 43.68 -8.30 -54.09
N ILE D 301 42.96 -7.50 -53.32
CA ILE D 301 43.51 -6.57 -52.36
C ILE D 301 42.91 -6.65 -50.98
N THR D 302 43.78 -6.69 -50.00
CA THR D 302 43.43 -6.66 -48.60
C THR D 302 43.80 -5.26 -48.17
N VAL D 303 42.89 -4.51 -47.55
CA VAL D 303 43.24 -3.12 -47.25
C VAL D 303 44.35 -3.02 -46.23
N GLU D 304 44.42 -4.00 -45.34
CA GLU D 304 45.39 -4.09 -44.29
C GLU D 304 46.81 -4.30 -44.81
N LYS D 305 46.95 -4.72 -46.07
CA LYS D 305 48.26 -5.00 -46.63
C LYS D 305 48.56 -4.04 -47.76
N GLY D 306 49.00 -2.85 -47.40
CA GLY D 306 49.26 -1.80 -48.36
C GLY D 306 48.95 -0.46 -47.72
N VAL D 307 49.13 0.61 -48.48
CA VAL D 307 48.96 1.96 -47.97
C VAL D 307 48.01 2.80 -48.82
N PHE D 308 47.13 3.51 -48.14
CA PHE D 308 46.17 4.40 -48.77
C PHE D 308 46.77 5.75 -49.04
N THR D 309 46.38 6.32 -50.15
CA THR D 309 46.76 7.68 -50.50
C THR D 309 45.51 8.54 -50.45
N ALA D 310 44.37 7.93 -50.77
CA ALA D 310 43.10 8.64 -50.76
C ALA D 310 41.97 7.64 -50.51
N PHE D 311 40.91 8.07 -49.85
CA PHE D 311 39.81 7.15 -49.62
C PHE D 311 38.46 7.82 -49.48
N VAL D 312 37.56 7.56 -50.40
CA VAL D 312 36.24 8.16 -50.36
C VAL D 312 35.12 7.13 -50.28
N ILE D 313 34.27 7.28 -49.28
CA ILE D 313 33.15 6.38 -49.08
C ILE D 313 31.82 7.05 -49.41
N ALA D 314 31.15 6.55 -50.44
CA ALA D 314 29.89 7.13 -50.86
C ALA D 314 28.75 6.21 -50.52
N LEU D 315 27.90 6.64 -49.62
CA LEU D 315 26.80 5.83 -49.16
C LEU D 315 25.50 6.34 -49.74
N ARG D 316 24.47 5.53 -49.69
CA ARG D 316 23.17 5.97 -50.12
C ARG D 316 22.17 5.63 -49.03
N GLY D 317 21.22 6.51 -48.78
CA GLY D 317 20.18 6.30 -47.77
C GLY D 317 20.56 7.01 -46.49
N GLU D 318 19.71 6.96 -45.49
CA GLU D 318 20.07 7.65 -44.28
C GLU D 318 21.23 6.94 -43.62
N ASN D 319 22.24 7.71 -43.31
CA ASN D 319 23.48 7.28 -42.72
C ASN D 319 23.96 8.37 -41.75
N PRO D 320 23.52 8.40 -40.50
CA PRO D 320 23.80 9.45 -39.56
C PRO D 320 25.28 9.69 -39.50
N HIS D 321 25.67 10.95 -39.46
CA HIS D 321 27.08 11.26 -39.51
C HIS D 321 27.84 10.85 -38.28
N SER D 322 27.19 10.78 -37.13
CA SER D 322 27.88 10.38 -35.92
C SER D 322 28.26 8.91 -35.98
N ILE D 323 27.58 8.14 -36.81
CA ILE D 323 27.90 6.74 -36.92
C ILE D 323 29.01 6.65 -37.89
N LEU D 324 28.95 7.43 -38.97
CA LEU D 324 29.99 7.31 -39.95
C LEU D 324 31.32 7.67 -39.32
N GLN D 325 31.33 8.67 -38.43
CA GLN D 325 32.58 9.04 -37.81
C GLN D 325 33.09 7.99 -36.85
N ASN D 326 32.20 7.33 -36.11
CA ASN D 326 32.73 6.30 -35.23
C ASN D 326 33.21 5.10 -36.03
N SER D 327 32.58 4.81 -37.15
CA SER D 327 33.01 3.71 -37.98
C SER D 327 34.39 3.98 -38.55
N ILE D 328 34.65 5.22 -38.96
CA ILE D 328 35.96 5.55 -39.48
C ILE D 328 37.00 5.48 -38.39
N LYS D 329 36.72 6.03 -37.23
CA LYS D 329 37.73 5.98 -36.18
C LYS D 329 38.06 4.54 -35.83
N GLY D 330 37.04 3.68 -35.89
CA GLY D 330 37.11 2.27 -35.59
C GLY D 330 37.85 1.46 -36.63
N PHE D 331 38.28 2.08 -37.73
CA PHE D 331 39.05 1.38 -38.73
C PHE D 331 40.42 1.09 -38.13
N GLY D 332 40.88 1.91 -37.17
CA GLY D 332 42.16 1.64 -36.55
C GLY D 332 43.29 1.68 -37.53
N ASP D 333 44.12 0.65 -37.51
CA ASP D 333 45.25 0.54 -38.41
C ASP D 333 44.98 -0.34 -39.59
N ARG D 334 43.71 -0.66 -39.84
CA ARG D 334 43.37 -1.45 -41.00
C ARG D 334 43.43 -0.53 -42.21
N VAL D 335 43.13 0.74 -41.98
CA VAL D 335 43.18 1.74 -43.00
C VAL D 335 44.27 2.71 -42.65
N LYS D 336 45.41 2.58 -43.31
CA LYS D 336 46.56 3.40 -42.97
C LYS D 336 47.12 4.10 -44.18
N PHE D 337 47.60 5.32 -43.96
CA PHE D 337 48.16 6.17 -45.05
C PHE D 337 49.63 6.43 -44.76
N SER D 338 50.24 7.33 -45.53
CA SER D 338 51.67 7.68 -45.29
C SER D 338 51.75 8.64 -44.11
N GLU D 339 52.97 8.91 -43.62
CA GLU D 339 53.15 9.87 -42.49
C GLU D 339 53.12 11.29 -43.08
N ILE D 340 53.08 11.40 -44.41
CA ILE D 340 53.00 12.74 -45.06
C ILE D 340 51.52 13.05 -45.38
N PHE D 341 50.59 12.24 -44.87
CA PHE D 341 49.20 12.57 -45.09
C PHE D 341 48.42 12.46 -43.79
N PRO D 342 47.36 13.24 -43.60
CA PRO D 342 46.40 13.07 -42.56
C PRO D 342 45.59 11.89 -43.01
N THR D 343 44.88 11.23 -42.12
CA THR D 343 44.03 10.13 -42.54
C THR D 343 42.77 10.68 -43.17
N ALA D 344 42.92 11.11 -44.40
CA ALA D 344 41.91 11.79 -45.15
C ALA D 344 40.87 10.86 -45.72
N ILE D 345 40.03 10.36 -44.84
CA ILE D 345 38.96 9.47 -45.20
C ILE D 345 37.69 10.28 -45.20
N LYS D 346 37.02 10.38 -46.35
CA LYS D 346 35.81 11.24 -46.47
C LYS D 346 34.57 10.39 -46.71
N ALA D 347 33.51 10.61 -45.93
CA ALA D 347 32.31 9.81 -46.09
C ALA D 347 31.06 10.63 -45.91
N ASP D 348 30.05 10.32 -46.70
CA ASP D 348 28.73 10.96 -46.60
C ASP D 348 27.72 10.14 -47.39
N SER D 349 26.45 10.54 -47.42
CA SER D 349 25.46 9.80 -48.19
C SER D 349 24.50 10.62 -49.07
N THR D 350 24.02 9.94 -50.11
CA THR D 350 23.07 10.46 -51.09
C THR D 350 21.79 9.67 -51.20
N THR D 351 20.97 10.04 -52.17
CA THR D 351 19.65 9.47 -52.42
C THR D 351 19.56 8.01 -52.87
N LEU D 352 18.64 7.29 -52.21
CA LEU D 352 18.39 5.87 -52.57
C LEU D 352 17.15 5.78 -53.47
N THR D 353 17.22 4.98 -54.52
CA THR D 353 16.23 4.74 -55.52
C THR D 353 15.66 3.33 -55.54
N ASP D 354 16.37 2.39 -54.91
CA ASP D 354 16.03 0.98 -54.90
C ASP D 354 15.17 0.67 -53.68
N GLU D 355 13.91 0.40 -53.91
CA GLU D 355 12.93 0.22 -52.84
C GLU D 355 13.16 -1.03 -52.00
N LYS D 356 14.04 -1.93 -52.44
CA LYS D 356 14.30 -3.14 -51.67
C LYS D 356 15.44 -2.99 -50.68
N LEU D 357 16.19 -1.90 -50.72
CA LEU D 357 17.32 -1.78 -49.81
C LEU D 357 17.23 -0.61 -48.87
N ALA D 358 17.49 -0.89 -47.60
CA ALA D 358 17.50 0.15 -46.59
C ALA D 358 18.59 1.18 -46.84
N ARG D 359 19.74 0.71 -47.31
CA ARG D 359 20.89 1.55 -47.60
C ARG D 359 21.90 0.77 -48.39
N SER D 360 22.86 1.47 -48.95
CA SER D 360 23.93 0.81 -49.71
C SER D 360 25.15 1.69 -49.83
N GLY D 361 26.23 1.17 -50.38
CA GLY D 361 27.37 2.05 -50.62
C GLY D 361 28.51 1.46 -51.44
N ILE D 362 29.40 2.36 -51.85
CA ILE D 362 30.56 2.03 -52.66
C ILE D 362 31.74 2.90 -52.26
N THR D 363 32.95 2.36 -52.35
CA THR D 363 34.08 3.22 -52.05
C THR D 363 35.01 3.29 -53.23
N LEU D 364 35.77 4.38 -53.26
CA LEU D 364 36.81 4.61 -54.25
C LEU D 364 38.13 4.73 -53.51
N MET D 365 39.08 3.87 -53.84
CA MET D 365 40.32 3.87 -53.11
C MET D 365 41.55 4.06 -53.94
N ASN D 366 42.46 4.88 -53.46
CA ASN D 366 43.73 5.02 -54.14
C ASN D 366 44.67 4.34 -53.18
N HIS D 367 45.04 3.11 -53.53
CA HIS D 367 45.77 2.22 -52.63
C HIS D 367 46.87 1.50 -53.38
N SER D 368 48.01 1.35 -52.71
CA SER D 368 49.21 0.75 -53.30
C SER D 368 49.06 -0.68 -53.74
N GLY D 369 48.01 -1.37 -53.29
CA GLY D 369 47.77 -2.75 -53.65
C GLY D 369 47.54 -2.93 -55.15
N VAL D 370 47.25 -1.86 -55.87
CA VAL D 370 47.09 -1.98 -57.31
C VAL D 370 48.37 -2.47 -57.96
N ALA D 371 49.50 -2.12 -57.36
CA ALA D 371 50.79 -2.48 -57.86
C ALA D 371 50.96 -3.98 -57.93
N ASN D 372 50.24 -4.73 -57.09
CA ASN D 372 50.36 -6.16 -57.06
C ASN D 372 49.71 -6.79 -58.27
N LEU D 373 48.65 -6.16 -58.79
CA LEU D 373 47.98 -6.70 -59.97
C LEU D 373 48.84 -6.42 -61.15
N PHE D 374 49.43 -5.23 -61.16
CA PHE D 374 50.28 -4.89 -62.27
C PHE D 374 51.49 -5.80 -62.28
N GLN D 375 52.09 -6.09 -61.12
CA GLN D 375 53.25 -6.96 -61.13
C GLN D 375 52.87 -8.36 -61.54
N PHE D 376 51.71 -8.84 -61.15
CA PHE D 376 51.31 -10.18 -61.56
C PHE D 376 51.27 -10.29 -63.06
N LEU D 377 50.61 -9.34 -63.70
CA LEU D 377 50.48 -9.35 -65.14
C LEU D 377 51.82 -9.11 -65.82
N LEU D 378 52.66 -8.26 -65.23
CA LEU D 378 53.93 -7.97 -65.82
C LEU D 378 54.83 -9.19 -65.78
N THR D 379 54.81 -9.96 -64.71
CA THR D 379 55.63 -11.15 -64.67
C THR D 379 55.21 -12.10 -65.79
N GLN D 380 53.90 -12.27 -66.00
CA GLN D 380 53.47 -13.18 -67.06
C GLN D 380 53.93 -12.67 -68.42
N PHE D 381 53.88 -11.35 -68.62
CA PHE D 381 54.33 -10.71 -69.84
C PHE D 381 55.77 -11.06 -70.10
N GLU D 382 56.61 -10.90 -69.09
CA GLU D 382 58.03 -11.16 -69.26
C GLU D 382 58.32 -12.60 -69.59
N LEU D 383 57.62 -13.56 -68.98
CA LEU D 383 57.92 -14.95 -69.33
C LEU D 383 57.65 -15.22 -70.79
N MET D 384 56.56 -14.66 -71.31
CA MET D 384 56.24 -14.87 -72.70
C MET D 384 57.14 -14.08 -73.62
N TYR D 385 57.36 -12.82 -73.30
CA TYR D 385 58.11 -11.94 -74.17
C TYR D 385 59.52 -12.41 -74.36
N ASP D 386 60.17 -12.79 -73.28
CA ASP D 386 61.57 -13.18 -73.32
C ASP D 386 61.83 -14.43 -74.14
N HIS D 387 60.79 -15.19 -74.45
CA HIS D 387 60.95 -16.39 -75.25
C HIS D 387 60.14 -16.29 -76.55
N ASP D 388 59.76 -15.06 -76.92
CA ASP D 388 58.99 -14.74 -78.12
C ASP D 388 57.67 -15.48 -78.30
N ALA D 389 56.93 -15.78 -77.24
CA ALA D 389 55.72 -16.53 -77.51
C ALA D 389 54.70 -15.62 -78.14
N PHE D 390 54.13 -16.04 -79.26
CA PHE D 390 53.08 -15.29 -79.93
C PHE D 390 53.45 -13.88 -80.32
N THR D 391 54.72 -13.56 -80.54
CA THR D 391 55.02 -12.18 -80.88
C THR D 391 54.91 -11.95 -82.36
N THR D 392 54.95 -13.00 -83.15
CA THR D 392 54.87 -12.85 -84.59
C THR D 392 53.55 -12.26 -84.98
N TRP D 393 52.50 -12.54 -84.23
CA TRP D 393 51.20 -12.06 -84.58
C TRP D 393 51.08 -10.55 -84.42
N TYR D 394 51.91 -9.96 -83.58
CA TYR D 394 51.84 -8.53 -83.37
C TYR D 394 52.81 -7.84 -84.33
N TYR D 395 53.93 -8.49 -84.61
CA TYR D 395 54.94 -7.91 -85.48
C TYR D 395 54.40 -7.82 -86.89
N GLN D 396 53.56 -8.77 -87.26
CA GLN D 396 52.96 -8.83 -88.58
C GLN D 396 52.02 -7.68 -88.84
N GLU D 397 51.59 -6.97 -87.79
CA GLU D 397 50.69 -5.86 -87.99
C GLU D 397 51.30 -4.53 -87.57
N GLY D 398 52.63 -4.46 -87.55
CA GLY D 398 53.33 -3.22 -87.26
C GLY D 398 53.91 -2.99 -85.87
N MET D 399 53.81 -3.94 -84.95
CA MET D 399 54.41 -3.62 -83.67
C MET D 399 55.89 -3.92 -83.59
N GLN D 400 56.67 -2.97 -84.03
CA GLN D 400 58.11 -3.11 -84.03
C GLN D 400 58.45 -3.51 -82.58
N PRO D 401 59.38 -4.45 -82.32
CA PRO D 401 59.75 -4.95 -81.00
C PRO D 401 60.03 -3.94 -79.89
N SER D 402 60.56 -2.76 -80.21
CA SER D 402 60.85 -1.79 -79.16
C SER D 402 59.58 -1.26 -78.51
N GLU D 403 58.45 -1.49 -79.15
CA GLU D 403 57.15 -1.06 -78.67
C GLU D 403 56.80 -1.87 -77.41
N PHE D 404 57.18 -3.15 -77.40
CA PHE D 404 56.92 -4.04 -76.28
C PHE D 404 57.85 -3.69 -75.16
N GLU D 405 59.09 -3.40 -75.52
CA GLU D 405 60.09 -3.06 -74.52
C GLU D 405 59.71 -1.77 -73.80
N ALA D 406 59.18 -0.80 -74.54
CA ALA D 406 58.79 0.43 -73.91
C ALA D 406 57.67 0.20 -72.91
N ALA D 407 56.68 -0.63 -73.26
CA ALA D 407 55.59 -0.88 -72.35
C ALA D 407 56.08 -1.58 -71.08
N LYS D 408 57.01 -2.50 -71.26
CA LYS D 408 57.59 -3.22 -70.15
C LYS D 408 58.23 -2.28 -69.16
N ASN D 409 59.00 -1.34 -69.66
CA ASN D 409 59.67 -0.42 -68.77
C ASN D 409 58.71 0.55 -68.10
N ASN D 410 57.73 1.06 -68.84
CA ASN D 410 56.76 2.02 -68.24
C ASN D 410 56.02 1.35 -67.07
N ILE D 411 55.57 0.11 -67.24
CA ILE D 411 54.81 -0.51 -66.18
C ILE D 411 55.72 -0.81 -65.01
N GLN D 412 56.95 -1.26 -65.24
CA GLN D 412 57.77 -1.53 -64.07
C GLN D 412 57.97 -0.24 -63.27
N LYS D 413 58.10 0.92 -63.97
CA LYS D 413 58.24 2.19 -63.27
C LYS D 413 56.98 2.53 -62.49
N LEU D 414 55.81 2.24 -63.06
CA LEU D 414 54.55 2.53 -62.39
C LEU D 414 54.41 1.72 -61.12
N ILE D 415 54.80 0.45 -61.17
CA ILE D 415 54.75 -0.43 -60.02
C ILE D 415 55.66 0.10 -58.94
N THR D 416 56.86 0.49 -59.35
CA THR D 416 57.85 1.01 -58.44
C THR D 416 57.31 2.23 -57.72
N GLU D 417 56.67 3.14 -58.45
CA GLU D 417 56.12 4.35 -57.84
C GLU D 417 54.98 4.06 -56.87
N TYR D 418 54.08 3.12 -57.18
CA TYR D 418 53.00 2.85 -56.24
C TYR D 418 53.48 2.22 -54.96
N LYS D 419 54.57 1.48 -55.03
CA LYS D 419 55.08 0.84 -53.84
C LYS D 419 56.02 1.71 -53.01
N GLN D 420 56.22 2.96 -53.41
CA GLN D 420 57.20 3.82 -52.69
C GLN D 420 56.87 3.85 -51.19
N ASP D 421 55.60 4.02 -50.83
CA ASP D 421 55.22 4.17 -49.39
C ASP D 421 55.32 2.82 -48.67
N GLU D 422 55.28 1.71 -49.41
CA GLU D 422 55.43 0.37 -48.77
C GLU D 422 56.79 0.30 -48.09
N TYR D 423 57.85 0.71 -48.76
CA TYR D 423 59.21 0.71 -48.17
C TYR D 423 59.29 1.79 -47.09
N ALA E 2 -29.03 -4.62 -84.55
CA ALA E 2 -28.58 -3.67 -85.55
C ALA E 2 -27.38 -4.20 -86.34
N GLY E 3 -26.29 -4.62 -85.67
CA GLY E 3 -25.05 -5.11 -86.31
C GLY E 3 -25.19 -6.53 -86.83
N GLU E 4 -26.16 -6.73 -87.72
CA GLU E 4 -26.51 -8.03 -88.26
C GLU E 4 -25.48 -8.46 -89.29
N ILE E 5 -25.13 -9.73 -89.28
CA ILE E 5 -24.08 -10.21 -90.19
C ILE E 5 -24.55 -11.18 -91.24
N VAL E 6 -24.17 -10.94 -92.47
CA VAL E 6 -24.51 -11.86 -93.55
C VAL E 6 -23.25 -12.57 -93.99
N CYS E 7 -23.24 -13.89 -93.89
CA CYS E 7 -22.05 -14.63 -94.29
C CYS E 7 -22.20 -15.12 -95.71
N ILE E 8 -21.12 -15.16 -96.45
CA ILE E 8 -21.13 -15.70 -97.79
C ILE E 8 -20.09 -16.80 -97.84
N GLN E 9 -20.48 -17.97 -98.26
CA GLN E 9 -19.59 -19.12 -98.28
C GLN E 9 -19.34 -19.53 -99.70
N VAL E 10 -18.11 -19.46 -100.20
CA VAL E 10 -17.95 -19.79 -101.61
C VAL E 10 -16.97 -20.92 -101.84
N GLY E 11 -17.43 -21.95 -102.50
CA GLY E 11 -16.60 -23.09 -102.86
C GLY E 11 -16.52 -24.15 -101.78
N GLN E 12 -15.87 -25.27 -102.07
CA GLN E 12 -15.83 -26.37 -101.13
C GLN E 12 -15.14 -26.05 -99.82
N ALA E 13 -14.00 -25.37 -99.86
CA ALA E 13 -13.32 -25.08 -98.61
C ALA E 13 -14.14 -24.10 -97.83
N GLY E 14 -14.75 -23.18 -98.56
CA GLY E 14 -15.52 -22.12 -97.93
C GLY E 14 -16.67 -22.71 -97.16
N ASN E 15 -17.33 -23.70 -97.76
CA ASN E 15 -18.46 -24.31 -97.14
C ASN E 15 -18.07 -25.19 -95.97
N GLN E 16 -16.94 -25.89 -96.07
CA GLN E 16 -16.56 -26.74 -94.96
C GLN E 16 -16.10 -25.96 -93.75
N ILE E 17 -15.40 -24.86 -93.97
CA ILE E 17 -14.92 -24.05 -92.88
C ILE E 17 -16.07 -23.35 -92.23
N ALA E 18 -16.93 -22.74 -93.04
CA ALA E 18 -18.08 -22.06 -92.51
C ALA E 18 -18.98 -23.04 -91.80
N GLY E 19 -19.09 -24.25 -92.29
CA GLY E 19 -19.91 -25.25 -91.68
C GLY E 19 -19.45 -25.48 -90.25
N ALA E 20 -18.14 -25.68 -90.05
CA ALA E 20 -17.62 -25.91 -88.71
C ALA E 20 -17.93 -24.72 -87.83
N PHE E 21 -17.83 -23.51 -88.37
CA PHE E 21 -18.18 -22.32 -87.61
C PHE E 21 -19.61 -22.34 -87.16
N TRP E 22 -20.52 -22.58 -88.07
CA TRP E 22 -21.91 -22.53 -87.71
C TRP E 22 -22.27 -23.52 -86.65
N GLN E 23 -21.70 -24.72 -86.73
CA GLN E 23 -22.00 -25.72 -85.74
C GLN E 23 -21.40 -25.37 -84.37
N LYS E 24 -20.29 -24.62 -84.33
CA LYS E 24 -19.77 -24.22 -83.03
C LYS E 24 -20.59 -23.06 -82.44
N ILE E 25 -21.09 -22.16 -83.30
CA ILE E 25 -21.91 -21.04 -82.86
C ILE E 25 -23.17 -21.57 -82.22
N CYS E 26 -23.75 -22.59 -82.83
CA CYS E 26 -24.95 -23.21 -82.34
C CYS E 26 -24.71 -23.93 -81.00
N ALA E 27 -23.48 -24.17 -80.62
CA ALA E 27 -23.29 -24.83 -79.36
C ALA E 27 -23.25 -23.78 -78.27
N GLU E 28 -22.61 -22.65 -78.56
CA GLU E 28 -22.47 -21.59 -77.53
C GLU E 28 -23.83 -20.95 -77.27
N HIS E 29 -24.66 -20.78 -78.31
CA HIS E 29 -25.96 -20.06 -78.14
C HIS E 29 -27.01 -21.03 -77.59
N GLY E 30 -26.85 -22.32 -77.84
CA GLY E 30 -27.81 -23.33 -77.36
C GLY E 30 -28.86 -23.65 -78.42
N ILE E 31 -28.41 -24.05 -79.61
CA ILE E 31 -29.35 -24.37 -80.73
C ILE E 31 -28.99 -25.78 -81.23
N ASP E 32 -29.94 -26.55 -81.75
CA ASP E 32 -29.56 -27.86 -82.26
C ASP E 32 -28.79 -27.72 -83.59
N PRO E 33 -27.50 -28.10 -83.68
CA PRO E 33 -26.63 -27.94 -84.84
C PRO E 33 -27.13 -28.66 -86.08
N VAL E 34 -28.05 -29.61 -85.93
CA VAL E 34 -28.54 -30.31 -87.12
C VAL E 34 -30.00 -30.04 -87.45
N ASN E 35 -30.64 -29.18 -86.68
CA ASN E 35 -32.06 -28.85 -86.91
C ASN E 35 -32.33 -27.35 -86.92
N GLY E 36 -31.60 -26.61 -86.11
CA GLY E 36 -31.83 -25.18 -85.93
C GLY E 36 -32.87 -24.94 -84.83
N LYS E 37 -33.44 -26.03 -84.33
CA LYS E 37 -34.55 -25.86 -83.36
C LYS E 37 -33.99 -25.66 -81.95
N ALA E 38 -34.56 -24.70 -81.23
CA ALA E 38 -34.15 -24.43 -79.86
C ALA E 38 -35.31 -23.95 -79.04
N ILE E 39 -35.25 -24.20 -77.75
CA ILE E 39 -36.27 -23.66 -76.87
C ILE E 39 -35.68 -22.51 -76.06
N ASP E 40 -34.55 -22.78 -75.42
CA ASP E 40 -33.91 -21.82 -74.56
C ASP E 40 -32.52 -21.49 -75.08
N VAL E 41 -32.32 -20.26 -75.51
CA VAL E 41 -31.06 -19.85 -76.07
C VAL E 41 -30.53 -18.68 -75.28
N VAL E 42 -29.25 -18.43 -75.42
CA VAL E 42 -28.62 -17.32 -74.74
C VAL E 42 -27.88 -16.48 -75.73
N GLY E 43 -27.56 -15.25 -75.35
CA GLY E 43 -26.77 -14.37 -76.19
C GLY E 43 -27.67 -13.65 -77.16
N ASP E 44 -27.09 -12.80 -78.00
CA ASP E 44 -27.84 -12.05 -78.97
C ASP E 44 -27.87 -12.83 -80.28
N THR E 45 -28.83 -13.74 -80.42
CA THR E 45 -28.87 -14.66 -81.53
C THR E 45 -29.28 -14.00 -82.81
N ASP E 46 -29.81 -12.81 -82.70
CA ASP E 46 -30.28 -12.07 -83.86
C ASP E 46 -29.13 -11.60 -84.74
N ILE E 47 -27.91 -11.58 -84.23
CA ILE E 47 -26.83 -11.10 -85.07
C ILE E 47 -26.57 -12.07 -86.23
N PHE E 48 -26.56 -13.36 -85.94
CA PHE E 48 -26.32 -14.35 -86.99
C PHE E 48 -27.53 -15.20 -87.42
N PHE E 49 -28.61 -15.24 -86.65
CA PHE E 49 -29.72 -16.11 -87.05
C PHE E 49 -31.02 -15.38 -87.25
N ASN E 50 -31.78 -15.82 -88.24
CA ASN E 50 -33.11 -15.32 -88.50
C ASN E 50 -34.09 -16.24 -87.78
N THR E 51 -34.71 -15.77 -86.72
CA THR E 51 -35.53 -16.72 -85.98
C THR E 51 -36.98 -16.68 -86.43
N ILE E 52 -37.48 -17.84 -86.84
CA ILE E 52 -38.85 -18.01 -87.25
C ILE E 52 -39.46 -19.11 -86.41
N GLY E 53 -40.47 -18.78 -85.61
CA GLY E 53 -41.00 -19.80 -84.71
C GLY E 53 -39.90 -20.19 -83.74
N ASP E 54 -39.62 -21.47 -83.61
CA ASP E 54 -38.57 -21.93 -82.72
C ASP E 54 -37.33 -22.38 -83.49
N LYS E 55 -37.25 -22.02 -84.78
CA LYS E 55 -36.10 -22.38 -85.61
C LYS E 55 -35.19 -21.19 -85.87
N TYR E 56 -33.92 -21.39 -85.60
CA TYR E 56 -32.91 -20.37 -85.79
C TYR E 56 -32.20 -20.65 -87.09
N ILE E 57 -32.40 -19.78 -88.06
CA ILE E 57 -31.86 -20.00 -89.39
C ILE E 57 -30.63 -19.16 -89.61
N PRO E 58 -29.44 -19.74 -89.80
CA PRO E 58 -28.24 -18.99 -89.92
C PRO E 58 -28.36 -18.16 -91.15
N ARG E 59 -27.92 -16.90 -91.06
CA ARG E 59 -27.92 -15.98 -92.23
C ARG E 59 -26.66 -16.20 -93.04
N ALA E 60 -26.74 -16.97 -94.12
CA ALA E 60 -25.62 -17.26 -94.95
C ALA E 60 -26.08 -17.47 -96.36
N VAL E 61 -25.22 -17.15 -97.28
CA VAL E 61 -25.46 -17.39 -98.68
C VAL E 61 -24.49 -18.48 -99.07
N VAL E 62 -24.99 -19.59 -99.54
CA VAL E 62 -24.09 -20.69 -99.85
C VAL E 62 -23.91 -20.80 -101.34
N VAL E 63 -22.69 -20.65 -101.78
CA VAL E 63 -22.43 -20.56 -103.19
C VAL E 63 -21.47 -21.57 -103.77
N ASP E 64 -21.87 -22.19 -104.86
CA ASP E 64 -20.95 -23.07 -105.55
C ASP E 64 -21.21 -23.03 -107.06
N LEU E 65 -20.41 -23.75 -107.82
CA LEU E 65 -20.59 -23.88 -109.26
C LEU E 65 -20.89 -25.34 -109.49
N GLU E 66 -20.72 -26.10 -108.42
CA GLU E 66 -20.94 -27.54 -108.37
C GLU E 66 -22.43 -27.88 -108.65
N PRO E 67 -22.74 -28.85 -109.52
CA PRO E 67 -24.08 -29.32 -109.87
C PRO E 67 -24.99 -29.82 -108.74
N ALA E 68 -24.47 -30.28 -107.60
CA ALA E 68 -25.37 -30.79 -106.56
C ALA E 68 -25.01 -30.32 -105.17
N VAL E 69 -24.84 -29.02 -105.03
CA VAL E 69 -24.46 -28.46 -103.76
C VAL E 69 -25.52 -28.63 -102.67
N VAL E 70 -26.82 -28.67 -102.99
CA VAL E 70 -27.78 -28.78 -101.90
C VAL E 70 -27.73 -30.13 -101.23
N GLU E 71 -27.70 -31.20 -102.00
CA GLU E 71 -27.68 -32.53 -101.46
C GLU E 71 -26.43 -32.75 -100.64
N ASN E 72 -25.33 -32.15 -101.08
CA ASN E 72 -24.03 -32.28 -100.42
C ASN E 72 -24.04 -31.61 -99.04
N ILE E 73 -24.99 -30.73 -98.81
CA ILE E 73 -25.10 -30.03 -97.54
C ILE E 73 -26.01 -30.79 -96.65
N ARG E 74 -27.15 -31.23 -97.17
CA ARG E 74 -28.11 -32.02 -96.35
C ARG E 74 -27.38 -33.20 -95.71
N GLU E 75 -26.51 -33.86 -96.46
CA GLU E 75 -25.80 -35.03 -95.95
C GLU E 75 -24.89 -34.74 -94.77
N LYS E 76 -24.39 -33.50 -94.61
CA LYS E 76 -23.49 -33.25 -93.51
C LYS E 76 -24.06 -32.31 -92.45
N PHE E 77 -24.89 -31.35 -92.85
CA PHE E 77 -25.40 -30.35 -91.95
C PHE E 77 -26.90 -30.46 -91.64
N GLY E 78 -27.54 -31.56 -92.05
CA GLY E 78 -28.94 -31.75 -91.73
C GLY E 78 -29.80 -30.68 -92.35
N THR E 79 -30.61 -30.05 -91.53
CA THR E 79 -31.51 -29.02 -92.01
C THR E 79 -31.18 -27.66 -91.41
N LEU E 80 -29.94 -27.51 -90.95
CA LEU E 80 -29.54 -26.25 -90.35
C LEU E 80 -29.61 -25.09 -91.35
N PHE E 81 -29.28 -25.33 -92.60
CA PHE E 81 -29.28 -24.26 -93.58
C PHE E 81 -30.57 -24.29 -94.38
N ASP E 82 -31.10 -23.12 -94.69
CA ASP E 82 -32.32 -22.98 -95.48
C ASP E 82 -32.00 -23.14 -96.96
N PRO E 83 -32.52 -24.17 -97.68
CA PRO E 83 -32.26 -24.48 -99.07
C PRO E 83 -32.48 -23.32 -100.03
N LYS E 84 -33.29 -22.34 -99.65
CA LYS E 84 -33.55 -21.22 -100.54
C LYS E 84 -32.31 -20.34 -100.68
N SER E 85 -31.38 -20.46 -99.74
CA SER E 85 -30.17 -19.68 -99.73
C SER E 85 -29.01 -20.41 -100.37
N ILE E 86 -29.25 -21.60 -100.92
CA ILE E 86 -28.16 -22.34 -101.51
C ILE E 86 -28.20 -22.24 -103.02
N VAL E 87 -27.13 -21.73 -103.60
CA VAL E 87 -27.05 -21.52 -105.03
C VAL E 87 -26.17 -22.56 -105.70
N SER E 88 -26.82 -23.43 -106.47
CA SER E 88 -26.15 -24.51 -107.17
C SER E 88 -25.66 -24.05 -108.51
N GLY E 89 -24.69 -24.78 -109.06
CA GLY E 89 -24.12 -24.41 -110.37
C GLY E 89 -24.43 -25.48 -111.41
N ALA E 90 -23.75 -25.44 -112.56
CA ALA E 90 -24.08 -26.38 -113.65
C ALA E 90 -22.90 -27.30 -113.95
N ASP E 91 -21.71 -26.71 -114.17
CA ASP E 91 -20.51 -27.51 -114.51
C ASP E 91 -19.51 -27.43 -113.36
N GLY E 92 -18.79 -26.31 -113.24
CA GLY E 92 -17.79 -26.15 -112.18
C GLY E 92 -16.55 -25.46 -112.70
N ALA E 93 -15.71 -24.90 -111.82
CA ALA E 93 -14.44 -24.28 -112.27
C ALA E 93 -13.28 -25.19 -111.90
N GLY E 94 -12.60 -25.75 -112.90
CA GLY E 94 -11.50 -26.69 -112.65
C GLY E 94 -10.23 -26.06 -112.14
N ASN E 95 -10.27 -25.51 -110.93
CA ASN E 95 -9.12 -24.84 -110.35
C ASN E 95 -8.60 -23.79 -111.28
N ASN E 96 -9.51 -23.05 -111.86
CA ASN E 96 -9.16 -22.03 -112.78
C ASN E 96 -9.89 -20.77 -112.47
N PHE E 97 -9.14 -19.79 -111.99
CA PHE E 97 -9.68 -18.51 -111.59
C PHE E 97 -10.52 -17.94 -112.72
N ALA E 98 -10.06 -18.08 -113.96
CA ALA E 98 -10.74 -17.50 -115.10
C ALA E 98 -12.13 -18.05 -115.33
N ILE E 99 -12.42 -19.25 -114.82
CA ILE E 99 -13.73 -19.81 -115.02
C ILE E 99 -14.61 -19.31 -113.92
N GLY E 100 -14.09 -19.31 -112.71
CA GLY E 100 -14.90 -18.80 -111.63
C GLY E 100 -15.18 -17.30 -111.84
N PHE E 101 -14.22 -16.57 -112.40
CA PHE E 101 -14.32 -15.13 -112.58
C PHE E 101 -14.98 -14.70 -113.89
N ASN E 102 -14.61 -15.29 -115.03
CA ASN E 102 -15.22 -14.83 -116.27
C ASN E 102 -16.36 -15.75 -116.68
N GLU E 103 -16.03 -17.00 -116.95
CA GLU E 103 -17.00 -17.92 -117.54
C GLU E 103 -17.84 -18.68 -116.51
N HIS E 104 -18.60 -17.94 -115.71
CA HIS E 104 -19.43 -18.57 -114.68
C HIS E 104 -20.92 -18.63 -114.98
N GLY E 105 -21.38 -17.80 -115.90
CA GLY E 105 -22.80 -17.72 -116.21
C GLY E 105 -23.41 -16.52 -115.52
N ALA E 106 -24.06 -15.65 -116.30
CA ALA E 106 -24.66 -14.45 -115.72
C ALA E 106 -25.75 -14.81 -114.73
N GLU E 107 -26.49 -15.87 -115.03
CA GLU E 107 -27.60 -16.30 -114.22
C GLU E 107 -27.15 -16.78 -112.86
N THR E 108 -25.98 -17.42 -112.80
CA THR E 108 -25.48 -17.95 -111.55
C THR E 108 -25.22 -16.78 -110.64
N LEU E 109 -24.58 -15.75 -111.18
CA LEU E 109 -24.28 -14.60 -110.35
C LEU E 109 -25.53 -13.83 -109.96
N GLU E 110 -26.49 -13.70 -110.88
CA GLU E 110 -27.70 -12.97 -110.52
C GLU E 110 -28.41 -13.67 -109.40
N LYS E 111 -28.47 -15.01 -109.41
CA LYS E 111 -29.14 -15.68 -108.31
C LYS E 111 -28.42 -15.43 -107.01
N VAL E 112 -27.08 -15.41 -107.02
CA VAL E 112 -26.36 -15.17 -105.77
C VAL E 112 -26.74 -13.81 -105.27
N MET E 113 -26.76 -12.82 -106.15
CA MET E 113 -27.11 -11.48 -105.71
C MET E 113 -28.52 -11.37 -105.20
N GLN E 114 -29.48 -12.10 -105.78
CA GLN E 114 -30.83 -12.05 -105.27
C GLN E 114 -30.89 -12.61 -103.86
N VAL E 115 -30.13 -13.69 -103.62
CA VAL E 115 -30.11 -14.27 -102.29
C VAL E 115 -29.50 -13.28 -101.32
N VAL E 116 -28.42 -12.60 -101.71
CA VAL E 116 -27.80 -11.64 -100.82
C VAL E 116 -28.78 -10.53 -100.51
N GLU E 117 -29.48 -10.01 -101.53
CA GLU E 117 -30.43 -8.96 -101.28
C GLU E 117 -31.50 -9.42 -100.31
N GLN E 118 -31.98 -10.64 -100.41
CA GLN E 118 -32.99 -11.07 -99.46
C GLN E 118 -32.44 -11.12 -98.05
N ARG E 119 -31.20 -11.58 -97.90
CA ARG E 119 -30.63 -11.66 -96.57
C ARG E 119 -30.41 -10.30 -95.96
N VAL E 120 -30.05 -9.31 -96.79
CA VAL E 120 -29.84 -7.92 -96.27
C VAL E 120 -31.19 -7.23 -96.11
N SER E 121 -32.25 -7.81 -96.68
CA SER E 121 -33.60 -7.20 -96.61
C SER E 121 -34.31 -7.62 -95.32
N GLU E 122 -33.75 -8.59 -94.61
CA GLU E 122 -34.37 -9.09 -93.35
C GLU E 122 -33.57 -8.52 -92.17
N THR E 123 -32.91 -7.38 -92.38
CA THR E 123 -32.05 -6.78 -91.31
C THR E 123 -32.45 -5.33 -91.06
N GLU E 124 -32.45 -4.88 -89.80
CA GLU E 124 -32.73 -3.49 -89.45
C GLU E 124 -31.52 -2.66 -89.89
N SER E 125 -30.34 -3.30 -89.92
CA SER E 125 -29.10 -2.67 -90.36
C SER E 125 -28.09 -3.72 -90.82
N ILE E 126 -27.15 -3.37 -91.72
CA ILE E 126 -26.15 -4.36 -92.11
C ILE E 126 -24.87 -4.07 -91.35
N GLY E 127 -24.46 -4.98 -90.47
CA GLY E 127 -23.26 -4.80 -89.66
C GLY E 127 -22.00 -5.11 -90.43
N GLY E 128 -22.13 -5.91 -91.48
CA GLY E 128 -21.00 -6.30 -92.28
C GLY E 128 -21.23 -7.63 -92.94
N PHE E 129 -20.32 -7.96 -93.84
CA PHE E 129 -20.37 -9.23 -94.54
C PHE E 129 -19.13 -10.02 -94.20
N ILE E 130 -19.27 -11.34 -94.11
CA ILE E 130 -18.10 -12.18 -93.93
C ILE E 130 -18.01 -13.21 -95.04
N LEU E 131 -16.91 -13.21 -95.76
CA LEU E 131 -16.70 -14.16 -96.85
C LEU E 131 -15.70 -15.23 -96.47
N THR E 132 -16.09 -16.49 -96.62
CA THR E 132 -15.17 -17.58 -96.29
C THR E 132 -14.81 -18.32 -97.58
N HIS E 133 -13.51 -18.47 -97.85
CA HIS E 133 -13.10 -19.09 -99.14
C HIS E 133 -11.64 -19.57 -99.17
N SER E 134 -11.20 -20.12 -100.31
CA SER E 134 -9.82 -20.61 -100.49
C SER E 134 -9.23 -20.13 -101.81
N CYS E 135 -8.09 -19.46 -101.71
CA CYS E 135 -7.47 -18.77 -102.82
C CYS E 135 -6.95 -19.62 -103.97
N GLY E 136 -6.67 -20.90 -103.74
CA GLY E 136 -6.14 -21.73 -104.83
C GLY E 136 -7.19 -22.52 -105.62
N GLY E 137 -8.46 -22.33 -105.28
CA GLY E 137 -9.53 -23.10 -105.90
C GLY E 137 -10.00 -22.46 -107.20
N GLY E 138 -11.09 -23.00 -107.78
CA GLY E 138 -11.63 -22.42 -109.00
C GLY E 138 -12.91 -21.62 -108.76
N THR E 139 -13.54 -21.76 -107.59
CA THR E 139 -14.77 -21.03 -107.36
C THR E 139 -14.60 -20.10 -106.20
N GLY E 140 -13.86 -20.54 -105.18
CA GLY E 140 -13.64 -19.74 -103.97
C GLY E 140 -12.65 -18.63 -104.26
N SER E 141 -12.01 -18.76 -105.43
CA SER E 141 -11.03 -17.73 -105.87
C SER E 141 -11.72 -16.82 -106.88
N GLY E 142 -11.95 -17.30 -108.12
CA GLY E 142 -12.58 -16.46 -109.12
C GLY E 142 -14.02 -16.06 -108.86
N PHE E 143 -14.86 -16.94 -108.33
CA PHE E 143 -16.25 -16.54 -108.20
C PHE E 143 -16.34 -15.73 -106.94
N GLY E 144 -15.63 -16.17 -105.90
CA GLY E 144 -15.62 -15.45 -104.64
C GLY E 144 -15.11 -14.03 -104.86
N SER E 145 -14.15 -13.86 -105.77
CA SER E 145 -13.61 -12.55 -106.09
C SER E 145 -14.63 -11.71 -106.84
N LYS E 146 -15.39 -12.29 -107.76
CA LYS E 146 -16.39 -11.47 -108.42
C LYS E 146 -17.47 -11.08 -107.44
N ILE E 147 -17.79 -11.95 -106.51
CA ILE E 147 -18.76 -11.62 -105.51
C ILE E 147 -18.22 -10.45 -104.69
N LEU E 148 -16.96 -10.45 -104.26
CA LEU E 148 -16.52 -9.27 -103.49
C LEU E 148 -16.66 -8.01 -104.29
N LYS E 149 -16.34 -8.07 -105.57
CA LYS E 149 -16.45 -6.90 -106.41
C LYS E 149 -17.88 -6.45 -106.46
N THR E 150 -18.79 -7.39 -106.68
CA THR E 150 -20.19 -7.09 -106.85
C THR E 150 -20.81 -6.57 -105.55
N ILE E 151 -20.47 -7.17 -104.42
CA ILE E 151 -21.01 -6.76 -103.13
C ILE E 151 -20.55 -5.38 -102.81
N ARG E 152 -19.27 -5.09 -103.04
CA ARG E 152 -18.73 -3.76 -102.67
C ARG E 152 -19.31 -2.67 -103.58
N GLU E 153 -19.64 -3.00 -104.81
CA GLU E 153 -20.27 -2.02 -105.68
C GLU E 153 -21.71 -1.73 -105.25
N ARG E 154 -22.43 -2.76 -104.80
CA ARG E 154 -23.81 -2.55 -104.36
C ARG E 154 -23.91 -1.96 -102.95
N TYR E 155 -22.97 -2.34 -102.08
CA TYR E 155 -22.99 -1.88 -100.67
C TYR E 155 -21.65 -1.29 -100.31
N PRO E 156 -21.27 -0.11 -100.86
CA PRO E 156 -20.02 0.54 -100.45
C PRO E 156 -20.21 1.02 -99.02
N LYS E 157 -19.11 1.23 -98.28
CA LYS E 157 -19.17 1.73 -96.87
C LYS E 157 -19.67 0.64 -95.93
N VAL E 158 -19.60 -0.64 -96.33
CA VAL E 158 -19.99 -1.76 -95.42
C VAL E 158 -18.75 -2.64 -95.21
N PRO E 159 -18.31 -2.91 -93.96
CA PRO E 159 -17.08 -3.66 -93.74
C PRO E 159 -17.12 -5.11 -94.22
N ILE E 160 -16.28 -5.48 -95.21
CA ILE E 160 -16.22 -6.86 -95.63
C ILE E 160 -14.98 -7.53 -95.07
N PHE E 161 -15.20 -8.61 -94.35
CA PHE E 161 -14.11 -9.38 -93.82
C PHE E 161 -13.99 -10.66 -94.57
N THR E 162 -12.80 -10.97 -94.99
CA THR E 162 -12.61 -12.20 -95.70
C THR E 162 -11.68 -13.08 -94.93
N PHE E 163 -12.02 -14.34 -94.86
CA PHE E 163 -11.19 -15.34 -94.23
C PHE E 163 -10.73 -16.28 -95.29
N SER E 164 -9.44 -16.33 -95.54
CA SER E 164 -9.08 -17.17 -96.65
C SER E 164 -7.82 -17.96 -96.49
N ILE E 165 -7.86 -19.09 -97.17
CA ILE E 165 -6.75 -20.00 -97.19
C ILE E 165 -5.81 -19.70 -98.34
N PHE E 166 -4.57 -19.48 -97.98
CA PHE E 166 -3.51 -19.18 -98.92
C PHE E 166 -2.68 -20.42 -99.14
N PRO E 167 -1.84 -20.40 -100.20
CA PRO E 167 -0.97 -21.55 -100.38
C PRO E 167 -0.12 -21.81 -99.16
N SER E 168 0.26 -23.07 -98.96
CA SER E 168 1.12 -23.41 -97.85
C SER E 168 2.53 -23.03 -98.25
N PRO E 169 3.38 -22.74 -97.26
CA PRO E 169 4.73 -22.27 -97.55
C PRO E 169 5.65 -23.29 -98.22
N LYS E 170 5.56 -24.56 -97.87
CA LYS E 170 6.48 -25.55 -98.40
C LYS E 170 5.94 -26.27 -99.64
N ILE E 171 5.04 -27.21 -99.44
CA ILE E 171 4.46 -27.95 -100.55
C ILE E 171 3.26 -27.23 -101.15
N SER E 172 3.04 -27.39 -102.45
CA SER E 172 1.90 -26.77 -103.11
C SER E 172 0.92 -27.82 -103.60
N GLU E 173 -0.29 -27.41 -103.92
CA GLU E 173 -1.31 -28.35 -104.39
C GLU E 173 -1.22 -28.56 -105.90
N THR E 174 -1.68 -27.57 -106.67
CA THR E 174 -1.62 -27.68 -108.13
C THR E 174 -0.56 -26.74 -108.68
N VAL E 175 -0.14 -26.97 -109.92
CA VAL E 175 0.84 -26.02 -110.53
C VAL E 175 0.17 -24.66 -110.77
N VAL E 176 -1.13 -24.64 -111.05
CA VAL E 176 -1.82 -23.40 -111.34
C VAL E 176 -2.06 -22.54 -110.10
N GLU E 177 -1.80 -23.10 -108.93
CA GLU E 177 -2.14 -22.44 -107.69
C GLU E 177 -1.65 -21.00 -107.59
N PRO E 178 -0.40 -20.63 -107.93
CA PRO E 178 0.09 -19.26 -107.87
C PRO E 178 -0.66 -18.30 -108.80
N TYR E 179 -1.33 -18.78 -109.84
CA TYR E 179 -2.03 -17.83 -110.69
C TYR E 179 -3.33 -17.53 -110.03
N ASN E 180 -3.92 -18.56 -109.45
CA ASN E 180 -5.20 -18.39 -108.80
C ASN E 180 -4.99 -17.54 -107.57
N ALA E 181 -3.88 -17.76 -106.86
CA ALA E 181 -3.60 -17.03 -105.64
C ALA E 181 -3.34 -15.56 -105.88
N ILE E 182 -2.61 -15.19 -106.93
CA ILE E 182 -2.38 -13.79 -107.19
C ILE E 182 -3.60 -13.06 -107.63
N MET E 183 -4.37 -13.63 -108.53
CA MET E 183 -5.53 -12.88 -108.93
C MET E 183 -6.51 -12.75 -107.78
N THR E 184 -6.60 -13.75 -106.90
CA THR E 184 -7.49 -13.66 -105.78
C THR E 184 -6.99 -12.57 -104.85
N LEU E 185 -5.68 -12.51 -104.63
CA LEU E 185 -5.11 -11.50 -103.76
C LEU E 185 -5.31 -10.13 -104.34
N SER E 186 -5.18 -9.96 -105.65
CA SER E 186 -5.39 -8.66 -106.23
C SER E 186 -6.79 -8.16 -105.93
N ASN E 187 -7.79 -9.03 -106.05
CA ASN E 187 -9.14 -8.61 -105.74
C ASN E 187 -9.35 -8.41 -104.23
N LEU E 188 -8.65 -9.16 -103.38
CA LEU E 188 -8.78 -8.91 -101.95
C LEU E 188 -8.21 -7.54 -101.62
N ILE E 189 -7.12 -7.16 -102.30
CA ILE E 189 -6.50 -5.88 -102.07
C ILE E 189 -7.45 -4.76 -102.44
N LYS E 190 -8.12 -4.88 -103.57
CA LYS E 190 -9.06 -3.88 -104.01
C LYS E 190 -10.41 -3.83 -103.27
N TYR E 191 -10.97 -4.98 -102.87
CA TYR E 191 -12.31 -4.96 -102.31
C TYR E 191 -12.55 -5.30 -100.82
N ALA E 192 -11.67 -6.01 -100.12
CA ALA E 192 -11.99 -6.39 -98.73
C ALA E 192 -11.69 -5.22 -97.80
N SER E 193 -12.34 -5.14 -96.64
CA SER E 193 -11.96 -4.11 -95.68
C SER E 193 -10.81 -4.65 -94.85
N CYS E 194 -10.91 -5.93 -94.54
CA CYS E 194 -9.92 -6.70 -93.80
C CYS E 194 -9.84 -8.09 -94.34
N SER E 195 -8.65 -8.65 -94.35
CA SER E 195 -8.50 -10.02 -94.79
C SER E 195 -7.69 -10.78 -93.79
N ILE E 196 -8.14 -11.96 -93.41
CA ILE E 196 -7.39 -12.77 -92.48
C ILE E 196 -6.66 -13.83 -93.27
N VAL E 197 -5.36 -13.85 -93.13
CA VAL E 197 -4.55 -14.78 -93.87
C VAL E 197 -4.29 -16.01 -93.06
N LEU E 198 -4.76 -17.14 -93.57
CA LEU E 198 -4.61 -18.44 -92.94
C LEU E 198 -3.96 -19.41 -93.91
N ASP E 199 -3.27 -20.43 -93.41
CA ASP E 199 -2.87 -21.48 -94.35
C ASP E 199 -2.79 -22.83 -93.66
N ASN E 200 -2.72 -23.90 -94.45
CA ASN E 200 -2.74 -25.22 -93.85
C ASN E 200 -1.47 -25.68 -93.23
N GLU E 201 -0.33 -25.17 -93.65
CA GLU E 201 0.88 -25.67 -93.05
C GLU E 201 0.92 -25.21 -91.61
N ALA E 202 0.55 -23.96 -91.37
CA ALA E 202 0.58 -23.49 -90.01
C ALA E 202 -0.44 -24.21 -89.18
N LEU E 203 -1.62 -24.45 -89.76
CA LEU E 203 -2.66 -25.09 -89.00
C LEU E 203 -2.32 -26.53 -88.69
N PHE E 204 -1.65 -27.25 -89.60
CA PHE E 204 -1.31 -28.62 -89.28
C PHE E 204 -0.33 -28.69 -88.15
N SER E 205 0.65 -27.79 -88.09
CA SER E 205 1.59 -27.85 -86.99
C SER E 205 0.86 -27.63 -85.68
N ILE E 206 -0.12 -26.74 -85.69
CA ILE E 206 -0.89 -26.50 -84.49
C ILE E 206 -1.71 -27.73 -84.14
N ALA E 207 -2.37 -28.33 -85.12
CA ALA E 207 -3.19 -29.49 -84.84
C ALA E 207 -2.37 -30.64 -84.28
N GLU E 208 -1.15 -30.82 -84.76
CA GLU E 208 -0.33 -31.90 -84.26
C GLU E 208 0.33 -31.62 -82.91
N LYS E 209 0.61 -30.35 -82.59
CA LYS E 209 1.30 -30.04 -81.36
C LYS E 209 0.46 -29.46 -80.23
N LYS E 210 -0.63 -28.75 -80.54
CA LYS E 210 -1.43 -28.13 -79.49
C LYS E 210 -2.70 -28.92 -79.22
N LEU E 211 -3.23 -29.59 -80.23
CA LEU E 211 -4.41 -30.42 -80.01
C LEU E 211 -3.92 -31.82 -79.67
N GLU E 212 -4.72 -32.62 -78.98
CA GLU E 212 -4.31 -33.98 -78.66
C GLU E 212 -4.49 -34.98 -79.80
N VAL E 213 -5.15 -34.56 -80.87
CA VAL E 213 -5.45 -35.46 -81.97
C VAL E 213 -4.22 -35.99 -82.69
N GLU E 214 -4.21 -37.28 -82.89
CA GLU E 214 -3.16 -37.97 -83.59
C GLU E 214 -3.54 -38.09 -85.04
N ASN E 215 -2.63 -37.77 -85.95
CA ASN E 215 -2.89 -37.86 -87.37
C ASN E 215 -4.17 -37.12 -87.79
N PRO E 216 -4.26 -35.81 -87.56
CA PRO E 216 -5.41 -34.98 -87.86
C PRO E 216 -5.65 -34.88 -89.35
N SER E 217 -6.91 -34.74 -89.72
CA SER E 217 -7.30 -34.53 -91.10
C SER E 217 -7.84 -33.13 -91.23
N LEU E 218 -8.35 -32.78 -92.40
CA LEU E 218 -8.90 -31.44 -92.61
C LEU E 218 -10.11 -31.21 -91.70
N GLU E 219 -10.76 -32.29 -91.28
CA GLU E 219 -11.93 -32.17 -90.43
C GLU E 219 -11.54 -31.61 -89.08
N ASP E 220 -10.33 -31.92 -88.62
CA ASP E 220 -9.86 -31.47 -87.33
C ASP E 220 -9.25 -30.10 -87.50
N LEU E 221 -8.64 -29.90 -88.66
CA LEU E 221 -7.95 -28.66 -88.97
C LEU E 221 -8.95 -27.50 -89.01
N ASN E 222 -10.17 -27.81 -89.44
CA ASN E 222 -11.22 -26.82 -89.56
C ASN E 222 -11.76 -26.39 -88.22
N LEU E 223 -11.38 -27.07 -87.15
CA LEU E 223 -11.87 -26.67 -85.86
C LEU E 223 -10.94 -25.63 -85.28
N ILE E 224 -9.80 -25.43 -85.90
CA ILE E 224 -8.89 -24.42 -85.43
C ILE E 224 -9.36 -23.17 -86.11
N ILE E 225 -9.68 -23.29 -87.40
CA ILE E 225 -10.16 -22.12 -88.11
C ILE E 225 -11.48 -21.70 -87.51
N ALA E 226 -12.38 -22.66 -87.27
CA ALA E 226 -13.64 -22.29 -86.68
C ALA E 226 -13.42 -21.65 -85.32
N GLN E 227 -12.46 -22.12 -84.53
CA GLN E 227 -12.28 -21.47 -83.24
C GLN E 227 -11.86 -20.01 -83.42
N VAL E 228 -11.07 -19.71 -84.44
CA VAL E 228 -10.70 -18.32 -84.68
C VAL E 228 -11.96 -17.53 -85.00
N LEU E 229 -12.80 -18.07 -85.86
CA LEU E 229 -14.04 -17.43 -86.25
C LEU E 229 -15.04 -17.29 -85.11
N THR E 230 -15.14 -18.25 -84.21
CA THR E 230 -16.13 -18.03 -83.18
C THR E 230 -15.60 -17.02 -82.19
N ASN E 231 -14.31 -17.04 -81.87
CA ASN E 231 -13.84 -16.09 -80.87
C ASN E 231 -13.86 -14.66 -81.36
N VAL E 232 -13.60 -14.44 -82.64
CA VAL E 232 -13.55 -13.09 -83.17
C VAL E 232 -14.94 -12.43 -83.19
N THR E 233 -15.98 -13.23 -82.95
CA THR E 233 -17.36 -12.69 -83.05
C THR E 233 -18.02 -12.76 -81.67
N ALA E 234 -17.25 -13.02 -80.62
CA ALA E 234 -17.84 -13.21 -79.28
C ALA E 234 -18.52 -11.93 -78.79
N SER E 235 -17.80 -10.81 -78.82
CA SER E 235 -18.34 -9.52 -78.34
C SER E 235 -19.63 -9.19 -79.09
N LEU E 236 -19.64 -9.42 -80.41
CA LEU E 236 -20.87 -9.19 -81.20
C LEU E 236 -21.97 -10.08 -80.62
N ARG E 237 -21.73 -11.39 -80.54
CA ARG E 237 -22.77 -12.35 -80.10
C ARG E 237 -23.18 -12.15 -78.63
N PHE E 238 -22.26 -11.90 -77.70
CA PHE E 238 -22.64 -11.79 -76.31
C PHE E 238 -22.79 -10.36 -75.82
N SER E 239 -22.92 -9.42 -76.75
CA SER E 239 -23.11 -8.02 -76.41
C SER E 239 -22.09 -7.47 -75.44
N GLY E 240 -22.59 -6.79 -74.41
CA GLY E 240 -21.78 -6.17 -73.38
C GLY E 240 -21.96 -4.68 -73.50
N THR E 241 -21.73 -3.94 -72.42
CA THR E 241 -21.92 -2.50 -72.51
C THR E 241 -20.92 -1.92 -73.48
N LEU E 242 -19.69 -2.40 -73.40
CA LEU E 242 -18.63 -1.97 -74.30
C LEU E 242 -18.42 -3.17 -75.18
N ASN E 243 -18.26 -2.99 -76.49
CA ASN E 243 -18.08 -4.15 -77.35
C ASN E 243 -17.38 -3.88 -78.70
N LEU E 244 -17.17 -4.93 -79.48
CA LEU E 244 -16.53 -4.82 -80.80
C LEU E 244 -17.35 -5.34 -81.95
N ASP E 245 -17.60 -4.45 -82.90
CA ASP E 245 -18.29 -4.81 -84.11
C ASP E 245 -17.26 -4.89 -85.22
N LEU E 246 -17.68 -5.22 -86.41
CA LEU E 246 -16.71 -5.33 -87.50
C LEU E 246 -16.17 -3.97 -87.88
N GLY E 247 -16.97 -2.93 -87.72
CA GLY E 247 -16.52 -1.60 -88.03
C GLY E 247 -15.53 -1.06 -86.99
N LYS E 248 -15.43 -1.69 -85.82
CA LYS E 248 -14.50 -1.21 -84.82
C LYS E 248 -13.17 -1.80 -85.22
N LEU E 249 -13.19 -3.05 -85.70
CA LEU E 249 -11.96 -3.67 -86.11
C LEU E 249 -11.35 -3.02 -87.33
N VAL E 250 -12.17 -2.60 -88.29
CA VAL E 250 -11.58 -1.99 -89.46
C VAL E 250 -10.98 -0.66 -89.08
N THR E 251 -11.71 0.15 -88.32
CA THR E 251 -11.19 1.45 -87.97
C THR E 251 -9.89 1.34 -87.20
N ASN E 252 -9.82 0.44 -86.24
CA ASN E 252 -8.63 0.35 -85.43
C ASN E 252 -7.45 -0.39 -86.02
N LEU E 253 -7.66 -1.41 -86.84
CA LEU E 253 -6.53 -2.13 -87.36
C LEU E 253 -6.05 -1.71 -88.73
N VAL E 254 -6.78 -0.92 -89.50
CA VAL E 254 -6.27 -0.61 -90.81
C VAL E 254 -5.86 0.87 -90.97
N PRO E 255 -4.56 1.26 -90.80
CA PRO E 255 -4.12 2.64 -90.88
C PRO E 255 -4.13 3.23 -92.27
N PHE E 256 -4.04 2.38 -93.29
CA PHE E 256 -4.12 2.81 -94.68
C PHE E 256 -5.01 1.86 -95.43
N SER E 257 -5.65 2.33 -96.46
CA SER E 257 -6.59 1.49 -97.18
C SER E 257 -6.06 0.23 -97.82
N ASN E 258 -4.76 0.13 -98.14
CA ASN E 258 -4.29 -1.10 -98.77
C ASN E 258 -3.43 -1.98 -97.87
N LEU E 259 -3.44 -1.74 -96.56
CA LEU E 259 -2.62 -2.58 -95.68
C LEU E 259 -3.51 -3.25 -94.65
N HIS E 260 -4.52 -3.96 -95.11
CA HIS E 260 -5.52 -4.59 -94.28
C HIS E 260 -5.38 -6.10 -94.06
N PHE E 261 -4.25 -6.66 -94.43
CA PHE E 261 -4.05 -8.09 -94.27
C PHE E 261 -3.57 -8.42 -92.87
N LEU E 262 -4.38 -9.18 -92.15
CA LEU E 262 -4.15 -9.50 -90.75
C LEU E 262 -3.83 -10.95 -90.47
N MET E 263 -3.04 -11.14 -89.45
CA MET E 263 -2.73 -12.45 -88.90
C MET E 263 -3.70 -12.75 -87.79
N ALA E 264 -3.97 -14.02 -87.55
CA ALA E 264 -4.83 -14.40 -86.43
C ALA E 264 -4.19 -15.49 -85.60
N SER E 265 -4.49 -15.45 -84.29
CA SER E 265 -4.01 -16.41 -83.31
C SER E 265 -4.96 -16.62 -82.13
N THR E 266 -5.19 -17.86 -81.74
CA THR E 266 -6.01 -18.13 -80.56
C THR E 266 -5.45 -19.17 -79.63
N ALA E 267 -5.88 -19.08 -78.38
CA ALA E 267 -5.57 -20.11 -77.41
C ALA E 267 -6.60 -20.06 -76.29
N PRO E 268 -6.87 -21.18 -75.62
CA PRO E 268 -6.44 -22.54 -75.80
C PRO E 268 -7.22 -23.15 -76.94
N LEU E 269 -6.73 -24.22 -77.51
CA LEU E 269 -7.50 -24.93 -78.50
C LEU E 269 -8.02 -26.21 -77.91
N VAL E 270 -9.32 -26.32 -77.73
CA VAL E 270 -9.88 -27.47 -77.06
C VAL E 270 -10.94 -28.17 -77.90
N LEU E 271 -10.79 -29.47 -78.07
CA LEU E 271 -11.76 -30.27 -78.80
C LEU E 271 -12.88 -30.54 -77.85
N ALA E 272 -14.09 -30.75 -78.35
CA ALA E 272 -15.21 -30.96 -77.42
C ALA E 272 -14.93 -32.07 -76.43
N GLY E 273 -15.27 -31.80 -75.17
CA GLY E 273 -15.07 -32.73 -74.07
C GLY E 273 -14.15 -32.09 -73.04
N LYS E 274 -14.18 -32.57 -71.80
CA LYS E 274 -13.33 -31.94 -70.78
C LYS E 274 -11.90 -32.48 -70.84
N GLU E 275 -11.24 -32.16 -71.93
CA GLU E 275 -9.87 -32.60 -72.21
C GLU E 275 -8.85 -31.52 -71.86
N SER E 276 -9.36 -30.36 -71.49
CA SER E 276 -8.58 -29.20 -71.14
C SER E 276 -8.11 -29.20 -69.70
N TYR E 277 -7.16 -28.32 -69.42
CA TYR E 277 -6.67 -28.10 -68.07
C TYR E 277 -6.94 -26.66 -67.66
N GLU E 278 -7.36 -26.48 -66.43
CA GLU E 278 -7.69 -25.17 -65.91
C GLU E 278 -6.49 -24.32 -65.55
N LYS E 279 -5.79 -23.84 -66.58
CA LYS E 279 -4.62 -22.97 -66.38
C LYS E 279 -5.09 -21.68 -65.73
N MET E 280 -6.25 -21.22 -66.18
CA MET E 280 -6.93 -20.02 -65.71
C MET E 280 -6.08 -18.79 -65.65
N THR E 281 -5.10 -18.66 -66.50
CA THR E 281 -4.25 -17.52 -66.35
C THR E 281 -4.19 -16.70 -67.61
N ALA E 282 -4.63 -15.45 -67.49
CA ALA E 282 -4.65 -14.54 -68.61
C ALA E 282 -3.25 -14.26 -69.09
N LYS E 283 -2.31 -14.21 -68.16
CA LYS E 283 -0.94 -13.94 -68.49
C LYS E 283 -0.36 -15.01 -69.39
N GLU E 284 -0.72 -16.25 -69.12
CA GLU E 284 -0.22 -17.34 -69.90
C GLU E 284 -0.85 -17.34 -71.25
N LEU E 285 -2.14 -17.02 -71.31
CA LEU E 285 -2.79 -17.01 -72.60
C LEU E 285 -2.25 -15.88 -73.47
N SER E 286 -1.94 -14.72 -72.88
CA SER E 286 -1.38 -13.66 -73.70
C SER E 286 0.01 -14.06 -74.17
N ALA E 287 0.80 -14.69 -73.31
CA ALA E 287 2.12 -15.09 -73.72
C ALA E 287 2.05 -16.06 -74.88
N GLN E 288 1.08 -16.96 -74.85
CA GLN E 288 0.88 -17.92 -75.91
C GLN E 288 0.30 -17.32 -77.18
N VAL E 289 -0.65 -16.43 -77.08
CA VAL E 289 -1.31 -15.98 -78.30
C VAL E 289 -0.35 -15.16 -79.14
N PHE E 290 0.58 -14.46 -78.49
CA PHE E 290 1.58 -13.64 -79.15
C PHE E 290 2.87 -14.38 -79.48
N GLY E 291 2.94 -15.67 -79.21
CA GLY E 291 4.15 -16.40 -79.54
C GLY E 291 4.00 -16.80 -80.99
N ASP E 292 4.94 -17.55 -81.52
CA ASP E 292 4.80 -17.93 -82.92
C ASP E 292 4.02 -19.24 -83.08
N GLU E 293 4.01 -20.05 -82.03
CA GLU E 293 3.40 -21.37 -82.06
C GLU E 293 1.89 -21.44 -82.32
N TYR E 294 1.12 -20.39 -82.05
CA TYR E 294 -0.32 -20.43 -82.32
C TYR E 294 -0.73 -19.60 -83.52
N ILE E 295 0.22 -19.13 -84.30
CA ILE E 295 -0.13 -18.29 -85.43
C ILE E 295 -0.66 -19.19 -86.51
N CYS E 296 -1.79 -18.83 -87.09
CA CYS E 296 -2.44 -19.68 -88.08
C CYS E 296 -2.01 -19.45 -89.53
N ALA E 297 -0.81 -18.89 -89.72
CA ALA E 297 -0.24 -18.63 -91.04
C ALA E 297 1.27 -18.84 -91.02
N ALA E 298 1.83 -19.18 -92.17
CA ALA E 298 3.24 -19.47 -92.31
C ALA E 298 4.09 -18.24 -92.34
N CYS E 299 4.27 -17.69 -91.16
CA CYS E 299 5.00 -16.49 -90.89
C CYS E 299 5.52 -16.58 -89.48
N LYS E 300 6.44 -15.69 -89.10
CA LYS E 300 6.97 -15.69 -87.74
C LYS E 300 6.94 -14.30 -87.11
N PRO E 301 5.77 -13.85 -86.62
CA PRO E 301 5.47 -12.53 -86.11
C PRO E 301 6.37 -11.97 -85.05
N THR E 302 7.03 -12.81 -84.23
CA THR E 302 7.88 -12.21 -83.20
C THR E 302 9.12 -11.54 -83.77
N THR E 303 9.41 -11.75 -85.06
CA THR E 303 10.57 -11.13 -85.68
C THR E 303 10.22 -9.95 -86.55
N GLY E 304 8.95 -9.58 -86.60
CA GLY E 304 8.53 -8.47 -87.45
C GLY E 304 8.23 -7.23 -86.61
N ARG E 305 7.41 -6.33 -87.16
CA ARG E 305 7.05 -5.13 -86.45
C ARG E 305 5.55 -4.91 -86.60
N TYR E 306 4.87 -4.52 -85.52
CA TYR E 306 3.43 -4.33 -85.58
C TYR E 306 2.97 -2.92 -85.89
N LEU E 307 1.93 -2.82 -86.72
CA LEU E 307 1.43 -1.49 -86.98
C LEU E 307 0.34 -1.25 -85.98
N ALA E 308 -0.40 -2.31 -85.71
CA ALA E 308 -1.52 -2.31 -84.81
C ALA E 308 -1.86 -3.73 -84.48
N ALA E 309 -2.49 -3.92 -83.35
CA ALA E 309 -2.98 -5.25 -82.99
C ALA E 309 -4.17 -5.14 -82.06
N SER E 310 -4.97 -6.19 -82.00
CA SER E 310 -6.08 -6.18 -81.07
C SER E 310 -6.15 -7.46 -80.31
N VAL E 311 -6.57 -7.36 -79.07
CA VAL E 311 -6.73 -8.54 -78.26
C VAL E 311 -8.08 -8.59 -77.58
N LEU E 312 -8.78 -9.67 -77.79
CA LEU E 312 -10.06 -9.89 -77.15
C LEU E 312 -9.95 -11.01 -76.14
N PHE E 313 -10.28 -10.67 -74.91
CA PHE E 313 -10.24 -11.62 -73.84
C PHE E 313 -11.63 -12.11 -73.56
N ARG E 314 -11.79 -13.40 -73.36
CA ARG E 314 -13.07 -13.96 -73.02
C ARG E 314 -13.05 -14.62 -71.67
N GLY E 315 -14.17 -14.51 -70.97
CA GLY E 315 -14.36 -15.16 -69.69
C GLY E 315 -13.94 -14.27 -68.53
N ALA E 316 -13.82 -14.86 -67.35
CA ALA E 316 -13.57 -14.09 -66.14
C ALA E 316 -12.11 -13.71 -65.97
N VAL E 317 -11.67 -12.82 -66.83
CA VAL E 317 -10.33 -12.30 -66.85
C VAL E 317 -10.21 -11.08 -65.96
N LYS E 318 -9.23 -11.06 -65.07
CA LYS E 318 -9.05 -9.92 -64.19
C LYS E 318 -8.42 -8.74 -64.90
N THR E 319 -8.91 -7.54 -64.62
CA THR E 319 -8.39 -6.32 -65.20
C THR E 319 -6.91 -6.17 -64.90
N SER E 320 -6.53 -6.49 -63.69
CA SER E 320 -5.16 -6.36 -63.25
C SER E 320 -4.22 -7.25 -64.07
N ASP E 321 -4.68 -8.45 -64.46
CA ASP E 321 -3.83 -9.36 -65.18
C ASP E 321 -3.74 -8.93 -66.61
N VAL E 322 -4.80 -8.30 -67.12
CA VAL E 322 -4.71 -7.84 -68.48
C VAL E 322 -3.69 -6.75 -68.55
N ASN E 323 -3.69 -5.84 -67.59
CA ASN E 323 -2.75 -4.76 -67.67
C ASN E 323 -1.33 -5.24 -67.53
N GLU E 324 -1.07 -6.19 -66.63
CA GLU E 324 0.28 -6.65 -66.50
C GLU E 324 0.71 -7.48 -67.71
N ALA E 325 -0.20 -8.32 -68.20
CA ALA E 325 0.12 -9.16 -69.33
C ALA E 325 0.41 -8.34 -70.56
N MET E 326 -0.35 -7.28 -70.76
CA MET E 326 -0.11 -6.48 -71.94
C MET E 326 1.14 -5.65 -71.79
N ALA E 327 1.52 -5.29 -70.56
CA ALA E 327 2.75 -4.57 -70.39
C ALA E 327 3.92 -5.43 -70.86
N THR E 328 3.85 -6.73 -70.56
CA THR E 328 4.88 -7.67 -70.99
C THR E 328 4.95 -7.73 -72.50
N VAL E 329 3.80 -7.79 -73.14
CA VAL E 329 3.73 -7.84 -74.58
C VAL E 329 4.34 -6.61 -75.21
N LYS E 330 4.04 -5.43 -74.67
CA LYS E 330 4.61 -4.23 -75.23
C LYS E 330 6.12 -4.22 -75.09
N GLU E 331 6.64 -4.69 -73.96
CA GLU E 331 8.09 -4.72 -73.77
C GLU E 331 8.82 -5.71 -74.69
N GLN E 332 8.23 -6.87 -74.91
CA GLN E 332 8.88 -7.89 -75.73
C GLN E 332 8.79 -7.69 -77.24
N ASN E 333 7.68 -7.16 -77.73
CA ASN E 333 7.52 -7.03 -79.17
C ASN E 333 7.98 -5.70 -79.73
N SER E 334 7.87 -5.57 -81.04
CA SER E 334 8.31 -4.38 -81.72
C SER E 334 7.18 -3.74 -82.49
N PHE E 335 7.02 -2.44 -82.28
CA PHE E 335 5.96 -1.62 -82.85
C PHE E 335 6.51 -0.45 -83.64
N VAL E 336 5.72 0.07 -84.56
CA VAL E 336 6.12 1.25 -85.32
C VAL E 336 5.72 2.50 -84.50
N ASN E 337 6.64 3.47 -84.39
CA ASN E 337 6.45 4.69 -83.58
C ASN E 337 5.17 5.48 -83.92
N TRP E 338 4.94 5.86 -85.18
CA TRP E 338 3.77 6.75 -85.45
C TRP E 338 2.52 6.26 -84.74
N ILE E 339 2.05 5.03 -84.99
CA ILE E 339 0.92 4.54 -84.17
C ILE E 339 1.47 4.42 -82.75
N PRO E 340 1.14 5.33 -81.81
CA PRO E 340 1.79 5.35 -80.50
C PRO E 340 1.09 4.52 -79.41
N THR E 341 -0.18 4.17 -79.62
CA THR E 341 -0.91 3.43 -78.62
C THR E 341 -0.86 1.93 -78.88
N GLY E 342 -0.47 1.50 -80.09
CA GLY E 342 -0.32 0.09 -80.40
C GLY E 342 -1.56 -0.80 -80.54
N PHE E 343 -2.27 -0.95 -79.44
CA PHE E 343 -3.36 -1.89 -79.31
C PHE E 343 -4.79 -1.41 -79.20
N LYS E 344 -5.68 -2.30 -79.60
CA LYS E 344 -7.11 -2.20 -79.27
C LYS E 344 -7.45 -3.36 -78.34
N ILE E 345 -7.91 -3.05 -77.14
CA ILE E 345 -8.20 -4.10 -76.17
C ILE E 345 -9.65 -4.18 -75.78
N SER E 346 -10.17 -5.40 -75.76
CA SER E 346 -11.55 -5.63 -75.40
C SER E 346 -11.76 -6.89 -74.59
N LYS E 347 -12.81 -6.88 -73.78
CA LYS E 347 -13.19 -8.03 -72.98
C LYS E 347 -14.66 -8.39 -73.10
N SER E 348 -14.93 -9.68 -73.08
CA SER E 348 -16.28 -10.25 -73.06
C SER E 348 -16.35 -11.28 -71.96
N GLU E 349 -17.21 -11.03 -70.99
CA GLU E 349 -17.30 -11.87 -69.80
C GLU E 349 -17.81 -13.28 -70.02
N THR E 350 -18.37 -13.58 -71.18
CA THR E 350 -18.88 -14.92 -71.41
C THR E 350 -17.80 -15.85 -71.95
N SER E 351 -17.61 -16.94 -71.22
CA SER E 351 -16.63 -17.98 -71.47
C SER E 351 -16.95 -18.77 -72.73
N PRO E 352 -15.95 -19.29 -73.45
CA PRO E 352 -16.11 -20.20 -74.56
C PRO E 352 -16.63 -21.50 -73.95
N LYS E 353 -17.39 -22.30 -74.68
CA LYS E 353 -17.95 -23.49 -74.04
C LYS E 353 -16.98 -24.52 -73.47
N ASP E 354 -15.77 -24.66 -74.01
CA ASP E 354 -14.86 -25.69 -73.50
C ASP E 354 -13.73 -25.18 -72.61
N SER E 355 -13.79 -23.92 -72.18
CA SER E 355 -12.76 -23.36 -71.32
C SER E 355 -13.28 -22.20 -70.52
N ALA E 356 -12.89 -22.03 -69.29
CA ALA E 356 -13.40 -20.84 -68.63
C ALA E 356 -12.88 -19.56 -69.28
N LEU E 357 -11.63 -19.58 -69.70
CA LEU E 357 -11.01 -18.41 -70.31
C LEU E 357 -10.52 -18.68 -71.71
N GLY E 358 -10.37 -17.62 -72.49
CA GLY E 358 -9.74 -17.74 -73.80
C GLY E 358 -9.35 -16.40 -74.40
N VAL E 359 -8.40 -16.44 -75.33
CA VAL E 359 -7.93 -15.22 -75.99
C VAL E 359 -7.79 -15.31 -77.49
N ILE E 360 -8.25 -14.28 -78.18
CA ILE E 360 -8.03 -14.16 -79.60
C ILE E 360 -7.29 -12.88 -79.92
N MET E 361 -6.29 -13.00 -80.76
CA MET E 361 -5.50 -11.86 -81.18
C MET E 361 -5.46 -11.75 -82.68
N LEU E 362 -5.55 -10.50 -83.15
CA LEU E 362 -5.43 -10.18 -84.56
C LEU E 362 -4.41 -9.10 -84.74
N GLY E 363 -3.75 -9.06 -85.89
CA GLY E 363 -2.93 -7.87 -86.07
C GLY E 363 -2.17 -7.73 -87.37
N ASN E 364 -1.62 -6.53 -87.53
CA ASN E 364 -0.87 -6.13 -88.70
C ASN E 364 0.59 -6.24 -88.44
N ASN E 365 1.16 -7.29 -88.93
CA ASN E 365 2.55 -7.53 -88.67
C ASN E 365 3.20 -7.55 -90.01
N SER E 366 4.25 -6.75 -90.15
CA SER E 366 4.96 -6.56 -91.40
C SER E 366 5.51 -7.84 -91.99
N GLU E 367 5.62 -8.84 -91.16
CA GLU E 367 6.10 -10.15 -91.49
C GLU E 367 5.23 -10.79 -92.56
N ILE E 368 3.96 -10.37 -92.66
CA ILE E 368 3.00 -10.96 -93.59
C ILE E 368 3.46 -10.90 -95.04
N VAL E 369 4.35 -9.98 -95.36
CA VAL E 369 4.75 -9.92 -96.74
C VAL E 369 5.46 -11.19 -97.14
N SER E 370 6.07 -11.94 -96.22
CA SER E 370 6.77 -13.12 -96.65
C SER E 370 5.83 -14.13 -97.29
N VAL E 371 4.54 -14.10 -96.93
CA VAL E 371 3.60 -15.01 -97.52
C VAL E 371 3.38 -14.59 -98.95
N PHE E 372 3.18 -13.31 -99.12
CA PHE E 372 2.89 -12.76 -100.44
C PHE E 372 4.12 -12.84 -101.35
N GLU E 373 5.32 -12.66 -100.80
CA GLU E 373 6.52 -12.72 -101.60
C GLU E 373 6.75 -14.12 -102.16
N ARG E 374 6.48 -15.16 -101.37
CA ARG E 374 6.64 -16.51 -101.87
C ARG E 374 5.70 -16.79 -103.02
N ILE E 375 4.46 -16.31 -102.90
CA ILE E 375 3.47 -16.54 -103.93
C ILE E 375 3.92 -15.81 -105.19
N GLY E 376 4.37 -14.57 -105.03
CA GLY E 376 4.84 -13.77 -106.13
C GLY E 376 5.95 -14.47 -106.87
N ALA E 377 6.97 -14.93 -106.15
CA ALA E 377 8.08 -15.59 -106.80
C ALA E 377 7.70 -16.86 -107.55
N ASN E 378 6.76 -17.65 -107.01
CA ASN E 378 6.40 -18.87 -107.72
C ASN E 378 5.70 -18.52 -109.02
N PHE E 379 4.86 -17.50 -108.98
CA PHE E 379 4.18 -17.01 -110.15
C PHE E 379 5.17 -16.53 -111.16
N ASP E 380 6.12 -15.71 -110.75
CA ASP E 380 7.04 -15.14 -111.71
C ASP E 380 7.78 -16.20 -112.48
N ARG E 381 8.19 -17.29 -111.82
CA ARG E 381 8.89 -18.31 -112.57
C ARG E 381 8.00 -19.03 -113.59
N LEU E 382 6.77 -19.34 -113.21
CA LEU E 382 5.86 -20.01 -114.12
C LEU E 382 5.39 -19.09 -115.23
N TRP E 383 5.17 -17.84 -114.89
CA TRP E 383 4.70 -16.81 -115.79
C TRP E 383 5.72 -16.49 -116.83
N SER E 384 6.99 -16.43 -116.43
CA SER E 384 8.07 -16.17 -117.37
C SER E 384 8.11 -17.28 -118.40
N ARG E 385 7.90 -18.53 -117.96
CA ARG E 385 7.95 -19.69 -118.90
C ARG E 385 6.58 -19.95 -119.54
N LYS E 386 5.53 -19.29 -119.03
CA LYS E 386 4.16 -19.46 -119.58
C LYS E 386 3.73 -20.92 -119.47
N ALA E 387 3.91 -21.52 -118.30
CA ALA E 387 3.48 -22.91 -118.07
C ALA E 387 2.05 -22.90 -117.51
N PHE E 388 1.12 -23.63 -118.14
CA PHE E 388 -0.30 -23.66 -117.69
C PHE E 388 -0.95 -22.29 -117.92
N ALA E 389 -0.29 -21.41 -118.69
CA ALA E 389 -0.82 -20.04 -118.91
C ALA E 389 -2.01 -20.07 -119.85
N HIS E 390 -1.94 -20.89 -120.91
CA HIS E 390 -3.05 -20.99 -121.88
C HIS E 390 -4.37 -21.18 -121.15
N TRP E 391 -4.34 -21.73 -119.94
CA TRP E 391 -5.58 -22.01 -119.25
C TRP E 391 -6.27 -20.73 -118.80
N PHE E 392 -5.51 -19.65 -118.70
CA PHE E 392 -6.06 -18.40 -118.25
C PHE E 392 -6.36 -17.48 -119.42
N THR E 393 -5.52 -17.52 -120.46
CA THR E 393 -5.76 -16.58 -121.54
C THR E 393 -6.80 -17.10 -122.51
N ASP E 394 -7.02 -18.41 -122.53
CA ASP E 394 -8.03 -18.96 -123.41
C ASP E 394 -9.38 -18.92 -122.72
N SER E 395 -9.42 -18.40 -121.50
CA SER E 395 -10.62 -18.31 -120.70
C SER E 395 -10.95 -16.86 -120.43
N GLY E 396 -10.40 -15.97 -121.26
CA GLY E 396 -10.72 -14.55 -121.19
C GLY E 396 -9.71 -13.56 -120.60
N PHE E 397 -8.61 -13.99 -120.00
CA PHE E 397 -7.68 -12.98 -119.49
C PHE E 397 -6.64 -12.58 -120.50
N GLU E 398 -6.19 -11.37 -120.39
CA GLU E 398 -5.09 -10.93 -121.22
C GLU E 398 -3.84 -11.04 -120.39
N GLU E 399 -2.68 -11.07 -121.03
CA GLU E 399 -1.43 -11.11 -120.29
C GLU E 399 -1.38 -9.88 -119.40
N LYS E 400 -1.95 -8.80 -119.88
CA LYS E 400 -2.05 -7.55 -119.16
C LYS E 400 -2.75 -7.73 -117.82
N ASP E 401 -3.74 -8.62 -117.70
CA ASP E 401 -4.46 -8.73 -116.45
C ASP E 401 -3.63 -9.52 -115.47
N LEU E 402 -2.92 -10.50 -115.99
CA LEU E 402 -2.06 -11.31 -115.15
C LEU E 402 -0.91 -10.45 -114.63
N ASP E 403 -0.41 -9.54 -115.47
CA ASP E 403 0.67 -8.65 -115.09
C ASP E 403 0.19 -7.55 -114.14
N ASP E 404 -1.01 -7.01 -114.36
CA ASP E 404 -1.49 -5.98 -113.47
C ASP E 404 -1.80 -6.54 -112.10
N ALA E 405 -2.33 -7.77 -112.03
CA ALA E 405 -2.61 -8.33 -110.74
C ALA E 405 -1.33 -8.51 -109.96
N ARG E 406 -0.26 -8.94 -110.64
CA ARG E 406 1.01 -9.11 -109.99
C ARG E 406 1.53 -7.78 -109.49
N ALA E 407 1.38 -6.73 -110.31
CA ALA E 407 1.87 -5.41 -109.93
C ALA E 407 1.17 -4.87 -108.69
N LEU E 408 -0.13 -5.12 -108.55
CA LEU E 408 -0.82 -4.64 -107.37
C LEU E 408 -0.32 -5.35 -106.13
N VAL E 409 -0.09 -6.65 -106.26
CA VAL E 409 0.42 -7.40 -105.13
C VAL E 409 1.77 -6.87 -104.73
N GLN E 410 2.63 -6.56 -105.71
CA GLN E 410 3.93 -6.05 -105.36
C GLN E 410 3.81 -4.69 -104.71
N LYS E 411 2.86 -3.86 -105.12
CA LYS E 411 2.72 -2.57 -104.45
C LYS E 411 2.46 -2.74 -102.98
N VAL E 412 1.58 -3.67 -102.61
CA VAL E 412 1.31 -3.88 -101.20
C VAL E 412 2.55 -4.36 -100.47
N ILE E 413 3.30 -5.28 -101.08
CA ILE E 413 4.51 -5.75 -100.44
C ILE E 413 5.49 -4.62 -100.24
N ASP E 414 5.69 -3.80 -101.25
CA ASP E 414 6.63 -2.72 -101.13
C ASP E 414 6.20 -1.72 -100.08
N ASP E 415 4.89 -1.46 -99.96
CA ASP E 415 4.45 -0.50 -98.96
C ASP E 415 4.66 -1.06 -97.56
N TYR E 416 4.39 -2.34 -97.34
CA TYR E 416 4.66 -2.87 -96.01
C TYR E 416 6.12 -2.85 -95.66
N ARG E 417 6.97 -3.20 -96.62
CA ARG E 417 8.38 -3.27 -96.32
C ARG E 417 8.99 -1.90 -96.15
N LYS E 418 8.61 -0.93 -96.97
CA LYS E 418 9.19 0.38 -96.84
C LYS E 418 8.84 0.95 -95.50
N LEU E 419 7.58 0.83 -95.11
CA LEU E 419 7.15 1.39 -93.85
C LEU E 419 7.96 0.77 -92.73
N THR E 420 8.12 -0.55 -92.76
CA THR E 420 8.83 -1.26 -91.72
C THR E 420 10.28 -0.84 -91.62
N GLU E 421 10.96 -0.69 -92.75
CA GLU E 421 12.36 -0.26 -92.68
C GLU E 421 12.48 1.19 -92.22
N ASP E 422 11.57 2.08 -92.67
CA ASP E 422 11.65 3.47 -92.28
C ASP E 422 11.49 3.60 -90.78
N ALA E 423 10.67 2.72 -90.21
CA ALA E 423 10.31 2.69 -88.81
C ALA E 423 11.49 2.67 -87.87
N GLU E 424 12.61 2.09 -88.27
CA GLU E 424 13.71 2.01 -87.32
C GLU E 424 14.19 3.39 -86.88
N ASN E 425 14.10 4.39 -87.76
CA ASN E 425 14.59 5.70 -87.44
C ASN E 425 13.46 6.65 -87.05
N LEU E 426 12.23 6.15 -86.87
CA LEU E 426 11.14 7.07 -86.55
C LEU E 426 11.09 7.29 -85.07
N TYR E 427 11.99 6.62 -84.38
CA TYR E 427 12.19 6.75 -82.96
C TYR E 427 13.30 7.73 -82.56
N PHE E 428 14.00 8.40 -83.55
CA PHE E 428 15.14 9.28 -83.28
C PHE E 428 15.02 10.60 -84.08
N ALA F 2 -36.69 23.92 -55.46
CA ALA F 2 -35.55 22.98 -55.61
C ALA F 2 -34.81 23.31 -56.91
N ARG F 3 -33.52 23.66 -56.82
CA ARG F 3 -32.73 23.92 -58.05
C ARG F 3 -32.47 22.55 -58.68
N GLU F 4 -33.14 22.24 -59.79
CA GLU F 4 -33.05 20.87 -60.36
C GLU F 4 -31.98 20.71 -61.44
N VAL F 5 -31.24 19.61 -61.40
CA VAL F 5 -30.23 19.26 -62.39
C VAL F 5 -30.62 18.11 -63.31
N ILE F 6 -30.40 18.27 -64.61
CA ILE F 6 -30.70 17.20 -65.56
C ILE F 6 -29.42 16.48 -65.94
N THR F 7 -29.39 15.16 -65.78
CA THR F 7 -28.17 14.41 -66.07
C THR F 7 -28.33 13.66 -67.38
N ILE F 8 -27.35 13.78 -68.27
CA ILE F 8 -27.38 13.11 -69.56
C ILE F 8 -26.19 12.17 -69.67
N HIS F 9 -26.42 10.91 -70.02
CA HIS F 9 -25.33 9.95 -70.17
C HIS F 9 -25.10 9.67 -71.63
N VAL F 10 -23.91 9.97 -72.14
CA VAL F 10 -23.70 9.82 -73.57
C VAL F 10 -22.56 8.86 -73.89
N GLY F 11 -22.85 7.88 -74.71
CA GLY F 11 -21.84 6.94 -75.13
C GLY F 11 -21.83 5.70 -74.28
N GLU F 12 -21.10 4.70 -74.74
CA GLU F 12 -21.10 3.39 -74.09
C GLU F 12 -20.61 3.45 -72.65
N LEU F 13 -19.59 4.26 -72.37
CA LEU F 13 -19.09 4.31 -71.00
C LEU F 13 -19.99 5.14 -70.11
N GLY F 14 -20.48 6.27 -70.60
CA GLY F 14 -21.30 7.09 -69.74
C GLY F 14 -22.52 6.28 -69.29
N ILE F 15 -23.02 5.46 -70.20
CA ILE F 15 -24.14 4.59 -69.93
C ILE F 15 -23.71 3.47 -68.99
N GLN F 16 -22.53 2.88 -69.19
CA GLN F 16 -22.05 1.83 -68.31
C GLN F 16 -22.02 2.25 -66.87
N ILE F 17 -21.63 3.48 -66.64
CA ILE F 17 -21.56 4.09 -65.32
C ILE F 17 -22.92 4.29 -64.68
N ALA F 18 -23.92 4.70 -65.47
CA ALA F 18 -25.24 5.04 -64.98
C ALA F 18 -25.75 4.14 -63.84
N PRO F 19 -25.79 2.80 -63.88
CA PRO F 19 -26.33 2.03 -62.79
C PRO F 19 -25.57 2.20 -61.49
N ASN F 20 -24.32 2.62 -61.52
CA ASN F 20 -23.62 2.72 -60.27
C ASN F 20 -23.90 4.08 -59.69
N PHE F 21 -23.97 5.06 -60.57
CA PHE F 21 -24.24 6.41 -60.16
C PHE F 21 -25.61 6.49 -59.55
N TRP F 22 -26.59 5.95 -60.26
CA TRP F 22 -27.94 6.03 -59.78
C TRP F 22 -28.23 5.14 -58.60
N LYS F 23 -27.56 3.99 -58.47
CA LYS F 23 -27.79 3.21 -57.27
C LYS F 23 -27.24 3.96 -56.08
N TYR F 24 -26.09 4.63 -56.21
CA TYR F 24 -25.61 5.36 -55.06
C TYR F 24 -26.58 6.41 -54.64
N LEU F 25 -27.18 7.13 -55.59
CA LEU F 25 -28.11 8.17 -55.19
C LEU F 25 -29.35 7.57 -54.56
N CYS F 26 -29.82 6.44 -55.07
CA CYS F 26 -31.00 5.81 -54.52
C CYS F 26 -30.75 5.39 -53.08
N ASP F 27 -29.58 4.85 -52.79
CA ASP F 27 -29.39 4.44 -51.43
C ASP F 27 -29.14 5.63 -50.55
N GLU F 28 -28.45 6.62 -51.07
CA GLU F 28 -28.12 7.77 -50.28
C GLU F 28 -29.33 8.53 -49.78
N HIS F 29 -30.37 8.62 -50.59
CA HIS F 29 -31.60 9.32 -50.23
C HIS F 29 -32.74 8.43 -49.71
N ASN F 30 -32.46 7.14 -49.41
CA ASN F 30 -33.45 6.14 -48.98
C ASN F 30 -34.60 5.83 -49.94
N ILE F 31 -34.25 5.60 -51.19
CA ILE F 31 -35.16 5.21 -52.25
C ILE F 31 -34.70 3.86 -52.76
N ASP F 32 -35.62 2.97 -53.09
CA ASP F 32 -35.23 1.67 -53.57
C ASP F 32 -34.90 1.75 -55.06
N TYR F 33 -34.51 0.66 -55.66
CA TYR F 33 -34.07 0.75 -57.06
C TYR F 33 -35.23 0.71 -58.02
N LYS F 34 -36.42 0.57 -57.47
CA LYS F 34 -37.64 0.60 -58.26
C LYS F 34 -38.26 1.97 -58.17
N GLY F 35 -37.61 2.90 -57.46
CA GLY F 35 -38.11 4.25 -57.29
C GLY F 35 -39.07 4.38 -56.13
N GLN F 36 -39.27 3.32 -55.37
CA GLN F 36 -40.19 3.36 -54.25
C GLN F 36 -39.50 3.90 -53.03
N GLU F 37 -40.24 4.56 -52.16
CA GLU F 37 -39.62 5.07 -50.96
C GLU F 37 -39.32 3.95 -50.01
N LYS F 38 -38.22 4.06 -49.29
CA LYS F 38 -37.79 3.06 -48.35
C LYS F 38 -37.56 3.68 -46.98
N GLY F 39 -38.63 4.04 -46.30
CA GLY F 39 -38.46 4.75 -45.04
C GLY F 39 -38.44 6.25 -45.29
N LYS F 40 -37.76 6.99 -44.43
CA LYS F 40 -37.76 8.44 -44.50
C LYS F 40 -36.84 8.96 -45.59
N ILE F 41 -37.35 9.86 -46.42
CA ILE F 41 -36.54 10.42 -47.49
C ILE F 41 -35.72 11.56 -46.95
N ARG F 42 -34.45 11.57 -47.30
CA ARG F 42 -33.56 12.60 -46.80
C ARG F 42 -32.79 13.27 -47.93
N GLY F 43 -32.49 14.55 -47.75
CA GLY F 43 -31.75 15.35 -48.71
C GLY F 43 -32.74 16.01 -49.67
N VAL F 44 -32.27 16.82 -50.59
CA VAL F 44 -33.19 17.48 -51.49
C VAL F 44 -33.38 16.56 -52.65
N ILE F 45 -34.31 15.65 -52.47
CA ILE F 45 -34.52 14.61 -53.44
C ILE F 45 -34.90 15.12 -54.80
N ASP F 46 -35.64 16.21 -54.81
CA ASP F 46 -36.14 16.82 -55.99
C ASP F 46 -35.06 17.26 -56.94
N ASN F 47 -33.84 17.50 -56.47
CA ASN F 47 -32.86 17.98 -57.43
C ASN F 47 -32.49 16.96 -58.49
N PHE F 48 -32.53 15.68 -58.16
CA PHE F 48 -32.17 14.65 -59.13
C PHE F 48 -33.30 13.73 -59.51
N PHE F 49 -34.39 13.70 -58.74
CA PHE F 49 -35.49 12.81 -59.08
C PHE F 49 -36.79 13.53 -59.30
N GLU F 50 -37.51 13.10 -60.31
CA GLU F 50 -38.81 13.60 -60.67
C GLU F 50 -39.85 12.83 -59.90
N LYS F 51 -40.86 13.52 -59.39
CA LYS F 51 -41.90 12.79 -58.70
C LYS F 51 -43.00 12.41 -59.67
N ALA F 52 -43.35 11.14 -59.68
CA ALA F 52 -44.38 10.57 -60.51
C ALA F 52 -45.76 10.96 -60.01
N SER F 53 -46.77 10.69 -60.82
CA SER F 53 -48.17 10.92 -60.42
C SER F 53 -48.58 9.95 -59.29
N ILE F 54 -47.74 8.95 -59.08
CA ILE F 54 -47.83 7.90 -58.11
C ILE F 54 -46.63 8.03 -57.17
N GLY F 55 -46.50 7.15 -56.18
CA GLY F 55 -45.41 7.26 -55.19
C GLY F 55 -43.97 7.10 -55.71
N LYS F 56 -43.80 6.64 -56.93
CA LYS F 56 -42.50 6.42 -57.54
C LYS F 56 -41.66 7.66 -57.87
N TRP F 57 -40.37 7.59 -57.56
CA TRP F 57 -39.40 8.60 -57.96
C TRP F 57 -38.73 8.16 -59.26
N ILE F 58 -38.56 9.09 -60.17
CA ILE F 58 -37.98 8.84 -61.47
C ILE F 58 -36.65 9.56 -61.64
N PRO F 59 -35.55 8.92 -61.99
CA PRO F 59 -34.30 9.61 -62.11
C PRO F 59 -34.47 10.63 -63.19
N ARG F 60 -34.02 11.84 -62.96
CA ARG F 60 -34.17 12.87 -63.97
C ARG F 60 -33.03 12.80 -64.98
N THR F 61 -33.14 11.81 -65.88
CA THR F 61 -32.06 11.55 -66.82
C THR F 61 -32.41 11.00 -68.19
N ILE F 62 -31.50 11.29 -69.13
CA ILE F 62 -31.55 10.86 -70.52
C ILE F 62 -30.34 9.99 -70.93
N LEU F 63 -30.58 8.87 -71.61
CA LEU F 63 -29.48 7.99 -72.04
C LEU F 63 -29.31 7.99 -73.56
N VAL F 64 -28.13 8.37 -74.06
CA VAL F 64 -27.90 8.45 -75.51
C VAL F 64 -26.80 7.48 -76.01
N ASP F 65 -27.16 6.65 -76.99
CA ASP F 65 -26.25 5.64 -77.58
C ASP F 65 -26.47 5.51 -79.09
N LEU F 66 -25.43 5.62 -79.91
CA LEU F 66 -25.63 5.52 -81.35
C LEU F 66 -25.86 4.08 -81.78
N GLY F 67 -25.62 3.12 -80.89
CA GLY F 67 -25.94 1.73 -81.15
C GLY F 67 -27.06 1.42 -80.14
N PRO F 68 -27.63 0.22 -80.12
CA PRO F 68 -28.66 -0.19 -79.17
C PRO F 68 -28.19 -0.86 -77.88
N ASN F 69 -26.90 -1.17 -77.77
CA ASN F 69 -26.51 -2.13 -76.74
C ASN F 69 -26.19 -1.60 -75.37
N ALA F 70 -25.66 -0.38 -75.22
CA ALA F 70 -25.34 0.00 -73.86
C ALA F 70 -26.62 0.22 -73.11
N ILE F 71 -27.60 0.76 -73.81
CA ILE F 71 -28.87 1.03 -73.19
C ILE F 71 -29.60 -0.25 -72.93
N ARG F 72 -29.64 -1.17 -73.89
CA ARG F 72 -30.36 -2.39 -73.62
C ARG F 72 -29.84 -3.08 -72.37
N LYS F 73 -28.53 -3.17 -72.18
CA LYS F 73 -28.09 -3.85 -70.98
C LYS F 73 -28.45 -3.06 -69.71
N VAL F 74 -28.28 -1.75 -69.74
CA VAL F 74 -28.61 -0.99 -68.54
C VAL F 74 -30.07 -1.01 -68.14
N THR F 75 -30.97 -0.84 -69.09
CA THR F 75 -32.36 -0.75 -68.70
C THR F 75 -33.07 -2.08 -68.64
N LYS F 76 -32.54 -3.13 -69.26
CA LYS F 76 -33.21 -4.42 -69.21
C LYS F 76 -32.54 -5.40 -68.26
N LYS F 77 -31.24 -5.30 -68.00
CA LYS F 77 -30.61 -6.28 -67.13
C LYS F 77 -30.04 -5.73 -65.83
N ASP F 78 -29.39 -4.56 -65.86
CA ASP F 78 -28.77 -4.11 -64.62
C ASP F 78 -29.65 -3.31 -63.67
N MET F 79 -30.51 -2.43 -64.17
CA MET F 79 -31.32 -1.69 -63.22
C MET F 79 -32.73 -1.55 -63.81
N LYS F 80 -33.43 -2.66 -63.76
CA LYS F 80 -34.74 -2.84 -64.37
C LYS F 80 -35.76 -1.91 -63.77
N ASP F 81 -36.60 -1.35 -64.63
CA ASP F 81 -37.74 -0.51 -64.30
C ASP F 81 -37.39 0.83 -63.68
N PHE F 82 -36.12 1.18 -63.63
CA PHE F 82 -35.74 2.44 -63.02
C PHE F 82 -35.69 3.58 -64.01
N PHE F 83 -35.15 3.32 -65.17
CA PHE F 83 -34.96 4.36 -66.16
C PHE F 83 -36.20 4.41 -67.03
N ASP F 84 -36.63 5.62 -67.38
CA ASP F 84 -37.79 5.84 -68.24
C ASP F 84 -37.44 5.57 -69.71
N PRO F 85 -38.03 4.58 -70.39
CA PRO F 85 -37.70 4.19 -71.74
C PRO F 85 -37.96 5.29 -72.76
N LYS F 86 -38.77 6.27 -72.40
CA LYS F 86 -39.07 7.33 -73.34
C LYS F 86 -38.00 8.40 -73.30
N ARG F 87 -37.01 8.20 -72.44
CA ARG F 87 -35.88 9.09 -72.31
C ARG F 87 -34.62 8.44 -72.84
N CYS F 88 -34.77 7.33 -73.57
CA CYS F 88 -33.62 6.66 -74.14
C CYS F 88 -33.56 6.88 -75.64
N VAL F 89 -32.40 7.27 -76.14
CA VAL F 89 -32.21 7.50 -77.56
C VAL F 89 -31.25 6.50 -78.14
N MET F 90 -31.71 5.73 -79.12
CA MET F 90 -30.84 4.72 -79.70
C MET F 90 -30.74 4.76 -81.20
N GLY F 91 -29.53 4.68 -81.67
CA GLY F 91 -29.26 4.56 -83.08
C GLY F 91 -29.04 3.12 -83.43
N LEU F 92 -28.59 2.85 -84.66
CA LEU F 92 -28.35 1.49 -85.08
C LEU F 92 -26.89 1.21 -85.43
N ALA F 93 -26.23 2.17 -86.06
CA ALA F 93 -24.88 1.94 -86.57
C ALA F 93 -23.75 2.03 -85.54
N GLY F 94 -23.96 2.67 -84.40
CA GLY F 94 -22.84 2.84 -83.51
C GLY F 94 -21.95 3.93 -84.07
N ASP F 95 -20.66 3.92 -83.73
CA ASP F 95 -19.79 4.98 -84.19
C ASP F 95 -18.46 4.55 -84.80
N ALA F 96 -18.19 3.26 -84.93
CA ALA F 96 -16.94 2.75 -85.50
C ALA F 96 -15.70 3.36 -84.84
N ASN F 97 -15.86 3.78 -83.58
CA ASN F 97 -14.87 4.47 -82.76
C ASN F 97 -14.44 5.82 -83.32
N LEU F 98 -15.20 6.42 -84.21
CA LEU F 98 -14.82 7.70 -84.78
C LEU F 98 -15.58 8.91 -84.28
N PHE F 99 -14.81 9.96 -83.96
CA PHE F 99 -15.35 11.26 -83.61
C PHE F 99 -16.25 11.71 -84.74
N ALA F 100 -15.81 11.49 -85.97
CA ALA F 100 -16.55 11.94 -87.12
C ALA F 100 -18.00 11.45 -87.11
N LYS F 101 -18.29 10.24 -86.65
CA LYS F 101 -19.68 9.85 -86.71
C LYS F 101 -20.47 10.52 -85.63
N GLY F 102 -19.88 10.62 -84.45
CA GLY F 102 -20.59 11.23 -83.35
C GLY F 102 -20.89 12.72 -83.59
N TYR F 103 -19.99 13.44 -84.25
CA TYR F 103 -20.18 14.88 -84.43
C TYR F 103 -20.64 15.37 -85.81
N TYR F 104 -20.32 14.66 -86.91
CA TYR F 104 -20.67 15.20 -88.23
C TYR F 104 -21.60 14.32 -89.08
N SER F 105 -21.29 13.03 -89.24
CA SER F 105 -22.04 12.25 -90.22
C SER F 105 -23.23 11.40 -89.77
N TYR F 106 -23.28 10.96 -88.52
CA TYR F 106 -24.36 10.08 -88.12
C TYR F 106 -25.13 10.67 -86.99
N GLY F 107 -24.44 11.10 -85.96
CA GLY F 107 -25.07 11.57 -84.74
C GLY F 107 -25.92 12.81 -84.94
N THR F 108 -25.70 13.49 -86.02
CA THR F 108 -26.41 14.72 -86.31
C THR F 108 -27.86 14.47 -86.65
N ARG F 109 -28.19 13.27 -87.13
CA ARG F 109 -29.56 12.99 -87.52
C ARG F 109 -30.43 12.74 -86.31
N PHE F 110 -29.81 12.60 -85.14
CA PHE F 110 -30.55 12.33 -83.92
C PHE F 110 -30.72 13.59 -83.12
N MET F 111 -30.23 14.73 -83.60
CA MET F 111 -30.35 15.87 -82.73
C MET F 111 -31.76 16.36 -82.53
N GLU F 112 -32.66 16.15 -83.48
CA GLU F 112 -34.01 16.62 -83.23
C GLU F 112 -34.63 15.79 -82.13
N GLU F 113 -34.39 14.48 -82.17
CA GLU F 113 -34.91 13.58 -81.17
C GLU F 113 -34.35 13.88 -79.80
N ILE F 114 -33.05 14.15 -79.74
CA ILE F 114 -32.40 14.41 -78.48
C ILE F 114 -32.86 15.71 -77.90
N MET F 115 -32.94 16.78 -78.69
CA MET F 115 -33.36 18.04 -78.12
C MET F 115 -34.83 18.01 -77.74
N ASP F 116 -35.63 17.20 -78.42
CA ASP F 116 -37.03 17.08 -78.07
C ASP F 116 -37.16 16.39 -76.72
N LYS F 117 -36.38 15.33 -76.48
CA LYS F 117 -36.45 14.68 -75.20
C LYS F 117 -35.93 15.58 -74.11
N ILE F 118 -34.90 16.37 -74.39
CA ILE F 118 -34.41 17.25 -73.37
C ILE F 118 -35.47 18.26 -73.04
N GLN F 119 -36.13 18.86 -74.02
CA GLN F 119 -37.14 19.82 -73.63
C GLN F 119 -38.24 19.17 -72.81
N LYS F 120 -38.65 17.96 -73.14
CA LYS F 120 -39.70 17.35 -72.34
C LYS F 120 -39.28 17.24 -70.89
N GLU F 121 -37.99 16.99 -70.65
CA GLU F 121 -37.46 16.87 -69.30
C GLU F 121 -37.39 18.27 -68.64
N VAL F 122 -36.98 19.28 -69.41
CA VAL F 122 -36.87 20.66 -68.93
C VAL F 122 -38.21 21.22 -68.56
N ASP F 123 -39.22 20.89 -69.33
CA ASP F 123 -40.57 21.37 -69.11
C ASP F 123 -41.18 20.86 -67.82
N GLN F 124 -40.57 19.89 -67.15
CA GLN F 124 -41.15 19.40 -65.92
C GLN F 124 -40.62 20.16 -64.72
N THR F 125 -39.66 21.08 -64.94
CA THR F 125 -39.06 21.77 -63.81
C THR F 125 -39.11 23.29 -63.82
N GLU F 126 -39.57 23.86 -62.71
CA GLU F 126 -39.69 25.30 -62.50
C GLU F 126 -38.37 26.03 -62.38
N HIS F 127 -37.41 25.42 -61.70
CA HIS F 127 -36.13 26.06 -61.47
C HIS F 127 -35.01 25.14 -61.85
N LEU F 128 -34.54 25.28 -63.07
CA LEU F 128 -33.48 24.44 -63.58
C LEU F 128 -32.16 25.14 -63.33
N GLN F 129 -31.29 24.46 -62.63
CA GLN F 129 -29.99 24.95 -62.26
C GLN F 129 -28.99 24.73 -63.37
N GLY F 130 -29.07 23.54 -63.95
CA GLY F 130 -28.12 23.20 -64.98
C GLY F 130 -28.15 21.77 -65.43
N PHE F 131 -27.17 21.43 -66.25
CA PHE F 131 -27.02 20.12 -66.84
C PHE F 131 -25.70 19.48 -66.53
N ILE F 132 -25.70 18.18 -66.37
CA ILE F 132 -24.46 17.43 -66.24
C ILE F 132 -24.39 16.42 -67.35
N VAL F 133 -23.33 16.48 -68.14
CA VAL F 133 -23.20 15.52 -69.22
C VAL F 133 -22.07 14.59 -68.91
N VAL F 134 -22.37 13.31 -68.83
CA VAL F 134 -21.39 12.31 -68.49
C VAL F 134 -20.97 11.58 -69.73
N HIS F 135 -19.69 11.63 -70.05
CA HIS F 135 -19.29 11.02 -71.29
C HIS F 135 -17.85 10.58 -71.33
N SER F 136 -17.59 9.63 -72.17
CA SER F 136 -16.24 9.22 -72.50
C SER F 136 -15.68 10.23 -73.44
N ILE F 137 -14.36 10.45 -73.47
CA ILE F 137 -13.79 11.33 -74.54
C ILE F 137 -13.00 10.41 -75.47
N GLY F 138 -13.15 9.12 -75.28
CA GLY F 138 -12.47 8.08 -76.05
C GLY F 138 -13.12 7.76 -77.36
N ASP F 139 -14.22 7.02 -77.29
CA ASP F 139 -15.03 6.55 -78.41
C ASP F 139 -15.77 7.68 -79.08
N GLY F 140 -16.15 7.45 -80.33
CA GLY F 140 -16.85 8.43 -81.14
C GLY F 140 -18.19 8.87 -80.60
N THR F 141 -18.97 7.98 -80.01
CA THR F 141 -20.25 8.46 -79.52
C THR F 141 -20.04 9.46 -78.41
N GLY F 142 -19.20 9.11 -77.42
CA GLY F 142 -18.94 10.02 -76.33
C GLY F 142 -18.22 11.27 -76.80
N ALA F 143 -17.09 11.10 -77.49
CA ALA F 143 -16.26 12.18 -77.97
C ALA F 143 -16.97 13.11 -78.94
N GLY F 144 -17.82 12.55 -79.78
CA GLY F 144 -18.55 13.28 -80.80
C GLY F 144 -19.87 13.86 -80.32
N LEU F 145 -20.82 13.02 -79.93
CA LEU F 145 -22.08 13.59 -79.54
C LEU F 145 -22.04 14.41 -78.30
N ALA F 146 -21.26 14.06 -77.28
CA ALA F 146 -21.45 14.85 -76.10
C ALA F 146 -21.27 16.33 -76.41
N PRO F 147 -20.21 16.83 -77.09
CA PRO F 147 -20.13 18.22 -77.51
C PRO F 147 -21.21 18.66 -78.49
N LEU F 148 -21.79 17.75 -79.27
CA LEU F 148 -22.81 18.20 -80.21
C LEU F 148 -24.06 18.59 -79.41
N ILE F 149 -24.32 17.79 -78.38
CA ILE F 149 -25.44 17.97 -77.49
C ILE F 149 -25.23 19.21 -76.67
N MET F 150 -24.03 19.36 -76.12
CA MET F 150 -23.75 20.52 -75.31
C MET F 150 -23.96 21.81 -76.09
N GLU F 151 -23.49 21.87 -77.34
CA GLU F 151 -23.69 23.10 -78.09
C GLU F 151 -25.16 23.37 -78.33
N ALA F 152 -25.93 22.34 -78.64
CA ALA F 152 -27.35 22.54 -78.89
C ALA F 152 -28.06 23.07 -77.66
N ILE F 153 -27.67 22.61 -76.48
CA ILE F 153 -28.26 23.11 -75.25
C ILE F 153 -27.83 24.53 -74.93
N LYS F 154 -26.54 24.84 -75.04
CA LYS F 154 -26.10 26.19 -74.69
C LYS F 154 -26.75 27.25 -75.55
N LYS F 155 -27.10 26.89 -76.79
CA LYS F 155 -27.69 27.87 -77.73
C LYS F 155 -29.17 28.07 -77.41
N LYS F 156 -29.76 27.20 -76.58
CA LYS F 156 -31.17 27.27 -76.28
C LYS F 156 -31.42 27.74 -74.85
N HIS F 157 -30.52 27.38 -73.95
CA HIS F 157 -30.64 27.70 -72.55
C HIS F 157 -29.33 28.31 -72.04
N PRO F 158 -28.93 29.50 -72.54
CA PRO F 158 -27.64 30.14 -72.33
C PRO F 158 -27.34 30.56 -70.90
N LYS F 159 -28.37 30.63 -70.06
CA LYS F 159 -28.21 31.08 -68.68
C LYS F 159 -27.96 29.95 -67.70
N LEU F 160 -27.96 28.71 -68.16
CA LEU F 160 -27.75 27.58 -67.28
C LEU F 160 -26.30 27.24 -67.19
N VAL F 161 -25.89 26.61 -66.09
CA VAL F 161 -24.51 26.16 -65.98
C VAL F 161 -24.38 24.77 -66.51
N MET F 162 -23.43 24.55 -67.38
CA MET F 162 -23.23 23.20 -67.89
C MET F 162 -21.92 22.61 -67.42
N MET F 163 -22.02 21.43 -66.84
CA MET F 163 -20.87 20.73 -66.37
C MET F 163 -20.70 19.42 -67.10
N SER F 164 -19.49 19.10 -67.45
CA SER F 164 -19.26 17.81 -68.06
C SER F 164 -18.37 16.98 -67.18
N TYR F 165 -18.55 15.68 -67.27
CA TYR F 165 -17.71 14.73 -66.58
C TYR F 165 -17.05 13.93 -67.66
N SER F 166 -15.81 14.29 -67.99
CA SER F 166 -15.05 13.76 -69.11
C SER F 166 -14.15 12.65 -68.66
N ILE F 167 -14.35 11.47 -69.20
CA ILE F 167 -13.55 10.36 -68.73
C ILE F 167 -12.52 9.95 -69.76
N VAL F 168 -11.25 10.05 -69.39
CA VAL F 168 -10.17 9.74 -70.28
C VAL F 168 -9.83 8.26 -70.17
N PRO F 169 -9.93 7.49 -71.26
CA PRO F 169 -9.67 6.08 -71.31
C PRO F 169 -8.23 5.82 -71.04
N SER F 170 -7.95 4.64 -70.56
CA SER F 170 -6.62 4.17 -70.29
C SER F 170 -5.81 3.86 -71.54
N GLN F 171 -4.50 3.75 -71.34
CA GLN F 171 -3.54 3.37 -72.38
C GLN F 171 -3.30 1.86 -72.42
N ASN F 172 -4.07 1.13 -71.62
CA ASN F 172 -4.00 -0.31 -71.54
C ASN F 172 -5.39 -0.98 -71.66
N MET F 173 -6.13 -1.14 -70.59
CA MET F 173 -7.37 -1.90 -70.67
C MET F 173 -8.41 -1.32 -71.60
N ASP F 174 -8.44 0.00 -71.75
CA ASP F 174 -9.41 0.66 -72.59
C ASP F 174 -8.77 1.17 -73.88
N CYS F 175 -7.57 0.76 -74.18
CA CYS F 175 -6.91 1.42 -75.29
C CYS F 175 -7.48 1.17 -76.66
N SER F 176 -7.17 2.11 -77.53
CA SER F 176 -7.51 2.17 -78.94
C SER F 176 -6.41 2.81 -79.75
N THR F 177 -6.25 2.35 -80.96
CA THR F 177 -5.24 2.82 -81.89
C THR F 177 -5.51 4.22 -82.41
N ILE F 178 -6.73 4.72 -82.23
CA ILE F 178 -7.07 6.07 -82.65
C ILE F 178 -7.51 6.94 -81.50
N LEU F 179 -7.19 6.52 -80.27
CA LEU F 179 -7.56 7.32 -79.11
C LEU F 179 -7.09 8.77 -79.20
N PRO F 180 -5.85 9.09 -79.57
CA PRO F 180 -5.37 10.45 -79.66
C PRO F 180 -6.14 11.31 -80.62
N TYR F 181 -6.81 10.73 -81.64
CA TYR F 181 -7.52 11.64 -82.51
C TYR F 181 -8.80 12.03 -81.88
N ASN F 182 -9.47 11.07 -81.26
CA ASN F 182 -10.75 11.45 -80.72
C ASN F 182 -10.57 12.35 -79.51
N ALA F 183 -9.51 12.14 -78.72
CA ALA F 183 -9.32 12.96 -77.55
C ALA F 183 -9.03 14.41 -77.89
N ILE F 184 -8.20 14.66 -78.90
CA ILE F 184 -7.89 16.03 -79.25
C ILE F 184 -9.07 16.69 -79.95
N LEU F 185 -9.71 15.97 -80.86
CA LEU F 185 -10.81 16.54 -81.59
C LEU F 185 -11.95 16.90 -80.66
N SER F 186 -12.18 16.10 -79.62
CA SER F 186 -13.25 16.43 -78.70
C SER F 186 -12.86 17.45 -77.62
N LEU F 187 -11.58 17.51 -77.19
CA LEU F 187 -11.20 18.55 -76.22
C LEU F 187 -11.38 19.90 -76.86
N ASP F 188 -11.17 19.95 -78.16
CA ASP F 188 -11.34 21.16 -78.91
C ASP F 188 -12.76 21.69 -78.82
N LYS F 189 -13.76 20.84 -78.65
CA LYS F 189 -15.11 21.34 -78.61
C LYS F 189 -15.50 21.58 -77.16
N LEU F 190 -14.97 20.78 -76.24
CA LEU F 190 -15.32 20.95 -74.83
C LEU F 190 -14.86 22.29 -74.36
N THR F 191 -13.77 22.75 -74.94
CA THR F 191 -13.19 24.03 -74.64
C THR F 191 -14.20 25.16 -74.78
N SER F 192 -15.09 25.13 -75.78
CA SER F 192 -16.07 26.20 -75.89
C SER F 192 -17.45 25.81 -75.34
N CYS F 193 -17.71 24.50 -75.21
CA CYS F 193 -19.01 23.98 -74.78
C CYS F 193 -19.35 24.06 -73.29
N ALA F 194 -18.46 23.54 -72.44
CA ALA F 194 -18.76 23.42 -71.02
C ALA F 194 -18.34 24.64 -70.24
N ASP F 195 -19.01 24.88 -69.10
CA ASP F 195 -18.57 25.94 -68.21
C ASP F 195 -17.60 25.33 -67.22
N ILE F 196 -17.87 24.09 -66.84
CA ILE F 196 -17.04 23.34 -65.91
C ILE F 196 -16.72 22.00 -66.55
N SER F 197 -15.48 21.57 -66.59
CA SER F 197 -15.22 20.24 -67.15
C SER F 197 -14.31 19.43 -66.27
N MET F 198 -14.83 18.34 -65.74
CA MET F 198 -14.05 17.53 -64.84
C MET F 198 -13.29 16.50 -65.63
N ILE F 199 -12.01 16.30 -65.32
CA ILE F 199 -11.27 15.27 -66.00
C ILE F 199 -10.89 14.16 -65.07
N ILE F 200 -11.33 12.96 -65.40
CA ILE F 200 -11.00 11.79 -64.61
C ILE F 200 -10.17 10.87 -65.50
N ASP F 201 -9.01 10.46 -65.02
CA ASP F 201 -8.13 9.60 -65.80
C ASP F 201 -8.21 8.11 -65.39
N ASN F 202 -8.68 7.23 -66.28
CA ASN F 202 -8.83 5.83 -65.88
C ASN F 202 -7.51 5.17 -65.52
N ASP F 203 -6.38 5.65 -66.01
CA ASP F 203 -5.13 5.01 -65.61
C ASP F 203 -4.81 5.28 -64.17
N SER F 204 -5.26 6.42 -63.64
CA SER F 204 -5.01 6.70 -62.27
C SER F 204 -5.90 5.80 -61.47
N ILE F 205 -7.11 5.59 -61.93
CA ILE F 205 -7.98 4.73 -61.16
C ILE F 205 -7.42 3.33 -61.12
N TYR F 206 -6.93 2.83 -62.25
CA TYR F 206 -6.42 1.48 -62.19
C TYR F 206 -5.22 1.35 -61.27
N ARG F 207 -4.26 2.30 -61.27
CA ARG F 207 -3.13 2.11 -60.37
C ARG F 207 -3.45 2.40 -58.90
N ILE F 208 -4.41 3.28 -58.65
CA ILE F 208 -4.77 3.59 -57.29
C ILE F 208 -5.50 2.44 -56.65
N VAL F 209 -6.45 1.87 -57.36
CA VAL F 209 -7.17 0.77 -56.80
C VAL F 209 -6.25 -0.42 -56.63
N ALA F 210 -5.39 -0.68 -57.62
CA ALA F 210 -4.46 -1.79 -57.49
C ALA F 210 -3.58 -1.63 -56.27
N THR F 211 -3.16 -0.41 -55.96
CA THR F 211 -2.34 -0.16 -54.79
C THR F 211 -3.13 -0.48 -53.51
N GLN F 212 -4.37 -0.01 -53.44
CA GLN F 212 -5.20 -0.25 -52.26
C GLN F 212 -5.51 -1.72 -52.10
N GLY F 213 -5.62 -2.40 -53.22
CA GLY F 213 -5.94 -3.80 -53.29
C GLY F 213 -4.73 -4.70 -53.20
N LYS F 214 -3.54 -4.18 -52.91
CA LYS F 214 -2.36 -5.05 -52.92
C LYS F 214 -2.46 -6.17 -51.87
N GLU F 215 -3.30 -5.97 -50.86
CA GLU F 215 -3.52 -6.93 -49.78
C GLU F 215 -4.70 -7.88 -50.03
N ASN F 216 -5.45 -7.73 -51.13
CA ASN F 216 -6.63 -8.56 -51.31
C ASN F 216 -7.03 -8.79 -52.78
N GLU F 217 -8.11 -9.52 -53.01
CA GLU F 217 -8.55 -9.84 -54.36
C GLU F 217 -9.56 -8.85 -54.96
N LEU F 218 -9.92 -7.81 -54.23
CA LEU F 218 -10.90 -6.84 -54.68
C LEU F 218 -12.16 -7.50 -55.27
N SER F 219 -12.64 -6.91 -56.37
CA SER F 219 -13.79 -7.30 -57.16
C SER F 219 -13.61 -6.61 -58.48
N GLU F 220 -14.04 -7.21 -59.57
CA GLU F 220 -13.89 -6.51 -60.85
C GLU F 220 -14.78 -5.29 -60.97
N SER F 221 -15.80 -5.19 -60.13
CA SER F 221 -16.72 -4.06 -60.16
C SER F 221 -16.13 -2.79 -59.54
N ILE F 222 -15.01 -2.92 -58.83
CA ILE F 222 -14.44 -1.79 -58.12
C ILE F 222 -14.03 -0.63 -59.01
N PHE F 223 -13.61 -0.90 -60.22
CA PHE F 223 -13.16 0.19 -61.04
C PHE F 223 -14.30 1.11 -61.42
N ASP F 224 -15.46 0.53 -61.68
CA ASP F 224 -16.62 1.31 -62.05
C ASP F 224 -17.22 1.98 -60.83
N GLN F 225 -17.11 1.34 -59.67
CA GLN F 225 -17.70 1.96 -58.50
C GLN F 225 -16.90 3.22 -58.17
N VAL F 226 -15.58 3.19 -58.31
CA VAL F 226 -14.80 4.37 -57.99
C VAL F 226 -15.10 5.51 -58.94
N LEU F 227 -15.20 5.21 -60.23
CA LEU F 227 -15.48 6.25 -61.19
C LEU F 227 -16.86 6.87 -60.98
N ALA F 228 -17.88 6.03 -60.73
CA ALA F 228 -19.21 6.53 -60.47
C ALA F 228 -19.31 7.32 -59.19
N LYS F 229 -18.60 6.87 -58.15
CA LYS F 229 -18.64 7.51 -56.87
C LYS F 229 -18.05 8.88 -56.96
N ALA F 230 -16.98 9.07 -57.71
CA ALA F 230 -16.45 10.41 -57.77
C ALA F 230 -17.52 11.38 -58.26
N LEU F 231 -18.34 11.00 -59.23
CA LEU F 231 -19.36 11.97 -59.64
C LEU F 231 -20.37 12.21 -58.53
N VAL F 232 -20.74 11.14 -57.81
CA VAL F 232 -21.73 11.28 -56.75
C VAL F 232 -21.27 12.23 -55.68
N GLU F 233 -19.99 12.11 -55.30
CA GLU F 233 -19.44 12.98 -54.27
C GLU F 233 -19.31 14.42 -54.75
N ILE F 234 -18.97 14.64 -56.03
CA ILE F 234 -18.85 16.01 -56.55
C ILE F 234 -20.19 16.68 -56.39
N THR F 235 -21.24 15.95 -56.69
CA THR F 235 -22.61 16.41 -56.61
C THR F 235 -23.25 16.38 -55.23
N ALA F 236 -22.55 15.92 -54.19
CA ALA F 236 -23.18 15.83 -52.88
C ALA F 236 -23.67 17.16 -52.38
N THR F 237 -22.96 18.23 -52.68
CA THR F 237 -23.31 19.53 -52.18
C THR F 237 -24.48 20.12 -52.94
N LEU F 238 -24.87 19.50 -54.03
CA LEU F 238 -25.99 20.00 -54.80
C LEU F 238 -27.25 19.28 -54.36
N ARG F 239 -27.11 18.28 -53.47
CA ARG F 239 -28.21 17.46 -53.02
C ARG F 239 -28.51 17.64 -51.55
N PHE F 240 -27.54 18.03 -50.78
CA PHE F 240 -27.72 18.23 -49.36
C PHE F 240 -27.56 19.70 -49.05
N ASN F 241 -28.12 20.17 -47.94
CA ASN F 241 -28.01 21.59 -47.64
C ASN F 241 -26.66 21.92 -47.01
N SER F 242 -25.67 21.88 -47.88
CA SER F 242 -24.26 22.03 -47.61
C SER F 242 -23.86 23.49 -47.52
N PRO F 243 -22.78 23.87 -46.77
CA PRO F 243 -22.30 25.25 -46.77
C PRO F 243 -21.25 25.45 -47.86
N LEU F 244 -21.30 24.63 -48.92
CA LEU F 244 -20.25 24.70 -49.98
C LEU F 244 -20.87 24.26 -51.32
N ASN F 245 -20.32 24.75 -52.43
CA ASN F 245 -20.78 24.38 -53.77
C ASN F 245 -22.30 24.23 -53.77
N ARG F 246 -22.98 25.12 -53.04
CA ARG F 246 -24.43 25.11 -52.92
C ARG F 246 -25.13 24.95 -54.24
N SER F 247 -24.56 25.50 -55.30
CA SER F 247 -25.15 25.43 -56.61
C SER F 247 -24.06 25.39 -57.67
N MET F 248 -24.43 24.99 -58.88
CA MET F 248 -23.50 24.91 -60.00
C MET F 248 -22.90 26.26 -60.33
N MET F 249 -23.68 27.32 -60.12
CA MET F 249 -23.18 28.65 -60.38
C MET F 249 -22.07 29.01 -59.41
N GLU F 250 -22.14 28.48 -58.19
CA GLU F 250 -21.10 28.78 -57.17
C GLU F 250 -19.87 27.93 -57.46
N MET F 251 -20.05 26.74 -58.02
CA MET F 251 -18.87 25.96 -58.37
C MET F 251 -18.10 26.69 -59.45
N SER F 252 -18.83 27.26 -60.39
CA SER F 252 -18.22 27.98 -61.48
C SER F 252 -17.45 29.19 -60.96
N THR F 253 -18.07 29.97 -60.09
CA THR F 253 -17.42 31.21 -59.59
C THR F 253 -16.22 30.87 -58.69
N ASN F 254 -16.26 29.74 -57.97
CA ASN F 254 -15.19 29.37 -57.06
C ASN F 254 -13.98 28.81 -57.78
N LEU F 255 -14.20 28.06 -58.85
CA LEU F 255 -13.14 27.37 -59.54
C LEU F 255 -12.64 27.90 -60.88
N VAL F 256 -13.43 28.63 -61.66
CA VAL F 256 -12.99 29.02 -63.00
C VAL F 256 -12.78 30.51 -63.22
N PRO F 257 -11.56 31.08 -63.10
CA PRO F 257 -11.27 32.49 -63.25
C PRO F 257 -11.31 33.04 -64.68
N PHE F 258 -11.12 32.19 -65.66
CA PHE F 258 -11.14 32.62 -67.05
C PHE F 258 -11.98 31.63 -67.81
N PRO F 259 -12.74 32.02 -68.84
CA PRO F 259 -13.58 31.14 -69.63
C PRO F 259 -12.90 29.87 -70.15
N ARG F 260 -11.62 29.93 -70.50
CA ARG F 260 -10.97 28.74 -71.01
C ARG F 260 -10.37 27.86 -69.93
N ASN F 261 -10.05 28.41 -68.76
CA ASN F 261 -9.38 27.61 -67.77
C ASN F 261 -10.36 26.90 -66.87
N HIS F 262 -11.16 26.05 -67.46
CA HIS F 262 -12.21 25.36 -66.73
C HIS F 262 -12.00 23.88 -66.54
N PHE F 263 -10.83 23.34 -66.86
CA PHE F 263 -10.63 21.91 -66.73
C PHE F 263 -10.13 21.59 -65.34
N LEU F 264 -10.89 20.80 -64.61
CA LEU F 264 -10.62 20.49 -63.21
C LEU F 264 -10.22 19.06 -62.89
N MET F 265 -9.40 18.93 -61.87
CA MET F 265 -8.92 17.67 -61.35
C MET F 265 -9.58 17.32 -60.04
N THR F 266 -9.68 16.03 -59.71
CA THR F 266 -10.22 15.68 -58.41
C THR F 266 -9.35 14.74 -57.64
N SER F 267 -9.65 14.68 -56.35
CA SER F 267 -9.01 13.82 -55.39
C SER F 267 -10.03 13.27 -54.44
N MET F 268 -9.96 11.99 -54.15
CA MET F 268 -10.99 11.39 -53.30
C MET F 268 -10.47 10.42 -52.25
N SER F 269 -11.09 10.47 -51.08
CA SER F 269 -10.77 9.56 -49.99
C SER F 269 -12.04 9.24 -49.21
N PRO F 270 -12.27 7.97 -48.87
CA PRO F 270 -11.49 6.75 -49.01
C PRO F 270 -11.58 5.98 -50.32
N LEU F 271 -11.99 6.61 -51.42
CA LEU F 271 -12.16 5.99 -52.74
C LEU F 271 -13.37 5.09 -52.79
N GLU F 272 -13.43 4.07 -51.94
CA GLU F 272 -14.61 3.24 -51.81
C GLU F 272 -14.69 2.65 -50.42
N THR F 273 -15.90 2.53 -49.92
CA THR F 273 -16.15 2.02 -48.58
C THR F 273 -15.60 0.61 -48.42
N SER F 274 -15.79 -0.22 -49.46
CA SER F 274 -15.34 -1.60 -49.45
C SER F 274 -13.83 -1.75 -49.53
N LEU F 275 -13.13 -0.67 -49.90
CA LEU F 275 -11.65 -0.69 -49.94
C LEU F 275 -11.14 -0.40 -48.52
N THR F 276 -11.89 0.40 -47.76
CA THR F 276 -11.48 0.74 -46.37
C THR F 276 -12.49 0.13 -45.39
N SER F 277 -12.23 -1.10 -44.94
CA SER F 277 -13.18 -1.80 -44.03
C SER F 277 -12.55 -1.99 -42.64
N ALA F 278 -13.25 -2.71 -41.75
CA ALA F 278 -12.73 -2.95 -40.38
C ALA F 278 -12.55 -1.61 -39.65
N HIS F 279 -11.40 -1.42 -38.99
CA HIS F 279 -11.18 -0.18 -38.20
C HIS F 279 -10.81 0.97 -39.14
N GLN F 280 -11.76 1.85 -39.42
CA GLN F 280 -11.50 2.95 -40.37
C GLN F 280 -11.80 4.28 -39.68
N LYS F 281 -11.34 4.43 -38.45
CA LYS F 281 -11.52 5.74 -37.76
C LYS F 281 -10.58 6.74 -38.44
N ILE F 282 -10.98 7.28 -39.58
CA ILE F 282 -10.13 8.26 -40.31
C ILE F 282 -10.32 9.62 -39.63
N GLU F 283 -9.34 10.06 -38.85
CA GLU F 283 -9.47 11.34 -38.10
C GLU F 283 -9.44 12.50 -39.10
N THR F 284 -10.09 13.61 -38.76
CA THR F 284 -10.12 14.79 -39.64
C THR F 284 -8.71 15.08 -40.17
N LYS F 285 -7.69 14.82 -39.35
CA LYS F 285 -6.29 15.16 -39.74
C LYS F 285 -5.81 14.27 -40.89
N GLU F 286 -6.04 12.96 -40.83
CA GLU F 286 -5.52 12.10 -41.86
C GLU F 286 -6.30 12.31 -43.12
N LEU F 287 -7.61 12.54 -43.02
CA LEU F 287 -8.38 12.71 -44.22
C LEU F 287 -7.83 13.84 -45.07
N MET F 288 -7.50 14.97 -44.44
CA MET F 288 -6.99 16.03 -45.30
C MET F 288 -5.61 15.79 -45.83
N GLN F 289 -4.80 14.98 -45.17
CA GLN F 289 -3.51 14.71 -45.76
C GLN F 289 -3.69 13.74 -46.93
N ASP F 290 -4.64 12.81 -46.80
CA ASP F 290 -4.88 11.82 -47.84
C ASP F 290 -5.36 12.49 -49.11
N LEU F 291 -6.14 13.54 -48.98
CA LEU F 291 -6.68 14.21 -50.14
C LEU F 291 -5.66 14.96 -51.00
N ILE F 292 -4.43 15.16 -50.54
CA ILE F 292 -3.45 15.76 -51.43
C ILE F 292 -2.30 14.78 -51.66
N ASP F 293 -2.54 13.52 -51.33
CA ASP F 293 -1.58 12.45 -51.52
C ASP F 293 -1.62 11.97 -52.95
N GLN F 294 -0.52 11.46 -53.44
CA GLN F 294 -0.51 10.95 -54.80
C GLN F 294 -1.48 9.83 -55.05
N ASP F 295 -1.73 9.00 -54.05
CA ASP F 295 -2.57 7.85 -54.31
C ASP F 295 -4.04 8.13 -54.24
N HIS F 296 -4.42 9.37 -54.02
CA HIS F 296 -5.82 9.73 -54.01
C HIS F 296 -6.20 10.66 -55.14
N ILE F 297 -5.24 10.96 -56.03
CA ILE F 297 -5.55 11.91 -57.09
C ILE F 297 -5.87 11.16 -58.36
N LEU F 298 -7.04 11.43 -58.94
CA LEU F 298 -7.47 10.66 -60.10
C LEU F 298 -7.01 11.31 -61.39
N ALA F 299 -5.70 11.51 -61.46
CA ALA F 299 -5.00 12.12 -62.57
C ALA F 299 -3.52 11.85 -62.38
N PRO F 300 -2.68 11.85 -63.42
CA PRO F 300 -1.24 11.70 -63.29
C PRO F 300 -0.62 13.02 -62.86
N ILE F 301 -1.05 13.49 -61.70
CA ILE F 301 -0.66 14.76 -61.12
C ILE F 301 -0.19 14.69 -59.69
N THR F 302 0.92 15.33 -59.45
CA THR F 302 1.51 15.49 -58.15
C THR F 302 1.21 16.94 -57.80
N VAL F 303 0.61 17.22 -56.64
CA VAL F 303 0.24 18.61 -56.40
C VAL F 303 1.44 19.51 -56.24
N GLU F 304 2.53 18.94 -55.74
CA GLU F 304 3.78 19.61 -55.52
C GLU F 304 4.46 20.05 -56.81
N LYS F 305 4.05 19.49 -57.95
CA LYS F 305 4.67 19.82 -59.20
C LYS F 305 3.69 20.51 -60.13
N GLY F 306 3.51 21.79 -59.92
CA GLY F 306 2.54 22.58 -60.64
C GLY F 306 1.99 23.67 -59.76
N VAL F 307 1.08 24.47 -60.29
CA VAL F 307 0.54 25.60 -59.57
C VAL F 307 -0.98 25.61 -59.52
N PHE F 308 -1.52 25.89 -58.34
CA PHE F 308 -2.95 25.99 -58.13
C PHE F 308 -3.48 27.34 -58.48
N THR F 309 -4.67 27.36 -59.02
CA THR F 309 -5.38 28.58 -59.31
C THR F 309 -6.58 28.66 -58.38
N ALA F 310 -7.13 27.49 -58.06
CA ALA F 310 -8.28 27.42 -57.16
C ALA F 310 -8.28 26.08 -56.46
N PHE F 311 -8.78 26.02 -55.24
CA PHE F 311 -8.80 24.74 -54.55
C PHE F 311 -9.91 24.62 -53.52
N VAL F 312 -10.85 23.72 -53.75
CA VAL F 312 -11.97 23.55 -52.83
C VAL F 312 -12.04 22.14 -52.27
N ILE F 313 -12.07 22.05 -50.95
CA ILE F 313 -12.14 20.77 -50.27
C ILE F 313 -13.51 20.55 -49.63
N ALA F 314 -14.24 19.56 -50.11
CA ALA F 314 -15.57 19.28 -49.59
C ALA F 314 -15.56 18.00 -48.79
N LEU F 315 -15.81 18.12 -47.51
CA LEU F 315 -15.77 16.98 -46.62
C LEU F 315 -17.16 16.60 -46.21
N ARG F 316 -17.32 15.41 -45.69
CA ARG F 316 -18.61 14.99 -45.18
C ARG F 316 -18.40 14.43 -43.78
N GLY F 317 -19.32 14.72 -42.87
CA GLY F 317 -19.25 14.25 -41.49
C GLY F 317 -18.68 15.32 -40.61
N GLU F 318 -18.59 15.06 -39.30
CA GLU F 318 -18.05 16.09 -38.46
C GLU F 318 -16.57 16.25 -38.76
N ASN F 319 -16.19 17.49 -39.00
CA ASN F 319 -14.87 17.91 -39.34
C ASN F 319 -14.61 19.28 -38.70
N PRO F 320 -14.17 19.35 -37.44
CA PRO F 320 -14.04 20.58 -36.71
C PRO F 320 -13.23 21.57 -37.50
N HIS F 321 -13.65 22.82 -37.51
CA HIS F 321 -12.99 23.79 -38.33
C HIS F 321 -11.59 24.13 -37.89
N SER F 322 -11.30 24.00 -36.61
CA SER F 322 -9.96 24.30 -36.14
C SER F 322 -8.95 23.28 -36.65
N ILE F 323 -9.43 22.10 -37.02
CA ILE F 323 -8.55 21.09 -37.53
C ILE F 323 -8.37 21.38 -38.97
N LEU F 324 -9.45 21.73 -39.64
CA LEU F 324 -9.32 21.96 -41.06
C LEU F 324 -8.35 23.10 -41.30
N GLN F 325 -8.37 24.12 -40.45
CA GLN F 325 -7.45 25.22 -40.65
C GLN F 325 -6.02 24.83 -40.36
N ASN F 326 -5.77 24.00 -39.36
CA ASN F 326 -4.39 23.62 -39.15
C ASN F 326 -3.89 22.72 -40.26
N SER F 327 -4.77 21.88 -40.81
CA SER F 327 -4.38 21.01 -41.91
C SER F 327 -4.02 21.82 -43.13
N ILE F 328 -4.77 22.88 -43.40
CA ILE F 328 -4.45 23.73 -44.54
C ILE F 328 -3.16 24.46 -44.32
N LYS F 329 -2.95 25.04 -43.16
CA LYS F 329 -1.71 25.76 -42.94
C LYS F 329 -0.51 24.81 -43.10
N GLY F 330 -0.71 23.57 -42.67
CA GLY F 330 0.27 22.50 -42.70
C GLY F 330 0.57 21.99 -44.10
N PHE F 331 -0.14 22.48 -45.12
CA PHE F 331 0.14 22.08 -46.48
C PHE F 331 1.48 22.69 -46.87
N GLY F 332 1.87 23.81 -46.26
CA GLY F 332 3.14 24.40 -46.57
C GLY F 332 3.24 24.80 -48.02
N ASP F 333 4.32 24.39 -48.66
CA ASP F 333 4.56 24.68 -50.06
C ASP F 333 4.19 23.54 -50.98
N ARG F 334 3.45 22.56 -50.45
CA ARG F 334 3.00 21.48 -51.30
C ARG F 334 1.85 21.99 -52.14
N VAL F 335 1.10 22.93 -51.57
CA VAL F 335 0.00 23.55 -52.24
C VAL F 335 0.34 25.00 -52.46
N LYS F 336 0.72 25.33 -53.68
CA LYS F 336 1.17 26.67 -53.97
C LYS F 336 0.43 27.28 -55.15
N PHE F 337 0.19 28.58 -55.05
CA PHE F 337 -0.56 29.31 -56.11
C PHE F 337 0.36 30.36 -56.72
N SER F 338 -0.19 31.25 -57.55
CA SER F 338 0.62 32.33 -58.16
C SER F 338 0.83 33.44 -57.12
N GLU F 339 1.70 34.40 -57.43
CA GLU F 339 1.93 35.55 -56.50
C GLU F 339 0.81 36.56 -56.70
N ILE F 340 -0.04 36.33 -57.71
CA ILE F 340 -1.20 37.25 -57.95
C ILE F 340 -2.45 36.65 -57.27
N PHE F 341 -2.29 35.62 -56.44
CA PHE F 341 -3.44 35.12 -55.73
C PHE F 341 -3.10 34.92 -54.26
N PRO F 342 -4.07 35.06 -53.36
CA PRO F 342 -3.96 34.65 -52.00
C PRO F 342 -4.07 33.16 -52.05
N THR F 343 -3.62 32.45 -51.03
CA THR F 343 -3.80 31.01 -51.03
C THR F 343 -5.22 30.65 -50.69
N ALA F 344 -6.07 30.81 -51.67
CA ALA F 344 -7.49 30.67 -51.54
C ALA F 344 -7.95 29.24 -51.52
N ILE F 345 -7.68 28.59 -50.41
CA ILE F 345 -8.05 27.21 -50.19
C ILE F 345 -9.27 27.22 -49.30
N LYS F 346 -10.39 26.69 -49.81
CA LYS F 346 -11.66 26.75 -49.02
C LYS F 346 -12.10 25.34 -48.60
N ALA F 347 -12.41 25.15 -47.33
CA ALA F 347 -12.81 23.83 -46.86
C ALA F 347 -13.90 23.89 -45.84
N ASP F 348 -14.82 22.93 -45.91
CA ASP F 348 -15.90 22.79 -44.94
C ASP F 348 -16.52 21.41 -45.10
N SER F 349 -17.54 21.08 -44.29
CA SER F 349 -18.19 19.77 -44.42
C SER F 349 -19.72 19.75 -44.40
N THR F 350 -20.24 18.71 -45.05
CA THR F 350 -21.67 18.42 -45.16
C THR F 350 -22.08 17.07 -44.60
N THR F 351 -23.34 16.73 -44.82
CA THR F 351 -23.98 15.52 -44.32
C THR F 351 -23.50 14.17 -44.86
N LEU F 352 -23.30 13.24 -43.90
CA LEU F 352 -22.88 11.86 -44.26
C LEU F 352 -24.10 10.94 -44.24
N THR F 353 -24.23 10.08 -45.24
CA THR F 353 -25.28 9.14 -45.48
C THR F 353 -24.88 7.68 -45.38
N ASP F 354 -23.57 7.43 -45.46
CA ASP F 354 -22.99 6.09 -45.47
C ASP F 354 -22.64 5.66 -44.06
N GLU F 355 -23.40 4.73 -43.52
CA GLU F 355 -23.28 4.31 -42.13
C GLU F 355 -21.98 3.60 -41.80
N LYS F 356 -21.20 3.22 -42.81
CA LYS F 356 -19.95 2.53 -42.56
C LYS F 356 -18.75 3.47 -42.44
N LEU F 357 -18.92 4.76 -42.75
CA LEU F 357 -17.78 5.65 -42.69
C LEU F 357 -17.92 6.77 -41.71
N ALA F 358 -16.88 6.97 -40.91
CA ALA F 358 -16.86 8.06 -39.95
C ALA F 358 -16.89 9.42 -40.63
N ARG F 359 -16.22 9.52 -41.78
CA ARG F 359 -16.14 10.74 -42.55
C ARG F 359 -15.55 10.45 -43.91
N SER F 360 -15.66 11.40 -44.81
CA SER F 360 -15.10 11.25 -46.14
C SER F 360 -14.90 12.56 -46.82
N GLY F 361 -14.27 12.58 -47.99
CA GLY F 361 -14.21 13.84 -48.72
C GLY F 361 -13.66 13.76 -50.14
N ILE F 362 -13.83 14.87 -50.85
CA ILE F 362 -13.41 15.03 -52.23
C ILE F 362 -12.93 16.44 -52.48
N THR F 363 -11.96 16.61 -53.36
CA THR F 363 -11.57 17.97 -53.67
C THR F 363 -11.72 18.25 -55.14
N LEU F 364 -11.87 19.53 -55.44
CA LEU F 364 -11.92 20.03 -56.80
C LEU F 364 -10.76 20.99 -56.99
N MET F 365 -9.91 20.70 -57.95
CA MET F 365 -8.72 21.52 -58.12
C MET F 365 -8.56 22.12 -59.49
N ASN F 366 -8.18 23.38 -59.52
CA ASN F 366 -7.88 24.00 -60.79
C ASN F 366 -6.37 24.14 -60.70
N HIS F 367 -5.68 23.25 -61.40
CA HIS F 367 -4.23 23.10 -61.28
C HIS F 367 -3.60 22.91 -62.63
N SER F 368 -2.44 23.52 -62.82
CA SER F 368 -1.72 23.53 -64.09
C SER F 368 -1.29 22.17 -64.58
N GLY F 369 -1.29 21.16 -63.72
CA GLY F 369 -0.89 19.81 -64.07
C GLY F 369 -1.79 19.21 -65.13
N VAL F 370 -2.97 19.78 -65.36
CA VAL F 370 -3.83 19.27 -66.42
C VAL F 370 -3.16 19.39 -67.76
N ALA F 371 -2.32 20.39 -67.92
CA ALA F 371 -1.63 20.65 -69.14
C ALA F 371 -0.75 19.49 -69.53
N ASN F 372 -0.30 18.70 -68.56
CA ASN F 372 0.58 17.60 -68.85
C ASN F 372 -0.18 16.46 -69.51
N LEU F 373 -1.46 16.31 -69.19
CA LEU F 373 -2.25 15.25 -69.79
C LEU F 373 -2.56 15.66 -71.20
N PHE F 374 -2.85 16.93 -71.37
CA PHE F 374 -3.17 17.40 -72.68
C PHE F 374 -1.94 17.28 -73.55
N GLN F 375 -0.74 17.62 -73.05
CA GLN F 375 0.43 17.50 -73.89
C GLN F 375 0.73 16.06 -74.23
N PHE F 376 0.51 15.15 -73.29
CA PHE F 376 0.75 13.75 -73.58
C PHE F 376 -0.08 13.30 -74.77
N LEU F 377 -1.37 13.59 -74.71
CA LEU F 377 -2.27 13.18 -75.78
C LEU F 377 -1.97 13.93 -77.06
N LEU F 378 -1.58 15.20 -76.96
CA LEU F 378 -1.31 15.97 -78.15
C LEU F 378 -0.07 15.44 -78.86
N THR F 379 0.95 15.04 -78.12
CA THR F 379 2.13 14.49 -78.78
C THR F 379 1.74 13.24 -79.57
N GLN F 380 0.91 12.37 -78.97
CA GLN F 380 0.54 11.16 -79.69
C GLN F 380 -0.25 11.50 -80.95
N PHE F 381 -1.11 12.52 -80.86
CA PHE F 381 -1.89 13.00 -81.99
C PHE F 381 -0.97 13.40 -83.10
N GLU F 382 0.04 14.21 -82.79
CA GLU F 382 0.95 14.69 -83.81
C GLU F 382 1.72 13.58 -84.49
N LEU F 383 2.17 12.56 -83.74
CA LEU F 383 2.91 11.50 -84.42
C LEU F 383 2.05 10.80 -85.44
N MET F 384 0.78 10.57 -85.10
CA MET F 384 -0.10 9.92 -86.05
C MET F 384 -0.52 10.84 -87.19
N TYR F 385 -0.88 12.05 -86.85
CA TYR F 385 -1.41 12.97 -87.85
C TYR F 385 -0.40 13.28 -88.91
N ASP F 386 0.83 13.54 -88.51
CA ASP F 386 1.87 13.95 -89.44
C ASP F 386 2.24 12.86 -90.44
N HIS F 387 1.83 11.63 -90.19
CA HIS F 387 2.13 10.54 -91.11
C HIS F 387 0.83 9.91 -91.62
N ASP F 388 -0.29 10.63 -91.49
CA ASP F 388 -1.63 10.23 -91.92
C ASP F 388 -2.13 8.89 -91.39
N ALA F 389 -1.79 8.50 -90.17
CA ALA F 389 -2.29 7.20 -89.77
C ALA F 389 -3.76 7.27 -89.51
N PHE F 390 -4.54 6.37 -90.12
CA PHE F 390 -5.97 6.29 -89.90
C PHE F 390 -6.74 7.55 -90.20
N THR F 391 -6.25 8.42 -91.08
CA THR F 391 -7.03 9.64 -91.31
C THR F 391 -8.08 9.44 -92.37
N THR F 392 -7.92 8.40 -93.18
CA THR F 392 -8.88 8.16 -94.23
C THR F 392 -10.25 7.88 -93.65
N TRP F 393 -10.29 7.27 -92.48
CA TRP F 393 -11.56 6.91 -91.91
C TRP F 393 -12.35 8.12 -91.46
N TYR F 394 -11.68 9.24 -91.20
CA TYR F 394 -12.38 10.42 -90.77
C TYR F 394 -12.72 11.28 -91.98
N TYR F 395 -11.85 11.25 -92.99
CA TYR F 395 -12.05 12.07 -94.17
C TYR F 395 -13.23 11.54 -94.96
N GLN F 396 -13.44 10.24 -94.89
CA GLN F 396 -14.54 9.58 -95.58
C GLN F 396 -15.89 9.98 -95.04
N GLU F 397 -15.94 10.58 -93.84
CA GLU F 397 -17.20 10.97 -93.28
C GLU F 397 -17.31 12.48 -93.10
N GLY F 398 -16.52 13.23 -93.86
CA GLY F 398 -16.62 14.68 -93.86
C GLY F 398 -15.59 15.49 -93.08
N MET F 399 -14.60 14.87 -92.45
CA MET F 399 -13.67 15.72 -91.75
C MET F 399 -12.56 16.28 -92.61
N GLN F 400 -12.85 17.36 -93.28
CA GLN F 400 -11.89 18.00 -94.16
C GLN F 400 -10.63 18.18 -93.30
N PRO F 401 -9.40 17.95 -93.80
CA PRO F 401 -8.15 18.03 -93.06
C PRO F 401 -7.89 19.25 -92.19
N SER F 402 -8.39 20.43 -92.57
CA SER F 402 -8.14 21.62 -91.77
C SER F 402 -8.82 21.55 -90.41
N GLU F 403 -9.76 20.62 -90.27
CA GLU F 403 -10.50 20.40 -89.05
C GLU F 403 -9.56 19.84 -87.98
N PHE F 404 -8.62 18.98 -88.41
CA PHE F 404 -7.66 18.38 -87.52
C PHE F 404 -6.63 19.40 -87.14
N GLU F 405 -6.24 20.21 -88.11
CA GLU F 405 -5.24 21.23 -87.87
C GLU F 405 -5.76 22.25 -86.88
N ALA F 406 -7.04 22.61 -86.98
CA ALA F 406 -7.58 23.57 -86.04
C ALA F 406 -7.56 23.02 -84.63
N ALA F 407 -7.92 21.74 -84.46
CA ALA F 407 -7.92 21.18 -83.12
C ALA F 407 -6.51 21.15 -82.54
N LYS F 408 -5.54 20.83 -83.38
CA LYS F 408 -4.15 20.79 -82.96
C LYS F 408 -3.71 22.12 -82.42
N ASN F 409 -4.05 23.19 -83.13
CA ASN F 409 -3.62 24.49 -82.68
C ASN F 409 -4.35 24.95 -81.42
N ASN F 410 -5.65 24.68 -81.33
CA ASN F 410 -6.42 25.11 -80.13
C ASN F 410 -5.84 24.44 -78.88
N ILE F 411 -5.52 23.15 -78.94
CA ILE F 411 -5.05 22.47 -77.76
C ILE F 411 -3.65 22.98 -77.43
N GLN F 412 -2.78 23.19 -78.42
CA GLN F 412 -1.46 23.66 -78.04
C GLN F 412 -1.59 25.01 -77.32
N LYS F 413 -2.53 25.87 -77.75
CA LYS F 413 -2.74 27.14 -77.09
C LYS F 413 -3.25 26.94 -75.66
N LEU F 414 -4.13 25.97 -75.46
CA LEU F 414 -4.68 25.71 -74.14
C LEU F 414 -3.59 25.25 -73.18
N ILE F 415 -2.68 24.41 -73.67
CA ILE F 415 -1.57 23.91 -72.86
C ILE F 415 -0.68 25.07 -72.48
N THR F 416 -0.40 25.92 -73.45
CA THR F 416 0.44 27.08 -73.25
C THR F 416 -0.13 27.96 -72.16
N GLU F 417 -1.43 28.21 -72.21
CA GLU F 417 -2.09 29.05 -71.21
C GLU F 417 -2.07 28.45 -69.81
N TYR F 418 -2.28 27.14 -69.67
CA TYR F 418 -2.26 26.56 -68.33
C TYR F 418 -0.88 26.58 -67.72
N LYS F 419 0.15 26.54 -68.53
CA LYS F 419 1.49 26.53 -68.01
C LYS F 419 2.08 27.93 -67.78
N GLN F 420 1.28 28.98 -68.02
CA GLN F 420 1.82 30.36 -67.90
C GLN F 420 2.47 30.55 -66.52
N ASP F 421 1.81 30.11 -65.44
CA ASP F 421 2.34 30.36 -64.07
C ASP F 421 3.54 29.47 -63.77
N GLU F 422 3.70 28.36 -64.51
CA GLU F 422 4.88 27.48 -64.32
C GLU F 422 6.15 28.29 -64.60
N TYR F 423 6.18 29.03 -65.71
CA TYR F 423 7.36 29.87 -66.04
C TYR F 423 7.43 31.04 -65.07
N ALA G 2 -64.53 -28.75 -42.73
CA ALA G 2 -65.35 -27.95 -43.64
C ALA G 2 -64.78 -27.95 -45.05
N GLY G 3 -63.49 -27.57 -45.24
CA GLY G 3 -62.85 -27.48 -46.57
C GLY G 3 -62.46 -28.84 -47.13
N GLU G 4 -63.46 -29.70 -47.27
CA GLU G 4 -63.27 -31.08 -47.71
C GLU G 4 -63.00 -31.12 -49.19
N ILE G 5 -62.09 -31.99 -49.61
CA ILE G 5 -61.71 -32.04 -51.02
C ILE G 5 -62.08 -33.33 -51.72
N VAL G 6 -62.69 -33.20 -52.88
CA VAL G 6 -63.01 -34.38 -53.67
C VAL G 6 -62.10 -34.42 -54.88
N CYS G 7 -61.32 -35.48 -55.02
CA CYS G 7 -60.43 -35.56 -56.16
C CYS G 7 -61.07 -36.36 -57.27
N ILE G 8 -60.81 -36.00 -58.51
CA ILE G 8 -61.31 -36.75 -59.64
C ILE G 8 -60.10 -37.12 -60.48
N GLN G 9 -59.94 -38.39 -60.75
CA GLN G 9 -58.79 -38.87 -61.50
C GLN G 9 -59.23 -39.40 -62.83
N VAL G 10 -58.80 -38.81 -63.94
CA VAL G 10 -59.33 -39.33 -65.19
C VAL G 10 -58.25 -39.79 -66.15
N GLY G 11 -58.35 -41.04 -66.56
CA GLY G 11 -57.43 -41.61 -67.53
C GLY G 11 -56.19 -42.21 -66.89
N GLN G 12 -55.36 -42.86 -67.70
CA GLN G 12 -54.19 -43.52 -67.15
C GLN G 12 -53.18 -42.62 -66.49
N ALA G 13 -52.88 -41.47 -67.08
CA ALA G 13 -51.90 -40.59 -66.47
C ALA G 13 -52.49 -40.04 -65.20
N GLY G 14 -53.79 -39.76 -65.26
CA GLY G 14 -54.47 -39.15 -64.14
C GLY G 14 -54.40 -40.06 -62.94
N ASN G 15 -54.61 -41.34 -63.18
CA ASN G 15 -54.62 -42.30 -62.10
C ASN G 15 -53.22 -42.57 -61.58
N GLN G 16 -52.20 -42.57 -62.43
CA GLN G 16 -50.87 -42.82 -61.93
C GLN G 16 -50.32 -41.67 -61.12
N ILE G 17 -50.63 -40.44 -61.54
CA ILE G 17 -50.14 -39.28 -60.83
C ILE G 17 -50.85 -39.15 -59.52
N ALA G 18 -52.17 -39.28 -59.54
CA ALA G 18 -52.93 -39.20 -58.34
C ALA G 18 -52.55 -40.32 -57.39
N GLY G 19 -52.23 -41.49 -57.92
CA GLY G 19 -51.84 -42.60 -57.11
C GLY G 19 -50.61 -42.23 -56.30
N ALA G 20 -49.60 -41.67 -56.95
CA ALA G 20 -48.38 -41.27 -56.26
C ALA G 20 -48.70 -40.26 -55.18
N PHE G 21 -49.62 -39.33 -55.47
CA PHE G 21 -50.03 -38.36 -54.47
C PHE G 21 -50.64 -39.02 -53.28
N TRP G 22 -51.59 -39.90 -53.48
CA TRP G 22 -52.26 -40.50 -52.36
C TRP G 22 -51.33 -41.27 -51.46
N GLN G 23 -50.38 -41.97 -52.06
CA GLN G 23 -49.45 -42.73 -51.27
C GLN G 23 -48.48 -41.81 -50.50
N LYS G 24 -48.19 -40.61 -51.00
CA LYS G 24 -47.34 -39.71 -50.23
C LYS G 24 -48.13 -39.07 -49.09
N ILE G 25 -49.41 -38.77 -49.32
CA ILE G 25 -50.27 -38.18 -48.30
C ILE G 25 -50.40 -39.13 -47.13
N CYS G 26 -50.53 -40.40 -47.43
CA CYS G 26 -50.64 -41.42 -46.43
C CYS G 26 -49.34 -41.61 -45.64
N ALA G 27 -48.24 -41.07 -46.12
CA ALA G 27 -47.05 -41.22 -45.34
C ALA G 27 -46.96 -40.10 -44.34
N GLU G 28 -47.35 -38.89 -44.77
CA GLU G 28 -47.25 -37.72 -43.88
C GLU G 28 -48.28 -37.84 -42.75
N HIS G 29 -49.47 -38.36 -43.05
CA HIS G 29 -50.54 -38.41 -42.02
C HIS G 29 -50.36 -39.63 -41.11
N GLY G 30 -49.70 -40.67 -41.62
CA GLY G 30 -49.46 -41.88 -40.83
C GLY G 30 -50.54 -42.94 -41.09
N ILE G 31 -50.73 -43.31 -42.36
CA ILE G 31 -51.77 -44.31 -42.73
C ILE G 31 -51.08 -45.39 -43.57
N ASP G 32 -51.53 -46.65 -43.52
CA ASP G 32 -50.89 -47.64 -44.37
C ASP G 32 -51.25 -47.42 -45.85
N PRO G 33 -50.31 -47.07 -46.75
CA PRO G 33 -50.54 -46.77 -48.16
C PRO G 33 -51.16 -47.90 -48.95
N VAL G 34 -51.12 -49.13 -48.44
CA VAL G 34 -51.72 -50.22 -49.19
C VAL G 34 -52.96 -50.84 -48.55
N ASN G 35 -53.37 -50.29 -47.41
CA ASN G 35 -54.55 -50.80 -46.69
C ASN G 35 -55.53 -49.73 -46.30
N GLY G 36 -55.04 -48.54 -45.97
CA GLY G 36 -55.85 -47.45 -45.46
C GLY G 36 -55.97 -47.53 -43.94
N LYS G 37 -55.44 -48.62 -43.38
CA LYS G 37 -55.65 -48.84 -41.94
C LYS G 37 -54.61 -48.07 -41.12
N ALA G 38 -55.07 -47.40 -40.06
CA ALA G 38 -54.18 -46.67 -39.18
C ALA G 38 -54.66 -46.68 -37.78
N ILE G 39 -53.76 -46.56 -36.84
CA ILE G 39 -54.17 -46.45 -35.45
C ILE G 39 -53.97 -45.02 -34.99
N ASP G 40 -52.76 -44.51 -35.18
CA ASP G 40 -52.39 -43.18 -34.75
C ASP G 40 -52.02 -42.31 -35.93
N VAL G 41 -52.82 -41.29 -36.18
CA VAL G 41 -52.59 -40.42 -37.32
C VAL G 41 -52.45 -39.01 -36.83
N VAL G 42 -51.90 -38.16 -37.66
CA VAL G 42 -51.71 -36.77 -37.31
C VAL G 42 -52.29 -35.91 -38.40
N GLY G 43 -52.54 -34.65 -38.10
CA GLY G 43 -53.03 -33.71 -39.09
C GLY G 43 -54.53 -33.80 -39.20
N ASP G 44 -55.11 -32.99 -40.06
CA ASP G 44 -56.54 -32.98 -40.25
C ASP G 44 -56.88 -33.93 -41.39
N THR G 45 -57.06 -35.21 -41.07
CA THR G 45 -57.22 -36.25 -42.07
C THR G 45 -58.57 -36.20 -42.73
N ASP G 46 -59.48 -35.47 -42.13
CA ASP G 46 -60.83 -35.37 -42.64
C ASP G 46 -60.90 -34.59 -43.95
N ILE G 47 -59.88 -33.81 -44.26
CA ILE G 47 -59.95 -33.05 -45.49
C ILE G 47 -59.93 -33.97 -46.71
N PHE G 48 -59.07 -34.98 -46.70
CA PHE G 48 -58.99 -35.90 -47.83
C PHE G 48 -59.51 -37.32 -47.59
N PHE G 49 -59.71 -37.75 -46.35
CA PHE G 49 -60.13 -39.12 -46.14
C PHE G 49 -61.45 -39.25 -45.40
N ASN G 50 -62.23 -40.23 -45.80
CA ASN G 50 -63.47 -40.58 -45.13
C ASN G 50 -63.15 -41.67 -44.13
N THR G 51 -63.18 -41.37 -42.83
CA THR G 51 -62.73 -42.42 -41.93
C THR G 51 -63.90 -43.23 -41.41
N ILE G 52 -63.81 -44.54 -41.62
CA ILE G 52 -64.79 -45.50 -41.15
C ILE G 52 -64.08 -46.53 -40.30
N GLY G 53 -64.41 -46.60 -39.01
CA GLY G 53 -63.67 -47.51 -38.16
C GLY G 53 -62.23 -47.03 -38.12
N ASP G 54 -61.28 -47.92 -38.39
CA ASP G 54 -59.87 -47.55 -38.40
C ASP G 54 -59.32 -47.45 -39.82
N LYS G 55 -60.21 -47.41 -40.82
CA LYS G 55 -59.79 -47.29 -42.20
C LYS G 55 -60.02 -45.89 -42.76
N TYR G 56 -58.99 -45.33 -43.34
CA TYR G 56 -59.04 -44.02 -43.93
C TYR G 56 -59.20 -44.17 -45.42
N ILE G 57 -60.35 -43.78 -45.92
CA ILE G 57 -60.67 -43.97 -47.32
C ILE G 57 -60.50 -42.69 -48.10
N PRO G 58 -59.58 -42.59 -49.04
CA PRO G 58 -59.32 -41.38 -49.73
C PRO G 58 -60.55 -41.04 -50.50
N ARG G 59 -60.92 -39.75 -50.50
CA ARG G 59 -62.09 -39.26 -51.25
C ARG G 59 -61.66 -38.96 -52.69
N ALA G 60 -61.92 -39.88 -53.61
CA ALA G 60 -61.55 -39.74 -54.98
C ALA G 60 -62.54 -40.47 -55.84
N VAL G 61 -62.71 -39.96 -57.03
CA VAL G 61 -63.53 -40.60 -58.02
C VAL G 61 -62.58 -41.07 -59.08
N VAL G 62 -62.55 -42.36 -59.34
CA VAL G 62 -61.58 -42.86 -60.29
C VAL G 62 -62.27 -43.20 -61.59
N VAL G 63 -61.86 -42.54 -62.64
CA VAL G 63 -62.56 -42.66 -63.90
C VAL G 63 -61.75 -43.11 -65.09
N ASP G 64 -62.29 -44.08 -65.80
CA ASP G 64 -61.65 -44.48 -67.04
C ASP G 64 -62.70 -44.92 -68.06
N LEU G 65 -62.26 -45.27 -69.26
CA LEU G 65 -63.12 -45.80 -70.29
C LEU G 65 -62.65 -47.21 -70.53
N GLU G 66 -61.52 -47.50 -69.92
CA GLU G 66 -60.84 -48.80 -69.98
C GLU G 66 -61.71 -49.91 -69.36
N PRO G 67 -61.89 -51.06 -70.02
CA PRO G 67 -62.64 -52.24 -69.57
C PRO G 67 -62.28 -52.86 -68.21
N ALA G 68 -61.06 -52.72 -67.71
CA ALA G 68 -60.73 -53.37 -66.43
C ALA G 68 -59.96 -52.47 -65.48
N VAL G 69 -60.48 -51.29 -65.27
CA VAL G 69 -59.83 -50.34 -64.40
C VAL G 69 -59.75 -50.78 -62.94
N VAL G 70 -60.71 -51.56 -62.42
CA VAL G 70 -60.61 -51.91 -61.01
C VAL G 70 -59.45 -52.85 -60.73
N GLU G 71 -59.31 -53.88 -61.53
CA GLU G 71 -58.25 -54.86 -61.33
C GLU G 71 -56.89 -54.20 -61.47
N ASN G 72 -56.80 -53.22 -62.38
CA ASN G 72 -55.57 -52.50 -62.65
C ASN G 72 -55.13 -51.65 -61.46
N ILE G 73 -56.06 -51.35 -60.56
CA ILE G 73 -55.78 -50.55 -59.40
C ILE G 73 -55.41 -51.46 -58.27
N ARG G 74 -56.17 -52.53 -58.06
CA ARG G 74 -55.85 -53.50 -56.98
C ARG G 74 -54.40 -53.94 -57.10
N GLU G 75 -53.93 -54.20 -58.32
CA GLU G 75 -52.58 -54.68 -58.53
C GLU G 75 -51.50 -53.70 -58.09
N LYS G 76 -51.77 -52.40 -58.07
CA LYS G 76 -50.73 -51.46 -57.70
C LYS G 76 -50.97 -50.74 -56.38
N PHE G 77 -52.23 -50.48 -56.04
CA PHE G 77 -52.58 -49.72 -54.86
C PHE G 77 -53.26 -50.52 -53.75
N GLY G 78 -53.28 -51.85 -53.86
CA GLY G 78 -53.85 -52.65 -52.81
C GLY G 78 -55.31 -52.36 -52.61
N THR G 79 -55.68 -52.08 -51.38
CA THR G 79 -57.06 -51.81 -51.05
C THR G 79 -57.25 -50.39 -50.57
N LEU G 80 -56.31 -49.51 -50.92
CA LEU G 80 -56.40 -48.13 -50.47
C LEU G 80 -57.65 -47.45 -51.02
N PHE G 81 -58.04 -47.74 -52.26
CA PHE G 81 -59.20 -47.09 -52.85
C PHE G 81 -60.42 -47.96 -52.72
N ASP G 82 -61.56 -47.35 -52.45
CA ASP G 82 -62.84 -48.05 -52.32
C ASP G 82 -63.41 -48.35 -53.70
N PRO G 83 -63.59 -49.62 -54.11
CA PRO G 83 -64.05 -50.06 -55.42
C PRO G 83 -65.36 -49.44 -55.85
N LYS G 84 -66.17 -48.97 -54.91
CA LYS G 84 -67.45 -48.39 -55.28
C LYS G 84 -67.27 -47.05 -55.98
N SER G 85 -66.09 -46.45 -55.82
CA SER G 85 -65.76 -45.16 -56.41
C SER G 85 -65.04 -45.31 -57.73
N ILE G 86 -64.85 -46.55 -58.21
CA ILE G 86 -64.12 -46.72 -59.44
C ILE G 86 -65.07 -47.00 -60.58
N VAL G 87 -65.02 -46.15 -61.60
CA VAL G 87 -65.92 -46.26 -62.73
C VAL G 87 -65.20 -46.83 -63.95
N SER G 88 -65.56 -48.04 -64.31
CA SER G 88 -64.98 -48.74 -65.43
C SER G 88 -65.69 -48.41 -66.70
N GLY G 89 -65.03 -48.63 -67.83
CA GLY G 89 -65.63 -48.33 -69.14
C GLY G 89 -65.84 -49.60 -69.94
N ALA G 90 -66.11 -49.47 -71.25
CA ALA G 90 -66.42 -50.67 -72.06
C ALA G 90 -65.38 -50.87 -73.16
N ASP G 91 -65.09 -49.82 -73.94
CA ASP G 91 -64.12 -49.93 -75.05
C ASP G 91 -62.89 -49.09 -74.73
N GLY G 92 -63.00 -47.77 -74.89
CA GLY G 92 -61.85 -46.87 -74.63
C GLY G 92 -61.78 -45.77 -75.67
N ALA G 93 -61.07 -44.68 -75.38
CA ALA G 93 -60.89 -43.61 -76.39
C ALA G 93 -59.46 -43.67 -76.94
N GLY G 94 -59.32 -44.00 -78.23
CA GLY G 94 -58.01 -44.15 -78.84
C GLY G 94 -57.27 -42.85 -79.10
N ASN G 95 -56.90 -42.15 -78.03
CA ASN G 95 -56.22 -40.86 -78.15
C ASN G 95 -57.03 -39.93 -79.02
N ASN G 96 -58.32 -39.93 -78.82
CA ASN G 96 -59.18 -39.13 -79.60
C ASN G 96 -60.13 -38.40 -78.70
N PHE G 97 -59.93 -37.10 -78.62
CA PHE G 97 -60.73 -36.22 -77.78
C PHE G 97 -62.20 -36.44 -78.06
N ALA G 98 -62.56 -36.61 -79.34
CA ALA G 98 -63.95 -36.74 -79.74
C ALA G 98 -64.62 -37.97 -79.16
N ILE G 99 -63.87 -38.98 -78.79
CA ILE G 99 -64.48 -40.18 -78.26
C ILE G 99 -64.64 -39.97 -76.79
N GLY G 100 -63.63 -39.42 -76.15
CA GLY G 100 -63.79 -39.19 -74.74
C GLY G 100 -64.89 -38.15 -74.49
N PHE G 101 -65.02 -37.17 -75.38
CA PHE G 101 -65.97 -36.09 -75.23
C PHE G 101 -67.37 -36.37 -75.80
N ASN G 102 -67.47 -36.92 -77.00
CA ASN G 102 -68.80 -37.14 -77.54
C ASN G 102 -69.24 -38.58 -77.34
N GLU G 103 -68.51 -39.50 -77.95
CA GLU G 103 -68.94 -40.90 -77.98
C GLU G 103 -68.45 -41.73 -76.80
N HIS G 104 -68.85 -41.33 -75.59
CA HIS G 104 -68.43 -42.04 -74.38
C HIS G 104 -69.48 -42.94 -73.74
N GLY G 105 -70.73 -42.71 -74.05
CA GLY G 105 -71.83 -43.46 -73.45
C GLY G 105 -72.45 -42.62 -72.34
N ALA G 106 -73.77 -42.42 -72.42
CA ALA G 106 -74.45 -41.62 -71.41
C ALA G 106 -74.35 -42.26 -70.04
N GLU G 107 -74.41 -43.58 -70.02
CA GLU G 107 -74.38 -44.33 -68.78
C GLU G 107 -73.07 -44.19 -68.06
N THR G 108 -71.97 -44.09 -68.81
CA THR G 108 -70.65 -43.97 -68.22
C THR G 108 -70.61 -42.67 -67.46
N LEU G 109 -71.09 -41.61 -68.11
CA LEU G 109 -71.05 -40.32 -67.44
C LEU G 109 -72.01 -40.26 -66.27
N GLU G 110 -73.20 -40.85 -66.39
CA GLU G 110 -74.12 -40.80 -65.29
C GLU G 110 -73.54 -41.50 -64.08
N LYS G 111 -72.84 -42.63 -64.26
CA LYS G 111 -72.25 -43.28 -63.12
C LYS G 111 -71.19 -42.41 -62.49
N VAL G 112 -70.39 -41.70 -63.30
CA VAL G 112 -69.38 -40.85 -62.69
C VAL G 112 -70.05 -39.79 -61.86
N MET G 113 -71.12 -39.19 -62.38
CA MET G 113 -71.80 -38.19 -61.61
C MET G 113 -72.44 -38.71 -60.35
N GLN G 114 -72.95 -39.94 -60.35
CA GLN G 114 -73.52 -40.48 -59.13
C GLN G 114 -72.44 -40.66 -58.09
N VAL G 115 -71.25 -41.09 -58.52
CA VAL G 115 -70.16 -41.26 -57.58
C VAL G 115 -69.76 -39.91 -57.02
N VAL G 116 -69.69 -38.88 -57.87
CA VAL G 116 -69.33 -37.56 -57.37
C VAL G 116 -70.35 -37.10 -56.37
N GLU G 117 -71.64 -37.26 -56.67
CA GLU G 117 -72.65 -36.83 -55.74
C GLU G 117 -72.50 -37.54 -54.41
N GLN G 118 -72.18 -38.83 -54.40
CA GLN G 118 -72.02 -39.49 -53.12
C GLN G 118 -70.85 -38.93 -52.36
N ARG G 119 -69.75 -38.62 -53.05
CA ARG G 119 -68.60 -38.10 -52.35
C ARG G 119 -68.84 -36.71 -51.79
N VAL G 120 -69.65 -35.90 -52.49
CA VAL G 120 -69.97 -34.53 -51.99
C VAL G 120 -71.09 -34.64 -50.94
N SER G 121 -71.74 -35.79 -50.85
CA SER G 121 -72.86 -35.98 -49.88
C SER G 121 -72.32 -36.40 -48.52
N GLU G 122 -71.03 -36.75 -48.45
CA GLU G 122 -70.41 -37.19 -47.17
C GLU G 122 -69.56 -36.04 -46.63
N THR G 123 -69.90 -34.81 -47.00
CA THR G 123 -69.09 -33.64 -46.59
C THR G 123 -69.98 -32.58 -45.92
N GLU G 124 -69.50 -31.92 -44.85
CA GLU G 124 -70.23 -30.85 -44.19
C GLU G 124 -70.19 -29.63 -45.12
N SER G 125 -69.13 -29.56 -45.95
CA SER G 125 -68.98 -28.49 -46.94
C SER G 125 -68.05 -28.93 -48.07
N ILE G 126 -68.19 -28.36 -49.27
CA ILE G 126 -67.27 -28.75 -50.34
C ILE G 126 -66.20 -27.66 -50.46
N GLY G 127 -64.95 -28.01 -50.16
CA GLY G 127 -63.85 -27.06 -50.22
C GLY G 127 -63.35 -26.82 -51.63
N GLY G 128 -63.61 -27.78 -52.50
CA GLY G 128 -63.17 -27.69 -53.87
C GLY G 128 -62.95 -29.06 -54.47
N PHE G 129 -62.74 -29.07 -55.77
CA PHE G 129 -62.48 -30.29 -56.49
C PHE G 129 -61.10 -30.23 -57.09
N ILE G 130 -60.43 -31.36 -57.15
CA ILE G 130 -59.14 -31.41 -57.85
C ILE G 130 -59.17 -32.45 -58.94
N LEU G 131 -58.91 -32.04 -60.16
CA LEU G 131 -58.90 -32.96 -61.30
C LEU G 131 -57.48 -33.24 -61.76
N THR G 132 -57.12 -34.52 -61.85
CA THR G 132 -55.77 -34.86 -62.31
C THR G 132 -55.90 -35.58 -63.67
N HIS G 133 -55.18 -35.08 -64.69
CA HIS G 133 -55.34 -35.67 -66.04
C HIS G 133 -54.19 -35.31 -67.01
N SER G 134 -54.29 -35.79 -68.26
CA SER G 134 -53.28 -35.52 -69.30
C SER G 134 -53.94 -35.11 -70.61
N CYS G 135 -53.55 -33.95 -71.11
CA CYS G 135 -54.19 -33.30 -72.24
C CYS G 135 -54.07 -34.00 -73.59
N GLY G 136 -53.07 -34.85 -73.79
CA GLY G 136 -52.92 -35.51 -75.10
C GLY G 136 -53.59 -36.88 -75.21
N GLY G 137 -54.28 -37.31 -74.16
CA GLY G 137 -54.87 -38.64 -74.14
C GLY G 137 -56.25 -38.65 -74.77
N GLY G 138 -56.95 -39.79 -74.66
CA GLY G 138 -58.29 -39.87 -75.21
C GLY G 138 -59.38 -39.83 -74.13
N THR G 139 -59.01 -40.00 -72.85
CA THR G 139 -60.03 -40.00 -71.81
C THR G 139 -59.77 -38.87 -70.86
N GLY G 140 -58.48 -38.62 -70.56
CA GLY G 140 -58.09 -37.58 -69.62
C GLY G 140 -58.26 -36.21 -70.26
N SER G 141 -58.46 -36.25 -71.58
CA SER G 141 -58.69 -35.00 -72.35
C SER G 141 -60.20 -34.83 -72.58
N GLY G 142 -60.78 -35.63 -73.49
CA GLY G 142 -62.19 -35.49 -73.77
C GLY G 142 -63.14 -35.84 -72.64
N PHE G 143 -62.88 -36.89 -71.86
CA PHE G 143 -63.85 -37.25 -70.87
C PHE G 143 -63.63 -36.35 -69.68
N GLY G 144 -62.36 -36.12 -69.37
CA GLY G 144 -62.02 -35.23 -68.27
C GLY G 144 -62.62 -33.84 -68.52
N SER G 145 -62.64 -33.41 -69.79
CA SER G 145 -63.21 -32.12 -70.15
C SER G 145 -64.72 -32.12 -69.98
N LYS G 146 -65.40 -33.21 -70.35
CA LYS G 146 -66.83 -33.21 -70.15
C LYS G 146 -67.13 -33.22 -68.66
N ILE G 147 -66.31 -33.90 -67.88
CA ILE G 147 -66.52 -33.89 -66.45
C ILE G 147 -66.35 -32.47 -65.94
N LEU G 148 -65.33 -31.71 -66.36
CA LEU G 148 -65.27 -30.34 -65.82
C LEU G 148 -66.50 -29.56 -66.17
N LYS G 149 -67.01 -29.73 -67.38
CA LYS G 149 -68.18 -29.02 -67.79
C LYS G 149 -69.34 -29.40 -66.89
N THR G 150 -69.51 -30.69 -66.68
CA THR G 150 -70.63 -31.21 -65.92
C THR G 150 -70.55 -30.82 -64.44
N ILE G 151 -69.35 -30.88 -63.86
CA ILE G 151 -69.16 -30.54 -62.46
C ILE G 151 -69.46 -29.09 -62.25
N ARG G 152 -68.97 -28.24 -63.16
CA ARG G 152 -69.14 -26.76 -62.98
C ARG G 152 -70.61 -26.38 -63.16
N GLU G 153 -71.35 -27.12 -63.99
CA GLU G 153 -72.75 -26.83 -64.14
C GLU G 153 -73.54 -27.24 -62.89
N ARG G 154 -73.18 -28.37 -62.28
CA ARG G 154 -73.88 -28.80 -61.07
C ARG G 154 -73.44 -28.05 -59.82
N TYR G 155 -72.16 -27.67 -59.76
CA TYR G 155 -71.62 -26.99 -58.56
C TYR G 155 -70.92 -25.72 -58.98
N PRO G 156 -71.63 -24.69 -59.45
CA PRO G 156 -70.99 -23.41 -59.77
C PRO G 156 -70.54 -22.78 -58.45
N LYS G 157 -69.56 -21.87 -58.49
CA LYS G 157 -69.06 -21.17 -57.28
C LYS G 157 -68.23 -22.12 -56.40
N VAL G 158 -67.71 -23.22 -56.96
CA VAL G 158 -66.82 -24.14 -56.21
C VAL G 158 -65.48 -24.17 -56.91
N PRO G 159 -64.33 -23.89 -56.24
CA PRO G 159 -63.04 -23.82 -56.93
C PRO G 159 -62.56 -25.14 -57.52
N ILE G 160 -62.42 -25.22 -58.85
CA ILE G 160 -61.87 -26.43 -59.44
C ILE G 160 -60.43 -26.21 -59.85
N PHE G 161 -59.57 -27.04 -59.34
CA PHE G 161 -58.16 -27.00 -59.69
C PHE G 161 -57.84 -28.15 -60.56
N THR G 162 -57.18 -27.88 -61.65
CA THR G 162 -56.81 -28.96 -62.52
C THR G 162 -55.31 -29.02 -62.61
N PHE G 163 -54.79 -30.23 -62.55
CA PHE G 163 -53.37 -30.47 -62.72
C PHE G 163 -53.20 -31.25 -63.98
N SER G 164 -52.53 -30.68 -64.95
CA SER G 164 -52.49 -31.43 -66.18
C SER G 164 -51.21 -31.39 -66.94
N ILE G 165 -51.00 -32.50 -67.62
CA ILE G 165 -49.84 -32.67 -68.45
C ILE G 165 -50.09 -32.19 -69.86
N PHE G 166 -49.25 -31.29 -70.29
CA PHE G 166 -49.30 -30.70 -71.61
C PHE G 166 -48.25 -31.34 -72.48
N PRO G 167 -48.35 -31.13 -73.81
CA PRO G 167 -47.31 -31.67 -74.65
C PRO G 167 -45.95 -31.15 -74.25
N SER G 168 -44.92 -31.95 -74.52
CA SER G 168 -43.56 -31.53 -74.22
C SER G 168 -43.13 -30.58 -75.31
N PRO G 169 -42.22 -29.67 -74.99
CA PRO G 169 -41.80 -28.65 -75.95
C PRO G 169 -41.08 -29.16 -77.19
N LYS G 170 -40.24 -30.17 -77.07
CA LYS G 170 -39.44 -30.63 -78.20
C LYS G 170 -40.10 -31.78 -78.97
N ILE G 171 -40.02 -32.98 -78.43
CA ILE G 171 -40.60 -34.14 -79.08
C ILE G 171 -42.07 -34.31 -78.71
N SER G 172 -42.87 -34.85 -79.62
CA SER G 172 -44.28 -35.08 -79.36
C SER G 172 -44.60 -36.57 -79.34
N GLU G 173 -45.76 -36.94 -78.79
CA GLU G 173 -46.13 -38.34 -78.71
C GLU G 173 -46.83 -38.80 -79.98
N THR G 174 -48.08 -38.41 -80.15
CA THR G 174 -48.84 -38.79 -81.34
C THR G 174 -49.01 -37.60 -82.26
N VAL G 175 -49.34 -37.85 -83.53
CA VAL G 175 -49.62 -36.70 -84.44
C VAL G 175 -50.90 -35.98 -84.01
N VAL G 176 -51.86 -36.69 -83.44
CA VAL G 176 -53.12 -36.10 -83.05
C VAL G 176 -53.03 -35.25 -81.81
N GLU G 177 -51.89 -35.30 -81.13
CA GLU G 177 -51.75 -34.65 -79.85
C GLU G 177 -52.16 -33.19 -79.82
N PRO G 178 -51.81 -32.31 -80.78
CA PRO G 178 -52.22 -30.92 -80.81
C PRO G 178 -53.73 -30.72 -80.93
N TYR G 179 -54.48 -31.71 -81.43
CA TYR G 179 -55.92 -31.49 -81.53
C TYR G 179 -56.49 -31.76 -80.17
N ASN G 180 -55.95 -32.79 -79.54
CA ASN G 180 -56.45 -33.16 -78.24
C ASN G 180 -56.08 -32.07 -77.25
N ALA G 181 -54.87 -31.52 -77.40
CA ALA G 181 -54.40 -30.49 -76.49
C ALA G 181 -55.18 -29.20 -76.59
N ILE G 182 -55.54 -28.77 -77.80
CA ILE G 182 -56.31 -27.54 -77.91
C ILE G 182 -57.70 -27.68 -77.41
N MET G 183 -58.38 -28.76 -77.75
CA MET G 183 -59.73 -28.83 -77.25
C MET G 183 -59.74 -28.97 -75.74
N THR G 184 -58.74 -29.65 -75.16
CA THR G 184 -58.68 -29.78 -73.72
C THR G 184 -58.45 -28.41 -73.12
N LEU G 185 -57.54 -27.63 -73.71
CA LEU G 185 -57.24 -26.31 -73.22
C LEU G 185 -58.45 -25.41 -73.33
N SER G 186 -59.22 -25.51 -74.41
CA SER G 186 -60.39 -24.67 -74.54
C SER G 186 -61.34 -24.91 -73.38
N ASN G 187 -61.54 -26.18 -73.02
CA ASN G 187 -62.41 -26.47 -71.90
C ASN G 187 -61.78 -26.07 -70.56
N LEU G 188 -60.46 -26.14 -70.42
CA LEU G 188 -59.86 -25.67 -69.18
C LEU G 188 -60.07 -24.17 -69.04
N ILE G 189 -59.99 -23.45 -70.16
CA ILE G 189 -60.18 -22.01 -70.15
C ILE G 189 -61.58 -21.67 -69.69
N LYS G 190 -62.57 -22.37 -70.21
CA LYS G 190 -63.95 -22.14 -69.82
C LYS G 190 -64.37 -22.63 -68.43
N TYR G 191 -63.86 -23.78 -67.97
CA TYR G 191 -64.37 -24.33 -66.72
C TYR G 191 -63.47 -24.40 -65.46
N ALA G 192 -62.14 -24.38 -65.54
CA ALA G 192 -61.34 -24.53 -64.33
C ALA G 192 -61.25 -23.21 -63.59
N SER G 193 -61.02 -23.23 -62.27
CA SER G 193 -60.79 -21.96 -61.59
C SER G 193 -59.33 -21.61 -61.70
N CYS G 194 -58.50 -22.66 -61.60
CA CYS G 194 -57.06 -22.60 -61.74
C CYS G 194 -56.56 -23.83 -62.44
N SER G 195 -55.54 -23.67 -63.25
CA SER G 195 -54.96 -24.82 -63.90
C SER G 195 -53.47 -24.79 -63.74
N ILE G 196 -52.89 -25.91 -63.36
CA ILE G 196 -51.45 -25.98 -63.19
C ILE G 196 -50.89 -26.66 -64.42
N VAL G 197 -50.01 -25.96 -65.09
CA VAL G 197 -49.43 -26.48 -66.31
C VAL G 197 -48.12 -27.17 -66.03
N LEU G 198 -48.09 -28.46 -66.34
CA LEU G 198 -46.94 -29.32 -66.14
C LEU G 198 -46.58 -29.99 -67.44
N ASP G 199 -45.31 -30.36 -67.63
CA ASP G 199 -45.03 -31.23 -68.77
C ASP G 199 -43.85 -32.15 -68.49
N ASN G 200 -43.68 -33.16 -69.33
CA ASN G 200 -42.64 -34.13 -69.06
C ASN G 200 -41.24 -33.71 -69.41
N GLU G 201 -41.08 -32.78 -70.34
CA GLU G 201 -39.72 -32.43 -70.66
C GLU G 201 -39.10 -31.70 -69.49
N ALA G 202 -39.88 -30.80 -68.88
CA ALA G 202 -39.33 -30.10 -67.75
C ALA G 202 -39.08 -31.05 -66.60
N LEU G 203 -40.01 -31.99 -66.40
CA LEU G 203 -39.86 -32.88 -65.29
C LEU G 203 -38.69 -33.82 -65.48
N PHE G 204 -38.42 -34.26 -66.71
CA PHE G 204 -37.28 -35.14 -66.89
C PHE G 204 -35.98 -34.43 -66.57
N SER G 205 -35.84 -33.17 -66.98
CA SER G 205 -34.60 -32.48 -66.69
C SER G 205 -34.41 -32.39 -65.19
N ILE G 206 -35.50 -32.16 -64.46
CA ILE G 206 -35.42 -32.09 -63.03
C ILE G 206 -35.04 -33.46 -62.46
N ALA G 207 -35.69 -34.52 -62.93
CA ALA G 207 -35.40 -35.84 -62.41
C ALA G 207 -33.95 -36.23 -62.64
N GLU G 208 -33.38 -35.85 -63.77
CA GLU G 208 -32.00 -36.20 -64.05
C GLU G 208 -30.97 -35.31 -63.34
N LYS G 209 -31.32 -34.06 -63.05
CA LYS G 209 -30.35 -33.16 -62.45
C LYS G 209 -30.53 -32.87 -60.96
N LYS G 210 -31.75 -32.93 -60.44
CA LYS G 210 -31.98 -32.59 -59.04
C LYS G 210 -32.17 -33.84 -58.19
N LEU G 211 -32.71 -34.89 -58.78
CA LEU G 211 -32.85 -36.14 -58.03
C LEU G 211 -31.59 -36.97 -58.29
N GLU G 212 -31.25 -37.89 -57.40
CA GLU G 212 -30.07 -38.72 -57.60
C GLU G 212 -30.29 -39.89 -58.56
N VAL G 213 -31.55 -40.13 -58.93
CA VAL G 213 -31.88 -41.28 -59.77
C VAL G 213 -31.25 -41.24 -61.15
N GLU G 214 -30.65 -42.36 -61.52
CA GLU G 214 -30.04 -42.52 -62.82
C GLU G 214 -31.04 -43.15 -63.75
N ASN G 215 -31.18 -42.61 -64.95
CA ASN G 215 -32.12 -43.14 -65.93
C ASN G 215 -33.53 -43.29 -65.37
N PRO G 216 -34.18 -42.20 -64.93
CA PRO G 216 -35.50 -42.20 -64.34
C PRO G 216 -36.55 -42.57 -65.35
N SER G 217 -37.62 -43.19 -64.86
CA SER G 217 -38.76 -43.54 -65.69
C SER G 217 -39.93 -42.71 -65.24
N LEU G 218 -41.11 -42.95 -65.80
CA LEU G 218 -42.29 -42.18 -65.41
C LEU G 218 -42.62 -42.41 -63.94
N GLU G 219 -42.20 -43.54 -63.40
CA GLU G 219 -42.49 -43.86 -62.01
C GLU G 219 -41.78 -42.90 -61.09
N ASP G 220 -40.61 -42.41 -61.51
CA ASP G 220 -39.83 -41.51 -60.70
C ASP G 220 -40.30 -40.10 -60.98
N LEU G 221 -40.70 -39.87 -62.22
CA LEU G 221 -41.12 -38.57 -62.68
C LEU G 221 -42.39 -38.14 -61.93
N ASN G 222 -43.21 -39.12 -61.58
CA ASN G 222 -44.46 -38.89 -60.88
C ASN G 222 -44.25 -38.51 -59.44
N LEU G 223 -43.03 -38.63 -58.94
CA LEU G 223 -42.81 -38.27 -57.57
C LEU G 223 -42.48 -36.80 -57.50
N ILE G 224 -42.24 -36.17 -58.64
CA ILE G 224 -41.96 -34.76 -58.65
C ILE G 224 -43.33 -34.14 -58.70
N ILE G 225 -44.20 -34.70 -59.53
CA ILE G 225 -45.54 -34.14 -59.62
C ILE G 225 -46.23 -34.34 -58.29
N ALA G 226 -46.12 -35.54 -57.72
CA ALA G 226 -46.74 -35.76 -56.45
C ALA G 226 -46.18 -34.82 -55.42
N GLN G 227 -44.88 -34.52 -55.43
CA GLN G 227 -44.38 -33.60 -54.43
C GLN G 227 -45.03 -32.22 -54.59
N VAL G 228 -45.30 -31.79 -55.82
CA VAL G 228 -45.96 -30.51 -55.98
C VAL G 228 -47.34 -30.59 -55.35
N LEU G 229 -48.06 -31.67 -55.63
CA LEU G 229 -49.38 -31.87 -55.08
C LEU G 229 -49.42 -32.02 -53.57
N THR G 230 -48.44 -32.67 -52.96
CA THR G 230 -48.57 -32.76 -51.53
C THR G 230 -48.23 -31.44 -50.89
N ASN G 231 -47.24 -30.70 -51.42
CA ASN G 231 -46.90 -29.45 -50.77
C ASN G 231 -47.97 -28.39 -50.90
N VAL G 232 -48.66 -28.37 -52.03
CA VAL G 232 -49.68 -27.34 -52.25
C VAL G 232 -50.89 -27.53 -51.34
N THR G 233 -50.96 -28.68 -50.66
CA THR G 233 -52.15 -28.97 -49.82
C THR G 233 -51.73 -29.07 -48.36
N ALA G 234 -50.50 -28.65 -48.03
CA ALA G 234 -49.99 -28.80 -46.65
C ALA G 234 -50.82 -28.00 -45.66
N SER G 235 -51.00 -26.70 -45.94
CA SER G 235 -51.75 -25.81 -45.02
C SER G 235 -53.16 -26.38 -44.79
N LEU G 236 -53.80 -26.88 -45.86
CA LEU G 236 -55.14 -27.50 -45.69
C LEU G 236 -54.98 -28.68 -44.73
N ARG G 237 -54.08 -29.60 -45.03
CA ARG G 237 -53.93 -30.84 -44.20
C ARG G 237 -53.46 -30.56 -42.78
N PHE G 238 -52.48 -29.66 -42.57
CA PHE G 238 -51.98 -29.46 -41.23
C PHE G 238 -52.58 -28.25 -40.53
N SER G 239 -53.70 -27.75 -41.03
CA SER G 239 -54.38 -26.62 -40.42
C SER G 239 -53.49 -25.42 -40.18
N GLY G 240 -53.57 -24.89 -38.96
CA GLY G 240 -52.82 -23.72 -38.54
C GLY G 240 -53.81 -22.61 -38.29
N THR G 241 -53.45 -21.65 -37.45
CA THR G 241 -54.41 -20.58 -37.17
C THR G 241 -54.67 -19.80 -38.44
N LEU G 242 -53.61 -19.53 -39.20
CA LEU G 242 -53.72 -18.83 -40.46
C LEU G 242 -53.44 -19.91 -41.47
N ASN G 243 -54.19 -19.97 -42.56
CA ASN G 243 -53.95 -21.03 -43.53
C ASN G 243 -54.45 -20.74 -44.97
N LEU G 244 -54.19 -21.68 -45.88
CA LEU G 244 -54.62 -21.55 -47.27
C LEU G 244 -55.51 -22.66 -47.77
N ASP G 245 -56.68 -22.27 -48.23
CA ASP G 245 -57.61 -23.20 -48.83
C ASP G 245 -57.58 -22.99 -50.32
N LEU G 246 -58.34 -23.75 -51.07
CA LEU G 246 -58.32 -23.58 -52.51
C LEU G 246 -58.94 -22.27 -52.92
N GLY G 247 -59.90 -21.79 -52.14
CA GLY G 247 -60.53 -20.52 -52.44
C GLY G 247 -59.62 -19.34 -52.13
N LYS G 248 -58.55 -19.54 -51.37
CA LYS G 248 -57.67 -18.43 -51.06
C LYS G 248 -56.76 -18.32 -52.27
N LEU G 249 -56.38 -19.47 -52.84
CA LEU G 249 -55.52 -19.43 -54.00
C LEU G 249 -56.21 -18.86 -55.21
N VAL G 250 -57.49 -19.16 -55.40
CA VAL G 250 -58.13 -18.61 -56.59
C VAL G 250 -58.27 -17.11 -56.43
N THR G 251 -58.73 -16.65 -55.26
CA THR G 251 -58.91 -15.24 -55.09
C THR G 251 -57.61 -14.48 -55.28
N ASN G 252 -56.52 -14.97 -54.71
CA ASN G 252 -55.28 -14.24 -54.79
C ASN G 252 -54.51 -14.36 -56.08
N LEU G 253 -54.56 -15.50 -56.77
CA LEU G 253 -53.76 -15.62 -57.97
C LEU G 253 -54.49 -15.34 -59.27
N VAL G 254 -55.80 -15.24 -59.30
CA VAL G 254 -56.42 -15.01 -60.59
C VAL G 254 -57.07 -13.61 -60.71
N PRO G 255 -56.39 -12.58 -61.29
CA PRO G 255 -56.92 -11.23 -61.41
C PRO G 255 -58.05 -11.06 -62.40
N PHE G 256 -58.12 -11.95 -63.38
CA PHE G 256 -59.19 -11.95 -64.37
C PHE G 256 -59.65 -13.37 -64.57
N SER G 257 -60.89 -13.55 -64.93
CA SER G 257 -61.42 -14.89 -65.06
C SER G 257 -60.79 -15.79 -66.09
N ASN G 258 -60.12 -15.28 -67.13
CA ASN G 258 -59.53 -16.19 -68.10
C ASN G 258 -58.01 -16.26 -68.06
N LEU G 259 -57.38 -15.78 -66.99
CA LEU G 259 -55.92 -15.83 -66.91
C LEU G 259 -55.50 -16.62 -65.69
N HIS G 260 -56.01 -17.82 -65.55
CA HIS G 260 -55.79 -18.69 -64.41
C HIS G 260 -54.77 -19.80 -64.57
N PHE G 261 -53.98 -19.76 -65.62
CA PHE G 261 -52.99 -20.80 -65.84
C PHE G 261 -51.71 -20.50 -65.08
N LEU G 262 -51.38 -21.38 -64.15
CA LEU G 262 -50.26 -21.22 -63.25
C LEU G 262 -49.11 -22.18 -63.46
N MET G 263 -47.93 -21.70 -63.14
CA MET G 263 -46.73 -22.49 -63.12
C MET G 263 -46.51 -22.99 -61.71
N ALA G 264 -45.85 -24.13 -61.57
CA ALA G 264 -45.52 -24.63 -60.24
C ALA G 264 -44.06 -25.01 -60.15
N SER G 265 -43.51 -24.82 -58.94
CA SER G 265 -42.12 -25.16 -58.60
C SER G 265 -41.91 -25.54 -57.15
N THR G 266 -41.15 -26.59 -56.90
CA THR G 266 -40.83 -26.99 -55.52
C THR G 266 -39.38 -27.34 -55.29
N ALA G 267 -38.98 -27.20 -54.05
CA ALA G 267 -37.67 -27.67 -53.63
C ALA G 267 -37.68 -27.92 -52.12
N PRO G 268 -36.85 -28.82 -51.61
CA PRO G 268 -35.95 -29.76 -52.24
C PRO G 268 -36.75 -30.92 -52.76
N LEU G 269 -36.19 -31.68 -53.68
CA LEU G 269 -36.87 -32.90 -54.11
C LEU G 269 -36.13 -34.08 -53.55
N VAL G 270 -36.77 -34.80 -52.65
CA VAL G 270 -36.10 -35.89 -51.97
C VAL G 270 -36.85 -37.21 -52.11
N LEU G 271 -36.14 -38.24 -52.54
CA LEU G 271 -36.72 -39.58 -52.67
C LEU G 271 -36.71 -40.17 -51.29
N ALA G 272 -37.62 -41.09 -51.00
CA ALA G 272 -37.66 -41.62 -49.64
C ALA G 272 -36.32 -42.17 -49.21
N GLY G 273 -35.95 -41.83 -47.98
CA GLY G 273 -34.68 -42.25 -47.38
C GLY G 273 -33.88 -41.02 -47.00
N LYS G 274 -32.91 -41.14 -46.09
CA LYS G 274 -32.15 -39.95 -45.71
C LYS G 274 -31.02 -39.67 -46.70
N GLU G 275 -31.42 -39.30 -47.90
CA GLU G 275 -30.50 -39.02 -49.00
C GLU G 275 -30.27 -37.52 -49.16
N SER G 276 -30.99 -36.75 -48.36
CA SER G 276 -30.95 -35.30 -48.39
C SER G 276 -29.83 -34.74 -47.53
N TYR G 277 -29.58 -33.45 -47.72
CA TYR G 277 -28.62 -32.70 -46.92
C TYR G 277 -29.32 -31.57 -46.22
N GLU G 278 -28.98 -31.37 -44.96
CA GLU G 278 -29.58 -30.34 -44.15
C GLU G 278 -29.11 -28.93 -44.45
N LYS G 279 -29.55 -28.40 -45.60
CA LYS G 279 -29.19 -27.04 -45.99
C LYS G 279 -29.79 -26.07 -44.99
N MET G 280 -31.01 -26.39 -44.58
CA MET G 280 -31.81 -25.66 -43.60
C MET G 280 -31.93 -24.19 -43.86
N THR G 281 -31.89 -23.76 -45.11
CA THR G 281 -31.91 -22.35 -45.31
C THR G 281 -33.04 -21.94 -46.20
N ALA G 282 -33.92 -21.10 -45.64
CA ALA G 282 -35.07 -20.62 -46.37
C ALA G 282 -34.64 -19.76 -47.54
N LYS G 283 -33.56 -19.03 -47.35
CA LYS G 283 -33.06 -18.17 -48.40
C LYS G 283 -32.65 -18.94 -49.61
N GLU G 284 -32.03 -20.10 -49.39
CA GLU G 284 -31.57 -20.91 -50.48
C GLU G 284 -32.75 -21.54 -51.16
N LEU G 285 -33.74 -21.96 -50.39
CA LEU G 285 -34.89 -22.58 -51.02
C LEU G 285 -35.67 -21.57 -51.84
N SER G 286 -35.78 -20.32 -51.37
CA SER G 286 -36.49 -19.35 -52.18
C SER G 286 -35.70 -19.06 -53.44
N ALA G 287 -34.37 -18.97 -53.34
CA ALA G 287 -33.58 -18.70 -54.52
C ALA G 287 -33.77 -19.80 -55.55
N GLN G 288 -33.85 -21.04 -55.08
CA GLN G 288 -34.07 -22.18 -55.95
C GLN G 288 -35.47 -22.27 -56.51
N VAL G 289 -36.49 -22.01 -55.72
CA VAL G 289 -37.82 -22.25 -56.21
C VAL G 289 -38.17 -21.28 -57.31
N PHE G 290 -37.61 -20.06 -57.24
CA PHE G 290 -37.82 -19.02 -58.23
C PHE G 290 -36.81 -19.02 -59.37
N GLY G 291 -35.93 -20.00 -59.42
CA GLY G 291 -34.98 -20.04 -60.51
C GLY G 291 -35.68 -20.78 -61.61
N ASP G 292 -35.02 -21.03 -62.73
CA ASP G 292 -35.70 -21.73 -63.80
C ASP G 292 -35.55 -23.25 -63.68
N GLU G 293 -34.52 -23.68 -62.97
CA GLU G 293 -34.19 -25.09 -62.84
C GLU G 293 -35.22 -25.99 -62.16
N TYR G 294 -36.10 -25.47 -61.31
CA TYR G 294 -37.12 -26.31 -60.67
C TYR G 294 -38.51 -26.12 -61.25
N ILE G 295 -38.63 -25.40 -62.34
CA ILE G 295 -39.95 -25.16 -62.89
C ILE G 295 -40.42 -26.42 -63.57
N CYS G 296 -41.64 -26.84 -63.28
CA CYS G 296 -42.13 -28.10 -63.83
C CYS G 296 -42.83 -28.02 -65.18
N ALA G 297 -42.52 -26.98 -65.94
CA ALA G 297 -43.07 -26.76 -67.28
C ALA G 297 -42.02 -26.15 -68.20
N ALA G 298 -42.16 -26.40 -69.49
CA ALA G 298 -41.22 -25.93 -70.50
C ALA G 298 -41.39 -24.48 -70.83
N CYS G 299 -40.90 -23.67 -69.91
CA CYS G 299 -40.95 -22.25 -69.95
C CYS G 299 -39.77 -21.71 -69.17
N LYS G 300 -39.47 -20.43 -69.28
CA LYS G 300 -38.36 -19.84 -68.53
C LYS G 300 -38.79 -18.57 -67.78
N PRO G 301 -39.45 -18.70 -66.62
CA PRO G 301 -40.07 -17.65 -65.84
C PRO G 301 -39.21 -16.48 -65.45
N THR G 302 -37.89 -16.64 -65.34
CA THR G 302 -37.09 -15.48 -64.93
C THR G 302 -37.02 -14.41 -66.02
N THR G 303 -37.49 -14.72 -67.23
CA THR G 303 -37.46 -13.75 -68.31
C THR G 303 -38.82 -13.16 -68.59
N GLY G 304 -39.84 -13.52 -67.81
CA GLY G 304 -41.18 -13.01 -68.05
C GLY G 304 -41.56 -11.96 -67.02
N ARG G 305 -42.85 -11.78 -66.82
CA ARG G 305 -43.33 -10.81 -65.84
C ARG G 305 -44.45 -11.45 -65.03
N TYR G 306 -44.45 -11.24 -63.72
CA TYR G 306 -45.47 -11.84 -62.87
C TYR G 306 -46.69 -11.00 -62.61
N LEU G 307 -47.86 -11.63 -62.62
CA LEU G 307 -49.04 -10.87 -62.32
C LEU G 307 -49.26 -11.01 -60.84
N ALA G 308 -48.98 -12.20 -60.37
CA ALA G 308 -49.14 -12.58 -59.00
C ALA G 308 -48.39 -13.86 -58.75
N ALA G 309 -48.01 -14.09 -57.52
CA ALA G 309 -47.39 -15.35 -57.16
C ALA G 309 -47.63 -15.67 -55.71
N SER G 310 -47.52 -16.94 -55.35
CA SER G 310 -47.67 -17.29 -53.95
C SER G 310 -46.58 -18.22 -53.52
N VAL G 311 -46.17 -18.06 -52.28
CA VAL G 311 -45.15 -18.93 -51.73
C VAL G 311 -45.56 -19.52 -50.41
N LEU G 312 -45.52 -20.84 -50.32
CA LEU G 312 -45.81 -21.53 -49.09
C LEU G 312 -44.57 -22.16 -48.54
N PHE G 313 -44.24 -21.79 -47.33
CA PHE G 313 -43.07 -22.31 -46.66
C PHE G 313 -43.51 -23.37 -45.69
N ARG G 314 -42.78 -24.47 -45.65
CA ARG G 314 -43.06 -25.52 -44.70
C ARG G 314 -41.91 -25.75 -43.76
N GLY G 315 -42.26 -26.07 -42.53
CA GLY G 315 -41.28 -26.42 -41.52
C GLY G 315 -40.85 -25.22 -40.72
N ALA G 316 -39.77 -25.38 -39.96
CA ALA G 316 -39.33 -24.34 -39.04
C ALA G 316 -38.55 -23.22 -39.70
N VAL G 317 -39.27 -22.45 -40.50
CA VAL G 317 -38.73 -21.33 -41.23
C VAL G 317 -38.82 -20.06 -40.41
N LYS G 318 -37.71 -19.33 -40.30
CA LYS G 318 -37.71 -18.10 -39.52
C LYS G 318 -38.39 -16.96 -40.26
N THR G 319 -39.18 -16.17 -39.55
CA THR G 319 -39.85 -15.02 -40.13
C THR G 319 -38.87 -14.06 -40.75
N SER G 320 -37.76 -13.85 -40.08
CA SER G 320 -36.75 -12.94 -40.53
C SER G 320 -36.16 -13.36 -41.87
N ASP G 321 -36.01 -14.68 -42.10
CA ASP G 321 -35.41 -15.16 -43.32
C ASP G 321 -36.42 -15.07 -44.43
N VAL G 322 -37.70 -15.22 -44.11
CA VAL G 322 -38.69 -15.11 -45.14
C VAL G 322 -38.69 -13.69 -45.64
N ASN G 323 -38.64 -12.72 -44.73
CA ASN G 323 -38.69 -11.36 -45.18
C ASN G 323 -37.47 -10.99 -46.00
N GLU G 324 -36.29 -11.44 -45.60
CA GLU G 324 -35.14 -11.08 -46.38
C GLU G 324 -35.13 -11.82 -47.71
N ALA G 325 -35.50 -13.09 -47.70
CA ALA G 325 -35.50 -13.87 -48.91
C ALA G 325 -36.47 -13.32 -49.91
N MET G 326 -37.64 -12.88 -49.45
CA MET G 326 -38.59 -12.37 -50.39
C MET G 326 -38.20 -11.00 -50.88
N ALA G 327 -37.46 -10.24 -50.09
CA ALA G 327 -37.00 -8.95 -50.57
C ALA G 327 -36.09 -9.16 -51.77
N THR G 328 -35.25 -10.21 -51.71
CA THR G 328 -34.36 -10.53 -52.82
C THR G 328 -35.15 -10.89 -54.05
N VAL G 329 -36.20 -11.68 -53.87
CA VAL G 329 -37.04 -12.10 -54.98
C VAL G 329 -37.70 -10.89 -55.64
N LYS G 330 -38.22 -9.97 -54.84
CA LYS G 330 -38.85 -8.81 -55.43
C LYS G 330 -37.84 -7.98 -56.22
N GLU G 331 -36.61 -7.84 -55.72
CA GLU G 331 -35.61 -7.07 -56.44
C GLU G 331 -35.16 -7.70 -57.76
N GLN G 332 -35.01 -9.02 -57.77
CA GLN G 332 -34.54 -9.71 -58.97
C GLN G 332 -35.56 -9.93 -60.07
N ASN G 333 -36.81 -10.18 -59.70
CA ASN G 333 -37.81 -10.48 -60.71
C ASN G 333 -38.58 -9.28 -61.22
N SER G 334 -39.46 -9.52 -62.17
CA SER G 334 -40.24 -8.47 -62.77
C SER G 334 -41.72 -8.71 -62.60
N PHE G 335 -42.39 -7.67 -62.12
CA PHE G 335 -43.82 -7.68 -61.80
C PHE G 335 -44.58 -6.61 -62.57
N VAL G 336 -45.88 -6.80 -62.72
CA VAL G 336 -46.70 -5.79 -63.38
C VAL G 336 -47.15 -4.79 -62.29
N ASN G 337 -47.07 -3.49 -62.60
CA ASN G 337 -47.39 -2.39 -61.64
C ASN G 337 -48.79 -2.48 -61.02
N TRP G 338 -49.86 -2.59 -61.81
CA TRP G 338 -51.21 -2.51 -61.19
C TRP G 338 -51.29 -3.41 -59.95
N ILE G 339 -51.06 -4.72 -60.07
CA ILE G 339 -51.01 -5.54 -58.83
C ILE G 339 -49.79 -5.02 -58.07
N PRO G 340 -49.96 -4.23 -56.99
CA PRO G 340 -48.81 -3.58 -56.33
C PRO G 340 -48.16 -4.38 -55.20
N THR G 341 -48.86 -5.37 -54.66
CA THR G 341 -48.32 -6.14 -53.56
C THR G 341 -47.63 -7.41 -54.03
N GLY G 342 -47.87 -7.83 -55.29
CA GLY G 342 -47.17 -8.99 -55.85
C GLY G 342 -47.53 -10.39 -55.37
N PHE G 343 -47.24 -10.63 -54.10
CA PHE G 343 -47.33 -11.95 -53.50
C PHE G 343 -48.40 -12.27 -52.48
N LYS G 344 -48.68 -13.56 -52.40
CA LYS G 344 -49.43 -14.14 -51.29
C LYS G 344 -48.47 -15.06 -50.53
N ILE G 345 -48.23 -14.77 -49.27
CA ILE G 345 -47.27 -15.58 -48.50
C ILE G 345 -47.89 -16.31 -47.33
N SER G 346 -47.53 -17.58 -47.21
CA SER G 346 -48.05 -18.41 -46.13
C SER G 346 -47.02 -19.38 -45.58
N LYS G 347 -47.19 -19.73 -44.31
CA LYS G 347 -46.34 -20.69 -43.65
C LYS G 347 -47.11 -21.78 -42.92
N SER G 348 -46.56 -22.98 -42.95
CA SER G 348 -47.06 -24.14 -42.23
C SER G 348 -45.91 -24.78 -41.49
N GLU G 349 -46.00 -24.80 -40.17
CA GLU G 349 -44.93 -25.27 -39.32
C GLU G 349 -44.60 -26.76 -39.42
N THR G 350 -45.45 -27.55 -40.04
CA THR G 350 -45.16 -28.96 -40.13
C THR G 350 -44.31 -29.29 -41.36
N SER G 351 -43.17 -29.92 -41.07
CA SER G 351 -42.16 -30.34 -42.02
C SER G 351 -42.65 -31.44 -42.94
N PRO G 352 -42.17 -31.51 -44.19
CA PRO G 352 -42.42 -32.59 -45.11
C PRO G 352 -41.67 -33.79 -44.54
N LYS G 353 -42.12 -35.01 -44.78
CA LYS G 353 -41.45 -36.14 -44.14
C LYS G 353 -39.96 -36.35 -44.43
N ASP G 354 -39.46 -35.95 -45.60
CA ASP G 354 -38.05 -36.22 -45.92
C ASP G 354 -37.13 -35.00 -45.81
N SER G 355 -37.60 -33.91 -45.23
CA SER G 355 -36.78 -32.71 -45.08
C SER G 355 -37.28 -31.85 -43.96
N ALA G 356 -36.41 -31.23 -43.19
CA ALA G 356 -36.99 -30.36 -42.17
C ALA G 356 -37.75 -29.19 -42.79
N LEU G 357 -37.21 -28.64 -43.87
CA LEU G 357 -37.81 -27.50 -44.53
C LEU G 357 -38.19 -27.78 -45.96
N GLY G 358 -39.12 -27.00 -46.49
CA GLY G 358 -39.41 -27.07 -47.93
C GLY G 358 -40.26 -25.90 -48.41
N VAL G 359 -40.19 -25.65 -49.72
CA VAL G 359 -40.94 -24.55 -50.31
C VAL G 359 -41.68 -24.90 -51.59
N ILE G 360 -42.92 -24.44 -51.68
CA ILE G 360 -43.67 -24.54 -52.92
C ILE G 360 -44.10 -23.19 -53.41
N MET G 361 -43.90 -22.95 -54.69
CA MET G 361 -44.28 -21.69 -55.30
C MET G 361 -45.19 -21.91 -56.49
N LEU G 362 -46.19 -21.05 -56.60
CA LEU G 362 -47.10 -21.04 -57.72
C LEU G 362 -47.18 -19.66 -58.31
N GLY G 363 -47.45 -19.54 -59.59
CA GLY G 363 -47.70 -18.18 -60.04
C GLY G 363 -48.06 -17.96 -61.48
N ASN G 364 -48.47 -16.73 -61.74
CA ASN G 364 -48.91 -16.27 -63.05
C ASN G 364 -47.81 -15.55 -63.73
N ASN G 365 -47.16 -16.21 -64.63
CA ASN G 365 -46.04 -15.64 -65.30
C ASN G 365 -46.40 -15.61 -66.73
N SER G 366 -46.28 -14.45 -67.34
CA SER G 366 -46.67 -14.20 -68.71
C SER G 366 -45.97 -15.09 -69.72
N GLU G 367 -44.88 -15.68 -69.30
CA GLU G 367 -44.07 -16.58 -70.06
C GLU G 367 -44.88 -17.81 -70.47
N ILE G 368 -45.92 -18.15 -69.73
CA ILE G 368 -46.73 -19.34 -69.99
C ILE G 368 -47.32 -19.38 -71.38
N VAL G 369 -47.47 -18.23 -72.03
CA VAL G 369 -48.04 -18.28 -73.33
C VAL G 369 -47.15 -19.05 -74.28
N SER G 370 -45.84 -19.14 -74.03
CA SER G 370 -45.02 -19.85 -74.99
C SER G 370 -45.41 -21.31 -75.09
N VAL G 371 -46.01 -21.87 -74.04
CA VAL G 371 -46.43 -23.25 -74.08
C VAL G 371 -47.61 -23.34 -75.01
N PHE G 372 -48.54 -22.42 -74.82
CA PHE G 372 -49.76 -22.42 -75.59
C PHE G 372 -49.49 -22.06 -77.06
N GLU G 373 -48.55 -21.17 -77.31
CA GLU G 373 -48.23 -20.77 -78.66
C GLU G 373 -47.66 -21.92 -79.46
N ARG G 374 -46.80 -22.74 -78.85
CA ARG G 374 -46.25 -23.89 -79.56
C ARG G 374 -47.34 -24.87 -79.94
N ILE G 375 -48.29 -25.08 -79.03
CA ILE G 375 -49.38 -26.02 -79.30
C ILE G 375 -50.21 -25.48 -80.44
N GLY G 376 -50.52 -24.19 -80.37
CA GLY G 376 -51.30 -23.53 -81.39
C GLY G 376 -50.67 -23.71 -82.75
N ALA G 377 -49.39 -23.38 -82.86
CA ALA G 377 -48.71 -23.49 -84.14
C ALA G 377 -48.70 -24.91 -84.71
N ASN G 378 -48.53 -25.93 -83.86
CA ASN G 378 -48.50 -27.28 -84.39
C ASN G 378 -49.87 -27.65 -84.95
N PHE G 379 -50.90 -27.23 -84.24
CA PHE G 379 -52.26 -27.46 -84.68
C PHE G 379 -52.50 -26.77 -85.99
N ASP G 380 -52.13 -25.51 -86.10
CA ASP G 380 -52.43 -24.78 -87.30
C ASP G 380 -51.84 -25.45 -88.53
N ARG G 381 -50.63 -25.97 -88.43
CA ARG G 381 -50.06 -26.62 -89.60
C ARG G 381 -50.82 -27.90 -89.99
N LEU G 382 -51.18 -28.71 -89.01
CA LEU G 382 -51.89 -29.95 -89.28
C LEU G 382 -53.31 -29.68 -89.73
N TRP G 383 -53.93 -28.69 -89.12
CA TRP G 383 -55.30 -28.30 -89.38
C TRP G 383 -55.45 -27.73 -90.77
N SER G 384 -54.47 -26.93 -91.20
CA SER G 384 -54.50 -26.36 -92.53
C SER G 384 -54.47 -27.49 -93.54
N ARG G 385 -53.67 -28.54 -93.28
CA ARG G 385 -53.53 -29.68 -94.23
C ARG G 385 -54.60 -30.74 -93.96
N LYS G 386 -55.30 -30.63 -92.82
CA LYS G 386 -56.37 -31.61 -92.47
C LYS G 386 -55.78 -33.01 -92.37
N ALA G 387 -54.66 -33.15 -91.64
CA ALA G 387 -54.04 -34.47 -91.44
C ALA G 387 -54.59 -35.08 -90.14
N PHE G 388 -55.12 -36.30 -90.20
CA PHE G 388 -55.73 -36.97 -89.00
C PHE G 388 -56.99 -36.23 -88.58
N ALA G 389 -57.52 -35.35 -89.42
CA ALA G 389 -58.70 -34.53 -89.06
C ALA G 389 -59.96 -35.40 -89.10
N HIS G 390 -60.07 -36.27 -90.10
CA HIS G 390 -61.27 -37.15 -90.22
C HIS G 390 -61.54 -37.82 -88.88
N TRP G 391 -60.52 -37.99 -88.04
CA TRP G 391 -60.74 -38.71 -86.81
C TRP G 391 -61.59 -37.90 -85.83
N PHE G 392 -61.67 -36.61 -86.03
CA PHE G 392 -62.42 -35.76 -85.14
C PHE G 392 -63.77 -35.42 -85.74
N THR G 393 -63.84 -35.25 -87.06
CA THR G 393 -65.12 -34.84 -87.62
C THR G 393 -66.03 -36.04 -87.84
N ASP G 394 -65.46 -37.24 -87.93
CA ASP G 394 -66.29 -38.41 -88.13
C ASP G 394 -66.74 -38.93 -86.76
N SER G 395 -66.33 -38.24 -85.69
CA SER G 395 -66.65 -38.61 -84.34
C SER G 395 -67.50 -37.53 -83.69
N GLY G 396 -68.12 -36.69 -84.53
CA GLY G 396 -69.05 -35.68 -84.05
C GLY G 396 -68.63 -34.21 -84.04
N PHE G 397 -67.37 -33.85 -84.29
CA PHE G 397 -67.06 -32.42 -84.28
C PHE G 397 -67.22 -31.78 -85.63
N GLU G 398 -67.56 -30.52 -85.62
CA GLU G 398 -67.60 -29.78 -86.85
C GLU G 398 -66.30 -29.02 -86.97
N GLU G 399 -65.94 -28.60 -88.17
CA GLU G 399 -64.72 -27.81 -88.34
C GLU G 399 -64.86 -26.57 -87.47
N LYS G 400 -66.07 -26.08 -87.33
CA LYS G 400 -66.39 -24.95 -86.50
C LYS G 400 -65.95 -25.14 -85.06
N ASP G 401 -66.01 -26.36 -84.52
CA ASP G 401 -65.67 -26.56 -83.12
C ASP G 401 -64.17 -26.56 -82.98
N LEU G 402 -63.50 -27.11 -83.97
CA LEU G 402 -62.04 -27.15 -83.95
C LEU G 402 -61.51 -25.72 -84.09
N ASP G 403 -62.18 -24.89 -84.91
CA ASP G 403 -61.79 -23.51 -85.11
C ASP G 403 -62.14 -22.64 -83.90
N ASP G 404 -63.29 -22.88 -83.26
CA ASP G 404 -63.63 -22.07 -82.11
C ASP G 404 -62.73 -22.38 -80.94
N ALA G 405 -62.34 -23.65 -80.78
CA ALA G 405 -61.46 -23.98 -79.68
C ALA G 405 -60.14 -23.27 -79.86
N ARG G 406 -59.65 -23.23 -81.10
CA ARG G 406 -58.40 -22.56 -81.38
C ARG G 406 -58.52 -21.08 -81.08
N ALA G 407 -59.65 -20.48 -81.47
CA ALA G 407 -59.86 -19.06 -81.24
C ALA G 407 -59.86 -18.69 -79.77
N LEU G 408 -60.44 -19.55 -78.92
CA LEU G 408 -60.44 -19.24 -77.50
C LEU G 408 -59.04 -19.28 -76.94
N VAL G 409 -58.26 -20.25 -77.40
CA VAL G 409 -56.90 -20.36 -76.93
C VAL G 409 -56.12 -19.12 -77.34
N GLN G 410 -56.33 -18.65 -78.57
CA GLN G 410 -55.62 -17.47 -78.99
C GLN G 410 -56.05 -16.27 -78.18
N LYS G 411 -57.33 -16.17 -77.80
CA LYS G 411 -57.72 -15.04 -76.99
C LYS G 411 -56.95 -14.98 -75.71
N VAL G 412 -56.76 -16.12 -75.05
CA VAL G 412 -56.00 -16.11 -73.80
C VAL G 412 -54.56 -15.70 -74.05
N ILE G 413 -53.95 -16.20 -75.12
CA ILE G 413 -52.58 -15.81 -75.42
C ILE G 413 -52.49 -14.33 -75.67
N ASP G 414 -53.40 -13.78 -76.46
CA ASP G 414 -53.35 -12.38 -76.75
C ASP G 414 -53.55 -11.54 -75.50
N ASP G 415 -54.42 -11.97 -74.58
CA ASP G 415 -54.63 -11.20 -73.38
C ASP G 415 -53.40 -11.22 -72.49
N TYR G 416 -52.73 -12.36 -72.37
CA TYR G 416 -51.52 -12.36 -71.56
C TYR G 416 -50.43 -11.51 -72.17
N ARG G 417 -50.28 -11.57 -73.49
CA ARG G 417 -49.21 -10.82 -74.10
C ARG G 417 -49.48 -9.34 -74.11
N LYS G 418 -50.71 -8.93 -74.36
CA LYS G 418 -50.99 -7.52 -74.40
C LYS G 418 -50.75 -6.92 -73.04
N LEU G 419 -51.23 -7.60 -72.00
CA LEU G 419 -51.07 -7.08 -70.67
C LEU G 419 -49.59 -6.90 -70.37
N THR G 420 -48.80 -7.91 -70.70
CA THR G 420 -47.38 -7.90 -70.43
C THR G 420 -46.66 -6.77 -71.15
N GLU G 421 -46.98 -6.54 -72.42
CA GLU G 421 -46.32 -5.45 -73.12
C GLU G 421 -46.77 -4.09 -72.59
N ASP G 422 -48.06 -3.94 -72.26
CA ASP G 422 -48.55 -2.66 -71.78
C ASP G 422 -47.86 -2.29 -70.49
N ALA G 423 -47.55 -3.32 -69.70
CA ALA G 423 -46.95 -3.21 -68.38
C ALA G 423 -45.69 -2.41 -68.36
N GLU G 424 -44.90 -2.39 -69.42
CA GLU G 424 -43.65 -1.67 -69.35
C GLU G 424 -43.85 -0.18 -69.07
N ASN G 425 -44.95 0.39 -69.54
CA ASN G 425 -45.19 1.80 -69.37
C ASN G 425 -46.17 2.08 -68.24
N LEU G 426 -46.54 1.08 -67.45
CA LEU G 426 -47.52 1.34 -66.40
C LEU G 426 -46.82 1.84 -65.17
N TYR G 427 -45.51 1.90 -65.28
CA TYR G 427 -44.63 2.42 -64.25
C TYR G 427 -44.27 3.91 -64.45
N PHE G 428 -44.77 4.59 -65.52
CA PHE G 428 -44.40 5.98 -65.86
C PHE G 428 -45.65 6.82 -66.20
N ALA H 2 -67.97 -2.65 -10.69
CA ALA H 2 -66.85 -2.87 -11.64
C ALA H 2 -67.33 -2.50 -13.05
N ARG H 3 -66.69 -1.53 -13.69
CA ARG H 3 -67.04 -1.18 -15.08
C ARG H 3 -66.50 -2.31 -15.95
N GLU H 4 -67.39 -3.17 -16.48
CA GLU H 4 -66.92 -4.38 -17.20
C GLU H 4 -66.79 -4.19 -18.71
N VAL H 5 -65.72 -4.72 -19.30
CA VAL H 5 -65.48 -4.69 -20.74
C VAL H 5 -65.63 -6.05 -21.41
N ILE H 6 -66.33 -6.10 -22.54
CA ILE H 6 -66.48 -7.35 -23.28
C ILE H 6 -65.52 -7.36 -24.46
N THR H 7 -64.70 -8.39 -24.57
CA THR H 7 -63.71 -8.45 -25.65
C THR H 7 -64.15 -9.45 -26.71
N ILE H 8 -64.13 -9.03 -27.97
CA ILE H 8 -64.53 -9.90 -29.07
C ILE H 8 -63.36 -10.09 -30.02
N HIS H 9 -63.01 -11.32 -30.35
CA HIS H 9 -61.90 -11.58 -31.28
C HIS H 9 -62.46 -12.01 -32.61
N VAL H 10 -62.19 -11.26 -33.67
CA VAL H 10 -62.80 -11.59 -34.95
C VAL H 10 -61.78 -11.87 -36.03
N GLY H 11 -61.89 -13.01 -36.66
CA GLY H 11 -61.00 -13.36 -37.75
C GLY H 11 -59.84 -14.17 -37.29
N GLU H 12 -59.10 -14.73 -38.25
CA GLU H 12 -58.03 -15.65 -37.95
C GLU H 12 -56.93 -15.03 -37.11
N LEU H 13 -56.58 -13.77 -37.36
CA LEU H 13 -55.51 -13.16 -36.58
C LEU H 13 -56.00 -12.74 -35.21
N GLY H 14 -57.20 -12.17 -35.11
CA GLY H 14 -57.65 -11.73 -33.80
C GLY H 14 -57.69 -12.93 -32.87
N ILE H 15 -58.09 -14.07 -33.41
CA ILE H 15 -58.13 -15.30 -32.67
C ILE H 15 -56.72 -15.79 -32.37
N GLN H 16 -55.79 -15.71 -33.33
CA GLN H 16 -54.42 -16.13 -33.10
C GLN H 16 -53.80 -15.45 -31.91
N ILE H 17 -54.10 -14.17 -31.75
CA ILE H 17 -53.63 -13.34 -30.67
C ILE H 17 -54.21 -13.73 -29.33
N ALA H 18 -55.49 -14.09 -29.29
CA ALA H 18 -56.20 -14.40 -28.05
C ALA H 18 -55.37 -15.14 -27.00
N PRO H 19 -54.69 -16.27 -27.23
CA PRO H 19 -53.97 -16.94 -26.18
C PRO H 19 -52.85 -16.12 -25.57
N ASN H 20 -52.33 -15.13 -26.27
CA ASN H 20 -51.24 -14.38 -25.69
C ASN H 20 -51.81 -13.29 -24.86
N PHE H 21 -52.89 -12.72 -25.34
CA PHE H 21 -53.54 -11.65 -24.65
C PHE H 21 -54.08 -12.17 -23.33
N TRP H 22 -54.79 -13.28 -23.38
CA TRP H 22 -55.39 -13.81 -22.20
C TRP H 22 -54.40 -14.42 -21.24
N LYS H 23 -53.29 -14.99 -21.71
CA LYS H 23 -52.31 -15.48 -20.77
C LYS H 23 -51.71 -14.30 -20.04
N TYR H 24 -51.44 -13.19 -20.73
CA TYR H 24 -50.87 -12.08 -19.99
C TYR H 24 -51.80 -11.62 -18.91
N LEU H 25 -53.11 -11.55 -19.18
CA LEU H 25 -54.01 -11.09 -18.15
C LEU H 25 -54.09 -12.09 -17.00
N CYS H 26 -54.04 -13.38 -17.31
CA CYS H 26 -54.11 -14.39 -16.27
C CYS H 26 -52.90 -14.28 -15.36
N ASP H 27 -51.73 -14.06 -15.92
CA ASP H 27 -50.60 -13.98 -15.03
C ASP H 27 -50.60 -12.67 -14.30
N GLU H 28 -51.01 -11.61 -14.95
CA GLU H 28 -50.98 -10.31 -14.34
C GLU H 28 -51.84 -10.21 -13.10
N HIS H 29 -52.99 -10.86 -13.10
CA HIS H 29 -53.92 -10.84 -11.98
C HIS H 29 -53.82 -12.05 -11.04
N ASN H 30 -52.79 -12.90 -11.17
CA ASN H 30 -52.59 -14.14 -10.41
C ASN H 30 -53.68 -15.21 -10.53
N ILE H 31 -54.07 -15.50 -11.75
CA ILE H 31 -55.01 -16.54 -12.09
C ILE H 31 -54.30 -17.53 -13.00
N ASP H 32 -54.56 -18.80 -12.85
CA ASP H 32 -53.89 -19.79 -13.67
C ASP H 32 -54.59 -19.88 -15.02
N TYR H 33 -54.12 -20.72 -15.91
CA TYR H 33 -54.69 -20.73 -17.25
C TYR H 33 -55.93 -21.58 -17.32
N LYS H 34 -56.27 -22.19 -16.20
CA LYS H 34 -57.48 -22.98 -16.09
C LYS H 34 -58.56 -22.15 -15.43
N GLY H 35 -58.24 -20.89 -15.11
CA GLY H 35 -59.20 -20.00 -14.46
C GLY H 35 -59.18 -20.12 -12.94
N GLN H 36 -58.29 -20.92 -12.41
CA GLN H 36 -58.23 -21.12 -10.97
C GLN H 36 -57.40 -20.05 -10.34
N GLU H 37 -57.71 -19.69 -9.11
CA GLU H 37 -56.92 -18.67 -8.45
C GLU H 37 -55.58 -19.23 -8.06
N LYS H 38 -54.55 -18.40 -8.14
CA LYS H 38 -53.20 -18.79 -7.82
C LYS H 38 -52.61 -17.85 -6.78
N GLY H 39 -53.07 -17.96 -5.54
CA GLY H 39 -52.63 -17.00 -4.54
C GLY H 39 -53.58 -15.81 -4.49
N LYS H 40 -53.06 -14.66 -4.11
CA LYS H 40 -53.89 -13.47 -3.94
C LYS H 40 -54.24 -12.82 -5.25
N ILE H 41 -55.53 -12.53 -5.46
CA ILE H 41 -55.94 -11.89 -6.69
C ILE H 41 -55.76 -10.40 -6.57
N ARG H 42 -55.20 -9.82 -7.60
CA ARG H 42 -54.93 -8.38 -7.58
C ARG H 42 -55.47 -7.69 -8.81
N GLY H 43 -55.87 -6.43 -8.64
CA GLY H 43 -56.42 -5.61 -9.72
C GLY H 43 -57.93 -5.80 -9.78
N VAL H 44 -58.61 -5.09 -10.65
CA VAL H 44 -60.04 -5.23 -10.70
C VAL H 44 -60.33 -6.36 -11.64
N ILE H 45 -60.29 -7.55 -11.10
CA ILE H 45 -60.42 -8.73 -11.90
C ILE H 45 -61.71 -8.82 -12.66
N ASP H 46 -62.75 -8.30 -12.05
CA ASP H 46 -64.09 -8.33 -12.58
C ASP H 46 -64.21 -7.62 -13.91
N ASN H 47 -63.32 -6.69 -14.22
CA ASN H 47 -63.54 -6.00 -15.48
C ASN H 47 -63.37 -6.88 -16.70
N PHE H 48 -62.49 -7.88 -16.63
CA PHE H 48 -62.28 -8.77 -17.77
C PHE H 48 -62.69 -10.21 -17.53
N PHE H 49 -62.90 -10.62 -16.29
CA PHE H 49 -63.28 -11.99 -16.05
C PHE H 49 -64.60 -12.13 -15.33
N GLU H 50 -65.38 -13.09 -15.76
CA GLU H 50 -66.65 -13.43 -15.18
C GLU H 50 -66.43 -14.43 -14.08
N LYS H 51 -67.12 -14.28 -12.96
CA LYS H 51 -66.97 -15.26 -11.91
C LYS H 51 -67.99 -16.37 -12.08
N ALA H 52 -67.52 -17.60 -12.08
CA ALA H 52 -68.31 -18.79 -12.22
C ALA H 52 -69.08 -19.07 -10.95
N SER H 53 -70.02 -20.01 -11.01
CA SER H 53 -70.76 -20.45 -9.83
C SER H 53 -69.84 -21.20 -8.85
N ILE H 54 -68.66 -21.54 -9.35
CA ILE H 54 -67.58 -22.24 -8.70
C ILE H 54 -66.38 -21.30 -8.66
N GLY H 55 -65.26 -21.73 -8.11
CA GLY H 55 -64.08 -20.84 -7.96
C GLY H 55 -63.39 -20.35 -9.25
N LYS H 56 -63.75 -20.92 -10.39
CA LYS H 56 -63.19 -20.55 -11.69
C LYS H 56 -63.56 -19.17 -12.24
N TRP H 57 -62.55 -18.49 -12.78
CA TRP H 57 -62.73 -17.24 -13.51
C TRP H 57 -62.83 -17.55 -14.99
N ILE H 58 -63.76 -16.90 -15.67
CA ILE H 58 -64.02 -17.10 -17.08
C ILE H 58 -63.69 -15.85 -17.89
N PRO H 59 -62.88 -15.89 -18.93
CA PRO H 59 -62.56 -14.70 -19.64
C PRO H 59 -63.84 -14.19 -20.22
N ARG H 60 -64.10 -12.91 -20.12
CA ARG H 60 -65.33 -12.36 -20.67
C ARG H 60 -65.17 -12.06 -22.15
N THR H 61 -65.23 -13.14 -22.95
CA THR H 61 -64.96 -12.99 -24.37
C THR H 61 -65.66 -13.94 -25.33
N ILE H 62 -65.81 -13.45 -26.56
CA ILE H 62 -66.40 -14.14 -27.71
C ILE H 62 -65.43 -14.31 -28.88
N LEU H 63 -65.36 -15.52 -29.46
CA LEU H 63 -64.45 -15.78 -30.59
C LEU H 63 -65.23 -16.01 -31.88
N VAL H 64 -65.00 -15.21 -32.92
CA VAL H 64 -65.73 -15.35 -34.19
C VAL H 64 -64.83 -15.69 -35.39
N ASP H 65 -65.16 -16.78 -36.09
CA ASP H 65 -64.40 -17.27 -37.25
C ASP H 65 -65.33 -17.84 -38.32
N LEU H 66 -65.22 -17.39 -39.58
CA LEU H 66 -66.13 -17.91 -40.60
C LEU H 66 -65.73 -19.31 -41.04
N GLY H 67 -64.55 -19.76 -40.64
CA GLY H 67 -64.13 -21.13 -40.87
C GLY H 67 -64.07 -21.76 -39.47
N PRO H 68 -63.75 -23.04 -39.30
CA PRO H 68 -63.61 -23.68 -38.01
C PRO H 68 -62.21 -23.70 -37.38
N ASN H 69 -61.21 -23.27 -38.11
CA ASN H 69 -59.85 -23.62 -37.70
C ASN H 69 -59.14 -22.71 -36.72
N ALA H 70 -59.40 -21.39 -36.73
CA ALA H 70 -58.63 -20.59 -35.79
C ALA H 70 -59.10 -20.92 -34.39
N ILE H 71 -60.40 -21.14 -34.26
CA ILE H 71 -60.97 -21.44 -32.99
C ILE H 71 -60.55 -22.81 -32.55
N ARG H 72 -60.64 -23.80 -33.43
CA ARG H 72 -60.26 -25.12 -32.99
C ARG H 72 -58.84 -25.14 -32.43
N LYS H 73 -57.89 -24.49 -33.07
CA LYS H 73 -56.56 -24.55 -32.50
C LYS H 73 -56.48 -23.80 -31.16
N VAL H 74 -57.10 -22.64 -31.07
CA VAL H 74 -57.02 -21.91 -29.81
C VAL H 74 -57.67 -22.60 -28.63
N THR H 75 -58.86 -23.14 -28.81
CA THR H 75 -59.54 -23.70 -27.67
C THR H 75 -59.22 -25.16 -27.40
N LYS H 76 -58.68 -25.88 -28.37
CA LYS H 76 -58.36 -27.29 -28.14
C LYS H 76 -56.86 -27.53 -27.96
N LYS H 77 -55.97 -26.71 -28.51
CA LYS H 77 -54.55 -26.99 -28.37
C LYS H 77 -53.76 -25.95 -27.60
N ASP H 78 -54.01 -24.66 -27.82
CA ASP H 78 -53.16 -23.68 -27.14
C ASP H 78 -53.59 -23.26 -25.74
N MET H 79 -54.88 -23.10 -25.48
CA MET H 79 -55.24 -22.71 -24.13
C MET H 79 -56.50 -23.44 -23.73
N LYS H 80 -56.30 -24.72 -23.44
CA LYS H 80 -57.35 -25.68 -23.18
C LYS H 80 -58.14 -25.32 -21.95
N ASP H 81 -59.46 -25.49 -22.04
CA ASP H 81 -60.42 -25.31 -20.95
C ASP H 81 -60.57 -23.88 -20.45
N PHE H 82 -59.95 -22.92 -21.12
CA PHE H 82 -60.06 -21.55 -20.67
C PHE H 82 -61.22 -20.82 -21.28
N PHE H 83 -61.43 -21.01 -22.56
CA PHE H 83 -62.44 -20.28 -23.28
C PHE H 83 -63.73 -21.07 -23.23
N ASP H 84 -64.85 -20.39 -23.05
CA ASP H 84 -66.17 -21.01 -22.99
C ASP H 84 -66.66 -21.37 -24.39
N PRO H 85 -66.87 -22.65 -24.75
CA PRO H 85 -67.23 -23.11 -26.07
C PRO H 85 -68.57 -22.58 -26.53
N LYS H 86 -69.39 -22.11 -25.61
CA LYS H 86 -70.70 -21.60 -26.00
C LYS H 86 -70.60 -20.16 -26.43
N ARG H 87 -69.39 -19.61 -26.38
CA ARG H 87 -69.13 -18.26 -26.80
C ARG H 87 -68.29 -18.26 -28.09
N CYS H 88 -68.20 -19.41 -28.74
CA CYS H 88 -67.47 -19.49 -29.98
C CYS H 88 -68.40 -19.63 -31.17
N VAL H 89 -68.20 -18.80 -32.19
CA VAL H 89 -69.03 -18.83 -33.38
C VAL H 89 -68.24 -19.30 -34.57
N MET H 90 -68.66 -20.39 -35.19
CA MET H 90 -67.92 -20.90 -36.32
C MET H 90 -68.75 -21.16 -37.55
N GLY H 91 -68.22 -20.69 -38.66
CA GLY H 91 -68.81 -20.96 -39.95
C GLY H 91 -68.09 -22.13 -40.60
N LEU H 92 -68.38 -22.39 -41.87
CA LEU H 92 -67.74 -23.49 -42.57
C LEU H 92 -66.89 -23.03 -43.75
N ALA H 93 -67.38 -22.03 -44.49
CA ALA H 93 -66.72 -21.65 -45.73
C ALA H 93 -65.50 -20.75 -45.58
N GLY H 94 -65.32 -20.07 -44.46
CA GLY H 94 -64.21 -19.14 -44.40
C GLY H 94 -64.58 -17.91 -45.20
N ASP H 95 -63.59 -17.17 -45.70
CA ASP H 95 -63.90 -15.95 -46.41
C ASP H 95 -63.20 -15.75 -47.75
N ALA H 96 -62.41 -16.71 -48.22
CA ALA H 96 -61.70 -16.59 -49.51
C ALA H 96 -60.90 -15.30 -49.62
N ASN H 97 -60.50 -14.75 -48.47
CA ASN H 97 -59.80 -13.49 -48.30
C ASN H 97 -60.59 -12.28 -48.79
N LEU H 98 -61.90 -12.38 -48.92
CA LEU H 98 -62.69 -11.26 -49.40
C LEU H 98 -63.53 -10.54 -48.37
N PHE H 99 -63.44 -9.22 -48.39
CA PHE H 99 -64.28 -8.34 -47.60
C PHE H 99 -65.72 -8.68 -47.87
N ALA H 100 -66.04 -8.91 -49.14
CA ALA H 100 -67.39 -9.19 -49.51
C ALA H 100 -68.02 -10.35 -48.73
N LYS H 101 -67.26 -11.39 -48.40
CA LYS H 101 -67.93 -12.46 -47.67
C LYS H 101 -68.15 -12.07 -46.24
N GLY H 102 -67.17 -11.41 -45.65
CA GLY H 102 -67.32 -11.03 -44.26
C GLY H 102 -68.44 -10.01 -44.03
N TYR H 103 -68.65 -9.09 -44.96
CA TYR H 103 -69.66 -8.05 -44.76
C TYR H 103 -71.01 -8.21 -45.50
N TYR H 104 -71.07 -8.87 -46.66
CA TYR H 104 -72.33 -8.92 -47.41
C TYR H 104 -72.91 -10.31 -47.67
N SER H 105 -72.10 -11.25 -48.18
CA SER H 105 -72.70 -12.51 -48.63
C SER H 105 -72.71 -13.72 -47.70
N TYR H 106 -71.77 -13.82 -46.76
CA TYR H 106 -71.73 -15.02 -45.95
C TYR H 106 -71.87 -14.68 -44.50
N GLY H 107 -71.09 -13.73 -44.04
CA GLY H 107 -71.02 -13.40 -42.63
C GLY H 107 -72.32 -12.87 -42.07
N THR H 108 -73.20 -12.42 -42.95
CA THR H 108 -74.46 -11.86 -42.55
C THR H 108 -75.40 -12.89 -41.98
N ARG H 109 -75.23 -14.16 -42.36
CA ARG H 109 -76.13 -15.20 -41.90
C ARG H 109 -75.83 -15.58 -40.46
N PHE H 110 -74.71 -15.10 -39.94
CA PHE H 110 -74.31 -15.44 -38.59
C PHE H 110 -74.63 -14.31 -37.64
N MET H 111 -75.24 -13.23 -38.13
CA MET H 111 -75.44 -12.15 -37.20
C MET H 111 -76.45 -12.43 -36.12
N GLU H 112 -77.43 -13.29 -36.37
CA GLU H 112 -78.37 -13.55 -35.29
C GLU H 112 -77.66 -14.31 -34.18
N GLU H 113 -76.81 -15.27 -34.57
CA GLU H 113 -76.06 -16.06 -33.62
C GLU H 113 -75.09 -15.21 -32.83
N ILE H 114 -74.42 -14.29 -33.51
CA ILE H 114 -73.43 -13.46 -32.87
C ILE H 114 -74.09 -12.49 -31.92
N MET H 115 -75.17 -11.84 -32.33
CA MET H 115 -75.79 -10.89 -31.42
C MET H 115 -76.45 -11.59 -30.26
N ASP H 116 -76.89 -12.84 -30.44
CA ASP H 116 -77.48 -13.58 -29.35
C ASP H 116 -76.40 -13.90 -28.32
N LYS H 117 -75.22 -14.31 -28.77
CA LYS H 117 -74.17 -14.60 -27.82
C LYS H 117 -73.72 -13.34 -27.13
N ILE H 118 -73.68 -12.23 -27.85
CA ILE H 118 -73.27 -11.00 -27.19
C ILE H 118 -74.27 -10.66 -26.13
N GLN H 119 -75.57 -10.73 -26.41
CA GLN H 119 -76.48 -10.38 -25.36
C GLN H 119 -76.33 -11.29 -24.16
N LYS H 120 -76.11 -12.58 -24.37
CA LYS H 120 -75.95 -13.44 -23.22
C LYS H 120 -74.80 -12.99 -22.35
N GLU H 121 -73.74 -12.47 -22.97
CA GLU H 121 -72.58 -11.99 -22.24
C GLU H 121 -72.91 -10.66 -21.54
N VAL H 122 -73.65 -9.78 -22.22
CA VAL H 122 -74.07 -8.47 -21.69
C VAL H 122 -74.98 -8.63 -20.50
N ASP H 123 -75.86 -9.60 -20.56
CA ASP H 123 -76.82 -9.86 -19.50
C ASP H 123 -76.17 -10.30 -18.20
N GLN H 124 -74.88 -10.64 -18.21
CA GLN H 124 -74.26 -11.07 -16.97
C GLN H 124 -73.65 -9.89 -16.23
N THR H 125 -73.71 -8.69 -16.81
CA THR H 125 -73.06 -7.54 -16.18
C THR H 125 -73.93 -6.31 -15.92
N GLU H 126 -73.87 -5.84 -14.66
CA GLU H 126 -74.62 -4.67 -14.20
C GLU H 126 -74.13 -3.35 -14.78
N HIS H 127 -72.83 -3.21 -14.92
CA HIS H 127 -72.26 -1.96 -15.39
C HIS H 127 -71.29 -2.21 -16.50
N LEU H 128 -71.78 -2.14 -17.74
CA LEU H 128 -70.97 -2.39 -18.90
C LEU H 128 -70.42 -1.08 -19.38
N GLN H 129 -69.10 -1.02 -19.47
CA GLN H 129 -68.36 0.14 -19.86
C GLN H 129 -68.26 0.22 -21.37
N GLY H 130 -68.00 -0.92 -21.97
CA GLY H 130 -67.83 -0.94 -23.40
C GLY H 130 -67.33 -2.25 -23.97
N PHE H 131 -67.03 -2.19 -25.25
CA PHE H 131 -66.56 -3.33 -26.01
C PHE H 131 -65.23 -3.08 -26.67
N ILE H 132 -64.42 -4.13 -26.74
CA ILE H 132 -63.18 -4.07 -27.51
C ILE H 132 -63.23 -5.12 -28.59
N VAL H 133 -63.07 -4.71 -29.82
CA VAL H 133 -63.10 -5.66 -30.90
C VAL H 133 -61.72 -5.77 -31.49
N VAL H 134 -61.16 -6.96 -31.46
CA VAL H 134 -59.81 -7.20 -31.93
C VAL H 134 -59.88 -7.86 -33.27
N HIS H 135 -59.32 -7.22 -34.28
CA HIS H 135 -59.45 -7.80 -35.60
C HIS H 135 -58.36 -7.41 -36.56
N SER H 136 -58.16 -8.26 -37.53
CA SER H 136 -57.32 -7.96 -38.66
C SER H 136 -58.05 -7.06 -39.57
N ILE H 137 -57.39 -6.19 -40.35
CA ILE H 137 -58.14 -5.41 -41.39
C ILE H 137 -57.70 -5.97 -42.74
N GLY H 138 -56.97 -7.07 -42.70
CA GLY H 138 -56.43 -7.75 -43.89
C GLY H 138 -57.42 -8.65 -44.58
N ASP H 139 -57.64 -9.81 -43.98
CA ASP H 139 -58.53 -10.87 -44.45
C ASP H 139 -59.97 -10.48 -44.36
N GLY H 140 -60.80 -11.15 -45.15
CA GLY H 140 -62.22 -10.89 -45.21
C GLY H 140 -62.97 -11.11 -43.91
N THR H 141 -62.62 -12.11 -43.13
CA THR H 141 -63.39 -12.27 -41.91
C THR H 141 -63.16 -11.09 -41.00
N GLY H 142 -61.89 -10.71 -40.78
CA GLY H 142 -61.59 -9.58 -39.93
C GLY H 142 -62.12 -8.28 -40.53
N ALA H 143 -61.72 -8.00 -41.77
CA ALA H 143 -62.08 -6.76 -42.46
C ALA H 143 -63.58 -6.61 -42.66
N GLY H 144 -64.28 -7.70 -42.90
CA GLY H 144 -65.71 -7.70 -43.14
C GLY H 144 -66.56 -7.80 -41.89
N LEU H 145 -66.44 -8.90 -41.15
CA LEU H 145 -67.30 -9.01 -40.00
C LEU H 145 -67.01 -8.04 -38.91
N ALA H 146 -65.76 -7.67 -38.63
CA ALA H 146 -65.62 -6.86 -37.46
C ALA H 146 -66.51 -5.61 -37.58
N PRO H 147 -66.52 -4.80 -38.67
CA PRO H 147 -67.45 -3.72 -38.82
C PRO H 147 -68.92 -4.13 -38.88
N LEU H 148 -69.24 -5.36 -39.28
CA LEU H 148 -70.65 -5.74 -39.34
C LEU H 148 -71.15 -5.88 -37.91
N ILE H 149 -70.28 -6.45 -37.07
CA ILE H 149 -70.56 -6.68 -35.67
C ILE H 149 -70.63 -5.37 -34.95
N MET H 150 -69.68 -4.49 -35.22
CA MET H 150 -69.66 -3.21 -34.56
C MET H 150 -70.93 -2.43 -34.84
N GLU H 151 -71.41 -2.42 -36.09
CA GLU H 151 -72.62 -1.68 -36.36
C GLU H 151 -73.81 -2.27 -35.63
N ALA H 152 -73.90 -3.60 -35.58
CA ALA H 152 -75.02 -4.23 -34.89
C ALA H 152 -75.04 -3.88 -33.41
N ILE H 153 -73.86 -3.79 -32.79
CA ILE H 153 -73.78 -3.41 -31.39
C ILE H 153 -74.11 -1.95 -31.18
N LYS H 154 -73.56 -1.05 -31.97
CA LYS H 154 -73.81 0.38 -31.75
C LYS H 154 -75.29 0.71 -31.87
N LYS H 155 -76.02 -0.05 -32.68
CA LYS H 155 -77.46 0.25 -32.91
C LYS H 155 -78.29 -0.29 -31.75
N LYS H 156 -77.69 -1.12 -30.89
CA LYS H 156 -78.42 -1.73 -29.79
C LYS H 156 -78.00 -1.15 -28.45
N HIS H 157 -76.73 -0.78 -28.33
CA HIS H 157 -76.18 -0.26 -27.11
C HIS H 157 -75.42 1.04 -27.40
N PRO H 158 -76.12 2.11 -27.83
CA PRO H 158 -75.55 3.36 -28.34
C PRO H 158 -74.77 4.19 -27.33
N LYS H 159 -74.96 3.90 -26.04
CA LYS H 159 -74.30 4.67 -24.98
C LYS H 159 -72.97 4.09 -24.53
N LEU H 160 -72.56 2.96 -25.10
CA LEU H 160 -71.31 2.34 -24.72
C LEU H 160 -70.18 2.83 -25.57
N VAL H 161 -68.96 2.77 -25.06
CA VAL H 161 -67.82 3.16 -25.87
C VAL H 161 -67.29 1.95 -26.57
N MET H 162 -67.09 2.07 -27.87
CA MET H 162 -66.52 0.96 -28.61
C MET H 162 -65.14 1.25 -29.12
N MET H 163 -64.23 0.36 -28.79
CA MET H 163 -62.87 0.48 -29.23
C MET H 163 -62.48 -0.66 -30.10
N SER H 164 -61.75 -0.39 -31.15
CA SER H 164 -61.26 -1.45 -31.98
C SER H 164 -59.76 -1.49 -31.95
N TYR H 165 -59.22 -2.67 -32.13
CA TYR H 165 -57.80 -2.86 -32.24
C TYR H 165 -57.57 -3.43 -33.62
N SER H 166 -57.22 -2.55 -34.55
CA SER H 166 -57.10 -2.85 -35.97
C SER H 166 -55.68 -3.18 -36.34
N ILE H 167 -55.47 -4.38 -36.83
CA ILE H 167 -54.12 -4.77 -37.13
C ILE H 167 -53.86 -4.82 -38.62
N VAL H 168 -52.93 -3.99 -39.06
CA VAL H 168 -52.61 -3.87 -40.46
C VAL H 168 -51.53 -4.88 -40.82
N PRO H 169 -51.80 -5.83 -41.73
CA PRO H 169 -50.91 -6.87 -42.17
C PRO H 169 -49.72 -6.26 -42.85
N SER H 170 -48.64 -6.99 -42.82
CA SER H 170 -47.42 -6.61 -43.50
C SER H 170 -47.47 -6.74 -45.00
N GLN H 171 -46.50 -6.09 -45.65
CA GLN H 171 -46.30 -6.15 -47.10
C GLN H 171 -45.37 -7.28 -47.51
N ASN H 172 -44.98 -8.09 -46.54
CA ASN H 172 -44.10 -9.23 -46.76
C ASN H 172 -44.66 -10.52 -46.13
N MET H 173 -44.40 -10.80 -44.86
CA MET H 173 -44.79 -12.10 -44.32
C MET H 173 -46.29 -12.36 -44.33
N ASP H 174 -47.10 -11.33 -44.21
CA ASP H 174 -48.54 -11.49 -44.19
C ASP H 174 -49.17 -11.02 -45.50
N CYS H 175 -48.39 -10.79 -46.53
CA CYS H 175 -48.99 -10.16 -47.68
C CYS H 175 -49.97 -10.98 -48.46
N SER H 176 -50.80 -10.24 -49.18
CA SER H 176 -51.85 -10.69 -50.08
C SER H 176 -52.00 -9.77 -51.27
N THR H 177 -52.35 -10.34 -52.38
CA THR H 177 -52.53 -9.63 -53.64
C THR H 177 -53.74 -8.74 -53.66
N ILE H 178 -54.66 -8.92 -52.72
CA ILE H 178 -55.85 -8.08 -52.63
C ILE H 178 -55.92 -7.34 -51.31
N LEU H 179 -54.79 -7.24 -50.60
CA LEU H 179 -54.78 -6.51 -49.35
C LEU H 179 -55.34 -5.10 -49.45
N PRO H 180 -54.97 -4.26 -50.44
CA PRO H 180 -55.46 -2.93 -50.57
C PRO H 180 -56.97 -2.84 -50.73
N TYR H 181 -57.64 -3.88 -51.22
CA TYR H 181 -59.06 -3.71 -51.34
C TYR H 181 -59.69 -3.91 -50.02
N ASN H 182 -59.23 -4.90 -49.29
CA ASN H 182 -59.91 -5.12 -48.04
C ASN H 182 -59.60 -4.02 -47.05
N ALA H 183 -58.38 -3.47 -47.10
CA ALA H 183 -58.03 -2.43 -46.16
C ALA H 183 -58.83 -1.16 -46.37
N ILE H 184 -59.04 -0.74 -47.61
CA ILE H 184 -59.82 0.46 -47.84
C ILE H 184 -61.28 0.24 -47.59
N LEU H 185 -61.81 -0.90 -48.04
CA LEU H 185 -63.21 -1.17 -47.86
C LEU H 185 -63.57 -1.25 -46.40
N SER H 186 -62.68 -1.80 -45.57
CA SER H 186 -62.98 -1.87 -44.14
C SER H 186 -62.67 -0.59 -43.37
N LEU H 187 -61.68 0.23 -43.78
CA LEU H 187 -61.44 1.50 -43.08
C LEU H 187 -62.66 2.37 -43.27
N ASP H 188 -63.31 2.22 -44.40
CA ASP H 188 -64.51 2.97 -44.70
C ASP H 188 -65.61 2.69 -43.69
N LYS H 189 -65.66 1.50 -43.09
CA LYS H 189 -66.73 1.23 -42.17
C LYS H 189 -66.27 1.54 -40.76
N LEU H 190 -64.98 1.37 -40.49
CA LEU H 190 -64.47 1.64 -39.15
C LEU H 190 -64.64 3.09 -38.83
N THR H 191 -64.57 3.91 -39.87
CA THR H 191 -64.74 5.34 -39.77
C THR H 191 -66.05 5.70 -39.09
N SER H 192 -67.15 4.98 -39.35
CA SER H 192 -68.39 5.33 -38.68
C SER H 192 -68.71 4.41 -37.49
N CYS H 193 -68.08 3.23 -37.44
CA CYS H 193 -68.34 2.23 -36.41
C CYS H 193 -67.73 2.45 -35.04
N ALA H 194 -66.43 2.68 -34.98
CA ALA H 194 -65.72 2.74 -33.70
C ALA H 194 -65.67 4.15 -33.13
N ASP H 195 -65.56 4.26 -31.81
CA ASP H 195 -65.35 5.55 -31.20
C ASP H 195 -63.86 5.79 -31.10
N ILE H 196 -63.13 4.72 -30.84
CA ILE H 196 -61.69 4.74 -30.73
C ILE H 196 -61.14 3.65 -31.63
N SER H 197 -60.16 3.94 -32.48
CA SER H 197 -59.61 2.85 -33.29
C SER H 197 -58.10 2.85 -33.26
N MET H 198 -57.52 1.79 -32.71
CA MET H 198 -56.08 1.75 -32.61
C MET H 198 -55.51 1.12 -33.84
N ILE H 199 -54.46 1.69 -34.40
CA ILE H 199 -53.82 1.07 -35.54
C ILE H 199 -52.45 0.56 -35.22
N ILE H 200 -52.26 -0.72 -35.41
CA ILE H 200 -50.97 -1.34 -35.19
C ILE H 200 -50.47 -1.87 -36.51
N ASP H 201 -49.27 -1.49 -36.90
CA ASP H 201 -48.71 -1.92 -38.18
C ASP H 201 -47.71 -3.09 -38.04
N ASN H 202 -48.03 -4.27 -38.62
CA ASN H 202 -47.14 -5.40 -38.44
C ASN H 202 -45.76 -5.17 -39.04
N ASP H 203 -45.61 -4.30 -40.03
CA ASP H 203 -44.28 -4.09 -40.56
C ASP H 203 -43.40 -3.37 -39.58
N SER H 204 -43.99 -2.55 -38.71
CA SER H 204 -43.19 -1.88 -37.73
C SER H 204 -42.78 -2.90 -36.72
N ILE H 205 -43.68 -3.81 -36.39
CA ILE H 205 -43.30 -4.80 -35.41
C ILE H 205 -42.17 -5.65 -35.94
N TYR H 206 -42.24 -6.07 -37.20
CA TYR H 206 -41.17 -6.89 -37.68
C TYR H 206 -39.82 -6.17 -37.69
N ARG H 207 -39.76 -4.89 -38.10
CA ARG H 207 -38.45 -4.25 -38.10
C ARG H 207 -37.96 -3.85 -36.72
N ILE H 208 -38.88 -3.57 -35.81
CA ILE H 208 -38.50 -3.20 -34.47
C ILE H 208 -37.95 -4.37 -33.72
N VAL H 209 -38.63 -5.50 -33.80
CA VAL H 209 -38.14 -6.66 -33.10
C VAL H 209 -36.84 -7.11 -33.73
N ALA H 210 -36.73 -7.10 -35.05
CA ALA H 210 -35.49 -7.50 -35.68
C ALA H 210 -34.33 -6.63 -35.23
N THR H 211 -34.57 -5.34 -35.04
CA THR H 211 -33.53 -4.45 -34.56
C THR H 211 -33.10 -4.83 -33.15
N GLN H 212 -34.08 -5.08 -32.27
CA GLN H 212 -33.76 -5.43 -30.88
C GLN H 212 -33.07 -6.78 -30.80
N GLY H 213 -33.41 -7.64 -31.73
CA GLY H 213 -32.88 -8.98 -31.82
C GLY H 213 -31.60 -9.07 -32.62
N LYS H 214 -30.99 -7.96 -33.02
CA LYS H 214 -29.80 -8.06 -33.86
C LYS H 214 -28.65 -8.81 -33.17
N GLU H 215 -28.69 -8.85 -31.84
CA GLU H 215 -27.69 -9.51 -31.02
C GLU H 215 -28.02 -10.96 -30.66
N ASN H 216 -29.20 -11.47 -31.05
CA ASN H 216 -29.58 -12.82 -30.63
C ASN H 216 -30.54 -13.55 -31.59
N GLU H 217 -30.94 -14.76 -31.23
CA GLU H 217 -31.81 -15.55 -32.08
C GLU H 217 -33.30 -15.40 -31.80
N LEU H 218 -33.66 -14.56 -30.84
CA LEU H 218 -35.06 -14.38 -30.45
C LEU H 218 -35.81 -15.71 -30.26
N SER H 219 -37.05 -15.72 -30.74
CA SER H 219 -38.00 -16.81 -30.74
C SER H 219 -39.02 -16.46 -31.77
N GLU H 220 -39.58 -17.42 -32.46
CA GLU H 220 -40.60 -17.06 -33.45
C GLU H 220 -41.89 -16.54 -32.82
N SER H 221 -42.07 -16.80 -31.53
CA SER H 221 -43.27 -16.36 -30.83
C SER H 221 -43.24 -14.87 -30.49
N ILE H 222 -42.08 -14.23 -30.62
CA ILE H 222 -41.95 -12.85 -30.22
C ILE H 222 -42.83 -11.88 -30.97
N PHE H 223 -43.14 -12.15 -32.22
CA PHE H 223 -43.91 -11.21 -32.96
C PHE H 223 -45.33 -11.12 -32.41
N ASP H 224 -45.88 -12.27 -32.03
CA ASP H 224 -47.23 -12.31 -31.50
C ASP H 224 -47.25 -11.81 -30.08
N GLN H 225 -46.16 -12.01 -29.33
CA GLN H 225 -46.19 -11.53 -27.97
C GLN H 225 -46.19 -10.01 -27.97
N VAL H 226 -45.46 -9.37 -28.88
CA VAL H 226 -45.43 -7.92 -28.90
C VAL H 226 -46.80 -7.37 -29.29
N LEU H 227 -47.43 -7.95 -30.29
CA LEU H 227 -48.72 -7.46 -30.72
C LEU H 227 -49.78 -7.62 -29.61
N ALA H 228 -49.79 -8.77 -28.95
CA ALA H 228 -50.73 -9.01 -27.86
C ALA H 228 -50.48 -8.11 -26.68
N LYS H 229 -49.21 -7.88 -26.36
CA LYS H 229 -48.85 -7.08 -25.23
C LYS H 229 -49.29 -5.67 -25.43
N ALA H 230 -49.16 -5.13 -26.63
CA ALA H 230 -49.61 -3.76 -26.77
C ALA H 230 -51.06 -3.64 -26.36
N LEU H 231 -51.92 -4.60 -26.70
CA LEU H 231 -53.30 -4.42 -26.25
C LEU H 231 -53.41 -4.50 -24.73
N VAL H 232 -52.64 -5.40 -24.13
CA VAL H 232 -52.72 -5.57 -22.68
C VAL H 232 -52.33 -4.30 -21.96
N GLU H 233 -51.27 -3.64 -22.44
CA GLU H 233 -50.80 -2.41 -21.83
C GLU H 233 -51.79 -1.26 -22.05
N ILE H 234 -52.44 -1.20 -23.21
CA ILE H 234 -53.41 -0.13 -23.47
C ILE H 234 -54.51 -0.24 -22.44
N THR H 235 -54.92 -1.46 -22.16
CA THR H 235 -55.96 -1.77 -21.21
C THR H 235 -55.52 -1.81 -19.74
N ALA H 236 -54.26 -1.58 -19.43
CA ALA H 236 -53.84 -1.70 -18.03
C ALA H 236 -54.58 -0.74 -17.13
N THR H 237 -54.90 0.44 -17.63
CA THR H 237 -55.53 1.44 -16.80
C THR H 237 -56.99 1.15 -16.60
N LEU H 238 -57.54 0.18 -17.34
CA LEU H 238 -58.92 -0.16 -17.20
C LEU H 238 -59.06 -1.31 -16.21
N ARG H 239 -57.92 -1.85 -15.75
CA ARG H 239 -57.88 -3.00 -14.88
C ARG H 239 -57.32 -2.69 -13.51
N PHE H 240 -56.49 -1.68 -13.42
CA PHE H 240 -55.90 -1.29 -12.17
C PHE H 240 -56.41 0.08 -11.78
N ASN H 241 -56.38 0.42 -10.50
CA ASN H 241 -56.91 1.72 -10.11
C ASN H 241 -55.90 2.83 -10.36
N SER H 242 -55.78 3.12 -11.64
CA SER H 242 -54.84 4.04 -12.24
C SER H 242 -55.33 5.47 -12.18
N PRO H 243 -54.46 6.51 -12.18
CA PRO H 243 -54.91 7.90 -12.23
C PRO H 243 -55.01 8.36 -13.69
N LEU H 244 -55.20 7.43 -14.62
CA LEU H 244 -55.21 7.78 -16.07
C LEU H 244 -56.12 6.80 -16.83
N ASN H 245 -56.70 7.23 -17.96
CA ASN H 245 -57.55 6.39 -18.79
C ASN H 245 -58.39 5.47 -17.91
N ARG H 246 -58.88 6.01 -16.78
CA ARG H 246 -59.67 5.28 -15.82
C ARG H 246 -60.79 4.48 -16.47
N SER H 247 -61.35 5.00 -17.54
CA SER H 247 -62.42 4.34 -18.25
C SER H 247 -62.34 4.63 -19.73
N MET H 248 -63.05 3.84 -20.52
CA MET H 248 -63.07 4.00 -21.97
C MET H 248 -63.64 5.34 -22.36
N MET H 249 -64.57 5.86 -21.58
CA MET H 249 -65.14 7.16 -21.85
C MET H 249 -64.11 8.25 -21.69
N GLU H 250 -63.15 8.06 -20.78
CA GLU H 250 -62.09 9.07 -20.55
C GLU H 250 -61.04 8.95 -21.64
N MET H 251 -60.84 7.75 -22.18
CA MET H 251 -59.88 7.65 -23.29
C MET H 251 -60.44 8.39 -24.48
N SER H 252 -61.74 8.28 -24.69
CA SER H 252 -62.37 8.95 -25.79
C SER H 252 -62.27 10.46 -25.65
N THR H 253 -62.57 10.97 -24.46
CA THR H 253 -62.55 12.44 -24.25
C THR H 253 -61.12 12.99 -24.32
N ASN H 254 -60.11 12.21 -23.91
CA ASN H 254 -58.73 12.67 -23.90
C ASN H 254 -58.10 12.67 -25.28
N LEU H 255 -58.46 11.69 -26.10
CA LEU H 255 -57.83 11.53 -27.40
C LEU H 255 -58.58 11.92 -28.66
N VAL H 256 -59.91 11.93 -28.68
CA VAL H 256 -60.61 12.17 -29.94
C VAL H 256 -61.45 13.47 -29.99
N PRO H 257 -60.93 14.59 -30.54
CA PRO H 257 -61.62 15.87 -30.60
C PRO H 257 -62.76 15.98 -31.60
N PHE H 258 -62.74 15.15 -32.64
CA PHE H 258 -63.78 15.19 -33.65
C PHE H 258 -64.20 13.76 -33.90
N PRO H 259 -65.47 13.45 -34.18
CA PRO H 259 -65.96 12.11 -34.46
C PRO H 259 -65.15 11.30 -35.47
N ARG H 260 -64.61 11.95 -36.50
CA ARG H 260 -63.85 11.19 -37.48
C ARG H 260 -62.39 11.01 -37.14
N ASN H 261 -61.83 11.90 -36.32
CA ASN H 261 -60.40 11.82 -36.07
C ASN H 261 -60.10 10.93 -34.88
N HIS H 262 -60.46 9.67 -35.02
CA HIS H 262 -60.31 8.73 -33.93
C HIS H 262 -59.26 7.65 -34.14
N PHE H 263 -58.44 7.76 -35.18
CA PHE H 263 -57.47 6.71 -35.42
C PHE H 263 -56.19 7.02 -34.68
N LEU H 264 -55.80 6.13 -33.79
CA LEU H 264 -54.66 6.34 -32.90
C LEU H 264 -53.46 5.44 -33.12
N MET H 265 -52.30 6.00 -32.83
CA MET H 265 -51.02 5.31 -32.90
C MET H 265 -50.48 4.98 -31.55
N THR H 266 -49.64 3.95 -31.43
CA THR H 266 -49.05 3.68 -30.14
C THR H 266 -47.55 3.53 -30.20
N SER H 267 -46.97 3.62 -29.03
CA SER H 267 -45.54 3.45 -28.80
C SER H 267 -45.32 2.69 -27.53
N MET H 268 -44.41 1.73 -27.54
CA MET H 268 -44.22 0.90 -26.36
C MET H 268 -42.79 0.60 -26.01
N SER H 269 -42.51 0.59 -24.71
CA SER H 269 -41.20 0.26 -24.19
C SER H 269 -41.35 -0.49 -22.87
N PRO H 270 -40.60 -1.58 -22.66
CA PRO H 270 -39.55 -2.21 -23.44
C PRO H 270 -39.93 -3.19 -24.54
N LEU H 271 -41.15 -3.13 -25.05
CA LEU H 271 -41.68 -4.03 -26.09
C LEU H 271 -41.97 -5.42 -25.55
N GLU H 272 -40.95 -6.08 -25.03
CA GLU H 272 -41.15 -7.36 -24.35
C GLU H 272 -40.07 -7.58 -23.31
N THR H 273 -40.45 -8.18 -22.20
CA THR H 273 -39.56 -8.44 -21.09
C THR H 273 -38.38 -9.28 -21.52
N SER H 274 -38.63 -10.29 -22.34
CA SER H 274 -37.60 -11.20 -22.83
C SER H 274 -36.63 -10.54 -23.84
N LEU H 275 -37.03 -9.38 -24.37
CA LEU H 275 -36.13 -8.62 -25.28
C LEU H 275 -35.15 -7.81 -24.42
N THR H 276 -35.62 -7.36 -23.24
CA THR H 276 -34.76 -6.56 -22.34
C THR H 276 -34.47 -7.37 -21.07
N SER H 277 -33.38 -8.15 -21.07
CA SER H 277 -33.06 -9.02 -19.90
C SER H 277 -31.77 -8.53 -19.22
N ALA H 278 -31.29 -9.27 -18.22
CA ALA H 278 -30.05 -8.89 -17.49
C ALA H 278 -30.25 -7.53 -16.81
N HIS H 279 -29.28 -6.63 -16.94
CA HIS H 279 -29.35 -5.31 -16.26
C HIS H 279 -30.29 -4.38 -17.04
N GLN H 280 -31.51 -4.22 -16.53
CA GLN H 280 -32.50 -3.39 -17.26
C GLN H 280 -33.02 -2.31 -16.32
N LYS H 281 -32.11 -1.65 -15.61
CA LYS H 281 -32.53 -0.52 -14.76
C LYS H 281 -32.88 0.64 -15.69
N ILE H 282 -34.09 0.62 -16.26
CA ILE H 282 -34.52 1.72 -17.18
C ILE H 282 -34.99 2.88 -16.32
N GLU H 283 -34.18 3.92 -16.21
CA GLU H 283 -34.53 5.08 -15.35
C GLU H 283 -35.72 5.82 -15.95
N THR H 284 -36.51 6.48 -15.11
CA THR H 284 -37.69 7.24 -15.60
C THR H 284 -37.28 8.08 -16.82
N LYS H 285 -36.05 8.59 -16.83
CA LYS H 285 -35.60 9.51 -17.90
C LYS H 285 -35.48 8.77 -19.24
N GLU H 286 -34.87 7.58 -19.26
CA GLU H 286 -34.68 6.92 -20.52
C GLU H 286 -36.01 6.39 -21.01
N LEU H 287 -36.87 5.92 -20.11
CA LEU H 287 -38.13 5.39 -20.58
C LEU H 287 -38.90 6.43 -21.37
N MET H 288 -38.96 7.66 -20.91
CA MET H 288 -39.70 8.61 -21.71
C MET H 288 -39.04 9.01 -23.00
N GLN H 289 -37.71 8.91 -23.09
CA GLN H 289 -37.13 9.23 -24.37
C GLN H 289 -37.38 8.08 -25.33
N ASP H 290 -37.38 6.85 -24.81
CA ASP H 290 -37.60 5.67 -25.66
C ASP H 290 -38.99 5.68 -26.26
N LEU H 291 -39.96 6.16 -25.51
CA LEU H 291 -41.32 6.17 -25.99
C LEU H 291 -41.60 7.12 -27.16
N ILE H 292 -40.69 8.03 -27.50
CA ILE H 292 -40.93 8.85 -28.69
C ILE H 292 -39.83 8.58 -29.71
N ASP H 293 -39.10 7.49 -29.51
CA ASP H 293 -38.04 7.08 -30.41
C ASP H 293 -38.62 6.33 -31.58
N GLN H 294 -37.96 6.36 -32.72
CA GLN H 294 -38.46 5.65 -33.87
C GLN H 294 -38.58 4.16 -33.67
N ASP H 295 -37.71 3.58 -32.86
CA ASP H 295 -37.74 2.14 -32.75
C ASP H 295 -38.75 1.62 -31.78
N HIS H 296 -39.54 2.49 -31.18
CA HIS H 296 -40.57 2.06 -30.28
C HIS H 296 -41.96 2.37 -30.80
N ILE H 297 -42.07 2.92 -32.00
CA ILE H 297 -43.37 3.30 -32.51
C ILE H 297 -43.90 2.23 -33.44
N LEU H 298 -45.08 1.70 -33.14
CA LEU H 298 -45.60 0.59 -33.91
C LEU H 298 -46.41 1.07 -35.10
N ALA H 299 -45.77 1.90 -35.91
CA ALA H 299 -46.30 2.52 -37.11
C ALA H 299 -45.15 3.11 -37.88
N PRO H 300 -45.23 3.31 -39.19
CA PRO H 300 -44.21 3.97 -39.98
C PRO H 300 -44.29 5.48 -39.80
N ILE H 301 -44.14 5.90 -38.56
CA ILE H 301 -44.26 7.28 -38.13
C ILE H 301 -43.11 7.78 -37.30
N THR H 302 -42.65 8.95 -37.68
CA THR H 302 -41.63 9.68 -36.97
C THR H 302 -42.39 10.80 -36.28
N VAL H 303 -42.25 10.97 -34.97
CA VAL H 303 -43.10 11.99 -34.33
C VAL H 303 -42.75 13.38 -34.77
N GLU H 304 -41.49 13.59 -35.13
CA GLU H 304 -40.97 14.85 -35.60
C GLU H 304 -41.54 15.27 -36.94
N LYS H 305 -42.14 14.34 -37.68
CA LYS H 305 -42.66 14.65 -39.00
C LYS H 305 -44.16 14.50 -39.02
N GLY H 306 -44.85 15.52 -38.53
CA GLY H 306 -46.29 15.49 -38.40
C GLY H 306 -46.71 16.31 -37.20
N VAL H 307 -48.00 16.37 -36.95
CA VAL H 307 -48.54 17.18 -35.87
C VAL H 307 -49.44 16.41 -34.93
N PHE H 308 -49.25 16.62 -33.64
CA PHE H 308 -50.05 16.00 -32.60
C PHE H 308 -51.31 16.76 -32.34
N THR H 309 -52.36 16.04 -32.05
CA THR H 309 -53.62 16.61 -31.66
C THR H 309 -53.87 16.26 -30.20
N ALA H 310 -53.37 15.09 -29.80
CA ALA H 310 -53.52 14.63 -28.42
C ALA H 310 -52.39 13.69 -28.09
N PHE H 311 -51.96 13.65 -26.84
CA PHE H 311 -50.88 12.74 -26.49
C PHE H 311 -50.90 12.31 -25.03
N VAL H 312 -51.11 11.02 -24.80
CA VAL H 312 -51.18 10.49 -23.44
C VAL H 312 -50.13 9.44 -23.18
N ILE H 313 -49.33 9.64 -22.15
CA ILE H 313 -48.29 8.70 -21.78
C ILE H 313 -48.64 7.95 -20.48
N ALA H 314 -48.82 6.65 -20.59
CA ALA H 314 -49.19 5.85 -19.44
C ALA H 314 -48.03 4.98 -19.02
N LEU H 315 -47.49 5.24 -17.84
CA LEU H 315 -46.34 4.53 -17.36
C LEU H 315 -46.75 3.57 -16.26
N ARG H 316 -45.90 2.63 -15.94
CA ARG H 316 -46.16 1.73 -14.85
C ARG H 316 -44.92 1.70 -13.97
N GLY H 317 -45.13 1.66 -12.65
CA GLY H 317 -44.03 1.62 -11.69
C GLY H 317 -43.75 3.00 -11.16
N GLU H 318 -42.81 3.13 -10.24
CA GLU H 318 -42.55 4.45 -9.73
C GLU H 318 -41.91 5.28 -10.83
N ASN H 319 -42.49 6.44 -11.04
CA ASN H 319 -42.11 7.41 -12.03
C ASN H 319 -42.32 8.81 -11.45
N PRO H 320 -41.38 9.38 -10.72
CA PRO H 320 -41.53 10.64 -10.02
C PRO H 320 -42.04 11.69 -10.97
N HIS H 321 -42.98 12.49 -10.51
CA HIS H 321 -43.57 13.47 -11.40
C HIS H 321 -42.66 14.56 -11.83
N SER H 322 -41.66 14.90 -11.03
CA SER H 322 -40.73 15.94 -11.41
C SER H 322 -39.87 15.51 -12.57
N ILE H 323 -39.73 14.21 -12.77
CA ILE H 323 -38.94 13.72 -13.86
C ILE H 323 -39.81 13.72 -15.05
N LEU H 324 -41.05 13.30 -14.88
CA LEU H 324 -41.91 13.24 -16.04
C LEU H 324 -42.07 14.62 -16.62
N GLN H 325 -42.15 15.65 -15.77
CA GLN H 325 -42.30 16.99 -16.29
C GLN H 325 -41.06 17.48 -16.99
N ASN H 326 -39.88 17.16 -16.49
CA ASN H 326 -38.71 17.62 -17.21
C ASN H 326 -38.55 16.88 -18.53
N SER H 327 -38.95 15.60 -18.57
CA SER H 327 -38.87 14.84 -19.80
C SER H 327 -39.79 15.42 -20.84
N ILE H 328 -40.99 15.84 -20.44
CA ILE H 328 -41.91 16.44 -21.39
C ILE H 328 -41.39 17.76 -21.88
N LYS H 329 -40.90 18.60 -20.99
CA LYS H 329 -40.41 19.90 -21.45
C LYS H 329 -39.27 19.71 -22.43
N GLY H 330 -38.46 18.68 -22.19
CA GLY H 330 -37.30 18.31 -22.97
C GLY H 330 -37.64 17.72 -24.33
N PHE H 331 -38.93 17.53 -24.62
CA PHE H 331 -39.32 17.04 -25.91
C PHE H 331 -39.07 18.14 -26.93
N GLY H 332 -39.09 19.41 -26.50
CA GLY H 332 -38.81 20.50 -27.41
C GLY H 332 -39.80 20.54 -28.55
N ASP H 333 -39.29 20.62 -29.77
CA ASP H 333 -40.11 20.67 -30.96
C ASP H 333 -40.24 19.33 -31.64
N ARG H 334 -39.86 18.26 -30.94
CA ARG H 334 -40.03 16.93 -31.50
C ARG H 334 -41.49 16.57 -31.40
N VAL H 335 -42.13 17.08 -30.36
CA VAL H 335 -43.52 16.86 -30.12
C VAL H 335 -44.23 18.18 -30.27
N LYS H 336 -44.88 18.38 -31.40
CA LYS H 336 -45.52 19.66 -31.68
C LYS H 336 -46.96 19.50 -32.06
N PHE H 337 -47.77 20.48 -31.64
CA PHE H 337 -49.23 20.45 -31.89
C PHE H 337 -49.60 21.66 -32.75
N SER H 338 -50.89 21.90 -32.94
CA SER H 338 -51.34 23.08 -33.72
C SER H 338 -51.21 24.34 -32.86
N GLU H 339 -51.38 25.52 -33.47
CA GLU H 339 -51.32 26.78 -32.68
C GLU H 339 -52.68 26.99 -32.02
N ILE H 340 -53.66 26.13 -32.32
CA ILE H 340 -55.01 26.22 -31.68
C ILE H 340 -55.05 25.25 -30.50
N PHE H 341 -53.91 24.67 -30.11
CA PHE H 341 -53.93 23.82 -28.94
C PHE H 341 -52.77 24.15 -28.02
N PRO H 342 -52.92 23.97 -26.72
CA PRO H 342 -51.84 24.00 -25.77
C PRO H 342 -51.13 22.70 -25.99
N THR H 343 -49.88 22.58 -25.57
CA THR H 343 -49.20 21.30 -25.70
C THR H 343 -49.68 20.35 -24.65
N ALA H 344 -50.86 19.82 -24.88
CA ALA H 344 -51.58 18.99 -23.95
C ALA H 344 -51.06 17.58 -23.90
N ILE H 345 -49.90 17.44 -23.28
CA ILE H 345 -49.26 16.15 -23.12
C ILE H 345 -49.49 15.72 -21.69
N LYS H 346 -50.18 14.59 -21.49
CA LYS H 346 -50.53 14.16 -20.12
C LYS H 346 -49.80 12.87 -19.76
N ALA H 347 -49.15 12.84 -18.59
CA ALA H 347 -48.40 11.65 -18.22
C ALA H 347 -48.52 11.36 -16.74
N ASP H 348 -48.58 10.08 -16.41
CA ASP H 348 -48.61 9.62 -15.01
C ASP H 348 -48.33 8.13 -14.99
N SER H 349 -48.30 7.51 -13.79
CA SER H 349 -48.07 6.06 -13.72
C SER H 349 -48.98 5.25 -12.81
N THR H 350 -49.09 3.98 -13.17
CA THR H 350 -49.88 2.97 -12.46
C THR H 350 -49.08 1.76 -11.98
N THR H 351 -49.79 0.79 -11.46
CA THR H 351 -49.24 -0.44 -10.87
C THR H 351 -48.52 -1.42 -11.81
N LEU H 352 -47.34 -1.85 -11.33
CA LEU H 352 -46.54 -2.85 -12.08
C LEU H 352 -46.76 -4.25 -11.49
N THR H 353 -46.96 -5.25 -12.33
CA THR H 353 -47.22 -6.62 -12.04
C THR H 353 -46.11 -7.59 -12.45
N ASP H 354 -45.23 -7.14 -13.33
CA ASP H 354 -44.16 -7.95 -13.90
C ASP H 354 -42.90 -7.80 -13.07
N GLU H 355 -42.54 -8.85 -12.34
CA GLU H 355 -41.44 -8.81 -11.39
C GLU H 355 -40.08 -8.64 -12.03
N LYS H 356 -39.98 -8.78 -13.35
CA LYS H 356 -38.70 -8.63 -14.01
C LYS H 356 -38.41 -7.21 -14.47
N LEU H 357 -39.38 -6.31 -14.41
CA LEU H 357 -39.15 -4.96 -14.90
C LEU H 357 -39.27 -3.89 -13.86
N ALA H 358 -38.28 -3.01 -13.83
CA ALA H 358 -38.31 -1.89 -12.91
C ALA H 358 -39.47 -0.94 -13.21
N ARG H 359 -39.76 -0.76 -14.48
CA ARG H 359 -40.83 0.12 -14.95
C ARG H 359 -41.09 -0.13 -16.40
N SER H 360 -42.19 0.40 -16.90
CA SER H 360 -42.53 0.25 -18.31
C SER H 360 -43.53 1.29 -18.74
N GLY H 361 -43.82 1.36 -20.05
CA GLY H 361 -44.89 2.27 -20.45
C GLY H 361 -45.33 2.18 -21.90
N ILE H 362 -46.44 2.83 -22.17
CA ILE H 362 -47.07 2.87 -23.48
C ILE H 362 -47.69 4.23 -23.74
N THR H 363 -47.70 4.67 -24.98
CA THR H 363 -48.38 5.93 -25.24
C THR H 363 -49.46 5.75 -26.27
N LEU H 364 -50.42 6.66 -26.20
CA LEU H 364 -51.52 6.74 -27.16
C LEU H 364 -51.43 8.09 -27.85
N MET H 365 -51.31 8.08 -29.16
CA MET H 365 -51.12 9.32 -29.87
C MET H 365 -52.15 9.59 -30.93
N ASN H 366 -52.62 10.82 -30.99
CA ASN H 366 -53.50 11.21 -32.07
C ASN H 366 -52.61 12.12 -32.87
N HIS H 367 -52.11 11.60 -33.97
CA HIS H 367 -51.07 12.24 -34.77
C HIS H 367 -51.37 12.12 -36.25
N SER H 368 -51.10 13.19 -36.99
CA SER H 368 -51.38 13.28 -38.41
C SER H 368 -50.67 12.27 -39.28
N GLY H 369 -49.63 11.63 -38.76
CA GLY H 369 -48.86 10.65 -39.49
C GLY H 369 -49.70 9.45 -39.89
N VAL H 370 -50.85 9.25 -39.27
CA VAL H 370 -51.70 8.13 -39.67
C VAL H 370 -52.13 8.28 -41.10
N ALA H 371 -52.25 9.51 -41.57
CA ALA H 371 -52.68 9.82 -42.90
C ALA H 371 -51.73 9.23 -43.93
N ASN H 372 -50.47 9.03 -43.56
CA ASN H 372 -49.50 8.51 -44.48
C ASN H 372 -49.72 7.03 -44.73
N LEU H 373 -50.24 6.30 -43.74
CA LEU H 373 -50.50 4.89 -43.91
C LEU H 373 -51.71 4.75 -44.77
N PHE H 374 -52.69 5.61 -44.52
CA PHE H 374 -53.89 5.54 -45.28
C PHE H 374 -53.57 5.88 -46.73
N GLN H 375 -52.74 6.90 -46.99
CA GLN H 375 -52.45 7.22 -48.37
C GLN H 375 -51.67 6.11 -49.04
N PHE H 376 -50.77 5.45 -48.33
CA PHE H 376 -50.03 4.36 -48.93
C PHE H 376 -50.97 3.29 -49.43
N LEU H 377 -51.89 2.87 -48.57
CA LEU H 377 -52.82 1.83 -48.94
C LEU H 377 -53.79 2.30 -50.01
N LEU H 378 -54.18 3.57 -49.95
CA LEU H 378 -55.13 4.08 -50.93
C LEU H 378 -54.48 4.13 -52.30
N THR H 379 -53.22 4.50 -52.40
CA THR H 379 -52.58 4.50 -53.71
C THR H 379 -52.59 3.10 -54.30
N GLN H 380 -52.28 2.09 -53.48
CA GLN H 380 -52.26 0.74 -54.01
C GLN H 380 -53.66 0.33 -54.48
N PHE H 381 -54.69 0.74 -53.73
CA PHE H 381 -56.08 0.47 -54.07
C PHE H 381 -56.37 1.03 -55.43
N GLU H 382 -56.01 2.29 -55.66
CA GLU H 382 -56.31 2.93 -56.92
C GLU H 382 -55.62 2.26 -58.11
N LEU H 383 -54.38 1.83 -57.94
CA LEU H 383 -53.72 1.18 -59.09
C LEU H 383 -54.47 -0.08 -59.50
N MET H 384 -54.92 -0.84 -58.51
CA MET H 384 -55.65 -2.05 -58.83
C MET H 384 -57.05 -1.78 -59.32
N TYR H 385 -57.75 -0.88 -58.65
CA TYR H 385 -59.13 -0.63 -58.97
C TYR H 385 -59.31 -0.10 -60.36
N ASP H 386 -58.47 0.86 -60.74
CA ASP H 386 -58.59 1.52 -62.02
C ASP H 386 -58.34 0.60 -63.21
N HIS H 387 -57.78 -0.58 -62.97
CA HIS H 387 -57.53 -1.53 -64.03
C HIS H 387 -58.28 -2.84 -63.76
N ASP H 388 -59.28 -2.80 -62.88
CA ASP H 388 -60.12 -3.92 -62.48
C ASP H 388 -59.40 -5.16 -61.99
N ALA H 389 -58.28 -5.04 -61.28
CA ALA H 389 -57.64 -6.28 -60.89
C ALA H 389 -58.43 -6.93 -59.80
N PHE H 390 -58.76 -8.21 -59.95
CA PHE H 390 -59.47 -8.98 -58.94
C PHE H 390 -60.80 -8.40 -58.51
N THR H 391 -61.48 -7.62 -59.35
CA THR H 391 -62.74 -7.08 -58.87
C THR H 391 -63.89 -8.03 -59.11
N THR H 392 -63.70 -9.00 -60.00
CA THR H 392 -64.76 -9.92 -60.30
C THR H 392 -65.10 -10.73 -59.08
N TRP H 393 -64.12 -10.99 -58.22
CA TRP H 393 -64.37 -11.82 -57.07
C TRP H 393 -65.25 -11.14 -56.06
N TYR H 394 -65.31 -9.81 -56.07
CA TYR H 394 -66.14 -9.09 -55.13
C TYR H 394 -67.50 -8.85 -55.74
N TYR H 395 -67.54 -8.64 -57.05
CA TYR H 395 -68.78 -8.34 -57.73
C TYR H 395 -69.67 -9.57 -57.72
N GLN H 396 -69.05 -10.74 -57.75
CA GLN H 396 -69.76 -12.01 -57.75
C GLN H 396 -70.48 -12.25 -56.46
N GLU H 397 -70.15 -11.52 -55.40
CA GLU H 397 -70.80 -11.73 -54.13
C GLU H 397 -71.59 -10.50 -53.67
N GLY H 398 -71.96 -9.64 -54.63
CA GLY H 398 -72.81 -8.50 -54.33
C GLY H 398 -72.17 -7.12 -54.20
N MET H 399 -70.87 -6.97 -54.40
CA MET H 399 -70.36 -5.63 -54.27
C MET H 399 -70.48 -4.79 -55.52
N GLN H 400 -71.64 -4.20 -55.69
CA GLN H 400 -71.91 -3.37 -56.86
C GLN H 400 -70.74 -2.37 -56.90
N PRO H 401 -70.15 -2.05 -58.06
CA PRO H 401 -69.00 -1.16 -58.22
C PRO H 401 -69.01 0.18 -57.50
N SER H 402 -70.17 0.81 -57.30
CA SER H 402 -70.21 2.10 -56.63
C SER H 402 -69.80 1.99 -55.17
N GLU H 403 -69.79 0.77 -54.65
CA GLU H 403 -69.42 0.48 -53.28
C GLU H 403 -67.93 0.75 -53.09
N PHE H 404 -67.14 0.44 -54.14
CA PHE H 404 -65.70 0.64 -54.10
C PHE H 404 -65.40 2.11 -54.26
N GLU H 405 -66.17 2.76 -55.13
CA GLU H 405 -65.98 4.18 -55.37
C GLU H 405 -66.28 4.97 -54.11
N ALA H 406 -67.32 4.57 -53.37
CA ALA H 406 -67.63 5.29 -52.15
C ALA H 406 -66.51 5.17 -51.15
N ALA H 407 -65.93 3.97 -51.00
CA ALA H 407 -64.85 3.81 -50.04
C ALA H 407 -63.65 4.65 -50.43
N LYS H 408 -63.36 4.71 -51.72
CA LYS H 408 -62.26 5.49 -52.23
C LYS H 408 -62.40 6.93 -51.85
N ASN H 409 -63.59 7.48 -52.04
CA ASN H 409 -63.77 8.88 -51.73
C ASN H 409 -63.75 9.15 -50.23
N ASN H 410 -64.34 8.29 -49.43
CA ASN H 410 -64.35 8.50 -47.95
C ASN H 410 -62.91 8.54 -47.43
N ILE H 411 -62.06 7.62 -47.87
CA ILE H 411 -60.71 7.59 -47.34
C ILE H 411 -59.95 8.80 -47.83
N GLN H 412 -60.10 9.20 -49.09
CA GLN H 412 -59.34 10.36 -49.50
C GLN H 412 -59.73 11.57 -48.64
N LYS H 413 -61.03 11.69 -48.28
CA LYS H 413 -61.46 12.78 -47.43
C LYS H 413 -60.85 12.67 -46.05
N LEU H 414 -60.73 11.46 -45.51
CA LEU H 414 -60.17 11.25 -44.19
C LEU H 414 -58.70 11.67 -44.16
N ILE H 415 -57.97 11.33 -45.21
CA ILE H 415 -56.56 11.68 -45.33
C ILE H 415 -56.43 13.18 -45.37
N THR H 416 -57.28 13.81 -46.16
CA THR H 416 -57.27 15.24 -46.32
C THR H 416 -57.48 15.93 -44.99
N GLU H 417 -58.44 15.44 -44.20
CA GLU H 417 -58.71 16.01 -42.90
C GLU H 417 -57.57 15.85 -41.90
N TYR H 418 -56.90 14.69 -41.88
CA TYR H 418 -55.80 14.54 -40.93
C TYR H 418 -54.63 15.41 -41.26
N LYS H 419 -54.44 15.72 -42.53
CA LYS H 419 -53.32 16.54 -42.92
C LYS H 419 -53.59 18.04 -42.87
N GLN H 420 -54.78 18.43 -42.40
CA GLN H 420 -55.14 19.88 -42.41
C GLN H 420 -54.04 20.68 -41.69
N ASP H 421 -53.60 20.23 -40.52
CA ASP H 421 -52.62 21.00 -39.71
C ASP H 421 -51.22 20.97 -40.35
N GLU H 422 -50.96 19.98 -41.19
CA GLU H 422 -49.64 19.91 -41.89
C GLU H 422 -49.47 21.18 -42.74
N TYR H 423 -50.49 21.55 -43.50
CA TYR H 423 -50.42 22.78 -44.35
C TYR H 423 -50.47 24.00 -43.43
N ALA I 2 -48.92 -57.56 7.44
CA ALA I 2 -50.37 -57.54 7.34
C ALA I 2 -50.84 -57.55 5.89
N GLY I 3 -50.37 -56.62 5.04
CA GLY I 3 -50.79 -56.51 3.63
C GLY I 3 -50.13 -57.56 2.75
N GLU I 4 -50.35 -58.82 3.09
CA GLU I 4 -49.74 -59.94 2.41
C GLU I 4 -50.40 -60.19 1.07
N ILE I 5 -49.62 -60.51 0.07
CA ILE I 5 -50.17 -60.69 -1.27
C ILE I 5 -50.10 -62.09 -1.81
N VAL I 6 -51.21 -62.57 -2.35
CA VAL I 6 -51.21 -63.89 -2.97
C VAL I 6 -51.35 -63.72 -4.47
N CYS I 7 -50.37 -64.22 -5.21
CA CYS I 7 -50.43 -64.08 -6.65
C CYS I 7 -51.03 -65.32 -7.27
N ILE I 8 -51.78 -65.17 -8.34
CA ILE I 8 -52.33 -66.31 -9.06
C ILE I 8 -51.86 -66.17 -10.50
N GLN I 9 -51.24 -67.20 -11.02
CA GLN I 9 -50.70 -67.16 -12.37
C GLN I 9 -51.45 -68.13 -13.23
N VAL I 10 -52.15 -67.67 -14.27
CA VAL I 10 -52.92 -68.66 -15.01
C VAL I 10 -52.55 -68.69 -16.49
N GLY I 11 -52.18 -69.87 -16.95
CA GLY I 11 -51.85 -70.08 -18.36
C GLY I 11 -50.41 -69.78 -18.69
N GLN I 12 -50.00 -70.06 -19.92
CA GLN I 12 -48.62 -69.88 -20.30
C GLN I 12 -48.12 -68.45 -20.23
N ALA I 13 -48.90 -67.49 -20.70
CA ALA I 13 -48.43 -66.12 -20.65
C ALA I 13 -48.37 -65.68 -19.23
N GLY I 14 -49.34 -66.14 -18.45
CA GLY I 14 -49.44 -65.74 -17.07
C GLY I 14 -48.22 -66.18 -16.31
N ASN I 15 -47.78 -67.40 -16.58
CA ASN I 15 -46.65 -67.95 -15.89
C ASN I 15 -45.35 -67.33 -16.35
N GLN I 16 -45.22 -66.99 -17.63
CA GLN I 16 -43.97 -66.38 -18.07
C GLN I 16 -43.81 -64.96 -17.58
N ILE I 17 -44.90 -64.21 -17.53
CA ILE I 17 -44.83 -62.85 -17.08
C ILE I 17 -44.57 -62.81 -15.60
N ALA I 18 -45.32 -63.61 -14.86
CA ALA I 18 -45.14 -63.66 -13.43
C ALA I 18 -43.75 -64.17 -13.10
N GLY I 19 -43.23 -65.08 -13.90
CA GLY I 19 -41.92 -65.61 -13.68
C GLY I 19 -40.89 -64.48 -13.71
N ALA I 20 -40.96 -63.64 -14.74
CA ALA I 20 -40.03 -62.53 -14.86
C ALA I 20 -40.16 -61.61 -13.64
N PHE I 21 -41.39 -61.40 -13.18
CA PHE I 21 -41.61 -60.59 -12.00
C PHE I 21 -40.91 -61.16 -10.80
N TRP I 22 -41.14 -62.44 -10.54
CA TRP I 22 -40.57 -63.02 -9.34
C TRP I 22 -39.07 -62.97 -9.34
N GLN I 23 -38.46 -63.18 -10.48
CA GLN I 23 -37.02 -63.14 -10.53
C GLN I 23 -36.48 -61.72 -10.36
N LYS I 24 -37.26 -60.68 -10.74
CA LYS I 24 -36.77 -59.33 -10.49
C LYS I 24 -36.96 -58.95 -9.02
N ILE I 25 -38.04 -59.43 -8.39
CA ILE I 25 -38.30 -59.16 -6.97
C ILE I 25 -37.18 -59.73 -6.14
N CYS I 26 -36.75 -60.92 -6.51
CA CYS I 26 -35.67 -61.60 -5.81
C CYS I 26 -34.33 -60.88 -6.00
N ALA I 27 -34.22 -59.98 -6.95
CA ALA I 27 -32.97 -59.31 -7.08
C ALA I 27 -32.95 -58.11 -6.16
N GLU I 28 -34.09 -57.42 -6.07
CA GLU I 28 -34.15 -56.20 -5.23
C GLU I 28 -34.07 -56.57 -3.75
N HIS I 29 -34.67 -57.70 -3.36
CA HIS I 29 -34.72 -58.06 -1.91
C HIS I 29 -33.42 -58.76 -1.52
N GLY I 30 -32.74 -59.38 -2.48
CA GLY I 30 -31.48 -60.09 -2.19
C GLY I 30 -31.71 -61.57 -1.92
N ILE I 31 -32.35 -62.27 -2.86
CA ILE I 31 -32.66 -63.72 -2.70
C ILE I 31 -32.13 -64.44 -3.94
N ASP I 32 -31.70 -65.70 -3.84
CA ASP I 32 -31.25 -66.36 -5.04
C ASP I 32 -32.44 -66.72 -5.96
N PRO I 33 -32.58 -66.14 -7.17
CA PRO I 33 -33.69 -66.33 -8.09
C PRO I 33 -33.91 -67.77 -8.52
N VAL I 34 -32.93 -68.64 -8.34
CA VAL I 34 -33.13 -70.02 -8.75
C VAL I 34 -33.17 -71.02 -7.61
N ASN I 35 -33.07 -70.53 -6.37
CA ASN I 35 -33.10 -71.41 -5.20
C ASN I 35 -34.06 -70.94 -4.12
N GLY I 36 -34.20 -69.62 -3.97
CA GLY I 36 -35.01 -69.04 -2.91
C GLY I 36 -34.16 -68.84 -1.66
N LYS I 37 -32.93 -69.32 -1.71
CA LYS I 37 -32.10 -69.28 -0.48
C LYS I 37 -31.42 -67.92 -0.34
N ALA I 38 -31.44 -67.37 0.87
CA ALA I 38 -30.79 -66.10 1.14
C ALA I 38 -30.28 -66.05 2.55
N ILE I 39 -29.24 -65.27 2.75
CA ILE I 39 -28.75 -65.06 4.10
C ILE I 39 -29.15 -63.68 4.58
N ASP I 40 -28.81 -62.69 3.79
CA ASP I 40 -29.06 -61.30 4.12
C ASP I 40 -29.99 -60.66 3.12
N VAL I 41 -31.17 -60.29 3.56
CA VAL I 41 -32.16 -59.71 2.67
C VAL I 41 -32.56 -58.37 3.21
N VAL I 42 -33.17 -57.56 2.36
CA VAL I 42 -33.61 -56.25 2.74
C VAL I 42 -35.06 -56.09 2.37
N GLY I 43 -35.72 -55.12 2.96
CA GLY I 43 -37.11 -54.81 2.63
C GLY I 43 -38.03 -55.70 3.43
N ASP I 44 -39.32 -55.54 3.22
CA ASP I 44 -40.31 -56.32 3.93
C ASP I 44 -40.66 -57.54 3.08
N THR I 45 -39.88 -58.61 3.24
CA THR I 45 -40.00 -59.77 2.39
C THR I 45 -41.21 -60.58 2.67
N ASP I 46 -41.83 -60.33 3.81
CA ASP I 46 -43.01 -61.06 4.24
C ASP I 46 -44.22 -60.74 3.38
N ILE I 47 -44.20 -59.65 2.64
CA ILE I 47 -45.37 -59.35 1.84
C ILE I 47 -45.56 -60.37 0.72
N PHE I 48 -44.48 -60.75 0.05
CA PHE I 48 -44.58 -61.72 -1.03
C PHE I 48 -43.98 -63.10 -0.76
N PHE I 49 -43.16 -63.28 0.27
CA PHE I 49 -42.54 -64.58 0.46
C PHE I 49 -42.85 -65.20 1.81
N ASN I 50 -43.02 -66.51 1.81
CA ASN I 50 -43.20 -67.28 3.02
C ASN I 50 -41.83 -67.79 3.44
N THR I 51 -41.27 -67.27 4.51
CA THR I 51 -39.91 -67.69 4.80
C THR I 51 -39.88 -68.86 5.77
N ILE I 52 -39.23 -69.92 5.33
CA ILE I 52 -39.03 -71.12 6.14
C ILE I 52 -37.55 -71.40 6.21
N GLY I 53 -36.98 -71.34 7.40
CA GLY I 53 -35.53 -71.51 7.49
C GLY I 53 -34.89 -70.36 6.73
N ASP I 54 -33.98 -70.65 5.81
CA ASP I 54 -33.34 -69.62 5.03
C ASP I 54 -33.88 -69.57 3.60
N LYS I 55 -35.01 -70.22 3.36
CA LYS I 55 -35.62 -70.22 2.03
C LYS I 55 -36.84 -69.33 1.96
N TYR I 56 -36.85 -68.46 0.98
CA TYR I 56 -37.94 -67.54 0.75
C TYR I 56 -38.81 -68.08 -0.34
N ILE I 57 -40.02 -68.48 0.01
CA ILE I 57 -40.90 -69.12 -0.92
C ILE I 57 -41.95 -68.15 -1.44
N PRO I 58 -41.99 -67.81 -2.72
CA PRO I 58 -42.89 -66.83 -3.21
C PRO I 58 -44.26 -67.37 -3.03
N ARG I 59 -45.18 -66.49 -2.59
CA ARG I 59 -46.61 -66.87 -2.41
C ARG I 59 -47.33 -66.73 -3.74
N ALA I 60 -47.52 -67.83 -4.46
CA ALA I 60 -48.17 -67.83 -5.74
C ALA I 60 -48.87 -69.14 -5.95
N VAL I 61 -49.93 -69.08 -6.68
CA VAL I 61 -50.66 -70.27 -7.07
C VAL I 61 -50.43 -70.40 -8.55
N VAL I 62 -49.85 -71.50 -8.98
CA VAL I 62 -49.53 -71.63 -10.39
C VAL I 62 -50.51 -72.55 -11.05
N VAL I 63 -51.23 -72.04 -12.02
CA VAL I 63 -52.32 -72.78 -12.60
C VAL I 63 -52.27 -73.01 -14.09
N ASP I 64 -52.48 -74.25 -14.49
CA ASP I 64 -52.59 -74.53 -15.90
C ASP I 64 -53.57 -75.66 -16.16
N LEU I 65 -53.79 -75.99 -17.42
CA LEU I 65 -54.63 -77.12 -17.80
C LEU I 65 -53.71 -78.09 -18.50
N GLU I 66 -52.51 -77.59 -18.74
CA GLU I 66 -51.44 -78.32 -19.41
C GLU I 66 -51.00 -79.55 -18.58
N PRO I 67 -50.86 -80.75 -19.17
CA PRO I 67 -50.42 -81.99 -18.55
C PRO I 67 -49.07 -82.02 -17.81
N ALA I 68 -48.11 -81.14 -18.13
CA ALA I 68 -46.83 -81.22 -17.42
C ALA I 68 -46.30 -79.87 -16.98
N VAL I 69 -47.14 -79.12 -16.32
CA VAL I 69 -46.76 -77.80 -15.87
C VAL I 69 -45.63 -77.79 -14.84
N VAL I 70 -45.50 -78.81 -14.00
CA VAL I 70 -44.43 -78.73 -13.01
C VAL I 70 -43.05 -78.83 -13.61
N GLU I 71 -42.86 -79.79 -14.50
CA GLU I 71 -41.57 -79.99 -15.14
C GLU I 71 -41.19 -78.78 -15.95
N ASN I 72 -42.19 -78.13 -16.56
CA ASN I 72 -41.98 -76.96 -17.39
C ASN I 72 -41.50 -75.76 -16.58
N ILE I 73 -41.70 -75.80 -15.27
CA ILE I 73 -41.29 -74.73 -14.40
C ILE I 73 -39.93 -75.02 -13.88
N ARG I 74 -39.69 -76.26 -13.44
CA ARG I 74 -38.34 -76.63 -12.93
C ARG I 74 -37.29 -76.28 -13.97
N GLU I 75 -37.57 -76.52 -15.25
CA GLU I 75 -36.60 -76.25 -16.29
C GLU I 75 -36.22 -74.78 -16.44
N LYS I 76 -37.09 -73.85 -16.05
CA LYS I 76 -36.75 -72.46 -16.24
C LYS I 76 -36.52 -71.69 -14.92
N PHE I 77 -37.24 -72.06 -13.87
CA PHE I 77 -37.19 -71.34 -12.61
C PHE I 77 -36.52 -72.10 -11.47
N GLY I 78 -35.89 -73.22 -11.75
CA GLY I 78 -35.18 -73.96 -10.72
C GLY I 78 -36.11 -74.43 -9.65
N THR I 79 -35.78 -74.11 -8.41
CA THR I 79 -36.59 -74.52 -7.28
C THR I 79 -37.20 -73.35 -6.56
N LEU I 80 -37.30 -72.22 -7.25
CA LEU I 80 -37.86 -71.03 -6.63
C LEU I 80 -39.31 -71.24 -6.20
N PHE I 81 -40.09 -71.98 -6.98
CA PHE I 81 -41.50 -72.18 -6.65
C PHE I 81 -41.69 -73.50 -5.97
N ASP I 82 -42.57 -73.52 -4.96
CA ASP I 82 -42.89 -74.73 -4.21
C ASP I 82 -43.86 -75.60 -5.01
N PRO I 83 -43.52 -76.83 -5.44
CA PRO I 83 -44.32 -77.73 -6.25
C PRO I 83 -45.71 -77.99 -5.71
N LYS I 84 -45.91 -77.82 -4.42
CA LYS I 84 -47.22 -78.09 -3.84
C LYS I 84 -48.24 -77.06 -4.29
N SER I 85 -47.77 -75.91 -4.77
CA SER I 85 -48.59 -74.82 -5.21
C SER I 85 -48.83 -74.86 -6.71
N ILE I 86 -48.32 -75.89 -7.40
CA ILE I 86 -48.48 -75.93 -8.83
C ILE I 86 -49.58 -76.91 -9.21
N VAL I 87 -50.60 -76.42 -9.89
CA VAL I 87 -51.73 -77.23 -10.26
C VAL I 87 -51.69 -77.60 -11.74
N SER I 88 -51.45 -78.88 -12.01
CA SER I 88 -51.37 -79.40 -13.35
C SER I 88 -52.71 -79.79 -13.86
N GLY I 89 -52.84 -79.88 -15.19
CA GLY I 89 -54.13 -80.25 -15.80
C GLY I 89 -54.02 -81.58 -16.51
N ALA I 90 -55.00 -81.91 -17.36
CA ALA I 90 -55.01 -83.24 -18.01
C ALA I 90 -54.89 -83.12 -19.52
N ASP I 91 -55.74 -82.28 -20.14
CA ASP I 91 -55.73 -82.12 -21.61
C ASP I 91 -55.25 -80.71 -21.96
N GLY I 92 -56.13 -79.71 -21.80
CA GLY I 92 -55.77 -78.32 -22.14
C GLY I 92 -56.93 -77.62 -22.82
N ALA I 93 -56.92 -76.28 -22.85
CA ALA I 93 -57.98 -75.53 -23.57
C ALA I 93 -57.40 -74.97 -24.87
N GLY I 94 -57.87 -75.46 -26.01
CA GLY I 94 -57.34 -75.04 -27.30
C GLY I 94 -57.76 -73.64 -27.74
N ASN I 95 -57.29 -72.63 -27.01
CA ASN I 95 -57.65 -71.24 -27.30
C ASN I 95 -59.15 -71.09 -27.36
N ASN I 96 -59.81 -71.72 -26.42
CA ASN I 96 -61.23 -71.69 -26.39
C ASN I 96 -61.69 -71.38 -24.99
N PHE I 97 -62.23 -70.18 -24.84
CA PHE I 97 -62.70 -69.69 -23.56
C PHE I 97 -63.65 -70.71 -22.95
N ALA I 98 -64.50 -71.32 -23.76
CA ALA I 98 -65.52 -72.24 -23.26
C ALA I 98 -64.93 -73.48 -22.61
N ILE I 99 -63.70 -73.84 -22.93
CA ILE I 99 -63.11 -75.01 -22.35
C ILE I 99 -62.48 -74.59 -21.05
N GLY I 100 -61.80 -73.47 -21.06
CA GLY I 100 -61.20 -73.03 -19.83
C GLY I 100 -62.29 -72.69 -18.80
N PHE I 101 -63.43 -72.16 -19.27
CA PHE I 101 -64.51 -71.73 -18.41
C PHE I 101 -65.52 -72.82 -18.06
N ASN I 102 -65.99 -73.60 -19.03
CA ASN I 102 -67.00 -74.60 -18.70
C ASN I 102 -66.35 -75.96 -18.51
N GLU I 103 -65.76 -76.49 -19.58
CA GLU I 103 -65.28 -77.86 -19.56
C GLU I 103 -63.85 -78.01 -19.07
N HIS I 104 -63.62 -77.62 -17.82
CA HIS I 104 -62.26 -77.72 -17.23
C HIS I 104 -62.05 -78.86 -16.25
N GLY I 105 -63.13 -79.39 -15.71
CA GLY I 105 -63.04 -80.44 -14.70
C GLY I 105 -63.24 -79.83 -13.32
N ALA I 106 -64.19 -80.37 -12.56
CA ALA I 106 -64.47 -79.84 -11.23
C ALA I 106 -63.27 -80.00 -10.33
N GLU I 107 -62.57 -81.11 -10.48
CA GLU I 107 -61.43 -81.43 -9.65
C GLU I 107 -60.29 -80.46 -9.84
N THR I 108 -60.10 -79.98 -11.07
CA THR I 108 -59.03 -79.07 -11.37
C THR I 108 -59.28 -77.81 -10.60
N LEU I 109 -60.51 -77.32 -10.64
CA LEU I 109 -60.81 -76.10 -9.94
C LEU I 109 -60.76 -76.27 -8.44
N GLU I 110 -61.23 -77.42 -7.92
CA GLU I 110 -61.18 -77.59 -6.49
C GLU I 110 -59.74 -77.59 -6.00
N LYS I 111 -58.81 -78.21 -6.75
CA LYS I 111 -57.44 -78.18 -6.30
C LYS I 111 -56.91 -76.76 -6.30
N VAL I 112 -57.28 -75.94 -7.29
CA VAL I 112 -56.78 -74.57 -7.30
C VAL I 112 -57.28 -73.88 -6.07
N MET I 113 -58.55 -74.06 -5.74
CA MET I 113 -59.08 -73.40 -4.56
C MET I 113 -58.45 -73.88 -3.27
N GLN I 114 -58.09 -75.16 -3.17
CA GLN I 114 -57.44 -75.62 -1.96
C GLN I 114 -56.09 -74.96 -1.82
N VAL I 115 -55.37 -74.80 -2.94
CA VAL I 115 -54.07 -74.16 -2.87
C VAL I 115 -54.24 -72.71 -2.46
N VAL I 116 -55.25 -72.02 -3.00
CA VAL I 116 -55.46 -70.64 -2.62
C VAL I 116 -55.77 -70.56 -1.14
N GLU I 117 -56.64 -71.43 -0.64
CA GLU I 117 -56.95 -71.39 0.78
C GLU I 117 -55.70 -71.60 1.61
N GLN I 118 -54.81 -72.50 1.22
CA GLN I 118 -53.61 -72.67 2.03
C GLN I 118 -52.76 -71.41 2.01
N ARG I 119 -52.66 -70.75 0.86
CA ARG I 119 -51.84 -69.55 0.81
C ARG I 119 -52.43 -68.42 1.62
N VAL I 120 -53.75 -68.33 1.68
CA VAL I 120 -54.41 -67.26 2.49
C VAL I 120 -54.42 -67.68 3.96
N SER I 121 -54.15 -68.95 4.23
CA SER I 121 -54.17 -69.47 5.62
C SER I 121 -52.83 -69.24 6.31
N GLU I 122 -51.81 -68.83 5.55
CA GLU I 122 -50.46 -68.58 6.11
C GLU I 122 -50.25 -67.07 6.21
N THR I 123 -51.35 -66.31 6.32
CA THR I 123 -51.25 -64.83 6.34
C THR I 123 -51.99 -64.27 7.58
N GLU I 124 -51.43 -63.24 8.23
CA GLU I 124 -52.08 -62.58 9.36
C GLU I 124 -53.26 -61.78 8.80
N SER I 125 -53.14 -61.36 7.53
CA SER I 125 -54.19 -60.62 6.83
C SER I 125 -54.04 -60.75 5.32
N ILE I 126 -55.13 -60.63 4.55
CA ILE I 126 -54.97 -60.72 3.10
C ILE I 126 -54.98 -59.30 2.54
N GLY I 127 -53.86 -58.86 1.98
CA GLY I 127 -53.73 -57.52 1.43
C GLY I 127 -54.37 -57.38 0.06
N GLY I 128 -54.50 -58.51 -0.63
CA GLY I 128 -55.08 -58.51 -1.95
C GLY I 128 -54.54 -59.66 -2.77
N PHE I 129 -55.16 -59.86 -3.91
CA PHE I 129 -54.74 -60.89 -4.84
C PHE I 129 -54.28 -60.25 -6.12
N ILE I 130 -53.29 -60.85 -6.76
CA ILE I 130 -52.88 -60.37 -8.08
C ILE I 130 -52.96 -61.50 -9.09
N LEU I 131 -53.73 -61.30 -10.14
CA LEU I 131 -53.88 -62.30 -11.19
C LEU I 131 -53.13 -61.91 -12.45
N THR I 132 -52.26 -62.78 -12.93
CA THR I 132 -51.53 -62.48 -14.16
C THR I 132 -51.99 -63.43 -15.27
N HIS I 133 -52.42 -62.88 -16.41
CA HIS I 133 -52.97 -63.76 -17.48
C HIS I 133 -53.02 -63.09 -18.85
N SER I 134 -53.54 -63.81 -19.86
CA SER I 134 -53.68 -63.30 -21.24
C SER I 134 -55.05 -63.61 -21.82
N CYS I 135 -55.73 -62.57 -22.24
CA CYS I 135 -57.13 -62.62 -22.65
C CYS I 135 -57.45 -63.43 -23.90
N GLY I 136 -56.49 -63.67 -24.79
CA GLY I 136 -56.80 -64.43 -26.01
C GLY I 136 -56.52 -65.93 -25.91
N GLY I 137 -56.09 -66.40 -24.75
CA GLY I 137 -55.72 -67.80 -24.60
C GLY I 137 -56.92 -68.67 -24.27
N GLY I 138 -56.67 -69.95 -23.95
CA GLY I 138 -57.76 -70.84 -23.59
C GLY I 138 -57.82 -71.12 -22.09
N THR I 139 -56.76 -70.79 -21.33
CA THR I 139 -56.79 -71.08 -19.90
C THR I 139 -56.69 -69.80 -19.13
N GLY I 140 -55.88 -68.85 -19.63
CA GLY I 140 -55.66 -67.58 -18.95
C GLY I 140 -56.87 -66.69 -19.13
N SER I 141 -57.75 -67.12 -20.05
CA SER I 141 -59.00 -66.38 -20.32
C SER I 141 -60.15 -67.09 -19.58
N GLY I 142 -60.59 -68.25 -20.08
CA GLY I 142 -61.69 -68.94 -19.42
C GLY I 142 -61.42 -69.46 -18.02
N PHE I 143 -60.24 -70.02 -17.74
CA PHE I 143 -60.07 -70.60 -16.43
C PHE I 143 -59.74 -69.47 -15.50
N GLY I 144 -58.92 -68.54 -15.97
CA GLY I 144 -58.56 -67.38 -15.16
C GLY I 144 -59.82 -66.61 -14.78
N SER I 145 -60.80 -66.55 -15.69
CA SER I 145 -62.06 -65.88 -15.42
C SER I 145 -62.87 -66.62 -14.39
N LYS I 146 -62.92 -67.96 -14.45
CA LYS I 146 -63.66 -68.66 -13.43
C LYS I 146 -63.00 -68.48 -12.09
N ILE I 147 -61.67 -68.44 -12.08
CA ILE I 147 -60.99 -68.23 -10.83
C ILE I 147 -61.36 -66.85 -10.31
N LEU I 148 -61.39 -65.78 -11.11
CA LEU I 148 -61.80 -64.51 -10.51
C LEU I 148 -63.18 -64.58 -9.91
N LYS I 149 -64.08 -65.26 -10.61
CA LYS I 149 -65.42 -65.38 -10.09
C LYS I 149 -65.41 -66.10 -8.76
N THR I 150 -64.68 -67.21 -8.71
CA THR I 150 -64.65 -68.03 -7.52
C THR I 150 -63.95 -67.33 -6.35
N ILE I 151 -62.85 -66.63 -6.62
CA ILE I 151 -62.12 -65.94 -5.57
C ILE I 151 -62.97 -64.85 -5.01
N ARG I 152 -63.66 -64.09 -5.87
CA ARG I 152 -64.46 -62.92 -5.38
C ARG I 152 -65.67 -63.42 -4.59
N GLU I 153 -66.20 -64.59 -4.92
CA GLU I 153 -67.30 -65.13 -4.14
C GLU I 153 -66.84 -65.60 -2.77
N ARG I 154 -65.64 -66.19 -2.68
CA ARG I 154 -65.13 -66.64 -1.39
C ARG I 154 -64.56 -65.50 -0.54
N TYR I 155 -63.95 -64.52 -1.20
CA TYR I 155 -63.31 -63.41 -0.46
C TYR I 155 -63.81 -62.09 -1.01
N PRO I 156 -65.09 -61.71 -0.79
CA PRO I 156 -65.57 -60.40 -1.21
C PRO I 156 -64.88 -59.35 -0.34
N LYS I 157 -64.80 -58.11 -0.82
CA LYS I 157 -64.18 -56.99 -0.05
C LYS I 157 -62.65 -57.14 -0.02
N VAL I 158 -62.06 -57.90 -0.94
CA VAL I 158 -60.58 -58.03 -1.02
C VAL I 158 -60.15 -57.50 -2.39
N PRO I 159 -59.22 -56.53 -2.50
CA PRO I 159 -58.88 -55.96 -3.80
C PRO I 159 -58.20 -56.93 -4.77
N ILE I 160 -58.83 -57.23 -5.91
CA ILE I 160 -58.18 -58.06 -6.89
C ILE I 160 -57.66 -57.22 -8.04
N PHE I 161 -56.38 -57.35 -8.29
CA PHE I 161 -55.76 -56.65 -9.40
C PHE I 161 -55.42 -57.63 -10.46
N THR I 162 -55.80 -57.31 -11.67
CA THR I 162 -55.49 -58.21 -12.75
C THR I 162 -54.60 -57.50 -13.73
N PHE I 163 -53.59 -58.19 -14.18
CA PHE I 163 -52.69 -57.70 -15.20
C PHE I 163 -52.89 -58.54 -16.42
N SER I 164 -53.35 -57.95 -17.49
CA SER I 164 -53.62 -58.82 -18.60
C SER I 164 -53.29 -58.28 -19.95
N ILE I 165 -52.97 -59.24 -20.79
CA ILE I 165 -52.63 -58.98 -22.17
C ILE I 165 -53.86 -59.03 -23.05
N PHE I 166 -54.08 -57.95 -23.75
CA PHE I 166 -55.20 -57.79 -24.66
C PHE I 166 -54.72 -57.96 -26.08
N PRO I 167 -55.65 -58.15 -27.01
CA PRO I 167 -55.21 -58.24 -28.40
C PRO I 167 -54.43 -57.01 -28.82
N SER I 168 -53.52 -57.19 -29.76
CA SER I 168 -52.75 -56.08 -30.28
C SER I 168 -53.63 -55.31 -31.22
N PRO I 169 -53.38 -54.02 -31.38
CA PRO I 169 -54.25 -53.18 -32.21
C PRO I 169 -54.24 -53.50 -33.70
N LYS I 170 -53.10 -53.88 -34.26
CA LYS I 170 -53.03 -54.10 -35.71
C LYS I 170 -53.24 -55.55 -36.11
N ILE I 171 -52.22 -56.38 -35.92
CA ILE I 171 -52.32 -57.79 -36.27
C ILE I 171 -52.91 -58.61 -35.13
N SER I 172 -53.63 -59.68 -35.47
CA SER I 172 -54.21 -60.53 -34.44
C SER I 172 -53.59 -61.92 -34.48
N GLU I 173 -53.77 -62.70 -33.42
CA GLU I 173 -53.19 -64.03 -33.36
C GLU I 173 -54.09 -65.07 -34.01
N THR I 174 -55.17 -65.44 -33.34
CA THR I 174 -56.11 -66.42 -33.89
C THR I 174 -57.40 -65.73 -34.30
N VAL I 175 -58.19 -66.39 -35.14
CA VAL I 175 -59.52 -65.81 -35.51
C VAL I 175 -60.44 -65.78 -34.28
N VAL I 176 -60.30 -66.75 -33.38
CA VAL I 176 -61.17 -66.83 -32.23
C VAL I 176 -60.86 -65.79 -31.17
N GLU I 177 -59.75 -65.09 -31.33
CA GLU I 177 -59.28 -64.19 -30.30
C GLU I 177 -60.31 -63.20 -29.80
N PRO I 178 -61.12 -62.50 -30.62
CA PRO I 178 -62.15 -61.59 -30.17
C PRO I 178 -63.26 -62.23 -29.33
N TYR I 179 -63.46 -63.55 -29.44
CA TYR I 179 -64.51 -64.13 -28.62
C TYR I 179 -63.94 -64.36 -27.25
N ASN I 180 -62.68 -64.77 -27.24
CA ASN I 180 -62.03 -65.05 -25.99
C ASN I 180 -61.83 -63.73 -25.25
N ALA I 181 -61.48 -62.68 -26.00
CA ALA I 181 -61.23 -61.38 -25.41
C ALA I 181 -62.47 -60.75 -24.81
N ILE I 182 -63.62 -60.86 -25.48
CA ILE I 182 -64.81 -60.27 -24.90
C ILE I 182 -65.30 -61.00 -23.71
N MET I 183 -65.33 -62.32 -23.74
CA MET I 183 -65.81 -62.96 -22.55
C MET I 183 -64.88 -62.74 -21.38
N THR I 184 -63.57 -62.65 -21.64
CA THR I 184 -62.63 -62.40 -20.56
C THR I 184 -62.89 -61.01 -20.01
N LEU I 185 -63.11 -60.03 -20.89
CA LEU I 185 -63.36 -58.68 -20.46
C LEU I 185 -64.65 -58.59 -19.69
N SER I 186 -65.68 -59.32 -20.09
CA SER I 186 -66.92 -59.27 -19.36
C SER I 186 -66.70 -59.71 -17.91
N ASN I 187 -65.93 -60.77 -17.72
CA ASN I 187 -65.66 -61.21 -16.36
C ASN I 187 -64.72 -60.26 -15.62
N LEU I 188 -63.80 -59.58 -16.31
CA LEU I 188 -62.97 -58.60 -15.63
C LEU I 188 -63.84 -57.44 -15.15
N ILE I 189 -64.83 -57.07 -15.95
CA ILE I 189 -65.72 -55.97 -15.60
C ILE I 189 -66.50 -56.32 -14.35
N LYS I 190 -67.01 -57.53 -14.28
CA LYS I 190 -67.76 -57.97 -13.11
C LYS I 190 -66.95 -58.28 -11.85
N TYR I 191 -65.74 -58.85 -11.98
CA TYR I 191 -65.04 -59.29 -10.78
C TYR I 191 -63.73 -58.59 -10.33
N ALA I 192 -62.98 -57.90 -11.20
CA ALA I 192 -61.70 -57.33 -10.75
C ALA I 192 -61.94 -56.03 -10.01
N SER I 193 -61.03 -55.63 -9.11
CA SER I 193 -61.20 -54.31 -8.50
C SER I 193 -60.55 -53.29 -9.41
N CYS I 194 -59.43 -53.70 -9.99
CA CYS I 194 -58.66 -52.93 -10.96
C CYS I 194 -58.09 -53.84 -12.00
N SER I 195 -58.02 -53.35 -13.22
CA SER I 195 -57.41 -54.16 -14.27
C SER I 195 -56.42 -53.32 -15.02
N ILE I 196 -55.24 -53.85 -15.25
CA ILE I 196 -54.23 -53.12 -16.00
C ILE I 196 -54.23 -53.66 -17.40
N VAL I 197 -54.46 -52.77 -18.35
CA VAL I 197 -54.53 -53.18 -19.74
C VAL I 197 -53.19 -53.01 -20.40
N LEU I 198 -52.65 -54.11 -20.87
CA LEU I 198 -51.36 -54.18 -21.54
C LEU I 198 -51.52 -54.85 -22.89
N ASP I 199 -50.65 -54.54 -23.86
CA ASP I 199 -50.67 -55.35 -25.06
C ASP I 199 -49.29 -55.43 -25.70
N ASN I 200 -49.11 -56.37 -26.62
CA ASN I 200 -47.80 -56.57 -27.19
C ASN I 200 -47.38 -55.57 -28.22
N GLU I 201 -48.32 -54.93 -28.91
CA GLU I 201 -47.88 -54.00 -29.92
C GLU I 201 -47.22 -52.82 -29.25
N ALA I 202 -47.83 -52.35 -28.16
CA ALA I 202 -47.23 -51.23 -27.48
C ALA I 202 -45.90 -51.62 -26.88
N LEU I 203 -45.83 -52.82 -26.32
CA LEU I 203 -44.61 -53.23 -25.68
C LEU I 203 -43.49 -53.44 -26.68
N PHE I 204 -43.80 -53.93 -27.88
CA PHE I 204 -42.72 -54.10 -28.85
C PHE I 204 -42.15 -52.78 -29.26
N SER I 205 -42.99 -51.76 -29.46
CA SER I 205 -42.43 -50.48 -29.86
C SER I 205 -41.50 -49.96 -28.78
N ILE I 206 -41.87 -50.18 -27.52
CA ILE I 206 -41.04 -49.75 -26.43
C ILE I 206 -39.73 -50.56 -26.43
N ALA I 207 -39.82 -51.87 -26.59
CA ALA I 207 -38.62 -52.68 -26.57
C ALA I 207 -37.66 -52.30 -27.67
N GLU I 208 -38.18 -51.95 -28.85
CA GLU I 208 -37.30 -51.58 -29.95
C GLU I 208 -36.75 -50.16 -29.86
N LYS I 209 -37.47 -49.24 -29.22
CA LYS I 209 -37.03 -47.86 -29.18
C LYS I 209 -36.44 -47.38 -27.85
N LYS I 210 -36.85 -47.94 -26.72
CA LYS I 210 -36.37 -47.47 -25.43
C LYS I 210 -35.32 -48.40 -24.86
N LEU I 211 -35.40 -49.68 -25.17
CA LEU I 211 -34.38 -50.62 -24.70
C LEU I 211 -33.32 -50.69 -25.78
N GLU I 212 -32.10 -51.07 -25.43
CA GLU I 212 -31.05 -51.19 -26.44
C GLU I 212 -31.09 -52.49 -27.24
N VAL I 213 -31.93 -53.42 -26.84
CA VAL I 213 -31.99 -54.72 -27.47
C VAL I 213 -32.44 -54.69 -28.93
N GLU I 214 -31.67 -55.37 -29.76
CA GLU I 214 -31.95 -55.49 -31.17
C GLU I 214 -32.75 -56.73 -31.40
N ASN I 215 -33.83 -56.63 -32.18
CA ASN I 215 -34.66 -57.79 -32.47
C ASN I 215 -35.14 -58.52 -31.21
N PRO I 216 -35.86 -57.86 -30.30
CA PRO I 216 -36.34 -58.41 -29.05
C PRO I 216 -37.36 -59.50 -29.28
N SER I 217 -37.38 -60.45 -28.36
CA SER I 217 -38.36 -61.52 -28.38
C SER I 217 -39.28 -61.34 -27.19
N LEU I 218 -40.18 -62.28 -26.97
CA LEU I 218 -41.10 -62.17 -25.83
C LEU I 218 -40.33 -62.20 -24.52
N GLU I 219 -39.14 -62.79 -24.53
CA GLU I 219 -38.35 -62.88 -23.31
C GLU I 219 -37.92 -61.51 -22.86
N ASP I 220 -37.70 -60.60 -23.80
CA ASP I 220 -37.25 -59.26 -23.50
C ASP I 220 -38.46 -58.41 -23.21
N LEU I 221 -39.55 -58.73 -23.90
CA LEU I 221 -40.79 -57.97 -23.79
C LEU I 221 -41.36 -58.11 -22.38
N ASN I 222 -41.12 -59.27 -21.77
CA ASN I 222 -41.61 -59.57 -20.44
C ASN I 222 -40.86 -58.82 -19.38
N LEU I 223 -39.77 -58.18 -19.72
CA LEU I 223 -39.04 -57.44 -18.73
C LEU I 223 -39.60 -56.05 -18.63
N ILE I 224 -40.45 -55.66 -19.57
CA ILE I 224 -41.05 -54.37 -19.52
C ILE I 224 -42.26 -54.57 -18.64
N ILE I 225 -42.96 -55.68 -18.86
CA ILE I 225 -44.12 -55.93 -18.04
C ILE I 225 -43.68 -56.16 -16.62
N ALA I 226 -42.62 -56.96 -16.43
CA ALA I 226 -42.16 -57.18 -15.09
C ALA I 226 -41.73 -55.87 -14.46
N GLN I 227 -41.11 -54.96 -15.21
CA GLN I 227 -40.73 -53.71 -14.57
C GLN I 227 -41.96 -52.95 -14.08
N VAL I 228 -43.07 -53.01 -14.82
CA VAL I 228 -44.27 -52.35 -14.35
C VAL I 228 -44.71 -52.99 -13.04
N LEU I 229 -44.70 -54.31 -13.00
CA LEU I 229 -45.09 -55.05 -11.81
C LEU I 229 -44.17 -54.84 -10.63
N THR I 230 -42.86 -54.72 -10.84
CA THR I 230 -42.07 -54.54 -9.65
C THR I 230 -42.22 -53.13 -9.14
N ASN I 231 -42.32 -52.13 -10.03
CA ASN I 231 -42.41 -50.78 -9.52
C ASN I 231 -43.72 -50.50 -8.82
N VAL I 232 -44.81 -51.09 -9.27
CA VAL I 232 -46.11 -50.83 -8.68
C VAL I 232 -46.22 -51.41 -7.28
N THR I 233 -45.25 -52.23 -6.88
CA THR I 233 -45.33 -52.91 -5.56
C THR I 233 -44.18 -52.43 -4.68
N ALA I 234 -43.47 -51.37 -5.08
CA ALA I 234 -42.29 -50.92 -4.33
C ALA I 234 -42.65 -50.46 -2.92
N SER I 235 -43.63 -49.56 -2.83
CA SER I 235 -44.05 -49.01 -1.51
C SER I 235 -44.46 -50.16 -0.58
N LEU I 236 -45.20 -51.14 -1.12
CA LEU I 236 -45.57 -52.32 -0.30
C LEU I 236 -44.29 -52.98 0.17
N ARG I 237 -43.39 -53.34 -0.75
CA ARG I 237 -42.17 -54.10 -0.39
C ARG I 237 -41.20 -53.29 0.49
N PHE I 238 -40.98 -52.00 0.23
CA PHE I 238 -40.01 -51.26 1.01
C PHE I 238 -40.63 -50.43 2.11
N SER I 239 -41.87 -50.70 2.46
CA SER I 239 -42.55 -50.00 3.54
C SER I 239 -42.53 -48.49 3.40
N GLY I 240 -42.17 -47.82 4.48
CA GLY I 240 -42.11 -46.37 4.55
C GLY I 240 -43.17 -45.92 5.52
N THR I 241 -42.99 -44.75 6.13
CA THR I 241 -43.99 -44.31 7.09
C THR I 241 -45.32 -44.08 6.37
N LEU I 242 -45.24 -43.49 5.18
CA LEU I 242 -46.41 -43.24 4.37
C LEU I 242 -46.25 -44.22 3.24
N ASN I 243 -47.30 -44.91 2.81
CA ASN I 243 -47.14 -45.88 1.73
C ASN I 243 -48.43 -46.24 0.96
N LEU I 244 -48.28 -47.07 -0.06
CA LEU I 244 -49.41 -47.52 -0.88
C LEU I 244 -49.63 -49.00 -0.93
N ASP I 245 -50.83 -49.40 -0.51
CA ASP I 245 -51.23 -50.78 -0.58
C ASP I 245 -52.19 -50.93 -1.75
N LEU I 246 -52.67 -52.12 -2.00
CA LEU I 246 -53.58 -52.30 -3.12
C LEU I 246 -54.91 -51.63 -2.85
N GLY I 247 -55.30 -51.56 -1.60
CA GLY I 247 -56.55 -50.92 -1.24
C GLY I 247 -56.47 -49.40 -1.35
N LYS I 248 -55.26 -48.83 -1.43
CA LYS I 248 -55.15 -47.39 -1.54
C LYS I 248 -55.36 -47.11 -3.01
N LEU I 249 -54.83 -47.98 -3.86
CA LEU I 249 -54.99 -47.76 -5.29
C LEU I 249 -56.42 -47.92 -5.73
N VAL I 250 -57.14 -48.88 -5.17
CA VAL I 250 -58.52 -49.03 -5.62
C VAL I 250 -59.33 -47.83 -5.18
N THR I 251 -59.18 -47.43 -3.91
CA THR I 251 -59.96 -46.32 -3.43
C THR I 251 -59.71 -45.07 -4.24
N ASN I 252 -58.44 -44.77 -4.52
CA ASN I 252 -58.13 -43.54 -5.21
C ASN I 252 -58.33 -43.54 -6.71
N LEU I 253 -58.14 -44.64 -7.40
CA LEU I 253 -58.28 -44.61 -8.84
C LEU I 253 -59.63 -45.04 -9.37
N VAL I 254 -60.50 -45.66 -8.60
CA VAL I 254 -61.75 -46.09 -9.21
C VAL I 254 -62.98 -45.30 -8.70
N PRO I 255 -63.45 -44.23 -9.39
CA PRO I 255 -64.58 -43.43 -8.94
C PRO I 255 -65.93 -44.10 -9.01
N PHE I 256 -66.05 -45.09 -9.90
CA PHE I 256 -67.27 -45.88 -10.03
C PHE I 256 -66.90 -47.32 -10.14
N SER I 257 -67.76 -48.21 -9.71
CA SER I 257 -67.42 -49.61 -9.71
C SER I 257 -67.14 -50.26 -11.05
N ASN I 258 -67.62 -49.73 -12.18
CA ASN I 258 -67.32 -50.38 -13.45
C ASN I 258 -66.32 -49.64 -14.33
N LEU I 259 -65.59 -48.67 -13.78
CA LEU I 259 -64.62 -47.95 -14.60
C LEU I 259 -63.24 -48.09 -14.01
N HIS I 260 -62.81 -49.32 -13.81
CA HIS I 260 -61.55 -49.66 -13.18
C HIS I 260 -60.41 -50.07 -14.10
N PHE I 261 -60.56 -49.87 -15.39
CA PHE I 261 -59.52 -50.26 -16.32
C PHE I 261 -58.47 -49.17 -16.43
N LEU I 262 -57.25 -49.51 -16.06
CA LEU I 262 -56.13 -48.59 -15.98
C LEU I 262 -55.03 -48.83 -16.99
N MET I 263 -54.40 -47.74 -17.37
CA MET I 263 -53.21 -47.76 -18.20
C MET I 263 -52.00 -47.74 -17.31
N ALA I 264 -50.89 -48.30 -17.77
CA ALA I 264 -49.65 -48.24 -17.00
C ALA I 264 -48.50 -47.78 -17.86
N SER I 265 -47.58 -47.06 -17.22
CA SER I 265 -46.36 -46.53 -17.83
C SER I 265 -45.18 -46.41 -16.87
N THR I 266 -44.00 -46.82 -17.30
CA THR I 266 -42.80 -46.66 -16.48
C THR I 266 -41.59 -46.16 -17.22
N ALA I 267 -40.69 -45.55 -16.46
CA ALA I 267 -39.40 -45.15 -17.00
C ALA I 267 -38.42 -45.02 -15.84
N PRO I 268 -37.12 -45.22 -16.08
CA PRO I 268 -36.42 -45.66 -17.27
C PRO I 268 -36.58 -47.16 -17.39
N LEU I 269 -36.34 -47.70 -18.56
CA LEU I 269 -36.34 -49.14 -18.70
C LEU I 269 -34.92 -49.61 -18.88
N VAL I 270 -34.41 -50.33 -17.91
CA VAL I 270 -33.01 -50.72 -17.96
C VAL I 270 -32.84 -52.23 -17.84
N LEU I 271 -32.08 -52.81 -18.76
CA LEU I 271 -31.78 -54.24 -18.73
C LEU I 271 -30.66 -54.41 -17.74
N ALA I 272 -30.55 -55.57 -17.12
CA ALA I 272 -29.50 -55.73 -16.12
C ALA I 272 -28.13 -55.37 -16.66
N GLY I 273 -27.38 -54.63 -15.87
CA GLY I 273 -26.03 -54.17 -16.22
C GLY I 273 -26.00 -52.66 -16.22
N LYS I 274 -24.83 -52.05 -16.10
CA LYS I 274 -24.78 -50.59 -16.05
C LYS I 274 -24.82 -49.99 -17.46
N GLU I 275 -25.97 -50.17 -18.10
CA GLU I 275 -26.18 -49.71 -19.47
C GLU I 275 -26.95 -48.39 -19.49
N SER I 276 -27.37 -47.95 -18.32
CA SER I 276 -28.13 -46.73 -18.12
C SER I 276 -27.27 -45.50 -18.03
N TYR I 277 -27.93 -44.36 -18.12
CA TYR I 277 -27.29 -43.06 -17.94
C TYR I 277 -27.92 -42.33 -16.78
N GLU I 278 -27.11 -41.69 -15.98
CA GLU I 278 -27.56 -40.98 -14.80
C GLU I 278 -28.22 -39.64 -15.10
N LYS I 279 -29.43 -39.70 -15.66
CA LYS I 279 -30.18 -38.48 -15.96
C LYS I 279 -30.51 -37.78 -14.66
N MET I 280 -30.84 -38.59 -13.65
CA MET I 280 -31.16 -38.17 -12.30
C MET I 280 -32.18 -37.08 -12.20
N THR I 281 -33.11 -36.99 -13.12
CA THR I 281 -34.00 -35.89 -13.04
C THR I 281 -35.43 -36.33 -13.00
N ALA I 282 -36.10 -35.98 -11.91
CA ALA I 282 -37.49 -36.35 -11.70
C ALA I 282 -38.36 -35.69 -12.74
N LYS I 283 -38.00 -34.47 -13.12
CA LYS I 283 -38.77 -33.74 -14.10
C LYS I 283 -38.78 -34.45 -15.43
N GLU I 284 -37.65 -35.03 -15.81
CA GLU I 284 -37.57 -35.70 -17.07
C GLU I 284 -38.33 -36.99 -17.00
N LEU I 285 -38.25 -37.68 -15.87
CA LEU I 285 -38.99 -38.92 -15.77
C LEU I 285 -40.48 -38.68 -15.79
N SER I 286 -40.96 -37.61 -15.16
CA SER I 286 -42.39 -37.36 -15.21
C SER I 286 -42.79 -37.00 -16.63
N ALA I 287 -41.97 -36.21 -17.33
CA ALA I 287 -42.31 -35.85 -18.68
C ALA I 287 -42.42 -37.08 -19.56
N GLN I 288 -41.52 -38.04 -19.34
CA GLN I 288 -41.55 -39.29 -20.08
C GLN I 288 -42.67 -40.22 -19.70
N VAL I 289 -42.98 -40.35 -18.43
CA VAL I 289 -43.94 -41.36 -18.04
C VAL I 289 -45.32 -40.99 -18.55
N PHE I 290 -45.59 -39.68 -18.63
CA PHE I 290 -46.86 -39.16 -19.12
C PHE I 290 -46.90 -38.90 -20.61
N GLY I 291 -45.86 -39.25 -21.34
CA GLY I 291 -45.89 -39.04 -22.77
C GLY I 291 -46.56 -40.26 -23.34
N ASP I 292 -46.65 -40.38 -24.64
CA ASP I 292 -47.30 -41.55 -25.20
C ASP I 292 -46.32 -42.69 -25.43
N GLU I 293 -45.04 -42.35 -25.57
CA GLU I 293 -43.99 -43.31 -25.89
C GLU I 293 -43.73 -44.43 -24.88
N TYR I 294 -44.08 -44.27 -23.60
CA TYR I 294 -43.87 -45.35 -22.63
C TYR I 294 -45.15 -46.04 -22.22
N ILE I 295 -46.25 -45.78 -22.90
CA ILE I 295 -47.50 -46.38 -22.49
C ILE I 295 -47.49 -47.81 -22.95
N CYS I 296 -47.83 -48.74 -22.07
CA CYS I 296 -47.76 -50.15 -22.40
C CYS I 296 -49.01 -50.75 -23.04
N ALA I 297 -49.84 -49.90 -23.65
CA ALA I 297 -51.06 -50.33 -24.35
C ALA I 297 -51.28 -49.48 -25.59
N ALA I 298 -51.97 -50.05 -26.57
CA ALA I 298 -52.23 -49.40 -27.84
C ALA I 298 -53.32 -48.37 -27.76
N CYS I 299 -52.93 -47.25 -27.21
CA CYS I 299 -53.76 -46.10 -26.98
C CYS I 299 -52.88 -44.88 -26.98
N LYS I 300 -53.46 -43.69 -27.03
CA LYS I 300 -52.68 -42.46 -27.01
C LYS I 300 -53.20 -41.47 -25.98
N PRO I 301 -52.87 -41.65 -24.68
CA PRO I 301 -53.36 -40.94 -23.53
C PRO I 301 -53.25 -39.43 -23.55
N THR I 302 -52.29 -38.85 -24.28
CA THR I 302 -52.21 -37.39 -24.24
C THR I 302 -53.37 -36.72 -24.96
N THR I 303 -54.18 -37.50 -25.69
CA THR I 303 -55.32 -36.93 -26.40
C THR I 303 -56.64 -37.21 -25.71
N GLY I 304 -56.61 -37.86 -24.56
CA GLY I 304 -57.84 -38.20 -23.86
C GLY I 304 -58.05 -37.29 -22.65
N ARG I 305 -58.82 -37.78 -21.69
CA ARG I 305 -59.08 -37.01 -20.48
C ARG I 305 -58.94 -37.93 -19.28
N TYR I 306 -58.30 -37.46 -18.21
CA TYR I 306 -58.11 -38.30 -17.03
C TYR I 306 -59.17 -38.18 -15.96
N LEU I 307 -59.54 -39.31 -15.38
CA LEU I 307 -60.50 -39.22 -14.31
C LEU I 307 -59.70 -39.12 -13.04
N ALA I 308 -58.61 -39.85 -13.02
CA ALA I 308 -57.71 -39.93 -11.90
C ALA I 308 -56.41 -40.53 -12.38
N ALA I 309 -55.35 -40.25 -11.67
CA ALA I 309 -54.07 -40.89 -11.97
C ALA I 309 -53.21 -40.94 -10.74
N SER I 310 -52.25 -41.84 -10.72
CA SER I 310 -51.33 -41.89 -9.59
C SER I 310 -49.92 -41.98 -10.06
N VAL I 311 -49.05 -41.37 -9.29
CA VAL I 311 -47.63 -41.44 -9.62
C VAL I 311 -46.80 -41.83 -8.43
N LEU I 312 -46.02 -42.87 -8.60
CA LEU I 312 -45.11 -43.33 -7.57
C LEU I 312 -43.68 -43.07 -7.99
N PHE I 313 -42.99 -42.31 -7.16
CA PHE I 313 -41.61 -41.98 -7.42
C PHE I 313 -40.74 -42.86 -6.58
N ARG I 314 -39.68 -43.37 -7.16
CA ARG I 314 -38.73 -44.17 -6.41
C ARG I 314 -37.35 -43.54 -6.39
N GLY I 315 -36.68 -43.71 -5.27
CA GLY I 315 -35.31 -43.26 -5.12
C GLY I 315 -35.24 -41.86 -4.55
N ALA I 316 -34.07 -41.26 -4.63
CA ALA I 316 -33.83 -39.96 -4.00
C ALA I 316 -34.35 -38.79 -4.80
N VAL I 317 -35.66 -38.71 -4.88
CA VAL I 317 -36.37 -37.68 -5.60
C VAL I 317 -36.64 -36.49 -4.69
N LYS I 318 -36.30 -35.29 -5.15
CA LYS I 318 -36.53 -34.10 -4.34
C LYS I 318 -37.98 -33.68 -4.34
N THR I 319 -38.49 -33.28 -3.17
CA THR I 319 -39.87 -32.82 -3.04
C THR I 319 -40.14 -31.66 -3.96
N SER I 320 -39.18 -30.75 -4.07
CA SER I 320 -39.34 -29.58 -4.88
C SER I 320 -39.51 -29.93 -6.35
N ASP I 321 -38.84 -30.98 -6.83
CA ASP I 321 -38.92 -31.35 -8.22
C ASP I 321 -40.22 -32.04 -8.47
N VAL I 322 -40.72 -32.76 -7.49
CA VAL I 322 -41.99 -33.42 -7.69
C VAL I 322 -43.04 -32.36 -7.85
N ASN I 323 -43.02 -31.34 -7.01
CA ASN I 323 -44.05 -30.35 -7.11
C ASN I 323 -43.98 -29.59 -8.42
N GLU I 324 -42.79 -29.26 -8.89
CA GLU I 324 -42.73 -28.54 -10.14
C GLU I 324 -43.09 -29.44 -11.30
N ALA I 325 -42.61 -30.68 -11.28
CA ALA I 325 -42.88 -31.60 -12.35
C ALA I 325 -44.35 -31.88 -12.47
N MET I 326 -45.04 -32.02 -11.34
CA MET I 326 -46.44 -32.31 -11.42
C MET I 326 -47.24 -31.09 -11.83
N ALA I 327 -46.74 -29.90 -11.52
CA ALA I 327 -47.43 -28.70 -11.97
C ALA I 327 -47.46 -28.68 -13.49
N THR I 328 -46.35 -29.09 -14.11
CA THR I 328 -46.26 -29.15 -15.56
C THR I 328 -47.26 -30.13 -16.12
N VAL I 329 -47.36 -31.29 -15.48
CA VAL I 329 -48.28 -32.32 -15.92
C VAL I 329 -49.72 -31.82 -15.84
N LYS I 330 -50.08 -31.15 -14.75
CA LYS I 330 -51.44 -30.65 -14.65
C LYS I 330 -51.73 -29.63 -15.74
N GLU I 331 -50.77 -28.76 -16.06
CA GLU I 331 -51.00 -27.77 -17.11
C GLU I 331 -51.13 -28.35 -18.51
N GLN I 332 -50.33 -29.38 -18.82
CA GLN I 332 -50.35 -29.95 -20.15
C GLN I 332 -51.49 -30.92 -20.44
N ASN I 333 -51.91 -31.71 -19.45
CA ASN I 333 -52.94 -32.70 -19.70
C ASN I 333 -54.35 -32.22 -19.44
N SER I 334 -55.30 -33.10 -19.69
CA SER I 334 -56.70 -32.77 -19.53
C SER I 334 -57.38 -33.69 -18.55
N PHE I 335 -58.07 -33.09 -17.61
CA PHE I 335 -58.75 -33.76 -16.51
C PHE I 335 -60.24 -33.46 -16.49
N VAL I 336 -61.02 -34.32 -15.86
CA VAL I 336 -62.45 -34.07 -15.72
C VAL I 336 -62.65 -33.23 -14.43
N ASN I 337 -63.47 -32.19 -14.51
CA ASN I 337 -63.72 -31.24 -13.40
C ASN I 337 -64.16 -31.90 -12.08
N TRP I 338 -65.22 -32.72 -12.08
CA TRP I 338 -65.72 -33.23 -10.78
C TRP I 338 -64.58 -33.73 -9.90
N ILE I 339 -63.79 -34.71 -10.35
CA ILE I 339 -62.59 -35.08 -9.53
C ILE I 339 -61.69 -33.84 -9.57
N PRO I 340 -61.60 -33.03 -8.49
CA PRO I 340 -60.89 -31.75 -8.57
C PRO I 340 -59.40 -31.82 -8.20
N THR I 341 -58.97 -32.88 -7.50
CA THR I 341 -57.59 -32.97 -7.09
C THR I 341 -56.75 -33.77 -8.08
N GLY I 342 -57.38 -34.52 -8.99
CA GLY I 342 -56.66 -35.24 -10.05
C GLY I 342 -55.83 -36.47 -9.67
N PHE I 343 -54.80 -36.23 -8.89
CA PHE I 343 -53.78 -37.22 -8.58
C PHE I 343 -53.67 -37.81 -7.19
N LYS I 344 -53.10 -39.00 -7.17
CA LYS I 344 -52.59 -39.62 -5.95
C LYS I 344 -51.08 -39.71 -6.07
N ILE I 345 -50.35 -39.06 -5.18
CA ILE I 345 -48.89 -39.04 -5.27
C ILE I 345 -48.20 -39.71 -4.11
N SER I 346 -47.22 -40.53 -4.43
CA SER I 346 -46.46 -41.23 -3.41
C SER I 346 -44.99 -41.38 -3.75
N LYS I 347 -44.18 -41.47 -2.71
CA LYS I 347 -42.74 -41.66 -2.84
C LYS I 347 -42.20 -42.79 -1.99
N SER I 348 -41.23 -43.50 -2.53
CA SER I 348 -40.49 -44.56 -1.85
C SER I 348 -39.02 -44.31 -2.06
N GLU I 349 -38.30 -44.09 -0.98
CA GLU I 349 -36.90 -43.71 -1.02
C GLU I 349 -35.94 -44.78 -1.54
N THR I 350 -36.39 -46.02 -1.65
CA THR I 350 -35.49 -47.05 -2.13
C THR I 350 -35.50 -47.16 -3.64
N SER I 351 -34.29 -47.03 -4.20
CA SER I 351 -34.00 -47.05 -5.62
C SER I 351 -34.23 -48.42 -6.23
N PRO I 352 -34.62 -48.51 -7.51
CA PRO I 352 -34.71 -49.74 -8.26
C PRO I 352 -33.28 -50.21 -8.46
N LYS I 353 -33.03 -51.50 -8.57
CA LYS I 353 -31.63 -51.92 -8.66
C LYS I 353 -30.77 -51.41 -9.80
N ASP I 354 -31.35 -51.08 -10.96
CA ASP I 354 -30.54 -50.64 -12.09
C ASP I 354 -30.58 -49.13 -12.36
N SER I 355 -31.13 -48.34 -11.44
CA SER I 355 -31.19 -46.89 -11.63
C SER I 355 -31.32 -46.19 -10.31
N ALA I 356 -30.69 -45.05 -10.12
CA ALA I 356 -30.94 -44.41 -8.84
C ALA I 356 -32.38 -43.98 -8.67
N LEU I 357 -32.98 -43.50 -9.76
CA LEU I 357 -34.36 -43.02 -9.73
C LEU I 357 -35.25 -43.78 -10.68
N GLY I 358 -36.55 -43.74 -10.41
CA GLY I 358 -37.51 -44.27 -11.37
C GLY I 358 -38.93 -43.86 -11.07
N VAL I 359 -39.79 -43.92 -12.08
CA VAL I 359 -41.20 -43.54 -11.93
C VAL I 359 -42.19 -44.50 -12.55
N ILE I 360 -43.25 -44.79 -11.81
CA ILE I 360 -44.36 -45.55 -12.35
C ILE I 360 -45.65 -44.77 -12.25
N MET I 361 -46.39 -44.76 -13.34
CA MET I 361 -47.65 -44.07 -13.39
C MET I 361 -48.77 -44.99 -13.81
N LEU I 362 -49.91 -44.82 -13.16
CA LEU I 362 -51.12 -45.55 -13.50
C LEU I 362 -52.26 -44.58 -13.69
N GLY I 363 -53.22 -44.92 -14.52
CA GLY I 363 -54.38 -44.03 -14.50
C GLY I 363 -55.55 -44.36 -15.38
N ASN I 364 -56.63 -43.62 -15.13
CA ASN I 364 -57.90 -43.77 -15.83
C ASN I 364 -58.01 -42.76 -16.91
N ASN I 365 -57.77 -43.18 -18.10
CA ASN I 365 -57.78 -42.26 -19.20
C ASN I 365 -58.85 -42.76 -20.12
N SER I 366 -59.75 -41.87 -20.48
CA SER I 366 -60.92 -42.19 -21.29
C SER I 366 -60.58 -42.79 -22.63
N GLU I 367 -59.35 -42.61 -23.04
CA GLU I 367 -58.80 -43.11 -24.28
C GLU I 367 -58.87 -44.62 -24.33
N ILE I 368 -58.89 -45.28 -23.17
CA ILE I 368 -58.89 -46.73 -23.07
C ILE I 368 -60.03 -47.39 -23.83
N VAL I 369 -61.11 -46.66 -24.06
CA VAL I 369 -62.19 -47.31 -24.75
C VAL I 369 -61.78 -47.70 -26.15
N SER I 370 -60.78 -47.03 -26.76
CA SER I 370 -60.45 -47.40 -28.11
C SER I 370 -59.95 -48.83 -28.19
N VAL I 371 -59.40 -49.36 -27.10
CA VAL I 371 -58.93 -50.72 -27.10
C VAL I 371 -60.14 -51.63 -27.14
N PHE I 372 -61.09 -51.31 -26.29
CA PHE I 372 -62.28 -52.13 -26.17
C PHE I 372 -63.15 -52.03 -27.42
N GLU I 373 -63.21 -50.85 -28.04
CA GLU I 373 -64.03 -50.67 -29.22
C GLU I 373 -63.51 -51.51 -30.38
N ARG I 374 -62.18 -51.59 -30.55
CA ARG I 374 -61.63 -52.40 -31.61
C ARG I 374 -61.98 -53.87 -31.42
N ILE I 375 -61.91 -54.33 -30.18
CA ILE I 375 -62.22 -55.73 -29.90
C ILE I 375 -63.68 -55.98 -30.20
N GLY I 376 -64.54 -55.06 -29.76
CA GLY I 376 -65.96 -55.16 -29.98
C GLY I 376 -66.26 -55.27 -31.45
N ALA I 377 -65.72 -54.37 -32.26
CA ALA I 377 -65.99 -54.40 -33.69
C ALA I 377 -65.53 -55.69 -34.37
N ASN I 378 -64.38 -56.24 -33.96
CA ASN I 378 -63.94 -57.46 -34.62
C ASN I 378 -64.88 -58.60 -34.30
N PHE I 379 -65.34 -58.64 -33.06
CA PHE I 379 -66.30 -59.63 -32.63
C PHE I 379 -67.57 -59.50 -33.40
N ASP I 380 -68.09 -58.28 -33.50
CA ASP I 380 -69.37 -58.11 -34.16
C ASP I 380 -69.35 -58.63 -35.57
N ARG I 381 -68.27 -58.41 -36.31
CA ARG I 381 -68.25 -58.92 -37.67
C ARG I 381 -68.23 -60.45 -37.74
N LEU I 382 -67.44 -61.08 -36.87
CA LEU I 382 -67.36 -62.53 -36.87
C LEU I 382 -68.63 -63.16 -36.32
N TRP I 383 -69.21 -62.52 -35.32
CA TRP I 383 -70.39 -62.98 -34.64
C TRP I 383 -71.59 -62.90 -35.54
N SER I 384 -71.68 -61.84 -36.33
CA SER I 384 -72.78 -61.68 -37.27
C SER I 384 -72.72 -62.82 -38.28
N ARG I 385 -71.52 -63.20 -38.72
CA ARG I 385 -71.36 -64.29 -39.72
C ARG I 385 -71.27 -65.66 -39.05
N LYS I 386 -71.11 -65.68 -37.72
CA LYS I 386 -71.03 -66.96 -36.96
C LYS I 386 -69.83 -67.78 -37.46
N ALA I 387 -68.67 -67.14 -37.58
CA ALA I 387 -67.45 -67.87 -38.00
C ALA I 387 -66.71 -68.35 -36.76
N PHE I 388 -66.39 -69.65 -36.68
CA PHE I 388 -65.72 -70.24 -35.49
C PHE I 388 -66.64 -70.20 -34.28
N ALA I 389 -67.93 -69.93 -34.49
CA ALA I 389 -68.88 -69.80 -33.36
C ALA I 389 -69.21 -71.18 -32.78
N HIS I 390 -69.38 -72.19 -33.63
CA HIS I 390 -69.69 -73.56 -33.17
C HIS I 390 -68.72 -73.96 -32.06
N TRP I 391 -67.53 -73.36 -32.03
CA TRP I 391 -66.56 -73.79 -31.05
C TRP I 391 -66.95 -73.36 -29.65
N PHE I 392 -67.82 -72.36 -29.55
CA PHE I 392 -68.24 -71.86 -28.26
C PHE I 392 -69.58 -72.42 -27.86
N THR I 393 -70.48 -72.62 -28.83
CA THR I 393 -71.80 -73.08 -28.45
C THR I 393 -71.83 -74.59 -28.28
N ASP I 394 -70.89 -75.29 -28.88
CA ASP I 394 -70.86 -76.74 -28.71
C ASP I 394 -70.07 -77.09 -27.46
N SER I 395 -69.58 -76.06 -26.75
CA SER I 395 -68.79 -76.23 -25.56
C SER I 395 -69.53 -75.63 -24.37
N GLY I 396 -70.85 -75.45 -24.52
CA GLY I 396 -71.69 -75.00 -23.43
C GLY I 396 -72.22 -73.57 -23.42
N PHE I 397 -71.80 -72.68 -24.32
CA PHE I 397 -72.38 -71.34 -24.27
C PHE I 397 -73.60 -71.20 -25.13
N GLU I 398 -74.49 -70.33 -24.72
CA GLU I 398 -75.64 -70.03 -25.54
C GLU I 398 -75.32 -68.76 -26.29
N GLU I 399 -76.02 -68.50 -27.39
CA GLU I 399 -75.81 -67.25 -28.10
C GLU I 399 -76.06 -66.10 -27.15
N LYS I 400 -76.98 -66.30 -26.23
CA LYS I 400 -77.32 -65.34 -25.21
C LYS I 400 -76.12 -64.95 -24.37
N ASP I 401 -75.17 -65.87 -24.11
CA ASP I 401 -74.06 -65.52 -23.25
C ASP I 401 -73.06 -64.71 -24.03
N LEU I 402 -72.92 -65.05 -25.31
CA LEU I 402 -72.01 -64.31 -26.15
C LEU I 402 -72.55 -62.88 -26.36
N ASP I 403 -73.87 -62.76 -26.46
CA ASP I 403 -74.50 -61.45 -26.63
C ASP I 403 -74.49 -60.65 -25.34
N ASP I 404 -74.70 -61.28 -24.19
CA ASP I 404 -74.68 -60.54 -22.95
C ASP I 404 -73.28 -60.06 -22.62
N ALA I 405 -72.26 -60.87 -22.93
CA ALA I 405 -70.92 -60.42 -22.64
C ALA I 405 -70.60 -59.19 -23.47
N ARG I 406 -71.03 -59.19 -24.72
CA ARG I 406 -70.80 -58.06 -25.57
C ARG I 406 -71.52 -56.82 -25.03
N ALA I 407 -72.75 -57.01 -24.56
CA ALA I 407 -73.52 -55.89 -24.04
C ALA I 407 -72.87 -55.26 -22.82
N LEU I 408 -72.28 -56.07 -21.94
CA LEU I 408 -71.63 -55.51 -20.77
C LEU I 408 -70.43 -54.69 -21.18
N VAL I 409 -69.68 -55.18 -22.16
CA VAL I 409 -68.52 -54.44 -22.63
C VAL I 409 -68.97 -53.12 -23.20
N GLN I 410 -70.05 -53.12 -23.97
CA GLN I 410 -70.51 -51.87 -24.54
C GLN I 410 -70.96 -50.92 -23.46
N LYS I 411 -71.57 -51.43 -22.38
CA LYS I 411 -71.97 -50.51 -21.32
C LYS I 411 -70.78 -49.78 -20.76
N VAL I 412 -69.67 -50.46 -20.54
CA VAL I 412 -68.49 -49.78 -20.01
C VAL I 412 -67.98 -48.74 -21.00
N ILE I 413 -67.95 -49.08 -22.29
CA ILE I 413 -67.51 -48.12 -23.28
C ILE I 413 -68.40 -46.90 -23.29
N ASP I 414 -69.70 -47.10 -23.27
CA ASP I 414 -70.61 -45.99 -23.32
C ASP I 414 -70.48 -45.12 -22.07
N ASP I 415 -70.24 -45.73 -20.90
CA ASP I 415 -70.10 -44.92 -19.71
C ASP I 415 -68.82 -44.10 -19.75
N TYR I 416 -67.72 -44.66 -20.24
CA TYR I 416 -66.51 -43.84 -20.33
C TYR I 416 -66.67 -42.71 -21.31
N ARG I 417 -67.31 -42.98 -22.45
CA ARG I 417 -67.41 -41.96 -23.45
C ARG I 417 -68.38 -40.89 -23.05
N LYS I 418 -69.51 -41.24 -22.45
CA LYS I 418 -70.46 -40.22 -22.08
C LYS I 418 -69.87 -39.31 -21.07
N LEU I 419 -69.19 -39.88 -20.08
CA LEU I 419 -68.61 -39.05 -19.04
C LEU I 419 -67.63 -38.08 -19.66
N THR I 420 -66.78 -38.57 -20.56
CA THR I 420 -65.77 -37.76 -21.19
C THR I 420 -66.36 -36.62 -22.00
N GLU I 421 -67.41 -36.89 -22.78
CA GLU I 421 -68.02 -35.81 -23.55
C GLU I 421 -68.72 -34.81 -22.64
N ASP I 422 -69.41 -35.27 -21.59
CA ASP I 422 -70.12 -34.36 -20.70
C ASP I 422 -69.15 -33.41 -20.04
N ALA I 423 -67.95 -33.92 -19.77
CA ALA I 423 -66.89 -33.21 -19.08
C ALA I 423 -66.53 -31.89 -19.69
N GLU I 424 -66.70 -31.71 -21.00
CA GLU I 424 -66.28 -30.44 -21.58
C GLU I 424 -67.04 -29.27 -20.99
N ASN I 425 -68.31 -29.47 -20.62
CA ASN I 425 -69.11 -28.40 -20.10
C ASN I 425 -69.21 -28.42 -18.59
N LEU I 426 -68.43 -29.26 -17.90
CA LEU I 426 -68.57 -29.32 -16.45
C LEU I 426 -67.71 -28.27 -15.82
N TYR I 427 -67.01 -27.55 -16.67
CA TYR I 427 -66.18 -26.43 -16.31
C TYR I 427 -66.87 -25.06 -16.45
N PHE I 428 -68.17 -25.01 -16.89
CA PHE I 428 -68.89 -23.75 -17.14
C PHE I 428 -70.30 -23.79 -16.53
N ALA J 2 -46.79 -30.60 38.87
CA ALA J 2 -46.54 -30.42 37.44
C ALA J 2 -47.84 -30.69 36.67
N ARG J 3 -48.34 -29.69 35.94
CA ARG J 3 -49.55 -29.91 35.11
C ARG J 3 -49.11 -30.75 33.92
N GLU J 4 -49.48 -32.04 33.90
CA GLU J 4 -48.94 -32.95 32.86
C GLU J 4 -49.84 -33.08 31.64
N VAL J 5 -49.24 -33.08 30.44
CA VAL J 5 -49.93 -33.26 29.18
C VAL J 5 -49.68 -34.61 28.51
N ILE J 6 -50.73 -35.28 28.04
CA ILE J 6 -50.57 -36.55 27.34
C ILE J 6 -50.66 -36.33 25.84
N THR J 7 -49.65 -36.78 25.10
CA THR J 7 -49.64 -36.56 23.65
C THR J 7 -49.98 -37.85 22.92
N ILE J 8 -50.91 -37.78 21.98
CA ILE J 8 -51.32 -38.95 21.22
C ILE J 8 -51.05 -38.71 19.74
N HIS J 9 -50.37 -39.62 19.07
CA HIS J 9 -50.08 -39.46 17.65
C HIS J 9 -50.95 -40.42 16.86
N VAL J 10 -51.81 -39.90 15.99
CA VAL J 10 -52.73 -40.78 15.29
C VAL J 10 -52.59 -40.72 13.79
N GLY J 11 -52.39 -41.86 13.18
CA GLY J 11 -52.29 -41.92 11.74
C GLY J 11 -50.86 -41.89 11.27
N GLU J 12 -50.67 -42.18 9.98
CA GLU J 12 -49.34 -42.31 9.43
C GLU J 12 -48.51 -41.03 9.53
N LEU J 13 -49.14 -39.87 9.33
CA LEU J 13 -48.37 -38.64 9.41
C LEU J 13 -48.11 -38.23 10.85
N GLY J 14 -49.10 -38.37 11.73
CA GLY J 14 -48.85 -37.95 13.10
C GLY J 14 -47.69 -38.74 13.66
N ILE J 15 -47.62 -40.01 13.28
CA ILE J 15 -46.55 -40.87 13.69
C ILE J 15 -45.25 -40.48 13.01
N GLN J 16 -45.29 -40.15 11.71
CA GLN J 16 -44.08 -39.72 11.01
C GLN J 16 -43.39 -38.57 11.68
N ILE J 17 -44.19 -37.65 12.19
CA ILE J 17 -43.73 -36.46 12.89
C ILE J 17 -43.08 -36.78 14.22
N ALA J 18 -43.65 -37.74 14.97
CA ALA J 18 -43.21 -38.08 16.31
C ALA J 18 -41.69 -38.01 16.52
N PRO J 19 -40.78 -38.64 15.76
CA PRO J 19 -39.37 -38.59 16.04
C PRO J 19 -38.80 -37.19 15.98
N ASN J 20 -39.42 -36.25 15.28
CA ASN J 20 -38.83 -34.95 15.20
C ASN J 20 -39.30 -34.16 16.37
N PHE J 21 -40.55 -34.36 16.73
CA PHE J 21 -41.12 -33.66 17.85
C PHE J 21 -40.41 -34.07 19.12
N TRP J 22 -40.28 -35.37 19.32
CA TRP J 22 -39.66 -35.85 20.52
C TRP J 22 -38.17 -35.61 20.58
N LYS J 23 -37.46 -35.62 19.45
CA LYS J 23 -36.05 -35.29 19.53
C LYS J 23 -35.90 -33.85 19.93
N TYR J 24 -36.75 -32.94 19.42
CA TYR J 24 -36.58 -31.57 19.83
C TYR J 24 -36.77 -31.43 21.32
N LEU J 25 -37.76 -32.11 21.89
CA LEU J 25 -37.97 -31.98 23.31
C LEU J 25 -36.81 -32.57 24.10
N CYS J 26 -36.26 -33.68 23.63
CA CYS J 26 -35.15 -34.30 24.32
C CYS J 26 -33.95 -33.39 24.32
N ASP J 27 -33.68 -32.71 23.23
CA ASP J 27 -32.52 -31.86 23.27
C ASP J 27 -32.81 -30.61 24.05
N GLU J 28 -34.01 -30.11 23.95
CA GLU J 28 -34.35 -28.89 24.61
C GLU J 28 -34.22 -28.96 26.13
N HIS J 29 -34.57 -30.11 26.70
CA HIS J 29 -34.49 -30.32 28.15
C HIS J 29 -33.23 -31.04 28.64
N ASN J 30 -32.23 -31.23 27.77
CA ASN J 30 -30.98 -31.98 28.06
C ASN J 30 -31.13 -33.45 28.44
N ILE J 31 -31.92 -34.17 27.66
CA ILE J 31 -32.12 -35.60 27.79
C ILE J 31 -31.67 -36.24 26.49
N ASP J 32 -31.04 -37.39 26.56
CA ASP J 32 -30.58 -38.04 25.36
C ASP J 32 -31.73 -38.78 24.70
N TYR J 33 -31.49 -39.43 23.59
CA TYR J 33 -32.62 -40.05 22.87
C TYR J 33 -32.95 -41.42 23.42
N LYS J 34 -32.18 -41.84 24.40
CA LYS J 34 -32.42 -43.09 25.09
C LYS J 34 -33.15 -42.82 26.38
N GLY J 35 -33.46 -41.55 26.64
CA GLY J 35 -34.15 -41.16 27.88
C GLY J 35 -33.21 -40.91 29.04
N GLN J 36 -31.92 -40.99 28.80
CA GLN J 36 -30.95 -40.79 29.85
C GLN J 36 -30.66 -39.33 30.03
N GLU J 37 -30.33 -38.92 31.24
CA GLU J 37 -30.03 -37.52 31.46
C GLU J 37 -28.68 -37.19 30.86
N LYS J 38 -28.55 -35.99 30.32
CA LYS J 38 -27.33 -35.53 29.70
C LYS J 38 -26.89 -34.22 30.32
N GLY J 39 -26.40 -34.26 31.55
CA GLY J 39 -26.07 -33.02 32.23
C GLY J 39 -27.27 -32.53 33.01
N LYS J 40 -27.37 -31.22 33.20
CA LYS J 40 -28.41 -30.64 34.03
C LYS J 40 -29.74 -30.59 33.31
N ILE J 41 -30.80 -31.06 33.95
CA ILE J 41 -32.11 -31.03 33.34
C ILE J 41 -32.75 -29.69 33.57
N ARG J 42 -33.32 -29.14 32.51
CA ARG J 42 -33.91 -27.83 32.60
C ARG J 42 -35.34 -27.80 32.07
N GLY J 43 -36.17 -26.95 32.65
CA GLY J 43 -37.57 -26.80 32.26
C GLY J 43 -38.42 -27.75 33.09
N VAL J 44 -39.72 -27.72 32.93
CA VAL J 44 -40.55 -28.60 33.72
C VAL J 44 -40.65 -29.89 32.97
N ILE J 45 -39.67 -30.73 33.18
CA ILE J 45 -39.57 -31.95 32.43
C ILE J 45 -40.74 -32.87 32.60
N ASP J 46 -41.31 -32.85 33.78
CA ASP J 46 -42.40 -33.69 34.16
C ASP J 46 -43.63 -33.47 33.30
N ASN J 47 -43.79 -32.31 32.68
CA ASN J 47 -45.01 -32.13 31.94
C ASN J 47 -45.13 -33.05 30.73
N PHE J 48 -44.01 -33.41 30.10
CA PHE J 48 -44.07 -34.28 28.94
C PHE J 48 -43.40 -35.63 29.13
N PHE J 49 -42.58 -35.79 30.17
CA PHE J 49 -41.92 -37.06 30.35
C PHE J 49 -42.24 -37.70 31.69
N GLU J 50 -42.44 -38.99 31.66
CA GLU J 50 -42.69 -39.80 32.83
C GLU J 50 -41.38 -40.26 33.40
N LYS J 51 -41.24 -40.25 34.71
CA LYS J 51 -40.00 -40.74 35.29
C LYS J 51 -40.12 -42.22 35.58
N ALA J 52 -39.16 -42.98 35.10
CA ALA J 52 -39.08 -44.41 35.27
C ALA J 52 -38.65 -44.75 36.69
N SER J 53 -38.75 -46.03 37.05
CA SER J 53 -38.28 -46.51 38.35
C SER J 53 -36.76 -46.42 38.44
N ILE J 54 -36.14 -46.21 37.29
CA ILE J 54 -34.73 -46.07 37.05
C ILE J 54 -34.49 -44.65 36.51
N GLY J 55 -33.25 -44.29 36.20
CA GLY J 55 -32.92 -42.92 35.76
C GLY J 55 -33.52 -42.46 34.42
N LYS J 56 -34.09 -43.36 33.65
CA LYS J 56 -34.69 -43.07 32.36
C LYS J 56 -35.98 -42.24 32.35
N TRP J 57 -36.05 -41.28 31.44
CA TRP J 57 -37.26 -40.51 31.18
C TRP J 57 -38.02 -41.16 30.02
N ILE J 58 -39.32 -41.26 30.16
CA ILE J 58 -40.18 -41.89 29.16
C ILE J 58 -41.12 -40.87 28.54
N PRO J 59 -41.21 -40.72 27.23
CA PRO J 59 -42.08 -39.74 26.67
C PRO J 59 -43.47 -40.12 27.06
N ARG J 60 -44.27 -39.17 27.50
CA ARG J 60 -45.62 -39.48 27.91
C ARG J 60 -46.54 -39.49 26.69
N THR J 61 -46.46 -40.58 25.93
CA THR J 61 -47.19 -40.65 24.67
C THR J 61 -47.66 -42.02 24.18
N ILE J 62 -48.72 -41.96 23.38
CA ILE J 62 -49.37 -43.10 22.72
C ILE J 62 -49.35 -43.00 21.19
N LEU J 63 -48.99 -44.09 20.50
CA LEU J 63 -48.95 -44.09 19.03
C LEU J 63 -50.04 -44.98 18.44
N VAL J 64 -50.92 -44.44 17.61
CA VAL J 64 -52.03 -45.22 17.04
C VAL J 64 -51.99 -45.31 15.50
N ASP J 65 -51.99 -46.53 14.97
CA ASP J 65 -51.94 -46.81 13.52
C ASP J 65 -52.82 -48.00 13.14
N LEU J 66 -53.71 -47.86 12.17
CA LEU J 66 -54.57 -48.99 11.82
C LEU J 66 -53.81 -50.04 11.01
N GLY J 67 -52.62 -49.70 10.55
CA GLY J 67 -51.75 -50.67 9.89
C GLY J 67 -50.57 -50.83 10.86
N PRO J 68 -49.58 -51.68 10.59
CA PRO J 68 -48.40 -51.84 11.42
C PRO J 68 -47.18 -50.99 11.08
N ASN J 69 -47.22 -50.27 9.96
CA ASN J 69 -45.96 -49.76 9.42
C ASN J 69 -45.46 -48.41 9.92
N ALA J 70 -46.34 -47.47 10.29
CA ALA J 70 -45.77 -46.21 10.69
C ALA J 70 -45.07 -46.40 12.01
N ILE J 71 -45.67 -47.22 12.85
CA ILE J 71 -45.12 -47.48 14.15
C ILE J 71 -43.87 -48.29 14.02
N ARG J 72 -43.88 -49.35 13.22
CA ARG J 72 -42.67 -50.13 13.13
C ARG J 72 -41.48 -49.29 12.73
N LYS J 73 -41.62 -48.41 11.75
CA LYS J 73 -40.46 -47.63 11.40
C LYS J 73 -40.05 -46.67 12.51
N VAL J 74 -41.00 -46.01 13.16
CA VAL J 74 -40.63 -45.10 14.21
C VAL J 74 -39.96 -45.72 15.42
N THR J 75 -40.50 -46.83 15.89
CA THR J 75 -39.94 -47.38 17.11
C THR J 75 -38.81 -48.35 16.89
N LYS J 76 -38.63 -48.89 15.68
CA LYS J 76 -37.55 -49.82 15.45
C LYS J 76 -36.39 -49.21 14.66
N LYS J 77 -36.62 -48.19 13.83
CA LYS J 77 -35.52 -47.66 13.05
C LYS J 77 -35.16 -46.21 13.34
N ASP J 78 -36.14 -45.33 13.52
CA ASP J 78 -35.78 -43.92 13.72
C ASP J 78 -35.45 -43.49 15.14
N MET J 79 -36.18 -43.97 16.14
CA MET J 79 -35.83 -43.52 17.48
C MET J 79 -35.97 -44.70 18.42
N LYS J 80 -34.98 -45.58 18.32
CA LYS J 80 -34.95 -46.86 19.01
C LYS J 80 -34.93 -46.70 20.51
N ASP J 81 -35.68 -47.54 21.20
CA ASP J 81 -35.74 -47.65 22.65
C ASP J 81 -36.33 -46.44 23.37
N PHE J 82 -36.85 -45.48 22.62
CA PHE J 82 -37.40 -44.31 23.26
C PHE J 82 -38.87 -44.43 23.59
N PHE J 83 -39.63 -44.99 22.67
CA PHE J 83 -41.06 -45.08 22.85
C PHE J 83 -41.37 -46.40 23.53
N ASP J 84 -42.33 -46.37 24.45
CA ASP J 84 -42.77 -47.56 25.18
C ASP J 84 -43.68 -48.43 24.31
N PRO J 85 -43.30 -49.68 23.95
CA PRO J 85 -44.04 -50.55 23.06
C PRO J 85 -45.42 -50.91 23.58
N LYS J 86 -45.65 -50.74 24.87
CA LYS J 86 -46.93 -51.09 25.43
C LYS J 86 -47.91 -49.95 25.26
N ARG J 87 -47.45 -48.86 24.67
CA ARG J 87 -48.26 -47.70 24.40
C ARG J 87 -48.50 -47.56 22.89
N CYS J 88 -48.18 -48.61 22.13
CA CYS J 88 -48.41 -48.57 20.70
C CYS J 88 -49.59 -49.45 20.31
N VAL J 89 -50.50 -48.90 19.52
CA VAL J 89 -51.68 -49.62 19.08
C VAL J 89 -51.62 -49.87 17.59
N MET J 90 -51.65 -51.12 17.19
CA MET J 90 -51.56 -51.41 15.77
C MET J 90 -52.63 -52.33 15.26
N GLY J 91 -53.21 -51.93 14.15
CA GLY J 91 -54.16 -52.76 13.44
C GLY J 91 -53.47 -53.49 12.31
N LEU J 92 -54.23 -54.14 11.46
CA LEU J 92 -53.65 -54.86 10.33
C LEU J 92 -54.06 -54.32 8.98
N ALA J 93 -55.32 -53.93 8.84
CA ALA J 93 -55.85 -53.54 7.55
C ALA J 93 -55.50 -52.13 7.07
N GLY J 94 -55.12 -51.22 7.96
CA GLY J 94 -54.91 -49.87 7.49
C GLY J 94 -56.27 -49.23 7.28
N ASP J 95 -56.36 -48.22 6.42
CA ASP J 95 -57.62 -47.53 6.26
C ASP J 95 -58.08 -47.32 4.81
N ALA J 96 -57.35 -47.79 3.81
CA ALA J 96 -57.72 -47.63 2.40
C ALA J 96 -58.00 -46.17 2.04
N ASN J 97 -57.39 -45.25 2.79
CA ASN J 97 -57.56 -43.80 2.70
C ASN J 97 -58.98 -43.33 2.99
N LEU J 98 -59.80 -44.13 3.65
CA LEU J 98 -61.16 -43.72 3.93
C LEU J 98 -61.47 -43.34 5.36
N PHE J 99 -62.15 -42.21 5.50
CA PHE J 99 -62.69 -41.74 6.77
C PHE J 99 -63.53 -42.84 7.36
N ALA J 100 -64.32 -43.49 6.51
CA ALA J 100 -65.22 -44.51 6.98
C ALA J 100 -64.52 -45.60 7.78
N LYS J 101 -63.30 -45.99 7.43
CA LYS J 101 -62.71 -47.05 8.23
C LYS J 101 -62.23 -46.52 9.55
N GLY J 102 -61.65 -45.33 9.53
CA GLY J 102 -61.15 -44.79 10.77
C GLY J 102 -62.25 -44.49 11.79
N TYR J 103 -63.43 -44.04 11.33
CA TYR J 103 -64.49 -43.67 12.27
C TYR J 103 -65.65 -44.66 12.46
N TYR J 104 -66.00 -45.51 11.46
CA TYR J 104 -67.17 -46.37 11.64
C TYR J 104 -66.91 -47.87 11.55
N SER J 105 -66.20 -48.34 10.52
CA SER J 105 -66.14 -49.79 10.32
C SER J 105 -64.94 -50.58 10.85
N TYR J 106 -63.78 -49.96 11.01
CA TYR J 106 -62.63 -50.74 11.44
C TYR J 106 -62.07 -50.21 12.71
N GLY J 107 -61.85 -48.92 12.76
CA GLY J 107 -61.17 -48.29 13.88
C GLY J 107 -61.94 -48.40 15.18
N THR J 108 -63.21 -48.70 15.09
CA THR J 108 -64.07 -48.80 16.25
C THR J 108 -63.74 -50.02 17.09
N ARG J 109 -63.18 -51.06 16.48
CA ARG J 109 -62.90 -52.27 17.22
C ARG J 109 -61.67 -52.10 18.11
N PHE J 110 -60.94 -51.01 17.93
CA PHE J 110 -59.75 -50.76 18.69
C PHE J 110 -60.02 -49.80 19.80
N MET J 111 -61.24 -49.32 19.96
CA MET J 111 -61.42 -48.32 20.98
C MET J 111 -61.26 -48.85 22.39
N GLU J 112 -61.54 -50.12 22.65
CA GLU J 112 -61.35 -50.57 24.01
C GLU J 112 -59.86 -50.58 24.34
N GLU J 113 -59.05 -51.01 23.37
CA GLU J 113 -57.61 -51.06 23.55
C GLU J 113 -57.03 -49.68 23.73
N ILE J 114 -57.51 -48.73 22.93
CA ILE J 114 -57.00 -47.38 22.98
C ILE J 114 -57.37 -46.72 24.27
N MET J 115 -58.63 -46.83 24.70
CA MET J 115 -58.99 -46.17 25.93
C MET J 115 -58.34 -46.82 27.14
N ASP J 116 -58.05 -48.12 27.05
CA ASP J 116 -57.36 -48.78 28.14
C ASP J 116 -55.94 -48.27 28.26
N LYS J 117 -55.27 -48.08 27.12
CA LYS J 117 -53.91 -47.56 27.19
C LYS J 117 -53.93 -46.13 27.68
N ILE J 118 -54.92 -45.35 27.27
CA ILE J 118 -54.96 -43.99 27.74
C ILE J 118 -55.15 -43.98 29.21
N GLN J 119 -56.07 -44.79 29.76
CA GLN J 119 -56.20 -44.73 31.20
C GLN J 119 -54.93 -45.13 31.90
N LYS J 120 -54.21 -46.13 31.39
CA LYS J 120 -52.98 -46.49 32.08
C LYS J 120 -52.02 -45.32 32.14
N GLU J 121 -52.02 -44.47 31.09
CA GLU J 121 -51.15 -43.31 31.06
C GLU J 121 -51.68 -42.23 32.02
N VAL J 122 -53.00 -42.05 32.07
CA VAL J 122 -53.66 -41.07 32.94
C VAL J 122 -53.45 -41.41 34.40
N ASP J 123 -53.49 -42.68 34.73
CA ASP J 123 -53.32 -43.15 36.08
C ASP J 123 -51.93 -42.87 36.64
N GLN J 124 -50.97 -42.48 35.82
CA GLN J 124 -49.65 -42.23 36.35
C GLN J 124 -49.49 -40.78 36.75
N THR J 125 -50.51 -39.95 36.52
CA THR J 125 -50.38 -38.53 36.81
C THR J 125 -51.43 -37.91 37.75
N GLU J 126 -50.93 -37.21 38.77
CA GLU J 126 -51.75 -36.52 39.77
C GLU J 126 -52.52 -35.32 39.24
N HIS J 127 -51.88 -34.56 38.37
CA HIS J 127 -52.48 -33.34 37.86
C HIS J 127 -52.39 -33.30 36.36
N LEU J 128 -53.44 -33.77 35.71
CA LEU J 128 -53.48 -33.82 34.27
C LEU J 128 -54.14 -32.56 33.77
N GLN J 129 -53.42 -31.86 32.93
CA GLN J 129 -53.82 -30.59 32.36
C GLN J 129 -54.68 -30.81 31.14
N GLY J 130 -54.24 -31.75 30.32
CA GLY J 130 -54.95 -32.00 29.09
C GLY J 130 -54.26 -32.95 28.13
N PHE J 131 -54.84 -33.04 26.96
CA PHE J 131 -54.37 -33.90 25.90
C PHE J 131 -54.07 -33.16 24.62
N ILE J 132 -53.06 -33.62 23.91
CA ILE J 132 -52.77 -33.10 22.58
C ILE J 132 -52.85 -34.23 21.59
N VAL J 133 -53.69 -34.09 20.59
CA VAL J 133 -53.81 -35.13 19.61
C VAL J 133 -53.25 -34.63 18.30
N VAL J 134 -52.24 -35.32 17.81
CA VAL J 134 -51.57 -34.92 16.59
C VAL J 134 -52.02 -35.80 15.46
N HIS J 135 -52.61 -35.21 14.44
CA HIS J 135 -53.12 -36.06 13.39
C HIS J 135 -53.23 -35.39 12.06
N SER J 136 -53.20 -36.20 11.04
CA SER J 136 -53.49 -35.78 9.69
C SER J 136 -54.97 -35.62 9.57
N ILE J 137 -55.48 -34.73 8.70
CA ILE J 137 -56.96 -34.73 8.45
C ILE J 137 -57.17 -35.26 7.04
N GLY J 138 -56.11 -35.78 6.45
CA GLY J 138 -56.09 -36.32 5.09
C GLY J 138 -56.60 -37.74 4.99
N ASP J 139 -55.76 -38.68 5.40
CA ASP J 139 -55.99 -40.11 5.39
C ASP J 139 -57.03 -40.52 6.39
N GLY J 140 -57.62 -41.68 6.15
CA GLY J 140 -58.67 -42.22 7.00
C GLY J 140 -58.26 -42.50 8.43
N THR J 141 -57.05 -42.96 8.68
CA THR J 141 -56.72 -43.22 10.08
C THR J 141 -56.70 -41.92 10.84
N GLY J 142 -56.01 -40.91 10.32
CA GLY J 142 -55.96 -39.62 10.98
C GLY J 142 -57.33 -38.96 11.04
N ALA J 143 -57.96 -38.80 9.87
CA ALA J 143 -59.24 -38.14 9.75
C ALA J 143 -60.36 -38.83 10.51
N GLY J 144 -60.33 -40.14 10.56
CA GLY J 144 -61.34 -40.95 11.23
C GLY J 144 -61.08 -41.19 12.70
N LEU J 145 -59.99 -41.87 13.04
CA LEU J 145 -59.79 -42.14 14.44
C LEU J 145 -59.52 -40.94 15.28
N ALA J 146 -58.80 -39.93 14.80
CA ALA J 146 -58.47 -38.93 15.77
C ALA J 146 -59.76 -38.38 16.41
N PRO J 147 -60.84 -37.98 15.70
CA PRO J 147 -62.09 -37.61 16.31
C PRO J 147 -62.79 -38.73 17.07
N LEU J 148 -62.54 -39.99 16.73
CA LEU J 148 -63.23 -41.04 17.48
C LEU J 148 -62.63 -41.11 18.88
N ILE J 149 -61.32 -40.93 18.93
CA ILE J 149 -60.55 -40.95 20.16
C ILE J 149 -60.90 -39.74 20.98
N MET J 150 -60.95 -38.57 20.33
CA MET J 150 -61.26 -37.36 21.05
C MET J 150 -62.61 -37.45 21.72
N GLU J 151 -63.63 -37.97 21.02
CA GLU J 151 -64.94 -38.06 21.65
C GLU J 151 -64.91 -39.01 22.85
N ALA J 152 -64.21 -40.13 22.73
CA ALA J 152 -64.16 -41.07 23.82
C ALA J 152 -63.50 -40.46 25.05
N ILE J 153 -62.48 -39.63 24.86
CA ILE J 153 -61.83 -38.96 25.97
C ILE J 153 -62.70 -37.88 26.58
N LYS J 154 -63.32 -37.03 25.75
CA LYS J 154 -64.12 -35.94 26.33
C LYS J 154 -65.27 -36.46 27.17
N LYS J 155 -65.78 -37.65 26.84
CA LYS J 155 -66.95 -38.21 27.56
C LYS J 155 -66.49 -38.82 28.89
N LYS J 156 -65.18 -39.00 29.08
CA LYS J 156 -64.65 -39.63 30.27
C LYS J 156 -63.94 -38.63 31.18
N HIS J 157 -63.31 -37.64 30.56
CA HIS J 157 -62.54 -36.64 31.27
C HIS J 157 -62.97 -35.24 30.81
N PRO J 158 -64.21 -34.82 31.05
CA PRO J 158 -64.84 -33.62 30.52
C PRO J 158 -64.23 -32.30 30.98
N LYS J 159 -63.46 -32.34 32.06
CA LYS J 159 -62.87 -31.13 32.63
C LYS J 159 -61.47 -30.81 32.08
N LEU J 160 -60.94 -31.65 31.22
CA LEU J 160 -59.61 -31.43 30.67
C LEU J 160 -59.69 -30.62 29.40
N VAL J 161 -58.62 -29.92 29.07
CA VAL J 161 -58.59 -29.19 27.81
C VAL J 161 -58.01 -30.07 26.74
N MET J 162 -58.71 -30.17 25.63
CA MET J 162 -58.19 -30.95 24.53
C MET J 162 -57.79 -30.10 23.34
N MET J 163 -56.56 -30.29 22.91
CA MET J 163 -56.05 -29.57 21.78
C MET J 163 -55.69 -30.52 20.67
N SER J 164 -56.01 -30.15 19.46
CA SER J 164 -55.60 -30.96 18.34
C SER J 164 -54.65 -30.20 17.46
N TYR J 165 -53.79 -30.93 16.81
CA TYR J 165 -52.87 -30.37 15.84
C TYR J 165 -53.23 -31.03 14.53
N SER J 166 -54.02 -30.34 13.73
CA SER J 166 -54.60 -30.84 12.50
C SER J 166 -53.78 -30.47 11.31
N ILE J 167 -53.27 -31.46 10.60
CA ILE J 167 -52.41 -31.14 9.50
C ILE J 167 -53.08 -31.37 8.17
N VAL J 168 -53.22 -30.30 7.40
CA VAL J 168 -53.90 -30.36 6.12
C VAL J 168 -52.90 -30.73 5.04
N PRO J 169 -53.07 -31.84 4.32
CA PRO J 169 -52.21 -32.33 3.28
C PRO J 169 -52.21 -31.37 2.14
N SER J 170 -51.14 -31.39 1.40
CA SER J 170 -50.99 -30.61 0.20
C SER J 170 -51.83 -31.08 -0.98
N GLN J 171 -51.95 -30.20 -1.97
CA GLN J 171 -52.64 -30.45 -3.23
C GLN J 171 -51.69 -30.99 -4.29
N ASN J 172 -50.45 -31.25 -3.90
CA ASN J 172 -49.42 -31.77 -4.77
C ASN J 172 -48.69 -32.97 -4.16
N MET J 173 -47.65 -32.79 -3.37
CA MET J 173 -46.87 -33.94 -2.91
C MET J 173 -47.64 -34.94 -2.07
N ASP J 174 -48.64 -34.49 -1.32
CA ASP J 174 -49.42 -35.36 -0.47
C ASP J 174 -50.81 -35.59 -1.04
N CYS J 175 -51.05 -35.25 -2.29
CA CYS J 175 -52.42 -35.29 -2.74
C CYS J 175 -53.03 -36.66 -2.89
N SER J 176 -54.36 -36.64 -2.84
CA SER J 176 -55.26 -37.77 -2.98
C SER J 176 -56.54 -37.35 -3.68
N THR J 177 -57.08 -38.27 -4.44
CA THR J 177 -58.29 -38.06 -5.21
C THR J 177 -59.55 -37.96 -4.35
N ILE J 178 -59.45 -38.38 -3.09
CA ILE J 178 -60.58 -38.28 -2.18
C ILE J 178 -60.27 -37.40 -0.98
N LEU J 179 -59.24 -36.57 -1.08
CA LEU J 179 -58.90 -35.69 0.01
C LEU J 179 -60.08 -34.84 0.49
N PRO J 180 -60.87 -34.18 -0.37
CA PRO J 180 -61.98 -33.37 0.03
C PRO J 180 -63.04 -34.12 0.82
N TYR J 181 -63.16 -35.44 0.68
CA TYR J 181 -64.19 -36.07 1.46
C TYR J 181 -63.70 -36.25 2.84
N ASN J 182 -62.45 -36.67 2.99
CA ASN J 182 -62.02 -36.92 4.33
C ASN J 182 -61.87 -35.62 5.09
N ALA J 183 -61.46 -34.55 4.42
CA ALA J 183 -61.26 -33.29 5.12
C ALA J 183 -62.57 -32.72 5.64
N ILE J 184 -63.64 -32.78 4.86
CA ILE J 184 -64.91 -32.23 5.33
C ILE J 184 -65.53 -33.13 6.37
N LEU J 185 -65.49 -34.44 6.15
CA LEU J 185 -66.10 -35.35 7.08
C LEU J 185 -65.42 -35.27 8.43
N SER J 186 -64.10 -35.07 8.46
CA SER J 186 -63.43 -34.97 9.75
C SER J 186 -63.50 -33.57 10.37
N LEU J 187 -63.57 -32.47 9.60
CA LEU J 187 -63.72 -31.15 10.21
C LEU J 187 -65.04 -31.11 10.94
N ASP J 188 -66.01 -31.82 10.41
CA ASP J 188 -67.32 -31.91 11.01
C ASP J 188 -67.26 -32.47 12.42
N LYS J 189 -66.29 -33.35 12.72
CA LYS J 189 -66.26 -33.92 14.04
C LYS J 189 -65.35 -33.10 14.91
N LEU J 190 -64.31 -32.50 14.33
CA LEU J 190 -63.37 -31.72 15.13
C LEU J 190 -64.08 -30.54 15.71
N THR J 191 -65.08 -30.07 15.00
CA THR J 191 -65.91 -28.95 15.40
C THR J 191 -66.52 -29.18 16.78
N SER J 192 -66.95 -30.40 17.11
CA SER J 192 -67.52 -30.61 18.44
C SER J 192 -66.52 -31.27 19.42
N CYS J 193 -65.46 -31.90 18.89
CA CYS J 193 -64.48 -32.62 19.69
C CYS J 193 -63.44 -31.81 20.44
N ALA J 194 -62.73 -30.93 19.74
CA ALA J 194 -61.60 -30.22 20.34
C ALA J 194 -62.01 -28.91 20.99
N ASP J 195 -61.24 -28.47 21.97
CA ASP J 195 -61.47 -27.15 22.54
C ASP J 195 -60.63 -26.16 21.76
N ILE J 196 -59.45 -26.60 21.36
CA ILE J 196 -58.51 -25.80 20.58
C ILE J 196 -58.11 -26.61 19.36
N SER J 197 -58.16 -26.05 18.17
CA SER J 197 -57.70 -26.86 17.02
C SER J 197 -56.77 -26.06 16.15
N MET J 198 -55.52 -26.50 16.05
CA MET J 198 -54.55 -25.77 15.27
C MET J 198 -54.59 -26.27 13.86
N ILE J 199 -54.57 -25.37 12.89
CA ILE J 199 -54.50 -25.82 11.51
C ILE J 199 -53.21 -25.45 10.86
N ILE J 200 -52.49 -26.45 10.39
CA ILE J 200 -51.25 -26.23 9.70
C ILE J 200 -51.42 -26.71 8.27
N ASP J 201 -51.11 -25.86 7.31
CA ASP J 201 -51.27 -26.20 5.90
C ASP J 201 -49.95 -26.62 5.22
N ASN J 202 -49.83 -27.88 4.78
CA ASN J 202 -48.56 -28.31 4.19
C ASN J 202 -48.20 -27.54 2.94
N ASP J 203 -49.16 -26.97 2.20
CA ASP J 203 -48.76 -26.23 1.03
C ASP J 203 -48.05 -24.96 1.40
N SER J 204 -48.36 -24.39 2.56
CA SER J 204 -47.67 -23.20 2.95
C SER J 204 -46.28 -23.60 3.35
N ILE J 205 -46.14 -24.74 3.99
CA ILE J 205 -44.80 -25.13 4.38
C ILE J 205 -43.97 -25.36 3.15
N TYR J 206 -44.51 -26.03 2.13
CA TYR J 206 -43.68 -26.26 0.98
C TYR J 206 -43.26 -24.97 0.29
N ARG J 207 -44.16 -23.98 0.14
CA ARG J 207 -43.71 -22.76 -0.55
C ARG J 207 -42.83 -21.87 0.31
N ILE J 208 -43.01 -21.91 1.62
CA ILE J 208 -42.21 -21.10 2.50
C ILE J 208 -40.81 -21.61 2.57
N VAL J 209 -40.65 -22.91 2.73
CA VAL J 209 -39.32 -23.45 2.80
C VAL J 209 -38.64 -23.28 1.46
N ALA J 210 -39.35 -23.52 0.36
CA ALA J 210 -38.73 -23.35 -0.94
C ALA J 210 -38.24 -21.93 -1.13
N THR J 211 -38.98 -20.94 -0.63
CA THR J 211 -38.55 -19.56 -0.74
C THR J 211 -37.27 -19.33 0.06
N GLN J 212 -37.22 -19.84 1.29
CA GLN J 212 -36.04 -19.66 2.13
C GLN J 212 -34.85 -20.38 1.56
N GLY J 213 -35.11 -21.48 0.89
CA GLY J 213 -34.11 -22.32 0.29
C GLY J 213 -33.75 -21.92 -1.12
N LYS J 214 -34.22 -20.78 -1.62
CA LYS J 214 -33.91 -20.43 -3.00
C LYS J 214 -32.41 -20.29 -3.26
N GLU J 215 -31.65 -20.03 -2.20
CA GLU J 215 -30.21 -19.87 -2.26
C GLU J 215 -29.40 -21.16 -2.01
N ASN J 216 -30.06 -22.29 -1.71
CA ASN J 216 -29.32 -23.49 -1.36
C ASN J 216 -30.06 -24.80 -1.66
N GLU J 217 -29.44 -25.93 -1.33
CA GLU J 217 -30.03 -27.23 -1.62
C GLU J 217 -30.86 -27.82 -0.47
N LEU J 218 -30.98 -27.10 0.64
CA LEU J 218 -31.70 -27.59 1.79
C LEU J 218 -31.34 -29.03 2.18
N SER J 219 -32.36 -29.80 2.54
CA SER J 219 -32.35 -31.19 2.93
C SER J 219 -33.75 -31.67 2.79
N GLU J 220 -33.98 -32.92 2.44
CA GLU J 220 -35.36 -33.37 2.32
C GLU J 220 -36.06 -33.47 3.67
N SER J 221 -35.29 -33.49 4.76
CA SER J 221 -35.85 -33.58 6.09
C SER J 221 -36.45 -32.27 6.58
N ILE J 222 -36.17 -31.17 5.89
CA ILE J 222 -36.62 -29.87 6.34
C ILE J 222 -38.12 -29.70 6.44
N PHE J 223 -38.87 -30.37 5.60
CA PHE J 223 -40.29 -30.17 5.63
C PHE J 223 -40.88 -30.72 6.92
N ASP J 224 -40.36 -31.85 7.36
CA ASP J 224 -40.86 -32.47 8.58
C ASP J 224 -40.34 -31.74 9.79
N GLN J 225 -39.13 -31.18 9.71
CA GLN J 225 -38.62 -30.49 10.87
C GLN J 225 -39.44 -29.23 11.10
N VAL J 226 -39.87 -28.53 10.05
CA VAL J 226 -40.67 -27.34 10.26
C VAL J 226 -42.02 -27.67 10.85
N LEU J 227 -42.66 -28.71 10.36
CA LEU J 227 -43.95 -29.07 10.87
C LEU J 227 -43.88 -29.51 12.34
N ALA J 228 -42.88 -30.32 12.69
CA ALA J 228 -42.70 -30.76 14.06
C ALA J 228 -42.36 -29.61 14.99
N LYS J 229 -41.52 -28.70 14.51
CA LYS J 229 -41.09 -27.58 15.32
C LYS J 229 -42.23 -26.70 15.66
N ALA J 230 -43.15 -26.46 14.73
CA ALA J 230 -44.24 -25.60 15.10
C ALA J 230 -44.96 -26.16 16.31
N LEU J 231 -45.16 -27.47 16.40
CA LEU J 231 -45.84 -27.95 17.62
C LEU J 231 -44.99 -27.73 18.85
N VAL J 232 -43.68 -27.93 18.73
CA VAL J 232 -42.79 -27.79 19.87
C VAL J 232 -42.84 -26.37 20.41
N GLU J 233 -42.83 -25.39 19.51
CA GLU J 233 -42.86 -24.00 19.92
C GLU J 233 -44.21 -23.61 20.52
N ILE J 234 -45.32 -24.17 20.00
CA ILE J 234 -46.64 -23.84 20.55
C ILE J 234 -46.66 -24.27 22.00
N THR J 235 -46.09 -25.43 22.27
CA THR J 235 -46.00 -26.01 23.59
C THR J 235 -44.88 -25.49 24.47
N ALA J 236 -44.04 -24.57 24.00
CA ALA J 236 -42.92 -24.13 24.81
C ALA J 236 -43.37 -23.52 26.12
N THR J 237 -44.49 -22.83 26.12
CA THR J 237 -44.96 -22.15 27.31
C THR J 237 -45.57 -23.11 28.29
N LEU J 238 -45.80 -24.35 27.88
CA LEU J 238 -46.37 -25.33 28.77
C LEU J 238 -45.25 -26.11 29.43
N ARG J 239 -44.01 -25.85 29.02
CA ARG J 239 -42.85 -26.60 29.50
C ARG J 239 -41.89 -25.72 30.29
N PHE J 240 -41.88 -24.44 30.02
CA PHE J 240 -41.01 -23.52 30.73
C PHE J 240 -41.85 -22.58 31.56
N ASN J 241 -41.28 -21.99 32.60
CA ASN J 241 -42.08 -21.11 33.44
C ASN J 241 -42.22 -19.73 32.82
N SER J 242 -43.05 -19.71 31.78
CA SER J 242 -43.32 -18.61 30.90
C SER J 242 -44.37 -17.67 31.48
N PRO J 243 -44.39 -16.36 31.11
CA PRO J 243 -45.46 -15.47 31.57
C PRO J 243 -46.61 -15.47 30.55
N LEU J 244 -46.76 -16.55 29.78
CA LEU J 244 -47.79 -16.60 28.71
C LEU J 244 -48.25 -18.04 28.51
N ASN J 245 -49.48 -18.25 28.04
CA ASN J 245 -50.02 -19.58 27.76
C ASN J 245 -49.53 -20.57 28.80
N ARG J 246 -49.46 -20.12 30.07
CA ARG J 246 -49.00 -20.92 31.17
C ARG J 246 -49.62 -22.31 31.20
N SER J 247 -50.86 -22.41 30.77
CA SER J 247 -51.56 -23.68 30.76
C SER J 247 -52.53 -23.73 29.59
N MET J 248 -52.99 -24.93 29.27
CA MET J 248 -53.92 -25.14 28.17
C MET J 248 -55.22 -24.42 28.42
N MET J 249 -55.61 -24.29 29.68
CA MET J 249 -56.83 -23.59 30.01
C MET J 249 -56.71 -22.12 29.69
N GLU J 250 -55.49 -21.57 29.80
CA GLU J 250 -55.27 -20.13 29.52
C GLU J 250 -55.19 -19.94 28.00
N MET J 251 -54.72 -20.94 27.28
CA MET J 251 -54.72 -20.78 25.82
C MET J 251 -56.15 -20.72 25.34
N SER J 252 -57.00 -21.55 25.93
CA SER J 252 -58.39 -21.58 25.55
C SER J 252 -59.06 -20.25 25.85
N THR J 253 -58.84 -19.71 27.04
CA THR J 253 -59.52 -18.44 27.43
C THR J 253 -58.98 -17.25 26.61
N ASN J 254 -57.71 -17.28 26.20
CA ASN J 254 -57.11 -16.19 25.46
C ASN J 254 -57.51 -16.17 24.00
N LEU J 255 -57.67 -17.35 23.40
CA LEU J 255 -57.94 -17.45 21.98
C LEU J 255 -59.34 -17.81 21.50
N VAL J 256 -60.18 -18.50 22.30
CA VAL J 256 -61.46 -18.95 21.76
C VAL J 256 -62.70 -18.32 22.43
N PRO J 257 -63.31 -17.25 21.87
CA PRO J 257 -64.47 -16.57 22.44
C PRO J 257 -65.81 -17.31 22.35
N PHE J 258 -65.94 -18.22 21.40
CA PHE J 258 -67.18 -18.96 21.23
C PHE J 258 -66.80 -20.41 21.05
N PRO J 259 -67.57 -21.38 21.54
CA PRO J 259 -67.28 -22.81 21.40
C PRO J 259 -66.95 -23.28 19.99
N ARG J 260 -67.55 -22.70 18.96
CA ARG J 260 -67.24 -23.16 17.62
C ARG J 260 -66.06 -22.46 16.98
N ASN J 261 -65.72 -21.25 17.43
CA ASN J 261 -64.67 -20.52 16.76
C ASN J 261 -63.32 -20.82 17.37
N HIS J 262 -62.93 -22.08 17.29
CA HIS J 262 -61.69 -22.53 17.89
C HIS J 262 -60.59 -22.92 16.93
N PHE J 263 -60.75 -22.64 15.64
CA PHE J 263 -59.73 -23.05 14.70
C PHE J 263 -58.69 -21.96 14.56
N LEU J 264 -57.45 -22.28 14.89
CA LEU J 264 -56.36 -21.32 14.93
C LEU J 264 -55.26 -21.48 13.90
N MET J 265 -54.69 -20.35 13.53
CA MET J 265 -53.59 -20.27 12.59
C MET J 265 -52.29 -19.95 13.29
N THR J 266 -51.16 -20.34 12.70
CA THR J 266 -49.90 -19.96 13.31
C THR J 266 -48.94 -19.31 12.35
N SER J 267 -47.96 -18.67 12.94
CA SER J 267 -46.86 -18.01 12.25
C SER J 267 -45.59 -18.23 12.99
N MET J 268 -44.51 -18.55 12.27
CA MET J 268 -43.27 -18.87 12.96
C MET J 268 -42.03 -18.28 12.33
N SER J 269 -41.11 -17.86 13.18
CA SER J 269 -39.82 -17.33 12.75
C SER J 269 -38.75 -17.72 13.76
N PRO J 270 -37.58 -18.18 13.29
CA PRO J 270 -37.04 -18.33 11.95
C PRO J 270 -37.37 -19.59 11.16
N LEU J 271 -38.45 -20.29 11.50
CA LEU J 271 -38.87 -21.54 10.85
C LEU J 271 -37.99 -22.71 11.22
N GLU J 272 -36.70 -22.61 10.92
CA GLU J 272 -35.74 -23.61 11.37
C GLU J 272 -34.35 -22.99 11.50
N THR J 273 -33.63 -23.44 12.51
CA THR J 273 -32.31 -22.92 12.80
C THR J 273 -31.36 -23.10 11.62
N SER J 274 -31.44 -24.25 10.96
CA SER J 274 -30.61 -24.57 9.82
C SER J 274 -30.96 -23.76 8.57
N LEU J 275 -32.13 -23.13 8.56
CA LEU J 275 -32.52 -22.24 7.43
C LEU J 275 -31.88 -20.87 7.65
N THR J 276 -31.72 -20.47 8.92
CA THR J 276 -31.12 -19.16 9.26
C THR J 276 -29.77 -19.38 9.94
N SER J 277 -28.68 -19.46 9.18
CA SER J 277 -27.35 -19.74 9.75
C SER J 277 -26.43 -18.52 9.60
N ALA J 278 -25.16 -18.65 9.97
CA ALA J 278 -24.18 -17.53 9.88
C ALA J 278 -24.65 -16.35 10.75
N HIS J 279 -24.63 -15.14 10.20
CA HIS J 279 -25.00 -13.94 11.00
C HIS J 279 -26.53 -13.84 11.11
N GLN J 280 -27.07 -14.23 12.26
CA GLN J 280 -28.55 -14.23 12.41
C GLN J 280 -28.92 -13.39 13.62
N LYS J 281 -28.30 -12.21 13.75
CA LYS J 281 -28.68 -11.31 14.86
C LYS J 281 -30.07 -10.75 14.53
N ILE J 282 -31.12 -11.52 14.80
CA ILE J 282 -32.51 -11.06 14.50
C ILE J 282 -32.93 -10.15 15.65
N GLU J 283 -32.95 -8.84 15.41
CA GLU J 283 -33.29 -7.87 16.49
C GLU J 283 -34.77 -8.02 16.84
N THR J 284 -35.13 -7.70 18.08
CA THR J 284 -36.54 -7.81 18.53
C THR J 284 -37.45 -7.18 17.47
N LYS J 285 -36.99 -6.11 16.81
CA LYS J 285 -37.84 -5.37 15.84
C LYS J 285 -38.13 -6.22 14.60
N GLU J 286 -37.13 -6.89 14.02
CA GLU J 286 -37.38 -7.62 12.81
C GLU J 286 -38.18 -8.86 13.14
N LEU J 287 -37.93 -9.48 14.28
CA LEU J 287 -38.67 -10.69 14.58
C LEU J 287 -40.16 -10.42 14.58
N MET J 288 -40.60 -9.32 15.18
CA MET J 288 -42.03 -9.12 15.15
C MET J 288 -42.59 -8.73 13.81
N GLN J 289 -41.79 -8.14 12.93
CA GLN J 289 -42.34 -7.87 11.63
C GLN J 289 -42.42 -9.17 10.83
N ASP J 290 -41.45 -10.06 11.05
CA ASP J 290 -41.42 -11.33 10.33
C ASP J 290 -42.62 -12.19 10.68
N LEU J 291 -43.05 -12.12 11.92
CA LEU J 291 -44.16 -12.93 12.36
C LEU J 291 -45.51 -12.56 11.76
N ILE J 292 -45.66 -11.42 11.11
CA ILE J 292 -46.94 -11.14 10.44
C ILE J 292 -46.70 -11.01 8.94
N ASP J 293 -45.55 -11.49 8.48
CA ASP J 293 -45.20 -11.48 7.08
C ASP J 293 -45.82 -12.67 6.39
N GLN J 294 -46.09 -12.55 5.11
CA GLN J 294 -46.67 -13.66 4.38
C GLN J 294 -45.82 -14.90 4.38
N ASP J 295 -44.51 -14.75 4.39
CA ASP J 295 -43.68 -15.92 4.26
C ASP J 295 -43.45 -16.66 5.55
N HIS J 296 -44.06 -16.22 6.63
CA HIS J 296 -43.93 -16.90 7.89
C HIS J 296 -45.25 -17.49 8.37
N ILE J 297 -46.30 -17.37 7.57
CA ILE J 297 -47.59 -17.85 8.01
C ILE J 297 -47.86 -19.22 7.42
N LEU J 298 -48.13 -20.19 8.28
CA LEU J 298 -48.28 -21.56 7.79
C LEU J 298 -49.73 -21.85 7.43
N ALA J 299 -50.25 -21.02 6.54
CA ALA J 299 -51.61 -21.06 6.02
C ALA J 299 -51.67 -20.16 4.82
N PRO J 300 -52.59 -20.33 3.87
CA PRO J 300 -52.77 -19.42 2.75
C PRO J 300 -53.54 -18.19 3.19
N ILE J 301 -52.96 -17.48 4.14
CA ILE J 301 -53.54 -16.32 4.76
C ILE J 301 -52.64 -15.11 4.81
N THR J 302 -53.21 -14.00 4.43
CA THR J 302 -52.58 -12.70 4.49
C THR J 302 -53.26 -12.03 5.67
N VAL J 303 -52.51 -11.51 6.64
CA VAL J 303 -53.21 -10.97 7.81
C VAL J 303 -54.02 -9.75 7.48
N GLU J 304 -53.57 -9.00 6.49
CA GLU J 304 -54.21 -7.79 6.02
C GLU J 304 -55.56 -8.05 5.37
N LYS J 305 -55.84 -9.30 5.00
CA LYS J 305 -57.08 -9.61 4.32
C LYS J 305 -57.93 -10.52 5.18
N GLY J 306 -58.63 -9.94 6.13
CA GLY J 306 -59.42 -10.68 7.09
C GLY J 306 -59.41 -9.95 8.42
N VAL J 307 -60.10 -10.52 9.40
CA VAL J 307 -60.24 -9.88 10.70
C VAL J 307 -59.84 -10.78 11.85
N PHE J 308 -59.08 -10.21 12.79
CA PHE J 308 -58.64 -10.89 13.98
C PHE J 308 -59.68 -10.86 15.06
N THR J 309 -59.75 -11.95 15.79
CA THR J 309 -60.60 -12.04 16.96
C THR J 309 -59.72 -12.13 18.18
N ALA J 310 -58.56 -12.74 18.02
CA ALA J 310 -57.61 -12.89 19.11
C ALA J 310 -56.21 -13.00 18.54
N PHE J 311 -55.20 -12.52 19.26
CA PHE J 311 -53.85 -12.63 18.74
C PHE J 311 -52.79 -12.66 19.83
N VAL J 312 -52.09 -13.78 19.94
CA VAL J 312 -51.06 -13.93 20.95
C VAL J 312 -49.69 -14.21 20.36
N ILE J 313 -48.72 -13.38 20.73
CA ILE J 313 -47.36 -13.53 20.25
C ILE J 313 -46.42 -14.03 21.35
N ALA J 314 -45.89 -15.22 21.16
CA ALA J 314 -45.00 -15.81 22.16
C ALA J 314 -43.57 -15.82 21.65
N LEU J 315 -42.72 -15.07 22.31
CA LEU J 315 -41.35 -14.95 21.87
C LEU J 315 -40.45 -15.69 22.83
N ARG J 316 -39.24 -15.95 22.41
CA ARG J 316 -38.27 -16.58 23.28
C ARG J 316 -36.99 -15.76 23.24
N GLY J 317 -36.34 -15.60 24.38
CA GLY J 317 -35.09 -14.85 24.48
C GLY J 317 -35.38 -13.44 24.95
N GLU J 318 -34.33 -12.64 25.13
CA GLU J 318 -34.61 -11.30 25.59
C GLU J 318 -35.30 -10.53 24.48
N ASN J 319 -36.40 -9.93 24.85
CA ASN J 319 -37.27 -9.16 24.01
C ASN J 319 -37.84 -7.99 24.81
N PRO J 320 -37.15 -6.85 24.92
CA PRO J 320 -37.53 -5.74 25.76
C PRO J 320 -38.96 -5.36 25.48
N HIS J 321 -39.70 -5.08 26.53
CA HIS J 321 -41.11 -4.80 26.35
C HIS J 321 -41.39 -3.51 25.64
N SER J 322 -40.50 -2.53 25.73
CA SER J 322 -40.73 -1.28 25.05
C SER J 322 -40.64 -1.45 23.55
N ILE J 323 -39.95 -2.49 23.09
CA ILE J 323 -39.83 -2.72 21.69
C ILE J 323 -41.05 -3.45 21.27
N LEU J 324 -41.49 -4.40 22.09
CA LEU J 324 -42.63 -5.17 21.68
C LEU J 324 -43.83 -4.24 21.54
N GLN J 325 -43.95 -3.25 22.42
CA GLN J 325 -45.08 -2.35 22.31
C GLN J 325 -44.98 -1.45 21.10
N ASN J 326 -43.79 -0.98 20.74
CA ASN J 326 -43.74 -0.16 19.55
C ASN J 326 -44.00 -0.99 18.30
N SER J 327 -43.57 -2.26 18.30
CA SER J 327 -43.83 -3.12 17.16
C SER J 327 -45.30 -3.36 17.00
N ILE J 328 -46.03 -3.55 18.09
CA ILE J 328 -47.46 -3.75 17.99
C ILE J 328 -48.15 -2.50 17.51
N LYS J 329 -47.80 -1.35 18.05
CA LYS J 329 -48.47 -0.13 17.60
C LYS J 329 -48.24 0.08 16.12
N GLY J 330 -47.04 -0.29 15.66
CA GLY J 330 -46.58 -0.16 14.30
C GLY J 330 -47.25 -1.14 13.34
N PHE J 331 -48.10 -2.03 13.85
CA PHE J 331 -48.82 -2.94 12.99
C PHE J 331 -49.85 -2.13 12.21
N GLY J 332 -50.30 -1.00 12.77
CA GLY J 332 -51.25 -0.17 12.06
C GLY J 332 -52.53 -0.90 11.76
N ASP J 333 -52.96 -0.85 10.52
CA ASP J 333 -54.17 -1.51 10.09
C ASP J 333 -53.92 -2.82 9.41
N ARG J 334 -52.71 -3.36 9.55
CA ARG J 334 -52.41 -4.66 9.00
C ARG J 334 -53.05 -5.70 9.90
N VAL J 335 -53.12 -5.37 11.18
CA VAL J 335 -53.71 -6.23 12.17
C VAL J 335 -54.94 -5.54 12.70
N LYS J 336 -56.10 -5.97 12.22
CA LYS J 336 -57.34 -5.32 12.58
C LYS J 336 -58.35 -6.28 13.13
N PHE J 337 -59.14 -5.81 14.10
CA PHE J 337 -60.16 -6.65 14.76
C PHE J 337 -61.54 -6.05 14.50
N SER J 338 -62.57 -6.56 15.16
CA SER J 338 -63.93 -6.00 15.01
C SER J 338 -64.04 -4.71 15.82
N GLU J 339 -65.13 -3.96 15.64
CA GLU J 339 -65.34 -2.70 16.42
C GLU J 339 -65.90 -3.10 17.79
N ILE J 340 -66.21 -4.38 17.99
CA ILE J 340 -66.70 -4.86 19.30
C ILE J 340 -65.51 -5.41 20.11
N PHE J 341 -64.28 -5.21 19.64
CA PHE J 341 -63.15 -5.66 20.43
C PHE J 341 -62.10 -4.57 20.51
N PRO J 342 -61.35 -4.50 21.59
CA PRO J 342 -60.16 -3.69 21.70
C PRO J 342 -59.14 -4.45 20.90
N THR J 343 -58.08 -3.80 20.46
CA THR J 343 -57.05 -4.53 19.75
C THR J 343 -56.21 -5.32 20.71
N ALA J 344 -56.77 -6.43 21.14
CA ALA J 344 -56.22 -7.27 22.16
C ALA J 344 -55.10 -8.15 21.67
N ILE J 345 -53.97 -7.52 21.43
CA ILE J 345 -52.78 -8.20 20.97
C ILE J 345 -51.86 -8.36 22.17
N LYS J 346 -51.56 -9.60 22.54
CA LYS J 346 -50.75 -9.83 23.77
C LYS J 346 -49.39 -10.42 23.41
N ALA J 347 -48.30 -9.85 23.93
CA ALA J 347 -46.97 -10.35 23.59
C ALA J 347 -46.05 -10.31 24.77
N ASP J 348 -45.20 -11.33 24.87
CA ASP J 348 -44.16 -11.41 25.90
C ASP J 348 -43.16 -12.49 25.51
N SER J 349 -42.13 -12.71 26.33
CA SER J 349 -41.16 -13.76 26.01
C SER J 349 -40.73 -14.68 27.14
N THR J 350 -40.32 -15.88 26.73
CA THR J 350 -39.84 -16.96 27.60
C THR J 350 -38.42 -17.43 27.28
N THR J 351 -38.01 -18.48 27.96
CA THR J 351 -36.68 -19.07 27.90
C THR J 351 -36.24 -19.71 26.58
N LEU J 352 -35.01 -19.35 26.17
CA LEU J 352 -34.41 -19.93 24.95
C LEU J 352 -33.45 -21.05 25.32
N THR J 353 -33.51 -22.17 24.62
CA THR J 353 -32.75 -23.36 24.78
C THR J 353 -31.78 -23.69 23.64
N ASP J 354 -31.99 -23.05 22.49
CA ASP J 354 -31.24 -23.29 21.27
C ASP J 354 -30.07 -22.32 21.20
N GLU J 355 -28.86 -22.82 21.39
CA GLU J 355 -27.66 -22.01 21.48
C GLU J 355 -27.29 -21.30 20.19
N LYS J 356 -27.91 -21.66 19.08
CA LYS J 356 -27.60 -21.03 17.82
C LYS J 356 -28.46 -19.81 17.51
N LEU J 357 -29.50 -19.56 18.29
CA LEU J 357 -30.38 -18.44 17.97
C LEU J 357 -30.44 -17.39 19.04
N ALA J 358 -30.30 -16.15 18.62
CA ALA J 358 -30.40 -15.02 19.53
C ALA J 358 -31.79 -14.91 20.14
N ARG J 359 -32.80 -15.21 19.35
CA ARG J 359 -34.20 -15.15 19.77
C ARG J 359 -35.07 -15.82 18.74
N SER J 360 -36.31 -16.08 19.10
CA SER J 360 -37.25 -16.69 18.16
C SER J 360 -38.67 -16.45 18.59
N GLY J 361 -39.63 -16.84 17.75
CA GLY J 361 -41.01 -16.74 18.22
C GLY J 361 -42.07 -17.38 17.32
N ILE J 362 -43.27 -17.48 17.89
CA ILE J 362 -44.42 -18.08 17.24
C ILE J 362 -45.68 -17.34 17.63
N THR J 363 -46.65 -17.26 16.72
CA THR J 363 -47.90 -16.64 17.12
C THR J 363 -49.05 -17.58 16.95
N LEU J 364 -50.09 -17.33 17.72
CA LEU J 364 -51.35 -18.05 17.64
C LEU J 364 -52.43 -17.06 17.26
N MET J 365 -53.11 -17.30 16.16
CA MET J 365 -54.08 -16.33 15.69
C MET J 365 -55.47 -16.89 15.50
N ASN J 366 -56.46 -16.14 15.94
CA ASN J 366 -57.82 -16.51 15.69
C ASN J 366 -58.24 -15.48 14.66
N HIS J 367 -58.28 -15.91 13.41
CA HIS J 367 -58.47 -15.01 12.28
C HIS J 367 -59.43 -15.61 11.27
N SER J 368 -60.28 -14.76 10.71
CA SER J 368 -61.31 -15.15 9.77
C SER J 368 -60.83 -15.81 8.50
N GLY J 369 -59.55 -15.67 8.19
CA GLY J 369 -58.96 -16.24 6.99
C GLY J 369 -59.04 -17.76 6.98
N VAL J 370 -59.28 -18.38 8.13
CA VAL J 370 -59.43 -19.83 8.15
C VAL J 370 -60.60 -20.27 7.29
N ALA J 371 -61.61 -19.42 7.20
CA ALA J 371 -62.80 -19.70 6.45
C ALA J 371 -62.49 -19.92 5.00
N ASN J 372 -61.40 -19.34 4.49
CA ASN J 372 -61.06 -19.48 3.10
C ASN J 372 -60.54 -20.86 2.80
N LEU J 373 -59.88 -21.50 3.78
CA LEU J 373 -59.37 -22.84 3.56
C LEU J 373 -60.53 -23.78 3.60
N PHE J 374 -61.44 -23.53 4.52
CA PHE J 374 -62.59 -24.39 4.62
C PHE J 374 -63.41 -24.27 3.35
N GLN J 375 -63.60 -23.06 2.81
CA GLN J 375 -64.40 -22.95 1.60
C GLN J 375 -63.71 -23.62 0.44
N PHE J 376 -62.39 -23.52 0.35
CA PHE J 376 -61.69 -24.17 -0.75
C PHE J 376 -61.98 -25.66 -0.75
N LEU J 377 -61.81 -26.29 0.41
CA LEU J 377 -62.01 -27.71 0.52
C LEU J 377 -63.48 -28.07 0.33
N LEU J 378 -64.39 -27.22 0.81
CA LEU J 378 -65.80 -27.51 0.68
C LEU J 378 -66.22 -27.45 -0.77
N THR J 379 -65.70 -26.51 -1.54
CA THR J 379 -66.08 -26.46 -2.95
C THR J 379 -65.65 -27.76 -3.63
N GLN J 380 -64.44 -28.24 -3.34
CA GLN J 380 -63.99 -29.48 -3.98
C GLN J 380 -64.90 -30.65 -3.58
N PHE J 381 -65.32 -30.67 -2.31
CA PHE J 381 -66.22 -31.69 -1.79
C PHE J 381 -67.48 -31.70 -2.60
N GLU J 382 -68.08 -30.53 -2.78
CA GLU J 382 -69.34 -30.44 -3.50
C GLU J 382 -69.24 -30.90 -4.94
N LEU J 383 -68.14 -30.57 -5.63
CA LEU J 383 -68.06 -31.02 -7.02
C LEU J 383 -68.05 -32.53 -7.10
N MET J 384 -67.35 -33.18 -6.18
CA MET J 384 -67.31 -34.62 -6.20
C MET J 384 -68.61 -35.24 -5.70
N TYR J 385 -69.13 -34.72 -4.61
CA TYR J 385 -70.30 -35.31 -3.99
C TYR J 385 -71.50 -35.27 -4.89
N ASP J 386 -71.72 -34.13 -5.54
CA ASP J 386 -72.90 -33.94 -6.36
C ASP J 386 -72.92 -34.85 -7.59
N HIS J 387 -71.80 -35.46 -7.93
CA HIS J 387 -71.75 -36.36 -9.07
C HIS J 387 -71.33 -37.76 -8.63
N ASP J 388 -71.46 -38.05 -7.32
CA ASP J 388 -71.13 -39.32 -6.69
C ASP J 388 -69.72 -39.86 -6.94
N ALA J 389 -68.72 -39.01 -7.03
CA ALA J 389 -67.42 -39.61 -7.31
C ALA J 389 -66.91 -40.31 -6.08
N PHE J 390 -66.51 -41.56 -6.21
CA PHE J 390 -65.93 -42.33 -5.12
C PHE J 390 -66.82 -42.46 -3.90
N THR J 391 -68.14 -42.36 -4.02
CA THR J 391 -68.93 -42.47 -2.80
C THR J 391 -69.25 -43.90 -2.45
N THR J 392 -69.12 -44.79 -3.43
CA THR J 392 -69.43 -46.18 -3.17
C THR J 392 -68.49 -46.75 -2.14
N TRP J 393 -67.26 -46.27 -2.10
CA TRP J 393 -66.31 -46.80 -1.19
C TRP J 393 -66.63 -46.48 0.25
N TYR J 394 -67.39 -45.42 0.49
CA TYR J 394 -67.73 -45.04 1.84
C TYR J 394 -69.06 -45.68 2.22
N TYR J 395 -69.95 -45.83 1.24
CA TYR J 395 -71.27 -46.40 1.50
C TYR J 395 -71.13 -47.86 1.84
N GLN J 396 -70.14 -48.51 1.25
CA GLN J 396 -69.87 -49.92 1.47
C GLN J 396 -69.44 -50.21 2.89
N GLU J 397 -69.02 -49.19 3.64
CA GLU J 397 -68.57 -49.42 4.99
C GLU J 397 -69.47 -48.71 6.02
N GLY J 398 -70.70 -48.42 5.62
CA GLY J 398 -71.68 -47.85 6.55
C GLY J 398 -71.97 -46.36 6.49
N MET J 399 -71.37 -45.60 5.59
CA MET J 399 -71.71 -44.20 5.60
C MET J 399 -72.96 -43.85 4.83
N GLN J 400 -74.09 -44.01 5.47
CA GLN J 400 -75.37 -43.74 4.86
C GLN J 400 -75.23 -42.31 4.28
N PRO J 401 -75.72 -42.00 3.07
CA PRO J 401 -75.59 -40.71 2.40
C PRO J 401 -75.91 -39.44 3.20
N SER J 402 -76.85 -39.50 4.14
CA SER J 402 -77.19 -38.29 4.90
C SER J 402 -76.04 -37.83 5.78
N GLU J 403 -75.07 -38.72 6.00
CA GLU J 403 -73.90 -38.46 6.81
C GLU J 403 -73.03 -37.42 6.09
N PHE J 404 -72.98 -37.49 4.76
CA PHE J 404 -72.20 -36.57 3.96
C PHE J 404 -72.90 -35.25 3.91
N GLU J 405 -74.22 -35.31 3.79
CA GLU J 405 -75.02 -34.09 3.71
C GLU J 405 -74.91 -33.32 5.01
N ALA J 406 -74.90 -34.02 6.14
CA ALA J 406 -74.78 -33.31 7.39
C ALA J 406 -73.45 -32.60 7.50
N ALA J 407 -72.36 -33.25 7.07
CA ALA J 407 -71.05 -32.60 7.16
C ALA J 407 -71.01 -31.37 6.27
N LYS J 408 -71.62 -31.47 5.09
CA LYS J 408 -71.65 -30.37 4.15
C LYS J 408 -72.32 -29.16 4.77
N ASN J 409 -73.44 -29.38 5.43
CA ASN J 409 -74.13 -28.25 6.01
C ASN J 409 -73.41 -27.67 7.20
N ASN J 410 -72.84 -28.52 8.06
CA ASN J 410 -72.11 -28.00 9.25
C ASN J 410 -70.95 -27.11 8.82
N ILE J 411 -70.19 -27.52 7.79
CA ILE J 411 -69.04 -26.72 7.42
C ILE J 411 -69.52 -25.44 6.77
N GLN J 412 -70.56 -25.48 5.94
CA GLN J 412 -70.96 -24.21 5.34
C GLN J 412 -71.36 -23.23 6.45
N LYS J 413 -72.02 -23.72 7.52
CA LYS J 413 -72.39 -22.86 8.64
C LYS J 413 -71.15 -22.32 9.33
N LEU J 414 -70.12 -23.13 9.49
CA LEU J 414 -68.89 -22.71 10.16
C LEU J 414 -68.21 -21.59 9.37
N ILE J 415 -68.18 -21.73 8.05
CA ILE J 415 -67.59 -20.74 7.17
C ILE J 415 -68.35 -19.44 7.30
N THR J 416 -69.67 -19.54 7.29
CA THR J 416 -70.54 -18.40 7.39
C THR J 416 -70.26 -17.65 8.68
N GLU J 417 -70.13 -18.36 9.79
CA GLU J 417 -69.86 -17.74 11.07
C GLU J 417 -68.50 -17.05 11.14
N TYR J 418 -67.45 -17.66 10.57
CA TYR J 418 -66.14 -16.99 10.64
C TYR J 418 -66.10 -15.73 9.81
N LYS J 419 -66.88 -15.68 8.76
CA LYS J 419 -66.88 -14.50 7.91
C LYS J 419 -67.83 -13.40 8.36
N GLN J 420 -68.50 -13.58 9.49
CA GLN J 420 -69.50 -12.58 9.94
C GLN J 420 -68.86 -11.18 9.98
N ASP J 421 -67.66 -11.07 10.56
CA ASP J 421 -67.03 -9.73 10.74
C ASP J 421 -66.53 -9.18 9.39
N GLU J 422 -66.31 -10.04 8.41
CA GLU J 422 -65.87 -9.57 7.07
C GLU J 422 -66.94 -8.64 6.50
N TYR J 423 -68.21 -9.04 6.57
CA TYR J 423 -69.33 -8.19 6.08
C TYR J 423 -69.49 -7.00 7.01
N ALA K 2 5.18 -61.75 32.87
CA ALA K 2 4.23 -62.52 33.66
C ALA K 2 3.12 -63.11 32.80
N GLY K 3 2.40 -62.30 32.00
CA GLY K 3 1.27 -62.74 31.16
C GLY K 3 1.73 -63.46 29.90
N GLU K 4 2.48 -64.54 30.09
CA GLU K 4 3.08 -65.30 29.02
C GLU K 4 2.04 -66.15 28.33
N ILE K 5 2.12 -66.23 27.01
CA ILE K 5 1.10 -66.98 26.26
C ILE K 5 1.61 -68.21 25.57
N VAL K 6 0.89 -69.30 25.74
CA VAL K 6 1.23 -70.54 25.04
C VAL K 6 0.20 -70.80 23.98
N CYS K 7 0.64 -70.88 22.73
CA CYS K 7 -0.31 -71.13 21.65
C CYS K 7 -0.35 -72.60 21.32
N ILE K 8 -1.51 -73.11 20.96
CA ILE K 8 -1.64 -74.49 20.54
C ILE K 8 -2.25 -74.47 19.15
N GLN K 9 -1.62 -75.10 18.20
CA GLN K 9 -2.08 -75.10 16.83
C GLN K 9 -2.51 -76.48 16.45
N VAL K 10 -3.78 -76.71 16.12
CA VAL K 10 -4.14 -78.09 15.83
C VAL K 10 -4.75 -78.26 14.46
N GLY K 11 -4.14 -79.14 13.68
CA GLY K 11 -4.64 -79.47 12.35
C GLY K 11 -4.12 -78.54 11.26
N GLN K 12 -4.43 -78.84 10.01
CA GLN K 12 -3.90 -78.06 8.92
C GLN K 12 -4.33 -76.61 8.90
N ALA K 13 -5.60 -76.33 9.16
CA ALA K 13 -6.03 -74.95 9.13
C ALA K 13 -5.41 -74.23 10.29
N GLY K 14 -5.31 -74.94 11.41
CA GLY K 14 -4.79 -74.34 12.61
C GLY K 14 -3.37 -73.90 12.41
N ASN K 15 -2.59 -74.73 11.74
CA ASN K 15 -1.20 -74.44 11.51
C ASN K 15 -1.02 -73.35 10.48
N GLN K 16 -1.86 -73.30 9.45
CA GLN K 16 -1.69 -72.26 8.45
C GLN K 16 -2.07 -70.88 8.97
N ILE K 17 -3.12 -70.83 9.78
CA ILE K 17 -3.56 -69.56 10.32
C ILE K 17 -2.58 -69.07 11.33
N ALA K 18 -2.16 -69.94 12.23
CA ALA K 18 -1.20 -69.56 13.23
C ALA K 18 0.11 -69.19 12.58
N GLY K 19 0.46 -69.85 11.49
CA GLY K 19 1.69 -69.55 10.80
C GLY K 19 1.68 -68.10 10.35
N ALA K 20 0.57 -67.67 9.71
CA ALA K 20 0.47 -66.30 9.25
C ALA K 20 0.59 -65.34 10.43
N PHE K 21 -0.01 -65.69 11.56
CA PHE K 21 0.10 -64.87 12.75
C PHE K 21 1.52 -64.72 13.18
N TRP K 22 2.24 -65.82 13.31
CA TRP K 22 3.58 -65.74 13.82
C TRP K 22 4.48 -64.91 12.94
N GLN K 23 4.31 -65.02 11.64
CA GLN K 23 5.13 -64.25 10.73
C GLN K 23 4.79 -62.77 10.79
N LYS K 24 3.53 -62.41 11.12
CA LYS K 24 3.23 -60.98 11.24
C LYS K 24 3.75 -60.43 12.57
N ILE K 25 3.72 -61.24 13.62
CA ILE K 25 4.23 -60.84 14.94
C ILE K 25 5.70 -60.54 14.83
N CYS K 26 6.41 -61.37 14.10
CA CYS K 26 7.83 -61.21 13.89
C CYS K 26 8.15 -59.97 13.06
N ALA K 27 7.18 -59.38 12.40
CA ALA K 27 7.50 -58.20 11.65
C ALA K 27 7.39 -57.01 12.56
N GLU K 28 6.38 -57.01 13.41
CA GLU K 28 6.15 -55.84 14.31
C GLU K 28 7.26 -55.78 15.36
N HIS K 29 7.73 -56.92 15.85
CA HIS K 29 8.73 -56.91 16.95
C HIS K 29 10.13 -56.73 16.38
N GLY K 30 10.33 -57.10 15.12
CA GLY K 30 11.66 -56.97 14.47
C GLY K 30 12.47 -58.24 14.58
N ILE K 31 11.91 -59.36 14.12
CA ILE K 31 12.62 -60.68 14.20
C ILE K 31 12.62 -61.28 12.79
N ASP K 32 13.63 -62.07 12.41
CA ASP K 32 13.57 -62.66 11.07
C ASP K 32 12.50 -63.78 11.02
N PRO K 33 11.41 -63.66 10.24
CA PRO K 33 10.31 -64.60 10.16
C PRO K 33 10.70 -66.00 9.72
N VAL K 34 11.88 -66.15 9.13
CA VAL K 34 12.28 -67.50 8.71
C VAL K 34 13.45 -68.08 9.47
N ASN K 35 13.96 -67.35 10.46
CA ASN K 35 15.10 -67.81 11.26
C ASN K 35 14.88 -67.68 12.76
N GLY K 36 14.16 -66.64 13.17
CA GLY K 36 13.96 -66.32 14.57
C GLY K 36 15.08 -65.44 15.08
N LYS K 37 16.07 -65.21 14.23
CA LYS K 37 17.26 -64.47 14.71
C LYS K 37 17.01 -62.95 14.62
N ALA K 38 17.40 -62.24 15.68
CA ALA K 38 17.26 -60.80 15.72
C ALA K 38 18.35 -60.17 16.52
N ILE K 39 18.68 -58.94 16.18
CA ILE K 39 19.65 -58.21 16.99
C ILE K 39 18.93 -57.17 17.82
N ASP K 40 18.14 -56.35 17.15
CA ASP K 40 17.42 -55.26 17.79
C ASP K 40 15.93 -55.45 17.66
N VAL K 41 15.26 -55.67 18.77
CA VAL K 41 13.83 -55.90 18.76
C VAL K 41 13.16 -54.88 19.63
N VAL K 42 11.87 -54.73 19.45
CA VAL K 42 11.10 -53.80 20.23
C VAL K 42 9.91 -54.50 20.84
N GLY K 43 9.32 -53.91 21.86
CA GLY K 43 8.13 -54.45 22.47
C GLY K 43 8.50 -55.48 23.51
N ASP K 44 7.50 -56.07 24.14
CA ASP K 44 7.74 -57.07 25.16
C ASP K 44 7.70 -58.44 24.51
N THR K 45 8.84 -58.88 24.00
CA THR K 45 8.92 -60.09 23.21
C THR K 45 8.78 -61.34 24.04
N ASP K 46 8.92 -61.19 25.34
CA ASP K 46 8.85 -62.30 26.25
C ASP K 46 7.45 -62.86 26.35
N ILE K 47 6.43 -62.12 25.93
CA ILE K 47 5.09 -62.66 26.06
C ILE K 47 4.89 -63.86 25.13
N PHE K 48 5.37 -63.76 23.90
CA PHE K 48 5.22 -64.86 22.94
C PHE K 48 6.49 -65.62 22.58
N PHE K 49 7.68 -65.10 22.87
CA PHE K 49 8.88 -65.82 22.44
C PHE K 49 9.81 -66.18 23.58
N ASN K 50 10.40 -67.34 23.47
CA ASN K 50 11.42 -67.80 24.42
C ASN K 50 12.76 -67.41 23.84
N THR K 51 13.45 -66.44 24.43
CA THR K 51 14.67 -66.01 23.78
C THR K 51 15.88 -66.74 24.33
N ILE K 52 16.62 -67.38 23.43
CA ILE K 52 17.84 -68.08 23.76
C ILE K 52 18.94 -67.52 22.88
N GLY K 53 19.95 -66.90 23.48
CA GLY K 53 20.97 -66.28 22.66
C GLY K 53 20.30 -65.17 21.87
N ASP K 54 20.48 -65.15 20.55
CA ASP K 54 19.87 -64.14 19.72
C ASP K 54 18.69 -64.69 18.92
N LYS K 55 18.21 -65.88 19.31
CA LYS K 55 17.07 -66.50 18.63
C LYS K 55 15.80 -66.42 19.45
N TYR K 56 14.75 -65.94 18.82
CA TYR K 56 13.47 -65.79 19.44
C TYR K 56 12.60 -66.94 19.02
N ILE K 57 12.28 -67.81 19.96
CA ILE K 57 11.55 -69.01 19.65
C ILE K 57 10.09 -68.88 20.02
N PRO K 58 9.14 -68.91 19.10
CA PRO K 58 7.77 -68.68 19.41
C PRO K 58 7.33 -69.80 20.28
N ARG K 59 6.55 -69.46 21.32
CA ARG K 59 6.00 -70.47 22.25
C ARG K 59 4.70 -71.03 21.66
N ALA K 60 4.77 -72.20 21.03
CA ALA K 60 3.65 -72.83 20.42
C ALA K 60 3.81 -74.31 20.46
N VAL K 61 2.71 -74.99 20.52
CA VAL K 61 2.68 -76.42 20.46
C VAL K 61 2.04 -76.76 19.14
N VAL K 62 2.75 -77.46 18.29
CA VAL K 62 2.20 -77.73 16.97
C VAL K 62 1.73 -79.14 16.88
N VAL K 63 0.45 -79.31 16.64
CA VAL K 63 -0.14 -80.62 16.71
C VAL K 63 -0.85 -81.12 15.47
N ASP K 64 -0.52 -82.35 15.09
CA ASP K 64 -1.25 -82.95 13.99
C ASP K 64 -1.38 -84.46 14.20
N LEU K 65 -2.07 -85.13 13.29
CA LEU K 65 -2.19 -86.58 13.32
C LEU K 65 -1.50 -87.05 12.07
N GLU K 66 -1.17 -86.08 11.22
CA GLU K 66 -0.50 -86.26 9.94
C GLU K 66 0.91 -86.86 10.14
N PRO K 67 1.30 -87.92 9.39
CA PRO K 67 2.61 -88.57 9.42
C PRO K 67 3.86 -87.72 9.19
N ALA K 68 3.80 -86.57 8.51
CA ALA K 68 5.03 -85.81 8.28
C ALA K 68 4.87 -84.32 8.53
N VAL K 69 4.33 -83.99 9.67
CA VAL K 69 4.09 -82.60 10.02
C VAL K 69 5.38 -81.78 10.14
N VAL K 70 6.50 -82.35 10.56
CA VAL K 70 7.68 -81.50 10.73
C VAL K 70 8.22 -81.01 9.40
N GLU K 71 8.35 -81.90 8.44
CA GLU K 71 8.89 -81.54 7.14
C GLU K 71 7.98 -80.53 6.45
N ASN K 72 6.68 -80.65 6.68
CA ASN K 72 5.68 -79.77 6.09
C ASN K 72 5.79 -78.35 6.64
N ILE K 73 6.45 -78.19 7.78
CA ILE K 73 6.61 -76.90 8.39
C ILE K 73 7.90 -76.31 7.94
N ARG K 74 8.97 -77.11 7.95
CA ARG K 74 10.30 -76.59 7.48
C ARG K 74 10.14 -75.99 6.08
N GLU K 75 9.37 -76.63 5.21
CA GLU K 75 9.21 -76.15 3.85
C GLU K 75 8.56 -74.78 3.75
N LYS K 76 7.75 -74.36 4.73
CA LYS K 76 7.09 -73.08 4.60
C LYS K 76 7.56 -72.03 5.62
N PHE K 77 7.93 -72.47 6.81
CA PHE K 77 8.29 -71.56 7.88
C PHE K 77 9.78 -71.58 8.27
N GLY K 78 10.62 -72.25 7.47
CA GLY K 78 12.03 -72.25 7.75
C GLY K 78 12.34 -72.88 9.08
N THR K 79 13.07 -72.16 9.91
CA THR K 79 13.47 -72.67 11.21
C THR K 79 12.88 -71.85 12.33
N LEU K 80 11.80 -71.12 12.03
CA LEU K 80 11.16 -70.30 13.04
C LEU K 80 10.64 -71.13 14.21
N PHE K 81 10.10 -72.32 13.94
CA PHE K 81 9.55 -73.14 15.01
C PHE K 81 10.55 -74.17 15.45
N ASP K 82 10.61 -74.42 16.76
CA ASP K 82 11.49 -75.41 17.34
C ASP K 82 10.91 -76.82 17.17
N PRO K 83 11.55 -77.74 16.42
CA PRO K 83 11.09 -79.08 16.12
C PRO K 83 10.70 -79.91 17.33
N LYS K 84 11.22 -79.57 18.50
CA LYS K 84 10.90 -80.35 19.69
C LYS K 84 9.46 -80.13 20.12
N SER K 85 8.86 -79.05 19.64
CA SER K 85 7.50 -78.68 19.96
C SER K 85 6.50 -79.18 18.93
N ILE K 86 6.99 -79.91 17.91
CA ILE K 86 6.08 -80.36 16.88
C ILE K 86 5.73 -81.83 17.07
N VAL K 87 4.44 -82.11 17.22
CA VAL K 87 3.99 -83.46 17.48
C VAL K 87 3.36 -84.06 16.23
N SER K 88 4.05 -85.05 15.68
CA SER K 88 3.61 -85.74 14.48
C SER K 88 2.71 -86.88 14.83
N GLY K 89 1.92 -87.32 13.84
CA GLY K 89 0.98 -88.43 14.07
C GLY K 89 1.36 -89.64 13.23
N ALA K 90 0.46 -90.62 13.10
CA ALA K 90 0.80 -91.87 12.39
C ALA K 90 -0.07 -92.05 11.15
N ASP K 91 -1.39 -91.94 11.30
CA ASP K 91 -2.33 -92.14 10.17
C ASP K 91 -3.00 -90.80 9.83
N GLY K 92 -3.99 -90.41 10.65
CA GLY K 92 -4.72 -89.14 10.40
C GLY K 92 -6.20 -89.33 10.66
N ALA K 93 -6.94 -88.23 10.85
CA ALA K 93 -8.40 -88.33 11.03
C ALA K 93 -9.10 -87.86 9.76
N GLY K 94 -9.79 -88.77 9.07
CA GLY K 94 -10.43 -88.44 7.80
C GLY K 94 -11.70 -87.60 7.93
N ASN K 95 -11.55 -86.36 8.39
CA ASN K 95 -12.69 -85.47 8.60
C ASN K 95 -13.71 -86.14 9.47
N ASN K 96 -13.24 -86.79 10.50
CA ASN K 96 -14.11 -87.49 11.39
C ASN K 96 -13.75 -87.16 12.80
N PHE K 97 -14.65 -86.42 13.43
CA PHE K 97 -14.46 -85.98 14.80
C PHE K 97 -14.13 -87.16 15.69
N ALA K 98 -14.79 -88.30 15.47
CA ALA K 98 -14.62 -89.47 16.31
C ALA K 98 -13.21 -90.03 16.28
N ILE K 99 -12.46 -89.75 15.23
CA ILE K 99 -11.12 -90.28 15.15
C ILE K 99 -10.22 -89.31 15.85
N GLY K 100 -10.42 -88.04 15.61
CA GLY K 100 -9.59 -87.09 16.31
C GLY K 100 -9.85 -87.16 17.81
N PHE K 101 -11.09 -87.41 18.21
CA PHE K 101 -11.49 -87.41 19.60
C PHE K 101 -11.33 -88.77 20.30
N ASN K 102 -11.74 -89.88 19.70
CA ASN K 102 -11.62 -91.14 20.40
C ASN K 102 -10.37 -91.89 19.94
N GLU K 103 -10.34 -92.25 18.67
CA GLU K 103 -9.29 -93.14 18.17
C GLU K 103 -8.05 -92.40 17.69
N HIS K 104 -7.39 -91.68 18.58
CA HIS K 104 -6.19 -90.92 18.22
C HIS K 104 -4.88 -91.52 18.68
N GLY K 105 -4.92 -92.39 19.67
CA GLY K 105 -3.71 -92.98 20.24
C GLY K 105 -3.37 -92.27 21.54
N ALA K 106 -3.23 -93.03 22.61
CA ALA K 106 -2.91 -92.43 23.91
C ALA K 106 -1.58 -91.74 23.88
N GLU K 107 -0.63 -92.32 23.16
CA GLU K 107 0.71 -91.81 23.09
C GLU K 107 0.77 -90.46 22.41
N THR K 108 -0.09 -90.25 21.41
CA THR K 108 -0.09 -89.01 20.66
C THR K 108 -0.49 -87.92 21.63
N LEU K 109 -1.53 -88.18 22.42
CA LEU K 109 -1.98 -87.17 23.35
C LEU K 109 -0.99 -86.94 24.47
N GLU K 110 -0.36 -88.01 24.96
CA GLU K 110 0.60 -87.80 26.04
C GLU K 110 1.74 -86.94 25.56
N LYS K 111 2.22 -87.14 24.32
CA LYS K 111 3.30 -86.29 23.85
C LYS K 111 2.85 -84.85 23.77
N VAL K 112 1.60 -84.60 23.34
CA VAL K 112 1.17 -83.22 23.25
C VAL K 112 1.19 -82.62 24.63
N MET K 113 0.70 -83.35 25.62
CA MET K 113 0.70 -82.83 26.96
C MET K 113 2.09 -82.60 27.52
N GLN K 114 3.06 -83.43 27.18
CA GLN K 114 4.41 -83.21 27.67
C GLN K 114 4.96 -81.93 27.07
N VAL K 115 4.66 -81.68 25.80
CA VAL K 115 5.14 -80.46 25.18
C VAL K 115 4.49 -79.26 25.84
N VAL K 116 3.18 -79.35 26.12
CA VAL K 116 2.52 -78.23 26.77
C VAL K 116 3.14 -77.98 28.13
N GLU K 117 3.38 -79.03 28.91
CA GLU K 117 3.98 -78.84 30.21
C GLU K 117 5.34 -78.17 30.09
N GLN K 118 6.15 -78.54 29.10
CA GLN K 118 7.43 -77.87 28.99
C GLN K 118 7.25 -76.40 28.67
N ARG K 119 6.29 -76.07 27.82
CA ARG K 119 6.11 -74.66 27.47
C ARG K 119 5.60 -73.85 28.64
N VAL K 120 4.78 -74.45 29.50
CA VAL K 120 4.26 -73.74 30.70
C VAL K 120 5.33 -73.76 31.79
N SER K 121 6.36 -74.59 31.64
CA SER K 121 7.43 -74.72 32.67
C SER K 121 8.51 -73.67 32.44
N GLU K 122 8.47 -72.98 31.29
CA GLU K 122 9.47 -71.95 30.96
C GLU K 122 8.84 -70.56 31.17
N THR K 123 7.82 -70.49 32.03
CA THR K 123 7.09 -69.22 32.24
C THR K 123 7.05 -68.85 33.73
N GLU K 124 7.19 -67.57 34.07
CA GLU K 124 7.10 -67.12 35.45
C GLU K 124 5.61 -67.18 35.85
N SER K 125 4.73 -67.06 34.85
CA SER K 125 3.28 -67.17 35.05
C SER K 125 2.58 -67.55 33.74
N ILE K 126 1.40 -68.19 33.81
CA ILE K 126 0.71 -68.50 32.56
C ILE K 126 -0.39 -67.46 32.36
N GLY K 127 -0.28 -66.65 31.31
CA GLY K 127 -1.24 -65.60 31.03
C GLY K 127 -2.49 -66.13 30.35
N GLY K 128 -2.36 -67.28 29.72
CA GLY K 128 -3.46 -67.89 29.02
C GLY K 128 -2.98 -68.75 27.87
N PHE K 129 -3.91 -69.49 27.31
CA PHE K 129 -3.62 -70.33 26.17
C PHE K 129 -4.44 -69.86 24.99
N ILE K 130 -3.87 -69.98 23.80
CA ILE K 130 -4.63 -69.67 22.59
C ILE K 130 -4.66 -70.87 21.67
N LEU K 131 -5.84 -71.35 21.33
CA LEU K 131 -5.98 -72.49 20.44
C LEU K 131 -6.47 -72.06 19.06
N THR K 132 -5.74 -72.44 18.01
CA THR K 132 -6.17 -72.08 16.66
C THR K 132 -6.57 -73.37 15.93
N HIS K 133 -7.78 -73.39 15.37
CA HIS K 133 -8.26 -74.64 14.71
C HIS K 133 -9.45 -74.43 13.77
N SER K 134 -9.96 -75.53 13.17
CA SER K 134 -11.11 -75.49 12.25
C SER K 134 -12.10 -76.59 12.58
N CYS K 135 -13.34 -76.18 12.82
CA CYS K 135 -14.39 -77.05 13.32
C CYS K 135 -14.87 -78.17 12.40
N GLY K 136 -14.67 -78.06 11.10
CA GLY K 136 -15.14 -79.12 10.20
C GLY K 136 -14.10 -80.20 9.87
N GLY K 137 -12.91 -80.10 10.44
CA GLY K 137 -11.83 -81.02 10.13
C GLY K 137 -11.90 -82.28 10.96
N GLY K 138 -10.86 -83.14 10.85
CA GLY K 138 -10.84 -84.35 11.64
C GLY K 138 -9.87 -84.28 12.81
N THR K 139 -8.96 -83.28 12.83
CA THR K 139 -8.00 -83.21 13.92
C THR K 139 -8.19 -81.93 14.67
N GLY K 140 -8.49 -80.84 13.94
CA GLY K 140 -8.68 -79.52 14.55
C GLY K 140 -9.99 -79.46 15.29
N SER K 141 -10.82 -80.48 15.02
CA SER K 141 -12.14 -80.59 15.68
C SER K 141 -12.03 -81.59 16.82
N GLY K 142 -11.96 -82.89 16.52
CA GLY K 142 -11.88 -83.89 17.57
C GLY K 142 -10.61 -83.87 18.43
N PHE K 143 -9.44 -83.64 17.85
CA PHE K 143 -8.26 -83.72 18.69
C PHE K 143 -8.14 -82.41 19.41
N GLY K 144 -8.42 -81.32 18.69
CA GLY K 144 -8.36 -80.01 19.30
C GLY K 144 -9.33 -79.95 20.47
N SER K 145 -10.49 -80.61 20.35
CA SER K 145 -11.47 -80.65 21.43
C SER K 145 -10.96 -81.45 22.60
N LYS K 146 -10.30 -82.58 22.37
CA LYS K 146 -9.78 -83.32 23.50
C LYS K 146 -8.70 -82.53 24.18
N ILE K 147 -7.91 -81.80 23.41
CA ILE K 147 -6.89 -80.98 24.01
C ILE K 147 -7.57 -79.92 24.88
N LEU K 148 -8.63 -79.25 24.42
CA LEU K 148 -9.23 -78.26 25.34
C LEU K 148 -9.68 -78.91 26.62
N LYS K 149 -10.26 -80.09 26.52
CA LYS K 149 -10.72 -80.78 27.71
C LYS K 149 -9.55 -81.05 28.62
N THR K 150 -8.48 -81.57 28.05
CA THR K 150 -7.32 -81.98 28.82
C THR K 150 -6.61 -80.77 29.45
N ILE K 151 -6.48 -79.67 28.69
CA ILE K 151 -5.80 -78.49 29.19
C ILE K 151 -6.59 -77.90 30.32
N ARG K 152 -7.91 -77.83 30.18
CA ARG K 152 -8.76 -77.19 31.21
C ARG K 152 -8.77 -78.04 32.49
N GLU K 153 -8.64 -79.36 32.36
CA GLU K 153 -8.58 -80.19 33.54
C GLU K 153 -7.25 -80.02 34.27
N ARG K 154 -6.15 -79.87 33.53
CA ARG K 154 -4.86 -79.69 34.17
C ARG K 154 -4.63 -78.26 34.67
N TYR K 155 -5.17 -77.28 33.95
CA TYR K 155 -4.96 -75.86 34.32
C TYR K 155 -6.30 -75.17 34.40
N PRO K 156 -7.16 -75.47 35.41
CA PRO K 156 -8.40 -74.74 35.56
C PRO K 156 -8.06 -73.32 36.00
N LYS K 157 -8.97 -72.36 35.78
CA LYS K 157 -8.74 -70.95 36.19
C LYS K 157 -7.72 -70.26 35.28
N VAL K 158 -7.48 -70.80 34.08
CA VAL K 158 -6.55 -70.14 33.12
C VAL K 158 -7.36 -69.80 31.86
N PRO K 159 -7.39 -68.53 31.39
CA PRO K 159 -8.24 -68.18 30.24
C PRO K 159 -7.85 -68.85 28.92
N ILE K 160 -8.74 -69.68 28.36
CA ILE K 160 -8.45 -70.26 27.05
C ILE K 160 -9.24 -69.56 25.98
N PHE K 161 -8.54 -69.05 25.00
CA PHE K 161 -9.17 -68.41 23.87
C PHE K 161 -9.06 -69.28 22.68
N THR K 162 -10.15 -69.49 22.01
CA THR K 162 -10.09 -70.31 20.83
C THR K 162 -10.50 -69.48 19.64
N PHE K 163 -9.77 -69.65 18.57
CA PHE K 163 -10.07 -68.99 17.31
C PHE K 163 -10.44 -70.06 16.34
N SER K 164 -11.67 -70.05 15.86
CA SER K 164 -11.99 -71.17 15.02
C SER K 164 -12.86 -70.87 13.85
N ILE K 165 -12.62 -71.68 12.83
CA ILE K 165 -13.36 -71.59 11.60
C ILE K 165 -14.59 -72.48 11.63
N PHE K 166 -15.72 -71.86 11.40
CA PHE K 166 -17.00 -72.52 11.37
C PHE K 166 -17.43 -72.73 9.94
N PRO K 167 -18.44 -73.59 9.74
CA PRO K 167 -18.91 -73.74 8.37
C PRO K 167 -19.35 -72.43 7.77
N SER K 168 -19.25 -72.32 6.45
CA SER K 168 -19.67 -71.12 5.78
C SER K 168 -21.17 -71.17 5.68
N PRO K 169 -21.82 -70.00 5.61
CA PRO K 169 -23.28 -69.95 5.61
C PRO K 169 -23.96 -70.55 4.39
N LYS K 170 -23.39 -70.39 3.20
CA LYS K 170 -24.05 -70.87 1.98
C LYS K 170 -23.62 -72.26 1.57
N ILE K 171 -22.44 -72.37 0.97
CA ILE K 171 -21.94 -73.67 0.53
C ILE K 171 -21.19 -74.39 1.65
N SER K 172 -21.24 -75.72 1.64
CA SER K 172 -20.53 -76.50 2.66
C SER K 172 -19.42 -77.32 2.03
N GLU K 173 -18.50 -77.81 2.85
CA GLU K 173 -17.39 -78.60 2.33
C GLU K 173 -17.75 -80.07 2.19
N THR K 174 -17.82 -80.78 3.31
CA THR K 174 -18.17 -82.20 3.27
C THR K 174 -19.58 -82.40 3.83
N VAL K 175 -20.18 -83.55 3.54
CA VAL K 175 -21.52 -83.83 4.14
C VAL K 175 -21.39 -84.02 5.65
N VAL K 176 -20.26 -84.54 6.13
CA VAL K 176 -20.08 -84.79 7.55
C VAL K 176 -19.85 -83.53 8.35
N GLU K 177 -19.64 -82.41 7.68
CA GLU K 177 -19.26 -81.20 8.35
C GLU K 177 -20.14 -80.81 9.53
N PRO K 178 -21.49 -80.84 9.47
CA PRO K 178 -22.35 -80.52 10.59
C PRO K 178 -22.19 -81.43 11.80
N TYR K 179 -21.65 -82.65 11.63
CA TYR K 179 -21.51 -83.49 12.80
C TYR K 179 -20.25 -83.07 13.50
N ASN K 180 -19.25 -82.75 12.69
CA ASN K 180 -17.98 -82.36 13.25
C ASN K 180 -18.16 -81.00 13.92
N ALA K 181 -18.94 -80.12 13.28
CA ALA K 181 -19.15 -78.78 13.81
C ALA K 181 -19.91 -78.77 15.12
N ILE K 182 -20.94 -79.61 15.27
CA ILE K 182 -21.66 -79.62 16.53
C ILE K 182 -20.87 -80.21 17.64
N MET K 183 -20.18 -81.31 17.42
CA MET K 183 -19.45 -81.82 18.54
C MET K 183 -18.32 -80.89 18.94
N THR K 184 -17.72 -80.19 17.96
CA THR K 184 -16.67 -79.25 18.29
C THR K 184 -17.26 -78.12 19.11
N LEU K 185 -18.43 -77.63 18.71
CA LEU K 185 -19.07 -76.55 19.40
C LEU K 185 -19.47 -76.97 20.80
N SER K 186 -19.93 -78.19 20.98
CA SER K 186 -20.30 -78.64 22.31
C SER K 186 -19.10 -78.56 23.24
N ASN K 187 -17.93 -78.98 22.77
CA ASN K 187 -16.75 -78.89 23.59
C ASN K 187 -16.27 -77.45 23.77
N LEU K 188 -16.47 -76.57 22.78
CA LEU K 188 -16.10 -75.18 22.98
C LEU K 188 -16.99 -74.58 24.06
N ILE K 189 -18.27 -74.96 24.08
CA ILE K 189 -19.19 -74.45 25.07
C ILE K 189 -18.76 -74.84 26.45
N LYS K 190 -18.37 -76.10 26.62
CA LYS K 190 -17.92 -76.59 27.92
C LYS K 190 -16.53 -76.13 28.38
N TYR K 191 -15.55 -76.00 27.46
CA TYR K 191 -14.19 -75.72 27.90
C TYR K 191 -13.52 -74.36 27.59
N ALA K 192 -13.93 -73.60 26.57
CA ALA K 192 -13.21 -72.37 26.25
C ALA K 192 -13.64 -71.25 27.19
N SER K 193 -12.79 -70.25 27.41
CA SER K 193 -13.25 -69.11 28.20
C SER K 193 -13.95 -68.14 27.27
N CYS K 194 -13.37 -68.02 26.08
CA CYS K 194 -13.87 -67.20 24.98
C CYS K 194 -13.63 -67.90 23.68
N SER K 195 -14.56 -67.74 22.76
CA SER K 195 -14.35 -68.32 21.44
C SER K 195 -14.64 -67.28 20.39
N ILE K 196 -13.76 -67.16 19.41
CA ILE K 196 -13.97 -66.20 18.35
C ILE K 196 -14.48 -66.97 17.15
N VAL K 197 -15.65 -66.57 16.69
CA VAL K 197 -16.27 -67.25 15.58
C VAL K 197 -15.93 -66.58 14.28
N LEU K 198 -15.27 -67.31 13.41
CA LEU K 198 -14.84 -66.85 12.11
C LEU K 198 -15.35 -67.78 11.03
N ASP K 199 -15.54 -67.30 9.82
CA ASP K 199 -15.80 -68.25 8.74
C ASP K 199 -15.28 -67.74 7.40
N ASN K 200 -15.20 -68.64 6.42
CA ASN K 200 -14.61 -68.24 5.16
C ASN K 200 -15.50 -67.44 4.26
N GLU K 201 -16.81 -67.56 4.38
CA GLU K 201 -17.63 -66.79 3.46
C GLU K 201 -17.48 -65.32 3.80
N ALA K 202 -17.48 -65.00 5.09
CA ALA K 202 -17.34 -63.61 5.44
C ALA K 202 -15.97 -63.11 5.06
N LEU K 203 -14.95 -63.94 5.26
CA LEU K 203 -13.62 -63.49 4.97
C LEU K 203 -13.41 -63.31 3.49
N PHE K 204 -14.01 -64.16 2.64
CA PHE K 204 -13.82 -63.95 1.22
C PHE K 204 -14.42 -62.65 0.77
N SER K 205 -15.60 -62.30 1.27
CA SER K 205 -16.19 -61.04 0.83
C SER K 205 -15.28 -59.89 1.21
N ILE K 206 -14.67 -59.98 2.38
CA ILE K 206 -13.76 -58.94 2.81
C ILE K 206 -12.53 -58.93 1.90
N ALA K 207 -11.96 -60.09 1.62
CA ALA K 207 -10.78 -60.13 0.78
C ALA K 207 -11.04 -59.56 -0.60
N GLU K 208 -12.21 -59.81 -1.16
CA GLU K 208 -12.50 -59.31 -2.49
C GLU K 208 -12.90 -57.82 -2.51
N LYS K 209 -13.47 -57.30 -1.43
CA LYS K 209 -13.93 -55.93 -1.44
C LYS K 209 -13.07 -54.91 -0.68
N LYS K 210 -12.37 -55.33 0.37
CA LYS K 210 -11.59 -54.41 1.16
C LYS K 210 -10.10 -54.49 0.84
N LEU K 211 -9.64 -55.66 0.45
CA LEU K 211 -8.24 -55.79 0.05
C LEU K 211 -8.17 -55.56 -1.46
N GLU K 212 -7.02 -55.15 -1.97
CA GLU K 212 -6.89 -54.93 -3.40
C GLU K 212 -6.67 -56.21 -4.22
N VAL K 213 -6.44 -57.32 -3.54
CA VAL K 213 -6.14 -58.57 -4.22
C VAL K 213 -7.27 -59.09 -5.09
N GLU K 214 -6.91 -59.45 -6.31
CA GLU K 214 -7.83 -60.01 -7.26
C GLU K 214 -7.77 -61.51 -7.17
N ASN K 215 -8.92 -62.16 -7.12
CA ASN K 215 -8.98 -63.61 -7.03
C ASN K 215 -8.13 -64.17 -5.89
N PRO K 216 -8.42 -63.80 -4.63
CA PRO K 216 -7.69 -64.22 -3.45
C PRO K 216 -7.85 -65.69 -3.19
N SER K 217 -6.81 -66.29 -2.61
CA SER K 217 -6.84 -67.68 -2.20
C SER K 217 -6.82 -67.74 -0.70
N LEU K 218 -6.72 -68.93 -0.14
CA LEU K 218 -6.69 -69.06 1.32
C LEU K 218 -5.44 -68.38 1.89
N GLU K 219 -4.41 -68.25 1.07
CA GLU K 219 -3.18 -67.65 1.54
C GLU K 219 -3.40 -66.18 1.85
N ASP K 220 -4.30 -65.54 1.13
CA ASP K 220 -4.59 -64.13 1.32
C ASP K 220 -5.62 -64.01 2.41
N LEU K 221 -6.51 -64.98 2.47
CA LEU K 221 -7.62 -64.98 3.41
C LEU K 221 -7.07 -65.07 4.84
N ASN K 222 -5.95 -65.76 4.98
CA ASN K 222 -5.31 -65.96 6.27
C ASN K 222 -4.66 -64.71 6.78
N LEU K 223 -4.54 -63.69 5.96
CA LEU K 223 -3.92 -62.48 6.42
C LEU K 223 -4.96 -61.60 7.05
N ILE K 224 -6.23 -61.94 6.89
CA ILE K 224 -7.28 -61.17 7.51
C ILE K 224 -7.39 -61.77 8.88
N ILE K 225 -7.36 -63.10 8.95
CA ILE K 225 -7.45 -63.73 10.24
C ILE K 225 -6.23 -63.35 11.05
N ALA K 226 -5.05 -63.43 10.45
CA ALA K 226 -3.87 -63.06 11.18
C ALA K 226 -3.96 -61.62 11.64
N GLN K 227 -4.51 -60.70 10.83
CA GLN K 227 -4.59 -59.34 11.31
C GLN K 227 -5.47 -59.24 12.54
N VAL K 228 -6.54 -60.04 12.62
CA VAL K 228 -7.37 -60.00 13.82
C VAL K 228 -6.53 -60.46 15.00
N LEU K 229 -5.79 -61.55 14.81
CA LEU K 229 -4.94 -62.08 15.87
C LEU K 229 -3.79 -61.16 16.27
N THR K 230 -3.19 -60.44 15.35
CA THR K 230 -2.12 -59.61 15.83
C THR K 230 -2.69 -58.41 16.54
N ASN K 231 -3.80 -57.84 16.07
CA ASN K 231 -4.30 -56.66 16.75
C ASN K 231 -4.86 -56.94 18.12
N VAL K 232 -5.45 -58.10 18.33
CA VAL K 232 -6.05 -58.43 19.61
C VAL K 232 -5.00 -58.65 20.69
N THR K 233 -3.72 -58.74 20.28
CA THR K 233 -2.64 -59.02 21.26
C THR K 233 -1.70 -57.83 21.34
N ALA K 234 -2.08 -56.69 20.77
CA ALA K 234 -1.17 -55.52 20.72
C ALA K 234 -0.83 -55.02 22.12
N SER K 235 -1.87 -54.76 22.93
CA SER K 235 -1.66 -54.23 24.30
C SER K 235 -0.75 -55.17 25.09
N LEU K 236 -0.98 -56.48 24.95
CA LEU K 236 -0.10 -57.47 25.63
C LEU K 236 1.33 -57.25 25.13
N ARG K 237 1.54 -57.28 23.81
CA ARG K 237 2.91 -57.19 23.24
C ARG K 237 3.56 -55.82 23.49
N PHE K 238 2.84 -54.70 23.35
CA PHE K 238 3.48 -53.41 23.50
C PHE K 238 3.28 -52.79 24.87
N SER K 239 2.88 -53.59 25.84
CA SER K 239 2.70 -53.12 27.21
C SER K 239 1.80 -51.89 27.33
N GLY K 240 2.30 -50.91 28.07
CA GLY K 240 1.58 -49.67 28.33
C GLY K 240 1.24 -49.63 29.79
N THR K 241 1.06 -48.43 30.35
CA THR K 241 0.76 -48.37 31.78
C THR K 241 -0.58 -49.04 32.04
N LEU K 242 -1.55 -48.78 31.16
CA LEU K 242 -2.85 -49.38 31.26
C LEU K 242 -2.87 -50.36 30.10
N ASN K 243 -3.39 -51.56 30.30
CA ASN K 243 -3.37 -52.52 29.20
C ASN K 243 -4.42 -53.66 29.30
N LEU K 244 -4.45 -54.51 28.27
CA LEU K 244 -5.38 -55.64 28.24
C LEU K 244 -4.73 -56.99 28.10
N ASP K 245 -5.00 -57.85 29.07
CA ASP K 245 -4.54 -59.21 29.03
C ASP K 245 -5.71 -60.10 28.67
N LEU K 246 -5.50 -61.39 28.57
CA LEU K 246 -6.60 -62.26 28.20
C LEU K 246 -7.63 -62.34 29.32
N GLY K 247 -7.18 -62.21 30.55
CA GLY K 247 -8.09 -62.25 31.68
C GLY K 247 -8.93 -60.98 31.79
N LYS K 248 -8.54 -59.90 31.10
CA LYS K 248 -9.33 -58.68 31.17
C LYS K 248 -10.46 -58.89 30.19
N LEU K 249 -10.15 -59.52 29.06
CA LEU K 249 -11.19 -59.75 28.07
C LEU K 249 -12.23 -60.73 28.55
N VAL K 250 -11.83 -61.77 29.27
CA VAL K 250 -12.84 -62.71 29.72
C VAL K 250 -13.73 -62.05 30.74
N THR K 251 -13.13 -61.35 31.71
CA THR K 251 -13.94 -60.73 32.74
C THR K 251 -14.92 -59.75 32.14
N ASN K 252 -14.48 -58.91 31.22
CA ASN K 252 -15.36 -57.90 30.69
C ASN K 252 -16.35 -58.33 29.63
N LEU K 253 -16.02 -59.31 28.79
CA LEU K 253 -16.95 -59.68 27.76
C LEU K 253 -17.84 -60.86 28.07
N VAL K 254 -17.60 -61.65 29.10
CA VAL K 254 -18.48 -62.79 29.30
C VAL K 254 -19.35 -62.65 30.56
N PRO K 255 -20.63 -62.19 30.49
CA PRO K 255 -21.50 -62.00 31.63
C PRO K 255 -21.99 -63.29 32.27
N PHE K 256 -22.04 -64.36 31.50
CA PHE K 256 -22.43 -65.67 31.99
C PHE K 256 -21.48 -66.69 31.45
N SER K 257 -21.28 -67.76 32.17
CA SER K 257 -20.31 -68.75 31.74
C SER K 257 -20.55 -69.45 30.40
N ASN K 258 -21.79 -69.51 29.89
CA ASN K 258 -21.97 -70.18 28.61
C ASN K 258 -22.28 -69.25 27.45
N LEU K 259 -22.05 -67.95 27.59
CA LEU K 259 -22.33 -67.03 26.49
C LEU K 259 -21.06 -66.30 26.10
N HIS K 260 -20.01 -67.04 25.80
CA HIS K 260 -18.70 -66.52 25.49
C HIS K 260 -18.31 -66.48 24.03
N PHE K 261 -19.25 -66.68 23.13
CA PHE K 261 -18.94 -66.67 21.71
C PHE K 261 -18.95 -65.26 21.17
N LEU K 262 -17.81 -64.81 20.69
CA LEU K 262 -17.59 -63.46 20.22
C LEU K 262 -17.36 -63.32 18.74
N MET K 263 -17.79 -62.17 18.23
CA MET K 263 -17.53 -61.77 16.87
C MET K 263 -16.29 -60.92 16.85
N ALA K 264 -15.57 -60.90 15.73
CA ALA K 264 -14.41 -60.03 15.60
C ALA K 264 -14.46 -59.25 14.32
N SER K 265 -13.91 -58.03 14.39
CA SER K 265 -13.81 -57.11 13.26
C SER K 265 -12.60 -56.18 13.33
N THR K 266 -11.90 -55.99 12.21
CA THR K 266 -10.78 -55.05 12.16
C THR K 266 -10.76 -54.18 10.96
N ALA K 267 -10.11 -53.04 11.11
CA ALA K 267 -9.84 -52.16 9.98
C ALA K 267 -8.64 -51.28 10.32
N PRO K 268 -7.89 -50.82 9.32
CA PRO K 268 -7.89 -51.09 7.90
C PRO K 268 -7.25 -52.43 7.66
N LEU K 269 -7.49 -53.03 6.52
CA LEU K 269 -6.78 -54.24 6.17
C LEU K 269 -5.77 -53.92 5.10
N VAL K 270 -4.49 -54.03 5.44
CA VAL K 270 -3.46 -53.63 4.51
C VAL K 270 -2.46 -54.76 4.25
N LEU K 271 -2.22 -55.05 2.99
CA LEU K 271 -1.24 -56.07 2.60
C LEU K 271 0.10 -55.40 2.68
N ALA K 272 1.16 -56.16 2.91
CA ALA K 272 2.46 -55.51 3.05
C ALA K 272 2.79 -54.64 1.86
N GLY K 273 3.30 -53.44 2.15
CA GLY K 273 3.67 -52.46 1.15
C GLY K 273 2.86 -51.19 1.38
N LYS K 274 3.32 -50.05 0.87
CA LYS K 274 2.58 -48.81 1.11
C LYS K 274 1.43 -48.66 0.13
N GLU K 275 0.46 -49.54 0.27
CA GLU K 275 -0.72 -49.60 -0.59
C GLU K 275 -1.92 -48.91 0.06
N SER K 276 -1.74 -48.49 1.30
CA SER K 276 -2.75 -47.86 2.10
C SER K 276 -2.84 -46.36 1.86
N TYR K 277 -3.93 -45.78 2.37
CA TYR K 277 -4.13 -44.35 2.33
C TYR K 277 -4.25 -43.82 3.74
N GLU K 278 -3.63 -42.68 3.98
CA GLU K 278 -3.63 -42.07 5.29
C GLU K 278 -4.93 -41.38 5.67
N LYS K 279 -5.96 -42.17 5.95
CA LYS K 279 -7.26 -41.63 6.35
C LYS K 279 -7.09 -40.92 7.68
N MET K 280 -6.27 -41.54 8.54
CA MET K 280 -5.91 -41.05 9.86
C MET K 280 -7.07 -40.66 10.73
N THR K 281 -8.21 -41.29 10.57
CA THR K 281 -9.31 -40.83 11.34
C THR K 281 -9.92 -41.93 12.16
N ALA K 282 -9.88 -41.74 13.48
CA ALA K 282 -10.42 -42.71 14.41
C ALA K 282 -11.91 -42.85 14.22
N LYS K 283 -12.57 -41.76 13.90
CA LYS K 283 -13.99 -41.77 13.71
C LYS K 283 -14.39 -42.67 12.57
N GLU K 284 -13.60 -42.64 11.50
CA GLU K 284 -13.91 -43.44 10.34
C GLU K 284 -13.63 -44.88 10.65
N LEU K 285 -12.57 -45.16 11.38
CA LEU K 285 -12.27 -46.54 11.69
C LEU K 285 -13.33 -47.12 12.61
N SER K 286 -13.84 -46.34 13.57
CA SER K 286 -14.87 -46.89 14.42
C SER K 286 -16.14 -47.12 13.60
N ALA K 287 -16.47 -46.20 12.69
CA ALA K 287 -17.66 -46.40 11.89
C ALA K 287 -17.56 -47.67 11.08
N GLN K 288 -16.36 -47.95 10.55
CA GLN K 288 -16.11 -49.14 9.78
C GLN K 288 -16.08 -50.41 10.60
N VAL K 289 -15.46 -50.39 11.77
CA VAL K 289 -15.28 -51.64 12.47
C VAL K 289 -16.61 -52.16 12.96
N PHE K 290 -17.54 -51.25 13.27
CA PHE K 290 -18.87 -51.59 13.73
C PHE K 290 -19.90 -51.74 12.63
N GLY K 291 -19.49 -51.64 11.38
CA GLY K 291 -20.45 -51.81 10.30
C GLY K 291 -20.52 -53.29 10.06
N ASP K 292 -21.27 -53.73 9.07
CA ASP K 292 -21.35 -55.17 8.83
C ASP K 292 -20.26 -55.64 7.87
N GLU K 293 -19.74 -54.74 7.07
CA GLU K 293 -18.77 -55.05 6.03
C GLU K 293 -17.42 -55.61 6.49
N TYR K 294 -16.97 -55.37 7.72
CA TYR K 294 -15.70 -55.93 8.18
C TYR K 294 -15.87 -57.07 9.17
N ILE K 295 -17.07 -57.57 9.34
CA ILE K 295 -17.28 -58.63 10.31
C ILE K 295 -16.74 -59.91 9.71
N CYS K 296 -15.96 -60.65 10.46
CA CYS K 296 -15.33 -61.85 9.93
C CYS K 296 -16.13 -63.15 10.08
N ALA K 297 -17.45 -63.01 10.22
CA ALA K 297 -18.36 -64.14 10.34
C ALA K 297 -19.68 -63.86 9.63
N ALA K 298 -20.35 -64.91 9.18
CA ALA K 298 -21.59 -64.80 8.45
C ALA K 298 -22.78 -64.49 9.32
N CYS K 299 -22.83 -63.24 9.70
CA CYS K 299 -23.83 -62.69 10.57
C CYS K 299 -23.96 -61.21 10.24
N LYS K 300 -24.99 -60.55 10.74
CA LYS K 300 -25.17 -59.13 10.47
C LYS K 300 -25.43 -58.34 11.76
N PRO K 301 -24.38 -58.03 12.56
CA PRO K 301 -24.41 -57.44 13.87
C PRO K 301 -25.17 -56.14 14.03
N THR K 302 -25.33 -55.33 12.98
CA THR K 302 -26.05 -54.07 13.19
C THR K 302 -27.53 -54.30 13.43
N THR K 303 -28.03 -55.52 13.22
CA THR K 303 -29.44 -55.82 13.43
C THR K 303 -29.70 -56.57 14.71
N GLY K 304 -28.65 -56.83 15.50
CA GLY K 304 -28.81 -57.59 16.73
C GLY K 304 -28.75 -56.68 17.94
N ARG K 305 -28.40 -57.25 19.09
CA ARG K 305 -28.29 -56.49 20.31
C ARG K 305 -27.00 -56.90 21.03
N TYR K 306 -26.25 -55.94 21.56
CA TYR K 306 -25.00 -56.25 22.23
C TYR K 306 -25.09 -56.46 23.73
N LEU K 307 -24.37 -57.46 24.22
CA LEU K 307 -24.38 -57.65 25.66
C LEU K 307 -23.23 -56.86 26.19
N ALA K 308 -22.15 -56.88 25.43
CA ALA K 308 -20.92 -56.23 25.76
C ALA K 308 -20.07 -56.16 24.52
N ALA K 309 -19.16 -55.21 24.48
CA ALA K 309 -18.22 -55.13 23.38
C ALA K 309 -16.95 -54.45 23.83
N SER K 310 -15.86 -54.69 23.12
CA SER K 310 -14.63 -54.00 23.45
C SER K 310 -13.98 -53.45 22.23
N VAL K 311 -13.34 -52.31 22.39
CA VAL K 311 -12.64 -51.70 21.29
C VAL K 311 -11.22 -51.33 21.67
N LEU K 312 -10.28 -51.81 20.89
CA LEU K 312 -8.89 -51.47 21.09
C LEU K 312 -8.39 -50.62 19.95
N PHE K 313 -7.92 -49.45 20.30
CA PHE K 313 -7.41 -48.52 19.33
C PHE K 313 -5.91 -48.60 19.33
N ARG K 314 -5.31 -48.60 18.16
CA ARG K 314 -3.87 -48.59 18.04
C ARG K 314 -3.37 -47.36 17.34
N GLY K 315 -2.22 -46.89 17.79
CA GLY K 315 -1.54 -45.77 17.17
C GLY K 315 -1.94 -44.45 17.79
N ALA K 316 -1.59 -43.37 17.13
CA ALA K 316 -1.79 -42.03 17.69
C ALA K 316 -3.21 -41.52 17.55
N VAL K 317 -4.10 -42.15 18.29
CA VAL K 317 -5.50 -41.84 18.32
C VAL K 317 -5.79 -40.79 19.39
N LYS K 318 -6.49 -39.73 19.02
CA LYS K 318 -6.81 -38.69 19.98
C LYS K 318 -7.92 -39.10 20.92
N THR K 319 -7.78 -38.77 22.20
CA THR K 319 -8.80 -39.07 23.20
C THR K 319 -10.14 -38.47 22.83
N SER K 320 -10.10 -37.25 22.32
CA SER K 320 -11.31 -36.55 21.96
C SER K 320 -12.06 -37.26 20.85
N ASP K 321 -11.36 -37.89 19.91
CA ASP K 321 -12.01 -38.55 18.81
C ASP K 321 -12.57 -39.85 19.26
N VAL K 322 -11.92 -40.48 20.23
CA VAL K 322 -12.45 -41.73 20.72
C VAL K 322 -13.76 -41.45 21.39
N ASN K 323 -13.82 -40.39 22.20
CA ASN K 323 -15.05 -40.15 22.90
C ASN K 323 -16.17 -39.79 21.96
N GLU K 324 -15.89 -38.99 20.93
CA GLU K 324 -16.96 -38.65 20.03
C GLU K 324 -17.37 -39.85 19.19
N ALA K 325 -16.39 -40.62 18.72
CA ALA K 325 -16.67 -41.76 17.89
C ALA K 325 -17.48 -42.79 18.63
N MET K 326 -17.17 -42.99 19.90
CA MET K 326 -17.92 -43.98 20.63
C MET K 326 -19.29 -43.49 20.98
N ALA K 327 -19.47 -42.17 21.12
CA ALA K 327 -20.80 -41.67 21.37
C ALA K 327 -21.71 -42.00 20.20
N THR K 328 -21.16 -41.90 18.99
CA THR K 328 -21.91 -42.22 17.78
C THR K 328 -22.30 -43.68 17.77
N VAL K 329 -21.37 -44.54 18.16
CA VAL K 329 -21.63 -45.97 18.20
C VAL K 329 -22.72 -46.29 19.19
N LYS K 330 -22.69 -45.68 20.38
CA LYS K 330 -23.73 -45.95 21.34
C LYS K 330 -25.09 -45.51 20.82
N GLU K 331 -25.17 -44.37 20.14
CA GLU K 331 -26.44 -43.91 19.62
C GLU K 331 -27.01 -44.77 18.51
N GLN K 332 -26.15 -45.27 17.62
CA GLN K 332 -26.61 -46.06 16.49
C GLN K 332 -26.95 -47.52 16.80
N ASN K 333 -26.21 -48.16 17.70
CA ASN K 333 -26.43 -49.57 17.95
C ASN K 333 -27.41 -49.84 19.07
N SER K 334 -27.66 -51.12 19.30
CA SER K 334 -28.59 -51.54 20.32
C SER K 334 -27.94 -52.43 21.34
N PHE K 335 -28.14 -52.08 22.60
CA PHE K 335 -27.56 -52.75 23.77
C PHE K 335 -28.63 -53.25 24.72
N VAL K 336 -28.27 -54.24 25.53
CA VAL K 336 -29.19 -54.74 26.55
C VAL K 336 -29.03 -53.86 27.81
N ASN K 337 -30.15 -53.45 28.40
CA ASN K 337 -30.18 -52.53 29.58
C ASN K 337 -29.33 -53.02 30.77
N TRP K 338 -29.53 -54.24 31.27
CA TRP K 338 -28.81 -54.62 32.52
C TRP K 338 -27.33 -54.24 32.44
N ILE K 339 -26.57 -54.73 31.46
CA ILE K 339 -25.17 -54.23 31.33
C ILE K 339 -25.33 -52.76 30.95
N PRO K 340 -25.09 -51.80 31.87
CA PRO K 340 -25.39 -50.39 31.60
C PRO K 340 -24.23 -49.58 30.99
N THR K 341 -23.00 -50.08 31.10
CA THR K 341 -21.87 -49.34 30.59
C THR K 341 -21.49 -49.79 29.18
N GLY K 342 -22.00 -50.94 28.72
CA GLY K 342 -21.76 -51.39 27.35
C GLY K 342 -20.37 -51.89 26.95
N PHE K 343 -19.42 -50.98 26.99
CA PHE K 343 -18.08 -51.20 26.46
C PHE K 343 -16.90 -51.31 27.39
N LYS K 344 -15.88 -51.99 26.87
CA LYS K 344 -14.54 -51.96 27.43
C LYS K 344 -13.63 -51.26 26.41
N ILE K 345 -13.04 -50.15 26.79
CA ILE K 345 -12.20 -49.40 25.84
C ILE K 345 -10.76 -49.32 26.24
N SER K 346 -9.89 -49.56 25.26
CA SER K 346 -8.46 -49.52 25.50
C SER K 346 -7.67 -48.94 24.33
N LYS K 347 -6.54 -48.36 24.66
CA LYS K 347 -5.64 -47.80 23.66
C LYS K 347 -4.20 -48.26 23.82
N SER K 348 -3.53 -48.47 22.70
CA SER K 348 -2.11 -48.79 22.62
C SER K 348 -1.46 -47.87 21.61
N GLU K 349 -0.53 -47.06 22.08
CA GLU K 349 0.10 -46.04 21.26
C GLU K 349 0.96 -46.54 20.11
N THR K 350 1.31 -47.82 20.09
CA THR K 350 2.15 -48.31 19.01
C THR K 350 1.33 -48.74 17.82
N SER K 351 1.66 -48.14 16.68
CA SER K 351 1.04 -48.33 15.38
C SER K 351 1.29 -49.71 14.82
N PRO K 352 0.37 -50.28 14.03
CA PRO K 352 0.55 -51.51 13.30
C PRO K 352 1.57 -51.19 12.22
N LYS K 353 2.36 -52.16 11.77
CA LYS K 353 3.39 -51.80 10.79
C LYS K 353 2.97 -51.18 9.47
N ASP K 354 1.77 -51.48 8.96
CA ASP K 354 1.38 -50.95 7.65
C ASP K 354 0.38 -49.78 7.71
N SER K 355 0.14 -49.22 8.89
CA SER K 355 -0.79 -48.10 9.02
C SER K 355 -0.49 -47.29 10.24
N ALA K 356 -0.63 -45.98 10.19
CA ALA K 356 -0.37 -45.28 11.45
C ALA K 356 -1.40 -45.65 12.50
N LEU K 357 -2.65 -45.81 12.09
CA LEU K 357 -3.74 -46.12 13.01
C LEU K 357 -4.42 -47.43 12.68
N GLY K 358 -5.07 -48.02 13.67
CA GLY K 358 -5.92 -49.17 13.40
C GLY K 358 -6.84 -49.51 14.57
N VAL K 359 -7.93 -50.23 14.27
CA VAL K 359 -8.89 -50.61 15.30
C VAL K 359 -9.33 -52.06 15.24
N ILE K 360 -9.39 -52.68 16.41
CA ILE K 360 -9.97 -54.02 16.53
C ILE K 360 -11.13 -54.01 17.49
N MET K 361 -12.21 -54.64 17.09
CA MET K 361 -13.38 -54.73 17.93
C MET K 361 -13.81 -56.17 18.10
N LEU K 362 -14.23 -56.48 19.33
CA LEU K 362 -14.76 -57.79 19.67
C LEU K 362 -16.09 -57.63 20.35
N GLY K 363 -16.97 -58.59 20.23
CA GLY K 363 -18.15 -58.45 21.08
C GLY K 363 -19.19 -59.55 21.03
N ASN K 364 -20.11 -59.44 21.98
CA ASN K 364 -21.20 -60.37 22.17
C ASN K 364 -22.44 -59.85 21.56
N ASN K 365 -22.76 -60.34 20.40
CA ASN K 365 -23.90 -59.84 19.69
C ASN K 365 -24.80 -61.02 19.53
N SER K 366 -26.04 -60.84 19.93
CA SER K 366 -27.05 -61.89 19.95
C SER K 366 -27.29 -62.52 18.59
N GLU K 367 -26.88 -61.82 17.56
CA GLU K 367 -26.98 -62.22 16.18
C GLU K 367 -26.22 -63.52 15.94
N ILE K 368 -25.21 -63.81 16.77
CA ILE K 368 -24.36 -64.98 16.60
C ILE K 368 -25.13 -66.29 16.59
N VAL K 369 -26.32 -66.31 17.16
CA VAL K 369 -27.03 -67.56 17.16
C VAL K 369 -27.37 -67.97 15.75
N SER K 370 -27.47 -67.05 14.79
CA SER K 370 -27.85 -67.49 13.47
C SER K 370 -26.81 -68.43 12.87
N VAL K 371 -25.56 -68.33 13.32
CA VAL K 371 -24.53 -69.20 12.81
C VAL K 371 -24.80 -70.58 13.36
N PHE K 372 -25.06 -70.62 14.65
CA PHE K 372 -25.27 -71.88 15.33
C PHE K 372 -26.58 -72.54 14.89
N GLU K 373 -27.62 -71.75 14.63
CA GLU K 373 -28.90 -72.29 14.21
C GLU K 373 -28.79 -72.97 12.85
N ARG K 374 -28.02 -72.39 11.92
CA ARG K 374 -27.87 -73.02 10.61
C ARG K 374 -27.17 -74.35 10.74
N ILE K 375 -26.16 -74.43 11.60
CA ILE K 375 -25.42 -75.66 11.79
C ILE K 375 -26.35 -76.70 12.38
N GLY K 376 -27.12 -76.29 13.39
CA GLY K 376 -28.06 -77.16 14.05
C GLY K 376 -29.03 -77.76 13.05
N ALA K 377 -29.66 -76.91 12.23
CA ALA K 377 -30.62 -77.41 11.27
C ALA K 377 -30.03 -78.38 10.26
N ASN K 378 -28.80 -78.14 9.80
CA ASN K 378 -28.24 -79.06 8.82
C ASN K 378 -28.01 -80.42 9.45
N PHE K 379 -27.55 -80.41 10.70
CA PHE K 379 -27.36 -81.62 11.44
C PHE K 379 -28.65 -82.35 11.63
N ASP K 380 -29.69 -81.64 12.05
CA ASP K 380 -30.94 -82.31 12.33
C ASP K 380 -31.46 -83.06 11.12
N ARG K 381 -31.35 -82.49 9.93
CA ARG K 381 -31.84 -83.20 8.77
C ARG K 381 -31.03 -84.46 8.47
N LEU K 382 -29.71 -84.38 8.57
CA LEU K 382 -28.86 -85.53 8.29
C LEU K 382 -28.98 -86.58 9.37
N TRP K 383 -29.10 -86.13 10.61
CA TRP K 383 -29.19 -86.96 11.78
C TRP K 383 -30.49 -87.73 11.80
N SER K 384 -31.58 -87.08 11.41
CA SER K 384 -32.87 -87.74 11.34
C SER K 384 -32.79 -88.89 10.34
N ARG K 385 -32.10 -88.67 9.22
CA ARG K 385 -31.99 -89.71 8.15
C ARG K 385 -30.81 -90.64 8.41
N LYS K 386 -29.92 -90.27 9.35
CA LYS K 386 -28.74 -91.11 9.70
C LYS K 386 -27.86 -91.27 8.46
N ALA K 387 -27.56 -90.16 7.77
CA ALA K 387 -26.66 -90.22 6.59
C ALA K 387 -25.23 -89.95 7.05
N PHE K 388 -24.29 -90.84 6.72
CA PHE K 388 -22.87 -90.70 7.14
C PHE K 388 -22.76 -90.88 8.66
N ALA K 389 -23.82 -91.38 9.31
CA ALA K 389 -23.82 -91.51 10.78
C ALA K 389 -22.93 -92.68 11.21
N HIS K 390 -22.98 -93.79 10.48
CA HIS K 390 -22.15 -94.98 10.82
C HIS K 390 -20.70 -94.55 11.05
N TRP K 391 -20.29 -93.43 10.45
CA TRP K 391 -18.89 -93.05 10.57
C TRP K 391 -18.56 -92.58 11.98
N PHE K 392 -19.58 -92.20 12.73
CA PHE K 392 -19.36 -91.71 14.06
C PHE K 392 -19.65 -92.77 15.09
N THR K 393 -20.65 -93.63 14.84
CA THR K 393 -20.99 -94.60 15.86
C THR K 393 -20.07 -95.82 15.77
N ASP K 394 -19.47 -96.05 14.61
CA ASP K 394 -18.57 -97.19 14.49
C ASP K 394 -17.18 -96.79 14.95
N SER K 395 -17.03 -95.53 15.38
CA SER K 395 -15.77 -94.98 15.82
C SER K 395 -15.86 -94.59 17.30
N GLY K 396 -16.85 -95.18 17.98
CA GLY K 396 -16.98 -94.99 19.42
C GLY K 396 -18.09 -94.09 19.97
N PHE K 397 -18.83 -93.33 19.17
CA PHE K 397 -19.88 -92.53 19.77
C PHE K 397 -21.20 -93.25 19.85
N GLU K 398 -21.97 -92.90 20.83
CA GLU K 398 -23.32 -93.44 20.92
C GLU K 398 -24.24 -92.38 20.35
N GLU K 399 -25.45 -92.78 19.96
CA GLU K 399 -26.40 -91.82 19.46
C GLU K 399 -26.64 -90.78 20.55
N LYS K 400 -26.57 -91.23 21.79
CA LYS K 400 -26.70 -90.38 22.95
C LYS K 400 -25.70 -89.23 22.95
N ASP K 401 -24.47 -89.44 22.45
CA ASP K 401 -23.48 -88.37 22.51
C ASP K 401 -23.77 -87.38 21.43
N LEU K 402 -24.24 -87.86 20.29
CA LEU K 402 -24.57 -86.98 19.20
C LEU K 402 -25.79 -86.13 19.58
N ASP K 403 -26.73 -86.73 20.32
CA ASP K 403 -27.91 -86.03 20.77
C ASP K 403 -27.60 -85.06 21.91
N ASP K 404 -26.72 -85.44 22.83
CA ASP K 404 -26.40 -84.54 23.91
C ASP K 404 -25.62 -83.34 23.42
N ALA K 405 -24.74 -83.54 22.44
CA ALA K 405 -23.99 -82.41 21.93
C ALA K 405 -24.94 -81.42 21.29
N ARG K 406 -25.94 -81.93 20.57
CA ARG K 406 -26.90 -81.07 19.94
C ARG K 406 -27.70 -80.30 20.99
N ALA K 407 -28.08 -80.99 22.06
CA ALA K 407 -28.85 -80.36 23.12
C ALA K 407 -28.10 -79.22 23.79
N LEU K 408 -26.79 -79.38 23.99
CA LEU K 408 -26.03 -78.30 24.60
C LEU K 408 -25.98 -77.10 23.70
N VAL K 409 -25.82 -77.34 22.41
CA VAL K 409 -25.78 -76.24 21.47
C VAL K 409 -27.11 -75.51 21.50
N GLN K 410 -28.21 -76.26 21.54
CA GLN K 410 -29.50 -75.59 21.57
C GLN K 410 -29.66 -74.80 22.84
N LYS K 411 -29.13 -75.28 23.97
CA LYS K 411 -29.28 -74.50 25.19
C LYS K 411 -28.63 -73.15 25.03
N VAL K 412 -27.45 -73.08 24.43
CA VAL K 412 -26.80 -71.79 24.26
C VAL K 412 -27.63 -70.90 23.34
N ILE K 413 -28.17 -71.45 22.26
CA ILE K 413 -28.98 -70.66 21.36
C ILE K 413 -30.20 -70.12 22.08
N ASP K 414 -30.87 -70.96 22.84
CA ASP K 414 -32.06 -70.52 23.54
C ASP K 414 -31.73 -69.46 24.56
N ASP K 415 -30.59 -69.56 25.25
CA ASP K 415 -30.24 -68.55 26.23
C ASP K 415 -29.94 -67.22 25.57
N TYR K 416 -29.24 -67.22 24.44
CA TYR K 416 -29.01 -65.95 23.78
C TYR K 416 -30.28 -65.32 23.28
N ARG K 417 -31.17 -66.13 22.72
CA ARG K 417 -32.38 -65.57 22.16
C ARG K 417 -33.33 -65.09 23.23
N LYS K 418 -33.47 -65.85 24.32
CA LYS K 418 -34.40 -65.43 25.35
C LYS K 418 -33.94 -64.12 25.93
N LEU K 419 -32.65 -64.01 26.22
CA LEU K 419 -32.15 -62.81 26.81
C LEU K 419 -32.45 -61.63 25.90
N THR K 420 -32.18 -61.80 24.61
CA THR K 420 -32.36 -60.74 23.63
C THR K 420 -33.81 -60.30 23.53
N GLU K 421 -34.75 -61.24 23.51
CA GLU K 421 -36.15 -60.84 23.44
C GLU K 421 -36.61 -60.19 24.74
N ASP K 422 -36.16 -60.68 25.89
CA ASP K 422 -36.59 -60.10 27.16
C ASP K 422 -36.13 -58.66 27.26
N ALA K 423 -34.97 -58.39 26.67
CA ALA K 423 -34.30 -57.11 26.69
C ALA K 423 -35.17 -55.97 26.21
N GLU K 424 -36.10 -56.20 25.31
CA GLU K 424 -36.87 -55.07 24.82
C GLU K 424 -37.65 -54.37 25.92
N ASN K 425 -38.09 -55.11 26.94
CA ASN K 425 -38.87 -54.53 28.00
C ASN K 425 -38.05 -54.25 29.25
N LEU K 426 -36.73 -54.38 29.18
CA LEU K 426 -35.94 -54.18 30.39
C LEU K 426 -35.62 -52.73 30.53
N TYR K 427 -36.08 -51.96 29.56
CA TYR K 427 -35.97 -50.52 29.53
C TYR K 427 -37.21 -49.79 30.05
N PHE K 428 -38.29 -50.52 30.50
CA PHE K 428 -39.56 -49.91 30.93
C PHE K 428 -40.05 -50.55 32.25
N ALA L 2 9.90 -31.32 60.62
CA ALA L 2 9.12 -31.37 59.36
C ALA L 2 8.03 -32.43 59.50
N ARG L 3 6.77 -32.04 59.38
CA ARG L 3 5.67 -33.04 59.42
C ARG L 3 5.71 -33.78 58.09
N GLU L 4 6.17 -35.03 58.09
CA GLU L 4 6.40 -35.74 56.81
C GLU L 4 5.21 -36.60 56.36
N VAL L 5 4.90 -36.55 55.06
CA VAL L 5 3.85 -37.36 54.45
C VAL L 5 4.35 -38.48 53.55
N ILE L 6 3.80 -39.68 53.71
CA ILE L 6 4.20 -40.81 52.85
C ILE L 6 3.16 -41.01 51.76
N THR L 7 3.58 -41.03 50.51
CA THR L 7 2.64 -41.16 49.41
C THR L 7 2.71 -42.57 48.83
N ILE L 8 1.57 -43.21 48.66
CA ILE L 8 1.52 -44.56 48.12
C ILE L 8 0.69 -44.56 46.83
N HIS L 9 1.22 -45.11 45.75
CA HIS L 9 0.48 -45.15 44.48
C HIS L 9 0.03 -46.57 44.23
N VAL L 10 -1.27 -46.79 44.14
CA VAL L 10 -1.76 -48.16 44.01
C VAL L 10 -2.57 -48.36 42.75
N GLY L 11 -2.18 -49.34 41.97
CA GLY L 11 -2.92 -49.67 40.76
C GLY L 11 -2.34 -49.01 39.55
N GLU L 12 -2.80 -49.43 38.39
CA GLU L 12 -2.24 -48.98 37.13
C GLU L 12 -2.37 -47.48 36.92
N LEU L 13 -3.50 -46.89 37.33
CA LEU L 13 -3.66 -45.46 37.12
C LEU L 13 -2.89 -44.67 38.16
N GLY L 14 -2.91 -45.09 39.43
CA GLY L 14 -2.21 -44.30 40.42
C GLY L 14 -0.74 -44.23 40.04
N ILE L 15 -0.23 -45.32 39.50
CA ILE L 15 1.14 -45.38 39.04
C ILE L 15 1.32 -44.53 37.80
N GLN L 16 0.38 -44.57 36.84
CA GLN L 16 0.47 -43.75 35.65
C GLN L 16 0.64 -42.30 35.94
N ILE L 17 -0.05 -41.83 36.97
CA ILE L 17 -0.01 -40.45 37.43
C ILE L 17 1.33 -40.09 38.05
N ALA L 18 1.93 -41.00 38.81
CA ALA L 18 3.16 -40.74 39.55
C ALA L 18 4.18 -39.85 38.82
N PRO L 19 4.63 -40.07 37.58
CA PRO L 19 5.61 -39.23 36.97
C PRO L 19 5.17 -37.79 36.80
N ASN L 20 3.88 -37.51 36.77
CA ASN L 20 3.49 -36.13 36.57
C ASN L 20 3.45 -35.46 37.90
N PHE L 21 3.00 -36.20 38.89
CA PHE L 21 2.91 -35.67 40.22
C PHE L 21 4.30 -35.35 40.72
N TRP L 22 5.21 -36.30 40.60
CA TRP L 22 6.54 -36.10 41.10
C TRP L 22 7.35 -35.12 40.29
N LYS L 23 7.14 -35.01 38.98
CA LYS L 23 7.87 -33.99 38.26
C LYS L 23 7.39 -32.63 38.71
N TYR L 24 6.09 -32.44 38.96
CA TYR L 24 5.69 -31.13 39.41
C TYR L 24 6.35 -30.77 40.71
N LEU L 25 6.44 -31.73 41.64
CA LEU L 25 7.06 -31.40 42.90
C LEU L 25 8.54 -31.11 42.73
N CYS L 26 9.21 -31.84 41.86
CA CYS L 26 10.64 -31.62 41.63
C CYS L 26 10.87 -30.23 41.07
N ASP L 27 10.04 -29.79 40.15
CA ASP L 27 10.29 -28.48 39.62
C ASP L 27 9.90 -27.43 40.61
N GLU L 28 8.83 -27.66 41.34
CA GLU L 28 8.33 -26.68 42.27
C GLU L 28 9.33 -26.33 43.35
N HIS L 29 10.07 -27.32 43.84
CA HIS L 29 11.06 -27.13 44.89
C HIS L 29 12.51 -26.96 44.41
N ASN L 30 12.72 -26.78 43.09
CA ASN L 30 14.05 -26.68 42.46
C ASN L 30 14.99 -27.88 42.60
N ILE L 31 14.46 -29.07 42.34
CA ILE L 31 15.18 -30.33 42.34
C ILE L 31 15.05 -30.91 40.95
N ASP L 32 16.11 -31.52 40.44
CA ASP L 32 16.06 -32.09 39.12
C ASP L 32 15.38 -33.45 39.16
N TYR L 33 15.23 -34.11 38.05
CA TYR L 33 14.47 -35.36 38.06
C TYR L 33 15.33 -36.53 38.47
N LYS L 34 16.60 -36.26 38.70
CA LYS L 34 17.53 -37.26 39.19
C LYS L 34 17.68 -37.12 40.69
N GLY L 35 16.94 -36.18 41.29
CA GLY L 35 17.03 -35.94 42.73
C GLY L 35 18.13 -34.97 43.11
N GLN L 36 18.82 -34.43 42.14
CA GLN L 36 19.92 -33.52 42.42
C GLN L 36 19.39 -32.12 42.62
N GLU L 37 20.07 -31.34 43.45
CA GLU L 37 19.61 -29.98 43.65
C GLU L 37 19.91 -29.14 42.44
N LYS L 38 19.03 -28.21 42.14
CA LYS L 38 19.17 -27.34 40.99
C LYS L 38 19.08 -25.89 41.42
N GLY L 39 20.11 -25.38 42.08
CA GLY L 39 20.02 -24.04 42.63
C GLY L 39 19.48 -24.09 44.04
N LYS L 40 18.81 -23.01 44.46
CA LYS L 40 18.34 -22.89 45.82
C LYS L 40 17.08 -23.71 46.07
N ILE L 41 17.06 -24.49 47.12
CA ILE L 41 15.88 -25.30 47.43
C ILE L 41 14.91 -24.47 48.20
N ARG L 42 13.65 -24.55 47.80
CA ARG L 42 12.62 -23.76 48.44
C ARG L 42 11.45 -24.61 48.88
N GLY L 43 10.80 -24.20 49.96
CA GLY L 43 9.64 -24.90 50.52
C GLY L 43 10.12 -25.94 51.52
N VAL L 44 9.22 -26.62 52.19
CA VAL L 44 9.65 -27.59 53.15
C VAL L 44 9.85 -28.88 52.43
N ILE L 45 11.02 -29.01 51.88
CA ILE L 45 11.33 -30.13 51.02
C ILE L 45 11.20 -31.46 51.70
N ASP L 46 11.54 -31.47 52.98
CA ASP L 46 11.53 -32.65 53.79
C ASP L 46 10.17 -33.30 53.90
N ASN L 47 9.09 -32.58 53.68
CA ASN L 47 7.82 -33.23 53.86
C ASN L 47 7.55 -34.32 52.83
N PHE L 48 8.07 -34.17 51.62
CA PHE L 48 7.84 -35.18 50.59
C PHE L 48 9.09 -35.91 50.13
N PHE L 49 10.27 -35.37 50.43
CA PHE L 49 11.49 -36.05 49.98
C PHE L 49 12.40 -36.43 51.11
N GLU L 50 12.96 -37.60 51.00
CA GLU L 50 13.92 -38.14 51.94
C GLU L 50 15.30 -37.70 51.53
N LYS L 51 16.13 -37.33 52.48
CA LYS L 51 17.48 -36.95 52.12
C LYS L 51 18.39 -38.16 52.18
N ALA L 52 19.11 -38.40 51.10
CA ALA L 52 20.04 -39.49 50.97
C ALA L 52 21.30 -39.23 51.77
N SER L 53 22.14 -40.25 51.90
CA SER L 53 23.44 -40.10 52.56
C SER L 53 24.38 -39.22 51.73
N ILE L 54 23.98 -38.98 50.50
CA ILE L 54 24.62 -38.19 49.48
C ILE L 54 23.69 -37.03 49.15
N GLY L 55 24.08 -36.15 48.22
CA GLY L 55 23.28 -34.96 47.90
C GLY L 55 21.88 -35.19 47.29
N LYS L 56 21.59 -36.40 46.87
CA LYS L 56 20.31 -36.77 46.26
C LYS L 56 19.07 -36.77 47.16
N TRP L 57 17.98 -36.21 46.65
CA TRP L 57 16.67 -36.27 47.28
C TRP L 57 15.90 -37.46 46.73
N ILE L 58 15.24 -38.19 47.59
CA ILE L 58 14.49 -39.38 47.22
C ILE L 58 12.99 -39.18 47.46
N PRO L 59 12.11 -39.39 46.51
CA PRO L 59 10.71 -39.16 46.75
C PRO L 59 10.30 -40.11 47.83
N ARG L 60 9.55 -39.65 48.79
CA ARG L 60 9.12 -40.51 49.87
C ARG L 60 7.87 -41.28 49.47
N THR L 61 8.08 -42.31 48.65
CA THR L 61 6.95 -43.03 48.07
C THR L 61 7.12 -44.51 47.76
N ILE L 62 5.98 -45.20 47.77
CA ILE L 62 5.83 -46.62 47.46
C ILE L 62 4.90 -46.88 46.26
N LEU L 63 5.33 -47.74 45.33
CA LEU L 63 4.49 -48.06 44.15
C LEU L 63 3.98 -49.50 44.19
N VAL L 64 2.66 -49.70 44.17
CA VAL L 64 2.10 -51.05 44.25
C VAL L 64 1.28 -51.45 43.00
N ASP L 65 1.64 -52.58 42.39
CA ASP L 65 0.99 -53.10 41.17
C ASP L 65 0.89 -54.62 41.22
N LEU L 66 -0.30 -55.19 41.01
CA LEU L 66 -0.42 -56.65 41.06
C LEU L 66 0.15 -57.31 39.81
N GLY L 67 0.44 -56.52 38.78
CA GLY L 67 1.12 -57.01 37.59
C GLY L 67 2.48 -56.30 37.62
N PRO L 68 3.39 -56.55 36.68
CA PRO L 68 4.68 -55.88 36.60
C PRO L 68 4.76 -54.62 35.73
N ASN L 69 3.71 -54.30 35.00
CA ASN L 69 3.88 -53.35 33.92
C ASN L 69 3.74 -51.87 34.22
N ALA L 70 2.90 -51.47 35.19
CA ALA L 70 2.78 -50.04 35.36
C ALA L 70 4.08 -49.54 35.95
N ILE L 71 4.64 -50.34 36.83
CA ILE L 71 5.87 -49.95 37.48
C ILE L 71 7.00 -50.01 36.51
N ARG L 72 7.11 -51.07 35.71
CA ARG L 72 8.22 -51.11 34.79
C ARG L 72 8.26 -49.89 33.90
N LYS L 73 7.13 -49.45 33.36
CA LYS L 73 7.21 -48.29 32.51
C LYS L 73 7.59 -47.04 33.30
N VAL L 74 7.01 -46.84 34.47
CA VAL L 74 7.35 -45.65 35.23
C VAL L 74 8.78 -45.55 35.68
N THR L 75 9.34 -46.63 36.19
CA THR L 75 10.67 -46.52 36.73
C THR L 75 11.77 -46.77 35.73
N LYS L 76 11.47 -47.41 34.59
CA LYS L 76 12.51 -47.66 33.60
C LYS L 76 12.43 -46.74 32.39
N LYS L 77 11.25 -46.20 32.04
CA LYS L 77 11.19 -45.37 30.86
C LYS L 77 10.79 -43.92 31.11
N ASP L 78 9.82 -43.67 31.97
CA ASP L 78 9.38 -42.27 32.13
C ASP L 78 10.16 -41.43 33.12
N MET L 79 10.56 -41.97 34.26
CA MET L 79 11.29 -41.12 35.18
C MET L 79 12.41 -41.94 35.82
N LYS L 80 13.42 -42.18 35.01
CA LYS L 80 14.52 -43.06 35.33
C LYS L 80 15.32 -42.57 36.51
N ASP L 81 15.71 -43.50 37.37
CA ASP L 81 16.58 -43.29 38.53
C ASP L 81 15.97 -42.44 39.64
N PHE L 82 14.70 -42.08 39.53
CA PHE L 82 14.09 -41.26 40.55
C PHE L 82 13.46 -42.06 41.66
N PHE L 83 12.77 -43.13 41.30
CA PHE L 83 12.04 -43.91 42.28
C PHE L 83 12.97 -44.99 42.79
N ASP L 84 12.89 -45.27 44.09
CA ASP L 84 13.70 -46.30 44.72
C ASP L 84 13.12 -47.69 44.44
N PRO L 85 13.82 -48.60 43.74
CA PRO L 85 13.33 -49.91 43.34
C PRO L 85 12.98 -50.80 44.52
N LYS L 86 13.50 -50.48 45.69
CA LYS L 86 13.23 -51.31 46.84
C LYS L 86 11.91 -50.93 47.49
N ARG L 87 11.26 -49.92 46.92
CA ARG L 87 9.98 -49.45 47.38
C ARG L 87 8.89 -49.80 46.36
N CYS L 88 9.21 -50.68 45.41
CA CYS L 88 8.24 -51.10 44.42
C CYS L 88 7.76 -52.51 44.69
N VAL L 89 6.46 -52.71 44.70
CA VAL L 89 5.88 -54.02 44.93
C VAL L 89 5.19 -54.53 43.70
N MET L 90 5.62 -55.67 43.19
CA MET L 90 5.02 -56.19 41.98
C MET L 90 4.57 -57.62 42.07
N GLY L 91 3.36 -57.84 41.60
CA GLY L 91 2.82 -59.18 41.49
C GLY L 91 3.00 -59.66 40.06
N LEU L 92 2.39 -60.80 39.74
CA LEU L 92 2.50 -61.34 38.40
C LEU L 92 1.16 -61.42 37.67
N ALA L 93 0.11 -61.79 38.38
CA ALA L 93 -1.18 -62.04 37.73
C ALA L 93 -2.01 -60.81 37.38
N GLY L 94 -1.76 -59.66 38.00
CA GLY L 94 -2.63 -58.53 37.73
C GLY L 94 -3.93 -58.77 38.47
N ASP L 95 -5.03 -58.18 38.01
CA ASP L 95 -6.27 -58.31 38.75
C ASP L 95 -7.51 -58.70 37.92
N ALA L 96 -7.37 -58.94 36.63
CA ALA L 96 -8.50 -59.32 35.76
C ALA L 96 -9.67 -58.35 35.88
N ASN L 97 -9.37 -57.10 36.25
CA ASN L 97 -10.30 -56.02 36.52
C ASN L 97 -11.26 -56.30 37.67
N LEU L 98 -10.96 -57.24 38.56
CA LEU L 98 -11.84 -57.55 39.65
C LEU L 98 -11.41 -57.07 41.02
N PHE L 99 -12.37 -56.45 41.73
CA PHE L 99 -12.22 -56.06 43.11
C PHE L 99 -11.79 -57.27 43.91
N ALA L 100 -12.42 -58.41 43.61
CA ALA L 100 -12.14 -59.60 44.35
C ALA L 100 -10.65 -59.96 44.39
N LYS L 101 -9.90 -59.74 43.31
CA LYS L 101 -8.50 -60.11 43.42
C LYS L 101 -7.74 -59.13 44.25
N GLY L 102 -8.04 -57.86 44.08
CA GLY L 102 -7.32 -56.86 44.84
C GLY L 102 -7.57 -56.95 46.35
N TYR L 103 -8.78 -57.31 46.77
CA TYR L 103 -9.10 -57.33 48.19
C TYR L 103 -9.16 -58.72 48.87
N TYR L 104 -9.48 -59.81 48.17
CA TYR L 104 -9.63 -61.09 48.87
C TYR L 104 -8.70 -62.21 48.41
N SER L 105 -8.61 -62.47 47.10
CA SER L 105 -7.90 -63.67 46.67
C SER L 105 -6.43 -63.59 46.25
N TYR L 106 -5.97 -62.44 45.78
CA TYR L 106 -4.59 -62.38 45.30
C TYR L 106 -3.81 -61.37 46.05
N GLY L 107 -4.35 -60.17 46.16
CA GLY L 107 -3.63 -59.05 46.74
C GLY L 107 -3.29 -59.24 48.21
N THR L 108 -3.96 -60.17 48.85
CA THR L 108 -3.76 -60.43 50.25
C THR L 108 -2.42 -61.07 50.51
N ARG L 109 -1.85 -61.77 49.53
CA ARG L 109 -0.59 -62.46 49.76
C ARG L 109 0.56 -61.48 49.74
N PHE L 110 0.31 -60.25 49.34
CA PHE L 110 1.35 -59.25 49.27
C PHE L 110 1.31 -58.34 50.45
N MET L 111 0.38 -58.56 51.39
CA MET L 111 0.32 -57.59 52.46
C MET L 111 1.51 -57.61 53.39
N GLU L 112 2.18 -58.74 53.55
CA GLU L 112 3.34 -58.71 54.43
C GLU L 112 4.43 -57.87 53.80
N GLU L 113 4.61 -58.02 52.49
CA GLU L 113 5.61 -57.28 51.76
C GLU L 113 5.31 -55.79 51.77
N ILE L 114 4.05 -55.45 51.59
CA ILE L 114 3.65 -54.06 51.53
C ILE L 114 3.80 -53.41 52.88
N MET L 115 3.35 -54.06 53.95
CA MET L 115 3.48 -53.43 55.25
C MET L 115 4.92 -53.35 55.69
N ASP L 116 5.77 -54.28 55.24
CA ASP L 116 7.17 -54.23 55.58
C ASP L 116 7.82 -53.04 54.91
N LYS L 117 7.49 -52.79 53.65
CA LYS L 117 8.06 -51.65 52.97
C LYS L 117 7.55 -50.35 53.59
N ILE L 118 6.28 -50.34 54.00
CA ILE L 118 5.79 -49.13 54.60
C ILE L 118 6.52 -48.89 55.88
N GLN L 119 6.71 -49.90 56.72
CA GLN L 119 7.43 -49.59 57.95
C GLN L 119 8.83 -49.10 57.67
N LYS L 120 9.52 -49.66 56.68
CA LYS L 120 10.85 -49.17 56.43
C LYS L 120 10.84 -47.69 56.08
N GLU L 121 9.79 -47.23 55.41
CA GLU L 121 9.65 -45.83 55.04
C GLU L 121 9.29 -44.99 56.29
N VAL L 122 8.42 -45.52 57.15
CA VAL L 122 7.99 -44.86 58.38
C VAL L 122 9.14 -44.70 59.34
N ASP L 123 9.99 -45.69 59.42
CA ASP L 123 11.13 -45.68 60.31
C ASP L 123 12.16 -44.60 59.97
N GLN L 124 12.05 -43.97 58.80
CA GLN L 124 13.03 -42.95 58.47
C GLN L 124 12.56 -41.59 58.94
N THR L 125 11.35 -41.49 59.50
CA THR L 125 10.84 -40.18 59.87
C THR L 125 10.39 -40.00 61.33
N GLU L 126 10.91 -38.93 61.94
CA GLU L 126 10.61 -38.57 63.34
C GLU L 126 9.19 -38.09 63.57
N HIS L 127 8.66 -37.33 62.63
CA HIS L 127 7.33 -36.77 62.78
C HIS L 127 6.49 -37.03 61.56
N LEU L 128 5.74 -38.11 61.60
CA LEU L 128 4.92 -38.50 60.48
C LEU L 128 3.54 -37.91 60.68
N GLN L 129 3.12 -37.14 59.71
CA GLN L 129 1.85 -36.45 59.72
C GLN L 129 0.75 -37.36 59.22
N GLY L 130 1.06 -38.09 58.17
CA GLY L 130 0.05 -38.95 57.58
C GLY L 130 0.44 -39.58 56.28
N PHE L 131 -0.55 -40.22 55.69
CA PHE L 131 -0.40 -40.93 54.42
C PHE L 131 -1.36 -40.46 53.38
N ILE L 132 -0.90 -40.47 52.12
CA ILE L 132 -1.77 -40.19 51.00
C ILE L 132 -1.77 -41.39 50.09
N VAL L 133 -2.94 -41.93 49.83
CA VAL L 133 -3.01 -43.09 48.95
C VAL L 133 -3.70 -42.68 47.67
N VAL L 134 -2.99 -42.83 46.57
CA VAL L 134 -3.50 -42.42 45.27
C VAL L 134 -3.94 -43.65 44.52
N HIS L 135 -5.21 -43.70 44.16
CA HIS L 135 -5.67 -44.91 43.51
C HIS L 135 -6.86 -44.71 42.62
N SER L 136 -6.99 -45.59 41.68
CA SER L 136 -8.17 -45.71 40.87
C SER L 136 -9.23 -46.36 41.68
N ILE L 137 -10.52 -46.11 41.44
CA ILE L 137 -11.58 -46.92 42.14
C ILE L 137 -12.23 -47.80 41.07
N GLY L 138 -11.64 -47.80 39.88
CA GLY L 138 -12.11 -48.55 38.72
C GLY L 138 -11.71 -50.00 38.72
N ASP L 139 -10.44 -50.24 38.39
CA ASP L 139 -9.82 -51.54 38.28
C ASP L 139 -9.65 -52.20 39.63
N GLY L 140 -9.52 -53.52 39.61
CA GLY L 140 -9.37 -54.31 40.81
C GLY L 140 -8.15 -54.00 41.66
N THR L 141 -7.01 -53.70 41.05
CA THR L 141 -5.87 -53.42 41.90
C THR L 141 -6.13 -52.17 42.70
N GLY L 142 -6.56 -51.09 42.05
CA GLY L 142 -6.84 -49.86 42.74
C GLY L 142 -8.00 -50.01 43.72
N ALA L 143 -9.14 -50.48 43.20
CA ALA L 143 -10.37 -50.63 43.97
C ALA L 143 -10.23 -51.60 45.13
N GLY L 144 -9.47 -52.66 44.94
CA GLY L 144 -9.26 -53.70 45.93
C GLY L 144 -8.12 -53.43 46.89
N LEU L 145 -6.89 -53.34 46.40
CA LEU L 145 -5.82 -53.14 47.33
C LEU L 145 -5.83 -51.82 48.02
N ALA L 146 -6.20 -50.72 47.38
CA ALA L 146 -6.01 -49.51 48.11
C ALA L 146 -6.71 -49.58 49.47
N PRO L 147 -8.00 -49.97 49.62
CA PRO L 147 -8.62 -50.17 50.91
C PRO L 147 -7.99 -51.28 51.75
N LEU L 148 -7.35 -52.27 51.14
CA LEU L 148 -6.77 -53.33 51.96
C LEU L 148 -5.57 -52.75 52.69
N ILE L 149 -4.82 -51.91 51.98
CA ILE L 149 -3.64 -51.25 52.48
C ILE L 149 -4.04 -50.25 53.52
N MET L 150 -5.07 -49.45 53.23
CA MET L 150 -5.51 -48.46 54.18
C MET L 150 -5.90 -49.09 55.50
N GLU L 151 -6.64 -50.21 55.48
CA GLU L 151 -7.02 -50.81 56.74
C GLU L 151 -5.81 -51.30 57.50
N ALA L 152 -4.84 -51.90 56.81
CA ALA L 152 -3.66 -52.39 57.49
C ALA L 152 -2.88 -51.27 58.17
N ILE L 153 -2.83 -50.10 57.54
CA ILE L 153 -2.15 -48.96 58.13
C ILE L 153 -2.93 -48.39 59.30
N LYS L 154 -4.24 -48.19 59.16
CA LYS L 154 -4.99 -47.58 60.26
C LYS L 154 -4.93 -48.42 61.52
N LYS L 155 -4.78 -49.73 61.37
CA LYS L 155 -4.76 -50.64 62.56
C LYS L 155 -3.39 -50.60 63.22
N LYS L 156 -2.39 -50.03 62.56
CA LYS L 156 -1.04 -50.00 63.08
C LYS L 156 -0.63 -48.60 63.53
N HIS L 157 -1.13 -47.60 62.83
CA HIS L 157 -0.80 -46.22 63.09
C HIS L 157 -2.09 -45.38 63.20
N PRO L 158 -2.94 -45.63 64.21
CA PRO L 158 -4.29 -45.09 64.36
C PRO L 158 -4.36 -43.59 64.58
N LYS L 159 -3.25 -42.98 64.94
CA LYS L 159 -3.22 -41.54 65.22
C LYS L 159 -2.86 -40.68 64.02
N LEU L 160 -2.57 -41.30 62.89
CA LEU L 160 -2.21 -40.54 61.71
C LEU L 160 -3.42 -40.20 60.88
N VAL L 161 -3.33 -39.14 60.09
CA VAL L 161 -4.44 -38.82 59.21
C VAL L 161 -4.23 -39.48 57.88
N MET L 162 -5.25 -40.18 57.40
CA MET L 162 -5.13 -40.80 56.11
C MET L 162 -6.03 -40.17 55.08
N MET L 163 -5.42 -39.78 53.97
CA MET L 163 -6.15 -39.18 52.90
C MET L 163 -6.06 -40.02 51.66
N SER L 164 -7.16 -40.16 50.95
CA SER L 164 -7.11 -40.87 49.70
C SER L 164 -7.44 -39.95 48.57
N TYR L 165 -6.91 -40.25 47.42
CA TYR L 165 -7.21 -39.53 46.20
C TYR L 165 -7.81 -40.55 45.28
N SER L 166 -9.14 -40.58 45.23
CA SER L 166 -9.92 -41.58 44.53
C SER L 166 -10.31 -41.11 43.16
N ILE L 167 -9.88 -41.83 42.15
CA ILE L 167 -10.15 -41.36 40.81
C ILE L 167 -11.20 -42.21 40.14
N VAL L 168 -12.31 -41.58 39.78
CA VAL L 168 -13.43 -42.28 39.18
C VAL L 168 -13.24 -42.29 37.67
N PRO L 169 -13.15 -43.46 37.04
CA PRO L 169 -12.97 -43.66 35.62
C PRO L 169 -14.15 -43.13 34.88
N SER L 170 -13.90 -42.76 33.66
CA SER L 170 -14.93 -42.31 32.75
C SER L 170 -15.86 -43.39 32.25
N GLN L 171 -16.99 -42.96 31.69
CA GLN L 171 -18.00 -43.82 31.07
C GLN L 171 -17.73 -44.01 29.58
N ASN L 172 -16.61 -43.48 29.10
CA ASN L 172 -16.20 -43.57 27.72
C ASN L 172 -14.74 -44.05 27.58
N MET L 173 -13.75 -43.17 27.61
CA MET L 173 -12.39 -43.61 27.31
C MET L 173 -11.84 -44.64 28.28
N ASP L 174 -12.26 -44.62 29.53
CA ASP L 174 -11.77 -45.55 30.52
C ASP L 174 -12.81 -46.60 30.86
N CYS L 175 -13.86 -46.72 30.08
CA CYS L 175 -14.94 -47.57 30.55
C CYS L 175 -14.65 -49.05 30.57
N SER L 176 -15.44 -49.71 31.41
CA SER L 176 -15.47 -51.14 31.65
C SER L 176 -16.87 -51.63 31.94
N THR L 177 -17.16 -52.83 31.52
CA THR L 177 -18.45 -53.46 31.67
C THR L 177 -18.76 -53.85 33.11
N ILE L 178 -17.75 -53.85 33.97
CA ILE L 178 -17.96 -54.15 35.38
C ILE L 178 -17.57 -53.00 36.28
N LEU L 179 -17.45 -51.81 35.72
CA LEU L 179 -17.09 -50.65 36.52
C LEU L 179 -17.99 -50.45 37.73
N PRO L 180 -19.34 -50.51 37.63
CA PRO L 180 -20.22 -50.33 38.74
C PRO L 180 -20.00 -51.32 39.88
N TYR L 181 -19.44 -52.50 39.62
CA TYR L 181 -19.28 -53.38 40.75
C TYR L 181 -18.08 -52.97 41.52
N ASN L 182 -17.03 -52.63 40.82
CA ASN L 182 -15.85 -52.30 41.57
C ASN L 182 -16.02 -50.98 42.29
N ALA L 183 -16.73 -50.03 41.68
CA ALA L 183 -16.90 -48.74 42.32
C ALA L 183 -17.71 -48.84 43.61
N ILE L 184 -18.78 -49.62 43.62
CA ILE L 184 -19.58 -49.71 44.84
C ILE L 184 -18.87 -50.54 45.88
N LEU L 185 -18.27 -51.65 45.47
CA LEU L 185 -17.60 -52.50 46.42
C LEU L 185 -16.46 -51.78 47.10
N SER L 186 -15.73 -50.93 46.36
CA SER L 186 -14.65 -50.19 46.99
C SER L 186 -15.08 -48.93 47.74
N LEU L 187 -16.18 -48.25 47.35
CA LEU L 187 -16.63 -47.10 48.13
C LEU L 187 -17.04 -47.59 49.50
N ASP L 188 -17.56 -48.80 49.55
CA ASP L 188 -17.96 -49.41 50.79
C ASP L 188 -16.80 -49.52 51.76
N LYS L 189 -15.57 -49.67 51.29
CA LYS L 189 -14.47 -49.83 52.22
C LYS L 189 -13.86 -48.48 52.50
N LEU L 190 -13.88 -47.58 51.50
CA LEU L 190 -13.28 -46.27 51.70
C LEU L 190 -14.02 -45.53 52.78
N THR L 191 -15.31 -45.83 52.88
CA THR L 191 -16.18 -45.25 53.87
C THR L 191 -15.63 -45.44 55.28
N SER L 192 -15.04 -46.59 55.60
CA SER L 192 -14.50 -46.75 56.95
C SER L 192 -12.98 -46.55 57.02
N CYS L 193 -12.29 -46.65 55.88
CA CYS L 193 -10.83 -46.55 55.79
C CYS L 193 -10.21 -45.17 55.89
N ALA L 194 -10.66 -44.23 55.06
CA ALA L 194 -10.02 -42.93 54.98
C ALA L 194 -10.61 -41.92 55.93
N ASP L 195 -9.82 -40.93 56.32
CA ASP L 195 -10.34 -39.83 57.11
C ASP L 195 -10.83 -38.76 56.16
N ILE L 196 -10.10 -38.60 55.08
CA ILE L 196 -10.41 -37.63 54.03
C ILE L 196 -10.41 -38.37 52.70
N SER L 197 -11.43 -38.20 51.87
CA SER L 197 -11.38 -38.88 50.58
C SER L 197 -11.75 -37.94 49.46
N MET L 198 -10.80 -37.68 48.57
CA MET L 198 -11.06 -36.74 47.50
C MET L 198 -11.63 -37.49 46.32
N ILE L 199 -12.66 -36.98 45.69
CA ILE L 199 -13.16 -37.61 44.50
C ILE L 199 -12.96 -36.78 43.28
N ILE L 200 -12.25 -37.34 42.32
CA ILE L 200 -12.01 -36.66 41.06
C ILE L 200 -12.67 -37.48 39.98
N ASP L 201 -13.50 -36.84 39.17
CA ASP L 201 -14.22 -37.53 38.10
C ASP L 201 -13.58 -37.34 36.71
N ASN L 202 -13.08 -38.42 36.09
CA ASN L 202 -12.40 -38.24 34.80
C ASN L 202 -13.32 -37.71 33.72
N ASP L 203 -14.63 -37.91 33.82
CA ASP L 203 -15.48 -37.36 32.77
C ASP L 203 -15.53 -35.85 32.84
N SER L 204 -15.34 -35.29 34.03
CA SER L 204 -15.35 -33.85 34.13
C SER L 204 -14.06 -33.37 33.53
N ILE L 205 -12.98 -34.09 33.77
CA ILE L 205 -11.73 -33.63 33.21
C ILE L 205 -11.80 -33.66 31.71
N TYR L 206 -12.35 -34.72 31.14
CA TYR L 206 -12.38 -34.75 29.70
C TYR L 206 -13.23 -33.62 29.10
N ARG L 207 -14.41 -33.31 29.69
CA ARG L 207 -15.19 -32.23 29.08
C ARG L 207 -14.64 -30.84 29.37
N ILE L 208 -13.98 -30.67 30.50
CA ILE L 208 -13.44 -29.38 30.84
C ILE L 208 -12.25 -29.06 29.98
N VAL L 209 -11.36 -30.01 29.80
CA VAL L 209 -10.21 -29.75 28.97
C VAL L 209 -10.66 -29.56 27.55
N ALA L 210 -11.59 -30.38 27.05
CA ALA L 210 -12.06 -30.21 25.70
C ALA L 210 -12.65 -28.82 25.48
N THR L 211 -13.34 -28.29 26.47
CA THR L 211 -13.90 -26.95 26.36
C THR L 211 -12.79 -25.92 26.25
N GLN L 212 -11.77 -26.03 27.11
CA GLN L 212 -10.66 -25.07 27.10
C GLN L 212 -9.87 -25.17 25.81
N GLY L 213 -9.82 -26.37 25.28
CA GLY L 213 -9.09 -26.68 24.07
C GLY L 213 -9.91 -26.47 22.81
N LYS L 214 -11.09 -25.89 22.88
CA LYS L 214 -11.90 -25.78 21.66
C LYS L 214 -11.21 -24.93 20.59
N GLU L 215 -10.27 -24.08 21.00
CA GLU L 215 -9.51 -23.22 20.12
C GLU L 215 -8.19 -23.80 19.63
N ASN L 216 -7.80 -25.00 20.08
CA ASN L 216 -6.49 -25.53 19.71
C ASN L 216 -6.40 -27.06 19.71
N GLU L 217 -5.21 -27.59 19.41
CA GLU L 217 -5.03 -29.04 19.34
C GLU L 217 -4.56 -29.70 20.64
N LEU L 218 -4.38 -28.91 21.70
CA LEU L 218 -3.89 -29.43 22.96
C LEU L 218 -2.66 -30.33 22.81
N SER L 219 -2.66 -31.41 23.59
CA SER L 219 -1.66 -32.46 23.66
C SER L 219 -2.34 -33.62 24.31
N GLU L 220 -2.01 -34.84 23.97
CA GLU L 220 -2.67 -35.96 24.63
C GLU L 220 -2.27 -36.10 26.09
N SER L 221 -1.16 -35.47 26.48
CA SER L 221 -0.69 -35.54 27.85
C SER L 221 -1.48 -34.65 28.81
N ILE L 222 -2.31 -33.76 28.27
CA ILE L 222 -3.02 -32.82 29.10
C ILE L 222 -3.98 -33.44 30.10
N PHE L 223 -4.55 -34.58 29.79
CA PHE L 223 -5.52 -35.13 30.69
C PHE L 223 -4.84 -35.60 31.97
N ASP L 224 -3.65 -36.18 31.83
CA ASP L 224 -2.91 -36.66 32.97
C ASP L 224 -2.29 -35.51 33.73
N GLN L 225 -1.91 -34.44 33.03
CA GLN L 225 -1.31 -33.34 33.75
C GLN L 225 -2.36 -32.70 34.64
N VAL L 226 -3.60 -32.57 34.17
CA VAL L 226 -4.62 -31.95 35.01
C VAL L 226 -4.92 -32.80 36.23
N LEU L 227 -5.03 -34.10 36.05
CA LEU L 227 -5.33 -34.96 37.17
C LEU L 227 -4.20 -34.94 38.22
N ALA L 228 -2.94 -35.01 37.76
CA ALA L 228 -1.81 -34.97 38.66
C ALA L 228 -1.69 -33.63 39.36
N LYS L 229 -1.95 -32.55 38.64
CA LYS L 229 -1.84 -31.23 39.19
C LYS L 229 -2.82 -31.02 40.29
N ALA L 230 -4.04 -31.51 40.14
CA ALA L 230 -4.96 -31.28 41.22
C ALA L 230 -4.40 -31.85 42.51
N LEU L 231 -3.75 -33.01 42.50
CA LEU L 231 -3.21 -33.47 43.78
C LEU L 231 -2.10 -32.57 44.28
N VAL L 232 -1.26 -32.08 43.37
CA VAL L 232 -0.13 -31.24 43.76
C VAL L 232 -0.63 -29.98 44.44
N GLU L 233 -1.68 -29.37 43.88
CA GLU L 233 -2.22 -28.15 44.44
C GLU L 233 -2.91 -28.41 45.78
N ILE L 234 -3.58 -29.55 45.96
CA ILE L 234 -4.25 -29.86 47.22
C ILE L 234 -3.19 -29.88 48.31
N THR L 235 -2.06 -30.47 47.98
CA THR L 235 -0.93 -30.60 48.87
C THR L 235 -0.01 -29.38 48.98
N ALA L 236 -0.28 -28.31 48.26
CA ALA L 236 0.64 -27.17 48.30
C ALA L 236 0.78 -26.60 49.70
N THR L 237 -0.29 -26.63 50.48
CA THR L 237 -0.25 -26.03 51.79
C THR L 237 0.47 -26.92 52.78
N LEU L 238 0.76 -28.16 52.39
CA LEU L 238 1.46 -29.06 53.28
C LEU L 238 2.95 -28.97 53.00
N ARG L 239 3.33 -28.21 51.98
CA ARG L 239 4.71 -28.10 51.55
C ARG L 239 5.29 -26.71 51.73
N PHE L 240 4.43 -25.71 51.73
CA PHE L 240 4.87 -24.34 51.90
C PHE L 240 4.33 -23.82 53.21
N ASN L 241 4.95 -22.79 53.78
CA ASN L 241 4.46 -22.29 55.07
C ASN L 241 3.27 -21.38 54.87
N SER L 242 2.17 -22.02 54.56
CA SER L 242 0.89 -21.45 54.20
C SER L 242 0.07 -21.09 55.44
N PRO L 243 -0.87 -20.12 55.38
CA PRO L 243 -1.73 -19.84 56.52
C PRO L 243 -3.03 -20.66 56.41
N LEU L 244 -2.97 -21.80 55.71
CA LEU L 244 -4.19 -22.62 55.49
C LEU L 244 -3.80 -24.10 55.36
N ASN L 245 -4.71 -25.02 55.70
CA ASN L 245 -4.48 -26.45 55.60
C ASN L 245 -3.03 -26.78 55.96
N ARG L 246 -2.52 -26.09 56.98
CA ARG L 246 -1.16 -26.25 57.44
C ARG L 246 -0.76 -27.70 57.62
N SER L 247 -1.72 -28.54 58.01
CA SER L 247 -1.46 -29.94 58.21
C SER L 247 -2.68 -30.76 57.86
N MET L 248 -2.50 -32.06 57.68
CA MET L 248 -3.59 -32.97 57.35
C MET L 248 -4.64 -33.00 58.44
N MET L 249 -4.21 -32.81 59.68
CA MET L 249 -5.15 -32.79 60.78
C MET L 249 -6.07 -31.58 60.69
N GLU L 250 -5.56 -30.48 60.15
CA GLU L 250 -6.37 -29.24 60.03
C GLU L 250 -7.30 -29.39 58.82
N MET L 251 -6.88 -30.13 57.80
CA MET L 251 -7.80 -30.33 56.69
C MET L 251 -8.99 -31.13 57.17
N SER L 252 -8.72 -32.12 58.01
CA SER L 252 -9.77 -32.95 58.53
C SER L 252 -10.74 -32.15 59.39
N THR L 253 -10.20 -31.31 60.29
CA THR L 253 -11.08 -30.53 61.20
C THR L 253 -11.87 -29.46 60.42
N ASN L 254 -11.32 -28.92 59.33
CA ASN L 254 -11.97 -27.88 58.57
C ASN L 254 -13.07 -28.41 57.67
N LEU L 255 -12.87 -29.59 57.11
CA LEU L 255 -13.79 -30.14 56.13
C LEU L 255 -14.73 -31.27 56.54
N VAL L 256 -14.41 -32.09 57.54
CA VAL L 256 -15.25 -33.26 57.83
C VAL L 256 -15.97 -33.23 59.18
N PRO L 257 -17.24 -32.79 59.28
CA PRO L 257 -18.00 -32.71 60.54
C PRO L 257 -18.46 -34.03 61.15
N PHE L 258 -18.60 -35.06 60.33
CA PHE L 258 -19.03 -36.35 60.81
C PHE L 258 -18.12 -37.39 60.21
N PRO L 259 -17.78 -38.49 60.90
CA PRO L 259 -16.91 -39.54 60.40
C PRO L 259 -17.25 -40.08 59.01
N ARG L 260 -18.53 -40.15 58.65
CA ARG L 260 -18.87 -40.67 57.34
C ARG L 260 -18.91 -39.62 56.25
N ASN L 261 -19.09 -38.35 56.59
CA ASN L 261 -19.22 -37.35 55.55
C ASN L 261 -17.89 -36.76 55.18
N HIS L 262 -17.02 -37.61 54.68
CA HIS L 262 -15.67 -37.20 54.34
C HIS L 262 -15.34 -37.16 52.86
N PHE L 263 -16.33 -37.31 52.00
CA PHE L 263 -16.04 -37.33 50.58
C PHE L 263 -16.07 -35.92 50.02
N LEU L 264 -14.95 -35.47 49.49
CA LEU L 264 -14.79 -34.10 49.03
C LEU L 264 -14.61 -33.90 47.54
N MET L 265 -15.10 -32.75 47.08
CA MET L 265 -15.00 -32.32 45.70
C MET L 265 -13.99 -31.23 45.52
N THR L 266 -13.43 -31.09 44.33
CA THR L 266 -12.51 -29.98 44.11
C THR L 266 -12.83 -29.17 42.89
N SER L 267 -12.25 -28.00 42.87
CA SER L 267 -12.34 -27.05 41.77
C SER L 267 -11.01 -26.40 41.55
N MET L 268 -10.60 -26.27 40.30
CA MET L 268 -9.26 -25.72 40.04
C MET L 268 -9.19 -24.74 38.90
N SER L 269 -8.37 -23.72 39.09
CA SER L 269 -8.13 -22.71 38.06
C SER L 269 -6.67 -22.25 38.16
N PRO L 270 -5.97 -22.12 37.02
CA PRO L 270 -6.34 -22.26 35.62
C PRO L 270 -6.32 -23.66 35.00
N LEU L 271 -6.40 -24.72 35.78
CA LEU L 271 -6.34 -26.12 35.33
C LEU L 271 -4.95 -26.53 34.91
N GLU L 272 -4.39 -25.85 33.92
CA GLU L 272 -3.01 -26.07 33.53
C GLU L 272 -2.43 -24.81 32.91
N THR L 273 -1.16 -24.57 33.19
CA THR L 273 -0.46 -23.40 32.71
C THR L 273 -0.47 -23.31 31.19
N SER L 274 -0.27 -24.45 30.54
CA SER L 274 -0.25 -24.54 29.09
C SER L 274 -1.62 -24.34 28.44
N LEU L 275 -2.68 -24.43 29.25
CA LEU L 275 -4.06 -24.16 28.73
C LEU L 275 -4.29 -22.65 28.75
N THR L 276 -3.68 -21.96 29.71
CA THR L 276 -3.84 -20.48 29.82
C THR L 276 -2.48 -19.81 29.52
N SER L 277 -2.23 -19.48 28.25
CA SER L 277 -0.92 -18.88 27.86
C SER L 277 -1.12 -17.44 27.41
N ALA L 278 -0.05 -16.79 26.91
CA ALA L 278 -0.13 -15.39 26.44
C ALA L 278 -0.56 -14.48 27.59
N HIS L 279 -1.52 -13.58 27.34
CA HIS L 279 -1.94 -12.60 28.39
C HIS L 279 -2.86 -13.30 29.39
N GLN L 280 -2.32 -13.63 30.56
CA GLN L 280 -3.13 -14.37 31.56
C GLN L 280 -3.12 -13.59 32.88
N LYS L 281 -3.31 -12.28 32.79
CA LYS L 281 -3.40 -11.48 34.03
C LYS L 281 -4.73 -11.82 34.69
N ILE L 282 -4.80 -12.94 35.40
CA ILE L 282 -6.07 -13.34 36.08
C ILE L 282 -6.16 -12.56 37.38
N GLU L 283 -7.02 -11.54 37.42
CA GLU L 283 -7.13 -10.68 38.62
C GLU L 283 -7.75 -11.49 39.76
N THR L 284 -7.43 -11.13 41.01
CA THR L 284 -7.98 -11.85 42.18
C THR L 284 -9.49 -12.05 41.99
N LYS L 285 -10.17 -11.08 41.36
CA LYS L 285 -11.64 -11.13 41.24
C LYS L 285 -12.07 -12.26 40.30
N GLU L 286 -11.43 -12.42 39.14
CA GLU L 286 -11.88 -13.44 38.22
C GLU L 286 -11.51 -14.79 38.75
N LEU L 287 -10.35 -14.92 39.40
CA LEU L 287 -9.98 -16.23 39.88
C LEU L 287 -11.04 -16.78 40.81
N MET L 288 -11.56 -15.97 41.73
CA MET L 288 -12.56 -16.55 42.60
C MET L 288 -13.88 -16.83 41.94
N GLN L 289 -14.22 -16.13 40.86
CA GLN L 289 -15.46 -16.49 40.21
C GLN L 289 -15.25 -17.78 39.42
N ASP L 290 -14.05 -17.97 38.87
CA ASP L 290 -13.75 -19.16 38.08
C ASP L 290 -13.82 -20.40 38.94
N LEU L 291 -13.40 -20.29 40.18
CA LEU L 291 -13.38 -21.43 41.06
C LEU L 291 -14.76 -21.97 41.46
N ILE L 292 -15.85 -21.25 41.22
CA ILE L 292 -17.16 -21.84 41.50
C ILE L 292 -17.95 -21.96 40.20
N ASP L 293 -17.26 -21.85 39.08
CA ASP L 293 -17.84 -21.99 37.76
C ASP L 293 -17.98 -23.45 37.40
N GLN L 294 -18.95 -23.77 36.58
CA GLN L 294 -19.12 -25.15 36.18
C GLN L 294 -17.92 -25.73 35.47
N ASP L 295 -17.19 -24.93 34.72
CA ASP L 295 -16.13 -25.50 33.93
C ASP L 295 -14.84 -25.68 34.69
N HIS L 296 -14.83 -25.39 35.97
CA HIS L 296 -13.66 -25.60 36.77
C HIS L 296 -13.87 -26.66 37.84
N ILE L 297 -15.05 -27.29 37.86
CA ILE L 297 -15.31 -28.26 38.91
C ILE L 297 -15.07 -29.66 38.39
N LEU L 298 -14.21 -30.41 39.06
CA LEU L 298 -13.83 -31.72 38.55
C LEU L 298 -14.77 -32.80 39.08
N ALA L 299 -16.05 -32.58 38.83
CA ALA L 299 -17.15 -33.44 39.23
C ALA L 299 -18.38 -33.00 38.47
N PRO L 300 -19.39 -33.84 38.25
CA PRO L 300 -20.64 -33.45 37.62
C PRO L 300 -21.53 -32.73 38.62
N ILE L 301 -21.01 -31.63 39.13
CA ILE L 301 -21.64 -30.84 40.16
C ILE L 301 -21.72 -29.36 39.85
N THR L 302 -22.90 -28.82 40.07
CA THR L 302 -23.18 -27.41 39.96
C THR L 302 -23.28 -26.95 41.39
N VAL L 303 -22.55 -25.91 41.79
CA VAL L 303 -22.59 -25.56 43.21
C VAL L 303 -23.94 -25.05 43.63
N GLU L 304 -24.65 -24.42 42.70
CA GLU L 304 -25.97 -23.87 42.91
C GLU L 304 -27.03 -24.93 43.16
N LYS L 305 -26.74 -26.19 42.84
CA LYS L 305 -27.71 -27.26 43.00
C LYS L 305 -27.23 -28.25 44.04
N GLY L 306 -27.43 -27.92 45.30
CA GLY L 306 -26.96 -28.71 46.40
C GLY L 306 -26.58 -27.81 47.56
N VAL L 307 -26.13 -28.41 48.65
CA VAL L 307 -25.82 -27.67 49.86
C VAL L 307 -24.41 -27.93 50.38
N PHE L 308 -23.73 -26.85 50.75
CA PHE L 308 -22.40 -26.92 51.31
C PHE L 308 -22.43 -27.19 52.78
N THR L 309 -21.46 -27.95 53.24
CA THR L 309 -21.26 -28.21 54.64
C THR L 309 -19.97 -27.54 55.07
N ALA L 310 -19.02 -27.48 54.15
CA ALA L 310 -17.72 -26.85 54.40
C ALA L 310 -17.14 -26.35 53.11
N PHE L 311 -16.37 -25.27 53.15
CA PHE L 311 -15.78 -24.77 51.92
C PHE L 311 -14.49 -24.00 52.13
N VAL L 312 -13.40 -24.54 51.61
CA VAL L 312 -12.10 -23.88 51.78
C VAL L 312 -11.46 -23.54 50.45
N ILE L 313 -11.10 -22.28 50.29
CA ILE L 313 -10.47 -21.80 49.07
C ILE L 313 -9.00 -21.47 49.29
N ALA L 314 -8.13 -22.22 48.64
CA ALA L 314 -6.70 -22.01 48.80
C ALA L 314 -6.11 -21.40 47.55
N LEU L 315 -5.62 -20.19 47.67
CA LEU L 315 -5.11 -19.47 46.53
C LEU L 315 -3.60 -19.40 46.63
N ARG L 316 -2.95 -19.07 45.53
CA ARG L 316 -1.52 -18.89 45.54
C ARG L 316 -1.22 -17.56 44.87
N GLY L 317 -0.25 -16.83 45.41
CA GLY L 317 0.16 -15.54 44.86
C GLY L 317 -0.50 -14.42 45.62
N GLU L 318 -0.20 -13.18 45.27
CA GLU L 318 -0.84 -12.11 46.01
C GLU L 318 -2.31 -12.08 45.67
N ASN L 319 -3.10 -12.08 46.72
CA ASN L 319 -4.54 -12.09 46.70
C ASN L 319 -5.05 -11.24 47.86
N PRO L 320 -5.20 -9.94 47.70
CA PRO L 320 -5.54 -9.02 48.78
C PRO L 320 -6.78 -9.51 49.47
N HIS L 321 -6.79 -9.43 50.78
CA HIS L 321 -7.90 -9.98 51.53
C HIS L 321 -9.18 -9.22 51.35
N SER L 322 -9.13 -7.94 51.05
CA SER L 322 -10.34 -7.17 50.85
C SER L 322 -11.05 -7.61 49.59
N ILE L 323 -10.33 -8.22 48.66
CA ILE L 323 -10.94 -8.66 47.45
C ILE L 323 -11.53 -9.99 47.73
N LEU L 324 -10.81 -10.81 48.48
CA LEU L 324 -11.32 -12.13 48.72
C LEU L 324 -12.63 -12.02 49.47
N GLN L 325 -12.74 -11.06 50.39
CA GLN L 325 -13.98 -10.93 51.13
C GLN L 325 -15.10 -10.42 50.26
N ASN L 326 -14.84 -9.51 49.34
CA ASN L 326 -15.95 -9.08 48.51
C ASN L 326 -16.37 -10.18 47.55
N SER L 327 -15.42 -11.00 47.10
CA SER L 327 -15.76 -12.10 46.21
C SER L 327 -16.63 -13.10 46.93
N ILE L 328 -16.34 -13.38 48.19
CA ILE L 328 -17.16 -14.32 48.94
C ILE L 328 -18.53 -13.75 49.17
N LYS L 329 -18.64 -12.50 49.57
CA LYS L 329 -19.96 -11.95 49.82
C LYS L 329 -20.79 -11.99 48.54
N GLY L 330 -20.13 -11.78 47.42
CA GLY L 330 -20.71 -11.74 46.09
C GLY L 330 -21.13 -13.11 45.58
N PHE L 331 -20.87 -14.18 46.34
CA PHE L 331 -21.31 -15.49 45.95
C PHE L 331 -22.83 -15.54 46.09
N GLY L 332 -23.40 -14.71 46.98
CA GLY L 332 -24.84 -14.69 47.12
C GLY L 332 -25.39 -16.02 47.54
N ASP L 333 -26.40 -16.49 46.82
CA ASP L 333 -27.03 -17.76 47.10
C ASP L 333 -26.55 -18.86 46.20
N ARG L 334 -25.42 -18.64 45.50
CA ARG L 334 -24.86 -19.69 44.69
C ARG L 334 -24.16 -20.66 45.61
N VAL L 335 -23.65 -20.14 46.70
CA VAL L 335 -22.98 -20.93 47.70
C VAL L 335 -23.80 -20.89 48.95
N LYS L 336 -24.55 -21.95 49.21
CA LYS L 336 -25.44 -21.97 50.34
C LYS L 336 -25.22 -23.18 51.21
N PHE L 337 -25.40 -22.97 52.52
CA PHE L 337 -25.18 -24.05 53.52
C PHE L 337 -26.50 -24.32 54.23
N SER L 338 -26.47 -25.13 55.30
CA SER L 338 -27.70 -25.41 56.08
C SER L 338 -28.01 -24.22 56.98
N GLU L 339 -29.19 -24.22 57.61
CA GLU L 339 -29.55 -23.12 58.55
C GLU L 339 -28.88 -23.42 59.91
N ILE L 340 -28.25 -24.59 60.03
CA ILE L 340 -27.54 -24.94 61.29
C ILE L 340 -26.05 -24.59 61.12
N PHE L 341 -25.67 -23.90 60.04
CA PHE L 341 -24.29 -23.50 59.93
C PHE L 341 -24.19 -22.03 59.53
N PRO L 342 -23.15 -21.33 59.95
CA PRO L 342 -22.80 -20.04 59.45
C PRO L 342 -22.23 -20.30 58.09
N THR L 343 -22.19 -19.31 57.21
CA THR L 343 -21.57 -19.54 55.91
C THR L 343 -20.07 -19.54 56.04
N ALA L 344 -19.57 -20.64 56.54
CA ALA L 344 -18.18 -20.82 56.88
C ALA L 344 -17.31 -21.07 55.68
N ILE L 345 -17.09 -20.02 54.93
CA ILE L 345 -16.26 -20.07 53.74
C ILE L 345 -14.93 -19.45 54.10
N LYS L 346 -13.85 -20.22 54.02
CA LYS L 346 -12.53 -19.71 54.46
C LYS L 346 -11.58 -19.58 53.26
N ALA L 347 -10.94 -18.42 53.12
CA ALA L 347 -10.05 -18.22 51.98
C ALA L 347 -8.82 -17.44 52.37
N ASP L 348 -7.69 -17.82 51.76
CA ASP L 348 -6.43 -17.10 51.94
C ASP L 348 -5.45 -17.56 50.87
N SER L 349 -4.22 -17.01 50.85
CA SER L 349 -3.25 -17.45 49.86
C SER L 349 -1.83 -17.73 50.34
N THR L 350 -1.16 -18.60 49.57
CA THR L 350 0.21 -19.04 49.80
C THR L 350 1.15 -18.75 48.63
N THR L 351 2.36 -19.25 48.76
CA THR L 351 3.46 -19.06 47.81
C THR L 351 3.32 -19.66 46.41
N LEU L 352 3.63 -18.81 45.41
CA LEU L 352 3.61 -19.26 44.00
C LEU L 352 5.03 -19.60 43.54
N THR L 353 5.19 -20.71 42.83
CA THR L 353 6.40 -21.27 42.32
C THR L 353 6.51 -21.27 40.80
N ASP L 354 5.37 -21.13 40.12
CA ASP L 354 5.27 -21.21 38.67
C ASP L 354 5.40 -19.82 38.07
N GLU L 355 6.53 -19.56 37.42
CA GLU L 355 6.87 -18.25 36.91
C GLU L 355 5.96 -17.76 35.78
N LYS L 356 5.14 -18.64 35.22
CA LYS L 356 4.26 -18.24 34.15
C LYS L 356 2.90 -17.75 34.61
N LEU L 357 2.57 -17.92 35.89
CA LEU L 357 1.25 -17.53 36.35
C LEU L 357 1.25 -16.44 37.38
N ALA L 358 0.42 -15.45 37.17
CA ALA L 358 0.27 -14.37 38.14
C ALA L 358 -0.28 -14.86 39.47
N ARG L 359 -1.19 -15.82 39.40
CA ARG L 359 -1.84 -16.40 40.57
C ARG L 359 -2.60 -17.63 40.17
N SER L 360 -3.00 -18.41 41.15
CA SER L 360 -3.78 -19.62 40.88
C SER L 360 -4.54 -20.06 42.11
N GLY L 361 -5.39 -21.07 41.97
CA GLY L 361 -6.03 -21.60 43.17
C GLY L 361 -6.83 -22.88 43.00
N ILE L 362 -7.18 -23.46 44.14
CA ILE L 362 -7.94 -24.69 44.22
C ILE L 362 -8.89 -24.66 45.40
N THR L 363 -10.04 -25.30 45.28
CA THR L 363 -10.90 -25.35 46.45
C THR L 363 -11.19 -26.77 46.83
N LEU L 364 -11.53 -26.92 48.12
CA LEU L 364 -11.96 -28.19 48.68
C LEU L 364 -13.38 -28.01 49.19
N MET L 365 -14.29 -28.82 48.69
CA MET L 365 -15.67 -28.65 49.06
C MET L 365 -16.32 -29.86 49.66
N ASN L 366 -17.08 -29.65 50.71
CA ASN L 366 -17.85 -30.74 51.26
C ASN L 366 -19.26 -30.34 50.88
N HIS L 367 -19.78 -30.99 49.86
CA HIS L 367 -21.03 -30.61 49.21
C HIS L 367 -21.87 -31.83 48.90
N SER L 368 -23.18 -31.70 49.10
CA SER L 368 -24.14 -32.79 48.93
C SER L 368 -24.22 -33.35 47.54
N GLY L 369 -23.69 -32.64 46.54
CA GLY L 369 -23.70 -33.09 45.16
C GLY L 369 -22.93 -34.38 44.95
N VAL L 370 -22.08 -34.75 45.90
CA VAL L 370 -21.38 -36.02 45.77
C VAL L 370 -22.33 -37.17 45.73
N ALA L 371 -23.47 -37.04 46.40
CA ALA L 371 -24.47 -38.05 46.48
C ALA L 371 -25.01 -38.40 45.12
N ASN L 372 -24.95 -37.47 44.17
CA ASN L 372 -25.47 -37.72 42.84
C ASN L 372 -24.56 -38.66 42.08
N LEU L 373 -23.26 -38.62 42.34
CA LEU L 373 -22.33 -39.50 41.65
C LEU L 373 -22.50 -40.88 42.22
N PHE L 374 -22.67 -40.94 43.52
CA PHE L 374 -22.84 -42.21 44.15
C PHE L 374 -24.14 -42.84 43.66
N GLN L 375 -25.23 -42.05 43.55
CA GLN L 375 -26.47 -42.66 43.10
C GLN L 375 -26.36 -43.11 41.66
N PHE L 376 -25.65 -42.37 40.82
CA PHE L 376 -25.50 -42.78 39.44
C PHE L 376 -24.87 -44.15 39.37
N LEU L 377 -23.76 -44.33 40.07
CA LEU L 377 -23.05 -45.58 40.06
C LEU L 377 -23.85 -46.68 40.73
N LEU L 378 -24.59 -46.34 41.78
CA LEU L 378 -25.37 -47.34 42.48
C LEU L 378 -26.50 -47.84 41.61
N THR L 379 -27.14 -46.98 40.83
CA THR L 379 -28.20 -47.46 39.96
C THR L 379 -27.62 -48.46 38.97
N GLN L 380 -26.45 -48.17 38.39
CA GLN L 380 -25.89 -49.09 37.43
C GLN L 380 -25.57 -50.43 38.09
N PHE L 381 -25.08 -50.38 39.33
CA PHE L 381 -24.78 -51.58 40.11
C PHE L 381 -26.00 -52.42 40.24
N GLU L 382 -27.12 -51.81 40.63
CA GLU L 382 -28.34 -52.56 40.83
C GLU L 382 -28.86 -53.21 39.56
N LEU L 383 -28.77 -52.53 38.42
CA LEU L 383 -29.28 -53.17 37.22
C LEU L 383 -28.49 -54.43 36.90
N MET L 384 -27.18 -54.39 37.10
CA MET L 384 -26.38 -55.56 36.84
C MET L 384 -26.55 -56.62 37.90
N TYR L 385 -26.53 -56.22 39.16
CA TYR L 385 -26.56 -57.17 40.24
C TYR L 385 -27.83 -57.97 40.26
N ASP L 386 -28.95 -57.31 40.07
CA ASP L 386 -30.26 -57.94 40.15
C ASP L 386 -30.48 -58.98 39.06
N HIS L 387 -29.66 -58.97 38.02
CA HIS L 387 -29.79 -59.95 36.96
C HIS L 387 -28.52 -60.79 36.83
N ASP L 388 -27.70 -60.79 37.88
CA ASP L 388 -26.43 -61.52 37.98
C ASP L 388 -25.43 -61.28 36.85
N ALA L 389 -25.32 -60.08 36.31
CA ALA L 389 -24.37 -59.96 35.22
C ALA L 389 -22.97 -60.01 35.78
N PHE L 390 -22.11 -60.86 35.23
CA PHE L 390 -20.72 -60.94 35.62
C PHE L 390 -20.48 -61.23 37.08
N THR L 391 -21.41 -61.86 37.80
CA THR L 391 -21.14 -62.09 39.20
C THR L 391 -20.36 -63.35 39.44
N THR L 392 -20.35 -64.24 38.46
CA THR L 392 -19.63 -65.48 38.62
C THR L 392 -18.15 -65.23 38.78
N TRP L 393 -17.65 -64.18 38.16
CA TRP L 393 -16.25 -63.92 38.21
C TRP L 393 -15.79 -63.49 39.59
N TYR L 394 -16.70 -62.96 40.40
CA TYR L 394 -16.34 -62.53 41.73
C TYR L 394 -16.57 -63.66 42.71
N TYR L 395 -17.60 -64.47 42.45
CA TYR L 395 -17.96 -65.55 43.35
C TYR L 395 -16.88 -66.62 43.30
N GLN L 396 -16.25 -66.76 42.14
CA GLN L 396 -15.19 -67.74 41.92
C GLN L 396 -13.95 -67.43 42.73
N GLU L 397 -13.82 -66.19 43.24
CA GLU L 397 -12.66 -65.84 44.00
C GLU L 397 -12.98 -65.50 45.45
N GLY L 398 -14.13 -65.99 45.94
CA GLY L 398 -14.50 -65.82 47.33
C GLY L 398 -15.53 -64.74 47.69
N MET L 399 -16.10 -64.02 46.75
CA MET L 399 -17.07 -63.04 47.20
C MET L 399 -18.45 -63.59 47.39
N GLN L 400 -18.68 -64.16 48.55
CA GLN L 400 -19.97 -64.74 48.87
C GLN L 400 -20.99 -63.62 48.57
N PRO L 401 -22.16 -63.89 47.95
CA PRO L 401 -23.17 -62.92 47.56
C PRO L 401 -23.59 -61.87 48.58
N SER L 402 -23.59 -62.18 49.88
CA SER L 402 -24.01 -61.19 50.86
C SER L 402 -23.05 -60.02 50.95
N GLU L 403 -21.86 -60.19 50.39
CA GLU L 403 -20.83 -59.18 50.37
C GLU L 403 -21.27 -58.03 49.46
N PHE L 404 -21.97 -58.37 48.36
CA PHE L 404 -22.45 -57.39 47.41
C PHE L 404 -23.64 -56.68 48.01
N GLU L 405 -24.48 -57.45 48.69
CA GLU L 405 -25.65 -56.88 49.31
C GLU L 405 -25.28 -55.88 50.39
N ALA L 406 -24.24 -56.20 51.16
CA ALA L 406 -23.82 -55.27 52.19
C ALA L 406 -23.34 -53.97 51.58
N ALA L 407 -22.57 -54.03 50.49
CA ALA L 407 -22.09 -52.80 49.88
C ALA L 407 -23.22 -51.97 49.36
N LYS L 408 -24.23 -52.63 48.78
CA LYS L 408 -25.39 -51.96 48.24
C LYS L 408 -26.08 -51.17 49.32
N ASN L 409 -26.29 -51.78 50.47
CA ASN L 409 -26.98 -51.09 51.53
C ASN L 409 -26.17 -49.96 52.13
N ASN L 410 -24.87 -50.17 52.32
CA ASN L 410 -24.01 -49.10 52.91
C ASN L 410 -24.06 -47.85 52.01
N ILE L 411 -23.95 -48.01 50.69
CA ILE L 411 -23.90 -46.86 49.84
C ILE L 411 -25.26 -46.20 49.81
N GLN L 412 -26.36 -46.96 49.78
CA GLN L 412 -27.63 -46.26 49.76
C GLN L 412 -27.78 -45.41 51.03
N LYS L 413 -27.29 -45.91 52.17
CA LYS L 413 -27.34 -45.14 53.40
C LYS L 413 -26.48 -43.89 53.30
N LEU L 414 -25.31 -43.99 52.68
CA LEU L 414 -24.41 -42.86 52.55
C LEU L 414 -25.06 -41.76 51.70
N ILE L 415 -25.73 -42.16 50.63
CA ILE L 415 -26.42 -41.23 49.74
C ILE L 415 -27.51 -40.52 50.50
N THR L 416 -28.27 -41.30 51.26
CA THR L 416 -29.36 -40.78 52.04
C THR L 416 -28.86 -39.73 53.02
N GLU L 417 -27.75 -40.00 53.69
CA GLU L 417 -27.18 -39.06 54.64
C GLU L 417 -26.70 -37.76 53.99
N TYR L 418 -26.04 -37.85 52.82
CA TYR L 418 -25.58 -36.61 52.20
C TYR L 418 -26.71 -35.74 51.72
N LYS L 419 -27.83 -36.33 51.37
CA LYS L 419 -28.94 -35.55 50.89
C LYS L 419 -29.87 -35.04 52.00
N GLN L 420 -29.53 -35.29 53.26
CA GLN L 420 -30.44 -34.88 54.37
C GLN L 420 -30.77 -33.40 54.24
N ASP L 421 -29.77 -32.54 53.99
CA ASP L 421 -30.02 -31.07 53.97
C ASP L 421 -30.78 -30.65 52.71
N GLU L 422 -30.75 -31.49 51.66
CA GLU L 422 -31.50 -31.18 50.43
C GLU L 422 -33.00 -31.09 50.77
N TYR L 423 -33.51 -32.06 51.53
CA TYR L 423 -34.94 -32.05 51.94
C TYR L 423 -35.15 -30.94 52.96
N ALA M 2 55.10 -31.27 19.81
CA ALA M 2 55.39 -32.21 20.88
C ALA M 2 54.54 -33.48 20.77
N GLY M 3 53.20 -33.36 20.70
CA GLY M 3 52.27 -34.50 20.65
C GLY M 3 52.22 -35.15 19.27
N GLU M 4 53.37 -35.60 18.80
CA GLU M 4 53.54 -36.15 17.47
C GLU M 4 52.96 -37.55 17.41
N ILE M 5 52.30 -37.89 16.32
CA ILE M 5 51.66 -39.19 16.21
C ILE M 5 52.23 -40.10 15.17
N VAL M 6 52.49 -41.35 15.56
CA VAL M 6 52.97 -42.33 14.60
C VAL M 6 51.88 -43.32 14.34
N CYS M 7 51.46 -43.45 13.08
CA CYS M 7 50.39 -44.39 12.77
C CYS M 7 50.98 -45.70 12.30
N ILE M 8 50.35 -46.80 12.62
CA ILE M 8 50.78 -48.10 12.14
C ILE M 8 49.59 -48.72 11.43
N GLN M 9 49.79 -49.12 10.20
CA GLN M 9 48.70 -49.67 9.40
C GLN M 9 48.98 -51.13 9.13
N VAL M 10 48.13 -52.05 9.60
CA VAL M 10 48.51 -53.44 9.37
C VAL M 10 47.43 -54.21 8.61
N GLY M 11 47.82 -54.79 7.51
CA GLY M 11 46.94 -55.62 6.70
C GLY M 11 46.13 -54.83 5.69
N GLN M 12 45.38 -55.52 4.85
CA GLN M 12 44.65 -54.86 3.80
C GLN M 12 43.58 -53.90 4.27
N ALA M 13 42.81 -54.26 5.28
CA ALA M 13 41.78 -53.36 5.74
C ALA M 13 42.43 -52.18 6.40
N GLY M 14 43.51 -52.45 7.09
CA GLY M 14 44.21 -51.42 7.83
C GLY M 14 44.72 -50.36 6.89
N ASN M 15 45.26 -50.79 5.76
CA ASN M 15 45.81 -49.88 4.80
C ASN M 15 44.74 -49.13 4.06
N GLN M 16 43.60 -49.76 3.76
CA GLN M 16 42.58 -49.03 3.04
C GLN M 16 41.88 -47.98 3.91
N ILE M 17 41.68 -48.30 5.17
CA ILE M 17 41.02 -47.37 6.06
C ILE M 17 41.94 -46.21 6.35
N ALA M 18 43.19 -46.52 6.67
CA ALA M 18 44.15 -45.49 6.94
C ALA M 18 44.37 -44.64 5.71
N GLY M 19 44.32 -45.24 4.53
CA GLY M 19 44.50 -44.52 3.31
C GLY M 19 43.45 -43.43 3.20
N ALA M 20 42.18 -43.80 3.42
CA ALA M 20 41.10 -42.83 3.34
C ALA M 20 41.31 -41.70 4.35
N PHE M 21 41.80 -42.05 5.54
CA PHE M 21 42.10 -41.05 6.54
C PHE M 21 43.14 -40.08 6.06
N TRP M 22 44.25 -40.59 5.55
CA TRP M 22 45.32 -39.70 5.16
C TRP M 22 44.91 -38.76 4.07
N GLN M 23 44.11 -39.24 3.13
CA GLN M 23 43.67 -38.38 2.06
C GLN M 23 42.68 -37.32 2.54
N LYS M 24 41.91 -37.60 3.61
CA LYS M 24 41.03 -36.56 4.12
C LYS M 24 41.81 -35.53 4.94
N ILE M 25 42.84 -35.97 5.65
CA ILE M 25 43.68 -35.08 6.44
C ILE M 25 44.36 -34.09 5.53
N CYS M 26 44.83 -34.58 4.40
CA CYS M 26 45.48 -33.75 3.41
C CYS M 26 44.53 -32.75 2.77
N ALA M 27 43.22 -32.92 2.93
CA ALA M 27 42.36 -31.96 2.33
C ALA M 27 42.16 -30.82 3.31
N GLU M 28 42.03 -31.16 4.59
CA GLU M 28 41.77 -30.12 5.61
C GLU M 28 43.02 -29.25 5.79
N HIS M 29 44.21 -29.84 5.71
CA HIS M 29 45.45 -29.05 5.98
C HIS M 29 45.88 -28.30 4.71
N GLY M 30 45.48 -28.79 3.54
CA GLY M 30 45.83 -28.14 2.27
C GLY M 30 47.09 -28.73 1.66
N ILE M 31 47.09 -30.05 1.45
CA ILE M 31 48.29 -30.75 0.88
C ILE M 31 47.80 -31.57 -0.33
N ASP M 32 48.63 -31.77 -1.36
CA ASP M 32 48.15 -32.59 -2.45
C ASP M 32 48.08 -34.08 -2.05
N PRO M 33 46.90 -34.72 -1.98
CA PRO M 33 46.69 -36.09 -1.54
C PRO M 33 47.43 -37.14 -2.36
N VAL M 34 47.90 -36.79 -3.55
CA VAL M 34 48.63 -37.78 -4.33
C VAL M 34 50.10 -37.47 -4.53
N ASN M 35 50.58 -36.38 -3.94
CA ASN M 35 51.99 -36.00 -4.06
C ASN M 35 52.64 -35.66 -2.74
N GLY M 36 51.88 -35.09 -1.81
CA GLY M 36 52.40 -34.61 -0.55
C GLY M 36 52.89 -33.18 -0.66
N LYS M 37 52.87 -32.67 -1.90
CA LYS M 37 53.48 -31.33 -2.12
C LYS M 37 52.46 -30.24 -1.79
N ALA M 38 52.91 -29.21 -1.06
CA ALA M 38 52.06 -28.08 -0.73
C ALA M 38 52.83 -26.82 -0.65
N ILE M 39 52.17 -25.70 -0.90
CA ILE M 39 52.83 -24.43 -0.74
C ILE M 39 52.31 -23.75 0.52
N ASP M 40 51.00 -23.64 0.60
CA ASP M 40 50.33 -22.98 1.70
C ASP M 40 49.45 -23.94 2.46
N VAL M 41 49.81 -24.21 3.71
CA VAL M 41 49.06 -25.16 4.51
C VAL M 41 48.60 -24.46 5.76
N VAL M 42 47.62 -25.05 6.42
CA VAL M 42 47.09 -24.50 7.64
C VAL M 42 47.10 -25.57 8.70
N GLY M 43 47.00 -25.15 9.95
CA GLY M 43 46.92 -26.09 11.06
C GLY M 43 48.31 -26.50 11.49
N ASP M 44 48.39 -27.37 12.49
CA ASP M 44 49.66 -27.83 12.99
C ASP M 44 50.01 -29.13 12.27
N THR M 45 50.66 -29.01 11.12
CA THR M 45 50.90 -30.15 10.26
C THR M 45 51.97 -31.05 10.79
N ASP M 46 52.73 -30.56 11.75
CA ASP M 46 53.82 -31.31 12.33
C ASP M 46 53.32 -32.48 13.16
N ILE M 47 52.07 -32.49 13.56
CA ILE M 47 51.61 -33.61 14.37
C ILE M 47 51.61 -34.91 13.56
N PHE M 48 51.13 -34.85 12.33
CA PHE M 48 51.09 -36.05 11.49
C PHE M 48 52.07 -36.11 10.33
N PHE M 49 52.69 -34.99 9.92
CA PHE M 49 53.56 -35.05 8.75
C PHE M 49 54.98 -34.61 9.05
N ASN M 50 55.92 -35.28 8.42
CA ASN M 50 57.33 -34.92 8.46
C ASN M 50 57.60 -34.02 7.27
N THR M 51 57.83 -32.74 7.48
CA THR M 51 57.97 -31.90 6.31
C THR M 51 59.42 -31.73 5.90
N ILE M 52 59.69 -32.08 4.65
CA ILE M 52 61.01 -31.95 4.06
C ILE M 52 60.88 -31.11 2.81
N GLY M 53 61.50 -29.94 2.78
CA GLY M 53 61.30 -29.08 1.63
C GLY M 53 59.83 -28.70 1.59
N ASP M 54 59.18 -28.89 0.45
CA ASP M 54 57.77 -28.57 0.32
C ASP M 54 56.89 -29.82 0.31
N LYS M 55 57.47 -30.96 0.71
CA LYS M 55 56.73 -32.21 0.76
C LYS M 55 56.38 -32.61 2.17
N TYR M 56 55.11 -32.91 2.39
CA TYR M 56 54.61 -33.32 3.66
C TYR M 56 54.47 -34.82 3.66
N ILE M 57 55.28 -35.49 4.45
CA ILE M 57 55.32 -36.92 4.45
C ILE M 57 54.57 -37.49 5.64
N PRO M 58 53.48 -38.21 5.47
CA PRO M 58 52.69 -38.68 6.57
C PRO M 58 53.54 -39.62 7.34
N ARG M 59 53.47 -39.52 8.68
CA ARG M 59 54.23 -40.43 9.58
C ARG M 59 53.40 -41.70 9.79
N ALA M 60 53.73 -42.76 9.07
CA ALA M 60 53.02 -44.00 9.15
C ALA M 60 53.95 -45.12 8.85
N VAL M 61 53.69 -46.25 9.45
CA VAL M 61 54.42 -47.46 9.19
C VAL M 61 53.45 -48.37 8.48
N VAL M 62 53.77 -48.77 7.28
CA VAL M 62 52.82 -49.57 6.52
C VAL M 62 53.25 -51.01 6.51
N VAL M 63 52.43 -51.87 7.05
CA VAL M 63 52.83 -53.23 7.25
C VAL M 63 51.95 -54.29 6.62
N ASP M 64 52.59 -55.22 5.93
CA ASP M 64 51.85 -56.35 5.41
C ASP M 64 52.71 -57.60 5.40
N LEU M 65 52.13 -58.72 4.99
CA LEU M 65 52.86 -59.97 4.85
C LEU M 65 52.82 -60.29 3.37
N GLU M 66 52.01 -59.51 2.68
CA GLU M 66 51.79 -59.60 1.24
C GLU M 66 53.08 -59.31 0.45
N PRO M 67 53.46 -60.15 -0.54
CA PRO M 67 54.63 -60.00 -1.40
C PRO M 67 54.80 -58.70 -2.20
N ALA M 68 53.74 -57.94 -2.50
CA ALA M 68 53.95 -56.72 -3.30
C ALA M 68 53.18 -55.53 -2.76
N VAL M 69 53.33 -55.28 -1.49
CA VAL M 69 52.63 -54.18 -0.86
C VAL M 69 53.03 -52.80 -1.39
N VAL M 70 54.28 -52.59 -1.82
CA VAL M 70 54.62 -51.24 -2.27
C VAL M 70 53.92 -50.86 -3.55
N GLU M 71 53.93 -51.74 -4.53
CA GLU M 71 53.31 -51.46 -5.81
C GLU M 71 51.82 -51.25 -5.64
N ASN M 72 51.22 -51.99 -4.71
CA ASN M 72 49.79 -51.91 -4.43
C ASN M 72 49.40 -50.57 -3.84
N ILE M 73 50.36 -49.84 -3.30
CA ILE M 73 50.12 -48.55 -2.71
C ILE M 73 50.33 -47.49 -3.74
N ARG M 74 51.42 -47.57 -4.51
CA ARG M 74 51.68 -46.59 -5.58
C ARG M 74 50.44 -46.48 -6.49
N GLU M 75 49.82 -47.61 -6.82
CA GLU M 75 48.68 -47.60 -7.72
C GLU M 75 47.47 -46.83 -7.18
N LYS M 76 47.31 -46.70 -5.86
CA LYS M 76 46.14 -46.02 -5.36
C LYS M 76 46.45 -44.67 -4.67
N PHE M 77 47.60 -44.57 -4.03
CA PHE M 77 47.94 -43.39 -3.25
C PHE M 77 49.08 -42.55 -3.84
N GLY M 78 49.50 -42.83 -5.07
CA GLY M 78 50.52 -42.04 -5.70
C GLY M 78 51.82 -42.10 -4.95
N THR M 79 52.35 -40.93 -4.62
CA THR M 79 53.61 -40.85 -3.92
C THR M 79 53.45 -40.23 -2.56
N LEU M 80 52.23 -40.27 -2.02
CA LEU M 80 51.98 -39.69 -0.71
C LEU M 80 52.78 -40.38 0.38
N PHE M 81 52.96 -41.69 0.29
CA PHE M 81 53.67 -42.42 1.33
C PHE M 81 55.10 -42.64 0.91
N ASP M 82 56.02 -42.52 1.87
CA ASP M 82 57.44 -42.74 1.64
C ASP M 82 57.75 -44.25 1.61
N PRO M 83 58.22 -44.84 0.50
CA PRO M 83 58.49 -46.25 0.33
C PRO M 83 59.40 -46.86 1.38
N LYS M 84 60.21 -46.04 2.03
CA LYS M 84 61.12 -46.58 3.04
C LYS M 84 60.37 -47.05 4.27
N SER M 85 59.13 -46.59 4.43
CA SER M 85 58.28 -46.92 5.56
C SER M 85 57.36 -48.08 5.25
N ILE M 86 57.47 -48.67 4.05
CA ILE M 86 56.57 -49.74 3.71
C ILE M 86 57.27 -51.08 3.83
N VAL M 87 56.72 -51.95 4.67
CA VAL M 87 57.33 -53.24 4.93
C VAL M 87 56.56 -54.35 4.23
N SER M 88 57.20 -54.93 3.22
CA SER M 88 56.62 -56.00 2.43
C SER M 88 56.88 -57.33 3.06
N GLY M 89 56.08 -58.33 2.68
CA GLY M 89 56.24 -59.68 3.24
C GLY M 89 56.65 -60.67 2.17
N ALA M 90 56.55 -61.97 2.45
CA ALA M 90 57.03 -62.97 1.47
C ALA M 90 55.89 -63.86 0.99
N ASP M 91 55.11 -64.43 1.93
CA ASP M 91 54.00 -65.33 1.56
C ASP M 91 52.67 -64.67 1.92
N GLY M 92 52.32 -64.66 3.20
CA GLY M 92 51.04 -64.07 3.65
C GLY M 92 50.38 -64.93 4.72
N ALA M 93 49.45 -64.37 5.49
CA ALA M 93 48.72 -65.17 6.49
C ALA M 93 47.30 -65.43 5.98
N GLY M 94 46.98 -66.70 5.70
CA GLY M 94 45.67 -67.05 5.15
C GLY M 94 44.52 -66.99 6.14
N ASN M 95 44.21 -65.79 6.60
CA ASN M 95 43.15 -65.61 7.60
C ASN M 95 43.39 -66.50 8.79
N ASN M 96 44.63 -66.55 9.21
CA ASN M 96 44.99 -67.37 10.31
C ASN M 96 45.83 -66.59 11.26
N PHE M 97 45.26 -66.30 12.41
CA PHE M 97 45.92 -65.54 13.45
C PHE M 97 47.27 -66.13 13.75
N ALA M 98 47.37 -67.47 13.79
CA ALA M 98 48.59 -68.14 14.17
C ALA M 98 49.74 -67.89 13.20
N ILE M 99 49.44 -67.51 11.97
CA ILE M 99 50.50 -67.26 11.02
C ILE M 99 50.92 -65.83 11.20
N GLY M 100 49.97 -64.94 11.33
CA GLY M 100 50.36 -63.57 11.53
C GLY M 100 51.10 -63.41 12.86
N PHE M 101 50.71 -64.18 13.88
CA PHE M 101 51.27 -64.08 15.20
C PHE M 101 52.52 -64.95 15.44
N ASN M 102 52.52 -66.21 15.04
CA ASN M 102 53.69 -67.03 15.30
C ASN M 102 54.59 -67.10 14.09
N GLU M 103 54.07 -67.68 13.01
CA GLU M 103 54.90 -67.97 11.84
C GLU M 103 54.98 -66.82 10.83
N HIS M 104 55.50 -65.68 11.27
CA HIS M 104 55.62 -64.51 10.39
C HIS M 104 57.01 -64.22 9.87
N GLY M 105 58.03 -64.75 10.53
CA GLY M 105 59.41 -64.45 10.16
C GLY M 105 59.98 -63.40 11.09
N ALA M 106 61.11 -63.71 11.73
CA ALA M 106 61.71 -62.78 12.65
C ALA M 106 62.13 -61.50 11.95
N GLU M 107 62.62 -61.66 10.72
CA GLU M 107 63.11 -60.54 9.94
C GLU M 107 62.02 -59.56 9.59
N THR M 108 60.81 -60.07 9.35
CA THR M 108 59.70 -59.22 8.98
C THR M 108 59.42 -58.31 10.15
N LEU M 109 59.37 -58.89 11.34
CA LEU M 109 59.08 -58.07 12.51
C LEU M 109 60.22 -57.11 12.82
N GLU M 110 61.47 -57.55 12.67
CA GLU M 110 62.55 -56.64 12.97
C GLU M 110 62.51 -55.45 12.04
N LYS M 111 62.19 -55.64 10.76
CA LYS M 111 62.12 -54.49 9.89
C LYS M 111 61.02 -53.55 10.32
N VAL M 112 59.87 -54.09 10.77
CA VAL M 112 58.80 -53.20 11.18
C VAL M 112 59.28 -52.38 12.35
N MET M 113 59.96 -53.02 13.31
CA MET M 113 60.44 -52.28 14.44
C MET M 113 61.49 -51.24 14.09
N GLN M 114 62.34 -51.51 13.10
CA GLN M 114 63.31 -50.50 12.72
C GLN M 114 62.61 -49.30 12.13
N VAL M 115 61.56 -49.54 11.35
CA VAL M 115 60.83 -48.43 10.77
C VAL M 115 60.16 -47.63 11.87
N VAL M 116 59.57 -48.31 12.86
CA VAL M 116 58.93 -47.59 13.95
C VAL M 116 59.96 -46.76 14.69
N GLU M 117 61.14 -47.33 14.97
CA GLU M 117 62.14 -46.56 15.67
C GLU M 117 62.53 -45.33 14.88
N GLN M 118 62.66 -45.43 13.55
CA GLN M 118 63.01 -44.25 12.81
C GLN M 118 61.92 -43.19 12.90
N ARG M 119 60.66 -43.61 12.86
CA ARG M 119 59.59 -42.64 12.93
C ARG M 119 59.52 -41.96 14.29
N VAL M 120 59.83 -42.69 15.35
CA VAL M 120 59.81 -42.10 16.72
C VAL M 120 61.11 -41.31 16.93
N SER M 121 62.10 -41.50 16.06
CA SER M 121 63.41 -40.81 16.21
C SER M 121 63.36 -39.44 15.56
N GLU M 122 62.31 -39.15 14.79
CA GLU M 122 62.17 -37.85 14.10
C GLU M 122 61.15 -37.00 14.86
N THR M 123 60.99 -37.28 16.16
CA THR M 123 59.96 -36.56 16.97
C THR M 123 60.59 -35.94 18.22
N GLU M 124 60.19 -34.74 18.61
CA GLU M 124 60.67 -34.10 19.83
C GLU M 124 60.04 -34.83 21.01
N SER M 125 58.85 -35.42 20.77
CA SER M 125 58.14 -36.22 21.78
C SER M 125 57.17 -37.19 21.12
N ILE M 126 56.84 -38.32 21.77
CA ILE M 126 55.88 -39.21 21.15
C ILE M 126 54.52 -38.98 21.82
N GLY M 127 53.55 -38.49 21.06
CA GLY M 127 52.22 -38.19 21.58
C GLY M 127 51.36 -39.44 21.71
N GLY M 128 51.70 -40.46 20.95
CA GLY M 128 50.95 -41.69 20.96
C GLY M 128 51.06 -42.41 19.63
N PHE M 129 50.57 -43.63 19.63
CA PHE M 129 50.55 -44.43 18.43
C PHE M 129 49.12 -44.73 18.06
N ILE M 130 48.83 -44.81 16.77
CA ILE M 130 47.51 -45.23 16.33
C ILE M 130 47.62 -46.44 15.42
N LEU M 131 46.96 -47.52 15.79
CA LEU M 131 46.98 -48.74 14.98
C LEU M 131 45.66 -48.95 14.27
N THR M 132 45.71 -49.13 12.95
CA THR M 132 44.48 -49.36 12.21
C THR M 132 44.50 -50.79 11.65
N HIS M 133 43.45 -51.57 11.93
CA HIS M 133 43.47 -52.99 11.50
C HIS M 133 42.09 -53.66 11.51
N SER M 134 42.03 -54.96 11.16
CA SER M 134 40.78 -55.73 11.14
C SER M 134 40.96 -57.09 11.81
N CYS M 135 40.12 -57.34 12.81
CA CYS M 135 40.24 -58.48 13.69
C CYS M 135 40.04 -59.86 13.07
N GLY M 136 39.35 -59.97 11.94
CA GLY M 136 39.12 -61.29 11.35
C GLY M 136 40.15 -61.72 10.29
N GLY M 137 41.14 -60.88 10.05
CA GLY M 137 42.11 -61.15 9.01
C GLY M 137 43.25 -62.03 9.49
N GLY M 138 44.29 -62.22 8.66
CA GLY M 138 45.41 -63.03 9.07
C GLY M 138 46.64 -62.19 9.41
N THR M 139 46.66 -60.89 9.05
CA THR M 139 47.83 -60.09 9.34
C THR M 139 47.45 -58.96 10.25
N GLY M 140 46.26 -58.39 10.04
CA GLY M 140 45.79 -57.26 10.84
C GLY M 140 45.36 -57.74 12.21
N SER M 141 45.26 -59.07 12.32
CA SER M 141 44.90 -59.70 13.61
C SER M 141 46.17 -60.20 14.29
N GLY M 142 46.76 -61.31 13.79
CA GLY M 142 47.95 -61.84 14.42
C GLY M 142 49.19 -60.97 14.33
N PHE M 143 49.46 -60.30 13.22
CA PHE M 143 50.70 -59.58 13.16
C PHE M 143 50.48 -58.27 13.86
N GLY M 144 49.31 -57.68 13.64
CA GLY M 144 48.97 -56.43 14.30
C GLY M 144 49.02 -56.61 15.81
N SER M 145 48.61 -57.79 16.30
CA SER M 145 48.65 -58.09 17.72
C SER M 145 50.07 -58.22 18.22
N LYS M 146 50.96 -58.86 17.44
CA LYS M 146 52.33 -58.94 17.91
C LYS M 146 52.96 -57.56 17.92
N ILE M 147 52.60 -56.73 16.97
CA ILE M 147 53.11 -55.39 16.95
C ILE M 147 52.62 -54.67 18.21
N LEU M 148 51.35 -54.77 18.61
CA LEU M 148 50.98 -54.06 19.84
C LEU M 148 51.79 -54.54 21.02
N LYS M 149 52.03 -55.84 21.09
CA LYS M 149 52.80 -56.38 22.18
C LYS M 149 54.18 -55.78 22.16
N THR M 150 54.80 -55.78 20.99
CA THR M 150 56.17 -55.33 20.83
C THR M 150 56.30 -53.84 21.10
N ILE M 151 55.35 -53.03 20.60
CA ILE M 151 55.40 -51.60 20.78
C ILE M 151 55.25 -51.26 22.24
N ARG M 152 54.33 -51.94 22.92
CA ARG M 152 54.06 -51.60 24.35
C ARG M 152 55.25 -52.03 25.22
N GLU M 153 55.98 -53.07 24.83
CA GLU M 153 57.14 -53.46 25.58
C GLU M 153 58.28 -52.46 25.39
N ARG M 154 58.44 -51.94 24.17
CA ARG M 154 59.50 -50.95 23.92
C ARG M 154 59.15 -49.55 24.43
N TYR M 155 57.87 -49.20 24.34
CA TYR M 155 57.43 -47.83 24.72
C TYR M 155 56.29 -47.94 25.71
N PRO M 156 56.52 -48.40 26.95
CA PRO M 156 55.44 -48.42 27.94
C PRO M 156 55.13 -46.97 28.32
N LYS M 157 53.93 -46.70 28.84
CA LYS M 157 53.54 -45.33 29.26
C LYS M 157 53.26 -44.44 28.04
N VAL M 158 53.02 -45.02 26.87
CA VAL M 158 52.66 -44.23 25.66
C VAL M 158 51.26 -44.65 25.22
N PRO M 159 50.28 -43.74 25.06
CA PRO M 159 48.91 -44.14 24.73
C PRO M 159 48.74 -44.79 23.35
N ILE M 160 48.34 -46.06 23.30
CA ILE M 160 48.08 -46.68 22.02
C ILE M 160 46.59 -46.77 21.77
N PHE M 161 46.18 -46.20 20.66
CA PHE M 161 44.79 -46.26 20.25
C PHE M 161 44.65 -47.19 19.11
N THR M 162 43.71 -48.09 19.20
CA THR M 162 43.51 -49.00 18.11
C THR M 162 42.14 -48.79 17.55
N PHE M 163 42.05 -48.79 16.24
CA PHE M 163 40.79 -48.71 15.54
C PHE M 163 40.58 -50.00 14.83
N SER M 164 39.56 -50.74 15.18
CA SER M 164 39.47 -52.01 14.53
C SER M 164 38.12 -52.48 14.18
N ILE M 165 38.12 -53.26 13.12
CA ILE M 165 36.91 -53.85 12.61
C ILE M 165 36.67 -55.21 13.22
N PHE M 166 35.50 -55.34 13.81
CA PHE M 166 35.06 -56.56 14.45
C PHE M 166 34.10 -57.29 13.54
N PRO M 167 33.82 -58.56 13.85
CA PRO M 167 32.83 -59.25 13.04
C PRO M 167 31.50 -58.53 13.04
N SER M 168 30.75 -58.68 11.96
CA SER M 168 29.44 -58.08 11.87
C SER M 168 28.50 -58.92 12.70
N PRO M 169 27.44 -58.31 13.22
CA PRO M 169 26.52 -59.04 14.09
C PRO M 169 25.73 -60.16 13.43
N LYS M 170 25.31 -60.00 12.19
CA LYS M 170 24.46 -61.00 11.56
C LYS M 170 25.24 -62.02 10.75
N ILE M 171 25.67 -61.63 9.56
CA ILE M 171 26.44 -62.54 8.70
C ILE M 171 27.93 -62.49 9.02
N SER M 172 28.61 -63.61 8.82
CA SER M 172 30.05 -63.66 9.08
C SER M 172 30.82 -63.89 7.78
N GLU M 173 32.12 -63.63 7.80
CA GLU M 173 32.93 -63.81 6.60
C GLU M 173 33.43 -65.25 6.47
N THR M 174 34.42 -65.62 7.27
CA THR M 174 34.96 -66.97 7.23
C THR M 174 34.53 -67.74 8.47
N VAL M 175 34.62 -69.07 8.42
CA VAL M 175 34.30 -69.86 9.64
C VAL M 175 35.35 -69.61 10.72
N VAL M 176 36.61 -69.34 10.34
CA VAL M 176 37.66 -69.14 11.30
C VAL M 176 37.59 -67.79 12.00
N GLU M 177 36.72 -66.92 11.53
CA GLU M 177 36.68 -65.57 12.01
C GLU M 177 36.60 -65.43 13.53
N PRO M 178 35.77 -66.18 14.29
CA PRO M 178 35.71 -66.11 15.74
C PRO M 178 37.00 -66.51 16.45
N TYR M 179 37.90 -67.26 15.80
CA TYR M 179 39.11 -67.61 16.49
C TYR M 179 40.05 -66.45 16.35
N ASN M 180 40.02 -65.85 15.17
CA ASN M 180 40.90 -64.74 14.92
C ASN M 180 40.44 -63.57 15.76
N ALA M 181 39.12 -63.40 15.87
CA ALA M 181 38.57 -62.29 16.63
C ALA M 181 38.85 -62.38 18.12
N ILE M 182 38.77 -63.56 18.72
CA ILE M 182 39.07 -63.66 20.13
C ILE M 182 40.51 -63.48 20.44
N MET M 183 41.39 -64.08 19.68
CA MET M 183 42.77 -63.87 20.03
C MET M 183 43.17 -62.42 19.83
N THR M 184 42.60 -61.75 18.82
CA THR M 184 42.92 -60.36 18.60
C THR M 184 42.41 -59.56 19.77
N LEU M 185 41.20 -59.85 20.23
CA LEU M 185 40.61 -59.14 21.34
C LEU M 185 41.42 -59.37 22.60
N SER M 186 41.90 -60.58 22.83
CA SER M 186 42.69 -60.83 24.02
C SER M 186 43.91 -59.92 24.05
N ASN M 187 44.58 -59.78 22.90
CA ASN M 187 45.73 -58.89 22.86
C ASN M 187 45.33 -57.42 22.94
N LEU M 188 44.17 -57.03 22.44
CA LEU M 188 43.75 -55.65 22.60
C LEU M 188 43.50 -55.37 24.07
N ILE M 189 42.94 -56.35 24.78
CA ILE M 189 42.66 -56.18 26.20
C ILE M 189 43.95 -55.97 26.96
N LYS M 190 44.97 -56.76 26.66
CA LYS M 190 46.25 -56.62 27.33
C LYS M 190 47.11 -55.42 26.94
N TYR M 191 47.11 -55.01 25.66
CA TYR M 191 48.04 -53.98 25.24
C TYR M 191 47.53 -52.58 24.80
N ALA M 192 46.27 -52.41 24.38
CA ALA M 192 45.87 -51.09 23.89
C ALA M 192 45.53 -50.17 25.07
N SER M 193 45.62 -48.85 24.90
CA SER M 193 45.18 -47.98 25.98
C SER M 193 43.69 -47.75 25.82
N CYS M 194 43.29 -47.64 24.55
CA CYS M 194 41.91 -47.47 24.13
C CYS M 194 41.68 -48.21 22.84
N SER M 195 40.51 -48.78 22.70
CA SER M 195 40.19 -49.43 21.45
C SER M 195 38.84 -48.98 20.97
N ILE M 196 38.75 -48.64 19.70
CA ILE M 196 37.49 -48.21 19.14
C ILE M 196 36.90 -49.37 18.38
N VAL M 197 35.71 -49.76 18.78
CA VAL M 197 35.06 -50.90 18.16
C VAL M 197 34.15 -50.46 17.05
N LEU M 198 34.46 -50.91 15.85
CA LEU M 198 33.72 -50.60 14.65
C LEU M 198 33.29 -51.88 13.95
N ASP M 199 32.21 -51.86 13.19
CA ASP M 199 31.95 -53.03 12.36
C ASP M 199 31.23 -52.65 11.08
N ASN M 200 31.19 -53.55 10.11
CA ASN M 200 30.60 -53.21 8.83
C ASN M 200 29.10 -53.21 8.79
N GLU M 201 28.45 -53.96 9.65
CA GLU M 201 27.01 -53.97 9.54
C GLU M 201 26.49 -52.60 9.95
N ALA M 202 27.05 -52.06 11.02
CA ALA M 202 26.59 -50.76 11.44
C ALA M 202 26.93 -49.71 10.40
N LEU M 203 28.11 -49.82 9.81
CA LEU M 203 28.52 -48.83 8.86
C LEU M 203 27.69 -48.90 7.60
N PHE M 204 27.31 -50.10 7.16
CA PHE M 204 26.49 -50.16 5.96
C PHE M 204 25.15 -49.51 6.17
N SER M 205 24.53 -49.71 7.33
CA SER M 205 23.23 -49.09 7.55
C SER M 205 23.38 -47.58 7.49
N ILE M 206 24.48 -47.07 8.02
CA ILE M 206 24.70 -45.64 7.98
C ILE M 206 24.92 -45.20 6.53
N ALA M 207 25.74 -45.92 5.79
CA ALA M 207 26.01 -45.53 4.42
C ALA M 207 24.74 -45.51 3.58
N GLU M 208 23.84 -46.45 3.80
CA GLU M 208 22.62 -46.49 3.01
C GLU M 208 21.55 -45.48 3.47
N LYS M 209 21.54 -45.11 4.74
CA LYS M 209 20.51 -44.22 5.23
C LYS M 209 20.93 -42.77 5.49
N LYS M 210 22.19 -42.51 5.82
CA LYS M 210 22.61 -41.16 6.13
C LYS M 210 23.38 -40.53 4.98
N LEU M 211 24.07 -41.34 4.20
CA LEU M 211 24.77 -40.80 3.03
C LEU M 211 23.81 -40.92 1.84
N GLU M 212 23.99 -40.10 0.82
CA GLU M 212 23.12 -40.18 -0.35
C GLU M 212 23.48 -41.30 -1.33
N VAL M 213 24.62 -41.94 -1.12
CA VAL M 213 25.10 -42.97 -2.03
C VAL M 213 24.20 -44.18 -2.12
N GLU M 214 23.91 -44.57 -3.35
CA GLU M 214 23.10 -45.72 -3.65
C GLU M 214 24.00 -46.91 -3.85
N ASN M 215 23.69 -48.03 -3.23
CA ASN M 215 24.50 -49.23 -3.36
C ASN M 215 25.97 -48.99 -3.05
N PRO M 216 26.32 -48.55 -1.84
CA PRO M 216 27.67 -48.25 -1.41
C PRO M 216 28.53 -49.49 -1.35
N SER M 217 29.82 -49.30 -1.61
CA SER M 217 30.79 -50.37 -1.50
C SER M 217 31.71 -50.06 -0.35
N LEU M 218 32.74 -50.87 -0.15
CA LEU M 218 33.67 -50.63 0.95
C LEU M 218 34.38 -49.30 0.76
N GLU M 219 34.48 -48.83 -0.47
CA GLU M 219 35.16 -47.58 -0.75
C GLU M 219 34.42 -46.42 -0.14
N ASP M 220 33.10 -46.54 -0.05
CA ASP M 220 32.27 -45.48 0.50
C ASP M 220 32.20 -45.67 1.99
N LEU M 221 32.21 -46.92 2.40
CA LEU M 221 32.09 -47.27 3.80
C LEU M 221 33.29 -46.74 4.59
N ASN M 222 34.43 -46.69 3.91
CA ASN M 222 35.67 -46.24 4.52
C ASN M 222 35.68 -44.75 4.73
N LEU M 223 34.72 -44.04 4.18
CA LEU M 223 34.71 -42.61 4.37
C LEU M 223 33.96 -42.28 5.63
N ILE M 224 33.29 -43.27 6.20
CA ILE M 224 32.58 -43.03 7.44
C ILE M 224 33.63 -43.28 8.48
N ILE M 225 34.42 -44.33 8.30
CA ILE M 225 35.44 -44.61 9.27
C ILE M 225 36.45 -43.49 9.25
N ALA M 226 36.86 -43.06 8.05
CA ALA M 226 37.80 -41.98 7.98
C ALA M 226 37.21 -40.74 8.63
N GLN M 227 35.92 -40.46 8.47
CA GLN M 227 35.41 -39.27 9.11
C GLN M 227 35.53 -39.37 10.63
N VAL M 228 35.35 -40.57 11.19
CA VAL M 228 35.52 -40.69 12.63
C VAL M 228 36.96 -40.37 12.99
N LEU M 229 37.90 -40.91 12.22
CA LEU M 229 39.32 -40.67 12.46
C LEU M 229 39.74 -39.23 12.24
N THR M 230 39.19 -38.52 11.27
CA THR M 230 39.66 -37.17 11.14
C THR M 230 39.07 -36.32 12.23
N ASN M 231 37.81 -36.54 12.63
CA ASN M 231 37.26 -35.68 13.65
C ASN M 231 37.87 -35.88 15.01
N VAL M 232 38.25 -37.11 15.34
CA VAL M 232 38.80 -37.39 16.65
C VAL M 232 40.18 -36.78 16.83
N THR M 233 40.78 -36.28 15.74
CA THR M 233 42.15 -35.74 15.82
C THR M 233 42.12 -34.24 15.50
N ALA M 234 40.94 -33.63 15.46
CA ALA M 234 40.83 -32.21 15.08
C ALA M 234 41.58 -31.30 16.05
N SER M 235 41.27 -31.44 17.34
CA SER M 235 41.89 -30.58 18.39
C SER M 235 43.41 -30.71 18.31
N LEU M 236 43.92 -31.93 18.12
CA LEU M 236 45.38 -32.13 17.97
C LEU M 236 45.84 -31.32 16.77
N ARG M 237 45.22 -31.54 15.60
CA ARG M 237 45.68 -30.88 14.34
C ARG M 237 45.47 -29.36 14.37
N PHE M 238 44.34 -28.84 14.87
CA PHE M 238 44.12 -27.41 14.83
C PHE M 238 44.45 -26.70 16.11
N SER M 239 45.21 -27.35 16.99
CA SER M 239 45.62 -26.74 18.25
C SER M 239 44.49 -26.17 19.07
N GLY M 240 44.67 -24.94 19.52
CA GLY M 240 43.70 -24.23 20.35
C GLY M 240 44.33 -24.04 21.71
N THR M 241 43.88 -23.02 22.45
CA THR M 241 44.49 -22.81 23.76
C THR M 241 44.19 -24.00 24.66
N LEU M 242 42.95 -24.48 24.58
CA LEU M 242 42.53 -25.64 25.36
C LEU M 242 42.39 -26.71 24.30
N ASN M 243 42.85 -27.93 24.56
CA ASN M 243 42.74 -28.96 23.54
C ASN M 243 42.78 -30.42 24.06
N LEU M 244 42.63 -31.37 23.13
CA LEU M 244 42.66 -32.79 23.48
C LEU M 244 43.71 -33.60 22.76
N ASP M 245 44.57 -34.22 23.55
CA ASP M 245 45.58 -35.11 23.02
C ASP M 245 45.14 -36.53 23.29
N LEU M 246 45.91 -37.50 22.88
CA LEU M 246 45.51 -38.89 23.10
C LEU M 246 45.57 -39.23 24.58
N GLY M 247 46.48 -38.60 25.30
CA GLY M 247 46.60 -38.85 26.73
C GLY M 247 45.45 -38.22 27.52
N LYS M 248 44.70 -37.29 26.92
CA LYS M 248 43.61 -36.68 27.65
C LYS M 248 42.46 -37.66 27.51
N LEU M 249 42.34 -38.28 26.34
CA LEU M 249 41.27 -39.23 26.15
C LEU M 249 41.44 -40.48 27.00
N VAL M 250 42.67 -40.96 27.16
CA VAL M 250 42.83 -42.15 27.95
C VAL M 250 42.51 -41.84 29.39
N THR M 251 43.06 -40.74 29.91
CA THR M 251 42.81 -40.42 31.29
C THR M 251 41.34 -40.26 31.59
N ASN M 252 40.62 -39.54 30.73
CA ASN M 252 39.23 -39.30 31.00
C ASN M 252 38.25 -40.41 30.69
N LEU M 253 38.49 -41.23 29.68
CA LEU M 253 37.54 -42.26 29.36
C LEU M 253 37.82 -43.62 29.95
N VAL M 254 38.99 -43.90 30.48
CA VAL M 254 39.19 -45.25 30.97
C VAL M 254 39.31 -45.32 32.51
N PRO M 255 38.23 -45.61 33.29
CA PRO M 255 38.26 -45.65 34.75
C PRO M 255 39.02 -46.82 35.34
N PHE M 256 39.15 -47.91 34.58
CA PHE M 256 39.90 -49.07 35.00
C PHE M 256 40.72 -49.55 33.83
N SER M 257 41.85 -50.16 34.11
CA SER M 257 42.73 -50.56 33.03
C SER M 257 42.19 -51.56 32.02
N ASN M 258 41.18 -52.38 32.35
CA ASN M 258 40.69 -53.31 31.34
C ASN M 258 39.32 -52.97 30.75
N LEU M 259 38.84 -51.75 30.95
CA LEU M 259 37.54 -51.40 30.39
C LEU M 259 37.68 -50.22 29.44
N HIS M 260 38.55 -50.35 28.46
CA HIS M 260 38.89 -49.31 27.52
C HIS M 260 38.26 -49.39 26.14
N PHE M 261 37.29 -50.26 25.98
CA PHE M 261 36.65 -50.41 24.67
C PHE M 261 35.55 -49.38 24.49
N LEU M 262 35.73 -48.53 23.49
CA LEU M 262 34.86 -47.40 23.22
C LEU M 262 34.07 -47.50 21.94
N MET M 263 32.90 -46.91 21.98
CA MET M 263 32.04 -46.74 20.83
C MET M 263 32.33 -45.40 20.20
N ALA M 264 32.11 -45.27 18.90
CA ALA M 264 32.28 -43.98 18.25
C ALA M 264 31.07 -43.65 17.39
N SER M 265 30.78 -42.35 17.31
CA SER M 265 29.70 -41.78 16.52
C SER M 265 29.96 -40.38 16.00
N THR M 266 29.65 -40.11 14.73
CA THR M 266 29.79 -38.77 14.19
C THR M 266 28.63 -38.31 13.35
N ALA M 267 28.50 -37.00 13.27
CA ALA M 267 27.54 -36.40 12.37
C ALA M 267 27.97 -34.97 12.06
N PRO M 268 27.62 -34.42 10.90
CA PRO M 268 26.94 -34.98 9.74
C PRO M 268 27.92 -35.79 8.96
N LEU M 269 27.44 -36.67 8.10
CA LEU M 269 28.33 -37.38 7.22
C LEU M 269 28.17 -36.84 5.82
N VAL M 270 29.19 -36.18 5.31
CA VAL M 270 29.07 -35.53 4.02
C VAL M 270 30.15 -35.99 3.04
N LEU M 271 29.72 -36.40 1.86
CA LEU M 271 30.65 -36.81 0.80
C LEU M 271 31.14 -35.55 0.17
N ALA M 272 32.34 -35.55 -0.40
CA ALA M 272 32.86 -34.31 -0.96
C ALA M 272 31.89 -33.69 -1.96
N GLY M 273 31.73 -32.39 -1.84
CA GLY M 273 30.84 -31.60 -2.69
C GLY M 273 29.79 -30.93 -1.82
N LYS M 274 29.16 -29.87 -2.31
CA LYS M 274 28.17 -29.18 -1.48
C LYS M 274 26.81 -29.89 -1.54
N GLU M 275 26.78 -31.09 -0.98
CA GLU M 275 25.60 -31.93 -0.98
C GLU M 275 24.87 -31.84 0.37
N SER M 276 25.48 -31.13 1.30
CA SER M 276 24.98 -30.95 2.65
C SER M 276 23.96 -29.82 2.75
N TYR M 277 23.27 -29.80 3.89
CA TYR M 277 22.34 -28.73 4.21
C TYR M 277 22.80 -28.04 5.48
N GLU M 278 22.70 -26.72 5.49
CA GLU M 278 23.12 -25.93 6.61
C GLU M 278 22.16 -25.94 7.79
N LYS M 279 22.14 -27.08 8.50
CA LYS M 279 21.28 -27.22 9.67
C LYS M 279 21.76 -26.23 10.73
N MET M 280 23.09 -26.12 10.82
CA MET M 280 23.81 -25.24 11.73
C MET M 280 23.39 -25.32 13.16
N THR M 281 22.94 -26.47 13.61
CA THR M 281 22.46 -26.48 14.96
C THR M 281 23.17 -27.52 15.79
N ALA M 282 23.85 -27.05 16.83
CA ALA M 282 24.58 -27.92 17.72
C ALA M 282 23.65 -28.86 18.44
N LYS M 283 22.46 -28.37 18.76
CA LYS M 283 21.49 -29.17 19.46
C LYS M 283 21.08 -30.37 18.66
N GLU M 284 20.93 -30.17 17.35
CA GLU M 284 20.51 -31.26 16.49
C GLU M 284 21.63 -32.23 16.33
N LEU M 285 22.87 -31.73 16.23
CA LEU M 285 23.97 -32.65 16.07
C LEU M 285 24.18 -33.47 17.33
N SER M 286 23.99 -32.87 18.51
CA SER M 286 24.14 -33.68 19.72
C SER M 286 23.04 -34.71 19.79
N ALA M 287 21.82 -34.33 19.42
CA ALA M 287 20.73 -35.29 19.47
C ALA M 287 21.01 -36.46 18.56
N GLN M 288 21.59 -36.19 17.39
CA GLN M 288 21.95 -37.22 16.45
C GLN M 288 23.14 -38.06 16.86
N VAL M 289 24.18 -37.46 17.41
CA VAL M 289 25.37 -38.24 17.66
C VAL M 289 25.13 -39.25 18.76
N PHE M 290 24.24 -38.91 19.70
CA PHE M 290 23.87 -39.78 20.81
C PHE M 290 22.70 -40.70 20.53
N GLY M 291 22.18 -40.68 19.32
CA GLY M 291 21.07 -41.56 19.01
C GLY M 291 21.70 -42.87 18.62
N ASP M 292 20.90 -43.85 18.23
CA ASP M 292 21.50 -45.13 17.86
C ASP M 292 21.88 -45.17 16.38
N GLU M 293 21.22 -44.33 15.58
CA GLU M 293 21.40 -44.32 14.13
C GLU M 293 22.78 -43.98 13.59
N TYR M 294 23.63 -43.27 14.34
CA TYR M 294 24.98 -42.96 13.85
C TYR M 294 26.07 -43.76 14.54
N ILE M 295 25.71 -44.76 15.31
CA ILE M 295 26.71 -45.52 16.02
C ILE M 295 27.38 -46.43 15.03
N CYS M 296 28.70 -46.46 15.03
CA CYS M 296 29.44 -47.24 14.04
C CYS M 296 29.74 -48.68 14.42
N ALA M 297 28.96 -49.24 15.34
CA ALA M 297 29.08 -50.62 15.80
C ALA M 297 27.71 -51.22 16.08
N ALA M 298 27.62 -52.54 15.97
CA ALA M 298 26.37 -53.26 16.14
C ALA M 298 26.00 -53.43 17.59
N CYS M 299 25.50 -52.34 18.12
CA CYS M 299 25.08 -52.21 19.50
C CYS M 299 24.01 -51.14 19.55
N LYS M 300 23.31 -51.03 20.66
CA LYS M 300 22.27 -50.00 20.79
C LYS M 300 22.44 -49.20 22.09
N PRO M 301 23.35 -48.22 22.13
CA PRO M 301 23.76 -47.45 23.28
C PRO M 301 22.70 -46.74 24.06
N THR M 302 21.55 -46.39 23.47
CA THR M 302 20.55 -45.69 24.26
C THR M 302 19.90 -46.59 25.31
N THR M 303 20.14 -47.90 25.24
CA THR M 303 19.56 -48.83 26.20
C THR M 303 20.56 -49.29 27.24
N GLY M 304 21.79 -48.79 27.20
CA GLY M 304 22.82 -49.22 28.14
C GLY M 304 23.07 -48.15 29.19
N ARG M 305 24.25 -48.19 29.79
CA ARG M 305 24.60 -47.22 30.81
C ARG M 305 26.02 -46.73 30.54
N TYR M 306 26.26 -45.43 30.66
CA TYR M 306 27.58 -44.88 30.39
C TYR M 306 28.50 -44.77 31.58
N LEU M 307 29.77 -45.09 31.38
CA LEU M 307 30.69 -44.93 32.49
C LEU M 307 31.27 -43.55 32.34
N ALA M 308 31.50 -43.19 31.10
CA ALA M 308 32.09 -41.93 30.72
C ALA M 308 31.84 -41.71 29.26
N ALA M 309 31.87 -40.47 28.84
CA ALA M 309 31.77 -40.16 27.42
C ALA M 309 32.43 -38.85 27.12
N SER M 310 32.81 -38.63 25.88
CA SER M 310 33.38 -37.35 25.51
C SER M 310 32.76 -36.84 24.25
N VAL M 311 32.63 -35.52 24.19
CA VAL M 311 32.09 -34.92 22.99
C VAL M 311 32.96 -33.78 22.51
N LEU M 312 33.37 -33.86 21.26
CA LEU M 312 34.14 -32.81 20.63
C LEU M 312 33.31 -32.11 19.58
N PHE M 313 33.18 -30.82 19.76
CA PHE M 313 32.41 -30.01 18.84
C PHE M 313 33.38 -29.29 17.94
N ARG M 314 33.06 -29.25 16.65
CA ARG M 314 33.87 -28.52 15.71
C ARG M 314 33.10 -27.40 15.06
N GLY M 315 33.80 -26.32 14.80
CA GLY M 315 33.25 -25.18 14.08
C GLY M 315 32.66 -24.16 15.02
N ALA M 316 31.88 -23.23 14.48
CA ALA M 316 31.37 -22.12 15.25
C ALA M 316 30.14 -22.46 16.07
N VAL M 317 30.38 -23.28 17.08
CA VAL M 317 29.36 -23.75 17.99
C VAL M 317 29.23 -22.79 19.17
N LYS M 318 28.01 -22.38 19.48
CA LYS M 318 27.79 -21.46 20.59
C LYS M 318 27.88 -22.17 21.93
N THR M 319 28.53 -21.53 22.90
CA THR M 319 28.65 -22.09 24.25
C THR M 319 27.29 -22.37 24.85
N SER M 320 26.37 -21.46 24.63
CA SER M 320 25.04 -21.60 25.17
C SER M 320 24.32 -22.82 24.65
N ASP M 321 24.55 -23.19 23.38
CA ASP M 321 23.87 -24.32 22.80
C ASP M 321 24.52 -25.58 23.28
N VAL M 322 25.81 -25.54 23.55
CA VAL M 322 26.44 -26.73 24.05
C VAL M 322 25.88 -27.03 25.40
N ASN M 323 25.74 -26.02 26.24
CA ASN M 323 25.25 -26.29 27.57
C ASN M 323 23.84 -26.79 27.56
N GLU M 324 22.98 -26.23 26.72
CA GLU M 324 21.62 -26.71 26.71
C GLU M 324 21.55 -28.10 26.09
N ALA M 325 22.29 -28.32 25.01
CA ALA M 325 22.25 -29.60 24.35
C ALA M 325 22.75 -30.70 25.25
N MET M 326 23.79 -30.42 26.02
CA MET M 326 24.29 -31.46 26.88
C MET M 326 23.39 -31.69 28.06
N ALA M 327 22.63 -30.67 28.49
CA ALA M 327 21.70 -30.88 29.57
C ALA M 327 20.65 -31.89 29.13
N THR M 328 20.23 -31.80 27.87
CA THR M 328 19.25 -32.74 27.32
C THR M 328 19.81 -34.15 27.31
N VAL M 329 21.07 -34.27 26.92
CA VAL M 329 21.71 -35.57 26.87
C VAL M 329 21.79 -36.19 28.25
N LYS M 330 22.16 -35.39 29.26
CA LYS M 330 22.23 -35.94 30.60
C LYS M 330 20.87 -36.41 31.08
N GLU M 331 19.81 -35.66 30.77
CA GLU M 331 18.47 -36.07 31.19
C GLU M 331 17.96 -37.33 30.51
N GLN M 332 18.24 -37.49 29.23
CA GLN M 332 17.74 -38.65 28.49
C GLN M 332 18.50 -39.94 28.69
N ASN M 333 19.82 -39.87 28.86
CA ASN M 333 20.60 -41.09 28.97
C ASN M 333 20.80 -41.58 30.38
N SER M 334 21.48 -42.70 30.51
CA SER M 334 21.72 -43.31 31.79
C SER M 334 23.20 -43.46 32.06
N PHE M 335 23.61 -43.00 33.24
CA PHE M 335 24.99 -42.98 33.69
C PHE M 335 25.17 -43.74 35.00
N VAL M 336 26.39 -44.17 35.27
CA VAL M 336 26.69 -44.84 36.53
C VAL M 336 27.04 -43.75 37.56
N ASN M 337 26.47 -43.86 38.77
CA ASN M 337 26.63 -42.85 39.85
C ASN M 337 28.10 -42.53 40.20
N TRP M 338 28.94 -43.53 40.52
CA TRP M 338 30.30 -43.19 41.00
C TRP M 338 30.95 -42.12 40.12
N ILE M 339 31.11 -42.36 38.82
CA ILE M 339 31.61 -41.25 37.96
C ILE M 339 30.50 -40.19 37.99
N PRO M 340 30.65 -39.06 38.73
CA PRO M 340 29.55 -38.13 38.92
C PRO M 340 29.47 -37.01 37.88
N THR M 341 30.54 -36.74 37.16
CA THR M 341 30.54 -35.66 36.20
C THR M 341 30.21 -36.15 34.79
N GLY M 342 30.26 -37.46 34.55
CA GLY M 342 29.85 -38.03 33.26
C GLY M 342 30.74 -37.81 32.04
N PHE M 343 30.85 -36.55 31.64
CA PHE M 343 31.48 -36.16 30.40
C PHE M 343 32.79 -35.42 30.39
N LYS M 344 33.50 -35.57 29.27
CA LYS M 344 34.62 -34.72 28.91
C LYS M 344 34.19 -33.90 27.69
N ILE M 345 34.18 -32.58 27.80
CA ILE M 345 33.72 -31.76 26.68
C ILE M 345 34.80 -30.84 26.14
N SER M 346 34.89 -30.81 24.82
CA SER M 346 35.87 -29.98 24.16
C SER M 346 35.37 -29.36 22.87
N LYS M 347 35.93 -28.21 22.52
CA LYS M 347 35.60 -27.51 21.30
C LYS M 347 36.82 -27.10 20.50
N SER M 348 36.68 -27.18 19.17
CA SER M 348 37.68 -26.73 18.21
C SER M 348 37.00 -25.85 17.19
N GLU M 349 37.39 -24.61 17.13
CA GLU M 349 36.75 -23.62 16.27
C GLU M 349 36.89 -23.84 14.78
N THR M 350 37.78 -24.72 14.35
CA THR M 350 37.94 -24.94 12.92
C THR M 350 36.99 -25.99 12.40
N SER M 351 36.21 -25.57 11.40
CA SER M 351 35.18 -26.34 10.73
C SER M 351 35.77 -27.48 9.92
N PRO M 352 35.07 -28.61 9.75
CA PRO M 352 35.42 -29.69 8.87
C PRO M 352 35.25 -29.14 7.46
N LYS M 353 36.00 -29.63 6.48
CA LYS M 353 35.86 -29.02 5.16
C LYS M 353 34.50 -29.04 4.47
N ASP M 354 33.65 -30.02 4.73
CA ASP M 354 32.36 -30.07 4.03
C ASP M 354 31.15 -29.64 4.86
N SER M 355 31.38 -29.02 6.02
CA SER M 355 30.28 -28.56 6.86
C SER M 355 30.72 -27.46 7.77
N ALA M 356 29.91 -26.46 8.03
CA ALA M 356 30.40 -25.48 8.97
C ALA M 356 30.58 -26.07 10.37
N LEU M 357 29.67 -26.95 10.76
CA LEU M 357 29.71 -27.56 12.07
C LEU M 357 29.81 -29.07 12.01
N GLY M 358 30.30 -29.66 13.09
CA GLY M 358 30.27 -31.12 13.20
C GLY M 358 30.56 -31.61 14.61
N VAL M 359 30.12 -32.84 14.90
CA VAL M 359 30.33 -33.42 16.23
C VAL M 359 30.81 -34.85 16.21
N ILE M 360 31.80 -35.13 17.06
CA ILE M 360 32.23 -36.50 17.28
C ILE M 360 32.09 -36.89 18.74
N MET M 361 31.54 -38.06 18.97
CA MET M 361 31.36 -38.56 20.31
C MET M 361 31.98 -39.92 20.47
N LEU M 362 32.60 -40.11 21.63
CA LEU M 362 33.19 -41.39 22.01
C LEU M 362 32.67 -41.80 23.37
N GLY M 363 32.60 -43.08 23.63
CA GLY M 363 32.30 -43.39 25.03
C GLY M 363 32.22 -44.84 25.44
N ASN M 364 32.15 -45.01 26.75
CA ASN M 364 32.10 -46.30 27.40
C ASN M 364 30.71 -46.66 27.74
N ASN M 365 30.12 -47.49 26.95
CA ASN M 365 28.75 -47.83 27.16
C ASN M 365 28.74 -49.31 27.38
N SER M 366 28.12 -49.72 28.46
CA SER M 366 28.09 -51.11 28.90
C SER M 366 27.50 -52.05 27.89
N GLU M 367 26.78 -51.49 26.94
CA GLU M 367 26.14 -52.19 25.86
C GLU M 367 27.17 -52.92 25.01
N ILE M 368 28.42 -52.45 25.00
CA ILE M 368 29.48 -53.01 24.18
C ILE M 368 29.71 -54.49 24.41
N VAL M 369 29.34 -54.99 25.58
CA VAL M 369 29.58 -56.39 25.79
C VAL M 369 28.79 -57.23 24.82
N SER M 370 27.67 -56.74 24.28
CA SER M 370 26.91 -57.61 23.40
C SER M 370 27.72 -57.96 22.16
N VAL M 371 28.69 -57.13 21.78
CA VAL M 371 29.49 -57.43 20.62
C VAL M 371 30.40 -58.59 20.98
N PHE M 372 31.00 -58.46 22.15
CA PHE M 372 31.95 -59.45 22.60
C PHE M 372 31.26 -60.78 22.93
N GLU M 373 30.05 -60.72 23.47
CA GLU M 373 29.33 -61.92 23.82
C GLU M 373 28.98 -62.74 22.59
N ARG M 374 28.59 -62.08 21.48
CA ARG M 374 28.27 -62.81 20.26
C ARG M 374 29.50 -63.52 19.74
N ILE M 375 30.65 -62.85 19.79
CA ILE M 375 31.89 -63.44 19.29
C ILE M 375 32.23 -64.65 20.15
N GLY M 376 32.11 -64.48 21.47
CA GLY M 376 32.40 -65.54 22.40
C GLY M 376 31.55 -66.75 22.11
N ALA M 377 30.24 -66.57 21.98
CA ALA M 377 29.36 -67.70 21.72
C ALA M 377 29.67 -68.43 20.42
N ASN M 378 30.03 -67.70 19.35
CA ASN M 378 30.31 -68.38 18.11
C ASN M 378 31.55 -69.24 18.25
N PHE M 379 32.54 -68.71 18.96
CA PHE M 379 33.76 -69.43 19.23
C PHE M 379 33.46 -70.65 20.02
N ASP M 380 32.69 -70.53 21.09
CA ASP M 380 32.45 -71.66 21.95
C ASP M 380 31.85 -72.82 21.20
N ARG M 381 30.92 -72.56 20.28
CA ARG M 381 30.34 -73.67 19.55
C ARG M 381 31.34 -74.36 18.62
N LEU M 382 32.16 -73.58 17.92
CA LEU M 382 33.14 -74.15 17.02
C LEU M 382 34.27 -74.83 17.76
N TRP M 383 34.65 -74.24 18.88
CA TRP M 383 35.74 -74.71 19.72
C TRP M 383 35.38 -76.01 20.38
N SER M 384 34.14 -76.14 20.83
CA SER M 384 33.67 -77.36 21.45
C SER M 384 33.76 -78.49 20.44
N ARG M 385 33.41 -78.21 19.17
CA ARG M 385 33.44 -79.25 18.11
C ARG M 385 34.82 -79.34 17.45
N LYS M 386 35.69 -78.36 17.72
CA LYS M 386 37.07 -78.35 17.14
C LYS M 386 36.99 -78.30 15.62
N ALA M 387 36.16 -77.41 15.08
CA ALA M 387 36.07 -77.25 13.61
C ALA M 387 37.05 -76.18 13.15
N PHE M 388 37.92 -76.50 12.19
CA PHE M 388 38.96 -75.55 11.70
C PHE M 388 39.99 -75.29 12.80
N ALA M 389 39.99 -76.10 13.85
CA ALA M 389 40.92 -75.87 14.99
C ALA M 389 42.34 -76.27 14.61
N HIS M 390 42.50 -77.38 13.88
CA HIS M 390 43.83 -77.85 13.46
C HIS M 390 44.61 -76.69 12.84
N TRP M 391 43.91 -75.69 12.31
CA TRP M 391 44.63 -74.63 11.63
C TRP M 391 45.39 -73.76 12.62
N PHE M 392 44.99 -73.79 13.88
CA PHE M 392 45.62 -72.97 14.87
C PHE M 392 46.63 -73.77 15.68
N THR M 393 46.33 -75.04 15.94
CA THR M 393 47.25 -75.79 16.78
C THR M 393 48.41 -76.34 15.97
N ASP M 394 48.25 -76.47 14.67
CA ASP M 394 49.34 -76.97 13.86
C ASP M 394 50.24 -75.81 13.45
N SER M 395 49.89 -74.60 13.90
CA SER M 395 50.61 -73.39 13.58
C SER M 395 51.19 -72.79 14.85
N GLY M 396 51.31 -73.62 15.89
CA GLY M 396 51.95 -73.21 17.12
C GLY M 396 51.11 -72.93 18.37
N PHE M 397 49.78 -72.88 18.29
CA PHE M 397 49.04 -72.62 19.53
C PHE M 397 48.68 -73.88 20.26
N GLU M 398 48.58 -73.77 21.55
CA GLU M 398 48.11 -74.89 22.34
C GLU M 398 46.64 -74.65 22.61
N GLU M 399 45.91 -75.69 22.96
CA GLU M 399 44.50 -75.50 23.30
C GLU M 399 44.42 -74.53 24.46
N LYS M 400 45.43 -74.57 25.32
CA LYS M 400 45.55 -73.69 26.45
C LYS M 400 45.53 -72.22 26.04
N ASP M 401 46.10 -71.87 24.88
CA ASP M 401 46.17 -70.46 24.51
C ASP M 401 44.82 -70.03 23.99
N LEU M 402 44.15 -70.94 23.30
CA LEU M 402 42.84 -70.63 22.78
C LEU M 402 41.85 -70.47 23.94
N ASP M 403 42.03 -71.29 24.99
CA ASP M 403 41.19 -71.22 26.17
C ASP M 403 41.51 -70.02 27.04
N ASP M 404 42.78 -69.66 27.16
CA ASP M 404 43.10 -68.50 27.98
C ASP M 404 42.65 -67.22 27.31
N ALA M 405 42.73 -67.15 25.98
CA ALA M 405 42.27 -65.95 25.31
C ALA M 405 40.79 -65.77 25.55
N ARG M 406 40.04 -66.88 25.49
CA ARG M 406 38.62 -66.80 25.72
C ARG M 406 38.32 -66.36 27.13
N ALA M 407 39.08 -66.87 28.10
CA ALA M 407 38.88 -66.52 29.49
C ALA M 407 39.11 -65.04 29.74
N LEU M 408 40.10 -64.44 29.09
CA LEU M 408 40.33 -63.02 29.30
C LEU M 408 39.19 -62.21 28.76
N VAL M 409 38.68 -62.62 27.60
CA VAL M 409 37.56 -61.91 27.02
C VAL M 409 36.37 -61.99 27.95
N GLN M 410 36.13 -63.17 28.53
CA GLN M 410 34.99 -63.28 29.42
C GLN M 410 35.20 -62.43 30.66
N LYS M 411 36.43 -62.30 31.15
CA LYS M 411 36.62 -61.45 32.31
C LYS M 411 36.18 -60.03 32.03
N VAL M 412 36.53 -59.50 30.86
CA VAL M 412 36.11 -58.15 30.54
C VAL M 412 34.60 -58.04 30.46
N ILE M 413 33.96 -59.03 29.84
CA ILE M 413 32.50 -59.00 29.76
C ILE M 413 31.88 -59.03 31.13
N ASP M 414 32.37 -59.90 32.01
CA ASP M 414 31.80 -59.99 33.32
C ASP M 414 32.01 -58.72 34.11
N ASP M 415 33.16 -58.05 33.94
CA ASP M 415 33.39 -56.82 34.68
C ASP M 415 32.47 -55.72 34.18
N TYR M 416 32.25 -55.61 32.88
CA TYR M 416 31.31 -54.59 32.43
C TYR M 416 29.90 -54.85 32.90
N ARG M 417 29.48 -56.11 32.87
CA ARG M 417 28.12 -56.40 33.24
C ARG M 417 27.90 -56.27 34.72
N LYS M 418 28.84 -56.72 35.54
CA LYS M 418 28.64 -56.61 36.97
C LYS M 418 28.55 -55.18 37.37
N LEU M 419 29.44 -54.35 36.83
CA LEU M 419 29.43 -52.96 37.21
C LEU M 419 28.09 -52.35 36.85
N THR M 420 27.60 -52.64 35.65
CA THR M 420 26.35 -52.10 35.16
C THR M 420 25.17 -52.51 36.02
N GLU M 421 25.09 -53.77 36.41
CA GLU M 421 23.99 -54.19 37.26
C GLU M 421 24.09 -53.59 38.66
N ASP M 422 25.31 -53.51 39.22
CA ASP M 422 25.46 -52.97 40.56
C ASP M 422 25.01 -51.52 40.60
N ALA M 423 25.23 -50.82 39.48
CA ALA M 423 24.95 -49.42 39.31
C ALA M 423 23.53 -49.04 39.63
N GLU M 424 22.56 -49.92 39.45
CA GLU M 424 21.19 -49.51 39.71
C GLU M 424 20.97 -49.08 41.14
N ASN M 425 21.70 -49.69 42.08
CA ASN M 425 21.51 -49.38 43.49
C ASN M 425 22.57 -48.44 44.02
N LEU M 426 23.43 -47.88 43.15
CA LEU M 426 24.49 -47.01 43.67
C LEU M 426 23.97 -45.62 43.83
N TYR M 427 22.71 -45.46 43.45
CA TYR M 427 21.98 -44.22 43.60
C TYR M 427 21.12 -44.15 44.87
N PHE M 428 21.12 -45.20 45.75
CA PHE M 428 20.27 -45.27 46.95
C PHE M 428 21.08 -45.75 48.17
N ALA N 2 57.38 2.53 43.71
CA ALA N 2 56.21 1.81 43.18
C ALA N 2 56.20 0.40 43.75
N ARG N 3 55.15 0.03 44.49
CA ARG N 3 55.05 -1.35 45.02
C ARG N 3 54.71 -2.25 43.82
N GLU N 4 55.67 -3.04 43.35
CA GLU N 4 55.46 -3.80 42.09
C GLU N 4 54.95 -5.21 42.31
N VAL N 5 53.98 -5.65 41.49
CA VAL N 5 53.43 -6.99 41.50
C VAL N 5 53.83 -7.85 40.30
N ILE N 6 54.24 -9.09 40.56
CA ILE N 6 54.60 -10.01 39.49
C ILE N 6 53.46 -10.97 39.22
N THR N 7 53.00 -11.04 37.97
CA THR N 7 51.86 -11.90 37.65
C THR N 7 52.34 -13.14 36.92
N ILE N 8 51.89 -14.31 37.37
CA ILE N 8 52.29 -15.56 36.76
C ILE N 8 51.04 -16.29 36.24
N HIS N 9 51.04 -16.71 34.99
CA HIS N 9 49.89 -17.41 34.42
C HIS N 9 50.23 -18.88 34.27
N VAL N 10 49.51 -19.75 34.94
CA VAL N 10 49.88 -21.16 34.91
C VAL N 10 48.77 -22.05 34.36
N GLY N 11 49.09 -22.82 33.36
CA GLY N 11 48.12 -23.75 32.81
C GLY N 11 47.42 -23.18 31.62
N GLU N 12 46.70 -24.04 30.90
CA GLU N 12 46.07 -23.65 29.65
C GLU N 12 45.06 -22.53 29.82
N LEU N 13 44.28 -22.54 30.90
CA LEU N 13 43.29 -21.50 31.07
C LEU N 13 43.92 -20.21 31.55
N GLY N 14 44.86 -20.28 32.49
CA GLY N 14 45.44 -19.04 32.98
C GLY N 14 46.07 -18.30 31.81
N ILE N 15 46.66 -19.05 30.90
CA ILE N 15 47.27 -18.50 29.72
C ILE N 15 46.20 -17.99 28.77
N GLN N 16 45.10 -18.73 28.58
CA GLN N 16 44.02 -18.28 27.72
C GLN N 16 43.51 -16.92 28.08
N ILE N 17 43.42 -16.67 29.38
CA ILE N 17 42.97 -15.41 29.94
C ILE N 17 43.93 -14.27 29.68
N ALA N 18 45.24 -14.53 29.78
CA ALA N 18 46.27 -13.51 29.66
C ALA N 18 45.98 -12.41 28.63
N PRO N 19 45.66 -12.65 27.35
CA PRO N 19 45.45 -11.58 26.41
C PRO N 19 44.30 -10.66 26.77
N ASN N 20 43.35 -11.11 27.57
CA ASN N 20 42.24 -10.23 27.87
C ASN N 20 42.61 -9.40 29.04
N PHE N 21 43.32 -10.01 29.98
CA PHE N 21 43.74 -9.31 31.17
C PHE N 21 44.71 -8.21 30.79
N TRP N 22 45.69 -8.56 29.98
CA TRP N 22 46.69 -7.59 29.61
C TRP N 22 46.18 -6.54 28.65
N LYS N 23 45.24 -6.86 27.77
CA LYS N 23 44.71 -5.80 26.92
C LYS N 23 43.95 -4.83 27.79
N TYR N 24 43.19 -5.29 28.79
CA TYR N 24 42.49 -4.32 29.60
C TYR N 24 43.46 -3.39 30.28
N LEU N 25 44.56 -3.91 30.80
CA LEU N 25 45.49 -3.03 31.47
C LEU N 25 46.14 -2.06 30.50
N CYS N 26 46.44 -2.51 29.29
CA CYS N 26 47.05 -1.64 28.31
C CYS N 26 46.11 -0.51 27.95
N ASP N 27 44.83 -0.79 27.80
CA ASP N 27 43.98 0.31 27.44
C ASP N 27 43.73 1.20 28.62
N GLU N 28 43.63 0.61 29.79
CA GLU N 28 43.32 1.37 30.98
C GLU N 28 44.37 2.43 31.30
N HIS N 29 45.64 2.11 31.06
CA HIS N 29 46.75 3.02 31.33
C HIS N 29 47.26 3.80 30.12
N ASN N 30 46.54 3.76 28.98
CA ASN N 30 46.92 4.39 27.70
C ASN N 30 48.24 3.92 27.07
N ILE N 31 48.40 2.61 27.00
CA ILE N 31 49.53 1.96 26.36
C ILE N 31 48.97 1.09 25.24
N ASP N 32 49.65 1.02 24.12
CA ASP N 32 49.16 0.23 23.01
C ASP N 32 49.52 -1.23 23.24
N TYR N 33 49.14 -2.11 22.34
CA TYR N 33 49.37 -3.53 22.60
C TYR N 33 50.76 -3.95 22.22
N LYS N 34 51.53 -3.01 21.70
CA LYS N 34 52.91 -3.24 21.35
C LYS N 34 53.80 -2.71 22.47
N GLY N 35 53.19 -2.18 23.53
CA GLY N 35 53.93 -1.62 24.65
C GLY N 35 54.30 -0.16 24.44
N GLN N 36 53.86 0.43 23.35
CA GLN N 36 54.20 1.82 23.07
C GLN N 36 53.23 2.74 23.76
N GLU N 37 53.69 3.91 24.13
CA GLU N 37 52.79 4.84 24.79
C GLU N 37 51.82 5.42 23.79
N LYS N 38 50.61 5.65 24.23
CA LYS N 38 49.55 6.18 23.39
C LYS N 38 48.96 7.43 24.02
N GLY N 39 49.69 8.53 24.00
CA GLY N 39 49.22 9.71 24.69
C GLY N 39 49.72 9.71 26.13
N LYS N 40 48.97 10.34 27.02
CA LYS N 40 49.40 10.50 28.40
C LYS N 40 49.22 9.23 29.21
N ILE N 41 50.25 8.82 29.92
CA ILE N 41 50.15 7.62 30.75
C ILE N 41 49.55 7.96 32.06
N ARG N 42 48.59 7.16 32.49
CA ARG N 42 47.91 7.40 33.73
C ARG N 42 47.90 6.20 34.65
N GLY N 43 47.91 6.44 35.95
CA GLY N 43 47.91 5.40 36.98
C GLY N 43 49.34 5.01 37.30
N VAL N 44 49.54 4.12 38.25
CA VAL N 44 50.90 3.77 38.59
C VAL N 44 51.30 2.65 37.69
N ILE N 45 51.77 3.04 36.53
CA ILE N 45 52.08 2.08 35.51
C ILE N 45 53.11 1.07 35.90
N ASP N 46 54.06 1.52 36.70
CA ASP N 46 55.17 0.74 37.15
C ASP N 46 54.76 -0.47 37.94
N ASN N 47 53.58 -0.50 38.53
CA ASN N 47 53.26 -1.66 39.33
C ASN N 47 53.10 -2.93 38.51
N PHE N 48 52.64 -2.81 37.27
CA PHE N 48 52.46 -4.00 36.43
C PHE N 48 53.34 -4.04 35.21
N PHE N 49 53.94 -2.92 34.82
CA PHE N 49 54.78 -2.95 33.64
C PHE N 49 56.21 -2.52 33.92
N GLU N 50 57.12 -3.22 33.30
CA GLU N 50 58.55 -2.95 33.38
C GLU N 50 58.91 -1.96 32.30
N LYS N 51 59.76 -1.00 32.62
CA LYS N 51 60.17 -0.08 31.58
C LYS N 51 61.42 -0.58 30.89
N ALA N 52 61.36 -0.65 29.57
CA ALA N 52 62.45 -1.10 28.73
C ALA N 52 63.54 -0.05 28.65
N SER N 53 64.68 -0.42 28.10
CA SER N 53 65.77 0.53 27.86
C SER N 53 65.39 1.56 26.79
N ILE N 54 64.30 1.26 26.10
CA ILE N 54 63.68 2.02 25.05
C ILE N 54 62.28 2.42 25.53
N GLY N 55 61.51 3.13 24.71
CA GLY N 55 60.19 3.62 25.13
C GLY N 55 59.10 2.56 25.45
N LYS N 56 59.35 1.31 25.10
CA LYS N 56 58.42 0.21 25.31
C LYS N 56 58.18 -0.23 26.78
N TRP N 57 56.92 -0.46 27.11
CA TRP N 57 56.53 -1.04 28.38
C TRP N 57 56.37 -2.54 28.21
N ILE N 58 56.87 -3.30 29.16
CA ILE N 58 56.84 -4.75 29.15
C ILE N 58 55.97 -5.30 30.25
N PRO N 59 55.00 -6.16 30.01
CA PRO N 59 54.15 -6.64 31.06
C PRO N 59 55.04 -7.39 31.99
N ARG N 60 54.89 -7.19 33.28
CA ARG N 60 55.73 -7.87 34.24
C ARG N 60 55.15 -9.25 34.55
N THR N 61 55.35 -10.18 33.61
CA THR N 61 54.73 -11.49 33.72
C THR N 61 55.46 -12.69 33.13
N ILE N 62 55.15 -13.85 33.71
CA ILE N 62 55.66 -15.16 33.33
C ILE N 62 54.54 -16.13 32.90
N LEU N 63 54.74 -16.84 31.78
CA LEU N 63 53.72 -17.79 31.29
C LEU N 63 54.21 -19.24 31.40
N VAL N 64 53.51 -20.09 32.13
CA VAL N 64 53.94 -21.49 32.33
C VAL N 64 52.94 -22.52 31.77
N ASP N 65 53.42 -23.40 30.89
CA ASP N 65 52.61 -24.45 30.23
C ASP N 65 53.40 -25.75 30.09
N LEU N 66 52.87 -26.88 30.54
CA LEU N 66 53.63 -28.12 30.42
C LEU N 66 53.61 -28.65 28.98
N GLY N 67 52.76 -28.09 28.14
CA GLY N 67 52.76 -28.41 26.72
C GLY N 67 53.22 -27.11 26.04
N PRO N 68 53.37 -27.05 24.72
CA PRO N 68 53.75 -25.86 23.99
C PRO N 68 52.61 -24.97 23.47
N ASN N 69 51.37 -25.42 23.58
CA ASN N 69 50.33 -24.79 22.77
C ASN N 69 49.61 -23.58 23.33
N ALA N 70 49.44 -23.47 24.66
CA ALA N 70 48.69 -22.31 25.09
C ALA N 70 49.55 -21.09 24.86
N ILE N 71 50.84 -21.26 25.09
CA ILE N 71 51.75 -20.15 24.93
C ILE N 71 51.90 -19.83 23.48
N ARG N 72 52.10 -20.83 22.61
CA ARG N 72 52.27 -20.49 21.22
C ARG N 72 51.10 -19.66 20.70
N LYS N 73 49.87 -20.03 21.02
CA LYS N 73 48.79 -19.21 20.50
C LYS N 73 48.79 -17.80 21.09
N VAL N 74 49.01 -17.68 22.39
CA VAL N 74 49.00 -16.36 22.97
C VAL N 74 50.08 -15.42 22.48
N THR N 75 51.31 -15.90 22.38
CA THR N 75 52.37 -15.00 22.02
C THR N 75 52.60 -14.86 20.53
N LYS N 76 52.10 -15.79 19.72
CA LYS N 76 52.31 -15.69 18.29
C LYS N 76 51.06 -15.25 17.53
N LYS N 77 49.85 -15.50 18.04
CA LYS N 77 48.67 -15.11 17.29
C LYS N 77 47.78 -14.07 17.96
N ASP N 78 47.55 -14.18 19.26
CA ASP N 78 46.63 -13.21 19.87
C ASP N 78 47.21 -11.89 20.32
N MET N 79 48.40 -11.87 20.90
CA MET N 79 48.91 -10.58 21.31
C MET N 79 50.41 -10.54 21.01
N LYS N 80 50.69 -10.38 19.74
CA LYS N 80 52.02 -10.45 19.17
C LYS N 80 52.92 -9.37 19.71
N ASP N 81 54.16 -9.75 20.00
CA ASP N 81 55.24 -8.86 20.43
C ASP N 81 55.04 -8.22 21.80
N PHE N 82 54.02 -8.61 22.53
CA PHE N 82 53.79 -8.02 23.82
C PHE N 82 54.48 -8.76 24.95
N PHE N 83 54.44 -10.07 24.91
CA PHE N 83 54.98 -10.87 25.97
C PHE N 83 56.42 -11.17 25.66
N ASP N 84 57.28 -11.14 26.67
CA ASP N 84 58.70 -11.43 26.53
C ASP N 84 58.94 -12.94 26.43
N PRO N 85 59.47 -13.48 25.32
CA PRO N 85 59.64 -14.89 25.08
C PRO N 85 60.60 -15.54 26.06
N LYS N 86 61.41 -14.75 26.73
CA LYS N 86 62.36 -15.31 27.67
C LYS N 86 61.72 -15.53 29.01
N ARG N 87 60.44 -15.18 29.12
CA ARG N 87 59.68 -15.35 30.33
C ARG N 87 58.62 -16.44 30.12
N CYS N 88 58.74 -17.20 29.03
CA CYS N 88 57.80 -18.28 28.78
C CYS N 88 58.44 -19.63 29.04
N VAL N 89 57.76 -20.48 29.79
CA VAL N 89 58.26 -21.81 30.12
C VAL N 89 57.41 -22.86 29.48
N MET N 90 58.00 -23.69 28.63
CA MET N 90 57.22 -24.71 27.96
C MET N 90 57.77 -26.10 28.07
N GLY N 91 56.89 -27.01 28.39
CA GLY N 91 57.22 -28.42 28.41
C GLY N 91 56.78 -29.05 27.10
N LEU N 92 56.83 -30.38 27.04
CA LEU N 92 56.42 -31.07 25.82
C LEU N 92 55.24 -32.00 26.03
N ALA N 93 55.20 -32.68 27.17
CA ALA N 93 54.19 -33.71 27.39
C ALA N 93 52.81 -33.21 27.80
N GLY N 94 52.68 -32.00 28.32
CA GLY N 94 51.38 -31.59 28.81
C GLY N 94 51.16 -32.29 30.15
N ASP N 95 49.89 -32.48 30.53
CA ASP N 95 49.63 -33.06 31.83
C ASP N 95 48.62 -34.21 31.85
N ALA N 96 48.08 -34.64 30.71
CA ALA N 96 47.11 -35.73 30.65
C ALA N 96 45.93 -35.51 31.60
N ASN N 97 45.64 -34.25 31.92
CA ASN N 97 44.64 -33.78 32.86
C ASN N 97 44.88 -34.25 34.29
N LEU N 98 46.08 -34.67 34.64
CA LEU N 98 46.34 -35.13 35.99
C LEU N 98 47.12 -34.20 36.89
N PHE N 99 46.62 -34.04 38.11
CA PHE N 99 47.30 -33.32 39.17
C PHE N 99 48.66 -33.91 39.35
N ALA N 100 48.74 -35.25 39.30
CA ALA N 100 49.99 -35.91 39.53
C ALA N 100 51.11 -35.43 38.60
N LYS N 101 50.82 -35.09 37.35
CA LYS N 101 51.94 -34.65 36.54
C LYS N 101 52.35 -33.26 36.90
N GLY N 102 51.38 -32.40 37.15
CA GLY N 102 51.71 -31.04 37.48
C GLY N 102 52.48 -30.89 38.80
N TYR N 103 52.18 -31.73 39.79
CA TYR N 103 52.81 -31.60 41.10
C TYR N 103 53.92 -32.60 41.44
N TYR N 104 53.92 -33.84 40.90
CA TYR N 104 54.94 -34.81 41.33
C TYR N 104 55.85 -35.35 40.23
N SER N 105 55.28 -35.81 39.11
CA SER N 105 56.13 -36.53 38.15
C SER N 105 56.73 -35.78 36.96
N TYR N 106 56.11 -34.70 36.50
CA TYR N 106 56.65 -34.06 35.31
C TYR N 106 57.00 -32.63 35.59
N GLY N 107 56.09 -31.91 36.20
CA GLY N 107 56.25 -30.48 36.41
C GLY N 107 57.40 -30.14 37.32
N THR N 108 57.86 -31.10 38.08
CA THR N 108 58.94 -30.90 39.01
C THR N 108 60.26 -30.66 38.32
N ARG N 109 60.42 -31.16 37.10
CA ARG N 109 61.69 -31.02 36.41
C ARG N 109 61.86 -29.62 35.86
N PHE N 110 60.80 -28.82 35.90
CA PHE N 110 60.85 -27.48 35.38
C PHE N 110 61.01 -26.48 36.49
N MET N 111 61.11 -26.93 37.73
CA MET N 111 61.16 -25.92 38.77
C MET N 111 62.43 -25.12 38.78
N GLU N 112 63.55 -25.66 38.33
CA GLU N 112 64.74 -24.83 38.34
C GLU N 112 64.58 -23.71 37.32
N GLU N 113 64.02 -24.04 36.17
CA GLU N 113 63.80 -23.07 35.10
C GLU N 113 62.82 -22.00 35.54
N ILE N 114 61.75 -22.42 36.20
CA ILE N 114 60.73 -21.50 36.62
C ILE N 114 61.24 -20.57 37.70
N MET N 115 61.94 -21.10 38.71
CA MET N 115 62.42 -20.22 39.75
C MET N 115 63.51 -19.30 39.25
N ASP N 116 64.27 -19.73 38.23
CA ASP N 116 65.29 -18.88 37.68
C ASP N 116 64.66 -17.72 36.95
N LYS N 117 63.59 -17.98 36.20
CA LYS N 117 62.93 -16.89 35.51
C LYS N 117 62.27 -15.95 36.50
N ILE N 118 61.72 -16.50 37.59
CA ILE N 118 61.11 -15.63 38.55
C ILE N 118 62.15 -14.75 39.16
N GLN N 119 63.31 -15.29 39.54
CA GLN N 119 64.29 -14.40 40.12
C GLN N 119 64.71 -13.32 39.15
N LYS N 120 64.87 -13.65 37.87
CA LYS N 120 65.26 -12.60 36.95
C LYS N 120 64.25 -11.48 36.93
N GLU N 121 62.98 -11.80 37.10
CA GLU N 121 61.92 -10.80 37.12
C GLU N 121 61.96 -10.01 38.45
N VAL N 122 62.22 -10.71 39.56
CA VAL N 122 62.31 -10.12 40.89
C VAL N 122 63.47 -9.15 40.99
N ASP N 123 64.57 -9.51 40.38
CA ASP N 123 65.78 -8.71 40.39
C ASP N 123 65.62 -7.37 39.69
N GLN N 124 64.54 -7.16 38.94
CA GLN N 124 64.39 -5.90 38.26
C GLN N 124 63.63 -4.90 39.12
N THR N 125 63.16 -5.33 40.31
CA THR N 125 62.34 -4.44 41.12
C THR N 125 62.82 -4.19 42.56
N GLU N 126 62.90 -2.91 42.91
CA GLU N 126 63.33 -2.44 44.24
C GLU N 126 62.33 -2.74 45.35
N HIS N 127 61.05 -2.60 45.05
CA HIS N 127 60.03 -2.80 46.05
C HIS N 127 58.96 -3.72 45.55
N LEU N 128 59.11 -4.99 45.86
CA LEU N 128 58.17 -6.00 45.41
C LEU N 128 57.14 -6.18 46.49
N GLN N 129 55.89 -6.00 46.10
CA GLN N 129 54.75 -6.08 46.97
C GLN N 129 54.29 -7.52 47.10
N GLY N 130 54.26 -8.20 45.97
CA GLY N 130 53.78 -9.56 45.97
C GLY N 130 53.61 -10.18 44.61
N PHE N 131 53.02 -11.36 44.64
CA PHE N 131 52.77 -12.15 43.44
C PHE N 131 51.32 -12.49 43.27
N ILE N 132 50.89 -12.55 42.01
CA ILE N 132 49.57 -13.04 41.69
C ILE N 132 49.69 -14.23 40.79
N VAL N 133 49.12 -15.35 41.20
CA VAL N 133 49.20 -16.52 40.36
C VAL N 133 47.82 -16.84 39.83
N VAL N 134 47.70 -16.84 38.51
CA VAL N 134 46.43 -17.07 37.86
C VAL N 134 46.39 -18.47 37.34
N HIS N 135 45.44 -19.26 37.81
CA HIS N 135 45.44 -20.63 37.37
C HIS N 135 44.10 -21.30 37.43
N SER N 136 43.96 -22.32 36.62
CA SER N 136 42.83 -23.20 36.67
C SER N 136 43.00 -24.12 37.83
N ILE N 137 41.95 -24.63 38.46
CA ILE N 137 42.15 -25.69 39.50
C ILE N 137 41.61 -26.99 38.91
N GLY N 138 41.29 -26.96 37.62
CA GLY N 138 40.74 -28.08 36.87
C GLY N 138 41.77 -29.08 36.39
N ASP N 139 42.48 -28.69 35.35
CA ASP N 139 43.52 -29.45 34.67
C ASP N 139 44.75 -29.60 35.53
N GLY N 140 45.54 -30.62 35.22
CA GLY N 140 46.76 -30.92 35.95
C GLY N 140 47.81 -29.85 35.93
N THR N 141 47.99 -29.13 34.83
CA THR N 141 49.02 -28.12 34.86
C THR N 141 48.65 -27.04 35.84
N GLY N 142 47.42 -26.53 35.75
CA GLY N 142 46.98 -25.50 36.67
C GLY N 142 46.91 -26.02 38.10
N ALA N 143 46.18 -27.11 38.31
CA ALA N 143 45.96 -27.69 39.61
C ALA N 143 47.23 -28.16 40.29
N GLY N 144 48.17 -28.67 39.51
CA GLY N 144 49.43 -29.20 40.01
C GLY N 144 50.54 -28.16 40.12
N LEU N 145 50.95 -27.56 39.01
CA LEU N 145 52.03 -26.63 39.14
C LEU N 145 51.71 -25.39 39.89
N ALA N 146 50.50 -24.83 39.80
CA ALA N 146 50.39 -23.56 40.45
C ALA N 146 50.78 -23.67 41.93
N PRO N 147 50.29 -24.64 42.75
CA PRO N 147 50.77 -24.83 44.09
C PRO N 147 52.24 -25.23 44.21
N LEU N 148 52.82 -25.84 43.18
CA LEU N 148 54.23 -26.23 43.30
C LEU N 148 55.07 -24.95 43.25
N ILE N 149 54.65 -24.04 42.39
CA ILE N 149 55.30 -22.77 42.17
C ILE N 149 55.10 -21.91 43.39
N MET N 150 53.89 -21.87 43.91
CA MET N 150 53.63 -21.06 45.09
C MET N 150 54.49 -21.48 46.25
N GLU N 151 54.62 -22.79 46.49
CA GLU N 151 55.45 -23.20 47.62
C GLU N 151 56.90 -22.80 47.41
N ALA N 152 57.41 -22.94 46.19
CA ALA N 152 58.79 -22.58 45.95
C ALA N 152 59.04 -21.10 46.20
N ILE N 153 58.08 -20.25 45.85
CA ILE N 153 58.21 -18.83 46.10
C ILE N 153 58.10 -18.50 47.58
N LYS N 154 57.12 -19.04 48.28
CA LYS N 154 56.96 -18.69 49.69
C LYS N 154 58.18 -19.06 50.51
N LYS N 155 58.90 -20.10 50.09
CA LYS N 155 60.08 -20.56 50.87
C LYS N 155 61.28 -19.66 50.57
N LYS N 156 61.20 -18.82 49.55
CA LYS N 156 62.32 -17.98 49.15
C LYS N 156 62.06 -16.51 49.49
N HIS N 157 60.80 -16.11 49.40
CA HIS N 157 60.40 -14.73 49.63
C HIS N 157 59.22 -14.70 50.61
N PRO N 158 59.42 -15.12 51.89
CA PRO N 158 58.39 -15.34 52.89
C PRO N 158 57.66 -14.10 53.35
N LYS N 159 58.20 -12.92 53.07
CA LYS N 159 57.61 -11.66 53.51
C LYS N 159 56.66 -11.04 52.49
N LEU N 160 56.53 -11.65 51.33
CA LEU N 160 55.66 -11.10 50.30
C LEU N 160 54.26 -11.65 50.43
N VAL N 161 53.27 -10.91 49.94
CA VAL N 161 51.91 -11.42 49.96
C VAL N 161 51.64 -12.17 48.67
N MET N 162 51.12 -13.37 48.79
CA MET N 162 50.79 -14.11 47.61
C MET N 162 49.30 -14.30 47.44
N MET N 163 48.82 -13.92 46.27
CA MET N 163 47.43 -14.05 45.96
C MET N 163 47.23 -14.98 44.80
N SER N 164 46.24 -15.82 44.87
CA SER N 164 45.94 -16.67 43.75
C SER N 164 44.57 -16.34 43.21
N TYR N 165 44.39 -16.56 41.94
CA TYR N 165 43.12 -16.41 41.28
C TYR N 165 42.78 -17.78 40.75
N SER N 166 41.97 -18.50 41.51
CA SER N 166 41.62 -19.89 41.26
C SER N 166 40.34 -20.01 40.50
N ILE N 167 40.41 -20.61 39.32
CA ILE N 167 39.22 -20.68 38.51
C ILE N 167 38.66 -22.08 38.47
N VAL N 168 37.43 -22.21 38.96
CA VAL N 168 36.78 -23.50 39.04
C VAL N 168 36.03 -23.76 37.74
N PRO N 169 36.36 -24.82 37.00
CA PRO N 169 35.76 -25.21 35.75
C PRO N 169 34.34 -25.55 35.95
N SER N 170 33.58 -25.40 34.90
CA SER N 170 32.17 -25.77 34.88
C SER N 170 31.91 -27.26 34.87
N GLN N 171 30.67 -27.62 35.17
CA GLN N 171 30.17 -28.99 35.15
C GLN N 171 29.57 -29.35 33.79
N ASN N 172 29.69 -28.44 32.83
CA ASN N 172 29.20 -28.62 31.49
C ASN N 172 30.27 -28.28 30.43
N MET N 173 30.41 -27.05 30.00
CA MET N 173 31.30 -26.75 28.88
C MET N 173 32.76 -27.09 29.14
N ASP N 174 33.21 -27.02 30.38
CA ASP N 174 34.59 -27.30 30.72
C ASP N 174 34.71 -28.63 31.44
N CYS N 175 33.70 -29.45 31.44
CA CYS N 175 33.78 -30.61 32.31
C CYS N 175 34.77 -31.67 31.91
N SER N 176 35.12 -32.43 32.93
CA SER N 176 36.04 -33.57 32.91
C SER N 176 35.60 -34.63 33.90
N THR N 177 35.85 -35.87 33.53
CA THR N 177 35.50 -37.03 34.33
C THR N 177 36.33 -37.17 35.58
N ILE N 178 37.45 -36.46 35.66
CA ILE N 178 38.29 -36.50 36.85
C ILE N 178 38.44 -35.14 37.51
N LEU N 179 37.52 -34.22 37.18
CA LEU N 179 37.58 -32.91 37.78
C LEU N 179 37.62 -32.93 39.31
N PRO N 180 36.79 -33.71 40.03
CA PRO N 180 36.78 -33.76 41.46
C PRO N 180 38.10 -34.21 42.06
N TYR N 181 38.94 -34.95 41.32
CA TYR N 181 40.18 -35.33 41.98
C TYR N 181 41.11 -34.19 41.93
N ASN N 182 41.18 -33.52 40.79
CA ASN N 182 42.15 -32.47 40.74
C ASN N 182 41.74 -31.31 41.62
N ALA N 183 40.43 -31.03 41.73
CA ALA N 183 40.00 -29.92 42.54
C ALA N 183 40.29 -30.12 44.02
N ILE N 184 40.08 -31.32 44.54
CA ILE N 184 40.35 -31.54 45.95
C ILE N 184 41.83 -31.62 46.22
N LEU N 185 42.57 -32.30 45.35
CA LEU N 185 43.99 -32.44 45.56
C LEU N 185 44.67 -31.11 45.52
N SER N 186 44.23 -30.19 44.66
CA SER N 186 44.85 -28.88 44.62
C SER N 186 44.33 -27.90 45.68
N LEU N 187 43.07 -28.00 46.13
CA LEU N 187 42.61 -27.10 47.21
C LEU N 187 43.42 -27.41 48.45
N ASP N 188 43.80 -28.67 48.59
CA ASP N 188 44.59 -29.10 49.71
C ASP N 188 45.93 -28.36 49.77
N LYS N 189 46.49 -27.96 48.63
CA LYS N 189 47.77 -27.31 48.68
C LYS N 189 47.57 -25.81 48.74
N LEU N 190 46.50 -25.30 48.13
CA LEU N 190 46.26 -23.86 48.14
C LEU N 190 46.03 -23.41 49.54
N THR N 191 45.47 -24.29 50.35
CA THR N 191 45.19 -24.04 51.74
C THR N 191 46.44 -23.59 52.48
N SER N 192 47.62 -24.16 52.20
CA SER N 192 48.81 -23.71 52.91
C SER N 192 49.66 -22.74 52.09
N CYS N 193 49.47 -22.72 50.75
CA CYS N 193 50.27 -21.89 49.85
C CYS N 193 49.95 -20.41 49.78
N ALA N 194 48.69 -20.07 49.55
CA ALA N 194 48.32 -18.67 49.30
C ALA N 194 47.96 -17.93 50.57
N ASP N 195 48.12 -16.61 50.56
CA ASP N 195 47.67 -15.81 51.67
C ASP N 195 46.23 -15.39 51.38
N ILE N 196 45.97 -15.13 50.12
CA ILE N 196 44.65 -14.73 49.64
C ILE N 196 44.27 -15.64 48.49
N SER N 197 43.09 -16.23 48.47
CA SER N 197 42.75 -17.05 47.31
C SER N 197 41.37 -16.73 46.81
N MET N 198 41.29 -16.21 45.59
CA MET N 198 40.00 -15.83 45.05
C MET N 198 39.39 -17.00 44.34
N ILE N 199 38.12 -17.26 44.54
CA ILE N 199 37.47 -18.32 43.82
C ILE N 199 36.44 -17.80 42.86
N ILE N 200 36.63 -18.12 41.59
CA ILE N 200 35.68 -17.72 40.57
C ILE N 200 35.09 -18.98 39.98
N ASP N 201 33.78 -19.07 39.95
CA ASP N 201 33.09 -20.25 39.44
C ASP N 201 32.59 -20.08 37.99
N ASN N 202 33.12 -20.85 37.02
CA ASN N 202 32.70 -20.64 35.64
C ASN N 202 31.22 -20.92 35.42
N ASP N 203 30.57 -21.75 36.26
CA ASP N 203 29.16 -21.97 36.03
C ASP N 203 28.35 -20.75 36.35
N SER N 204 28.84 -19.92 37.27
CA SER N 204 28.11 -18.72 37.58
C SER N 204 28.29 -17.78 36.42
N ILE N 205 29.48 -17.76 35.86
CA ILE N 205 29.68 -16.86 34.74
C ILE N 205 28.77 -17.27 33.60
N TYR N 206 28.69 -18.55 33.30
CA TYR N 206 27.85 -18.91 32.19
C TYR N 206 26.38 -18.56 32.41
N ARG N 207 25.83 -18.80 33.61
CA ARG N 207 24.41 -18.45 33.78
C ARG N 207 24.16 -16.95 33.91
N ILE N 208 25.13 -16.22 34.44
CA ILE N 208 24.95 -14.80 34.58
C ILE N 208 25.00 -14.10 33.25
N VAL N 209 25.96 -14.46 32.42
CA VAL N 209 26.04 -13.84 31.13
C VAL N 209 24.84 -14.24 30.30
N ALA N 210 24.44 -15.51 30.34
CA ALA N 210 23.28 -15.92 29.59
C ALA N 210 22.04 -15.13 29.99
N THR N 211 21.89 -14.83 31.27
CA THR N 211 20.76 -14.05 31.73
C THR N 211 20.82 -12.65 31.15
N GLN N 212 21.99 -12.02 31.20
CA GLN N 212 22.13 -10.65 30.68
C GLN N 212 21.94 -10.61 29.18
N GLY N 213 22.31 -11.69 28.54
CA GLY N 213 22.22 -11.85 27.11
C GLY N 213 20.89 -12.38 26.63
N LYS N 214 19.89 -12.51 27.50
CA LYS N 214 18.63 -13.10 27.05
C LYS N 214 17.97 -12.29 25.92
N GLU N 215 18.33 -11.02 25.82
CA GLU N 215 17.80 -10.11 24.81
C GLU N 215 18.65 -10.01 23.54
N ASN N 216 19.80 -10.69 23.48
CA ASN N 216 20.67 -10.53 22.31
C ASN N 216 21.57 -11.74 22.01
N GLU N 217 22.40 -11.62 20.98
CA GLU N 217 23.26 -12.74 20.58
C GLU N 217 24.65 -12.74 21.21
N LEU N 218 24.94 -11.77 22.06
CA LEU N 218 26.25 -11.65 22.68
C LEU N 218 27.41 -11.78 21.68
N SER N 219 28.45 -12.49 22.11
CA SER N 219 29.66 -12.82 21.40
C SER N 219 30.26 -13.98 22.14
N GLU N 220 30.92 -14.89 21.47
CA GLU N 220 31.52 -16.00 22.21
C GLU N 220 32.68 -15.57 23.08
N SER N 221 33.24 -14.39 22.83
CA SER N 221 34.35 -13.90 23.62
C SER N 221 33.93 -13.37 24.99
N ILE N 222 32.64 -13.18 25.21
CA ILE N 222 32.16 -12.59 26.44
C ILE N 222 32.50 -13.37 27.69
N PHE N 223 32.58 -14.67 27.60
CA PHE N 223 32.83 -15.43 28.81
C PHE N 223 34.23 -15.17 29.32
N ASP N 224 35.18 -15.05 28.40
CA ASP N 224 36.56 -14.82 28.79
C ASP N 224 36.74 -13.37 29.20
N GLN N 225 35.99 -12.45 28.59
CA GLN N 225 36.17 -11.07 28.97
C GLN N 225 35.69 -10.87 30.41
N VAL N 226 34.60 -11.54 30.81
CA VAL N 226 34.12 -11.37 32.17
C VAL N 226 35.11 -11.94 33.17
N LEU N 227 35.65 -13.11 32.89
CA LEU N 227 36.58 -13.72 33.80
C LEU N 227 37.86 -12.88 33.96
N ALA N 228 38.39 -12.38 32.83
CA ALA N 228 39.58 -11.55 32.87
C ALA N 228 39.33 -10.23 33.56
N LYS N 229 38.16 -9.64 33.33
CA LYS N 229 37.84 -8.37 33.90
C LYS N 229 37.75 -8.45 35.39
N ALA N 230 37.19 -9.53 35.92
CA ALA N 230 37.13 -9.58 37.36
C ALA N 230 38.53 -9.46 37.94
N LEU N 231 39.54 -10.08 37.35
CA LEU N 231 40.86 -9.89 37.97
C LEU N 231 41.34 -8.46 37.84
N VAL N 232 41.06 -7.82 36.70
CA VAL N 232 41.51 -6.46 36.47
C VAL N 232 40.92 -5.52 37.51
N GLU N 233 39.62 -5.69 37.80
CA GLU N 233 38.95 -4.85 38.76
C GLU N 233 39.44 -5.11 40.18
N ILE N 234 39.75 -6.36 40.53
CA ILE N 234 40.25 -6.67 41.87
C ILE N 234 41.53 -5.89 42.09
N THR N 235 42.35 -5.87 41.06
CA THR N 235 43.63 -5.18 41.07
C THR N 235 43.58 -3.69 40.80
N ALA N 236 42.42 -3.09 40.56
CA ALA N 236 42.38 -1.68 40.24
C ALA N 236 42.96 -0.82 41.34
N THR N 237 42.77 -1.21 42.58
CA THR N 237 43.23 -0.41 43.69
C THR N 237 44.72 -0.54 43.90
N LEU N 238 45.35 -1.49 43.21
CA LEU N 238 46.77 -1.67 43.35
C LEU N 238 47.48 -0.88 42.25
N ARG N 239 46.70 -0.28 41.34
CA ARG N 239 47.24 0.42 40.19
C ARG N 239 46.93 1.90 40.23
N PHE N 240 45.87 2.28 40.89
CA PHE N 240 45.49 3.68 40.99
C PHE N 240 45.63 4.13 42.43
N ASN N 241 45.78 5.42 42.67
CA ASN N 241 45.94 5.87 44.05
C ASN N 241 44.61 5.96 44.77
N SER N 242 44.12 4.78 45.07
CA SER N 242 42.82 4.50 45.65
C SER N 242 42.84 4.65 47.16
N PRO N 243 41.70 4.95 47.83
CA PRO N 243 41.67 4.99 49.30
C PRO N 243 41.28 3.62 49.85
N LEU N 244 41.53 2.55 49.08
CA LEU N 244 41.10 1.19 49.50
C LEU N 244 42.07 0.15 48.93
N ASN N 245 42.21 -1.01 49.59
CA ASN N 245 43.07 -2.09 49.14
C ASN N 245 44.34 -1.53 48.51
N ARG N 246 44.86 -0.45 49.11
CA ARG N 246 46.05 0.22 48.64
C ARG N 246 47.18 -0.73 48.31
N SER N 247 47.28 -1.82 49.04
CA SER N 247 48.32 -2.80 48.83
C SER N 247 47.82 -4.18 49.15
N MET N 248 48.53 -5.20 48.69
CA MET N 248 48.18 -6.59 48.93
C MET N 248 48.18 -6.92 50.41
N MET N 249 49.05 -6.26 51.16
CA MET N 249 49.11 -6.48 52.59
C MET N 249 47.84 -5.98 53.26
N GLU N 250 47.23 -4.93 52.70
CA GLU N 250 45.99 -4.36 53.29
C GLU N 250 44.81 -5.24 52.88
N MET N 251 44.88 -5.87 51.71
CA MET N 251 43.79 -6.77 51.36
C MET N 251 43.78 -7.93 52.31
N SER N 252 44.97 -8.42 52.65
CA SER N 252 45.08 -9.52 53.55
C SER N 252 44.54 -9.17 54.93
N THR N 253 44.94 -8.01 55.45
CA THR N 253 44.50 -7.62 56.82
C THR N 253 42.99 -7.33 56.85
N ASN N 254 42.40 -6.84 55.76
CA ASN N 254 41.00 -6.49 55.72
C ASN N 254 40.10 -7.71 55.58
N LEU N 255 40.54 -8.71 54.83
CA LEU N 255 39.71 -9.85 54.54
C LEU N 255 39.99 -11.18 55.23
N VAL N 256 41.22 -11.47 55.69
CA VAL N 256 41.49 -12.79 56.23
C VAL N 256 41.83 -12.84 57.72
N PRO N 257 40.87 -13.13 58.64
CA PRO N 257 41.09 -13.16 60.08
C PRO N 257 41.88 -14.35 60.62
N PHE N 258 41.89 -15.45 59.90
CA PHE N 258 42.61 -16.63 60.34
C PHE N 258 43.38 -17.15 59.15
N PRO N 259 44.58 -17.71 59.31
CA PRO N 259 45.39 -18.25 58.22
C PRO N 259 44.68 -19.18 57.26
N ARG N 260 43.73 -19.99 57.73
CA ARG N 260 43.05 -20.89 56.82
C ARG N 260 41.83 -20.29 56.14
N ASN N 261 41.22 -19.27 56.74
CA ASN N 261 40.00 -18.75 56.16
C ASN N 261 40.28 -17.65 55.16
N HIS N 262 40.98 -18.02 54.11
CA HIS N 262 41.39 -17.05 53.11
C HIS N 262 40.71 -17.18 51.76
N PHE N 263 39.69 -18.03 51.64
CA PHE N 263 39.07 -18.20 50.34
C PHE N 263 37.95 -17.19 50.16
N LEU N 264 38.10 -16.36 49.14
CA LEU N 264 37.18 -15.24 48.91
C LEU N 264 36.31 -15.33 47.67
N MET N 265 35.13 -14.74 47.79
CA MET N 265 34.15 -14.65 46.71
C MET N 265 34.07 -13.27 46.14
N THR N 266 33.65 -13.13 44.89
CA THR N 266 33.49 -11.78 44.35
C THR N 266 32.15 -11.58 43.71
N SER N 267 31.85 -10.30 43.54
CA SER N 267 30.65 -9.81 42.88
C SER N 267 30.97 -8.64 42.02
N MET N 268 30.43 -8.60 40.81
CA MET N 268 30.79 -7.52 39.90
C MET N 268 29.65 -6.93 39.12
N SER N 269 29.70 -5.62 38.95
CA SER N 269 28.71 -4.88 38.16
C SER N 269 29.40 -3.74 37.44
N PRO N 270 29.10 -3.53 36.15
CA PRO N 270 28.15 -4.16 35.25
C PRO N 270 28.57 -5.43 34.51
N LEU N 271 29.55 -6.16 35.01
CA LEU N 271 30.08 -7.39 34.40
C LEU N 271 30.91 -7.10 33.17
N GLU N 272 30.30 -6.47 32.17
CA GLU N 272 31.05 -6.02 31.00
C GLU N 272 30.36 -4.81 30.37
N THR N 273 31.16 -3.91 29.87
CA THR N 273 30.67 -2.68 29.26
C THR N 273 29.75 -2.96 28.09
N SER N 274 30.12 -3.95 27.28
CA SER N 274 29.35 -4.34 26.11
C SER N 274 28.02 -5.03 26.46
N LEU N 275 27.89 -5.48 27.71
CA LEU N 275 26.61 -6.09 28.17
C LEU N 275 25.66 -4.95 28.56
N THR N 276 26.20 -3.85 29.07
CA THR N 276 25.37 -2.69 29.49
C THR N 276 25.65 -1.51 28.55
N SER N 277 24.90 -1.39 27.45
CA SER N 277 25.15 -0.30 26.47
C SER N 277 23.96 0.67 26.45
N ALA N 278 23.98 1.64 25.53
CA ALA N 278 22.89 2.65 25.44
C ALA N 278 22.80 3.44 26.74
N HIS N 279 21.58 3.62 27.27
CA HIS N 279 21.40 4.45 28.49
C HIS N 279 21.79 3.63 29.72
N GLN N 280 22.98 3.89 30.26
CA GLN N 280 23.46 3.09 31.41
C GLN N 280 23.81 4.04 32.56
N LYS N 281 22.93 5.01 32.82
CA LYS N 281 23.15 5.90 33.99
C LYS N 281 22.90 5.07 35.24
N ILE N 282 23.88 4.28 35.67
CA ILE N 282 23.72 3.44 36.89
C ILE N 282 23.98 4.33 38.09
N GLU N 283 22.93 4.73 38.79
CA GLU N 283 23.08 5.65 39.94
C GLU N 283 23.81 4.92 41.08
N THR N 284 24.52 5.66 41.93
CA THR N 284 25.25 5.05 43.07
C THR N 284 24.33 4.06 43.78
N LYS N 285 23.04 4.36 43.85
CA LYS N 285 22.08 3.52 44.62
C LYS N 285 21.90 2.16 43.96
N GLU N 286 21.71 2.10 42.64
CA GLU N 286 21.46 0.82 42.03
C GLU N 286 22.73 0.02 42.00
N LEU N 287 23.87 0.66 41.80
CA LEU N 287 25.10 -0.11 41.74
C LEU N 287 25.30 -0.91 43.02
N MET N 288 25.06 -0.30 44.18
CA MET N 288 25.27 -1.11 45.36
C MET N 288 24.23 -2.17 45.59
N GLN N 289 23.02 -2.02 45.07
CA GLN N 289 22.09 -3.11 45.23
C GLN N 289 22.47 -4.24 44.28
N ASP N 290 22.98 -3.89 43.10
CA ASP N 290 23.36 -4.90 42.12
C ASP N 290 24.48 -5.76 42.62
N LEU N 291 25.39 -5.17 43.37
CA LEU N 291 26.54 -5.91 43.87
C LEU N 291 26.23 -6.97 44.91
N ILE N 292 25.03 -7.00 45.48
CA ILE N 292 24.71 -8.10 46.40
C ILE N 292 23.55 -8.91 45.83
N ASP N 293 23.27 -8.72 44.56
CA ASP N 293 22.23 -9.43 43.85
C ASP N 293 22.73 -10.79 43.41
N GLN N 294 21.83 -11.74 43.29
CA GLN N 294 22.26 -13.06 42.84
C GLN N 294 22.89 -13.07 41.49
N ASP N 295 22.47 -12.21 40.59
CA ASP N 295 22.97 -12.29 39.24
C ASP N 295 24.29 -11.60 39.04
N HIS N 296 24.88 -11.07 40.10
CA HIS N 296 26.17 -10.45 39.98
C HIS N 296 27.24 -11.19 40.78
N ILE N 297 26.88 -12.31 41.39
CA ILE N 297 27.85 -13.02 42.22
C ILE N 297 28.45 -14.15 41.44
N LEU N 298 29.78 -14.17 41.33
CA LEU N 298 30.42 -15.18 40.50
C LEU N 298 30.75 -16.42 41.30
N ALA N 299 29.70 -16.97 41.90
CA ALA N 299 29.74 -18.16 42.74
C ALA N 299 28.30 -18.61 42.93
N PRO N 300 28.01 -19.87 43.23
CA PRO N 300 26.68 -20.35 43.54
C PRO N 300 26.32 -19.99 44.99
N ILE N 301 26.33 -18.71 45.25
CA ILE N 301 26.11 -18.14 46.57
C ILE N 301 25.09 -17.04 46.62
N THR N 302 24.20 -17.16 47.57
CA THR N 302 23.19 -16.18 47.87
C THR N 302 23.70 -15.52 49.15
N VAL N 303 23.82 -14.19 49.19
CA VAL N 303 24.42 -13.61 50.39
C VAL N 303 23.55 -13.80 51.62
N GLU N 304 22.25 -13.85 51.40
CA GLU N 304 21.26 -14.04 52.44
C GLU N 304 21.35 -15.41 53.10
N LYS N 305 22.02 -16.37 52.46
CA LYS N 305 22.10 -17.71 53.01
C LYS N 305 23.53 -18.05 53.38
N GLY N 306 23.95 -17.59 54.54
CA GLY N 306 25.32 -17.75 55.00
C GLY N 306 25.72 -16.55 55.82
N VAL N 307 26.94 -16.56 56.31
CA VAL N 307 27.43 -15.51 57.20
C VAL N 307 28.73 -14.88 56.72
N PHE N 308 28.77 -13.55 56.78
CA PHE N 308 29.95 -12.78 56.41
C PHE N 308 30.92 -12.68 57.54
N THR N 309 32.18 -12.71 57.20
CA THR N 309 33.25 -12.50 58.14
C THR N 309 33.92 -11.18 57.81
N ALA N 310 33.94 -10.84 56.52
CA ALA N 310 34.54 -9.60 56.05
C ALA N 310 33.87 -9.17 54.76
N PHE N 311 33.77 -7.88 54.52
CA PHE N 311 33.14 -7.43 53.28
C PHE N 311 33.64 -6.08 52.80
N VAL N 312 34.30 -6.07 51.66
CA VAL N 312 34.83 -4.82 51.10
C VAL N 312 34.27 -4.51 49.74
N ILE N 313 33.71 -3.31 49.61
CA ILE N 313 33.13 -2.87 48.35
C ILE N 313 33.98 -1.78 47.70
N ALA N 314 34.54 -2.08 46.54
CA ALA N 314 35.39 -1.13 45.84
C ALA N 314 34.69 -0.61 44.61
N LEU N 315 34.39 0.66 44.61
CA LEU N 315 33.67 1.27 43.53
C LEU N 315 34.60 2.14 42.71
N ARG N 316 34.18 2.49 41.52
CA ARG N 316 34.96 3.38 40.70
C ARG N 316 34.04 4.49 40.21
N GLY N 317 34.54 5.71 40.16
CA GLY N 317 33.77 6.86 39.70
C GLY N 317 33.19 7.61 40.88
N GLU N 318 32.50 8.72 40.63
CA GLU N 318 31.96 9.42 41.75
C GLU N 318 30.85 8.61 42.38
N ASN N 319 30.98 8.44 43.67
CA ASN N 319 30.09 7.67 44.51
C ASN N 319 29.98 8.37 45.87
N PRO N 320 29.08 9.34 46.05
CA PRO N 320 29.00 10.15 47.24
C PRO N 320 28.91 9.26 48.45
N HIS N 321 29.62 9.62 49.50
CA HIS N 321 29.67 8.76 50.67
C HIS N 321 28.37 8.67 51.41
N SER N 322 27.54 9.69 51.34
CA SER N 322 26.27 9.64 52.04
C SER N 322 25.34 8.63 51.40
N ILE N 323 25.58 8.30 50.14
CA ILE N 323 24.75 7.33 49.48
C ILE N 323 25.28 6.00 49.83
N LEU N 324 26.60 5.86 49.86
CA LEU N 324 27.14 4.57 50.14
C LEU N 324 26.71 4.14 51.54
N GLN N 325 26.66 5.08 52.48
CA GLN N 325 26.25 4.71 53.82
C GLN N 325 24.79 4.35 53.90
N ASN N 326 23.93 5.03 53.16
CA ASN N 326 22.53 4.62 53.24
C ASN N 326 22.33 3.28 52.56
N SER N 327 23.09 2.99 51.51
CA SER N 327 22.97 1.71 50.83
C SER N 327 23.40 0.59 51.75
N ILE N 328 24.46 0.81 52.53
CA ILE N 328 24.89 -0.22 53.45
C ILE N 328 23.88 -0.42 54.55
N LYS N 329 23.37 0.64 55.13
CA LYS N 329 22.40 0.46 56.21
C LYS N 329 21.19 -0.29 55.70
N GLY N 330 20.83 -0.02 54.44
CA GLY N 330 19.70 -0.60 53.74
C GLY N 330 19.89 -2.07 53.39
N PHE N 331 21.07 -2.63 53.65
CA PHE N 331 21.28 -4.04 53.39
C PHE N 331 20.47 -4.83 54.41
N GLY N 332 20.18 -4.25 55.58
CA GLY N 332 19.37 -4.94 56.55
C GLY N 332 20.01 -6.23 57.00
N ASP N 333 19.24 -7.30 56.96
CA ASP N 333 19.70 -8.62 57.35
C ASP N 333 20.08 -9.47 56.18
N ARG N 334 20.24 -8.86 55.00
CA ARG N 334 20.68 -9.62 53.85
C ARG N 334 22.16 -9.85 54.00
N VAL N 335 22.83 -8.90 54.64
CA VAL N 335 24.24 -8.98 54.89
C VAL N 335 24.45 -9.09 56.37
N LYS N 336 24.71 -10.29 56.85
CA LYS N 336 24.83 -10.52 58.27
C LYS N 336 26.13 -11.20 58.63
N PHE N 337 26.66 -10.82 59.80
CA PHE N 337 27.95 -11.37 60.28
C PHE N 337 27.71 -12.12 61.58
N SER N 338 28.78 -12.52 62.27
CA SER N 338 28.64 -13.22 63.56
C SER N 338 28.33 -12.20 64.65
N GLU N 339 27.96 -12.66 65.85
CA GLU N 339 27.69 -11.74 66.98
C GLU N 339 29.03 -11.33 67.59
N ILE N 340 30.13 -11.93 67.14
CA ILE N 340 31.48 -11.56 67.65
C ILE N 340 32.10 -10.55 66.67
N PHE N 341 31.33 -10.02 65.72
CA PHE N 341 31.88 -9.00 64.86
C PHE N 341 30.92 -7.83 64.74
N PRO N 342 31.42 -6.62 64.55
CA PRO N 342 30.63 -5.48 64.15
C PRO N 342 30.34 -5.72 62.70
N THR N 343 29.33 -5.08 62.14
CA THR N 343 29.08 -5.24 60.72
C THR N 343 30.06 -4.42 59.93
N ALA N 344 31.26 -4.95 59.84
CA ALA N 344 32.39 -4.31 59.25
C ALA N 344 32.38 -4.34 57.75
N ILE N 345 31.50 -3.52 57.20
CA ILE N 345 31.35 -3.40 55.75
C ILE N 345 32.03 -2.11 55.35
N LYS N 346 33.06 -2.21 54.52
CA LYS N 346 33.84 -0.99 54.15
C LYS N 346 33.66 -0.67 52.66
N ALA N 347 33.34 0.59 52.35
CA ALA N 347 33.11 0.96 50.96
C ALA N 347 33.66 2.33 50.66
N ASP N 348 34.19 2.48 49.46
CA ASP N 348 34.69 3.77 48.95
C ASP N 348 34.91 3.65 47.44
N SER N 349 35.35 4.73 46.79
CA SER N 349 35.61 4.66 45.35
C SER N 349 36.92 5.26 44.84
N THR N 350 37.35 4.73 43.70
CA THR N 350 38.55 5.14 42.99
C THR N 350 38.30 5.60 41.55
N THR N 351 39.38 5.84 40.84
CA THR N 351 39.40 6.36 39.47
C THR N 351 38.83 5.47 38.36
N LEU N 352 38.00 6.11 37.53
CA LEU N 352 37.40 5.41 36.36
C LEU N 352 38.19 5.76 35.09
N THR N 353 38.49 4.78 34.27
CA THR N 353 39.23 4.83 33.04
C THR N 353 38.43 4.53 31.79
N ASP N 354 37.27 3.91 31.96
CA ASP N 354 36.40 3.47 30.87
C ASP N 354 35.38 4.54 30.55
N GLU N 355 35.56 5.18 29.41
CA GLU N 355 34.76 6.33 29.01
C GLU N 355 33.29 6.01 28.75
N LYS N 356 32.94 4.72 28.65
CA LYS N 356 31.57 4.35 28.40
C LYS N 356 30.74 4.14 29.66
N LEU N 357 31.37 4.13 30.83
CA LEU N 357 30.61 3.86 32.04
C LEU N 357 30.63 4.99 33.03
N ALA N 358 29.45 5.33 33.53
CA ALA N 358 29.33 6.36 34.54
C ALA N 358 30.03 5.97 35.84
N ARG N 359 29.95 4.69 36.18
CA ARG N 359 30.54 4.14 37.39
C ARG N 359 30.53 2.64 37.33
N SER N 360 31.26 2.01 38.22
CA SER N 360 31.29 0.56 38.29
C SER N 360 31.78 0.07 39.62
N GLY N 361 31.73 -1.23 39.85
CA GLY N 361 32.34 -1.73 41.10
C GLY N 361 32.43 -3.24 41.24
N ILE N 362 33.20 -3.64 42.24
CA ILE N 362 33.45 -5.02 42.56
C ILE N 362 33.54 -5.23 44.06
N THR N 363 33.11 -6.39 44.55
CA THR N 363 33.28 -6.60 45.97
C THR N 363 34.11 -7.84 46.22
N LEU N 364 34.72 -7.86 47.40
CA LEU N 364 35.48 -8.98 47.90
C LEU N 364 34.81 -9.46 49.17
N MET N 365 34.41 -10.73 49.20
CA MET N 365 33.68 -11.21 50.34
C MET N 365 34.29 -12.41 51.00
N ASN N 366 34.32 -12.40 52.32
CA ASN N 366 34.76 -13.57 53.04
C ASN N 366 33.46 -14.06 53.65
N HIS N 367 32.92 -15.11 53.04
CA HIS N 367 31.57 -15.58 53.35
C HIS N 367 31.55 -17.09 53.41
N SER N 368 30.79 -17.62 54.37
CA SER N 368 30.71 -19.05 54.63
C SER N 368 30.17 -19.88 53.49
N GLY N 369 29.52 -19.25 52.51
CA GLY N 369 28.96 -19.93 51.36
C GLY N 369 30.01 -20.65 50.53
N VAL N 370 31.29 -20.30 50.70
CA VAL N 370 32.32 -20.99 49.97
C VAL N 370 32.35 -22.46 50.33
N ALA N 371 31.97 -22.77 51.55
CA ALA N 371 31.96 -24.11 52.06
C ALA N 371 31.03 -25.00 51.25
N ASN N 372 30.02 -24.42 50.61
CA ASN N 372 29.07 -25.20 49.85
C ASN N 372 29.69 -25.67 48.55
N LEU N 373 30.63 -24.90 47.99
CA LEU N 373 31.27 -25.30 46.75
C LEU N 373 32.24 -26.38 47.07
N PHE N 374 32.92 -26.23 48.20
CA PHE N 374 33.87 -27.23 48.58
C PHE N 374 33.15 -28.52 48.88
N GLN N 375 32.00 -28.48 49.56
CA GLN N 375 31.30 -29.72 49.84
C GLN N 375 30.79 -30.36 48.58
N PHE N 376 30.33 -29.57 47.62
CA PHE N 376 29.86 -30.15 46.39
C PHE N 376 30.94 -30.97 45.72
N LEU N 377 32.12 -30.37 45.58
CA LEU N 377 33.23 -31.04 44.94
C LEU N 377 33.72 -32.20 45.77
N LEU N 378 33.70 -32.08 47.09
CA LEU N 378 34.18 -33.14 47.95
C LEU N 378 33.26 -34.34 47.85
N THR N 379 31.95 -34.14 47.78
CA THR N 379 31.06 -35.29 47.65
C THR N 379 31.37 -36.04 46.36
N GLN N 380 31.60 -35.31 45.26
CA GLN N 380 31.89 -35.99 44.00
C GLN N 380 33.20 -36.79 44.12
N PHE N 381 34.19 -36.21 44.81
CA PHE N 381 35.47 -36.86 45.05
C PHE N 381 35.25 -38.16 45.75
N GLU N 382 34.47 -38.15 46.83
CA GLU N 382 34.25 -39.35 47.59
C GLU N 382 33.55 -40.44 46.80
N LEU N 383 32.58 -40.10 45.96
CA LEU N 383 31.92 -41.16 45.20
C LEU N 383 32.91 -41.87 44.30
N MET N 384 33.80 -41.10 43.67
CA MET N 384 34.78 -41.71 42.79
C MET N 384 35.86 -42.43 43.55
N TYR N 385 36.38 -41.81 44.59
CA TYR N 385 37.51 -42.35 45.32
C TYR N 385 37.18 -43.67 45.95
N ASP N 386 36.02 -43.75 46.59
CA ASP N 386 35.62 -44.93 47.33
C ASP N 386 35.43 -46.16 46.44
N HIS N 387 35.32 -45.96 45.13
CA HIS N 387 35.15 -47.07 44.23
C HIS N 387 36.32 -47.12 43.22
N ASP N 388 37.43 -46.47 43.55
CA ASP N 388 38.65 -46.39 42.76
C ASP N 388 38.49 -45.93 41.31
N ALA N 389 37.59 -45.01 41.02
CA ALA N 389 37.47 -44.65 39.62
C ALA N 389 38.67 -43.83 39.20
N PHE N 390 39.33 -44.22 38.13
CA PHE N 390 40.45 -43.47 37.59
C PHE N 390 41.61 -43.25 38.55
N THR N 391 41.79 -44.09 39.56
CA THR N 391 42.90 -43.81 40.47
C THR N 391 44.19 -44.39 39.98
N THR N 392 44.12 -45.34 39.06
CA THR N 392 45.32 -45.97 38.56
C THR N 392 46.18 -44.95 37.83
N TRP N 393 45.55 -43.97 37.22
CA TRP N 393 46.30 -43.00 36.47
C TRP N 393 47.13 -42.10 37.34
N TYR N 394 46.76 -41.95 38.61
CA TYR N 394 47.51 -41.09 39.50
C TYR N 394 48.55 -41.93 40.24
N TYR N 395 48.22 -43.19 40.51
CA TYR N 395 49.11 -44.06 41.26
C TYR N 395 50.31 -44.39 40.40
N GLN N 396 50.11 -44.45 39.09
CA GLN N 396 51.17 -44.74 38.13
C GLN N 396 52.21 -43.66 38.08
N GLU N 397 51.91 -42.47 38.59
CA GLU N 397 52.88 -41.40 38.55
C GLU N 397 53.32 -40.95 39.94
N GLY N 398 53.17 -41.85 40.92
CA GLY N 398 53.65 -41.58 42.27
C GLY N 398 52.65 -41.16 43.34
N MET N 399 51.37 -41.07 43.06
CA MET N 399 50.50 -40.67 44.15
C MET N 399 50.06 -41.79 45.04
N GLN N 400 50.90 -42.12 45.99
CA GLN N 400 50.62 -43.19 46.92
C GLN N 400 49.21 -42.87 47.47
N PRO N 401 48.30 -43.84 47.64
CA PRO N 401 46.93 -43.66 48.10
C PRO N 401 46.68 -42.78 49.33
N SER N 402 47.60 -42.75 50.30
CA SER N 402 47.37 -41.92 51.49
C SER N 402 47.36 -40.44 51.16
N GLU N 403 47.86 -40.09 49.99
CA GLU N 403 47.93 -38.72 49.51
C GLU N 403 46.52 -38.22 49.25
N PHE N 404 45.65 -39.11 48.76
CA PHE N 404 44.27 -38.78 48.45
C PHE N 404 43.50 -38.67 49.73
N GLU N 405 43.79 -39.58 50.65
CA GLU N 405 43.12 -39.59 51.93
C GLU N 405 43.43 -38.33 52.72
N ALA N 406 44.68 -37.87 52.66
CA ALA N 406 45.02 -36.66 53.36
C ALA N 406 44.27 -35.46 52.82
N ALA N 407 44.14 -35.37 51.48
CA ALA N 407 43.42 -34.24 50.92
C ALA N 407 41.95 -34.27 51.32
N LYS N 408 41.38 -35.47 51.35
CA LYS N 408 39.99 -35.64 51.74
C LYS N 408 39.75 -35.11 53.13
N ASN N 409 40.63 -35.46 54.06
CA ASN N 409 40.43 -35.00 55.41
C ASN N 409 40.66 -33.53 55.58
N ASN N 410 41.68 -32.97 54.92
CA ASN N 410 41.95 -31.52 55.04
C ASN N 410 40.74 -30.71 54.56
N ILE N 411 40.14 -31.09 53.44
CA ILE N 411 39.03 -30.31 52.92
C ILE N 411 37.84 -30.47 53.83
N GLN N 412 37.56 -31.69 54.33
CA GLN N 412 36.39 -31.78 55.20
C GLN N 412 36.57 -30.87 56.41
N LYS N 413 37.81 -30.77 56.94
CA LYS N 413 38.06 -29.88 58.06
C LYS N 413 37.85 -28.42 57.68
N LEU N 414 38.25 -28.04 56.46
CA LEU N 414 38.10 -26.66 56.01
C LEU N 414 36.63 -26.29 55.90
N ILE N 415 35.81 -27.22 55.40
CA ILE N 415 34.38 -27.01 55.25
C ILE N 415 33.77 -26.82 56.63
N THR N 416 34.17 -27.69 57.55
CA THR N 416 33.67 -27.65 58.91
C THR N 416 33.96 -26.31 59.53
N GLU N 417 35.18 -25.80 59.36
CA GLU N 417 35.56 -24.51 59.93
C GLU N 417 34.78 -23.34 59.32
N TYR N 418 34.54 -23.33 58.01
CA TYR N 418 33.79 -22.22 57.44
C TYR N 418 32.35 -22.19 57.88
N LYS N 419 31.79 -23.35 58.18
CA LYS N 419 30.41 -23.40 58.60
C LYS N 419 30.21 -23.21 60.10
N GLN N 420 31.27 -22.95 60.85
CA GLN N 420 31.14 -22.84 62.32
C GLN N 420 30.05 -21.80 62.67
N ASP N 421 30.06 -20.65 62.02
CA ASP N 421 29.09 -19.56 62.39
C ASP N 421 27.68 -19.91 61.91
N GLU N 422 27.54 -20.81 60.94
CA GLU N 422 26.20 -21.23 60.47
C GLU N 422 25.45 -21.86 61.64
N TYR N 423 26.09 -22.76 62.39
CA TYR N 423 25.45 -23.40 63.56
C TYR N 423 25.31 -22.36 64.67
N ALA O 2 61.30 16.92 -15.27
CA ALA O 2 62.60 16.54 -14.76
C ALA O 2 62.71 15.03 -14.53
N GLY O 3 61.78 14.43 -13.75
CA GLY O 3 61.81 12.98 -13.42
C GLY O 3 61.33 12.12 -14.57
N GLU O 4 62.00 12.23 -15.70
CA GLU O 4 61.63 11.55 -16.94
C GLU O 4 62.01 10.09 -16.85
N ILE O 5 61.16 9.22 -17.37
CA ILE O 5 61.41 7.79 -17.26
C ILE O 5 61.65 7.09 -18.58
N VAL O 6 62.70 6.29 -18.62
CA VAL O 6 62.97 5.51 -19.83
C VAL O 6 62.69 4.05 -19.53
N CYS O 7 61.78 3.45 -20.28
CA CYS O 7 61.47 2.06 -20.03
C CYS O 7 62.25 1.18 -20.97
N ILE O 8 62.65 0.01 -20.52
CA ILE O 8 63.34 -0.95 -21.35
C ILE O 8 62.54 -2.24 -21.29
N GLN O 9 62.17 -2.75 -22.43
CA GLN O 9 61.35 -3.94 -22.50
C GLN O 9 62.14 -5.06 -23.10
N VAL O 10 62.40 -6.15 -22.38
CA VAL O 10 63.24 -7.16 -23.01
C VAL O 10 62.58 -8.52 -23.06
N GLY O 11 62.49 -9.06 -24.27
CA GLY O 11 61.93 -10.39 -24.50
C GLY O 11 60.42 -10.37 -24.67
N GLN O 12 59.85 -11.54 -25.00
CA GLN O 12 58.43 -11.60 -25.27
C GLN O 12 57.55 -11.25 -24.10
N ALA O 13 57.86 -11.73 -22.90
CA ALA O 13 57.00 -11.41 -21.78
C ALA O 13 57.14 -9.95 -21.47
N GLY O 14 58.36 -9.45 -21.62
CA GLY O 14 58.65 -8.07 -21.30
C GLY O 14 57.84 -7.15 -22.17
N ASN O 15 57.75 -7.48 -23.45
CA ASN O 15 57.04 -6.66 -24.38
C ASN O 15 55.54 -6.76 -24.20
N GLN O 16 55.02 -7.94 -23.85
CA GLN O 16 53.58 -8.04 -23.67
C GLN O 16 53.09 -7.34 -22.42
N ILE O 17 53.88 -7.41 -21.35
CA ILE O 17 53.49 -6.77 -20.12
C ILE O 17 53.59 -5.28 -20.26
N ALA O 18 54.70 -4.82 -20.80
CA ALA O 18 54.88 -3.41 -21.01
C ALA O 18 53.83 -2.87 -21.96
N GLY O 19 53.46 -3.67 -22.96
CA GLY O 19 52.46 -3.26 -23.90
C GLY O 19 51.17 -2.93 -23.18
N ALA O 20 50.73 -3.85 -22.30
CA ALA O 20 49.50 -3.62 -21.56
C ALA O 20 49.61 -2.35 -20.73
N PHE O 21 50.77 -2.12 -20.14
CA PHE O 21 51.00 -0.90 -19.38
C PHE O 21 50.82 0.32 -20.23
N TRP O 22 51.49 0.36 -21.37
CA TRP O 22 51.42 1.55 -22.18
C TRP O 22 50.03 1.87 -22.63
N GLN O 23 49.27 0.85 -22.97
CA GLN O 23 47.91 1.09 -23.40
C GLN O 23 47.01 1.56 -22.26
N LYS O 24 47.31 1.18 -21.00
CA LYS O 24 46.50 1.69 -19.91
C LYS O 24 46.90 3.14 -19.58
N ILE O 25 48.18 3.47 -19.71
CA ILE O 25 48.67 4.83 -19.45
C ILE O 25 48.01 5.78 -20.41
N CYS O 26 47.91 5.36 -21.66
CA CYS O 26 47.29 6.15 -22.69
C CYS O 26 45.78 6.33 -22.46
N ALA O 27 45.18 5.56 -21.58
CA ALA O 27 43.78 5.77 -21.37
C ALA O 27 43.61 6.82 -20.30
N GLU O 28 44.46 6.78 -19.28
CA GLU O 28 44.34 7.74 -18.15
C GLU O 28 44.73 9.14 -18.63
N HIS O 29 45.72 9.26 -19.50
CA HIS O 29 46.21 10.60 -19.93
C HIS O 29 45.32 11.16 -21.04
N GLY O 30 44.67 10.27 -21.79
CA GLY O 30 43.79 10.71 -22.91
C GLY O 30 44.53 10.72 -24.23
N ILE O 31 45.12 9.59 -24.61
CA ILE O 31 45.90 9.50 -25.89
C ILE O 31 45.35 8.30 -26.66
N ASP O 32 45.37 8.31 -28.00
CA ASP O 32 44.88 7.14 -28.70
C ASP O 32 45.89 5.97 -28.58
N PRO O 33 45.54 4.84 -27.92
CA PRO O 33 46.42 3.70 -27.67
C PRO O 33 46.96 3.04 -28.92
N VAL O 34 46.37 3.30 -30.08
CA VAL O 34 46.89 2.68 -31.29
C VAL O 34 47.51 3.64 -32.29
N ASN O 35 47.56 4.94 -31.94
CA ASN O 35 48.13 5.96 -32.81
C ASN O 35 49.11 6.87 -32.12
N GLY O 36 48.87 7.16 -30.85
CA GLY O 36 49.67 8.10 -30.09
C GLY O 36 49.12 9.52 -30.26
N LYS O 37 48.13 9.65 -31.12
CA LYS O 37 47.63 11.02 -31.44
C LYS O 37 46.61 11.46 -30.40
N ALA O 38 46.75 12.71 -29.95
CA ALA O 38 45.82 13.27 -28.99
C ALA O 38 45.65 14.74 -29.18
N ILE O 39 44.50 15.26 -28.82
CA ILE O 39 44.31 16.69 -28.87
C ILE O 39 44.35 17.26 -27.47
N ASP O 40 43.53 16.69 -26.59
CA ASP O 40 43.41 17.15 -25.23
C ASP O 40 43.83 16.08 -24.25
N VAL O 41 44.91 16.33 -23.55
CA VAL O 41 45.44 15.35 -22.61
C VAL O 41 45.50 15.96 -21.24
N VAL O 42 45.60 15.12 -20.24
CA VAL O 42 45.71 15.58 -18.88
C VAL O 42 46.90 14.96 -18.22
N GLY O 43 47.34 15.53 -17.11
CA GLY O 43 48.44 14.97 -16.35
C GLY O 43 49.76 15.44 -16.92
N ASP O 44 50.85 15.01 -16.32
CA ASP O 44 52.17 15.40 -16.77
C ASP O 44 52.67 14.34 -17.75
N THR O 45 52.34 14.51 -19.03
CA THR O 45 52.59 13.49 -20.02
C THR O 45 54.04 13.43 -20.40
N ASP O 46 54.79 14.44 -20.02
CA ASP O 46 56.20 14.51 -20.35
C ASP O 46 57.01 13.48 -19.59
N ILE O 47 56.49 12.92 -18.52
CA ILE O 47 57.29 11.95 -17.80
C ILE O 47 57.53 10.69 -18.63
N PHE O 48 56.49 10.20 -19.30
CA PHE O 48 56.63 9.00 -20.12
C PHE O 48 56.58 9.20 -21.63
N PHE O 49 56.11 10.34 -22.14
CA PHE O 49 56.00 10.48 -23.58
C PHE O 49 56.79 11.65 -24.15
N ASN O 50 57.37 11.43 -25.32
CA ASN O 50 58.05 12.47 -26.06
C ASN O 50 57.04 13.07 -27.01
N THR O 51 56.61 14.30 -26.78
CA THR O 51 55.56 14.79 -27.65
C THR O 51 56.11 15.59 -28.82
N ILE O 52 55.75 15.14 -30.02
CA ILE O 52 56.14 15.81 -31.25
C ILE O 52 54.87 16.14 -32.02
N GLY O 53 54.60 17.42 -32.23
CA GLY O 53 53.35 17.77 -32.87
C GLY O 53 52.22 17.31 -31.96
N ASP O 54 51.26 16.56 -32.48
CA ASP O 54 50.16 16.07 -31.68
C ASP O 54 50.31 14.58 -31.37
N LYS O 55 51.50 14.03 -31.58
CA LYS O 55 51.75 12.62 -31.30
C LYS O 55 52.58 12.43 -30.04
N TYR O 56 52.10 11.58 -29.17
CA TYR O 56 52.75 11.29 -27.92
C TYR O 56 53.47 9.97 -28.08
N ILE O 57 54.79 10.02 -28.06
CA ILE O 57 55.59 8.86 -28.31
C ILE O 57 56.13 8.27 -27.03
N PRO O 58 55.76 7.07 -26.61
CA PRO O 58 56.17 6.54 -25.36
C PRO O 58 57.65 6.37 -25.40
N ARG O 59 58.33 6.73 -24.31
CA ARG O 59 59.80 6.57 -24.20
C ARG O 59 60.11 5.15 -23.75
N ALA O 60 60.46 4.27 -24.67
CA ALA O 60 60.76 2.91 -24.37
C ALA O 60 61.76 2.39 -25.36
N VAL O 61 62.56 1.47 -24.91
CA VAL O 61 63.50 0.78 -25.75
C VAL O 61 62.99 -0.63 -25.86
N VAL O 62 62.71 -1.08 -27.07
CA VAL O 62 62.12 -2.40 -27.20
C VAL O 62 63.17 -3.36 -27.72
N VAL O 63 63.45 -4.37 -26.92
CA VAL O 63 64.54 -5.25 -27.23
C VAL O 63 64.22 -6.72 -27.37
N ASP O 64 64.71 -7.31 -28.45
CA ASP O 64 64.56 -8.75 -28.57
C ASP O 64 65.76 -9.34 -29.30
N LEU O 65 65.78 -10.66 -29.46
CA LEU O 65 66.82 -11.34 -30.21
C LEU O 65 66.12 -11.96 -31.38
N GLU O 66 64.80 -11.90 -31.33
CA GLU O 66 63.87 -12.42 -32.32
C GLU O 66 64.05 -11.69 -33.67
N PRO O 67 64.15 -12.41 -34.81
CA PRO O 67 64.29 -11.89 -36.17
C PRO O 67 63.23 -10.90 -36.68
N ALA O 68 62.00 -10.89 -36.15
CA ALA O 68 61.00 -9.97 -36.71
C ALA O 68 60.20 -9.25 -35.64
N VAL O 69 60.89 -8.67 -34.69
CA VAL O 69 60.23 -7.99 -33.60
C VAL O 69 59.43 -6.77 -34.04
N VAL O 70 59.82 -6.05 -35.10
CA VAL O 70 59.03 -4.86 -35.43
C VAL O 70 57.66 -5.20 -35.96
N GLU O 71 57.57 -6.15 -36.87
CA GLU O 71 56.31 -6.53 -37.45
C GLU O 71 55.38 -7.09 -36.38
N ASN O 72 55.96 -7.80 -35.41
CA ASN O 72 55.21 -8.40 -34.33
C ASN O 72 54.58 -7.36 -33.40
N ILE O 73 55.08 -6.13 -33.46
CA ILE O 73 54.58 -5.06 -32.64
C ILE O 73 53.54 -4.32 -33.40
N ARG O 74 53.80 -4.01 -34.67
CA ARG O 74 52.80 -3.30 -35.51
C ARG O 74 51.47 -4.05 -35.46
N GLU O 75 51.50 -5.38 -35.51
CA GLU O 75 50.29 -6.17 -35.54
C GLU O 75 49.45 -6.04 -34.27
N LYS O 76 50.04 -5.70 -33.12
CA LYS O 76 49.25 -5.63 -31.91
C LYS O 76 49.10 -4.22 -31.35
N PHE O 77 50.13 -3.39 -31.51
CA PHE O 77 50.15 -2.05 -30.94
C PHE O 77 50.04 -0.91 -31.94
N GLY O 78 49.74 -1.21 -33.20
CA GLY O 78 49.56 -0.17 -34.18
C GLY O 78 50.82 0.62 -34.38
N THR O 79 50.70 1.94 -34.26
CA THR O 79 51.84 2.82 -34.46
C THR O 79 52.19 3.56 -33.20
N LEU O 80 51.77 3.02 -32.05
CA LEU O 80 52.06 3.67 -30.78
C LEU O 80 53.56 3.76 -30.53
N PHE O 81 54.33 2.74 -30.90
CA PHE O 81 55.77 2.76 -30.64
C PHE O 81 56.52 3.21 -31.86
N ASP O 82 57.56 4.01 -31.65
CA ASP O 82 58.41 4.50 -32.73
C ASP O 82 59.40 3.42 -33.17
N PRO O 83 59.36 2.92 -34.42
CA PRO O 83 60.19 1.84 -34.94
C PRO O 83 61.68 2.06 -34.76
N LYS O 84 62.12 3.30 -34.61
CA LYS O 84 63.54 3.56 -34.45
C LYS O 84 64.06 3.07 -33.12
N SER O 85 63.14 2.85 -32.17
CA SER O 85 63.46 2.40 -30.84
C SER O 85 63.35 0.89 -30.71
N ILE O 86 63.04 0.19 -31.79
CA ILE O 86 62.87 -1.25 -31.70
C ILE O 86 64.10 -1.96 -32.24
N VAL O 87 64.72 -2.76 -31.39
CA VAL O 87 65.93 -3.46 -31.75
C VAL O 87 65.67 -4.94 -32.02
N SER O 88 65.78 -5.31 -33.28
CA SER O 88 65.55 -6.68 -33.72
C SER O 88 66.80 -7.49 -33.61
N GLY O 89 66.63 -8.82 -33.58
CA GLY O 89 67.79 -9.72 -33.45
C GLY O 89 67.95 -10.57 -34.70
N ALA O 90 68.76 -11.63 -34.62
CA ALA O 90 69.03 -12.43 -35.84
C ALA O 90 68.53 -13.87 -35.66
N ASP O 91 68.92 -14.52 -34.56
CA ASP O 91 68.51 -15.93 -34.32
C ASP O 91 67.56 -15.98 -33.13
N GLY O 92 68.08 -15.87 -31.92
CA GLY O 92 67.24 -15.93 -30.70
C GLY O 92 67.92 -16.74 -29.61
N ALA O 93 67.49 -16.58 -28.35
CA ALA O 93 68.07 -17.39 -27.26
C ALA O 93 67.05 -18.46 -26.85
N GLY O 94 67.38 -19.74 -27.07
CA GLY O 94 66.45 -20.83 -26.78
C GLY O 94 66.30 -21.14 -25.30
N ASN O 95 65.72 -20.21 -24.54
CA ASN O 95 65.56 -20.38 -23.10
C ASN O 95 66.88 -20.71 -22.46
N ASN O 96 67.90 -20.02 -22.89
CA ASN O 96 69.20 -20.26 -22.37
C ASN O 96 69.86 -18.96 -22.02
N PHE O 97 70.01 -18.76 -20.73
CA PHE O 97 70.59 -17.55 -20.18
C PHE O 97 71.92 -17.27 -20.86
N ALA O 98 72.72 -18.31 -21.09
CA ALA O 98 74.05 -18.16 -21.66
C ALA O 98 74.05 -17.57 -23.05
N ILE O 99 72.95 -17.69 -23.78
CA ILE O 99 72.92 -17.16 -25.12
C ILE O 99 72.49 -15.72 -25.01
N GLY O 100 71.51 -15.45 -24.19
CA GLY O 100 71.12 -14.07 -24.05
C GLY O 100 72.26 -13.25 -23.43
N PHE O 101 73.02 -13.86 -22.52
CA PHE O 101 74.08 -13.17 -21.80
C PHE O 101 75.45 -13.19 -22.51
N ASN O 102 75.90 -14.33 -23.03
CA ASN O 102 77.21 -14.35 -23.65
C ASN O 102 77.08 -14.21 -25.16
N GLU O 103 76.46 -15.20 -25.78
CA GLU O 103 76.45 -15.28 -27.25
C GLU O 103 75.29 -14.53 -27.90
N HIS O 104 75.24 -13.21 -27.69
CA HIS O 104 74.17 -12.39 -28.25
C HIS O 104 74.55 -11.55 -29.46
N GLY O 105 75.85 -11.30 -29.64
CA GLY O 105 76.32 -10.45 -30.71
C GLY O 105 76.64 -9.06 -30.16
N ALA O 106 77.85 -8.60 -30.39
CA ALA O 106 78.25 -7.29 -29.89
C ALA O 106 77.41 -6.18 -30.49
N GLU O 107 77.08 -6.35 -31.76
CA GLU O 107 76.32 -5.36 -32.49
C GLU O 107 74.92 -5.19 -31.94
N THR O 108 74.33 -6.29 -31.49
CA THR O 108 72.97 -6.24 -30.97
C THR O 108 72.97 -5.36 -29.74
N LEU O 109 73.96 -5.59 -28.88
CA LEU O 109 74.02 -4.80 -27.66
C LEU O 109 74.37 -3.36 -27.94
N GLU O 110 75.28 -3.11 -28.89
CA GLU O 110 75.62 -1.73 -29.16
C GLU O 110 74.42 -0.97 -29.67
N LYS O 111 73.58 -1.59 -30.51
CA LYS O 111 72.41 -0.88 -30.97
C LYS O 111 71.48 -0.57 -29.81
N VAL O 112 71.33 -1.51 -28.87
CA VAL O 112 70.44 -1.23 -27.75
C VAL O 112 70.96 -0.04 -26.99
N MET O 113 72.27 0.00 -26.76
CA MET O 113 72.82 1.12 -26.04
C MET O 113 72.69 2.43 -26.78
N GLN O 114 72.79 2.44 -28.10
CA GLN O 114 72.62 3.67 -28.84
C GLN O 114 71.19 4.17 -28.68
N VAL O 115 70.23 3.25 -28.70
CA VAL O 115 68.84 3.66 -28.53
C VAL O 115 68.64 4.22 -27.13
N VAL O 116 69.24 3.58 -26.11
CA VAL O 116 69.08 4.10 -24.76
C VAL O 116 69.68 5.48 -24.68
N GLU O 117 70.88 5.69 -25.25
CA GLU O 117 71.48 7.00 -25.19
C GLU O 117 70.58 8.03 -25.84
N GLN O 118 69.95 7.71 -26.97
CA GLN O 118 69.08 8.70 -27.58
C GLN O 118 67.90 9.02 -26.68
N ARG O 119 67.35 8.02 -26.01
CA ARG O 119 66.20 8.29 -25.17
C ARG O 119 66.57 9.12 -23.96
N VAL O 120 67.78 8.93 -23.43
CA VAL O 120 68.24 9.72 -22.25
C VAL O 120 68.73 11.08 -22.74
N SER O 121 68.93 11.24 -24.05
CA SER O 121 69.45 12.52 -24.60
C SER O 121 68.29 13.48 -24.87
N GLU O 122 67.05 13.00 -24.78
CA GLU O 122 65.85 13.84 -25.04
C GLU O 122 65.22 14.19 -23.69
N THR O 123 66.01 14.18 -22.61
CA THR O 123 65.47 14.43 -21.26
C THR O 123 66.25 15.54 -20.56
N GLU O 124 65.57 16.42 -19.82
CA GLU O 124 66.23 17.48 -19.06
C GLU O 124 66.93 16.81 -17.86
N SER O 125 66.40 15.66 -17.44
CA SER O 125 66.97 14.86 -16.35
C SER O 125 66.52 13.40 -16.43
N ILE O 126 67.31 12.46 -15.92
CA ILE O 126 66.86 11.08 -15.95
C ILE O 126 66.29 10.72 -14.58
N GLY O 127 64.98 10.45 -14.51
CA GLY O 127 64.32 10.14 -13.25
C GLY O 127 64.55 8.69 -12.83
N GLY O 128 64.87 7.85 -13.80
CA GLY O 128 65.09 6.44 -13.54
C GLY O 128 64.77 5.60 -14.75
N PHE O 129 65.14 4.34 -14.65
CA PHE O 129 64.86 3.39 -15.71
C PHE O 129 63.93 2.32 -15.18
N ILE O 130 63.06 1.82 -16.03
CA ILE O 130 62.22 0.68 -15.65
C ILE O 130 62.42 -0.46 -16.61
N LEU O 131 62.82 -1.61 -16.11
CA LEU O 131 63.02 -2.79 -16.93
C LEU O 131 61.92 -3.81 -16.74
N THR O 132 61.29 -4.22 -17.82
CA THR O 132 60.22 -5.23 -17.71
C THR O 132 60.70 -6.52 -18.39
N HIS O 133 60.64 -7.65 -17.65
CA HIS O 133 61.18 -8.91 -18.23
C HIS O 133 60.70 -10.17 -17.50
N SER O 134 61.17 -11.34 -17.94
CA SER O 134 60.81 -12.65 -17.33
C SER O 134 62.05 -13.51 -17.13
N CYS O 135 62.25 -13.93 -15.89
CA CYS O 135 63.46 -14.61 -15.45
C CYS O 135 63.72 -15.99 -16.03
N GLY O 136 62.70 -16.70 -16.52
CA GLY O 136 62.94 -18.04 -17.05
C GLY O 136 63.18 -18.10 -18.57
N GLY O 137 63.20 -16.94 -19.23
CA GLY O 137 63.33 -16.90 -20.67
C GLY O 137 64.78 -16.94 -21.11
N GLY O 138 65.02 -16.75 -22.42
CA GLY O 138 66.39 -16.74 -22.92
C GLY O 138 66.88 -15.33 -23.25
N THR O 139 65.98 -14.34 -23.33
CA THR O 139 66.44 -13.00 -23.68
C THR O 139 66.11 -12.06 -22.56
N GLY O 140 64.96 -12.25 -21.92
CA GLY O 140 64.52 -11.39 -20.83
C GLY O 140 65.31 -11.68 -19.57
N SER O 141 66.04 -12.80 -19.64
CA SER O 141 66.90 -13.21 -18.51
C SER O 141 68.35 -12.83 -18.83
N GLY O 142 69.00 -13.55 -19.75
CA GLY O 142 70.39 -13.23 -20.06
C GLY O 142 70.63 -11.89 -20.74
N PHE O 143 69.78 -11.46 -21.66
CA PHE O 143 70.11 -10.22 -22.35
C PHE O 143 69.67 -9.10 -21.45
N GLY O 144 68.51 -9.26 -20.83
CA GLY O 144 68.01 -8.26 -19.91
C GLY O 144 69.02 -8.04 -18.79
N SER O 145 69.68 -9.11 -18.34
CA SER O 145 70.69 -9.01 -17.31
C SER O 145 71.92 -8.27 -17.79
N LYS O 146 72.36 -8.52 -19.03
CA LYS O 146 73.51 -7.78 -19.50
C LYS O 146 73.15 -6.31 -19.65
N ILE O 147 71.92 -6.02 -20.04
CA ILE O 147 71.51 -4.65 -20.15
C ILE O 147 71.54 -4.03 -18.76
N LEU O 148 71.06 -4.68 -17.70
CA LEU O 148 71.17 -4.00 -16.41
C LEU O 148 72.60 -3.71 -16.04
N LYS O 149 73.48 -4.65 -16.34
CA LYS O 149 74.87 -4.44 -16.04
C LYS O 149 75.39 -3.24 -16.79
N THR O 150 75.08 -3.19 -18.08
CA THR O 150 75.59 -2.15 -18.95
C THR O 150 75.01 -0.78 -18.59
N ILE O 151 73.70 -0.72 -18.28
CA ILE O 151 73.06 0.53 -17.93
C ILE O 151 73.63 1.06 -16.66
N ARG O 152 73.84 0.19 -15.67
CA ARG O 152 74.32 0.65 -14.34
C ARG O 152 75.77 1.11 -14.45
N GLU O 153 76.55 0.54 -15.35
CA GLU O 153 77.91 1.00 -15.53
C GLU O 153 77.95 2.36 -16.21
N ARG O 154 77.05 2.61 -17.17
CA ARG O 154 77.03 3.90 -17.84
C ARG O 154 76.34 5.00 -17.02
N TYR O 155 75.32 4.60 -16.26
CA TYR O 155 74.55 5.60 -15.47
C TYR O 155 74.47 5.14 -14.03
N PRO O 156 75.58 5.15 -13.26
CA PRO O 156 75.51 4.82 -11.85
C PRO O 156 74.76 5.94 -11.14
N LYS O 157 74.19 5.66 -9.96
CA LYS O 157 73.44 6.68 -9.18
C LYS O 157 72.08 7.00 -9.82
N VAL O 158 71.58 6.12 -10.68
CA VAL O 158 70.22 6.32 -11.29
C VAL O 158 69.34 5.14 -10.86
N PRO O 159 68.16 5.35 -10.25
CA PRO O 159 67.36 4.24 -9.74
C PRO O 159 66.81 3.30 -10.83
N ILE O 160 67.22 2.02 -10.82
CA ILE O 160 66.66 1.09 -11.77
C ILE O 160 65.65 0.20 -11.09
N PHE O 161 64.45 0.18 -11.62
CA PHE O 161 63.41 -0.67 -11.11
C PHE O 161 63.16 -1.77 -12.08
N THR O 162 63.12 -2.97 -11.57
CA THR O 162 62.86 -4.07 -12.46
C THR O 162 61.60 -4.75 -12.03
N PHE O 163 60.78 -5.09 -13.00
CA PHE O 163 59.56 -5.83 -12.76
C PHE O 163 59.72 -7.16 -13.42
N SER O 164 59.71 -8.22 -12.64
CA SER O 164 59.98 -9.48 -13.30
C SER O 164 59.20 -10.64 -12.82
N ILE O 165 58.99 -11.52 -13.79
CA ILE O 165 58.29 -12.75 -13.56
C ILE O 165 59.23 -13.86 -13.14
N PHE O 166 58.94 -14.44 -12.00
CA PHE O 166 59.70 -15.52 -11.43
C PHE O 166 58.98 -16.83 -11.68
N PRO O 167 59.68 -17.95 -11.47
CA PRO O 167 58.99 -19.21 -11.63
C PRO O 167 57.78 -19.30 -10.71
N SER O 168 56.79 -20.06 -11.12
CA SER O 168 55.61 -20.26 -10.30
C SER O 168 55.96 -21.26 -9.23
N PRO O 169 55.29 -21.18 -8.09
CA PRO O 169 55.64 -22.05 -6.96
C PRO O 169 55.38 -23.54 -7.18
N LYS O 170 54.32 -23.91 -7.87
CA LYS O 170 53.99 -25.33 -8.01
C LYS O 170 54.55 -25.95 -9.29
N ILE O 171 53.91 -25.68 -10.41
CA ILE O 171 54.36 -26.22 -11.69
C ILE O 171 55.42 -25.34 -12.33
N SER O 172 56.34 -25.95 -13.07
CA SER O 172 57.39 -25.20 -13.75
C SER O 172 57.23 -25.30 -15.26
N GLU O 173 57.89 -24.40 -16.00
CA GLU O 173 57.79 -24.40 -17.45
C GLU O 173 58.78 -25.37 -18.08
N THR O 174 60.06 -24.97 -18.11
CA THR O 174 61.10 -25.82 -18.67
C THR O 174 61.98 -26.39 -17.58
N VAL O 175 62.72 -27.45 -17.88
CA VAL O 175 63.67 -27.99 -16.87
C VAL O 175 64.79 -26.99 -16.61
N VAL O 176 65.19 -26.21 -17.62
CA VAL O 176 66.28 -25.27 -17.48
C VAL O 176 65.91 -24.05 -16.67
N GLU O 177 64.63 -23.88 -16.37
CA GLU O 177 64.15 -22.67 -15.75
C GLU O 177 64.92 -22.26 -14.50
N PRO O 178 65.25 -23.13 -13.52
CA PRO O 178 66.01 -22.76 -12.34
C PRO O 178 67.43 -22.26 -12.63
N TYR O 179 68.01 -22.57 -13.80
CA TYR O 179 69.35 -22.07 -14.05
C TYR O 179 69.20 -20.67 -14.53
N ASN O 180 68.18 -20.46 -15.35
CA ASN O 180 67.96 -19.14 -15.90
C ASN O 180 67.54 -18.22 -14.77
N ALA O 181 66.71 -18.74 -13.85
CA ALA O 181 66.20 -17.93 -12.76
C ALA O 181 67.29 -17.52 -11.77
N ILE O 182 68.22 -18.41 -11.45
CA ILE O 182 69.28 -18.01 -10.53
C ILE O 182 70.24 -17.04 -11.13
N MET O 183 70.67 -17.25 -12.35
CA MET O 183 71.59 -16.29 -12.88
C MET O 183 70.93 -14.93 -13.04
N THR O 184 69.63 -14.91 -13.39
CA THR O 184 68.95 -13.64 -13.53
C THR O 184 68.88 -12.97 -12.17
N LEU O 185 68.57 -13.74 -11.13
CA LEU O 185 68.47 -13.19 -9.80
C LEU O 185 69.82 -12.69 -9.33
N SER O 186 70.90 -13.38 -9.63
CA SER O 186 72.20 -12.91 -9.22
C SER O 186 72.46 -11.52 -9.80
N ASN O 187 72.13 -11.32 -11.06
CA ASN O 187 72.34 -10.01 -11.65
C ASN O 187 71.34 -8.97 -11.11
N LEU O 188 70.13 -9.37 -10.74
CA LEU O 188 69.21 -8.42 -10.14
C LEU O 188 69.77 -7.97 -8.80
N ILE O 189 70.38 -8.90 -8.06
CA ILE O 189 70.93 -8.59 -6.75
C ILE O 189 72.05 -7.57 -6.90
N LYS O 190 72.91 -7.77 -7.87
CA LYS O 190 74.01 -6.85 -8.10
C LYS O 190 73.65 -5.49 -8.74
N TYR O 191 72.69 -5.46 -9.67
CA TYR O 191 72.45 -4.22 -10.40
C TYR O 191 71.14 -3.42 -10.21
N ALA O 192 70.03 -4.02 -9.76
CA ALA O 192 68.78 -3.26 -9.67
C ALA O 192 68.77 -2.42 -8.41
N SER O 193 68.01 -1.31 -8.39
CA SER O 193 67.89 -0.57 -7.13
C SER O 193 66.77 -1.20 -6.33
N CYS O 194 65.73 -1.60 -7.06
CA CYS O 194 64.55 -2.26 -6.54
C CYS O 194 64.07 -3.29 -7.52
N SER O 195 63.57 -4.39 -7.01
CA SER O 195 63.01 -5.39 -7.91
C SER O 195 61.67 -5.82 -7.41
N ILE O 196 60.69 -5.88 -8.28
CA ILE O 196 59.36 -6.30 -7.88
C ILE O 196 59.21 -7.74 -8.31
N VAL O 197 58.92 -8.58 -7.35
CA VAL O 197 58.79 -10.00 -7.62
C VAL O 197 57.35 -10.36 -7.87
N LEU O 198 57.08 -10.86 -9.07
CA LEU O 198 55.76 -11.26 -9.51
C LEU O 198 55.81 -12.69 -10.00
N ASP O 199 54.69 -13.40 -9.94
CA ASP O 199 54.68 -14.69 -10.63
C ASP O 199 53.28 -15.04 -11.12
N ASN O 200 53.21 -16.03 -12.02
CA ASN O 200 51.92 -16.34 -12.60
C ASN O 200 50.98 -17.12 -11.74
N GLU O 201 51.48 -17.89 -10.78
CA GLU O 201 50.55 -18.67 -10.01
C GLU O 201 49.73 -17.72 -9.15
N ALA O 202 50.40 -16.72 -8.57
CA ALA O 202 49.66 -15.80 -7.76
C ALA O 202 48.69 -15.00 -8.60
N LEU O 203 49.13 -14.61 -9.80
CA LEU O 203 48.29 -13.79 -10.63
C LEU O 203 47.09 -14.57 -11.13
N PHE O 204 47.25 -15.87 -11.43
CA PHE O 204 46.09 -16.61 -11.89
C PHE O 204 45.06 -16.72 -10.80
N SER O 205 45.45 -16.95 -9.56
CA SER O 205 44.45 -17.05 -8.52
C SER O 205 43.69 -15.75 -8.41
N ILE O 206 44.39 -14.63 -8.56
CA ILE O 206 43.73 -13.35 -8.51
C ILE O 206 42.79 -13.20 -9.70
N ALA O 207 43.25 -13.54 -10.89
CA ALA O 207 42.40 -13.39 -12.06
C ALA O 207 41.13 -14.22 -11.95
N GLU O 208 41.23 -15.42 -11.39
CA GLU O 208 40.05 -16.26 -11.27
C GLU O 208 39.12 -15.88 -10.11
N LYS O 209 39.65 -15.28 -9.05
CA LYS O 209 38.81 -14.96 -7.90
C LYS O 209 38.43 -13.50 -7.72
N LYS O 210 39.25 -12.56 -8.19
CA LYS O 210 38.96 -11.15 -7.98
C LYS O 210 38.41 -10.50 -9.25
N LEU O 211 38.82 -10.99 -10.40
CA LEU O 211 38.28 -10.45 -11.65
C LEU O 211 37.07 -11.31 -12.02
N GLU O 212 36.14 -10.78 -12.80
CA GLU O 212 34.97 -11.56 -13.20
C GLU O 212 35.24 -12.52 -14.35
N VAL O 213 36.41 -12.42 -14.98
CA VAL O 213 36.73 -13.23 -16.14
C VAL O 213 36.78 -14.72 -15.87
N GLU O 214 36.10 -15.46 -16.72
CA GLU O 214 36.07 -16.90 -16.64
C GLU O 214 37.13 -17.45 -17.54
N ASN O 215 37.91 -18.41 -17.04
CA ASN O 215 38.98 -19.02 -17.82
C ASN O 215 39.93 -17.98 -18.44
N PRO O 216 40.61 -17.15 -17.63
CA PRO O 216 41.51 -16.12 -18.06
C PRO O 216 42.74 -16.67 -18.73
N SER O 217 43.27 -15.91 -19.67
CA SER O 217 44.50 -16.28 -20.35
C SER O 217 45.56 -15.28 -19.94
N LEU O 218 46.75 -15.37 -20.54
CA LEU O 218 47.82 -14.44 -20.20
C LEU O 218 47.43 -13.02 -20.56
N GLU O 219 46.51 -12.87 -21.51
CA GLU O 219 46.09 -11.54 -21.94
C GLU O 219 45.37 -10.83 -20.82
N ASP O 220 44.67 -11.58 -19.99
CA ASP O 220 43.91 -11.02 -18.90
C ASP O 220 44.82 -10.87 -17.72
N LEU O 221 45.76 -11.79 -17.59
CA LEU O 221 46.69 -11.84 -16.49
C LEU O 221 47.59 -10.60 -16.50
N ASN O 222 47.87 -10.12 -17.71
CA ASN O 222 48.72 -8.97 -17.91
C ASN O 222 48.05 -7.68 -17.52
N LEU O 223 46.76 -7.72 -17.25
CA LEU O 223 46.08 -6.50 -16.88
C LEU O 223 46.19 -6.33 -15.38
N ILE O 224 46.63 -7.36 -14.68
CA ILE O 224 46.80 -7.25 -13.27
C ILE O 224 48.18 -6.67 -13.11
N ILE O 225 49.12 -7.18 -13.89
CA ILE O 225 50.46 -6.64 -13.80
C ILE O 225 50.45 -5.21 -14.24
N ALA O 226 49.77 -4.92 -15.36
CA ALA O 226 49.72 -3.55 -15.81
C ALA O 226 49.07 -2.69 -14.76
N GLN O 227 48.04 -3.17 -14.06
CA GLN O 227 47.44 -2.30 -13.06
C GLN O 227 48.45 -1.97 -11.95
N VAL O 228 49.32 -2.92 -11.60
CA VAL O 228 50.33 -2.60 -10.59
C VAL O 228 51.23 -1.51 -11.13
N LEU O 229 51.67 -1.66 -12.38
CA LEU O 229 52.52 -0.67 -13.02
C LEU O 229 51.87 0.68 -13.21
N THR O 230 50.59 0.76 -13.52
CA THR O 230 50.08 2.10 -13.69
C THR O 230 49.89 2.75 -12.34
N ASN O 231 49.46 2.00 -11.32
CA ASN O 231 49.25 2.67 -10.04
C ASN O 231 50.53 3.12 -9.38
N VAL O 232 51.61 2.38 -9.54
CA VAL O 232 52.87 2.73 -8.90
C VAL O 232 53.47 4.00 -9.50
N THR O 233 52.93 4.46 -10.62
CA THR O 233 53.52 5.63 -11.31
C THR O 233 52.51 6.78 -11.30
N ALA O 234 51.44 6.67 -10.51
CA ALA O 234 50.37 7.70 -10.53
C ALA O 234 50.90 9.06 -10.06
N SER O 235 51.54 9.07 -8.89
CA SER O 235 52.06 10.35 -8.31
C SER O 235 53.02 11.00 -9.32
N LEU O 236 53.88 10.21 -9.96
CA LEU O 236 54.78 10.77 -10.98
C LEU O 236 53.92 11.41 -12.07
N ARG O 237 53.00 10.63 -12.65
CA ARG O 237 52.18 11.13 -13.80
C ARG O 237 51.25 12.28 -13.41
N PHE O 238 50.57 12.24 -12.26
CA PHE O 238 49.63 13.29 -11.94
C PHE O 238 50.19 14.35 -11.02
N SER O 239 51.51 14.41 -10.88
CA SER O 239 52.17 15.41 -10.06
C SER O 239 51.65 15.48 -8.63
N GLY O 240 51.35 16.69 -8.19
CA GLY O 240 50.86 16.97 -6.86
C GLY O 240 51.92 17.76 -6.13
N THR O 241 51.53 18.53 -5.12
CA THR O 241 52.54 19.33 -4.43
C THR O 241 53.51 18.40 -3.74
N LEU O 242 52.99 17.34 -3.12
CA LEU O 242 53.81 16.35 -2.46
C LEU O 242 53.69 15.14 -3.37
N ASN O 243 54.78 14.44 -3.63
CA ASN O 243 54.68 13.30 -4.54
C ASN O 243 55.79 12.24 -4.38
N LEU O 244 55.69 11.16 -5.17
CA LEU O 244 56.68 10.08 -5.14
C LEU O 244 57.34 9.79 -6.47
N ASP O 245 58.66 9.91 -6.47
CA ASP O 245 59.44 9.58 -7.64
C ASP O 245 60.10 8.24 -7.38
N LEU O 246 60.87 7.73 -8.33
CA LEU O 246 61.49 6.44 -8.13
C LEU O 246 62.57 6.52 -7.07
N GLY O 247 63.20 7.67 -6.94
CA GLY O 247 64.24 7.86 -5.94
C GLY O 247 63.66 7.97 -4.53
N LYS O 248 62.36 8.21 -4.40
CA LYS O 248 61.78 8.32 -3.08
C LYS O 248 61.53 6.89 -2.64
N LEU O 249 61.11 6.05 -3.59
CA LEU O 249 60.87 4.66 -3.25
C LEU O 249 62.14 3.92 -2.89
N VAL O 250 63.23 4.20 -3.59
CA VAL O 250 64.44 3.47 -3.24
C VAL O 250 64.92 3.90 -1.87
N THR O 251 64.95 5.21 -1.62
CA THR O 251 65.43 5.66 -0.35
C THR O 251 64.62 5.10 0.80
N ASN O 252 63.29 5.12 0.67
CA ASN O 252 62.46 4.67 1.77
C ASN O 252 62.30 3.18 1.93
N LEU O 253 62.30 2.40 0.86
CA LEU O 253 62.09 0.98 1.03
C LEU O 253 63.34 0.13 1.11
N VAL O 254 64.52 0.63 0.77
CA VAL O 254 65.66 -0.27 0.82
C VAL O 254 66.66 0.09 1.94
N PRO O 255 66.62 -0.53 3.15
CA PRO O 255 67.49 -0.22 4.26
C PRO O 255 68.94 -0.65 4.08
N PHE O 256 69.17 -1.66 3.25
CA PHE O 256 70.50 -2.13 2.93
C PHE O 256 70.57 -2.36 1.44
N SER O 257 71.75 -2.23 0.88
CA SER O 257 71.88 -2.35 -0.56
C SER O 257 71.51 -3.69 -1.18
N ASN O 258 71.52 -4.81 -0.45
CA ASN O 258 71.15 -6.06 -1.09
C ASN O 258 69.79 -6.62 -0.67
N LEU O 259 68.95 -5.81 -0.04
CA LEU O 259 67.64 -6.32 0.37
C LEU O 259 66.55 -5.50 -0.26
N HIS O 260 66.58 -5.37 -1.58
CA HIS O 260 65.67 -4.56 -2.35
C HIS O 260 64.54 -5.28 -3.08
N PHE O 261 64.33 -6.53 -2.75
CA PHE O 261 63.27 -7.29 -3.41
C PHE O 261 61.93 -7.04 -2.73
N LEU O 262 61.00 -6.47 -3.48
CA LEU O 262 59.71 -6.06 -2.99
C LEU O 262 58.52 -6.85 -3.53
N MET O 263 57.52 -6.94 -2.70
CA MET O 263 56.24 -7.52 -3.06
C MET O 263 55.32 -6.41 -3.50
N ALA O 264 54.36 -6.71 -4.37
CA ALA O 264 53.38 -5.71 -4.78
C ALA O 264 51.98 -6.25 -4.67
N SER O 265 51.06 -5.34 -4.34
CA SER O 265 49.63 -5.62 -4.22
C SER O 265 48.73 -4.45 -4.56
N THR O 266 47.66 -4.69 -5.32
CA THR O 266 46.70 -3.63 -5.62
C THR O 266 45.26 -4.04 -5.50
N ALA O 267 44.42 -3.05 -5.27
CA ALA O 267 42.99 -3.25 -5.30
C ALA O 267 42.30 -1.92 -5.59
N PRO O 268 41.11 -1.92 -6.18
CA PRO O 268 40.33 -2.99 -6.76
C PRO O 268 40.91 -3.33 -8.11
N LEU O 269 40.61 -4.50 -8.62
CA LEU O 269 41.02 -4.83 -9.97
C LEU O 269 39.82 -4.79 -10.88
N VAL O 270 39.78 -3.83 -11.78
CA VAL O 270 38.61 -3.65 -12.61
C VAL O 270 38.95 -3.70 -14.10
N LEU O 271 38.23 -4.54 -14.84
CA LEU O 271 38.41 -4.63 -16.29
C LEU O 271 37.66 -3.47 -16.88
N ALA O 272 38.06 -3.00 -18.05
CA ALA O 272 37.37 -1.84 -18.61
C ALA O 272 35.87 -2.05 -18.70
N GLY O 273 35.13 -1.03 -18.30
CA GLY O 273 33.68 -1.03 -18.31
C GLY O 273 33.18 -0.82 -16.89
N LYS O 274 31.93 -0.40 -16.72
CA LYS O 274 31.44 -0.14 -15.36
C LYS O 274 30.96 -1.43 -14.70
N GLU O 275 31.91 -2.32 -14.45
CA GLU O 275 31.66 -3.63 -13.86
C GLU O 275 31.95 -3.63 -12.35
N SER O 276 32.46 -2.51 -11.87
CA SER O 276 32.83 -2.30 -10.50
C SER O 276 31.67 -1.88 -9.62
N TYR O 277 31.90 -1.95 -8.32
CA TYR O 277 30.95 -1.48 -7.34
C TYR O 277 31.58 -0.38 -6.50
N GLU O 278 30.81 0.65 -6.22
CA GLU O 278 31.29 1.79 -5.48
C GLU O 278 31.40 1.56 -3.98
N LYS O 279 32.41 0.77 -3.59
CA LYS O 279 32.65 0.48 -2.17
C LYS O 279 33.02 1.78 -1.48
N MET O 280 33.81 2.57 -2.20
CA MET O 280 34.30 3.89 -1.78
C MET O 280 34.92 3.93 -0.42
N THR O 281 35.52 2.86 0.02
CA THR O 281 36.03 2.91 1.36
C THR O 281 37.50 2.60 1.42
N ALA O 282 38.26 3.57 1.90
CA ALA O 282 39.70 3.44 2.02
C ALA O 282 40.04 2.36 2.99
N LYS O 283 39.24 2.22 4.03
CA LYS O 283 39.51 1.21 5.04
C LYS O 283 39.43 -0.17 4.47
N GLU O 284 38.47 -0.39 3.56
CA GLU O 284 38.32 -1.69 2.97
C GLU O 284 39.44 -1.95 2.02
N LEU O 285 39.86 -0.93 1.27
CA LEU O 285 40.93 -1.15 0.34
C LEU O 285 42.23 -1.43 1.07
N SER O 286 42.48 -0.77 2.20
CA SER O 286 43.71 -1.07 2.92
C SER O 286 43.64 -2.48 3.48
N ALA O 287 42.47 -2.89 3.99
CA ALA O 287 42.37 -4.22 4.52
C ALA O 287 42.65 -5.26 3.46
N GLN O 288 42.17 -5.00 2.24
CA GLN O 288 42.40 -5.89 1.12
C GLN O 288 43.82 -5.86 0.60
N VAL O 289 44.43 -4.71 0.49
CA VAL O 289 45.73 -4.67 -0.15
C VAL O 289 46.77 -5.38 0.68
N PHE O 290 46.59 -5.35 2.01
CA PHE O 290 47.49 -5.99 2.96
C PHE O 290 47.09 -7.42 3.31
N GLY O 291 46.08 -7.97 2.68
CA GLY O 291 45.70 -9.33 2.97
C GLY O 291 46.56 -10.18 2.08
N ASP O 292 46.39 -11.48 2.09
CA ASP O 292 47.23 -12.31 1.23
C ASP O 292 46.62 -12.49 -0.17
N GLU O 293 45.31 -12.31 -0.26
CA GLU O 293 44.57 -12.55 -1.49
C GLU O 293 44.91 -11.67 -2.69
N TYR O 294 45.48 -10.48 -2.51
CA TYR O 294 45.85 -9.64 -3.65
C TYR O 294 47.34 -9.59 -3.90
N ILE O 295 48.11 -10.42 -3.23
CA ILE O 295 49.54 -10.36 -3.40
C ILE O 295 49.87 -11.00 -4.74
N CYS O 296 50.69 -10.34 -5.53
CA CYS O 296 50.99 -10.83 -6.87
C CYS O 296 52.18 -11.77 -6.99
N ALA O 297 52.53 -12.43 -5.87
CA ALA O 297 53.63 -13.40 -5.82
C ALA O 297 53.28 -14.54 -4.87
N ALA O 298 53.87 -15.70 -5.12
CA ALA O 298 53.61 -16.90 -4.35
C ALA O 298 54.30 -16.90 -3.01
N CYS O 299 53.72 -16.14 -2.13
CA CYS O 299 54.20 -15.93 -0.78
C CYS O 299 53.00 -15.59 0.08
N LYS O 300 53.14 -15.60 1.40
CA LYS O 300 52.03 -15.26 2.28
C LYS O 300 52.45 -14.22 3.33
N PRO O 301 52.50 -12.93 2.96
CA PRO O 301 53.00 -11.81 3.74
C PRO O 301 52.43 -11.60 5.11
N THR O 302 51.19 -12.04 5.38
CA THR O 302 50.67 -11.79 6.72
C THR O 302 51.36 -12.63 7.79
N THR O 303 52.18 -13.61 7.38
CA THR O 303 52.89 -14.46 8.33
C THR O 303 54.35 -14.08 8.47
N GLY O 304 54.80 -13.04 7.77
CA GLY O 304 56.20 -12.65 7.83
C GLY O 304 56.39 -11.40 8.67
N ARG O 305 57.47 -10.68 8.41
CA ARG O 305 57.74 -9.46 9.16
C ARG O 305 58.19 -8.39 8.17
N TYR O 306 57.70 -7.17 8.32
CA TYR O 306 58.05 -6.10 7.41
C TYR O 306 59.24 -5.25 7.81
N LEU O 307 60.07 -4.91 6.83
CA LEU O 307 61.18 -4.05 7.17
C LEU O 307 60.71 -2.65 6.92
N ALA O 308 59.93 -2.52 5.87
CA ALA O 308 59.39 -1.26 5.42
C ALA O 308 58.27 -1.54 4.46
N ALA O 309 57.37 -0.59 4.32
CA ALA O 309 56.33 -0.72 3.32
C ALA O 309 55.84 0.64 2.90
N SER O 310 55.23 0.73 1.72
CA SER O 310 54.67 2.00 1.30
C SER O 310 53.29 1.81 0.77
N VAL O 311 52.47 2.81 1.01
CA VAL O 311 51.11 2.76 0.51
C VAL O 311 50.75 4.03 -0.23
N LEU O 312 50.31 3.88 -1.46
CA LEU O 312 49.85 5.01 -2.25
C LEU O 312 48.35 4.92 -2.45
N PHE O 313 47.68 5.96 -2.03
CA PHE O 313 46.24 6.03 -2.16
C PHE O 313 45.91 6.91 -3.32
N ARG O 314 44.96 6.48 -4.13
CA ARG O 314 44.51 7.29 -5.24
C ARG O 314 43.06 7.67 -5.11
N GLY O 315 42.75 8.86 -5.57
CA GLY O 315 41.38 9.35 -5.61
C GLY O 315 41.01 10.10 -4.36
N ALA O 316 39.72 10.35 -4.17
CA ALA O 316 39.24 11.17 -3.07
C ALA O 316 39.17 10.44 -1.74
N VAL O 317 40.33 10.11 -1.23
CA VAL O 317 40.50 9.42 0.02
C VAL O 317 40.59 10.41 1.17
N LYS O 318 39.80 10.19 2.21
CA LYS O 318 39.81 11.10 3.36
C LYS O 318 41.02 10.86 4.23
N THR O 319 41.64 11.94 4.71
CA THR O 319 42.79 11.85 5.60
C THR O 319 42.46 11.06 6.84
N SER O 320 41.28 11.28 7.38
CA SER O 320 40.87 10.61 8.58
C SER O 320 40.79 9.10 8.41
N ASP O 321 40.39 8.63 7.22
CA ASP O 321 40.26 7.21 6.99
C ASP O 321 41.61 6.61 6.78
N VAL O 322 42.53 7.38 6.21
CA VAL O 322 43.85 6.84 6.04
C VAL O 322 44.46 6.61 7.38
N ASN O 323 44.31 7.57 8.29
CA ASN O 323 44.93 7.40 9.58
C ASN O 323 44.32 6.24 10.34
N GLU O 324 43.01 6.07 10.28
CA GLU O 324 42.44 4.97 11.02
C GLU O 324 42.79 3.64 10.36
N ALA O 325 42.74 3.60 9.03
CA ALA O 325 43.03 2.37 8.33
C ALA O 325 44.45 1.93 8.56
N MET O 326 45.38 2.88 8.59
CA MET O 326 46.75 2.47 8.79
C MET O 326 47.00 2.08 10.22
N ALA O 327 46.24 2.64 11.17
CA ALA O 327 46.41 2.23 12.54
C ALA O 327 46.07 0.75 12.67
N THR O 328 45.03 0.32 11.95
CA THR O 328 44.62 -1.09 11.96
C THR O 328 45.72 -1.96 11.39
N VAL O 329 46.33 -1.51 10.31
CA VAL O 329 47.40 -2.25 9.68
C VAL O 329 48.58 -2.41 10.62
N LYS O 330 48.96 -1.33 11.30
CA LYS O 330 50.08 -1.44 12.22
C LYS O 330 49.77 -2.42 13.34
N GLU O 331 48.55 -2.42 13.86
CA GLU O 331 48.20 -3.35 14.93
C GLU O 331 48.18 -4.80 14.52
N GLN O 332 47.69 -5.09 13.31
CA GLN O 332 47.58 -6.47 12.85
C GLN O 332 48.87 -7.10 12.33
N ASN O 333 49.73 -6.32 11.68
CA ASN O 333 50.93 -6.90 11.11
C ASN O 333 52.14 -6.87 12.02
N SER O 334 53.23 -7.43 11.52
CA SER O 334 54.46 -7.50 12.29
C SER O 334 55.59 -6.81 11.58
N PHE O 335 56.27 -5.95 12.33
CA PHE O 335 57.36 -5.11 11.85
C PHE O 335 58.63 -5.34 12.64
N VAL O 336 59.77 -5.01 12.05
CA VAL O 336 61.04 -5.12 12.75
C VAL O 336 61.26 -3.80 13.53
N ASN O 337 61.68 -3.91 14.79
CA ASN O 337 61.86 -2.74 15.71
C ASN O 337 62.79 -1.64 15.15
N TRP O 338 64.02 -1.97 14.73
CA TRP O 338 64.94 -0.86 14.35
C TRP O 338 64.24 0.15 13.44
N ILE O 339 63.72 -0.26 12.28
CA ILE O 339 62.93 0.73 11.48
C ILE O 339 61.70 1.03 12.35
N PRO O 340 61.61 2.20 13.01
CA PRO O 340 60.54 2.45 13.98
C PRO O 340 59.27 3.09 13.40
N THR O 341 59.37 3.71 12.22
CA THR O 341 58.22 4.37 11.64
C THR O 341 57.47 3.46 10.67
N GLY O 342 58.07 2.35 10.23
CA GLY O 342 57.38 1.39 9.38
C GLY O 342 57.09 1.75 7.92
N PHE O 343 56.25 2.75 7.75
CA PHE O 343 55.70 3.12 6.46
C PHE O 343 56.10 4.40 5.78
N LYS O 344 55.96 4.38 4.47
CA LYS O 344 55.96 5.59 3.65
C LYS O 344 54.57 5.76 3.07
N ILE O 345 53.91 6.86 3.37
CA ILE O 345 52.53 7.06 2.91
C ILE O 345 52.38 8.23 1.99
N SER O 346 51.65 8.01 0.90
CA SER O 346 51.41 9.06 -0.08
C SER O 346 50.02 9.00 -0.69
N LYS O 347 49.54 10.16 -1.10
CA LYS O 347 48.25 10.29 -1.75
C LYS O 347 48.31 11.08 -3.05
N SER O 348 47.51 10.64 -4.02
CA SER O 348 47.31 11.32 -5.30
C SER O 348 45.83 11.44 -5.55
N GLU O 349 45.36 12.66 -5.63
CA GLU O 349 43.93 12.94 -5.76
C GLU O 349 43.26 12.49 -7.05
N THR O 350 44.04 12.13 -8.06
CA THR O 350 43.43 11.71 -9.30
C THR O 350 43.12 10.22 -9.31
N SER O 351 41.83 9.94 -9.55
CA SER O 351 41.24 8.61 -9.58
C SER O 351 41.74 7.80 -10.76
N PRO O 352 41.83 6.46 -10.64
CA PRO O 352 42.12 5.55 -11.72
C PRO O 352 40.91 5.59 -12.63
N LYS O 353 41.05 5.35 -13.91
CA LYS O 353 39.88 5.49 -14.78
C LYS O 353 38.66 4.61 -14.51
N ASP O 354 38.82 3.42 -13.93
CA ASP O 354 37.67 2.54 -13.72
C ASP O 354 37.17 2.48 -12.28
N SER O 355 37.65 3.36 -11.41
CA SER O 355 37.21 3.37 -10.01
C SER O 355 37.42 4.72 -9.39
N ALA O 356 36.52 5.17 -8.54
CA ALA O 356 36.84 6.46 -7.93
C ALA O 356 38.09 6.38 -7.06
N LEU O 357 38.23 5.28 -6.33
CA LEU O 357 39.35 5.10 -5.43
C LEU O 357 40.19 3.89 -5.77
N GLY O 358 41.44 3.91 -5.33
CA GLY O 358 42.27 2.70 -5.45
C GLY O 358 43.53 2.78 -4.61
N VAL O 359 44.10 1.61 -4.31
CA VAL O 359 45.30 1.53 -3.50
C VAL O 359 46.38 0.59 -4.02
N ILE O 360 47.61 1.07 -3.99
CA ILE O 360 48.75 0.22 -4.30
C ILE O 360 49.71 0.17 -3.14
N MET O 361 50.14 -1.04 -2.81
CA MET O 361 51.08 -1.24 -1.74
C MET O 361 52.30 -2.01 -2.20
N LEU O 362 53.45 -1.58 -1.70
CA LEU O 362 54.71 -2.24 -1.97
C LEU O 362 55.41 -2.53 -0.67
N GLY O 363 56.22 -3.57 -0.60
CA GLY O 363 57.01 -3.66 0.62
C GLY O 363 57.99 -4.79 0.75
N ASN O 364 58.80 -4.68 1.79
CA ASN O 364 59.85 -5.62 2.12
C ASN O 364 59.39 -6.55 3.17
N ASN O 365 59.02 -7.72 2.77
CA ASN O 365 58.49 -8.67 3.70
C ASN O 365 59.42 -9.84 3.64
N SER O 366 59.89 -10.25 4.81
CA SER O 366 60.87 -11.31 4.95
C SER O 366 60.45 -12.63 4.35
N GLU O 367 59.16 -12.76 4.14
CA GLU O 367 58.52 -13.91 3.56
C GLU O 367 59.05 -14.18 2.16
N ILE O 368 59.54 -13.14 1.48
CA ILE O 368 60.02 -13.24 0.10
C ILE O 368 61.10 -14.29 -0.09
N VAL O 369 61.81 -14.63 0.97
CA VAL O 369 62.84 -15.60 0.77
C VAL O 369 62.26 -16.93 0.35
N SER O 370 61.00 -17.24 0.68
CA SER O 370 60.49 -18.54 0.31
C SER O 370 60.46 -18.70 -1.21
N VAL O 371 60.37 -17.60 -1.95
CA VAL O 371 60.36 -17.70 -3.39
C VAL O 371 61.75 -18.10 -3.83
N PHE O 372 62.72 -17.42 -3.27
CA PHE O 372 64.10 -17.64 -3.64
C PHE O 372 64.59 -19.03 -3.18
N GLU O 373 64.14 -19.48 -2.02
CA GLU O 373 64.54 -20.76 -1.50
C GLU O 373 64.06 -21.90 -2.38
N ARG O 374 62.83 -21.80 -2.91
CA ARG O 374 62.33 -22.85 -3.79
C ARG O 374 63.16 -22.92 -5.07
N ILE O 375 63.52 -21.76 -5.60
CA ILE O 375 64.30 -21.73 -6.83
C ILE O 375 65.66 -22.35 -6.55
N GLY O 376 66.27 -21.97 -5.43
CA GLY O 376 67.56 -22.49 -5.03
C GLY O 376 67.52 -23.99 -4.96
N ALA O 377 66.56 -24.55 -4.24
CA ALA O 377 66.49 -25.98 -4.09
C ALA O 377 66.31 -26.73 -5.41
N ASN O 378 65.51 -26.18 -6.34
CA ASN O 378 65.33 -26.89 -7.60
C ASN O 378 66.64 -26.93 -8.37
N PHE O 379 67.36 -25.82 -8.33
CA PHE O 379 68.65 -25.72 -8.96
C PHE O 379 69.60 -26.70 -8.36
N ASP O 380 69.68 -26.74 -7.05
CA ASP O 380 70.65 -27.61 -6.42
C ASP O 380 70.47 -29.05 -6.82
N ARG O 381 69.23 -29.52 -6.94
CA ARG O 381 69.05 -30.91 -7.34
C ARG O 381 69.50 -31.17 -8.77
N LEU O 382 69.17 -30.26 -9.69
CA LEU O 382 69.55 -30.44 -11.07
C LEU O 382 71.05 -30.25 -11.28
N TRP O 383 71.61 -29.30 -10.55
CA TRP O 383 73.00 -28.94 -10.62
C TRP O 383 73.88 -30.04 -10.08
N SER O 384 73.45 -30.69 -9.01
CA SER O 384 74.18 -31.79 -8.44
C SER O 384 74.26 -32.91 -9.47
N ARG O 385 73.17 -33.14 -10.20
CA ARG O 385 73.13 -34.24 -11.22
C ARG O 385 73.63 -33.74 -12.58
N LYS O 386 73.79 -32.43 -12.74
CA LYS O 386 74.30 -31.84 -14.01
C LYS O 386 73.34 -32.20 -15.15
N ALA O 387 72.03 -32.01 -14.94
CA ALA O 387 71.04 -32.27 -15.99
C ALA O 387 70.80 -30.97 -16.78
N PHE O 388 70.94 -31.01 -18.11
CA PHE O 388 70.77 -29.80 -18.97
C PHE O 388 71.89 -28.80 -18.69
N ALA O 389 72.94 -29.22 -17.99
CA ALA O 389 74.05 -28.31 -17.62
C ALA O 389 74.91 -27.99 -18.84
N HIS O 390 75.19 -28.99 -19.68
CA HIS O 390 76.01 -28.78 -20.90
C HIS O 390 75.49 -27.56 -21.66
N TRP O 391 74.22 -27.22 -21.50
CA TRP O 391 73.69 -26.13 -22.29
C TRP O 391 74.24 -24.79 -21.83
N PHE O 392 74.76 -24.73 -20.61
CA PHE O 392 75.28 -23.50 -20.08
C PHE O 392 76.78 -23.47 -20.18
N THR O 393 77.44 -24.60 -20.01
CA THR O 393 78.90 -24.56 -20.02
C THR O 393 79.43 -24.59 -21.45
N ASP O 394 78.65 -25.09 -22.39
CA ASP O 394 79.11 -25.12 -23.76
C ASP O 394 78.79 -23.79 -24.43
N SER O 395 78.18 -22.87 -23.68
CA SER O 395 77.78 -21.57 -24.17
C SER O 395 78.55 -20.49 -23.43
N GLY O 396 79.67 -20.87 -22.82
CA GLY O 396 80.56 -19.92 -22.17
C GLY O 396 80.60 -19.84 -20.65
N PHE O 397 79.74 -20.49 -19.90
CA PHE O 397 79.86 -20.38 -18.45
C PHE O 397 80.74 -21.44 -17.86
N GLU O 398 81.38 -21.10 -16.77
CA GLU O 398 82.15 -22.09 -16.05
C GLU O 398 81.28 -22.59 -14.92
N GLU O 399 81.60 -23.75 -14.36
CA GLU O 399 80.84 -24.25 -13.22
C GLU O 399 80.94 -23.21 -12.11
N LYS O 400 82.07 -22.54 -12.05
CA LYS O 400 82.31 -21.48 -11.10
C LYS O 400 81.28 -20.37 -11.18
N ASP O 401 80.76 -20.06 -12.38
CA ASP O 401 79.82 -18.95 -12.48
C ASP O 401 78.47 -19.40 -12.00
N LEU O 402 78.15 -20.65 -12.28
CA LEU O 402 76.88 -21.20 -11.85
C LEU O 402 76.88 -21.32 -10.32
N ASP O 403 78.04 -21.66 -9.74
CA ASP O 403 78.17 -21.77 -8.30
C ASP O 403 78.21 -20.41 -7.62
N ASP O 404 78.86 -19.42 -8.22
CA ASP O 404 78.91 -18.11 -7.60
C ASP O 404 77.55 -17.45 -7.64
N ALA O 405 76.79 -17.66 -8.72
CA ALA O 405 75.48 -17.05 -8.78
C ALA O 405 74.60 -17.62 -7.67
N ARG O 406 74.72 -18.94 -7.44
CA ARG O 406 73.95 -19.55 -6.40
C ARG O 406 74.34 -19.01 -5.05
N ALA O 407 75.64 -18.82 -4.83
CA ALA O 407 76.14 -18.32 -3.56
C ALA O 407 75.62 -16.92 -3.25
N LEU O 408 75.52 -16.06 -4.27
CA LEU O 408 75.02 -14.73 -4.02
C LEU O 408 73.57 -14.76 -3.63
N VAL O 409 72.81 -15.63 -4.28
CA VAL O 409 71.40 -15.76 -3.96
C VAL O 409 71.27 -16.23 -2.52
N GLN O 410 72.09 -17.20 -2.12
CA GLN O 410 71.99 -17.67 -0.76
C GLN O 410 72.35 -16.57 0.22
N LYS O 411 73.32 -15.72 -0.10
CA LYS O 411 73.66 -14.65 0.81
C LYS O 411 72.45 -13.78 1.08
N VAL O 412 71.70 -13.43 0.05
CA VAL O 412 70.53 -12.59 0.28
C VAL O 412 69.50 -13.31 1.12
N ILE O 413 69.28 -14.61 0.88
CA ILE O 413 68.33 -15.34 1.69
C ILE O 413 68.77 -15.37 3.14
N ASP O 414 70.04 -15.65 3.39
CA ASP O 414 70.52 -15.72 4.75
C ASP O 414 70.40 -14.36 5.43
N ASP O 415 70.65 -13.27 4.72
CA ASP O 415 70.55 -11.96 5.35
C ASP O 415 69.10 -11.64 5.71
N TYR O 416 68.15 -11.97 4.83
CA TYR O 416 66.77 -11.72 5.20
C TYR O 416 66.32 -12.55 6.38
N ARG O 417 66.73 -13.82 6.41
CA ARG O 417 66.28 -14.67 7.47
C ARG O 417 66.93 -14.34 8.78
N LYS O 418 68.22 -14.03 8.79
CA LYS O 418 68.87 -13.72 10.03
C LYS O 418 68.26 -12.49 10.64
N LEU O 419 68.05 -11.47 9.82
CA LEU O 419 67.50 -10.24 10.33
C LEU O 419 66.15 -10.52 10.97
N THR O 420 65.32 -11.28 10.27
CA THR O 420 63.98 -11.59 10.73
C THR O 420 63.99 -12.34 12.05
N GLU O 421 64.85 -13.34 12.19
CA GLU O 421 64.89 -14.06 13.45
C GLU O 421 65.45 -13.19 14.59
N ASP O 422 66.47 -12.36 14.31
CA ASP O 422 67.04 -11.53 15.36
C ASP O 422 66.01 -10.56 15.88
N ALA O 423 65.11 -10.13 14.99
CA ALA O 423 64.08 -9.15 15.25
C ALA O 423 63.20 -9.50 16.42
N GLU O 424 62.98 -10.77 16.71
CA GLU O 424 62.06 -11.08 17.80
C GLU O 424 62.54 -10.51 19.14
N ASN O 425 63.86 -10.43 19.34
CA ASN O 425 64.38 -9.94 20.59
C ASN O 425 64.83 -8.49 20.51
N LEU O 426 64.54 -7.79 19.41
CA LEU O 426 65.02 -6.41 19.32
C LEU O 426 64.04 -5.49 19.97
N TYR O 427 62.98 -6.09 20.46
CA TYR O 427 61.94 -5.42 21.22
C TYR O 427 62.12 -5.51 22.75
N PHE O 428 63.21 -6.18 23.26
CA PHE O 428 63.42 -6.40 24.70
C PHE O 428 64.87 -6.10 25.10
N ALA P 2 58.21 51.46 7.45
CA ALA P 2 57.58 50.14 7.63
C ALA P 2 58.68 49.10 7.86
N ARG P 3 58.67 48.43 9.01
CA ARG P 3 59.66 47.35 9.26
C ARG P 3 59.24 46.17 8.39
N GLU P 4 59.98 45.91 7.31
CA GLU P 4 59.53 44.88 6.33
C GLU P 4 60.12 43.49 6.58
N VAL P 5 59.29 42.46 6.45
CA VAL P 5 59.69 41.06 6.60
C VAL P 5 59.71 40.29 5.27
N ILE P 6 60.78 39.54 5.03
CA ILE P 6 60.87 38.71 3.82
C ILE P 6 60.53 37.28 4.15
N THR P 7 59.58 36.69 3.44
CA THR P 7 59.16 35.32 3.74
C THR P 7 59.70 34.37 2.68
N ILE P 8 60.33 33.29 3.11
CA ILE P 8 60.89 32.31 2.20
C ILE P 8 60.23 30.95 2.43
N HIS P 9 59.73 30.32 1.38
CA HIS P 9 59.08 29.01 1.52
C HIS P 9 59.99 27.95 0.96
N VAL P 10 60.42 27.01 1.78
CA VAL P 10 61.38 26.03 1.30
C VAL P 10 60.88 24.60 1.41
N GLY P 11 60.91 23.89 0.30
CA GLY P 11 60.51 22.51 0.30
C GLY P 11 59.07 22.33 -0.12
N GLU P 12 58.70 21.09 -0.38
CA GLU P 12 57.38 20.81 -0.91
C GLU P 12 56.25 21.24 0.02
N LEU P 13 56.41 21.07 1.32
CA LEU P 13 55.34 21.46 2.22
C LEU P 13 55.30 22.96 2.42
N GLY P 14 56.45 23.61 2.57
CA GLY P 14 56.42 25.04 2.81
C GLY P 14 55.73 25.71 1.64
N ILE P 15 55.97 25.19 0.44
CA ILE P 15 55.36 25.69 -0.75
C ILE P 15 53.87 25.34 -0.77
N GLN P 16 53.49 24.12 -0.37
CA GLN P 16 52.09 23.73 -0.33
C GLN P 16 51.26 24.67 0.49
N ILE P 17 51.81 25.13 1.58
CA ILE P 17 51.18 26.07 2.50
C ILE P 17 51.00 27.44 1.90
N ALA P 18 51.99 27.93 1.14
CA ALA P 18 52.00 29.28 0.60
C ALA P 18 50.64 29.79 0.14
N PRO P 19 49.82 29.14 -0.71
CA PRO P 19 48.57 29.70 -1.14
C PRO P 19 47.58 29.94 -0.02
N ASN P 20 47.71 29.27 1.10
CA ASN P 20 46.74 29.48 2.14
C ASN P 20 47.20 30.64 2.97
N PHE P 21 48.49 30.71 3.18
CA PHE P 21 49.07 31.78 3.96
C PHE P 21 48.83 33.09 3.26
N TRP P 22 49.16 33.13 1.98
CA TRP P 22 49.02 34.36 1.26
C TRP P 22 47.59 34.74 0.97
N LYS P 23 46.68 33.79 0.80
CA LYS P 23 45.30 34.20 0.63
C LYS P 23 44.79 34.81 1.91
N TYR P 24 45.17 34.26 3.08
CA TYR P 24 44.69 34.89 4.29
C TYR P 24 45.16 36.31 4.40
N LEU P 25 46.42 36.57 4.05
CA LEU P 25 46.90 37.94 4.16
C LEU P 25 46.21 38.85 3.16
N CYS P 26 45.93 38.34 1.97
CA CYS P 26 45.26 39.16 0.96
C CYS P 26 43.86 39.53 1.43
N ASP P 27 43.16 38.60 2.04
CA ASP P 27 41.83 38.99 2.45
C ASP P 27 41.88 39.86 3.67
N GLU P 28 42.82 39.58 4.55
CA GLU P 28 42.91 40.32 5.78
C GLU P 28 43.16 41.81 5.57
N HIS P 29 43.97 42.15 4.57
CA HIS P 29 44.31 43.54 4.26
C HIS P 29 43.48 44.17 3.13
N ASN P 30 42.41 43.50 2.66
CA ASN P 30 41.56 43.93 1.53
C ASN P 30 42.25 44.07 0.17
N ILE P 31 43.02 43.07 -0.20
CA ILE P 31 43.69 42.96 -1.48
C ILE P 31 43.18 41.70 -2.15
N ASP P 32 42.98 41.74 -3.46
CA ASP P 32 42.47 40.57 -4.14
C ASP P 32 43.61 39.60 -4.42
N TYR P 33 43.33 38.48 -5.03
CA TYR P 33 44.39 37.49 -5.20
C TYR P 33 45.25 37.78 -6.40
N LYS P 34 44.90 38.82 -7.12
CA LYS P 34 45.67 39.27 -8.26
C LYS P 34 46.56 40.42 -7.83
N GLY P 35 46.52 40.79 -6.56
CA GLY P 35 47.31 41.89 -6.04
C GLY P 35 46.63 43.25 -6.19
N GLN P 36 45.42 43.26 -6.68
CA GLN P 36 44.70 44.50 -6.87
C GLN P 36 44.02 44.92 -5.61
N GLU P 37 43.88 46.21 -5.41
CA GLU P 37 43.20 46.67 -4.20
C GLU P 37 41.72 46.41 -4.31
N LYS P 38 41.10 46.08 -3.20
CA LYS P 38 39.70 45.78 -3.14
C LYS P 38 39.02 46.64 -2.09
N GLY P 39 38.87 47.92 -2.36
CA GLY P 39 38.33 48.82 -1.34
C GLY P 39 39.47 49.40 -0.53
N LYS P 40 39.19 49.74 0.72
CA LYS P 40 40.17 50.41 1.57
C LYS P 40 41.21 49.46 2.10
N ILE P 41 42.48 49.81 1.98
CA ILE P 41 43.54 48.96 2.48
C ILE P 41 43.75 49.23 3.94
N ARG P 42 43.86 48.16 4.71
CA ARG P 42 44.02 48.31 6.14
C ARG P 42 45.21 47.51 6.67
N GLY P 43 45.84 48.03 7.72
CA GLY P 43 46.99 47.39 8.34
C GLY P 43 48.25 47.90 7.68
N VAL P 44 49.41 47.48 8.17
CA VAL P 44 50.63 47.97 7.56
C VAL P 44 50.96 47.05 6.44
N ILE P 45 50.37 47.34 5.30
CA ILE P 45 50.48 46.47 4.17
C ILE P 45 51.89 46.27 3.69
N ASP P 46 52.67 47.31 3.82
CA ASP P 46 54.04 47.35 3.37
C ASP P 46 54.90 46.30 4.04
N ASN P 47 54.54 45.81 5.21
CA ASN P 47 55.44 44.87 5.84
C ASN P 47 55.55 43.56 5.09
N PHE P 48 54.48 43.13 4.42
CA PHE P 48 54.54 41.87 3.69
C PHE P 48 54.39 42.01 2.19
N PHE P 49 53.93 43.16 1.70
CA PHE P 49 53.76 43.30 0.26
C PHE P 49 54.56 44.45 -0.31
N GLU P 50 55.15 44.21 -1.45
CA GLU P 50 55.91 45.18 -2.20
C GLU P 50 54.97 45.93 -3.11
N LYS P 51 55.15 47.23 -3.22
CA LYS P 51 54.29 47.98 -4.13
C LYS P 51 54.93 48.04 -5.50
N ALA P 52 54.17 47.66 -6.50
CA ALA P 52 54.59 47.66 -7.89
C ALA P 52 54.63 49.07 -8.43
N SER P 53 55.21 49.22 -9.62
CA SER P 53 55.23 50.51 -10.31
C SER P 53 53.81 50.93 -10.75
N ILE P 54 52.91 49.96 -10.69
CA ILE P 54 51.51 50.02 -11.01
C ILE P 54 50.71 49.74 -9.74
N GLY P 55 49.39 49.74 -9.79
CA GLY P 55 48.57 49.56 -8.58
C GLY P 55 48.66 48.20 -7.86
N LYS P 56 49.29 47.21 -8.48
CA LYS P 56 49.44 45.87 -7.93
C LYS P 56 50.39 45.73 -6.71
N TRP P 57 49.93 44.96 -5.73
CA TRP P 57 50.74 44.56 -4.59
C TRP P 57 51.36 43.21 -4.87
N ILE P 58 52.64 43.06 -4.54
CA ILE P 58 53.39 41.84 -4.78
C ILE P 58 53.80 41.19 -3.46
N PRO P 59 53.53 39.92 -3.22
CA PRO P 59 53.89 39.33 -1.96
C PRO P 59 55.38 39.38 -1.89
N ARG P 60 55.92 39.77 -0.75
CA ARG P 60 57.36 39.86 -0.62
C ARG P 60 57.93 38.49 -0.24
N THR P 61 58.01 37.62 -1.25
CA THR P 61 58.41 36.24 -0.99
C THR P 61 59.16 35.50 -2.10
N ILE P 62 59.94 34.51 -1.65
CA ILE P 62 60.74 33.60 -2.46
C ILE P 62 60.33 32.13 -2.27
N LEU P 63 60.18 31.38 -3.38
CA LEU P 63 59.80 29.96 -3.30
C LEU P 63 60.95 29.06 -3.74
N VAL P 64 61.41 28.15 -2.88
CA VAL P 64 62.53 27.26 -3.21
C VAL P 64 62.17 25.77 -3.22
N ASP P 65 62.44 25.09 -4.33
CA ASP P 65 62.13 23.66 -4.52
C ASP P 65 63.22 22.96 -5.32
N LEU P 66 63.78 21.86 -4.83
CA LEU P 66 64.84 21.19 -5.59
C LEU P 66 64.29 20.41 -6.78
N GLY P 67 62.97 20.25 -6.83
CA GLY P 67 62.33 19.66 -7.99
C GLY P 67 61.51 20.81 -8.59
N PRO P 68 60.80 20.63 -9.71
CA PRO P 68 59.96 21.65 -10.32
C PRO P 68 58.48 21.67 -9.89
N ASN P 69 58.03 20.68 -9.14
CA ASN P 69 56.60 20.48 -9.04
C ASN P 69 55.83 21.24 -7.97
N ALA P 70 56.43 21.54 -6.81
CA ALA P 70 55.59 22.22 -5.85
C ALA P 70 55.32 23.61 -6.34
N ILE P 71 56.33 24.20 -6.97
CA ILE P 71 56.20 25.54 -7.47
C ILE P 71 55.28 25.55 -8.64
N ARG P 72 55.43 24.63 -9.59
CA ARG P 72 54.54 24.68 -10.72
C ARG P 72 53.09 24.64 -10.31
N LYS P 73 52.72 23.77 -9.36
CA LYS P 73 51.31 23.77 -9.00
C LYS P 73 50.90 25.07 -8.31
N VAL P 74 51.72 25.59 -7.42
CA VAL P 74 51.33 26.81 -6.73
C VAL P 74 51.20 28.03 -7.62
N THR P 75 52.15 28.24 -8.51
CA THR P 75 52.10 29.46 -9.29
C THR P 75 51.30 29.34 -10.58
N LYS P 76 51.04 28.13 -11.06
CA LYS P 76 50.26 27.99 -12.28
C LYS P 76 48.83 27.53 -12.05
N LYS P 77 48.53 26.82 -10.96
CA LYS P 77 47.16 26.36 -10.78
C LYS P 77 46.45 26.91 -9.56
N ASP P 78 47.13 27.00 -8.41
CA ASP P 78 46.39 27.45 -7.23
C ASP P 78 46.28 28.96 -7.01
N MET P 79 47.33 29.72 -7.28
CA MET P 79 47.18 31.14 -7.06
C MET P 79 47.90 31.88 -8.18
N LYS P 80 47.25 31.86 -9.33
CA LYS P 80 47.78 32.36 -10.58
C LYS P 80 48.04 33.84 -10.53
N ASP P 81 49.17 34.24 -11.11
CA ASP P 81 49.59 35.63 -11.28
C ASP P 81 49.92 36.36 -9.99
N PHE P 82 49.93 35.68 -8.86
CA PHE P 82 50.22 36.35 -7.61
C PHE P 82 51.69 36.36 -7.27
N PHE P 83 52.35 35.24 -7.49
CA PHE P 83 53.74 35.11 -7.11
C PHE P 83 54.60 35.53 -8.27
N ASP P 84 55.68 36.23 -7.99
CA ASP P 84 56.62 36.70 -9.00
C ASP P 84 57.53 35.56 -9.47
N PRO P 85 57.49 35.12 -10.74
CA PRO P 85 58.24 33.98 -11.26
C PRO P 85 59.74 34.17 -11.17
N LYS P 86 60.20 35.40 -11.01
CA LYS P 86 61.62 35.64 -10.94
C LYS P 86 62.13 35.44 -9.54
N ARG P 87 61.23 35.10 -8.63
CA ARG P 87 61.55 34.83 -7.25
C ARG P 87 61.37 33.34 -6.95
N CYS P 88 61.23 32.52 -8.00
CA CYS P 88 61.10 31.09 -7.80
C CYS P 88 62.38 30.37 -8.20
N VAL P 89 62.85 29.49 -7.33
CA VAL P 89 64.06 28.72 -7.60
C VAL P 89 63.74 27.27 -7.74
N MET P 90 64.07 26.70 -8.89
CA MET P 90 63.75 25.30 -9.11
C MET P 90 64.91 24.47 -9.59
N GLY P 91 65.06 23.32 -8.95
CA GLY P 91 66.03 22.34 -9.36
C GLY P 91 65.34 21.29 -10.21
N LEU P 92 66.05 20.21 -10.53
CA LEU P 92 65.48 19.15 -11.33
C LEU P 92 65.37 17.82 -10.60
N ALA P 93 66.39 17.50 -9.80
CA ALA P 93 66.45 16.17 -9.18
C ALA P 93 65.58 15.97 -7.94
N GLY P 94 65.15 17.03 -7.27
CA GLY P 94 64.43 16.80 -6.04
C GLY P 94 65.43 16.41 -4.97
N ASP P 95 65.00 15.70 -3.94
CA ASP P 95 65.90 15.37 -2.86
C ASP P 95 65.93 13.90 -2.41
N ALA P 96 65.17 13.02 -3.05
CA ALA P 96 65.12 11.59 -2.68
C ALA P 96 64.85 11.39 -1.19
N ASN P 97 64.17 12.36 -0.58
CA ASN P 97 63.85 12.44 0.85
C ASN P 97 65.08 12.50 1.75
N LEU P 98 66.24 12.86 1.23
CA LEU P 98 67.43 12.92 2.05
C LEU P 98 67.93 14.30 2.43
N PHE P 99 68.24 14.46 3.72
CA PHE P 99 68.88 15.64 4.25
C PHE P 99 70.13 15.90 3.47
N ALA P 100 70.87 14.83 3.18
CA ALA P 100 72.13 14.97 2.50
C ALA P 100 72.01 15.74 1.18
N LYS P 101 70.92 15.59 0.42
CA LYS P 101 70.89 16.34 -0.81
C LYS P 101 70.61 17.78 -0.56
N GLY P 102 69.69 18.04 0.35
CA GLY P 102 69.34 19.42 0.63
C GLY P 102 70.49 20.24 1.23
N TYR P 103 71.34 19.61 2.06
CA TYR P 103 72.41 20.35 2.71
C TYR P 103 73.84 20.18 2.15
N TYR P 104 74.19 19.03 1.53
CA TYR P 104 75.59 18.85 1.11
C TYR P 104 75.79 18.62 -0.39
N SER P 105 75.05 17.69 -1.00
CA SER P 105 75.39 17.32 -2.38
C SER P 105 74.67 17.97 -3.55
N TYR P 106 73.45 18.44 -3.38
CA TYR P 106 72.73 18.98 -4.52
C TYR P 106 72.34 20.40 -4.29
N GLY P 107 71.74 20.67 -3.14
CA GLY P 107 71.18 21.97 -2.84
C GLY P 107 72.23 23.06 -2.77
N THR P 108 73.47 22.68 -2.62
CA THR P 108 74.55 23.62 -2.50
C THR P 108 74.84 24.34 -3.80
N ARG P 109 74.49 23.73 -4.93
CA ARG P 109 74.79 24.34 -6.21
C ARG P 109 73.82 25.46 -6.51
N PHE P 110 72.76 25.57 -5.72
CA PHE P 110 71.76 26.58 -5.94
C PHE P 110 71.96 27.75 -5.01
N MET P 111 72.98 27.71 -4.16
CA MET P 111 73.07 28.82 -3.23
C MET P 111 73.41 30.13 -3.85
N GLU P 112 74.13 30.16 -4.97
CA GLU P 112 74.40 31.46 -5.55
C GLU P 112 73.12 32.07 -6.06
N GLU P 113 72.28 31.24 -6.69
CA GLU P 113 71.01 31.69 -7.23
C GLU P 113 70.08 32.16 -6.13
N ILE P 114 70.05 31.42 -5.03
CA ILE P 114 69.17 31.75 -3.94
C ILE P 114 69.60 33.02 -3.26
N MET P 115 70.90 33.18 -2.98
CA MET P 115 71.32 34.39 -2.31
C MET P 115 71.19 35.60 -3.22
N ASP P 116 71.30 35.40 -4.53
CA ASP P 116 71.13 36.51 -5.46
C ASP P 116 69.69 36.97 -5.45
N LYS P 117 68.75 36.03 -5.43
CA LYS P 117 67.36 36.43 -5.40
C LYS P 117 67.03 37.09 -4.08
N ILE P 118 67.62 36.61 -2.98
CA ILE P 118 67.34 37.23 -1.72
C ILE P 118 67.85 38.63 -1.74
N GLN P 119 69.07 38.87 -2.22
CA GLN P 119 69.51 40.24 -2.22
C GLN P 119 68.62 41.12 -3.06
N LYS P 120 68.16 40.65 -4.20
CA LYS P 120 67.30 41.50 -5.00
C LYS P 120 66.06 41.91 -4.22
N GLU P 121 65.55 41.01 -3.37
CA GLU P 121 64.38 41.30 -2.56
C GLU P 121 64.76 42.28 -1.41
N VAL P 122 65.92 42.09 -0.82
CA VAL P 122 66.43 42.94 0.27
C VAL P 122 66.67 44.34 -0.21
N ASP P 123 67.18 44.48 -1.40
CA ASP P 123 67.50 45.77 -1.98
C ASP P 123 66.26 46.63 -2.23
N GLN P 124 65.06 46.07 -2.14
CA GLN P 124 63.89 46.88 -2.37
C GLN P 124 63.39 47.51 -1.08
N THR P 125 64.02 47.19 0.05
CA THR P 125 63.51 47.69 1.33
C THR P 125 64.50 48.47 2.21
N GLU P 126 64.05 49.64 2.64
CA GLU P 126 64.84 50.56 3.50
C GLU P 126 65.04 50.05 4.92
N HIS P 127 64.00 49.43 5.47
CA HIS P 127 64.07 48.97 6.85
C HIS P 127 63.62 47.55 6.94
N LEU P 128 64.59 46.64 6.90
CA LEU P 128 64.30 45.23 6.95
C LEU P 128 64.40 44.78 8.39
N GLN P 129 63.31 44.21 8.86
CA GLN P 129 63.17 43.75 10.21
C GLN P 129 63.74 42.35 10.37
N GLY P 130 63.44 41.52 9.38
CA GLY P 130 63.88 40.14 9.46
C GLY P 130 63.33 39.24 8.40
N PHE P 131 63.63 37.96 8.59
CA PHE P 131 63.21 36.91 7.68
C PHE P 131 62.41 35.83 8.36
N ILE P 132 61.46 35.28 7.63
CA ILE P 132 60.72 34.12 8.10
C ILE P 132 60.91 32.99 7.12
N VAL P 133 61.41 31.88 7.60
CA VAL P 133 61.62 30.75 6.72
C VAL P 133 60.64 29.66 7.08
N VAL P 134 59.81 29.30 6.14
CA VAL P 134 58.78 28.30 6.35
C VAL P 134 59.21 27.00 5.74
N HIS P 135 59.33 25.96 6.55
CA HIS P 135 59.83 24.74 5.99
C HIS P 135 59.41 23.50 6.75
N SER P 136 59.40 22.41 6.03
CA SER P 136 59.23 21.10 6.61
C SER P 136 60.51 20.71 7.26
N ILE P 137 60.49 19.89 8.31
CA ILE P 137 61.80 19.35 8.83
C ILE P 137 61.83 17.87 8.49
N GLY P 138 60.88 17.43 7.67
CA GLY P 138 60.72 16.04 7.24
C GLY P 138 61.61 15.66 6.08
N ASP P 139 61.22 16.10 4.90
CA ASP P 139 61.87 15.85 3.63
C ASP P 139 63.20 16.55 3.52
N GLY P 140 64.05 16.06 2.65
CA GLY P 140 65.39 16.60 2.44
C GLY P 140 65.42 18.03 1.96
N THR P 141 64.51 18.45 1.10
CA THR P 141 64.61 19.83 0.67
C THR P 141 64.37 20.75 1.83
N GLY P 142 63.29 20.53 2.59
CA GLY P 142 63.00 21.36 3.74
C GLY P 142 64.07 21.23 4.82
N ALA P 143 64.32 19.99 5.24
CA ALA P 143 65.27 19.69 6.31
C ALA P 143 66.69 20.12 5.99
N GLY P 144 67.09 20.01 4.73
CA GLY P 144 68.42 20.33 4.27
C GLY P 144 68.61 21.79 3.87
N LEU P 145 67.89 22.24 2.85
CA LEU P 145 68.12 23.60 2.44
C LEU P 145 67.68 24.63 3.43
N ALA P 146 66.59 24.45 4.16
CA ALA P 146 66.21 25.58 4.95
C ALA P 146 67.36 26.02 5.84
N PRO P 147 68.07 25.17 6.63
CA PRO P 147 69.24 25.57 7.37
C PRO P 147 70.42 26.02 6.50
N LEU P 148 70.51 25.58 5.25
CA LEU P 148 71.64 26.02 4.44
C LEU P 148 71.44 27.50 4.10
N ILE P 149 70.18 27.83 3.82
CA ILE P 149 69.77 29.17 3.47
C ILE P 149 69.90 30.05 4.67
N MET P 150 69.43 29.58 5.82
CA MET P 150 69.51 30.38 7.02
C MET P 150 70.94 30.75 7.35
N GLU P 151 71.88 29.79 7.25
CA GLU P 151 73.25 30.13 7.56
C GLU P 151 73.80 31.17 6.60
N ALA P 152 73.48 31.04 5.31
CA ALA P 152 73.98 31.99 4.34
C ALA P 152 73.47 33.41 4.62
N ILE P 153 72.23 33.52 5.08
CA ILE P 153 71.68 34.82 5.41
C ILE P 153 72.28 35.38 6.68
N LYS P 154 72.39 34.58 7.74
CA LYS P 154 72.93 35.11 9.00
C LYS P 154 74.34 35.62 8.85
N LYS P 155 75.09 35.05 7.91
CA LYS P 155 76.52 35.45 7.74
C LYS P 155 76.59 36.75 6.93
N LYS P 156 75.48 37.16 6.31
CA LYS P 156 75.48 38.35 5.47
C LYS P 156 74.73 39.49 6.11
N HIS P 157 73.69 39.17 6.87
CA HIS P 157 72.83 40.13 7.51
C HIS P 157 72.68 39.78 8.99
N PRO P 158 73.76 39.83 9.80
CA PRO P 158 73.83 39.35 11.17
C PRO P 158 72.97 40.09 12.18
N LYS P 159 72.51 41.29 11.81
CA LYS P 159 71.72 42.11 12.72
C LYS P 159 70.22 41.92 12.59
N LEU P 160 69.79 41.07 11.67
CA LEU P 160 68.37 40.83 11.47
C LEU P 160 67.89 39.69 12.33
N VAL P 161 66.61 39.68 12.66
CA VAL P 161 66.06 38.56 13.41
C VAL P 161 65.56 37.51 12.45
N MET P 162 65.97 36.29 12.66
CA MET P 162 65.48 35.22 11.81
C MET P 162 64.57 34.26 12.55
N MET P 163 63.41 34.06 12.00
CA MET P 163 62.45 33.16 12.56
C MET P 163 62.15 32.03 11.62
N SER P 164 62.05 30.84 12.15
CA SER P 164 61.67 29.73 11.31
C SER P 164 60.36 29.17 11.77
N TYR P 165 59.63 28.60 10.84
CA TYR P 165 58.39 27.92 11.12
C TYR P 165 58.62 26.49 10.68
N SER P 166 58.95 25.64 11.66
CA SER P 166 59.35 24.27 11.45
C SER P 166 58.20 23.33 11.60
N ILE P 167 57.88 22.61 10.54
CA ILE P 167 56.72 21.75 10.63
C ILE P 167 57.12 20.30 10.70
N VAL P 168 56.72 19.66 11.80
CA VAL P 168 57.08 18.29 12.05
C VAL P 168 56.01 17.39 11.44
N PRO P 169 56.36 16.50 10.49
CA PRO P 169 55.48 15.60 9.81
C PRO P 169 54.91 14.62 10.78
N SER P 170 53.76 14.10 10.44
CA SER P 170 53.10 13.08 11.21
C SER P 170 53.74 11.70 11.12
N GLN P 171 53.35 10.84 12.05
CA GLN P 171 53.77 9.45 12.11
C GLN P 171 52.82 8.53 11.35
N ASN P 172 51.85 9.12 10.67
CA ASN P 172 50.86 8.41 9.90
C ASN P 172 50.71 8.99 8.48
N MET P 173 49.88 9.99 8.25
CA MET P 173 49.62 10.45 6.89
C MET P 173 50.85 10.96 6.15
N ASP P 174 51.79 11.55 6.87
CA ASP P 174 52.98 12.10 6.25
C ASP P 174 54.20 11.24 6.53
N CYS P 175 54.02 10.03 7.01
CA CYS P 175 55.20 9.32 7.46
C CYS P 175 56.15 8.87 6.38
N SER P 176 57.38 8.65 6.84
CA SER P 176 58.54 8.18 6.10
C SER P 176 59.41 7.30 6.96
N THR P 177 60.03 6.33 6.33
CA THR P 177 60.90 5.37 6.98
C THR P 177 62.21 5.98 7.43
N ILE P 178 62.55 7.17 6.93
CA ILE P 178 63.78 7.84 7.34
C ILE P 178 63.50 9.17 8.00
N LEU P 179 62.26 9.40 8.43
CA LEU P 179 61.93 10.64 9.08
C LEU P 179 62.85 10.99 10.25
N PRO P 180 63.18 10.08 11.19
CA PRO P 180 64.04 10.37 12.30
C PRO P 180 65.43 10.82 11.90
N TYR P 181 65.92 10.47 10.71
CA TYR P 181 67.25 10.95 10.41
C TYR P 181 67.18 12.36 9.99
N ASN P 182 66.20 12.68 9.18
CA ASN P 182 66.20 14.04 8.71
C ASN P 182 65.82 14.99 9.83
N ALA P 183 64.94 14.56 10.74
CA ALA P 183 64.54 15.45 11.83
C ALA P 183 65.69 15.77 12.76
N ILE P 184 66.51 14.79 13.11
CA ILE P 184 67.61 15.07 14.02
C ILE P 184 68.71 15.83 13.32
N LEU P 185 69.03 15.45 12.10
CA LEU P 185 70.09 16.11 11.39
C LEU P 185 69.76 17.57 11.15
N SER P 186 68.48 17.90 10.90
CA SER P 186 68.14 19.28 10.70
C SER P 186 67.90 20.07 11.99
N LEU P 187 67.45 19.44 13.09
CA LEU P 187 67.32 20.19 14.35
C LEU P 187 68.69 20.64 14.79
N ASP P 188 69.68 19.84 14.47
CA ASP P 188 71.05 20.15 14.79
C ASP P 188 71.50 21.45 14.16
N LYS P 189 70.96 21.81 13.00
CA LYS P 189 71.42 23.02 12.37
C LYS P 189 70.52 24.18 12.77
N LEU P 190 69.24 23.90 13.02
CA LEU P 190 68.31 24.96 13.41
C LEU P 190 68.74 25.55 14.72
N THR P 191 69.35 24.70 15.54
CA THR P 191 69.84 25.08 16.83
C THR P 191 70.80 26.27 16.73
N SER P 192 71.66 26.35 15.71
CA SER P 192 72.55 27.49 15.63
C SER P 192 72.06 28.56 14.62
N CYS P 193 71.17 28.16 13.70
CA CYS P 193 70.67 29.04 12.64
C CYS P 193 69.63 30.09 13.01
N ALA P 194 68.55 29.66 13.64
CA ALA P 194 67.43 30.57 13.90
C ALA P 194 67.54 31.29 15.23
N ASP P 195 66.92 32.46 15.33
CA ASP P 195 66.86 33.14 16.61
C ASP P 195 65.59 32.69 17.31
N ILE P 196 64.55 32.47 16.52
CA ILE P 196 63.25 32.00 17.00
C ILE P 196 62.85 30.80 16.18
N SER P 197 62.44 29.70 16.80
CA SER P 197 62.01 28.58 15.96
C SER P 197 60.69 28.01 16.45
N MET P 198 59.67 28.12 15.61
CA MET P 198 58.36 27.65 16.04
C MET P 198 58.22 26.21 15.66
N ILE P 199 57.69 25.38 16.56
CA ILE P 199 57.45 23.99 16.20
C ILE P 199 55.99 23.68 16.15
N ILE P 200 55.54 23.23 15.00
CA ILE P 200 54.16 22.84 14.84
C ILE P 200 54.14 21.35 14.52
N ASP P 201 53.38 20.59 15.28
CA ASP P 201 53.30 19.14 15.10
C ASP P 201 52.06 18.69 14.30
N ASN P 202 52.24 18.11 13.10
CA ASN P 202 51.07 17.76 12.31
C ASN P 202 50.20 16.70 12.98
N ASP P 203 50.73 15.88 13.89
CA ASP P 203 49.87 14.92 14.53
C ASP P 203 48.90 15.58 15.46
N SER P 204 49.27 16.73 16.02
CA SER P 204 48.36 17.40 16.89
C SER P 204 47.30 18.01 16.03
N ILE P 205 47.68 18.51 14.87
CA ILE P 205 46.66 19.10 14.03
C ILE P 205 45.67 18.04 13.61
N TYR P 206 46.15 16.87 13.22
CA TYR P 206 45.18 15.88 12.79
C TYR P 206 44.24 15.47 13.92
N ARG P 207 44.71 15.26 15.16
CA ARG P 207 43.77 14.85 16.19
C ARG P 207 42.88 15.98 16.69
N ILE P 208 43.36 17.21 16.63
CA ILE P 208 42.58 18.33 17.08
C ILE P 208 41.45 18.62 16.13
N VAL P 209 41.75 18.63 14.84
CA VAL P 209 40.72 18.89 13.88
C VAL P 209 39.72 17.75 13.90
N ALA P 210 40.20 16.50 13.96
CA ALA P 210 39.27 15.38 14.00
C ALA P 210 38.33 15.49 15.18
N THR P 211 38.82 15.96 16.33
CA THR P 211 37.97 16.13 17.49
C THR P 211 36.91 17.18 17.24
N GLN P 212 37.31 18.32 16.66
CA GLN P 212 36.36 19.39 16.39
C GLN P 212 35.34 18.99 15.35
N GLY P 213 35.78 18.13 14.44
CA GLY P 213 34.98 17.64 13.35
C GLY P 213 34.19 16.41 13.69
N LYS P 214 34.15 15.98 14.95
CA LYS P 214 33.44 14.73 15.26
C LYS P 214 31.95 14.80 14.91
N GLU P 215 31.42 16.02 14.82
CA GLU P 215 30.02 16.27 14.50
C GLU P 215 29.75 16.49 13.00
N ASN P 216 30.78 16.51 12.15
CA ASN P 216 30.55 16.83 10.74
C ASN P 216 31.57 16.22 9.77
N GLU P 217 31.43 16.51 8.48
CA GLU P 217 32.32 15.94 7.48
C GLU P 217 33.54 16.81 7.14
N LEU P 218 33.68 17.96 7.78
CA LEU P 218 34.76 18.87 7.50
C LEU P 218 34.97 19.13 5.99
N SER P 219 36.23 19.18 5.59
CA SER P 219 36.74 19.37 4.25
C SER P 219 38.16 18.89 4.28
N GLU P 220 38.66 18.33 3.21
CA GLU P 220 40.06 17.88 3.26
C GLU P 220 41.04 19.05 3.31
N SER P 221 40.59 20.25 2.96
CA SER P 221 41.46 21.41 2.99
C SER P 221 41.71 21.94 4.39
N ILE P 222 40.95 21.48 5.37
CA ILE P 222 41.05 22.01 6.72
C ILE P 222 42.41 21.82 7.37
N PHE P 223 43.12 20.77 7.04
CA PHE P 223 44.36 20.55 7.72
C PHE P 223 45.38 21.60 7.32
N ASP P 224 45.37 21.99 6.05
CA ASP P 224 46.30 22.98 5.56
C ASP P 224 45.86 24.36 5.99
N GLN P 225 44.56 24.59 6.12
CA GLN P 225 44.14 25.91 6.53
C GLN P 225 44.57 26.15 7.97
N VAL P 226 44.49 25.14 8.83
CA VAL P 226 44.90 25.34 10.22
C VAL P 226 46.39 25.60 10.32
N LEU P 227 47.19 24.86 9.58
CA LEU P 227 48.62 25.04 9.64
C LEU P 227 49.04 26.43 9.12
N ALA P 228 48.44 26.86 8.00
CA ALA P 228 48.73 28.17 7.45
C ALA P 228 48.27 29.29 8.35
N LYS P 229 47.10 29.12 8.96
CA LYS P 229 46.54 30.14 9.81
C LYS P 229 47.40 30.35 11.02
N ALA P 230 47.96 29.30 11.59
CA ALA P 230 48.77 29.55 12.75
C ALA P 230 49.89 30.51 12.39
N LEU P 231 50.50 30.39 11.22
CA LEU P 231 51.56 31.37 10.92
C LEU P 231 51.00 32.76 10.77
N VAL P 232 49.83 32.88 10.15
CA VAL P 232 49.23 34.19 9.92
C VAL P 232 48.97 34.90 11.23
N GLU P 233 48.43 34.15 12.21
CA GLU P 233 48.12 34.72 13.51
C GLU P 233 49.39 35.09 14.28
N ILE P 234 50.46 34.30 14.17
CA ILE P 234 51.71 34.60 14.88
C ILE P 234 52.19 35.96 14.40
N THR P 235 52.08 36.17 13.09
CA THR P 235 52.49 37.39 12.43
C THR P 235 51.49 38.54 12.51
N ALA P 236 50.33 38.37 13.11
CA ALA P 236 49.35 39.46 13.10
C ALA P 236 49.87 40.71 13.75
N THR P 237 50.69 40.58 14.77
CA THR P 237 51.18 41.73 15.49
C THR P 237 52.28 42.43 14.74
N LEU P 238 52.78 41.82 13.68
CA LEU P 238 53.82 42.44 12.90
C LEU P 238 53.20 43.21 11.74
N ARG P 239 51.86 43.08 11.59
CA ARG P 239 51.15 43.69 10.48
C ARG P 239 50.18 44.76 10.93
N PHE P 240 49.71 44.67 12.14
CA PHE P 240 48.78 45.65 12.67
C PHE P 240 49.45 46.41 13.79
N ASN P 241 48.98 47.61 14.09
CA ASN P 241 49.65 48.39 15.14
C ASN P 241 49.19 47.94 16.53
N SER P 242 49.70 46.78 16.87
CA SER P 242 49.40 46.01 18.06
C SER P 242 50.21 46.49 19.26
N PRO P 243 49.74 46.31 20.52
CA PRO P 243 50.56 46.66 21.68
C PRO P 243 51.37 45.45 22.13
N LEU P 244 51.67 44.53 21.21
CA LEU P 244 52.39 43.28 21.58
C LEU P 244 53.21 42.79 20.38
N ASN P 245 54.30 42.06 20.64
CA ASN P 245 55.14 41.50 19.58
C ASN P 245 55.26 42.48 18.42
N ARG P 246 55.34 43.78 18.75
CA ARG P 246 55.42 44.84 17.77
C ARG P 246 56.43 44.56 16.67
N SER P 247 57.51 43.88 17.01
CA SER P 247 58.55 43.56 16.06
C SER P 247 59.18 42.23 16.40
N MET P 248 59.90 41.65 15.44
CA MET P 248 60.58 40.38 15.63
C MET P 248 61.61 40.46 16.72
N MET P 249 62.23 41.61 16.90
CA MET P 249 63.20 41.80 17.94
C MET P 249 62.55 41.70 19.31
N GLU P 250 61.30 42.13 19.41
CA GLU P 250 60.57 42.09 20.71
C GLU P 250 60.09 40.66 20.96
N MET P 251 59.79 39.91 19.90
CA MET P 251 59.41 38.53 20.14
C MET P 251 60.59 37.77 20.70
N SER P 252 61.77 38.07 20.18
CA SER P 252 62.96 37.41 20.63
C SER P 252 63.25 37.75 22.09
N THR P 253 63.15 39.03 22.45
CA THR P 253 63.46 39.45 23.84
C THR P 253 62.42 38.91 24.83
N ASN P 254 61.15 38.76 24.41
CA ASN P 254 60.09 38.31 25.28
C ASN P 254 60.13 36.81 25.51
N LEU P 255 60.50 36.05 24.50
CA LEU P 255 60.44 34.61 24.58
C LEU P 255 61.74 33.80 24.74
N VAL P 256 62.90 34.31 24.33
CA VAL P 256 64.10 33.48 24.36
C VAL P 256 65.20 33.97 25.33
N PRO P 257 65.30 33.45 26.57
CA PRO P 257 66.29 33.86 27.57
C PRO P 257 67.73 33.41 27.33
N PHE P 258 67.91 32.34 26.58
CA PHE P 258 69.25 31.83 26.31
C PHE P 258 69.30 31.53 24.82
N PRO P 259 70.43 31.73 24.13
CA PRO P 259 70.59 31.46 22.71
C PRO P 259 70.10 30.09 22.23
N ARG P 260 70.24 29.05 23.04
CA ARG P 260 69.79 27.74 22.60
C ARG P 260 68.32 27.45 22.90
N ASN P 261 67.74 28.12 23.89
CA ASN P 261 66.39 27.78 24.26
C ASN P 261 65.38 28.60 23.49
N HIS P 262 65.40 28.42 22.19
CA HIS P 262 64.53 29.20 21.32
C HIS P 262 63.42 28.43 20.64
N PHE P 263 63.18 27.18 21.03
CA PHE P 263 62.15 26.42 20.36
C PHE P 263 60.82 26.64 21.05
N LEU P 264 59.86 27.17 20.31
CA LEU P 264 58.56 27.56 20.85
C LEU P 264 57.35 26.75 20.39
N MET P 265 56.39 26.66 21.28
CA MET P 265 55.13 25.98 21.05
C MET P 265 54.00 26.95 20.87
N THR P 266 52.94 26.56 20.16
CA THR P 266 51.80 27.46 20.06
C THR P 266 50.49 26.80 20.41
N SER P 267 49.52 27.65 20.64
CA SER P 267 48.15 27.28 20.95
C SER P 267 47.22 28.22 20.26
N MET P 268 46.17 27.69 19.64
CA MET P 268 45.27 28.57 18.89
C MET P 268 43.80 28.29 19.07
N SER P 269 43.01 29.36 19.11
CA SER P 269 41.57 29.27 19.20
C SER P 269 40.94 30.40 18.40
N PRO P 270 39.90 30.13 17.60
CA PRO P 270 39.14 28.91 17.37
C PRO P 270 39.66 27.90 16.35
N LEU P 271 40.94 27.92 16.03
CA LEU P 271 41.58 27.05 15.03
C LEU P 271 41.20 27.43 13.61
N GLU P 272 39.92 27.40 13.29
CA GLU P 272 39.45 27.90 12.01
C GLU P 272 38.02 28.39 12.12
N THR P 273 37.71 29.45 11.40
CA THR P 273 36.40 30.07 11.41
C THR P 273 35.32 29.08 11.00
N SER P 274 35.61 28.27 9.99
CA SER P 274 34.67 27.28 9.49
C SER P 274 34.44 26.11 10.43
N LEU P 275 35.33 25.96 11.43
CA LEU P 275 35.14 24.90 12.46
C LEU P 275 34.18 25.43 13.52
N THR P 276 34.21 26.74 13.76
CA THR P 276 33.31 27.36 14.78
C THR P 276 32.31 28.27 14.06
N SER P 277 31.15 27.73 13.68
CA SER P 277 30.14 28.52 12.93
C SER P 277 28.88 28.72 13.79
N ALA P 278 27.83 29.31 13.21
CA ALA P 278 26.56 29.56 13.95
C ALA P 278 26.83 30.47 15.16
N HIS P 279 26.30 30.12 16.33
CA HIS P 279 26.45 30.98 17.54
C HIS P 279 27.86 30.79 18.13
N GLN P 280 28.74 31.74 17.87
CA GLN P 280 30.14 31.59 18.35
C GLN P 280 30.50 32.82 19.20
N LYS P 281 29.59 33.22 20.09
CA LYS P 281 29.92 34.34 21.00
C LYS P 281 30.94 33.81 22.01
N ILE P 282 32.22 33.76 21.62
CA ILE P 282 33.28 33.26 22.53
C ILE P 282 33.65 34.42 23.47
N GLU P 283 33.20 34.35 24.72
CA GLU P 283 33.46 35.46 25.67
C GLU P 283 34.96 35.49 26.00
N THR P 284 35.48 36.66 26.35
CA THR P 284 36.92 36.80 26.70
C THR P 284 37.30 35.67 27.67
N LYS P 285 36.39 35.27 28.55
CA LYS P 285 36.72 34.26 29.59
C LYS P 285 36.96 32.88 28.97
N GLU P 286 36.11 32.44 28.03
CA GLU P 286 36.30 31.11 27.50
C GLU P 286 37.50 31.10 26.58
N LEU P 287 37.72 32.17 25.85
CA LEU P 287 38.86 32.16 24.94
C LEU P 287 40.14 31.89 25.70
N MET P 288 40.34 32.54 26.84
CA MET P 288 41.60 32.26 27.51
C MET P 288 41.68 30.89 28.14
N GLN P 289 40.55 30.28 28.49
CA GLN P 289 40.67 28.93 29.01
C GLN P 289 40.96 27.98 27.85
N ASP P 290 40.40 28.26 26.68
CA ASP P 290 40.60 27.39 25.52
C ASP P 290 42.06 27.39 25.09
N LEU P 291 42.72 28.51 25.23
CA LEU P 291 44.11 28.61 24.81
C LEU P 291 45.10 27.81 25.64
N ILE P 292 44.72 27.30 26.81
CA ILE P 292 45.64 26.44 27.53
C ILE P 292 45.06 25.04 27.66
N ASP P 293 44.03 24.76 26.86
CA ASP P 293 43.37 23.47 26.83
C ASP P 293 44.16 22.51 25.97
N GLN P 294 44.07 21.23 26.25
CA GLN P 294 44.78 20.27 25.45
C GLN P 294 44.39 20.26 24.00
N ASP P 295 43.14 20.56 23.70
CA ASP P 295 42.71 20.44 22.33
C ASP P 295 43.03 21.64 21.47
N HIS P 296 43.70 22.63 22.03
CA HIS P 296 44.10 23.79 21.26
C HIS P 296 45.60 23.90 21.12
N ILE P 297 46.35 22.93 21.64
CA ILE P 297 47.80 23.04 21.59
C ILE P 297 48.33 22.24 20.44
N LEU P 298 49.08 22.88 19.55
CA LEU P 298 49.54 22.20 18.35
C LEU P 298 50.88 21.52 18.58
N ALA P 299 50.89 20.66 19.60
CA ALA P 299 52.04 19.89 20.04
C ALA P 299 51.52 18.83 20.99
N PRO P 300 52.21 17.70 21.18
CA PRO P 300 51.83 16.70 22.16
C PRO P 300 52.25 17.13 23.56
N ILE P 301 51.72 18.26 23.97
CA ILE P 301 52.04 18.92 25.22
C ILE P 301 50.84 19.30 26.05
N THR P 302 50.93 18.96 27.32
CA THR P 302 49.96 19.33 28.32
C THR P 302 50.64 20.42 29.10
N VAL P 303 50.02 21.59 29.29
CA VAL P 303 50.77 22.66 29.96
C VAL P 303 51.06 22.34 31.40
N GLU P 304 50.17 21.57 32.01
CA GLU P 304 50.26 21.13 33.39
C GLU P 304 51.44 20.20 33.63
N LYS P 305 52.01 19.61 32.58
CA LYS P 305 53.10 18.68 32.74
C LYS P 305 54.36 19.21 32.12
N GLY P 306 55.04 20.08 32.84
CA GLY P 306 56.22 20.75 32.36
C GLY P 306 56.31 22.14 32.95
N VAL P 307 57.34 22.88 32.59
CA VAL P 307 57.58 24.20 33.16
C VAL P 307 57.74 25.28 32.11
N PHE P 308 57.09 26.42 32.34
CA PHE P 308 57.18 27.57 31.46
C PHE P 308 58.37 28.41 31.78
N THR P 309 58.94 28.97 30.74
CA THR P 309 60.04 29.91 30.88
C THR P 309 59.54 31.27 30.42
N ALA P 310 58.62 31.25 29.46
CA ALA P 310 58.03 32.49 28.93
C ALA P 310 56.65 32.20 28.40
N PHE P 311 55.75 33.17 28.47
CA PHE P 311 54.41 32.92 27.95
C PHE P 311 53.70 34.17 27.49
N VAL P 312 53.42 34.27 26.19
CA VAL P 312 52.76 35.45 25.65
C VAL P 312 51.45 35.10 24.97
N ILE P 313 50.38 35.77 25.39
CA ILE P 313 49.06 35.55 24.83
C ILE P 313 48.62 36.73 23.98
N ALA P 314 48.45 36.50 22.69
CA ALA P 314 48.05 37.57 21.78
C ALA P 314 46.63 37.36 21.32
N LEU P 315 45.76 38.26 21.71
CA LEU P 315 44.35 38.14 21.40
C LEU P 315 43.98 39.15 20.34
N ARG P 316 42.85 38.95 19.70
CA ARG P 316 42.36 39.90 18.74
C ARG P 316 40.91 40.22 19.08
N GLY P 317 40.52 41.48 18.95
CA GLY P 317 39.16 41.93 19.24
C GLY P 317 39.09 42.51 20.62
N GLU P 318 37.92 43.01 21.02
CA GLU P 318 37.86 43.57 22.34
C GLU P 318 38.00 42.47 23.37
N ASN P 319 38.91 42.69 24.27
CA ASN P 319 39.28 41.80 25.35
C ASN P 319 39.62 42.62 26.58
N PRO P 320 38.65 43.00 27.41
CA PRO P 320 38.85 43.90 28.53
C PRO P 320 39.98 43.39 29.38
N HIS P 321 40.82 44.30 29.84
CA HIS P 321 42.00 43.89 30.58
C HIS P 321 41.69 43.30 31.92
N SER P 322 40.59 43.71 32.54
CA SER P 322 40.25 43.17 33.84
C SER P 322 39.86 41.70 33.74
N ILE P 323 39.46 41.26 32.56
CA ILE P 323 39.09 39.89 32.40
C ILE P 323 40.35 39.14 32.13
N LEU P 324 41.23 39.72 31.34
CA LEU P 324 42.43 38.99 31.03
C LEU P 324 43.21 38.75 32.31
N GLN P 325 43.21 39.71 33.23
CA GLN P 325 43.95 39.51 34.46
C GLN P 325 43.29 38.47 35.35
N ASN P 326 41.97 38.41 35.40
CA ASN P 326 41.39 37.38 36.23
C ASN P 326 41.60 36.00 35.61
N SER P 327 41.61 35.92 34.29
CA SER P 327 41.84 34.65 33.62
C SER P 327 43.23 34.16 33.90
N ILE P 328 44.22 35.05 33.90
CA ILE P 328 45.57 34.64 34.20
C ILE P 328 45.71 34.21 35.63
N LYS P 329 45.16 34.96 36.56
CA LYS P 329 45.28 34.56 37.96
C LYS P 329 44.66 33.18 38.18
N GLY P 330 43.57 32.94 37.46
CA GLY P 330 42.79 31.72 37.50
C GLY P 330 43.49 30.51 36.88
N PHE P 331 44.66 30.73 36.28
CA PHE P 331 45.41 29.63 35.72
C PHE P 331 45.93 28.78 36.88
N GLY P 332 46.12 29.38 38.05
CA GLY P 332 46.57 28.61 39.20
C GLY P 332 47.91 27.98 38.96
N ASP P 333 48.00 26.69 39.23
CA ASP P 333 49.22 25.93 39.03
C ASP P 333 49.24 25.15 37.75
N ARG P 334 48.33 25.47 36.84
CA ARG P 334 48.33 24.81 35.55
C ARG P 334 49.45 25.41 34.73
N VAL P 335 49.71 26.69 34.98
CA VAL P 335 50.76 27.42 34.32
C VAL P 335 51.80 27.77 35.34
N LYS P 336 52.89 27.02 35.35
CA LYS P 336 53.91 27.22 36.36
C LYS P 336 55.28 27.42 35.76
N PHE P 337 56.07 28.26 36.41
CA PHE P 337 57.43 28.59 35.92
C PHE P 337 58.44 28.14 36.97
N SER P 338 59.71 28.53 36.79
CA SER P 338 60.76 28.17 37.79
C SER P 338 60.64 29.11 38.99
N GLU P 339 61.37 28.81 40.06
CA GLU P 339 61.35 29.69 41.27
C GLU P 339 62.31 30.86 41.00
N ILE P 340 63.04 30.83 39.88
CA ILE P 340 63.95 31.94 39.53
C ILE P 340 63.22 32.88 38.55
N PHE P 341 61.91 32.69 38.35
CA PHE P 341 61.20 33.63 37.51
C PHE P 341 59.91 34.07 38.18
N PRO P 342 59.43 35.27 37.93
CA PRO P 342 58.12 35.73 38.28
C PRO P 342 57.22 35.05 37.29
N THR P 343 55.94 34.92 37.55
CA THR P 343 55.05 34.34 36.57
C THR P 343 54.75 35.33 35.48
N ALA P 344 55.72 35.49 34.61
CA ALA P 344 55.71 36.49 33.57
C ALA P 344 54.85 36.10 32.40
N ILE P 345 53.55 36.19 32.63
CA ILE P 345 52.56 35.88 31.61
C ILE P 345 52.04 37.20 31.09
N LYS P 346 52.24 37.47 29.80
CA LYS P 346 51.84 38.79 29.23
C LYS P 346 50.69 38.63 28.23
N ALA P 347 49.63 39.43 28.39
CA ALA P 347 48.49 39.29 27.50
C ALA P 347 47.90 40.64 27.14
N ASP P 348 47.46 40.76 25.90
CA ASP P 348 46.76 41.96 25.42
C ASP P 348 46.09 41.64 24.09
N SER P 349 45.40 42.61 23.48
CA SER P 349 44.76 42.34 22.19
C SER P 349 44.93 43.41 21.11
N THR P 350 44.82 42.93 19.87
CA THR P 350 44.92 43.72 18.65
C THR P 350 43.69 43.64 17.75
N THR P 351 43.79 44.24 16.59
CA THR P 351 42.73 44.36 15.59
C THR P 351 42.23 43.09 14.92
N LEU P 352 40.89 42.98 14.88
CA LEU P 352 40.23 41.83 14.20
C LEU P 352 39.79 42.24 12.80
N THR P 353 40.02 41.39 11.81
CA THR P 353 39.74 41.54 10.42
C THR P 353 38.68 40.60 9.87
N ASP P 354 38.42 39.52 10.61
CA ASP P 354 37.51 38.46 10.20
C ASP P 354 36.11 38.75 10.73
N GLU P 355 35.20 39.10 9.84
CA GLU P 355 33.87 39.54 10.20
C GLU P 355 32.99 38.46 10.81
N LYS P 356 33.43 37.21 10.75
CA LYS P 356 32.65 36.13 11.32
C LYS P 356 32.99 35.81 12.77
N LEU P 357 34.06 36.40 13.31
CA LEU P 357 34.44 36.07 14.67
C LEU P 357 34.41 37.23 15.62
N ALA P 358 33.79 37.02 16.77
CA ALA P 358 33.75 38.04 17.80
C ALA P 358 35.14 38.37 18.33
N ARG P 359 35.98 37.36 18.43
CA ARG P 359 37.34 37.49 18.93
C ARG P 359 38.12 36.23 18.67
N SER P 360 39.41 36.29 18.81
CA SER P 360 40.26 35.11 18.61
C SER P 360 41.59 35.28 19.29
N GLY P 361 42.41 34.23 19.29
CA GLY P 361 43.76 34.41 19.81
C GLY P 361 44.72 33.25 19.62
N ILE P 362 45.98 33.54 19.89
CA ILE P 362 47.08 32.60 19.76
C ILE P 362 48.11 32.83 20.85
N THR P 363 48.76 31.77 21.30
CA THR P 363 49.81 32.00 22.27
C THR P 363 51.12 31.47 21.78
N LEU P 364 52.19 32.04 22.33
CA LEU P 364 53.55 31.61 22.08
C LEU P 364 54.15 31.16 23.40
N MET P 365 54.60 29.93 23.47
CA MET P 365 55.08 29.41 24.72
C MET P 365 56.49 28.88 24.68
N ASN P 366 57.25 29.20 25.69
CA ASN P 366 58.58 28.64 25.80
C ASN P 366 58.40 27.71 26.98
N HIS P 367 58.29 26.41 26.67
CA HIS P 367 57.91 25.40 27.64
C HIS P 367 58.75 24.15 27.46
N SER P 368 59.13 23.54 28.59
CA SER P 368 60.00 22.38 28.62
C SER P 368 59.46 21.16 27.92
N GLY P 369 58.16 21.12 27.63
CA GLY P 369 57.52 20.00 26.97
C GLY P 369 58.07 19.78 25.57
N VAL P 370 58.76 20.76 25.00
CA VAL P 370 59.35 20.55 23.68
C VAL P 370 60.36 19.44 23.72
N ALA P 371 61.00 19.26 24.86
CA ALA P 371 62.01 18.26 25.04
C ALA P 371 61.47 16.88 24.82
N ASN P 372 60.16 16.68 25.03
CA ASN P 372 59.57 15.38 24.88
C ASN P 372 59.45 15.00 23.41
N LEU P 373 59.27 16.00 22.53
CA LEU P 373 59.17 15.72 21.11
C LEU P 373 60.53 15.39 20.61
N PHE P 374 61.51 16.13 21.10
CA PHE P 374 62.86 15.89 20.67
C PHE P 374 63.29 14.51 21.14
N GLN P 375 62.96 14.12 22.37
CA GLN P 375 63.38 12.79 22.81
C GLN P 375 62.67 11.71 22.02
N PHE P 376 61.42 11.90 21.68
CA PHE P 376 60.72 10.89 20.89
C PHE P 376 61.44 10.63 19.59
N LEU P 377 61.76 11.70 18.88
CA LEU P 377 62.42 11.57 17.61
C LEU P 377 63.84 11.06 17.76
N LEU P 378 64.52 11.45 18.84
CA LEU P 378 65.87 11.02 19.05
C LEU P 378 65.91 9.54 19.33
N THR P 379 64.96 9.00 20.10
CA THR P 379 64.97 7.57 20.35
C THR P 379 64.82 6.82 19.03
N GLN P 380 63.93 7.28 18.15
CA GLN P 380 63.75 6.58 16.88
C GLN P 380 65.03 6.64 16.05
N PHE P 381 65.73 7.77 16.09
CA PHE P 381 66.99 7.96 15.40
C PHE P 381 67.98 6.93 15.88
N GLU P 382 68.13 6.78 17.19
CA GLU P 382 69.08 5.85 17.73
C GLU P 382 68.79 4.41 17.35
N LEU P 383 67.53 4.00 17.33
CA LEU P 383 67.27 2.61 16.97
C LEU P 383 67.72 2.33 15.56
N MET P 384 67.49 3.28 14.65
CA MET P 384 67.90 3.08 13.28
C MET P 384 69.40 3.22 13.10
N TYR P 385 69.98 4.25 13.70
CA TYR P 385 71.38 4.54 13.51
C TYR P 385 72.26 3.43 14.00
N ASP P 386 71.97 2.91 15.18
CA ASP P 386 72.79 1.90 15.81
C ASP P 386 72.81 0.58 15.03
N HIS P 387 71.90 0.38 14.10
CA HIS P 387 71.86 -0.82 13.32
C HIS P 387 72.02 -0.50 11.83
N ASP P 388 72.53 0.70 11.52
CA ASP P 388 72.78 1.21 10.18
C ASP P 388 71.59 1.18 9.22
N ALA P 389 70.36 1.41 9.68
CA ALA P 389 69.30 1.32 8.70
C ALA P 389 69.34 2.51 7.80
N PHE P 390 69.34 2.30 6.48
CA PHE P 390 69.29 3.37 5.51
C PHE P 390 70.43 4.36 5.61
N THR P 391 71.59 4.00 6.16
CA THR P 391 72.64 5.01 6.24
C THR P 391 73.46 5.08 4.98
N THR P 392 73.39 4.05 4.15
CA THR P 392 74.17 4.05 2.94
C THR P 392 73.72 5.16 2.03
N TRP P 393 72.45 5.51 2.08
CA TRP P 393 71.94 6.52 1.18
C TRP P 393 72.48 7.89 1.52
N TYR P 394 72.90 8.11 2.76
CA TYR P 394 73.42 9.41 3.14
C TYR P 394 74.92 9.43 2.96
N TYR P 395 75.56 8.28 3.18
CA TYR P 395 77.01 8.19 3.07
C TYR P 395 77.43 8.35 1.62
N GLN P 396 76.57 7.89 0.71
CA GLN P 396 76.82 7.97 -0.71
C GLN P 396 76.84 9.40 -1.21
N GLU P 397 76.31 10.34 -0.44
CA GLU P 397 76.29 11.72 -0.88
C GLU P 397 77.13 12.63 0.01
N GLY P 398 78.09 12.04 0.72
CA GLY P 398 79.02 12.81 1.53
C GLY P 398 78.80 12.90 3.04
N MET P 399 77.80 12.24 3.61
CA MET P 399 77.69 12.37 5.04
C MET P 399 78.55 11.42 5.82
N GLN P 400 79.78 11.80 6.01
CA GLN P 400 80.74 10.98 6.74
C GLN P 400 80.03 10.65 8.07
N PRO P 401 80.10 9.42 8.59
CA PRO P 401 79.43 8.96 9.81
C PRO P 401 79.51 9.85 11.06
N SER P 402 80.61 10.57 11.26
CA SER P 402 80.72 11.40 12.46
C SER P 402 79.73 12.55 12.46
N GLU P 403 79.15 12.82 11.28
CA GLU P 403 78.18 13.87 11.09
C GLU P 403 76.90 13.50 11.83
N PHE P 404 76.56 12.21 11.82
CA PHE P 404 75.37 11.71 12.46
C PHE P 404 75.59 11.69 13.95
N GLU P 405 76.80 11.29 14.34
CA GLU P 405 77.13 11.24 15.75
C GLU P 405 77.09 12.62 16.37
N ALA P 406 77.57 13.63 15.65
CA ALA P 406 77.52 14.96 16.18
C ALA P 406 76.10 15.43 16.40
N ALA P 407 75.19 15.14 15.46
CA ALA P 407 73.81 15.57 15.63
C ALA P 407 73.18 14.87 16.82
N LYS P 408 73.50 13.60 17.00
CA LYS P 408 72.97 12.83 18.11
C LYS P 408 73.34 13.46 19.43
N ASN P 409 74.60 13.84 19.56
CA ASN P 409 75.02 14.42 20.81
C ASN P 409 74.46 15.81 21.04
N ASN P 410 74.39 16.64 20.01
CA ASN P 410 73.84 18.01 20.17
C ASN P 410 72.40 17.93 20.65
N ILE P 411 71.58 17.05 20.07
CA ILE P 411 70.18 17.01 20.46
C ILE P 411 70.07 16.45 21.87
N GLN P 412 70.85 15.43 22.24
CA GLN P 412 70.68 14.95 23.59
C GLN P 412 71.01 16.07 24.58
N LYS P 413 72.01 16.91 24.27
CA LYS P 413 72.34 18.03 25.14
C LYS P 413 71.19 19.04 25.20
N LEU P 414 70.53 19.28 24.07
CA LEU P 414 69.42 20.24 24.02
C LEU P 414 68.27 19.76 24.88
N ILE P 415 67.98 18.46 24.83
CA ILE P 415 66.92 17.86 25.62
C ILE P 415 67.24 18.00 27.09
N THR P 416 68.48 17.72 27.44
CA THR P 416 68.95 17.80 28.79
C THR P 416 68.76 19.20 29.34
N GLU P 417 69.12 20.21 28.54
CA GLU P 417 68.97 21.60 28.97
C GLU P 417 67.53 22.03 29.15
N TYR P 418 66.61 21.60 28.27
CA TYR P 418 65.22 22.02 28.44
C TYR P 418 64.59 21.39 29.66
N LYS P 419 65.05 20.22 30.05
CA LYS P 419 64.48 19.55 31.20
C LYS P 419 65.12 19.95 32.53
N GLN P 420 66.06 20.89 32.51
CA GLN P 420 66.77 21.25 33.76
C GLN P 420 65.76 21.62 34.86
N ASP P 421 64.74 22.42 34.53
CA ASP P 421 63.79 22.90 35.57
C ASP P 421 62.84 21.78 36.00
N GLU P 422 62.69 20.74 35.17
CA GLU P 422 61.82 19.59 35.55
C GLU P 422 62.38 18.95 36.82
N TYR P 423 63.69 18.73 36.87
CA TYR P 423 64.34 18.13 38.08
C TYR P 423 64.33 19.17 39.19
N ALA Q 2 18.78 51.67 -39.03
CA ALA Q 2 20.08 52.15 -39.47
C ALA Q 2 21.10 51.02 -39.60
N GLY Q 3 21.31 50.20 -38.55
CA GLY Q 3 22.30 49.11 -38.54
C GLY Q 3 21.81 47.89 -39.31
N GLU Q 4 21.51 48.08 -40.58
CA GLU Q 4 20.94 47.06 -41.44
C GLU Q 4 22.01 46.07 -41.85
N ILE Q 5 21.67 44.80 -41.88
CA ILE Q 5 22.66 43.76 -42.19
C ILE Q 5 22.43 43.03 -43.48
N VAL Q 6 23.48 42.91 -44.28
CA VAL Q 6 23.38 42.15 -45.52
C VAL Q 6 24.17 40.86 -45.36
N CYS Q 7 23.51 39.73 -45.51
CA CYS Q 7 24.21 38.47 -45.36
C CYS Q 7 24.63 37.96 -46.72
N ILE Q 8 25.78 37.30 -46.79
CA ILE Q 8 26.23 36.69 -48.01
C ILE Q 8 26.48 35.23 -47.71
N GLN Q 9 25.87 34.35 -48.46
CA GLN Q 9 25.98 32.92 -48.22
C GLN Q 9 26.72 32.28 -49.36
N VAL Q 10 27.88 31.69 -49.12
CA VAL Q 10 28.58 31.16 -50.29
C VAL Q 10 28.89 29.68 -50.17
N GLY Q 11 28.42 28.92 -51.15
CA GLY Q 11 28.67 27.48 -51.22
C GLY Q 11 27.65 26.67 -50.47
N GLN Q 12 27.75 25.34 -50.58
CA GLN Q 12 26.76 24.49 -49.95
C GLN Q 12 26.70 24.57 -48.45
N ALA Q 13 27.84 24.60 -47.77
CA ALA Q 13 27.79 24.67 -46.32
C ALA Q 13 27.26 26.01 -45.92
N GLY Q 14 27.64 27.03 -46.67
CA GLY Q 14 27.27 28.38 -46.37
C GLY Q 14 25.77 28.52 -46.41
N ASN Q 15 25.16 27.92 -47.42
CA ASN Q 15 23.73 28.01 -47.60
C ASN Q 15 22.98 27.19 -46.58
N GLN Q 16 23.51 26.03 -46.20
CA GLN Q 16 22.78 25.23 -45.22
C GLN Q 16 22.83 25.83 -43.82
N ILE Q 17 23.96 26.42 -43.46
CA ILE Q 17 24.09 27.01 -42.15
C ILE Q 17 23.26 28.26 -42.07
N ALA Q 18 23.36 29.10 -43.09
CA ALA Q 18 22.59 30.31 -43.11
C ALA Q 18 21.12 29.99 -43.16
N GLY Q 19 20.74 28.93 -43.85
CA GLY Q 19 19.37 28.53 -43.92
C GLY Q 19 18.82 28.28 -42.54
N ALA Q 20 19.55 27.49 -41.74
CA ALA Q 20 19.11 27.20 -40.38
C ALA Q 20 18.96 28.48 -39.58
N PHE Q 21 19.88 29.42 -39.78
CA PHE Q 21 19.80 30.70 -39.11
C PHE Q 21 18.54 31.43 -39.47
N TRP Q 22 18.27 31.56 -40.75
CA TRP Q 22 17.12 32.33 -41.16
C TRP Q 22 15.83 31.76 -40.63
N GLN Q 23 15.72 30.44 -40.61
CA GLN Q 23 14.52 29.84 -40.11
C GLN Q 23 14.38 30.01 -38.59
N LYS Q 24 15.49 30.13 -37.85
CA LYS Q 24 15.34 30.37 -36.42
C LYS Q 24 15.00 31.84 -36.15
N ILE Q 25 15.52 32.76 -36.96
CA ILE Q 25 15.24 34.19 -36.83
C ILE Q 25 13.76 34.42 -37.04
N CYS Q 26 13.20 33.73 -38.02
CA CYS Q 26 11.80 33.83 -38.33
C CYS Q 26 10.91 33.25 -37.22
N ALA Q 27 11.47 32.49 -36.31
CA ALA Q 27 10.63 31.97 -35.27
C ALA Q 27 10.57 33.00 -34.15
N GLU Q 28 11.70 33.63 -33.87
CA GLU Q 28 11.75 34.60 -32.75
C GLU Q 28 10.95 35.85 -33.12
N HIS Q 29 11.00 36.27 -34.38
CA HIS Q 29 10.32 37.54 -34.77
C HIS Q 29 8.83 37.29 -35.03
N GLY Q 30 8.48 36.05 -35.39
CA GLY Q 30 7.07 35.71 -35.66
C GLY Q 30 6.75 35.81 -37.13
N ILE Q 31 7.51 35.11 -37.98
CA ILE Q 31 7.29 35.15 -39.46
C ILE Q 31 7.16 33.71 -39.94
N ASP Q 32 6.39 33.43 -41.00
CA ASP Q 32 6.33 32.06 -41.47
C ASP Q 32 7.64 31.65 -42.16
N PRO Q 33 8.43 30.68 -41.63
CA PRO Q 33 9.73 30.26 -42.13
C PRO Q 33 9.70 29.74 -43.56
N VAL Q 34 8.53 29.37 -44.07
CA VAL Q 34 8.49 28.87 -45.45
C VAL Q 34 7.76 29.76 -46.43
N ASN Q 35 7.30 30.92 -45.96
CA ASN Q 35 6.58 31.87 -46.82
C ASN Q 35 7.08 33.29 -46.71
N GLY Q 36 7.51 33.69 -45.53
CA GLY Q 36 7.93 35.05 -45.24
C GLY Q 36 6.73 35.89 -44.82
N LYS Q 37 5.55 35.29 -44.88
CA LYS Q 37 4.33 36.08 -44.61
C LYS Q 37 4.06 36.15 -43.11
N ALA Q 38 3.73 37.34 -42.62
CA ALA Q 38 3.41 37.54 -41.22
C ALA Q 38 2.39 38.61 -41.04
N ILE Q 39 1.63 38.52 -39.97
CA ILE Q 39 0.69 39.58 -39.66
C ILE Q 39 1.21 40.38 -38.48
N ASP Q 40 1.53 39.68 -37.41
CA ASP Q 40 1.99 40.30 -36.19
C ASP Q 40 3.40 39.85 -35.85
N VAL Q 41 4.34 40.77 -35.89
CA VAL Q 41 5.73 40.45 -35.63
C VAL Q 41 6.22 41.30 -34.50
N VAL Q 42 7.32 40.88 -33.91
CA VAL Q 42 7.91 41.61 -32.82
C VAL Q 42 9.36 41.86 -33.11
N GLY Q 43 9.96 42.81 -32.42
CA GLY Q 43 11.37 43.10 -32.56
C GLY Q 43 11.60 44.05 -33.71
N ASP Q 44 12.84 44.39 -33.97
CA ASP Q 44 13.18 45.30 -35.04
C ASP Q 44 13.49 44.48 -36.29
N THR Q 45 12.46 44.16 -37.05
CA THR Q 45 12.59 43.24 -38.18
C THR Q 45 13.29 43.86 -39.34
N ASP Q 46 13.42 45.17 -39.32
CA ASP Q 46 14.05 45.90 -40.40
C ASP Q 46 15.54 45.64 -40.47
N ILE Q 47 16.15 45.14 -39.40
CA ILE Q 47 17.58 44.93 -39.46
C ILE Q 47 17.93 43.82 -40.48
N PHE Q 48 17.17 42.73 -40.46
CA PHE Q 48 17.44 41.64 -41.39
C PHE Q 48 16.43 41.44 -42.52
N PHE Q 49 15.23 42.02 -42.45
CA PHE Q 49 14.25 41.75 -43.50
C PHE Q 49 13.78 43.00 -44.21
N ASN Q 50 13.57 42.86 -45.51
CA ASN Q 50 13.00 43.92 -46.33
C ASN Q 50 11.49 43.68 -46.38
N THR Q 51 10.70 44.51 -45.74
CA THR Q 51 9.30 44.17 -45.71
C THR Q 51 8.54 44.86 -46.83
N ILE Q 52 7.85 44.05 -47.63
CA ILE Q 52 7.03 44.52 -48.72
C ILE Q 52 5.62 43.96 -48.51
N GLY Q 53 4.64 44.82 -48.30
CA GLY Q 53 3.31 44.31 -48.01
C GLY Q 53 3.40 43.54 -46.69
N ASP Q 54 2.93 42.32 -46.66
CA ASP Q 54 2.98 41.51 -45.46
C ASP Q 54 4.06 40.43 -45.54
N LYS Q 55 4.96 40.55 -46.52
CA LYS Q 55 6.05 39.59 -46.67
C LYS Q 55 7.38 40.14 -46.22
N TYR Q 56 8.05 39.39 -45.38
CA TYR Q 56 9.33 39.76 -44.84
C TYR Q 56 10.40 39.02 -45.61
N ILE Q 57 11.18 39.76 -46.38
CA ILE Q 57 12.16 39.16 -47.24
C ILE Q 57 13.55 39.25 -46.65
N PRO Q 58 14.21 38.16 -46.30
CA PRO Q 58 15.48 38.22 -45.65
C PRO Q 58 16.44 38.84 -46.60
N ARG Q 59 17.29 39.72 -46.07
CA ARG Q 59 18.33 40.39 -46.89
C ARG Q 59 19.56 39.49 -46.95
N ALA Q 60 19.72 38.73 -48.04
CA ALA Q 60 20.81 37.84 -48.21
C ALA Q 60 21.14 37.72 -49.67
N VAL Q 61 22.38 37.47 -49.94
CA VAL Q 61 22.84 37.22 -51.28
C VAL Q 61 23.23 35.76 -51.30
N VAL Q 62 22.61 34.99 -52.15
CA VAL Q 62 22.90 33.56 -52.14
C VAL Q 62 23.76 33.20 -53.31
N VAL Q 63 24.93 32.68 -53.03
CA VAL Q 63 25.91 32.47 -54.07
C VAL Q 63 26.42 31.06 -54.23
N ASP Q 64 26.43 30.60 -55.46
CA ASP Q 64 27.04 29.31 -55.72
C ASP Q 64 27.68 29.29 -57.11
N LEU Q 65 28.31 28.18 -57.46
CA LEU Q 65 28.89 27.99 -58.78
C LEU Q 65 28.11 26.85 -59.39
N GLU Q 66 27.31 26.23 -58.54
CA GLU Q 66 26.45 25.10 -58.87
C GLU Q 66 25.39 25.49 -59.92
N PRO Q 67 25.19 24.70 -60.99
CA PRO Q 67 24.20 24.91 -62.04
C PRO Q 67 22.71 25.04 -61.66
N ALA Q 68 22.27 24.52 -60.52
CA ALA Q 68 20.83 24.64 -60.21
C ALA Q 68 20.57 25.04 -58.77
N VAL Q 69 21.23 26.10 -58.33
CA VAL Q 69 21.09 26.56 -56.97
C VAL Q 69 19.67 27.05 -56.63
N VAL Q 70 18.92 27.60 -57.58
CA VAL Q 70 17.60 28.10 -57.18
C VAL Q 70 16.65 26.98 -56.83
N GLU Q 71 16.58 25.95 -57.65
CA GLU Q 71 15.68 24.85 -57.42
C GLU Q 71 16.03 24.14 -56.13
N ASN Q 72 17.33 24.09 -55.82
CA ASN Q 72 17.83 23.43 -54.62
C ASN Q 72 17.41 24.16 -53.35
N ILE Q 73 17.02 25.42 -53.48
CA ILE Q 73 16.60 26.23 -52.37
C ILE Q 73 15.13 26.11 -52.21
N ARG Q 74 14.38 26.22 -53.32
CA ARG Q 74 12.90 26.11 -53.27
C ARG Q 74 12.53 24.81 -52.56
N GLU Q 75 13.24 23.70 -52.85
CA GLU Q 75 12.91 22.42 -52.28
C GLU Q 75 13.06 22.36 -50.76
N LYS Q 76 13.90 23.21 -50.15
CA LYS Q 76 14.08 23.12 -48.71
C LYS Q 76 13.55 24.34 -47.95
N PHE Q 77 13.63 25.52 -48.55
CA PHE Q 77 13.24 26.75 -47.88
C PHE Q 77 11.97 27.42 -48.42
N GLY Q 78 11.23 26.73 -49.28
CA GLY Q 78 9.99 27.28 -49.77
C GLY Q 78 10.21 28.55 -50.54
N THR Q 79 9.49 29.59 -50.16
CA THR Q 79 9.60 30.86 -50.84
C THR Q 79 10.15 31.94 -49.94
N LEU Q 80 10.84 31.53 -48.89
CA LEU Q 80 11.40 32.50 -47.95
C LEU Q 80 12.41 33.42 -48.63
N PHE Q 81 13.21 32.89 -49.54
CA PHE Q 81 14.23 33.72 -50.19
C PHE Q 81 13.73 34.21 -51.53
N ASP Q 82 14.07 35.47 -51.85
CA ASP Q 82 13.70 36.08 -53.11
C ASP Q 82 14.64 35.60 -54.23
N PRO Q 83 14.16 34.89 -55.27
CA PRO Q 83 14.95 34.33 -56.36
C PRO Q 83 15.84 35.33 -57.06
N LYS Q 84 15.52 36.61 -56.99
CA LYS Q 84 16.34 37.60 -57.68
C LYS Q 84 17.69 37.75 -57.02
N SER Q 85 17.80 37.31 -55.77
CA SER Q 85 19.01 37.40 -54.99
C SER Q 85 19.83 36.13 -55.07
N ILE Q 86 19.40 35.15 -55.86
CA ILE Q 86 20.13 33.91 -55.92
C ILE Q 86 20.95 33.84 -57.19
N VAL Q 87 22.26 33.69 -57.03
CA VAL Q 87 23.17 33.67 -58.16
C VAL Q 87 23.66 32.26 -58.45
N SER Q 88 23.21 31.73 -59.57
CA SER Q 88 23.55 30.39 -60.01
C SER Q 88 24.82 30.41 -60.80
N GLY Q 89 25.45 29.23 -60.90
CA GLY Q 89 26.73 29.12 -61.64
C GLY Q 89 26.57 28.23 -62.85
N ALA Q 90 27.67 27.80 -63.45
CA ALA Q 90 27.58 27.01 -64.71
C ALA Q 90 28.16 25.60 -64.51
N ASP Q 91 29.37 25.51 -63.97
CA ASP Q 91 30.03 24.19 -63.79
C ASP Q 91 30.17 23.91 -62.29
N GLY Q 92 31.13 24.55 -61.63
CA GLY Q 92 31.35 24.33 -60.18
C GLY Q 92 32.83 24.27 -59.87
N ALA Q 93 33.21 24.44 -58.60
CA ALA Q 93 34.63 24.31 -58.22
C ALA Q 93 34.84 23.00 -57.46
N GLY Q 94 35.59 22.08 -58.05
CA GLY Q 94 35.79 20.76 -57.45
C GLY Q 94 36.72 20.75 -56.25
N ASN Q 95 36.29 21.37 -55.16
CA ASN Q 95 37.12 21.47 -53.95
C ASN Q 95 38.47 22.03 -54.29
N ASN Q 96 38.48 23.03 -55.11
CA ASN Q 96 39.70 23.63 -55.53
C ASN Q 96 39.60 25.12 -55.41
N PHE Q 97 40.33 25.66 -54.45
CA PHE Q 97 40.34 27.08 -54.18
C PHE Q 97 40.61 27.85 -55.45
N ALA Q 98 41.52 27.36 -56.29
CA ALA Q 98 41.93 28.06 -57.49
C ALA Q 98 40.80 28.23 -58.49
N ILE Q 99 39.78 27.40 -58.43
CA ILE Q 99 38.70 27.52 -59.37
C ILE Q 99 37.72 28.51 -58.81
N GLY Q 100 37.45 28.40 -57.52
CA GLY Q 100 36.55 29.36 -56.95
C GLY Q 100 37.15 30.77 -57.00
N PHE Q 101 38.48 30.87 -56.85
CA PHE Q 101 39.16 32.15 -56.80
C PHE Q 101 39.59 32.68 -58.17
N ASN Q 102 40.19 31.87 -59.04
CA ASN Q 102 40.63 32.41 -60.30
C ASN Q 102 39.61 32.12 -61.40
N GLU Q 103 39.42 30.85 -61.68
CA GLU Q 103 38.60 30.44 -62.84
C GLU Q 103 37.12 30.32 -62.53
N HIS Q 104 36.49 31.42 -62.12
CA HIS Q 104 35.06 31.41 -61.79
C HIS Q 104 34.15 32.04 -62.82
N GLY Q 105 34.70 32.87 -63.70
CA GLY Q 105 33.90 33.59 -64.67
C GLY Q 105 33.66 35.02 -64.20
N ALA Q 106 34.02 35.99 -65.03
CA ALA Q 106 33.84 37.38 -64.65
C ALA Q 106 32.38 37.71 -64.44
N GLU Q 107 31.54 37.12 -65.27
CA GLU Q 107 30.12 37.39 -65.23
C GLU Q 107 29.49 36.91 -63.94
N THR Q 108 29.98 35.80 -63.40
CA THR Q 108 29.42 35.24 -62.18
C THR Q 108 29.66 36.23 -61.08
N LEU Q 109 30.88 36.76 -61.02
CA LEU Q 109 31.20 37.70 -59.97
C LEU Q 109 30.47 39.02 -60.15
N GLU Q 110 30.34 39.49 -61.40
CA GLU Q 110 29.64 40.75 -61.59
C GLU Q 110 28.20 40.63 -61.14
N LYS Q 111 27.54 39.48 -61.42
CA LYS Q 111 26.17 39.37 -60.95
C LYS Q 111 26.11 39.38 -59.45
N VAL Q 112 27.07 38.74 -58.76
CA VAL Q 112 27.02 38.75 -57.31
C VAL Q 112 27.13 40.17 -56.84
N MET Q 113 28.04 40.94 -57.42
CA MET Q 113 28.18 42.31 -56.99
C MET Q 113 26.97 43.16 -57.28
N GLN Q 114 26.26 42.92 -58.38
CA GLN Q 114 25.06 43.69 -58.64
C GLN Q 114 24.01 43.38 -57.59
N VAL Q 115 23.91 42.12 -57.18
CA VAL Q 115 22.95 41.77 -56.17
C VAL Q 115 23.32 42.43 -54.86
N VAL Q 116 24.62 42.44 -54.50
CA VAL Q 116 25.02 43.08 -53.27
C VAL Q 116 24.68 44.56 -53.32
N GLU Q 117 24.97 45.23 -54.45
CA GLU Q 117 24.67 46.64 -54.54
C GLU Q 117 23.18 46.87 -54.35
N GLN Q 118 22.31 46.03 -54.92
CA GLN Q 118 20.90 46.26 -54.72
C GLN Q 118 20.53 46.11 -53.25
N ARG Q 119 21.10 45.13 -52.57
CA ARG Q 119 20.75 44.94 -51.17
C ARG Q 119 21.23 46.09 -50.30
N VAL Q 120 22.38 46.67 -50.64
CA VAL Q 120 22.90 47.83 -49.85
C VAL Q 120 22.18 49.10 -50.30
N SER Q 121 21.47 49.04 -51.43
CA SER Q 121 20.76 50.24 -51.96
C SER Q 121 19.38 50.37 -51.31
N GLU Q 122 18.93 49.34 -50.60
CA GLU Q 122 17.60 49.35 -49.94
C GLU Q 122 17.80 49.61 -48.45
N THR Q 123 18.92 50.25 -48.07
CA THR Q 123 19.23 50.47 -46.64
C THR Q 123 19.51 51.96 -46.38
N GLU Q 124 19.04 52.49 -45.24
CA GLU Q 124 19.31 53.86 -44.85
C GLU Q 124 20.78 53.95 -44.45
N SER Q 125 21.33 52.82 -43.98
CA SER Q 125 22.74 52.71 -43.60
C SER Q 125 23.21 51.26 -43.65
N ILE Q 126 24.50 51.01 -43.86
CA ILE Q 126 24.96 49.62 -43.85
C ILE Q 126 25.59 49.33 -42.50
N GLY Q 127 24.99 48.44 -41.70
CA GLY Q 127 25.48 48.11 -40.38
C GLY Q 127 26.64 47.14 -40.42
N GLY Q 128 26.74 46.40 -41.52
CA GLY Q 128 27.78 45.42 -41.68
C GLY Q 128 27.35 44.28 -42.58
N PHE Q 129 28.31 43.46 -42.93
CA PHE Q 129 28.05 42.30 -43.75
C PHE Q 129 28.38 41.05 -42.98
N ILE Q 130 27.62 40.00 -43.20
CA ILE Q 130 27.94 38.71 -42.59
C ILE Q 130 28.14 37.66 -43.66
N LEU Q 131 29.29 37.03 -43.69
CA LEU Q 131 29.57 35.99 -44.66
C LEU Q 131 29.57 34.61 -44.02
N THR Q 132 28.79 33.69 -44.56
CA THR Q 132 28.76 32.34 -44.01
C THR Q 132 29.35 31.38 -45.03
N HIS Q 133 30.35 30.58 -44.62
CA HIS Q 133 31.03 29.69 -45.60
C HIS Q 133 31.85 28.56 -44.95
N SER Q 134 32.52 27.74 -45.77
CA SER Q 134 33.35 26.63 -45.30
C SER Q 134 34.70 26.60 -46.02
N CYS Q 135 35.76 26.64 -45.23
CA CYS Q 135 37.11 26.81 -45.72
C CYS Q 135 37.69 25.68 -46.57
N GLY Q 136 37.17 24.46 -46.46
CA GLY Q 136 37.74 23.36 -47.24
C GLY Q 136 37.04 23.10 -48.58
N GLY Q 137 36.05 23.91 -48.92
CA GLY Q 137 35.28 23.70 -50.13
C GLY Q 137 35.93 24.33 -51.35
N GLY Q 138 35.22 24.32 -52.49
CA GLY Q 138 35.76 24.94 -53.69
C GLY Q 138 35.11 26.28 -54.01
N THR Q 139 33.97 26.61 -53.38
CA THR Q 139 33.32 27.86 -53.69
C THR Q 139 33.25 28.72 -52.47
N GLY Q 140 33.02 28.10 -51.31
CA GLY Q 140 32.91 28.82 -50.04
C GLY Q 140 34.28 29.28 -49.58
N SER Q 141 35.30 28.72 -50.25
CA SER Q 141 36.70 29.08 -49.94
C SER Q 141 37.18 30.09 -50.99
N GLY Q 142 37.44 29.64 -52.22
CA GLY Q 142 37.92 30.55 -53.24
C GLY Q 142 36.96 31.63 -53.69
N PHE Q 143 35.68 31.34 -53.83
CA PHE Q 143 34.82 32.37 -54.37
C PHE Q 143 34.45 33.27 -53.22
N GLY Q 144 34.20 32.66 -52.06
CA GLY Q 144 33.88 33.43 -50.87
C GLY Q 144 35.02 34.39 -50.55
N SER Q 145 36.26 33.95 -50.78
CA SER Q 145 37.43 34.79 -50.55
C SER Q 145 37.49 35.94 -51.53
N LYS Q 146 37.18 35.69 -52.82
CA LYS Q 146 37.20 36.80 -53.74
C LYS Q 146 36.10 37.78 -53.40
N ILE Q 147 34.98 37.29 -52.94
CA ILE Q 147 33.91 38.18 -52.54
C ILE Q 147 34.40 39.02 -51.37
N LEU Q 148 35.06 38.46 -50.35
CA LEU Q 148 35.51 39.36 -49.29
C LEU Q 148 36.43 40.42 -49.81
N LYS Q 149 37.31 40.06 -50.73
CA LYS Q 149 38.22 41.02 -51.27
C LYS Q 149 37.45 42.11 -51.98
N THR Q 150 36.49 41.71 -52.80
CA THR Q 150 35.73 42.64 -53.60
C THR Q 150 34.84 43.54 -52.75
N ILE Q 151 34.20 42.98 -51.72
CA ILE Q 151 33.33 43.74 -50.86
C ILE Q 151 34.12 44.76 -50.10
N ARG Q 152 35.29 44.36 -49.59
CA ARG Q 152 36.10 45.30 -48.76
C ARG Q 152 36.67 46.42 -49.63
N GLU Q 153 36.93 46.15 -50.90
CA GLU Q 153 37.41 47.20 -51.78
C GLU Q 153 36.31 48.20 -52.10
N ARG Q 154 35.08 47.71 -52.29
CA ARG Q 154 33.97 48.62 -52.59
C ARG Q 154 33.43 49.34 -51.34
N TYR Q 155 33.46 48.65 -50.21
CA TYR Q 155 32.90 49.23 -48.96
C TYR Q 155 33.93 49.14 -47.86
N PRO Q 156 35.04 49.90 -47.92
CA PRO Q 156 36.01 49.90 -46.82
C PRO Q 156 35.34 50.58 -45.62
N LYS Q 157 35.82 50.31 -44.41
CA LYS Q 157 35.27 50.94 -43.17
C LYS Q 157 33.89 50.35 -42.83
N VAL Q 158 33.56 49.16 -43.34
CA VAL Q 158 32.29 48.49 -42.98
C VAL Q 158 32.63 47.16 -42.32
N PRO Q 159 32.15 46.85 -41.10
CA PRO Q 159 32.56 45.62 -40.41
C PRO Q 159 32.10 44.32 -41.09
N ILE Q 160 33.05 43.50 -41.55
CA ILE Q 160 32.67 42.21 -42.11
C ILE Q 160 32.94 41.11 -41.13
N PHE Q 161 31.91 40.35 -40.82
CA PHE Q 161 32.03 39.22 -39.95
C PHE Q 161 31.92 37.97 -40.74
N THR Q 162 32.83 37.07 -40.53
CA THR Q 162 32.77 35.83 -41.25
C THR Q 162 32.60 34.71 -40.28
N PHE Q 163 31.74 33.79 -40.61
CA PHE Q 163 31.52 32.59 -39.83
C PHE Q 163 31.97 31.43 -40.66
N SER Q 164 32.99 30.73 -40.21
CA SER Q 164 33.44 29.70 -41.10
C SER Q 164 33.88 28.43 -40.46
N ILE Q 165 33.68 27.38 -41.24
CA ILE Q 165 34.05 26.06 -40.85
C ILE Q 165 35.46 25.72 -41.27
N PHE Q 166 36.25 25.35 -40.29
CA PHE Q 166 37.64 24.98 -40.48
C PHE Q 166 37.77 23.48 -40.46
N PRO Q 167 38.93 22.97 -40.90
CA PRO Q 167 39.10 21.53 -40.82
C PRO Q 167 38.94 21.03 -39.40
N SER Q 168 38.51 19.78 -39.26
CA SER Q 168 38.38 19.19 -37.95
C SER Q 168 39.74 18.80 -37.48
N PRO Q 169 39.96 18.76 -36.16
CA PRO Q 169 41.29 18.47 -35.63
C PRO Q 169 41.82 17.07 -35.90
N LYS Q 170 40.97 16.05 -35.87
CA LYS Q 170 41.45 14.67 -36.02
C LYS Q 170 41.39 14.18 -37.46
N ILE Q 171 40.21 13.81 -37.92
CA ILE Q 171 40.04 13.33 -39.29
C ILE Q 171 39.85 14.46 -40.28
N SER Q 172 40.30 14.27 -41.51
CA SER Q 172 40.14 15.29 -42.54
C SER Q 172 39.23 14.80 -43.64
N GLU Q 173 38.73 15.73 -44.47
CA GLU Q 173 37.83 15.34 -45.54
C GLU Q 173 38.59 14.94 -46.81
N THR Q 174 39.14 15.92 -47.52
CA THR Q 174 39.90 15.64 -48.72
C THR Q 174 41.38 15.86 -48.48
N VAL Q 175 42.24 15.31 -49.34
CA VAL Q 175 43.69 15.60 -49.19
C VAL Q 175 43.99 17.06 -49.49
N VAL Q 176 43.22 17.69 -50.39
CA VAL Q 176 43.47 19.06 -50.77
C VAL Q 176 43.04 20.06 -49.71
N GLU Q 177 42.34 19.59 -48.68
CA GLU Q 177 41.75 20.47 -47.71
C GLU Q 177 42.71 21.49 -47.12
N PRO Q 178 43.96 21.17 -46.69
CA PRO Q 178 44.91 22.13 -46.15
C PRO Q 178 45.33 23.21 -47.14
N TYR Q 179 45.18 23.00 -48.45
CA TYR Q 179 45.58 24.06 -49.36
C TYR Q 179 44.45 25.04 -49.43
N ASN Q 180 43.23 24.49 -49.42
CA ASN Q 180 42.08 25.34 -49.50
C ASN Q 180 41.97 26.12 -48.21
N ALA Q 181 42.27 25.47 -47.08
CA ALA Q 181 42.16 26.11 -45.78
C ALA Q 181 43.16 27.24 -45.59
N ILE Q 182 44.40 27.07 -46.04
CA ILE Q 182 45.36 28.15 -45.89
C ILE Q 182 45.07 29.31 -46.76
N MET Q 183 44.74 29.09 -48.01
CA MET Q 183 44.48 30.26 -48.81
C MET Q 183 43.24 30.99 -48.33
N THR Q 184 42.24 30.25 -47.82
CA THR Q 184 41.05 30.90 -47.31
C THR Q 184 41.43 31.72 -46.09
N LEU Q 185 42.26 31.15 -45.22
CA LEU Q 185 42.67 31.84 -44.02
C LEU Q 185 43.48 33.08 -44.36
N SER Q 186 44.35 33.00 -45.37
CA SER Q 186 45.12 34.16 -45.74
C SER Q 186 44.20 35.32 -46.12
N ASN Q 187 43.15 35.02 -46.88
CA ASN Q 187 42.23 36.08 -47.24
C ASN Q 187 41.38 36.53 -46.05
N LEU Q 188 41.06 35.65 -45.12
CA LEU Q 188 40.33 36.09 -43.94
C LEU Q 188 41.20 37.05 -43.13
N ILE Q 189 42.50 36.76 -43.07
CA ILE Q 189 43.43 37.60 -42.32
C ILE Q 189 43.47 38.98 -42.93
N LYS Q 190 43.54 39.07 -44.25
CA LYS Q 190 43.58 40.35 -44.92
C LYS Q 190 42.26 41.13 -44.99
N TYR Q 191 41.11 40.45 -45.15
CA TYR Q 191 39.87 41.19 -45.36
C TYR Q 191 38.75 41.19 -44.30
N ALA Q 192 38.67 40.22 -43.39
CA ALA Q 192 37.54 40.21 -42.45
C ALA Q 192 37.80 41.19 -41.31
N SER Q 193 36.75 41.70 -40.66
CA SER Q 193 36.99 42.52 -39.48
C SER Q 193 37.11 41.60 -38.29
N CYS Q 194 36.27 40.57 -38.30
CA CYS Q 194 36.23 39.52 -37.30
C CYS Q 194 35.92 38.21 -37.96
N SER Q 195 36.50 37.14 -37.45
CA SER Q 195 36.19 35.84 -37.98
C SER Q 195 35.90 34.89 -36.86
N ILE Q 196 34.82 34.14 -36.98
CA ILE Q 196 34.47 33.18 -35.95
C ILE Q 196 34.91 31.82 -36.43
N VAL Q 197 35.75 31.19 -35.64
CA VAL Q 197 36.28 29.89 -36.02
C VAL Q 197 35.45 28.79 -35.42
N LEU Q 198 34.87 27.98 -36.28
CA LEU Q 198 34.03 26.86 -35.91
C LEU Q 198 34.55 25.59 -36.56
N ASP Q 199 34.29 24.43 -35.97
CA ASP Q 199 34.59 23.22 -36.72
C ASP Q 199 33.64 22.09 -36.34
N ASN Q 200 33.62 21.03 -37.16
CA ASN Q 200 32.67 19.98 -36.91
C ASN Q 200 33.01 19.03 -35.80
N GLU Q 201 34.29 18.87 -35.48
CA GLU Q 201 34.59 17.92 -34.44
C GLU Q 201 34.07 18.47 -33.12
N ALA Q 202 34.27 19.76 -32.89
CA ALA Q 202 33.78 20.31 -31.66
C ALA Q 202 32.27 20.27 -31.62
N LEU Q 203 31.64 20.56 -32.75
CA LEU Q 203 30.20 20.61 -32.76
C LEU Q 203 29.61 19.24 -32.58
N PHE Q 204 30.24 18.19 -33.13
CA PHE Q 204 29.66 16.86 -32.92
C PHE Q 204 29.72 16.47 -31.48
N SER Q 205 30.81 16.77 -30.77
CA SER Q 205 30.85 16.40 -29.36
C SER Q 205 29.73 17.10 -28.61
N ILE Q 206 29.46 18.34 -28.97
CA ILE Q 206 28.40 19.06 -28.32
C ILE Q 206 27.06 18.43 -28.67
N ALA Q 207 26.84 18.13 -29.93
CA ALA Q 207 25.57 17.55 -30.32
C ALA Q 207 25.31 16.22 -29.62
N GLU Q 208 26.33 15.41 -29.43
CA GLU Q 208 26.14 14.12 -28.78
C GLU Q 208 26.03 14.21 -27.25
N LYS Q 209 26.65 15.22 -26.63
CA LYS Q 209 26.63 15.29 -25.19
C LYS Q 209 25.70 16.33 -24.57
N LYS Q 210 25.42 17.44 -25.26
CA LYS Q 210 24.59 18.49 -24.69
C LYS Q 210 23.18 18.46 -25.26
N LEU Q 211 23.03 18.02 -26.49
CA LEU Q 211 21.70 17.89 -27.06
C LEU Q 211 21.21 16.47 -26.77
N GLU Q 212 19.91 16.26 -26.74
CA GLU Q 212 19.38 14.92 -26.50
C GLU Q 212 19.40 14.01 -27.73
N VAL Q 213 19.69 14.56 -28.89
CA VAL Q 213 19.65 13.81 -30.13
C VAL Q 213 20.65 12.67 -30.19
N GLU Q 214 20.16 11.51 -30.59
CA GLU Q 214 20.95 10.33 -30.75
C GLU Q 214 21.40 10.24 -32.18
N ASN Q 215 22.68 9.97 -32.41
CA ASN Q 215 23.21 9.86 -33.76
C ASN Q 215 22.87 11.06 -34.63
N PRO Q 216 23.30 12.28 -34.26
CA PRO Q 216 23.04 13.50 -34.96
C PRO Q 216 23.71 13.54 -36.32
N SER Q 217 23.08 14.24 -37.24
CA SER Q 217 23.64 14.44 -38.58
C SER Q 217 23.97 15.90 -38.72
N LEU Q 218 24.40 16.31 -39.91
CA LEU Q 218 24.74 17.71 -40.12
C LEU Q 218 23.51 18.60 -39.94
N GLU Q 219 22.33 18.04 -40.12
CA GLU Q 219 21.11 18.81 -39.99
C GLU Q 219 20.93 19.27 -38.55
N ASP Q 220 21.40 18.46 -37.61
CA ASP Q 220 21.25 18.78 -36.20
C ASP Q 220 22.41 19.65 -35.80
N LEU Q 221 23.56 19.39 -36.41
CA LEU Q 221 24.78 20.09 -36.09
C LEU Q 221 24.64 21.57 -36.44
N ASN Q 222 23.86 21.85 -37.48
CA ASN Q 222 23.64 23.20 -37.95
C ASN Q 222 22.76 23.99 -37.03
N LEU Q 223 22.14 23.34 -36.06
CA LEU Q 223 21.29 24.07 -35.16
C LEU Q 223 22.12 24.60 -34.01
N ILE Q 224 23.36 24.14 -33.90
CA ILE Q 224 24.22 24.63 -32.86
C ILE Q 224 24.83 25.87 -33.46
N ILE Q 225 25.23 25.76 -34.72
CA ILE Q 225 25.82 26.93 -35.36
C ILE Q 225 24.77 28.00 -35.46
N ALA Q 226 23.56 27.65 -35.89
CA ALA Q 226 22.53 28.64 -35.99
C ALA Q 226 22.26 29.24 -34.62
N GLN Q 227 22.30 28.47 -33.54
CA GLN Q 227 22.05 29.09 -32.26
C GLN Q 227 23.12 30.13 -31.94
N VAL Q 228 24.36 29.89 -32.34
CA VAL Q 228 25.39 30.90 -32.09
C VAL Q 228 25.04 32.15 -32.87
N LEU Q 229 24.66 31.98 -34.13
CA LEU Q 229 24.28 33.10 -34.97
C LEU Q 229 23.04 33.84 -34.52
N THR Q 230 22.04 33.16 -33.98
CA THR Q 230 20.89 33.94 -33.59
C THR Q 230 21.21 34.69 -32.31
N ASN Q 231 21.95 34.08 -31.38
CA ASN Q 231 22.19 34.79 -30.14
C ASN Q 231 23.10 35.98 -30.29
N VAL Q 232 24.08 35.89 -31.20
CA VAL Q 232 25.02 36.99 -31.38
C VAL Q 232 24.36 38.22 -32.00
N THR Q 233 23.13 38.06 -32.48
CA THR Q 233 22.46 39.19 -33.17
C THR Q 233 21.22 39.61 -32.37
N ALA Q 234 21.08 39.13 -31.13
CA ALA Q 234 19.86 39.41 -30.35
C ALA Q 234 19.72 40.91 -30.07
N SER Q 235 20.77 41.52 -29.52
CA SER Q 235 20.73 42.96 -29.17
C SER Q 235 20.38 43.79 -30.41
N LEU Q 236 20.96 43.44 -31.56
CA LEU Q 236 20.62 44.14 -32.81
C LEU Q 236 19.12 43.97 -33.05
N ARG Q 237 18.64 42.73 -33.09
CA ARG Q 237 17.21 42.45 -33.42
C ARG Q 237 16.23 43.00 -32.37
N PHE Q 238 16.52 42.87 -31.07
CA PHE Q 238 15.56 43.32 -30.09
C PHE Q 238 15.86 44.68 -29.50
N SER Q 239 16.71 45.45 -30.18
CA SER Q 239 17.04 46.80 -29.76
C SER Q 239 17.50 46.90 -28.31
N GLY Q 240 16.92 47.84 -27.58
CA GLY Q 240 17.24 48.11 -26.20
C GLY Q 240 17.88 49.48 -26.13
N THR Q 241 17.80 50.13 -24.98
CA THR Q 241 18.38 51.46 -24.90
C THR Q 241 19.88 51.36 -25.09
N LEU Q 242 20.49 50.35 -24.47
CA LEU Q 242 21.91 50.11 -24.60
C LEU Q 242 21.97 48.86 -25.45
N ASN Q 243 22.86 48.79 -26.42
CA ASN Q 243 22.90 47.60 -27.26
C ASN Q 243 24.24 47.34 -27.98
N LEU Q 244 24.32 46.23 -28.72
CA LEU Q 244 25.51 45.87 -29.47
C LEU Q 244 25.32 45.68 -30.94
N ASP Q 245 26.05 46.46 -31.71
CA ASP Q 245 26.04 46.35 -33.15
C ASP Q 245 27.32 45.65 -33.57
N LEU Q 246 27.50 45.42 -34.85
CA LEU Q 246 28.72 44.73 -35.28
C LEU Q 246 29.94 45.60 -35.08
N GLY Q 247 29.77 46.90 -35.17
CA GLY Q 247 30.88 47.81 -34.96
C GLY Q 247 31.28 47.91 -33.49
N LYS Q 248 30.43 47.45 -32.57
CA LYS Q 248 30.78 47.54 -31.16
C LYS Q 248 31.65 46.32 -30.92
N LEU Q 249 31.31 45.21 -31.56
CA LEU Q 249 32.11 44.02 -31.37
C LEU Q 249 33.50 44.15 -31.97
N VAL Q 250 33.62 44.80 -33.12
CA VAL Q 250 34.95 44.90 -33.69
C VAL Q 250 35.79 45.81 -32.83
N THR Q 251 35.24 46.96 -32.43
CA THR Q 251 36.03 47.87 -31.64
C THR Q 251 36.50 47.23 -30.34
N ASN Q 252 35.60 46.52 -29.66
CA ASN Q 252 35.97 45.96 -28.38
C ASN Q 252 36.78 44.69 -28.40
N LEU Q 253 36.59 43.81 -29.37
CA LEU Q 253 37.32 42.57 -29.35
C LEU Q 253 38.59 42.55 -30.17
N VAL Q 254 38.85 43.50 -31.05
CA VAL Q 254 40.06 43.37 -31.85
C VAL Q 254 41.12 44.44 -31.50
N PRO Q 255 42.13 44.16 -30.63
CA PRO Q 255 43.14 45.13 -30.22
C PRO Q 255 44.15 45.48 -31.29
N PHE Q 256 44.35 44.59 -32.26
CA PHE Q 256 45.24 44.83 -33.38
C PHE Q 256 44.56 44.35 -34.63
N SER Q 257 44.88 44.94 -35.75
CA SER Q 257 44.19 44.60 -36.97
C SER Q 257 44.33 43.16 -37.47
N ASN Q 258 45.37 42.41 -37.08
CA ASN Q 258 45.45 41.05 -37.58
C ASN Q 258 45.18 39.96 -36.54
N LEU Q 259 44.59 40.33 -35.40
CA LEU Q 259 44.30 39.32 -34.39
C LEU Q 259 42.81 39.28 -34.10
N HIS Q 260 42.02 39.11 -35.13
CA HIS Q 260 40.57 39.14 -35.06
C HIS Q 260 39.85 37.79 -35.07
N PHE Q 261 40.58 36.72 -34.90
CA PHE Q 261 39.97 35.40 -34.91
C PHE Q 261 39.41 35.05 -33.54
N LEU Q 262 38.10 34.87 -33.49
CA LEU Q 262 37.37 34.64 -32.26
C LEU Q 262 36.78 33.25 -32.12
N MET Q 263 36.69 32.83 -30.87
CA MET Q 263 36.01 31.61 -30.50
C MET Q 263 34.59 31.95 -30.12
N ALA Q 264 33.67 31.00 -30.28
CA ALA Q 264 32.30 31.22 -29.85
C ALA Q 264 31.79 30.07 -29.02
N SER Q 265 30.92 30.41 -28.06
CA SER Q 265 30.28 29.45 -27.17
C SER Q 265 28.89 29.88 -26.70
N THR Q 266 27.93 28.95 -26.70
CA THR Q 266 26.60 29.26 -26.19
C THR Q 266 26.01 28.20 -25.31
N ALA Q 267 25.09 28.62 -24.46
CA ALA Q 267 24.31 27.70 -23.67
C ALA Q 267 23.01 28.37 -23.26
N PRO Q 268 21.93 27.61 -23.02
CA PRO Q 268 21.70 26.20 -23.19
C PRO Q 268 21.47 25.92 -24.66
N LEU Q 269 21.62 24.68 -25.07
CA LEU Q 269 21.28 24.33 -26.43
C LEU Q 269 20.00 23.53 -26.42
N VAL Q 270 18.94 24.11 -26.95
CA VAL Q 270 17.64 23.45 -26.88
C VAL Q 270 17.02 23.27 -28.26
N LEU Q 271 16.60 22.04 -28.55
CA LEU Q 271 15.93 21.73 -29.81
C LEU Q 271 14.50 22.16 -29.64
N ALA Q 272 13.81 22.50 -30.72
CA ALA Q 272 12.44 22.97 -30.56
C ALA Q 272 11.59 22.00 -29.78
N GLY Q 273 10.81 22.54 -28.84
CA GLY Q 273 9.93 21.77 -27.99
C GLY Q 273 10.32 21.99 -26.54
N LYS Q 274 9.43 21.73 -25.59
CA LYS Q 274 9.77 21.98 -24.19
C LYS Q 274 10.57 20.81 -23.60
N GLU Q 275 11.78 20.64 -24.12
CA GLU Q 275 12.66 19.56 -23.72
C GLU Q 275 13.71 20.05 -22.72
N SER Q 276 13.70 21.35 -22.45
CA SER Q 276 14.61 22.00 -21.56
C SER Q 276 14.17 21.95 -20.11
N TYR Q 277 15.10 22.29 -19.22
CA TYR Q 277 14.84 22.40 -17.81
C TYR Q 277 15.10 23.82 -17.35
N GLU Q 278 14.22 24.33 -16.50
CA GLU Q 278 14.33 25.68 -16.00
C GLU Q 278 15.39 25.87 -14.93
N LYS Q 279 16.66 25.83 -15.36
CA LYS Q 279 17.77 26.05 -14.44
C LYS Q 279 17.70 27.46 -13.90
N MET Q 280 17.35 28.38 -14.80
CA MET Q 280 17.16 29.81 -14.54
C MET Q 280 18.31 30.46 -13.83
N THR Q 281 19.52 30.00 -14.02
CA THR Q 281 20.57 30.60 -13.26
C THR Q 281 21.67 31.12 -14.14
N ALA Q 282 21.88 32.42 -14.05
CA ALA Q 282 22.89 33.10 -14.84
C ALA Q 282 24.26 32.61 -14.46
N LYS Q 283 24.45 32.30 -13.19
CA LYS Q 283 25.72 31.83 -12.71
C LYS Q 283 26.10 30.52 -13.36
N GLU Q 284 25.12 29.65 -13.54
CA GLU Q 284 25.39 28.36 -14.12
C GLU Q 284 25.66 28.53 -15.58
N LEU Q 285 24.93 29.41 -16.24
CA LEU Q 285 25.17 29.60 -17.65
C LEU Q 285 26.54 30.21 -17.91
N SER Q 286 26.99 31.13 -17.06
CA SER Q 286 28.31 31.68 -17.27
C SER Q 286 29.36 30.61 -17.02
N ALA Q 287 29.16 29.77 -16.00
CA ALA Q 287 30.13 28.73 -15.73
C ALA Q 287 30.24 27.80 -16.91
N GLN Q 288 29.12 27.50 -17.54
CA GLN Q 288 29.09 26.64 -18.71
C GLN Q 288 29.65 27.28 -19.96
N VAL Q 289 29.33 28.55 -20.22
CA VAL Q 289 29.73 29.10 -21.49
C VAL Q 289 31.23 29.24 -21.57
N PHE Q 290 31.86 29.48 -20.40
CA PHE Q 290 33.31 29.62 -20.30
C PHE Q 290 34.05 28.32 -20.04
N GLY Q 291 33.36 27.20 -20.01
CA GLY Q 291 34.04 25.94 -19.80
C GLY Q 291 34.51 25.50 -21.15
N ASP Q 292 35.12 24.33 -21.26
CA ASP Q 292 35.58 23.90 -22.56
C ASP Q 292 34.51 23.12 -23.32
N GLU Q 293 33.57 22.56 -22.60
CA GLU Q 293 32.53 21.71 -23.17
C GLU Q 293 31.56 22.35 -24.16
N TYR Q 294 31.37 23.67 -24.16
CA TYR Q 294 30.48 24.30 -25.13
C TYR Q 294 31.22 25.06 -26.21
N ILE Q 295 32.53 24.93 -26.28
CA ILE Q 295 33.27 25.69 -27.27
C ILE Q 295 33.05 25.05 -28.61
N CYS Q 296 32.72 25.84 -29.61
CA CYS Q 296 32.40 25.29 -30.93
C CYS Q 296 33.58 25.11 -31.88
N ALA Q 297 34.79 25.01 -31.34
CA ALA Q 297 36.02 24.80 -32.10
C ALA Q 297 36.97 23.89 -31.33
N ALA Q 298 37.82 23.18 -32.07
CA ALA Q 298 38.75 22.23 -31.51
C ALA Q 298 39.95 22.88 -30.88
N CYS Q 299 39.70 23.41 -29.70
CA CYS Q 299 40.64 24.12 -28.90
C CYS Q 299 40.22 23.96 -27.45
N LYS Q 300 41.08 24.33 -26.50
CA LYS Q 300 40.73 24.22 -25.09
C LYS Q 300 41.02 25.52 -24.34
N PRO Q 301 40.14 26.54 -24.45
CA PRO Q 301 40.28 27.89 -23.95
C PRO Q 301 40.61 28.06 -22.48
N THR Q 302 40.25 27.11 -21.62
CA THR Q 302 40.57 27.34 -20.21
C THR Q 302 42.08 27.25 -19.92
N THR Q 303 42.87 26.78 -20.89
CA THR Q 303 44.30 26.66 -20.70
C THR Q 303 45.07 27.77 -21.40
N GLY Q 304 44.38 28.70 -22.04
CA GLY Q 304 45.05 29.77 -22.78
C GLY Q 304 44.98 31.08 -22.01
N ARG Q 305 45.10 32.19 -22.73
CA ARG Q 305 45.04 33.50 -22.11
C ARG Q 305 44.15 34.40 -22.98
N TYR Q 306 43.28 35.19 -22.36
CA TYR Q 306 42.38 36.04 -23.12
C TYR Q 306 42.88 37.45 -23.37
N LEU Q 307 42.64 37.95 -24.57
CA LEU Q 307 43.04 39.31 -24.82
C LEU Q 307 41.85 40.16 -24.50
N ALA Q 308 40.71 39.64 -24.84
CA ALA Q 308 39.43 40.28 -24.66
C ALA Q 308 38.34 39.26 -24.80
N ALA Q 309 37.20 39.53 -24.21
CA ALA Q 309 36.05 38.67 -24.40
C ALA Q 309 34.77 39.43 -24.22
N SER Q 310 33.67 38.93 -24.76
CA SER Q 310 32.41 39.58 -24.55
C SER Q 310 31.35 38.59 -24.18
N VAL Q 311 30.44 39.04 -23.34
CA VAL Q 311 29.35 38.18 -22.94
C VAL Q 311 28.02 38.87 -23.08
N LEU Q 312 27.13 38.25 -23.82
CA LEU Q 312 25.78 38.76 -23.97
C LEU Q 312 24.80 37.86 -23.27
N PHE Q 313 24.07 38.45 -22.34
CA PHE Q 313 23.07 37.73 -21.59
C PHE Q 313 21.72 38.02 -22.16
N ARG Q 314 20.90 36.99 -22.30
CA ARG Q 314 19.55 37.17 -22.77
C ARG Q 314 18.54 36.76 -21.74
N GLY Q 315 17.44 37.47 -21.72
CA GLY Q 315 16.32 37.16 -20.85
C GLY Q 315 16.40 37.85 -19.52
N ALA Q 316 15.59 37.42 -18.57
CA ALA Q 316 15.48 38.10 -17.28
C ALA Q 316 16.60 37.74 -16.32
N VAL Q 317 17.78 38.20 -16.66
CA VAL Q 317 18.98 38.00 -15.89
C VAL Q 317 19.16 39.10 -14.87
N LYS Q 318 19.40 38.75 -13.62
CA LYS Q 318 19.58 39.75 -12.58
C LYS Q 318 20.96 40.39 -12.65
N THR Q 319 21.02 41.70 -12.45
CA THR Q 319 22.28 42.43 -12.45
C THR Q 319 23.23 41.88 -11.42
N SER Q 320 22.70 41.56 -10.26
CA SER Q 320 23.51 41.06 -9.18
C SER Q 320 24.17 39.75 -9.52
N ASP Q 321 23.50 38.89 -10.30
CA ASP Q 321 24.05 37.59 -10.63
C ASP Q 321 25.09 37.76 -11.70
N VAL Q 322 24.90 38.75 -12.56
CA VAL Q 322 25.90 38.96 -13.59
C VAL Q 322 27.18 39.39 -12.93
N ASN Q 323 27.08 40.29 -11.96
CA ASN Q 323 28.30 40.76 -11.34
C ASN Q 323 29.00 39.66 -10.58
N GLU Q 324 28.25 38.83 -9.87
CA GLU Q 324 28.94 37.79 -9.14
C GLU Q 324 29.48 36.73 -10.08
N ALA Q 325 28.72 36.37 -11.11
CA ALA Q 325 29.14 35.36 -12.03
C ALA Q 325 30.39 35.79 -12.76
N MET Q 326 30.46 37.06 -13.15
CA MET Q 326 31.62 37.49 -13.87
C MET Q 326 32.82 37.62 -12.96
N ALA Q 327 32.60 37.89 -11.66
CA ALA Q 327 33.72 37.94 -10.75
C ALA Q 327 34.38 36.57 -10.70
N THR Q 328 33.57 35.52 -10.72
CA THR Q 328 34.10 34.15 -10.70
C THR Q 328 34.91 33.89 -11.95
N VAL Q 329 34.41 34.33 -13.09
CA VAL Q 329 35.11 34.13 -14.34
C VAL Q 329 36.45 34.84 -14.34
N LYS Q 330 36.49 36.08 -13.84
CA LYS Q 330 37.76 36.77 -13.80
C LYS Q 330 38.76 36.06 -12.90
N GLU Q 331 38.31 35.53 -11.76
CA GLU Q 331 39.22 34.81 -10.88
C GLU Q 331 39.76 33.51 -11.43
N GLN Q 332 38.91 32.76 -12.14
CA GLN Q 332 39.33 31.47 -12.67
C GLN Q 332 40.17 31.51 -13.94
N ASN Q 333 39.89 32.44 -14.83
CA ASN Q 333 40.60 32.48 -16.09
C ASN Q 333 41.85 33.33 -16.09
N SER Q 334 42.53 33.34 -17.22
CA SER Q 334 43.77 34.09 -17.37
C SER Q 334 43.68 35.10 -18.48
N PHE Q 335 44.05 36.32 -18.15
CA PHE Q 335 43.98 37.48 -19.04
C PHE Q 335 45.35 38.13 -19.21
N VAL Q 336 45.52 38.87 -20.30
CA VAL Q 336 46.76 39.60 -20.52
C VAL Q 336 46.62 40.97 -19.82
N ASN Q 337 47.67 41.38 -19.09
CA ASN Q 337 47.67 42.64 -18.29
C ASN Q 337 47.32 43.90 -19.10
N TRP Q 338 48.00 44.19 -20.20
CA TRP Q 338 47.75 45.49 -20.88
C TRP Q 338 46.24 45.76 -21.01
N ILE Q 339 45.48 44.89 -21.68
CA ILE Q 339 44.00 45.11 -21.66
C ILE Q 339 43.59 44.90 -20.21
N PRO Q 340 43.27 45.97 -19.43
CA PRO Q 340 43.05 45.83 -17.99
C PRO Q 340 41.59 45.57 -17.59
N THR Q 341 40.63 45.87 -18.48
CA THR Q 341 39.25 45.68 -18.14
C THR Q 341 38.72 44.33 -18.61
N GLY Q 342 39.43 43.63 -19.49
CA GLY Q 342 39.04 42.29 -19.92
C GLY Q 342 37.84 42.11 -20.84
N PHE Q 343 36.68 42.46 -20.30
CA PHE Q 343 35.39 42.19 -20.92
C PHE Q 343 34.55 43.31 -21.48
N LYS Q 344 33.71 42.93 -22.43
CA LYS Q 344 32.60 43.73 -22.89
C LYS Q 344 31.31 43.02 -22.47
N ILE Q 345 30.50 43.64 -21.65
CA ILE Q 345 29.28 42.99 -21.16
C ILE Q 345 28.00 43.67 -21.61
N SER Q 346 27.06 42.86 -22.07
CA SER Q 346 25.79 43.38 -22.53
C SER Q 346 24.61 42.48 -22.18
N LYS Q 347 23.45 43.09 -22.03
CA LYS Q 347 22.23 42.38 -21.75
C LYS Q 347 21.08 42.76 -22.67
N SER Q 348 20.26 41.77 -23.03
CA SER Q 348 19.04 41.94 -23.80
C SER Q 348 17.93 41.22 -23.10
N GLU Q 349 16.92 41.95 -22.68
CA GLU Q 349 15.83 41.41 -21.88
C GLU Q 349 14.93 40.41 -22.59
N THR Q 350 15.01 40.29 -23.90
CA THR Q 350 14.15 39.35 -24.58
C THR Q 350 14.76 37.96 -24.65
N SER Q 351 14.00 37.00 -24.12
CA SER Q 351 14.33 35.59 -24.02
C SER Q 351 14.40 34.92 -25.37
N PRO Q 352 15.26 33.91 -25.56
CA PRO Q 352 15.31 33.06 -26.73
C PRO Q 352 14.01 32.26 -26.71
N LYS Q 353 13.49 31.85 -27.86
CA LYS Q 353 12.20 31.17 -27.81
C LYS Q 353 12.10 29.86 -27.02
N ASP Q 354 13.17 29.10 -26.87
CA ASP Q 354 13.06 27.82 -26.16
C ASP Q 354 13.63 27.82 -24.74
N SER Q 355 13.94 29.00 -24.19
CA SER Q 355 14.48 29.08 -22.83
C SER Q 355 14.23 30.43 -22.24
N ALA Q 356 13.93 30.53 -20.97
CA ALA Q 356 13.77 31.89 -20.46
C ALA Q 356 15.08 32.67 -20.53
N LEU Q 357 16.18 32.00 -20.23
CA LEU Q 357 17.48 32.63 -20.21
C LEU Q 357 18.45 32.00 -21.19
N GLY Q 358 19.47 32.77 -21.58
CA GLY Q 358 20.55 32.19 -22.37
C GLY Q 358 21.77 33.09 -22.44
N VAL Q 359 22.93 32.49 -22.74
CA VAL Q 359 24.18 33.24 -22.83
C VAL Q 359 25.03 32.92 -24.04
N ILE Q 360 25.54 33.96 -24.67
CA ILE Q 360 26.52 33.79 -25.73
C ILE Q 360 27.82 34.50 -25.40
N MET Q 361 28.91 33.81 -25.60
CA MET Q 361 30.22 34.37 -25.35
C MET Q 361 31.10 34.27 -26.56
N LEU Q 362 31.86 35.34 -26.79
CA LEU Q 362 32.85 35.40 -27.85
C LEU Q 362 34.18 35.82 -27.29
N GLY Q 363 35.27 35.39 -27.90
CA GLY Q 363 36.51 36.00 -27.42
C GLY Q 363 37.79 35.61 -28.09
N ASN Q 364 38.82 36.36 -27.74
CA ASN Q 364 40.17 36.21 -28.26
C ASN Q 364 41.00 35.43 -27.31
N ASN Q 365 41.18 34.18 -27.60
CA ASN Q 365 41.91 33.34 -26.72
C ASN Q 365 43.08 32.85 -27.50
N SER Q 366 44.26 33.01 -26.95
CA SER Q 366 45.52 32.69 -27.60
C SER Q 366 45.62 31.25 -28.03
N GLU Q 367 44.79 30.42 -27.45
CA GLU Q 367 44.69 29.01 -27.72
C GLU Q 367 44.35 28.76 -29.18
N ILE Q 368 43.70 29.72 -29.84
CA ILE Q 368 43.25 29.57 -31.21
C ILE Q 368 44.37 29.23 -32.18
N VAL Q 369 45.60 29.57 -31.83
CA VAL Q 369 46.64 29.26 -32.77
C VAL Q 369 46.77 27.76 -32.96
N SER Q 370 46.35 26.93 -32.01
CA SER Q 370 46.53 25.52 -32.22
C SER Q 370 45.73 25.02 -33.42
N VAL Q 371 44.65 25.72 -33.77
CA VAL Q 371 43.86 25.32 -34.91
C VAL Q 371 44.68 25.62 -36.15
N PHE Q 372 45.23 26.81 -36.18
CA PHE Q 372 45.97 27.26 -37.33
C PHE Q 372 47.29 26.49 -37.48
N GLU Q 373 47.92 26.12 -36.37
CA GLU Q 373 49.17 25.40 -36.42
C GLU Q 373 48.98 24.01 -37.02
N ARG Q 374 47.87 23.34 -36.69
CA ARG Q 374 47.63 22.02 -37.25
C ARG Q 374 47.43 22.11 -38.75
N ILE Q 375 46.72 23.14 -39.20
CA ILE Q 375 46.47 23.30 -40.64
C ILE Q 375 47.80 23.56 -41.33
N GLY Q 376 48.61 24.44 -40.74
CA GLY Q 376 49.90 24.78 -41.28
C GLY Q 376 50.75 23.54 -41.45
N ALA Q 377 50.88 22.73 -40.41
CA ALA Q 377 51.70 21.54 -40.49
C ALA Q 377 51.23 20.55 -41.54
N ASN Q 378 49.92 20.37 -41.71
CA ASN Q 378 49.47 19.42 -42.71
C ASN Q 378 49.83 19.90 -44.10
N PHE Q 379 49.69 21.21 -44.31
CA PHE Q 379 50.06 21.81 -45.56
C PHE Q 379 51.52 21.64 -45.82
N ASP Q 380 52.35 21.94 -44.83
CA ASP Q 380 53.78 21.87 -45.06
C ASP Q 380 54.22 20.50 -45.51
N ARG Q 381 53.65 19.44 -44.94
CA ARG Q 381 54.07 18.12 -45.38
C ARG Q 381 53.65 17.82 -46.83
N LEU Q 382 52.44 18.20 -47.20
CA LEU Q 382 51.95 17.94 -48.55
C LEU Q 382 52.64 18.83 -49.57
N TRP Q 383 52.90 20.06 -49.16
CA TRP Q 383 53.52 21.08 -49.99
C TRP Q 383 54.95 20.75 -50.27
N SER Q 384 55.66 20.23 -49.27
CA SER Q 384 57.03 19.82 -49.45
C SER Q 384 57.10 18.73 -50.50
N ARG Q 385 56.14 17.80 -50.46
CA ARG Q 385 56.12 16.65 -51.42
C ARG Q 385 55.37 17.02 -52.72
N LYS Q 386 54.67 18.15 -52.71
CA LYS Q 386 53.92 18.62 -53.91
C LYS Q 386 52.87 17.57 -54.29
N ALA Q 387 52.10 17.09 -53.31
CA ALA Q 387 51.01 16.12 -53.60
C ALA Q 387 49.72 16.89 -53.86
N PHE Q 388 49.05 16.64 -55.00
CA PHE Q 388 47.81 17.35 -55.36
C PHE Q 388 48.11 18.83 -55.65
N ALA Q 389 49.38 19.18 -55.81
CA ALA Q 389 49.76 20.60 -56.00
C ALA Q 389 49.42 21.04 -57.43
N HIS Q 390 49.65 20.17 -58.42
CA HIS Q 390 49.33 20.51 -59.83
C HIS Q 390 47.92 21.08 -59.92
N TRP Q 391 47.05 20.72 -58.98
CA TRP Q 391 45.67 21.17 -59.10
C TRP Q 391 45.54 22.66 -58.86
N PHE Q 392 46.52 23.24 -58.18
CA PHE Q 392 46.49 24.65 -57.87
C PHE Q 392 47.32 25.45 -58.84
N THR Q 393 48.45 24.89 -59.29
CA THR Q 393 49.30 25.69 -60.15
C THR Q 393 48.83 25.63 -61.60
N ASP Q 394 48.08 24.61 -61.96
CA ASP Q 394 47.58 24.51 -63.31
C ASP Q 394 46.27 25.29 -63.43
N SER Q 395 45.84 25.89 -62.33
CA SER Q 395 44.62 26.65 -62.26
C SER Q 395 44.91 28.11 -61.96
N GLY Q 396 46.16 28.51 -62.20
CA GLY Q 396 46.56 29.90 -62.07
C GLY Q 396 47.42 30.33 -60.89
N PHE Q 397 47.68 29.50 -59.88
CA PHE Q 397 48.53 29.97 -58.80
C PHE Q 397 49.99 29.70 -59.03
N GLU Q 398 50.82 30.55 -58.51
CA GLU Q 398 52.25 30.30 -58.56
C GLU Q 398 52.64 29.69 -57.23
N GLU Q 399 53.78 29.02 -57.18
CA GLU Q 399 54.24 28.47 -55.92
C GLU Q 399 54.39 29.61 -54.93
N LYS Q 400 54.75 30.78 -55.44
CA LYS Q 400 54.87 31.99 -54.66
C LYS Q 400 53.59 32.33 -53.93
N ASP Q 401 52.41 32.06 -54.50
CA ASP Q 401 51.18 32.46 -53.84
C ASP Q 401 50.88 31.48 -52.74
N LEU Q 402 51.20 30.22 -52.97
CA LEU Q 402 50.97 29.21 -51.97
C LEU Q 402 51.91 29.45 -50.78
N ASP Q 403 53.13 29.90 -51.08
CA ASP Q 403 54.11 30.20 -50.04
C ASP Q 403 53.78 31.49 -49.30
N ASP Q 404 53.30 32.51 -50.00
CA ASP Q 404 52.98 33.74 -49.32
C ASP Q 404 51.77 33.58 -48.44
N ALA Q 405 50.78 32.77 -48.86
CA ALA Q 405 49.63 32.57 -48.03
C ALA Q 405 50.05 31.89 -46.73
N ARG Q 406 50.96 30.91 -46.84
CA ARG Q 406 51.43 30.23 -45.67
C ARG Q 406 52.16 31.19 -44.74
N ALA Q 407 52.97 32.07 -45.32
CA ALA Q 407 53.73 33.02 -44.54
C ALA Q 407 52.84 33.96 -43.75
N LEU Q 408 51.72 34.40 -44.35
CA LEU Q 408 50.83 35.29 -43.63
C LEU Q 408 50.20 34.59 -42.46
N VAL Q 409 49.82 33.33 -42.67
CA VAL Q 409 49.23 32.56 -41.60
C VAL Q 409 50.22 32.42 -40.47
N GLN Q 410 51.49 32.14 -40.80
CA GLN Q 410 52.47 32.00 -39.75
C GLN Q 410 52.66 33.31 -39.01
N LYS Q 411 52.59 34.45 -39.71
CA LYS Q 411 52.74 35.71 -39.00
C LYS Q 411 51.69 35.86 -37.93
N VAL Q 412 50.44 35.52 -38.24
CA VAL Q 412 49.40 35.64 -37.22
C VAL Q 412 49.67 34.71 -36.06
N ILE Q 413 50.09 33.48 -36.34
CA ILE Q 413 50.38 32.55 -35.26
C ILE Q 413 51.50 33.07 -34.39
N ASP Q 414 52.57 33.57 -35.00
CA ASP Q 414 53.68 34.07 -34.22
C ASP Q 414 53.27 35.26 -33.40
N ASP Q 415 52.41 36.14 -33.92
CA ASP Q 415 52.01 37.30 -33.14
C ASP Q 415 51.16 36.89 -31.95
N TYR Q 416 50.25 35.93 -32.12
CA TYR Q 416 49.48 35.50 -30.97
C TYR Q 416 50.35 34.84 -29.92
N ARG Q 417 51.29 34.01 -30.35
CA ARG Q 417 52.09 33.30 -29.38
C ARG Q 417 53.06 34.22 -28.69
N LYS Q 418 53.69 35.15 -29.40
CA LYS Q 418 54.64 36.02 -28.75
C LYS Q 418 53.95 36.84 -27.72
N LEU Q 419 52.79 37.39 -28.05
CA LEU Q 419 52.09 38.22 -27.12
C LEU Q 419 51.78 37.43 -25.87
N THR Q 420 51.28 36.20 -26.05
CA THR Q 420 50.90 35.36 -24.94
C THR Q 420 52.07 35.04 -24.03
N GLU Q 421 53.23 34.70 -24.60
CA GLU Q 421 54.37 34.41 -23.75
C GLU Q 421 54.89 35.67 -23.05
N ASP Q 422 54.89 36.82 -23.73
CA ASP Q 422 55.40 38.03 -23.12
C ASP Q 422 54.55 38.40 -21.93
N ALA Q 423 53.26 38.11 -22.02
CA ALA Q 423 52.24 38.42 -21.04
C ALA Q 423 52.57 37.93 -19.66
N GLU Q 424 53.29 36.84 -19.51
CA GLU Q 424 53.53 36.35 -18.16
C GLU Q 424 54.29 37.36 -17.30
N ASN Q 425 55.16 38.16 -17.90
CA ASN Q 425 55.94 39.11 -17.15
C ASN Q 425 55.38 40.52 -17.24
N LEU Q 426 54.19 40.70 -17.81
CA LEU Q 426 53.68 42.07 -17.95
C LEU Q 426 52.95 42.46 -16.69
N TYR Q 427 52.92 41.52 -15.76
CA TYR Q 427 52.35 41.69 -14.45
C TYR Q 427 53.40 42.05 -13.37
N PHE Q 428 54.71 42.18 -13.72
CA PHE Q 428 55.80 42.42 -12.76
C PHE Q 428 56.75 43.52 -13.26
N ALA R 2 11.25 83.50 -13.57
CA ALA R 2 11.69 82.12 -13.28
C ALA R 2 13.05 81.90 -13.93
N ARG R 3 14.08 81.60 -13.13
CA ARG R 3 15.41 81.28 -13.70
C ARG R 3 15.29 79.90 -14.33
N GLU R 4 15.27 79.82 -15.66
CA GLU R 4 14.98 78.53 -16.33
C GLU R 4 16.24 77.76 -16.71
N VAL R 5 16.22 76.43 -16.50
CA VAL R 5 17.30 75.53 -16.86
C VAL R 5 16.97 74.61 -18.04
N ILE R 6 17.90 74.51 -18.99
CA ILE R 6 17.70 73.60 -20.13
C ILE R 6 18.47 72.32 -19.91
N THR R 7 17.79 71.17 -20.00
CA THR R 7 18.45 69.90 -19.75
C THR R 7 18.68 69.17 -21.06
N ILE R 8 19.91 68.70 -21.27
CA ILE R 8 20.25 67.98 -22.48
C ILE R 8 20.72 66.57 -22.14
N HIS R 9 20.15 65.55 -22.78
CA HIS R 9 20.54 64.17 -22.50
C HIS R 9 21.36 63.66 -23.66
N VAL R 10 22.61 63.28 -23.43
CA VAL R 10 23.46 62.88 -24.54
C VAL R 10 23.98 61.46 -24.39
N GLY R 11 23.74 60.65 -25.39
CA GLY R 11 24.25 59.29 -25.40
C GLY R 11 23.23 58.32 -24.90
N GLU R 12 23.52 57.03 -25.08
CA GLU R 12 22.56 55.99 -24.76
C GLU R 12 22.17 55.96 -23.30
N LEU R 13 23.11 56.20 -22.39
CA LEU R 13 22.76 56.16 -20.98
C LEU R 13 22.05 57.41 -20.54
N GLY R 14 22.49 58.59 -21.00
CA GLY R 14 21.82 59.80 -20.57
C GLY R 14 20.36 59.73 -20.97
N ILE R 15 20.11 59.17 -22.13
CA ILE R 15 18.77 58.98 -22.62
C ILE R 15 18.05 57.91 -21.82
N GLN R 16 18.71 56.81 -21.48
CA GLN R 16 18.09 55.76 -20.68
C GLN R 16 17.53 56.28 -19.38
N ILE R 17 18.26 57.19 -18.77
CA ILE R 17 17.90 57.84 -17.52
C ILE R 17 16.69 58.75 -17.65
N ALA R 18 16.60 59.49 -18.76
CA ALA R 18 15.56 60.49 -18.96
C ALA R 18 14.18 60.09 -18.43
N PRO R 19 13.54 58.95 -18.72
CA PRO R 19 12.23 58.66 -18.23
C PRO R 19 12.14 58.59 -16.72
N ASN R 20 13.23 58.34 -16.02
CA ASN R 20 13.12 58.25 -14.58
C ASN R 20 13.26 59.62 -14.01
N PHE R 21 14.13 60.40 -14.61
CA PHE R 21 14.35 61.74 -14.16
C PHE R 21 13.08 62.55 -14.35
N TRP R 22 12.52 62.48 -15.54
CA TRP R 22 11.35 63.25 -15.83
C TRP R 22 10.11 62.76 -15.14
N LYS R 23 9.96 61.46 -14.89
CA LYS R 23 8.81 61.04 -14.14
C LYS R 23 8.91 61.55 -12.72
N TYR R 24 10.11 61.56 -12.12
CA TYR R 24 10.17 62.09 -10.78
C TYR R 24 9.75 63.53 -10.74
N LEU R 25 10.17 64.33 -11.71
CA LEU R 25 9.80 65.73 -11.69
C LEU R 25 8.30 65.90 -11.90
N CYS R 26 7.71 65.07 -12.77
CA CYS R 26 6.29 65.17 -13.02
C CYS R 26 5.50 64.85 -11.77
N ASP R 27 5.92 63.84 -11.02
CA ASP R 27 5.15 63.56 -9.84
C ASP R 27 5.41 64.57 -8.77
N GLU R 28 6.63 65.05 -8.68
CA GLU R 28 6.99 65.97 -7.63
C GLU R 28 6.21 67.27 -7.70
N HIS R 29 5.95 67.76 -8.91
CA HIS R 29 5.22 69.00 -9.12
C HIS R 29 3.73 68.84 -9.42
N ASN R 30 3.17 67.63 -9.25
CA ASN R 30 1.77 67.29 -9.58
C ASN R 30 1.32 67.46 -11.03
N ILE R 31 2.13 66.95 -11.95
CA ILE R 31 1.85 66.94 -13.38
C ILE R 31 1.84 65.49 -13.81
N ASP R 32 0.94 65.12 -14.70
CA ASP R 32 0.86 63.75 -15.14
C ASP R 32 1.93 63.48 -16.20
N TYR R 33 2.02 62.28 -16.70
CA TYR R 33 3.10 61.98 -17.62
C TYR R 33 2.78 62.39 -19.04
N LYS R 34 1.58 62.91 -19.23
CA LYS R 34 1.16 63.44 -20.50
C LYS R 34 1.32 64.95 -20.50
N GLY R 35 1.83 65.51 -19.41
CA GLY R 35 2.02 66.94 -19.29
C GLY R 35 0.78 67.67 -18.78
N GLN R 36 -0.25 66.92 -18.44
CA GLN R 36 -1.48 67.55 -17.97
C GLN R 36 -1.40 67.81 -16.50
N GLU R 37 -2.07 68.84 -16.03
CA GLU R 37 -2.04 69.13 -14.61
C GLU R 37 -2.85 68.12 -13.86
N LYS R 38 -2.40 67.77 -12.67
CA LYS R 38 -3.07 66.80 -11.82
C LYS R 38 -3.35 67.39 -10.46
N GLY R 39 -4.30 68.30 -10.38
CA GLY R 39 -4.51 68.99 -9.11
C GLY R 39 -3.68 70.24 -9.04
N LYS R 40 -3.31 70.65 -7.84
CA LYS R 40 -2.59 71.90 -7.64
C LYS R 40 -1.12 71.78 -8.00
N ILE R 41 -0.62 72.71 -8.80
CA ILE R 41 0.79 72.67 -9.17
C ILE R 41 1.61 73.33 -8.11
N ARG R 42 2.70 72.68 -7.74
CA ARG R 42 3.54 73.20 -6.69
C ARG R 42 5.01 73.28 -7.11
N GLY R 43 5.72 74.26 -6.57
CA GLY R 43 7.13 74.49 -6.87
C GLY R 43 7.24 75.42 -8.06
N VAL R 44 8.45 75.79 -8.44
CA VAL R 44 8.58 76.69 -9.56
C VAL R 44 8.63 75.85 -10.80
N ILE R 45 7.47 75.53 -11.28
CA ILE R 45 7.35 74.63 -12.39
C ILE R 45 8.04 75.09 -13.63
N ASP R 46 8.03 76.39 -13.83
CA ASP R 46 8.58 77.04 -14.98
C ASP R 46 10.06 76.78 -15.14
N ASN R 47 10.79 76.44 -14.08
CA ASN R 47 12.20 76.29 -14.29
C ASN R 47 12.56 75.09 -15.15
N PHE R 48 11.76 74.03 -15.13
CA PHE R 48 12.04 72.86 -15.94
C PHE R 48 11.02 72.56 -17.01
N PHE R 49 9.83 73.16 -16.93
CA PHE R 49 8.82 72.87 -17.94
C PHE R 49 8.36 74.11 -18.67
N GLU R 50 8.18 73.96 -19.95
CA GLU R 50 7.69 74.99 -20.83
C GLU R 50 6.19 74.93 -20.86
N LYS R 51 5.52 76.06 -20.84
CA LYS R 51 4.07 76.02 -20.93
C LYS R 51 3.63 76.12 -22.37
N ALA R 52 2.80 75.17 -22.78
CA ALA R 52 2.26 75.09 -24.11
C ALA R 52 1.20 76.15 -24.34
N SER R 53 0.78 76.32 -25.58
CA SER R 53 -0.31 77.24 -25.92
C SER R 53 -1.65 76.74 -25.36
N ILE R 54 -1.63 75.48 -24.93
CA ILE R 54 -2.71 74.73 -24.34
C ILE R 54 -2.30 74.37 -22.91
N GLY R 55 -3.14 73.66 -22.17
CA GLY R 55 -2.85 73.35 -20.76
C GLY R 55 -1.64 72.44 -20.47
N LYS R 56 -1.08 71.82 -21.50
CA LYS R 56 0.06 70.92 -21.38
C LYS R 56 1.42 71.56 -21.01
N TRP R 57 2.12 70.91 -20.09
CA TRP R 57 3.48 71.26 -19.74
C TRP R 57 4.44 70.41 -20.56
N ILE R 58 5.49 71.02 -21.08
CA ILE R 58 6.48 70.37 -21.92
C ILE R 58 7.84 70.33 -21.24
N PRO R 59 8.51 69.20 -21.10
CA PRO R 59 9.77 69.18 -20.43
C PRO R 59 10.70 70.02 -21.24
N ARG R 60 11.47 70.87 -20.61
CA ARG R 60 12.38 71.73 -21.35
C ARG R 60 13.68 70.98 -21.62
N THR R 61 13.63 70.09 -22.61
CA THR R 61 14.76 69.22 -22.87
C THR R 61 14.99 68.75 -24.31
N ILE R 62 16.26 68.45 -24.57
CA ILE R 62 16.77 67.93 -25.85
C ILE R 62 17.43 66.56 -25.70
N LEU R 63 17.11 65.62 -26.61
CA LEU R 63 17.69 64.27 -26.56
C LEU R 63 18.63 64.01 -27.74
N VAL R 64 19.90 63.71 -27.48
CA VAL R 64 20.87 63.50 -28.57
C VAL R 64 21.46 62.07 -28.60
N ASP R 65 21.36 61.40 -29.75
CA ASP R 65 21.83 60.02 -29.95
C ASP R 65 22.42 59.84 -31.36
N LEU R 66 23.64 59.34 -31.48
CA LEU R 66 24.22 59.17 -32.81
C LEU R 66 23.61 57.98 -33.55
N GLY R 67 22.87 57.15 -32.84
CA GLY R 67 22.12 56.07 -33.47
C GLY R 67 20.65 56.46 -33.26
N PRO R 68 19.67 55.70 -33.75
CA PRO R 68 18.26 55.95 -33.55
C PRO R 68 17.59 55.29 -32.35
N ASN R 69 18.29 54.41 -31.64
CA ASN R 69 17.57 53.52 -30.75
C ASN R 69 17.31 53.98 -29.33
N ALA R 70 18.18 54.80 -28.72
CA ALA R 70 17.87 55.13 -27.35
C ALA R 70 16.65 56.03 -27.34
N ILE R 71 16.59 56.90 -28.34
CA ILE R 71 15.49 57.81 -28.43
C ILE R 71 14.24 57.08 -28.81
N ARG R 72 14.30 56.20 -29.80
CA ARG R 72 13.07 55.53 -30.15
C ARG R 72 12.45 54.82 -28.96
N LYS R 73 13.23 54.13 -28.15
CA LYS R 73 12.59 53.47 -27.02
C LYS R 73 12.03 54.47 -26.02
N VAL R 74 12.77 55.53 -25.71
CA VAL R 74 12.26 56.48 -24.74
C VAL R 74 11.00 57.22 -25.16
N THR R 75 10.95 57.70 -26.39
CA THR R 75 9.81 58.49 -26.77
C THR R 75 8.65 57.70 -27.33
N LYS R 76 8.87 56.45 -27.75
CA LYS R 76 7.76 55.66 -28.28
C LYS R 76 7.27 54.59 -27.31
N LYS R 77 8.10 54.09 -26.40
CA LYS R 77 7.62 53.03 -25.52
C LYS R 77 7.59 53.38 -24.05
N ASP R 78 8.62 54.07 -23.53
CA ASP R 78 8.61 54.31 -22.08
C ASP R 78 7.85 55.54 -21.61
N MET R 79 7.92 56.66 -22.31
CA MET R 79 7.18 57.81 -21.81
C MET R 79 6.57 58.55 -23.00
N LYS R 80 5.53 57.93 -23.51
CA LYS R 80 4.85 58.34 -24.73
C LYS R 80 4.24 59.71 -24.60
N ASP R 81 4.37 60.50 -25.66
CA ASP R 81 3.78 61.83 -25.81
C ASP R 81 4.32 62.89 -24.87
N PHE R 82 5.35 62.57 -24.11
CA PHE R 82 5.89 63.55 -23.19
C PHE R 82 6.98 64.41 -23.79
N PHE R 83 7.87 63.79 -24.54
CA PHE R 83 9.00 64.48 -25.08
C PHE R 83 8.62 65.02 -26.45
N ASP R 84 9.07 66.23 -26.75
CA ASP R 84 8.81 66.88 -28.02
C ASP R 84 9.71 66.31 -29.13
N PRO R 85 9.19 65.66 -30.18
CA PRO R 85 9.96 64.99 -31.21
C PRO R 85 10.83 65.96 -32.00
N LYS R 86 10.53 67.24 -31.95
CA LYS R 86 11.31 68.20 -32.70
C LYS R 86 12.54 68.61 -31.93
N ARG R 87 12.70 68.06 -30.74
CA ARG R 87 13.83 68.31 -29.90
C ARG R 87 14.70 67.05 -29.80
N CYS R 88 14.47 66.08 -30.68
CA CYS R 88 15.27 64.89 -30.68
C CYS R 88 16.22 64.86 -31.87
N VAL R 89 17.48 64.58 -31.62
CA VAL R 89 18.49 64.53 -32.68
C VAL R 89 19.00 63.13 -32.85
N MET R 90 18.83 62.57 -34.03
CA MET R 90 19.29 61.21 -34.26
C MET R 90 20.16 61.03 -35.45
N GLY R 91 21.23 60.31 -35.23
CA GLY R 91 22.13 59.91 -36.30
C GLY R 91 21.79 58.50 -36.73
N LEU R 92 22.64 57.91 -37.58
CA LEU R 92 22.40 56.56 -38.05
C LEU R 92 23.48 55.58 -37.64
N ALA R 93 24.74 56.02 -37.66
CA ALA R 93 25.85 55.09 -37.44
C ALA R 93 26.14 54.76 -35.98
N GLY R 94 25.69 55.55 -35.01
CA GLY R 94 26.09 55.25 -33.65
C GLY R 94 27.52 55.69 -33.48
N ASP R 95 28.25 55.10 -32.53
CA ASP R 95 29.60 55.55 -32.27
C ASP R 95 30.66 54.45 -32.18
N ALA R 96 30.31 53.19 -32.37
CA ALA R 96 31.27 52.07 -32.30
C ALA R 96 32.07 52.09 -31.00
N ASN R 97 31.49 52.67 -29.95
CA ASN R 97 32.08 52.88 -28.63
C ASN R 97 33.31 53.77 -28.64
N LEU R 98 33.52 54.57 -29.68
CA LEU R 98 34.69 55.42 -29.73
C LEU R 98 34.47 56.90 -29.50
N PHE R 99 35.31 57.47 -28.65
CA PHE R 99 35.37 58.90 -28.40
C PHE R 99 35.54 59.59 -29.73
N ALA R 100 36.41 59.04 -30.58
CA ALA R 100 36.69 59.66 -31.84
C ALA R 100 35.45 59.94 -32.67
N LYS R 101 34.43 59.08 -32.65
CA LYS R 101 33.29 59.40 -33.48
C LYS R 101 32.48 60.50 -32.86
N GLY R 102 32.31 60.44 -31.55
CA GLY R 102 31.51 61.45 -30.90
C GLY R 102 32.12 62.86 -30.98
N TYR R 103 33.44 62.97 -30.94
CA TYR R 103 34.07 64.29 -30.94
C TYR R 103 34.71 64.77 -32.25
N TYR R 104 35.20 63.87 -33.14
CA TYR R 104 35.90 64.35 -34.33
C TYR R 104 35.29 63.94 -35.67
N SER R 105 34.99 62.66 -35.87
CA SER R 105 34.60 62.23 -37.22
C SER R 105 33.14 62.12 -37.60
N TYR R 106 32.23 61.91 -36.65
CA TYR R 106 30.85 61.72 -37.03
C TYR R 106 29.97 62.74 -36.39
N GLY R 107 30.12 62.89 -35.08
CA GLY R 107 29.24 63.74 -34.31
C GLY R 107 29.33 65.21 -34.68
N THR R 108 30.38 65.58 -35.37
CA THR R 108 30.60 66.95 -35.76
C THR R 108 29.63 67.39 -36.83
N ARG R 109 29.11 66.46 -37.62
CA ARG R 109 28.22 66.84 -38.70
C ARG R 109 26.84 67.18 -38.17
N PHE R 110 26.58 66.90 -36.91
CA PHE R 110 25.30 67.17 -36.31
C PHE R 110 25.33 68.43 -35.50
N MET R 111 26.46 69.13 -35.45
CA MET R 111 26.46 70.27 -34.59
C MET R 111 25.58 71.41 -35.06
N GLU R 112 25.36 71.55 -36.36
CA GLU R 112 24.49 72.64 -36.76
C GLU R 112 23.08 72.36 -36.30
N GLU R 113 22.66 71.10 -36.43
CA GLU R 113 21.33 70.69 -36.03
C GLU R 113 21.14 70.83 -34.53
N ILE R 114 22.15 70.44 -33.77
CA ILE R 114 22.07 70.50 -32.33
C ILE R 114 22.03 71.92 -31.85
N MET R 115 22.90 72.79 -32.37
CA MET R 115 22.89 74.16 -31.89
C MET R 115 21.63 74.89 -32.33
N ASP R 116 21.05 74.49 -33.46
CA ASP R 116 19.82 75.11 -33.90
C ASP R 116 18.68 74.73 -32.96
N LYS R 117 18.62 73.47 -32.54
CA LYS R 117 17.58 73.08 -31.62
C LYS R 117 17.79 73.75 -30.28
N ILE R 118 19.03 73.89 -29.86
CA ILE R 118 19.26 74.53 -28.58
C ILE R 118 18.80 75.95 -28.67
N GLN R 119 19.14 76.69 -29.73
CA GLN R 119 18.66 78.06 -29.76
C GLN R 119 17.16 78.13 -29.75
N LYS R 120 16.47 77.23 -30.45
CA LYS R 120 15.02 77.31 -30.43
C LYS R 120 14.50 77.17 -29.01
N GLU R 121 15.16 76.36 -28.19
CA GLU R 121 14.76 76.16 -26.81
C GLU R 121 15.11 77.41 -25.97
N VAL R 122 16.27 78.00 -26.23
CA VAL R 122 16.75 79.20 -25.53
C VAL R 122 15.86 80.38 -25.81
N ASP R 123 15.41 80.50 -27.04
CA ASP R 123 14.56 81.60 -27.47
C ASP R 123 13.21 81.61 -26.78
N GLN R 124 12.83 80.54 -26.08
CA GLN R 124 11.54 80.54 -25.43
C GLN R 124 11.64 81.08 -24.02
N THR R 125 12.84 81.39 -23.55
CA THR R 125 13.00 81.82 -22.17
C THR R 125 13.69 83.17 -21.94
N GLU R 126 13.03 84.01 -21.13
CA GLU R 126 13.50 85.34 -20.78
C GLU R 126 14.71 85.35 -19.86
N HIS R 127 14.74 84.43 -18.92
CA HIS R 127 15.82 84.39 -17.95
C HIS R 127 16.39 83.02 -17.84
N LEU R 128 17.44 82.76 -18.61
CA LEU R 128 18.07 81.45 -18.62
C LEU R 128 19.19 81.45 -17.63
N GLN R 129 19.12 80.52 -16.71
CA GLN R 129 20.07 80.37 -15.63
C GLN R 129 21.25 79.55 -16.09
N GLY R 130 20.96 78.48 -16.82
CA GLY R 130 22.01 77.61 -17.25
C GLY R 130 21.56 76.34 -17.91
N PHE R 131 22.54 75.47 -18.15
CA PHE R 131 22.33 74.20 -18.79
C PHE R 131 22.82 73.04 -17.96
N ILE R 132 22.12 71.93 -18.06
CA ILE R 132 22.57 70.69 -17.45
C ILE R 132 22.74 69.65 -18.52
N VAL R 133 23.93 69.10 -18.63
CA VAL R 133 24.15 68.08 -19.64
C VAL R 133 24.35 66.76 -18.94
N VAL R 134 23.50 65.81 -19.26
CA VAL R 134 23.54 64.51 -18.64
C VAL R 134 24.16 63.52 -19.59
N HIS R 135 25.26 62.91 -19.19
CA HIS R 135 25.91 62.04 -20.14
C HIS R 135 26.75 60.97 -19.50
N SER R 136 26.94 59.91 -20.25
CA SER R 136 27.86 58.86 -19.90
C SER R 136 29.23 59.36 -20.21
N ILE R 137 30.29 58.90 -19.52
CA ILE R 137 31.68 59.26 -19.98
C ILE R 137 32.30 57.98 -20.52
N GLY R 138 31.48 56.95 -20.65
CA GLY R 138 31.88 55.62 -21.13
C GLY R 138 31.97 55.52 -22.63
N ASP R 139 30.82 55.41 -23.26
CA ASP R 139 30.62 55.27 -24.69
C ASP R 139 30.98 56.52 -25.44
N GLY R 140 31.27 56.36 -26.72
CA GLY R 140 31.67 57.46 -27.59
C GLY R 140 30.63 58.56 -27.76
N THR R 141 29.35 58.24 -27.82
CA THR R 141 28.42 59.33 -27.99
C THR R 141 28.44 60.21 -26.77
N GLY R 142 28.34 59.63 -25.58
CA GLY R 142 28.38 60.42 -24.36
C GLY R 142 29.72 61.10 -24.16
N ALA R 143 30.80 60.31 -24.19
CA ALA R 143 32.15 60.80 -23.96
C ALA R 143 32.60 61.83 -25.00
N GLY R 144 32.18 61.66 -26.24
CA GLY R 144 32.56 62.53 -27.33
C GLY R 144 31.64 63.73 -27.52
N LEU R 145 30.37 63.50 -27.82
CA LEU R 145 29.53 64.65 -28.04
C LEU R 145 29.28 65.49 -26.84
N ALA R 146 29.14 64.93 -25.65
CA ALA R 146 28.74 65.85 -24.61
C ALA R 146 29.71 67.01 -24.52
N PRO R 147 31.07 66.85 -24.47
CA PRO R 147 31.99 67.95 -24.52
C PRO R 147 31.96 68.75 -25.82
N LEU R 148 31.54 68.16 -26.94
CA LEU R 148 31.53 68.93 -28.18
C LEU R 148 30.41 69.96 -28.07
N ILE R 149 29.30 69.52 -27.49
CA ILE R 149 28.11 70.33 -27.29
C ILE R 149 28.40 71.38 -26.28
N MET R 150 29.04 71.01 -25.18
CA MET R 150 29.34 71.97 -24.14
C MET R 150 30.21 73.10 -24.68
N GLU R 151 31.24 72.78 -25.47
CA GLU R 151 32.07 73.85 -25.99
C GLU R 151 31.28 74.77 -26.90
N ALA R 152 30.41 74.21 -27.74
CA ALA R 152 29.65 75.04 -28.64
C ALA R 152 28.74 76.00 -27.89
N ILE R 153 28.18 75.55 -26.77
CA ILE R 153 27.33 76.40 -25.96
C ILE R 153 28.13 77.46 -25.23
N LYS R 154 29.24 77.09 -24.60
CA LYS R 154 29.99 78.09 -23.83
C LYS R 154 30.49 79.23 -24.71
N LYS R 155 30.73 78.93 -25.99
CA LYS R 155 31.28 79.97 -26.91
C LYS R 155 30.16 80.90 -27.37
N LYS R 156 28.90 80.52 -27.13
CA LYS R 156 27.76 81.31 -27.60
C LYS R 156 27.06 82.00 -26.44
N HIS R 157 27.04 81.35 -25.29
CA HIS R 157 26.35 81.85 -24.11
C HIS R 157 27.31 81.81 -22.91
N PRO R 158 28.41 82.59 -22.91
CA PRO R 158 29.51 82.54 -21.96
C PRO R 158 29.15 82.93 -20.53
N LYS R 159 28.02 83.59 -20.34
CA LYS R 159 27.61 84.05 -19.03
C LYS R 159 26.73 83.06 -18.27
N LEU R 160 26.39 81.95 -18.88
CA LEU R 160 25.54 80.96 -18.23
C LEU R 160 26.36 79.97 -17.46
N VAL R 161 25.77 79.35 -16.44
CA VAL R 161 26.49 78.32 -15.72
C VAL R 161 26.19 76.98 -16.34
N MET R 162 27.23 76.23 -16.62
CA MET R 162 27.03 74.91 -17.17
C MET R 162 27.41 73.81 -16.22
N MET R 163 26.49 72.91 -15.99
CA MET R 163 26.72 71.79 -15.12
C MET R 163 26.62 70.49 -15.88
N SER R 164 27.50 69.59 -15.60
CA SER R 164 27.40 68.29 -16.21
C SER R 164 27.16 67.24 -15.16
N TYR R 165 26.49 66.18 -15.57
CA TYR R 165 26.26 65.04 -14.71
C TYR R 165 26.92 63.89 -15.43
N SER R 166 28.14 63.58 -15.01
CA SER R 166 29.02 62.62 -15.64
C SER R 166 28.91 61.27 -15.00
N ILE R 167 28.50 60.27 -15.76
CA ILE R 167 28.30 58.98 -15.16
C ILE R 167 29.38 58.01 -15.56
N VAL R 168 30.12 57.52 -14.58
CA VAL R 168 31.23 56.62 -14.81
C VAL R 168 30.71 55.19 -14.81
N PRO R 169 30.86 54.44 -15.91
CA PRO R 169 30.42 53.08 -16.07
C PRO R 169 31.16 52.19 -15.14
N SER R 170 30.55 51.10 -14.80
CA SER R 170 31.14 50.07 -13.98
C SER R 170 32.22 49.26 -14.66
N GLN R 171 32.99 48.55 -13.84
CA GLN R 171 34.04 47.64 -14.27
C GLN R 171 33.53 46.22 -14.46
N ASN R 172 32.21 46.04 -14.31
CA ASN R 172 31.55 44.77 -14.46
C ASN R 172 30.33 44.86 -15.39
N MET R 173 29.14 45.20 -14.90
CA MET R 173 27.96 45.13 -15.74
C MET R 173 28.00 46.04 -16.96
N ASP R 174 28.67 47.18 -16.87
CA ASP R 174 28.74 48.12 -17.96
C ASP R 174 30.11 48.10 -18.62
N CYS R 175 30.94 47.12 -18.32
CA CYS R 175 32.30 47.25 -18.80
C CYS R 175 32.50 47.14 -20.30
N SER R 176 33.63 47.71 -20.69
CA SER R 176 34.17 47.75 -22.05
C SER R 176 35.68 47.69 -22.03
N THR R 177 36.22 47.07 -23.06
CA THR R 177 37.64 46.89 -23.23
C THR R 177 38.38 48.16 -23.55
N ILE R 178 37.65 49.21 -23.94
CA ILE R 178 38.27 50.49 -24.24
C ILE R 178 37.75 51.60 -23.34
N LEU R 179 37.13 51.23 -22.22
CA LEU R 179 36.63 52.22 -21.31
C LEU R 179 37.68 53.25 -20.89
N PRO R 180 38.91 52.88 -20.49
CA PRO R 180 39.92 53.81 -20.08
C PRO R 180 40.30 54.82 -21.15
N TYR R 181 40.10 54.53 -22.44
CA TYR R 181 40.48 55.55 -23.38
C TYR R 181 39.42 56.58 -23.44
N ASN R 182 38.18 56.16 -23.44
CA ASN R 182 37.17 57.17 -23.57
C ASN R 182 37.07 58.01 -22.31
N ALA R 183 37.30 57.39 -21.14
CA ALA R 183 37.19 58.15 -19.91
C ALA R 183 38.26 59.22 -19.79
N ILE R 184 39.50 58.93 -20.17
CA ILE R 184 40.54 59.93 -20.06
C ILE R 184 40.39 60.98 -21.13
N LEU R 185 40.08 60.56 -22.35
CA LEU R 185 39.96 61.51 -23.44
C LEU R 185 38.84 62.48 -23.18
N SER R 186 37.74 62.03 -22.57
CA SER R 186 36.65 62.94 -22.29
C SER R 186 36.83 63.75 -21.00
N LEU R 187 37.53 63.24 -19.97
CA LEU R 187 37.77 64.06 -18.78
C LEU R 187 38.61 65.24 -19.18
N ASP R 188 39.47 65.03 -20.15
CA ASP R 188 40.32 66.08 -20.65
C ASP R 188 39.52 67.24 -21.21
N LYS R 189 38.32 67.00 -21.73
CA LYS R 189 37.58 68.10 -22.31
C LYS R 189 36.65 68.66 -21.25
N LEU R 190 36.16 67.82 -20.35
CA LEU R 190 35.23 68.30 -19.32
C LEU R 190 35.93 69.29 -18.45
N THR R 191 37.24 69.10 -18.29
CA THR R 191 38.08 69.96 -17.52
C THR R 191 37.97 71.41 -17.96
N SER R 192 37.86 71.70 -19.27
CA SER R 192 37.72 73.09 -19.67
C SER R 192 36.27 73.49 -20.00
N CYS R 193 35.41 72.50 -20.25
CA CYS R 193 34.02 72.73 -20.64
C CYS R 193 33.04 73.13 -19.56
N ALA R 194 32.96 72.35 -18.48
CA ALA R 194 31.94 72.56 -17.46
C ALA R 194 32.38 73.51 -16.38
N ASP R 195 31.43 74.17 -15.73
CA ASP R 195 31.76 74.97 -14.57
C ASP R 195 31.63 74.10 -13.34
N ILE R 196 30.67 73.20 -13.38
CA ILE R 196 30.41 72.25 -12.30
C ILE R 196 30.33 70.86 -12.91
N SER R 197 31.03 69.87 -12.37
CA SER R 197 30.90 68.54 -12.95
C SER R 197 30.69 67.50 -11.88
N MET R 198 29.52 66.86 -11.91
CA MET R 198 29.22 65.89 -10.88
C MET R 198 29.70 64.54 -11.33
N ILE R 199 30.35 63.79 -10.46
CA ILE R 199 30.75 62.45 -10.82
C ILE R 199 30.00 61.41 -10.04
N ILE R 200 29.31 60.55 -10.75
CA ILE R 200 28.58 59.46 -10.13
C ILE R 200 29.20 58.16 -10.61
N ASP R 201 29.58 57.31 -9.68
CA ASP R 201 30.21 56.03 -10.03
C ASP R 201 29.24 54.83 -9.99
N ASN R 202 28.98 54.20 -11.13
CA ASN R 202 28.00 53.10 -11.12
C ASN R 202 28.42 51.93 -10.25
N ASP R 203 29.72 51.73 -10.00
CA ASP R 203 30.08 50.63 -9.13
C ASP R 203 29.68 50.87 -7.71
N SER R 204 29.60 52.15 -7.30
CA SER R 204 29.18 52.42 -5.96
C SER R 204 27.70 52.17 -5.91
N ILE R 205 27.00 52.52 -6.96
CA ILE R 205 25.57 52.29 -6.92
C ILE R 205 25.30 50.81 -6.84
N TYR R 206 26.01 50.00 -7.62
CA TYR R 206 25.71 48.59 -7.56
C TYR R 206 26.00 48.00 -6.17
N ARG R 207 27.12 48.36 -5.52
CA ARG R 207 27.35 47.75 -4.21
C ARG R 207 26.48 48.32 -3.11
N ILE R 208 26.08 49.58 -3.24
CA ILE R 208 25.25 50.19 -2.23
C ILE R 208 23.86 49.63 -2.27
N VAL R 209 23.29 49.51 -3.45
CA VAL R 209 21.96 48.97 -3.55
C VAL R 209 21.99 47.52 -3.14
N ALA R 210 22.99 46.75 -3.57
CA ALA R 210 23.06 45.36 -3.17
C ALA R 210 23.11 45.22 -1.66
N THR R 211 23.82 46.10 -0.97
CA THR R 211 23.88 46.06 0.48
C THR R 211 22.50 46.31 1.07
N GLN R 212 21.80 47.33 0.58
CA GLN R 212 20.47 47.66 1.11
C GLN R 212 19.48 46.56 0.82
N GLY R 213 19.68 45.89 -0.30
CA GLY R 213 18.85 44.82 -0.76
C GLY R 213 19.24 43.46 -0.22
N LYS R 214 20.17 43.38 0.72
CA LYS R 214 20.59 42.05 1.18
C LYS R 214 19.44 41.25 1.79
N GLU R 215 18.39 41.94 2.25
CA GLU R 215 17.23 41.36 2.87
C GLU R 215 16.07 41.07 1.89
N ASN R 216 16.20 41.43 0.61
CA ASN R 216 15.07 41.26 -0.30
C ASN R 216 15.47 41.08 -1.78
N GLU R 217 14.48 40.96 -2.65
CA GLU R 217 14.75 40.73 -4.07
C GLU R 217 14.82 42.01 -4.92
N LEU R 218 14.65 43.17 -4.31
CA LEU R 218 14.66 44.43 -5.02
C LEU R 218 13.78 44.41 -6.28
N SER R 219 14.29 45.02 -7.34
CA SER R 219 13.72 45.16 -8.67
C SER R 219 14.87 45.51 -9.57
N GLU R 220 14.87 45.07 -10.80
CA GLU R 220 15.99 45.45 -11.68
C GLU R 220 15.99 46.93 -12.02
N SER R 221 14.87 47.61 -11.82
CA SER R 221 14.77 49.03 -12.13
C SER R 221 15.44 49.90 -11.08
N ILE R 222 15.80 49.34 -9.94
CA ILE R 222 16.35 50.13 -8.85
C ILE R 222 17.65 50.82 -9.17
N PHE R 223 18.47 50.26 -10.03
CA PHE R 223 19.73 50.88 -10.28
C PHE R 223 19.56 52.19 -11.02
N ASP R 224 18.60 52.21 -11.95
CA ASP R 224 18.35 53.42 -12.72
C ASP R 224 17.58 54.42 -11.89
N GLN R 225 16.75 53.95 -10.98
CA GLN R 225 16.00 54.92 -10.18
C GLN R 225 16.97 55.65 -9.26
N VAL R 226 17.97 54.97 -8.72
CA VAL R 226 18.91 55.66 -7.84
C VAL R 226 19.73 56.68 -8.60
N LEU R 227 20.20 56.31 -9.78
CA LEU R 227 21.01 57.23 -10.55
C LEU R 227 20.20 58.47 -10.97
N ALA R 228 18.96 58.27 -11.42
CA ALA R 228 18.11 59.37 -11.82
C ALA R 228 17.74 60.26 -10.64
N LYS R 229 17.47 59.64 -9.50
CA LYS R 229 17.07 60.37 -8.32
C LYS R 229 18.17 61.27 -7.86
N ALA R 230 19.42 60.82 -7.91
CA ALA R 230 20.44 61.72 -7.44
C ALA R 230 20.40 63.02 -8.23
N LEU R 231 20.16 62.97 -9.54
CA LEU R 231 20.11 64.26 -10.23
C LEU R 231 18.92 65.08 -9.79
N VAL R 232 17.78 64.43 -9.56
CA VAL R 232 16.58 65.14 -9.17
C VAL R 232 16.78 65.87 -7.86
N GLU R 233 17.42 65.20 -6.90
CA GLU R 233 17.67 65.79 -5.60
C GLU R 233 18.70 66.93 -5.68
N ILE R 234 19.71 66.81 -6.54
CA ILE R 234 20.72 67.87 -6.67
C ILE R 234 20.00 69.13 -7.11
N THR R 235 19.07 68.97 -8.04
CA THR R 235 18.28 70.04 -8.60
C THR R 235 17.08 70.47 -7.76
N ALA R 236 16.82 69.86 -6.61
CA ALA R 236 15.62 70.25 -5.86
C ALA R 236 15.63 71.70 -5.46
N THR R 237 16.80 72.24 -5.15
CA THR R 237 16.89 73.60 -4.69
C THR R 237 16.74 74.59 -5.82
N LEU R 238 16.75 74.11 -7.05
CA LEU R 238 16.61 74.99 -8.18
C LEU R 238 15.15 75.04 -8.59
N ARG R 239 14.32 74.21 -7.94
CA ARG R 239 12.91 74.08 -8.29
C ARG R 239 11.99 74.55 -7.18
N PHE R 240 12.45 74.51 -5.96
CA PHE R 240 11.66 74.95 -4.82
C PHE R 240 12.29 76.17 -4.22
N ASN R 241 11.54 76.99 -3.50
CA ASN R 241 12.13 78.19 -2.94
C ASN R 241 12.88 77.90 -1.66
N SER R 242 14.03 77.28 -1.89
CA SER R 242 14.95 76.77 -0.90
C SER R 242 15.87 77.84 -0.36
N PRO R 243 16.42 77.73 0.88
CA PRO R 243 17.39 78.70 1.36
C PRO R 243 18.81 78.23 1.03
N LEU R 244 18.96 77.42 -0.02
CA LEU R 244 20.28 76.85 -0.37
C LEU R 244 20.37 76.62 -1.88
N ASN R 245 21.57 76.64 -2.45
CA ASN R 245 21.78 76.39 -3.88
C ASN R 245 20.64 77.00 -4.69
N ARG R 246 20.19 78.18 -4.27
CA ARG R 246 19.09 78.88 -4.91
C ARG R 246 19.23 78.94 -6.41
N SER R 247 20.45 79.02 -6.90
CA SER R 247 20.71 79.09 -8.32
C SER R 247 22.02 78.40 -8.65
N MET R 248 22.22 78.10 -9.93
CA MET R 248 23.42 77.44 -10.40
C MET R 248 24.65 78.28 -10.13
N MET R 249 24.49 79.59 -10.17
CA MET R 249 25.60 80.48 -9.89
C MET R 249 26.04 80.36 -8.46
N GLU R 250 25.10 80.09 -7.55
CA GLU R 250 25.43 79.96 -6.11
C GLU R 250 26.05 78.59 -5.86
N MET R 251 25.67 77.58 -6.65
CA MET R 251 26.33 76.30 -6.46
C MET R 251 27.78 76.42 -6.85
N SER R 252 28.03 77.16 -7.92
CA SER R 252 29.38 77.36 -8.38
C SER R 252 30.21 78.10 -7.34
N THR R 253 29.66 79.19 -6.79
CA THR R 253 30.44 79.99 -5.81
C THR R 253 30.65 79.22 -4.50
N ASN R 254 29.72 78.35 -4.10
CA ASN R 254 29.83 77.61 -2.87
C ASN R 254 30.79 76.45 -2.94
N LEU R 255 30.84 75.79 -4.09
CA LEU R 255 31.65 74.60 -4.24
C LEU R 255 32.97 74.65 -5.01
N VAL R 256 33.16 75.58 -5.95
CA VAL R 256 34.36 75.54 -6.78
C VAL R 256 35.33 76.72 -6.59
N PRO R 257 36.39 76.63 -5.76
CA PRO R 257 37.34 77.70 -5.49
C PRO R 257 38.33 78.03 -6.61
N PHE R 258 38.59 77.07 -7.49
CA PHE R 258 39.51 77.29 -8.59
C PHE R 258 38.86 76.75 -9.84
N PRO R 259 39.04 77.35 -11.02
CA PRO R 259 38.46 76.90 -12.27
C PRO R 259 38.63 75.41 -12.58
N ARG R 260 39.75 74.80 -12.20
CA ARG R 260 39.92 73.39 -12.50
C ARG R 260 39.36 72.46 -11.44
N ASN R 261 39.22 72.92 -10.21
CA ASN R 261 38.79 72.02 -9.16
C ASN R 261 37.29 71.99 -9.04
N HIS R 262 36.64 71.56 -10.10
CA HIS R 262 35.20 71.57 -10.14
C HIS R 262 34.54 70.20 -10.14
N PHE R 263 35.29 69.13 -9.90
CA PHE R 263 34.70 67.81 -9.94
C PHE R 263 34.16 67.46 -8.57
N LEU R 264 32.86 67.21 -8.49
CA LEU R 264 32.17 66.98 -7.23
C LEU R 264 31.61 65.59 -7.01
N MET R 265 31.58 65.20 -5.75
CA MET R 265 31.05 63.94 -5.30
C MET R 265 29.73 64.10 -4.59
N THR R 266 28.89 63.07 -4.59
CA THR R 266 27.65 63.19 -3.85
C THR R 266 27.41 62.04 -2.91
N SER R 267 26.49 62.28 -2.00
CA SER R 267 26.02 61.33 -1.01
C SER R 267 24.54 61.46 -0.84
N MET R 268 23.83 60.35 -0.78
CA MET R 268 22.38 60.43 -0.70
C MET R 268 21.74 59.46 0.27
N SER R 269 20.70 59.95 0.94
CA SER R 269 19.92 59.13 1.87
C SER R 269 18.46 59.56 1.80
N PRO R 270 17.53 58.62 1.74
CA PRO R 270 17.58 57.17 1.82
C PRO R 270 17.85 56.38 0.53
N LEU R 271 18.44 57.00 -0.47
CA LEU R 271 18.73 56.38 -1.79
C LEU R 271 17.48 56.19 -2.62
N GLU R 272 16.52 55.43 -2.11
CA GLU R 272 15.23 55.31 -2.76
C GLU R 272 14.15 54.99 -1.74
N THR R 273 12.97 55.54 -1.95
CA THR R 273 11.85 55.37 -1.06
C THR R 273 11.48 53.90 -0.90
N SER R 274 11.52 53.15 -1.99
CA SER R 274 11.18 51.74 -2.01
C SER R 274 12.23 50.87 -1.32
N LEU R 275 13.42 51.42 -1.09
CA LEU R 275 14.49 50.69 -0.34
C LEU R 275 14.21 50.85 1.16
N THR R 276 13.67 52.00 1.54
CA THR R 276 13.37 52.26 2.98
C THR R 276 11.85 52.34 3.17
N SER R 277 11.22 51.20 3.47
CA SER R 277 9.74 51.15 3.62
C SER R 277 9.36 50.85 5.06
N ALA R 278 8.07 50.66 5.34
CA ALA R 278 7.58 50.37 6.71
C ALA R 278 7.95 51.52 7.65
N HIS R 279 8.49 51.21 8.83
CA HIS R 279 8.82 52.26 9.83
C HIS R 279 10.11 52.97 9.43
N GLN R 280 9.99 54.16 8.86
CA GLN R 280 11.20 54.88 8.39
C GLN R 280 11.24 56.26 9.04
N LYS R 281 10.99 56.32 10.35
CA LYS R 281 11.10 57.62 11.05
C LYS R 281 12.59 57.93 11.15
N ILE R 282 13.17 58.47 10.08
CA ILE R 282 14.62 58.82 10.08
C ILE R 282 14.75 60.17 10.79
N GLU R 283 15.23 60.17 12.03
CA GLU R 283 15.35 61.42 12.81
C GLU R 283 16.43 62.31 12.19
N THR R 284 16.32 63.62 12.34
CA THR R 284 17.32 64.56 11.78
C THR R 284 18.72 64.05 12.13
N LYS R 285 18.90 63.44 13.29
CA LYS R 285 20.25 63.01 13.75
C LYS R 285 20.79 61.86 12.88
N GLU R 286 19.97 60.85 12.58
CA GLU R 286 20.50 59.73 11.83
C GLU R 286 20.70 60.15 10.40
N LEU R 287 19.83 60.99 9.86
CA LEU R 287 20.01 61.37 8.48
C LEU R 287 21.37 61.99 8.26
N MET R 288 21.80 62.88 9.14
CA MET R 288 23.11 63.45 8.88
C MET R 288 24.27 62.51 9.11
N GLN R 289 24.11 61.49 9.94
CA GLN R 289 25.21 60.55 10.06
C GLN R 289 25.24 59.67 8.81
N ASP R 290 24.07 59.34 8.27
CA ASP R 290 24.00 58.49 7.09
C ASP R 290 24.64 59.15 5.90
N LEU R 291 24.51 60.45 5.80
CA LEU R 291 25.06 61.16 4.65
C LEU R 291 26.58 61.21 4.58
N ILE R 292 27.30 60.84 5.65
CA ILE R 292 28.76 60.78 5.51
C ILE R 292 29.22 59.35 5.75
N ASP R 293 28.29 58.41 5.67
CA ASP R 293 28.57 57.00 5.82
C ASP R 293 29.08 56.43 4.52
N GLN R 294 29.89 55.39 4.58
CA GLN R 294 30.37 54.79 3.36
C GLN R 294 29.30 54.26 2.45
N ASP R 295 28.20 53.79 3.01
CA ASP R 295 27.21 53.16 2.17
C ASP R 295 26.27 54.13 1.52
N HIS R 296 26.47 55.41 1.71
CA HIS R 296 25.63 56.40 1.08
C HIS R 296 26.40 57.26 0.09
N ILE R 297 27.69 56.96 -0.11
CA ILE R 297 28.49 57.79 -1.00
C ILE R 297 28.58 57.16 -2.35
N LEU R 298 28.18 57.90 -3.39
CA LEU R 298 28.13 57.30 -4.72
C LEU R 298 29.45 57.49 -5.45
N ALA R 299 30.50 57.01 -4.81
CA ALA R 299 31.89 57.07 -5.27
C ALA R 299 32.70 56.14 -4.40
N PRO R 300 33.84 55.62 -4.82
CA PRO R 300 34.73 54.81 -4.01
C PRO R 300 35.56 55.70 -3.09
N ILE R 301 34.85 56.44 -2.26
CA ILE R 301 35.40 57.43 -1.36
C ILE R 301 34.95 57.30 0.08
N THR R 302 35.91 57.34 0.96
CA THR R 302 35.69 57.35 2.39
C THR R 302 35.97 58.80 2.78
N VAL R 303 35.07 59.47 3.49
CA VAL R 303 35.33 60.88 3.75
C VAL R 303 36.51 61.10 4.66
N GLU R 304 36.75 60.13 5.54
CA GLU R 304 37.83 60.13 6.49
C GLU R 304 39.20 60.04 5.83
N LYS R 305 39.26 59.62 4.57
CA LYS R 305 40.52 59.44 3.88
C LYS R 305 40.64 60.42 2.73
N GLY R 306 41.01 61.64 3.05
CA GLY R 306 41.08 62.70 2.07
C GLY R 306 40.71 64.02 2.72
N VAL R 307 40.74 65.09 1.95
CA VAL R 307 40.49 66.43 2.47
C VAL R 307 39.40 67.17 1.73
N PHE R 308 38.52 67.82 2.49
CA PHE R 308 37.45 68.61 1.95
C PHE R 308 37.89 70.00 1.62
N THR R 309 37.35 70.53 0.55
CA THR R 309 37.57 71.91 0.17
C THR R 309 36.26 72.66 0.33
N ALA R 310 35.17 71.96 0.13
CA ALA R 310 33.84 72.55 0.26
C ALA R 310 32.83 71.48 0.61
N PHE R 311 31.80 71.81 1.37
CA PHE R 311 30.82 70.79 1.71
C PHE R 311 29.44 71.36 1.99
N VAL R 312 28.47 71.00 1.15
CA VAL R 312 27.12 71.50 1.31
C VAL R 312 26.11 70.38 1.50
N ILE R 313 25.35 70.47 2.58
CA ILE R 313 24.33 69.47 2.89
C ILE R 313 22.92 70.02 2.68
N ALA R 314 22.20 69.46 1.72
CA ALA R 314 20.86 69.93 1.43
C ALA R 314 19.84 68.91 1.87
N LEU R 315 19.04 69.28 2.85
CA LEU R 315 18.07 68.38 3.41
C LEU R 315 16.68 68.77 2.98
N ARG R 316 15.74 67.88 3.11
CA ARG R 316 14.36 68.19 2.80
C ARG R 316 13.51 67.78 4.00
N GLY R 317 12.52 68.58 4.33
CA GLY R 317 11.60 68.30 5.43
C GLY R 317 12.04 69.05 6.67
N GLU R 318 11.28 68.94 7.75
CA GLU R 318 11.71 69.67 8.93
C GLU R 318 12.98 69.05 9.46
N ASN R 319 13.94 69.91 9.67
CA ASN R 319 15.27 69.61 10.15
C ASN R 319 15.74 70.73 11.05
N PRO R 320 15.42 70.73 12.34
CA PRO R 320 15.70 71.81 13.25
C PRO R 320 17.16 72.19 13.17
N HIS R 321 17.43 73.47 13.18
CA HIS R 321 18.81 73.90 13.00
C HIS R 321 19.71 73.57 14.14
N SER R 322 19.18 73.45 15.35
CA SER R 322 20.02 73.12 16.49
C SER R 322 20.52 71.70 16.39
N ILE R 323 19.82 70.86 15.63
CA ILE R 323 20.25 69.50 15.49
C ILE R 323 21.27 69.49 14.42
N LEU R 324 21.04 70.24 13.36
CA LEU R 324 21.99 70.21 12.28
C LEU R 324 23.33 70.70 12.78
N GLN R 325 23.35 71.69 13.66
CA GLN R 325 24.61 72.18 14.16
C GLN R 325 25.29 71.19 15.07
N ASN R 326 24.55 70.45 15.89
CA ASN R 326 25.24 69.48 16.72
C ASN R 326 25.75 68.33 15.88
N SER R 327 25.03 67.97 14.82
CA SER R 327 25.49 66.90 13.94
C SER R 327 26.77 67.28 13.25
N ILE R 328 26.88 68.54 12.81
CA ILE R 328 28.10 68.98 12.17
C ILE R 328 29.25 69.00 13.15
N LYS R 329 29.04 69.54 14.33
CA LYS R 329 30.14 69.58 15.29
C LYS R 329 30.62 68.18 15.60
N GLY R 330 29.68 67.24 15.64
CA GLY R 330 29.89 65.84 15.94
C GLY R 330 30.61 65.08 14.83
N PHE R 331 30.88 65.73 13.69
CA PHE R 331 31.61 65.09 12.63
C PHE R 331 33.04 64.93 13.09
N GLY R 332 33.52 65.78 14.00
CA GLY R 332 34.87 65.64 14.51
C GLY R 332 35.89 65.76 13.41
N ASP R 333 36.81 64.81 13.35
CA ASP R 333 37.85 64.78 12.36
C ASP R 333 37.55 63.86 11.21
N ARG R 334 36.28 63.44 11.08
CA ARG R 334 35.90 62.62 9.96
C ARG R 334 35.78 63.52 8.75
N VAL R 335 35.39 64.77 9.01
CA VAL R 335 35.26 65.76 7.98
C VAL R 335 36.30 66.82 8.22
N LYS R 336 37.36 66.78 7.46
CA LYS R 336 38.46 67.70 7.68
C LYS R 336 38.85 68.44 6.42
N PHE R 337 39.24 69.71 6.60
CA PHE R 337 39.61 70.57 5.46
C PHE R 337 41.08 70.97 5.60
N SER R 338 41.54 71.90 4.78
CA SER R 338 42.95 72.38 4.88
C SER R 338 43.06 73.36 6.05
N GLU R 339 44.29 73.74 6.42
CA GLU R 339 44.49 74.72 7.51
C GLU R 339 44.28 76.12 6.93
N ILE R 340 44.10 76.22 5.62
CA ILE R 340 43.85 77.54 4.97
C ILE R 340 42.33 77.71 4.81
N PHE R 341 41.52 76.83 5.40
CA PHE R 341 40.09 77.04 5.32
C PHE R 341 39.46 76.87 6.68
N PRO R 342 38.36 77.57 6.97
CA PRO R 342 37.52 77.33 8.09
C PRO R 342 36.77 76.08 7.73
N THR R 343 36.21 75.37 8.69
CA THR R 343 35.42 74.20 8.35
C THR R 343 34.06 74.63 7.84
N ALA R 344 34.06 75.07 6.60
CA ALA R 344 32.93 75.65 5.95
C ALA R 344 31.93 74.63 5.48
N ILE R 345 31.21 74.07 6.45
CA ILE R 345 30.20 73.08 6.19
C ILE R 345 28.86 73.77 6.31
N LYS R 346 28.09 73.81 5.22
CA LYS R 346 26.81 74.57 5.23
C LYS R 346 25.62 73.61 5.10
N ALA R 347 24.63 73.75 5.99
CA ALA R 347 23.49 72.85 5.94
C ALA R 347 22.20 73.56 6.24
N ASP R 348 21.15 73.16 5.55
CA ASP R 348 19.78 73.67 5.78
C ASP R 348 18.79 72.77 5.08
N SER R 349 17.49 73.07 5.18
CA SER R 349 16.49 72.23 4.50
C SER R 349 15.40 72.94 3.72
N THR R 350 14.88 72.23 2.73
CA THR R 350 13.79 72.66 1.86
C THR R 350 12.58 71.76 1.86
N THR R 351 11.64 72.05 0.98
CA THR R 351 10.35 71.36 0.85
C THR R 351 10.35 69.90 0.41
N LEU R 352 9.57 69.11 1.16
CA LEU R 352 9.39 67.67 0.82
C LEU R 352 8.09 67.46 0.05
N THR R 353 8.13 66.67 -1.00
CA THR R 353 7.08 66.34 -1.90
C THR R 353 6.62 64.88 -1.87
N ASP R 354 7.48 64.02 -1.31
CA ASP R 354 7.26 62.58 -1.26
C ASP R 354 6.56 62.20 0.03
N GLU R 355 5.29 61.83 -0.06
CA GLU R 355 4.45 61.57 1.08
C GLU R 355 4.86 60.35 1.90
N LYS R 356 5.77 59.54 1.39
CA LYS R 356 6.21 58.37 2.12
C LYS R 356 7.43 58.61 3.00
N LEU R 357 8.07 59.77 2.89
CA LEU R 357 9.27 60.00 3.69
C LEU R 357 9.16 61.14 4.63
N ALA R 358 9.56 60.90 5.86
CA ALA R 358 9.58 61.95 6.87
C ALA R 358 10.56 63.06 6.52
N ARG R 359 11.68 62.70 5.94
CA ARG R 359 12.73 63.63 5.54
C ARG R 359 13.72 62.93 4.66
N SER R 360 14.57 63.70 4.01
CA SER R 360 15.61 63.13 3.15
C SER R 360 16.72 64.11 2.92
N GLY R 361 17.80 63.68 2.26
CA GLY R 361 18.82 64.65 1.91
C GLY R 361 19.93 64.15 0.98
N ILE R 362 20.69 65.12 0.49
CA ILE R 362 21.80 64.90 -0.42
C ILE R 362 22.93 65.85 -0.13
N THR R 363 24.16 65.42 -0.35
CA THR R 363 25.23 66.37 -0.17
C THR R 363 26.04 66.52 -1.42
N LEU R 364 26.71 67.67 -1.53
CA LEU R 364 27.63 67.97 -2.61
C LEU R 364 28.99 68.20 -1.99
N MET R 365 29.97 67.43 -2.41
CA MET R 365 31.28 67.54 -1.81
C MET R 365 32.40 67.83 -2.76
N ASN R 366 33.27 68.73 -2.37
CA ASN R 366 34.45 68.98 -3.17
C ASN R 366 35.53 68.38 -2.30
N HIS R 367 35.99 67.19 -2.68
CA HIS R 367 36.86 66.37 -1.86
C HIS R 367 37.95 65.74 -2.70
N SER R 368 39.16 65.69 -2.16
CA SER R 368 40.34 65.19 -2.84
C SER R 368 40.27 63.75 -3.27
N GLY R 369 39.34 62.97 -2.73
CA GLY R 369 39.18 61.57 -3.06
C GLY R 369 38.82 61.37 -4.53
N VAL R 370 38.38 62.41 -5.22
CA VAL R 370 38.09 62.25 -6.64
C VAL R 370 39.33 61.87 -7.40
N ALA R 371 40.49 62.32 -6.92
CA ALA R 371 41.74 62.07 -7.54
C ALA R 371 42.03 60.58 -7.61
N ASN R 372 41.46 59.80 -6.71
CA ASN R 372 41.72 58.38 -6.70
C ASN R 372 41.01 57.68 -7.84
N LEU R 373 39.86 58.21 -8.26
CA LEU R 373 39.13 57.61 -9.36
C LEU R 373 39.84 57.95 -10.62
N PHE R 374 40.33 59.18 -10.69
CA PHE R 374 41.03 59.60 -11.87
C PHE R 374 42.30 58.78 -12.00
N GLN R 375 43.03 58.56 -10.89
CA GLN R 375 44.25 57.78 -11.02
C GLN R 375 43.97 56.35 -11.40
N PHE R 376 42.89 55.78 -10.89
CA PHE R 376 42.57 54.42 -11.25
C PHE R 376 42.40 54.28 -12.75
N LEU R 377 41.59 55.17 -13.32
CA LEU R 377 41.33 55.13 -14.75
C LEU R 377 42.57 55.49 -15.55
N LEU R 378 43.39 56.40 -15.05
CA LEU R 378 44.58 56.80 -15.75
C LEU R 378 45.58 55.66 -15.81
N THR R 379 45.72 54.89 -14.72
CA THR R 379 46.64 53.77 -14.77
C THR R 379 46.20 52.79 -15.85
N GLN R 380 44.89 52.50 -15.93
CA GLN R 380 44.44 51.56 -16.94
C GLN R 380 44.72 52.09 -18.34
N PHE R 381 44.54 53.40 -18.53
CA PHE R 381 44.82 54.07 -19.80
C PHE R 381 46.25 53.84 -20.19
N GLU R 382 47.17 54.07 -19.26
CA GLU R 382 48.58 53.94 -19.56
C GLU R 382 48.97 52.51 -19.93
N LEU R 383 48.41 51.51 -19.26
CA LEU R 383 48.80 50.15 -19.62
C LEU R 383 48.40 49.84 -21.06
N MET R 384 47.23 50.30 -21.46
CA MET R 384 46.80 50.05 -22.82
C MET R 384 47.54 50.91 -23.83
N TYR R 385 47.68 52.19 -23.52
CA TYR R 385 48.26 53.12 -24.47
C TYR R 385 49.68 52.78 -24.79
N ASP R 386 50.47 52.45 -23.77
CA ASP R 386 51.88 52.19 -23.94
C ASP R 386 52.17 50.95 -24.78
N HIS R 387 51.17 50.10 -25.00
CA HIS R 387 51.36 48.92 -25.81
C HIS R 387 50.41 48.94 -27.01
N ASP R 388 49.89 50.13 -27.36
CA ASP R 388 48.99 50.38 -28.48
C ASP R 388 47.74 49.52 -28.53
N ALA R 389 47.14 49.16 -27.40
CA ALA R 389 45.97 48.32 -27.55
C ALA R 389 44.82 49.13 -28.09
N PHE R 390 44.18 48.65 -29.15
CA PHE R 390 43.01 49.30 -29.72
C PHE R 390 43.21 50.73 -30.14
N THR R 391 44.44 51.16 -30.47
CA THR R 391 44.58 52.55 -30.85
C THR R 391 44.31 52.77 -32.31
N THR R 392 44.36 51.70 -33.10
CA THR R 392 44.13 51.83 -34.52
C THR R 392 42.73 52.32 -34.78
N TRP R 393 41.79 51.95 -33.94
CA TRP R 393 40.42 52.31 -34.16
C TRP R 393 40.19 53.80 -33.99
N TYR R 394 41.04 54.48 -33.23
CA TYR R 394 40.87 55.90 -33.02
C TYR R 394 41.68 56.66 -34.07
N TYR R 395 42.82 56.10 -34.46
CA TYR R 395 43.69 56.76 -35.42
C TYR R 395 43.03 56.79 -36.77
N GLN R 396 42.23 55.77 -37.06
CA GLN R 396 41.51 55.64 -38.31
C GLN R 396 40.46 56.71 -38.49
N GLU R 397 40.07 57.39 -37.41
CA GLU R 397 39.05 58.41 -37.51
C GLU R 397 39.59 59.80 -37.16
N GLY R 398 40.91 59.98 -37.26
CA GLY R 398 41.52 61.28 -37.05
C GLY R 398 42.21 61.57 -35.72
N MET R 399 42.28 60.63 -34.79
CA MET R 399 42.97 60.99 -33.58
C MET R 399 44.47 60.84 -33.62
N GLN R 400 45.12 61.84 -34.15
CA GLN R 400 46.57 61.83 -34.29
C GLN R 400 47.08 61.48 -32.87
N PRO R 401 48.10 60.62 -32.71
CA PRO R 401 48.64 60.15 -31.42
C PRO R 401 48.92 61.20 -30.35
N SER R 402 49.33 62.42 -30.72
CA SER R 402 49.64 63.42 -29.70
C SER R 402 48.40 63.84 -28.93
N GLU R 403 47.22 63.52 -29.46
CA GLU R 403 45.94 63.84 -28.86
C GLU R 403 45.78 63.00 -27.58
N PHE R 404 46.29 61.77 -27.60
CA PHE R 404 46.20 60.87 -26.47
C PHE R 404 47.20 61.30 -25.44
N GLU R 405 48.37 61.70 -25.91
CA GLU R 405 49.42 62.13 -25.01
C GLU R 405 49.01 63.39 -24.26
N ALA R 406 48.34 64.31 -24.95
CA ALA R 406 47.89 65.50 -24.27
C ALA R 406 46.90 65.19 -23.17
N ALA R 407 45.95 64.27 -23.44
CA ALA R 407 44.99 63.94 -22.41
C ALA R 407 45.65 63.30 -21.21
N LYS R 408 46.65 62.46 -21.47
CA LYS R 408 47.38 61.79 -20.41
C LYS R 408 48.02 62.80 -19.50
N ASN R 409 48.67 63.80 -20.07
CA ASN R 409 49.33 64.78 -19.25
C ASN R 409 48.37 65.67 -18.49
N ASN R 410 47.28 66.09 -19.13
CA ASN R 410 46.29 66.97 -18.45
C ASN R 410 45.73 66.25 -17.22
N ILE R 411 45.37 64.97 -17.33
CA ILE R 411 44.76 64.30 -16.21
C ILE R 411 45.81 64.09 -15.13
N GLN R 412 47.05 63.74 -15.48
CA GLN R 412 48.00 63.55 -14.39
C GLN R 412 48.16 64.87 -13.61
N LYS R 413 48.13 66.02 -14.32
CA LYS R 413 48.21 67.30 -13.64
C LYS R 413 47.02 67.54 -12.75
N LEU R 414 45.82 67.15 -13.20
CA LEU R 414 44.61 67.35 -12.42
C LEU R 414 44.66 66.53 -11.13
N ILE R 415 45.16 65.30 -11.22
CA ILE R 415 45.29 64.43 -10.07
C ILE R 415 46.25 65.04 -9.08
N THR R 416 47.37 65.53 -9.60
CA THR R 416 48.39 66.14 -8.79
C THR R 416 47.83 67.32 -8.02
N GLU R 417 47.04 68.16 -8.68
CA GLU R 417 46.45 69.32 -8.04
C GLU R 417 45.43 68.96 -6.96
N TYR R 418 44.60 67.94 -7.18
CA TYR R 418 43.63 67.59 -6.15
C TYR R 418 44.28 67.01 -4.92
N LYS R 419 45.42 66.37 -5.08
CA LYS R 419 46.10 65.78 -3.95
C LYS R 419 47.04 66.73 -3.21
N GLN R 420 47.10 68.00 -3.63
CA GLN R 420 48.05 68.95 -3.01
C GLN R 420 47.87 68.95 -1.49
N ASP R 421 46.62 69.02 -1.00
CA ASP R 421 46.38 69.14 0.45
C ASP R 421 46.66 67.82 1.17
N GLU R 422 46.64 66.70 0.45
CA GLU R 422 46.96 65.38 1.06
C GLU R 422 48.39 65.44 1.62
N TYR R 423 49.34 65.95 0.84
CA TYR R 423 50.75 66.06 1.30
C TYR R 423 50.83 67.16 2.37
N ALA S 2 -39.78 52.88 -26.45
CA ALA S 2 -39.51 53.86 -27.49
C ALA S 2 -38.35 53.42 -28.38
N GLY S 3 -37.16 53.10 -27.82
CA GLY S 3 -35.96 52.72 -28.58
C GLY S 3 -36.02 51.29 -29.09
N GLU S 4 -37.05 51.00 -29.87
CA GLU S 4 -37.33 49.67 -30.38
C GLU S 4 -36.37 49.32 -31.50
N ILE S 5 -35.91 48.08 -31.52
CA ILE S 5 -34.93 47.68 -32.53
C ILE S 5 -35.42 46.67 -33.52
N VAL S 6 -35.17 46.94 -34.80
CA VAL S 6 -35.52 45.97 -35.83
C VAL S 6 -34.26 45.37 -36.39
N CYS S 7 -34.13 44.05 -36.29
CA CYS S 7 -32.93 43.42 -36.80
C CYS S 7 -33.17 42.90 -38.20
N ILE S 8 -32.16 42.94 -39.05
CA ILE S 8 -32.26 42.40 -40.38
C ILE S 8 -31.14 41.39 -40.52
N GLN S 9 -31.46 40.19 -40.90
CA GLN S 9 -30.48 39.12 -41.00
C GLN S 9 -30.33 38.72 -42.44
N VAL S 10 -29.17 38.89 -43.05
CA VAL S 10 -29.12 38.56 -44.47
C VAL S 10 -28.06 37.52 -44.80
N GLY S 11 -28.49 36.44 -45.42
CA GLY S 11 -27.60 35.37 -45.85
C GLY S 11 -27.34 34.34 -44.77
N GLN S 12 -26.63 33.27 -45.13
CA GLN S 12 -26.40 32.19 -44.19
C GLN S 12 -25.62 32.57 -42.96
N ALA S 13 -24.56 33.35 -43.11
CA ALA S 13 -23.78 33.71 -41.94
C ALA S 13 -24.61 34.63 -41.08
N GLY S 14 -25.36 35.49 -41.74
CA GLY S 14 -26.16 36.48 -41.05
C GLY S 14 -27.17 35.80 -40.16
N ASN S 15 -27.80 34.76 -40.70
CA ASN S 15 -28.81 34.06 -39.97
C ASN S 15 -28.24 33.21 -38.85
N GLN S 16 -27.06 32.62 -39.05
CA GLN S 16 -26.51 31.82 -37.98
C GLN S 16 -26.00 32.64 -36.82
N ILE S 17 -25.43 33.80 -37.12
CA ILE S 17 -24.91 34.65 -36.07
C ILE S 17 -26.05 35.26 -35.31
N ALA S 18 -27.03 35.78 -36.04
CA ALA S 18 -28.17 36.36 -35.39
C ALA S 18 -28.93 35.33 -34.60
N GLY S 19 -28.96 34.10 -35.09
CA GLY S 19 -29.64 33.04 -34.40
C GLY S 19 -29.04 32.86 -33.02
N ALA S 20 -27.70 32.78 -32.95
CA ALA S 20 -27.04 32.61 -31.67
C ALA S 20 -27.36 33.78 -30.75
N PHE S 21 -27.42 34.98 -31.31
CA PHE S 21 -27.79 36.15 -30.52
C PHE S 21 -29.15 36.01 -29.93
N TRP S 22 -30.14 35.68 -30.75
CA TRP S 22 -31.49 35.63 -30.26
C TRP S 22 -31.66 34.60 -29.17
N GLN S 23 -30.99 33.47 -29.30
CA GLN S 23 -31.11 32.45 -28.29
C GLN S 23 -30.41 32.87 -26.99
N LYS S 24 -29.38 33.71 -27.05
CA LYS S 24 -28.76 34.16 -25.80
C LYS S 24 -29.63 35.25 -25.14
N ILE S 25 -30.27 36.09 -25.95
CA ILE S 25 -31.14 37.14 -25.43
C ILE S 25 -32.29 36.52 -24.68
N CYS S 26 -32.83 35.44 -25.22
CA CYS S 26 -33.92 34.72 -24.62
C CYS S 26 -33.51 34.04 -23.32
N ALA S 27 -32.22 33.91 -23.06
CA ALA S 27 -31.85 33.28 -21.82
C ALA S 27 -31.81 34.35 -20.74
N GLU S 28 -31.30 35.52 -21.09
CA GLU S 28 -31.15 36.60 -20.08
C GLU S 28 -32.52 37.13 -19.69
N HIS S 29 -33.47 37.21 -20.64
CA HIS S 29 -34.78 37.82 -20.34
C HIS S 29 -35.71 36.77 -19.69
N GLY S 30 -35.46 35.49 -19.96
CA GLY S 30 -36.28 34.42 -19.39
C GLY S 30 -37.39 34.00 -20.34
N ILE S 31 -37.03 33.62 -21.57
CA ILE S 31 -38.03 33.21 -22.60
C ILE S 31 -37.61 31.84 -23.13
N ASP S 32 -38.53 30.97 -23.54
CA ASP S 32 -38.09 29.70 -24.10
C ASP S 32 -37.47 29.90 -25.49
N PRO S 33 -36.15 29.64 -25.71
CA PRO S 33 -35.43 29.84 -26.94
C PRO S 33 -35.98 29.08 -28.13
N VAL S 34 -36.79 28.05 -27.90
CA VAL S 34 -37.34 27.30 -29.03
C VAL S 34 -38.82 27.45 -29.22
N ASN S 35 -39.47 28.25 -28.39
CA ASN S 35 -40.93 28.46 -28.49
C ASN S 35 -41.33 29.93 -28.48
N GLY S 36 -40.59 30.74 -27.73
CA GLY S 36 -40.92 32.14 -27.53
C GLY S 36 -41.86 32.31 -26.34
N LYS S 37 -42.29 31.18 -25.78
CA LYS S 37 -43.32 31.26 -24.72
C LYS S 37 -42.65 31.52 -23.37
N ALA S 38 -43.23 32.44 -22.59
CA ALA S 38 -42.72 32.74 -21.27
C ALA S 38 -43.81 33.15 -20.35
N ILE S 39 -43.62 32.91 -19.06
CA ILE S 39 -44.59 33.36 -18.09
C ILE S 39 -44.02 34.56 -17.35
N ASP S 40 -42.83 34.40 -16.81
CA ASP S 40 -42.18 35.43 -16.03
C ASP S 40 -40.89 35.87 -16.67
N VAL S 41 -40.85 37.10 -17.12
CA VAL S 41 -39.67 37.62 -17.80
C VAL S 41 -39.17 38.83 -17.06
N VAL S 42 -37.94 39.19 -17.33
CA VAL S 42 -37.34 40.35 -16.70
C VAL S 42 -36.77 41.25 -17.76
N GLY S 43 -36.52 42.50 -17.42
CA GLY S 43 -35.90 43.44 -18.33
C GLY S 43 -36.94 44.07 -19.21
N ASP S 44 -36.52 44.96 -20.10
CA ASP S 44 -37.43 45.63 -21.00
C ASP S 44 -37.50 44.83 -22.29
N THR S 45 -38.41 43.86 -22.33
CA THR S 45 -38.47 42.92 -23.45
C THR S 45 -39.05 43.53 -24.68
N ASP S 46 -39.68 44.68 -24.53
CA ASP S 46 -40.31 45.36 -25.64
C ASP S 46 -39.29 45.92 -26.62
N ILE S 47 -38.05 46.06 -26.22
CA ILE S 47 -37.09 46.60 -27.17
C ILE S 47 -36.85 45.66 -28.34
N PHE S 48 -36.72 44.37 -28.06
CA PHE S 48 -36.49 43.40 -29.12
C PHE S 48 -37.66 42.45 -29.44
N PHE S 49 -38.66 42.32 -28.57
CA PHE S 49 -39.71 41.36 -28.86
C PHE S 49 -41.09 41.97 -28.94
N ASN S 50 -41.89 41.45 -29.85
CA ASN S 50 -43.29 41.83 -29.98
C ASN S 50 -44.10 40.85 -29.16
N THR S 51 -44.67 41.26 -28.05
CA THR S 51 -45.33 40.26 -27.24
C THR S 51 -46.81 40.18 -27.55
N ILE S 52 -47.24 38.98 -27.91
CA ILE S 52 -48.63 38.67 -28.18
C ILE S 52 -49.06 37.54 -27.28
N GLY S 53 -50.01 37.78 -26.39
CA GLY S 53 -50.37 36.73 -25.45
C GLY S 53 -49.14 36.46 -24.59
N ASP S 54 -48.74 35.19 -24.48
CA ASP S 54 -47.58 34.84 -23.70
C ASP S 54 -46.38 34.48 -24.59
N LYS S 55 -46.45 34.84 -25.87
CA LYS S 55 -45.36 34.58 -26.80
C LYS S 55 -44.60 35.84 -27.15
N TYR S 56 -43.29 35.74 -27.01
CA TYR S 56 -42.39 36.84 -27.30
C TYR S 56 -41.79 36.62 -28.66
N ILE S 57 -42.15 37.46 -29.60
CA ILE S 57 -41.73 37.28 -30.97
C ILE S 57 -40.60 38.21 -31.32
N PRO S 58 -39.39 37.74 -31.62
CA PRO S 58 -38.28 38.58 -31.85
C PRO S 58 -38.58 39.39 -33.07
N ARG S 59 -38.24 40.68 -33.03
CA ARG S 59 -38.44 41.58 -34.18
C ARG S 59 -37.23 41.47 -35.11
N ALA S 60 -37.36 40.69 -36.19
CA ALA S 60 -36.30 40.48 -37.11
C ALA S 60 -36.88 40.22 -38.47
N VAL S 61 -36.14 40.61 -39.48
CA VAL S 61 -36.49 40.34 -40.84
C VAL S 61 -35.47 39.33 -41.32
N VAL S 62 -35.92 38.18 -41.75
CA VAL S 62 -34.97 37.15 -42.13
C VAL S 62 -34.91 37.04 -43.63
N VAL S 63 -33.76 37.29 -44.19
CA VAL S 63 -33.64 37.38 -45.62
C VAL S 63 -32.65 36.46 -46.29
N ASP S 64 -33.11 35.80 -47.34
CA ASP S 64 -32.19 35.00 -48.11
C ASP S 64 -32.58 35.01 -49.58
N LEU S 65 -31.80 34.34 -50.42
CA LEU S 65 -32.11 34.19 -51.84
C LEU S 65 -32.31 32.70 -52.04
N GLU S 66 -31.97 31.96 -50.99
CA GLU S 66 -32.06 30.51 -50.92
C GLU S 66 -33.53 30.05 -51.04
N PRO S 67 -33.84 29.05 -51.88
CA PRO S 67 -35.16 28.46 -52.09
C PRO S 67 -35.92 27.89 -50.89
N ALA S 68 -35.25 27.49 -49.80
CA ALA S 68 -36.01 26.91 -48.68
C ALA S 68 -35.55 27.43 -47.33
N VAL S 69 -35.48 28.73 -47.22
CA VAL S 69 -35.04 29.35 -45.98
C VAL S 69 -35.96 29.09 -44.80
N VAL S 70 -37.27 28.94 -44.99
CA VAL S 70 -38.12 28.76 -43.81
C VAL S 70 -37.89 27.42 -43.15
N GLU S 71 -37.85 26.36 -43.92
CA GLU S 71 -37.65 25.03 -43.39
C GLU S 71 -36.31 24.92 -42.69
N ASN S 72 -35.31 25.62 -43.24
CA ASN S 72 -33.97 25.61 -42.69
C ASN S 72 -33.89 26.29 -41.33
N ILE S 73 -34.88 27.08 -41.00
CA ILE S 73 -34.93 27.78 -39.74
C ILE S 73 -35.68 26.95 -38.76
N ARG S 74 -36.84 26.42 -39.16
CA ARG S 74 -37.64 25.55 -38.25
C ARG S 74 -36.76 24.45 -37.69
N GLU S 75 -35.89 23.86 -38.52
CA GLU S 75 -35.06 22.76 -38.07
C GLU S 75 -34.06 23.13 -36.98
N LYS S 76 -33.66 24.40 -36.88
CA LYS S 76 -32.68 24.74 -35.87
C LYS S 76 -33.23 25.64 -34.75
N PHE S 77 -34.17 26.52 -35.08
CA PHE S 77 -34.69 27.48 -34.13
C PHE S 77 -36.13 27.24 -33.69
N GLY S 78 -36.70 26.10 -34.03
CA GLY S 78 -38.05 25.80 -33.58
C GLY S 78 -39.05 26.78 -34.12
N THR S 79 -39.83 27.35 -33.22
CA THR S 79 -40.85 28.30 -33.61
C THR S 79 -40.59 29.67 -33.05
N LEU S 80 -39.32 29.95 -32.71
CA LEU S 80 -38.98 31.23 -32.15
C LEU S 80 -39.25 32.37 -33.13
N PHE S 81 -39.01 32.15 -34.42
CA PHE S 81 -39.20 33.21 -35.40
C PHE S 81 -40.55 33.06 -36.08
N ASP S 82 -41.21 34.19 -36.32
CA ASP S 82 -42.51 34.22 -36.99
C ASP S 82 -42.31 34.06 -38.51
N PRO S 83 -42.81 32.99 -39.16
CA PRO S 83 -42.66 32.68 -40.57
C PRO S 83 -43.06 33.81 -41.50
N LYS S 84 -43.92 34.72 -41.05
CA LYS S 84 -44.36 35.81 -41.91
C LYS S 84 -43.23 36.79 -42.19
N SER S 85 -42.20 36.76 -41.34
CA SER S 85 -41.06 37.64 -41.42
C SER S 85 -39.92 37.01 -42.20
N ILE S 86 -40.10 35.79 -42.71
CA ILE S 86 -39.01 35.14 -43.40
C ILE S 86 -39.21 35.22 -44.90
N VAL S 87 -38.24 35.82 -45.57
CA VAL S 87 -38.32 36.03 -47.01
C VAL S 87 -37.43 35.05 -47.75
N SER S 88 -38.06 34.12 -48.45
CA SER S 88 -37.38 33.10 -49.22
C SER S 88 -37.06 33.59 -50.60
N GLY S 89 -36.09 32.94 -51.25
CA GLY S 89 -35.67 33.34 -52.60
C GLY S 89 -35.99 32.25 -53.61
N ALA S 90 -35.43 32.33 -54.81
CA ALA S 90 -35.78 31.35 -55.86
C ALA S 90 -34.55 30.54 -56.28
N ASP S 91 -33.44 31.22 -56.61
CA ASP S 91 -32.22 30.53 -57.06
C ASP S 91 -31.13 30.70 -56.01
N GLY S 92 -30.50 31.88 -55.96
CA GLY S 92 -29.42 32.14 -55.00
C GLY S 92 -28.30 32.92 -55.65
N ALA S 93 -27.44 33.56 -54.85
CA ALA S 93 -26.28 34.28 -55.41
C ALA S 93 -25.00 33.47 -55.16
N GLY S 94 -24.37 32.97 -56.22
CA GLY S 94 -23.19 32.13 -56.08
C GLY S 94 -21.92 32.88 -55.70
N ASN S 95 -21.90 33.42 -54.49
CA ASN S 95 -20.76 34.20 -54.01
C ASN S 95 -20.42 35.29 -55.00
N ASN S 96 -21.44 35.93 -55.49
CA ASN S 96 -21.27 36.97 -56.44
C ASN S 96 -22.07 38.17 -56.05
N PHE S 97 -21.37 39.21 -55.66
CA PHE S 97 -21.97 40.45 -55.21
C PHE S 97 -22.96 40.93 -56.24
N ALA S 98 -22.62 40.82 -57.53
CA ALA S 98 -23.45 41.33 -58.60
C ALA S 98 -24.80 40.65 -58.69
N ILE S 99 -24.94 39.45 -58.16
CA ILE S 99 -26.21 38.78 -58.23
C ILE S 99 -27.01 39.21 -57.05
N GLY S 100 -26.38 39.27 -55.89
CA GLY S 100 -27.13 39.72 -54.75
C GLY S 100 -27.56 41.18 -54.93
N PHE S 101 -26.71 41.99 -55.57
CA PHE S 101 -26.96 43.40 -55.75
C PHE S 101 -27.78 43.77 -56.99
N ASN S 102 -27.48 43.21 -58.16
CA ASN S 102 -28.23 43.59 -59.34
C ASN S 102 -29.33 42.58 -59.64
N GLU S 103 -28.91 41.36 -59.93
CA GLU S 103 -29.85 40.35 -60.43
C GLU S 103 -30.52 39.54 -59.32
N HIS S 104 -31.25 40.21 -58.45
CA HIS S 104 -31.93 39.53 -57.34
C HIS S 104 -33.44 39.34 -57.51
N GLY S 105 -34.06 40.12 -58.37
CA GLY S 105 -35.49 40.06 -58.55
C GLY S 105 -36.14 41.22 -57.81
N ALA S 106 -36.94 42.03 -58.51
CA ALA S 106 -37.58 43.16 -57.88
C ALA S 106 -38.53 42.73 -56.79
N GLU S 107 -39.21 41.61 -57.03
CA GLU S 107 -40.18 41.10 -56.11
C GLU S 107 -39.57 40.67 -54.80
N THR S 108 -38.36 40.13 -54.85
CA THR S 108 -37.69 39.66 -53.66
C THR S 108 -37.44 40.86 -52.77
N LEU S 109 -36.95 41.93 -53.37
CA LEU S 109 -36.67 43.11 -52.57
C LEU S 109 -37.93 43.77 -52.08
N GLU S 110 -38.99 43.81 -52.89
CA GLU S 110 -40.21 44.44 -52.42
C GLU S 110 -40.76 43.69 -51.23
N LYS S 111 -40.71 42.35 -51.23
CA LYS S 111 -41.21 41.63 -50.08
C LYS S 111 -40.38 41.95 -48.84
N VAL S 112 -39.05 42.09 -48.99
CA VAL S 112 -38.26 42.40 -47.82
C VAL S 112 -38.68 43.74 -47.28
N MET S 113 -38.89 44.72 -48.16
CA MET S 113 -39.31 46.01 -47.69
C MET S 113 -40.67 46.01 -47.05
N GLN S 114 -41.60 45.19 -47.52
CA GLN S 114 -42.90 45.14 -46.89
C GLN S 114 -42.78 44.59 -45.49
N VAL S 115 -41.90 43.58 -45.31
CA VAL S 115 -41.72 43.02 -44.00
C VAL S 115 -41.10 44.07 -43.08
N VAL S 116 -40.11 44.82 -43.58
CA VAL S 116 -39.51 45.84 -42.75
C VAL S 116 -40.55 46.87 -42.36
N GLU S 117 -41.38 47.31 -43.30
CA GLU S 117 -42.38 48.29 -42.96
C GLU S 117 -43.32 47.75 -41.89
N GLN S 118 -43.71 46.48 -41.96
CA GLN S 118 -44.57 45.98 -40.91
C GLN S 118 -43.89 45.99 -39.57
N ARG S 119 -42.60 45.65 -39.53
CA ARG S 119 -41.91 45.63 -38.26
C ARG S 119 -41.75 47.01 -37.67
N VAL S 120 -41.56 48.02 -38.53
CA VAL S 120 -41.42 49.42 -38.04
C VAL S 120 -42.80 49.99 -37.74
N SER S 121 -43.86 49.32 -38.22
CA SER S 121 -45.24 49.81 -38.01
C SER S 121 -45.78 49.34 -36.66
N GLU S 122 -45.08 48.43 -36.00
CA GLU S 122 -45.52 47.89 -34.69
C GLU S 122 -44.67 48.54 -33.60
N THR S 123 -44.13 49.73 -33.86
CA THR S 123 -43.23 50.41 -32.90
C THR S 123 -43.73 51.83 -32.60
N GLU S 124 -43.64 52.29 -31.34
CA GLU S 124 -44.01 53.65 -30.98
C GLU S 124 -42.92 54.58 -31.53
N SER S 125 -41.71 54.03 -31.67
CA SER S 125 -40.57 54.77 -32.24
C SER S 125 -39.51 53.80 -32.78
N ILE S 126 -38.71 54.22 -33.77
CA ILE S 126 -37.67 53.32 -34.26
C ILE S 126 -36.35 53.73 -33.61
N GLY S 127 -35.78 52.85 -32.78
CA GLY S 127 -34.53 53.14 -32.09
C GLY S 127 -33.32 52.93 -32.97
N GLY S 128 -33.48 52.12 -34.01
CA GLY S 128 -32.41 51.82 -34.92
C GLY S 128 -32.58 50.46 -35.55
N PHE S 129 -31.75 50.21 -36.54
CA PHE S 129 -31.75 48.93 -37.22
C PHE S 129 -30.42 48.25 -37.00
N ILE S 130 -30.44 46.93 -36.90
CA ILE S 130 -29.19 46.19 -36.83
C ILE S 130 -29.11 45.17 -37.94
N LEU S 131 -28.08 45.25 -38.76
CA LEU S 131 -27.90 44.32 -39.86
C LEU S 131 -26.78 43.33 -39.58
N THR S 132 -27.08 42.04 -39.68
CA THR S 132 -26.04 41.04 -39.45
C THR S 132 -25.75 40.32 -40.77
N HIS S 133 -24.46 40.29 -41.17
CA HIS S 133 -24.13 39.69 -42.49
C HIS S 133 -22.65 39.34 -42.65
N SER S 134 -22.26 38.82 -43.83
CA SER S 134 -20.87 38.45 -44.13
C SER S 134 -20.46 38.96 -45.51
N CYS S 135 -19.38 39.73 -45.52
CA CYS S 135 -18.92 40.47 -46.68
C CYS S 135 -18.45 39.64 -47.88
N GLY S 136 -18.04 38.39 -47.68
CA GLY S 136 -17.54 37.61 -48.81
C GLY S 136 -18.60 36.72 -49.49
N GLY S 137 -19.84 36.80 -49.03
CA GLY S 137 -20.89 35.94 -49.56
C GLY S 137 -21.54 36.53 -50.80
N GLY S 138 -22.62 35.89 -51.27
CA GLY S 138 -23.32 36.41 -52.44
C GLY S 138 -24.64 37.10 -52.08
N THR S 139 -25.14 36.92 -50.84
CA THR S 139 -26.40 37.54 -50.51
C THR S 139 -26.21 38.50 -49.36
N GLY S 140 -25.34 38.13 -48.42
CA GLY S 140 -25.07 38.95 -47.24
C GLY S 140 -24.21 40.14 -47.62
N SER S 141 -23.67 40.05 -48.85
CA SER S 141 -22.84 41.16 -49.39
C SER S 141 -23.70 42.01 -50.33
N GLY S 142 -24.00 41.49 -51.53
CA GLY S 142 -24.79 42.26 -52.47
C GLY S 142 -26.23 42.55 -52.07
N PHE S 143 -26.95 41.60 -51.47
CA PHE S 143 -28.33 41.89 -51.20
C PHE S 143 -28.38 42.70 -49.93
N GLY S 144 -27.54 42.33 -48.97
CA GLY S 144 -27.47 43.05 -47.72
C GLY S 144 -27.11 44.51 -47.99
N SER S 145 -26.24 44.75 -49.00
CA SER S 145 -25.86 46.09 -49.37
C SER S 145 -27.01 46.85 -50.00
N LYS S 146 -27.81 46.19 -50.86
CA LYS S 146 -28.93 46.91 -51.42
C LYS S 146 -29.93 47.22 -50.34
N ILE S 147 -30.09 46.33 -49.38
CA ILE S 147 -31.00 46.60 -48.29
C ILE S 147 -30.48 47.81 -47.52
N LEU S 148 -29.18 47.93 -47.22
CA LEU S 148 -28.79 49.15 -46.50
C LEU S 148 -29.11 50.39 -47.28
N LYS S 149 -28.89 50.33 -48.58
CA LYS S 149 -29.18 51.48 -49.41
C LYS S 149 -30.66 51.81 -49.32
N THR S 150 -31.50 50.79 -49.46
CA THR S 150 -32.92 50.97 -49.49
C THR S 150 -33.47 51.46 -48.13
N ILE S 151 -32.96 50.88 -47.04
CA ILE S 151 -33.41 51.26 -45.71
C ILE S 151 -33.05 52.68 -45.44
N ARG S 152 -31.83 53.08 -45.79
CA ARG S 152 -31.35 54.46 -45.47
C ARG S 152 -32.12 55.48 -46.32
N GLU S 153 -32.54 55.11 -47.52
CA GLU S 153 -33.33 56.02 -48.32
C GLU S 153 -34.74 56.19 -47.75
N ARG S 154 -35.33 55.11 -47.24
CA ARG S 154 -36.67 55.22 -46.67
C ARG S 154 -36.68 55.80 -45.26
N TYR S 155 -35.63 55.51 -44.48
CA TYR S 155 -35.56 55.98 -43.08
C TYR S 155 -34.25 56.70 -42.85
N PRO S 156 -34.02 57.89 -43.43
CA PRO S 156 -32.81 58.64 -43.14
C PRO S 156 -32.89 59.12 -41.69
N LYS S 157 -31.75 59.43 -41.08
CA LYS S 157 -31.72 59.93 -39.67
C LYS S 157 -32.03 58.81 -38.68
N VAL S 158 -31.89 57.54 -39.08
CA VAL S 158 -32.10 56.41 -38.14
C VAL S 158 -30.78 55.64 -38.04
N PRO S 159 -30.20 55.42 -36.84
CA PRO S 159 -28.89 54.78 -36.74
C PRO S 159 -28.84 53.32 -37.23
N ILE S 160 -28.08 53.02 -38.28
CA ILE S 160 -27.94 51.64 -38.70
C ILE S 160 -26.61 51.09 -38.27
N PHE S 161 -26.65 50.00 -37.53
CA PHE S 161 -25.46 49.33 -37.10
C PHE S 161 -25.30 48.06 -37.86
N THR S 162 -24.13 47.85 -38.39
CA THR S 162 -23.91 46.63 -39.12
C THR S 162 -22.83 45.84 -38.43
N PHE S 163 -23.05 44.56 -38.33
CA PHE S 163 -22.08 43.64 -37.78
C PHE S 163 -21.66 42.73 -38.88
N SER S 164 -20.39 42.78 -39.26
CA SER S 164 -20.07 41.97 -40.40
C SER S 164 -18.74 41.30 -40.36
N ILE S 165 -18.75 40.16 -41.02
CA ILE S 165 -17.57 39.34 -41.15
C ILE S 165 -16.77 39.71 -42.37
N PHE S 166 -15.52 40.04 -42.15
CA PHE S 166 -14.58 40.42 -43.18
C PHE S 166 -13.68 39.25 -43.48
N PRO S 167 -12.95 39.34 -44.61
CA PRO S 167 -12.02 38.26 -44.88
C PRO S 167 -11.02 38.08 -43.75
N SER S 168 -10.52 36.88 -43.58
CA SER S 168 -9.53 36.60 -42.57
C SER S 168 -8.21 37.11 -43.08
N PRO S 169 -7.30 37.48 -42.19
CA PRO S 169 -6.02 38.05 -42.61
C PRO S 169 -5.09 37.11 -43.36
N LYS S 170 -5.04 35.84 -43.00
CA LYS S 170 -4.09 34.93 -43.62
C LYS S 170 -4.67 34.16 -44.80
N ILE S 171 -5.47 33.14 -44.51
CA ILE S 171 -6.08 32.35 -45.57
C ILE S 171 -7.39 32.96 -46.04
N SER S 172 -7.73 32.75 -47.31
CA SER S 172 -8.97 33.29 -47.86
C SER S 172 -9.90 32.15 -48.27
N GLU S 173 -11.18 32.46 -48.47
CA GLU S 173 -12.15 31.43 -48.84
C GLU S 173 -12.18 31.21 -50.34
N THR S 174 -12.79 32.14 -51.06
CA THR S 174 -12.86 32.04 -52.53
C THR S 174 -11.95 33.05 -53.17
N VAL S 175 -11.63 32.85 -54.45
CA VAL S 175 -10.80 33.87 -55.15
C VAL S 175 -11.60 35.17 -55.33
N VAL S 176 -12.92 35.08 -55.48
CA VAL S 176 -13.74 36.24 -55.70
C VAL S 176 -13.93 37.09 -54.45
N GLU S 177 -13.51 36.57 -53.30
CA GLU S 177 -13.79 37.21 -52.05
C GLU S 177 -13.41 38.68 -51.99
N PRO S 178 -12.24 39.16 -52.45
CA PRO S 178 -11.88 40.57 -52.44
C PRO S 178 -12.78 41.45 -53.29
N TYR S 179 -13.51 40.90 -54.26
CA TYR S 179 -14.36 41.78 -55.04
C TYR S 179 -15.62 41.98 -54.27
N ASN S 180 -16.06 40.90 -53.63
CA ASN S 180 -17.28 40.98 -52.87
C ASN S 180 -17.03 41.86 -51.65
N ALA S 181 -15.83 41.73 -51.05
CA ALA S 181 -15.50 42.50 -49.86
C ALA S 181 -15.39 43.99 -50.13
N ILE S 182 -14.81 44.39 -51.25
CA ILE S 182 -14.72 45.82 -51.52
C ILE S 182 -16.03 46.42 -51.85
N MET S 183 -16.84 45.78 -52.67
CA MET S 183 -18.09 46.43 -52.96
C MET S 183 -18.97 46.49 -51.72
N THR S 184 -18.88 45.48 -50.84
CA THR S 184 -19.66 45.52 -49.63
C THR S 184 -19.18 46.66 -48.76
N LEU S 185 -17.86 46.82 -48.67
CA LEU S 185 -17.30 47.89 -47.86
C LEU S 185 -17.67 49.24 -48.41
N SER S 186 -17.68 49.40 -49.73
CA SER S 186 -18.05 50.68 -50.30
C SER S 186 -19.46 51.06 -49.86
N ASN S 187 -20.38 50.11 -49.88
CA ASN S 187 -21.73 50.40 -49.44
C ASN S 187 -21.81 50.60 -47.92
N LEU S 188 -20.98 49.92 -47.14
CA LEU S 188 -20.98 50.18 -45.70
C LEU S 188 -20.51 51.60 -45.44
N ILE S 189 -19.53 52.06 -46.21
CA ILE S 189 -19.00 53.40 -46.05
C ILE S 189 -20.07 54.42 -46.32
N LYS S 190 -20.82 54.23 -47.39
CA LYS S 190 -21.90 55.15 -47.74
C LYS S 190 -23.17 55.09 -46.87
N TYR S 191 -23.58 53.90 -46.42
CA TYR S 191 -24.86 53.82 -45.72
C TYR S 191 -24.93 53.48 -44.22
N ALA S 192 -23.94 52.83 -43.61
CA ALA S 192 -24.08 52.45 -42.20
C ALA S 192 -23.79 53.65 -41.30
N SER S 193 -24.33 53.67 -40.08
CA SER S 193 -23.95 54.74 -39.17
C SER S 193 -22.69 54.31 -38.45
N CYS S 194 -22.65 53.02 -38.13
CA CYS S 194 -21.53 52.36 -37.49
C CYS S 194 -21.38 50.97 -38.03
N SER S 195 -20.15 50.52 -38.16
CA SER S 195 -19.94 49.17 -38.60
C SER S 195 -18.96 48.48 -37.69
N ILE S 196 -19.28 47.27 -37.26
CA ILE S 196 -18.37 46.54 -36.41
C ILE S 196 -17.64 45.54 -37.26
N VAL S 197 -16.33 45.63 -37.25
CA VAL S 197 -15.52 44.76 -38.06
C VAL S 197 -15.08 43.56 -37.27
N LEU S 198 -15.49 42.39 -37.74
CA LEU S 198 -15.18 41.12 -37.12
C LEU S 198 -14.55 40.20 -38.16
N ASP S 199 -13.73 39.25 -37.73
CA ASP S 199 -13.32 38.23 -38.69
C ASP S 199 -13.07 36.89 -38.01
N ASN S 200 -12.97 35.83 -38.80
CA ASN S 200 -12.84 34.52 -38.21
C ASN S 200 -11.46 34.17 -37.71
N GLU S 201 -10.42 34.77 -38.24
CA GLU S 201 -9.12 34.38 -37.76
C GLU S 201 -8.98 34.86 -36.32
N ALA S 202 -9.43 36.08 -36.06
CA ALA S 202 -9.31 36.56 -34.70
C ALA S 202 -10.19 35.75 -33.78
N LEU S 203 -11.39 35.40 -34.24
CA LEU S 203 -12.29 34.70 -33.38
C LEU S 203 -11.80 33.30 -33.11
N PHE S 204 -11.16 32.63 -34.08
CA PHE S 204 -10.67 31.29 -33.79
C PHE S 204 -9.59 31.32 -32.75
N SER S 205 -8.69 32.30 -32.80
CA SER S 205 -7.65 32.33 -31.79
C SER S 205 -8.27 32.49 -30.41
N ILE S 206 -9.31 33.30 -30.32
CA ILE S 206 -9.99 33.49 -29.07
C ILE S 206 -10.66 32.19 -28.65
N ALA S 207 -11.36 31.53 -29.56
CA ALA S 207 -12.05 30.31 -29.19
C ALA S 207 -11.08 29.24 -28.70
N GLU S 208 -9.90 29.15 -29.30
CA GLU S 208 -8.95 28.15 -28.88
C GLU S 208 -8.18 28.50 -27.60
N LYS S 209 -7.99 29.80 -27.32
CA LYS S 209 -7.21 30.18 -26.16
C LYS S 209 -7.99 30.69 -24.95
N LYS S 210 -9.16 31.29 -25.15
CA LYS S 210 -9.90 31.86 -24.03
C LYS S 210 -11.07 30.97 -23.65
N LEU S 211 -11.64 30.25 -24.60
CA LEU S 211 -12.71 29.31 -24.26
C LEU S 211 -12.08 27.96 -23.97
N GLU S 212 -12.73 27.11 -23.21
CA GLU S 212 -12.18 25.79 -22.92
C GLU S 212 -12.38 24.77 -24.05
N VAL S 213 -13.18 25.12 -25.04
CA VAL S 213 -13.50 24.19 -26.11
C VAL S 213 -12.31 23.77 -26.95
N GLU S 214 -12.21 22.47 -27.14
CA GLU S 214 -11.17 21.87 -27.94
C GLU S 214 -11.68 21.70 -29.35
N ASN S 215 -10.88 22.10 -30.33
CA ASN S 215 -11.28 21.97 -31.73
C ASN S 215 -12.64 22.59 -32.02
N PRO S 216 -12.82 23.90 -31.79
CA PRO S 216 -14.06 24.62 -31.98
C PRO S 216 -14.45 24.68 -33.43
N SER S 217 -15.75 24.72 -33.68
CA SER S 217 -16.29 24.87 -35.03
C SER S 217 -16.96 26.22 -35.10
N LEU S 218 -17.61 26.52 -36.23
CA LEU S 218 -18.29 27.80 -36.37
C LEU S 218 -19.41 27.93 -35.35
N GLU S 219 -19.92 26.81 -34.87
CA GLU S 219 -21.02 26.84 -33.91
C GLU S 219 -20.56 27.44 -32.60
N ASP S 220 -19.28 27.24 -32.27
CA ASP S 220 -18.73 27.74 -31.03
C ASP S 220 -18.25 29.16 -31.27
N LEU S 221 -17.78 29.40 -32.47
CA LEU S 221 -17.23 30.69 -32.84
C LEU S 221 -18.32 31.76 -32.80
N ASN S 222 -19.55 31.34 -33.10
CA ASN S 222 -20.69 32.23 -33.12
C ASN S 222 -21.13 32.63 -31.74
N LEU S 223 -20.60 32.00 -30.71
CA LEU S 223 -20.99 32.36 -29.38
C LEU S 223 -20.12 33.49 -28.89
N ILE S 224 -19.05 33.78 -29.62
CA ILE S 224 -18.19 34.87 -29.23
C ILE S 224 -18.83 36.07 -29.88
N ILE S 225 -19.26 35.90 -31.12
CA ILE S 225 -19.90 37.02 -31.78
C ILE S 225 -21.18 37.34 -31.07
N ALA S 226 -21.98 36.32 -30.73
CA ALA S 226 -23.20 36.58 -30.02
C ALA S 226 -22.90 37.23 -28.70
N GLN S 227 -21.83 36.87 -28.00
CA GLN S 227 -21.59 37.54 -26.74
C GLN S 227 -21.32 39.02 -26.96
N VAL S 228 -20.66 39.38 -28.06
CA VAL S 228 -20.43 40.81 -28.32
C VAL S 228 -21.79 41.48 -28.51
N LEU S 229 -22.65 40.84 -29.30
CA LEU S 229 -23.97 41.39 -29.56
C LEU S 229 -24.87 41.45 -28.34
N THR S 230 -24.81 40.49 -27.43
CA THR S 230 -25.70 40.64 -26.31
C THR S 230 -25.18 41.70 -25.38
N ASN S 231 -23.86 41.78 -25.18
CA ASN S 231 -23.38 42.79 -24.23
C ASN S 231 -23.56 44.20 -24.72
N VAL S 232 -23.45 44.44 -26.01
CA VAL S 232 -23.57 45.79 -26.55
C VAL S 232 -25.00 46.31 -26.44
N THR S 233 -25.94 45.44 -26.10
CA THR S 233 -27.37 45.85 -26.07
C THR S 233 -27.89 45.74 -24.63
N ALA S 234 -27.00 45.55 -23.66
CA ALA S 234 -27.44 45.33 -22.26
C ALA S 234 -28.18 46.55 -21.72
N SER S 235 -27.55 47.73 -21.81
CA SER S 235 -28.16 48.97 -21.29
C SER S 235 -29.54 49.18 -21.92
N LEU S 236 -29.66 48.94 -23.22
CA LEU S 236 -30.98 49.06 -23.89
C LEU S 236 -31.93 48.08 -23.21
N ARG S 237 -31.57 46.80 -23.15
CA ARG S 237 -32.48 45.76 -22.60
C ARG S 237 -32.77 45.93 -21.10
N PHE S 238 -31.78 46.27 -20.27
CA PHE S 238 -32.03 46.36 -18.86
C PHE S 238 -32.27 47.77 -18.36
N SER S 239 -32.56 48.69 -19.27
CA SER S 239 -32.85 50.07 -18.91
C SER S 239 -31.78 50.72 -18.04
N GLY S 240 -32.24 51.35 -16.97
CA GLY S 240 -31.39 52.06 -16.03
C GLY S 240 -31.70 53.53 -16.13
N THR S 241 -31.44 54.30 -15.07
CA THR S 241 -31.77 55.71 -15.14
C THR S 241 -30.91 56.36 -16.21
N LEU S 242 -29.63 55.99 -16.25
CA LEU S 242 -28.70 56.50 -17.24
C LEU S 242 -28.48 55.32 -18.14
N ASN S 243 -28.45 55.49 -19.45
CA ASN S 243 -28.27 54.34 -20.33
C ASN S 243 -27.73 54.67 -21.75
N LEU S 244 -27.50 53.63 -22.54
CA LEU S 244 -27.00 53.78 -23.91
C LEU S 244 -27.87 53.19 -24.97
N ASP S 245 -28.29 54.04 -25.90
CA ASP S 245 -29.07 53.62 -27.04
C ASP S 245 -28.15 53.62 -28.24
N LEU S 246 -28.65 53.24 -29.40
CA LEU S 246 -27.79 53.20 -30.57
C LEU S 246 -27.39 54.60 -31.00
N GLY S 247 -28.26 55.56 -30.76
CA GLY S 247 -27.96 56.94 -31.11
C GLY S 247 -26.92 57.56 -30.18
N LYS S 248 -26.67 56.95 -29.02
CA LYS S 248 -25.68 57.52 -28.11
C LYS S 248 -24.35 57.03 -28.64
N LEU S 249 -24.32 55.79 -29.12
CA LEU S 249 -23.08 55.26 -29.64
C LEU S 249 -22.65 55.96 -30.92
N VAL S 250 -23.58 56.29 -31.79
CA VAL S 250 -23.16 56.95 -33.01
C VAL S 250 -22.65 58.33 -32.69
N THR S 251 -23.37 59.08 -31.88
CA THR S 251 -22.94 60.42 -31.57
C THR S 251 -21.57 60.43 -30.93
N ASN S 252 -21.32 59.54 -29.98
CA ASN S 252 -20.06 59.56 -29.28
C ASN S 252 -18.88 58.93 -29.99
N LEU S 253 -19.08 57.89 -30.78
CA LEU S 253 -17.95 57.25 -31.40
C LEU S 253 -17.63 57.71 -32.81
N VAL S 254 -18.50 58.42 -33.50
CA VAL S 254 -18.14 58.76 -34.87
C VAL S 254 -17.88 60.28 -35.06
N PRO S 255 -16.62 60.78 -35.01
CA PRO S 255 -16.30 62.19 -35.15
C PRO S 255 -16.49 62.76 -36.53
N PHE S 256 -16.43 61.92 -37.55
CA PHE S 256 -16.67 62.31 -38.93
C PHE S 256 -17.54 61.29 -39.58
N SER S 257 -18.32 61.69 -40.56
CA SER S 257 -19.26 60.77 -41.16
C SER S 257 -18.67 59.55 -41.87
N ASN S 258 -17.42 59.56 -42.31
CA ASN S 258 -16.90 58.36 -42.97
C ASN S 258 -15.89 57.56 -42.16
N LEU S 259 -15.78 57.82 -40.86
CA LEU S 259 -14.82 57.07 -40.05
C LEU S 259 -15.54 56.33 -38.95
N HIS S 260 -16.53 55.54 -39.31
CA HIS S 260 -17.39 54.82 -38.39
C HIS S 260 -17.10 53.34 -38.19
N PHE S 261 -15.97 52.87 -38.66
CA PHE S 261 -15.63 51.47 -38.51
C PHE S 261 -15.00 51.20 -37.17
N LEU S 262 -15.66 50.38 -36.37
CA LEU S 262 -15.28 50.09 -35.01
C LEU S 262 -14.80 48.67 -34.76
N MET S 263 -13.91 48.56 -33.80
CA MET S 263 -13.44 47.28 -33.29
C MET S 263 -14.26 46.92 -32.09
N ALA S 264 -14.41 45.62 -31.82
CA ALA S 264 -15.12 45.18 -30.62
C ALA S 264 -14.32 44.16 -29.86
N SER S 265 -14.48 44.19 -28.54
CA SER S 265 -13.84 43.27 -27.61
C SER S 265 -14.64 43.01 -26.34
N THR S 266 -14.72 41.75 -25.92
CA THR S 266 -15.41 41.42 -24.67
C THR S 266 -14.68 40.44 -23.79
N ALA S 267 -14.98 40.50 -22.52
CA ALA S 267 -14.50 39.51 -21.57
C ALA S 267 -15.43 39.48 -20.37
N PRO S 268 -15.53 38.36 -19.66
CA PRO S 268 -15.00 37.03 -19.89
C PRO S 268 -15.83 36.35 -20.94
N LEU S 269 -15.31 35.32 -21.55
CA LEU S 269 -16.11 34.54 -22.48
C LEU S 269 -16.45 33.22 -21.83
N VAL S 270 -17.72 33.02 -21.53
CA VAL S 270 -18.11 31.82 -20.81
C VAL S 270 -19.18 31.02 -21.54
N LEU S 271 -18.93 29.74 -21.72
CA LEU S 271 -19.90 28.85 -22.35
C LEU S 271 -20.91 28.49 -21.30
N ALA S 272 -22.14 28.17 -21.68
CA ALA S 272 -23.13 27.89 -20.66
C ALA S 272 -22.67 26.82 -19.70
N GLY S 273 -22.90 27.06 -18.41
CA GLY S 273 -22.53 26.16 -17.33
C GLY S 273 -21.58 26.89 -16.39
N LYS S 274 -21.44 26.42 -15.15
CA LYS S 274 -20.54 27.13 -14.22
C LYS S 274 -19.10 26.71 -14.42
N GLU S 275 -18.56 27.08 -15.58
CA GLU S 275 -17.20 26.75 -15.98
C GLU S 275 -16.25 27.92 -15.73
N SER S 276 -16.82 29.03 -15.30
CA SER S 276 -16.11 30.26 -15.03
C SER S 276 -15.50 30.32 -13.66
N TYR S 277 -14.61 31.28 -13.46
CA TYR S 277 -14.02 31.56 -12.16
C TYR S 277 -14.36 32.96 -11.73
N GLU S 278 -14.69 33.12 -10.47
CA GLU S 278 -15.07 34.40 -9.93
C GLU S 278 -13.91 35.35 -9.68
N LYS S 279 -13.37 35.89 -10.77
CA LYS S 279 -12.27 36.85 -10.69
C LYS S 279 -12.77 38.10 -9.99
N MET S 280 -14.01 38.46 -10.32
CA MET S 280 -14.74 39.60 -9.79
C MET S 280 -14.00 40.90 -9.81
N THR S 281 -13.11 41.10 -10.77
CA THR S 281 -12.37 42.31 -10.70
C THR S 281 -12.50 43.12 -11.95
N ALA S 282 -13.02 44.32 -11.80
CA ALA S 282 -13.23 45.22 -12.92
C ALA S 282 -11.90 45.62 -13.51
N LYS S 283 -10.89 45.76 -12.68
CA LYS S 283 -9.58 46.14 -13.15
C LYS S 283 -9.01 45.12 -14.09
N GLU S 284 -9.23 43.85 -13.79
CA GLU S 284 -8.71 42.80 -14.61
C GLU S 284 -9.47 42.73 -15.90
N LEU S 285 -10.78 42.94 -15.84
CA LEU S 285 -11.55 42.90 -17.06
C LEU S 285 -11.19 44.05 -17.97
N SER S 286 -10.93 45.23 -17.42
CA SER S 286 -10.55 46.33 -18.30
C SER S 286 -9.18 46.05 -18.89
N ALA S 287 -8.26 45.49 -18.11
CA ALA S 287 -6.95 45.21 -18.65
C ALA S 287 -7.05 44.23 -19.80
N GLN S 288 -7.93 43.24 -19.67
CA GLN S 288 -8.15 42.26 -20.70
C GLN S 288 -8.90 42.79 -21.92
N VAL S 289 -9.92 43.61 -21.73
CA VAL S 289 -10.71 43.99 -22.87
C VAL S 289 -9.91 44.87 -23.81
N PHE S 290 -8.99 45.66 -23.23
CA PHE S 290 -8.13 46.55 -24.00
C PHE S 290 -6.81 45.93 -24.44
N GLY S 291 -6.61 44.65 -24.19
CA GLY S 291 -5.39 44.02 -24.63
C GLY S 291 -5.64 43.59 -26.05
N ASP S 292 -4.69 42.92 -26.69
CA ASP S 292 -4.92 42.52 -28.06
C ASP S 292 -5.60 41.15 -28.14
N GLU S 293 -5.45 40.35 -27.10
CA GLU S 293 -5.95 38.99 -27.06
C GLU S 293 -7.46 38.78 -27.17
N TYR S 294 -8.29 39.76 -26.84
CA TYR S 294 -9.74 39.61 -26.96
C TYR S 294 -10.33 40.37 -28.13
N ILE S 295 -9.50 40.92 -28.99
CA ILE S 295 -10.02 41.72 -30.08
C ILE S 295 -10.58 40.77 -31.11
N CYS S 296 -11.80 41.03 -31.57
CA CYS S 296 -12.44 40.11 -32.51
C CYS S 296 -12.18 40.36 -33.99
N ALA S 297 -11.07 41.03 -34.29
CA ALA S 297 -10.64 41.32 -35.65
C ALA S 297 -9.13 41.24 -35.78
N ALA S 298 -8.65 40.93 -36.98
CA ALA S 298 -7.24 40.76 -37.25
C ALA S 298 -6.51 42.08 -37.36
N CYS S 299 -6.27 42.64 -36.21
CA CYS S 299 -5.62 43.91 -36.02
C CYS S 299 -4.95 43.88 -34.65
N LYS S 300 -4.08 44.84 -34.37
CA LYS S 300 -3.42 44.89 -33.06
C LYS S 300 -3.53 46.29 -32.44
N PRO S 301 -4.67 46.64 -31.84
CA PRO S 301 -5.03 47.94 -31.31
C PRO S 301 -4.09 48.58 -30.33
N THR S 302 -3.28 47.81 -29.59
CA THR S 302 -2.40 48.48 -28.63
C THR S 302 -1.27 49.25 -29.32
N THR S 303 -1.10 49.06 -30.63
CA THR S 303 -0.05 49.76 -31.37
C THR S 303 -0.58 50.91 -32.19
N GLY S 304 -1.88 51.17 -32.13
CA GLY S 304 -2.47 52.23 -32.93
C GLY S 304 -2.79 53.44 -32.07
N ARG S 305 -3.74 54.26 -32.53
CA ARG S 305 -4.13 55.44 -31.80
C ARG S 305 -5.66 55.52 -31.81
N TYR S 306 -6.26 55.86 -30.67
CA TYR S 306 -7.71 55.93 -30.59
C TYR S 306 -8.32 57.29 -30.85
N LEU S 307 -9.44 57.30 -31.57
CA LEU S 307 -10.07 58.58 -31.79
C LEU S 307 -11.08 58.73 -30.69
N ALA S 308 -11.69 57.62 -30.35
CA ALA S 308 -12.72 57.53 -29.35
C ALA S 308 -12.90 56.09 -28.98
N ALA S 309 -13.41 55.84 -27.79
CA ALA S 309 -13.74 54.49 -27.39
C ALA S 309 -14.84 54.51 -26.36
N SER S 310 -15.54 53.39 -26.21
CA SER S 310 -16.55 53.32 -25.18
C SER S 310 -16.44 52.04 -24.42
N VAL S 311 -16.75 52.12 -23.13
CA VAL S 311 -16.71 50.93 -22.31
C VAL S 311 -17.99 50.78 -21.52
N LEU S 312 -18.62 49.64 -21.66
CA LEU S 312 -19.80 49.31 -20.89
C LEU S 312 -19.51 48.23 -19.89
N PHE S 313 -19.74 48.54 -18.65
CA PHE S 313 -19.52 47.60 -17.58
C PHE S 313 -20.83 47.01 -17.17
N ARG S 314 -20.86 45.70 -16.95
CA ARG S 314 -22.05 45.04 -16.49
C ARG S 314 -21.84 44.39 -15.14
N GLY S 315 -22.89 44.43 -14.35
CA GLY S 315 -22.91 43.78 -13.05
C GLY S 315 -22.46 44.70 -11.94
N ALA S 316 -22.17 44.14 -10.78
CA ALA S 316 -21.87 44.93 -9.60
C ALA S 316 -20.44 45.44 -9.57
N VAL S 317 -20.17 46.35 -10.47
CA VAL S 317 -18.88 46.99 -10.61
C VAL S 317 -18.79 48.22 -9.74
N LYS S 318 -17.73 48.34 -8.95
CA LYS S 318 -17.55 49.49 -8.09
C LYS S 318 -17.11 50.71 -8.86
N THR S 319 -17.68 51.87 -8.53
CA THR S 319 -17.30 53.12 -9.17
C THR S 319 -15.83 53.40 -9.01
N SER S 320 -15.31 53.13 -7.83
CA SER S 320 -13.92 53.38 -7.54
C SER S 320 -13.00 52.57 -8.43
N ASP S 321 -13.39 51.33 -8.77
CA ASP S 321 -12.54 50.48 -9.58
C ASP S 321 -12.62 50.92 -11.01
N VAL S 322 -13.76 51.43 -11.43
CA VAL S 322 -13.86 51.90 -12.79
C VAL S 322 -12.93 53.07 -12.96
N ASN S 323 -12.93 53.98 -11.99
CA ASN S 323 -12.09 55.14 -12.16
C ASN S 323 -10.62 54.78 -12.16
N GLU S 324 -10.22 53.86 -11.29
CA GLU S 324 -8.81 53.52 -11.29
C GLU S 324 -8.44 52.73 -12.54
N ALA S 325 -9.31 51.80 -12.93
CA ALA S 325 -9.03 50.98 -14.09
C ALA S 325 -8.93 51.81 -15.34
N MET S 326 -9.79 52.81 -15.46
CA MET S 326 -9.73 53.61 -16.65
C MET S 326 -8.55 54.54 -16.64
N ALA S 327 -8.08 54.95 -15.45
CA ALA S 327 -6.91 55.78 -15.40
C ALA S 327 -5.73 55.01 -15.97
N THR S 328 -5.65 53.71 -15.67
CA THR S 328 -4.58 52.86 -16.20
C THR S 328 -4.66 52.79 -17.70
N VAL S 329 -5.86 52.63 -18.23
CA VAL S 329 -6.05 52.55 -19.66
C VAL S 329 -5.61 53.83 -20.34
N LYS S 330 -5.98 54.98 -19.79
CA LYS S 330 -5.56 56.23 -20.40
C LYS S 330 -4.04 56.37 -20.40
N GLU S 331 -3.38 55.95 -19.32
CA GLU S 331 -1.92 56.05 -19.28
C GLU S 331 -1.20 55.12 -20.25
N GLN S 332 -1.71 53.90 -20.43
CA GLN S 332 -1.06 52.94 -21.30
C GLN S 332 -1.31 53.12 -22.79
N ASN S 333 -2.50 53.54 -23.18
CA ASN S 333 -2.81 53.66 -24.59
C ASN S 333 -2.51 55.01 -25.20
N SER S 334 -2.76 55.11 -26.49
CA SER S 334 -2.50 56.34 -27.22
C SER S 334 -3.74 56.87 -27.87
N PHE S 335 -3.99 58.15 -27.65
CA PHE S 335 -5.17 58.87 -28.11
C PHE S 335 -4.80 60.08 -28.96
N VAL S 336 -5.72 60.52 -29.80
CA VAL S 336 -5.49 61.72 -30.59
C VAL S 336 -5.92 62.94 -29.73
N ASN S 337 -5.09 63.98 -29.72
CA ASN S 337 -5.30 65.19 -28.89
C ASN S 337 -6.67 65.87 -29.11
N TRP S 338 -7.04 66.21 -30.35
CA TRP S 338 -8.30 67.00 -30.51
C TRP S 338 -9.43 66.41 -29.67
N ILE S 339 -9.82 65.15 -29.88
CA ILE S 339 -10.83 64.56 -28.95
C ILE S 339 -10.13 64.51 -27.59
N PRO S 340 -10.45 65.40 -26.62
CA PRO S 340 -9.69 65.49 -25.38
C PRO S 340 -10.21 64.60 -24.24
N THR S 341 -11.45 64.16 -24.31
CA THR S 341 -12.01 63.35 -23.24
C THR S 341 -11.86 61.86 -23.51
N GLY S 342 -11.56 61.46 -24.75
CA GLY S 342 -11.31 60.06 -25.08
C GLY S 342 -12.48 59.07 -25.09
N PHE S 343 -13.06 58.87 -23.93
CA PHE S 343 -14.05 57.84 -23.70
C PHE S 343 -15.50 58.19 -23.45
N LYS S 344 -16.35 57.23 -23.76
CA LYS S 344 -17.73 57.21 -23.31
C LYS S 344 -17.89 56.04 -22.34
N ILE S 345 -18.25 56.32 -21.11
CA ILE S 345 -18.37 55.26 -20.10
C ILE S 345 -19.76 55.06 -19.57
N SER S 346 -20.16 53.80 -19.50
CA SER S 346 -21.49 53.45 -19.01
C SER S 346 -21.51 52.18 -18.19
N LYS S 347 -22.46 52.11 -17.28
CA LYS S 347 -22.67 50.95 -16.44
C LYS S 347 -24.11 50.46 -16.42
N SER S 348 -24.27 49.15 -16.37
CA SER S 348 -25.55 48.47 -16.23
C SER S 348 -25.43 47.45 -15.13
N GLU S 349 -26.21 47.62 -14.08
CA GLU S 349 -26.11 46.80 -12.89
C GLU S 349 -26.52 45.34 -13.06
N THR S 350 -27.16 44.99 -14.16
CA THR S 350 -27.56 43.61 -14.33
C THR S 350 -26.47 42.77 -14.97
N SER S 351 -26.12 41.70 -14.26
CA SER S 351 -25.09 40.74 -14.61
C SER S 351 -25.46 39.92 -15.83
N PRO S 352 -24.49 39.48 -16.63
CA PRO S 352 -24.68 38.55 -17.73
C PRO S 352 -25.02 37.23 -17.07
N LYS S 353 -25.77 36.35 -17.72
CA LYS S 353 -26.15 35.12 -17.03
C LYS S 353 -25.06 34.18 -16.55
N ASP S 354 -23.90 34.14 -17.20
CA ASP S 354 -22.86 33.20 -16.79
C ASP S 354 -21.69 33.81 -16.01
N SER S 355 -21.83 35.06 -15.58
CA SER S 355 -20.77 35.72 -14.82
C SER S 355 -21.32 36.84 -13.98
N ALA S 356 -20.82 37.05 -12.79
CA ALA S 356 -21.36 38.20 -12.09
C ALA S 356 -21.02 39.51 -12.78
N LEU S 357 -19.82 39.60 -13.33
CA LEU S 357 -19.36 40.81 -13.98
C LEU S 357 -18.99 40.57 -15.43
N GLY S 358 -19.01 41.64 -16.22
CA GLY S 358 -18.49 41.55 -17.58
C GLY S 358 -18.28 42.91 -18.22
N VAL S 359 -17.42 42.96 -19.24
CA VAL S 359 -17.12 44.20 -19.93
C VAL S 359 -17.12 44.11 -21.45
N ILE S 360 -17.74 45.09 -22.09
CA ILE S 360 -17.65 45.21 -23.53
C ILE S 360 -17.07 46.55 -23.92
N MET S 361 -16.13 46.51 -24.85
CA MET S 361 -15.51 47.71 -25.34
C MET S 361 -15.61 47.81 -26.85
N LEU S 362 -15.86 49.03 -27.30
CA LEU S 362 -15.90 49.35 -28.71
C LEU S 362 -15.00 50.51 -29.00
N GLY S 363 -14.45 50.60 -30.19
CA GLY S 363 -13.75 51.86 -30.46
C GLY S 363 -13.14 52.05 -31.83
N ASN S 364 -12.72 53.29 -32.03
CA ASN S 364 -12.12 53.75 -33.27
C ASN S 364 -10.64 53.75 -33.16
N ASN S 365 -10.02 52.76 -33.69
CA ASN S 365 -8.60 52.64 -33.57
C ASN S 365 -8.07 52.67 -34.96
N SER S 366 -7.13 53.55 -35.21
CA SER S 366 -6.56 53.78 -36.51
C SER S 366 -5.95 52.55 -37.16
N GLU S 367 -5.68 51.57 -36.34
CA GLU S 367 -5.12 50.30 -36.72
C GLU S 367 -6.04 49.59 -37.70
N ILE S 368 -7.34 49.88 -37.67
CA ILE S 368 -8.34 49.22 -38.51
C ILE S 368 -8.02 49.30 -39.99
N VAL S 369 -7.25 50.29 -40.41
CA VAL S 369 -6.99 50.38 -41.81
C VAL S 369 -6.21 49.17 -42.28
N SER S 370 -5.46 48.48 -41.42
CA SER S 370 -4.70 47.36 -41.92
C SER S 370 -5.61 46.27 -42.46
N VAL S 371 -6.85 46.20 -41.98
CA VAL S 371 -7.77 45.19 -42.48
C VAL S 371 -8.15 45.58 -43.88
N PHE S 372 -8.48 46.85 -44.03
CA PHE S 372 -8.93 47.35 -45.31
C PHE S 372 -7.80 47.36 -46.34
N GLU S 373 -6.58 47.64 -45.91
CA GLU S 373 -5.45 47.69 -46.82
C GLU S 373 -5.15 46.32 -47.40
N ARG S 374 -5.26 45.26 -46.58
CA ARG S 374 -5.03 43.91 -47.10
C ARG S 374 -6.06 43.55 -48.14
N ILE S 375 -7.32 43.92 -47.91
CA ILE S 375 -8.37 43.60 -48.85
C ILE S 375 -8.11 44.35 -50.15
N GLY S 376 -7.75 45.62 -50.03
CA GLY S 376 -7.47 46.46 -51.17
C GLY S 376 -6.37 45.84 -52.01
N ALA S 377 -5.25 45.48 -51.39
CA ALA S 377 -4.15 44.91 -52.14
C ALA S 377 -4.50 43.61 -52.85
N ASN S 378 -5.30 42.74 -52.23
CA ASN S 378 -5.64 41.49 -52.90
C ASN S 378 -6.48 41.77 -54.13
N PHE S 379 -7.40 42.72 -54.00
CA PHE S 379 -8.22 43.13 -55.11
C PHE S 379 -7.38 43.69 -56.21
N ASP S 380 -6.47 44.59 -55.88
CA ASP S 380 -5.69 45.22 -56.92
C ASP S 380 -4.94 44.22 -57.77
N ARG S 381 -4.38 43.18 -57.15
CA ARG S 381 -3.66 42.21 -57.96
C ARG S 381 -4.59 41.42 -58.89
N LEU S 382 -5.75 41.02 -58.39
CA LEU S 382 -6.68 40.25 -59.21
C LEU S 382 -7.33 41.11 -60.28
N TRP S 383 -7.61 42.36 -59.91
CA TRP S 383 -8.27 43.32 -60.77
C TRP S 383 -7.37 43.73 -61.90
N SER S 384 -6.08 43.90 -61.62
CA SER S 384 -5.13 44.24 -62.66
C SER S 384 -5.09 43.13 -63.69
N ARG S 385 -5.15 41.88 -63.24
CA ARG S 385 -5.09 40.71 -64.16
C ARG S 385 -6.49 40.33 -64.67
N LYS S 386 -7.54 40.89 -64.07
CA LYS S 386 -8.94 40.61 -64.49
C LYS S 386 -9.22 39.12 -64.34
N ALA S 387 -8.88 38.55 -63.18
CA ALA S 387 -9.17 37.12 -62.91
C ALA S 387 -10.53 37.02 -62.22
N PHE S 388 -11.45 36.21 -62.76
CA PHE S 388 -12.82 36.06 -62.18
C PHE S 388 -13.60 37.36 -62.34
N ALA S 389 -13.09 38.29 -63.17
CA ALA S 389 -13.75 39.60 -63.33
C ALA S 389 -15.03 39.47 -64.17
N HIS S 390 -14.99 38.65 -65.21
CA HIS S 390 -16.17 38.44 -66.09
C HIS S 390 -17.40 38.15 -65.23
N TRP S 391 -17.19 37.62 -64.02
CA TRP S 391 -18.35 37.25 -63.22
C TRP S 391 -19.09 38.46 -62.70
N PHE S 392 -18.43 39.61 -62.68
CA PHE S 392 -19.04 40.81 -62.18
C PHE S 392 -19.51 41.68 -63.31
N THR S 393 -18.79 41.71 -64.43
CA THR S 393 -19.20 42.61 -65.49
C THR S 393 -20.29 41.99 -66.35
N ASP S 394 -20.40 40.67 -66.34
CA ASP S 394 -21.43 40.03 -67.14
C ASP S 394 -22.71 39.96 -66.32
N SER S 395 -22.67 40.48 -65.09
CA SER S 395 -23.79 40.49 -64.18
C SER S 395 -24.22 41.91 -63.88
N GLY S 396 -23.83 42.83 -64.77
CA GLY S 396 -24.26 44.21 -64.66
C GLY S 396 -23.29 45.29 -64.19
N PHE S 397 -22.10 44.97 -63.68
CA PHE S 397 -21.22 46.05 -63.27
C PHE S 397 -20.31 46.53 -64.36
N GLU S 398 -19.97 47.78 -64.30
CA GLU S 398 -18.99 48.31 -65.25
C GLU S 398 -17.66 48.30 -64.53
N GLU S 399 -16.57 48.36 -65.28
CA GLU S 399 -15.26 48.43 -64.66
C GLU S 399 -15.22 49.68 -63.79
N LYS S 400 -15.94 50.70 -64.21
CA LYS S 400 -16.07 51.94 -63.48
C LYS S 400 -16.62 51.73 -62.08
N ASP S 401 -17.51 50.76 -61.87
CA ASP S 401 -18.10 50.60 -60.55
C ASP S 401 -17.12 49.88 -59.66
N LEU S 402 -16.38 48.96 -60.25
CA LEU S 402 -15.39 48.24 -59.48
C LEU S 402 -14.25 49.19 -59.08
N ASP S 403 -13.93 50.14 -59.97
CA ASP S 403 -12.89 51.12 -59.69
C ASP S 403 -13.37 52.19 -58.71
N ASP S 404 -14.63 52.61 -58.81
CA ASP S 404 -15.11 53.61 -57.86
C ASP S 404 -15.24 53.04 -56.48
N ALA S 405 -15.64 51.77 -56.36
CA ALA S 405 -15.76 51.20 -55.04
C ALA S 405 -14.39 51.15 -54.39
N ARG S 406 -13.37 50.79 -55.17
CA ARG S 406 -12.03 50.75 -54.64
C ARG S 406 -11.58 52.12 -54.20
N ALA S 407 -11.89 53.14 -54.99
CA ALA S 407 -11.49 54.50 -54.67
C ALA S 407 -12.11 54.99 -53.37
N LEU S 408 -13.36 54.62 -53.11
CA LEU S 408 -13.98 55.06 -51.87
C LEU S 408 -13.30 54.41 -50.68
N VAL S 409 -12.97 53.13 -50.83
CA VAL S 409 -12.30 52.44 -49.76
C VAL S 409 -10.96 53.09 -49.49
N GLN S 410 -10.23 53.46 -50.54
CA GLN S 410 -8.95 54.08 -50.32
C GLN S 410 -9.13 55.42 -49.65
N LYS S 411 -10.19 56.17 -49.98
CA LYS S 411 -10.37 57.45 -49.31
C LYS S 411 -10.47 57.26 -47.82
N VAL S 412 -11.23 56.27 -47.36
CA VAL S 412 -11.34 56.06 -45.93
C VAL S 412 -10.00 55.69 -45.32
N ILE S 413 -9.24 54.83 -46.00
CA ILE S 413 -7.93 54.46 -45.48
C ILE S 413 -7.04 55.68 -45.38
N ASP S 414 -7.01 56.50 -46.41
CA ASP S 414 -6.15 57.66 -46.38
C ASP S 414 -6.57 58.63 -45.30
N ASP S 415 -7.88 58.78 -45.05
CA ASP S 415 -8.31 59.70 -44.01
C ASP S 415 -7.92 59.19 -42.63
N TYR S 416 -8.04 57.89 -42.38
CA TYR S 416 -7.61 57.39 -41.08
C TYR S 416 -6.12 57.54 -40.88
N ARG S 417 -5.35 57.26 -41.92
CA ARG S 417 -3.91 57.31 -41.76
C ARG S 417 -3.42 58.73 -41.64
N LYS S 418 -3.95 59.65 -42.42
CA LYS S 418 -3.47 61.02 -42.34
C LYS S 418 -3.75 61.56 -40.98
N LEU S 419 -4.94 61.34 -40.47
CA LEU S 419 -5.30 61.87 -39.18
C LEU S 419 -4.33 61.34 -38.14
N THR S 420 -4.07 60.03 -38.19
CA THR S 420 -3.20 59.39 -37.22
C THR S 420 -1.79 59.93 -37.26
N GLU S 421 -1.22 60.13 -38.45
CA GLU S 421 0.12 60.69 -38.51
C GLU S 421 0.15 62.15 -38.07
N ASP S 422 -0.86 62.94 -38.42
CA ASP S 422 -0.87 64.35 -38.05
C ASP S 422 -0.89 64.48 -36.54
N ALA S 423 -1.58 63.53 -35.90
CA ALA S 423 -1.80 63.49 -34.46
C ALA S 423 -0.54 63.56 -33.65
N GLU S 424 0.59 63.09 -34.14
CA GLU S 424 1.77 63.11 -33.31
C GLU S 424 2.18 64.52 -32.92
N ASN S 425 1.92 65.50 -33.79
CA ASN S 425 2.31 66.86 -33.51
C ASN S 425 1.16 67.71 -33.01
N LEU S 426 0.00 67.11 -32.72
CA LEU S 426 -1.13 67.94 -32.30
C LEU S 426 -1.05 68.17 -30.82
N TYR S 427 -0.04 67.58 -30.23
CA TYR S 427 0.28 67.73 -28.83
C TYR S 427 1.34 68.81 -28.54
N PHE S 428 1.87 69.53 -29.59
CA PHE S 428 2.96 70.51 -29.43
C PHE S 428 2.64 71.80 -30.22
N ALA T 2 -47.04 80.94 3.21
CA ALA T 2 -45.85 80.09 2.95
C ALA T 2 -45.26 80.48 1.59
N ARG T 3 -44.01 80.93 1.56
CA ARG T 3 -43.37 81.24 0.26
C ARG T 3 -43.05 79.90 -0.39
N GLU T 4 -43.79 79.52 -1.43
CA GLU T 4 -43.65 78.15 -2.00
C GLU T 4 -42.67 78.08 -3.18
N VAL T 5 -41.84 77.04 -3.21
CA VAL T 5 -40.90 76.78 -4.29
C VAL T 5 -41.28 75.58 -5.17
N ILE T 6 -41.20 75.76 -6.48
CA ILE T 6 -41.49 74.66 -7.40
C ILE T 6 -40.20 74.05 -7.90
N THR T 7 -40.04 72.73 -7.75
CA THR T 7 -38.80 72.09 -8.16
C THR T 7 -39.01 71.31 -9.44
N ILE T 8 -38.14 71.51 -10.42
CA ILE T 8 -38.24 70.83 -11.70
C ILE T 8 -36.98 69.99 -11.92
N HIS T 9 -37.14 68.71 -12.25
CA HIS T 9 -35.98 67.84 -12.50
C HIS T 9 -35.88 67.58 -13.98
N VAL T 10 -34.77 67.97 -14.60
CA VAL T 10 -34.68 67.82 -16.04
C VAL T 10 -33.51 66.97 -16.47
N GLY T 11 -33.79 65.96 -17.25
CA GLY T 11 -32.73 65.10 -17.77
C GLY T 11 -32.54 63.87 -16.93
N GLU T 12 -31.78 62.93 -17.46
CA GLU T 12 -31.60 61.64 -16.80
C GLU T 12 -30.98 61.75 -15.42
N LEU T 13 -30.02 62.64 -15.23
CA LEU T 13 -29.40 62.75 -13.93
C LEU T 13 -30.27 63.51 -12.95
N GLY T 14 -30.90 64.59 -13.39
CA GLY T 14 -31.71 65.35 -12.45
C GLY T 14 -32.80 64.44 -11.90
N ILE T 15 -33.32 63.58 -12.75
CA ILE T 15 -34.32 62.62 -12.37
C ILE T 15 -33.71 61.55 -11.48
N GLN T 16 -32.50 61.05 -11.80
CA GLN T 16 -31.86 60.05 -10.96
C GLN T 16 -31.72 60.48 -9.53
N ILE T 17 -31.42 61.75 -9.33
CA ILE T 17 -31.28 62.38 -8.03
C ILE T 17 -32.59 62.46 -7.26
N ALA T 18 -33.69 62.77 -7.96
CA ALA T 18 -34.98 63.01 -7.34
C ALA T 18 -35.30 62.09 -6.16
N PRO T 19 -35.23 60.75 -6.20
CA PRO T 19 -35.59 59.93 -5.06
C PRO T 19 -34.74 60.17 -3.83
N ASN T 20 -33.53 60.70 -3.98
CA ASN T 20 -32.73 60.89 -2.80
C ASN T 20 -33.06 62.21 -2.21
N PHE T 21 -33.30 63.18 -3.08
CA PHE T 21 -33.64 64.50 -2.64
C PHE T 21 -34.95 64.47 -1.89
N TRP T 22 -35.95 63.84 -2.51
CA TRP T 22 -37.25 63.80 -1.91
C TRP T 22 -37.33 62.91 -0.70
N LYS T 23 -36.57 61.82 -0.63
CA LYS T 23 -36.62 61.04 0.59
C LYS T 23 -36.01 61.84 1.71
N TYR T 24 -34.94 62.61 1.47
CA TYR T 24 -34.42 63.38 2.57
C TYR T 24 -35.44 64.35 3.09
N LEU T 25 -36.18 65.01 2.20
CA LEU T 25 -37.15 65.98 2.67
C LEU T 25 -38.28 65.28 3.43
N CYS T 26 -38.70 64.10 2.96
CA CYS T 26 -39.76 63.38 3.62
C CYS T 26 -39.34 62.99 5.03
N ASP T 27 -38.11 62.56 5.21
CA ASP T 27 -37.74 62.18 6.54
C ASP T 27 -37.52 63.39 7.40
N GLU T 28 -36.97 64.44 6.81
CA GLU T 28 -36.67 65.63 7.56
C GLU T 28 -37.88 66.28 8.18
N HIS T 29 -39.00 66.27 7.47
CA HIS T 29 -40.25 66.87 7.94
C HIS T 29 -41.25 65.89 8.57
N ASN T 30 -40.83 64.64 8.85
CA ASN T 30 -41.69 63.55 9.38
C ASN T 30 -42.89 63.13 8.53
N ILE T 31 -42.65 62.93 7.25
CA ILE T 31 -43.63 62.45 6.28
C ILE T 31 -43.09 61.14 5.72
N ASP T 32 -43.96 60.18 5.50
CA ASP T 32 -43.51 58.90 4.98
C ASP T 32 -43.33 59.00 3.48
N TYR T 33 -42.92 57.95 2.82
CA TYR T 33 -42.61 58.05 1.40
C TYR T 33 -43.85 57.91 0.56
N LYS T 34 -44.97 57.68 1.20
CA LYS T 34 -46.25 57.58 0.54
C LYS T 34 -46.97 58.91 0.69
N GLY T 35 -46.34 59.89 1.33
CA GLY T 35 -46.94 61.19 1.54
C GLY T 35 -47.80 61.26 2.80
N GLN T 36 -47.82 60.19 3.57
CA GLN T 36 -48.63 60.17 4.77
C GLN T 36 -47.89 60.77 5.91
N GLU T 37 -48.58 61.36 6.85
CA GLU T 37 -47.90 61.95 7.99
C GLU T 37 -47.42 60.87 8.92
N LYS T 38 -46.27 61.07 9.52
CA LYS T 38 -45.66 60.11 10.42
C LYS T 38 -45.37 60.77 11.75
N GLY T 39 -46.39 61.05 12.55
CA GLY T 39 -46.17 61.78 13.78
C GLY T 39 -46.30 63.27 13.53
N LYS T 40 -45.61 64.07 14.31
CA LYS T 40 -45.73 65.52 14.25
C LYS T 40 -44.98 66.10 13.07
N ILE T 41 -45.63 66.95 12.29
CA ILE T 41 -44.97 67.57 11.16
C ILE T 41 -44.22 68.77 11.60
N ARG T 42 -42.99 68.89 11.13
CA ARG T 42 -42.16 70.00 11.54
C ARG T 42 -41.55 70.72 10.35
N GLY T 43 -41.34 72.03 10.50
CA GLY T 43 -40.77 72.88 9.46
C GLY T 43 -41.90 73.44 8.60
N VAL T 44 -41.59 74.29 7.65
CA VAL T 44 -42.64 74.84 6.85
C VAL T 44 -42.86 73.90 5.71
N ILE T 45 -43.68 72.92 5.97
CA ILE T 45 -43.90 71.85 5.03
C ILE T 45 -44.45 72.32 3.70
N ASP T 46 -45.28 73.35 3.77
CA ASP T 46 -45.95 73.90 2.63
C ASP T 46 -45.00 74.42 1.59
N ASN T 47 -43.76 74.77 1.93
CA ASN T 47 -42.93 75.32 0.90
C ASN T 47 -42.57 74.32 -0.19
N PHE T 48 -42.47 73.04 0.14
CA PHE T 48 -42.12 72.04 -0.87
C PHE T 48 -43.20 71.03 -1.14
N PHE T 49 -44.20 70.91 -0.27
CA PHE T 49 -45.24 69.92 -0.50
C PHE T 49 -46.62 70.54 -0.60
N GLU T 50 -47.39 70.03 -1.52
CA GLU T 50 -48.75 70.42 -1.75
C GLU T 50 -49.65 69.58 -0.89
N LYS T 51 -50.67 70.18 -0.29
CA LYS T 51 -51.57 69.36 0.50
C LYS T 51 -52.72 68.88 -0.36
N ALA T 52 -52.95 67.58 -0.33
CA ALA T 52 -54.01 66.93 -1.06
C ALA T 52 -55.36 67.21 -0.44
N SER T 53 -56.43 66.84 -1.14
CA SER T 53 -57.78 66.96 -0.61
C SER T 53 -58.00 65.97 0.56
N ILE T 54 -57.06 65.05 0.68
CA ILE T 54 -56.97 63.99 1.67
C ILE T 54 -55.70 64.23 2.48
N GLY T 55 -55.40 63.38 3.45
CA GLY T 55 -54.24 63.59 4.34
C GLY T 55 -52.84 63.54 3.69
N LYS T 56 -52.76 63.09 2.46
CA LYS T 56 -51.50 62.98 1.72
C LYS T 56 -50.81 64.29 1.30
N TRP T 57 -49.49 64.33 1.49
CA TRP T 57 -48.65 65.41 1.01
C TRP T 57 -48.08 65.02 -0.35
N ILE T 58 -48.08 65.95 -1.28
CA ILE T 58 -47.60 65.74 -2.63
C ILE T 58 -46.36 66.56 -2.92
N PRO T 59 -45.25 66.02 -3.39
CA PRO T 59 -44.08 66.82 -3.62
C PRO T 59 -44.45 67.81 -4.68
N ARG T 60 -44.08 69.06 -4.50
CA ARG T 60 -44.41 70.06 -5.48
C ARG T 60 -43.37 70.07 -6.60
N THR T 61 -43.49 69.08 -7.49
CA THR T 61 -42.48 68.90 -8.52
C THR T 61 -42.91 68.31 -9.86
N ILE T 62 -42.12 68.66 -10.87
CA ILE T 62 -42.25 68.21 -12.26
C ILE T 62 -41.03 67.45 -12.78
N LEU T 63 -41.23 66.31 -13.44
CA LEU T 63 -40.12 65.51 -13.96
C LEU T 63 -40.09 65.52 -15.49
N VAL T 64 -39.00 65.99 -16.10
CA VAL T 64 -38.91 66.08 -17.57
C VAL T 64 -37.80 65.21 -18.18
N ASP T 65 -38.16 64.34 -19.12
CA ASP T 65 -37.24 63.40 -19.79
C ASP T 65 -37.59 63.25 -21.26
N LEU T 66 -36.65 63.44 -22.18
CA LEU T 66 -36.98 63.31 -23.60
C LEU T 66 -37.12 61.85 -24.01
N GLY T 67 -36.70 60.92 -23.14
CA GLY T 67 -36.94 59.50 -23.36
C GLY T 67 -37.92 59.11 -22.26
N PRO T 68 -38.38 57.86 -22.18
CA PRO T 68 -39.28 57.38 -21.14
C PRO T 68 -38.63 56.75 -19.89
N ASN T 69 -37.32 56.56 -19.91
CA ASN T 69 -36.75 55.66 -18.92
C ASN T 69 -36.34 56.22 -17.58
N ALA T 70 -35.91 57.48 -17.49
CA ALA T 70 -35.49 57.90 -16.17
C ALA T 70 -36.71 58.01 -15.30
N ILE T 71 -37.80 58.46 -15.90
CA ILE T 71 -39.03 58.63 -15.16
C ILE T 71 -39.60 57.30 -14.83
N ARG T 72 -39.66 56.37 -15.78
CA ARG T 72 -40.24 55.09 -15.45
C ARG T 72 -39.55 54.46 -14.24
N LYS T 73 -38.23 54.49 -14.18
CA LYS T 73 -37.61 53.86 -13.03
C LYS T 73 -37.92 54.62 -11.75
N VAL T 74 -37.87 55.94 -11.77
CA VAL T 74 -38.14 56.68 -10.55
C VAL T 74 -39.54 56.54 -10.02
N THR T 75 -40.55 56.62 -10.87
CA THR T 75 -41.89 56.61 -10.35
C THR T 75 -42.49 55.22 -10.22
N LYS T 76 -41.93 54.21 -10.89
CA LYS T 76 -42.48 52.87 -10.77
C LYS T 76 -41.64 51.95 -9.90
N LYS T 77 -40.33 52.16 -9.76
CA LYS T 77 -39.54 51.25 -8.96
C LYS T 77 -38.90 51.86 -7.72
N ASP T 78 -38.34 53.08 -7.81
CA ASP T 78 -37.66 53.60 -6.63
C ASP T 78 -38.51 54.32 -5.60
N MET T 79 -39.49 55.12 -6.02
CA MET T 79 -40.27 55.80 -5.00
C MET T 79 -41.73 55.82 -5.45
N LYS T 80 -42.33 54.65 -5.33
CA LYS T 80 -43.66 54.36 -5.81
C LYS T 80 -44.70 55.19 -5.13
N ASP T 81 -45.66 55.67 -5.91
CA ASP T 81 -46.84 56.42 -5.47
C ASP T 81 -46.54 57.80 -4.88
N PHE T 82 -45.30 58.25 -4.94
CA PHE T 82 -44.98 59.54 -4.38
C PHE T 82 -45.13 60.67 -5.37
N PHE T 83 -44.67 60.45 -6.58
CA PHE T 83 -44.68 61.50 -7.57
C PHE T 83 -45.99 61.44 -8.33
N ASP T 84 -46.55 62.59 -8.64
CA ASP T 84 -47.80 62.70 -9.38
C ASP T 84 -47.58 62.46 -10.88
N PRO T 85 -48.14 61.41 -11.50
CA PRO T 85 -47.91 61.03 -12.88
C PRO T 85 -48.36 62.09 -13.86
N LYS T 86 -49.21 63.01 -13.43
CA LYS T 86 -49.68 64.03 -14.33
C LYS T 86 -48.72 65.19 -14.41
N ARG T 87 -47.63 65.08 -13.64
CA ARG T 87 -46.59 66.07 -13.62
C ARG T 87 -45.32 65.52 -14.28
N CYS T 88 -45.45 64.39 -14.98
CA CYS T 88 -44.30 63.83 -15.66
C CYS T 88 -44.40 64.03 -17.16
N VAL T 89 -43.33 64.51 -17.77
CA VAL T 89 -43.30 64.76 -19.19
C VAL T 89 -42.33 63.83 -19.87
N MET T 90 -42.81 63.02 -20.79
CA MET T 90 -41.91 62.08 -21.45
C MET T 90 -41.96 62.12 -22.95
N GLY T 91 -40.79 62.13 -23.54
CA GLY T 91 -40.64 62.02 -24.97
C GLY T 91 -40.33 60.59 -25.34
N LEU T 92 -40.00 60.37 -26.61
CA LEU T 92 -39.68 59.02 -27.05
C LEU T 92 -38.23 58.87 -27.53
N ALA T 93 -37.73 59.87 -28.23
CA ALA T 93 -36.42 59.75 -28.86
C ALA T 93 -35.22 59.95 -27.95
N GLY T 94 -35.36 60.58 -26.80
CA GLY T 94 -34.18 60.86 -26.01
C GLY T 94 -33.44 62.00 -26.66
N ASP T 95 -32.13 62.10 -26.44
CA ASP T 95 -31.41 63.24 -26.98
C ASP T 95 -30.11 62.92 -27.72
N ALA T 96 -29.74 61.65 -27.87
CA ALA T 96 -28.50 61.25 -28.56
C ALA T 96 -27.28 61.97 -28.02
N ASN T 97 -27.34 62.39 -26.76
CA ASN T 97 -26.34 63.16 -26.03
C ASN T 97 -26.08 64.54 -26.63
N LEU T 98 -26.98 65.07 -27.44
CA LEU T 98 -26.76 66.36 -28.05
C LEU T 98 -27.57 67.51 -27.49
N PHE T 99 -26.88 68.62 -27.23
CA PHE T 99 -27.48 69.89 -26.85
C PHE T 99 -28.52 70.24 -27.88
N ALA T 100 -28.18 70.05 -29.14
CA ALA T 100 -29.07 70.43 -30.21
C ALA T 100 -30.46 69.82 -30.07
N LYS T 101 -30.59 68.58 -29.59
CA LYS T 101 -31.95 68.07 -29.50
C LYS T 101 -32.69 68.69 -28.35
N GLY T 102 -32.00 68.84 -27.25
CA GLY T 102 -32.66 69.40 -26.09
C GLY T 102 -33.11 70.86 -26.29
N TYR T 103 -32.33 71.65 -27.02
CA TYR T 103 -32.66 73.07 -27.19
C TYR T 103 -33.30 73.50 -28.53
N TYR T 104 -33.02 72.81 -29.65
CA TYR T 104 -33.54 73.31 -30.93
C TYR T 104 -34.46 72.35 -31.69
N SER T 105 -34.06 71.08 -31.87
CA SER T 105 -34.84 70.23 -32.77
C SER T 105 -35.90 69.28 -32.21
N TYR T 106 -35.79 68.86 -30.96
CA TYR T 106 -36.75 67.89 -30.46
C TYR T 106 -37.46 68.42 -29.26
N GLY T 107 -36.71 68.92 -28.30
CA GLY T 107 -37.25 69.34 -27.03
C GLY T 107 -38.22 70.50 -27.15
N THR T 108 -38.17 71.21 -28.25
CA THR T 108 -39.00 72.35 -28.48
C THR T 108 -40.46 71.98 -28.66
N ARG T 109 -40.72 70.76 -29.12
CA ARG T 109 -42.10 70.35 -29.37
C ARG T 109 -42.82 70.04 -28.07
N PHE T 110 -42.08 69.97 -26.97
CA PHE T 110 -42.68 69.65 -25.70
C PHE T 110 -42.88 70.88 -24.88
N MET T 111 -42.54 72.06 -25.40
CA MET T 111 -42.67 73.21 -24.53
C MET T 111 -44.09 73.58 -24.20
N GLU T 112 -45.06 73.29 -25.07
CA GLU T 112 -46.42 73.63 -24.68
C GLU T 112 -46.85 72.76 -23.52
N GLU T 113 -46.50 71.49 -23.58
CA GLU T 113 -46.85 70.54 -22.54
C GLU T 113 -46.18 70.90 -21.22
N ILE T 114 -44.92 71.28 -21.29
CA ILE T 114 -44.17 71.61 -20.10
C ILE T 114 -44.69 72.87 -19.48
N MET T 115 -44.93 73.92 -20.26
CA MET T 115 -45.40 75.15 -19.65
C MET T 115 -46.82 74.99 -19.13
N ASP T 116 -47.62 74.11 -19.73
CA ASP T 116 -48.96 73.88 -19.24
C ASP T 116 -48.89 73.19 -17.89
N LYS T 117 -48.00 72.21 -17.74
CA LYS T 117 -47.90 71.56 -16.45
C LYS T 117 -47.37 72.52 -15.41
N ILE T 118 -46.44 73.38 -15.79
CA ILE T 118 -45.92 74.32 -14.83
C ILE T 118 -47.03 75.23 -14.39
N GLN T 119 -47.82 75.76 -15.31
CA GLN T 119 -48.87 76.63 -14.82
C GLN T 119 -49.84 75.91 -13.91
N LYS T 120 -50.16 74.66 -14.19
CA LYS T 120 -51.08 73.98 -13.29
C LYS T 120 -50.50 73.91 -11.89
N GLU T 121 -49.18 73.78 -11.77
CA GLU T 121 -48.53 73.71 -10.49
C GLU T 121 -48.51 75.12 -9.83
N VAL T 122 -48.27 76.15 -10.64
CA VAL T 122 -48.23 77.54 -10.18
C VAL T 122 -49.58 77.99 -9.68
N ASP T 123 -50.63 77.57 -10.34
CA ASP T 123 -51.98 77.93 -10.00
C ASP T 123 -52.42 77.39 -8.64
N GLN T 124 -51.67 76.47 -8.05
CA GLN T 124 -52.08 75.95 -6.76
C GLN T 124 -51.49 76.76 -5.63
N THR T 125 -50.66 77.76 -5.94
CA THR T 125 -50.00 78.51 -4.87
C THR T 125 -50.19 80.03 -4.87
N GLU T 126 -50.58 80.55 -3.72
CA GLU T 126 -50.82 81.99 -3.50
C GLU T 126 -49.55 82.83 -3.51
N HIS T 127 -48.48 82.31 -2.93
CA HIS T 127 -47.25 83.05 -2.83
C HIS T 127 -46.10 82.24 -3.30
N LEU T 128 -45.75 82.40 -4.57
CA LEU T 128 -44.68 81.65 -5.17
C LEU T 128 -43.42 82.46 -5.06
N GLN T 129 -42.43 81.86 -4.45
CA GLN T 129 -41.14 82.47 -4.19
C GLN T 129 -40.23 82.31 -5.39
N GLY T 130 -40.26 81.12 -5.96
CA GLY T 130 -39.38 80.85 -7.08
C GLY T 130 -39.35 79.42 -7.53
N PHE T 131 -38.42 79.16 -8.44
CA PHE T 131 -38.22 77.86 -9.03
C PHE T 131 -36.82 77.35 -8.86
N ILE T 132 -36.69 76.04 -8.69
CA ILE T 132 -35.39 75.40 -8.68
C ILE T 132 -35.34 74.39 -9.80
N VAL T 133 -34.37 74.53 -10.68
CA VAL T 133 -34.26 73.58 -11.77
C VAL T 133 -33.03 72.75 -11.57
N VAL T 134 -33.21 71.46 -11.46
CA VAL T 134 -32.12 70.54 -11.20
C VAL T 134 -31.76 69.85 -12.48
N HIS T 135 -30.53 70.01 -12.92
CA HIS T 135 -30.20 69.41 -14.19
C HIS T 135 -28.73 69.11 -14.37
N SER T 136 -28.47 68.16 -15.23
CA SER T 136 -27.14 67.88 -15.69
C SER T 136 -26.75 68.91 -16.68
N ILE T 137 -25.47 69.25 -16.84
CA ILE T 137 -25.07 70.17 -17.96
C ILE T 137 -24.31 69.31 -18.97
N GLY T 138 -24.32 68.00 -18.76
CA GLY T 138 -23.64 67.02 -19.58
C GLY T 138 -24.38 66.63 -20.84
N ASP T 139 -25.40 65.81 -20.65
CA ASP T 139 -26.26 65.26 -21.68
C ASP T 139 -27.16 66.31 -22.29
N GLY T 140 -27.63 66.05 -23.49
CA GLY T 140 -28.48 66.95 -24.23
C GLY T 140 -29.81 67.29 -23.56
N THR T 141 -30.44 66.34 -22.90
CA THR T 141 -31.71 66.71 -22.30
C THR T 141 -31.48 67.73 -21.20
N GLY T 142 -30.53 67.46 -20.30
CA GLY T 142 -30.24 68.41 -19.24
C GLY T 142 -29.68 69.72 -19.79
N ALA T 143 -28.61 69.62 -20.58
CA ALA T 143 -27.93 70.78 -21.13
C ALA T 143 -28.80 71.62 -22.04
N GLY T 144 -29.69 70.99 -22.79
CA GLY T 144 -30.55 71.64 -23.73
C GLY T 144 -31.88 72.11 -23.14
N LEU T 145 -32.70 71.20 -22.66
CA LEU T 145 -33.97 71.66 -22.14
C LEU T 145 -33.88 72.48 -20.92
N ALA T 146 -32.98 72.22 -19.98
CA ALA T 146 -33.13 73.00 -18.78
C ALA T 146 -33.10 74.50 -19.11
N PRO T 147 -32.16 75.08 -19.89
CA PRO T 147 -32.23 76.46 -20.31
C PRO T 147 -33.43 76.80 -21.19
N LEU T 148 -34.01 75.83 -21.91
CA LEU T 148 -35.16 76.19 -22.74
C LEU T 148 -36.34 76.47 -21.83
N ILE T 149 -36.44 75.66 -20.78
CA ILE T 149 -37.49 75.76 -19.79
C ILE T 149 -37.31 77.01 -18.99
N MET T 150 -36.08 77.28 -18.57
CA MET T 150 -35.81 78.47 -17.79
C MET T 150 -36.21 79.72 -18.54
N GLU T 151 -35.87 79.82 -19.83
CA GLU T 151 -36.24 81.01 -20.56
C GLU T 151 -37.75 81.16 -20.65
N ALA T 152 -38.45 80.06 -20.89
CA ALA T 152 -39.90 80.14 -21.00
C ALA T 152 -40.54 80.62 -19.71
N ILE T 153 -39.99 80.20 -18.57
CA ILE T 153 -40.51 80.66 -17.29
C ILE T 153 -40.18 82.11 -17.02
N LYS T 154 -38.93 82.53 -17.25
CA LYS T 154 -38.57 83.91 -16.94
C LYS T 154 -39.39 84.90 -17.74
N LYS T 155 -39.82 84.50 -18.94
CA LYS T 155 -40.58 85.43 -19.81
C LYS T 155 -42.05 85.51 -19.36
N LYS T 156 -42.47 84.60 -18.48
CA LYS T 156 -43.85 84.55 -18.04
C LYS T 156 -44.00 85.01 -16.60
N HIS T 157 -42.99 84.73 -15.79
CA HIS T 157 -43.00 85.05 -14.37
C HIS T 157 -41.70 85.78 -14.01
N PRO T 158 -41.47 86.99 -14.53
CA PRO T 158 -40.22 87.74 -14.46
C PRO T 158 -39.81 88.20 -13.06
N LYS T 159 -40.77 88.20 -12.13
CA LYS T 159 -40.50 88.67 -10.77
C LYS T 159 -40.08 87.57 -9.80
N LEU T 160 -40.02 86.33 -10.27
CA LEU T 160 -39.63 85.23 -9.40
C LEU T 160 -38.14 85.01 -9.46
N VAL T 161 -37.58 84.43 -8.40
CA VAL T 161 -36.16 84.11 -8.44
C VAL T 161 -35.97 82.72 -8.96
N MET T 162 -35.09 82.58 -9.93
CA MET T 162 -34.82 81.26 -10.45
C MET T 162 -33.42 80.77 -10.11
N MET T 163 -33.37 79.60 -9.52
CA MET T 163 -32.12 79.00 -9.16
C MET T 163 -31.92 77.71 -9.90
N SER T 164 -30.72 77.48 -10.35
CA SER T 164 -30.43 76.22 -10.99
C SER T 164 -29.40 75.47 -10.19
N TYR T 165 -29.47 74.16 -10.28
CA TYR T 165 -28.50 73.29 -9.67
C TYR T 165 -27.87 72.54 -10.81
N SER T 166 -26.72 73.00 -11.25
CA SER T 166 -26.03 72.52 -12.44
C SER T 166 -24.98 71.50 -12.07
N ILE T 167 -25.13 70.30 -12.58
CA ILE T 167 -24.20 69.27 -12.21
C ILE T 167 -23.24 68.94 -13.33
N VAL T 168 -21.96 69.15 -13.07
CA VAL T 168 -20.93 68.93 -14.07
C VAL T 168 -20.47 67.48 -13.99
N PRO T 169 -20.60 66.69 -15.06
CA PRO T 169 -20.22 65.32 -15.14
C PRO T 169 -18.74 65.19 -15.00
N SER T 170 -18.34 64.03 -14.55
CA SER T 170 -16.94 63.69 -14.42
C SER T 170 -16.23 63.43 -15.74
N GLN T 171 -14.90 63.44 -15.67
CA GLN T 171 -14.01 63.13 -16.79
C GLN T 171 -13.67 61.65 -16.85
N ASN T 172 -14.29 60.86 -15.97
CA ASN T 172 -14.08 59.43 -15.91
C ASN T 172 -15.41 58.65 -15.89
N MET T 173 -16.04 58.43 -14.74
CA MET T 173 -17.21 57.56 -14.70
C MET T 173 -18.38 58.05 -15.54
N ASP T 174 -18.53 59.35 -15.68
CA ASP T 174 -19.64 59.93 -16.44
C ASP T 174 -19.17 60.48 -17.77
N CYS T 175 -17.97 60.17 -18.19
CA CYS T 175 -17.48 60.88 -19.36
C CYS T 175 -18.15 60.55 -20.67
N SER T 176 -18.00 61.52 -21.57
CA SER T 176 -18.48 61.53 -22.94
C SER T 176 -17.53 62.26 -23.85
N THR T 177 -17.44 61.81 -25.07
CA THR T 177 -16.57 62.36 -26.09
C THR T 177 -17.00 63.71 -26.58
N ILE T 178 -18.24 64.11 -26.29
CA ILE T 178 -18.74 65.42 -26.68
C ILE T 178 -19.14 66.27 -25.48
N LEU T 179 -18.67 65.89 -24.29
CA LEU T 179 -18.99 66.65 -23.11
C LEU T 179 -18.66 68.14 -23.24
N PRO T 180 -17.48 68.57 -23.73
CA PRO T 180 -17.14 69.95 -23.86
C PRO T 180 -18.08 70.74 -24.75
N TYR T 181 -18.78 70.10 -25.69
CA TYR T 181 -19.64 70.92 -26.50
C TYR T 181 -20.89 71.21 -25.73
N ASN T 182 -21.42 70.21 -25.07
CA ASN T 182 -22.66 70.49 -24.41
C ASN T 182 -22.45 71.42 -23.23
N ALA T 183 -21.31 71.29 -22.54
CA ALA T 183 -21.07 72.14 -21.38
C ALA T 183 -20.93 73.61 -21.76
N ILE T 184 -20.23 73.92 -22.84
CA ILE T 184 -20.09 75.31 -23.22
C ILE T 184 -21.36 75.86 -23.80
N LEU T 185 -22.03 75.08 -24.64
CA LEU T 185 -23.24 75.55 -25.26
C LEU T 185 -24.31 75.81 -24.24
N SER T 186 -24.38 75.01 -23.17
CA SER T 186 -25.38 75.26 -22.16
C SER T 186 -24.97 76.31 -21.12
N LEU T 187 -23.67 76.49 -20.82
CA LEU T 187 -23.29 77.56 -19.89
C LEU T 187 -23.64 78.89 -20.51
N ASP T 188 -23.56 78.94 -21.82
CA ASP T 188 -23.91 80.13 -22.56
C ASP T 188 -25.35 80.55 -22.32
N LYS T 189 -26.25 79.60 -22.07
CA LYS T 189 -27.63 79.99 -21.89
C LYS T 189 -27.90 80.20 -20.42
N LEU T 190 -27.21 79.46 -19.54
CA LEU T 190 -27.44 79.61 -18.11
C LEU T 190 -27.05 80.99 -17.69
N THR T 191 -26.07 81.54 -18.37
CA THR T 191 -25.58 82.86 -18.13
C THR T 191 -26.69 83.90 -18.17
N SER T 192 -27.67 83.79 -19.08
CA SER T 192 -28.75 84.77 -19.10
C SER T 192 -30.03 84.26 -18.43
N CYS T 193 -30.17 82.94 -18.26
CA CYS T 193 -31.36 82.32 -17.71
C CYS T 193 -31.55 82.37 -16.20
N ALA T 194 -30.56 81.95 -15.44
CA ALA T 194 -30.71 81.81 -14.00
C ALA T 194 -30.33 83.08 -13.25
N ASP T 195 -30.89 83.27 -12.07
CA ASP T 195 -30.47 84.36 -11.22
C ASP T 195 -29.35 83.86 -10.33
N ILE T 196 -29.47 82.61 -9.91
CA ILE T 196 -28.50 81.93 -9.07
C ILE T 196 -28.14 80.62 -9.74
N SER T 197 -26.86 80.29 -9.89
CA SER T 197 -26.55 78.99 -10.48
C SER T 197 -25.50 78.26 -9.69
N MET T 198 -25.87 77.14 -9.11
CA MET T 198 -24.93 76.41 -8.28
C MET T 198 -24.17 75.45 -9.14
N ILE T 199 -22.86 75.36 -8.96
CA ILE T 199 -22.10 74.38 -9.71
C ILE T 199 -21.54 73.32 -8.81
N ILE T 200 -21.90 72.08 -9.10
CA ILE T 200 -21.40 70.95 -8.35
C ILE T 200 -20.59 70.09 -9.31
N ASP T 201 -19.35 69.80 -8.95
CA ASP T 201 -18.47 69.00 -9.80
C ASP T 201 -18.39 67.52 -9.38
N ASN T 202 -18.87 66.59 -10.23
CA ASN T 202 -18.86 65.19 -9.81
C ASN T 202 -17.46 64.66 -9.57
N ASP T 203 -16.42 65.23 -10.18
CA ASP T 203 -15.10 64.69 -9.89
C ASP T 203 -14.66 65.00 -8.50
N SER T 204 -15.16 66.10 -7.92
CA SER T 204 -14.80 66.42 -6.58
C SER T 204 -15.53 65.45 -5.70
N ILE T 205 -16.76 65.13 -6.04
CA ILE T 205 -17.48 64.21 -5.19
C ILE T 205 -16.79 62.87 -5.20
N TYR T 206 -16.37 62.39 -6.37
CA TYR T 206 -15.74 61.09 -6.37
C TYR T 206 -14.46 61.07 -5.56
N ARG T 207 -13.59 62.10 -5.65
CA ARG T 207 -12.36 62.02 -4.86
C ARG T 207 -12.57 62.29 -3.38
N ILE T 208 -13.56 63.09 -3.04
CA ILE T 208 -13.82 63.38 -1.66
C ILE T 208 -14.39 62.18 -0.94
N VAL T 209 -15.35 61.53 -1.56
CA VAL T 209 -15.92 60.37 -0.93
C VAL T 209 -14.87 59.28 -0.85
N ALA T 210 -14.10 59.07 -1.91
CA ALA T 210 -13.08 58.05 -1.87
C ALA T 210 -12.09 58.29 -0.74
N THR T 211 -11.75 59.56 -0.48
CA THR T 211 -10.85 59.87 0.62
C THR T 211 -11.48 59.51 1.95
N GLN T 212 -12.76 59.87 2.15
CA GLN T 212 -13.43 59.56 3.41
C GLN T 212 -13.61 58.08 3.60
N GLY T 213 -13.75 57.39 2.49
CA GLY T 213 -13.96 55.96 2.46
C GLY T 213 -12.67 55.17 2.43
N LYS T 214 -11.51 55.79 2.60
CA LYS T 214 -10.27 55.02 2.48
C LYS T 214 -10.19 53.90 3.53
N GLU T 215 -10.94 54.04 4.63
CA GLU T 215 -10.97 53.08 5.71
C GLU T 215 -12.08 52.02 5.59
N ASN T 216 -12.93 52.10 4.56
CA ASN T 216 -14.06 51.17 4.49
C ASN T 216 -14.57 50.89 3.07
N GLU T 217 -15.60 50.07 2.95
CA GLU T 217 -16.14 49.71 1.64
C GLU T 217 -17.28 50.60 1.13
N LEU T 218 -17.65 51.61 1.91
CA LEU T 218 -18.75 52.48 1.54
C LEU T 218 -20.01 51.73 1.08
N SER T 219 -20.64 52.26 0.04
CA SER T 219 -21.81 51.77 -0.65
C SER T 219 -21.84 52.46 -1.97
N GLU T 220 -22.31 51.82 -3.01
CA GLU T 220 -22.33 52.51 -4.30
C GLU T 220 -23.34 53.66 -4.34
N SER T 221 -24.27 53.66 -3.41
CA SER T 221 -25.28 54.71 -3.36
C SER T 221 -24.74 56.03 -2.79
N ILE T 222 -23.56 56.01 -2.19
CA ILE T 222 -23.03 57.19 -1.54
C ILE T 222 -22.80 58.37 -2.47
N PHE T 223 -22.49 58.13 -3.72
CA PHE T 223 -22.20 59.25 -4.57
C PHE T 223 -23.45 60.06 -4.83
N ASP T 224 -24.59 59.39 -4.99
CA ASP T 224 -25.83 60.06 -5.25
C ASP T 224 -26.37 60.68 -3.98
N GLN T 225 -26.10 60.06 -2.83
CA GLN T 225 -26.62 60.65 -1.61
C GLN T 225 -25.91 61.97 -1.35
N VAL T 226 -24.60 62.05 -1.63
CA VAL T 226 -23.90 63.30 -1.38
C VAL T 226 -24.39 64.39 -2.31
N LEU T 227 -24.59 64.07 -3.57
CA LEU T 227 -25.04 65.08 -4.52
C LEU T 227 -26.45 65.59 -4.16
N ALA T 228 -27.36 64.67 -3.82
CA ALA T 228 -28.70 65.05 -3.43
C ALA T 228 -28.73 65.84 -2.14
N LYS T 229 -27.89 65.45 -1.19
CA LYS T 229 -27.86 66.12 0.09
C LYS T 229 -27.42 67.53 -0.05
N ALA T 230 -26.44 67.80 -0.91
CA ALA T 230 -26.04 69.18 -1.01
C ALA T 230 -27.22 70.04 -1.39
N LEU T 231 -28.11 69.59 -2.29
CA LEU T 231 -29.23 70.47 -2.59
C LEU T 231 -30.14 70.62 -1.39
N VAL T 232 -30.35 69.54 -0.65
CA VAL T 232 -31.25 69.59 0.51
C VAL T 232 -30.77 70.60 1.53
N GLU T 233 -29.46 70.59 1.78
CA GLU T 233 -28.88 71.51 2.75
C GLU T 233 -28.92 72.95 2.26
N ILE T 234 -28.74 73.19 0.95
CA ILE T 234 -28.79 74.56 0.43
C ILE T 234 -30.15 75.12 0.71
N THR T 235 -31.16 74.30 0.51
CA THR T 235 -32.55 74.63 0.73
C THR T 235 -33.04 74.56 2.17
N ALA T 236 -32.21 74.18 3.13
CA ALA T 236 -32.70 74.04 4.50
C ALA T 236 -33.25 75.34 5.05
N THR T 237 -32.67 76.46 4.67
CA THR T 237 -33.09 77.73 5.21
C THR T 237 -34.37 78.21 4.57
N LEU T 238 -34.81 77.55 3.50
CA LEU T 238 -36.03 77.94 2.84
C LEU T 238 -37.19 77.11 3.41
N ARG T 239 -36.86 76.15 4.28
CA ARG T 239 -37.85 75.23 4.83
C ARG T 239 -38.03 75.40 6.33
N PHE T 240 -37.01 75.88 7.00
CA PHE T 240 -37.09 76.08 8.44
C PHE T 240 -37.01 77.56 8.74
N ASN T 241 -37.51 78.00 9.88
CA ASN T 241 -37.49 79.43 10.17
C ASN T 241 -36.12 79.87 10.67
N SER T 242 -35.22 79.91 9.71
CA SER T 242 -33.81 80.18 9.85
C SER T 242 -33.52 81.67 9.89
N PRO T 243 -32.42 82.14 10.52
CA PRO T 243 -32.06 83.56 10.49
C PRO T 243 -31.14 83.84 9.30
N LEU T 244 -31.21 83.01 8.25
CA LEU T 244 -30.29 83.16 7.09
C LEU T 244 -30.98 82.66 5.81
N ASN T 245 -30.59 83.18 4.66
CA ASN T 245 -31.15 82.76 3.37
C ASN T 245 -32.65 82.48 3.51
N ARG T 246 -33.32 83.31 4.31
CA ARG T 246 -34.74 83.18 4.56
C ARG T 246 -35.55 82.95 3.31
N SER T 247 -35.13 83.55 2.21
CA SER T 247 -35.84 83.41 0.95
C SER T 247 -34.85 83.45 -0.20
N MET T 248 -35.30 83.02 -1.37
CA MET T 248 -34.48 83.00 -2.57
C MET T 248 -34.04 84.40 -2.96
N MET T 249 -34.88 85.38 -2.68
CA MET T 249 -34.53 86.75 -2.97
C MET T 249 -33.36 87.22 -2.13
N GLU T 250 -33.27 86.69 -0.90
CA GLU T 250 -32.17 87.09 0.01
C GLU T 250 -30.91 86.35 -0.39
N MET T 251 -31.04 85.13 -0.94
CA MET T 251 -29.82 84.46 -1.39
C MET T 251 -29.23 85.23 -2.54
N SER T 252 -30.09 85.74 -3.42
CA SER T 252 -29.64 86.49 -4.55
C SER T 252 -28.95 87.77 -4.11
N THR T 253 -29.55 88.51 -3.18
CA THR T 253 -28.96 89.81 -2.74
C THR T 253 -27.65 89.57 -1.97
N ASN T 254 -27.52 88.45 -1.24
CA ASN T 254 -26.34 88.18 -0.45
C ASN T 254 -25.16 87.71 -1.28
N LEU T 255 -25.42 86.94 -2.32
CA LEU T 255 -24.37 86.34 -3.10
C LEU T 255 -24.05 86.89 -4.48
N VAL T 256 -24.97 87.55 -5.19
CA VAL T 256 -24.69 87.95 -6.57
C VAL T 256 -24.64 89.47 -6.81
N PRO T 257 -23.47 90.14 -6.80
CA PRO T 257 -23.32 91.57 -6.99
C PRO T 257 -23.54 92.10 -8.41
N PHE T 258 -23.37 91.26 -9.40
CA PHE T 258 -23.55 91.67 -10.79
C PHE T 258 -24.38 90.60 -11.45
N PRO T 259 -25.26 90.92 -12.40
CA PRO T 259 -26.10 89.96 -13.12
C PRO T 259 -25.36 88.75 -13.70
N ARG T 260 -24.14 88.92 -14.17
CA ARG T 260 -23.43 87.78 -14.73
C ARG T 260 -22.66 86.97 -13.71
N ASN T 261 -22.29 87.55 -12.59
CA ASN T 261 -21.46 86.82 -11.66
C ASN T 261 -22.28 86.05 -10.67
N HIS T 262 -23.06 85.12 -11.18
CA HIS T 262 -23.97 84.36 -10.35
C HIS T 262 -23.62 82.89 -10.17
N PHE T 263 -22.44 82.46 -10.61
CA PHE T 263 -22.11 81.05 -10.50
C PHE T 263 -21.44 80.80 -9.16
N LEU T 264 -22.07 79.93 -8.37
CA LEU T 264 -21.64 79.67 -7.00
C LEU T 264 -21.09 78.28 -6.71
N MET T 265 -20.17 78.23 -5.78
CA MET T 265 -19.54 77.01 -5.30
C MET T 265 -20.04 76.62 -3.94
N THR T 266 -19.98 75.33 -3.60
CA THR T 266 -20.37 74.95 -2.26
C THR T 266 -19.35 74.10 -1.57
N SER T 267 -19.52 74.03 -0.26
CA SER T 267 -18.72 73.22 0.64
C SER T 267 -19.59 72.61 1.69
N MET T 268 -19.38 71.33 1.97
CA MET T 268 -20.27 70.66 2.92
C MET T 268 -19.58 69.74 3.90
N SER T 269 -20.08 69.75 5.13
CA SER T 269 -19.59 68.89 6.18
C SER T 269 -20.74 68.47 7.09
N PRO T 270 -20.83 67.19 7.45
CA PRO T 270 -19.97 66.04 7.23
C PRO T 270 -20.12 65.25 5.94
N LEU T 271 -20.68 65.83 4.89
CA LEU T 271 -20.92 65.18 3.60
C LEU T 271 -22.06 64.18 3.65
N GLU T 272 -21.93 63.17 4.51
CA GLU T 272 -23.02 62.26 4.75
C GLU T 272 -22.91 61.66 6.15
N THR T 273 -24.06 61.45 6.76
CA THR T 273 -24.14 60.93 8.11
C THR T 273 -23.47 59.57 8.22
N SER T 274 -23.67 58.72 7.22
CA SER T 274 -23.12 57.38 7.18
C SER T 274 -21.60 57.36 6.95
N LEU T 275 -21.04 58.50 6.51
CA LEU T 275 -19.57 58.60 6.34
C LEU T 275 -18.96 58.94 7.69
N THR T 276 -19.70 59.69 8.53
CA THR T 276 -19.19 60.08 9.87
C THR T 276 -20.05 59.38 10.94
N SER T 277 -19.64 58.19 11.36
CA SER T 277 -20.44 57.41 12.36
C SER T 277 -19.67 57.29 13.67
N ALA T 278 -20.20 56.53 14.63
CA ALA T 278 -19.55 56.34 15.96
C ALA T 278 -19.40 57.70 16.66
N HIS T 279 -18.22 57.99 17.21
CA HIS T 279 -18.03 59.25 17.97
C HIS T 279 -17.85 60.42 17.00
N GLN T 280 -18.90 61.21 16.82
CA GLN T 280 -18.83 62.33 15.83
C GLN T 280 -19.17 63.63 16.55
N LYS T 281 -18.61 63.84 17.74
CA LYS T 281 -18.84 65.13 18.43
C LYS T 281 -18.05 66.19 17.67
N ILE T 282 -18.60 66.69 16.57
CA ILE T 282 -17.90 67.74 15.76
C ILE T 282 -18.16 69.08 16.44
N GLU T 283 -17.15 69.60 17.13
CA GLU T 283 -17.32 70.87 17.88
C GLU T 283 -17.48 72.02 16.89
N THR T 284 -18.18 73.08 17.31
CA THR T 284 -18.41 74.25 16.42
C THR T 284 -17.08 74.64 15.76
N LYS T 285 -15.96 74.49 16.47
CA LYS T 285 -14.65 74.94 15.97
C LYS T 285 -14.19 74.09 14.78
N GLU T 286 -14.31 72.76 14.86
CA GLU T 286 -13.81 71.94 13.78
C GLU T 286 -14.74 72.07 12.60
N LEU T 287 -16.04 72.18 12.83
CA LEU T 287 -16.94 72.27 11.69
C LEU T 287 -16.57 73.44 10.81
N MET T 288 -16.28 74.60 11.39
CA MET T 288 -15.95 75.70 10.49
C MET T 288 -14.60 75.57 9.82
N GLN T 289 -13.67 74.83 10.41
CA GLN T 289 -12.42 74.67 9.69
C GLN T 289 -12.63 73.68 8.56
N ASP T 290 -13.48 72.68 8.78
CA ASP T 290 -13.74 71.67 7.76
C ASP T 290 -14.39 72.28 6.54
N LEU T 291 -15.24 73.26 6.75
CA LEU T 291 -15.95 73.87 5.65
C LEU T 291 -15.09 74.68 4.68
N ILE T 292 -13.83 74.99 5.03
CA ILE T 292 -12.99 75.67 4.05
C ILE T 292 -11.79 74.80 3.72
N ASP T 293 -11.89 73.52 4.06
CA ASP T 293 -10.87 72.54 3.79
C ASP T 293 -11.00 72.04 2.37
N GLN T 294 -9.91 71.62 1.77
CA GLN T 294 -9.99 71.10 0.42
C GLN T 294 -10.87 69.90 0.26
N ASP T 295 -10.97 69.07 1.28
CA ASP T 295 -11.71 67.84 1.11
C ASP T 295 -13.19 67.99 1.31
N HIS T 296 -13.66 69.20 1.56
CA HIS T 296 -15.07 69.43 1.71
C HIS T 296 -15.63 70.32 0.62
N ILE T 297 -14.81 70.70 -0.35
CA ILE T 297 -15.29 71.60 -1.39
C ILE T 297 -15.67 70.82 -2.61
N LEU T 298 -16.90 70.98 -3.08
CA LEU T 298 -17.38 70.17 -4.19
C LEU T 298 -17.09 70.85 -5.53
N ALA T 299 -15.82 71.14 -5.72
CA ALA T 299 -15.28 71.82 -6.88
C ALA T 299 -13.78 71.67 -6.84
N PRO T 300 -13.04 71.73 -7.95
CA PRO T 300 -11.59 71.72 -7.96
C PRO T 300 -11.04 73.08 -7.60
N ILE T 301 -11.40 73.52 -6.39
CA ILE T 301 -11.07 74.82 -5.87
C ILE T 301 -10.46 74.80 -4.49
N THR T 302 -9.39 75.54 -4.36
CA THR T 302 -8.70 75.76 -3.12
C THR T 302 -9.09 77.19 -2.74
N VAL T 303 -9.60 77.43 -1.53
CA VAL T 303 -10.06 78.78 -1.25
C VAL T 303 -8.93 79.78 -1.21
N GLU T 304 -7.76 79.31 -0.82
CA GLU T 304 -6.54 80.09 -0.72
C GLU T 304 -6.04 80.57 -2.07
N LYS T 305 -6.51 79.97 -3.16
CA LYS T 305 -6.03 80.34 -4.47
C LYS T 305 -7.15 80.93 -5.30
N GLY T 306 -7.42 82.20 -5.07
CA GLY T 306 -8.51 82.90 -5.71
C GLY T 306 -9.08 83.94 -4.77
N VAL T 307 -10.09 84.66 -5.22
CA VAL T 307 -10.66 85.75 -4.44
C VAL T 307 -12.16 85.62 -4.26
N PHE T 308 -12.61 85.86 -3.03
CA PHE T 308 -14.02 85.85 -2.68
C PHE T 308 -14.69 87.15 -2.98
N THR T 309 -15.92 87.05 -3.40
CA THR T 309 -16.76 88.21 -3.62
C THR T 309 -17.87 88.19 -2.59
N ALA T 310 -18.28 87.00 -2.20
CA ALA T 310 -19.33 86.82 -1.21
C ALA T 310 -19.15 85.49 -0.51
N PHE T 311 -19.53 85.40 0.76
CA PHE T 311 -19.38 84.13 1.44
C PHE T 311 -20.37 83.94 2.58
N VAL T 312 -21.25 82.95 2.44
CA VAL T 312 -22.25 82.69 3.46
C VAL T 312 -22.14 81.29 4.03
N ILE T 313 -22.03 81.20 5.35
CA ILE T 313 -21.94 79.93 6.03
C ILE T 313 -23.21 79.60 6.80
N ALA T 314 -23.90 78.55 6.39
CA ALA T 314 -25.14 78.16 7.03
C ALA T 314 -24.95 76.89 7.83
N LEU T 315 -25.07 77.00 9.14
CA LEU T 315 -24.85 75.88 10.01
C LEU T 315 -26.17 75.39 10.56
N ARG T 316 -26.18 74.19 11.10
CA ARG T 316 -27.36 73.67 11.72
C ARG T 316 -26.97 73.15 13.10
N GLY T 317 -27.82 73.37 14.09
CA GLY T 317 -27.59 72.91 15.45
C GLY T 317 -27.02 74.04 16.29
N GLU T 318 -26.80 73.79 17.57
CA GLU T 318 -26.26 74.88 18.35
C GLU T 318 -24.84 75.15 17.92
N ASN T 319 -24.60 76.41 17.64
CA ASN T 319 -23.36 76.96 17.18
C ASN T 319 -23.15 78.34 17.79
N PRO T 320 -22.60 78.47 18.99
CA PRO T 320 -22.50 79.71 19.71
C PRO T 320 -21.86 80.75 18.84
N HIS T 321 -22.39 81.96 18.88
CA HIS T 321 -21.89 82.99 18.00
C HIS T 321 -20.50 83.44 18.30
N SER T 322 -20.07 83.35 19.55
CA SER T 322 -18.72 83.76 19.89
C SER T 322 -17.69 82.83 19.28
N ILE T 323 -18.10 81.61 18.96
CA ILE T 323 -17.18 80.68 18.37
C ILE T 323 -17.16 80.96 16.92
N LEU T 324 -18.33 81.23 16.35
CA LEU T 324 -18.35 81.45 14.93
C LEU T 324 -17.51 82.66 14.60
N GLN T 325 -17.55 83.69 15.44
CA GLN T 325 -16.75 84.86 15.16
C GLN T 325 -15.26 84.60 15.31
N ASN T 326 -14.85 83.79 16.28
CA ASN T 326 -13.42 83.54 16.36
C ASN T 326 -12.96 82.68 15.20
N SER T 327 -13.82 81.75 14.73
CA SER T 327 -13.46 80.92 13.61
C SER T 327 -13.29 81.74 12.36
N ILE T 328 -14.15 82.73 12.16
CA ILE T 328 -14.01 83.59 10.99
C ILE T 328 -12.77 84.43 11.08
N LYS T 329 -12.50 85.03 12.22
CA LYS T 329 -11.32 85.85 12.32
C LYS T 329 -10.07 85.02 12.05
N GLY T 330 -10.12 83.77 12.49
CA GLY T 330 -9.05 82.80 12.37
C GLY T 330 -8.84 82.29 10.95
N PHE T 331 -9.69 82.71 10.01
CA PHE T 331 -9.50 82.32 8.63
C PHE T 331 -8.27 83.04 8.10
N GLY T 332 -7.92 84.19 8.68
CA GLY T 332 -6.73 84.90 8.24
C GLY T 332 -6.80 85.28 6.79
N ASP T 333 -5.76 84.96 6.04
CA ASP T 333 -5.69 85.26 4.63
C ASP T 333 -6.04 84.08 3.76
N ARG T 334 -6.65 83.05 4.35
CA ARG T 334 -7.08 81.92 3.56
C ARG T 334 -8.34 82.32 2.83
N VAL T 335 -9.10 83.20 3.46
CA VAL T 335 -10.32 83.71 2.90
C VAL T 335 -10.13 85.19 2.65
N LYS T 336 -9.90 85.54 1.39
CA LYS T 336 -9.60 86.91 1.06
C LYS T 336 -10.50 87.44 -0.02
N PHE T 337 -10.84 88.73 0.07
CA PHE T 337 -11.74 89.38 -0.90
C PHE T 337 -10.98 90.50 -1.60
N SER T 338 -11.68 91.32 -2.37
CA SER T 338 -11.03 92.47 -3.05
C SER T 338 -10.81 93.60 -2.04
N GLU T 339 -10.05 94.63 -2.43
CA GLU T 339 -9.83 95.80 -1.53
C GLU T 339 -11.07 96.71 -1.63
N ILE T 340 -11.99 96.40 -2.54
CA ILE T 340 -13.23 97.21 -2.69
C ILE T 340 -14.35 96.52 -1.88
N PHE T 341 -14.03 95.51 -1.08
CA PHE T 341 -15.06 94.92 -0.25
C PHE T 341 -14.57 94.76 1.18
N PRO T 342 -15.45 94.83 2.16
CA PRO T 342 -15.18 94.45 3.51
C PRO T 342 -15.16 92.94 3.48
N THR T 343 -14.57 92.29 4.45
CA THR T 343 -14.61 90.83 4.46
C THR T 343 -15.95 90.36 4.94
N ALA T 344 -16.91 90.44 4.05
CA ALA T 344 -18.30 90.19 4.30
C ALA T 344 -18.62 88.72 4.37
N ILE T 345 -18.19 88.11 5.45
CA ILE T 345 -18.43 86.70 5.71
C ILE T 345 -19.55 86.61 6.71
N LYS T 346 -20.67 85.99 6.33
CA LYS T 346 -21.85 85.94 7.22
C LYS T 346 -22.13 84.51 7.67
N ALA T 347 -22.30 84.31 8.99
CA ALA T 347 -22.53 82.96 9.48
C ALA T 347 -23.53 82.95 10.60
N ASP T 348 -24.35 81.91 10.63
CA ASP T 348 -25.33 81.67 11.70
C ASP T 348 -25.84 80.25 11.60
N SER T 349 -26.75 79.84 12.51
CA SER T 349 -27.29 78.48 12.43
C SER T 349 -28.79 78.33 12.60
N THR T 350 -29.29 77.24 12.01
CA THR T 350 -30.69 76.83 12.03
C THR T 350 -30.93 75.45 12.63
N THR T 351 -32.17 75.00 12.54
CA THR T 351 -32.67 73.74 13.09
C THR T 351 -32.12 72.43 12.51
N LEU T 352 -31.74 71.55 13.44
CA LEU T 352 -31.25 70.20 13.05
C LEU T 352 -32.37 69.17 13.18
N THR T 353 -32.52 68.30 12.21
CA THR T 353 -33.51 67.27 12.08
C THR T 353 -32.97 65.84 12.14
N ASP T 354 -31.66 65.70 11.93
CA ASP T 354 -30.98 64.42 11.87
C ASP T 354 -30.46 64.04 13.24
N GLU T 355 -31.08 63.05 13.85
CA GLU T 355 -30.80 62.66 15.22
C GLU T 355 -29.41 62.05 15.42
N LYS T 356 -28.70 61.74 14.34
CA LYS T 356 -27.38 61.17 14.46
C LYS T 356 -26.26 62.21 14.48
N LEU T 357 -26.57 63.47 14.19
CA LEU T 357 -25.50 64.46 14.13
C LEU T 357 -25.64 65.57 15.12
N ALA T 358 -24.55 65.86 15.81
CA ALA T 358 -24.53 66.96 16.76
C ALA T 358 -24.76 68.30 16.09
N ARG T 359 -24.20 68.46 14.89
CA ARG T 359 -24.31 69.67 14.10
C ARG T 359 -23.82 69.42 12.71
N SER T 360 -24.10 70.35 11.82
CA SER T 360 -23.65 70.22 10.44
C SER T 360 -23.64 71.56 9.73
N GLY T 361 -23.13 71.61 8.51
CA GLY T 361 -23.24 72.87 7.77
C GLY T 361 -22.82 72.83 6.31
N ILE T 362 -23.16 73.91 5.63
CA ILE T 362 -22.89 74.09 4.21
C ILE T 362 -22.56 75.53 3.91
N THR T 363 -21.69 75.78 2.93
CA THR T 363 -21.46 77.16 2.60
C THR T 363 -21.76 77.41 1.15
N LEU T 364 -22.05 78.67 0.86
CA LEU T 364 -22.28 79.16 -0.48
C LEU T 364 -21.23 80.21 -0.79
N MET T 365 -20.44 79.99 -1.84
CA MET T 365 -19.36 80.89 -2.11
C MET T 365 -19.39 81.50 -3.49
N ASN T 366 -19.11 82.78 -3.57
CA ASN T 366 -18.98 83.42 -4.85
C ASN T 366 -17.50 83.68 -4.91
N HIS T 367 -16.80 82.86 -5.67
CA HIS T 367 -15.35 82.83 -5.69
C HIS T 367 -14.83 82.69 -7.10
N SER T 368 -13.74 83.39 -7.39
CA SER T 368 -13.15 83.45 -8.73
C SER T 368 -12.66 82.12 -9.25
N GLY T 369 -12.49 81.13 -8.40
CA GLY T 369 -12.01 79.82 -8.78
C GLY T 369 -12.96 79.12 -9.76
N VAL T 370 -14.20 79.59 -9.86
CA VAL T 370 -15.11 78.99 -10.83
C VAL T 370 -14.58 79.16 -12.24
N ALA T 371 -13.84 80.23 -12.48
CA ALA T 371 -13.30 80.54 -13.76
C ALA T 371 -12.35 79.46 -14.23
N ASN T 372 -11.75 78.71 -13.31
CA ASN T 372 -10.83 77.68 -13.68
C ASN T 372 -11.54 76.48 -14.27
N LEU T 373 -12.76 76.22 -13.82
CA LEU T 373 -13.52 75.09 -14.35
C LEU T 373 -13.99 75.47 -15.71
N PHE T 374 -14.40 76.71 -15.86
CA PHE T 374 -14.88 77.14 -17.13
C PHE T 374 -13.74 77.11 -18.12
N GLN T 375 -12.54 77.56 -17.73
CA GLN T 375 -11.45 77.54 -18.69
C GLN T 375 -11.06 76.13 -19.04
N PHE T 376 -11.11 75.20 -18.09
CA PHE T 376 -10.77 73.83 -18.41
C PHE T 376 -11.67 73.29 -19.50
N LEU T 377 -12.97 73.47 -19.33
CA LEU T 377 -13.93 72.98 -20.30
C LEU T 377 -13.82 73.74 -21.60
N LEU T 378 -13.53 75.03 -21.55
CA LEU T 378 -13.44 75.82 -22.77
C LEU T 378 -12.24 75.39 -23.58
N THR T 379 -11.11 75.08 -22.94
CA THR T 379 -9.96 74.62 -23.71
C THR T 379 -10.32 73.35 -24.45
N GLN T 380 -11.01 72.41 -23.78
CA GLN T 380 -11.35 71.16 -24.45
C GLN T 380 -12.28 71.44 -25.64
N PHE T 381 -13.21 72.38 -25.47
CA PHE T 381 -14.13 72.78 -26.52
C PHE T 381 -13.36 73.25 -27.72
N GLU T 382 -12.40 74.13 -27.50
CA GLU T 382 -11.64 74.69 -28.60
C GLU T 382 -10.83 73.63 -29.36
N LEU T 383 -10.24 72.67 -28.65
CA LEU T 383 -9.47 71.67 -29.39
C LEU T 383 -10.37 70.89 -30.33
N MET T 384 -11.57 70.56 -29.87
CA MET T 384 -12.48 69.82 -30.73
C MET T 384 -13.08 70.68 -31.82
N TYR T 385 -13.51 71.88 -31.46
CA TYR T 385 -14.21 72.73 -32.40
C TYR T 385 -13.34 73.11 -33.56
N ASP T 386 -12.10 73.49 -33.27
CA ASP T 386 -11.20 73.98 -34.30
C ASP T 386 -10.83 72.92 -35.33
N HIS T 387 -11.10 71.65 -35.04
CA HIS T 387 -10.81 70.59 -35.98
C HIS T 387 -12.08 69.84 -36.36
N ASP T 388 -13.24 70.47 -36.13
CA ASP T 388 -14.58 69.95 -36.43
C ASP T 388 -14.91 68.57 -35.86
N ALA T 389 -14.43 68.22 -34.67
CA ALA T 389 -14.76 66.89 -34.22
C ALA T 389 -16.21 66.83 -33.83
N PHE T 390 -16.96 65.87 -34.36
CA PHE T 390 -18.35 65.66 -33.99
C PHE T 390 -19.25 66.85 -34.23
N THR T 391 -18.93 67.77 -35.14
CA THR T 391 -19.82 68.91 -35.30
C THR T 391 -20.94 68.61 -36.26
N THR T 392 -20.79 67.58 -37.07
CA THR T 392 -21.82 67.25 -38.03
C THR T 392 -23.10 66.85 -37.32
N TRP T 393 -22.97 66.25 -36.15
CA TRP T 393 -24.14 65.79 -35.46
C TRP T 393 -24.99 66.93 -34.94
N TYR T 394 -24.40 68.11 -34.74
CA TYR T 394 -25.15 69.24 -34.25
C TYR T 394 -25.67 70.05 -35.42
N TYR T 395 -24.91 70.09 -36.51
CA TYR T 395 -25.28 70.87 -37.68
C TYR T 395 -26.49 70.23 -38.34
N GLN T 396 -26.58 68.92 -38.25
CA GLN T 396 -27.67 68.16 -38.82
C GLN T 396 -28.99 68.45 -38.15
N GLU T 397 -28.98 69.05 -36.96
CA GLU T 397 -30.22 69.33 -36.28
C GLU T 397 -30.44 70.84 -36.09
N GLY T 398 -29.80 71.64 -36.94
CA GLY T 398 -30.02 73.09 -36.92
C GLY T 398 -28.98 73.99 -36.24
N MET T 399 -27.89 73.46 -35.71
CA MET T 399 -26.97 74.40 -35.11
C MET T 399 -26.00 75.03 -36.07
N GLN T 400 -26.45 76.08 -36.71
CA GLN T 400 -25.64 76.79 -37.68
C GLN T 400 -24.31 77.09 -36.94
N PRO T 401 -23.13 76.95 -37.55
CA PRO T 401 -21.82 77.15 -36.94
C PRO T 401 -21.59 78.40 -36.10
N SER T 402 -22.22 79.53 -36.43
CA SER T 402 -22.00 80.74 -35.65
C SER T 402 -22.53 80.62 -34.24
N GLU T 403 -23.38 79.62 -34.01
CA GLU T 403 -23.98 79.35 -32.72
C GLU T 403 -22.90 78.88 -31.76
N PHE T 404 -21.93 78.11 -32.28
CA PHE T 404 -20.83 77.59 -31.48
C PHE T 404 -19.87 78.70 -31.19
N GLU T 405 -19.64 79.53 -32.20
CA GLU T 405 -18.71 80.63 -32.06
C GLU T 405 -19.22 81.62 -31.02
N ALA T 406 -20.53 81.87 -31.01
CA ALA T 406 -21.07 82.78 -30.03
C ALA T 406 -20.87 82.25 -28.61
N ALA T 407 -21.09 80.95 -28.40
CA ALA T 407 -20.91 80.40 -27.07
C ALA T 407 -19.47 80.50 -26.62
N LYS T 408 -18.55 80.26 -27.56
CA LYS T 408 -17.13 80.33 -27.28
C LYS T 408 -16.76 81.71 -26.78
N ASN T 409 -17.25 82.74 -27.46
CA ASN T 409 -16.90 84.07 -27.05
C ASN T 409 -17.53 84.47 -25.74
N ASN T 410 -18.80 84.11 -25.51
CA ASN T 410 -19.48 84.46 -24.25
C ASN T 410 -18.72 83.87 -23.06
N ILE T 411 -18.31 82.60 -23.15
CA ILE T 411 -17.67 81.98 -22.02
C ILE T 411 -16.30 82.61 -21.81
N GLN T 412 -15.55 82.89 -22.89
CA GLN T 412 -14.24 83.47 -22.64
C GLN T 412 -14.41 84.81 -21.91
N LYS T 413 -15.46 85.58 -22.25
CA LYS T 413 -15.72 86.84 -21.57
C LYS T 413 -16.07 86.61 -20.11
N LEU T 414 -16.84 85.57 -19.82
CA LEU T 414 -17.24 85.27 -18.45
C LEU T 414 -16.02 84.92 -17.60
N ILE T 415 -15.10 84.15 -18.17
CA ILE T 415 -13.88 83.75 -17.48
C ILE T 415 -13.06 84.99 -17.18
N THR T 416 -12.95 85.85 -18.17
CA THR T 416 -12.19 87.07 -18.06
C THR T 416 -12.73 87.92 -16.92
N GLU T 417 -14.05 88.06 -16.84
CA GLU T 417 -14.68 88.85 -15.79
C GLU T 417 -14.47 88.26 -14.39
N TYR T 418 -14.55 86.94 -14.23
CA TYR T 418 -14.35 86.38 -12.90
C TYR T 418 -12.93 86.52 -12.42
N LYS T 419 -11.99 86.56 -13.33
CA LYS T 419 -10.59 86.68 -12.94
C LYS T 419 -10.13 88.13 -12.77
N GLN T 420 -11.02 89.10 -12.93
CA GLN T 420 -10.59 90.52 -12.86
C GLN T 420 -9.83 90.77 -11.56
N ASP T 421 -10.35 90.29 -10.42
CA ASP T 421 -9.72 90.59 -9.11
C ASP T 421 -8.41 89.81 -8.93
N GLU T 422 -8.23 88.71 -9.67
CA GLU T 422 -6.97 87.94 -9.59
C GLU T 422 -5.80 88.86 -9.99
N TYR T 423 -5.96 89.59 -11.09
CA TYR T 423 -4.88 90.52 -11.55
C TYR T 423 -4.83 91.70 -10.59
N ALA U 2 -68.92 26.20 18.61
CA ALA U 2 -69.88 26.92 17.79
C ALA U 2 -69.45 26.95 16.31
N GLY U 3 -68.23 27.44 16.01
CA GLY U 3 -67.73 27.57 14.62
C GLY U 3 -67.28 26.24 14.03
N GLU U 4 -68.21 25.30 13.98
CA GLU U 4 -67.95 23.94 13.53
C GLU U 4 -67.82 23.90 12.03
N ILE U 5 -66.88 23.12 11.53
CA ILE U 5 -66.63 23.08 10.09
C ILE U 5 -66.95 21.75 9.44
N VAL U 6 -67.68 21.81 8.34
CA VAL U 6 -67.98 20.61 7.58
C VAL U 6 -67.19 20.64 6.28
N CYS U 7 -66.34 19.66 6.07
CA CYS U 7 -65.55 19.64 4.85
C CYS U 7 -66.22 18.78 3.81
N ILE U 8 -66.12 19.14 2.55
CA ILE U 8 -66.65 18.35 1.47
C ILE U 8 -65.51 18.07 0.53
N GLN U 9 -65.26 16.82 0.23
CA GLN U 9 -64.14 16.43 -0.61
C GLN U 9 -64.67 15.85 -1.90
N VAL U 10 -64.40 16.46 -3.04
CA VAL U 10 -65.00 15.89 -4.24
C VAL U 10 -63.98 15.52 -5.30
N GLY U 11 -64.02 14.27 -5.70
CA GLY U 11 -63.14 13.75 -6.75
C GLY U 11 -61.81 13.28 -6.22
N GLN U 12 -60.99 12.69 -7.11
CA GLN U 12 -59.73 12.13 -6.68
C GLN U 12 -58.75 13.13 -6.11
N ALA U 13 -58.60 14.29 -6.74
CA ALA U 13 -57.65 15.25 -6.22
C ALA U 13 -58.16 15.77 -4.91
N GLY U 14 -59.47 15.94 -4.83
CA GLY U 14 -60.09 16.49 -3.66
C GLY U 14 -59.84 15.62 -2.47
N ASN U 15 -59.96 14.30 -2.68
CA ASN U 15 -59.78 13.36 -1.62
C ASN U 15 -58.33 13.22 -1.23
N GLN U 16 -57.40 13.30 -2.18
CA GLN U 16 -56.00 13.17 -1.80
C GLN U 16 -55.48 14.37 -1.05
N ILE U 17 -55.93 15.56 -1.44
CA ILE U 17 -55.47 16.76 -0.78
C ILE U 17 -56.07 16.84 0.60
N ALA U 18 -57.36 16.60 0.69
CA ALA U 18 -58.01 16.63 1.97
C ALA U 18 -57.45 15.56 2.88
N GLY U 19 -57.08 14.42 2.31
CA GLY U 19 -56.52 13.35 3.09
C GLY U 19 -55.26 13.83 3.78
N ALA U 20 -54.35 14.47 3.02
CA ALA U 20 -53.13 14.97 3.61
C ALA U 20 -53.43 15.97 4.72
N PHE U 21 -54.43 16.80 4.51
CA PHE U 21 -54.84 17.75 5.54
C PHE U 21 -55.27 17.05 6.79
N TRP U 22 -56.16 16.09 6.68
CA TRP U 22 -56.66 15.45 7.86
C TRP U 22 -55.59 14.77 8.66
N GLN U 23 -54.64 14.15 7.97
CA GLN U 23 -53.57 13.49 8.68
C GLN U 23 -52.62 14.48 9.34
N LYS U 24 -52.49 15.70 8.82
CA LYS U 24 -51.64 16.67 9.50
C LYS U 24 -52.38 17.26 10.71
N ILE U 25 -53.70 17.44 10.60
CA ILE U 25 -54.51 17.97 11.70
C ILE U 25 -54.43 17.02 12.88
N CYS U 26 -54.49 15.74 12.59
CA CYS U 26 -54.41 14.72 13.60
C CYS U 26 -53.04 14.66 14.26
N ALA U 27 -52.03 15.28 13.69
CA ALA U 27 -50.75 15.24 14.33
C ALA U 27 -50.68 16.38 15.33
N GLU U 28 -51.20 17.53 14.94
CA GLU U 28 -51.12 18.72 15.82
C GLU U 28 -52.03 18.53 17.04
N HIS U 29 -53.20 17.89 16.86
CA HIS U 29 -54.16 17.78 17.98
C HIS U 29 -53.78 16.58 18.86
N GLY U 30 -53.09 15.60 18.30
CA GLY U 30 -52.67 14.40 19.07
C GLY U 30 -53.67 13.27 18.91
N ILE U 31 -53.95 12.87 17.67
CA ILE U 31 -54.93 11.78 17.39
C ILE U 31 -54.23 10.76 16.50
N ASP U 32 -54.57 9.46 16.59
CA ASP U 32 -53.93 8.53 15.69
C ASP U 32 -54.45 8.69 14.24
N PRO U 33 -53.63 9.11 13.25
CA PRO U 33 -54.02 9.39 11.88
C PRO U 33 -54.62 8.20 11.14
N VAL U 34 -54.43 6.98 11.66
CA VAL U 34 -55.00 5.84 10.97
C VAL U 34 -56.10 5.12 11.73
N ASN U 35 -56.45 5.65 12.90
CA ASN U 35 -57.52 5.05 13.73
C ASN U 35 -58.55 6.04 14.21
N GLY U 36 -58.12 7.26 14.49
CA GLY U 36 -58.97 8.28 15.07
C GLY U 36 -58.94 8.20 16.59
N LYS U 37 -58.26 7.17 17.10
CA LYS U 37 -58.32 6.95 18.57
C LYS U 37 -57.27 7.81 19.28
N ALA U 38 -57.68 8.45 20.38
CA ALA U 38 -56.77 9.26 21.16
C ALA U 38 -57.13 9.23 22.61
N ILE U 39 -56.14 9.42 23.45
CA ILE U 39 -56.43 9.52 24.87
C ILE U 39 -56.31 10.96 25.32
N ASP U 40 -55.17 11.56 25.00
CA ASP U 40 -54.88 12.93 25.39
C ASP U 40 -54.71 13.82 24.19
N VAL U 41 -55.62 14.76 24.01
CA VAL U 41 -55.56 15.64 22.86
C VAL U 41 -55.50 17.06 23.33
N VAL U 42 -55.10 17.95 22.46
CA VAL U 42 -55.00 19.35 22.78
C VAL U 42 -55.75 20.15 21.75
N GLY U 43 -56.08 21.38 22.07
CA GLY U 43 -56.74 22.27 21.14
C GLY U 43 -58.23 22.05 21.17
N ASP U 44 -58.97 22.80 20.36
CA ASP U 44 -60.40 22.68 20.31
C ASP U 44 -60.76 21.69 19.21
N THR U 45 -60.80 20.42 19.55
CA THR U 45 -60.97 19.35 18.57
C THR U 45 -62.37 19.28 18.04
N ASP U 46 -63.28 19.93 18.72
CA ASP U 46 -64.68 19.92 18.34
C ASP U 46 -64.93 20.68 17.06
N ILE U 47 -64.02 21.53 16.64
CA ILE U 47 -64.27 22.27 15.42
C ILE U 47 -64.30 21.35 14.20
N PHE U 48 -63.34 20.42 14.14
CA PHE U 48 -63.29 19.50 13.01
C PHE U 48 -63.66 18.05 13.29
N PHE U 49 -63.71 17.61 14.56
CA PHE U 49 -64.00 16.19 14.80
C PHE U 49 -65.22 15.97 15.67
N ASN U 50 -65.95 14.93 15.34
CA ASN U 50 -67.09 14.48 16.13
C ASN U 50 -66.57 13.43 17.09
N THR U 51 -66.50 13.73 18.38
CA THR U 51 -65.89 12.74 19.25
C THR U 51 -66.93 11.83 19.88
N ILE U 52 -66.74 10.53 19.66
CA ILE U 52 -67.59 9.51 20.22
C ILE U 52 -66.71 8.55 21.01
N GLY U 53 -66.92 8.46 22.31
CA GLY U 53 -66.02 7.62 23.09
C GLY U 53 -64.63 8.21 22.99
N ASP U 54 -63.64 7.42 22.63
CA ASP U 54 -62.28 7.91 22.49
C ASP U 54 -61.87 8.04 21.03
N LYS U 55 -62.85 8.00 20.12
CA LYS U 55 -62.57 8.14 18.70
C LYS U 55 -62.98 9.50 18.16
N TYR U 56 -62.07 10.14 17.48
CA TYR U 56 -62.28 11.44 16.90
C TYR U 56 -62.57 11.27 15.44
N ILE U 57 -63.79 11.55 15.05
CA ILE U 57 -64.22 11.31 13.69
C ILE U 57 -64.24 12.60 12.89
N PRO U 58 -63.43 12.76 11.86
CA PRO U 58 -63.34 13.99 11.15
C PRO U 58 -64.66 14.22 10.49
N ARG U 59 -65.14 15.47 10.54
CA ARG U 59 -66.42 15.86 9.90
C ARG U 59 -66.15 16.18 8.43
N ALA U 60 -66.41 15.24 7.54
CA ALA U 60 -66.19 15.39 6.14
C ALA U 60 -67.19 14.57 5.37
N VAL U 61 -67.52 15.05 4.21
CA VAL U 61 -68.38 14.34 3.30
C VAL U 61 -67.49 13.93 2.16
N VAL U 62 -67.38 12.65 1.90
CA VAL U 62 -66.46 12.23 0.86
C VAL U 62 -67.24 11.81 -0.36
N VAL U 63 -66.99 12.50 -1.46
CA VAL U 63 -67.79 12.32 -2.64
C VAL U 63 -67.07 11.92 -3.90
N ASP U 64 -67.59 10.90 -4.56
CA ASP U 64 -67.04 10.55 -5.85
C ASP U 64 -68.14 10.01 -6.77
N LEU U 65 -67.78 9.69 -8.00
CA LEU U 65 -68.69 9.08 -8.95
C LEU U 65 -68.13 7.71 -9.23
N GLU U 66 -66.92 7.52 -8.73
CA GLU U 66 -66.14 6.29 -8.86
C GLU U 66 -66.85 5.11 -8.15
N PRO U 67 -66.99 3.93 -8.79
CA PRO U 67 -67.60 2.72 -8.26
C PRO U 67 -67.05 2.13 -6.95
N ALA U 68 -65.79 2.39 -6.57
CA ALA U 68 -65.30 1.78 -5.33
C ALA U 68 -64.52 2.74 -4.46
N VAL U 69 -65.12 3.88 -4.19
CA VAL U 69 -64.47 4.89 -3.39
C VAL U 69 -64.22 4.46 -1.95
N VAL U 70 -65.05 3.61 -1.35
CA VAL U 70 -64.79 3.28 0.06
C VAL U 70 -63.54 2.46 0.23
N GLU U 71 -63.39 1.43 -0.58
CA GLU U 71 -62.22 0.56 -0.49
C GLU U 71 -60.95 1.32 -0.76
N ASN U 72 -61.03 2.29 -1.67
CA ASN U 72 -59.90 3.11 -2.06
C ASN U 72 -59.43 4.01 -0.92
N ILE U 73 -60.29 4.23 0.07
CA ILE U 73 -59.97 5.06 1.20
C ILE U 73 -59.41 4.21 2.29
N ARG U 74 -60.06 3.07 2.56
CA ARG U 74 -59.55 2.15 3.62
C ARG U 74 -58.08 1.83 3.36
N GLU U 75 -57.71 1.60 2.10
CA GLU U 75 -56.35 1.23 1.76
C GLU U 75 -55.32 2.31 2.09
N LYS U 76 -55.70 3.58 2.13
CA LYS U 76 -54.71 4.61 2.40
C LYS U 76 -54.89 5.32 3.74
N PHE U 77 -56.13 5.47 4.20
CA PHE U 77 -56.42 6.21 5.41
C PHE U 77 -56.92 5.36 6.58
N GLY U 78 -56.84 4.05 6.46
CA GLY U 78 -57.24 3.20 7.57
C GLY U 78 -58.69 3.37 7.91
N THR U 79 -58.97 3.63 9.17
CA THR U 79 -60.33 3.78 9.63
C THR U 79 -60.59 5.19 10.14
N LEU U 80 -59.77 6.13 9.69
CA LEU U 80 -59.93 7.51 10.13
C LEU U 80 -61.29 8.09 9.71
N PHE U 81 -61.77 7.73 8.52
CA PHE U 81 -63.03 8.28 8.03
C PHE U 81 -64.15 7.31 8.29
N ASP U 82 -65.31 7.83 8.67
CA ASP U 82 -66.51 7.03 8.92
C ASP U 82 -67.17 6.66 7.59
N PRO U 83 -67.28 5.38 7.21
CA PRO U 83 -67.82 4.89 5.95
C PRO U 83 -69.23 5.40 5.64
N LYS U 84 -69.97 5.79 6.65
CA LYS U 84 -71.34 6.27 6.41
C LYS U 84 -71.33 7.61 5.70
N SER U 85 -70.21 8.31 5.74
CA SER U 85 -70.04 9.61 5.13
C SER U 85 -69.43 9.52 3.75
N ILE U 86 -69.18 8.30 3.25
CA ILE U 86 -68.56 8.18 1.96
C ILE U 86 -69.60 7.80 0.90
N VAL U 87 -69.72 8.64 -0.12
CA VAL U 87 -70.71 8.44 -1.15
C VAL U 87 -70.06 7.94 -2.43
N SER U 88 -70.35 6.69 -2.75
CA SER U 88 -69.81 6.03 -3.93
C SER U 88 -70.68 6.29 -5.12
N GLY U 89 -70.10 6.11 -6.31
CA GLY U 89 -70.85 6.35 -7.56
C GLY U 89 -71.03 5.06 -8.34
N ALA U 90 -71.42 5.15 -9.61
CA ALA U 90 -71.71 3.92 -10.38
C ALA U 90 -70.76 3.80 -11.57
N ASP U 91 -70.65 4.86 -12.38
CA ASP U 91 -69.78 4.83 -13.59
C ASP U 91 -68.60 5.78 -13.39
N GLY U 92 -68.84 7.08 -13.53
CA GLY U 92 -67.76 8.08 -13.38
C GLY U 92 -67.87 9.17 -14.43
N ALA U 93 -67.24 10.31 -14.21
CA ALA U 93 -67.24 11.39 -15.23
C ALA U 93 -65.88 11.44 -15.92
N GLY U 94 -65.84 11.12 -17.22
CA GLY U 94 -64.57 11.07 -17.95
C GLY U 94 -63.99 12.43 -18.28
N ASN U 95 -63.57 13.17 -17.25
CA ASN U 95 -63.03 14.52 -17.44
C ASN U 95 -63.99 15.36 -18.23
N ASN U 96 -65.24 15.25 -17.90
CA ASN U 96 -66.25 15.98 -18.59
C ASN U 96 -67.16 16.63 -17.61
N PHE U 97 -67.07 17.95 -17.55
CA PHE U 97 -67.86 18.75 -16.64
C PHE U 97 -69.33 18.40 -16.78
N ALA U 98 -69.79 18.19 -18.02
CA ALA U 98 -71.19 17.95 -18.28
C ALA U 98 -71.71 16.66 -17.64
N ILE U 99 -70.83 15.72 -17.35
CA ILE U 99 -71.28 14.48 -16.76
C ILE U 99 -71.32 14.69 -15.28
N GLY U 100 -70.31 15.33 -14.73
CA GLY U 100 -70.34 15.57 -13.31
C GLY U 100 -71.51 16.51 -12.96
N PHE U 101 -71.80 17.47 -13.84
CA PHE U 101 -72.82 18.46 -13.60
C PHE U 101 -74.23 18.06 -14.03
N ASN U 102 -74.42 17.49 -15.22
CA ASN U 102 -75.77 17.16 -15.64
C ASN U 102 -76.05 15.68 -15.38
N GLU U 103 -75.31 14.83 -16.06
CA GLU U 103 -75.62 13.39 -16.04
C GLU U 103 -74.94 12.62 -14.92
N HIS U 104 -75.26 12.99 -13.68
CA HIS U 104 -74.66 12.33 -12.51
C HIS U 104 -75.56 11.35 -11.77
N GLY U 105 -76.87 11.48 -11.96
CA GLY U 105 -77.83 10.64 -11.25
C GLY U 105 -78.41 11.43 -10.10
N ALA U 106 -79.75 11.51 -10.05
CA ALA U 106 -80.39 12.26 -8.98
C ALA U 106 -80.11 11.65 -7.63
N GLU U 107 -80.05 10.33 -7.59
CA GLU U 107 -79.84 9.59 -6.36
C GLU U 107 -78.48 9.86 -5.77
N THR U 108 -77.47 10.03 -6.63
CA THR U 108 -76.12 10.27 -6.16
C THR U 108 -76.11 11.58 -5.41
N LEU U 109 -76.75 12.58 -6.01
CA LEU U 109 -76.75 13.88 -5.35
C LEU U 109 -77.61 13.88 -4.09
N GLU U 110 -78.74 13.18 -4.11
CA GLU U 110 -79.55 13.17 -2.91
C GLU U 110 -78.80 12.53 -1.77
N LYS U 111 -78.03 11.46 -2.02
CA LYS U 111 -77.28 10.88 -0.93
C LYS U 111 -76.24 11.84 -0.41
N VAL U 112 -75.59 12.61 -1.29
CA VAL U 112 -74.59 13.55 -0.79
C VAL U 112 -75.28 14.54 0.10
N MET U 113 -76.44 15.04 -0.31
CA MET U 113 -77.13 16.00 0.52
C MET U 113 -77.59 15.43 1.84
N GLN U 114 -77.99 14.16 1.89
CA GLN U 114 -78.39 13.59 3.16
C GLN U 114 -77.21 13.52 4.09
N VAL U 115 -76.03 13.18 3.55
CA VAL U 115 -74.85 13.11 4.38
C VAL U 115 -74.51 14.50 4.90
N VAL U 116 -74.61 15.52 4.05
CA VAL U 116 -74.31 16.87 4.50
C VAL U 116 -75.28 17.26 5.59
N GLU U 117 -76.57 16.98 5.42
CA GLU U 117 -77.52 17.33 6.45
C GLU U 117 -77.18 16.65 7.76
N GLN U 118 -76.76 15.39 7.74
CA GLN U 118 -76.42 14.76 8.99
C GLN U 118 -75.23 15.43 9.64
N ARG U 119 -74.24 15.82 8.84
CA ARG U 119 -73.07 16.45 9.42
C ARG U 119 -73.39 17.81 10.01
N VAL U 120 -74.32 18.54 9.39
CA VAL U 120 -74.70 19.89 9.91
C VAL U 120 -75.69 19.70 11.07
N SER U 121 -76.24 18.49 11.22
CA SER U 121 -77.25 18.22 12.29
C SER U 121 -76.54 17.85 13.59
N GLU U 122 -75.23 17.61 13.54
CA GLU U 122 -74.46 17.24 14.75
C GLU U 122 -73.66 18.47 15.21
N THR U 123 -74.14 19.67 14.88
CA THR U 123 -73.39 20.91 15.21
C THR U 123 -74.30 21.89 15.96
N GLU U 124 -73.77 22.59 16.97
CA GLU U 124 -74.52 23.60 17.70
C GLU U 124 -74.68 24.82 16.77
N SER U 125 -73.73 24.96 15.84
CA SER U 125 -73.75 26.04 14.84
C SER U 125 -72.90 25.66 13.62
N ILE U 126 -73.22 26.21 12.44
CA ILE U 126 -72.36 25.90 11.28
C ILE U 126 -71.41 27.07 11.06
N GLY U 127 -70.11 26.83 11.24
CA GLY U 127 -69.10 27.88 11.09
C GLY U 127 -68.76 28.13 9.64
N GLY U 128 -69.02 27.15 8.80
CA GLY U 128 -68.72 27.26 7.38
C GLY U 128 -68.45 25.91 6.77
N PHE U 129 -68.37 25.91 5.46
CA PHE U 129 -68.07 24.70 4.72
C PHE U 129 -66.77 24.88 3.99
N ILE U 130 -65.99 23.81 3.86
CA ILE U 130 -64.79 23.86 3.05
C ILE U 130 -64.84 22.81 1.96
N LEU U 131 -64.73 23.24 0.72
CA LEU U 131 -64.74 22.32 -0.42
C LEU U 131 -63.36 22.15 -1.01
N THR U 132 -62.90 20.90 -1.13
CA THR U 132 -61.59 20.68 -1.73
C THR U 132 -61.77 19.95 -3.06
N HIS U 133 -61.20 20.49 -4.14
CA HIS U 133 -61.43 19.86 -5.48
C HIS U 133 -60.43 20.32 -6.54
N SER U 134 -60.59 19.83 -7.78
CA SER U 134 -59.72 20.18 -8.92
C SER U 134 -60.53 20.50 -10.16
N CYS U 135 -60.30 21.70 -10.69
CA CYS U 135 -61.10 22.27 -11.76
C CYS U 135 -61.04 21.58 -13.12
N GLY U 136 -60.00 20.80 -13.41
CA GLY U 136 -59.92 20.16 -14.72
C GLY U 136 -60.47 18.73 -14.77
N GLY U 137 -61.01 18.25 -13.65
CA GLY U 137 -61.49 16.88 -13.57
C GLY U 137 -62.92 16.75 -14.06
N GLY U 138 -63.50 15.55 -13.89
CA GLY U 138 -64.89 15.35 -14.31
C GLY U 138 -65.85 15.31 -13.14
N THR U 139 -65.36 15.18 -11.89
CA THR U 139 -66.27 15.11 -10.77
C THR U 139 -66.01 16.25 -9.84
N GLY U 140 -64.73 16.62 -9.67
CA GLY U 140 -64.35 17.71 -8.77
C GLY U 140 -64.69 19.04 -9.39
N SER U 141 -65.02 18.98 -10.68
CA SER U 141 -65.42 20.20 -11.42
C SER U 141 -66.95 20.23 -11.52
N GLY U 142 -67.55 19.38 -12.36
CA GLY U 142 -68.98 19.39 -12.51
C GLY U 142 -69.79 18.97 -11.29
N PHE U 143 -69.36 17.95 -10.54
CA PHE U 143 -70.21 17.52 -9.46
C PHE U 143 -69.95 18.46 -8.31
N GLY U 144 -68.68 18.80 -8.10
CA GLY U 144 -68.31 19.72 -7.05
C GLY U 144 -69.05 21.04 -7.25
N SER U 145 -69.22 21.47 -8.50
CA SER U 145 -69.94 22.70 -8.81
C SER U 145 -71.41 22.57 -8.49
N LYS U 146 -72.03 21.43 -8.81
CA LYS U 146 -73.43 21.30 -8.46
C LYS U 146 -73.60 21.28 -6.95
N ILE U 147 -72.65 20.68 -6.25
CA ILE U 147 -72.72 20.68 -4.82
C ILE U 147 -72.63 22.11 -4.33
N LEU U 148 -71.72 22.95 -4.84
CA LEU U 148 -71.72 24.33 -4.32
C LEU U 148 -73.05 25.01 -4.53
N LYS U 149 -73.64 24.78 -5.70
CA LYS U 149 -74.91 25.38 -5.98
C LYS U 149 -75.94 24.92 -4.98
N THR U 150 -75.98 23.61 -4.75
CA THR U 150 -76.97 23.00 -3.89
C THR U 150 -76.79 23.42 -2.43
N ILE U 151 -75.53 23.47 -1.96
CA ILE U 151 -75.25 23.83 -0.59
C ILE U 151 -75.63 25.26 -0.36
N ARG U 152 -75.31 26.15 -1.31
CA ARG U 152 -75.60 27.59 -1.10
C ARG U 152 -77.10 27.84 -1.15
N GLU U 153 -77.85 27.05 -1.90
CA GLU U 153 -79.28 27.22 -1.91
C GLU U 153 -79.91 26.75 -0.60
N ARG U 154 -79.40 25.66 -0.02
CA ARG U 154 -79.94 25.18 1.24
C ARG U 154 -79.45 25.98 2.46
N TYR U 155 -78.21 26.47 2.39
CA TYR U 155 -77.61 27.20 3.53
C TYR U 155 -77.07 28.52 3.04
N PRO U 156 -77.91 29.50 2.64
CA PRO U 156 -77.41 30.80 2.26
C PRO U 156 -76.89 31.49 3.53
N LYS U 157 -76.00 32.48 3.39
CA LYS U 157 -75.45 33.23 4.55
C LYS U 157 -74.46 32.36 5.34
N VAL U 158 -73.92 31.30 4.74
CA VAL U 158 -72.87 30.47 5.41
C VAL U 158 -71.60 30.54 4.57
N PRO U 159 -70.44 30.93 5.14
CA PRO U 159 -69.22 31.11 4.33
C PRO U 159 -68.69 29.82 3.69
N ILE U 160 -68.67 29.74 2.35
CA ILE U 160 -68.08 28.58 1.71
C ILE U 160 -66.71 28.92 1.17
N PHE U 161 -65.72 28.16 1.60
CA PHE U 161 -64.38 28.33 1.11
C PHE U 161 -64.03 27.20 0.22
N THR U 162 -63.51 27.52 -0.94
CA THR U 162 -63.13 26.46 -1.83
C THR U 162 -61.66 26.52 -2.07
N PHE U 163 -61.03 25.38 -2.06
CA PHE U 163 -59.62 25.25 -2.37
C PHE U 163 -59.50 24.48 -3.63
N SER U 164 -58.97 25.10 -4.67
CA SER U 164 -58.99 24.34 -5.89
C SER U 164 -57.79 24.48 -6.76
N ILE U 165 -57.56 23.40 -7.46
CA ILE U 165 -56.47 23.31 -8.40
C ILE U 165 -56.90 23.75 -9.78
N PHE U 166 -56.17 24.72 -10.29
CA PHE U 166 -56.41 25.29 -11.59
C PHE U 166 -55.39 24.74 -12.57
N PRO U 167 -55.64 24.93 -13.87
CA PRO U 167 -54.64 24.47 -14.82
C PRO U 167 -53.29 25.10 -14.55
N SER U 168 -52.23 24.39 -14.92
CA SER U 168 -50.90 24.92 -14.75
C SER U 168 -50.65 25.90 -15.87
N PRO U 169 -49.79 26.89 -15.64
CA PRO U 169 -49.56 27.94 -16.65
C PRO U 169 -48.92 27.47 -17.94
N LYS U 170 -47.98 26.53 -17.89
CA LYS U 170 -47.27 26.14 -19.11
C LYS U 170 -47.89 24.94 -19.81
N ILE U 171 -47.65 23.74 -19.27
CA ILE U 171 -48.20 22.52 -19.86
C ILE U 171 -49.60 22.24 -19.35
N SER U 172 -50.43 21.62 -20.19
CA SER U 172 -51.80 21.28 -19.79
C SER U 172 -51.98 19.77 -19.74
N GLU U 173 -53.04 19.31 -19.08
CA GLU U 173 -53.29 17.88 -18.97
C GLU U 173 -54.05 17.35 -20.16
N THR U 174 -55.35 17.63 -20.21
CA THR U 174 -56.17 17.17 -21.33
C THR U 174 -56.54 18.35 -22.22
N VAL U 175 -56.98 18.06 -23.45
CA VAL U 175 -57.43 19.17 -24.33
C VAL U 175 -58.72 19.78 -23.78
N VAL U 176 -59.56 18.98 -23.12
CA VAL U 176 -60.83 19.47 -22.62
C VAL U 176 -60.69 20.34 -21.38
N GLU U 177 -59.49 20.40 -20.82
CA GLU U 177 -59.28 21.05 -19.56
C GLU U 177 -59.81 22.48 -19.50
N PRO U 178 -59.63 23.38 -20.49
CA PRO U 178 -60.16 24.73 -20.47
C PRO U 178 -61.69 24.81 -20.46
N TYR U 179 -62.39 23.74 -20.88
CA TYR U 179 -63.84 23.85 -20.83
C TYR U 179 -64.27 23.54 -19.44
N ASN U 180 -63.58 22.57 -18.85
CA ASN U 180 -63.93 22.16 -17.51
C ASN U 180 -63.56 23.29 -16.56
N ALA U 181 -62.41 23.94 -16.82
CA ALA U 181 -61.95 25.01 -15.96
C ALA U 181 -62.84 26.24 -15.99
N ILE U 182 -63.35 26.62 -17.16
CA ILE U 182 -64.23 27.78 -17.20
C ILE U 182 -65.55 27.53 -16.57
N MET U 183 -66.16 26.40 -16.84
CA MET U 183 -67.45 26.21 -16.21
C MET U 183 -67.29 26.08 -14.71
N THR U 184 -66.19 25.50 -14.23
CA THR U 184 -65.99 25.39 -12.81
C THR U 184 -65.82 26.77 -12.23
N LEU U 185 -65.05 27.62 -12.91
CA LEU U 185 -64.81 28.97 -12.44
C LEU U 185 -66.10 29.76 -12.44
N SER U 186 -66.96 29.59 -13.43
CA SER U 186 -68.20 30.32 -13.46
C SER U 186 -69.01 30.01 -12.21
N ASN U 187 -69.07 28.73 -11.83
CA ASN U 187 -69.80 28.37 -10.63
C ASN U 187 -69.09 28.84 -9.36
N LEU U 188 -67.75 28.89 -9.35
CA LEU U 188 -67.07 29.42 -8.17
C LEU U 188 -67.40 30.89 -8.02
N ILE U 189 -67.50 31.61 -9.14
CA ILE U 189 -67.80 33.04 -9.11
C ILE U 189 -69.17 33.25 -8.52
N LYS U 190 -70.15 32.46 -8.94
CA LYS U 190 -71.50 32.58 -8.42
C LYS U 190 -71.75 32.07 -7.00
N TYR U 191 -71.09 30.98 -6.58
CA TYR U 191 -71.43 30.39 -5.29
C TYR U 191 -70.42 30.41 -4.12
N ALA U 192 -69.11 30.54 -4.34
CA ALA U 192 -68.18 30.47 -3.21
C ALA U 192 -68.13 31.81 -2.47
N SER U 193 -67.78 31.82 -1.19
CA SER U 193 -67.59 33.11 -0.53
C SER U 193 -66.18 33.57 -0.79
N CYS U 194 -65.27 32.61 -0.76
CA CYS U 194 -63.85 32.78 -1.04
C CYS U 194 -63.33 31.60 -1.78
N SER U 195 -62.40 31.84 -2.69
CA SER U 195 -61.79 30.73 -3.38
C SER U 195 -60.30 30.89 -3.37
N ILE U 196 -59.59 29.83 -3.04
CA ILE U 196 -58.14 29.88 -3.02
C ILE U 196 -57.64 29.25 -4.29
N VAL U 197 -56.88 30.02 -5.05
CA VAL U 197 -56.39 29.53 -6.32
C VAL U 197 -55.01 28.95 -6.16
N LEU U 198 -54.89 27.67 -6.47
CA LEU U 198 -53.67 26.92 -6.38
C LEU U 198 -53.37 26.26 -7.71
N ASP U 199 -52.11 26.00 -8.02
CA ASP U 199 -51.86 25.16 -9.19
C ASP U 199 -50.58 24.35 -9.02
N ASN U 200 -50.41 23.33 -9.87
CA ASN U 200 -49.27 22.46 -9.70
C ASN U 200 -47.96 23.00 -10.17
N GLU U 201 -47.95 23.93 -11.12
CA GLU U 201 -46.66 24.39 -11.58
C GLU U 201 -46.01 25.17 -10.47
N ALA U 202 -46.80 26.01 -9.78
CA ALA U 202 -46.20 26.76 -8.71
C ALA U 202 -45.77 25.85 -7.59
N LEU U 203 -46.58 24.85 -7.30
CA LEU U 203 -46.25 23.98 -6.20
C LEU U 203 -45.03 23.15 -6.50
N PHE U 204 -44.83 22.71 -7.76
CA PHE U 204 -43.65 21.93 -8.04
C PHE U 204 -42.40 22.75 -7.86
N SER U 205 -42.41 24.02 -8.28
CA SER U 205 -41.20 24.81 -8.10
C SER U 205 -40.89 24.93 -6.62
N ILE U 206 -41.92 25.08 -5.80
CA ILE U 206 -41.70 25.16 -4.38
C ILE U 206 -41.16 23.83 -3.86
N ALA U 207 -41.76 22.73 -4.26
CA ALA U 207 -41.29 21.44 -3.77
C ALA U 207 -39.85 21.18 -4.14
N GLU U 208 -39.43 21.58 -5.32
CA GLU U 208 -38.05 21.34 -5.72
C GLU U 208 -37.04 22.32 -5.12
N LYS U 209 -37.47 23.55 -4.80
CA LYS U 209 -36.53 24.54 -4.30
C LYS U 209 -36.59 24.82 -2.80
N LYS U 210 -37.74 24.67 -2.16
CA LYS U 210 -37.87 25.00 -0.74
C LYS U 210 -37.86 23.74 0.12
N LEU U 211 -38.36 22.64 -0.41
CA LEU U 211 -38.33 21.39 0.34
C LEU U 211 -37.04 20.68 -0.03
N GLU U 212 -36.53 19.81 0.82
CA GLU U 212 -35.31 19.07 0.51
C GLU U 212 -35.52 17.87 -0.42
N VAL U 213 -36.78 17.52 -0.67
CA VAL U 213 -37.09 16.35 -1.47
C VAL U 213 -36.60 16.42 -2.91
N GLU U 214 -35.95 15.36 -3.34
CA GLU U 214 -35.45 15.23 -4.68
C GLU U 214 -36.48 14.52 -5.51
N ASN U 215 -36.77 15.02 -6.70
CA ASN U 215 -37.76 14.40 -7.58
C ASN U 215 -39.10 14.14 -6.89
N PRO U 216 -39.78 15.18 -6.38
CA PRO U 216 -41.04 15.08 -5.68
C PRO U 216 -42.15 14.60 -6.58
N SER U 217 -43.10 13.90 -6.00
CA SER U 217 -44.29 13.45 -6.70
C SER U 217 -45.48 14.19 -6.15
N LEU U 218 -46.67 13.84 -6.58
CA LEU U 218 -47.88 14.51 -6.10
C LEU U 218 -48.04 14.26 -4.59
N GLU U 219 -47.48 13.17 -4.09
CA GLU U 219 -47.61 12.84 -2.69
C GLU U 219 -46.90 13.88 -1.83
N ASP U 220 -45.82 14.45 -2.37
CA ASP U 220 -45.05 15.43 -1.64
C ASP U 220 -45.66 16.79 -1.88
N LEU U 221 -46.20 16.97 -3.07
CA LEU U 221 -46.77 18.23 -3.49
C LEU U 221 -47.99 18.55 -2.62
N ASN U 222 -48.69 17.50 -2.19
CA ASN U 222 -49.88 17.64 -1.38
C ASN U 222 -49.56 18.04 0.03
N LEU U 223 -48.31 18.04 0.42
CA LEU U 223 -47.98 18.43 1.76
C LEU U 223 -47.78 19.93 1.80
N ILE U 224 -47.70 20.55 0.64
CA ILE U 224 -47.54 21.99 0.61
C ILE U 224 -48.96 22.49 0.68
N ILE U 225 -49.85 21.85 -0.07
CA ILE U 225 -51.23 22.29 -0.02
C ILE U 225 -51.77 22.04 1.36
N ALA U 226 -51.51 20.86 1.93
CA ALA U 226 -51.99 20.60 3.25
C ALA U 226 -51.42 21.61 4.22
N GLN U 227 -50.15 22.01 4.09
CA GLN U 227 -49.64 22.98 5.04
C GLN U 227 -50.41 24.29 4.94
N VAL U 228 -50.83 24.69 3.74
CA VAL U 228 -51.62 25.91 3.63
C VAL U 228 -52.92 25.71 4.39
N LEU U 229 -53.56 24.57 4.19
CA LEU U 229 -54.81 24.27 4.87
C LEU U 229 -54.70 24.12 6.37
N THR U 230 -53.61 23.57 6.88
CA THR U 230 -53.59 23.48 8.32
C THR U 230 -53.30 24.84 8.92
N ASN U 231 -52.44 25.64 8.30
CA ASN U 231 -52.14 26.92 8.92
C ASN U 231 -53.30 27.89 8.88
N VAL U 232 -54.11 27.85 7.83
CA VAL U 232 -55.22 28.78 7.70
C VAL U 232 -56.32 28.49 8.73
N THR U 233 -56.23 27.35 9.41
CA THR U 233 -57.30 26.97 10.36
C THR U 233 -56.73 26.92 11.78
N ALA U 234 -55.53 27.44 11.99
CA ALA U 234 -54.87 27.35 13.31
C ALA U 234 -55.67 28.09 14.38
N SER U 235 -55.99 29.36 14.12
CA SER U 235 -56.72 30.20 15.10
C SER U 235 -58.05 29.51 15.46
N LEU U 236 -58.74 28.96 14.47
CA LEU U 236 -59.99 28.21 14.75
C LEU U 236 -59.65 27.06 15.69
N ARG U 237 -58.70 26.22 15.31
CA ARG U 237 -58.37 25.01 16.12
C ARG U 237 -57.79 25.33 17.49
N PHE U 238 -56.89 26.31 17.62
CA PHE U 238 -56.27 26.58 18.89
C PHE U 238 -56.90 27.73 19.65
N SER U 239 -58.10 28.13 19.26
CA SER U 239 -58.82 29.20 19.93
C SER U 239 -58.02 30.48 20.09
N GLY U 240 -58.03 31.01 21.31
CA GLY U 240 -57.34 32.25 21.65
C GLY U 240 -58.39 33.27 21.99
N THR U 241 -58.04 34.28 22.80
CA THR U 241 -59.05 35.25 23.16
C THR U 241 -59.50 36.00 21.92
N LEU U 242 -58.54 36.35 21.07
CA LEU U 242 -58.83 37.03 19.82
C LEU U 242 -58.57 35.96 18.78
N ASN U 243 -59.41 35.83 17.77
CA ASN U 243 -59.17 34.78 16.78
C ASN U 243 -59.83 35.01 15.40
N LEU U 244 -59.58 34.09 14.47
CA LEU U 244 -60.14 34.16 13.13
C LEU U 244 -60.97 32.98 12.71
N ASP U 245 -62.23 33.26 12.37
CA ASP U 245 -63.12 32.25 11.88
C ASP U 245 -63.25 32.46 10.38
N LEU U 246 -64.01 31.62 9.70
CA LEU U 246 -64.14 31.78 8.26
C LEU U 246 -64.91 33.04 7.93
N GLY U 247 -65.83 33.44 8.78
CA GLY U 247 -66.59 34.64 8.56
C GLY U 247 -65.76 35.90 8.77
N LYS U 248 -64.61 35.80 9.43
CA LYS U 248 -63.79 36.98 9.64
C LYS U 248 -63.02 37.16 8.35
N LEU U 249 -62.60 36.05 7.75
CA LEU U 249 -61.86 36.14 6.52
C LEU U 249 -62.71 36.65 5.38
N VAL U 250 -63.97 36.24 5.30
CA VAL U 250 -64.77 36.72 4.19
C VAL U 250 -65.01 38.20 4.36
N THR U 251 -65.40 38.62 5.57
CA THR U 251 -65.69 40.03 5.76
C THR U 251 -64.49 40.89 5.44
N ASN U 252 -63.30 40.51 5.90
CA ASN U 252 -62.15 41.34 5.70
C ASN U 252 -61.49 41.26 4.33
N LEU U 253 -61.50 40.12 3.67
CA LEU U 253 -60.82 40.06 2.40
C LEU U 253 -61.69 40.27 1.17
N VAL U 254 -63.01 40.25 1.26
CA VAL U 254 -63.77 40.41 0.03
C VAL U 254 -64.54 41.75 -0.03
N PRO U 255 -64.01 42.83 -0.66
CA PRO U 255 -64.66 44.13 -0.73
C PRO U 255 -65.89 44.19 -1.61
N PHE U 256 -65.98 43.29 -2.59
CA PHE U 256 -67.14 43.19 -3.46
C PHE U 256 -67.48 41.73 -3.61
N SER U 257 -68.74 41.45 -3.86
CA SER U 257 -69.16 40.07 -3.92
C SER U 257 -68.54 39.20 -5.02
N ASN U 258 -68.04 39.77 -6.12
CA ASN U 258 -67.46 38.91 -7.14
C ASN U 258 -65.93 38.96 -7.24
N LEU U 259 -65.26 39.51 -6.24
CA LEU U 259 -63.81 39.57 -6.30
C LEU U 259 -63.21 38.85 -5.11
N HIS U 260 -63.58 37.60 -4.94
CA HIS U 260 -63.19 36.76 -3.82
C HIS U 260 -62.09 35.74 -4.07
N PHE U 261 -61.41 35.84 -5.19
CA PHE U 261 -60.36 34.89 -5.51
C PHE U 261 -59.05 35.30 -4.87
N LEU U 262 -58.56 34.46 -3.99
CA LEU U 262 -57.37 34.73 -3.19
C LEU U 262 -56.17 33.87 -3.52
N MET U 263 -55.01 34.45 -3.31
CA MET U 263 -53.74 33.76 -3.40
C MET U 263 -53.36 33.30 -2.02
N ALA U 264 -52.58 32.22 -1.94
CA ALA U 264 -52.09 31.76 -0.65
C ALA U 264 -50.60 31.51 -0.69
N SER U 265 -49.95 31.75 0.45
CA SER U 265 -48.53 31.55 0.66
C SER U 265 -48.14 31.19 2.09
N THR U 266 -47.27 30.20 2.26
CA THR U 266 -46.79 29.86 3.61
C THR U 266 -45.31 29.63 3.69
N ALA U 267 -44.79 29.81 4.89
CA ALA U 267 -43.41 29.46 5.18
C ALA U 267 -43.27 29.22 6.68
N PRO U 268 -42.31 28.40 7.10
CA PRO U 268 -41.40 27.53 6.40
C PRO U 268 -42.14 26.31 5.96
N LEU U 269 -41.62 25.59 5.00
CA LEU U 269 -42.21 24.32 4.63
C LEU U 269 -41.33 23.20 5.12
N VAL U 270 -41.82 22.45 6.08
CA VAL U 270 -40.99 21.42 6.69
C VAL U 270 -41.64 20.04 6.62
N LEU U 271 -40.88 19.07 6.13
CA LEU U 271 -41.36 17.69 6.06
C LEU U 271 -41.17 17.11 7.43
N ALA U 272 -41.96 16.13 7.81
CA ALA U 272 -41.83 15.60 9.17
C ALA U 272 -40.40 15.18 9.47
N GLY U 273 -39.95 15.56 10.66
CA GLY U 273 -38.61 15.24 11.14
C GLY U 273 -37.88 16.54 11.43
N LYS U 274 -36.83 16.52 12.23
CA LYS U 274 -36.13 17.77 12.55
C LYS U 274 -35.13 18.14 11.46
N GLU U 275 -35.67 18.46 10.30
CA GLU U 275 -34.89 18.81 9.12
C GLU U 275 -34.80 20.31 8.93
N SER U 276 -35.52 21.04 9.79
CA SER U 276 -35.60 22.48 9.76
C SER U 276 -34.46 23.15 10.51
N TYR U 277 -34.33 24.45 10.29
CA TYR U 277 -33.37 25.28 10.98
C TYR U 277 -34.10 26.35 11.77
N GLU U 278 -33.65 26.60 12.98
CA GLU U 278 -34.26 27.58 13.85
C GLU U 278 -33.94 29.02 13.50
N LYS U 279 -34.53 29.50 12.40
CA LYS U 279 -34.33 30.88 11.97
C LYS U 279 -34.92 31.81 13.02
N MET U 280 -36.06 31.39 13.55
CA MET U 280 -36.82 32.06 14.59
C MET U 280 -37.09 33.51 14.35
N THR U 281 -37.21 33.93 13.10
CA THR U 281 -37.37 35.33 12.90
C THR U 281 -38.61 35.65 12.12
N ALA U 282 -39.49 36.40 12.76
CA ALA U 282 -40.75 36.78 12.14
C ALA U 282 -40.51 37.66 10.95
N LYS U 283 -39.48 38.48 11.03
CA LYS U 283 -39.17 39.38 9.94
C LYS U 283 -38.80 38.62 8.69
N GLU U 284 -38.07 37.53 8.86
CA GLU U 284 -37.65 36.75 7.72
C GLU U 284 -38.83 36.01 7.16
N LEU U 285 -39.70 35.51 8.02
CA LEU U 285 -40.85 34.80 7.51
C LEU U 285 -41.79 35.73 6.78
N SER U 286 -41.96 36.97 7.24
CA SER U 286 -42.82 37.88 6.50
C SER U 286 -42.18 38.22 5.17
N ALA U 287 -40.86 38.42 5.15
CA ALA U 287 -40.22 38.74 3.89
C ALA U 287 -40.41 37.62 2.89
N GLN U 288 -40.34 36.38 3.36
CA GLN U 288 -40.53 35.22 2.52
C GLN U 288 -41.98 35.00 2.09
N VAL U 289 -42.93 35.18 2.99
CA VAL U 289 -44.28 34.83 2.63
C VAL U 289 -44.81 35.75 1.56
N PHE U 290 -44.34 37.02 1.58
CA PHE U 290 -44.75 38.02 0.61
C PHE U 290 -43.86 38.10 -0.63
N GLY U 291 -42.90 37.20 -0.76
CA GLY U 291 -42.06 37.24 -1.93
C GLY U 291 -42.81 36.43 -2.97
N ASP U 292 -42.22 36.22 -4.14
CA ASP U 292 -42.94 35.46 -5.15
C ASP U 292 -42.65 33.96 -5.03
N GLU U 293 -41.52 33.62 -4.43
CA GLU U 293 -41.06 32.24 -4.32
C GLU U 293 -41.93 31.27 -3.54
N TYR U 294 -42.79 31.72 -2.62
CA TYR U 294 -43.66 30.80 -1.89
C TYR U 294 -45.12 30.86 -2.32
N ILE U 295 -45.40 31.56 -3.41
CA ILE U 295 -46.78 31.69 -3.81
C ILE U 295 -47.19 30.39 -4.44
N CYS U 296 -48.35 29.86 -4.05
CA CYS U 296 -48.79 28.56 -4.54
C CYS U 296 -49.60 28.57 -5.82
N ALA U 297 -49.47 29.63 -6.62
CA ALA U 297 -50.15 29.78 -7.90
C ALA U 297 -49.26 30.47 -8.91
N ALA U 298 -49.49 30.19 -10.18
CA ALA U 298 -48.69 30.74 -11.26
C ALA U 298 -49.02 32.17 -11.58
N CYS U 299 -48.52 33.02 -10.73
CA CYS U 299 -48.69 34.44 -10.76
C CYS U 299 -47.49 35.08 -10.09
N LYS U 300 -47.32 36.39 -10.23
CA LYS U 300 -46.20 37.07 -9.60
C LYS U 300 -46.66 38.30 -8.81
N PRO U 301 -47.20 38.13 -7.60
CA PRO U 301 -47.83 39.13 -6.75
C PRO U 301 -47.03 40.37 -6.44
N THR U 302 -45.70 40.33 -6.46
CA THR U 302 -44.97 41.56 -6.13
C THR U 302 -45.10 42.62 -7.22
N THR U 303 -45.64 42.26 -8.39
CA THR U 303 -45.80 43.21 -9.47
C THR U 303 -47.23 43.70 -9.62
N GLY U 304 -48.14 43.24 -8.75
CA GLY U 304 -49.54 43.64 -8.85
C GLY U 304 -49.90 44.66 -7.79
N ARG U 305 -51.18 44.73 -7.46
CA ARG U 305 -51.64 45.67 -6.45
C ARG U 305 -52.62 44.94 -5.53
N TYR U 306 -52.52 45.15 -4.23
CA TYR U 306 -53.39 44.48 -3.28
C TYR U 306 -54.66 45.22 -2.92
N LEU U 307 -55.75 44.49 -2.81
CA LEU U 307 -56.96 45.16 -2.39
C LEU U 307 -57.03 45.01 -0.91
N ALA U 308 -56.60 43.85 -0.45
CA ALA U 308 -56.60 43.47 0.93
C ALA U 308 -55.71 42.27 1.11
N ALA U 309 -55.21 42.07 2.29
CA ALA U 309 -54.45 40.87 2.59
C ALA U 309 -54.53 40.55 4.05
N SER U 310 -54.26 39.30 4.41
CA SER U 310 -54.25 38.94 5.81
C SER U 310 -53.05 38.12 6.13
N VAL U 311 -52.54 38.32 7.34
CA VAL U 311 -51.41 37.54 7.77
C VAL U 311 -51.64 36.94 9.14
N LEU U 312 -51.47 35.62 9.21
CA LEU U 312 -51.59 34.92 10.47
C LEU U 312 -50.24 34.40 10.90
N PHE U 313 -49.84 34.82 12.08
CA PHE U 313 -48.57 34.41 12.63
C PHE U 313 -48.82 33.32 13.63
N ARG U 314 -47.99 32.29 13.61
CA ARG U 314 -48.09 31.22 14.58
C ARG U 314 -46.85 31.11 15.41
N GLY U 315 -47.04 30.77 16.66
CA GLY U 315 -45.95 30.51 17.59
C GLY U 315 -45.54 31.75 18.34
N ALA U 316 -44.39 31.70 18.98
CA ALA U 316 -43.96 32.78 19.87
C ALA U 316 -43.34 33.95 19.12
N VAL U 317 -44.20 34.64 18.40
CA VAL U 317 -43.83 35.80 17.62
C VAL U 317 -43.95 37.07 18.45
N LYS U 318 -42.91 37.89 18.44
CA LYS U 318 -42.94 39.12 19.22
C LYS U 318 -43.77 40.19 18.55
N THR U 319 -44.56 40.92 19.33
CA THR U 319 -45.38 42.01 18.81
C THR U 319 -44.54 43.04 18.10
N SER U 320 -43.40 43.35 18.67
CA SER U 320 -42.52 44.34 18.10
C SER U 320 -42.02 43.95 16.73
N ASP U 321 -41.79 42.66 16.49
CA ASP U 321 -41.27 42.22 15.21
C ASP U 321 -42.38 42.21 14.20
N VAL U 322 -43.60 41.95 14.65
CA VAL U 322 -44.69 41.98 13.71
C VAL U 322 -44.86 43.39 13.22
N ASN U 323 -44.81 44.35 14.12
CA ASN U 323 -45.02 45.71 13.67
C ASN U 323 -43.93 46.17 12.74
N GLU U 324 -42.68 45.83 13.03
CA GLU U 324 -41.63 46.28 12.13
C GLU U 324 -41.70 45.53 10.81
N ALA U 325 -41.94 44.23 10.86
CA ALA U 325 -41.99 43.44 9.66
C ALA U 325 -43.11 43.90 8.76
N MET U 326 -44.26 44.24 9.32
CA MET U 326 -45.34 44.66 8.48
C MET U 326 -45.11 46.05 7.95
N ALA U 327 -44.36 46.88 8.67
CA ALA U 327 -44.07 48.20 8.14
C ALA U 327 -43.26 48.06 6.86
N THR U 328 -42.34 47.09 6.84
CA THR U 328 -41.53 46.83 5.65
C THR U 328 -42.39 46.39 4.50
N VAL U 329 -43.35 45.52 4.78
CA VAL U 329 -44.25 45.02 3.75
C VAL U 329 -45.07 46.16 3.17
N LYS U 330 -45.59 47.05 4.01
CA LYS U 330 -46.38 48.14 3.49
C LYS U 330 -45.52 49.04 2.60
N GLU U 331 -44.27 49.30 2.97
CA GLU U 331 -43.41 50.14 2.16
C GLU U 331 -43.03 49.53 0.81
N GLN U 332 -42.78 48.23 0.78
CA GLN U 332 -42.36 47.58 -0.45
C GLN U 332 -43.47 47.25 -1.44
N ASN U 333 -44.65 46.90 -0.96
CA ASN U 333 -45.71 46.51 -1.88
C ASN U 333 -46.61 47.64 -2.30
N SER U 334 -47.57 47.31 -3.16
CA SER U 334 -48.49 48.30 -3.69
C SER U 334 -49.92 47.93 -3.37
N PHE U 335 -50.63 48.91 -2.84
CA PHE U 335 -52.01 48.78 -2.39
C PHE U 335 -52.93 49.78 -3.08
N VAL U 336 -54.21 49.48 -3.11
CA VAL U 336 -55.19 50.40 -3.68
C VAL U 336 -55.62 51.38 -2.55
N ASN U 337 -55.66 52.68 -2.87
CA ASN U 337 -55.98 53.75 -1.89
C ASN U 337 -57.30 53.54 -1.13
N TRP U 338 -58.44 53.34 -1.82
CA TRP U 338 -59.72 53.31 -1.08
C TRP U 338 -59.61 52.42 0.17
N ILE U 339 -59.28 51.13 0.03
CA ILE U 339 -59.04 50.33 1.26
C ILE U 339 -57.81 50.95 1.91
N PRO U 340 -57.92 51.74 3.00
CA PRO U 340 -56.80 52.50 3.53
C PRO U 340 -55.96 51.75 4.60
N THR U 341 -56.53 50.71 5.21
CA THR U 341 -55.81 50.01 6.26
C THR U 341 -55.07 48.79 5.71
N GLY U 342 -55.38 48.35 4.50
CA GLY U 342 -54.65 47.25 3.86
C GLY U 342 -54.84 45.82 4.38
N PHE U 343 -54.42 45.62 5.62
CA PHE U 343 -54.33 44.30 6.22
C PHE U 343 -55.26 43.89 7.34
N LYS U 344 -55.43 42.59 7.45
CA LYS U 344 -56.01 41.96 8.63
C LYS U 344 -54.91 41.13 9.29
N ILE U 345 -54.57 41.45 10.53
CA ILE U 345 -53.48 40.74 11.19
C ILE U 345 -53.93 39.97 12.42
N SER U 346 -53.45 38.74 12.51
CA SER U 346 -53.78 37.88 13.63
C SER U 346 -52.63 37.00 14.09
N LYS U 347 -52.65 36.65 15.35
CA LYS U 347 -51.66 35.78 15.94
C LYS U 347 -52.26 34.62 16.74
N SER U 348 -51.61 33.47 16.66
CA SER U 348 -51.95 32.29 17.43
C SER U 348 -50.69 31.76 18.06
N GLU U 349 -50.65 31.73 19.37
CA GLU U 349 -49.45 31.37 20.12
C GLU U 349 -49.01 29.92 20.00
N THR U 350 -49.84 29.04 19.45
CA THR U 350 -49.44 27.65 19.34
C THR U 350 -48.69 27.39 18.04
N SER U 351 -47.48 26.86 18.22
CA SER U 351 -46.53 26.53 17.17
C SER U 351 -47.01 25.38 16.30
N PRO U 352 -46.65 25.34 15.02
CA PRO U 352 -46.89 24.23 14.12
C PRO U 352 -45.99 23.11 14.62
N LYS U 353 -46.36 21.86 14.42
CA LYS U 353 -45.53 20.79 15.00
C LYS U 353 -44.07 20.70 14.56
N ASP U 354 -43.71 21.13 13.35
CA ASP U 354 -42.33 20.98 12.90
C ASP U 354 -41.50 22.27 12.92
N SER U 355 -42.01 23.33 13.54
CA SER U 355 -41.28 24.59 13.61
C SER U 355 -41.75 25.43 14.77
N ALA U 356 -40.87 26.13 15.45
CA ALA U 356 -41.42 26.95 16.52
C ALA U 356 -42.33 28.04 15.98
N LEU U 357 -41.95 28.63 14.85
CA LEU U 357 -42.71 29.71 14.26
C LEU U 357 -43.20 29.38 12.86
N GLY U 358 -44.24 30.07 12.42
CA GLY U 358 -44.65 29.96 11.03
C GLY U 358 -45.64 31.05 10.62
N VAL U 359 -45.72 31.30 9.31
CA VAL U 359 -46.61 32.33 8.79
C VAL U 359 -47.43 31.90 7.59
N ILE U 360 -48.71 32.25 7.61
CA ILE U 360 -49.57 32.07 6.45
C ILE U 360 -50.16 33.38 6.01
N MET U 361 -50.10 33.63 4.71
CA MET U 361 -50.65 34.83 4.15
C MET U 361 -51.64 34.53 3.05
N LEU U 362 -52.71 35.30 3.04
CA LEU U 362 -53.73 35.22 2.01
C LEU U 362 -53.98 36.58 1.43
N GLY U 363 -54.39 36.67 0.18
CA GLY U 363 -54.79 38.01 -0.25
C GLY U 363 -55.31 38.18 -1.65
N ASN U 364 -55.84 39.37 -1.87
CA ASN U 364 -56.44 39.77 -3.13
C ASN U 364 -55.47 40.58 -3.91
N ASN U 365 -54.87 39.96 -4.86
CA ASN U 365 -53.87 40.63 -5.63
C ASN U 365 -54.36 40.62 -7.04
N SER U 366 -54.40 41.78 -7.65
CA SER U 366 -54.93 41.97 -8.99
C SER U 366 -54.27 41.13 -10.05
N GLU U 367 -53.09 40.64 -9.73
CA GLU U 367 -52.28 39.81 -10.57
C GLU U 367 -53.02 38.52 -10.91
N ILE U 368 -53.96 38.09 -10.06
CA ILE U 368 -54.69 36.84 -10.23
C ILE U 368 -55.39 36.74 -11.57
N VAL U 369 -55.70 37.87 -12.20
CA VAL U 369 -56.39 37.75 -13.45
C VAL U 369 -55.53 37.05 -14.48
N SER U 370 -54.20 37.07 -14.35
CA SER U 370 -53.42 36.43 -15.39
C SER U 370 -53.70 34.94 -15.45
N VAL U 371 -54.14 34.34 -14.33
CA VAL U 371 -54.43 32.92 -14.34
C VAL U 371 -55.69 32.74 -15.15
N PHE U 372 -56.66 33.57 -14.87
CA PHE U 372 -57.95 33.45 -15.53
C PHE U 372 -57.86 33.83 -17.01
N GLU U 373 -57.02 34.80 -17.35
CA GLU U 373 -56.88 35.21 -18.73
C GLU U 373 -56.29 34.10 -19.58
N ARG U 374 -55.31 33.35 -19.05
CA ARG U 374 -54.73 32.26 -19.81
C ARG U 374 -55.76 31.18 -20.08
N ILE U 375 -56.59 30.89 -19.08
CA ILE U 375 -57.61 29.87 -19.24
C ILE U 375 -58.60 30.33 -20.30
N GLY U 376 -59.02 31.59 -20.21
CA GLY U 376 -59.94 32.17 -21.14
C GLY U 376 -59.42 32.04 -22.57
N ALA U 377 -58.19 32.46 -22.81
CA ALA U 377 -57.64 32.40 -24.14
C ALA U 377 -57.56 30.98 -24.70
N ASN U 378 -57.21 29.99 -23.87
CA ASN U 378 -57.13 28.64 -24.40
C ASN U 378 -58.49 28.15 -24.82
N PHE U 379 -59.50 28.49 -24.02
CA PHE U 379 -60.86 28.15 -24.33
C PHE U 379 -61.29 28.80 -25.61
N ASP U 380 -61.04 30.08 -25.75
CA ASP U 380 -61.51 30.77 -26.93
C ASP U 380 -61.00 30.16 -28.20
N ARG U 381 -59.74 29.73 -28.22
CA ARG U 381 -59.23 29.13 -29.44
C ARG U 381 -59.90 27.78 -29.75
N LEU U 382 -60.10 26.95 -28.73
CA LEU U 382 -60.72 25.66 -28.94
C LEU U 382 -62.20 25.78 -29.25
N TRP U 383 -62.84 26.74 -28.59
CA TRP U 383 -64.25 27.00 -28.72
C TRP U 383 -64.58 27.55 -30.07
N SER U 384 -63.74 28.42 -30.59
CA SER U 384 -63.93 28.97 -31.92
C SER U 384 -63.90 27.84 -32.94
N ARG U 385 -62.99 26.88 -32.75
CA ARG U 385 -62.85 25.74 -33.71
C ARG U 385 -63.80 24.59 -33.33
N LYS U 386 -64.39 24.64 -32.14
CA LYS U 386 -65.34 23.59 -31.69
C LYS U 386 -64.61 22.25 -31.63
N ALA U 387 -63.42 22.21 -31.02
CA ALA U 387 -62.67 20.94 -30.87
C ALA U 387 -63.05 20.30 -29.53
N PHE U 388 -63.48 19.04 -29.53
CA PHE U 388 -63.90 18.33 -28.29
C PHE U 388 -65.18 18.97 -27.74
N ALA U 389 -65.85 19.80 -28.54
CA ALA U 389 -67.07 20.50 -28.06
C ALA U 389 -68.25 19.54 -27.98
N HIS U 390 -68.38 18.65 -28.96
CA HIS U 390 -69.50 17.67 -28.97
C HIS U 390 -69.58 16.98 -27.61
N TRP U 391 -68.47 16.92 -26.87
CA TRP U 391 -68.52 16.19 -25.62
C TRP U 391 -69.34 16.92 -24.57
N PHE U 392 -69.54 18.22 -24.76
CA PHE U 392 -70.27 19.00 -23.81
C PHE U 392 -71.69 19.22 -24.27
N THR U 393 -71.91 19.37 -25.58
CA THR U 393 -73.27 19.66 -26.01
C THR U 393 -74.09 18.39 -26.15
N ASP U 394 -73.43 17.24 -26.29
CA ASP U 394 -74.17 16.00 -26.40
C ASP U 394 -74.44 15.46 -25.00
N SER U 395 -74.00 16.19 -23.98
CA SER U 395 -74.15 15.81 -22.60
C SER U 395 -75.02 16.83 -21.87
N GLY U 396 -75.79 17.60 -22.65
CA GLY U 396 -76.75 18.53 -22.09
C GLY U 396 -76.47 20.03 -22.11
N PHE U 397 -75.28 20.49 -22.48
CA PHE U 397 -75.08 21.94 -22.51
C PHE U 397 -75.43 22.55 -23.84
N GLU U 398 -75.86 23.78 -23.79
CA GLU U 398 -76.09 24.51 -25.02
C GLU U 398 -74.87 25.37 -25.26
N GLU U 399 -74.67 25.81 -26.49
CA GLU U 399 -73.55 26.69 -26.77
C GLU U 399 -73.70 27.93 -25.90
N LYS U 400 -74.94 28.31 -25.64
CA LYS U 400 -75.27 29.42 -24.78
C LYS U 400 -74.68 29.28 -23.40
N ASP U 401 -74.58 28.06 -22.85
CA ASP U 401 -74.09 27.92 -21.49
C ASP U 401 -72.59 28.04 -21.50
N LEU U 402 -71.98 27.54 -22.55
CA LEU U 402 -70.53 27.63 -22.66
C LEU U 402 -70.13 29.10 -22.86
N ASP U 403 -70.95 29.85 -23.60
CA ASP U 403 -70.70 31.26 -23.84
C ASP U 403 -71.00 32.11 -22.61
N ASP U 404 -72.06 31.78 -21.87
CA ASP U 404 -72.36 32.57 -20.68
C ASP U 404 -71.33 32.34 -19.61
N ALA U 405 -70.82 31.11 -19.48
CA ALA U 405 -69.82 30.88 -18.47
C ALA U 405 -68.57 31.69 -18.78
N ARG U 406 -68.21 31.76 -20.06
CA ARG U 406 -67.06 32.54 -20.46
C ARG U 406 -67.28 34.00 -20.16
N ALA U 407 -68.48 34.50 -20.43
CA ALA U 407 -68.80 35.90 -20.19
C ALA U 407 -68.69 36.28 -18.72
N LEU U 408 -69.10 35.39 -17.82
CA LEU U 408 -69.00 35.70 -16.41
C LEU U 408 -67.55 35.78 -15.99
N VAL U 409 -66.74 34.88 -16.51
CA VAL U 409 -65.33 34.89 -16.18
C VAL U 409 -64.72 36.19 -16.66
N GLN U 410 -65.08 36.62 -17.86
CA GLN U 410 -64.52 37.86 -18.36
C GLN U 410 -64.96 39.03 -17.50
N LYS U 411 -66.20 39.02 -17.00
CA LYS U 411 -66.62 40.13 -16.17
C LYS U 411 -65.73 40.26 -14.96
N VAL U 412 -65.38 39.14 -14.32
CA VAL U 412 -64.51 39.23 -13.15
C VAL U 412 -63.14 39.76 -13.54
N ILE U 413 -62.60 39.30 -14.66
CA ILE U 413 -61.30 39.80 -15.09
C ILE U 413 -61.36 41.29 -15.35
N ASP U 414 -62.38 41.75 -16.04
CA ASP U 414 -62.48 43.16 -16.35
C ASP U 414 -62.64 43.98 -15.09
N ASP U 415 -63.37 43.48 -14.08
CA ASP U 415 -63.53 44.25 -12.86
C ASP U 415 -62.23 44.34 -12.10
N TYR U 416 -61.45 43.25 -12.04
CA TYR U 416 -60.18 43.37 -11.36
C TYR U 416 -59.23 44.31 -12.06
N ARG U 417 -59.20 44.25 -13.40
CA ARG U 417 -58.26 45.08 -14.10
C ARG U 417 -58.66 46.53 -14.09
N LYS U 418 -59.94 46.83 -14.23
CA LYS U 418 -60.34 48.22 -14.23
C LYS U 418 -60.03 48.84 -12.91
N LEU U 419 -60.33 48.14 -11.83
CA LEU U 419 -60.10 48.69 -10.52
C LEU U 419 -58.62 48.99 -10.37
N THR U 420 -57.77 48.04 -10.76
CA THR U 420 -56.34 48.18 -10.63
C THR U 420 -55.80 49.36 -11.41
N GLU U 421 -56.25 49.55 -12.65
CA GLU U 421 -55.76 50.69 -13.42
C GLU U 421 -56.28 52.00 -12.85
N ASP U 422 -57.53 52.05 -12.40
CA ASP U 422 -58.08 53.29 -11.87
C ASP U 422 -57.31 53.73 -10.65
N ALA U 423 -56.83 52.74 -9.89
CA ALA U 423 -56.13 52.90 -8.64
C ALA U 423 -54.94 53.81 -8.73
N GLU U 424 -54.27 53.89 -9.88
CA GLU U 424 -53.07 54.71 -9.92
C GLU U 424 -53.38 56.18 -9.62
N ASN U 425 -54.56 56.66 -10.00
CA ASN U 425 -54.90 58.05 -9.79
C ASN U 425 -55.79 58.25 -8.57
N LEU U 426 -56.00 57.23 -7.75
CA LEU U 426 -56.89 57.40 -6.61
C LEU U 426 -56.12 57.97 -5.46
N TYR U 427 -54.84 58.15 -5.69
CA TYR U 427 -53.92 58.76 -4.75
C TYR U 427 -53.70 60.26 -4.98
N PHE U 428 -54.36 60.89 -6.01
CA PHE U 428 -54.15 62.30 -6.38
C PHE U 428 -55.49 63.02 -6.60
N ALA V 2 -71.51 52.20 50.80
CA ALA V 2 -70.49 52.07 49.75
C ALA V 2 -71.12 52.37 48.40
N ARG V 3 -70.62 53.40 47.70
CA ARG V 3 -71.15 53.70 46.33
C ARG V 3 -70.60 52.62 45.42
N GLU V 4 -71.44 51.68 44.98
CA GLU V 4 -70.94 50.50 44.23
C GLU V 4 -70.99 50.69 42.72
N VAL V 5 -69.93 50.25 42.02
CA VAL V 5 -69.84 50.28 40.56
C VAL V 5 -69.92 48.91 39.91
N ILE V 6 -70.73 48.79 38.86
CA ILE V 6 -70.83 47.53 38.13
C ILE V 6 -70.00 47.59 36.87
N THR V 7 -69.10 46.62 36.68
CA THR V 7 -68.22 46.64 35.52
C THR V 7 -68.67 45.60 34.50
N ILE V 8 -68.80 46.01 33.25
CA ILE V 8 -69.23 45.10 32.19
C ILE V 8 -68.15 45.01 31.12
N HIS V 9 -67.73 43.81 30.76
CA HIS V 9 -66.70 43.64 29.73
C HIS V 9 -67.34 43.13 28.46
N VAL V 10 -67.24 43.90 27.39
CA VAL V 10 -67.94 43.50 26.17
C VAL V 10 -67.01 43.31 24.99
N GLY V 11 -67.08 42.15 24.37
CA GLY V 11 -66.26 41.88 23.21
C GLY V 11 -64.99 41.17 23.55
N GLU V 12 -64.32 40.67 22.53
CA GLU V 12 -63.14 39.84 22.73
C GLU V 12 -62.02 40.57 23.47
N LEU V 13 -61.81 41.85 23.17
CA LEU V 13 -60.73 42.55 23.85
C LEU V 13 -61.12 42.95 25.27
N GLY V 14 -62.34 43.41 25.47
CA GLY V 14 -62.71 43.82 26.82
C GLY V 14 -62.56 42.64 27.76
N ILE V 15 -62.90 41.45 27.25
CA ILE V 15 -62.77 40.23 27.99
C ILE V 15 -61.30 39.87 28.15
N GLN V 16 -60.48 40.01 27.11
CA GLN V 16 -59.05 39.73 27.21
C GLN V 16 -58.39 40.47 28.33
N ILE V 17 -58.79 41.71 28.52
CA ILE V 17 -58.28 42.60 29.55
C ILE V 17 -58.69 42.16 30.94
N ALA V 18 -59.93 41.69 31.11
CA ALA V 18 -60.49 41.34 32.41
C ALA V 18 -59.50 40.68 33.37
N PRO V 19 -58.75 39.61 33.08
CA PRO V 19 -57.88 39.01 34.06
C PRO V 19 -56.79 39.93 34.56
N ASN V 20 -56.42 40.96 33.80
CA ASN V 20 -55.34 41.80 34.28
C ASN V 20 -55.93 42.84 35.16
N PHE V 21 -57.09 43.32 34.78
CA PHE V 21 -57.77 44.34 35.54
C PHE V 21 -58.13 43.79 36.90
N TRP V 22 -58.75 42.62 36.91
CA TRP V 22 -59.18 42.05 38.16
C TRP V 22 -58.05 41.54 39.01
N LYS V 23 -56.95 41.05 38.43
CA LYS V 23 -55.85 40.66 39.28
C LYS V 23 -55.27 41.88 39.95
N TYR V 24 -55.18 43.02 39.24
CA TYR V 24 -54.64 44.18 39.92
C TYR V 24 -55.50 44.57 41.09
N LEU V 25 -56.82 44.52 40.94
CA LEU V 25 -57.66 44.92 42.04
C LEU V 25 -57.54 43.93 43.20
N CYS V 26 -57.41 42.63 42.89
CA CYS V 26 -57.29 41.64 43.94
C CYS V 26 -56.01 41.85 44.72
N ASP V 27 -54.93 42.18 44.05
CA ASP V 27 -53.73 42.36 44.84
C ASP V 27 -53.76 43.66 45.56
N GLU V 28 -54.33 44.68 44.94
CA GLU V 28 -54.35 45.98 45.54
C GLU V 28 -55.10 46.03 46.86
N HIS V 29 -56.18 45.27 46.97
CA HIS V 29 -57.00 45.22 48.18
C HIS V 29 -56.70 44.04 49.12
N ASN V 30 -55.63 43.29 48.88
CA ASN V 30 -55.25 42.07 49.63
C ASN V 30 -56.24 40.91 49.62
N ILE V 31 -56.72 40.58 48.43
CA ILE V 31 -57.61 39.45 48.17
C ILE V 31 -56.90 38.53 47.21
N ASP V 32 -57.03 37.23 47.39
CA ASP V 32 -56.37 36.30 46.50
C ASP V 32 -57.17 36.14 45.24
N TYR V 33 -56.72 35.34 44.30
CA TYR V 33 -57.42 35.26 43.02
C TYR V 33 -58.58 34.31 43.07
N LYS V 34 -58.75 33.67 44.21
CA LYS V 34 -59.88 32.79 44.44
C LYS V 34 -60.96 33.54 45.20
N GLY V 35 -60.73 34.82 45.49
CA GLY V 35 -61.68 35.62 46.23
C GLY V 35 -61.52 35.52 47.74
N GLN V 36 -60.52 34.79 48.18
CA GLN V 36 -60.30 34.62 49.61
C GLN V 36 -59.51 35.77 50.16
N GLU V 37 -59.73 36.11 51.41
CA GLU V 37 -58.96 37.20 52.00
C GLU V 37 -57.55 36.77 52.25
N LYS V 38 -56.62 37.68 52.07
CA LYS V 38 -55.20 37.41 52.27
C LYS V 38 -54.61 38.40 53.24
N GLY V 39 -54.93 38.27 54.52
CA GLY V 39 -54.48 39.27 55.47
C GLY V 39 -55.52 40.37 55.60
N LYS V 40 -55.07 41.57 55.93
CA LYS V 40 -55.98 42.68 56.19
C LYS V 40 -56.52 43.29 54.91
N ILE V 41 -57.82 43.47 54.83
CA ILE V 41 -58.41 44.06 53.63
C ILE V 41 -58.35 45.55 53.74
N ARG V 42 -57.93 46.18 52.66
CA ARG V 42 -57.79 47.62 52.65
C ARG V 42 -58.50 48.26 51.48
N GLY V 43 -58.99 49.49 51.68
CA GLY V 43 -59.71 50.25 50.67
C GLY V 43 -61.19 49.93 50.75
N VAL V 44 -62.02 50.57 49.95
CA VAL V 44 -63.43 50.30 50.04
C VAL V 44 -63.70 49.15 49.13
N ILE V 45 -63.52 47.97 49.67
CA ILE V 45 -63.62 46.77 48.88
C ILE V 45 -64.97 46.57 48.25
N ASP V 46 -65.99 47.00 48.96
CA ASP V 46 -67.36 46.84 48.56
C ASP V 46 -67.67 47.54 47.25
N ASN V 47 -66.90 48.54 46.84
CA ASN V 47 -67.29 49.20 45.63
C ASN V 47 -67.16 48.32 44.39
N PHE V 48 -66.20 47.40 44.38
CA PHE V 48 -66.03 46.53 43.23
C PHE V 48 -66.29 45.06 43.48
N PHE V 49 -66.33 44.65 44.75
CA PHE V 49 -66.57 43.24 45.03
C PHE V 49 -67.80 43.00 45.87
N GLU V 50 -68.53 41.98 45.52
CA GLU V 50 -69.71 41.53 46.22
C GLU V 50 -69.30 40.57 47.29
N LYS V 51 -69.90 40.66 48.47
CA LYS V 51 -69.56 39.71 49.51
C LYS V 51 -70.49 38.52 49.43
N ALA V 52 -69.91 37.33 49.39
CA ALA V 52 -70.62 36.08 49.33
C ALA V 52 -71.23 35.74 50.67
N SER V 53 -72.09 34.73 50.69
CA SER V 53 -72.67 34.23 51.95
C SER V 53 -71.60 33.56 52.83
N ILE V 54 -70.45 33.33 52.22
CA ILE V 54 -69.25 32.73 52.76
C ILE V 54 -68.15 33.78 52.69
N GLY V 55 -66.94 33.45 53.13
CA GLY V 55 -65.84 34.43 53.17
C GLY V 55 -65.32 34.97 51.81
N LYS V 56 -65.74 34.37 50.72
CA LYS V 56 -65.34 34.76 49.38
C LYS V 56 -65.87 36.10 48.85
N TRP V 57 -64.98 36.87 48.21
CA TRP V 57 -65.33 38.08 47.51
C TRP V 57 -65.55 37.77 46.04
N ILE V 58 -66.59 38.31 45.46
CA ILE V 58 -66.96 38.08 44.07
C ILE V 58 -66.83 39.34 43.24
N PRO V 59 -66.12 39.37 42.13
CA PRO V 59 -65.97 40.58 41.38
C PRO V 59 -67.34 40.96 40.93
N ARG V 60 -67.69 42.22 41.04
CA ARG V 60 -69.01 42.66 40.63
C ARG V 60 -69.03 42.95 39.14
N THR V 61 -69.06 41.87 38.35
CA THR V 61 -68.94 42.03 36.91
C THR V 61 -69.65 41.01 36.02
N ILE V 62 -69.96 41.48 34.81
CA ILE V 62 -70.60 40.73 33.73
C ILE V 62 -69.73 40.64 32.47
N LEU V 63 -69.62 39.43 31.88
CA LEU V 63 -68.80 39.25 30.67
C LEU V 63 -69.67 38.93 29.45
N VAL V 64 -69.61 39.73 28.40
CA VAL V 64 -70.46 39.52 27.22
C VAL V 64 -69.65 39.24 25.93
N ASP V 65 -69.94 38.13 25.27
CA ASP V 65 -69.25 37.69 24.03
C ASP V 65 -70.23 37.04 23.06
N LEU V 66 -70.29 37.49 21.81
CA LEU V 66 -71.23 36.88 20.87
C LEU V 66 -70.76 35.52 20.39
N GLY V 67 -69.51 35.17 20.68
CA GLY V 67 -69.00 33.83 20.41
C GLY V 67 -68.75 33.23 21.80
N PRO V 68 -68.31 31.99 21.93
CA PRO V 68 -67.99 31.37 23.21
C PRO V 68 -66.55 31.47 23.70
N ASN V 69 -65.65 31.98 22.88
CA ASN V 69 -64.24 31.76 23.17
C ASN V 69 -63.52 32.74 24.07
N ALA V 70 -63.89 34.03 24.08
CA ALA V 70 -63.11 34.89 24.94
C ALA V 70 -63.41 34.53 26.37
N ILE V 71 -64.67 34.21 26.62
CA ILE V 71 -65.08 33.87 27.96
C ILE V 71 -64.52 32.55 28.36
N ARG V 72 -64.59 31.53 27.49
CA ARG V 72 -64.06 30.26 27.89
C ARG V 72 -62.61 30.37 28.32
N LYS V 73 -61.78 31.10 27.58
CA LYS V 73 -60.40 31.16 28.02
C LYS V 73 -60.26 31.92 29.34
N VAL V 74 -60.96 33.02 29.50
CA VAL V 74 -60.82 33.77 30.74
C VAL V 74 -61.30 33.03 31.98
N THR V 75 -62.45 32.39 31.91
CA THR V 75 -62.96 31.80 33.12
C THR V 75 -62.49 30.37 33.35
N LYS V 76 -61.99 29.69 32.33
CA LYS V 76 -61.52 28.32 32.53
C LYS V 76 -60.01 28.20 32.58
N LYS V 77 -59.25 29.09 31.94
CA LYS V 77 -57.81 28.93 31.95
C LYS V 77 -57.04 30.04 32.63
N ASP V 78 -57.41 31.31 32.43
CA ASP V 78 -56.60 32.37 33.03
C ASP V 78 -56.92 32.75 34.46
N MET V 79 -58.18 32.80 34.85
CA MET V 79 -58.45 33.18 36.23
C MET V 79 -59.60 32.34 36.75
N LYS V 80 -59.26 31.09 37.01
CA LYS V 80 -60.21 30.05 37.38
C LYS V 80 -60.90 30.35 38.67
N ASP V 81 -62.19 30.06 38.71
CA ASP V 81 -63.05 30.17 39.88
C ASP V 81 -63.29 31.58 40.39
N PHE V 82 -62.81 32.59 39.67
CA PHE V 82 -63.00 33.94 40.13
C PHE V 82 -64.27 34.58 39.64
N PHE V 83 -64.59 34.36 38.37
CA PHE V 83 -65.72 35.00 37.76
C PHE V 83 -66.93 34.09 37.95
N ASP V 84 -68.07 34.68 38.22
CA ASP V 84 -69.32 33.95 38.41
C ASP V 84 -69.91 33.53 37.05
N PRO V 85 -70.05 32.23 36.73
CA PRO V 85 -70.50 31.73 35.45
C PRO V 85 -71.92 32.16 35.12
N LYS V 86 -72.68 32.56 36.11
CA LYS V 86 -74.05 32.96 35.85
C LYS V 86 -74.13 34.39 35.41
N ARG V 87 -72.97 35.04 35.33
CA ARG V 87 -72.86 36.41 34.89
C ARG V 87 -72.16 36.46 33.54
N CYS V 88 -72.03 35.31 32.87
CA CYS V 88 -71.41 35.29 31.57
C CYS V 88 -72.45 35.06 30.47
N VAL V 89 -72.41 35.89 29.44
CA VAL V 89 -73.35 35.78 28.33
C VAL V 89 -72.64 35.37 27.08
N MET V 90 -73.02 34.24 26.50
CA MET V 90 -72.35 33.79 25.30
C MET V 90 -73.26 33.45 24.17
N GLY V 91 -72.89 33.94 23.01
CA GLY V 91 -73.58 33.61 21.77
C GLY V 91 -72.81 32.51 21.07
N LEU V 92 -73.21 32.21 19.84
CA LEU V 92 -72.54 31.17 19.07
C LEU V 92 -71.85 31.69 17.82
N ALA V 93 -72.50 32.62 17.12
CA ALA V 93 -71.99 33.06 15.82
C ALA V 93 -70.84 34.06 15.85
N GLY V 94 -70.61 34.76 16.95
CA GLY V 94 -69.59 35.77 16.91
C GLY V 94 -70.13 36.97 16.14
N ASP V 95 -69.27 37.78 15.55
CA ASP V 95 -69.74 38.97 14.88
C ASP V 95 -69.20 39.21 13.47
N ALA V 96 -68.38 38.32 12.92
CA ALA V 96 -67.81 38.48 11.58
C ALA V 96 -67.14 39.84 11.38
N ASN V 97 -66.68 40.43 12.49
CA ASN V 97 -66.07 41.75 12.59
C ASN V 97 -67.00 42.89 12.18
N LEU V 98 -68.31 42.68 12.16
CA LEU V 98 -69.23 43.71 11.77
C LEU V 98 -70.02 44.37 12.89
N PHE V 99 -70.05 45.70 12.85
CA PHE V 99 -70.89 46.51 13.72
C PHE V 99 -72.31 46.03 13.58
N ALA V 100 -72.73 45.76 12.35
CA ALA V 100 -74.08 45.37 12.11
C ALA V 100 -74.53 44.18 12.94
N LYS V 101 -73.66 43.20 13.21
CA LYS V 101 -74.16 42.09 14.00
C LYS V 101 -74.29 42.48 15.44
N GLY V 102 -73.31 43.22 15.93
CA GLY V 102 -73.35 43.60 17.33
C GLY V 102 -74.54 44.52 17.68
N TYR V 103 -74.92 45.41 16.76
CA TYR V 103 -75.98 46.36 17.06
C TYR V 103 -77.38 46.08 16.45
N TYR V 104 -77.48 45.40 15.30
CA TYR V 104 -78.81 45.25 14.69
C TYR V 104 -79.29 43.81 14.48
N SER V 105 -78.45 42.95 13.89
CA SER V 105 -78.98 41.63 13.51
C SER V 105 -78.79 40.43 14.43
N TYR V 106 -77.77 40.42 15.28
CA TYR V 106 -77.54 39.23 16.08
C TYR V 106 -77.57 39.57 17.54
N GLY V 107 -76.83 40.58 17.92
CA GLY V 107 -76.67 40.93 19.32
C GLY V 107 -77.95 41.36 19.99
N THR V 108 -78.94 41.72 19.21
CA THR V 108 -80.20 42.18 19.72
C THR V 108 -80.99 41.07 20.38
N ARG V 109 -80.75 39.82 19.98
CA ARG V 109 -81.52 38.72 20.54
C ARG V 109 -81.04 38.37 21.93
N PHE V 110 -79.92 38.95 22.35
CA PHE V 110 -79.37 38.66 23.65
C PHE V 110 -79.70 39.76 24.62
N MET V 111 -80.43 40.79 24.19
CA MET V 111 -80.63 41.86 25.14
C MET V 111 -81.51 41.49 26.31
N GLU V 112 -82.43 40.57 26.16
CA GLU V 112 -83.24 40.23 27.33
C GLU V 112 -82.37 39.54 28.37
N GLU V 113 -81.49 38.66 27.90
CA GLU V 113 -80.58 37.94 28.77
C GLU V 113 -79.61 38.88 29.46
N ILE V 114 -79.09 39.84 28.72
CA ILE V 114 -78.12 40.76 29.26
C ILE V 114 -78.77 41.68 30.27
N MET V 115 -79.94 42.23 29.96
CA MET V 115 -80.54 43.13 30.93
C MET V 115 -81.02 42.38 32.15
N ASP V 116 -81.38 41.11 32.02
CA ASP V 116 -81.78 40.33 33.16
C ASP V 116 -80.60 40.10 34.08
N LYS V 117 -79.43 39.80 33.50
CA LYS V 117 -78.27 39.60 34.35
C LYS V 117 -77.87 40.91 35.00
N ILE V 118 -77.99 42.02 34.28
CA ILE V 118 -77.63 43.27 34.89
C ILE V 118 -78.55 43.55 36.04
N GLN V 119 -79.86 43.36 35.88
CA GLN V 119 -80.70 43.64 37.03
C GLN V 119 -80.35 42.75 38.21
N LYS V 120 -80.04 41.48 37.97
CA LYS V 120 -79.71 40.65 39.11
C LYS V 120 -78.51 41.21 39.86
N GLU V 121 -77.57 41.81 39.15
CA GLU V 121 -76.39 42.40 39.76
C GLU V 121 -76.76 43.71 40.49
N VAL V 122 -77.64 44.51 39.88
CA VAL V 122 -78.11 45.77 40.44
C VAL V 122 -78.89 45.55 41.72
N ASP V 123 -79.68 44.51 41.75
CA ASP V 123 -80.51 44.18 42.89
C ASP V 123 -79.70 43.81 44.13
N GLN V 124 -78.40 43.58 43.99
CA GLN V 124 -77.63 43.22 45.17
C GLN V 124 -77.06 44.45 45.84
N THR V 125 -77.27 45.64 45.26
CA THR V 125 -76.67 46.84 45.83
C THR V 125 -77.61 47.99 46.18
N GLU V 126 -77.47 48.48 47.42
CA GLU V 126 -78.27 49.59 47.96
C GLU V 126 -77.95 50.95 47.33
N HIS V 127 -76.69 51.19 47.06
CA HIS V 127 -76.27 52.47 46.53
C HIS V 127 -75.40 52.30 45.33
N LEU V 128 -76.01 52.33 44.16
CA LEU V 128 -75.30 52.13 42.92
C LEU V 128 -74.90 53.48 42.39
N GLN V 129 -73.62 53.65 42.18
CA GLN V 129 -73.02 54.87 41.72
C GLN V 129 -73.08 54.95 40.20
N GLY V 130 -72.77 53.82 39.57
CA GLY V 130 -72.73 53.80 38.14
C GLY V 130 -72.19 52.54 37.53
N PHE V 131 -72.01 52.61 36.23
CA PHE V 131 -71.52 51.51 35.42
C PHE V 131 -70.28 51.86 34.64
N ILE V 132 -69.40 50.88 34.48
CA ILE V 132 -68.25 51.03 33.61
C ILE V 132 -68.31 49.98 32.53
N VAL V 133 -68.31 50.40 31.30
CA VAL V 133 -68.35 49.43 30.21
C VAL V 133 -67.03 49.44 29.50
N VAL V 134 -66.38 48.30 29.49
CA VAL V 134 -65.06 48.17 28.88
C VAL V 134 -65.20 47.50 27.55
N HIS V 135 -64.79 48.17 26.49
CA HIS V 135 -65.00 47.56 25.20
C HIS V 135 -64.04 48.04 24.14
N SER V 136 -63.87 47.20 23.15
CA SER V 136 -63.16 47.55 21.95
C SER V 136 -64.06 48.39 21.11
N ILE V 137 -63.55 49.30 20.28
CA ILE V 137 -64.46 50.01 19.31
C ILE V 137 -64.10 49.48 17.92
N GLY V 138 -63.27 48.44 17.88
CA GLY V 138 -62.80 47.80 16.66
C GLY V 138 -63.77 46.80 16.06
N ASP V 139 -63.83 45.64 16.68
CA ASP V 139 -64.66 44.51 16.30
C ASP V 139 -66.12 44.77 16.53
N GLY V 140 -66.95 44.03 15.82
CA GLY V 140 -68.40 44.17 15.89
C GLY V 140 -69.00 43.90 17.27
N THR V 141 -68.50 42.94 18.02
CA THR V 141 -69.12 42.72 19.30
C THR V 141 -68.91 43.92 20.18
N GLY V 142 -67.66 44.41 20.28
CA GLY V 142 -67.39 45.57 21.10
C GLY V 142 -68.07 46.82 20.55
N ALA V 143 -67.83 47.12 19.27
CA ALA V 143 -68.35 48.30 18.62
C ALA V 143 -69.87 48.34 18.56
N GLY V 144 -70.49 47.18 18.40
CA GLY V 144 -71.93 47.06 18.28
C GLY V 144 -72.65 46.90 19.62
N LEU V 145 -72.37 45.82 20.34
CA LEU V 145 -73.10 45.65 21.58
C LEU V 145 -72.79 46.65 22.62
N ALA V 146 -71.56 47.13 22.77
CA ALA V 146 -71.38 47.96 23.93
C ALA V 146 -72.37 49.13 23.90
N PRO V 147 -72.56 49.92 22.82
CA PRO V 147 -73.60 50.92 22.75
C PRO V 147 -75.03 50.38 22.84
N LEU V 148 -75.26 49.13 22.46
CA LEU V 148 -76.63 48.63 22.55
C LEU V 148 -76.99 48.46 24.02
N ILE V 149 -76.00 47.97 24.77
CA ILE V 149 -76.12 47.73 26.19
C ILE V 149 -76.24 49.04 26.91
N MET V 150 -75.38 50.00 26.55
CA MET V 150 -75.43 51.28 27.21
C MET V 150 -76.78 51.94 27.05
N GLU V 151 -77.37 51.90 25.85
CA GLU V 151 -78.66 52.54 25.70
C GLU V 151 -79.72 51.85 26.54
N ALA V 152 -79.69 50.52 26.61
CA ALA V 152 -80.68 49.81 27.39
C ALA V 152 -80.59 50.16 28.87
N ILE V 153 -79.37 50.36 29.37
CA ILE V 153 -79.19 50.75 30.76
C ILE V 153 -79.62 52.19 31.00
N LYS V 154 -79.22 53.13 30.15
CA LYS V 154 -79.58 54.53 30.40
C LYS V 154 -81.09 54.73 30.42
N LYS V 155 -81.82 53.91 29.68
CA LYS V 155 -83.29 54.08 29.59
C LYS V 155 -83.96 53.47 30.83
N LYS V 156 -83.22 52.71 31.63
CA LYS V 156 -83.78 52.04 32.79
C LYS V 156 -83.30 52.68 34.09
N HIS V 157 -82.06 53.15 34.08
CA HIS V 157 -81.42 53.73 35.25
C HIS V 157 -80.82 55.09 34.88
N PRO V 158 -81.64 56.10 34.52
CA PRO V 158 -81.23 57.37 33.96
C PRO V 158 -80.43 58.27 34.89
N LYS V 159 -80.47 57.99 36.18
CA LYS V 159 -79.79 58.82 37.17
C LYS V 159 -78.37 58.36 37.50
N LEU V 160 -77.93 57.27 36.90
CA LEU V 160 -76.60 56.75 37.16
C LEU V 160 -75.60 57.34 36.20
N VAL V 161 -74.33 57.39 36.60
CA VAL V 161 -73.31 57.86 35.68
C VAL V 161 -72.75 56.70 34.92
N MET V 162 -72.69 56.81 33.61
CA MET V 162 -72.10 55.76 32.83
C MET V 162 -70.80 56.15 32.19
N MET V 163 -69.79 55.35 32.43
CA MET V 163 -68.48 55.59 31.86
C MET V 163 -68.09 54.47 30.95
N SER V 164 -67.50 54.80 29.84
CA SER V 164 -67.00 53.77 28.96
C SER V 164 -65.50 53.86 28.86
N TYR V 165 -64.88 52.74 28.62
CA TYR V 165 -63.46 52.67 28.38
C TYR V 165 -63.33 52.10 26.99
N SER V 166 -63.13 53.00 26.02
CA SER V 166 -63.13 52.69 24.61
C SER V 166 -61.73 52.49 24.10
N ILE V 167 -61.46 51.30 23.59
CA ILE V 167 -60.12 51.03 23.16
C ILE V 167 -60.00 50.99 21.66
N VAL V 168 -59.19 51.88 21.13
CA VAL V 168 -59.01 52.02 19.70
C VAL V 168 -57.90 51.09 19.24
N PRO V 169 -58.17 50.13 18.35
CA PRO V 169 -57.24 49.17 17.84
C PRO V 169 -56.18 49.86 17.05
N SER V 170 -55.04 49.23 16.97
CA SER V 170 -53.92 49.70 16.18
C SER V 170 -54.11 49.56 14.69
N GLN V 171 -53.26 50.28 13.95
CA GLN V 171 -53.20 50.24 12.48
C GLN V 171 -52.22 49.19 11.99
N ASN V 172 -51.66 48.41 12.91
CA ASN V 172 -50.72 47.36 12.62
C ASN V 172 -51.10 46.03 13.30
N MET V 173 -50.70 45.77 14.53
CA MET V 173 -50.92 44.46 15.12
C MET V 173 -52.38 44.06 15.24
N ASP V 174 -53.28 45.02 15.44
CA ASP V 174 -54.68 44.74 15.60
C ASP V 174 -55.48 45.14 14.36
N CYS V 175 -54.82 45.43 13.26
CA CYS V 175 -55.57 46.00 12.17
C CYS V 175 -56.56 45.08 11.49
N SER V 176 -57.51 45.75 10.84
CA SER V 176 -58.60 45.21 10.05
C SER V 176 -58.94 46.10 8.89
N THR V 177 -59.35 45.49 7.80
CA THR V 177 -59.70 46.16 6.58
C THR V 177 -60.99 46.95 6.67
N ILE V 178 -61.78 46.70 7.71
CA ILE V 178 -63.03 47.44 7.90
C ILE V 178 -63.04 48.19 9.22
N LEU V 179 -61.87 48.39 9.82
CA LEU V 179 -61.80 49.12 11.07
C LEU V 179 -62.48 50.48 11.01
N PRO V 180 -62.28 51.34 10.00
CA PRO V 180 -62.89 52.63 9.91
C PRO V 180 -64.41 52.59 9.88
N TYR V 181 -65.03 51.49 9.47
CA TYR V 181 -66.47 51.53 9.48
C TYR V 181 -66.95 51.29 10.87
N ASN V 182 -66.34 50.35 11.55
CA ASN V 182 -66.86 50.08 12.86
C ASN V 182 -66.56 51.22 13.81
N ALA V 183 -65.40 51.86 13.65
CA ALA V 183 -65.05 52.94 14.55
C ALA V 183 -65.99 54.14 14.41
N ILE V 184 -66.35 54.52 13.20
CA ILE V 184 -67.24 55.66 13.03
C ILE V 184 -68.66 55.30 13.43
N LEU V 185 -69.12 54.13 13.03
CA LEU V 185 -70.47 53.74 13.35
C LEU V 185 -70.67 53.63 14.84
N SER V 186 -69.67 53.18 15.58
CA SER V 186 -69.83 53.10 17.02
C SER V 186 -69.55 54.40 17.76
N LEU V 187 -68.68 55.30 17.26
CA LEU V 187 -68.49 56.59 17.93
C LEU V 187 -69.79 57.35 17.87
N ASP V 188 -70.53 57.14 16.79
CA ASP V 188 -71.81 57.77 16.61
C ASP V 188 -72.78 57.42 17.73
N LYS V 189 -72.67 56.23 18.32
CA LYS V 189 -73.62 55.87 19.34
C LYS V 189 -73.06 56.24 20.70
N LEU V 190 -71.73 56.19 20.85
CA LEU V 190 -71.13 56.51 22.14
C LEU V 190 -71.39 57.94 22.47
N THR V 191 -71.49 58.76 21.43
CA THR V 191 -71.77 60.16 21.54
C THR V 191 -73.04 60.42 22.35
N SER V 192 -74.09 59.62 22.19
CA SER V 192 -75.29 59.86 22.98
C SER V 192 -75.41 58.92 24.19
N CYS V 193 -74.68 57.80 24.18
CA CYS V 193 -74.75 56.79 25.23
C CYS V 193 -74.04 57.08 26.54
N ALA V 194 -72.76 57.42 26.47
CA ALA V 194 -71.94 57.56 27.68
C ALA V 194 -71.97 58.96 28.24
N ASP V 195 -71.74 59.09 29.54
CA ASP V 195 -71.59 60.41 30.13
C ASP V 195 -70.11 60.78 30.09
N ILE V 196 -69.27 59.77 30.28
CA ILE V 196 -67.82 59.91 30.25
C ILE V 196 -67.27 58.87 29.30
N SER V 197 -66.40 59.23 28.36
CA SER V 197 -65.85 58.19 27.50
C SER V 197 -64.35 58.32 27.38
N MET V 198 -63.63 57.32 27.87
CA MET V 198 -62.18 57.39 27.84
C MET V 198 -61.70 56.82 26.55
N ILE V 199 -60.75 57.46 25.90
CA ILE V 199 -60.17 56.88 24.70
C ILE V 199 -58.74 56.50 24.89
N ILE V 200 -58.46 55.23 24.69
CA ILE V 200 -57.10 54.74 24.79
C ILE V 200 -56.69 54.24 23.42
N ASP V 201 -55.57 54.71 22.92
CA ASP V 201 -55.09 54.32 21.59
C ASP V 201 -53.99 53.24 21.63
N ASN V 202 -54.26 52.04 21.09
CA ASN V 202 -53.26 50.98 21.19
C ASN V 202 -51.97 51.32 20.46
N ASP V 203 -52.00 52.20 19.45
CA ASP V 203 -50.75 52.51 18.80
C ASP V 203 -49.85 53.32 19.69
N SER V 204 -50.41 54.08 20.61
CA SER V 204 -49.59 54.83 21.50
C SER V 204 -49.00 53.85 22.48
N ILE V 205 -49.77 52.87 22.89
CA ILE V 205 -49.22 51.93 23.84
C ILE V 205 -48.08 51.18 23.20
N TYR V 206 -48.23 50.75 21.95
CA TYR V 206 -47.15 50.01 21.37
C TYR V 206 -45.88 50.84 21.23
N ARG V 207 -45.97 52.12 20.82
CA ARG V 207 -44.72 52.87 20.69
C ARG V 207 -44.14 53.32 22.02
N ILE V 208 -44.98 53.53 23.01
CA ILE V 208 -44.50 53.95 24.31
C ILE V 208 -43.79 52.84 25.00
N VAL V 209 -44.37 51.65 24.99
CA VAL V 209 -43.73 50.55 25.64
C VAL V 209 -42.45 50.21 24.89
N ALA V 210 -42.48 50.20 23.56
CA ALA V 210 -41.27 49.90 22.82
C ALA V 210 -40.15 50.87 23.16
N THR V 211 -40.48 52.15 23.37
CA THR V 211 -39.48 53.13 23.75
C THR V 211 -38.89 52.80 25.11
N GLN V 212 -39.75 52.47 26.08
CA GLN V 212 -39.27 52.16 27.43
C GLN V 212 -38.46 50.88 27.44
N GLY V 213 -38.82 49.98 26.55
CA GLY V 213 -38.18 48.69 26.41
C GLY V 213 -36.99 48.71 25.49
N LYS V 214 -36.51 49.86 25.03
CA LYS V 214 -35.41 49.85 24.08
C LYS V 214 -34.14 49.22 24.67
N GLU V 215 -34.04 49.18 25.99
CA GLU V 215 -32.92 48.62 26.71
C GLU V 215 -33.09 47.15 27.10
N ASN V 216 -34.24 46.53 26.82
CA ASN V 216 -34.46 45.16 27.29
C ASN V 216 -35.44 44.35 26.42
N GLU V 217 -35.71 43.11 26.82
CA GLU V 217 -36.59 42.24 26.05
C GLU V 217 -38.05 42.26 26.47
N LEU V 218 -38.39 43.07 27.47
CA LEU V 218 -39.75 43.14 27.98
C LEU V 218 -40.36 41.75 28.25
N SER V 219 -41.64 41.63 27.89
CA SER V 219 -42.48 40.46 27.98
C SER V 219 -43.63 40.72 27.06
N GLU V 220 -44.17 39.71 26.42
CA GLU V 220 -45.31 39.97 25.53
C GLU V 220 -46.57 40.38 26.29
N SER V 221 -46.61 40.12 27.59
CA SER V 221 -47.76 40.47 28.40
C SER V 221 -47.83 41.96 28.74
N ILE V 222 -46.75 42.69 28.49
CA ILE V 222 -46.70 44.09 28.87
C ILE V 222 -47.73 44.97 28.22
N PHE V 223 -48.12 44.66 27.00
CA PHE V 223 -49.05 45.53 26.34
C PHE V 223 -50.41 45.49 27.02
N ASP V 224 -50.82 44.30 27.45
CA ASP V 224 -52.10 44.15 28.11
C ASP V 224 -52.03 44.68 29.52
N GLN V 225 -50.87 44.56 30.17
CA GLN V 225 -50.80 45.05 31.52
C GLN V 225 -50.93 46.56 31.53
N VAL V 226 -50.34 47.25 30.55
CA VAL V 226 -50.46 48.70 30.52
C VAL V 226 -51.88 49.14 30.26
N LEU V 227 -52.56 48.48 29.33
CA LEU V 227 -53.92 48.87 29.03
C LEU V 227 -54.85 48.62 30.23
N ALA V 228 -54.71 47.48 30.89
CA ALA V 228 -55.51 47.18 32.06
C ALA V 228 -55.22 48.10 33.22
N LYS V 229 -53.95 48.44 33.40
CA LYS V 229 -53.56 49.29 34.50
C LYS V 229 -54.14 50.65 34.35
N ALA V 230 -54.18 51.19 33.14
CA ALA V 230 -54.74 52.51 33.03
C ALA V 230 -56.15 52.51 33.59
N LEU V 231 -56.96 51.48 33.33
CA LEU V 231 -58.30 51.54 33.91
C LEU V 231 -58.26 51.47 35.43
N VAL V 232 -57.36 50.64 35.97
CA VAL V 232 -57.27 50.47 37.41
C VAL V 232 -56.94 51.79 38.09
N GLU V 233 -55.99 52.52 37.50
CA GLU V 233 -55.58 53.80 38.07
C GLU V 233 -56.67 54.85 37.95
N ILE V 234 -57.44 54.85 36.85
CA ILE V 234 -58.51 55.84 36.68
C ILE V 234 -59.49 55.64 37.81
N THR V 235 -59.77 54.39 38.13
CA THR V 235 -60.69 54.00 39.18
C THR V 235 -60.11 54.02 40.59
N ALA V 236 -58.85 54.35 40.80
CA ALA V 236 -58.28 54.29 42.14
C ALA V 236 -59.01 55.19 43.11
N THR V 237 -59.48 56.33 42.64
CA THR V 237 -60.12 57.28 43.52
C THR V 237 -61.53 56.86 43.86
N LEU V 238 -62.04 55.85 43.18
CA LEU V 238 -63.38 55.39 43.45
C LEU V 238 -63.31 54.24 44.46
N ARG V 239 -62.09 53.81 44.80
CA ARG V 239 -61.88 52.67 45.67
C ARG V 239 -61.21 53.04 46.97
N PHE V 240 -60.47 54.12 46.98
CA PHE V 240 -59.79 54.57 48.18
C PHE V 240 -60.39 55.89 48.61
N ASN V 241 -60.26 56.25 49.87
CA ASN V 241 -60.87 57.51 50.31
C ASN V 241 -59.98 58.69 49.97
N SER V 242 -60.01 58.98 48.69
CA SER V 242 -59.21 59.97 48.00
C SER V 242 -59.82 61.35 48.11
N PRO V 243 -59.04 62.47 48.02
CA PRO V 243 -59.62 63.80 48.01
C PRO V 243 -59.89 64.25 46.56
N LEU V 244 -60.08 63.30 45.65
CA LEU V 244 -60.27 63.63 44.21
C LEU V 244 -61.15 62.57 43.55
N ASN V 245 -61.87 62.94 42.49
CA ASN V 245 -62.73 62.02 41.74
C ASN V 245 -63.40 61.05 42.70
N ARG V 246 -63.82 61.56 43.86
CA ARG V 246 -64.46 60.77 44.89
C ARG V 246 -65.56 59.86 44.36
N SER V 247 -66.25 60.33 43.34
CA SER V 247 -67.34 59.56 42.75
C SER V 247 -67.41 59.85 41.27
N MET V 248 -68.13 59.00 40.54
CA MET V 248 -68.31 59.14 39.10
C MET V 248 -69.02 60.43 38.76
N MET V 249 -69.91 60.87 39.64
CA MET V 249 -70.61 62.11 39.42
C MET V 249 -69.67 63.29 39.47
N GLU V 250 -68.62 63.19 40.29
CA GLU V 250 -67.63 64.30 40.42
C GLU V 250 -66.68 64.25 39.22
N MET V 251 -66.43 63.06 38.67
CA MET V 251 -65.58 63.03 37.49
C MET V 251 -66.30 63.72 36.34
N SER V 252 -67.60 63.49 36.26
CA SER V 252 -68.40 64.09 35.22
C SER V 252 -68.41 65.60 35.36
N THR V 253 -68.64 66.11 36.58
CA THR V 253 -68.74 67.58 36.78
C THR V 253 -67.37 68.24 36.57
N ASN V 254 -66.26 67.55 36.87
CA ASN V 254 -64.94 68.13 36.75
C ASN V 254 -64.43 68.17 35.31
N LEU V 255 -64.78 67.15 34.53
CA LEU V 255 -64.26 67.03 33.19
C LEU V 255 -65.16 67.35 32.00
N VAL V 256 -66.49 67.25 32.11
CA VAL V 256 -67.33 67.42 30.93
C VAL V 256 -68.26 68.64 30.95
N PRO V 257 -67.90 69.80 30.35
CA PRO V 257 -68.71 71.02 30.36
C PRO V 257 -69.94 71.02 29.46
N PHE V 258 -69.95 70.19 28.44
CA PHE V 258 -71.09 70.12 27.54
C PHE V 258 -71.40 68.66 27.33
N PRO V 259 -72.65 68.24 27.16
CA PRO V 259 -73.05 66.86 26.94
C PRO V 259 -72.28 66.12 25.85
N ARG V 260 -71.89 66.79 24.78
CA ARG V 260 -71.18 66.09 23.73
C ARG V 260 -69.68 66.06 23.93
N ASN V 261 -69.11 66.98 24.69
CA ASN V 261 -67.67 67.02 24.80
C ASN V 261 -67.18 66.18 25.95
N HIS V 262 -67.45 64.89 25.87
CA HIS V 262 -67.11 63.98 26.93
C HIS V 262 -65.99 62.99 26.62
N PHE V 263 -65.30 63.15 25.51
CA PHE V 263 -64.26 62.20 25.17
C PHE V 263 -62.95 62.63 25.78
N LEU V 264 -62.41 61.77 26.63
CA LEU V 264 -61.21 62.09 27.42
C LEU V 264 -59.96 61.30 27.09
N MET V 265 -58.83 61.95 27.26
CA MET V 265 -57.51 61.38 27.06
C MET V 265 -56.81 61.11 28.37
N THR V 266 -55.89 60.15 28.39
CA THR V 266 -55.14 59.94 29.63
C THR V 266 -53.65 59.91 29.42
N SER V 267 -52.97 60.07 30.54
CA SER V 267 -51.52 60.03 30.62
C SER V 267 -51.12 59.29 31.86
N MET V 268 -50.14 58.41 31.76
CA MET V 268 -49.77 57.62 32.92
C MET V 268 -48.28 57.45 33.15
N SER V 269 -47.88 57.48 34.41
CA SER V 269 -46.50 57.26 34.80
C SER V 269 -46.46 56.51 36.13
N PRO V 270 -45.61 55.49 36.26
CA PRO V 270 -44.57 54.94 35.39
C PRO V 270 -44.98 53.93 34.33
N LEU V 271 -46.25 53.88 33.93
CA LEU V 271 -46.79 52.92 32.95
C LEU V 271 -46.90 51.53 33.52
N GLU V 272 -45.79 50.94 33.95
CA GLU V 272 -45.82 49.67 34.64
C GLU V 272 -44.62 49.56 35.58
N THR V 273 -44.85 48.93 36.72
CA THR V 273 -43.84 48.77 37.73
C THR V 273 -42.62 48.01 37.19
N SER V 274 -42.87 46.98 36.40
CA SER V 274 -41.83 46.17 35.81
C SER V 274 -41.02 46.89 34.73
N LEU V 275 -41.55 48.01 34.24
CA LEU V 275 -40.81 48.83 33.23
C LEU V 275 -39.84 49.73 34.00
N THR V 276 -40.22 50.15 35.21
CA THR V 276 -39.35 51.04 36.03
C THR V 276 -38.88 50.27 37.26
N SER V 277 -37.73 49.57 37.16
CA SER V 277 -37.22 48.75 38.29
C SER V 277 -35.92 49.35 38.85
N ALA V 278 -35.29 48.66 39.79
CA ALA V 278 -34.03 49.16 40.41
C ALA V 278 -34.27 50.50 41.10
N HIS V 279 -33.39 51.48 40.88
CA HIS V 279 -33.52 52.79 41.56
C HIS V 279 -34.60 53.63 40.88
N GLN V 280 -35.78 53.69 41.50
CA GLN V 280 -36.90 54.42 40.86
C GLN V 280 -37.42 55.48 41.84
N LYS V 281 -36.50 56.20 42.47
CA LYS V 281 -36.94 57.30 43.36
C LYS V 281 -37.48 58.42 42.47
N ILE V 282 -38.72 58.30 42.02
CA ILE V 282 -39.33 59.34 41.13
C ILE V 282 -39.82 60.47 42.03
N GLU V 283 -39.09 61.58 42.06
CA GLU V 283 -39.45 62.72 42.96
C GLU V 283 -40.75 63.35 42.46
N THR V 284 -41.52 63.94 43.37
CA THR V 284 -42.80 64.59 43.01
C THR V 284 -42.58 65.46 41.76
N LYS V 285 -41.40 66.07 41.63
CA LYS V 285 -41.15 67.01 40.51
C LYS V 285 -41.09 66.28 39.18
N GLU V 286 -40.39 65.14 39.08
CA GLU V 286 -40.27 64.49 37.82
C GLU V 286 -41.58 63.84 37.46
N LEU V 287 -42.31 63.31 38.43
CA LEU V 287 -43.55 62.66 38.09
C LEU V 287 -44.47 63.62 37.37
N MET V 288 -44.59 64.86 37.84
CA MET V 288 -45.50 65.72 37.12
C MET V 288 -45.00 66.18 35.77
N GLN V 289 -43.69 66.19 35.55
CA GLN V 289 -43.25 66.54 34.21
C GLN V 289 -43.49 65.36 33.28
N ASP V 290 -43.35 64.14 33.80
CA ASP V 290 -43.54 62.94 32.99
C ASP V 290 -44.96 62.83 32.52
N LEU V 291 -45.90 63.24 33.35
CA LEU V 291 -47.30 63.12 33.01
C LEU V 291 -47.77 64.03 31.87
N ILE V 292 -46.99 65.01 31.45
CA ILE V 292 -47.40 65.79 30.28
C ILE V 292 -46.39 65.62 29.17
N ASP V 293 -45.55 64.59 29.29
CA ASP V 293 -44.55 64.26 28.30
C ASP V 293 -45.17 63.45 27.19
N GLN V 294 -44.63 63.54 25.99
CA GLN V 294 -45.17 62.78 24.89
C GLN V 294 -45.15 61.29 25.11
N ASP V 295 -44.16 60.79 25.83
CA ASP V 295 -44.05 59.35 25.93
C ASP V 295 -44.92 58.75 27.01
N HIS V 296 -45.72 59.56 27.67
CA HIS V 296 -46.62 59.04 28.68
C HIS V 296 -48.07 59.24 28.29
N ILE V 297 -48.34 59.76 27.10
CA ILE V 297 -49.71 60.03 26.72
C ILE V 297 -50.23 58.90 25.86
N LEU V 298 -51.33 58.29 26.26
CA LEU V 298 -51.82 57.11 25.54
C LEU V 298 -52.79 57.53 24.43
N ALA V 299 -52.29 58.40 23.56
CA ALA V 299 -53.00 58.95 22.43
C ALA V 299 -51.97 59.63 21.54
N PRO V 300 -52.20 59.82 20.25
CA PRO V 300 -51.32 60.56 19.36
C PRO V 300 -51.50 62.06 19.55
N ILE V 301 -51.27 62.49 20.77
CA ILE V 301 -51.47 63.85 21.21
C ILE V 301 -50.30 64.47 21.93
N THR V 302 -49.97 65.67 21.50
CA THR V 302 -48.95 66.49 22.11
C THR V 302 -49.75 67.54 22.87
N VAL V 303 -49.49 67.75 24.16
CA VAL V 303 -50.36 68.68 24.87
C VAL V 303 -50.18 70.10 24.39
N GLU V 304 -48.98 70.42 23.92
CA GLU V 304 -48.61 71.72 23.41
C GLU V 304 -49.34 72.07 22.13
N LYS V 305 -49.94 71.09 21.44
CA LYS V 305 -50.60 71.33 20.18
C LYS V 305 -52.08 71.05 20.31
N GLY V 306 -52.80 72.02 20.86
CA GLY V 306 -54.22 71.88 21.12
C GLY V 306 -54.58 72.66 22.36
N VAL V 307 -55.85 72.62 22.73
CA VAL V 307 -56.34 73.39 23.86
C VAL V 307 -57.08 72.54 24.88
N PHE V 308 -56.78 72.79 26.15
CA PHE V 308 -57.43 72.11 27.26
C PHE V 308 -58.72 72.77 27.64
N THR V 309 -59.66 71.95 28.03
CA THR V 309 -60.94 72.43 28.54
C THR V 309 -61.00 72.07 30.02
N ALA V 310 -60.38 70.95 30.37
CA ALA V 310 -60.36 70.48 31.75
C ALA V 310 -59.12 69.64 31.97
N PHE V 311 -58.57 69.66 33.18
CA PHE V 311 -57.39 68.84 33.42
C PHE V 311 -57.24 68.43 34.87
N VAL V 312 -57.32 67.12 35.13
CA VAL V 312 -57.20 66.62 36.49
C VAL V 312 -56.05 65.65 36.65
N ILE V 313 -55.18 65.93 37.60
CA ILE V 313 -54.03 65.08 37.88
C ILE V 313 -54.19 64.33 39.19
N ALA V 314 -54.26 63.01 39.11
CA ALA V 314 -54.44 62.19 40.29
C ALA V 314 -53.18 61.42 40.59
N LEU V 315 -52.56 61.74 41.71
CA LEU V 315 -51.32 61.13 42.08
C LEU V 315 -51.53 60.16 43.21
N ARG V 316 -50.58 59.30 43.45
CA ARG V 316 -50.66 58.39 44.57
C ARG V 316 -49.35 58.47 45.33
N GLY V 317 -49.42 58.43 46.65
CA GLY V 317 -48.24 58.49 47.51
C GLY V 317 -48.02 59.89 48.01
N GLU V 318 -47.01 60.11 48.84
CA GLU V 318 -46.82 61.45 49.32
C GLU V 318 -46.36 62.32 48.17
N ASN V 319 -47.05 63.42 48.01
CA ASN V 319 -46.85 64.42 46.99
C ASN V 319 -47.14 65.80 47.58
N PRO V 320 -46.18 66.46 48.21
CA PRO V 320 -46.37 67.70 48.93
C PRO V 320 -47.05 68.69 48.02
N HIS V 321 -48.01 69.42 48.57
CA HIS V 321 -48.77 70.33 47.74
C HIS V 321 -48.00 71.49 47.22
N SER V 322 -46.96 71.93 47.93
CA SER V 322 -46.17 73.04 47.46
C SER V 322 -45.38 72.67 46.22
N ILE V 323 -45.15 71.39 46.01
CA ILE V 323 -44.42 70.97 44.85
C ILE V 323 -45.40 70.88 43.74
N LEU V 324 -46.59 70.36 44.03
CA LEU V 324 -47.54 70.20 42.97
C LEU V 324 -47.88 71.56 42.40
N GLN V 325 -47.96 72.59 43.26
CA GLN V 325 -48.28 73.91 42.74
C GLN V 325 -47.16 74.49 41.93
N ASN V 326 -45.90 74.28 42.32
CA ASN V 326 -44.85 74.82 41.49
C ASN V 326 -44.76 74.09 40.17
N SER V 327 -45.05 72.78 40.16
CA SER V 327 -45.02 72.02 38.93
C SER V 327 -46.09 72.51 37.98
N ILE V 328 -47.27 72.83 38.49
CA ILE V 328 -48.33 73.34 37.63
C ILE V 328 -47.97 74.70 37.10
N LYS V 329 -47.48 75.59 37.93
CA LYS V 329 -47.14 76.92 37.44
C LYS V 329 -46.09 76.81 36.34
N GLY V 330 -45.17 75.86 36.51
CA GLY V 330 -44.07 75.59 35.62
C GLY V 330 -44.49 74.96 34.30
N PHE V 331 -45.77 74.65 34.14
CA PHE V 331 -46.25 74.12 32.88
C PHE V 331 -46.18 75.23 31.84
N GLY V 332 -46.27 76.49 32.28
CA GLY V 332 -46.18 77.59 31.34
C GLY V 332 -47.26 77.55 30.31
N ASP V 333 -46.89 77.66 29.05
CA ASP V 333 -47.82 77.62 27.93
C ASP V 333 -47.89 76.27 27.27
N ARG V 334 -47.37 75.24 27.93
CA ARG V 334 -47.47 73.90 27.39
C ARG V 334 -48.88 73.42 27.64
N VAL V 335 -49.46 73.88 28.73
CA VAL V 335 -50.80 73.55 29.10
C VAL V 335 -51.63 74.80 29.01
N LYS V 336 -52.40 74.94 27.95
CA LYS V 336 -53.16 76.15 27.74
C LYS V 336 -54.62 75.86 27.49
N PHE V 337 -55.47 76.77 28.00
CA PHE V 337 -56.94 76.61 27.88
C PHE V 337 -57.48 77.78 27.06
N SER V 338 -58.80 77.92 27.00
CA SER V 338 -59.43 79.04 26.26
C SER V 338 -59.33 80.31 27.11
N GLU V 339 -59.65 81.47 26.52
CA GLU V 339 -59.63 82.74 27.29
C GLU V 339 -60.94 82.84 28.08
N ILE V 340 -61.86 81.90 27.86
CA ILE V 340 -63.14 81.88 28.64
C ILE V 340 -62.98 80.92 29.82
N PHE V 341 -61.76 80.43 30.09
CA PHE V 341 -61.60 79.60 31.26
C PHE V 341 -60.39 80.04 32.07
N PRO V 342 -60.40 79.86 33.38
CA PRO V 342 -59.25 79.99 34.22
C PRO V 342 -58.45 78.75 33.93
N THR V 343 -57.16 78.74 34.23
CA THR V 343 -56.38 77.53 34.04
C THR V 343 -56.69 76.55 35.13
N ALA V 344 -57.83 75.91 35.02
CA ALA V 344 -58.38 75.03 36.01
C ALA V 344 -57.74 73.68 36.01
N ILE V 345 -56.52 73.64 36.52
CA ILE V 345 -55.76 72.41 36.62
C ILE V 345 -55.81 71.98 38.06
N LYS V 346 -56.38 70.80 38.33
CA LYS V 346 -56.56 70.35 39.73
C LYS V 346 -55.68 69.13 40.02
N ALA V 347 -54.93 69.16 41.11
CA ALA V 347 -54.05 68.05 41.43
C ALA V 347 -54.00 67.76 42.91
N ASP V 348 -53.93 66.49 43.24
CA ASP V 348 -53.78 66.03 44.63
C ASP V 348 -53.38 64.57 44.63
N SER V 349 -53.18 63.97 45.81
CA SER V 349 -52.81 62.55 45.87
C SER V 349 -53.56 61.67 46.86
N THR V 350 -53.60 60.39 46.52
CA THR V 350 -54.23 59.33 47.31
C THR V 350 -53.28 58.19 47.70
N THR V 351 -53.84 57.16 48.30
CA THR V 351 -53.14 56.00 48.82
C THR V 351 -52.43 55.08 47.82
N LEU V 352 -51.19 54.75 48.19
CA LEU V 352 -50.37 53.81 47.37
C LEU V 352 -50.43 52.41 47.98
N THR V 353 -50.60 51.39 47.15
CA THR V 353 -50.73 50.00 47.47
C THR V 353 -49.59 49.12 46.97
N ASP V 354 -48.83 49.64 46.00
CA ASP V 354 -47.75 48.92 45.33
C ASP V 354 -46.44 49.19 46.04
N GLU V 355 -45.92 48.18 46.73
CA GLU V 355 -44.75 48.32 47.57
C GLU V 355 -43.46 48.60 46.80
N LYS V 356 -43.48 48.46 45.48
CA LYS V 356 -42.29 48.70 44.70
C LYS V 356 -42.17 50.15 44.20
N LEU V 357 -43.20 50.97 44.37
CA LEU V 357 -43.13 52.32 43.84
C LEU V 357 -43.24 53.38 44.90
N ALA V 358 -42.34 54.34 44.83
CA ALA V 358 -42.38 55.47 45.74
C ALA V 358 -43.63 56.32 45.56
N ARG V 359 -44.07 56.45 44.32
CA ARG V 359 -45.25 57.23 43.96
C ARG V 359 -45.62 56.96 42.53
N SER V 360 -46.80 57.37 42.15
CA SER V 360 -47.26 57.20 40.77
C SER V 360 -48.39 58.14 40.43
N GLY V 361 -48.81 58.18 39.18
CA GLY V 361 -49.98 58.98 38.87
C GLY V 361 -50.54 58.84 37.47
N ILE V 362 -51.74 59.40 37.31
CA ILE V 362 -52.48 59.37 36.06
C ILE V 362 -53.23 60.66 35.87
N THR V 363 -53.41 61.09 34.62
CA THR V 363 -54.21 62.28 34.44
C THR V 363 -55.36 62.00 33.52
N LEU V 364 -56.39 62.82 33.67
CA LEU V 364 -57.57 62.80 32.83
C LEU V 364 -57.68 64.15 32.13
N MET V 365 -57.68 64.14 30.81
CA MET V 365 -57.67 65.39 30.09
C MET V 365 -58.80 65.56 29.12
N ASN V 366 -59.39 66.74 29.11
CA ASN V 366 -60.39 67.05 28.13
C ASN V 366 -59.67 68.03 27.24
N HIS V 367 -59.23 67.53 26.08
CA HIS V 367 -58.33 68.26 25.20
C HIS V 367 -58.75 68.09 23.76
N SER V 368 -58.65 69.18 23.00
CA SER V 368 -59.08 69.23 21.60
C SER V 368 -58.37 68.28 20.68
N GLY V 369 -57.22 67.74 21.09
CA GLY V 369 -56.44 66.82 20.29
C GLY V 369 -57.21 65.54 19.97
N VAL V 370 -58.28 65.25 20.71
CA VAL V 370 -59.07 64.07 20.39
C VAL V 370 -59.64 64.15 19.00
N ALA V 371 -59.92 65.37 18.55
CA ALA V 371 -60.49 65.63 17.26
C ALA V 371 -59.61 65.11 16.16
N ASN V 372 -58.30 65.02 16.40
CA ASN V 372 -57.37 64.58 15.38
C ASN V 372 -57.50 63.09 15.16
N LEU V 373 -57.85 62.33 16.20
CA LEU V 373 -58.00 60.89 16.05
C LEU V 373 -59.27 60.65 15.32
N PHE V 374 -60.29 61.42 15.66
CA PHE V 374 -61.55 61.24 15.01
C PHE V 374 -61.41 61.59 13.54
N GLN V 375 -60.69 62.68 13.20
CA GLN V 375 -60.56 63.01 11.81
C GLN V 375 -59.77 61.97 11.05
N PHE V 376 -58.74 61.40 11.68
CA PHE V 376 -57.97 60.37 11.01
C PHE V 376 -58.87 59.21 10.60
N LEU V 377 -59.66 58.73 11.54
CA LEU V 377 -60.53 57.60 11.27
C LEU V 377 -61.63 57.98 10.31
N LEU V 378 -62.13 59.22 10.39
CA LEU V 378 -63.20 59.63 9.51
C LEU V 378 -62.69 59.73 8.09
N THR V 379 -61.48 60.20 7.86
CA THR V 379 -60.97 60.25 6.50
C THR V 379 -60.92 58.85 5.91
N GLN V 380 -60.45 57.86 6.70
CA GLN V 380 -60.36 56.52 6.18
C GLN V 380 -61.76 55.98 5.85
N PHE V 381 -62.74 56.31 6.69
CA PHE V 381 -64.13 55.93 6.48
C PHE V 381 -64.60 56.44 5.15
N GLU V 382 -64.38 57.72 4.89
CA GLU V 382 -64.84 58.32 3.66
C GLU V 382 -64.22 57.71 2.42
N LEU V 383 -62.93 57.39 2.46
CA LEU V 383 -62.33 56.79 1.26
C LEU V 383 -63.00 55.47 0.93
N MET V 384 -63.29 54.67 1.95
CA MET V 384 -63.94 53.40 1.71
C MET V 384 -65.40 53.55 1.35
N TYR V 385 -66.11 54.39 2.08
CA TYR V 385 -67.54 54.52 1.91
C TYR V 385 -67.89 55.03 0.53
N ASP V 386 -67.17 56.04 0.08
CA ASP V 386 -67.47 56.69 -1.19
C ASP V 386 -67.26 55.78 -2.39
N HIS V 387 -66.57 54.65 -2.21
CA HIS V 387 -66.36 53.72 -3.29
C HIS V 387 -66.95 52.35 -2.95
N ASP V 388 -67.86 52.31 -1.98
CA ASP V 388 -68.57 51.13 -1.50
C ASP V 388 -67.69 49.95 -1.08
N ALA V 389 -66.53 50.19 -0.49
CA ALA V 389 -65.75 49.01 -0.15
C ALA V 389 -66.38 48.30 1.01
N PHE V 390 -66.61 46.99 0.89
CA PHE V 390 -67.14 46.18 1.97
C PHE V 390 -68.47 46.64 2.51
N THR V 391 -69.30 47.36 1.75
CA THR V 391 -70.55 47.79 2.35
C THR V 391 -71.63 46.75 2.22
N THR V 392 -71.44 45.79 1.32
CA THR V 392 -72.44 44.77 1.13
C THR V 392 -72.59 43.95 2.37
N TRP V 393 -71.52 43.77 3.12
CA TRP V 393 -71.58 42.95 4.30
C TRP V 393 -72.42 43.56 5.39
N TYR V 394 -72.60 44.88 5.38
CA TYR V 394 -73.38 45.52 6.41
C TYR V 394 -74.82 45.65 5.93
N TYR V 395 -74.99 45.84 4.62
CA TYR V 395 -76.33 46.03 4.06
C TYR V 395 -77.10 44.73 4.15
N GLN V 396 -76.38 43.62 4.07
CA GLN V 396 -76.97 42.29 4.14
C GLN V 396 -77.55 42.00 5.51
N GLU V 397 -77.17 42.76 6.52
CA GLU V 397 -77.69 42.52 7.85
C GLU V 397 -78.54 43.67 8.37
N GLY V 398 -79.07 44.48 7.46
CA GLY V 398 -79.98 45.55 7.83
C GLY V 398 -79.45 46.99 7.89
N MET V 399 -78.20 47.25 7.58
CA MET V 399 -77.78 48.64 7.65
C MET V 399 -78.09 49.44 6.42
N GLN V 400 -79.31 49.92 6.36
CA GLN V 400 -79.77 50.71 5.23
C GLN V 400 -78.69 51.82 5.08
N PRO V 401 -78.25 52.18 3.85
CA PRO V 401 -77.20 53.16 3.58
C PRO V 401 -77.26 54.51 4.32
N SER V 402 -78.45 55.02 4.61
CA SER V 402 -78.53 56.32 5.29
C SER V 402 -77.97 56.26 6.70
N GLU V 403 -77.81 55.05 7.22
CA GLU V 403 -77.29 54.80 8.54
C GLU V 403 -75.81 55.20 8.58
N PHE V 404 -75.10 54.96 7.48
CA PHE V 404 -73.69 55.27 7.37
C PHE V 404 -73.54 56.76 7.19
N GLU V 405 -74.44 57.33 6.40
CA GLU V 405 -74.39 58.76 6.14
C GLU V 405 -74.64 59.54 7.42
N ALA V 406 -75.56 59.06 8.25
CA ALA V 406 -75.81 59.76 9.49
C ALA V 406 -74.60 59.74 10.39
N ALA V 407 -73.90 58.60 10.48
CA ALA V 407 -72.73 58.54 11.33
C ALA V 407 -71.64 59.47 10.82
N LYS V 408 -71.49 59.55 9.51
CA LYS V 408 -70.50 60.40 8.90
C LYS V 408 -70.73 61.85 9.29
N ASN V 409 -71.98 62.29 9.22
CA ASN V 409 -72.26 63.66 9.55
C ASN V 409 -72.11 63.96 11.03
N ASN V 410 -72.55 63.05 11.89
CA ASN V 410 -72.44 63.28 13.35
C ASN V 410 -70.97 63.44 13.74
N ILE V 411 -70.07 62.59 13.21
CA ILE V 411 -68.70 62.68 13.62
C ILE V 411 -68.09 63.95 13.06
N GLN V 412 -68.40 64.33 11.82
CA GLN V 412 -67.78 65.55 11.34
C GLN V 412 -68.19 66.72 12.22
N LYS V 413 -69.44 66.73 12.70
CA LYS V 413 -69.89 67.78 13.59
C LYS V 413 -69.14 67.75 14.91
N LEU V 414 -68.87 66.55 15.44
CA LEU V 414 -68.17 66.41 16.70
C LEU V 414 -66.74 66.95 16.59
N ILE V 415 -66.09 66.67 15.46
CA ILE V 415 -64.73 67.13 15.21
C ILE V 415 -64.74 68.64 15.16
N THR V 416 -65.71 69.19 14.45
CA THR V 416 -65.84 70.62 14.29
C THR V 416 -65.97 71.29 15.64
N GLU V 417 -66.81 70.73 16.51
CA GLU V 417 -67.02 71.29 17.85
C GLU V 417 -65.76 71.23 18.72
N TYR V 418 -65.00 70.13 18.68
CA TYR V 418 -63.81 70.08 19.52
C TYR V 418 -62.75 71.04 19.07
N LYS V 419 -62.71 71.36 17.79
CA LYS V 419 -61.71 72.28 17.29
C LYS V 419 -62.10 73.75 17.38
N GLN V 420 -63.27 74.04 17.95
CA GLN V 420 -63.75 75.46 17.97
C GLN V 420 -62.66 76.35 18.59
N ASP V 421 -62.07 75.94 19.71
CA ASP V 421 -61.09 76.81 20.42
C ASP V 421 -59.77 76.89 19.65
N GLU V 422 -59.49 75.92 18.78
CA GLU V 422 -58.26 75.96 17.97
C GLU V 422 -58.27 77.23 17.10
N TYR V 423 -59.39 77.51 16.44
CA TYR V 423 -59.51 78.72 15.60
C TYR V 423 -59.56 79.95 16.51
N ALA W 2 -46.18 -0.71 67.08
CA ALA W 2 -47.63 -0.82 67.12
C ALA W 2 -48.23 -0.89 65.72
N GLY W 3 -47.92 0.08 64.82
CA GLY W 3 -48.49 0.14 63.46
C GLY W 3 -47.83 -0.86 62.52
N GLU W 4 -47.91 -2.13 62.88
CA GLU W 4 -47.27 -3.20 62.15
C GLU W 4 -48.03 -3.52 60.88
N ILE W 5 -47.32 -3.78 59.80
CA ILE W 5 -47.98 -4.02 58.52
C ILE W 5 -47.84 -5.41 57.98
N VAL W 6 -48.95 -6.00 57.56
CA VAL W 6 -48.90 -7.31 56.94
C VAL W 6 -49.19 -7.17 55.47
N CYS W 7 -48.26 -7.60 54.62
CA CYS W 7 -48.47 -7.47 53.19
C CYS W 7 -49.00 -8.77 52.64
N ILE W 8 -49.87 -8.69 51.65
CA ILE W 8 -50.38 -9.87 50.98
C ILE W 8 -50.08 -9.72 49.51
N GLN W 9 -49.42 -10.68 48.93
CA GLN W 9 -49.01 -10.61 47.55
C GLN W 9 -49.76 -11.65 46.76
N VAL W 10 -50.58 -11.26 45.79
CA VAL W 10 -51.34 -12.32 45.12
C VAL W 10 -51.12 -12.34 43.62
N GLY W 11 -50.68 -13.48 43.12
CA GLY W 11 -50.48 -13.68 41.69
C GLY W 11 -49.10 -13.25 41.22
N GLN W 12 -48.79 -13.51 39.95
CA GLN W 12 -47.47 -13.21 39.44
C GLN W 12 -47.09 -11.75 39.46
N ALA W 13 -48.00 -10.87 39.07
CA ALA W 13 -47.65 -9.46 39.07
C ALA W 13 -47.48 -9.01 40.49
N GLY W 14 -48.33 -9.53 41.36
CA GLY W 14 -48.34 -9.14 42.74
C GLY W 14 -47.01 -9.46 43.38
N ASN W 15 -46.50 -10.64 43.07
CA ASN W 15 -45.25 -11.09 43.65
C ASN W 15 -44.07 -10.36 43.06
N GLN W 16 -44.10 -10.02 41.77
CA GLN W 16 -42.96 -9.32 41.22
C GLN W 16 -42.86 -7.88 41.69
N ILE W 17 -44.00 -7.23 41.84
CA ILE W 17 -44.00 -5.86 42.28
C ILE W 17 -43.61 -5.78 43.73
N ALA W 18 -44.22 -6.64 44.54
CA ALA W 18 -43.89 -6.67 45.95
C ALA W 18 -42.45 -7.05 46.14
N GLY W 19 -41.93 -7.92 45.30
CA GLY W 19 -40.55 -8.33 45.40
C GLY W 19 -39.64 -7.13 45.27
N ALA W 20 -39.88 -6.30 44.24
CA ALA W 20 -39.07 -5.11 44.04
C ALA W 20 -39.16 -4.20 45.25
N PHE W 21 -40.35 -4.08 45.83
CA PHE W 21 -40.52 -3.29 47.03
C PHE W 21 -39.68 -3.79 48.16
N TRP W 22 -39.75 -5.08 48.44
CA TRP W 22 -39.04 -5.61 49.58
C TRP W 22 -37.55 -5.42 49.45
N GLN W 23 -37.03 -5.59 48.24
CA GLN W 23 -35.62 -5.42 48.05
C GLN W 23 -35.19 -3.96 48.16
N LYS W 24 -36.07 -3.00 47.87
CA LYS W 24 -35.69 -1.60 48.07
C LYS W 24 -35.77 -1.23 49.54
N ILE W 25 -36.74 -1.80 50.27
CA ILE W 25 -36.88 -1.53 51.71
C ILE W 25 -35.65 -2.01 52.43
N CYS W 26 -35.15 -3.16 52.04
CA CYS W 26 -33.96 -3.73 52.61
C CYS W 26 -32.71 -2.90 52.31
N ALA W 27 -32.77 -2.00 51.35
CA ALA W 27 -31.59 -1.23 51.09
C ALA W 27 -31.59 -0.02 52.01
N GLU W 28 -32.77 0.56 52.21
CA GLU W 28 -32.87 1.78 53.05
C GLU W 28 -32.60 1.43 54.51
N HIS W 29 -33.08 0.26 54.96
CA HIS W 29 -32.95 -0.09 56.41
C HIS W 29 -31.56 -0.67 56.68
N GLY W 30 -30.92 -1.25 55.67
CA GLY W 30 -29.58 -1.84 55.83
C GLY W 30 -29.66 -3.32 56.11
N ILE W 31 -30.33 -4.08 55.24
CA ILE W 31 -30.49 -5.55 55.43
C ILE W 31 -30.02 -6.24 54.15
N ASP W 32 -29.47 -7.46 54.21
CA ASP W 32 -29.09 -8.09 52.96
C ASP W 32 -30.34 -8.55 52.17
N PRO W 33 -30.63 -8.01 50.97
CA PRO W 33 -31.81 -8.30 50.17
C PRO W 33 -31.95 -9.75 49.75
N VAL W 34 -30.87 -10.54 49.84
CA VAL W 34 -30.99 -11.94 49.45
C VAL W 34 -30.84 -12.93 50.60
N ASN W 35 -30.67 -12.42 51.82
CA ASN W 35 -30.51 -13.28 53.00
C ASN W 35 -31.39 -12.89 54.15
N GLY W 36 -31.64 -11.59 54.32
CA GLY W 36 -32.38 -11.06 55.45
C GLY W 36 -31.45 -10.77 56.61
N LYS W 37 -30.18 -11.15 56.44
CA LYS W 37 -29.24 -11.03 57.59
C LYS W 37 -28.68 -9.62 57.66
N ALA W 38 -28.63 -9.06 58.87
CA ALA W 38 -28.07 -7.74 59.08
C ALA W 38 -27.44 -7.63 60.43
N ILE W 39 -26.46 -6.76 60.52
CA ILE W 39 -25.85 -6.50 61.83
C ILE W 39 -26.32 -5.16 62.34
N ASP W 40 -26.14 -4.14 61.51
CA ASP W 40 -26.48 -2.78 61.88
C ASP W 40 -27.55 -2.23 60.96
N VAL W 41 -28.71 -1.96 61.52
CA VAL W 41 -29.83 -1.48 60.72
C VAL W 41 -30.30 -0.16 61.29
N VAL W 42 -31.04 0.57 60.50
CA VAL W 42 -31.56 1.85 60.93
C VAL W 42 -33.04 1.88 60.70
N GLY W 43 -33.73 2.80 61.35
CA GLY W 43 -35.16 2.98 61.16
C GLY W 43 -35.92 2.03 62.04
N ASP W 44 -37.24 2.07 61.96
CA ASP W 44 -38.09 1.22 62.75
C ASP W 44 -38.40 -0.03 61.94
N THR W 45 -37.52 -1.03 62.03
CA THR W 45 -37.62 -2.21 61.18
C THR W 45 -38.74 -3.11 61.61
N ASP W 46 -39.26 -2.91 62.79
CA ASP W 46 -40.32 -3.73 63.32
C ASP W 46 -41.63 -3.53 62.58
N ILE W 47 -41.77 -2.44 61.84
CA ILE W 47 -43.04 -2.24 61.16
C ILE W 47 -43.25 -3.29 60.07
N PHE W 48 -42.20 -3.57 59.29
CA PHE W 48 -42.32 -4.56 58.23
C PHE W 48 -41.59 -5.89 58.44
N PHE W 49 -40.65 -5.98 59.39
CA PHE W 49 -39.91 -7.24 59.53
C PHE W 49 -40.04 -7.86 60.89
N ASN W 50 -40.11 -9.18 60.91
CA ASN W 50 -40.10 -9.96 62.14
C ASN W 50 -38.66 -10.35 62.42
N THR W 51 -38.03 -9.76 63.44
CA THR W 51 -36.63 -10.07 63.59
C THR W 51 -36.40 -11.21 64.55
N ILE W 52 -35.71 -12.23 64.06
CA ILE W 52 -35.34 -13.39 64.84
C ILE W 52 -33.84 -13.55 64.78
N GLY W 53 -33.16 -13.43 65.91
CA GLY W 53 -31.70 -13.47 65.86
C GLY W 53 -31.24 -12.28 65.04
N ASP W 54 -30.40 -12.50 64.04
CA ASP W 54 -29.93 -11.43 63.19
C ASP W 54 -30.59 -11.43 61.82
N LYS W 55 -31.69 -12.18 61.68
CA LYS W 55 -32.42 -12.25 60.43
C LYS W 55 -33.72 -11.46 60.48
N TYR W 56 -33.90 -10.61 59.50
CA TYR W 56 -35.07 -9.78 59.38
C TYR W 56 -35.99 -10.41 58.37
N ILE W 57 -37.12 -10.91 58.84
CA ILE W 57 -38.04 -11.62 57.99
C ILE W 57 -39.21 -10.76 57.58
N PRO W 58 -39.39 -10.43 56.31
CA PRO W 58 -40.42 -9.54 55.91
C PRO W 58 -41.73 -10.18 56.22
N ARG W 59 -42.67 -9.39 56.74
CA ARG W 59 -44.03 -9.88 57.06
C ARG W 59 -44.89 -9.81 55.80
N ALA W 60 -45.04 -10.94 55.11
CA ALA W 60 -45.80 -11.01 53.90
C ALA W 60 -46.40 -12.37 53.76
N VAL W 61 -47.54 -12.42 53.12
CA VAL W 61 -48.20 -13.66 52.81
C VAL W 61 -48.10 -13.78 51.31
N VAL W 62 -47.47 -14.84 50.83
CA VAL W 62 -47.28 -14.95 49.40
C VAL W 62 -48.24 -15.96 48.84
N VAL W 63 -49.09 -15.52 47.93
CA VAL W 63 -50.16 -16.35 47.46
C VAL W 63 -50.23 -16.59 45.98
N ASP W 64 -50.38 -17.85 45.60
CA ASP W 64 -50.58 -18.14 44.21
C ASP W 64 -51.49 -19.37 44.05
N LEU W 65 -51.81 -19.73 42.82
CA LEU W 65 -52.58 -20.92 42.51
C LEU W 65 -51.65 -21.81 41.74
N GLU W 66 -50.52 -21.23 41.37
CA GLU W 66 -49.45 -21.86 40.62
C GLU W 66 -48.83 -23.04 41.40
N PRO W 67 -48.65 -24.23 40.79
CA PRO W 67 -48.05 -25.42 41.37
C PRO W 67 -46.64 -25.33 41.98
N ALA W 68 -45.80 -24.37 41.57
CA ALA W 68 -44.45 -24.34 42.15
C ALA W 68 -44.00 -22.95 42.53
N VAL W 69 -44.83 -22.26 43.27
CA VAL W 69 -44.53 -20.90 43.68
C VAL W 69 -43.31 -20.79 44.60
N VAL W 70 -43.00 -21.80 45.43
CA VAL W 70 -41.86 -21.61 46.32
C VAL W 70 -40.54 -21.60 45.57
N GLU W 71 -40.36 -22.55 44.67
CA GLU W 71 -39.13 -22.64 43.92
C GLU W 71 -38.92 -21.41 43.07
N ASN W 72 -40.02 -20.86 42.56
CA ASN W 72 -40.00 -19.69 41.71
C ASN W 72 -39.55 -18.43 42.47
N ILE W 73 -39.62 -18.48 43.80
CA ILE W 73 -39.23 -17.37 44.63
C ILE W 73 -37.80 -17.55 45.01
N ARG W 74 -37.42 -18.75 45.44
CA ARG W 74 -36.00 -19.01 45.81
C ARG W 74 -35.07 -18.57 44.66
N GLU W 75 -35.46 -18.85 43.42
CA GLU W 75 -34.62 -18.51 42.28
C GLU W 75 -34.39 -17.02 42.11
N LYS W 76 -35.29 -16.16 42.58
CA LYS W 76 -35.09 -14.73 42.35
C LYS W 76 -34.80 -13.94 43.64
N PHE W 77 -35.39 -14.36 44.75
CA PHE W 77 -35.28 -13.63 46.00
C PHE W 77 -34.44 -14.32 47.08
N GLY W 78 -33.73 -15.39 46.73
CA GLY W 78 -32.89 -16.05 47.70
C GLY W 78 -33.66 -16.59 48.85
N THR W 79 -33.25 -16.23 50.06
CA THR W 79 -33.90 -16.71 51.25
C THR W 79 -34.53 -15.57 52.03
N LEU W 80 -34.80 -14.46 51.36
CA LEU W 80 -35.40 -13.32 52.03
C LEU W 80 -36.77 -13.65 52.60
N PHE W 81 -37.56 -14.46 51.88
CA PHE W 81 -38.91 -14.77 52.34
C PHE W 81 -38.92 -16.10 53.06
N ASP W 82 -39.69 -16.18 54.13
CA ASP W 82 -39.84 -17.41 54.91
C ASP W 82 -40.81 -18.38 54.21
N PRO W 83 -40.39 -19.57 53.75
CA PRO W 83 -41.19 -20.55 53.02
C PRO W 83 -42.50 -20.92 53.70
N LYS W 84 -42.58 -20.75 55.01
CA LYS W 84 -43.81 -21.13 55.71
C LYS W 84 -44.95 -20.19 55.36
N SER W 85 -44.62 -19.02 54.84
CA SER W 85 -45.58 -18.00 54.47
C SER W 85 -45.96 -18.08 53.00
N ILE W 86 -45.43 -19.06 52.27
CA ILE W 86 -45.73 -19.13 50.85
C ILE W 86 -46.76 -20.20 50.59
N VAL W 87 -47.88 -19.81 50.00
CA VAL W 87 -48.97 -20.72 49.75
C VAL W 87 -49.04 -21.09 48.27
N SER W 88 -48.72 -22.34 47.98
CA SER W 88 -48.71 -22.87 46.63
C SER W 88 -50.06 -23.39 46.25
N GLY W 89 -50.31 -23.50 44.95
CA GLY W 89 -51.61 -23.98 44.46
C GLY W 89 -51.46 -25.31 43.74
N ALA W 90 -52.49 -25.73 42.99
CA ALA W 90 -52.44 -27.06 42.35
C ALA W 90 -52.49 -26.93 40.83
N ASP W 91 -53.46 -26.18 40.30
CA ASP W 91 -53.60 -26.04 38.83
C ASP W 91 -53.28 -24.59 38.44
N GLY W 92 -54.22 -23.67 38.69
CA GLY W 92 -54.02 -22.25 38.31
C GLY W 92 -55.28 -21.66 37.75
N ALA W 93 -55.40 -20.33 37.71
CA ALA W 93 -56.57 -19.68 37.10
C ALA W 93 -56.17 -19.09 35.75
N GLY W 94 -56.72 -19.62 34.65
CA GLY W 94 -56.34 -19.17 33.31
C GLY W 94 -56.92 -17.81 32.93
N ASN W 95 -56.47 -16.76 33.60
CA ASN W 95 -56.98 -15.41 33.35
C ASN W 95 -58.48 -15.40 33.43
N ASN W 96 -58.99 -16.07 34.43
CA ASN W 96 -60.41 -16.15 34.60
C ASN W 96 -60.75 -15.87 36.03
N PHE W 97 -61.38 -14.72 36.23
CA PHE W 97 -61.76 -14.26 37.55
C PHE W 97 -62.55 -15.35 38.26
N ALA W 98 -63.44 -16.04 37.53
CA ALA W 98 -64.30 -17.04 38.12
C ALA W 98 -63.55 -18.22 38.71
N ILE W 99 -62.34 -18.46 38.27
CA ILE W 99 -61.60 -19.58 38.80
C ILE W 99 -60.88 -19.10 40.03
N GLY W 100 -60.30 -17.92 39.95
CA GLY W 100 -59.64 -17.42 41.13
C GLY W 100 -60.65 -17.18 42.25
N PHE W 101 -61.86 -16.75 41.89
CA PHE W 101 -62.88 -16.40 42.86
C PHE W 101 -63.78 -17.57 43.29
N ASN W 102 -64.27 -18.40 42.38
CA ASN W 102 -65.14 -19.47 42.80
C ASN W 102 -64.36 -20.78 42.93
N GLU W 103 -63.84 -21.25 41.82
CA GLU W 103 -63.24 -22.59 41.78
C GLU W 103 -61.76 -22.61 42.14
N HIS W 104 -61.44 -22.20 43.36
CA HIS W 104 -60.04 -22.16 43.81
C HIS W 104 -59.64 -23.27 44.77
N GLY W 105 -60.60 -23.90 45.42
CA GLY W 105 -60.33 -24.92 46.41
C GLY W 105 -60.44 -24.32 47.80
N ALA W 106 -61.27 -24.92 48.65
CA ALA W 106 -61.46 -24.41 50.00
C ALA W 106 -60.18 -24.46 50.79
N GLU W 107 -59.40 -25.51 50.57
CA GLU W 107 -58.17 -25.72 51.29
C GLU W 107 -57.14 -24.66 50.99
N THR W 108 -57.12 -24.18 49.75
CA THR W 108 -56.15 -23.19 49.33
C THR W 108 -56.43 -21.94 50.13
N LEU W 109 -57.71 -21.57 50.21
CA LEU W 109 -58.04 -20.36 50.93
C LEU W 109 -57.83 -20.51 52.42
N GLU W 110 -58.15 -21.68 52.98
CA GLU W 110 -57.95 -21.85 54.41
C GLU W 110 -56.48 -21.72 54.76
N LYS W 111 -55.58 -22.26 53.92
CA LYS W 111 -54.17 -22.11 54.24
C LYS W 111 -53.77 -20.65 54.19
N VAL W 112 -54.30 -19.88 53.23
CA VAL W 112 -53.91 -18.48 53.17
C VAL W 112 -54.35 -17.81 54.45
N MET W 113 -55.57 -18.09 54.90
CA MET W 113 -56.04 -17.48 56.11
C MET W 113 -55.25 -17.89 57.34
N GLN W 114 -54.78 -19.13 57.40
CA GLN W 114 -53.97 -19.53 58.56
C GLN W 114 -52.67 -18.75 58.56
N VAL W 115 -52.09 -18.53 57.38
CA VAL W 115 -50.85 -17.80 57.32
C VAL W 115 -51.11 -16.36 57.74
N VAL W 116 -52.22 -15.76 57.30
CA VAL W 116 -52.51 -14.40 57.70
C VAL W 116 -52.68 -14.32 59.20
N GLU W 117 -53.41 -15.27 59.79
CA GLU W 117 -53.59 -15.24 61.22
C GLU W 117 -52.25 -15.32 61.94
N GLN W 118 -51.32 -16.15 61.47
CA GLN W 118 -50.04 -16.22 62.15
C GLN W 118 -49.31 -14.89 62.05
N ARG W 119 -49.38 -14.24 60.90
CA ARG W 119 -48.68 -12.98 60.77
C ARG W 119 -49.28 -11.89 61.63
N VAL W 120 -50.60 -11.91 61.83
CA VAL W 120 -51.27 -10.89 62.68
C VAL W 120 -51.10 -11.30 64.15
N SER W 121 -50.69 -12.55 64.40
CA SER W 121 -50.54 -13.05 65.79
C SER W 121 -49.16 -12.69 66.33
N GLU W 122 -48.26 -12.22 65.48
CA GLU W 122 -46.89 -11.85 65.90
C GLU W 122 -46.80 -10.31 65.99
N THR W 123 -47.95 -9.65 66.20
CA THR W 123 -47.98 -8.17 66.22
C THR W 123 -48.63 -7.66 67.51
N GLU W 124 -48.11 -6.58 68.11
CA GLU W 124 -48.70 -5.97 69.29
C GLU W 124 -49.99 -5.27 68.85
N SER W 125 -50.03 -4.86 67.57
CA SER W 125 -51.21 -4.22 66.98
C SER W 125 -51.18 -4.36 65.46
N ILE W 126 -52.35 -4.34 64.80
CA ILE W 126 -52.32 -4.42 63.34
C ILE W 126 -52.51 -3.00 62.78
N GLY W 127 -51.49 -2.48 62.10
CA GLY W 127 -51.53 -1.13 61.56
C GLY W 127 -52.30 -1.08 60.25
N GLY W 128 -52.41 -2.20 59.58
CA GLY W 128 -53.10 -2.29 58.32
C GLY W 128 -52.54 -3.38 57.45
N PHE W 129 -53.25 -3.65 56.37
CA PHE W 129 -52.83 -4.65 55.42
C PHE W 129 -52.57 -3.99 54.09
N ILE W 130 -51.59 -4.50 53.36
CA ILE W 130 -51.35 -4.00 52.01
C ILE W 130 -51.43 -5.13 51.01
N LEU W 131 -52.31 -5.01 50.04
CA LEU W 131 -52.47 -6.04 49.02
C LEU W 131 -51.88 -5.59 47.69
N THR W 132 -50.99 -6.40 47.12
CA THR W 132 -50.40 -6.04 45.84
C THR W 132 -50.89 -7.03 44.78
N HIS W 133 -51.46 -6.54 43.67
CA HIS W 133 -52.04 -7.47 42.67
C HIS W 133 -52.28 -6.82 41.30
N SER W 134 -52.83 -7.59 40.34
CA SER W 134 -53.14 -7.11 38.99
C SER W 134 -54.54 -7.53 38.55
N CYS W 135 -55.34 -6.55 38.19
CA CYS W 135 -56.76 -6.73 37.92
C CYS W 135 -57.13 -7.59 36.70
N GLY W 136 -56.24 -7.75 35.73
CA GLY W 136 -56.60 -8.53 34.54
C GLY W 136 -56.18 -10.01 34.61
N GLY W 137 -55.61 -10.43 35.73
CA GLY W 137 -55.11 -11.79 35.85
C GLY W 137 -56.19 -12.76 36.30
N GLY W 138 -55.79 -14.00 36.59
CA GLY W 138 -56.76 -14.99 37.05
C GLY W 138 -56.66 -15.26 38.55
N THR W 139 -55.57 -14.83 39.21
CA THR W 139 -55.44 -15.10 40.62
C THR W 139 -55.37 -13.82 41.38
N GLY W 140 -54.69 -12.81 40.81
CA GLY W 140 -54.53 -11.51 41.46
C GLY W 140 -55.82 -10.73 41.40
N SER W 141 -56.74 -11.25 40.57
CA SER W 141 -58.07 -10.62 40.42
C SER W 141 -59.07 -11.41 41.26
N GLY W 142 -59.46 -12.61 40.82
CA GLY W 142 -60.43 -13.39 41.57
C GLY W 142 -59.99 -13.88 42.94
N PHE W 143 -58.74 -14.32 43.11
CA PHE W 143 -58.40 -14.87 44.40
C PHE W 143 -58.08 -13.71 45.29
N GLY W 144 -57.39 -12.72 44.75
CA GLY W 144 -57.05 -11.53 45.51
C GLY W 144 -58.34 -10.87 46.01
N SER W 145 -59.40 -10.90 45.19
CA SER W 145 -60.67 -10.33 45.59
C SER W 145 -61.33 -11.14 46.69
N LYS W 146 -61.26 -12.47 46.64
CA LYS W 146 -61.85 -13.23 47.72
C LYS W 146 -61.06 -12.98 48.99
N ILE W 147 -59.76 -12.82 48.88
CA ILE W 147 -58.97 -12.54 50.05
C ILE W 147 -59.41 -11.19 50.62
N LEU W 148 -59.61 -10.15 49.81
CA LEU W 148 -60.07 -8.90 50.45
C LEU W 148 -61.37 -9.09 51.17
N LYS W 149 -62.28 -9.85 50.58
CA LYS W 149 -63.55 -10.07 51.22
C LYS W 149 -63.34 -10.78 52.54
N THR W 150 -62.52 -11.81 52.52
CA THR W 150 -62.30 -12.63 53.69
C THR W 150 -61.57 -11.86 54.80
N ILE W 151 -60.56 -11.06 54.43
CA ILE W 151 -59.80 -10.30 55.39
C ILE W 151 -60.67 -9.29 56.04
N ARG W 152 -61.50 -8.60 55.25
CA ARG W 152 -62.35 -7.51 55.80
C ARG W 152 -63.44 -8.10 56.71
N GLU W 153 -63.89 -9.32 56.44
CA GLU W 153 -64.87 -9.93 57.32
C GLU W 153 -64.23 -10.34 58.64
N ARG W 154 -62.99 -10.83 58.61
CA ARG W 154 -62.33 -11.22 59.86
C ARG W 154 -61.78 -10.04 60.64
N TYR W 155 -61.32 -9.02 59.93
CA TYR W 155 -60.70 -7.84 60.59
C TYR W 155 -61.37 -6.58 60.10
N PRO W 156 -62.65 -6.31 60.44
CA PRO W 156 -63.28 -5.06 60.06
C PRO W 156 -62.60 -3.93 60.86
N LYS W 157 -62.68 -2.69 60.38
CA LYS W 157 -62.07 -1.53 61.09
C LYS W 157 -60.55 -1.54 60.97
N VAL W 158 -59.98 -2.26 60.00
CA VAL W 158 -58.51 -2.26 59.77
C VAL W 158 -58.26 -1.71 58.36
N PRO W 159 -57.43 -0.66 58.17
CA PRO W 159 -57.25 -0.07 56.84
C PRO W 159 -56.60 -0.99 55.82
N ILE W 160 -57.31 -1.35 54.74
CA ILE W 160 -56.69 -2.14 53.69
C ILE W 160 -56.35 -1.27 52.50
N PHE W 161 -55.10 -1.28 52.13
CA PHE W 161 -54.65 -0.55 50.97
C PHE W 161 -54.34 -1.50 49.88
N THR W 162 -54.84 -1.23 48.71
CA THR W 162 -54.56 -2.11 47.61
C THR W 162 -53.83 -1.34 46.56
N PHE W 163 -52.82 -1.95 46.00
CA PHE W 163 -52.06 -1.38 44.90
C PHE W 163 -52.31 -2.25 43.70
N SER W 164 -52.92 -1.70 42.68
CA SER W 164 -53.21 -2.61 41.60
C SER W 164 -53.07 -2.07 40.23
N ILE W 165 -52.74 -3.00 39.36
CA ILE W 165 -52.56 -2.71 37.96
C ILE W 165 -53.86 -2.88 37.20
N PHE W 166 -54.25 -1.83 36.53
CA PHE W 166 -55.45 -1.77 35.73
C PHE W 166 -55.09 -1.93 34.27
N PRO W 167 -56.10 -2.19 33.43
CA PRO W 167 -55.78 -2.26 32.02
C PRO W 167 -55.14 -0.98 31.51
N SER W 168 -54.33 -1.08 30.48
CA SER W 168 -53.71 0.09 29.90
C SER W 168 -54.74 0.76 29.04
N PRO W 169 -54.62 2.08 28.86
CA PRO W 169 -55.63 2.82 28.11
C PRO W 169 -55.73 2.49 26.62
N LYS W 170 -54.62 2.21 25.96
CA LYS W 170 -54.67 1.99 24.52
C LYS W 170 -54.80 0.51 24.14
N ILE W 171 -53.69 -0.22 24.23
CA ILE W 171 -53.70 -1.64 23.89
C ILE W 171 -54.11 -2.49 25.08
N SER W 172 -54.76 -3.62 24.82
CA SER W 172 -55.17 -4.52 25.89
C SER W 172 -54.43 -5.85 25.80
N GLU W 173 -54.45 -6.63 26.88
CA GLU W 173 -53.75 -7.90 26.88
C GLU W 173 -54.62 -9.02 26.32
N THR W 174 -55.60 -9.48 27.09
CA THR W 174 -56.50 -10.53 26.63
C THR W 174 -57.87 -9.96 26.34
N VAL W 175 -58.68 -10.71 25.59
CA VAL W 175 -60.08 -10.23 25.35
C VAL W 175 -60.88 -10.28 26.65
N VAL W 176 -60.58 -11.22 27.54
CA VAL W 176 -61.32 -11.37 28.77
C VAL W 176 -61.00 -10.29 29.80
N GLU W 177 -59.97 -9.50 29.54
CA GLU W 177 -59.49 -8.55 30.51
C GLU W 177 -60.55 -7.64 31.11
N PRO W 178 -61.49 -7.03 30.36
CA PRO W 178 -62.55 -6.20 30.91
C PRO W 178 -63.51 -6.93 31.85
N TYR W 179 -63.60 -8.27 31.77
CA TYR W 179 -64.51 -8.93 32.68
C TYR W 179 -63.80 -9.10 33.98
N ASN W 180 -62.51 -9.40 33.87
CA ASN W 180 -61.73 -9.60 35.07
C ASN W 180 -61.58 -8.26 35.78
N ALA W 181 -61.38 -7.20 35.00
CA ALA W 181 -61.19 -5.88 35.57
C ALA W 181 -62.42 -5.34 36.27
N ILE W 182 -63.61 -5.55 35.72
CA ILE W 182 -64.80 -5.07 36.41
C ILE W 182 -65.11 -5.82 37.65
N MET W 183 -65.01 -7.14 37.62
CA MET W 183 -65.34 -7.82 38.85
C MET W 183 -64.31 -7.51 39.93
N THR W 184 -63.04 -7.30 39.54
CA THR W 184 -62.04 -6.96 40.52
C THR W 184 -62.36 -5.60 41.11
N LEU W 185 -62.74 -4.66 40.24
CA LEU W 185 -63.06 -3.32 40.68
C LEU W 185 -64.27 -3.34 41.59
N SER W 186 -65.28 -4.16 41.28
CA SER W 186 -66.45 -4.21 42.13
C SER W 186 -66.05 -4.60 43.55
N ASN W 187 -65.17 -5.60 43.67
CA ASN W 187 -64.74 -5.99 45.00
C ASN W 187 -63.82 -4.96 45.64
N LEU W 188 -63.04 -4.22 44.87
CA LEU W 188 -62.23 -3.16 45.47
C LEU W 188 -63.14 -2.08 46.02
N ILE W 189 -64.24 -1.80 45.31
CA ILE W 189 -65.18 -0.78 45.75
C ILE W 189 -65.79 -1.18 47.07
N LYS W 190 -66.19 -2.44 47.20
CA LYS W 190 -66.79 -2.92 48.43
C LYS W 190 -65.83 -3.15 49.61
N TYR W 191 -64.60 -3.62 49.37
CA TYR W 191 -63.75 -3.98 50.49
C TYR W 191 -62.47 -3.17 50.80
N ALA W 192 -61.87 -2.44 49.87
CA ALA W 192 -60.61 -1.75 50.20
C ALA W 192 -60.89 -0.46 50.96
N SER W 193 -59.94 0.03 51.76
CA SER W 193 -60.16 1.33 52.38
C SER W 193 -59.69 2.39 51.41
N CYS W 194 -58.60 2.07 50.72
CA CYS W 194 -57.99 2.90 49.69
C CYS W 194 -57.45 2.03 48.59
N SER W 195 -57.54 2.50 47.38
CA SER W 195 -56.96 1.76 46.29
C SER W 195 -56.13 2.66 45.43
N ILE W 196 -54.94 2.24 45.09
CA ILE W 196 -54.07 3.04 44.25
C ILE W 196 -54.15 2.49 42.85
N VAL W 197 -54.54 3.35 41.93
CA VAL W 197 -54.71 2.92 40.56
C VAL W 197 -53.46 3.20 39.76
N LEU W 198 -52.87 2.13 39.25
CA LEU W 198 -51.66 2.18 38.46
C LEU W 198 -51.89 1.48 37.13
N ASP W 199 -51.16 1.86 36.09
CA ASP W 199 -51.21 1.04 34.89
C ASP W 199 -49.90 1.07 34.12
N ASN W 200 -49.73 0.14 33.19
CA ASN W 200 -48.47 0.05 32.50
C ASN W 200 -48.24 1.08 31.43
N GLU W 201 -49.27 1.62 30.84
CA GLU W 201 -49.01 2.57 29.78
C GLU W 201 -48.40 3.81 30.39
N ALA W 202 -48.93 4.24 31.53
CA ALA W 202 -48.37 5.42 32.15
C ALA W 202 -46.97 5.15 32.61
N LEU W 203 -46.74 3.96 33.17
CA LEU W 203 -45.44 3.66 33.70
C LEU W 203 -44.42 3.55 32.59
N PHE W 204 -44.79 3.01 31.42
CA PHE W 204 -43.80 2.92 30.36
C PHE W 204 -43.38 4.29 29.89
N SER W 205 -44.32 5.23 29.77
CA SER W 205 -43.92 6.55 29.33
C SER W 205 -42.93 7.16 30.32
N ILE W 206 -43.16 6.92 31.59
CA ILE W 206 -42.26 7.42 32.60
C ILE W 206 -40.90 6.73 32.47
N ALA W 207 -40.89 5.41 32.33
CA ALA W 207 -39.63 4.71 32.23
C ALA W 207 -38.81 5.17 31.03
N GLU W 208 -39.46 5.45 29.92
CA GLU W 208 -38.74 5.89 28.74
C GLU W 208 -38.31 7.36 28.77
N LYS W 209 -39.04 8.22 29.48
CA LYS W 209 -38.72 9.63 29.48
C LYS W 209 -38.04 10.17 30.74
N LYS W 210 -38.30 9.59 31.90
CA LYS W 210 -37.74 10.10 33.14
C LYS W 210 -36.56 9.28 33.61
N LEU W 211 -36.57 7.99 33.32
CA LEU W 211 -35.43 7.14 33.68
C LEU W 211 -34.47 7.15 32.50
N GLU W 212 -33.19 6.89 32.73
CA GLU W 212 -32.23 6.84 31.63
C GLU W 212 -32.24 5.54 30.84
N VAL W 213 -32.96 4.54 31.33
CA VAL W 213 -32.98 3.23 30.70
C VAL W 213 -33.55 3.23 29.30
N GLU W 214 -32.81 2.60 28.39
CA GLU W 214 -33.22 2.45 27.02
C GLU W 214 -33.93 1.13 26.86
N ASN W 215 -35.08 1.13 26.20
CA ASN W 215 -35.84 -0.10 25.98
C ASN W 215 -36.11 -0.85 27.28
N PRO W 216 -36.81 -0.24 28.26
CA PRO W 216 -37.11 -0.82 29.54
C PRO W 216 -38.05 -1.99 29.43
N SER W 217 -37.91 -2.94 30.34
CA SER W 217 -38.79 -4.10 30.42
C SER W 217 -39.60 -3.98 31.69
N LEU W 218 -40.39 -4.99 32.00
CA LEU W 218 -41.20 -4.95 33.21
C LEU W 218 -40.31 -4.90 34.45
N GLU W 219 -39.09 -5.39 34.32
CA GLU W 219 -38.17 -5.40 35.45
C GLU W 219 -37.81 -3.99 35.87
N ASP W 220 -37.78 -3.07 34.91
CA ASP W 220 -37.42 -1.71 35.16
C ASP W 220 -38.66 -0.96 35.58
N LEU W 221 -39.78 -1.36 34.98
CA LEU W 221 -41.06 -0.72 35.21
C LEU W 221 -41.47 -0.90 36.67
N ASN W 222 -41.08 -2.03 37.24
CA ASN W 222 -41.41 -2.35 38.62
C ASN W 222 -40.64 -1.53 39.60
N LEU W 223 -39.64 -0.79 39.16
CA LEU W 223 -38.89 0.00 40.08
C LEU W 223 -39.55 1.35 40.23
N ILE W 224 -40.52 1.64 39.38
CA ILE W 224 -41.23 2.89 39.49
C ILE W 224 -42.31 2.59 40.48
N ILE W 225 -42.95 1.43 40.32
CA ILE W 225 -44.00 1.08 41.25
C ILE W 225 -43.39 0.90 42.62
N ALA W 226 -42.26 0.20 42.71
CA ALA W 226 -41.65 0.04 44.00
C ALA W 226 -41.28 1.38 44.57
N GLN W 227 -40.82 2.34 43.78
CA GLN W 227 -40.48 3.62 44.38
C GLN W 227 -41.72 4.27 44.99
N VAL W 228 -42.89 4.11 44.35
CA VAL W 228 -44.09 4.67 44.94
C VAL W 228 -44.35 4.01 46.28
N LEU W 229 -44.23 2.69 46.32
CA LEU W 229 -44.44 1.94 47.54
C LEU W 229 -43.42 2.24 48.63
N THR W 230 -42.17 2.46 48.30
CA THR W 230 -41.28 2.72 49.40
C THR W 230 -41.49 4.12 49.92
N ASN W 231 -41.76 5.09 49.05
CA ASN W 231 -41.93 6.44 49.57
C ASN W 231 -43.18 6.62 50.39
N VAL W 232 -44.25 5.93 50.04
CA VAL W 232 -45.50 6.09 50.76
C VAL W 232 -45.43 5.50 52.16
N THR W 233 -44.36 4.77 52.47
CA THR W 233 -44.26 4.11 53.78
C THR W 233 -43.07 4.69 54.55
N ALA W 234 -42.50 5.80 54.08
CA ALA W 234 -41.29 6.36 54.71
C ALA W 234 -41.57 6.79 56.15
N SER W 235 -42.60 7.62 56.34
CA SER W 235 -42.93 8.14 57.69
C SER W 235 -43.15 6.97 58.65
N LEU W 236 -43.85 5.93 58.19
CA LEU W 236 -44.05 4.73 59.05
C LEU W 236 -42.68 4.17 59.40
N ARG W 237 -41.84 3.88 58.40
CA ARG W 237 -40.52 3.24 58.64
C ARG W 237 -39.55 4.13 59.41
N PHE W 238 -39.47 5.44 59.13
CA PHE W 238 -38.50 6.26 59.81
C PHE W 238 -39.08 7.06 60.97
N SER W 239 -40.26 6.67 61.44
CA SER W 239 -40.88 7.32 62.58
C SER W 239 -41.01 8.82 62.43
N GLY W 240 -40.60 9.54 63.47
CA GLY W 240 -40.66 10.98 63.55
C GLY W 240 -41.66 11.36 64.60
N THR W 241 -41.52 12.54 65.18
CA THR W 241 -42.47 12.91 66.24
C THR W 241 -43.86 13.00 65.65
N LEU W 242 -43.96 13.60 64.46
CA LEU W 242 -45.22 13.73 63.77
C LEU W 242 -45.08 12.76 62.62
N ASN W 243 -46.10 11.98 62.31
CA ASN W 243 -45.96 11.02 61.22
C ASN W 243 -47.28 10.55 60.56
N LEU W 244 -47.16 9.72 59.54
CA LEU W 244 -48.32 9.18 58.84
C LEU W 244 -48.42 7.68 58.81
N ASP W 245 -49.53 7.18 59.33
CA ASP W 245 -49.81 5.77 59.31
C ASP W 245 -50.86 5.53 58.24
N LEU W 246 -51.26 4.29 58.03
CA LEU W 246 -52.25 4.02 57.01
C LEU W 246 -53.61 4.59 57.40
N GLY W 247 -53.88 4.63 58.69
CA GLY W 247 -55.14 5.17 59.15
C GLY W 247 -55.21 6.69 59.04
N LYS W 248 -54.06 7.36 58.85
CA LYS W 248 -54.08 8.81 58.73
C LYS W 248 -54.45 9.06 57.28
N LEU W 249 -53.94 8.23 56.38
CA LEU W 249 -54.25 8.41 54.98
C LEU W 249 -55.70 8.12 54.67
N VAL W 250 -56.29 7.11 55.30
CA VAL W 250 -57.67 6.84 54.99
C VAL W 250 -58.54 7.97 55.50
N THR W 251 -58.31 8.39 56.75
CA THR W 251 -59.14 9.44 57.30
C THR W 251 -59.06 10.71 56.47
N ASN W 252 -57.86 11.11 56.07
CA ASN W 252 -57.73 12.34 55.35
C ASN W 252 -58.07 12.33 53.87
N LEU W 253 -57.85 11.23 53.18
CA LEU W 253 -58.13 11.23 51.76
C LEU W 253 -59.47 10.69 51.35
N VAL W 254 -60.22 10.00 52.21
CA VAL W 254 -61.48 9.47 51.72
C VAL W 254 -62.71 10.15 52.35
N PRO W 255 -63.34 11.17 51.71
CA PRO W 255 -64.48 11.88 52.25
C PRO W 255 -65.77 11.08 52.31
N PHE W 256 -65.90 10.08 51.45
CA PHE W 256 -67.05 9.20 51.44
C PHE W 256 -66.56 7.79 51.29
N SER W 257 -67.31 6.84 51.81
CA SER W 257 -66.85 5.47 51.78
C SER W 257 -66.64 4.83 50.40
N ASN W 258 -67.28 5.32 49.34
CA ASN W 258 -67.04 4.67 48.04
C ASN W 258 -66.19 5.49 47.07
N LEU W 259 -65.51 6.52 47.54
CA LEU W 259 -64.69 7.32 46.63
C LEU W 259 -63.24 7.30 47.09
N HIS W 260 -62.69 6.12 47.25
CA HIS W 260 -61.35 5.89 47.76
C HIS W 260 -60.27 5.57 46.74
N PHE W 261 -60.56 5.74 45.47
CA PHE W 261 -59.58 5.44 44.43
C PHE W 261 -58.65 6.61 44.22
N LEU W 262 -57.37 6.38 44.48
CA LEU W 262 -56.34 7.39 44.45
C LEU W 262 -55.32 7.24 43.34
N MET W 263 -54.82 8.37 42.90
CA MET W 263 -53.72 8.45 41.96
C MET W 263 -52.44 8.58 42.73
N ALA W 264 -51.34 8.11 42.17
CA ALA W 264 -50.03 8.29 42.81
C ALA W 264 -49.01 8.84 41.84
N SER W 265 -48.10 9.64 42.39
CA SER W 265 -47.00 10.25 41.67
C SER W 265 -45.75 10.49 42.50
N THR W 266 -44.58 10.17 41.97
CA THR W 266 -43.32 10.44 42.67
C THR W 266 -42.24 11.04 41.82
N ALA W 267 -41.33 11.74 42.48
CA ALA W 267 -40.14 12.23 41.83
C ALA W 267 -39.06 12.45 42.87
N PRO W 268 -37.78 12.37 42.51
CA PRO W 268 -37.16 11.97 41.27
C PRO W 268 -37.19 10.47 41.16
N LEU W 269 -37.04 9.94 39.98
CA LEU W 269 -36.93 8.51 39.84
C LEU W 269 -35.50 8.15 39.52
N VAL W 270 -34.82 7.50 40.44
CA VAL W 270 -33.42 7.22 40.26
C VAL W 270 -33.10 5.73 40.37
N LEU W 271 -32.39 5.21 39.38
CA LEU W 271 -31.97 3.81 39.38
C LEU W 271 -30.75 3.75 40.25
N ALA W 272 -30.47 2.61 40.86
CA ALA W 272 -29.33 2.56 41.76
C ALA W 272 -28.05 3.02 41.08
N GLY W 273 -27.29 3.83 41.81
CA GLY W 273 -26.03 4.39 41.33
C GLY W 273 -26.13 5.91 41.33
N LYS W 274 -25.01 6.61 41.33
CA LYS W 274 -25.09 8.08 41.37
C LYS W 274 -25.31 8.66 39.98
N GLU W 275 -26.48 8.38 39.44
CA GLU W 275 -26.88 8.80 38.10
C GLU W 275 -27.75 10.05 38.15
N SER W 276 -28.09 10.47 39.36
CA SER W 276 -28.93 11.60 39.63
C SER W 276 -28.17 12.91 39.64
N TYR W 277 -28.94 14.00 39.60
CA TYR W 277 -28.39 15.35 39.72
C TYR W 277 -28.98 16.02 40.93
N GLU W 278 -28.14 16.74 41.66
CA GLU W 278 -28.55 17.41 42.87
C GLU W 278 -29.34 18.69 42.63
N LYS W 279 -30.59 18.53 42.19
CA LYS W 279 -31.46 19.67 41.97
C LYS W 279 -31.73 20.36 43.29
N MET W 280 -31.89 19.54 44.33
CA MET W 280 -32.11 19.93 45.71
C MET W 280 -33.21 20.93 45.91
N THR W 281 -34.22 20.93 45.07
CA THR W 281 -35.19 21.96 45.24
C THR W 281 -36.58 21.40 45.41
N ALA W 282 -37.16 21.69 46.57
CA ALA W 282 -38.49 21.22 46.91
C ALA W 282 -39.51 21.80 45.95
N LYS W 283 -39.29 23.03 45.53
CA LYS W 283 -40.21 23.68 44.64
C LYS W 283 -40.29 22.97 43.32
N GLU W 284 -39.15 22.48 42.84
CA GLU W 284 -39.13 21.80 41.57
C GLU W 284 -39.77 20.46 41.71
N LEU W 285 -39.53 19.79 42.83
CA LEU W 285 -40.14 18.49 43.00
C LEU W 285 -41.64 18.60 43.13
N SER W 286 -42.15 19.63 43.80
CA SER W 286 -43.60 19.76 43.88
C SER W 286 -44.16 20.07 42.51
N ALA W 287 -43.48 20.92 41.73
CA ALA W 287 -43.98 21.24 40.42
C ALA W 287 -44.07 19.99 39.56
N GLN W 288 -43.07 19.12 39.69
CA GLN W 288 -43.06 17.86 38.96
C GLN W 288 -44.06 16.84 39.44
N VAL W 289 -44.23 16.70 40.75
CA VAL W 289 -45.07 15.61 41.21
C VAL W 289 -46.51 15.86 40.83
N PHE W 290 -46.90 17.14 40.78
CA PHE W 290 -48.25 17.55 40.42
C PHE W 290 -48.46 17.80 38.94
N GLY W 291 -47.47 17.52 38.12
CA GLY W 291 -47.64 17.71 36.70
C GLY W 291 -48.25 16.43 36.19
N ASP W 292 -48.47 16.31 34.90
CA ASP W 292 -49.07 15.07 34.41
C ASP W 292 -48.00 14.02 34.09
N GLU W 293 -46.78 14.46 33.84
CA GLU W 293 -45.70 13.60 33.41
C GLU W 293 -45.25 12.51 34.39
N TYR W 294 -45.49 12.65 35.70
CA TYR W 294 -45.09 11.60 36.65
C TYR W 294 -46.26 10.80 37.17
N ILE W 295 -47.44 10.98 36.61
CA ILE W 295 -48.59 10.28 37.13
C ILE W 295 -48.49 8.84 36.68
N CYS W 296 -48.68 7.90 37.59
CA CYS W 296 -48.51 6.49 37.25
C CYS W 296 -49.77 5.78 36.74
N ALA W 297 -50.71 6.54 36.21
CA ALA W 297 -51.95 6.02 35.63
C ALA W 297 -52.37 6.83 34.41
N ALA W 298 -53.09 6.19 33.51
CA ALA W 298 -53.53 6.80 32.27
C ALA W 298 -54.69 7.74 32.45
N CYS W 299 -54.35 8.89 32.96
CA CYS W 299 -55.26 9.96 33.27
C CYS W 299 -54.49 11.26 33.18
N LYS W 300 -55.17 12.40 33.19
CA LYS W 300 -54.49 13.69 33.13
C LYS W 300 -54.99 14.65 34.21
N PRO W 301 -54.53 14.50 35.47
CA PRO W 301 -54.96 15.19 36.66
C PRO W 301 -54.98 16.69 36.63
N THR W 302 -54.15 17.34 35.81
CA THR W 302 -54.19 18.81 35.83
C THR W 302 -55.47 19.36 35.23
N THR W 303 -56.28 18.53 34.59
CA THR W 303 -57.53 18.98 33.98
C THR W 303 -58.74 18.60 34.80
N GLY W 304 -58.55 17.96 35.94
CA GLY W 304 -59.67 17.52 36.76
C GLY W 304 -59.84 18.41 37.97
N ARG W 305 -60.48 17.88 39.01
CA ARG W 305 -60.69 18.64 40.23
C ARG W 305 -60.35 17.74 41.43
N TYR W 306 -59.66 18.27 42.42
CA TYR W 306 -59.28 17.47 43.58
C TYR W 306 -60.23 17.50 44.75
N LEU W 307 -60.45 16.35 45.36
CA LEU W 307 -61.31 16.36 46.53
C LEU W 307 -60.41 16.55 47.71
N ALA W 308 -59.26 15.91 47.61
CA ALA W 308 -58.26 15.92 48.64
C ALA W 308 -56.97 15.43 48.05
N ALA W 309 -55.87 15.81 48.66
CA ALA W 309 -54.58 15.29 48.24
C ALA W 309 -53.59 15.30 49.38
N SER W 310 -52.56 14.50 49.31
CA SER W 310 -51.54 14.52 50.34
C SER W 310 -50.18 14.55 49.74
N VAL W 311 -49.28 15.25 50.41
CA VAL W 311 -47.92 15.30 49.96
C VAL W 311 -46.95 14.99 51.06
N LEU W 312 -46.09 14.01 50.82
CA LEU W 312 -45.05 13.66 51.75
C LEU W 312 -43.69 14.03 51.20
N PHE W 313 -43.00 14.85 51.96
CA PHE W 313 -41.69 15.30 51.57
C PHE W 313 -40.67 14.50 52.33
N ARG W 314 -39.61 14.08 51.64
CA ARG W 314 -38.55 13.37 52.29
C ARG W 314 -37.23 14.11 52.18
N GLY W 315 -36.44 14.01 53.23
CA GLY W 315 -35.11 14.58 53.26
C GLY W 315 -35.10 15.98 53.81
N ALA W 316 -34.00 16.70 53.63
CA ALA W 316 -33.82 18.00 54.23
C ALA W 316 -34.51 19.12 53.47
N VAL W 317 -35.82 19.08 53.52
CA VAL W 317 -36.69 20.05 52.88
C VAL W 317 -36.97 21.21 53.81
N LYS W 318 -36.78 22.43 53.31
CA LYS W 318 -37.02 23.61 54.15
C LYS W 318 -38.51 23.90 54.29
N THR W 319 -38.93 24.26 55.50
CA THR W 319 -40.32 24.60 55.75
C THR W 319 -40.78 25.73 54.85
N SER W 320 -39.92 26.71 54.67
CA SER W 320 -40.26 27.86 53.86
C SER W 320 -40.54 27.49 52.43
N ASP W 321 -39.82 26.49 51.89
CA ASP W 321 -40.01 26.11 50.50
C ASP W 321 -41.26 25.30 50.37
N VAL W 322 -41.60 24.55 51.41
CA VAL W 322 -42.82 23.79 51.33
C VAL W 322 -43.97 24.75 51.27
N ASN W 323 -43.96 25.78 52.10
CA ASN W 323 -45.08 26.68 52.10
C ASN W 323 -45.20 27.42 50.79
N GLU W 324 -44.09 27.85 50.21
CA GLU W 324 -44.21 28.56 48.96
C GLU W 324 -44.60 27.62 47.83
N ALA W 325 -44.02 26.43 47.81
CA ALA W 325 -44.31 25.49 46.77
C ALA W 325 -45.76 25.08 46.79
N MET W 326 -46.31 24.89 47.98
CA MET W 326 -47.68 24.47 48.04
C MET W 326 -48.61 25.62 47.70
N ALA W 327 -48.20 26.86 47.97
CA ALA W 327 -49.04 27.97 47.58
C ALA W 327 -49.21 27.98 46.08
N THR W 328 -48.13 27.67 45.36
CA THR W 328 -48.18 27.61 43.90
C THR W 328 -49.14 26.53 43.44
N VAL W 329 -49.08 25.38 44.09
CA VAL W 329 -49.95 24.27 43.74
C VAL W 329 -51.40 24.65 43.96
N LYS W 330 -51.72 25.29 45.07
CA LYS W 330 -53.10 25.68 45.30
C LYS W 330 -53.58 26.66 44.24
N GLU W 331 -52.73 27.60 43.84
CA GLU W 331 -53.14 28.56 42.81
C GLU W 331 -53.35 27.95 41.43
N GLN W 332 -52.51 27.00 41.04
CA GLN W 332 -52.60 26.41 39.72
C GLN W 332 -53.68 25.35 39.55
N ASN W 333 -53.93 24.55 40.58
CA ASN W 333 -54.89 23.46 40.43
C ASN W 333 -56.30 23.82 40.81
N SER W 334 -57.20 22.86 40.66
CA SER W 334 -58.60 23.07 40.95
C SER W 334 -59.09 22.10 42.00
N PHE W 335 -59.75 22.65 43.00
CA PHE W 335 -60.26 21.93 44.16
C PHE W 335 -61.76 22.12 44.32
N VAL W 336 -62.40 21.19 45.02
CA VAL W 336 -63.82 21.31 45.30
C VAL W 336 -63.97 22.15 46.60
N ASN W 337 -64.89 23.12 46.59
CA ASN W 337 -65.11 24.06 47.72
C ASN W 337 -65.36 23.37 49.08
N TRP W 338 -66.34 22.46 49.18
CA TRP W 338 -66.68 21.93 50.54
C TRP W 338 -65.41 21.53 51.29
N ILE W 339 -64.59 20.62 50.77
CA ILE W 339 -63.29 20.36 51.48
C ILE W 339 -62.50 21.68 51.34
N PRO W 340 -62.38 22.50 52.40
CA PRO W 340 -61.79 23.83 52.28
C PRO W 340 -60.28 23.90 52.49
N THR W 341 -59.69 22.88 53.14
CA THR W 341 -58.28 22.91 53.42
C THR W 341 -57.47 22.17 52.35
N GLY W 342 -58.12 21.37 51.51
CA GLY W 342 -57.43 20.71 50.40
C GLY W 342 -56.48 19.55 50.69
N PHE W 343 -55.40 19.89 51.37
CA PHE W 343 -54.27 18.98 51.58
C PHE W 343 -53.98 18.42 52.95
N LYS W 344 -53.31 17.28 52.92
CA LYS W 344 -52.64 16.72 54.08
C LYS W 344 -51.14 16.77 53.81
N ILE W 345 -50.39 17.48 54.64
CA ILE W 345 -48.96 17.62 54.40
C ILE W 345 -48.11 17.03 55.50
N SER W 346 -47.08 16.29 55.08
CA SER W 346 -46.18 15.66 56.03
C SER W 346 -44.74 15.64 55.55
N LYS W 347 -43.83 15.63 56.51
CA LYS W 347 -42.41 15.56 56.23
C LYS W 347 -41.69 14.49 57.03
N SER W 348 -40.71 13.85 56.39
CA SER W 348 -39.82 12.87 57.00
C SER W 348 -38.40 13.24 56.66
N GLU W 349 -37.61 13.54 57.67
CA GLU W 349 -36.25 14.02 57.49
C GLU W 349 -35.27 13.04 56.87
N THR W 350 -35.61 11.77 56.81
CA THR W 350 -34.68 10.81 56.26
C THR W 350 -34.81 10.69 54.74
N SER W 351 -33.70 10.92 54.07
CA SER W 351 -33.53 10.91 52.63
C SER W 351 -33.70 9.52 52.05
N PRO W 352 -34.20 9.38 50.82
CA PRO W 352 -34.25 8.15 50.07
C PRO W 352 -32.81 7.79 49.75
N LYS W 353 -32.47 6.53 49.61
CA LYS W 353 -31.05 6.23 49.39
C LYS W 353 -30.36 6.81 48.17
N ASP W 354 -31.07 7.07 47.07
CA ASP W 354 -30.41 7.57 45.87
C ASP W 354 -30.61 9.07 45.60
N SER W 355 -31.13 9.81 46.56
CA SER W 355 -31.33 11.25 46.39
C SER W 355 -31.40 11.95 47.71
N ALA W 356 -30.85 13.14 47.83
CA ALA W 356 -31.03 13.77 49.14
C ALA W 356 -32.49 14.08 49.44
N LEU W 357 -33.22 14.49 48.42
CA LEU W 357 -34.62 14.86 48.57
C LEU W 357 -35.54 14.02 47.71
N GLY W 358 -36.80 13.94 48.12
CA GLY W 358 -37.80 13.32 47.24
C GLY W 358 -39.22 13.61 47.68
N VAL W 359 -40.16 13.48 46.75
CA VAL W 359 -41.57 13.73 47.04
C VAL W 359 -42.53 12.69 46.52
N ILE W 360 -43.49 12.31 47.35
CA ILE W 360 -44.58 11.45 46.93
C ILE W 360 -45.91 12.12 47.15
N MET W 361 -46.76 12.06 46.14
CA MET W 361 -48.07 12.64 46.22
C MET W 361 -49.14 11.62 45.89
N LEU W 362 -50.23 11.70 46.65
CA LEU W 362 -51.40 10.87 46.43
C LEU W 362 -52.62 11.73 46.35
N GLY W 363 -53.64 11.31 45.62
CA GLY W 363 -54.85 12.09 45.75
C GLY W 363 -56.07 11.65 44.99
N ASN W 364 -57.18 12.31 45.33
CA ASN W 364 -58.48 12.04 44.76
C ASN W 364 -58.78 13.04 43.69
N ASN W 365 -58.62 12.63 42.49
CA ASN W 365 -58.83 13.52 41.39
C ASN W 365 -59.93 12.94 40.58
N SER W 366 -60.94 13.73 40.31
CA SER W 366 -62.14 13.31 39.61
C SER W 366 -61.89 12.73 38.25
N GLU W 367 -60.72 13.01 37.71
CA GLU W 367 -60.25 12.56 36.43
C GLU W 367 -60.19 11.03 36.40
N ILE W 368 -60.05 10.39 37.56
CA ILE W 368 -59.91 8.94 37.65
C ILE W 368 -61.06 8.18 37.01
N VAL W 369 -62.21 8.81 36.89
CA VAL W 369 -63.29 8.07 36.29
C VAL W 369 -62.98 7.71 34.86
N SER W 370 -62.11 8.44 34.17
CA SER W 370 -61.88 8.10 32.79
C SER W 370 -61.27 6.71 32.66
N VAL W 371 -60.58 6.24 33.69
CA VAL W 371 -59.99 4.92 33.64
C VAL W 371 -61.12 3.92 33.72
N PHE W 372 -62.01 4.16 34.66
CA PHE W 372 -63.10 3.25 34.90
C PHE W 372 -64.11 3.26 33.74
N GLU W 373 -64.32 4.42 33.13
CA GLU W 373 -65.25 4.52 32.02
C GLU W 373 -64.77 3.73 30.82
N ARG W 374 -63.47 3.75 30.53
CA ARG W 374 -62.95 2.97 29.41
C ARG W 374 -63.15 1.49 29.64
N ILE W 375 -62.93 1.05 30.87
CA ILE W 375 -63.09 -0.37 31.18
C ILE W 375 -64.54 -0.75 31.02
N GLY W 376 -65.43 0.10 31.55
CA GLY W 376 -66.85 -0.13 31.46
C GLY W 376 -67.28 -0.28 30.02
N ALA W 377 -66.90 0.66 29.16
CA ALA W 377 -67.30 0.59 27.77
C ALA W 377 -66.81 -0.65 27.05
N ASN W 378 -65.57 -1.10 27.34
CA ASN W 378 -65.09 -2.29 26.65
C ASN W 378 -65.90 -3.50 27.06
N PHE W 379 -66.23 -3.57 28.34
CA PHE W 379 -67.06 -4.63 28.86
C PHE W 379 -68.40 -4.61 28.21
N ASP W 380 -69.03 -3.45 28.17
CA ASP W 380 -70.38 -3.39 27.64
C ASP W 380 -70.46 -3.92 26.22
N ARG W 381 -69.48 -3.61 25.39
CA ARG W 381 -69.54 -4.13 24.03
C ARG W 381 -69.40 -5.66 23.97
N LEU W 382 -68.48 -6.21 24.75
CA LEU W 382 -68.27 -7.65 24.75
C LEU W 382 -69.42 -8.39 25.41
N TRP W 383 -69.95 -7.78 26.46
CA TRP W 383 -71.03 -8.33 27.25
C TRP W 383 -72.31 -8.36 26.47
N SER W 384 -72.57 -7.32 25.69
CA SER W 384 -73.75 -7.26 24.86
C SER W 384 -73.71 -8.41 23.86
N ARG W 385 -72.52 -8.69 23.30
CA ARG W 385 -72.36 -9.77 22.28
C ARG W 385 -72.09 -11.13 22.96
N LYS W 386 -71.80 -11.11 24.26
CA LYS W 386 -71.54 -12.38 25.02
C LYS W 386 -70.33 -13.09 24.40
N ALA W 387 -69.24 -12.36 24.16
CA ALA W 387 -68.00 -12.98 23.63
C ALA W 387 -67.11 -13.39 24.80
N PHE W 388 -66.69 -14.66 24.85
CA PHE W 388 -65.84 -15.18 25.97
C PHE W 388 -66.66 -15.20 27.27
N ALA W 389 -67.98 -15.05 27.18
CA ALA W 389 -68.82 -15.00 28.39
C ALA W 389 -68.97 -16.39 29.01
N HIS W 390 -69.13 -17.41 28.16
CA HIS W 390 -69.28 -18.80 28.66
C HIS W 390 -68.17 -19.10 29.68
N TRP W 391 -67.05 -18.41 29.59
CA TRP W 391 -65.95 -18.74 30.48
C TRP W 391 -66.25 -18.33 31.91
N PHE W 392 -67.19 -17.42 32.08
CA PHE W 392 -67.51 -16.94 33.40
C PHE W 392 -68.76 -17.61 33.92
N THR W 393 -69.73 -17.89 33.05
CA THR W 393 -70.96 -18.46 33.56
C THR W 393 -70.85 -19.97 33.75
N ASP W 394 -69.91 -20.60 33.05
CA ASP W 394 -69.74 -22.03 33.21
C ASP W 394 -68.81 -22.30 34.38
N SER W 395 -68.35 -21.23 35.04
CA SER W 395 -67.43 -21.31 36.15
C SER W 395 -68.10 -20.77 37.41
N GLY W 396 -69.44 -20.71 37.38
CA GLY W 396 -70.21 -20.31 38.54
C GLY W 396 -70.87 -18.94 38.60
N PHE W 397 -70.61 -18.02 37.68
CA PHE W 397 -71.30 -16.74 37.77
C PHE W 397 -72.59 -16.71 37.04
N GLU W 398 -73.51 -15.93 37.53
CA GLU W 398 -74.75 -15.71 36.82
C GLU W 398 -74.61 -14.43 36.04
N GLU W 399 -75.44 -14.24 35.03
CA GLU W 399 -75.40 -12.99 34.28
C GLU W 399 -75.66 -11.85 35.25
N LYS W 400 -76.48 -12.13 36.26
CA LYS W 400 -76.80 -11.19 37.31
C LYS W 400 -75.55 -10.69 38.02
N ASP W 401 -74.52 -11.52 38.20
CA ASP W 401 -73.35 -11.07 38.95
C ASP W 401 -72.52 -10.20 38.07
N LEU W 402 -72.48 -10.52 36.79
CA LEU W 402 -71.71 -9.72 35.86
C LEU W 402 -72.38 -8.35 35.71
N ASP W 403 -73.72 -8.33 35.73
CA ASP W 403 -74.47 -7.09 35.63
C ASP W 403 -74.40 -6.27 36.91
N ASP W 404 -74.44 -6.91 38.07
CA ASP W 404 -74.37 -6.16 39.30
C ASP W 404 -72.99 -5.57 39.49
N ALA W 405 -71.94 -6.29 39.10
CA ALA W 405 -70.62 -5.72 39.24
C ALA W 405 -70.49 -4.48 38.40
N ARG W 406 -71.04 -4.52 37.19
CA ARG W 406 -70.99 -3.37 36.32
C ARG W 406 -71.76 -2.21 36.92
N ALA W 407 -72.92 -2.49 37.51
CA ALA W 407 -73.73 -1.45 38.11
C ALA W 407 -73.02 -0.75 39.25
N LEU W 408 -72.27 -1.50 40.07
CA LEU W 408 -71.57 -0.86 41.17
C LEU W 408 -70.49 0.05 40.65
N VAL W 409 -69.80 -0.38 39.60
CA VAL W 409 -68.76 0.43 39.03
C VAL W 409 -69.37 1.71 38.48
N GLN W 410 -70.52 1.61 37.82
CA GLN W 410 -71.13 2.82 37.31
C GLN W 410 -71.55 3.73 38.43
N LYS W 411 -72.01 3.19 39.57
CA LYS W 411 -72.39 4.07 40.65
C LYS W 411 -71.22 4.92 41.09
N VAL W 412 -70.03 4.33 41.20
CA VAL W 412 -68.88 5.11 41.62
C VAL W 412 -68.56 6.18 40.58
N ILE W 413 -68.63 5.84 39.30
CA ILE W 413 -68.35 6.82 38.27
C ILE W 413 -69.34 7.95 38.34
N ASP W 414 -70.62 7.64 38.48
CA ASP W 414 -71.62 8.68 38.53
C ASP W 414 -71.43 9.57 39.75
N ASP W 415 -71.04 8.99 40.89
CA ASP W 415 -70.86 9.82 42.07
C ASP W 415 -69.66 10.75 41.91
N TYR W 416 -68.57 10.28 41.31
CA TYR W 416 -67.46 11.19 41.10
C TYR W 416 -67.79 12.30 40.14
N ARG W 417 -68.51 11.96 39.07
CA ARG W 417 -68.80 12.97 38.08
C ARG W 417 -69.83 13.96 38.57
N LYS W 418 -70.86 13.51 39.28
CA LYS W 418 -71.85 14.45 39.74
C LYS W 418 -71.24 15.42 40.69
N LEU W 419 -70.42 14.93 41.61
CA LEU W 419 -69.83 15.80 42.58
C LEU W 419 -69.00 16.85 41.87
N THR W 420 -68.20 16.43 40.90
CA THR W 420 -67.32 17.31 40.17
C THR W 420 -68.09 18.38 39.42
N GLU W 421 -69.18 18.03 38.75
CA GLU W 421 -69.94 19.04 38.05
C GLU W 421 -70.65 19.99 39.01
N ASP W 422 -71.18 19.47 40.13
CA ASP W 422 -71.89 20.32 41.07
C ASP W 422 -70.94 21.37 41.63
N ALA W 423 -69.67 20.97 41.79
CA ALA W 423 -68.61 21.76 42.38
C ALA W 423 -68.44 23.10 41.73
N GLU W 424 -68.73 23.26 40.46
CA GLU W 424 -68.48 24.55 39.84
C GLU W 424 -69.29 25.67 40.49
N ASN W 425 -70.49 25.36 40.98
CA ASN W 425 -71.34 26.36 41.57
C ASN W 425 -71.29 26.35 43.09
N LEU W 426 -70.38 25.58 43.70
CA LEU W 426 -70.37 25.52 45.16
C LEU W 426 -69.54 26.65 45.69
N TYR W 427 -68.99 27.41 44.78
CA TYR W 427 -68.23 28.60 45.06
C TYR W 427 -69.04 29.91 44.98
N PHE W 428 -70.38 29.85 44.68
CA PHE W 428 -71.23 31.04 44.50
C PHE W 428 -72.57 30.88 45.24
N ALA X 2 -43.38 26.61 98.14
CA ALA X 2 -43.28 26.80 96.68
C ALA X 2 -44.61 26.42 96.04
N ARG X 3 -45.28 27.37 95.36
CA ARG X 3 -46.54 27.03 94.66
C ARG X 3 -46.14 26.21 93.43
N GLU X 4 -46.40 24.91 93.45
CA GLU X 4 -45.89 24.03 92.36
C GLU X 4 -46.89 23.81 91.23
N VAL X 5 -46.41 23.85 89.98
CA VAL X 5 -47.20 23.59 88.78
C VAL X 5 -46.89 22.27 88.09
N ILE X 6 -47.92 21.52 87.73
CA ILE X 6 -47.72 20.25 87.03
C ILE X 6 -47.97 20.45 85.54
N THR X 7 -47.00 20.08 84.70
CA THR X 7 -47.15 20.30 83.26
C THR X 7 -47.44 18.97 82.57
N ILE X 8 -48.46 18.96 81.72
CA ILE X 8 -48.84 17.74 81.01
C ILE X 8 -48.74 18.00 79.50
N HIS X 9 -48.05 17.14 78.78
CA HIS X 9 -47.91 17.31 77.33
C HIS X 9 -48.76 16.28 76.63
N VAL X 10 -49.74 16.71 75.84
CA VAL X 10 -50.65 15.74 75.24
C VAL X 10 -50.65 15.82 73.73
N GLY X 11 -50.42 14.68 73.11
CA GLY X 11 -50.45 14.62 71.66
C GLY X 11 -49.09 14.77 71.05
N GLU X 12 -48.99 14.48 69.76
CA GLU X 12 -47.71 14.46 69.08
C GLU X 12 -47.00 15.81 69.11
N LEU X 13 -47.74 16.90 68.96
CA LEU X 13 -47.07 18.21 68.97
C LEU X 13 -46.71 18.64 70.37
N GLY X 14 -47.59 18.43 71.34
CA GLY X 14 -47.26 18.88 72.68
C GLY X 14 -45.99 18.19 73.13
N ILE X 15 -45.84 16.93 72.75
CA ILE X 15 -44.67 16.17 73.05
C ILE X 15 -43.47 16.67 72.25
N GLN X 16 -43.66 16.98 70.96
CA GLN X 16 -42.57 17.50 70.14
C GLN X 16 -41.93 18.72 70.75
N ILE X 17 -42.74 19.57 71.33
CA ILE X 17 -42.32 20.80 71.99
C ILE X 17 -41.53 20.55 73.25
N ALA X 18 -41.94 19.55 74.04
CA ALA X 18 -41.34 19.27 75.34
C ALA X 18 -39.82 19.45 75.41
N PRO X 19 -38.94 18.90 74.56
CA PRO X 19 -37.52 19.08 74.70
C PRO X 19 -37.08 20.52 74.58
N ASN X 20 -37.84 21.39 73.95
CA ASN X 20 -37.38 22.74 73.81
C ASN X 20 -37.79 23.50 75.02
N PHE X 21 -38.98 23.20 75.51
CA PHE X 21 -39.50 23.86 76.67
C PHE X 21 -38.64 23.53 77.86
N TRP X 22 -38.38 22.24 78.04
CA TRP X 22 -37.61 21.82 79.19
C TRP X 22 -36.15 22.19 79.10
N LYS X 23 -35.55 22.23 77.92
CA LYS X 23 -34.18 22.68 77.86
C LYS X 23 -34.12 24.14 78.24
N TYR X 24 -35.08 24.96 77.81
CA TYR X 24 -34.99 26.35 78.20
C TYR X 24 -35.05 26.49 79.71
N LEU X 25 -35.92 25.72 80.36
CA LEU X 25 -36.00 25.85 81.81
C LEU X 25 -34.73 25.37 82.48
N CYS X 26 -34.12 24.31 81.95
CA CYS X 26 -32.91 23.78 82.54
C CYS X 26 -31.79 24.81 82.43
N ASP X 27 -31.69 25.49 81.31
CA ASP X 27 -30.61 26.43 81.23
C ASP X 27 -30.92 27.66 82.04
N GLU X 28 -32.17 28.05 82.06
CA GLU X 28 -32.56 29.25 82.75
C GLU X 28 -32.28 29.20 84.24
N HIS X 29 -32.47 28.04 84.85
CA HIS X 29 -32.24 27.85 86.28
C HIS X 29 -30.87 27.23 86.65
N ASN X 30 -29.94 27.13 85.69
CA ASN X 30 -28.62 26.50 85.85
C ASN X 30 -28.60 25.01 86.25
N ILE X 31 -29.39 24.22 85.55
CA ILE X 31 -29.46 22.79 85.70
C ILE X 31 -29.08 22.17 84.37
N ASP X 32 -28.37 21.08 84.38
CA ASP X 32 -27.96 20.46 83.13
C ASP X 32 -29.10 19.61 82.60
N TYR X 33 -28.92 18.98 81.46
CA TYR X 33 -30.04 18.27 80.85
C TYR X 33 -30.19 16.89 81.44
N LYS X 34 -29.30 16.53 82.33
CA LYS X 34 -29.37 15.27 83.04
C LYS X 34 -29.99 15.49 84.41
N GLY X 35 -30.40 16.74 84.70
CA GLY X 35 -30.99 17.07 85.98
C GLY X 35 -29.96 17.41 87.05
N GLN X 36 -28.70 17.43 86.69
CA GLN X 36 -27.65 17.73 87.64
C GLN X 36 -27.48 19.21 87.79
N GLU X 37 -27.07 19.65 88.96
CA GLU X 37 -26.87 21.08 89.14
C GLU X 37 -25.62 21.52 88.43
N LYS X 38 -25.65 22.72 87.89
CA LYS X 38 -24.53 23.28 87.15
C LYS X 38 -24.14 24.62 87.72
N GLY X 39 -23.54 24.64 88.89
CA GLY X 39 -23.26 25.91 89.54
C GLY X 39 -24.42 26.30 90.43
N LYS X 40 -24.61 27.60 90.62
CA LYS X 40 -25.62 28.10 91.55
C LYS X 40 -27.01 28.03 90.96
N ILE X 41 -27.95 27.48 91.71
CA ILE X 41 -29.33 27.39 91.23
C ILE X 41 -30.04 28.67 91.50
N ARG X 42 -30.75 29.16 90.51
CA ARG X 42 -31.45 30.42 90.66
C ARG X 42 -32.91 30.31 90.26
N GLY X 43 -33.76 31.10 90.92
CA GLY X 43 -35.20 31.13 90.66
C GLY X 43 -35.87 30.11 91.57
N VAL X 44 -37.19 30.03 91.54
CA VAL X 44 -37.85 29.09 92.40
C VAL X 44 -37.92 27.79 91.67
N ILE X 45 -36.85 27.04 91.79
CA ILE X 45 -36.72 25.83 91.03
C ILE X 45 -37.79 24.82 91.31
N ASP X 46 -38.23 24.79 92.55
CA ASP X 46 -39.21 23.87 93.03
C ASP X 46 -40.53 23.97 92.30
N ASN X 47 -40.85 25.11 91.68
CA ASN X 47 -42.15 25.17 91.06
C ASN X 47 -42.30 24.24 89.88
N PHE X 48 -41.22 23.98 89.15
CA PHE X 48 -41.31 23.09 87.99
C PHE X 48 -40.52 21.81 88.11
N PHE X 49 -39.59 21.73 89.06
CA PHE X 49 -38.81 20.51 89.20
C PHE X 49 -38.94 19.87 90.56
N GLU X 50 -39.03 18.56 90.54
CA GLU X 50 -39.11 17.74 91.73
C GLU X 50 -37.71 17.40 92.18
N LYS X 51 -37.45 17.44 93.47
CA LYS X 51 -36.12 17.06 93.92
C LYS X 51 -36.08 15.58 94.23
N ALA X 52 -35.12 14.90 93.66
CA ALA X 52 -34.90 13.48 93.83
C ALA X 52 -34.31 13.19 95.20
N SER X 53 -34.26 11.92 95.57
CA SER X 53 -33.63 11.48 96.81
C SER X 53 -32.10 11.70 96.76
N ILE X 54 -31.63 11.96 95.55
CA ILE X 54 -30.26 12.22 95.17
C ILE X 54 -30.19 13.64 94.62
N GLY X 55 -29.03 14.10 94.20
CA GLY X 55 -28.87 15.49 93.72
C GLY X 55 -29.63 15.89 92.44
N LYS X 56 -30.19 14.94 91.73
CA LYS X 56 -30.93 15.17 90.50
C LYS X 56 -32.29 15.87 90.62
N TRP X 57 -32.53 16.82 89.72
CA TRP X 57 -33.81 17.48 89.57
C TRP X 57 -34.62 16.76 88.49
N ILE X 58 -35.89 16.54 88.75
CA ILE X 58 -36.78 15.85 87.85
C ILE X 58 -37.87 16.77 87.32
N PRO X 59 -38.09 16.90 86.02
CA PRO X 59 -39.09 17.81 85.54
C PRO X 59 -40.39 17.30 86.07
N ARG X 60 -41.23 18.19 86.58
CA ARG X 60 -42.50 17.76 87.11
C ARG X 60 -43.53 17.67 85.99
N THR X 61 -43.43 16.58 85.22
CA THR X 61 -44.27 16.43 84.04
C THR X 61 -44.66 15.03 83.60
N ILE X 62 -45.79 14.99 82.90
CA ILE X 62 -46.40 13.79 82.32
C ILE X 62 -46.55 13.88 80.79
N LEU X 63 -46.16 12.81 80.07
CA LEU X 63 -46.26 12.81 78.59
C LEU X 63 -47.32 11.81 78.11
N VAL X 64 -48.32 12.28 77.38
CA VAL X 64 -49.41 11.40 76.92
C VAL X 64 -49.50 11.30 75.38
N ASP X 65 -49.45 10.08 74.85
CA ASP X 65 -49.51 9.79 73.41
C ASP X 65 -50.32 8.52 73.12
N LEU X 66 -51.31 8.59 72.24
CA LEU X 66 -52.09 7.39 71.97
C LEU X 66 -51.34 6.39 71.10
N GLY X 67 -50.23 6.83 70.51
CA GLY X 67 -49.34 5.93 69.79
C GLY X 67 -48.07 5.88 70.63
N PRO X 68 -47.04 5.11 70.27
CA PRO X 68 -45.77 5.06 70.98
C PRO X 68 -44.66 6.01 70.52
N ASN X 69 -44.87 6.72 69.41
CA ASN X 69 -43.72 7.33 68.76
C ASN X 69 -43.30 8.71 69.21
N ALA X 70 -44.22 9.59 69.65
CA ALA X 70 -43.72 10.90 70.00
C ALA X 70 -42.89 10.78 71.24
N ILE X 71 -43.33 9.91 72.14
CA ILE X 71 -42.63 9.72 73.38
C ILE X 71 -41.33 9.01 73.14
N ARG X 72 -41.33 7.94 72.34
CA ARG X 72 -40.07 7.26 72.13
C ARG X 72 -39.01 8.21 71.62
N LYS X 73 -39.32 9.07 70.65
CA LYS X 73 -38.26 9.94 70.19
C LYS X 73 -37.83 10.93 71.27
N VAL X 74 -38.77 11.52 71.99
CA VAL X 74 -38.38 12.48 73.00
C VAL X 74 -37.55 11.92 74.14
N THR X 75 -37.94 10.77 74.67
CA THR X 75 -37.23 10.28 75.83
C THR X 75 -36.04 9.40 75.50
N LYS X 76 -35.94 8.87 74.29
CA LYS X 76 -34.80 8.03 73.94
C LYS X 76 -33.79 8.74 73.05
N LYS X 77 -34.18 9.73 72.25
CA LYS X 77 -33.20 10.34 71.37
C LYS X 77 -32.95 11.82 71.62
N ASP X 78 -33.98 12.61 71.90
CA ASP X 78 -33.71 14.05 72.04
C ASP X 78 -33.30 14.52 73.43
N MET X 79 -33.87 13.99 74.50
CA MET X 79 -33.45 14.47 75.79
C MET X 79 -33.39 13.30 76.76
N LYS X 80 -32.35 12.51 76.56
CA LYS X 80 -32.15 11.25 77.24
C LYS X 80 -31.98 11.42 78.72
N ASP X 81 -32.59 10.52 79.48
CA ASP X 81 -32.51 10.43 80.94
C ASP X 81 -33.13 11.59 81.70
N PHE X 82 -33.80 12.50 81.02
CA PHE X 82 -34.39 13.62 81.71
C PHE X 82 -35.80 13.36 82.18
N PHE X 83 -36.59 12.74 81.34
CA PHE X 83 -37.98 12.53 81.65
C PHE X 83 -38.12 11.20 82.36
N ASP X 84 -38.98 11.14 83.36
CA ASP X 84 -39.24 9.94 84.13
C ASP X 84 -40.15 8.98 83.36
N PRO X 85 -39.71 7.76 82.96
CA PRO X 85 -40.45 6.83 82.15
C PRO X 85 -41.73 6.36 82.80
N LYS X 86 -41.85 6.52 84.11
CA LYS X 86 -43.04 6.07 84.78
C LYS X 86 -44.13 7.12 84.71
N ARG X 87 -43.83 8.24 84.07
CA ARG X 87 -44.76 9.32 83.88
C ARG X 87 -45.14 9.42 82.41
N CYS X 88 -44.81 8.40 81.62
CA CYS X 88 -45.18 8.40 80.22
C CYS X 88 -46.31 7.43 79.95
N VAL X 89 -47.33 7.89 79.25
CA VAL X 89 -48.48 7.06 78.92
C VAL X 89 -48.55 6.81 77.44
N MET X 90 -48.51 5.56 77.04
CA MET X 90 -48.53 5.26 75.62
C MET X 90 -49.57 4.24 75.21
N GLY X 91 -50.28 4.58 74.16
CA GLY X 91 -51.23 3.68 73.55
C GLY X 91 -50.57 3.00 72.36
N LEU X 92 -51.36 2.27 71.57
CA LEU X 92 -50.82 1.59 70.42
C LEU X 92 -51.41 2.09 69.09
N ALA X 93 -52.71 2.37 69.09
CA ALA X 93 -53.39 2.70 67.84
C ALA X 93 -53.22 4.13 67.33
N GLY X 94 -52.83 5.07 68.18
CA GLY X 94 -52.78 6.44 67.70
C GLY X 94 -54.20 6.95 67.62
N ASP X 95 -54.46 7.94 66.76
CA ASP X 95 -55.78 8.52 66.72
C ASP X 95 -56.40 8.69 65.33
N ALA X 96 -55.72 8.26 64.26
CA ALA X 96 -56.23 8.38 62.89
C ALA X 96 -56.68 9.81 62.56
N ASN X 97 -56.09 10.78 63.25
CA ASN X 97 -56.38 12.21 63.17
C ASN X 97 -57.80 12.56 63.60
N LEU X 98 -58.49 11.70 64.34
CA LEU X 98 -59.84 11.99 64.74
C LEU X 98 -60.04 12.36 66.19
N PHE X 99 -60.80 13.44 66.41
CA PHE X 99 -61.26 13.86 67.71
C PHE X 99 -61.94 12.70 68.38
N ALA X 100 -62.76 11.98 67.62
CA ALA X 100 -63.51 10.90 68.17
C ALA X 100 -62.65 9.87 68.91
N LYS X 101 -61.43 9.57 68.43
CA LYS X 101 -60.68 8.58 69.17
C LYS X 101 -60.14 9.16 70.44
N GLY X 102 -59.65 10.39 70.37
CA GLY X 102 -59.09 11.00 71.55
C GLY X 102 -60.11 11.22 72.67
N TYR X 103 -61.35 11.54 72.33
CA TYR X 103 -62.35 11.84 73.36
C TYR X 103 -63.40 10.74 73.66
N TYR X 104 -63.76 9.87 72.71
CA TYR X 104 -64.84 8.92 72.99
C TYR X 104 -64.46 7.44 72.88
N SER X 105 -63.82 7.02 71.78
CA SER X 105 -63.64 5.57 71.59
C SER X 105 -62.35 4.90 72.00
N TYR X 106 -61.23 5.62 72.06
CA TYR X 106 -59.98 4.94 72.36
C TYR X 106 -59.35 5.53 73.58
N GLY X 107 -59.23 6.84 73.60
CA GLY X 107 -58.51 7.53 74.66
C GLY X 107 -59.14 7.36 76.03
N THR X 108 -60.39 6.96 76.05
CA THR X 108 -61.11 6.80 77.28
C THR X 108 -60.61 5.62 78.09
N ARG X 109 -60.01 4.63 77.44
CA ARG X 109 -59.56 3.46 78.15
C ARG X 109 -58.28 3.74 78.91
N PHE X 110 -57.66 4.88 78.66
CA PHE X 110 -56.43 5.23 79.30
C PHE X 110 -56.66 6.19 80.44
N MET X 111 -57.91 6.55 80.71
CA MET X 111 -58.07 7.54 81.75
C MET X 111 -57.74 7.05 83.13
N GLU X 112 -57.88 5.77 83.42
CA GLU X 112 -57.52 5.34 84.75
C GLU X 112 -56.01 5.46 84.93
N GLU X 113 -55.27 5.09 83.90
CA GLU X 113 -53.82 5.17 83.93
C GLU X 113 -53.34 6.59 84.05
N ILE X 114 -53.98 7.49 83.31
CA ILE X 114 -53.59 8.88 83.31
C ILE X 114 -53.89 9.53 84.63
N MET X 115 -55.08 9.30 85.19
CA MET X 115 -55.39 9.95 86.44
C MET X 115 -54.57 9.36 87.58
N ASP X 116 -54.16 8.09 87.46
CA ASP X 116 -53.33 7.50 88.48
C ASP X 116 -51.96 8.13 88.46
N LYS X 117 -51.40 8.36 87.27
CA LYS X 117 -50.10 9.00 87.20
C LYS X 117 -50.19 10.43 87.69
N ILE X 118 -51.29 11.11 87.38
CA ILE X 118 -51.41 12.48 87.85
C ILE X 118 -51.45 12.48 89.34
N GLN X 119 -52.24 11.61 89.97
CA GLN X 119 -52.23 11.67 91.41
C GLN X 119 -50.87 11.38 91.99
N LYS X 120 -50.12 10.44 91.42
CA LYS X 120 -48.81 10.19 91.97
C LYS X 120 -47.95 11.44 91.94
N GLU X 121 -48.12 12.27 90.91
CA GLU X 121 -47.36 13.51 90.78
C GLU X 121 -47.89 14.55 91.79
N VAL X 122 -49.21 14.61 91.97
CA VAL X 122 -49.86 15.54 92.90
C VAL X 122 -49.48 15.23 94.33
N ASP X 123 -49.38 13.98 94.66
CA ASP X 123 -49.04 13.53 96.00
C ASP X 123 -47.64 13.92 96.42
N GLN X 124 -46.80 14.39 95.51
CA GLN X 124 -45.46 14.76 95.90
C GLN X 124 -45.39 16.23 96.30
N THR X 125 -46.50 16.96 96.17
CA THR X 125 -46.46 18.39 96.44
C THR X 125 -47.46 18.93 97.46
N GLU X 126 -46.93 19.68 98.43
CA GLU X 126 -47.70 20.30 99.51
C GLU X 126 -48.62 21.42 99.05
N HIS X 127 -48.13 22.24 98.12
CA HIS X 127 -48.88 23.38 97.67
C HIS X 127 -48.94 23.42 96.18
N LEU X 128 -50.01 22.86 95.63
CA LEU X 128 -50.17 22.80 94.20
C LEU X 128 -50.98 23.99 93.76
N GLN X 129 -50.41 24.75 92.86
CA GLN X 129 -50.98 25.96 92.33
C GLN X 129 -51.93 25.66 91.19
N GLY X 130 -51.49 24.75 90.33
CA GLY X 130 -52.28 24.42 89.18
C GLY X 130 -51.62 23.54 88.17
N PHE X 131 -52.29 23.39 87.05
CA PHE X 131 -51.86 22.56 85.95
C PHE X 131 -51.74 23.31 84.66
N ILE X 132 -50.77 22.93 83.84
CA ILE X 132 -50.66 23.47 82.50
C ILE X 132 -50.73 22.33 81.52
N VAL X 133 -51.68 22.39 80.61
CA VAL X 133 -51.80 21.32 79.63
C VAL X 133 -51.41 21.85 78.28
N VAL X 134 -50.39 21.26 77.69
CA VAL X 134 -49.88 21.69 76.42
C VAL X 134 -50.36 20.77 75.35
N HIS X 135 -51.08 21.30 74.38
CA HIS X 135 -51.63 20.40 73.39
C HIS X 135 -51.91 21.05 72.06
N SER X 136 -51.91 20.23 71.04
CA SER X 136 -52.37 20.61 69.73
C SER X 136 -53.85 20.64 69.75
N ILE X 137 -54.52 21.47 68.93
CA ILE X 137 -56.01 21.35 68.83
C ILE X 137 -56.31 20.80 67.45
N GLY X 138 -55.27 20.36 66.75
CA GLY X 138 -55.33 19.80 65.40
C GLY X 138 -55.72 18.35 65.35
N ASP X 139 -54.77 17.50 65.68
CA ASP X 139 -54.88 16.04 65.70
C ASP X 139 -55.79 15.56 66.79
N GLY X 140 -56.30 14.35 66.62
CA GLY X 140 -57.21 13.73 67.56
C GLY X 140 -56.65 13.50 68.95
N THR X 141 -55.38 13.14 69.08
CA THR X 141 -54.90 12.93 70.42
C THR X 141 -54.92 14.24 71.19
N GLY X 142 -54.36 15.30 70.60
CA GLY X 142 -54.36 16.59 71.27
C GLY X 142 -55.77 17.13 71.45
N ALA X 143 -56.52 17.22 70.35
CA ALA X 143 -57.86 17.78 70.34
C ALA X 143 -58.84 17.00 71.21
N GLY X 144 -58.69 15.68 71.27
CA GLY X 144 -59.56 14.81 72.02
C GLY X 144 -59.14 14.60 73.46
N LEU X 145 -57.97 14.02 73.69
CA LEU X 145 -57.62 13.79 75.06
C LEU X 145 -57.36 15.01 75.87
N ALA X 146 -56.78 16.07 75.32
CA ALA X 146 -56.46 17.12 76.26
C ALA X 146 -57.72 17.55 77.03
N PRO X 147 -58.89 17.85 76.42
CA PRO X 147 -60.11 18.12 77.14
C PRO X 147 -60.64 16.96 77.97
N LEU X 148 -60.31 15.71 77.62
CA LEU X 148 -60.83 14.61 78.43
C LEU X 148 -60.10 14.61 79.76
N ILE X 149 -58.80 14.90 79.69
CA ILE X 149 -57.93 14.96 80.84
C ILE X 149 -58.30 16.14 81.68
N MET X 150 -58.49 17.29 81.05
CA MET X 150 -58.85 18.48 81.79
C MET X 150 -60.12 18.28 82.58
N GLU X 151 -61.16 17.67 81.99
CA GLU X 151 -62.38 17.48 82.75
C GLU X 151 -62.15 16.56 83.93
N ALA X 152 -61.38 15.49 83.74
CA ALA X 152 -61.14 14.56 84.83
C ALA X 152 -60.43 15.24 85.99
N ILE X 153 -59.51 16.15 85.69
CA ILE X 153 -58.81 16.88 86.74
C ILE X 153 -59.71 17.88 87.42
N LYS X 154 -60.47 18.68 86.67
CA LYS X 154 -61.31 19.70 87.30
C LYS X 154 -62.32 19.09 88.26
N LYS X 155 -62.75 17.86 87.98
CA LYS X 155 -63.79 17.21 88.82
C LYS X 155 -63.16 16.65 90.09
N LYS X 156 -61.83 16.59 90.15
CA LYS X 156 -61.14 16.01 91.29
C LYS X 156 -60.44 17.08 92.12
N HIS X 157 -59.95 18.11 91.45
CA HIS X 157 -59.21 19.18 92.09
C HIS X 157 -59.79 20.53 91.65
N PRO X 158 -61.04 20.85 92.03
CA PRO X 158 -61.83 21.99 91.55
C PRO X 158 -61.29 23.36 91.96
N LYS X 159 -60.41 23.40 92.95
CA LYS X 159 -59.88 24.65 93.45
C LYS X 159 -58.57 25.09 92.78
N LEU X 160 -58.05 24.29 91.88
CA LEU X 160 -56.81 24.62 91.20
C LEU X 160 -57.08 25.40 89.94
N VAL X 161 -56.10 26.20 89.51
CA VAL X 161 -56.26 26.91 88.25
C VAL X 161 -55.72 26.08 87.13
N MET X 162 -56.50 25.91 86.09
CA MET X 162 -56.02 25.16 84.95
C MET X 162 -55.82 26.02 83.73
N MET X 163 -54.63 25.95 83.19
CA MET X 163 -54.29 26.69 82.00
C MET X 163 -53.95 25.76 80.87
N SER X 164 -54.41 26.10 79.70
CA SER X 164 -54.06 25.32 78.54
C SER X 164 -53.26 26.15 77.58
N TYR X 165 -52.40 25.49 76.84
CA TYR X 165 -51.63 26.12 75.80
C TYR X 165 -52.05 25.42 74.52
N SER X 166 -52.98 26.03 73.80
CA SER X 166 -53.62 25.46 72.63
C SER X 166 -52.95 25.90 71.37
N ILE X 167 -52.43 24.95 70.61
CA ILE X 167 -51.71 25.33 69.43
C ILE X 167 -52.48 25.02 68.17
N VAL X 168 -52.79 26.07 67.42
CA VAL X 168 -53.58 25.95 66.22
C VAL X 168 -52.65 25.66 65.04
N PRO X 169 -52.80 24.52 64.35
CA PRO X 169 -52.01 24.10 63.22
C PRO X 169 -52.19 25.04 62.09
N SER X 170 -51.20 25.10 61.25
CA SER X 170 -51.24 25.90 60.04
C SER X 170 -52.14 25.34 58.94
N GLN X 171 -52.43 26.20 57.98
CA GLN X 171 -53.21 25.88 56.79
C GLN X 171 -52.32 25.41 55.64
N ASN X 172 -51.04 25.27 55.90
CA ASN X 172 -50.05 24.82 54.94
C ASN X 172 -49.17 23.69 55.48
N MET X 173 -48.08 23.97 56.18
CA MET X 173 -47.16 22.90 56.55
C MET X 173 -47.77 21.84 57.47
N ASP X 174 -48.71 22.22 58.30
CA ASP X 174 -49.34 21.28 59.23
C ASP X 174 -50.75 20.93 58.79
N CYS X 175 -51.13 21.25 57.57
CA CYS X 175 -52.53 21.07 57.27
C CYS X 175 -53.03 19.65 57.17
N SER X 176 -54.35 19.57 57.34
CA SER X 176 -55.17 18.37 57.28
C SER X 176 -56.53 18.67 56.72
N THR X 177 -57.07 17.70 56.01
CA THR X 177 -58.36 17.80 55.36
C THR X 177 -59.52 17.79 56.34
N ILE X 178 -59.27 17.41 57.59
CA ILE X 178 -60.31 17.41 58.61
C ILE X 178 -59.97 18.32 59.76
N LEU X 179 -59.03 19.24 59.56
CA LEU X 179 -58.66 20.15 60.62
C LEU X 179 -59.86 20.91 61.21
N PRO X 180 -60.79 21.49 60.43
CA PRO X 180 -61.91 22.21 60.93
C PRO X 180 -62.82 21.38 61.82
N TYR X 181 -62.84 20.05 61.69
CA TYR X 181 -63.74 19.34 62.57
C TYR X 181 -63.10 19.21 63.90
N ASN X 182 -61.82 18.90 63.91
CA ASN X 182 -61.24 18.70 65.21
C ASN X 182 -61.13 20.01 65.96
N ALA X 183 -60.87 21.11 65.24
CA ALA X 183 -60.73 22.39 65.92
C ALA X 183 -62.02 22.85 66.57
N ILE X 184 -63.15 22.69 65.89
CA ILE X 184 -64.41 23.13 66.48
C ILE X 184 -64.85 22.20 67.58
N LEU X 185 -64.72 20.90 67.35
CA LEU X 185 -65.15 19.95 68.35
C LEU X 185 -64.37 20.09 69.62
N SER X 186 -63.07 20.41 69.53
CA SER X 186 -62.29 20.58 70.75
C SER X 186 -62.41 21.97 71.38
N LEU X 187 -62.65 23.04 70.60
CA LEU X 187 -62.86 24.36 71.23
C LEU X 187 -64.11 24.30 72.08
N ASP X 188 -65.05 23.49 71.64
CA ASP X 188 -66.28 23.31 72.36
C ASP X 188 -66.04 22.77 73.76
N LYS X 189 -64.99 21.97 73.97
CA LYS X 189 -64.79 21.42 75.28
C LYS X 189 -63.86 22.32 76.07
N LEU X 190 -62.93 23.00 75.40
CA LEU X 190 -61.99 23.87 76.09
C LEU X 190 -62.75 24.99 76.75
N THR X 191 -63.85 25.37 76.12
CA THR X 191 -64.72 26.41 76.60
C THR X 191 -65.17 26.14 78.02
N SER X 192 -65.47 24.90 78.41
CA SER X 192 -65.88 24.65 79.79
C SER X 192 -64.74 24.10 80.66
N CYS X 193 -63.69 23.55 80.03
CA CYS X 193 -62.57 22.91 80.74
C CYS X 193 -61.55 23.82 81.38
N ALA X 194 -60.99 24.75 80.61
CA ALA X 194 -59.87 25.55 81.11
C ALA X 194 -60.33 26.83 81.79
N ASP X 195 -59.51 27.35 82.69
CA ASP X 195 -59.79 28.65 83.27
C ASP X 195 -59.12 29.70 82.42
N ILE X 196 -57.96 29.36 81.91
CA ILE X 196 -57.17 30.23 81.04
C ILE X 196 -56.81 29.44 79.80
N SER X 197 -57.01 29.98 78.60
CA SER X 197 -56.60 29.21 77.43
C SER X 197 -55.83 30.08 76.46
N MET X 198 -54.57 29.74 76.25
CA MET X 198 -53.75 30.55 75.39
C MET X 198 -53.87 30.04 73.97
N ILE X 199 -54.02 30.92 73.00
CA ILE X 199 -54.05 30.47 71.63
C ILE X 199 -52.86 30.95 70.86
N ILE X 200 -52.10 30.00 70.33
CA ILE X 200 -50.96 30.33 69.52
C ILE X 200 -51.23 29.82 68.11
N ASP X 201 -51.09 30.68 67.13
CA ASP X 201 -51.35 30.31 65.73
C ASP X 201 -50.07 30.00 64.93
N ASN X 202 -49.89 28.75 64.48
CA ASN X 202 -48.64 28.42 63.78
C ASN X 202 -48.46 29.21 62.49
N ASP X 203 -49.54 29.69 61.86
CA ASP X 203 -49.32 30.46 60.65
C ASP X 203 -48.69 31.78 60.94
N SER X 204 -48.93 32.33 62.13
CA SER X 204 -48.32 33.58 62.46
C SER X 204 -46.87 33.31 62.72
N ILE X 205 -46.57 32.19 63.35
CA ILE X 205 -45.18 31.91 63.61
C ILE X 205 -44.44 31.75 62.29
N TYR X 206 -45.01 31.02 61.35
CA TYR X 206 -44.28 30.85 60.12
C TYR X 206 -44.04 32.17 59.38
N ARG X 207 -45.04 33.08 59.31
CA ARG X 207 -44.76 34.32 58.59
C ARG X 207 -43.88 35.29 59.36
N ILE X 208 -43.94 35.25 60.69
CA ILE X 208 -43.13 36.14 61.48
C ILE X 208 -41.68 35.75 61.42
N VAL X 209 -41.40 34.47 61.57
CA VAL X 209 -40.04 34.04 61.50
C VAL X 209 -39.50 34.26 60.11
N ALA X 210 -40.28 33.94 59.07
CA ALA X 210 -39.81 34.17 57.73
C ALA X 210 -39.47 35.62 57.48
N THR X 211 -40.24 36.54 58.05
CA THR X 211 -39.94 37.95 57.91
C THR X 211 -38.62 38.30 58.58
N GLN X 212 -38.40 37.81 59.79
CA GLN X 212 -37.17 38.09 60.52
C GLN X 212 -35.97 37.47 59.83
N GLY X 213 -36.21 36.34 59.20
CA GLY X 213 -35.21 35.59 58.51
C GLY X 213 -35.01 36.02 57.07
N LYS X 214 -35.61 37.11 56.62
CA LYS X 214 -35.48 37.46 55.20
C LYS X 214 -34.03 37.73 54.81
N GLU X 215 -33.19 38.05 55.79
CA GLU X 215 -31.78 38.34 55.59
C GLU X 215 -30.85 37.13 55.76
N ASN X 216 -31.38 35.96 56.12
CA ASN X 216 -30.50 34.82 56.41
C ASN X 216 -31.16 33.45 56.18
N GLU X 217 -30.41 32.38 56.45
CA GLU X 217 -30.92 31.02 56.23
C GLU X 217 -31.58 30.37 57.44
N LEU X 218 -31.65 31.10 58.56
CA LEU X 218 -32.21 30.56 59.77
C LEU X 218 -31.69 29.16 60.13
N SER X 219 -32.60 28.31 60.59
CA SER X 219 -32.43 26.93 60.97
C SER X 219 -33.80 26.33 60.97
N GLU X 220 -33.95 25.07 60.64
CA GLU X 220 -35.30 24.50 60.66
C GLU X 220 -35.85 24.35 62.07
N SER X 221 -34.99 24.40 63.08
CA SER X 221 -35.41 24.28 64.46
C SER X 221 -36.07 25.54 65.00
N ILE X 222 -35.95 26.66 64.29
CA ILE X 222 -36.45 27.92 64.78
C ILE X 222 -37.94 27.95 65.02
N PHE X 223 -38.72 27.21 64.25
CA PHE X 223 -40.14 27.30 64.43
C PHE X 223 -40.56 26.71 65.76
N ASP X 224 -39.91 25.62 66.16
CA ASP X 224 -40.23 24.98 67.42
C ASP X 224 -39.66 25.77 68.57
N GLN X 225 -38.52 26.42 68.36
CA GLN X 225 -37.96 27.17 69.46
C GLN X 225 -38.86 28.35 69.80
N VAL X 226 -39.45 28.99 68.78
CA VAL X 226 -40.32 30.12 69.06
C VAL X 226 -41.58 29.68 69.79
N LEU X 227 -42.17 28.58 69.35
CA LEU X 227 -43.38 28.11 69.99
C LEU X 227 -43.12 27.71 71.44
N ALA X 228 -42.02 26.99 71.69
CA ALA X 228 -41.68 26.57 73.05
C ALA X 228 -41.35 27.75 73.93
N LYS X 229 -40.64 28.74 73.38
CA LYS X 229 -40.23 29.88 74.14
C LYS X 229 -41.41 30.68 74.59
N ALA X 230 -42.43 30.82 73.75
CA ALA X 230 -43.56 31.60 74.22
C ALA X 230 -44.10 30.99 75.50
N LEU X 231 -44.17 29.66 75.61
CA LEU X 231 -44.69 29.14 76.88
C LEU X 231 -43.76 29.44 78.03
N VAL X 232 -42.45 29.35 77.78
CA VAL X 232 -41.48 29.59 78.84
C VAL X 232 -41.59 30.99 79.39
N GLU X 233 -41.75 31.96 78.48
CA GLU X 233 -41.86 33.35 78.88
C GLU X 233 -43.18 33.63 79.60
N ILE X 234 -44.28 32.98 79.21
CA ILE X 234 -45.57 33.19 79.87
C ILE X 234 -45.40 32.78 81.32
N THR X 235 -44.71 31.67 81.53
CA THR X 235 -44.45 31.11 82.83
C THR X 235 -43.29 31.74 83.61
N ALA X 236 -42.59 32.73 83.06
CA ALA X 236 -41.43 33.27 83.77
C ALA X 236 -41.81 33.85 85.11
N THR X 237 -42.98 34.44 85.22
CA THR X 237 -43.39 35.09 86.44
C THR X 237 -43.82 34.09 87.48
N LEU X 238 -43.98 32.83 87.09
CA LEU X 238 -44.39 31.81 88.03
C LEU X 238 -43.14 31.13 88.59
N ARG X 239 -41.97 31.48 88.05
CA ARG X 239 -40.71 30.85 88.43
C ARG X 239 -39.76 31.81 89.12
N PHE X 240 -39.89 33.08 88.85
CA PHE X 240 -39.03 34.09 89.46
C PHE X 240 -39.86 34.95 90.38
N ASN X 241 -39.25 35.60 91.35
CA ASN X 241 -40.05 36.42 92.26
C ASN X 241 -40.36 37.78 91.66
N SER X 242 -41.28 37.71 90.71
CA SER X 242 -41.73 38.79 89.85
C SER X 242 -42.79 39.63 90.52
N PRO X 243 -42.96 40.93 90.17
CA PRO X 243 -44.05 41.73 90.72
C PRO X 243 -45.29 41.63 89.82
N LEU X 244 -45.42 40.53 89.07
CA LEU X 244 -46.55 40.39 88.10
C LEU X 244 -46.89 38.91 87.94
N ASN X 245 -48.14 38.60 87.60
CA ASN X 245 -48.59 37.22 87.37
C ASN X 245 -47.92 36.27 88.37
N ARG X 246 -47.77 36.75 89.61
CA ARG X 246 -47.14 36.00 90.67
C ARG X 246 -47.63 34.56 90.76
N SER X 247 -48.90 34.36 90.45
CA SER X 247 -49.48 33.03 90.51
C SER X 247 -50.54 32.88 89.44
N MET X 248 -50.93 31.64 89.16
CA MET X 248 -51.94 31.34 88.16
C MET X 248 -53.27 31.96 88.53
N MET X 249 -53.54 32.06 89.82
CA MET X 249 -54.78 32.65 90.27
C MET X 249 -54.82 34.13 89.93
N GLU X 250 -53.66 34.79 89.93
CA GLU X 250 -53.58 36.23 89.63
C GLU X 250 -53.66 36.42 88.12
N MET X 251 -53.18 35.45 87.34
CA MET X 251 -53.33 35.60 85.90
C MET X 251 -54.80 35.53 85.54
N SER X 252 -55.51 34.65 86.22
CA SER X 252 -56.92 34.49 85.98
C SER X 252 -57.69 35.76 86.33
N THR X 253 -57.40 36.33 87.50
CA THR X 253 -58.14 37.54 87.96
C THR X 253 -57.79 38.75 87.08
N ASN X 254 -56.56 38.84 86.56
CA ASN X 254 -56.14 39.96 85.76
C ASN X 254 -56.68 39.94 84.34
N LEU X 255 -56.79 38.75 83.77
CA LEU X 255 -57.18 38.61 82.38
C LEU X 255 -58.59 38.13 82.03
N VAL X 256 -59.28 37.38 82.90
CA VAL X 256 -60.56 36.81 82.50
C VAL X 256 -61.78 37.34 83.27
N PRO X 257 -62.53 38.35 82.79
CA PRO X 257 -63.69 38.93 83.46
C PRO X 257 -64.96 38.08 83.50
N PHE X 258 -65.11 37.16 82.56
CA PHE X 258 -66.28 36.31 82.52
C PHE X 258 -65.79 34.90 82.30
N PRO X 259 -66.42 33.87 82.86
CA PRO X 259 -66.04 32.47 82.70
C PRO X 259 -65.80 32.01 81.26
N ARG X 260 -66.55 32.52 80.30
CA ARG X 260 -66.34 32.09 78.93
C ARG X 260 -65.28 32.88 78.18
N ASN X 261 -65.01 34.12 78.60
CA ASN X 261 -64.08 34.93 77.83
C ASN X 261 -62.66 34.75 78.31
N HIS X 262 -62.17 33.53 78.18
CA HIS X 262 -60.86 33.19 78.66
C HIS X 262 -59.82 32.89 77.60
N PHE X 263 -60.12 33.14 76.34
CA PHE X 263 -59.17 32.82 75.30
C PHE X 263 -58.24 34.00 75.07
N LEU X 264 -56.95 33.77 75.28
CA LEU X 264 -55.95 34.82 75.22
C LEU X 264 -54.94 34.75 74.08
N MET X 265 -54.51 35.92 73.65
CA MET X 265 -53.51 36.09 72.61
C MET X 265 -52.19 36.53 73.18
N THR X 266 -51.09 36.23 72.49
CA THR X 266 -49.81 36.72 72.99
C THR X 266 -49.02 37.44 71.93
N SER X 267 -48.04 38.17 72.43
CA SER X 267 -47.07 38.91 71.62
C SER X 267 -45.72 38.80 72.24
N MET X 268 -44.70 38.57 71.43
CA MET X 268 -43.37 38.36 71.99
C MET X 268 -42.25 39.05 71.24
N SER X 269 -41.29 39.56 72.00
CA SER X 269 -40.10 40.20 71.45
C SER X 269 -38.91 39.90 72.34
N PRO X 270 -37.76 39.53 71.78
CA PRO X 270 -37.33 39.43 70.39
C PRO X 270 -37.64 38.13 69.63
N LEU X 271 -38.61 37.35 70.07
CA LEU X 271 -38.98 36.05 69.47
C LEU X 271 -37.96 34.97 69.76
N GLU X 272 -36.72 35.18 69.34
CA GLU X 272 -35.65 34.28 69.69
C GLU X 272 -34.32 35.02 69.70
N THR X 273 -33.46 34.64 70.61
CA THR X 273 -32.16 35.26 70.79
C THR X 273 -31.32 35.15 69.52
N SER X 274 -31.37 33.99 68.88
CA SER X 274 -30.62 33.74 67.65
C SER X 274 -31.15 34.50 66.44
N LEU X 275 -32.37 35.03 66.55
CA LEU X 275 -32.94 35.87 65.46
C LEU X 275 -32.40 37.29 65.62
N THR X 276 -32.16 37.72 66.87
CA THR X 276 -31.65 39.09 67.13
C THR X 276 -30.22 38.97 67.69
N SER X 277 -29.21 38.98 66.82
CA SER X 277 -27.80 38.83 67.27
C SER X 277 -27.03 40.12 67.04
N ALA X 278 -25.70 40.10 67.28
CA ALA X 278 -24.86 41.30 67.09
C ALA X 278 -25.34 42.43 68.01
N HIS X 279 -25.47 43.65 67.46
CA HIS X 279 -25.86 44.82 68.29
C HIS X 279 -27.38 44.78 68.54
N GLN X 280 -27.77 44.36 69.74
CA GLN X 280 -29.22 44.24 70.02
C GLN X 280 -29.54 45.05 71.28
N LYS X 281 -29.02 46.27 71.34
CA LYS X 281 -29.37 47.16 72.47
C LYS X 281 -30.83 47.59 72.27
N ILE X 282 -31.78 46.74 72.65
CA ILE X 282 -33.22 47.08 72.49
C ILE X 282 -33.60 47.95 73.67
N GLU X 283 -33.76 49.26 73.43
CA GLU X 283 -34.08 50.21 74.54
C GLU X 283 -35.50 49.93 75.03
N THR X 284 -35.76 50.23 76.30
CA THR X 284 -37.12 50.01 76.87
C THR X 284 -38.17 50.56 75.91
N LYS X 285 -37.86 51.64 75.21
CA LYS X 285 -38.86 52.31 74.33
C LYS X 285 -39.20 51.42 73.12
N GLU X 286 -38.20 50.84 72.45
CA GLU X 286 -38.50 50.08 71.27
C GLU X 286 -39.15 48.78 71.67
N LEU X 287 -38.75 48.18 72.79
CA LEU X 287 -39.36 46.92 73.15
C LEU X 287 -40.86 47.06 73.29
N MET X 288 -41.32 48.12 73.94
CA MET X 288 -42.77 48.20 74.05
C MET X 288 -43.48 48.53 72.77
N GLN X 289 -42.82 49.18 71.82
CA GLN X 289 -43.52 49.40 70.56
C GLN X 289 -43.56 48.08 69.79
N ASP X 290 -42.50 47.28 69.91
CA ASP X 290 -42.43 46.00 69.18
C ASP X 290 -43.52 45.06 69.65
N LEU X 291 -43.83 45.10 70.93
CA LEU X 291 -44.82 44.20 71.48
C LEU X 291 -46.26 44.44 71.01
N ILE X 292 -46.55 45.57 70.37
CA ILE X 292 -47.90 45.73 69.82
C ILE X 292 -47.84 45.86 68.31
N ASP X 293 -46.70 45.48 67.74
CA ASP X 293 -46.47 45.50 66.32
C ASP X 293 -47.06 44.26 65.69
N GLN X 294 -47.46 44.35 64.43
CA GLN X 294 -48.01 43.18 63.77
C GLN X 294 -47.05 42.02 63.68
N ASP X 295 -45.78 42.28 63.58
CA ASP X 295 -44.86 41.19 63.37
C ASP X 295 -44.44 40.48 64.63
N HIS X 296 -44.98 40.88 65.76
CA HIS X 296 -44.67 40.21 67.01
C HIS X 296 -45.89 39.53 67.60
N ILE X 297 -47.03 39.55 66.91
CA ILE X 297 -48.22 38.96 67.47
C ILE X 297 -48.43 37.58 66.92
N LEU X 298 -48.53 36.58 67.80
CA LEU X 298 -48.61 35.21 67.33
C LEU X 298 -50.05 34.78 67.11
N ALA X 299 -50.71 35.56 66.27
CA ALA X 299 -52.11 35.40 65.89
C ALA X 299 -52.37 36.29 64.70
N PRO X 300 -53.35 36.03 63.85
CA PRO X 300 -53.73 36.90 62.74
C PRO X 300 -54.54 38.08 63.25
N ILE X 301 -53.94 38.84 64.14
CA ILE X 301 -54.56 39.95 64.81
C ILE X 301 -53.76 41.23 64.78
N THR X 302 -54.46 42.29 64.44
CA THR X 302 -53.94 43.64 64.45
C THR X 302 -54.55 44.26 65.69
N VAL X 303 -53.77 44.85 66.58
CA VAL X 303 -54.39 45.34 67.81
C VAL X 303 -55.33 46.49 67.57
N GLU X 304 -55.04 47.26 66.53
CA GLU X 304 -55.83 48.40 66.12
C GLU X 304 -57.21 48.03 65.60
N LYS X 305 -57.42 46.76 65.26
CA LYS X 305 -58.69 46.33 64.71
C LYS X 305 -59.37 45.35 65.65
N GLY X 306 -60.01 45.89 66.66
CA GLY X 306 -60.65 45.10 67.69
C GLY X 306 -60.58 45.83 69.02
N VAL X 307 -61.12 45.21 70.05
CA VAL X 307 -61.19 45.86 71.36
C VAL X 307 -60.59 45.01 72.47
N PHE X 308 -59.81 45.65 73.33
CA PHE X 308 -59.20 45.01 74.47
C PHE X 308 -60.13 44.96 75.65
N THR X 309 -60.03 43.89 76.39
CA THR X 309 -60.77 43.72 77.62
C THR X 309 -59.77 43.73 78.76
N ALA X 310 -58.57 43.22 78.48
CA ALA X 310 -57.51 43.16 79.48
C ALA X 310 -56.17 43.16 78.78
N PHE X 311 -55.14 43.74 79.40
CA PHE X 311 -53.85 43.73 78.76
C PHE X 311 -52.68 43.80 79.74
N VAL X 312 -51.89 42.74 79.77
CA VAL X 312 -50.75 42.70 80.69
C VAL X 312 -49.43 42.53 79.97
N ILE X 313 -48.50 43.44 80.25
CA ILE X 313 -47.19 43.40 79.64
C ILE X 313 -46.11 43.00 80.64
N ALA X 314 -45.49 41.85 80.40
CA ALA X 314 -44.46 41.35 81.31
C ALA X 314 -43.10 41.45 80.67
N LEU X 315 -42.26 42.28 81.23
CA LEU X 315 -40.95 42.52 80.68
C LEU X 315 -39.90 41.86 81.54
N ARG X 316 -38.72 41.70 81.02
CA ARG X 316 -37.63 41.17 81.79
C ARG X 316 -36.43 42.09 81.62
N GLY X 317 -35.69 42.32 82.69
CA GLY X 317 -34.51 43.18 82.67
C GLY X 317 -34.86 44.56 83.17
N GLU X 318 -33.89 45.45 83.25
CA GLU X 318 -34.23 46.76 83.73
C GLU X 318 -35.08 47.46 82.69
N ASN X 319 -36.19 47.96 83.17
CA ASN X 319 -37.20 48.65 82.40
C ASN X 319 -37.78 49.78 83.26
N PRO X 320 -37.19 50.97 83.29
CA PRO X 320 -37.57 52.04 84.17
C PRO X 320 -39.05 52.30 84.03
N HIS X 321 -39.72 52.53 85.14
CA HIS X 321 -41.15 52.69 85.10
C HIS X 321 -41.61 53.93 84.42
N SER X 322 -40.81 54.99 84.43
CA SER X 322 -41.21 56.21 83.76
C SER X 322 -41.24 56.05 82.26
N ILE X 323 -40.52 55.05 81.74
CA ILE X 323 -40.52 54.83 80.34
C ILE X 323 -41.70 53.99 80.04
N LEU X 324 -41.97 53.02 80.89
CA LEU X 324 -43.08 52.15 80.60
C LEU X 324 -44.36 52.97 80.57
N GLN X 325 -44.48 53.95 81.46
CA GLN X 325 -45.68 54.77 81.46
C GLN X 325 -45.78 55.65 80.24
N ASN X 326 -44.68 56.21 79.77
CA ASN X 326 -44.81 57.03 78.58
C ASN X 326 -45.12 56.16 77.37
N SER X 327 -44.59 54.93 77.32
CA SER X 327 -44.87 54.04 76.22
C SER X 327 -46.33 53.68 76.18
N ILE X 328 -46.93 53.44 77.35
CA ILE X 328 -48.34 53.11 77.38
C ILE X 328 -49.18 54.29 76.97
N LYS X 329 -48.88 55.48 77.48
CA LYS X 329 -49.69 56.63 77.10
C LYS X 329 -49.61 56.85 75.60
N GLY X 330 -48.45 56.58 75.03
CA GLY X 330 -48.13 56.73 73.62
C GLY X 330 -48.81 55.70 72.74
N PHE X 331 -49.52 54.74 73.32
CA PHE X 331 -50.24 53.76 72.53
C PHE X 331 -51.40 54.48 71.86
N GLY X 332 -51.90 55.56 72.45
CA GLY X 332 -52.98 56.31 71.85
C GLY X 332 -54.21 55.46 71.68
N ASP X 333 -54.76 55.47 70.48
CA ASP X 333 -55.95 54.70 70.16
C ASP X 333 -55.65 53.41 69.46
N ARG X 334 -54.38 52.99 69.50
CA ARG X 334 -54.03 51.71 68.92
C ARG X 334 -54.49 50.62 69.87
N VAL X 335 -54.46 50.96 71.15
CA VAL X 335 -54.89 50.06 72.20
C VAL X 335 -56.12 50.64 72.83
N LYS X 336 -57.27 50.11 72.47
CA LYS X 336 -58.52 50.66 72.95
C LYS X 336 -59.40 49.61 73.59
N PHE X 337 -60.11 50.03 74.63
CA PHE X 337 -61.00 49.11 75.40
C PHE X 337 -62.44 49.60 75.26
N SER X 338 -63.35 49.00 76.03
CA SER X 338 -64.77 49.45 76.00
C SER X 338 -64.91 50.73 76.81
N GLU X 339 -66.07 51.38 76.74
CA GLU X 339 -66.32 52.62 77.53
C GLU X 339 -66.71 52.19 78.95
N ILE X 340 -66.88 50.89 79.18
CA ILE X 340 -67.20 50.38 80.54
C ILE X 340 -65.90 49.94 81.23
N PHE X 341 -64.74 50.24 80.64
CA PHE X 341 -63.51 49.90 81.33
C PHE X 341 -62.55 51.08 81.30
N PRO X 342 -61.71 51.22 82.31
CA PRO X 342 -60.59 52.11 82.30
C PRO X 342 -59.58 51.46 81.40
N THR X 343 -58.63 52.18 80.87
CA THR X 343 -57.61 51.54 80.05
C THR X 343 -56.62 50.83 80.93
N ALA X 344 -57.05 49.69 81.41
CA ALA X 344 -56.33 48.90 82.38
C ALA X 344 -55.20 48.11 81.78
N ILE X 345 -54.14 48.83 81.45
CA ILE X 345 -52.95 48.25 80.88
C ILE X 345 -51.92 48.19 81.96
N LYS X 346 -51.47 46.98 82.32
CA LYS X 346 -50.52 46.84 83.46
C LYS X 346 -49.16 46.35 82.97
N ALA X 347 -48.08 47.02 83.38
CA ALA X 347 -46.77 46.64 82.92
C ALA X 347 -45.74 46.76 84.01
N ASP X 348 -44.79 45.83 84.02
CA ASP X 348 -43.65 45.84 84.95
C ASP X 348 -42.61 44.85 84.47
N SER X 349 -41.49 44.72 85.19
CA SER X 349 -40.47 43.76 84.78
C SER X 349 -39.86 42.88 85.86
N THR X 350 -39.38 41.72 85.41
CA THR X 350 -38.74 40.70 86.23
C THR X 350 -37.32 40.35 85.79
N THR X 351 -36.75 39.34 86.42
CA THR X 351 -35.38 38.86 86.23
C THR X 351 -35.02 38.25 84.88
N LEU X 352 -33.88 38.72 84.35
CA LEU X 352 -33.35 38.18 83.07
C LEU X 352 -32.26 37.14 83.36
N THR X 353 -32.29 36.02 82.67
CA THR X 353 -31.42 34.89 82.75
C THR X 353 -30.55 34.64 81.54
N ASP X 354 -30.92 35.25 80.40
CA ASP X 354 -30.26 35.07 79.12
C ASP X 354 -29.20 36.14 78.93
N GLU X 355 -27.94 35.73 79.01
CA GLU X 355 -26.81 36.64 78.98
C GLU X 355 -26.63 37.37 77.66
N LYS X 356 -27.32 36.95 76.61
CA LYS X 356 -27.17 37.60 75.32
C LYS X 356 -28.17 38.73 75.10
N LEU X 357 -29.15 38.90 75.98
CA LEU X 357 -30.14 39.94 75.74
C LEU X 357 -30.18 40.99 76.81
N ALA X 358 -30.20 42.24 76.38
CA ALA X 358 -30.31 43.35 77.30
C ALA X 358 -31.64 43.35 78.05
N ARG X 359 -32.70 42.96 77.35
CA ARG X 359 -34.04 42.90 77.90
C ARG X 359 -34.94 42.15 76.95
N SER X 360 -36.11 41.79 77.43
CA SER X 360 -37.09 41.10 76.60
C SER X 360 -38.48 41.21 77.15
N GLY X 361 -39.48 40.74 76.41
CA GLY X 361 -40.81 40.72 77.01
C GLY X 361 -41.89 39.99 76.23
N ILE X 362 -43.02 39.79 76.90
CA ILE X 362 -44.17 39.10 76.36
C ILE X 362 -45.45 39.73 76.87
N THR X 363 -46.50 39.71 76.06
CA THR X 363 -47.74 40.23 76.59
C THR X 363 -48.82 39.18 76.52
N LEU X 364 -49.82 39.35 77.38
CA LEU X 364 -51.01 38.53 77.42
C LEU X 364 -52.20 39.43 77.15
N MET X 365 -52.96 39.12 76.11
CA MET X 365 -54.05 39.99 75.74
C MET X 365 -55.40 39.32 75.69
N ASN X 366 -56.39 39.99 76.22
CA ASN X 366 -57.75 39.49 76.10
C ASN X 366 -58.35 40.48 75.13
N HIS X 367 -58.47 40.04 73.88
CA HIS X 367 -58.83 40.91 72.76
C HIS X 367 -59.84 40.22 71.86
N SER X 368 -60.80 40.99 71.37
CA SER X 368 -61.89 40.50 70.55
C SER X 368 -61.47 39.88 69.23
N GLY X 369 -60.24 40.12 68.79
CA GLY X 369 -59.73 39.58 67.55
C GLY X 369 -59.68 38.07 67.56
N VAL X 370 -59.76 37.44 68.72
CA VAL X 370 -59.77 35.98 68.75
C VAL X 370 -60.98 35.44 68.02
N ALA X 371 -62.06 36.19 68.02
CA ALA X 371 -63.29 35.81 67.39
C ALA X 371 -63.10 35.60 65.91
N ASN X 372 -62.12 36.27 65.31
CA ASN X 372 -61.91 36.15 63.89
C ASN X 372 -61.29 34.81 63.54
N LEU X 373 -60.50 34.24 64.45
CA LEU X 373 -59.90 32.95 64.19
C LEU X 373 -60.95 31.91 64.34
N PHE X 374 -61.80 32.10 65.32
CA PHE X 374 -62.85 31.15 65.55
C PHE X 374 -63.80 31.17 64.36
N GLN X 375 -64.14 32.36 63.84
CA GLN X 375 -65.06 32.39 62.72
C GLN X 375 -64.42 31.78 61.50
N PHE X 376 -63.14 31.99 61.28
CA PHE X 376 -62.49 31.38 60.13
C PHE X 376 -62.65 29.88 60.15
N LEU X 377 -62.32 29.28 61.28
CA LEU X 377 -62.39 27.84 61.41
C LEU X 377 -63.83 27.36 61.37
N LEU X 378 -64.75 28.13 61.93
CA LEU X 378 -66.14 27.72 61.94
C LEU X 378 -66.71 27.73 60.54
N THR X 379 -66.34 28.71 59.71
CA THR X 379 -66.86 28.71 58.35
C THR X 379 -66.39 27.45 57.63
N GLN X 380 -65.12 27.07 57.81
CA GLN X 380 -64.63 25.88 57.12
C GLN X 380 -65.39 24.64 57.61
N PHE X 381 -65.68 24.59 58.91
CA PHE X 381 -66.43 23.50 59.51
C PHE X 381 -67.77 23.37 58.84
N GLU X 382 -68.48 24.49 58.71
CA GLU X 382 -69.80 24.46 58.11
C GLU X 382 -69.79 24.00 56.67
N LEU X 383 -68.81 24.41 55.88
CA LEU X 383 -68.81 23.96 54.49
C LEU X 383 -68.69 22.45 54.41
N MET X 384 -67.85 21.88 55.26
CA MET X 384 -67.69 20.44 55.25
C MET X 384 -68.88 19.72 55.86
N TYR X 385 -69.34 20.20 56.99
CA TYR X 385 -70.38 19.53 57.73
C TYR X 385 -71.66 19.46 56.94
N ASP X 386 -72.04 20.55 56.32
CA ASP X 386 -73.31 20.64 55.61
C ASP X 386 -73.37 19.73 54.40
N HIS X 387 -72.23 19.20 53.95
CA HIS X 387 -72.22 18.31 52.81
C HIS X 387 -71.64 16.95 53.22
N ASP X 388 -71.61 16.66 54.52
CA ASP X 388 -71.12 15.43 55.13
C ASP X 388 -69.70 15.01 54.74
N ALA X 389 -68.78 15.94 54.55
CA ALA X 389 -67.48 15.46 54.16
C ALA X 389 -66.80 14.81 55.33
N PHE X 390 -66.30 13.59 55.16
CA PHE X 390 -65.56 12.89 56.19
C PHE X 390 -66.31 12.69 57.49
N THR X 391 -67.64 12.68 57.50
CA THR X 391 -68.29 12.51 58.79
C THR X 391 -68.46 11.07 59.16
N THR X 392 -68.34 10.18 58.18
CA THR X 392 -68.51 8.78 58.47
C THR X 392 -67.43 8.29 59.41
N TRP X 393 -66.26 8.88 59.33
CA TRP X 393 -65.16 8.44 60.15
C TRP X 393 -65.38 8.75 61.61
N TYR X 394 -66.20 9.74 61.92
CA TYR X 394 -66.45 10.10 63.30
C TYR X 394 -67.67 9.35 63.80
N TYR X 395 -68.63 9.12 62.91
CA TYR X 395 -69.87 8.45 63.30
C TYR X 395 -69.57 7.00 63.62
N GLN X 396 -68.58 6.43 62.94
CA GLN X 396 -68.17 5.05 63.14
C GLN X 396 -67.58 4.81 64.51
N GLU X 397 -67.18 5.88 65.21
CA GLU X 397 -66.60 5.69 66.52
C GLU X 397 -67.44 6.33 67.62
N GLY X 398 -68.74 6.51 67.35
CA GLY X 398 -69.67 7.01 68.37
C GLY X 398 -70.09 8.47 68.32
N MET X 399 -69.64 9.27 67.37
CA MET X 399 -70.11 10.64 67.41
C MET X 399 -71.45 10.86 66.77
N GLN X 400 -72.49 10.62 67.52
CA GLN X 400 -73.85 10.78 67.03
C GLN X 400 -73.88 12.20 66.44
N PRO X 401 -74.51 12.46 65.28
CA PRO X 401 -74.56 13.75 64.60
C PRO X 401 -74.90 14.98 65.42
N SER X 402 -75.75 14.87 66.46
CA SER X 402 -76.11 16.04 67.24
C SER X 402 -74.92 16.60 68.02
N GLU X 403 -73.86 15.81 68.13
CA GLU X 403 -72.65 16.17 68.82
C GLU X 403 -71.95 17.29 68.03
N PHE X 404 -72.02 17.20 66.69
CA PHE X 404 -71.40 18.18 65.82
C PHE X 404 -72.21 19.43 65.83
N GLU X 405 -73.53 19.26 65.83
CA GLU X 405 -74.43 20.39 65.84
C GLU X 405 -74.27 21.20 67.12
N ALA X 406 -74.09 20.52 68.26
CA ALA X 406 -73.91 21.23 69.49
C ALA X 406 -72.64 22.06 69.47
N ALA X 407 -71.55 21.50 68.93
CA ALA X 407 -70.30 22.26 68.89
C ALA X 407 -70.44 23.48 68.00
N LYS X 408 -71.14 23.32 66.88
CA LYS X 408 -71.37 24.40 65.96
C LYS X 408 -72.07 25.56 66.64
N ASN X 409 -73.11 25.25 67.39
CA ASN X 409 -73.83 26.32 68.04
C ASN X 409 -73.06 26.97 69.17
N ASN X 410 -72.33 26.19 69.96
CA ASN X 410 -71.54 26.76 71.08
C ASN X 410 -70.51 27.75 70.53
N ILE X 411 -69.81 27.41 69.45
CA ILE X 411 -68.78 28.29 68.95
C ILE X 411 -69.42 29.52 68.35
N GLN X 412 -70.54 29.38 67.63
CA GLN X 412 -71.10 30.61 67.07
C GLN X 412 -71.48 31.56 68.21
N LYS X 413 -71.98 31.02 69.33
CA LYS X 413 -72.31 31.86 70.48
C LYS X 413 -71.07 32.52 71.06
N LEU X 414 -69.95 31.79 71.12
CA LEU X 414 -68.71 32.33 71.67
C LEU X 414 -68.21 33.49 70.81
N ILE X 415 -68.31 33.34 69.49
CA ILE X 415 -67.87 34.37 68.56
C ILE X 415 -68.73 35.61 68.77
N THR X 416 -70.03 35.38 68.88
CA THR X 416 -70.98 36.46 69.07
C THR X 416 -70.65 37.24 70.32
N GLU X 417 -70.35 36.55 71.41
CA GLU X 417 -70.01 37.20 72.67
C GLU X 417 -68.72 38.00 72.60
N TYR X 418 -67.69 37.49 71.93
CA TYR X 418 -66.43 38.26 71.87
C TYR X 418 -66.58 39.51 71.04
N LYS X 419 -67.47 39.50 70.07
CA LYS X 419 -67.63 40.66 69.23
C LYS X 419 -68.63 41.68 69.77
N GLN X 420 -69.18 41.44 70.96
CA GLN X 420 -70.21 42.37 71.49
C GLN X 420 -69.70 43.80 71.48
N ASP X 421 -68.46 44.04 71.93
CA ASP X 421 -67.94 45.42 72.05
C ASP X 421 -67.60 46.00 70.67
N GLU X 422 -67.41 45.14 69.67
CA GLU X 422 -67.15 45.64 68.29
C GLU X 422 -68.34 46.48 67.83
N TYR X 423 -69.56 45.97 68.02
CA TYR X 423 -70.79 46.72 67.63
C TYR X 423 -70.96 47.91 68.58
N ALA Y 2 10.26 -0.05 87.20
CA ALA Y 2 9.46 -0.88 88.08
C ALA Y 2 8.32 -1.57 87.33
N GLY Y 3 7.47 -0.83 86.60
CA GLY Y 3 6.30 -1.38 85.87
C GLY Y 3 6.71 -2.07 84.58
N GLU Y 4 7.56 -3.07 84.71
CA GLU Y 4 8.12 -3.79 83.57
C GLU Y 4 7.09 -4.74 82.99
N ILE Y 5 7.05 -4.83 81.67
CA ILE Y 5 6.04 -5.65 81.03
C ILE Y 5 6.57 -6.85 80.28
N VAL Y 6 5.97 -8.00 80.53
CA VAL Y 6 6.36 -9.20 79.81
C VAL Y 6 5.25 -9.58 78.84
N CYS Y 7 5.57 -9.62 77.55
CA CYS Y 7 4.55 -9.96 76.58
C CYS Y 7 4.60 -11.43 76.25
N ILE Y 8 3.47 -12.04 76.00
CA ILE Y 8 3.42 -13.42 75.59
C ILE Y 8 2.67 -13.48 74.28
N GLN Y 9 3.27 -14.06 73.27
CA GLN Y 9 2.67 -14.11 71.95
C GLN Y 9 2.33 -15.53 71.60
N VAL Y 10 1.06 -15.86 71.40
CA VAL Y 10 0.79 -17.27 71.15
C VAL Y 10 0.07 -17.50 69.84
N GLY Y 11 0.67 -18.34 69.01
CA GLY Y 11 0.08 -18.72 67.73
C GLY Y 11 0.42 -17.76 66.62
N GLN Y 12 0.01 -18.10 65.39
CA GLN Y 12 0.37 -17.29 64.25
C GLN Y 12 -0.19 -15.88 64.27
N ALA Y 13 -1.45 -15.71 64.65
CA ALA Y 13 -1.99 -14.36 64.66
C ALA Y 13 -1.33 -13.59 65.76
N GLY Y 14 -1.06 -14.26 66.86
CA GLY Y 14 -0.48 -13.63 68.01
C GLY Y 14 0.87 -13.07 67.67
N ASN Y 15 1.65 -13.83 66.92
CA ASN Y 15 2.98 -13.42 66.57
C ASN Y 15 2.97 -12.33 65.52
N GLN Y 16 2.03 -12.37 64.58
CA GLN Y 16 2.03 -11.32 63.57
C GLN Y 16 1.56 -9.98 64.12
N ILE Y 17 0.60 -10.01 65.03
CA ILE Y 17 0.10 -8.78 65.60
C ILE Y 17 1.14 -8.19 66.51
N ALA Y 18 1.70 -9.02 67.37
CA ALA Y 18 2.72 -8.55 68.27
C ALA Y 18 3.93 -8.07 67.51
N GLY Y 19 4.24 -8.71 66.39
CA GLY Y 19 5.36 -8.31 65.58
C GLY Y 19 5.17 -6.87 65.13
N ALA Y 20 3.99 -6.55 64.60
CA ALA Y 20 3.72 -5.19 64.15
C ALA Y 20 3.87 -4.21 65.30
N PHE Y 21 3.42 -4.61 66.49
CA PHE Y 21 3.57 -3.77 67.66
C PHE Y 21 5.01 -3.49 67.96
N TRP Y 22 5.82 -4.53 68.02
CA TRP Y 22 7.20 -4.33 68.40
C TRP Y 22 7.93 -3.43 67.44
N GLN Y 23 7.65 -3.58 66.15
CA GLN Y 23 8.31 -2.74 65.18
C GLN Y 23 7.85 -1.29 65.25
N LYS Y 24 6.60 -1.03 65.71
CA LYS Y 24 6.19 0.36 65.86
C LYS Y 24 6.80 0.96 67.13
N ILE Y 25 6.93 0.17 68.19
CA ILE Y 25 7.53 0.63 69.44
C ILE Y 25 8.96 1.05 69.20
N CYS Y 26 9.65 0.26 68.40
CA CYS Y 26 11.03 0.54 68.06
C CYS Y 26 11.17 1.81 67.20
N ALA Y 27 10.09 2.31 66.63
CA ALA Y 27 10.24 3.49 65.85
C ALA Y 27 10.10 4.69 66.77
N GLU Y 28 9.18 4.61 67.72
CA GLU Y 28 8.94 5.75 68.62
C GLU Y 28 10.14 5.92 69.57
N HIS Y 29 10.74 4.82 70.01
CA HIS Y 29 11.85 4.93 71.02
C HIS Y 29 13.17 5.23 70.31
N GLY Y 30 13.28 4.87 69.04
CA GLY Y 30 14.52 5.11 68.27
C GLY Y 30 15.44 3.91 68.30
N ILE Y 31 14.94 2.74 67.89
CA ILE Y 31 15.76 1.49 67.91
C ILE Y 31 15.68 0.88 66.50
N ASP Y 32 16.71 0.18 66.03
CA ASP Y 32 16.57 -0.43 64.71
C ASP Y 32 15.61 -1.64 64.76
N PRO Y 33 14.44 -1.61 64.08
CA PRO Y 33 13.41 -2.64 64.11
C PRO Y 33 13.89 -4.01 63.63
N VAL Y 34 15.02 -4.07 62.93
CA VAL Y 34 15.49 -5.38 62.48
C VAL Y 34 16.77 -5.85 63.13
N ASN Y 35 17.31 -5.07 64.05
CA ASN Y 35 18.55 -5.43 64.75
C ASN Y 35 18.47 -5.31 66.25
N GLY Y 36 17.71 -4.33 66.74
CA GLY Y 36 17.61 -4.02 68.15
C GLY Y 36 18.69 -3.03 68.56
N LYS Y 37 19.58 -2.73 67.60
CA LYS Y 37 20.74 -1.88 67.96
C LYS Y 37 20.37 -0.41 67.91
N ALA Y 38 20.78 0.36 68.93
CA ALA Y 38 20.53 1.77 68.97
C ALA Y 38 21.63 2.51 69.66
N ILE Y 39 21.81 3.76 69.30
CA ILE Y 39 22.78 4.57 70.01
C ILE Y 39 22.07 5.55 70.90
N ASP Y 40 21.14 6.31 70.31
CA ASP Y 40 20.40 7.33 71.02
C ASP Y 40 18.92 7.01 71.02
N VAL Y 41 18.39 6.75 72.20
CA VAL Y 41 16.99 6.39 72.33
C VAL Y 41 16.32 7.36 73.26
N VAL Y 42 15.01 7.40 73.20
CA VAL Y 42 14.24 8.27 74.05
C VAL Y 42 13.19 7.47 74.77
N GLY Y 43 12.64 8.02 75.84
CA GLY Y 43 11.56 7.39 76.56
C GLY Y 43 12.13 6.40 77.56
N ASP Y 44 11.25 5.74 78.29
CA ASP Y 44 11.66 4.77 79.28
C ASP Y 44 11.68 3.39 78.63
N THR Y 45 12.80 3.05 78.02
CA THR Y 45 12.91 1.83 77.22
C THR Y 45 12.96 0.60 78.06
N ASP Y 46 13.20 0.77 79.35
CA ASP Y 46 13.31 -0.34 80.26
C ASP Y 46 11.98 -1.02 80.50
N ILE Y 47 10.87 -0.37 80.18
CA ILE Y 47 9.60 -1.02 80.43
C ILE Y 47 9.42 -2.24 79.53
N PHE Y 48 9.76 -2.11 78.26
CA PHE Y 48 9.61 -3.22 77.33
C PHE Y 48 10.90 -3.88 76.85
N PHE Y 49 12.07 -3.25 77.01
CA PHE Y 49 13.28 -3.87 76.47
C PHE Y 49 14.34 -4.14 77.52
N ASN Y 50 15.03 -5.26 77.36
CA ASN Y 50 16.16 -5.62 78.19
C ASN Y 50 17.41 -5.12 77.49
N THR Y 51 18.06 -4.09 78.02
CA THR Y 51 19.17 -3.57 77.25
C THR Y 51 20.48 -4.18 77.68
N ILE Y 52 21.18 -4.77 76.72
CA ILE Y 52 22.49 -5.35 76.93
C ILE Y 52 23.46 -4.71 75.95
N GLY Y 53 24.45 -4.01 76.44
CA GLY Y 53 25.34 -3.29 75.53
C GLY Y 53 24.49 -2.26 74.80
N ASP Y 54 24.55 -2.23 73.48
CA ASP Y 54 23.78 -1.29 72.71
C ASP Y 54 22.57 -1.95 72.02
N LYS Y 55 22.24 -3.18 72.46
CA LYS Y 55 21.11 -3.89 71.90
C LYS Y 55 19.92 -3.90 72.83
N TYR Y 56 18.77 -3.52 72.31
CA TYR Y 56 17.55 -3.47 73.05
C TYR Y 56 16.74 -4.71 72.71
N ILE Y 57 16.59 -5.60 73.68
CA ILE Y 57 15.94 -6.85 73.44
C ILE Y 57 14.51 -6.85 73.96
N PRO Y 58 13.49 -6.96 73.13
CA PRO Y 58 12.14 -6.85 73.56
C PRO Y 58 11.88 -7.99 74.48
N ARG Y 59 11.18 -7.71 75.59
CA ARG Y 59 10.80 -8.76 76.56
C ARG Y 59 9.51 -9.43 76.10
N ALA Y 60 9.62 -10.59 75.47
CA ALA Y 60 8.51 -11.32 74.97
C ALA Y 60 8.80 -12.78 75.00
N VAL Y 61 7.77 -13.56 75.16
CA VAL Y 61 7.86 -15.00 75.11
C VAL Y 61 7.13 -15.38 73.85
N VAL Y 62 7.81 -16.04 72.94
CA VAL Y 62 7.16 -16.35 71.67
C VAL Y 62 6.80 -17.81 71.64
N VAL Y 63 5.52 -18.10 71.52
CA VAL Y 63 5.05 -19.45 71.64
C VAL Y 63 4.29 -20.01 70.48
N ASP Y 64 4.67 -21.21 70.07
CA ASP Y 64 3.89 -21.88 69.05
C ASP Y 64 3.91 -23.39 69.27
N LEU Y 65 3.21 -24.13 68.43
CA LEU Y 65 3.22 -25.58 68.47
C LEU Y 65 3.82 -26.02 67.16
N GLU Y 66 3.98 -25.02 66.29
CA GLU Y 66 4.54 -25.17 64.95
C GLU Y 66 6.01 -25.64 65.01
N PRO Y 67 6.42 -26.65 64.23
CA PRO Y 67 7.77 -27.20 64.13
C PRO Y 67 8.92 -26.24 63.79
N ALA Y 68 8.69 -25.11 63.12
CA ALA Y 68 9.83 -24.25 62.77
C ALA Y 68 9.56 -22.79 63.03
N VAL Y 69 9.11 -22.48 64.22
CA VAL Y 69 8.79 -21.12 64.58
C VAL Y 69 10.00 -20.19 64.58
N VAL Y 70 11.21 -20.66 64.89
CA VAL Y 70 12.32 -19.71 64.94
C VAL Y 70 12.69 -19.19 63.57
N GLU Y 71 12.81 -20.07 62.60
CA GLU Y 71 13.17 -19.68 61.25
C GLU Y 71 12.14 -18.75 60.66
N ASN Y 72 10.87 -18.99 61.01
CA ASN Y 72 9.75 -18.20 60.52
C ASN Y 72 9.79 -16.77 61.05
N ILE Y 73 10.53 -16.55 62.12
CA ILE Y 73 10.64 -15.24 62.72
C ILE Y 73 11.83 -14.55 62.14
N ARG Y 74 12.96 -15.24 62.05
CA ARG Y 74 14.18 -14.63 61.46
C ARG Y 74 13.84 -14.05 60.08
N GLU Y 75 13.05 -14.76 59.28
CA GLU Y 75 12.73 -14.31 57.95
C GLU Y 75 11.95 -12.99 57.91
N LYS Y 76 11.20 -12.65 58.96
CA LYS Y 76 10.42 -11.42 58.89
C LYS Y 76 10.90 -10.33 59.86
N PHE Y 77 11.42 -10.72 61.02
CA PHE Y 77 11.81 -9.78 62.04
C PHE Y 77 13.32 -9.67 62.29
N GLY Y 78 14.12 -10.26 61.42
CA GLY Y 78 15.56 -10.14 61.56
C GLY Y 78 16.05 -10.73 62.85
N THR Y 79 16.79 -9.95 63.60
CA THR Y 79 17.35 -10.41 64.85
C THR Y 79 16.80 -9.63 66.02
N LEU Y 80 15.63 -9.01 65.83
CA LEU Y 80 15.04 -8.23 66.90
C LEU Y 80 14.70 -9.09 68.12
N PHE Y 81 14.25 -10.33 67.90
CA PHE Y 81 13.86 -11.18 69.02
C PHE Y 81 14.99 -12.12 69.36
N ASP Y 82 15.19 -12.34 70.66
CA ASP Y 82 16.22 -13.26 71.16
C ASP Y 82 15.74 -14.71 71.03
N PRO Y 83 16.38 -15.59 70.24
CA PRO Y 83 16.00 -16.97 69.98
C PRO Y 83 15.81 -17.80 71.23
N LYS Y 84 16.41 -17.42 72.33
CA LYS Y 84 16.27 -18.20 73.56
C LYS Y 84 14.87 -18.10 74.13
N SER Y 85 14.12 -17.08 73.70
CA SER Y 85 12.77 -16.83 74.14
C SER Y 85 11.74 -17.42 73.21
N ILE Y 86 12.18 -18.12 72.17
CA ILE Y 86 11.22 -18.65 71.22
C ILE Y 86 11.02 -20.14 71.44
N VAL Y 87 9.78 -20.53 71.72
CA VAL Y 87 9.47 -21.91 72.01
C VAL Y 87 8.79 -22.58 70.84
N SER Y 88 9.49 -23.51 70.22
CA SER Y 88 9.01 -24.25 69.08
C SER Y 88 8.24 -25.46 69.51
N GLY Y 89 7.41 -25.98 68.61
CA GLY Y 89 6.59 -27.16 68.92
C GLY Y 89 6.99 -28.34 68.06
N ALA Y 90 6.16 -29.38 68.01
CA ALA Y 90 6.55 -30.61 67.27
C ALA Y 90 5.58 -30.87 66.12
N ASP Y 91 4.27 -30.88 66.40
CA ASP Y 91 3.25 -31.16 65.36
C ASP Y 91 2.44 -29.90 65.09
N GLY Y 92 1.50 -29.58 65.99
CA GLY Y 92 0.64 -28.39 65.82
C GLY Y 92 -0.78 -28.69 66.21
N ALA Y 93 -1.59 -27.66 66.47
CA ALA Y 93 -3.01 -27.88 66.79
C ALA Y 93 -3.87 -27.49 65.59
N GLY Y 94 -4.54 -28.45 64.98
CA GLY Y 94 -5.33 -28.19 63.77
C GLY Y 94 -6.64 -27.47 64.03
N ASN Y 95 -6.55 -26.21 64.47
CA ASN Y 95 -7.75 -25.43 64.79
C ASN Y 95 -8.62 -26.17 65.75
N ASN Y 96 -7.99 -26.77 66.72
CA ASN Y 96 -8.71 -27.53 67.69
C ASN Y 96 -8.25 -27.16 69.07
N PHE Y 97 -9.14 -26.50 69.79
CA PHE Y 97 -8.87 -26.02 71.13
C PHE Y 97 -8.35 -27.17 71.97
N ALA Y 98 -8.93 -28.35 71.82
CA ALA Y 98 -8.58 -29.50 72.65
C ALA Y 98 -7.14 -29.94 72.48
N ILE Y 99 -6.51 -29.62 71.36
CA ILE Y 99 -5.14 -30.03 71.16
C ILE Y 99 -4.27 -28.98 71.77
N GLY Y 100 -4.61 -27.72 71.55
CA GLY Y 100 -3.79 -26.70 72.16
C GLY Y 100 -3.90 -26.77 73.69
N PHE Y 101 -5.08 -27.13 74.19
CA PHE Y 101 -5.34 -27.16 75.62
C PHE Y 101 -4.99 -28.48 76.31
N ASN Y 102 -5.37 -29.63 75.75
CA ASN Y 102 -5.07 -30.88 76.43
C ASN Y 102 -3.81 -31.51 75.86
N GLU Y 103 -3.88 -31.89 74.59
CA GLU Y 103 -2.80 -32.68 73.99
C GLU Y 103 -1.68 -31.85 73.39
N HIS Y 104 -1.00 -31.06 74.22
CA HIS Y 104 0.09 -30.20 73.74
C HIS Y 104 1.49 -30.68 74.07
N GLY Y 105 1.61 -31.55 75.07
CA GLY Y 105 2.91 -32.03 75.51
C GLY Y 105 3.31 -31.28 76.78
N ALA Y 106 3.63 -32.02 77.84
CA ALA Y 106 4.01 -31.39 79.09
C ALA Y 106 5.27 -30.59 78.94
N GLU Y 107 6.19 -31.09 78.13
CA GLU Y 107 7.48 -30.46 77.92
C GLU Y 107 7.34 -29.12 77.24
N THR Y 108 6.39 -29.00 76.33
CA THR Y 108 6.20 -27.76 75.59
C THR Y 108 5.80 -26.70 76.58
N LEU Y 109 4.87 -27.04 77.46
CA LEU Y 109 4.42 -26.06 78.43
C LEU Y 109 5.50 -25.74 79.45
N GLU Y 110 6.26 -26.74 79.90
CA GLU Y 110 7.29 -26.45 80.86
C GLU Y 110 8.32 -25.51 80.28
N LYS Y 111 8.69 -25.67 79.00
CA LYS Y 111 9.64 -24.73 78.43
C LYS Y 111 9.07 -23.34 78.39
N VAL Y 112 7.77 -23.20 78.08
CA VAL Y 112 7.21 -21.85 78.04
C VAL Y 112 7.31 -21.25 79.40
N MET Y 113 6.97 -22.02 80.44
CA MET Y 113 7.06 -21.47 81.78
C MET Y 113 8.47 -21.12 82.20
N GLN Y 114 9.48 -21.88 81.77
CA GLN Y 114 10.84 -21.53 82.12
C GLN Y 114 11.22 -20.22 81.48
N VAL Y 115 10.78 -20.00 80.24
CA VAL Y 115 11.09 -18.76 79.57
C VAL Y 115 10.40 -17.61 80.29
N VAL Y 116 9.14 -17.80 80.69
CA VAL Y 116 8.46 -16.73 81.41
C VAL Y 116 9.18 -16.43 82.70
N GLU Y 117 9.58 -17.45 83.45
CA GLU Y 117 10.28 -17.20 84.69
C GLU Y 117 11.55 -16.42 84.44
N GLN Y 118 12.30 -16.72 83.38
CA GLN Y 118 13.50 -15.95 83.14
C GLN Y 118 13.17 -14.50 82.84
N ARG Y 119 12.11 -14.26 82.08
CA ARG Y 119 11.78 -12.89 81.75
C ARG Y 119 11.32 -12.09 82.97
N VAL Y 120 10.63 -12.77 83.90
CA VAL Y 120 10.17 -12.08 85.15
C VAL Y 120 11.34 -12.00 86.13
N SER Y 121 12.41 -12.76 85.88
CA SER Y 121 13.58 -12.77 86.80
C SER Y 121 14.54 -11.63 86.47
N GLU Y 122 14.33 -10.96 85.33
CA GLU Y 122 15.22 -9.85 84.91
C GLU Y 122 14.48 -8.53 85.17
N THR Y 123 13.55 -8.53 86.12
CA THR Y 123 12.73 -7.32 86.40
C THR Y 123 12.80 -6.95 87.89
N GLU Y 124 12.88 -5.66 88.22
CA GLU Y 124 12.86 -5.20 89.60
C GLU Y 124 11.45 -5.40 90.13
N SER Y 125 10.45 -5.36 89.23
CA SER Y 125 9.05 -5.58 89.56
C SER Y 125 8.26 -6.03 88.33
N ILE Y 126 7.16 -6.77 88.51
CA ILE Y 126 6.38 -7.15 87.33
C ILE Y 126 5.18 -6.22 87.24
N GLY Y 127 5.12 -5.40 86.18
CA GLY Y 127 4.05 -4.44 85.99
C GLY Y 127 2.79 -5.09 85.44
N GLY Y 128 2.96 -6.23 84.79
CA GLY Y 128 1.85 -6.93 84.20
C GLY Y 128 2.29 -7.75 83.02
N PHE Y 129 1.37 -8.58 82.54
CA PHE Y 129 1.63 -9.40 81.39
C PHE Y 129 0.67 -9.01 80.29
N ILE Y 130 1.12 -9.09 79.05
CA ILE Y 130 0.22 -8.86 77.92
C ILE Y 130 0.22 -10.06 77.01
N LEU Y 131 -0.95 -10.65 76.78
CA LEU Y 131 -1.08 -11.81 75.91
C LEU Y 131 -1.73 -11.44 74.59
N THR Y 132 -1.07 -11.76 73.48
CA THR Y 132 -1.66 -11.45 72.18
C THR Y 132 -2.01 -12.77 71.48
N HIS Y 133 -3.27 -12.90 71.03
CA HIS Y 133 -3.69 -14.20 70.43
C HIS Y 133 -4.99 -14.10 69.61
N SER Y 134 -5.45 -15.24 69.06
CA SER Y 134 -6.68 -15.31 68.26
C SER Y 134 -7.55 -16.49 68.68
N CYS Y 135 -8.79 -16.19 69.04
CA CYS Y 135 -9.70 -17.14 69.64
C CYS Y 135 -10.16 -18.29 68.77
N GLY Y 136 -10.09 -18.19 67.45
CA GLY Y 136 -10.57 -19.29 66.60
C GLY Y 136 -9.48 -20.27 66.17
N GLY Y 137 -8.25 -20.07 66.64
CA GLY Y 137 -7.13 -20.90 66.22
C GLY Y 137 -7.00 -22.16 67.05
N GLY Y 138 -5.92 -22.92 66.84
CA GLY Y 138 -5.71 -24.12 67.63
C GLY Y 138 -4.64 -23.95 68.70
N THR Y 139 -3.82 -22.88 68.64
CA THR Y 139 -2.78 -22.72 69.62
C THR Y 139 -3.00 -21.45 70.39
N GLY Y 140 -3.46 -20.40 69.71
CA GLY Y 140 -3.70 -19.10 70.32
C GLY Y 140 -4.96 -19.14 71.17
N SER Y 141 -5.70 -20.24 70.98
CA SER Y 141 -6.94 -20.45 71.76
C SER Y 141 -6.64 -21.43 72.90
N GLY Y 142 -6.48 -22.72 72.58
CA GLY Y 142 -6.21 -23.69 73.64
C GLY Y 142 -4.89 -23.56 74.36
N PHE Y 143 -3.79 -23.23 73.68
CA PHE Y 143 -2.54 -23.22 74.40
C PHE Y 143 -2.46 -21.89 75.10
N GLY Y 144 -2.89 -20.83 74.41
CA GLY Y 144 -2.89 -19.52 75.01
C GLY Y 144 -3.75 -19.52 76.27
N SER Y 145 -4.85 -20.29 76.27
CA SER Y 145 -5.72 -20.39 77.42
C SER Y 145 -5.04 -21.14 78.56
N LYS Y 146 -4.31 -22.22 78.25
CA LYS Y 146 -3.63 -22.90 79.34
C LYS Y 146 -2.55 -22.01 79.91
N ILE Y 147 -1.91 -21.22 79.07
CA ILE Y 147 -0.91 -20.31 79.56
C ILE Y 147 -1.59 -19.31 80.48
N LEU Y 148 -2.74 -18.74 80.14
CA LEU Y 148 -3.33 -17.80 81.11
C LEU Y 148 -3.60 -18.47 82.43
N LYS Y 149 -4.08 -19.69 82.38
CA LYS Y 149 -4.37 -20.40 83.60
C LYS Y 149 -3.10 -20.57 84.40
N THR Y 150 -2.04 -21.00 83.74
CA THR Y 150 -0.79 -21.29 84.39
C THR Y 150 -0.13 -20.03 84.95
N ILE Y 151 -0.16 -18.94 84.18
CA ILE Y 151 0.45 -17.70 84.61
C ILE Y 151 -0.27 -17.16 85.81
N ARG Y 152 -1.61 -17.21 85.79
CA ARG Y 152 -2.40 -16.63 86.91
C ARG Y 152 -2.21 -17.47 88.17
N GLU Y 153 -1.98 -18.76 88.04
CA GLU Y 153 -1.74 -19.59 89.21
C GLU Y 153 -0.37 -19.30 89.81
N ARG Y 154 0.64 -19.06 88.97
CA ARG Y 154 1.98 -18.75 89.48
C ARG Y 154 2.12 -17.30 89.96
N TYR Y 155 1.43 -16.40 89.29
CA TYR Y 155 1.55 -14.95 89.63
C TYR Y 155 0.17 -14.38 89.84
N PRO Y 156 -0.56 -14.74 90.93
CA PRO Y 156 -1.84 -14.12 91.21
C PRO Y 156 -1.59 -12.67 91.61
N LYS Y 157 -2.58 -11.79 91.47
CA LYS Y 157 -2.44 -10.35 91.86
C LYS Y 157 -1.57 -9.60 90.85
N VAL Y 158 -1.40 -10.13 89.64
CA VAL Y 158 -0.63 -9.40 88.59
C VAL Y 158 -1.58 -9.15 87.41
N PRO Y 159 -1.77 -7.89 86.94
CA PRO Y 159 -2.74 -7.61 85.89
C PRO Y 159 -2.43 -8.27 84.53
N ILE Y 160 -3.29 -9.18 84.06
CA ILE Y 160 -3.08 -9.73 82.74
C ILE Y 160 -4.03 -9.11 81.75
N PHE Y 161 -3.47 -8.55 80.70
CA PHE Y 161 -4.26 -7.98 79.62
C PHE Y 161 -4.18 -8.85 78.44
N THR Y 162 -5.32 -9.16 77.87
CA THR Y 162 -5.31 -9.98 76.69
C THR Y 162 -5.89 -9.21 75.55
N PHE Y 163 -5.25 -9.31 74.41
CA PHE Y 163 -5.73 -8.70 73.19
C PHE Y 163 -6.10 -9.81 72.26
N SER Y 164 -7.36 -9.91 71.90
CA SER Y 164 -7.67 -11.05 71.09
C SER Y 164 -8.67 -10.84 70.01
N ILE Y 165 -8.45 -11.64 68.97
CA ILE Y 165 -9.31 -11.63 67.82
C ILE Y 165 -10.45 -12.61 67.97
N PHE Y 166 -11.65 -12.10 67.85
CA PHE Y 166 -12.87 -12.86 67.94
C PHE Y 166 -13.41 -13.13 66.56
N PRO Y 167 -14.36 -14.06 66.46
CA PRO Y 167 -14.94 -14.27 65.14
C PRO Y 167 -15.54 -13.01 64.58
N SER Y 168 -15.58 -12.89 63.27
CA SER Y 168 -16.18 -11.74 62.63
C SER Y 168 -17.66 -11.92 62.67
N PRO Y 169 -18.41 -10.82 62.68
CA PRO Y 169 -19.87 -10.90 62.81
C PRO Y 169 -20.60 -11.56 61.65
N LYS Y 170 -20.16 -11.37 60.42
CA LYS Y 170 -20.90 -11.90 59.28
C LYS Y 170 -20.39 -13.26 58.82
N ILE Y 171 -19.26 -13.27 58.11
CA ILE Y 171 -18.69 -14.52 57.63
C ILE Y 171 -17.79 -15.17 58.67
N SER Y 172 -17.72 -16.50 58.66
CA SER Y 172 -16.87 -17.20 59.61
C SER Y 172 -15.74 -17.93 58.88
N GLU Y 173 -14.71 -18.34 59.61
CA GLU Y 173 -13.59 -19.03 58.99
C GLU Y 173 -13.83 -20.53 58.89
N THR Y 174 -13.73 -21.24 60.00
CA THR Y 174 -13.97 -22.68 60.01
C THR Y 174 -15.29 -22.99 60.69
N VAL Y 175 -15.82 -24.20 60.47
CA VAL Y 175 -17.07 -24.58 61.19
C VAL Y 175 -16.78 -24.74 62.68
N VAL Y 176 -15.56 -25.16 63.05
CA VAL Y 176 -15.23 -25.39 64.44
C VAL Y 176 -15.03 -24.10 65.22
N GLU Y 177 -14.99 -22.97 64.53
CA GLU Y 177 -14.64 -21.73 65.15
C GLU Y 177 -15.44 -21.41 66.41
N PRO Y 178 -16.78 -21.55 66.49
CA PRO Y 178 -17.56 -21.29 67.69
C PRO Y 178 -17.20 -22.19 68.87
N TYR Y 179 -16.58 -23.35 68.66
CA TYR Y 179 -16.26 -24.16 69.82
C TYR Y 179 -14.98 -23.63 70.38
N ASN Y 180 -14.09 -23.23 69.48
CA ASN Y 180 -12.82 -22.74 69.91
C ASN Y 180 -13.04 -21.39 70.59
N ALA Y 181 -13.96 -20.58 70.03
CA ALA Y 181 -14.22 -19.27 70.58
C ALA Y 181 -14.86 -19.31 71.95
N ILE Y 182 -15.79 -20.23 72.21
CA ILE Y 182 -16.38 -20.29 73.54
C ILE Y 182 -15.44 -20.79 74.56
N MET Y 183 -14.69 -21.83 74.28
CA MET Y 183 -13.81 -22.28 75.32
C MET Y 183 -12.73 -21.25 75.61
N THR Y 184 -12.29 -20.51 74.58
CA THR Y 184 -11.30 -19.48 74.80
C THR Y 184 -11.90 -18.40 75.67
N LEU Y 185 -13.15 -18.01 75.38
CA LEU Y 185 -13.81 -16.98 76.14
C LEU Y 185 -14.03 -17.42 77.57
N SER Y 186 -14.38 -18.68 77.80
CA SER Y 186 -14.57 -19.14 79.15
C SER Y 186 -13.29 -18.94 79.96
N ASN Y 187 -12.14 -19.27 79.38
CA ASN Y 187 -10.90 -19.08 80.09
C ASN Y 187 -10.53 -17.59 80.22
N LEU Y 188 -10.90 -16.75 79.26
CA LEU Y 188 -10.64 -15.33 79.42
C LEU Y 188 -11.47 -14.79 80.57
N ILE Y 189 -12.70 -15.29 80.72
CA ILE Y 189 -13.57 -14.84 81.78
C ILE Y 189 -12.97 -15.19 83.13
N LYS Y 190 -12.46 -16.41 83.26
CA LYS Y 190 -11.84 -16.84 84.51
C LYS Y 190 -10.47 -16.26 84.83
N TYR Y 191 -9.60 -16.05 83.82
CA TYR Y 191 -8.23 -15.65 84.13
C TYR Y 191 -7.71 -14.25 83.75
N ALA Y 192 -8.28 -13.54 82.78
CA ALA Y 192 -7.70 -12.25 82.39
C ALA Y 192 -8.13 -11.17 83.37
N SER Y 193 -7.35 -10.09 83.51
CA SER Y 193 -7.84 -8.98 84.33
C SER Y 193 -8.69 -8.09 83.47
N CYS Y 194 -8.25 -7.93 82.23
CA CYS Y 194 -8.92 -7.17 81.18
C CYS Y 194 -8.75 -7.86 79.86
N SER Y 195 -9.76 -7.79 79.04
CA SER Y 195 -9.64 -8.36 77.71
C SER Y 195 -10.11 -7.36 76.69
N ILE Y 196 -9.35 -7.18 75.64
CA ILE Y 196 -9.74 -6.25 74.59
C ILE Y 196 -10.30 -7.06 73.45
N VAL Y 197 -11.53 -6.78 73.10
CA VAL Y 197 -12.19 -7.52 72.06
C VAL Y 197 -12.04 -6.82 70.73
N LEU Y 198 -11.40 -7.50 69.79
CA LEU Y 198 -11.14 -7.02 68.47
C LEU Y 198 -11.67 -8.01 67.44
N ASP Y 199 -12.02 -7.55 66.25
CA ASP Y 199 -12.29 -8.53 65.20
C ASP Y 199 -11.95 -7.99 63.82
N ASN Y 200 -11.88 -8.88 62.84
CA ASN Y 200 -11.46 -8.45 61.53
C ASN Y 200 -12.49 -7.73 60.72
N GLU Y 201 -13.77 -7.96 60.97
CA GLU Y 201 -14.73 -7.28 60.13
C GLU Y 201 -14.68 -5.80 60.45
N ALA Y 202 -14.59 -5.47 61.73
CA ALA Y 202 -14.53 -4.07 62.06
C ALA Y 202 -13.25 -3.45 61.55
N LEU Y 203 -12.16 -4.19 61.66
CA LEU Y 203 -10.90 -3.64 61.25
C LEU Y 203 -10.84 -3.45 59.75
N PHE Y 204 -11.44 -4.35 58.96
CA PHE Y 204 -11.41 -4.15 57.52
C PHE Y 204 -12.17 -2.91 57.12
N SER Y 205 -13.32 -2.66 57.74
CA SER Y 205 -14.06 -1.45 57.37
C SER Y 205 -13.21 -0.22 57.65
N ILE Y 206 -12.48 -0.25 58.76
CA ILE Y 206 -11.63 0.86 59.09
C ILE Y 206 -10.50 0.97 58.07
N ALA Y 207 -9.86 -0.14 57.74
CA ALA Y 207 -8.76 -0.08 56.80
C ALA Y 207 -9.20 0.45 55.44
N GLU Y 208 -10.40 0.09 55.00
CA GLU Y 208 -10.87 0.56 53.70
C GLU Y 208 -11.38 2.00 53.71
N LYS Y 209 -11.90 2.49 54.84
CA LYS Y 209 -12.47 3.82 54.87
C LYS Y 209 -11.63 4.90 55.55
N LYS Y 210 -10.79 4.55 56.52
CA LYS Y 210 -10.03 5.56 57.25
C LYS Y 210 -8.58 5.59 56.78
N LEU Y 211 -8.05 4.46 56.35
CA LEU Y 211 -6.69 4.44 55.82
C LEU Y 211 -6.79 4.67 54.31
N GLU Y 212 -5.73 5.19 53.69
CA GLU Y 212 -5.76 5.40 52.25
C GLU Y 212 -5.51 4.13 51.43
N VAL Y 213 -5.12 3.05 52.07
CA VAL Y 213 -4.78 1.82 51.37
C VAL Y 213 -5.94 1.20 50.61
N GLU Y 214 -5.67 0.86 49.37
CA GLU Y 214 -6.62 0.21 48.50
C GLU Y 214 -6.43 -1.28 48.59
N ASN Y 215 -7.51 -2.02 48.75
CA ASN Y 215 -7.43 -3.47 48.84
C ASN Y 215 -6.44 -3.95 49.90
N PRO Y 216 -6.63 -3.59 51.18
CA PRO Y 216 -5.76 -3.93 52.29
C PRO Y 216 -5.76 -5.41 52.56
N SER Y 217 -4.63 -5.91 53.04
CA SER Y 217 -4.50 -7.30 53.44
C SER Y 217 -4.33 -7.33 54.94
N LEU Y 218 -4.08 -8.52 55.50
CA LEU Y 218 -3.90 -8.63 56.94
C LEU Y 218 -2.67 -7.84 57.39
N GLU Y 219 -1.73 -7.63 56.48
CA GLU Y 219 -0.52 -6.92 56.82
C GLU Y 219 -0.83 -5.47 57.16
N ASP Y 220 -1.85 -4.91 56.53
CA ASP Y 220 -2.23 -3.54 56.74
C ASP Y 220 -3.16 -3.49 57.93
N LEU Y 221 -3.96 -4.54 58.06
CA LEU Y 221 -4.97 -4.62 59.10
C LEU Y 221 -4.28 -4.65 60.48
N ASN Y 222 -3.09 -5.25 60.52
CA ASN Y 222 -2.33 -5.37 61.74
C ASN Y 222 -1.73 -4.08 62.18
N LEU Y 223 -1.79 -3.05 61.35
CA LEU Y 223 -1.22 -1.78 61.75
C LEU Y 223 -2.28 -0.99 62.49
N ILE Y 224 -3.52 -1.44 62.44
CA ILE Y 224 -4.56 -0.76 63.15
C ILE Y 224 -4.50 -1.35 64.53
N ILE Y 225 -4.34 -2.67 64.59
CA ILE Y 225 -4.25 -3.30 65.90
C ILE Y 225 -3.01 -2.82 66.59
N ALA Y 226 -1.88 -2.79 65.87
CA ALA Y 226 -0.67 -2.31 66.49
C ALA Y 226 -0.85 -0.89 66.94
N GLN Y 227 -1.54 -0.03 66.19
CA GLN Y 227 -1.70 1.33 66.67
C GLN Y 227 -2.46 1.37 67.99
N VAL Y 228 -3.44 0.48 68.16
CA VAL Y 228 -4.16 0.45 69.44
C VAL Y 228 -3.17 0.07 70.54
N LEU Y 229 -2.36 -0.94 70.29
CA LEU Y 229 -1.37 -1.40 71.25
C LEU Y 229 -0.28 -0.37 71.54
N THR Y 230 0.17 0.39 70.56
CA THR Y 230 1.21 1.31 70.94
C THR Y 230 0.61 2.47 71.71
N ASN Y 231 -0.59 2.93 71.34
CA ASN Y 231 -1.11 4.08 72.06
C ASN Y 231 -1.51 3.76 73.48
N VAL Y 232 -1.99 2.55 73.74
CA VAL Y 232 -2.43 2.19 75.08
C VAL Y 232 -1.25 2.07 76.04
N THR Y 233 -0.04 2.10 75.53
CA THR Y 233 1.15 1.90 76.40
C THR Y 233 2.00 3.18 76.38
N ALA Y 234 1.47 4.27 75.85
CA ALA Y 234 2.27 5.51 75.72
C ALA Y 234 2.69 6.05 77.08
N SER Y 235 1.73 6.22 77.98
CA SER Y 235 2.01 6.79 79.32
C SER Y 235 3.07 5.92 80.02
N LEU Y 236 2.95 4.61 79.91
CA LEU Y 236 3.97 3.71 80.50
C LEU Y 236 5.31 4.05 79.87
N ARG Y 237 5.40 4.02 78.54
CA ARG Y 237 6.70 4.22 77.83
C ARG Y 237 7.25 5.64 78.01
N PHE Y 238 6.43 6.70 77.94
CA PHE Y 238 6.96 8.03 78.04
C PHE Y 238 6.85 8.66 79.41
N SER Y 239 6.61 7.83 80.43
CA SER Y 239 6.52 8.30 81.80
C SER Y 239 5.54 9.44 82.00
N GLY Y 240 6.01 10.47 82.70
CA GLY Y 240 5.22 11.65 83.02
C GLY Y 240 5.02 11.67 84.51
N THR Y 241 4.79 12.85 85.09
CA THR Y 241 4.62 12.90 86.53
C THR Y 241 3.38 12.12 86.91
N LEU Y 242 2.32 12.29 86.13
CA LEU Y 242 1.07 11.58 86.37
C LEU Y 242 1.03 10.59 85.21
N ASN Y 243 0.65 9.35 85.46
CA ASN Y 243 0.63 8.38 84.36
C ASN Y 243 -0.30 7.17 84.56
N LEU Y 244 -0.36 6.31 83.55
CA LEU Y 244 -1.18 5.09 83.60
C LEU Y 244 -0.44 3.81 83.40
N ASP Y 245 -0.54 2.94 84.39
CA ASP Y 245 0.04 1.63 84.33
C ASP Y 245 -1.08 0.64 84.07
N LEU Y 246 -0.77 -0.63 83.95
CA LEU Y 246 -1.82 -1.60 83.69
C LEU Y 246 -2.73 -1.76 84.89
N GLY Y 247 -2.18 -1.58 86.08
CA GLY Y 247 -2.97 -1.68 87.29
C GLY Y 247 -3.91 -0.48 87.48
N LYS Y 248 -3.68 0.61 86.75
CA LYS Y 248 -4.55 1.76 86.90
C LYS Y 248 -5.75 1.45 86.04
N LEU Y 249 -5.50 0.84 84.88
CA LEU Y 249 -6.60 0.51 84.00
C LEU Y 249 -7.50 -0.55 84.58
N VAL Y 250 -6.95 -1.54 85.26
CA VAL Y 250 -7.83 -2.57 85.79
C VAL Y 250 -8.66 -1.97 86.90
N THR Y 251 -8.04 -1.22 87.81
CA THR Y 251 -8.80 -0.66 88.91
C THR Y 251 -9.91 0.23 88.41
N ASN Y 252 -9.64 1.10 87.44
CA ASN Y 252 -10.64 2.02 87.00
C ASN Y 252 -11.69 1.49 86.04
N LEU Y 253 -11.36 0.55 85.19
CA LEU Y 253 -12.35 0.08 84.24
C LEU Y 253 -13.11 -1.16 84.63
N VAL Y 254 -12.70 -1.91 85.64
CA VAL Y 254 -13.46 -3.13 85.92
C VAL Y 254 -14.21 -3.06 87.26
N PRO Y 255 -15.52 -2.70 87.30
CA PRO Y 255 -16.30 -2.58 88.52
C PRO Y 255 -16.62 -3.89 89.21
N PHE Y 256 -16.64 -4.98 88.45
CA PHE Y 256 -16.87 -6.31 88.99
C PHE Y 256 -15.89 -7.26 88.35
N SER Y 257 -15.53 -8.30 89.05
CA SER Y 257 -14.53 -9.20 88.53
C SER Y 257 -14.83 -9.93 87.23
N ASN Y 258 -16.11 -10.10 86.84
CA ASN Y 258 -16.35 -10.80 85.59
C ASN Y 258 -16.84 -9.91 84.44
N LEU Y 259 -16.71 -8.59 84.57
CA LEU Y 259 -17.17 -7.71 83.50
C LEU Y 259 -16.02 -6.88 82.98
N HIS Y 260 -14.94 -7.53 82.59
CA HIS Y 260 -13.71 -6.90 82.15
C HIS Y 260 -13.47 -6.83 80.66
N PHE Y 261 -14.47 -7.14 79.86
CA PHE Y 261 -14.31 -7.11 78.42
C PHE Y 261 -14.49 -5.70 77.88
N LEU Y 262 -13.44 -5.17 77.28
CA LEU Y 262 -13.38 -3.80 76.81
C LEU Y 262 -13.31 -3.65 75.30
N MET Y 263 -13.88 -2.56 74.84
CA MET Y 263 -13.79 -2.14 73.46
C MET Y 263 -12.63 -1.19 73.32
N ALA Y 264 -12.03 -1.12 72.14
CA ALA Y 264 -10.97 -0.16 71.90
C ALA Y 264 -11.21 0.61 70.62
N SER Y 265 -10.76 1.87 70.64
CA SER Y 265 -10.85 2.78 69.51
C SER Y 265 -9.72 3.82 69.45
N THR Y 266 -9.15 4.05 68.27
CA THR Y 266 -8.13 5.08 68.12
C THR Y 266 -8.29 5.94 66.91
N ALA Y 267 -7.72 7.14 67.00
CA ALA Y 267 -7.64 8.02 65.85
C ALA Y 267 -6.50 9.01 66.07
N PRO Y 268 -5.88 9.52 65.00
CA PRO Y 268 -6.00 9.24 63.60
C PRO Y 268 -5.27 7.96 63.29
N LEU Y 269 -5.57 7.33 62.18
CA LEU Y 269 -4.80 6.18 61.77
C LEU Y 269 -3.92 6.56 60.60
N VAL Y 270 -2.62 6.58 60.82
CA VAL Y 270 -1.72 7.05 59.80
C VAL Y 270 -0.65 6.01 59.44
N LEU Y 271 -0.51 5.73 58.17
CA LEU Y 271 0.51 4.80 57.69
C LEU Y 271 1.79 5.57 57.64
N ALA Y 272 2.94 4.92 57.77
CA ALA Y 272 4.18 5.68 57.78
C ALA Y 272 4.32 6.56 56.56
N GLY Y 273 4.75 7.79 56.80
CA GLY Y 273 4.95 8.80 55.76
C GLY Y 273 4.05 9.99 56.07
N LYS Y 274 4.36 11.16 55.52
CA LYS Y 274 3.54 12.33 55.83
C LYS Y 274 2.29 12.39 54.96
N GLU Y 275 1.41 11.42 55.19
CA GLU Y 275 0.17 11.26 54.45
C GLU Y 275 -1.01 11.84 55.21
N SER Y 276 -0.75 12.28 56.43
CA SER Y 276 -1.73 12.84 57.33
C SER Y 276 -1.98 14.32 57.10
N TYR Y 277 -3.05 14.81 57.70
CA TYR Y 277 -3.39 16.22 57.69
C TYR Y 277 -3.41 16.75 59.10
N GLU Y 278 -2.87 17.94 59.28
CA GLU Y 278 -2.79 18.56 60.58
C GLU Y 278 -4.11 19.15 61.08
N LYS Y 279 -5.04 18.26 61.46
CA LYS Y 279 -6.33 18.70 61.99
C LYS Y 279 -6.10 19.43 63.29
N MET Y 280 -5.15 18.90 64.06
CA MET Y 280 -4.70 19.42 65.35
C MET Y 280 -5.81 19.72 66.33
N THR Y 281 -6.91 19.00 66.27
CA THR Y 281 -7.97 19.38 67.15
C THR Y 281 -8.39 18.22 68.02
N ALA Y 282 -8.25 18.43 69.33
CA ALA Y 282 -8.61 17.42 70.31
C ALA Y 282 -10.09 17.15 70.26
N LYS Y 283 -10.86 18.19 70.01
CA LYS Y 283 -12.30 18.05 69.96
C LYS Y 283 -12.73 17.11 68.85
N GLU Y 284 -12.04 17.20 67.72
CA GLU Y 284 -12.39 16.37 66.59
C GLU Y 284 -11.97 14.96 66.87
N LEU Y 285 -10.81 14.78 67.50
CA LEU Y 285 -10.37 13.43 67.79
C LEU Y 285 -11.28 12.78 68.80
N SER Y 286 -11.76 13.51 69.80
CA SER Y 286 -12.67 12.89 70.75
C SER Y 286 -13.98 12.54 70.06
N ALA Y 287 -14.46 13.42 69.18
CA ALA Y 287 -15.70 13.11 68.50
C ALA Y 287 -15.57 11.85 67.68
N GLN Y 288 -14.42 11.67 67.04
CA GLN Y 288 -14.14 10.49 66.25
C GLN Y 288 -13.92 9.24 67.07
N VAL Y 289 -13.19 9.33 68.16
CA VAL Y 289 -12.84 8.09 68.86
C VAL Y 289 -14.07 7.47 69.47
N PHE Y 290 -15.04 8.30 69.86
CA PHE Y 290 -16.29 7.85 70.46
C PHE Y 290 -17.40 7.61 69.45
N GLY Y 291 -17.12 7.72 68.17
CA GLY Y 291 -18.16 7.47 67.19
C GLY Y 291 -18.13 5.98 66.96
N ASP Y 292 -18.93 5.47 66.04
CA ASP Y 292 -18.90 4.03 65.81
C ASP Y 292 -17.87 3.64 64.76
N GLU Y 293 -17.51 4.58 63.91
CA GLU Y 293 -16.62 4.34 62.78
C GLU Y 293 -15.19 3.90 63.10
N TYR Y 294 -14.66 4.19 64.29
CA TYR Y 294 -13.30 3.75 64.64
C TYR Y 294 -13.28 2.61 65.63
N ILE Y 295 -14.41 2.01 65.91
CA ILE Y 295 -14.43 0.94 66.90
C ILE Y 295 -13.85 -0.29 66.25
N CYS Y 296 -12.94 -0.95 66.92
CA CYS Y 296 -12.26 -2.11 66.34
C CYS Y 296 -12.93 -3.46 66.57
N ALA Y 297 -14.23 -3.45 66.83
CA ALA Y 297 -15.03 -4.65 67.04
C ALA Y 297 -16.43 -4.47 66.46
N ALA Y 298 -17.04 -5.58 66.08
CA ALA Y 298 -18.35 -5.58 65.46
C ALA Y 298 -19.47 -5.38 66.45
N CYS Y 299 -19.60 -4.13 66.84
CA CYS Y 299 -20.55 -3.65 67.79
C CYS Y 299 -20.85 -2.20 67.47
N LYS Y 300 -21.87 -1.63 68.06
CA LYS Y 300 -22.20 -0.22 67.82
C LYS Y 300 -22.41 0.55 69.13
N PRO Y 301 -21.32 0.95 69.82
CA PRO Y 301 -21.28 1.56 71.13
C PRO Y 301 -22.12 2.78 71.36
N THR Y 302 -22.44 3.57 70.32
CA THR Y 302 -23.24 4.75 70.60
C THR Y 302 -24.68 4.41 70.98
N THR Y 303 -25.09 3.15 70.82
CA THR Y 303 -26.44 2.74 71.16
C THR Y 303 -26.51 1.98 72.47
N GLY Y 304 -25.37 1.82 73.16
CA GLY Y 304 -25.35 1.06 74.40
C GLY Y 304 -25.25 1.97 75.60
N ARG Y 305 -24.74 1.44 76.70
CA ARG Y 305 -24.58 2.24 77.91
C ARG Y 305 -23.20 1.94 78.50
N TYR Y 306 -22.49 2.96 78.95
CA TYR Y 306 -21.15 2.76 79.51
C TYR Y 306 -21.09 2.56 81.00
N LEU Y 307 -20.24 1.64 81.43
CA LEU Y 307 -20.10 1.46 82.85
C LEU Y 307 -18.97 2.35 83.28
N ALA Y 308 -17.98 2.40 82.42
CA ALA Y 308 -16.77 3.17 82.62
C ALA Y 308 -16.06 3.30 81.31
N ALA Y 309 -15.24 4.32 81.19
CA ALA Y 309 -14.42 4.47 80.01
C ALA Y 309 -13.18 5.25 80.32
N SER Y 310 -12.15 5.11 79.51
CA SER Y 310 -10.95 5.89 79.72
C SER Y 310 -10.48 6.49 78.44
N VAL Y 311 -9.92 7.68 78.55
CA VAL Y 311 -9.38 8.34 77.38
C VAL Y 311 -7.98 8.84 77.62
N LEU Y 312 -7.07 8.43 76.75
CA LEU Y 312 -5.70 8.88 76.81
C LEU Y 312 -5.39 9.77 75.63
N PHE Y 313 -4.99 10.98 75.94
CA PHE Y 313 -4.65 11.95 74.92
C PHE Y 313 -3.16 12.00 74.78
N ARG Y 314 -2.68 12.04 73.55
CA ARG Y 314 -1.26 12.15 73.30
C ARG Y 314 -0.93 13.43 72.56
N GLY Y 315 0.21 13.99 72.89
CA GLY Y 315 0.72 15.16 72.20
C GLY Y 315 0.29 16.45 72.87
N ALA Y 316 0.46 17.56 72.18
CA ALA Y 316 0.21 18.88 72.75
C ALA Y 316 -1.25 19.25 72.75
N VAL Y 317 -2.01 18.55 73.57
CA VAL Y 317 -3.43 18.75 73.73
C VAL Y 317 -3.71 19.78 74.82
N LYS Y 318 -4.53 20.77 74.52
CA LYS Y 318 -4.84 21.80 75.50
C LYS Y 318 -5.82 21.30 76.54
N THR Y 319 -5.59 21.65 77.81
CA THR Y 319 -6.48 21.26 78.89
C THR Y 319 -7.89 21.76 78.65
N SER Y 320 -8.00 22.96 78.15
CA SER Y 320 -9.29 23.56 77.90
C SER Y 320 -10.10 22.78 76.88
N ASP Y 321 -9.43 22.20 75.86
CA ASP Y 321 -10.13 21.48 74.83
C ASP Y 321 -10.52 20.14 75.35
N VAL Y 322 -9.72 19.57 76.24
CA VAL Y 322 -10.11 18.29 76.78
C VAL Y 322 -11.36 18.46 77.59
N ASN Y 323 -11.43 19.51 78.39
CA ASN Y 323 -12.60 19.67 79.21
C ASN Y 323 -13.83 19.91 78.37
N GLU Y 324 -13.73 20.72 77.32
CA GLU Y 324 -14.91 20.97 76.53
C GLU Y 324 -15.28 19.73 75.73
N ALA Y 325 -14.29 19.05 75.17
CA ALA Y 325 -14.56 17.88 74.37
C ALA Y 325 -15.20 16.79 75.18
N MET Y 326 -14.76 16.62 76.42
CA MET Y 326 -15.34 15.57 77.22
C MET Y 326 -16.71 15.95 77.70
N ALA Y 327 -16.99 17.25 77.85
CA ALA Y 327 -18.33 17.65 78.24
C ALA Y 327 -19.31 17.23 77.16
N THR Y 328 -18.89 17.36 75.89
CA THR Y 328 -19.72 16.96 74.76
C THR Y 328 -19.99 15.48 74.80
N VAL Y 329 -18.95 14.70 75.10
CA VAL Y 329 -19.08 13.26 75.15
C VAL Y 329 -20.05 12.86 76.25
N LYS Y 330 -19.95 13.48 77.42
CA LYS Y 330 -20.87 13.12 78.49
C LYS Y 330 -22.31 13.44 78.11
N GLU Y 331 -22.54 14.57 77.43
CA GLU Y 331 -23.90 14.91 77.03
C GLU Y 331 -24.49 13.99 75.98
N GLN Y 332 -23.69 13.57 75.01
CA GLN Y 332 -24.18 12.72 73.94
C GLN Y 332 -24.35 11.24 74.27
N ASN Y 333 -23.49 10.69 75.10
CA ASN Y 333 -23.56 9.27 75.38
C ASN Y 333 -24.40 8.91 76.58
N SER Y 334 -24.51 7.63 76.85
CA SER Y 334 -25.31 7.14 77.95
C SER Y 334 -24.48 6.32 78.90
N PHE Y 335 -24.60 6.65 80.18
CA PHE Y 335 -23.85 6.05 81.27
C PHE Y 335 -24.78 5.46 82.32
N VAL Y 336 -24.26 4.52 83.11
CA VAL Y 336 -25.03 3.95 84.20
C VAL Y 336 -24.83 4.85 85.44
N ASN Y 337 -25.92 5.17 86.14
CA ASN Y 337 -25.91 6.09 87.31
C ASN Y 337 -24.92 5.70 88.41
N TRP Y 338 -24.96 4.46 88.94
CA TRP Y 338 -24.09 4.15 90.11
C TRP Y 338 -22.67 4.66 89.89
N ILE Y 339 -21.97 4.22 88.84
CA ILE Y 339 -20.64 4.85 88.57
C ILE Y 339 -20.94 6.30 88.21
N PRO Y 340 -20.71 7.29 89.10
CA PRO Y 340 -21.14 8.65 88.86
C PRO Y 340 -20.13 9.55 88.14
N THR Y 341 -18.85 9.17 88.14
CA THR Y 341 -17.84 9.99 87.51
C THR Y 341 -17.56 9.57 86.08
N GLY Y 342 -18.01 8.37 85.67
CA GLY Y 342 -17.87 7.93 84.29
C GLY Y 342 -16.49 7.55 83.75
N PHE Y 343 -15.63 8.54 83.70
CA PHE Y 343 -14.33 8.43 83.05
C PHE Y 343 -13.06 8.42 83.85
N LYS Y 344 -12.04 7.82 83.25
CA LYS Y 344 -10.65 7.99 83.67
C LYS Y 344 -9.92 8.75 82.57
N ILE Y 345 -9.38 9.91 82.89
CA ILE Y 345 -8.71 10.71 81.86
C ILE Y 345 -7.24 10.92 82.12
N SER Y 346 -6.46 10.75 81.07
CA SER Y 346 -5.02 10.92 81.17
C SER Y 346 -4.40 11.54 79.93
N LYS Y 347 -3.29 12.22 80.13
CA LYS Y 347 -2.54 12.84 79.06
C LYS Y 347 -1.07 12.51 79.09
N SER Y 348 -0.49 12.36 77.90
CA SER Y 348 0.94 12.16 77.69
C SER Y 348 1.41 13.13 76.63
N GLU Y 349 2.31 14.01 76.99
CA GLU Y 349 2.76 15.07 76.11
C GLU Y 349 3.55 14.64 74.90
N THR Y 350 4.00 13.39 74.84
CA THR Y 350 4.78 12.97 73.69
C THR Y 350 3.88 12.45 72.58
N SER Y 351 4.06 13.07 71.42
CA SER Y 351 3.33 12.82 70.18
C SER Y 351 3.65 11.46 69.61
N PRO Y 352 2.71 10.80 68.90
CA PRO Y 352 2.92 9.58 68.16
C PRO Y 352 3.80 9.98 66.99
N LYS Y 353 4.63 9.08 66.46
CA LYS Y 353 5.53 9.52 65.40
C LYS Y 353 4.93 10.09 64.11
N ASP Y 354 3.71 9.68 63.72
CA ASP Y 354 3.16 10.17 62.46
C ASP Y 354 2.06 11.23 62.61
N SER Y 355 1.90 11.79 63.80
CA SER Y 355 0.89 12.82 64.02
C SER Y 355 1.23 13.68 65.21
N ALA Y 356 0.99 14.97 65.17
CA ALA Y 356 1.28 15.69 66.39
C ALA Y 356 0.41 15.25 67.55
N LEU Y 357 -0.86 14.99 67.26
CA LEU Y 357 -1.82 14.59 68.28
C LEU Y 357 -2.42 13.22 68.02
N GLY Y 358 -2.92 12.60 69.07
CA GLY Y 358 -3.69 11.36 68.89
C GLY Y 358 -4.46 10.96 70.13
N VAL Y 359 -5.50 10.15 69.94
CA VAL Y 359 -6.33 9.70 71.05
C VAL Y 359 -6.65 8.22 71.04
N ILE Y 360 -6.55 7.60 72.21
CA ILE Y 360 -6.99 6.23 72.38
C ILE Y 360 -8.04 6.13 73.46
N MET Y 361 -9.10 5.41 73.16
CA MET Y 361 -10.18 5.23 74.10
C MET Y 361 -10.47 3.76 74.32
N LEU Y 362 -10.72 3.42 75.58
CA LEU Y 362 -11.11 2.08 75.98
C LEU Y 362 -12.38 2.13 76.78
N GLY Y 363 -13.19 1.09 76.75
CA GLY Y 363 -14.29 1.14 77.70
C GLY Y 363 -15.23 -0.04 77.76
N ASN Y 364 -16.06 0.01 78.79
CA ASN Y 364 -17.04 -1.02 79.09
C ASN Y 364 -18.37 -0.60 78.59
N ASN Y 365 -18.75 -1.13 77.47
CA ASN Y 365 -19.99 -0.75 76.88
C ASN Y 365 -20.81 -1.99 76.81
N SER Y 366 -22.02 -1.91 77.32
CA SER Y 366 -22.93 -3.05 77.43
C SER Y 366 -23.24 -3.70 76.11
N GLU Y 367 -22.99 -2.99 75.04
CA GLU Y 367 -23.18 -3.41 73.69
C GLU Y 367 -22.35 -4.64 73.38
N ILE Y 368 -21.24 -4.84 74.10
CA ILE Y 368 -20.31 -5.94 73.85
C ILE Y 368 -20.97 -7.30 73.91
N VAL Y 369 -22.09 -7.42 74.60
CA VAL Y 369 -22.69 -8.72 74.67
C VAL Y 369 -23.12 -9.18 73.30
N SER Y 370 -23.39 -8.27 72.35
CA SER Y 370 -23.86 -8.76 71.06
C SER Y 370 -22.80 -9.60 70.38
N VAL Y 371 -21.53 -9.40 70.71
CA VAL Y 371 -20.49 -10.19 70.09
C VAL Y 371 -20.58 -11.59 70.67
N PHE Y 372 -20.71 -11.63 71.98
CA PHE Y 372 -20.75 -12.90 72.67
C PHE Y 372 -22.03 -13.67 72.36
N GLU Y 373 -23.15 -12.97 72.20
CA GLU Y 373 -24.41 -13.62 71.90
C GLU Y 373 -24.38 -14.31 70.55
N ARG Y 374 -23.76 -13.67 69.54
CA ARG Y 374 -23.67 -14.29 68.23
C ARG Y 374 -22.85 -15.57 68.29
N ILE Y 375 -21.76 -15.54 69.06
CA ILE Y 375 -20.91 -16.71 69.17
C ILE Y 375 -21.68 -17.82 69.85
N GLY Y 376 -22.39 -17.47 70.92
CA GLY Y 376 -23.18 -18.41 71.67
C GLY Y 376 -24.18 -19.08 70.77
N ALA Y 377 -24.96 -18.31 70.02
CA ALA Y 377 -25.96 -18.89 69.15
C ALA Y 377 -25.40 -19.82 68.09
N ASN Y 378 -24.23 -19.49 67.51
CA ASN Y 378 -23.70 -20.36 66.49
C ASN Y 378 -23.29 -21.69 67.10
N PHE Y 379 -22.72 -21.63 68.29
CA PHE Y 379 -22.35 -22.82 69.02
C PHE Y 379 -23.56 -23.64 69.33
N ASP Y 380 -24.60 -23.03 69.85
CA ASP Y 380 -25.75 -23.80 70.25
C ASP Y 380 -26.33 -24.60 69.10
N ARG Y 381 -26.37 -24.03 67.90
CA ARG Y 381 -26.91 -24.79 66.78
C ARG Y 381 -26.03 -25.98 66.41
N LEU Y 382 -24.72 -25.79 66.38
CA LEU Y 382 -23.81 -26.86 66.02
C LEU Y 382 -23.73 -27.91 67.11
N TRP Y 383 -23.77 -27.46 68.36
CA TRP Y 383 -23.68 -28.30 69.53
C TRP Y 383 -24.89 -29.17 69.67
N SER Y 384 -26.07 -28.61 69.39
CA SER Y 384 -27.29 -29.38 69.45
C SER Y 384 -27.22 -30.52 68.45
N ARG Y 385 -26.66 -30.26 67.26
CA ARG Y 385 -26.57 -31.30 66.20
C ARG Y 385 -25.28 -32.12 66.34
N LYS Y 386 -24.36 -31.67 67.19
CA LYS Y 386 -23.07 -32.40 67.42
C LYS Y 386 -22.30 -32.50 66.10
N ALA Y 387 -22.17 -31.38 65.38
CA ALA Y 387 -21.39 -31.37 64.13
C ALA Y 387 -19.94 -30.97 64.45
N PHE Y 388 -18.97 -31.78 64.03
CA PHE Y 388 -17.53 -31.52 64.31
C PHE Y 388 -17.26 -31.67 65.81
N ALA Y 389 -18.21 -32.25 66.56
CA ALA Y 389 -18.05 -32.37 68.03
C ALA Y 389 -17.03 -33.45 68.37
N HIS Y 390 -17.05 -34.57 67.65
CA HIS Y 390 -16.10 -35.68 67.91
C HIS Y 390 -14.68 -35.13 67.99
N TRP Y 391 -14.42 -33.98 67.36
CA TRP Y 391 -13.06 -33.49 67.35
C TRP Y 391 -12.63 -32.98 68.72
N PHE Y 392 -13.60 -32.67 69.57
CA PHE Y 392 -13.31 -32.16 70.87
C PHE Y 392 -13.40 -33.24 71.92
N THR Y 393 -14.34 -34.17 71.77
CA THR Y 393 -14.49 -35.16 72.81
C THR Y 393 -13.50 -36.30 72.64
N ASP Y 394 -12.98 -36.49 71.43
CA ASP Y 394 -12.01 -37.55 71.22
C ASP Y 394 -10.62 -37.02 71.55
N SER Y 395 -10.54 -35.75 71.95
CA SER Y 395 -9.29 -35.09 72.28
C SER Y 395 -9.27 -34.71 73.75
N GLY Y 396 -10.14 -35.36 74.53
CA GLY Y 396 -10.15 -35.17 75.98
C GLY Y 396 -11.27 -34.37 76.63
N PHE Y 397 -12.14 -33.69 75.90
CA PHE Y 397 -13.20 -32.97 76.59
C PHE Y 397 -14.44 -33.79 76.80
N GLU Y 398 -15.14 -33.50 77.85
CA GLU Y 398 -16.43 -34.15 78.08
C GLU Y 398 -17.48 -33.19 77.59
N GLU Y 399 -18.67 -33.69 77.32
CA GLU Y 399 -19.76 -32.81 76.91
C GLU Y 399 -19.99 -31.79 78.02
N LYS Y 400 -19.75 -32.22 79.25
CA LYS Y 400 -19.85 -31.38 80.41
C LYS Y 400 -18.95 -30.16 80.32
N ASP Y 401 -17.77 -30.26 79.70
CA ASP Y 401 -16.87 -29.11 79.66
C ASP Y 401 -17.35 -28.14 78.62
N LEU Y 402 -17.88 -28.69 77.53
CA LEU Y 402 -18.39 -27.84 76.47
C LEU Y 402 -19.62 -27.09 76.97
N ASP Y 403 -20.43 -27.76 77.80
CA ASP Y 403 -21.63 -27.16 78.36
C ASP Y 403 -21.30 -26.16 79.46
N ASP Y 404 -20.30 -26.46 80.30
CA ASP Y 404 -19.96 -25.52 81.34
C ASP Y 404 -19.33 -24.26 80.77
N ALA Y 405 -18.53 -24.40 79.71
CA ALA Y 405 -17.94 -23.21 79.13
C ALA Y 405 -19.03 -22.32 78.59
N ARG Y 406 -20.05 -22.91 77.96
CA ARG Y 406 -21.14 -22.14 77.43
C ARG Y 406 -21.88 -21.44 78.55
N ALA Y 407 -22.10 -22.15 79.66
CA ALA Y 407 -22.83 -21.57 80.78
C ALA Y 407 -22.12 -20.37 81.38
N LEU Y 408 -20.78 -20.41 81.45
CA LEU Y 408 -20.06 -19.27 81.99
C LEU Y 408 -20.19 -18.07 81.08
N VAL Y 409 -20.15 -18.31 79.78
CA VAL Y 409 -20.29 -17.22 78.84
C VAL Y 409 -21.66 -16.61 78.99
N GLN Y 410 -22.69 -17.44 79.14
CA GLN Y 410 -24.02 -16.89 79.29
C GLN Y 410 -24.13 -16.11 80.57
N LYS Y 411 -23.47 -16.53 81.65
CA LYS Y 411 -23.55 -15.76 82.88
C LYS Y 411 -23.05 -14.36 82.66
N VAL Y 412 -21.92 -14.20 81.94
CA VAL Y 412 -21.42 -12.85 81.71
C VAL Y 412 -22.40 -12.04 80.88
N ILE Y 413 -22.99 -12.66 79.85
CA ILE Y 413 -23.95 -11.93 79.03
C ILE Y 413 -25.13 -11.50 79.87
N ASP Y 414 -25.66 -12.38 80.70
CA ASP Y 414 -26.81 -12.04 81.50
C ASP Y 414 -26.47 -10.94 82.48
N ASP Y 415 -25.26 -10.95 83.06
CA ASP Y 415 -24.92 -9.90 84.01
C ASP Y 415 -24.80 -8.56 83.31
N TYR Y 416 -24.21 -8.50 82.11
CA TYR Y 416 -24.15 -7.23 81.44
C TYR Y 416 -25.52 -6.70 81.06
N ARG Y 417 -26.39 -7.60 80.59
CA ARG Y 417 -27.68 -7.15 80.15
C ARG Y 417 -28.56 -6.75 81.30
N LYS Y 418 -28.54 -7.50 82.40
CA LYS Y 418 -29.40 -7.15 83.51
C LYS Y 418 -29.00 -5.82 84.05
N LEU Y 419 -27.71 -5.58 84.21
CA LEU Y 419 -27.25 -4.33 84.75
C LEU Y 419 -27.73 -3.19 83.88
N THR Y 420 -27.57 -3.35 82.56
CA THR Y 420 -27.95 -2.32 81.61
C THR Y 420 -29.42 -2.01 81.65
N GLU Y 421 -30.27 -3.02 81.71
CA GLU Y 421 -31.71 -2.75 81.78
C GLU Y 421 -32.10 -2.11 83.11
N ASP Y 422 -31.50 -2.57 84.23
CA ASP Y 422 -31.85 -2.02 85.53
C ASP Y 422 -31.52 -0.55 85.58
N ALA Y 423 -30.44 -0.18 84.89
CA ALA Y 423 -29.89 1.16 84.83
C ALA Y 423 -30.88 2.21 84.44
N GLU Y 424 -31.88 1.90 83.64
CA GLU Y 424 -32.79 2.95 83.21
C GLU Y 424 -33.52 3.59 84.38
N ASN Y 425 -33.79 2.82 85.43
CA ASN Y 425 -34.51 3.35 86.57
C ASN Y 425 -33.60 3.71 87.74
N LEU Y 426 -32.28 3.69 87.54
CA LEU Y 426 -31.41 3.97 88.67
C LEU Y 426 -31.20 5.46 88.78
N TYR Y 427 -31.81 6.16 87.86
CA TYR Y 427 -31.82 7.61 87.81
C TYR Y 427 -33.08 8.24 88.45
N PHE Y 428 -34.04 7.42 89.01
CA PHE Y 428 -35.31 7.92 89.56
C PHE Y 428 -35.62 7.25 90.91
N ALA Z 2 14.98 30.93 114.34
CA ALA Z 2 14.09 30.81 113.17
C ALA Z 2 13.12 29.66 113.41
N ARG Z 3 11.81 29.93 113.42
CA ARG Z 3 10.81 28.85 113.57
C ARG Z 3 10.80 28.10 112.23
N GLU Z 4 11.35 26.90 112.18
CA GLU Z 4 11.52 26.19 110.89
C GLU Z 4 10.38 25.24 110.56
N VAL Z 5 9.94 25.24 109.30
CA VAL Z 5 8.90 24.34 108.80
C VAL Z 5 9.42 23.26 107.85
N ILE Z 6 8.99 22.02 108.07
CA ILE Z 6 9.39 20.92 107.18
C ILE Z 6 8.28 20.62 106.19
N THR Z 7 8.58 20.63 104.90
CA THR Z 7 7.55 20.40 103.89
C THR Z 7 7.70 19.01 103.31
N ILE Z 8 6.60 18.26 103.26
CA ILE Z 8 6.61 16.91 102.72
C ILE Z 8 5.66 16.83 101.52
N HIS Z 9 6.14 16.32 100.39
CA HIS Z 9 5.29 16.20 99.19
C HIS Z 9 4.94 14.75 98.99
N VAL Z 10 3.65 14.42 99.03
CA VAL Z 10 3.27 13.02 98.94
C VAL Z 10 2.37 12.73 97.77
N GLY Z 11 2.76 11.78 96.96
CA GLY Z 11 1.95 11.37 95.83
C GLY Z 11 2.35 12.07 94.57
N GLU Z 12 1.82 11.59 93.45
CA GLU Z 12 2.22 12.09 92.15
C GLU Z 12 1.94 13.57 91.95
N LEU Z 13 0.81 14.06 92.46
CA LEU Z 13 0.50 15.47 92.27
C LEU Z 13 1.29 16.34 93.23
N GLY Z 14 1.43 15.93 94.49
CA GLY Z 14 2.16 16.78 95.41
C GLY Z 14 3.57 16.98 94.90
N ILE Z 15 4.12 15.94 94.31
CA ILE Z 15 5.44 15.98 93.73
C ILE Z 15 5.42 16.83 92.46
N GLN Z 16 4.40 16.70 91.61
CA GLN Z 16 4.31 17.51 90.39
C GLN Z 16 4.39 18.98 90.69
N ILE Z 17 3.75 19.40 91.76
CA ILE Z 17 3.73 20.77 92.23
C ILE Z 17 5.07 21.26 92.71
N ALA Z 18 5.82 20.41 93.42
CA ALA Z 18 7.09 20.78 94.04
C ALA Z 18 7.96 21.75 93.21
N PRO Z 19 8.31 21.55 91.92
CA PRO Z 19 9.16 22.47 91.21
C PRO Z 19 8.57 23.86 91.09
N ASN Z 20 7.26 24.03 91.20
CA ASN Z 20 6.73 25.36 91.02
C ASN Z 20 6.76 26.05 92.35
N PHE Z 21 6.48 25.29 93.38
CA PHE Z 21 6.47 25.81 94.72
C PHE Z 21 7.87 26.26 95.09
N TRP Z 22 8.84 25.38 94.87
CA TRP Z 22 10.19 25.70 95.24
C TRP Z 22 10.83 26.74 94.36
N LYS Z 23 10.49 26.82 93.07
CA LYS Z 23 11.05 27.89 92.29
C LYS Z 23 10.52 29.21 92.78
N TYR Z 24 9.24 29.29 93.15
CA TYR Z 24 8.76 30.57 93.63
C TYR Z 24 9.51 30.99 94.87
N LEU Z 25 9.78 30.06 95.79
CA LEU Z 25 10.48 30.45 96.98
C LEU Z 25 11.91 30.86 96.67
N CYS Z 26 12.55 30.18 95.74
CA CYS Z 26 13.91 30.52 95.38
C CYS Z 26 13.98 31.92 94.79
N ASP Z 27 13.02 32.28 93.96
CA ASP Z 27 13.12 33.61 93.41
C ASP Z 27 12.73 34.63 94.43
N GLU Z 28 11.76 34.31 95.25
CA GLU Z 28 11.27 35.25 96.22
C GLU Z 28 12.34 35.69 97.21
N HIS Z 29 13.21 34.78 97.62
CA HIS Z 29 14.27 35.06 98.58
C HIS Z 29 15.65 35.35 97.95
N ASN Z 30 15.71 35.54 96.62
CA ASN Z 30 16.96 35.74 95.87
C ASN Z 30 18.01 34.62 95.92
N ILE Z 31 17.56 33.40 95.72
CA ILE Z 31 18.38 32.20 95.65
C ILE Z 31 18.18 31.59 94.27
N ASP Z 32 19.23 31.08 93.67
CA ASP Z 32 19.10 30.50 92.35
C ASP Z 32 18.55 29.09 92.47
N TYR Z 33 18.35 28.40 91.37
CA TYR Z 33 17.71 27.09 91.45
C TYR Z 33 18.69 26.00 91.78
N LYS Z 34 19.95 26.39 91.90
CA LYS Z 34 21.00 25.47 92.29
C LYS Z 34 21.29 25.64 93.77
N GLY Z 35 20.53 26.52 94.43
CA GLY Z 35 20.73 26.78 95.85
C GLY Z 35 21.79 27.83 96.14
N GLN Z 36 22.32 28.43 95.10
CA GLN Z 36 23.36 29.44 95.27
C GLN Z 36 22.75 30.78 95.53
N GLU Z 37 23.42 31.63 96.27
CA GLU Z 37 22.87 32.94 96.53
C GLU Z 37 22.99 33.79 95.29
N LYS Z 38 22.00 34.64 95.07
CA LYS Z 38 21.96 35.51 93.91
C LYS Z 38 21.79 36.95 94.35
N GLY Z 39 22.82 37.54 94.91
CA GLY Z 39 22.67 38.88 95.45
C GLY Z 39 22.28 38.80 96.92
N LYS Z 40 21.56 39.82 97.39
CA LYS Z 40 21.20 39.91 98.80
C LYS Z 40 20.05 39.00 99.16
N ILE Z 41 20.21 38.22 100.22
CA ILE Z 41 19.14 37.33 100.64
C ILE Z 41 18.17 38.08 101.50
N ARG Z 42 16.89 37.88 101.22
CA ARG Z 42 15.87 38.59 101.96
C ARG Z 42 14.80 37.64 102.50
N GLY Z 43 14.24 38.00 103.65
CA GLY Z 43 13.20 37.22 104.32
C GLY Z 43 13.87 36.23 105.27
N VAL Z 44 13.08 35.48 106.01
CA VAL Z 44 13.70 34.56 106.93
C VAL Z 44 13.94 33.29 106.19
N ILE Z 45 15.06 33.25 105.53
CA ILE Z 45 15.38 32.15 104.66
C ILE Z 45 15.43 30.82 105.35
N ASP Z 46 15.88 30.85 106.58
CA ASP Z 46 16.06 29.69 107.40
C ASP Z 46 14.78 28.92 107.63
N ASN Z 47 13.62 29.55 107.52
CA ASN Z 47 12.44 28.78 107.83
C ASN Z 47 12.16 27.67 106.82
N PHE Z 48 12.55 27.85 105.56
CA PHE Z 48 12.32 26.82 104.57
C PHE Z 48 13.56 26.20 103.99
N PHE Z 49 14.72 26.83 104.17
CA PHE Z 49 15.93 26.27 103.60
C PHE Z 49 16.99 25.97 104.65
N GLU Z 50 17.63 24.85 104.49
CA GLU Z 50 18.72 24.40 105.33
C GLU Z 50 20.01 24.95 104.78
N LYS Z 51 20.89 25.41 105.65
CA LYS Z 51 22.18 25.90 105.16
C LYS Z 51 23.18 24.77 105.13
N ALA Z 52 23.81 24.58 103.99
CA ALA Z 52 24.82 23.56 103.77
C ALA Z 52 26.12 23.94 104.45
N SER Z 53 27.05 23.00 104.49
CA SER Z 53 28.39 23.26 105.04
C SER Z 53 29.17 24.22 104.12
N ILE Z 54 28.63 24.40 102.93
CA ILE Z 54 29.10 25.25 101.85
C ILE Z 54 28.05 26.32 101.60
N GLY Z 55 28.27 27.22 100.65
CA GLY Z 55 27.34 28.33 100.41
C GLY Z 55 25.92 27.98 99.93
N LYS Z 56 25.68 26.74 99.54
CA LYS Z 56 24.40 26.26 99.06
C LYS Z 56 23.26 26.16 100.08
N TRP Z 57 22.08 26.62 99.67
CA TRP Z 57 20.85 26.46 100.43
C TRP Z 57 20.13 25.20 99.95
N ILE Z 58 19.62 24.42 100.86
CA ILE Z 58 18.94 23.18 100.58
C ILE Z 58 17.46 23.25 100.96
N PRO Z 59 16.51 22.96 100.10
CA PRO Z 59 15.13 23.06 100.46
C PRO Z 59 14.91 22.09 101.58
N ARG Z 60 14.21 22.50 102.62
CA ARG Z 60 13.97 21.61 103.73
C ARG Z 60 12.76 20.73 103.45
N THR Z 61 12.96 19.72 102.61
CA THR Z 61 11.86 18.90 102.15
C THR Z 61 12.13 17.44 101.81
N ILE Z 62 11.05 16.65 101.94
CA ILE Z 62 11.00 15.22 101.65
C ILE Z 62 9.99 14.87 100.55
N LEU Z 63 10.39 14.04 99.59
CA LEU Z 63 9.49 13.65 98.48
C LEU Z 63 9.10 12.16 98.58
N VAL Z 64 7.81 11.86 98.68
CA VAL Z 64 7.36 10.46 98.82
C VAL Z 64 6.47 9.99 97.66
N ASP Z 65 6.86 8.88 97.02
CA ASP Z 65 6.15 8.30 95.86
C ASP Z 65 6.19 6.77 95.92
N LEU Z 66 5.03 6.10 95.82
CA LEU Z 66 5.06 4.63 95.89
C LEU Z 66 5.56 4.02 94.59
N GLY Z 67 5.66 4.82 93.54
CA GLY Z 67 6.28 4.38 92.30
C GLY Z 67 7.57 5.20 92.18
N PRO Z 68 8.40 5.02 91.17
CA PRO Z 68 9.62 5.79 90.96
C PRO Z 68 9.50 7.05 90.09
N ASN Z 69 8.36 7.27 89.46
CA ASN Z 69 8.35 8.23 88.36
C ASN Z 69 8.11 9.68 88.68
N ALA Z 70 7.34 10.03 89.71
CA ALA Z 70 7.12 11.45 89.91
C ALA Z 70 8.41 12.07 90.36
N ILE Z 71 9.14 11.32 91.19
CA ILE Z 71 10.38 11.80 91.72
C ILE Z 71 11.40 11.85 90.64
N ARG Z 72 11.54 10.79 89.84
CA ARG Z 72 12.55 10.83 88.82
C ARG Z 72 12.39 12.05 87.93
N LYS Z 73 11.18 12.38 87.50
CA LYS Z 73 11.08 13.54 86.64
C LYS Z 73 11.42 14.83 87.39
N VAL Z 74 10.95 14.98 88.62
CA VAL Z 74 11.25 16.21 89.33
C VAL Z 74 12.72 16.43 89.64
N THR Z 75 13.41 15.40 90.10
CA THR Z 75 14.77 15.64 90.51
C THR Z 75 15.79 15.46 89.40
N LYS Z 76 15.44 14.81 88.30
CA LYS Z 76 16.39 14.63 87.21
C LYS Z 76 16.11 15.53 86.02
N LYS Z 77 14.87 15.96 85.79
CA LYS Z 77 14.63 16.77 84.60
C LYS Z 77 14.13 18.19 84.90
N ASP Z 78 13.21 18.36 85.85
CA ASP Z 78 12.69 19.72 86.06
C ASP Z 78 13.48 20.63 86.96
N MET Z 79 14.02 20.14 88.06
CA MET Z 79 14.77 21.06 88.90
C MET Z 79 16.01 20.34 89.43
N LYS Z 80 16.96 20.18 88.53
CA LYS Z 80 18.16 19.40 88.74
C LYS Z 80 19.01 19.97 89.83
N ASP Z 81 19.57 19.08 90.65
CA ASP Z 81 20.52 19.37 91.72
C ASP Z 81 19.95 20.18 92.88
N PHE Z 82 18.64 20.42 92.90
CA PHE Z 82 18.08 21.20 93.97
C PHE Z 82 17.62 20.36 95.14
N PHE Z 83 17.00 19.24 94.85
CA PHE Z 83 16.43 18.41 95.89
C PHE Z 83 17.49 17.41 96.31
N ASP Z 84 17.57 17.14 97.61
CA ASP Z 84 18.51 16.19 98.17
C ASP Z 84 18.03 14.74 97.95
N PRO Z 85 18.74 13.90 97.19
CA PRO Z 85 18.33 12.55 96.84
C PRO Z 85 18.17 11.64 98.04
N LYS Z 86 18.76 12.01 99.16
CA LYS Z 86 18.68 11.17 100.33
C LYS Z 86 17.40 11.45 101.10
N ARG Z 87 16.61 12.39 100.59
CA ARG Z 87 15.34 12.75 101.18
C ARG Z 87 14.21 12.30 100.26
N CYS Z 88 14.51 11.45 99.28
CA CYS Z 88 13.47 10.94 98.40
C CYS Z 88 13.16 9.49 98.72
N VAL Z 89 11.88 9.19 98.84
CA VAL Z 89 11.44 7.82 99.14
C VAL Z 89 10.68 7.25 97.98
N MET Z 90 11.17 6.15 97.43
CA MET Z 90 10.49 5.56 96.28
C MET Z 90 10.17 4.11 96.42
N GLY Z 91 8.96 3.77 96.08
CA GLY Z 91 8.52 2.39 96.01
C GLY Z 91 8.60 1.92 94.57
N LEU Z 92 8.07 0.73 94.31
CA LEU Z 92 8.10 0.18 92.97
C LEU Z 92 6.71 -0.02 92.37
N ALA Z 93 5.76 -0.47 93.18
CA ALA Z 93 4.45 -0.84 92.66
C ALA Z 93 3.49 0.32 92.39
N GLY Z 94 3.70 1.50 92.97
CA GLY Z 94 2.70 2.53 92.78
C GLY Z 94 1.50 2.20 93.66
N ASP Z 95 0.32 2.69 93.30
CA ASP Z 95 -0.83 2.47 94.15
C ASP Z 95 -2.10 1.96 93.45
N ALA Z 96 -2.07 1.73 92.14
CA ALA Z 96 -3.24 1.24 91.39
C ALA Z 96 -4.47 2.10 91.62
N ASN Z 97 -4.25 3.37 91.97
CA ASN Z 97 -5.24 4.38 92.32
C ASN Z 97 -6.06 4.03 93.56
N LEU Z 98 -5.58 3.13 94.40
CA LEU Z 98 -6.33 2.76 95.59
C LEU Z 98 -5.83 3.29 96.90
N PHE Z 99 -6.76 3.82 97.70
CA PHE Z 99 -6.50 4.24 99.07
C PHE Z 99 -5.91 3.08 99.81
N ALA Z 100 -6.45 1.88 99.58
CA ALA Z 100 -6.00 0.72 100.29
C ALA Z 100 -4.49 0.50 100.18
N LYS Z 101 -3.87 0.77 99.04
CA LYS Z 101 -2.44 0.52 99.01
C LYS Z 101 -1.69 1.56 99.78
N GLY Z 102 -2.11 2.81 99.63
CA GLY Z 102 -1.41 3.87 100.32
C GLY Z 102 -1.51 3.78 101.84
N TYR Z 103 -2.65 3.32 102.37
CA TYR Z 103 -2.82 3.28 103.82
C TYR Z 103 -2.69 1.90 104.51
N TYR Z 104 -2.99 0.78 103.83
CA TYR Z 104 -2.96 -0.51 104.56
C TYR Z 104 -1.98 -1.55 104.01
N SER Z 105 -2.00 -1.81 102.70
CA SER Z 105 -1.23 -2.95 102.19
C SER Z 105 0.18 -2.74 101.64
N TYR Z 106 0.50 -1.55 101.13
CA TYR Z 106 1.81 -1.40 100.51
C TYR Z 106 2.57 -0.30 101.19
N GLY Z 107 1.95 0.84 101.34
CA GLY Z 107 2.61 2.02 101.86
C GLY Z 107 3.11 1.87 103.28
N THR Z 108 2.58 0.90 103.98
CA THR Z 108 2.94 0.67 105.35
C THR Z 108 4.35 0.14 105.50
N ARG Z 109 4.88 -0.51 104.46
CA ARG Z 109 6.20 -1.08 104.56
C ARG Z 109 7.27 -0.01 104.44
N PHE Z 110 6.87 1.19 104.06
CA PHE Z 110 7.81 2.28 103.89
C PHE Z 110 7.80 3.19 105.08
N MET Z 111 7.00 2.90 106.10
CA MET Z 111 6.96 3.87 107.17
C MET Z 111 8.22 3.95 107.97
N GLU Z 112 9.01 2.89 108.08
CA GLU Z 112 10.23 3.03 108.84
C GLU Z 112 11.18 3.95 108.11
N GLU Z 113 11.25 3.81 106.78
CA GLU Z 113 12.10 4.63 105.96
C GLU Z 113 11.69 6.08 106.00
N ILE Z 114 10.38 6.31 105.94
CA ILE Z 114 9.87 7.66 105.92
C ILE Z 114 10.09 8.33 107.25
N MET Z 115 9.80 7.66 108.36
CA MET Z 115 10.00 8.31 109.64
C MET Z 115 11.46 8.52 109.94
N ASP Z 116 12.33 7.66 109.41
CA ASP Z 116 13.75 7.84 109.62
C ASP Z 116 14.24 9.07 108.88
N LYS Z 117 13.76 9.27 107.65
CA LYS Z 117 14.16 10.46 106.93
C LYS Z 117 13.61 11.70 107.59
N ILE Z 118 12.39 11.62 108.11
CA ILE Z 118 11.85 12.78 108.77
C ILE Z 118 12.68 13.10 109.97
N GLN Z 119 13.04 12.12 110.79
CA GLN Z 119 13.84 12.49 111.94
C GLN Z 119 15.15 13.10 111.52
N LYS Z 120 15.79 12.59 110.48
CA LYS Z 120 17.05 13.19 110.10
C LYS Z 120 16.87 14.67 109.76
N GLU Z 121 15.73 15.02 109.18
CA GLU Z 121 15.45 16.41 108.83
C GLU Z 121 15.13 17.23 110.11
N VAL Z 122 14.41 16.62 111.04
CA VAL Z 122 14.03 17.26 112.31
C VAL Z 122 15.26 17.53 113.16
N ASP Z 123 16.19 16.62 113.16
CA ASP Z 123 17.41 16.73 113.93
C ASP Z 123 18.30 17.89 113.49
N GLN Z 124 18.03 18.50 112.34
CA GLN Z 124 18.88 19.59 111.92
C GLN Z 124 18.34 20.92 112.42
N THR Z 125 17.19 20.91 113.10
CA THR Z 125 16.59 22.18 113.51
C THR Z 125 16.28 22.33 115.01
N GLU Z 126 16.75 23.45 115.57
CA GLU Z 126 16.57 23.79 116.99
C GLU Z 126 15.14 24.15 117.36
N HIS Z 127 14.46 24.86 116.46
CA HIS Z 127 13.10 25.30 116.75
C HIS Z 127 12.19 24.97 115.61
N LEU Z 128 11.52 23.83 115.73
CA LEU Z 128 10.64 23.36 114.69
C LEU Z 128 9.25 23.83 115.02
N GLN Z 129 8.66 24.54 114.10
CA GLN Z 129 7.35 25.13 114.22
C GLN Z 129 6.28 24.12 113.84
N GLY Z 130 6.55 23.41 112.75
CA GLY Z 130 5.57 22.46 112.27
C GLY Z 130 5.89 21.85 110.94
N PHE Z 131 4.90 21.12 110.44
CA PHE Z 131 4.99 20.41 109.18
C PHE Z 131 3.90 20.81 108.21
N ILE Z 132 4.25 20.82 106.94
CA ILE Z 132 3.24 21.01 105.89
C ILE Z 132 3.26 19.80 104.99
N VAL Z 133 2.13 19.16 104.85
CA VAL Z 133 2.06 18.00 103.98
C VAL Z 133 1.23 18.34 102.77
N VAL Z 134 1.84 18.24 101.61
CA VAL Z 134 1.18 18.58 100.37
C VAL Z 134 0.77 17.32 99.66
N HIS Z 135 -0.52 17.16 99.42
CA HIS Z 135 -0.92 15.92 98.83
C HIS Z 135 -2.22 16.00 98.06
N SER Z 136 -2.36 15.09 97.13
CA SER Z 136 -3.60 14.87 96.43
C SER Z 136 -4.51 14.13 97.34
N ILE Z 137 -5.84 14.28 97.23
CA ILE Z 137 -6.75 13.39 98.02
C ILE Z 137 -7.41 12.45 97.02
N GLY Z 138 -6.94 12.48 95.78
CA GLY Z 138 -7.45 11.68 94.67
C GLY Z 138 -6.93 10.27 94.63
N ASP Z 139 -5.70 10.15 94.19
CA ASP Z 139 -4.97 8.89 94.03
C ASP Z 139 -4.61 8.27 95.34
N GLY Z 140 -4.38 6.96 95.32
CA GLY Z 140 -4.05 6.19 96.50
C GLY Z 140 -2.78 6.62 97.22
N THR Z 141 -1.74 7.01 96.51
CA THR Z 141 -0.56 7.40 97.25
C THR Z 141 -0.84 8.63 98.06
N GLY Z 142 -1.42 9.66 97.45
CA GLY Z 142 -1.74 10.88 98.18
C GLY Z 142 -2.79 10.63 99.25
N ALA Z 143 -3.93 10.07 98.85
CA ALA Z 143 -5.05 9.81 99.73
C ALA Z 143 -4.72 8.87 100.87
N GLY Z 144 -3.89 7.88 100.62
CA GLY Z 144 -3.51 6.87 101.58
C GLY Z 144 -2.31 7.24 102.43
N LEU Z 145 -1.14 7.43 101.82
CA LEU Z 145 -0.01 7.73 102.65
C LEU Z 145 -0.05 9.05 103.33
N ALA Z 146 -0.59 10.11 102.73
CA ALA Z 146 -0.43 11.34 103.44
C ALA Z 146 -0.99 11.23 104.86
N PRO Z 147 -2.22 10.73 105.14
CA PRO Z 147 -2.70 10.48 106.48
C PRO Z 147 -1.90 9.43 107.25
N LEU Z 148 -1.24 8.50 106.58
CA LEU Z 148 -0.49 7.51 107.35
C LEU Z 148 0.73 8.19 107.96
N ILE Z 149 1.32 9.09 107.18
CA ILE Z 149 2.49 9.84 107.56
C ILE Z 149 2.11 10.82 108.64
N MET Z 150 0.98 11.51 108.44
CA MET Z 150 0.56 12.48 109.43
C MET Z 150 0.34 11.83 110.78
N GLU Z 151 -0.29 10.66 110.84
CA GLU Z 151 -0.50 10.03 112.13
C GLU Z 151 0.82 9.66 112.77
N ALA Z 152 1.76 9.14 111.98
CA ALA Z 152 3.04 8.75 112.55
C ALA Z 152 3.77 9.95 113.15
N ILE Z 153 3.67 11.10 112.52
CA ILE Z 153 4.30 12.31 113.04
C ILE Z 153 3.59 12.82 114.28
N LYS Z 154 2.27 12.91 114.27
CA LYS Z 154 1.56 13.45 115.43
C LYS Z 154 1.82 12.64 116.68
N LYS Z 155 2.07 11.34 116.52
CA LYS Z 155 2.28 10.46 117.70
C LYS Z 155 3.70 10.61 118.23
N LYS Z 156 4.59 11.27 117.47
CA LYS Z 156 5.97 11.40 117.86
C LYS Z 156 6.30 12.84 118.27
N HIS Z 157 5.65 13.80 117.62
CA HIS Z 157 5.88 15.20 117.84
C HIS Z 157 4.55 15.92 118.07
N PRO Z 158 3.82 15.61 119.16
CA PRO Z 158 2.45 16.03 119.44
C PRO Z 158 2.26 17.53 119.66
N LYS Z 159 3.35 18.24 119.93
CA LYS Z 159 3.28 19.67 120.20
C LYS Z 159 3.46 20.55 118.96
N LEU Z 160 3.69 19.96 117.82
CA LEU Z 160 3.87 20.72 116.60
C LEU Z 160 2.56 20.95 115.90
N VAL Z 161 2.47 22.01 115.10
CA VAL Z 161 1.26 22.23 114.33
C VAL Z 161 1.40 21.57 112.98
N MET Z 162 0.42 20.79 112.61
CA MET Z 162 0.46 20.16 111.30
C MET Z 162 -0.59 20.71 110.37
N MET Z 163 -0.13 21.14 109.21
CA MET Z 163 -1.01 21.66 108.20
C MET Z 163 -0.96 20.82 106.96
N SER Z 164 -2.09 20.58 106.37
CA SER Z 164 -2.11 19.86 105.13
C SER Z 164 -2.63 20.75 104.03
N TYR Z 165 -2.18 20.48 102.82
CA TYR Z 165 -2.65 21.16 101.64
C TYR Z 165 -3.26 20.08 100.78
N SER Z 166 -4.58 19.94 100.87
CA SER Z 166 -5.33 18.87 100.25
C SER Z 166 -5.89 19.30 98.92
N ILE Z 167 -5.50 18.61 97.87
CA ILE Z 167 -5.93 19.03 96.56
C ILE Z 167 -6.97 18.09 95.99
N VAL Z 168 -8.16 18.62 95.74
CA VAL Z 168 -9.26 17.84 95.25
C VAL Z 168 -9.22 17.82 93.73
N PRO Z 169 -9.09 16.65 93.09
CA PRO Z 169 -9.02 16.46 91.67
C PRO Z 169 -10.31 16.88 91.04
N SER Z 170 -10.22 17.26 89.79
CA SER Z 170 -11.36 17.62 88.99
C SER Z 170 -12.24 16.44 88.59
N GLN Z 171 -13.45 16.78 88.14
CA GLN Z 171 -14.43 15.84 87.61
C GLN Z 171 -14.30 15.65 86.11
N ASN Z 172 -13.29 16.27 85.53
CA ASN Z 172 -13.00 16.20 84.12
C ASN Z 172 -11.53 15.84 83.82
N MET Z 173 -10.61 16.80 83.77
CA MET Z 173 -9.26 16.48 83.33
C MET Z 173 -8.52 15.51 84.25
N ASP Z 174 -8.82 15.50 85.53
CA ASP Z 174 -8.16 14.62 86.48
C ASP Z 174 -9.08 13.50 86.92
N CYS Z 175 -10.19 13.29 86.25
CA CYS Z 175 -11.12 12.35 86.81
C CYS Z 175 -10.72 10.90 86.81
N SER Z 176 -11.37 10.17 87.71
CA SER Z 176 -11.25 8.75 87.96
C SER Z 176 -12.57 8.16 88.39
N THR Z 177 -12.78 6.92 87.99
CA THR Z 177 -14.00 6.19 88.27
C THR Z 177 -14.13 5.80 89.73
N ILE Z 178 -13.06 5.89 90.50
CA ILE Z 178 -13.11 5.58 91.91
C ILE Z 178 -12.73 6.77 92.78
N LEU Z 179 -12.76 7.97 92.20
CA LEU Z 179 -12.44 9.15 92.96
C LEU Z 179 -13.23 9.29 94.25
N PRO Z 180 -14.56 9.10 94.29
CA PRO Z 180 -15.35 9.22 95.49
C PRO Z 180 -14.94 8.27 96.59
N TYR Z 181 -14.31 7.13 96.27
CA TYR Z 181 -13.97 6.28 97.39
C TYR Z 181 -12.74 6.80 98.03
N ASN Z 182 -11.79 7.23 97.23
CA ASN Z 182 -10.57 7.66 97.88
C ASN Z 182 -10.79 8.97 98.61
N ALA Z 183 -11.63 9.84 98.07
CA ALA Z 183 -11.86 11.12 98.72
C ALA Z 183 -12.52 10.97 100.07
N ILE Z 184 -13.52 10.11 100.19
CA ILE Z 184 -14.19 9.95 101.48
C ILE Z 184 -13.31 9.19 102.45
N LEU Z 185 -12.66 8.15 101.99
CA LEU Z 185 -11.82 7.35 102.87
C LEU Z 185 -10.69 8.18 103.43
N SER Z 186 -10.13 9.08 102.63
CA SER Z 186 -9.05 9.90 103.15
C SER Z 186 -9.52 11.14 103.94
N LEU Z 187 -10.70 11.72 103.66
CA LEU Z 187 -11.17 12.84 104.48
C LEU Z 187 -11.40 12.32 105.88
N ASP Z 188 -11.80 11.07 105.98
CA ASP Z 188 -12.04 10.45 107.25
C ASP Z 188 -10.79 10.44 108.11
N LYS Z 189 -9.59 10.39 107.51
CA LYS Z 189 -8.41 10.33 108.33
C LYS Z 189 -7.88 11.73 108.55
N LEU Z 190 -8.08 12.62 107.57
CA LEU Z 190 -7.58 13.99 107.71
C LEU Z 190 -8.27 14.66 108.85
N THR Z 191 -9.52 14.26 109.07
CA THR Z 191 -10.34 14.77 110.14
C THR Z 191 -9.64 14.64 111.49
N SER Z 192 -8.93 13.54 111.76
CA SER Z 192 -8.25 13.44 113.05
C SER Z 192 -6.75 13.77 112.97
N CYS Z 193 -6.17 13.72 111.76
CA CYS Z 193 -4.74 13.95 111.55
C CYS Z 193 -4.23 15.38 111.58
N ALA Z 194 -4.84 16.26 110.80
CA ALA Z 194 -4.32 17.62 110.65
C ALA Z 194 -4.90 18.58 111.66
N ASP Z 195 -4.16 19.64 111.97
CA ASP Z 195 -4.70 20.69 112.81
C ASP Z 195 -5.36 21.72 111.91
N ILE Z 196 -4.76 21.93 110.75
CA ILE Z 196 -5.25 22.85 109.74
C ILE Z 196 -5.31 22.11 108.42
N SER Z 197 -6.42 22.18 107.69
CA SER Z 197 -6.43 21.50 106.40
C SER Z 197 -6.99 22.38 105.31
N MET Z 198 -6.16 22.73 104.34
CA MET Z 198 -6.60 23.63 103.30
C MET Z 198 -7.20 22.82 102.18
N ILE Z 199 -8.33 23.24 101.65
CA ILE Z 199 -8.90 22.54 100.52
C ILE Z 199 -8.87 23.39 99.28
N ILE Z 200 -8.21 22.87 98.26
CA ILE Z 200 -8.15 23.56 96.98
C ILE Z 200 -8.84 22.68 95.96
N ASP Z 201 -9.80 23.24 95.25
CA ASP Z 201 -10.56 22.48 94.25
C ASP Z 201 -10.07 22.71 92.80
N ASN Z 202 -9.54 21.68 92.14
CA ASN Z 202 -9.00 21.90 90.79
C ASN Z 202 -10.06 22.34 89.80
N ASP Z 203 -11.34 22.04 90.03
CA ASP Z 203 -12.32 22.50 89.07
C ASP Z 203 -12.49 23.99 89.13
N SER Z 204 -12.26 24.59 90.30
CA SER Z 204 -12.38 26.01 90.39
C SER Z 204 -11.19 26.60 89.69
N ILE Z 205 -10.04 25.97 89.82
CA ILE Z 205 -8.89 26.53 89.15
C ILE Z 205 -9.11 26.48 87.65
N TYR Z 206 -9.61 25.37 87.13
CA TYR Z 206 -9.77 25.33 85.70
C TYR Z 206 -10.78 26.38 85.20
N ARG Z 207 -11.91 26.59 85.88
CA ARG Z 207 -12.83 27.59 85.35
C ARG Z 207 -12.39 29.02 85.59
N ILE Z 208 -11.64 29.26 86.65
CA ILE Z 208 -11.17 30.59 86.94
C ILE Z 208 -10.11 31.01 85.97
N VAL Z 209 -9.16 30.14 85.70
CA VAL Z 209 -8.13 30.49 84.77
C VAL Z 209 -8.72 30.63 83.39
N ALA Z 210 -9.62 29.73 83.00
CA ALA Z 210 -10.23 29.84 81.69
C ALA Z 210 -10.95 31.17 81.52
N THR Z 211 -11.60 31.66 82.58
CA THR Z 211 -12.27 32.94 82.52
C THR Z 211 -11.26 34.06 82.31
N GLN Z 212 -10.16 34.05 83.06
CA GLN Z 212 -9.16 35.09 82.94
C GLN Z 212 -8.48 35.05 81.59
N GLY Z 213 -8.37 33.86 81.05
CA GLY Z 213 -7.75 33.60 79.78
C GLY Z 213 -8.69 33.72 78.60
N LYS Z 214 -9.92 34.20 78.79
CA LYS Z 214 -10.84 34.24 77.66
C LYS Z 214 -10.33 35.13 76.51
N GLU Z 215 -9.42 36.06 76.83
CA GLU Z 215 -8.84 36.99 75.89
C GLU Z 215 -7.52 36.50 75.27
N ASN Z 216 -6.99 35.35 75.69
CA ASN Z 216 -5.67 34.93 75.19
C ASN Z 216 -5.45 33.41 75.18
N GLU Z 217 -4.27 32.98 74.77
CA GLU Z 217 -3.97 31.55 74.68
C GLU Z 217 -3.31 30.96 75.93
N LEU Z 218 -3.11 31.76 76.96
CA LEU Z 218 -2.45 31.30 78.18
C LEU Z 218 -1.17 30.50 77.91
N SER Z 219 -1.00 29.43 78.68
CA SER Z 219 0.08 28.47 78.66
C SER Z 219 -0.43 27.26 79.39
N GLU Z 220 -0.03 26.08 79.00
CA GLU Z 220 -0.53 24.91 79.73
C GLU Z 220 0.03 24.82 81.16
N SER Z 221 1.11 25.54 81.43
CA SER Z 221 1.71 25.53 82.75
C SER Z 221 0.93 26.35 83.77
N ILE Z 222 0.00 27.16 83.32
CA ILE Z 222 -0.72 28.05 84.22
C ILE Z 222 -1.52 27.36 85.30
N PHE Z 223 -2.02 26.18 85.04
CA PHE Z 223 -2.84 25.54 86.04
C PHE Z 223 -2.00 25.14 87.24
N ASP Z 224 -0.78 24.67 86.99
CA ASP Z 224 0.09 24.27 88.07
C ASP Z 224 0.68 25.47 88.75
N GLN Z 225 0.90 26.56 88.02
CA GLN Z 225 1.47 27.71 88.67
C GLN Z 225 0.46 28.29 89.66
N VAL Z 226 -0.83 28.29 89.31
CA VAL Z 226 -1.82 28.83 90.24
C VAL Z 226 -1.92 27.97 91.49
N LEU Z 227 -1.93 26.66 91.32
CA LEU Z 227 -2.05 25.79 92.47
C LEU Z 227 -0.83 25.91 93.41
N ALA Z 228 0.37 25.95 92.83
CA ALA Z 228 1.58 26.10 93.61
C ALA Z 228 1.66 27.45 94.30
N LYS Z 229 1.23 28.50 93.60
CA LYS Z 229 1.29 29.82 94.14
C LYS Z 229 0.40 29.97 95.33
N ALA Z 230 -0.79 29.36 95.30
CA ALA Z 230 -1.62 29.53 96.46
C ALA Z 230 -0.89 29.03 97.70
N LEU Z 231 -0.14 27.92 97.61
CA LEU Z 231 0.56 27.52 98.84
C LEU Z 231 1.62 28.51 99.22
N VAL Z 232 2.33 29.06 98.24
CA VAL Z 232 3.40 30.00 98.53
C VAL Z 232 2.88 31.22 99.25
N GLU Z 233 1.74 31.74 98.79
CA GLU Z 233 1.14 32.91 99.40
C GLU Z 233 0.61 32.61 100.80
N ILE Z 234 0.06 31.42 101.04
CA ILE Z 234 -0.45 31.07 102.36
C ILE Z 234 0.69 31.14 103.34
N THR Z 235 1.84 30.64 102.91
CA THR Z 235 3.06 30.61 103.69
C THR Z 235 3.86 31.91 103.71
N ALA Z 236 3.45 32.96 103.02
CA ALA Z 236 4.26 34.16 102.98
C ALA Z 236 4.49 34.75 104.34
N THR Z 237 3.51 34.65 105.22
CA THR Z 237 3.61 35.26 106.53
C THR Z 237 4.50 34.44 107.45
N LEU Z 238 4.86 33.24 107.03
CA LEU Z 238 5.71 32.40 107.85
C LEU Z 238 7.16 32.61 107.43
N ARG Z 239 7.37 33.39 106.37
CA ARG Z 239 8.70 33.61 105.81
C ARG Z 239 9.15 35.06 105.94
N PHE Z 240 8.23 35.97 106.01
CA PHE Z 240 8.57 37.38 106.14
C PHE Z 240 8.10 37.87 107.50
N ASN Z 241 8.68 38.94 108.01
CA ASN Z 241 8.28 39.41 109.33
C ASN Z 241 7.00 40.23 109.25
N SER Z 242 5.93 39.48 109.05
CA SER Z 242 4.59 39.94 108.82
C SER Z 242 3.86 40.23 110.12
N PRO Z 243 2.84 41.13 110.15
CA PRO Z 243 2.07 41.34 111.37
C PRO Z 243 0.85 40.41 111.39
N LEU Z 244 0.93 39.27 110.69
CA LEU Z 244 -0.23 38.35 110.58
C LEU Z 244 0.27 36.91 110.42
N ASN Z 245 -0.53 35.92 110.84
CA ASN Z 245 -0.18 34.52 110.71
C ASN Z 245 1.31 34.31 110.94
N ARG Z 246 1.86 35.06 111.91
CA ARG Z 246 3.27 35.01 112.24
C ARG Z 246 3.80 33.60 112.37
N SER Z 247 2.97 32.69 112.85
CA SER Z 247 3.36 31.31 113.03
C SER Z 247 2.18 30.40 112.80
N MET Z 248 2.46 29.11 112.61
CA MET Z 248 1.43 28.12 112.38
C MET Z 248 0.50 28.00 113.57
N MET Z 249 1.02 28.24 114.77
CA MET Z 249 0.19 28.19 115.95
C MET Z 249 -0.83 29.31 115.95
N GLU Z 250 -0.47 30.44 115.36
CA GLU Z 250 -1.39 31.62 115.31
C GLU Z 250 -2.41 31.38 114.21
N MET Z 251 -2.03 30.66 113.15
CA MET Z 251 -3.04 30.38 112.13
C MET Z 251 -4.10 29.48 112.72
N SER Z 252 -3.67 28.52 113.53
CA SER Z 252 -4.59 27.61 114.15
C SER Z 252 -5.53 28.33 115.10
N THR Z 253 -4.99 29.22 115.94
CA THR Z 253 -5.84 29.94 116.93
C THR Z 253 -6.79 30.92 116.23
N ASN Z 254 -6.39 31.51 115.09
CA ASN Z 254 -7.20 32.47 114.39
C ASN Z 254 -8.33 31.85 113.60
N LEU Z 255 -8.08 30.68 113.03
CA LEU Z 255 -9.05 30.05 112.15
C LEU Z 255 -9.84 28.84 112.64
N VAL Z 256 -9.36 28.07 113.62
CA VAL Z 256 -10.07 26.84 113.98
C VAL Z 256 -10.64 26.81 115.40
N PRO Z 257 -11.94 27.13 115.62
CA PRO Z 257 -12.57 27.17 116.94
C PRO Z 257 -12.86 25.82 117.59
N PHE Z 258 -12.99 24.77 116.79
CA PHE Z 258 -13.27 23.45 117.32
C PHE Z 258 -12.33 22.49 116.63
N PRO Z 259 -11.83 21.44 117.28
CA PRO Z 259 -10.93 20.45 116.70
C PRO Z 259 -11.35 19.88 115.36
N ARG Z 260 -12.65 19.69 115.12
CA ARG Z 260 -13.07 19.13 113.85
C ARG Z 260 -13.29 20.17 112.77
N ASN Z 261 -13.56 21.41 113.13
CA ASN Z 261 -13.87 22.39 112.10
C ASN Z 261 -12.63 23.09 111.60
N HIS Z 262 -11.75 22.31 111.01
CA HIS Z 262 -10.48 22.84 110.56
C HIS Z 262 -10.30 22.89 109.05
N PHE Z 263 -11.35 22.65 108.28
CA PHE Z 263 -11.18 22.64 106.84
C PHE Z 263 -11.40 24.04 106.29
N LEU Z 264 -10.37 24.58 105.65
CA LEU Z 264 -10.36 25.95 105.18
C LEU Z 264 -10.36 26.16 103.67
N MET Z 265 -10.98 27.25 103.27
CA MET Z 265 -11.06 27.68 101.88
C MET Z 265 -10.17 28.85 101.61
N THR Z 266 -9.73 29.02 100.36
CA THR Z 266 -8.93 30.20 100.06
C THR Z 266 -9.44 30.97 98.88
N SER Z 267 -8.96 32.19 98.79
CA SER Z 267 -9.24 33.12 97.71
C SER Z 267 -8.00 33.88 97.37
N MET Z 268 -7.72 34.03 96.08
CA MET Z 268 -6.47 34.68 95.70
C MET Z 268 -6.59 35.66 94.55
N SER Z 269 -5.85 36.76 94.66
CA SER Z 269 -5.78 37.77 93.62
C SER Z 269 -4.38 38.35 93.55
N PRO Z 270 -3.81 38.52 92.36
CA PRO Z 270 -4.29 38.34 91.01
C PRO Z 270 -4.20 36.95 90.39
N LEU Z 271 -4.12 35.89 91.19
CA LEU Z 271 -3.99 34.51 90.73
C LEU Z 271 -2.61 34.20 90.17
N GLU Z 272 -2.22 34.92 89.13
CA GLU Z 272 -0.86 34.82 88.62
C GLU Z 272 -0.45 36.12 87.94
N THR Z 273 0.81 36.46 88.09
CA THR Z 273 1.36 37.69 87.55
C THR Z 273 1.20 37.75 86.04
N SER Z 274 1.42 36.63 85.37
CA SER Z 274 1.32 36.53 83.93
C SER Z 274 -0.12 36.61 83.42
N LEU Z 275 -1.09 36.44 84.32
CA LEU Z 275 -2.52 36.58 83.93
C LEU Z 275 -2.87 38.06 83.97
N THR Z 276 -2.24 38.82 84.88
CA THR Z 276 -2.51 40.28 85.00
C THR Z 276 -1.26 41.06 84.57
N SER Z 277 -1.15 41.39 83.28
CA SER Z 277 0.05 42.10 82.77
C SER Z 277 -0.32 43.52 82.32
N ALA Z 278 0.64 44.24 81.73
CA ALA Z 278 0.40 45.64 81.26
C ALA Z 278 0.01 46.52 82.46
N HIS Z 279 -1.04 47.33 82.30
CA HIS Z 279 -1.44 48.28 83.38
C HIS Z 279 -2.20 47.52 84.47
N GLN Z 280 -1.53 47.23 85.58
CA GLN Z 280 -2.18 46.44 86.66
C GLN Z 280 -2.10 47.23 87.95
N LYS Z 281 -2.41 48.52 87.89
CA LYS Z 281 -2.44 49.32 89.14
C LYS Z 281 -3.69 48.88 89.92
N ILE Z 282 -3.58 47.76 90.64
CA ILE Z 282 -4.75 47.25 91.43
C ILE Z 282 -4.78 48.05 92.74
N GLU Z 283 -5.72 48.99 92.85
CA GLU Z 283 -5.79 49.84 94.06
C GLU Z 283 -6.22 48.99 95.26
N THR Z 284 -5.82 49.39 96.46
CA THR Z 284 -6.19 48.64 97.69
C THR Z 284 -7.68 48.31 97.64
N LYS Z 285 -8.50 49.21 97.08
CA LYS Z 285 -9.97 49.03 97.09
C LYS Z 285 -10.39 47.86 96.20
N GLU Z 286 -9.85 47.75 94.99
CA GLU Z 286 -10.30 46.69 94.13
C GLU Z 286 -9.76 45.38 94.61
N LEU Z 287 -8.54 45.35 95.14
CA LEU Z 287 -8.01 44.08 95.60
C LEU Z 287 -8.92 43.45 96.63
N MET Z 288 -9.43 44.23 97.58
CA MET Z 288 -10.28 43.56 98.55
C MET Z 288 -11.63 43.17 98.02
N GLN Z 289 -12.13 43.83 96.99
CA GLN Z 289 -13.40 43.36 96.45
C GLN Z 289 -13.15 42.09 95.65
N ASP Z 290 -11.99 42.00 94.98
CA ASP Z 290 -11.68 40.83 94.17
C ASP Z 290 -11.55 39.60 95.03
N LEU Z 291 -11.04 39.76 96.23
CA LEU Z 291 -10.83 38.61 97.10
C LEU Z 291 -12.11 37.97 97.63
N ILE Z 292 -13.27 38.59 97.50
CA ILE Z 292 -14.50 37.89 97.90
C ILE Z 292 -15.39 37.69 96.69
N ASP Z 293 -14.82 37.85 95.49
CA ASP Z 293 -15.52 37.65 94.25
C ASP Z 293 -15.56 36.18 93.90
N GLN Z 294 -16.58 35.77 93.17
CA GLN Z 294 -16.66 34.38 92.79
C GLN Z 294 -15.50 33.90 91.97
N ASP Z 295 -14.91 34.75 91.16
CA ASP Z 295 -13.88 34.27 90.27
C ASP Z 295 -12.52 34.21 90.90
N HIS Z 296 -12.42 34.51 92.17
CA HIS Z 296 -11.16 34.40 92.86
C HIS Z 296 -11.17 33.33 93.94
N ILE Z 297 -12.27 32.61 94.08
CA ILE Z 297 -12.36 31.63 95.15
C ILE Z 297 -12.05 30.26 94.61
N LEU Z 298 -11.07 29.58 95.20
CA LEU Z 298 -10.63 28.31 94.66
C LEU Z 298 -11.42 27.15 95.27
N ALA Z 299 -12.73 27.26 95.14
CA ALA Z 299 -13.71 26.32 95.65
C ALA Z 299 -15.04 26.64 95.00
N PRO Z 300 -15.98 25.72 94.89
CA PRO Z 300 -17.32 26.00 94.38
C PRO Z 300 -18.18 26.64 95.46
N ILE Z 301 -17.70 27.78 95.92
CA ILE Z 301 -18.30 28.54 97.00
C ILE Z 301 -18.53 30.00 96.71
N THR Z 302 -19.72 30.44 97.03
CA THR Z 302 -20.13 31.82 96.94
C THR Z 302 -20.14 32.28 98.38
N VAL Z 303 -19.47 33.38 98.71
CA VAL Z 303 -19.40 33.74 100.14
C VAL Z 303 -20.75 34.13 100.68
N GLU Z 304 -21.59 34.69 99.82
CA GLU Z 304 -22.93 35.13 100.14
C GLU Z 304 -23.86 33.98 100.51
N LYS Z 305 -23.49 32.75 100.16
CA LYS Z 305 -24.34 31.61 100.42
C LYS Z 305 -23.69 30.67 101.40
N GLY Z 306 -23.79 31.01 102.67
CA GLY Z 306 -23.16 30.25 103.73
C GLY Z 306 -22.75 31.20 104.85
N VAL Z 307 -22.15 30.64 105.88
CA VAL Z 307 -21.79 31.43 107.05
C VAL Z 307 -20.31 31.29 107.44
N PHE Z 308 -19.70 32.42 107.74
CA PHE Z 308 -18.32 32.48 108.18
C PHE Z 308 -18.18 32.22 109.65
N THR Z 309 -17.11 31.54 110.00
CA THR Z 309 -16.76 31.32 111.38
C THR Z 309 -15.49 32.10 111.68
N ALA Z 310 -14.65 32.24 110.66
CA ALA Z 310 -13.39 32.97 110.80
C ALA Z 310 -12.98 33.51 109.46
N PHE Z 311 -12.31 34.65 109.43
CA PHE Z 311 -11.89 35.18 108.14
C PHE Z 311 -10.66 36.06 108.23
N VAL Z 312 -9.57 35.62 107.61
CA VAL Z 312 -8.32 36.38 107.64
C VAL Z 312 -7.85 36.77 106.25
N ILE Z 313 -7.61 38.06 106.07
CA ILE Z 313 -7.14 38.58 104.80
C ILE Z 313 -5.69 39.03 104.88
N ALA Z 314 -4.81 38.36 104.14
CA ALA Z 314 -3.40 38.69 104.16
C ALA Z 314 -3.00 39.33 102.86
N LEU Z 315 -2.61 40.59 102.94
CA LEU Z 315 -2.26 41.33 101.75
C LEU Z 315 -0.76 41.53 101.70
N ARG Z 316 -0.25 41.90 100.55
CA ARG Z 316 1.14 42.21 100.42
C ARG Z 316 1.27 43.55 99.72
N GLY Z 317 2.22 44.37 100.16
CA GLY Z 317 2.46 45.68 99.57
C GLY Z 317 1.78 46.75 100.40
N GLU Z 318 1.94 48.01 100.02
CA GLU Z 318 1.29 49.02 100.81
C GLU Z 318 -0.21 48.92 100.62
N ASN Z 319 -0.88 48.86 101.74
CA ASN Z 319 -2.32 48.73 101.86
C ASN Z 319 -2.80 49.54 103.05
N PRO Z 320 -3.07 50.84 102.92
CA PRO Z 320 -3.38 51.72 104.01
C PRO Z 320 -4.50 51.13 104.82
N HIS Z 321 -4.38 51.22 106.13
CA HIS Z 321 -5.38 50.60 106.99
C HIS Z 321 -6.73 51.23 106.93
N SER Z 322 -6.81 52.53 106.62
CA SER Z 322 -8.10 53.17 106.54
C SER Z 322 -8.89 52.67 105.35
N ILE Z 323 -8.20 52.12 104.36
CA ILE Z 323 -8.89 51.61 103.21
C ILE Z 323 -9.33 50.24 103.55
N LEU Z 324 -8.48 49.49 104.22
CA LEU Z 324 -8.85 48.13 104.51
C LEU Z 324 -10.09 48.14 105.39
N GLN Z 325 -10.19 49.09 106.32
CA GLN Z 325 -11.36 49.12 107.17
C GLN Z 325 -12.61 49.53 106.42
N ASN Z 326 -12.51 50.45 105.47
CA ASN Z 326 -13.73 50.78 104.75
C ASN Z 326 -14.14 49.64 103.84
N SER Z 327 -13.17 48.89 103.29
CA SER Z 327 -13.49 47.77 102.44
C SER Z 327 -14.20 46.69 103.24
N ILE Z 328 -13.76 46.45 104.47
CA ILE Z 328 -14.44 45.46 105.29
C ILE Z 328 -15.82 45.91 105.66
N LYS Z 329 -16.00 47.15 106.07
CA LYS Z 329 -17.33 47.59 106.44
C LYS Z 329 -18.27 47.46 105.25
N GLY Z 330 -17.74 47.72 104.06
CA GLY Z 330 -18.43 47.69 102.80
C GLY Z 330 -18.80 46.29 102.33
N PHE Z 331 -18.37 45.25 103.07
CA PHE Z 331 -18.73 43.91 102.72
C PHE Z 331 -20.22 43.73 103.00
N GLY Z 332 -20.77 44.51 103.94
CA GLY Z 332 -22.19 44.42 104.22
C GLY Z 332 -22.58 43.04 104.69
N ASP Z 333 -23.61 42.49 104.09
CA ASP Z 333 -24.10 41.17 104.41
C ASP Z 333 -23.61 40.10 103.47
N ARG Z 334 -22.59 40.42 102.68
CA ARG Z 334 -22.01 39.42 101.81
C ARG Z 334 -21.15 38.51 102.66
N VAL Z 335 -20.58 39.08 103.70
CA VAL Z 335 -19.75 38.36 104.63
C VAL Z 335 -20.45 38.35 105.96
N LYS Z 336 -21.07 37.22 106.28
CA LYS Z 336 -21.86 37.13 107.49
C LYS Z 336 -21.45 35.97 108.34
N PHE Z 337 -21.51 36.17 109.66
CA PHE Z 337 -21.12 35.12 110.63
C PHE Z 337 -22.34 34.75 111.47
N SER Z 338 -22.13 33.96 112.52
CA SER Z 338 -23.25 33.58 113.42
C SER Z 338 -23.56 34.74 114.36
N GLU Z 339 -24.68 34.65 115.09
CA GLU Z 339 -25.04 35.72 116.06
C GLU Z 339 -24.22 35.49 117.34
N ILE Z 340 -23.50 34.37 117.41
CA ILE Z 340 -22.64 34.11 118.60
C ILE Z 340 -21.20 34.57 118.29
N PHE Z 341 -20.99 35.29 117.17
CA PHE Z 341 -19.66 35.80 116.92
C PHE Z 341 -19.74 37.27 116.53
N PRO Z 342 -18.72 38.06 116.83
CA PRO Z 342 -18.53 39.38 116.30
C PRO Z 342 -18.08 39.14 114.89
N THR Z 343 -18.20 40.12 114.01
CA THR Z 343 -17.69 39.94 112.66
C THR Z 343 -16.19 40.08 112.65
N ALA Z 344 -15.55 39.02 113.10
CA ALA Z 344 -14.13 38.96 113.31
C ALA Z 344 -13.35 38.77 112.03
N ILE Z 345 -13.31 39.83 111.25
CA ILE Z 345 -12.58 39.85 110.00
C ILE Z 345 -11.29 40.58 110.22
N LYS Z 346 -10.15 39.91 110.04
CA LYS Z 346 -8.84 40.53 110.35
C LYS Z 346 -8.03 40.73 109.07
N ALA Z 347 -7.51 41.94 108.86
CA ALA Z 347 -6.75 42.20 107.65
C ALA Z 347 -5.56 43.09 107.91
N ASP Z 348 -4.48 42.81 107.21
CA ASP Z 348 -3.25 43.63 107.26
C ASP Z 348 -2.35 43.25 106.10
N SER Z 349 -1.19 43.89 105.96
CA SER Z 349 -0.28 43.54 104.88
C SER Z 349 1.19 43.37 105.23
N THR Z 350 1.85 42.56 104.40
CA THR Z 350 3.28 42.25 104.49
C THR Z 350 4.08 42.60 103.25
N THR Z 351 5.34 42.20 103.24
CA THR Z 351 6.32 42.48 102.19
C THR Z 351 6.09 41.86 100.82
N LEU Z 352 6.24 42.72 99.79
CA LEU Z 352 6.12 42.26 98.39
C LEU Z 352 7.51 42.04 97.80
N THR Z 353 7.70 40.94 97.09
CA THR Z 353 8.91 40.49 96.46
C THR Z 353 8.87 40.46 94.93
N ASP Z 354 7.65 40.50 94.37
CA ASP Z 354 7.42 40.42 92.93
C ASP Z 354 7.38 41.80 92.33
N GLU Z 355 8.41 42.14 91.57
CA GLU Z 355 8.59 43.48 91.03
C GLU Z 355 7.55 43.88 89.99
N LYS Z 356 6.75 42.93 89.51
CA LYS Z 356 5.74 43.24 88.52
C LYS Z 356 4.38 43.61 89.12
N LEU Z 357 4.20 43.43 90.42
CA LEU Z 357 2.90 43.72 91.00
C LEU Z 357 2.91 44.80 92.04
N ALA Z 358 1.97 45.72 91.90
CA ALA Z 358 1.83 46.79 92.87
C ALA Z 358 1.45 46.27 94.25
N ARG Z 359 0.62 45.24 94.27
CA ARG Z 359 0.14 44.61 95.50
C ARG Z 359 -0.54 43.32 95.18
N SER Z 360 -0.79 42.52 96.20
CA SER Z 360 -1.49 41.25 96.01
C SER Z 360 -2.08 40.75 97.29
N GLY Z 361 -2.85 39.67 97.23
CA GLY Z 361 -3.32 39.09 98.49
C GLY Z 361 -4.03 37.75 98.40
N ILE Z 362 -4.21 37.16 99.57
CA ILE Z 362 -4.84 35.86 99.73
C ILE Z 362 -5.68 35.83 100.99
N THR Z 363 -6.78 35.09 100.98
CA THR Z 363 -7.52 34.98 102.23
C THR Z 363 -7.64 33.55 102.64
N LEU Z 364 -7.84 33.36 103.94
CA LEU Z 364 -8.10 32.08 104.56
C LEU Z 364 -9.47 32.13 105.20
N MET Z 365 -10.37 31.25 104.80
CA MET Z 365 -11.72 31.32 105.29
C MET Z 365 -12.20 30.05 105.94
N ASN Z 366 -12.87 30.20 107.06
CA ASN Z 366 -13.49 29.06 107.70
C ASN Z 366 -14.95 29.33 107.44
N HIS Z 367 -15.51 28.63 106.47
CA HIS Z 367 -16.85 28.89 105.96
C HIS Z 367 -17.60 27.61 105.73
N SER Z 368 -18.89 27.63 106.05
CA SER Z 368 -19.76 26.47 105.97
C SER Z 368 -19.93 25.88 104.60
N GLY Z 369 -19.56 26.62 103.55
CA GLY Z 369 -19.68 26.16 102.18
C GLY Z 369 -18.82 24.94 101.90
N VAL Z 370 -17.85 24.64 102.77
CA VAL Z 370 -17.05 23.45 102.57
C VAL Z 370 -17.91 22.20 102.62
N ALA Z 371 -18.98 22.27 103.39
CA ALA Z 371 -19.88 21.17 103.58
C ALA Z 371 -20.51 20.76 102.27
N ASN Z 372 -20.62 21.69 101.31
CA ASN Z 372 -21.24 21.38 100.05
C ASN Z 372 -20.34 20.51 99.19
N LEU Z 373 -19.02 20.66 99.34
CA LEU Z 373 -18.09 19.86 98.57
C LEU Z 373 -18.10 18.48 99.14
N PHE Z 374 -18.14 18.42 100.46
CA PHE Z 374 -18.14 17.13 101.10
C PHE Z 374 -19.41 16.40 100.75
N GLN Z 375 -20.56 17.08 100.74
CA GLN Z 375 -21.79 16.37 100.41
C GLN Z 375 -21.78 15.92 98.97
N PHE Z 376 -21.22 16.71 98.06
CA PHE Z 376 -21.17 16.29 96.68
C PHE Z 376 -20.43 14.99 96.54
N LEU Z 377 -19.25 14.92 97.13
CA LEU Z 377 -18.44 13.71 97.05
C LEU Z 377 -19.07 12.57 97.80
N LEU Z 378 -19.73 12.85 98.92
CA LEU Z 378 -20.35 11.79 99.69
C LEU Z 378 -21.51 11.19 98.93
N THR Z 379 -22.30 11.99 98.22
CA THR Z 379 -23.39 11.41 97.45
C THR Z 379 -22.83 10.45 96.41
N GLN Z 380 -21.75 10.85 95.73
CA GLN Z 380 -21.20 9.97 94.70
C GLN Z 380 -20.71 8.67 95.34
N PHE Z 381 -20.11 8.77 96.53
CA PHE Z 381 -19.62 7.61 97.27
C PHE Z 381 -20.77 6.66 97.53
N GLU Z 382 -21.88 7.18 98.02
CA GLU Z 382 -23.01 6.33 98.34
C GLU Z 382 -23.59 5.63 97.13
N LEU Z 383 -23.67 6.30 95.98
CA LEU Z 383 -24.23 5.61 94.82
C LEU Z 383 -23.38 4.41 94.44
N MET Z 384 -22.07 4.58 94.51
CA MET Z 384 -21.19 3.46 94.17
C MET Z 384 -21.16 2.41 95.25
N TYR Z 385 -21.06 2.82 96.50
CA TYR Z 385 -20.91 1.88 97.59
C TYR Z 385 -22.10 0.98 97.72
N ASP Z 386 -23.28 1.55 97.64
CA ASP Z 386 -24.51 0.80 97.86
C ASP Z 386 -24.75 -0.27 96.79
N HIS Z 387 -24.03 -0.21 95.67
CA HIS Z 387 -24.19 -1.20 94.63
C HIS Z 387 -22.86 -1.92 94.37
N ASP Z 388 -21.95 -1.84 95.34
CA ASP Z 388 -20.63 -2.46 95.32
C ASP Z 388 -19.76 -2.15 94.11
N ALA Z 389 -19.81 -0.95 93.55
CA ALA Z 389 -18.97 -0.76 92.38
C ALA Z 389 -17.53 -0.68 92.80
N PHE Z 390 -16.67 -1.47 92.17
CA PHE Z 390 -15.24 -1.42 92.43
C PHE Z 390 -14.84 -1.67 93.86
N THR Z 391 -15.64 -2.37 94.66
CA THR Z 391 -15.21 -2.56 96.04
C THR Z 391 -14.30 -3.75 96.20
N THR Z 392 -14.31 -4.64 95.22
CA THR Z 392 -13.49 -5.83 95.31
C THR Z 392 -12.02 -5.45 95.32
N TRP Z 393 -11.67 -4.37 94.66
CA TRP Z 393 -10.29 -3.98 94.58
C TRP Z 393 -9.75 -3.51 95.90
N TYR Z 394 -10.61 -3.05 96.80
CA TYR Z 394 -10.17 -2.57 98.09
C TYR Z 394 -10.21 -3.71 99.09
N TYR Z 395 -11.18 -4.60 98.92
CA TYR Z 395 -11.36 -5.71 99.86
C TYR Z 395 -10.20 -6.68 99.71
N GLN Z 396 -9.68 -6.78 98.48
CA GLN Z 396 -8.57 -7.66 98.18
C GLN Z 396 -7.29 -7.24 98.86
N GLU Z 397 -7.22 -6.00 99.35
CA GLU Z 397 -6.01 -5.55 100.00
C GLU Z 397 -6.23 -5.21 101.47
N GLY Z 398 -7.28 -5.80 102.06
CA GLY Z 398 -7.52 -5.63 103.49
C GLY Z 398 -8.61 -4.65 103.95
N MET Z 399 -9.31 -3.99 103.06
CA MET Z 399 -10.32 -3.10 103.59
C MET Z 399 -11.63 -3.75 103.92
N GLN Z 400 -11.71 -4.33 105.10
CA GLN Z 400 -12.89 -5.02 105.55
C GLN Z 400 -14.03 -4.00 105.34
N PRO Z 401 -15.23 -4.38 104.85
CA PRO Z 401 -16.35 -3.50 104.55
C PRO Z 401 -16.76 -2.46 105.61
N SER Z 402 -16.62 -2.77 106.90
CA SER Z 402 -17.03 -1.81 107.91
C SER Z 402 -16.16 -0.56 107.91
N GLU Z 403 -15.01 -0.64 107.24
CA GLU Z 403 -14.08 0.46 107.11
C GLU Z 403 -14.71 1.55 106.25
N PHE Z 404 -15.48 1.15 105.24
CA PHE Z 404 -16.13 2.07 104.33
C PHE Z 404 -17.30 2.69 105.02
N GLU Z 405 -18.00 1.86 105.80
CA GLU Z 405 -19.17 2.33 106.52
C GLU Z 405 -18.77 3.36 107.56
N ALA Z 406 -17.65 3.15 108.23
CA ALA Z 406 -17.21 4.12 109.20
C ALA Z 406 -16.91 5.45 108.57
N ALA Z 407 -16.24 5.44 107.40
CA ALA Z 407 -15.92 6.70 106.75
C ALA Z 407 -17.18 7.43 106.32
N LYS Z 408 -18.16 6.68 105.85
CA LYS Z 408 -19.42 7.24 105.43
C LYS Z 408 -20.09 7.98 106.57
N ASN Z 409 -20.12 7.37 107.74
CA ASN Z 409 -20.77 8.01 108.85
C ASN Z 409 -20.00 9.20 109.37
N ASN Z 410 -18.68 9.12 109.44
CA ASN Z 410 -17.87 10.25 109.93
C ASN Z 410 -18.09 11.48 109.05
N ILE Z 411 -18.10 11.32 107.72
CA ILE Z 411 -18.23 12.47 106.86
C ILE Z 411 -19.64 13.01 106.98
N GLN Z 412 -20.68 12.16 107.05
CA GLN Z 412 -21.99 12.74 107.15
C GLN Z 412 -22.10 13.59 108.43
N LYS Z 413 -21.45 13.13 109.52
CA LYS Z 413 -21.45 13.92 110.75
C LYS Z 413 -20.72 15.24 110.57
N LEU Z 414 -19.62 15.23 109.83
CA LEU Z 414 -18.84 16.45 109.60
C LEU Z 414 -19.65 17.46 108.82
N ILE Z 415 -20.39 16.99 107.82
CA ILE Z 415 -21.22 17.86 107.00
C ILE Z 415 -22.30 18.48 107.87
N THR Z 416 -22.90 17.65 108.70
CA THR Z 416 -23.97 18.07 109.59
C THR Z 416 -23.47 19.17 110.50
N GLU Z 417 -22.28 19.01 111.06
CA GLU Z 417 -21.71 20.00 111.96
C GLU Z 417 -21.39 21.33 111.26
N TYR Z 418 -20.86 21.29 110.04
CA TYR Z 418 -20.55 22.55 109.37
C TYR Z 418 -21.80 23.32 109.00
N LYS Z 419 -22.89 22.63 108.77
CA LYS Z 419 -24.11 23.31 108.39
C LYS Z 419 -24.97 23.75 109.58
N GLN Z 420 -24.49 23.55 110.80
CA GLN Z 420 -25.32 23.88 111.99
C GLN Z 420 -25.79 25.33 111.90
N ASP Z 421 -24.89 26.27 111.56
CA ASP Z 421 -25.26 27.71 111.55
C ASP Z 421 -26.17 28.05 110.37
N GLU Z 422 -26.17 27.22 109.33
CA GLU Z 422 -27.06 27.46 108.17
C GLU Z 422 -28.52 27.42 108.66
N TYR Z 423 -28.88 26.41 109.45
CA TYR Z 423 -30.26 26.30 110.00
C TYR Z 423 -30.46 27.40 111.04
N ALA AA 2 55.91 34.47 69.38
CA ALA AA 2 56.38 33.57 70.42
C ALA AA 2 55.63 32.23 70.40
N GLY AA 3 54.29 32.23 70.46
CA GLY AA 3 53.45 31.01 70.50
C GLY AA 3 53.33 30.35 69.12
N GLU AA 4 54.47 30.00 68.56
CA GLU AA 4 54.55 29.44 67.21
C GLU AA 4 54.09 28.00 67.21
N ILE AA 5 53.37 27.60 66.19
CA ILE AA 5 52.82 26.25 66.15
C ILE AA 5 53.37 25.38 65.05
N VAL AA 6 53.77 24.17 65.42
CA VAL AA 6 54.25 23.22 64.42
C VAL AA 6 53.21 22.12 64.26
N CYS AA 7 52.70 21.96 63.06
CA CYS AA 7 51.70 20.93 62.85
C CYS AA 7 52.35 19.67 62.31
N ILE AA 8 51.84 18.52 62.70
CA ILE AA 8 52.34 17.27 62.19
C ILE AA 8 51.14 16.54 61.59
N GLN AA 9 51.25 16.14 60.35
CA GLN AA 9 50.14 15.49 59.66
C GLN AA 9 50.51 14.06 59.37
N VAL AA 10 49.81 13.08 59.91
CA VAL AA 10 50.27 11.73 59.65
C VAL AA 10 49.20 10.85 59.01
N GLY AA 11 49.54 10.30 57.86
CA GLY AA 11 48.65 9.39 57.15
C GLY AA 11 47.68 10.10 56.21
N GLN AA 12 46.92 9.34 55.45
CA GLN AA 12 46.04 9.93 54.47
C GLN AA 12 44.94 10.81 55.05
N ALA AA 13 44.31 10.37 56.13
CA ALA AA 13 43.25 11.20 56.68
C ALA AA 13 43.86 12.43 57.27
N GLY AA 14 45.02 12.26 57.87
CA GLY AA 14 45.69 13.35 58.53
C GLY AA 14 46.02 14.44 57.54
N ASN AA 15 46.49 14.04 56.37
CA ASN AA 15 46.87 14.99 55.36
C ASN AA 15 45.66 15.65 54.72
N GLN AA 16 44.56 14.92 54.54
CA GLN AA 16 43.41 15.55 53.92
C GLN AA 16 42.72 16.53 54.84
N ILE AA 17 42.66 16.21 56.13
CA ILE AA 17 42.02 17.10 57.07
C ILE AA 17 42.85 18.33 57.26
N ALA AA 18 44.15 18.13 57.47
CA ALA AA 18 45.04 19.25 57.65
C ALA AA 18 45.06 20.10 56.40
N GLY AA 19 44.96 19.49 55.23
CA GLY AA 19 44.95 20.22 54.00
C GLY AA 19 43.81 21.21 53.98
N ALA AA 20 42.60 20.73 54.33
CA ALA AA 20 41.43 21.61 54.35
C ALA AA 20 41.65 22.76 55.33
N PHE AA 21 42.27 22.46 56.47
CA PHE AA 21 42.59 23.49 57.44
C PHE AA 21 43.49 24.54 56.86
N TRP AA 22 44.59 24.13 56.25
CA TRP AA 22 45.53 25.09 55.75
C TRP AA 22 44.94 25.99 54.71
N GLN AA 23 44.10 25.43 53.84
CA GLN AA 23 43.49 26.24 52.83
C GLN AA 23 42.46 27.21 53.40
N LYS AA 24 41.83 26.89 54.53
CA LYS AA 24 40.90 27.85 55.13
C LYS AA 24 41.67 28.95 55.86
N ILE AA 25 42.80 28.60 56.48
CA ILE AA 25 43.63 29.57 57.19
C ILE AA 25 44.14 30.61 56.21
N CYS AA 26 44.53 30.16 55.04
CA CYS AA 26 45.01 31.02 54.00
C CYS AA 26 43.92 31.93 53.45
N ALA AA 27 42.66 31.65 53.72
CA ALA AA 27 41.66 32.53 53.21
C ALA AA 27 41.45 33.66 54.21
N GLU AA 28 41.48 33.32 55.49
CA GLU AA 28 41.23 34.35 56.53
C GLU AA 28 42.41 35.32 56.59
N HIS AA 29 43.64 34.84 56.39
CA HIS AA 29 44.83 35.72 56.53
C HIS AA 29 45.06 36.50 55.24
N GLY AA 30 44.60 35.97 54.12
CA GLY AA 30 44.78 36.64 52.81
C GLY AA 30 46.00 36.15 52.09
N ILE AA 31 46.10 34.83 51.88
CA ILE AA 31 47.29 34.23 51.20
C ILE AA 31 46.77 33.37 50.05
N ASP AA 32 47.50 33.22 48.95
CA ASP AA 32 47.00 32.35 47.89
C ASP AA 32 47.10 30.87 48.31
N PRO AA 33 45.98 30.12 48.48
CA PRO AA 33 45.93 28.75 48.95
C PRO AA 33 46.68 27.77 48.07
N VAL AA 34 47.02 28.14 46.83
CA VAL AA 34 47.74 27.20 45.98
C VAL AA 34 49.16 27.63 45.64
N ASN AA 35 49.59 28.77 46.19
CA ASN AA 35 50.95 29.28 45.93
C ASN AA 35 51.70 29.67 47.18
N GLY AA 36 50.98 30.19 48.18
CA GLY AA 36 51.57 30.72 49.39
C GLY AA 36 51.93 32.18 49.23
N LYS AA 37 51.75 32.68 48.00
CA LYS AA 37 52.21 34.07 47.72
C LYS AA 37 51.14 35.08 48.15
N ALA AA 38 51.57 36.14 48.82
CA ALA AA 38 50.65 37.19 49.23
C ALA AA 38 51.33 38.52 49.24
N ILE AA 39 50.55 39.56 49.05
CA ILE AA 39 51.11 40.90 49.15
C ILE AA 39 50.65 41.54 50.44
N ASP AA 40 49.34 41.54 50.66
CA ASP AA 40 48.74 42.15 51.82
C ASP AA 40 48.02 41.13 52.65
N VAL AA 41 48.51 40.90 53.86
CA VAL AA 41 47.92 39.90 54.74
C VAL AA 41 47.53 40.57 56.03
N VAL AA 42 46.67 39.90 56.77
CA VAL AA 42 46.22 40.41 58.04
C VAL AA 42 46.42 39.36 59.10
N GLY AA 43 46.41 39.78 60.35
CA GLY AA 43 46.51 38.84 61.46
C GLY AA 43 47.96 38.55 61.76
N ASP AA 44 48.22 37.72 62.75
CA ASP AA 44 49.56 37.36 63.12
C ASP AA 44 49.96 36.10 62.37
N THR AA 45 50.48 36.26 61.16
CA THR AA 45 50.73 35.14 60.29
C THR AA 45 51.93 34.34 60.70
N ASP AA 46 52.72 34.90 61.60
CA ASP AA 46 53.92 34.25 62.07
C ASP AA 46 53.61 33.04 62.93
N ILE AA 47 52.41 32.93 63.46
CA ILE AA 47 52.13 31.79 64.31
C ILE AA 47 52.17 30.49 63.52
N PHE AA 48 51.57 30.48 62.32
CA PHE AA 48 51.55 29.28 61.50
C PHE AA 48 52.42 29.31 60.25
N PHE AA 49 52.88 30.46 59.77
CA PHE AA 49 53.64 30.46 58.54
C PHE AA 49 55.04 31.03 58.69
N ASN AA 50 55.97 30.44 57.97
CA ASN AA 50 57.34 30.92 57.88
C ASN AA 50 57.42 31.82 56.67
N THR AA 51 57.56 33.13 56.86
CA THR AA 51 57.51 33.96 55.67
C THR AA 51 58.89 34.24 55.13
N ILE AA 52 59.08 33.90 53.87
CA ILE AA 52 60.32 34.15 53.15
C ILE AA 52 59.99 34.96 51.91
N GLY AA 53 60.50 36.17 51.82
CA GLY AA 53 60.13 37.00 50.69
C GLY AA 53 58.64 37.26 50.79
N ASP AA 54 57.89 37.01 49.72
CA ASP AA 54 56.46 37.21 49.74
C ASP AA 54 55.70 35.88 49.81
N LYS AA 55 56.40 34.80 50.15
CA LYS AA 55 55.78 33.50 50.27
C LYS AA 55 55.60 33.07 51.71
N TYR AA 56 54.40 32.67 52.04
CA TYR AA 56 54.05 32.23 53.37
C TYR AA 56 54.04 30.73 53.38
N ILE AA 57 54.98 30.14 54.08
CA ILE AA 57 55.14 28.71 54.08
C ILE AA 57 54.56 28.09 55.34
N PRO AA 58 53.52 27.28 55.28
CA PRO AA 58 52.89 26.76 56.45
C PRO AA 58 53.89 25.90 57.14
N ARG AA 59 53.94 26.01 58.47
CA ARG AA 59 54.85 25.18 59.30
C ARG AA 59 54.16 23.84 59.60
N ALA AA 60 54.49 22.80 58.84
CA ALA AA 60 53.92 21.51 59.00
C ALA AA 60 54.91 20.46 58.60
N VAL AA 61 54.80 19.32 59.23
CA VAL AA 61 55.60 18.18 58.90
C VAL AA 61 54.65 17.19 58.29
N VAL AA 62 54.89 16.80 57.05
CA VAL AA 62 53.94 15.92 56.40
C VAL AA 62 54.50 14.53 56.34
N VAL AA 63 53.80 13.59 56.97
CA VAL AA 63 54.33 12.26 57.13
C VAL AA 63 53.50 11.13 56.58
N ASP AA 64 54.15 10.26 55.84
CA ASP AA 64 53.45 9.08 55.39
C ASP AA 64 54.42 7.89 55.30
N LEU AA 65 53.91 6.72 54.95
CA LEU AA 65 54.72 5.54 54.73
C LEU AA 65 54.56 5.20 53.28
N GLU AA 66 53.63 5.90 52.66
CA GLU AA 66 53.28 5.78 51.25
C GLU AA 66 54.47 6.17 50.34
N PRO AA 67 54.81 5.37 49.32
CA PRO AA 67 55.88 5.60 48.34
C PRO AA 67 55.86 6.92 47.54
N ALA AA 68 54.72 7.57 47.34
CA ALA AA 68 54.74 8.80 46.53
C ALA AA 68 53.92 9.92 47.13
N VAL AA 69 54.18 10.20 48.39
CA VAL AA 69 53.45 11.24 49.08
C VAL AA 69 53.68 12.64 48.51
N VAL AA 70 54.85 12.95 47.96
CA VAL AA 70 55.04 14.32 47.48
C VAL AA 70 54.18 14.64 46.27
N GLU AA 71 54.18 13.74 45.29
CA GLU AA 71 53.42 13.96 44.09
C GLU AA 71 51.94 14.04 44.39
N ASN AA 72 51.49 13.27 45.38
CA ASN AA 72 50.10 13.23 45.78
C ASN AA 72 49.64 14.54 46.42
N ILE AA 73 50.60 15.35 46.85
CA ILE AA 73 50.31 16.62 47.46
C ILE AA 73 50.31 17.68 46.41
N ARG AA 74 51.32 17.68 45.56
CA ARG AA 74 51.39 18.68 44.46
C ARG AA 74 50.08 18.68 43.67
N GLU AA 75 49.53 17.50 43.41
CA GLU AA 75 48.31 17.40 42.63
C GLU AA 75 47.09 18.06 43.27
N LYS AA 76 47.06 18.19 44.59
CA LYS AA 76 45.88 18.78 45.21
C LYS AA 76 46.14 20.15 45.86
N PHE AA 77 47.33 20.36 46.40
CA PHE AA 77 47.65 21.57 47.12
C PHE AA 77 48.65 22.49 46.43
N GLY AA 78 48.97 22.24 45.17
CA GLY AA 78 49.86 23.12 44.45
C GLY AA 78 51.22 23.18 45.08
N THR AA 79 51.68 24.38 45.34
CA THR AA 79 52.98 24.58 45.92
C THR AA 79 52.90 25.20 47.29
N LEU AA 80 51.74 25.06 47.94
CA LEU AA 80 51.56 25.63 49.27
C LEU AA 80 52.54 25.02 50.28
N PHE AA 81 52.80 23.72 50.18
CA PHE AA 81 53.68 23.07 51.15
C PHE AA 81 55.08 22.96 50.59
N ASP AA 82 56.07 23.17 51.46
CA ASP AA 82 57.49 23.06 51.09
C ASP AA 82 57.92 21.60 51.04
N PRO AA 83 58.32 21.04 49.89
CA PRO AA 83 58.69 19.65 49.68
C PRO AA 83 59.74 19.13 50.64
N LYS AA 84 60.54 20.02 51.21
CA LYS AA 84 61.59 19.57 52.13
C LYS AA 84 61.01 19.05 53.43
N SER AA 85 59.76 19.41 53.70
CA SER AA 85 59.05 19.02 54.91
C SER AA 85 58.21 17.78 54.69
N ILE AA 86 58.25 17.19 53.50
CA ILE AA 86 57.41 16.03 53.24
C ILE AA 86 58.23 14.76 53.29
N VAL AA 87 57.84 13.86 54.19
CA VAL AA 87 58.58 12.63 54.38
C VAL AA 87 57.85 11.45 53.76
N SER AA 88 58.43 10.92 52.70
CA SER AA 88 57.87 9.80 51.97
C SER AA 88 58.32 8.50 52.57
N GLY AA 89 57.56 7.43 52.27
CA GLY AA 89 57.89 6.10 52.82
C GLY AA 89 58.28 5.15 51.71
N ALA AA 90 58.33 3.84 52.00
CA ALA AA 90 58.79 2.87 50.98
C ALA AA 90 57.68 1.89 50.62
N ASP AA 91 57.06 1.27 51.62
CA ASP AA 91 56.00 0.27 51.36
C ASP AA 91 54.66 0.82 51.85
N GLY AA 92 54.42 0.81 53.16
CA GLY AA 92 53.15 1.30 53.73
C GLY AA 92 52.68 0.40 54.85
N ALA AA 93 51.77 0.88 55.70
CA ALA AA 93 51.21 0.02 56.77
C ALA AA 93 49.78 -0.37 56.40
N GLY AA 94 49.54 -1.66 56.15
CA GLY AA 94 48.23 -2.12 55.73
C GLY AA 94 47.18 -2.15 56.83
N ASN AA 95 46.79 -0.97 57.32
CA ASN AA 95 45.84 -0.88 58.41
C ASN AA 95 46.26 -1.72 59.58
N ASN AA 96 47.53 -1.67 59.87
CA ASN AA 96 48.06 -2.45 60.94
C ASN AA 96 48.93 -1.60 61.81
N PHE AA 97 48.45 -1.35 63.01
CA PHE AA 97 49.13 -0.51 63.97
C PHE AA 97 50.55 -0.99 64.15
N ALA AA 98 50.77 -2.31 64.18
CA ALA AA 98 52.07 -2.88 64.43
C ALA AA 98 53.09 -2.53 63.36
N ILE AA 99 52.65 -2.19 62.16
CA ILE AA 99 53.59 -1.87 61.13
C ILE AA 99 53.91 -0.41 61.25
N GLY AA 100 52.90 0.40 61.48
CA GLY AA 100 53.19 1.81 61.64
C GLY AA 100 54.04 2.03 62.89
N PHE AA 101 53.81 1.24 63.94
CA PHE AA 101 54.49 1.41 65.21
C PHE AA 101 55.82 0.65 65.32
N ASN AA 102 55.89 -0.61 64.92
CA ASN AA 102 57.14 -1.33 65.07
C ASN AA 102 57.93 -1.33 63.78
N GLU AA 103 57.36 -1.95 62.76
CA GLU AA 103 58.10 -2.18 61.51
C GLU AA 103 57.98 -1.05 60.49
N HIS AA 104 58.44 0.14 60.88
CA HIS AA 104 58.37 1.30 60.00
C HIS AA 104 59.68 1.71 59.34
N GLY AA 105 60.80 1.28 59.90
CA GLY AA 105 62.11 1.68 59.40
C GLY AA 105 62.67 2.78 60.27
N ALA AA 106 63.87 2.57 60.80
CA ALA AA 106 64.49 3.58 61.66
C ALA AA 106 64.73 4.87 60.92
N GLU AA 107 65.11 4.75 59.65
CA GLU AA 107 65.42 5.89 58.82
C GLU AA 107 64.22 6.77 58.58
N THR AA 108 63.04 6.16 58.46
CA THR AA 108 61.83 6.92 58.20
C THR AA 108 61.58 7.81 59.39
N LEU AA 109 61.71 7.23 60.58
CA LEU AA 109 61.46 8.04 61.76
C LEU AA 109 62.53 9.09 61.97
N GLU AA 110 63.79 8.76 61.69
CA GLU AA 110 64.82 9.76 61.89
C GLU AA 110 64.59 10.94 60.97
N LYS AA 111 64.17 10.70 59.73
CA LYS AA 111 63.92 11.84 58.85
C LYS AA 111 62.78 12.68 59.39
N VAL AA 112 61.73 12.06 59.95
CA VAL AA 112 60.63 12.86 60.46
C VAL AA 112 61.16 13.72 61.59
N MET AA 113 61.96 13.15 62.47
CA MET AA 113 62.50 13.94 63.56
C MET AA 113 63.40 15.06 63.10
N GLN AA 114 64.18 14.86 62.04
CA GLN AA 114 65.03 15.94 61.56
C GLN AA 114 64.17 17.08 61.04
N VAL AA 115 63.07 16.75 60.37
CA VAL AA 115 62.20 17.78 59.85
C VAL AA 115 61.57 18.52 61.02
N VAL AA 116 61.14 17.80 62.07
CA VAL AA 116 60.55 18.48 63.20
C VAL AA 116 61.56 19.41 63.84
N GLU AA 117 62.81 18.94 64.02
CA GLU AA 117 63.81 19.79 64.61
C GLU AA 117 64.02 21.04 63.78
N GLN AA 118 64.02 20.94 62.46
CA GLN AA 118 64.20 22.16 61.67
C GLN AA 118 63.03 23.11 61.88
N ARG AA 119 61.81 22.58 61.95
CA ARG AA 119 60.67 23.46 62.12
C ARG AA 119 60.67 24.15 63.47
N VAL AA 120 61.16 23.45 64.51
CA VAL AA 120 61.22 24.05 65.88
C VAL AA 120 62.45 24.95 65.96
N SER AA 121 63.37 24.83 65.00
CA SER AA 121 64.63 25.64 65.03
C SER AA 121 64.39 27.00 64.37
N GLU AA 122 63.25 27.18 63.71
CA GLU AA 122 62.94 28.46 63.03
C GLU AA 122 61.93 29.23 63.88
N THR AA 123 61.90 28.95 65.20
CA THR AA 123 60.90 29.59 66.10
C THR AA 123 61.61 30.26 67.28
N GLU AA 124 61.13 31.44 67.71
CA GLU AA 124 61.68 32.13 68.88
C GLU AA 124 61.22 31.35 70.11
N SER AA 125 60.08 30.66 69.99
CA SER AA 125 59.53 29.82 71.06
C SER AA 125 58.59 28.75 70.50
N ILE AA 126 58.43 27.61 71.18
CA ILE AA 126 57.48 26.63 70.66
C ILE AA 126 56.18 26.75 71.46
N GLY AA 127 55.10 27.16 70.79
CA GLY AA 127 53.81 27.33 71.44
C GLY AA 127 53.08 26.02 71.65
N GLY AA 128 53.43 25.03 70.86
CA GLY AA 128 52.80 23.73 70.94
C GLY AA 128 52.83 23.02 69.61
N PHE AA 129 52.45 21.76 69.65
CA PHE AA 129 52.38 20.94 68.46
C PHE AA 129 50.96 20.52 68.23
N ILE AA 130 50.56 20.42 66.98
CA ILE AA 130 49.25 19.87 66.66
C ILE AA 130 49.37 18.67 65.76
N LEU AA 131 48.84 17.54 66.18
CA LEU AA 131 48.89 16.32 65.39
C LEU AA 131 47.53 16.00 64.80
N THR AA 132 47.47 15.81 63.48
CA THR AA 132 46.20 15.46 62.86
C THR AA 132 46.29 14.04 62.30
N HIS AA 133 45.34 13.18 62.69
CA HIS AA 133 45.44 11.75 62.26
C HIS AA 133 44.12 10.98 62.40
N SER AA 134 44.15 9.68 62.06
CA SER AA 134 42.98 8.80 62.16
C SER AA 134 43.33 7.47 62.81
N CYS AA 135 42.61 7.15 63.87
CA CYS AA 135 42.92 6.03 64.75
C CYS AA 135 42.78 4.63 64.16
N GLY AA 136 42.00 4.45 63.10
CA GLY AA 136 41.82 3.11 62.53
C GLY AA 136 42.78 2.78 61.38
N GLY AA 137 43.68 3.69 61.04
CA GLY AA 137 44.56 3.49 59.91
C GLY AA 137 45.81 2.71 60.29
N GLY AA 138 46.76 2.60 59.35
CA GLY AA 138 48.00 1.91 59.65
C GLY AA 138 49.18 2.84 59.88
N THR AA 139 49.05 4.13 59.51
CA THR AA 139 50.17 5.03 59.69
C THR AA 139 49.78 6.14 60.63
N GLY AA 140 48.53 6.60 60.54
CA GLY AA 140 48.05 7.69 61.38
C GLY AA 140 47.79 7.19 62.79
N SER AA 141 47.82 5.86 62.90
CA SER AA 141 47.63 5.21 64.23
C SER AA 141 49.01 4.83 64.79
N GLY AA 142 49.63 3.77 64.23
CA GLY AA 142 50.92 3.35 64.73
C GLY AA 142 52.07 4.32 64.54
N PHE AA 143 52.17 4.99 63.40
CA PHE AA 143 53.34 5.83 63.21
C PHE AA 143 53.07 7.12 63.94
N GLY AA 144 51.84 7.61 63.83
CA GLY AA 144 51.46 8.83 64.51
C GLY AA 144 51.67 8.66 66.01
N SER AA 145 51.41 7.46 66.54
CA SER AA 145 51.62 7.18 67.95
C SER AA 145 53.09 7.17 68.31
N LYS AA 146 53.94 6.60 67.45
CA LYS AA 146 55.35 6.64 67.79
C LYS AA 146 55.85 8.06 67.75
N ILE AA 147 55.33 8.86 66.83
CA ILE AA 147 55.73 10.24 66.77
C ILE AA 147 55.30 10.93 68.06
N LEU AA 148 54.09 10.72 68.57
CA LEU AA 148 53.78 11.40 69.84
C LEU AA 148 54.73 11.00 70.93
N LYS AA 149 55.08 9.73 70.98
CA LYS AA 149 55.99 9.27 71.99
C LYS AA 149 57.32 9.98 71.84
N THR AA 150 57.82 10.03 70.62
CA THR AA 150 59.13 10.59 70.33
C THR AA 150 59.16 12.10 70.58
N ILE AA 151 58.10 12.81 70.18
CA ILE AA 151 58.04 14.25 70.35
C ILE AA 151 58.00 14.58 71.81
N ARG AA 152 57.21 13.83 72.58
CA ARG AA 152 57.05 14.16 74.03
C ARG AA 152 58.35 13.86 74.77
N GLU AA 153 59.13 12.87 74.32
CA GLU AA 153 60.38 12.58 74.96
C GLU AA 153 61.41 13.68 74.65
N ARG AA 154 61.41 14.20 73.43
CA ARG AA 154 62.36 15.27 73.09
C ARG AA 154 61.93 16.64 73.61
N TYR AA 155 60.63 16.89 73.64
CA TYR AA 155 60.12 18.21 74.07
C TYR AA 155 59.08 18.01 75.17
N PRO AA 156 59.46 17.58 76.38
CA PRO AA 156 58.49 17.48 77.47
C PRO AA 156 58.09 18.91 77.87
N LYS AA 157 56.93 19.08 78.51
CA LYS AA 157 56.46 20.41 78.96
C LYS AA 157 56.00 21.27 77.77
N VAL AA 158 55.68 20.65 76.62
CA VAL AA 158 55.15 21.41 75.46
C VAL AA 158 53.76 20.86 75.15
N PRO AA 159 52.70 21.69 75.09
CA PRO AA 159 51.33 21.16 74.90
C PRO AA 159 51.11 20.48 73.54
N ILE AA 160 50.80 19.18 73.52
CA ILE AA 160 50.48 18.53 72.28
C ILE AA 160 48.99 18.32 72.17
N PHE AA 161 48.42 18.83 71.11
CA PHE AA 161 47.01 18.65 70.83
C PHE AA 161 46.84 17.70 69.71
N THR AA 162 45.99 16.73 69.89
CA THR AA 162 45.77 15.80 68.82
C THR AA 162 44.34 15.87 68.40
N PHE AA 163 44.12 15.87 67.11
CA PHE AA 163 42.80 15.83 66.53
C PHE AA 163 42.64 14.53 65.85
N SER AA 164 41.72 13.70 66.30
CA SER AA 164 41.69 12.41 65.66
C SER AA 164 40.34 11.83 65.44
N ILE AA 165 40.31 11.05 64.37
CA ILE AA 165 39.11 10.35 63.98
C ILE AA 165 39.05 8.98 64.61
N PHE AA 166 37.96 8.76 65.32
CA PHE AA 166 37.69 7.51 66.00
C PHE AA 166 36.71 6.69 65.19
N PRO AA 167 36.58 5.40 65.53
CA PRO AA 167 35.58 4.63 64.82
C PRO AA 167 34.20 5.23 64.93
N SER AA 168 33.36 5.01 63.94
CA SER AA 168 32.00 5.50 63.98
C SER AA 168 31.22 4.58 64.88
N PRO AA 169 30.16 5.11 65.51
CA PRO AA 169 29.39 4.31 66.47
C PRO AA 169 28.64 3.12 65.89
N LYS AA 170 28.10 3.23 64.69
CA LYS AA 170 27.28 2.15 64.15
C LYS AA 170 28.07 1.19 63.26
N ILE AA 171 28.35 1.61 62.03
CA ILE AA 171 29.10 0.77 61.11
C ILE AA 171 30.60 0.94 61.28
N SER AA 172 31.37 -0.11 61.02
CA SER AA 172 32.82 -0.04 61.13
C SER AA 172 33.47 -0.22 59.77
N GLU AA 173 34.75 0.15 59.67
CA GLU AA 173 35.45 0.03 58.39
C GLU AA 173 36.06 -1.36 58.22
N THR AA 174 37.14 -1.64 58.92
CA THR AA 174 37.79 -2.94 58.83
C THR AA 174 37.56 -3.73 60.11
N VAL AA 175 37.75 -5.05 60.05
CA VAL AA 175 37.62 -5.86 61.29
C VAL AA 175 38.74 -5.51 62.27
N VAL AA 176 39.92 -5.13 61.78
CA VAL AA 176 41.05 -4.83 62.63
C VAL AA 176 40.93 -3.49 63.33
N GLU AA 177 39.94 -2.70 62.94
CA GLU AA 177 39.84 -1.35 63.43
C GLU AA 177 39.89 -1.21 64.95
N PRO AA 178 39.21 -2.01 65.79
CA PRO AA 178 39.28 -1.94 67.23
C PRO AA 178 40.67 -2.21 67.81
N TYR AA 179 41.55 -2.90 67.07
CA TYR AA 179 42.86 -3.13 67.65
C TYR AA 179 43.67 -1.91 67.42
N ASN AA 180 43.48 -1.32 66.24
CA ASN AA 180 44.23 -0.14 65.91
C ASN AA 180 43.76 1.00 66.80
N ALA AA 181 42.44 1.06 67.04
CA ALA AA 181 41.87 2.13 67.84
C ALA AA 181 42.30 2.07 69.30
N ILE AA 182 42.38 0.89 69.90
CA ILE AA 182 42.81 0.83 71.28
C ILE AA 182 44.25 1.13 71.45
N MET AA 183 45.11 0.60 70.61
CA MET AA 183 46.50 0.93 70.83
C MET AA 183 46.75 2.41 70.58
N THR AA 184 46.02 3.02 69.63
CA THR AA 184 46.21 4.44 69.38
C THR AA 184 45.75 5.20 70.59
N LEU AA 185 44.61 4.80 71.17
CA LEU AA 185 44.08 5.48 72.33
C LEU AA 185 45.01 5.32 73.51
N SER AA 186 45.62 4.17 73.69
CA SER AA 186 46.53 3.99 74.80
C SER AA 186 47.67 5.00 74.70
N ASN AA 187 48.21 5.20 73.50
CA ASN AA 187 49.27 6.16 73.35
C ASN AA 187 48.76 7.61 73.47
N LEU AA 188 47.53 7.89 73.07
CA LEU AA 188 47.00 9.24 73.28
C LEU AA 188 46.88 9.50 74.77
N ILE AA 189 46.48 8.49 75.53
CA ILE AA 189 46.32 8.65 76.97
C ILE AA 189 47.65 8.97 77.60
N LYS AA 190 48.70 8.26 77.21
CA LYS AA 190 50.02 8.51 77.75
C LYS AA 190 50.74 9.78 77.27
N TYR AA 191 50.57 10.18 75.99
CA TYR AA 191 51.37 11.29 75.49
C TYR AA 191 50.70 12.63 75.10
N ALA AA 192 49.41 12.70 74.80
CA ALA AA 192 48.84 13.97 74.36
C ALA AA 192 48.53 14.87 75.56
N SER AA 193 48.51 16.19 75.38
CA SER AA 193 48.09 17.03 76.49
C SER AA 193 46.58 17.13 76.47
N CYS AA 194 46.05 17.20 75.26
CA CYS AA 194 44.63 17.24 74.96
C CYS AA 194 44.35 16.47 73.72
N SER AA 195 43.21 15.81 73.68
CA SER AA 195 42.83 15.11 72.47
C SER AA 195 41.42 15.44 72.11
N ILE AA 196 41.17 15.77 70.86
CA ILE AA 196 39.82 16.08 70.43
C ILE AA 196 39.27 14.87 69.73
N VAL AA 197 38.16 14.38 70.24
CA VAL AA 197 37.56 13.19 69.69
C VAL AA 197 36.51 13.54 68.67
N LEU AA 198 36.74 13.10 67.45
CA LEU AA 198 35.87 13.34 66.32
C LEU AA 198 35.49 12.01 65.67
N ASP AA 199 34.33 11.94 65.03
CA ASP AA 199 34.10 10.75 64.21
C ASP AA 199 33.22 11.06 63.01
N ASN AA 200 33.18 10.14 62.06
CA ASN AA 200 32.45 10.41 60.84
C ASN AA 200 30.96 10.28 60.94
N GLU AA 201 30.45 9.48 61.85
CA GLU AA 201 29.01 9.36 61.89
C GLU AA 201 28.42 10.67 62.34
N ALA AA 202 29.03 11.28 63.35
CA ALA AA 202 28.50 12.55 63.81
C ALA AA 202 28.65 13.60 62.74
N LEU AA 203 29.79 13.59 62.05
CA LEU AA 203 30.00 14.61 61.06
C LEU AA 203 29.07 14.45 59.88
N PHE AA 204 28.75 13.22 59.48
CA PHE AA 204 27.83 13.08 58.37
C PHE AA 204 26.46 13.61 58.70
N SER AA 205 25.98 13.36 59.92
CA SER AA 205 24.66 13.88 60.25
C SER AA 205 24.67 15.39 60.18
N ILE AA 206 25.77 16.01 60.61
CA ILE AA 206 25.86 17.44 60.54
C ILE AA 206 25.91 17.89 59.08
N ALA AA 207 26.71 17.23 58.26
CA ALA AA 207 26.81 17.63 56.87
C ALA AA 207 25.47 17.54 56.15
N GLU AA 208 24.68 16.52 56.47
CA GLU AA 208 23.39 16.37 55.80
C GLU AA 208 22.30 17.29 56.35
N LYS AA 209 22.38 17.68 57.63
CA LYS AA 209 21.32 18.48 58.21
C LYS AA 209 21.63 19.96 58.41
N LYS AA 210 22.90 20.33 58.62
CA LYS AA 210 23.22 21.72 58.90
C LYS AA 210 23.83 22.39 57.67
N LEU AA 211 24.50 21.64 56.83
CA LEU AA 211 25.04 22.22 55.60
C LEU AA 211 23.99 22.02 54.52
N GLU AA 212 24.00 22.85 53.48
CA GLU AA 212 23.03 22.68 52.40
C GLU AA 212 23.39 21.58 51.39
N VAL AA 213 24.60 21.04 51.49
CA VAL AA 213 25.07 20.05 50.54
C VAL AA 213 24.27 18.77 50.54
N GLU AA 214 23.91 18.35 49.34
CA GLU AA 214 23.17 17.12 49.13
C GLU AA 214 24.15 16.02 48.84
N ASN AA 215 23.99 14.87 49.49
CA ASN AA 215 24.89 13.74 49.28
C ASN AA 215 26.37 14.11 49.44
N PRO AA 216 26.78 14.59 50.62
CA PRO AA 216 28.13 15.01 50.91
C PRO AA 216 29.10 13.86 50.89
N SER AA 217 30.33 14.15 50.51
CA SER AA 217 31.40 13.16 50.52
C SER AA 217 32.39 13.57 51.59
N LEU AA 218 33.50 12.85 51.69
CA LEU AA 218 34.51 13.17 52.69
C LEU AA 218 35.09 14.57 52.44
N GLU AA 219 35.02 15.03 51.20
CA GLU AA 219 35.57 16.32 50.85
C GLU AA 219 34.80 17.42 51.54
N ASP AA 220 33.50 17.20 51.75
CA ASP AA 220 32.64 18.19 52.37
C ASP AA 220 32.72 18.01 53.86
N LEU AA 221 32.89 16.76 54.28
CA LEU AA 221 32.93 16.41 55.68
C LEU AA 221 34.15 17.05 56.35
N ASN AA 222 35.22 17.19 55.56
CA ASN AA 222 36.46 17.76 56.05
C ASN AA 222 36.37 19.24 56.25
N LEU AA 223 35.29 19.87 55.80
CA LEU AA 223 35.18 21.28 55.98
C LEU AA 223 34.54 21.56 57.31
N ILE AA 224 33.99 20.53 57.95
CA ILE AA 224 33.40 20.71 59.24
C ILE AA 224 34.56 20.56 60.19
N ILE AA 225 35.42 19.58 59.92
CA ILE AA 225 36.55 19.40 60.80
C ILE AA 225 37.45 20.61 60.67
N ALA AA 226 37.70 21.06 59.45
CA ALA AA 226 38.54 22.21 59.29
C ALA AA 226 37.92 23.39 59.98
N GLN AA 227 36.59 23.57 59.95
CA GLN AA 227 36.04 24.72 60.64
C GLN AA 227 36.31 24.64 62.13
N VAL AA 228 36.29 23.45 62.72
CA VAL AA 228 36.61 23.34 64.13
C VAL AA 228 38.05 23.79 64.35
N LEU AA 229 38.95 23.32 63.49
CA LEU AA 229 40.35 23.69 63.59
C LEU AA 229 40.63 25.15 63.33
N THR AA 230 39.93 25.80 62.42
CA THR AA 230 40.28 27.19 62.25
C THR AA 230 39.72 28.00 63.39
N ASN AA 231 38.53 27.67 63.90
CA ASN AA 231 38.00 28.50 64.97
C ASN AA 231 38.75 28.36 66.27
N VAL AA 232 39.26 27.17 66.56
CA VAL AA 232 39.97 26.95 67.81
C VAL AA 232 41.30 27.68 67.85
N THR AA 233 41.73 28.21 66.72
CA THR AA 233 43.07 28.87 66.65
C THR AA 233 42.88 30.35 66.35
N ALA AA 234 41.65 30.87 66.43
CA ALA AA 234 41.39 32.27 66.04
C ALA AA 234 42.14 33.25 66.94
N SER AA 235 41.97 33.09 68.27
CA SER AA 235 42.61 34.00 69.24
C SER AA 235 44.13 34.01 69.02
N LEU AA 236 44.71 32.83 68.79
CA LEU AA 236 46.16 32.76 68.49
C LEU AA 236 46.43 33.59 67.25
N ARG AA 237 45.73 33.31 66.14
CA ARG AA 237 46.00 34.00 64.85
C ARG AA 237 45.67 35.49 64.90
N PHE AA 238 44.57 35.92 65.50
CA PHE AA 238 44.21 37.32 65.48
C PHE AA 238 44.60 38.08 66.73
N SER AA 239 45.49 37.51 67.54
CA SER AA 239 45.97 38.16 68.74
C SER AA 239 44.87 38.63 69.67
N GLY AA 240 44.99 39.88 70.10
CA GLY AA 240 44.05 40.52 71.01
C GLY AA 240 44.78 40.77 72.31
N THR AA 241 44.32 41.74 73.09
CA THR AA 241 45.03 42.03 74.32
C THR AA 241 44.92 40.83 75.25
N LEU AA 242 43.73 40.24 75.31
CA LEU AA 242 43.49 39.05 76.11
C LEU AA 242 43.34 37.96 75.08
N ASN AA 243 43.92 36.79 75.29
CA ASN AA 243 43.80 35.74 74.28
C ASN AA 243 44.02 34.31 74.80
N LEU AA 244 43.87 33.33 73.90
CA LEU AA 244 44.05 31.91 74.24
C LEU AA 244 45.09 31.20 73.42
N ASP AA 245 46.08 30.66 74.12
CA ASP AA 245 47.10 29.86 73.50
C ASP AA 245 46.81 28.41 73.82
N LEU AA 246 47.62 27.50 73.34
CA LEU AA 246 47.36 26.09 73.60
C LEU AA 246 47.59 25.77 75.06
N GLY AA 247 48.51 26.47 75.70
CA GLY AA 247 48.78 26.24 77.10
C GLY AA 247 47.67 26.78 78.00
N LYS AA 248 46.79 27.64 77.47
CA LYS AA 248 45.72 28.17 78.30
C LYS AA 248 44.65 27.09 78.28
N LEU AA 249 44.48 26.45 77.12
CA LEU AA 249 43.48 25.41 77.03
C LEU AA 249 43.84 24.20 77.86
N VAL AA 250 45.11 23.83 77.90
CA VAL AA 250 45.45 22.65 78.68
C VAL AA 250 45.24 22.95 80.15
N THR AA 251 45.74 24.10 80.61
CA THR AA 251 45.60 24.41 82.01
C THR AA 251 44.15 24.45 82.44
N ASN AA 252 43.29 25.08 81.65
CA ASN AA 252 41.93 25.22 82.05
C ASN AA 252 41.02 24.02 81.85
N LEU AA 253 41.24 23.22 80.81
CA LEU AA 253 40.34 22.11 80.59
C LEU AA 253 40.79 20.78 81.15
N VAL AA 254 42.03 20.60 81.57
CA VAL AA 254 42.39 19.28 82.05
C VAL AA 254 42.66 19.23 83.56
N PRO AA 255 41.69 18.86 84.43
CA PRO AA 255 41.86 18.84 85.89
C PRO AA 255 42.78 17.75 86.40
N PHE AA 256 42.92 16.66 85.64
CA PHE AA 256 43.81 15.58 85.98
C PHE AA 256 44.55 15.17 84.74
N SER AA 257 45.75 14.64 84.91
CA SER AA 257 46.56 14.32 83.75
C SER AA 257 46.00 13.27 82.79
N ASN AA 258 45.10 12.37 83.22
CA ASN AA 258 44.61 11.38 82.27
C ASN AA 258 43.17 11.59 81.81
N LEU AA 259 42.60 12.78 82.05
CA LEU AA 259 41.23 13.02 81.62
C LEU AA 259 41.18 14.18 80.67
N HIS AA 260 41.96 14.13 79.61
CA HIS AA 260 42.12 15.18 78.64
C HIS AA 260 41.38 15.02 77.32
N PHE AA 261 40.46 14.08 77.25
CA PHE AA 261 39.72 13.87 76.01
C PHE AA 261 38.52 14.80 75.94
N LEU AA 262 38.54 15.65 74.92
CA LEU AA 262 37.55 16.70 74.74
C LEU AA 262 36.64 16.52 73.54
N MET AA 263 35.44 17.01 73.70
CA MET AA 263 34.47 17.09 72.63
C MET AA 263 34.57 18.44 71.98
N ALA AA 264 34.23 18.54 70.70
CA ALA AA 264 34.20 19.84 70.03
C ALA AA 264 32.91 20.06 69.29
N SER AA 265 32.50 21.33 69.25
CA SER AA 265 31.30 21.79 68.55
C SER AA 265 31.39 23.21 68.02
N THR AA 266 30.94 23.43 66.78
CA THR AA 266 30.91 24.78 66.23
C THR AA 266 29.64 25.13 65.51
N ALA AA 267 29.38 26.43 65.44
CA ALA AA 267 28.29 26.93 64.63
C ALA AA 267 28.58 28.39 64.28
N PRO AA 268 28.06 28.90 63.16
CA PRO AA 268 27.33 28.28 62.08
C PRO AA 268 28.30 27.54 61.20
N LEU AA 269 27.82 26.62 60.40
CA LEU AA 269 28.68 25.98 59.43
C LEU AA 269 28.33 26.49 58.05
N VAL AA 270 29.24 27.23 57.44
CA VAL AA 270 28.95 27.86 56.17
C VAL AA 270 29.97 27.48 55.09
N LEU AA 271 29.46 27.02 53.96
CA LEU AA 271 30.32 26.69 52.82
C LEU AA 271 30.64 27.98 52.14
N ALA AA 272 31.77 28.07 51.46
CA ALA AA 272 32.13 29.34 50.84
C ALA AA 272 31.02 29.87 49.95
N GLY AA 273 30.76 31.17 50.09
CA GLY AA 273 29.73 31.85 49.32
C GLY AA 273 28.71 32.45 50.29
N LYS AA 274 27.94 33.44 49.85
CA LYS AA 274 26.98 34.05 50.78
C LYS AA 274 25.69 33.24 50.86
N GLU AA 275 25.82 32.04 51.41
CA GLU AA 275 24.72 31.10 51.53
C GLU AA 275 24.12 31.13 52.94
N SER AA 276 24.75 31.90 53.81
CA SER AA 276 24.36 32.06 55.19
C SER AA 276 23.27 33.09 55.40
N TYR AA 277 22.69 33.07 56.59
CA TYR AA 277 21.71 34.06 57.01
C TYR AA 277 22.23 34.80 58.22
N GLU AA 278 22.01 36.09 58.24
CA GLU AA 278 22.47 36.94 59.31
C GLU AA 278 21.63 36.86 60.57
N LYS AA 279 21.77 35.73 61.28
CA LYS AA 279 21.05 35.53 62.54
C LYS AA 279 21.54 36.55 63.55
N MET AA 280 22.86 36.78 63.50
CA MET AA 280 23.59 37.73 64.33
C MET AA 280 23.31 37.63 65.81
N THR AA 281 23.01 36.45 66.31
CA THR AA 281 22.67 36.41 67.69
C THR AA 281 23.53 35.44 68.45
N ALA AA 282 24.26 35.98 69.42
CA ALA AA 282 25.15 35.18 70.23
C ALA AA 282 24.37 34.18 71.04
N LYS AA 283 23.19 34.57 71.47
CA LYS AA 283 22.36 33.68 72.26
C LYS AA 283 21.98 32.45 71.50
N GLU AA 284 21.69 32.61 70.21
CA GLU AA 284 21.28 31.50 69.40
C GLU AA 284 22.47 30.62 69.14
N LEU AA 285 23.64 31.22 68.92
CA LEU AA 285 24.80 30.41 68.66
C LEU AA 285 25.20 29.61 69.89
N SER AA 286 25.07 30.19 71.09
CA SER AA 286 25.40 29.43 72.26
C SER AA 286 24.40 28.30 72.45
N ALA AA 287 23.12 28.57 72.19
CA ALA AA 287 22.14 27.52 72.35
C ALA AA 287 22.43 26.36 71.42
N GLN AA 288 22.86 26.68 70.20
CA GLN AA 288 23.22 25.67 69.23
C GLN AA 288 24.51 24.94 69.53
N VAL AA 289 25.54 25.64 69.97
CA VAL AA 289 26.82 24.97 70.10
C VAL AA 289 26.76 23.95 71.22
N PHE AA 290 25.94 24.22 72.25
CA PHE AA 290 25.77 23.33 73.39
C PHE AA 290 24.65 22.32 73.23
N GLY AA 291 24.02 22.27 72.07
CA GLY AA 291 22.96 21.31 71.87
C GLY AA 291 23.65 20.04 71.43
N ASP AA 292 22.92 19.00 71.10
CA ASP AA 292 23.59 17.77 70.68
C ASP AA 292 23.82 17.76 69.17
N GLU AA 293 23.03 18.52 68.44
CA GLU AA 293 23.06 18.53 66.99
C GLU AA 293 24.35 19.00 66.32
N TYR AA 294 25.21 19.78 66.98
CA TYR AA 294 26.47 20.20 66.36
C TYR AA 294 27.68 19.50 66.94
N ILE AA 295 27.48 18.47 67.74
CA ILE AA 295 28.62 17.82 68.35
C ILE AA 295 29.26 16.95 67.30
N CYS AA 296 30.58 17.04 67.18
CA CYS AA 296 31.27 16.31 66.13
C CYS AA 296 31.74 14.90 66.47
N ALA AA 297 31.09 14.29 67.47
CA ALA AA 297 31.38 12.93 67.92
C ALA AA 297 30.10 12.22 68.33
N ALA AA 298 30.11 10.90 68.22
CA ALA AA 298 28.95 10.07 68.52
C ALA AA 298 28.73 9.88 70.00
N CYS AA 299 28.19 10.93 70.57
CA CYS AA 299 27.90 11.04 71.97
C CYS AA 299 26.75 12.02 72.13
N LYS AA 300 26.15 12.08 73.30
CA LYS AA 300 25.05 13.01 73.53
C LYS AA 300 25.26 13.84 74.81
N PRO AA 301 26.10 14.89 74.76
CA PRO AA 301 26.55 15.71 75.86
C PRO AA 301 25.50 16.32 76.75
N THR AA 302 24.28 16.57 76.26
CA THR AA 302 23.31 17.20 77.15
C THR AA 302 22.84 16.25 78.25
N THR AA 303 23.18 14.96 78.16
CA THR AA 303 22.77 14.00 79.17
C THR AA 303 23.90 13.63 80.12
N GLY AA 304 25.07 14.24 79.96
CA GLY AA 304 26.22 13.91 80.79
C GLY AA 304 26.47 14.99 81.82
N ARG AA 305 27.71 15.08 82.29
CA ARG AA 305 28.07 16.07 83.27
C ARG AA 305 29.42 16.68 82.86
N TYR AA 306 29.55 18.00 82.97
CA TYR AA 306 30.80 18.66 82.58
C TYR AA 306 31.81 18.86 83.68
N LEU AA 307 33.08 18.64 83.35
CA LEU AA 307 34.08 18.89 84.36
C LEU AA 307 34.53 20.31 84.15
N ALA AA 308 34.60 20.68 82.90
CA ALA AA 308 35.04 21.98 82.47
C ALA AA 308 34.64 22.17 81.03
N ALA AA 309 34.51 23.40 80.61
CA ALA AA 309 34.25 23.69 79.21
C ALA AA 309 34.77 25.06 78.85
N SER AA 310 35.02 25.28 77.57
CA SER AA 310 35.44 26.61 77.15
C SER AA 310 34.65 27.05 75.96
N VAL AA 311 34.41 28.35 75.90
CA VAL AA 311 33.70 28.90 74.77
C VAL AA 311 34.43 30.10 74.20
N LEU AA 312 34.71 30.04 72.91
CA LEU AA 312 35.32 31.15 72.22
C LEU AA 312 34.34 31.77 71.25
N PHE AA 313 34.12 33.04 71.45
CA PHE AA 313 33.21 33.78 70.60
C PHE AA 313 34.01 34.57 69.61
N ARG AA 314 33.58 34.57 68.37
CA ARG AA 314 34.23 35.35 67.34
C ARG AA 314 33.30 36.40 66.77
N GLY AA 315 33.88 37.53 66.44
CA GLY AA 315 33.17 38.62 65.78
C GLY AA 315 32.58 39.59 66.77
N ALA AA 316 31.68 40.44 66.30
CA ALA AA 316 31.15 41.52 67.11
C ALA AA 316 30.04 41.07 68.06
N VAL AA 317 30.43 40.29 69.03
CA VAL AA 317 29.56 39.75 70.04
C VAL AA 317 29.46 40.70 71.23
N LYS AA 318 28.25 41.01 71.65
CA LYS AA 318 28.06 41.91 72.78
C LYS AA 318 28.33 41.23 74.09
N THR AA 319 29.01 41.93 75.00
CA THR AA 319 29.31 41.39 76.33
C THR AA 319 28.05 41.01 77.06
N SER AA 320 27.02 41.83 76.93
CA SER AA 320 25.77 41.59 77.61
C SER AA 320 25.12 40.30 77.15
N ASP AA 321 25.26 39.94 75.86
CA ASP AA 321 24.62 38.75 75.35
C ASP AA 321 25.42 37.55 75.78
N VAL AA 322 26.72 37.71 75.91
CA VAL AA 322 27.51 36.58 76.36
C VAL AA 322 27.11 36.25 77.75
N ASN AA 323 26.95 37.25 78.60
CA ASN AA 323 26.63 36.95 79.97
C ASN AA 323 25.26 36.33 80.10
N GLU AA 324 24.28 36.81 79.34
CA GLU AA 324 22.97 36.22 79.46
C GLU AA 324 22.96 34.82 78.85
N ALA AA 325 23.61 34.65 77.70
CA ALA AA 325 23.62 33.37 77.05
C ALA AA 325 24.29 32.33 77.90
N MET AA 326 25.37 32.70 78.58
CA MET AA 326 26.04 31.72 79.39
C MET AA 326 25.28 31.41 80.64
N ALA AA 327 24.48 32.38 81.14
CA ALA AA 327 23.68 32.09 82.30
C ALA AA 327 22.69 30.98 81.97
N THR AA 328 22.14 31.03 80.75
CA THR AA 328 21.20 30.01 80.30
C THR AA 328 21.87 28.66 80.24
N VAL AA 329 23.09 28.63 79.73
CA VAL AA 329 23.83 27.39 79.62
C VAL AA 329 24.09 26.80 80.99
N LYS AA 330 24.50 27.64 81.96
CA LYS AA 330 24.74 27.10 83.28
C LYS AA 330 23.47 26.52 83.90
N GLU AA 331 22.32 27.18 83.68
CA GLU AA 331 21.08 26.66 84.24
C GLU AA 331 20.61 25.36 83.62
N GLN AA 332 20.78 25.21 82.30
CA GLN AA 332 20.32 24.01 81.63
C GLN AA 332 21.20 22.79 81.75
N ASN AA 333 22.52 22.97 81.78
CA ASN AA 333 23.40 21.82 81.82
C ASN AA 333 23.78 21.36 83.21
N SER AA 334 24.57 20.30 83.27
CA SER AA 334 24.98 19.73 84.53
C SER AA 334 26.48 19.71 84.65
N PHE AA 335 26.96 20.21 85.78
CA PHE AA 335 28.38 20.35 86.11
C PHE AA 335 28.74 19.63 87.39
N VAL AA 336 30.02 19.30 87.53
CA VAL AA 336 30.48 18.68 88.77
C VAL AA 336 30.84 19.81 89.77
N ASN AA 337 30.40 19.66 91.02
CA ASN AA 337 30.58 20.68 92.08
C ASN AA 337 32.04 21.13 92.29
N TRP AA 338 32.98 20.21 92.53
CA TRP AA 338 34.35 20.67 92.88
C TRP AA 338 34.82 21.78 91.94
N ILE AA 339 34.88 21.55 90.62
CA ILE AA 339 35.20 22.69 89.72
C ILE AA 339 34.01 23.65 89.86
N PRO AA 340 34.14 24.78 90.58
CA PRO AA 340 32.98 25.63 90.87
C PRO AA 340 32.69 26.73 89.85
N THR AA 341 33.68 27.08 89.01
CA THR AA 341 33.48 28.14 88.06
C THR AA 341 33.06 27.61 86.69
N GLY AA 342 33.20 26.30 86.45
CA GLY AA 342 32.73 25.71 85.20
C GLY AA 342 33.48 25.99 83.90
N PHE AA 343 33.44 27.24 83.49
CA PHE AA 343 33.91 27.68 82.19
C PHE AA 343 35.15 28.52 82.07
N LYS AA 344 35.75 28.42 80.89
CA LYS AA 344 36.75 29.37 80.42
C LYS AA 344 36.16 30.14 79.23
N ILE AA 345 36.03 31.44 79.35
CA ILE AA 345 35.40 32.22 78.28
C ILE AA 345 36.34 33.22 77.64
N SER AA 346 36.30 33.24 76.31
CA SER AA 346 37.14 34.15 75.56
C SER AA 346 36.47 34.71 74.32
N LYS AA 347 36.89 35.90 73.93
CA LYS AA 347 36.38 36.56 72.74
C LYS AA 347 37.48 37.06 71.82
N SER AA 348 37.24 36.96 70.52
CA SER AA 348 38.09 37.50 69.47
C SER AA 348 37.24 38.29 68.52
N GLU AA 349 37.52 39.57 68.40
CA GLU AA 349 36.71 40.49 67.62
C GLU AA 349 36.73 40.27 66.11
N THR AA 350 37.64 39.47 65.61
CA THR AA 350 37.69 39.24 64.18
C THR AA 350 36.78 38.11 63.74
N SER AA 351 35.87 38.45 62.83
CA SER AA 351 34.86 37.59 62.25
C SER AA 351 35.47 36.50 61.39
N PRO AA 352 34.85 35.32 61.30
CA PRO AA 352 35.21 34.26 60.38
C PRO AA 352 34.85 34.77 58.99
N LYS AA 353 35.54 34.35 57.95
CA LYS AA 353 35.24 34.94 56.65
C LYS AA 353 33.83 34.80 56.09
N ASP AA 354 33.08 33.74 56.45
CA ASP AA 354 31.75 33.57 55.87
C ASP AA 354 30.59 33.91 56.81
N SER AA 355 30.87 34.55 57.93
CA SER AA 355 29.82 34.93 58.87
C SER AA 355 30.25 36.06 59.74
N ALA AA 356 29.37 37.00 60.07
CA ALA AA 356 29.88 38.03 60.97
C ALA AA 356 30.25 37.46 62.34
N LEU AA 357 29.45 36.52 62.81
CA LEU AA 357 29.67 35.92 64.12
C LEU AA 357 29.89 34.43 64.05
N GLY AA 358 30.54 33.89 65.08
CA GLY AA 358 30.63 32.44 65.19
C GLY AA 358 31.10 31.99 66.56
N VAL AA 359 30.80 30.73 66.90
CA VAL AA 359 31.17 30.17 68.20
C VAL AA 359 31.79 28.78 68.14
N ILE AA 360 32.86 28.60 68.90
CA ILE AA 360 33.43 27.28 69.08
C ILE AA 360 33.46 26.90 70.54
N MET AA 361 33.04 25.69 70.83
CA MET AA 361 33.02 25.19 72.17
C MET AA 361 33.78 23.87 72.28
N LEU AA 362 34.52 23.75 73.36
CA LEU AA 362 35.24 22.54 73.69
C LEU AA 362 34.91 22.10 75.09
N GLY AA 363 34.96 20.81 75.38
CA GLY AA 363 34.83 20.50 76.79
C GLY AA 363 34.92 19.05 77.19
N ASN AA 364 34.99 18.89 78.51
CA ASN AA 364 35.11 17.60 79.17
C ASN AA 364 33.80 17.13 79.64
N ASN AA 365 33.20 16.24 78.91
CA ASN AA 365 31.89 15.78 79.24
C ASN AA 365 32.03 14.31 79.47
N SER AA 366 31.56 13.86 80.61
CA SER AA 366 31.68 12.48 81.05
C SER AA 366 31.09 11.47 80.10
N GLU AA 367 30.23 11.96 79.23
CA GLU AA 367 29.55 11.20 78.21
C GLU AA 367 30.56 10.55 77.27
N ILE AA 368 31.75 11.14 77.14
CA ILE AA 368 32.79 10.66 76.21
C ILE AA 368 33.16 9.21 76.42
N VAL AA 369 32.94 8.69 77.62
CA VAL AA 369 33.32 7.32 77.81
C VAL AA 369 32.51 6.40 76.92
N SER AA 370 31.32 6.79 76.49
CA SER AA 370 30.56 5.86 75.69
C SER AA 370 31.27 5.56 74.37
N VAL AA 371 32.11 6.46 73.90
CA VAL AA 371 32.84 6.22 72.68
C VAL AA 371 33.87 5.15 72.96
N PHE AA 372 34.57 5.34 74.06
CA PHE AA 372 35.63 4.43 74.42
C PHE AA 372 35.09 3.06 74.81
N GLU AA 373 33.93 3.02 75.47
CA GLU AA 373 33.35 1.76 75.88
C GLU AA 373 32.96 0.90 74.69
N ARG AA 374 32.42 1.53 73.63
CA ARG AA 374 32.06 0.76 72.45
C ARG AA 374 33.28 0.15 71.79
N ILE AA 375 34.37 0.92 71.75
CA ILE AA 375 35.59 0.43 71.13
C ILE AA 375 36.12 -0.74 71.96
N GLY AA 376 36.12 -0.57 73.27
CA GLY AA 376 36.58 -1.59 74.19
C GLY AA 376 35.82 -2.88 73.97
N ALA AA 377 34.48 -2.81 73.97
CA ALA AA 377 33.69 -4.01 73.80
C ALA AA 377 33.93 -4.72 72.47
N ASN AA 378 34.12 -3.97 71.38
CA ASN AA 378 34.34 -4.64 70.11
C ASN AA 378 35.66 -5.38 70.14
N PHE AA 379 36.66 -4.76 70.74
CA PHE AA 379 37.95 -5.38 70.89
C PHE AA 379 37.85 -6.63 71.72
N ASP AA 380 37.17 -6.55 72.85
CA ASP AA 380 37.12 -7.70 73.72
C ASP AA 380 36.54 -8.91 73.03
N ARG AA 381 35.51 -8.73 72.22
CA ARG AA 381 34.96 -9.89 71.55
C ARG AA 381 35.93 -10.51 70.52
N LEU AA 382 36.61 -9.66 69.76
CA LEU AA 382 37.54 -10.16 68.75
C LEU AA 382 38.79 -10.73 69.39
N TRP AA 383 39.23 -10.10 70.47
CA TRP AA 383 40.42 -10.47 71.19
C TRP AA 383 40.24 -11.78 71.89
N SER AA 384 39.06 -12.01 72.46
CA SER AA 384 38.77 -13.27 73.12
C SER AA 384 38.85 -14.40 72.10
N ARG AA 385 38.36 -14.16 70.88
CA ARG AA 385 38.37 -15.20 69.81
C ARG AA 385 39.69 -15.17 69.03
N LYS AA 386 40.50 -14.13 69.21
CA LYS AA 386 41.81 -14.00 68.51
C LYS AA 386 41.58 -13.98 67.00
N ALA AA 387 40.63 -13.16 66.54
CA ALA AA 387 40.38 -13.03 65.09
C ALA AA 387 41.22 -11.87 64.54
N PHE AA 388 42.03 -12.13 63.49
CA PHE AA 388 42.92 -11.10 62.90
C PHE AA 388 44.03 -10.74 63.89
N ALA AA 389 44.20 -11.54 64.95
CA ALA AA 389 45.20 -11.23 66.00
C ALA AA 389 46.62 -11.51 65.48
N HIS AA 390 46.79 -12.61 64.74
CA HIS AA 390 48.12 -12.96 64.20
C HIS AA 390 48.74 -11.75 63.51
N TRP AA 391 47.91 -10.81 63.04
CA TRP AA 391 48.47 -9.70 62.30
C TRP AA 391 49.23 -8.75 63.20
N PHE AA 392 48.96 -8.81 64.49
CA PHE AA 392 49.62 -7.94 65.42
C PHE AA 392 50.76 -8.64 66.13
N THR AA 393 50.60 -9.93 66.42
CA THR AA 393 51.65 -10.59 67.16
C THR AA 393 52.78 -11.05 66.25
N ASP AA 394 52.50 -11.20 64.97
CA ASP AA 394 53.54 -11.61 64.05
C ASP AA 394 54.30 -10.38 63.56
N SER AA 395 53.89 -9.20 64.04
CA SER AA 395 54.47 -7.94 63.66
C SER AA 395 55.13 -7.28 64.86
N GLY AA 396 55.40 -8.09 65.89
CA GLY AA 396 56.12 -7.62 67.05
C GLY AA 396 55.38 -7.39 68.36
N PHE AA 397 54.05 -7.46 68.43
CA PHE AA 397 53.42 -7.25 69.73
C PHE AA 397 53.23 -8.54 70.49
N GLU AA 398 53.26 -8.42 71.79
CA GLU AA 398 52.96 -9.57 72.62
C GLU AA 398 51.51 -9.45 73.03
N GLU AA 399 50.89 -10.54 73.45
CA GLU AA 399 49.53 -10.48 73.92
C GLU AA 399 49.47 -9.50 75.08
N LYS AA 400 50.56 -9.45 75.84
CA LYS AA 400 50.71 -8.54 76.95
C LYS AA 400 50.53 -7.09 76.54
N ASP AA 401 50.95 -6.70 75.33
CA ASP AA 401 50.86 -5.30 74.95
C ASP AA 401 49.43 -4.99 74.57
N LEU AA 402 48.78 -5.96 73.96
CA LEU AA 402 47.40 -5.77 73.56
C LEU AA 402 46.53 -5.69 74.82
N ASP AA 403 46.88 -6.48 75.84
CA ASP AA 403 46.14 -6.48 77.09
C ASP AA 403 46.44 -5.23 77.93
N ASP AA 404 47.68 -4.76 77.93
CA ASP AA 404 47.98 -3.58 78.70
C ASP AA 404 47.36 -2.35 78.08
N ALA AA 405 47.30 -2.28 76.75
CA ALA AA 405 46.69 -1.13 76.13
C ALA AA 405 45.21 -1.07 76.50
N ARG AA 406 44.56 -2.24 76.52
CA ARG AA 406 43.17 -2.29 76.88
C ARG AA 406 42.98 -1.86 78.31
N ALA AA 407 43.86 -2.29 79.21
CA ALA AA 407 43.77 -1.95 80.61
C ALA AA 407 43.88 -0.46 80.85
N LEU AA 408 44.76 0.22 80.10
CA LEU AA 408 44.90 1.66 80.28
C LEU AA 408 43.63 2.37 79.85
N VAL AA 409 43.05 1.91 78.76
CA VAL AA 409 41.83 2.51 78.29
C VAL AA 409 40.74 2.33 79.31
N GLN AA 410 40.66 1.14 79.92
CA GLN AA 410 39.63 0.94 80.91
C GLN AA 410 39.88 1.83 82.12
N LYS AA 411 41.13 2.06 82.50
CA LYS AA 411 41.37 2.94 83.64
C LYS AA 411 40.78 4.31 83.39
N VAL AA 412 40.97 4.85 82.20
CA VAL AA 412 40.40 6.17 81.91
C VAL AA 412 38.89 6.13 81.98
N ILE AA 413 38.27 5.10 81.43
CA ILE AA 413 36.82 5.00 81.49
C ILE AA 413 36.34 4.93 82.92
N ASP AA 414 36.98 4.11 83.73
CA ASP AA 414 36.55 3.98 85.10
C ASP AA 414 36.73 5.29 85.86
N ASP AA 415 37.80 6.03 85.58
CA ASP AA 415 37.99 7.29 86.29
C ASP AA 415 36.93 8.31 85.89
N TYR AA 416 36.57 8.38 84.62
CA TYR AA 416 35.52 9.31 84.25
C TYR AA 416 34.19 8.93 84.86
N ARG AA 417 33.87 7.65 84.86
CA ARG AA 417 32.58 7.25 85.36
C ARG AA 417 32.50 7.37 86.86
N LYS AA 418 33.56 7.01 87.59
CA LYS AA 418 33.48 7.11 89.03
C LYS AA 418 33.30 8.54 89.43
N LEU AA 419 34.05 9.44 88.82
CA LEU AA 419 33.97 10.83 89.19
C LEU AA 419 32.55 11.31 88.96
N THR AA 420 31.98 10.97 87.81
CA THR AA 420 30.65 11.40 87.45
C THR AA 420 29.60 10.90 88.42
N GLU AA 421 29.66 9.63 88.81
CA GLU AA 421 28.68 9.13 89.77
C GLU AA 421 28.87 9.76 91.14
N ASP AA 422 30.12 9.95 91.59
CA ASP AA 422 30.36 10.51 92.91
C ASP AA 422 29.79 11.91 92.99
N ALA AA 423 29.84 12.61 91.86
CA ALA AA 423 29.42 13.99 91.71
C ALA AA 423 28.01 14.25 92.17
N GLU AA 424 27.11 13.28 92.08
CA GLU AA 424 25.74 13.59 92.46
C GLU AA 424 25.62 14.00 93.92
N ASN AA 425 26.49 13.47 94.79
CA ASN AA 425 26.41 13.78 96.19
C ASN AA 425 27.43 14.80 96.62
N LEU AA 426 28.15 15.43 95.67
CA LEU AA 426 29.17 16.38 96.09
C LEU AA 426 28.56 17.73 96.29
N TYR AA 427 27.26 17.79 96.05
CA TYR AA 427 26.45 18.95 96.26
C TYR AA 427 25.71 18.97 97.62
N PHE AA 428 25.88 17.92 98.48
CA PHE AA 428 25.16 17.79 99.76
C PHE AA 428 26.11 17.40 100.90
N ALA BA 2 57.55 68.56 92.92
CA ALA BA 2 56.39 67.73 92.51
C ALA BA 2 56.57 66.33 93.09
N ARG BA 3 55.63 65.88 93.92
CA ARG BA 3 55.70 64.50 94.45
C ARG BA 3 55.32 63.57 93.30
N GLU BA 4 56.29 62.86 92.73
CA GLU BA 4 56.03 62.07 91.50
C GLU BA 4 55.66 60.62 91.77
N VAL BA 5 54.67 60.10 91.04
CA VAL BA 5 54.23 58.71 91.12
C VAL BA 5 54.59 57.87 89.89
N ILE BA 6 55.13 56.68 90.12
CA ILE BA 6 55.47 55.78 89.00
C ILE BA 6 54.39 54.74 88.85
N THR BA 7 53.82 54.61 87.64
CA THR BA 7 52.73 53.65 87.44
C THR BA 7 53.25 52.44 86.67
N ILE BA 8 52.95 51.26 87.16
CA ILE BA 8 53.38 50.03 86.52
C ILE BA 8 52.16 49.20 86.12
N HIS BA 9 52.08 48.77 84.87
CA HIS BA 9 50.94 47.97 84.42
C HIS BA 9 51.40 46.53 84.24
N VAL BA 10 50.82 45.60 84.98
CA VAL BA 10 51.30 44.23 84.91
C VAL BA 10 50.22 43.25 84.48
N GLY BA 11 50.52 42.49 83.46
CA GLY BA 11 49.59 41.48 82.98
C GLY BA 11 48.72 41.98 81.87
N GLU BA 12 48.02 41.05 81.22
CA GLU BA 12 47.24 41.37 80.05
C GLU BA 12 46.15 42.40 80.31
N LEU BA 13 45.48 42.33 81.46
CA LEU BA 13 44.43 43.30 81.73
C LEU BA 13 44.99 44.64 82.14
N GLY BA 14 46.02 44.66 82.98
CA GLY BA 14 46.54 45.95 83.41
C GLY BA 14 46.99 46.73 82.20
N ILE BA 15 47.56 46.02 81.23
CA ILE BA 15 47.99 46.61 80.00
C ILE BA 15 46.79 47.01 79.15
N GLN BA 16 45.75 46.19 79.07
CA GLN BA 16 44.56 46.54 78.31
C GLN BA 16 43.97 47.85 78.73
N ILE BA 17 43.98 48.11 80.01
CA ILE BA 17 43.48 49.33 80.63
C ILE BA 17 44.31 50.55 80.27
N ALA BA 18 45.65 50.40 80.24
CA ALA BA 18 46.56 51.50 80.02
C ALA BA 18 46.08 52.56 79.02
N PRO BA 19 45.67 52.28 77.78
CA PRO BA 19 45.27 53.33 76.87
C PRO BA 19 44.09 54.15 77.34
N ASN BA 20 43.26 53.62 78.22
CA ASN BA 20 42.12 54.41 78.63
C ASN BA 20 42.53 55.28 79.76
N PHE BA 21 43.37 54.73 80.62
CA PHE BA 21 43.84 55.47 81.76
C PHE BA 21 44.66 56.65 81.28
N TRP BA 22 45.59 56.39 80.40
CA TRP BA 22 46.46 57.44 79.93
C TRP BA 22 45.79 58.43 79.03
N LYS BA 23 44.79 58.02 78.23
CA LYS BA 23 44.10 59.02 77.45
C LYS BA 23 43.34 59.94 78.37
N TYR BA 24 42.73 59.41 79.44
CA TYR BA 24 42.02 60.33 80.31
C TYR BA 24 42.96 61.34 80.89
N LEU BA 25 44.16 60.93 81.31
CA LEU BA 25 45.07 61.89 81.90
C LEU BA 25 45.53 62.91 80.86
N CYS BA 26 45.75 62.46 79.63
CA CYS BA 26 46.19 63.37 78.59
C CYS BA 26 45.13 64.42 78.32
N ASP BA 27 43.87 64.04 78.30
CA ASP BA 27 42.90 65.06 78.02
C ASP BA 27 42.68 65.92 79.22
N GLU BA 28 42.75 65.34 80.40
CA GLU BA 28 42.49 66.08 81.60
C GLU BA 28 43.46 67.22 81.82
N HIS BA 29 44.73 67.02 81.47
CA HIS BA 29 45.77 68.02 81.63
C HIS BA 29 46.09 68.83 80.36
N ASN BA 30 45.28 68.72 79.31
CA ASN BA 30 45.49 69.37 78.00
C ASN BA 30 46.77 69.01 77.24
N ILE BA 31 47.04 67.71 77.15
CA ILE BA 31 48.16 67.15 76.41
C ILE BA 31 47.57 66.24 75.36
N ASP BA 32 48.15 66.21 74.17
CA ASP BA 32 47.61 65.36 73.12
C ASP BA 32 48.11 63.95 73.31
N TYR BA 33 47.74 63.03 72.45
CA TYR BA 33 48.10 61.64 72.69
C TYR BA 33 49.49 61.33 72.18
N LYS BA 34 50.12 62.33 71.59
CA LYS BA 34 51.48 62.21 71.11
C LYS BA 34 52.42 62.83 72.14
N GLY BA 35 51.87 63.32 73.25
CA GLY BA 35 52.67 63.95 74.29
C GLY BA 35 52.89 65.44 74.05
N GLN BA 36 52.30 65.98 73.00
CA GLN BA 36 52.48 67.39 72.69
C GLN BA 36 51.52 68.22 73.47
N GLU BA 37 51.90 69.44 73.79
CA GLU BA 37 50.99 70.30 74.54
C GLU BA 37 49.89 70.78 73.64
N LYS BA 38 48.70 70.91 74.19
CA LYS BA 38 47.53 71.34 73.45
C LYS BA 38 46.89 72.53 74.13
N GLY BA 39 47.53 73.69 74.05
CA GLY BA 39 47.02 74.84 74.78
C GLY BA 39 47.66 74.90 76.16
N LYS BA 40 46.95 75.47 77.12
CA LYS BA 40 47.49 75.68 78.46
C LYS BA 40 47.50 74.41 79.28
N ILE BA 41 48.62 74.09 79.89
CA ILE BA 41 48.71 72.89 80.71
C ILE BA 41 48.21 73.19 82.09
N ARG BA 42 47.36 72.31 82.60
CA ARG BA 42 46.78 72.52 83.90
C ARG BA 42 46.96 71.31 84.81
N GLY BA 43 47.08 71.57 86.11
CA GLY BA 43 47.27 70.54 87.12
C GLY BA 43 48.75 70.29 87.32
N VAL BA 44 49.12 69.42 88.25
CA VAL BA 44 50.52 69.19 88.46
C VAL BA 44 50.93 68.10 87.52
N ILE BA 45 51.26 68.51 86.32
CA ILE BA 45 51.54 67.57 85.27
C ILE BA 45 52.70 66.66 85.57
N ASP BA 46 53.68 67.20 86.27
CA ASP BA 46 54.88 66.52 86.61
C ASP BA 46 54.65 65.28 87.44
N ASN BA 47 53.54 65.16 88.15
CA ASN BA 47 53.40 63.99 88.97
C ASN BA 47 53.27 62.70 88.17
N PHE BA 48 52.69 62.76 86.97
CA PHE BA 48 52.54 61.57 86.17
C PHE BA 48 53.30 61.58 84.86
N PHE BA 49 53.75 62.74 84.41
CA PHE BA 49 54.49 62.79 83.15
C PHE BA 49 55.89 63.33 83.30
N GLU BA 50 56.80 62.71 82.60
CA GLU BA 50 58.18 63.10 82.54
C GLU BA 50 58.36 64.10 81.43
N LYS BA 51 59.15 65.14 81.66
CA LYS BA 51 59.38 66.08 80.58
C LYS BA 51 60.60 65.68 79.78
N ALA BA 52 60.42 65.59 78.48
CA ALA BA 52 61.45 65.24 77.54
C ALA BA 52 62.44 66.38 77.35
N SER BA 53 63.55 66.10 76.69
CA SER BA 53 64.54 67.13 76.35
C SER BA 53 63.96 68.12 75.32
N ILE BA 54 62.84 67.72 74.74
CA ILE BA 54 62.06 68.42 73.74
C ILE BA 54 60.68 68.70 74.36
N GLY BA 55 59.77 69.33 73.63
CA GLY BA 55 58.47 69.71 74.17
C GLY BA 55 57.51 68.57 74.58
N LYS BA 56 57.82 67.34 74.22
CA LYS BA 56 57.02 66.16 74.53
C LYS BA 56 56.97 65.72 75.99
N TRP BA 57 55.76 65.38 76.44
CA TRP BA 57 55.54 64.78 77.75
C TRP BA 57 55.51 63.27 77.60
N ILE BA 58 56.16 62.57 78.51
CA ILE BA 58 56.25 61.13 78.48
C ILE BA 58 55.53 60.50 79.68
N PRO BA 59 54.62 59.57 79.52
CA PRO BA 59 53.93 59.02 80.64
C PRO BA 59 54.97 58.36 81.50
N ARG BA 60 54.92 58.57 82.80
CA ARG BA 60 55.89 57.96 83.67
C ARG BA 60 55.47 56.54 84.04
N THR BA 61 55.66 55.63 83.08
CA THR BA 61 55.17 54.26 83.25
C THR BA 61 55.95 53.13 82.60
N ILE BA 62 55.79 51.96 83.21
CA ILE BA 62 56.36 50.68 82.78
C ILE BA 62 55.30 49.62 82.45
N LEU BA 63 55.45 48.92 81.32
CA LEU BA 63 54.48 47.88 80.94
C LEU BA 63 55.10 46.48 80.99
N VAL BA 64 54.54 45.58 81.80
CA VAL BA 64 55.11 44.24 81.95
C VAL BA 64 54.16 43.11 81.49
N ASP BA 65 54.62 42.27 80.58
CA ASP BA 65 53.85 41.15 80.00
C ASP BA 65 54.73 39.92 79.77
N LEU BA 66 54.34 38.75 80.28
CA LEU BA 66 55.19 37.58 80.08
C LEU BA 66 55.08 37.03 78.66
N GLY BA 67 54.10 37.51 77.90
CA GLY BA 67 54.00 37.18 76.49
C GLY BA 67 54.28 38.50 75.76
N PRO BA 68 54.29 38.56 74.44
CA PRO BA 68 54.50 39.78 73.67
C PRO BA 68 53.24 40.57 73.26
N ASN BA 69 52.06 40.00 73.49
CA ASN BA 69 50.90 40.54 72.79
C ASN BA 69 50.14 41.69 73.42
N ALA BA 70 50.08 41.80 74.76
CA ALA BA 70 49.29 42.90 75.25
C ALA BA 70 50.01 44.17 74.94
N ILE BA 71 51.32 44.13 75.04
CA ILE BA 71 52.12 45.30 74.79
C ILE BA 71 52.10 45.62 73.33
N ARG BA 72 52.30 44.64 72.46
CA ARG BA 72 52.30 44.98 71.06
C ARG BA 72 51.03 45.70 70.65
N LYS BA 73 49.86 45.23 71.09
CA LYS BA 73 48.68 45.95 70.66
C LYS BA 73 48.61 47.35 71.25
N VAL BA 74 48.95 47.51 72.53
CA VAL BA 74 48.88 48.83 73.11
C VAL BA 74 49.83 49.85 72.52
N THR BA 75 51.08 49.48 72.30
CA THR BA 75 52.02 50.47 71.84
C THR BA 75 52.09 50.61 70.34
N LYS BA 76 51.60 49.62 69.57
CA LYS BA 76 51.66 49.74 68.13
C LYS BA 76 50.31 50.07 67.49
N LYS BA 77 49.18 49.71 68.12
CA LYS BA 77 47.91 49.99 67.48
C LYS BA 77 47.00 50.96 68.23
N ASP BA 78 46.91 50.85 69.56
CA ASP BA 78 45.95 51.73 70.24
C ASP BA 78 46.46 53.11 70.63
N MET BA 79 47.71 53.24 71.09
CA MET BA 79 48.14 54.56 71.46
C MET BA 79 49.59 54.74 71.02
N LYS BA 80 49.73 54.90 69.72
CA LYS BA 80 51.01 54.93 69.04
C LYS BA 80 51.86 56.09 69.48
N ASP BA 81 53.15 55.83 69.65
CA ASP BA 81 54.17 56.82 69.97
C ASP BA 81 54.06 57.45 71.35
N PHE BA 82 53.15 56.96 72.17
CA PHE BA 82 52.99 57.55 73.49
C PHE BA 82 53.84 56.89 74.54
N PHE BA 83 53.91 55.58 74.50
CA PHE BA 83 54.62 54.84 75.53
C PHE BA 83 56.05 54.66 75.07
N ASP BA 84 56.99 54.77 75.99
CA ASP BA 84 58.41 54.61 75.72
C ASP BA 84 58.78 53.12 75.59
N PRO BA 85 59.23 52.62 74.43
CA PRO BA 85 59.51 51.22 74.19
C PRO BA 85 60.60 50.66 75.07
N LYS BA 86 61.41 51.53 75.66
CA LYS BA 86 62.49 51.06 76.50
C LYS BA 86 62.00 50.79 77.91
N ARG BA 87 60.71 51.04 78.13
CA ARG BA 87 60.08 50.81 79.41
C ARG BA 87 59.11 49.64 79.30
N CYS BA 88 59.19 48.88 78.21
CA CYS BA 88 58.33 47.72 78.05
C CYS BA 88 59.11 46.43 78.25
N VAL BA 89 58.57 45.53 79.07
CA VAL BA 89 59.22 44.26 79.34
C VAL BA 89 58.39 43.13 78.79
N MET BA 90 58.97 42.36 77.89
CA MET BA 90 58.22 41.25 77.30
C MET BA 90 58.90 39.92 77.35
N GLY BA 91 58.14 38.94 77.75
CA GLY BA 91 58.58 37.56 77.74
C GLY BA 91 58.07 36.88 76.49
N LEU BA 92 58.24 35.57 76.40
CA LEU BA 92 57.77 34.83 75.25
C LEU BA 92 56.70 33.81 75.58
N ALA BA 93 56.83 33.13 76.70
CA ALA BA 93 55.93 32.03 77.02
C ALA BA 93 54.57 32.42 77.57
N GLY BA 94 54.38 33.61 78.09
CA GLY BA 94 53.11 33.91 78.71
C GLY BA 94 53.06 33.21 80.05
N ASP BA 95 51.86 32.92 80.57
CA ASP BA 95 51.79 32.32 81.88
C ASP BA 95 50.88 31.08 82.00
N ALA BA 96 50.27 30.61 80.92
CA ALA BA 96 49.39 29.44 80.95
C ALA BA 96 48.30 29.56 82.01
N ASN BA 97 47.95 30.80 82.36
CA ASN BA 97 46.99 31.19 83.39
C ASN BA 97 47.40 30.75 84.79
N LEU BA 98 48.67 30.45 85.02
CA LEU BA 98 49.10 30.02 86.34
C LEU BA 98 49.87 31.02 87.16
N PHE BA 99 49.48 31.15 88.43
CA PHE BA 99 50.20 31.93 89.41
C PHE BA 99 51.62 31.46 89.45
N ALA BA 100 51.80 30.14 89.41
CA ALA BA 100 53.12 29.59 89.51
C ALA BA 100 54.10 30.16 88.49
N LYS BA 101 53.67 30.46 87.26
CA LYS BA 101 54.66 30.98 86.34
C LYS BA 101 54.99 32.41 86.66
N GLY BA 102 53.97 33.17 87.01
CA GLY BA 102 54.21 34.57 87.30
C GLY BA 102 55.08 34.79 88.54
N TYR BA 103 54.94 33.94 89.56
CA TYR BA 103 55.70 34.14 90.80
C TYR BA 103 56.92 33.24 91.04
N TYR BA 104 56.97 32.00 90.50
CA TYR BA 104 58.10 31.12 90.83
C TYR BA 104 58.94 30.65 89.65
N SER BA 105 58.32 30.13 88.59
CA SER BA 105 59.13 29.48 87.55
C SER BA 105 59.54 30.27 86.31
N TYR BA 106 58.81 31.28 85.91
CA TYR BA 106 59.16 31.96 84.67
C TYR BA 106 59.41 33.41 84.93
N GLY BA 107 58.50 34.07 85.61
CA GLY BA 107 58.56 35.50 85.80
C GLY BA 107 59.76 35.95 86.60
N THR BA 108 60.37 35.04 87.30
CA THR BA 108 61.51 35.35 88.13
C THR BA 108 62.74 35.68 87.32
N ARG BA 109 62.82 35.18 86.09
CA ARG BA 109 64.00 35.43 85.28
C ARG BA 109 64.00 36.84 84.72
N PHE BA 110 62.88 37.53 84.85
CA PHE BA 110 62.76 38.88 84.33
C PHE BA 110 62.94 39.89 85.42
N MET BA 111 63.19 39.47 86.66
CA MET BA 111 63.26 40.48 87.68
C MET BA 111 64.45 41.40 87.57
N GLU BA 112 65.56 40.95 87.01
CA GLU BA 112 66.68 41.88 86.90
C GLU BA 112 66.33 42.97 85.90
N GLU BA 113 65.70 42.58 84.80
CA GLU BA 113 65.28 43.52 83.77
C GLU BA 113 64.27 44.50 84.29
N ILE BA 114 63.31 44.01 85.06
CA ILE BA 114 62.25 44.84 85.58
C ILE BA 114 62.79 45.81 86.60
N MET BA 115 63.62 45.35 87.53
CA MET BA 115 64.11 46.28 88.53
C MET BA 115 65.08 47.28 87.92
N ASP BA 116 65.77 46.91 86.84
CA ASP BA 116 66.66 47.84 86.18
C ASP BA 116 65.85 48.94 85.51
N LYS BA 117 64.75 48.59 84.87
CA LYS BA 117 63.93 49.61 84.26
C LYS BA 117 63.29 50.49 85.30
N ILE BA 118 62.90 49.91 86.44
CA ILE BA 118 62.30 50.73 87.46
C ILE BA 118 63.33 51.70 87.96
N GLN BA 119 64.57 51.27 88.24
CA GLN BA 119 65.51 52.25 88.72
C GLN BA 119 65.74 53.34 87.70
N LYS BA 120 65.80 53.01 86.42
CA LYS BA 120 66.03 54.08 85.46
C LYS BA 120 64.92 55.12 85.54
N GLU BA 121 63.70 54.70 85.83
CA GLU BA 121 62.57 55.60 85.94
C GLU BA 121 62.66 56.41 87.27
N VAL BA 122 63.08 55.74 88.34
CA VAL BA 122 63.25 56.35 89.67
C VAL BA 122 64.33 57.41 89.65
N ASP BA 123 65.40 57.14 88.93
CA ASP BA 123 66.52 58.05 88.84
C ASP BA 123 66.18 59.36 88.14
N GLN BA 124 65.03 59.46 87.51
CA GLN BA 124 64.70 60.71 86.85
C GLN BA 124 63.94 61.64 87.77
N THR BA 125 63.63 61.19 89.00
CA THR BA 125 62.82 62.01 89.89
C THR BA 125 63.41 62.31 91.26
N GLU BA 126 63.41 63.60 91.61
CA GLU BA 126 63.92 64.11 92.88
C GLU BA 126 63.07 63.74 94.09
N HIS BA 127 61.76 63.77 93.92
CA HIS BA 127 60.85 63.49 95.01
C HIS BA 127 59.83 62.48 94.62
N LEU BA 128 60.11 61.23 94.92
CA LEU BA 128 59.22 60.14 94.56
C LEU BA 128 58.32 59.88 95.73
N GLN BA 129 57.04 59.95 95.46
CA GLN BA 129 55.99 59.78 96.44
C GLN BA 129 55.67 58.30 96.61
N GLY BA 130 55.59 57.62 95.49
CA GLY BA 130 55.23 56.22 95.53
C GLY BA 130 54.99 55.58 94.20
N PHE BA 131 54.50 54.35 94.28
CA PHE BA 131 54.21 53.53 93.11
C PHE BA 131 52.79 53.06 93.08
N ILE BA 132 52.24 52.96 91.88
CA ILE BA 132 50.94 52.36 91.68
C ILE BA 132 51.07 51.17 90.77
N VAL BA 133 50.66 50.02 91.23
CA VAL BA 133 50.76 48.83 90.39
C VAL BA 133 49.36 48.41 90.00
N VAL BA 134 49.11 48.38 88.70
CA VAL BA 134 47.81 48.04 88.18
C VAL BA 134 47.84 46.63 87.66
N HIS BA 135 47.01 45.77 88.22
CA HIS BA 135 47.09 44.40 87.79
C HIS BA 135 45.82 43.62 87.97
N SER BA 136 45.69 42.58 87.18
CA SER BA 136 44.65 41.61 87.34
C SER BA 136 45.02 40.72 88.48
N ILE BA 137 44.06 40.13 89.21
CA ILE BA 137 44.46 39.10 90.23
C ILE BA 137 43.98 37.76 89.69
N GLY BA 138 43.54 37.75 88.45
CA GLY BA 138 43.01 36.57 87.75
C GLY BA 138 44.09 35.67 87.17
N ASP BA 139 44.65 36.11 86.06
CA ASP BA 139 45.69 35.43 85.29
C ASP BA 139 46.99 35.39 86.03
N GLY BA 140 47.84 34.45 85.65
CA GLY BA 140 49.14 34.24 86.25
C GLY BA 140 50.09 35.42 86.13
N THR BA 141 50.11 36.12 85.02
CA THR BA 141 51.05 37.22 84.95
C THR BA 141 50.68 38.28 85.97
N GLY BA 142 49.40 38.69 85.99
CA GLY BA 142 48.96 39.68 86.95
C GLY BA 142 49.08 39.17 88.38
N ALA BA 143 48.46 38.03 88.65
CA ALA BA 143 48.42 37.43 89.97
C ALA BA 143 49.80 37.08 90.52
N GLY BA 144 50.70 36.65 89.66
CA GLY BA 144 52.04 36.23 90.03
C GLY BA 144 53.06 37.36 90.04
N LEU BA 145 53.31 37.98 88.90
CA LEU BA 145 54.31 39.01 88.92
C LEU BA 145 53.95 40.22 89.70
N ALA BA 146 52.70 40.67 89.72
CA ALA BA 146 52.55 41.94 90.38
C ALA BA 146 53.08 41.87 91.80
N PRO BA 147 52.76 40.88 92.68
CA PRO BA 147 53.38 40.74 93.97
C PRO BA 147 54.88 40.47 93.94
N LEU BA 148 55.41 39.89 92.86
CA LEU BA 148 56.85 39.63 92.85
C LEU BA 148 57.57 40.98 92.72
N ILE BA 149 56.99 41.84 91.90
CA ILE BA 149 57.51 43.16 91.63
C ILE BA 149 57.37 44.01 92.86
N MET BA 150 56.19 43.95 93.49
CA MET BA 150 55.97 44.75 94.68
C MET BA 150 56.98 44.40 95.76
N GLU BA 151 57.26 43.12 95.99
CA GLU BA 151 58.22 42.79 97.02
C GLU BA 151 59.60 43.31 96.69
N ALA BA 152 60.00 43.21 95.42
CA ALA BA 152 61.32 43.68 95.04
C ALA BA 152 61.47 45.18 95.27
N ILE BA 153 60.40 45.94 95.01
CA ILE BA 153 60.43 47.37 95.25
C ILE BA 153 60.43 47.71 96.73
N LYS BA 154 59.57 47.08 97.53
CA LYS BA 154 59.52 47.43 98.94
C LYS BA 154 60.84 47.18 99.64
N LYS BA 155 61.60 46.20 99.16
CA LYS BA 155 62.89 45.84 99.81
C LYS BA 155 63.98 46.84 99.41
N LYS BA 156 63.72 47.67 98.39
CA LYS BA 156 64.72 48.60 97.89
C LYS BA 156 64.38 50.04 98.25
N HIS BA 157 63.08 50.34 98.28
CA HIS BA 157 62.58 51.66 98.55
C HIS BA 157 61.52 51.61 99.65
N PRO BA 158 61.87 51.22 100.88
CA PRO BA 158 60.97 50.93 101.98
C PRO BA 158 60.17 52.10 102.52
N LYS BA 159 60.59 53.32 102.18
CA LYS BA 159 59.92 54.53 102.68
C LYS BA 159 58.84 55.06 101.76
N LEU BA 160 58.64 54.42 100.61
CA LEU BA 160 57.63 54.88 99.67
C LEU BA 160 56.31 54.22 99.93
N VAL BA 161 55.22 54.87 99.54
CA VAL BA 161 53.92 54.24 99.69
C VAL BA 161 53.59 53.47 98.44
N MET BA 162 53.20 52.22 98.60
CA MET BA 162 52.81 51.44 97.46
C MET BA 162 51.33 51.13 97.43
N MET BA 163 50.71 51.46 96.32
CA MET BA 163 49.31 51.20 96.14
C MET BA 163 49.09 50.26 95.00
N SER BA 164 48.18 49.34 95.18
CA SER BA 164 47.85 48.45 94.09
C SER BA 164 46.42 48.66 93.68
N TYR BA 165 46.15 48.41 92.42
CA TYR BA 165 44.80 48.45 91.89
C TYR BA 165 44.53 47.05 91.41
N SER BA 166 43.86 46.27 92.23
CA SER BA 166 43.61 44.86 92.02
C SER BA 166 42.28 44.61 91.38
N ILE BA 167 42.29 44.01 90.21
CA ILE BA 167 41.04 43.84 89.52
C ILE BA 167 40.59 42.40 89.53
N VAL BA 168 39.44 42.16 90.13
CA VAL BA 168 38.91 40.83 90.28
C VAL BA 168 38.07 40.48 89.05
N PRO BA 169 38.42 39.44 88.29
CA PRO BA 169 37.74 39.01 87.10
C PRO BA 169 36.37 38.54 87.45
N SER BA 170 35.50 38.62 86.47
CA SER BA 170 34.14 38.13 86.58
C SER BA 170 34.00 36.62 86.60
N GLN BA 171 32.83 36.17 87.03
CA GLN BA 171 32.45 34.75 87.05
C GLN BA 171 31.76 34.33 85.75
N ASN BA 172 31.71 35.24 84.80
CA ASN BA 172 31.10 35.00 83.50
C ASN BA 172 32.03 35.41 82.34
N MET BA 173 32.02 36.67 81.90
CA MET BA 173 32.79 37.02 80.70
C MET BA 173 34.28 36.80 80.81
N ASP BA 174 34.84 36.93 82.00
CA ASP BA 174 36.27 36.77 82.21
C ASP BA 174 36.58 35.47 82.92
N CYS BA 175 35.63 34.56 83.01
CA CYS BA 175 35.90 33.42 83.88
C CYS BA 175 36.93 32.44 83.39
N SER BA 176 37.45 31.72 84.37
CA SER BA 176 38.45 30.67 84.26
C SER BA 176 38.20 29.58 85.29
N THR BA 177 38.53 28.37 84.90
CA THR BA 177 38.35 27.19 85.73
C THR BA 177 39.30 27.12 86.90
N ILE BA 178 40.36 27.93 86.87
CA ILE BA 178 41.32 27.98 87.97
C ILE BA 178 41.39 29.35 88.60
N LEU BA 179 40.39 30.19 88.37
CA LEU BA 179 40.38 31.51 88.96
C LEU BA 179 40.57 31.49 90.48
N PRO BA 180 39.88 30.66 91.27
CA PRO BA 180 40.02 30.61 92.70
C PRO BA 180 41.43 30.29 93.16
N TYR BA 181 42.25 29.62 92.37
CA TYR BA 181 43.56 29.35 92.89
C TYR BA 181 44.40 30.56 92.75
N ASN BA 182 44.30 31.22 91.62
CA ASN BA 182 45.16 32.35 91.46
C ASN BA 182 44.74 33.49 92.38
N ALA BA 183 43.44 33.65 92.61
CA ALA BA 183 42.98 34.74 93.46
C ALA BA 183 43.44 34.57 94.91
N ILE BA 184 43.37 33.36 95.44
CA ILE BA 184 43.79 33.17 96.83
C ILE BA 184 45.30 33.23 96.95
N LEU BA 185 46.01 32.60 96.02
CA LEU BA 185 47.44 32.59 96.09
C LEU BA 185 48.00 33.98 95.98
N SER BA 186 47.40 34.85 95.17
CA SER BA 186 47.91 36.20 95.07
C SER BA 186 47.41 37.15 96.16
N LEU BA 187 46.20 36.94 96.73
CA LEU BA 187 45.78 37.80 97.85
C LEU BA 187 46.72 37.58 99.01
N ASP BA 188 47.22 36.36 99.12
CA ASP BA 188 48.15 36.02 100.15
C ASP BA 188 49.42 36.85 100.09
N LYS BA 189 49.83 37.30 98.90
CA LYS BA 189 51.05 38.05 98.83
C LYS BA 189 50.74 39.53 98.91
N LEU BA 190 49.57 39.94 98.40
CA LEU BA 190 49.20 41.35 98.43
C LEU BA 190 49.07 41.80 99.85
N THR BA 191 48.67 40.88 100.70
CA THR BA 191 48.51 41.11 102.11
C THR BA 191 49.77 41.67 102.74
N SER BA 192 50.97 41.20 102.34
CA SER BA 192 52.18 41.77 102.94
C SER BA 192 52.86 42.80 102.02
N CYS BA 193 52.54 42.79 100.73
CA CYS BA 193 53.17 43.67 99.74
C CYS BA 193 52.73 45.12 99.70
N ALA BA 194 51.42 45.35 99.59
CA ALA BA 194 50.91 46.71 99.38
C ALA BA 194 50.61 47.42 100.68
N ASP BA 195 50.67 48.75 100.65
CA ASP BA 195 50.24 49.52 101.81
C ASP BA 195 48.77 49.82 101.66
N ILE BA 196 48.35 50.05 100.42
CA ILE BA 196 46.97 50.32 100.07
C ILE BA 196 46.57 49.38 98.96
N SER BA 197 45.44 48.69 99.06
CA SER BA 197 45.06 47.83 97.94
C SER BA 197 43.61 48.03 97.57
N MET BA 198 43.38 48.53 96.35
CA MET BA 198 42.02 48.79 95.95
C MET BA 198 41.45 47.56 95.30
N ILE BA 199 40.22 47.19 95.63
CA ILE BA 199 39.60 46.08 94.96
C ILE BA 199 38.44 46.50 94.11
N ILE BA 200 38.53 46.20 92.83
CA ILE BA 200 37.46 46.50 91.91
C ILE BA 200 36.94 45.19 91.38
N ASP BA 201 35.63 44.99 91.48
CA ASP BA 201 35.01 43.74 91.03
C ASP BA 201 34.35 43.86 89.63
N ASN BA 202 34.86 43.13 88.62
CA ASN BA 202 34.29 43.29 87.28
C ASN BA 202 32.82 42.88 87.21
N ASP BA 203 32.34 42.01 88.10
CA ASP BA 203 30.93 41.67 88.01
C ASP BA 203 30.06 42.81 88.41
N SER BA 204 30.55 43.70 89.28
CA SER BA 204 29.76 44.83 89.65
C SER BA 204 29.75 45.76 88.49
N ILE BA 205 30.87 45.88 87.80
CA ILE BA 205 30.87 46.79 86.68
C ILE BA 205 29.91 46.30 85.63
N TYR BA 206 29.91 45.01 85.34
CA TYR BA 206 29.01 44.56 84.31
C TYR BA 206 27.54 44.79 84.68
N ARG BA 207 27.12 44.52 85.93
CA ARG BA 207 25.71 44.75 86.23
C ARG BA 207 25.34 46.22 86.38
N ILE BA 208 26.28 47.04 86.81
CA ILE BA 208 26.01 48.45 86.97
C ILE BA 208 25.86 49.12 85.64
N VAL BA 209 26.77 48.84 84.72
CA VAL BA 209 26.67 49.46 83.43
C VAL BA 209 25.43 48.95 82.72
N ALA BA 210 25.15 47.66 82.80
CA ALA BA 210 23.96 47.13 82.16
C ALA BA 210 22.70 47.81 82.67
N THR BA 211 22.65 48.11 83.98
CA THR BA 211 21.51 48.80 84.53
C THR BA 211 21.39 50.20 83.95
N GLN BA 212 22.50 50.94 83.88
CA GLN BA 212 22.48 52.29 83.35
C GLN BA 212 22.14 52.30 81.87
N GLY BA 213 22.54 51.25 81.19
CA GLY BA 213 22.33 51.08 79.79
C GLY BA 213 21.01 50.43 79.45
N LYS BA 214 20.11 50.23 80.40
CA LYS BA 214 18.87 49.51 80.07
C LYS BA 214 18.03 50.26 79.02
N GLU BA 215 18.28 51.56 78.88
CA GLU BA 215 17.57 52.41 77.93
C GLU BA 215 18.29 52.57 76.58
N ASN BA 216 19.48 51.99 76.40
CA ASN BA 216 20.22 52.22 75.16
C ASN BA 216 21.19 51.08 74.78
N GLU BA 217 21.91 51.26 73.67
CA GLU BA 217 22.81 50.22 73.19
C GLU BA 217 24.25 50.35 73.69
N LEU BA 218 24.54 51.35 74.51
CA LEU BA 218 25.88 51.58 75.00
C LEU BA 218 26.95 51.54 73.89
N SER BA 219 28.08 50.92 74.22
CA SER BA 219 29.25 50.69 73.40
C SER BA 219 30.02 49.59 74.07
N GLU BA 220 30.68 48.74 73.34
CA GLU BA 220 31.44 47.69 74.03
C GLU BA 220 32.64 48.22 74.79
N SER BA 221 33.06 49.44 74.49
CA SER BA 221 34.20 50.05 75.16
C SER BA 221 33.87 50.54 76.55
N ILE BA 222 32.59 50.62 76.90
CA ILE BA 222 32.19 51.18 78.17
C ILE BA 222 32.70 50.44 79.38
N PHE BA 223 32.90 49.15 79.29
CA PHE BA 223 33.32 48.43 80.46
C PHE BA 223 34.74 48.81 80.84
N ASP BA 224 35.59 49.00 79.84
CA ASP BA 224 36.97 49.36 80.10
C ASP BA 224 37.07 50.82 80.48
N GLN BA 225 36.17 51.66 79.95
CA GLN BA 225 36.28 53.05 80.31
C GLN BA 225 35.92 53.23 81.78
N VAL BA 226 34.93 52.48 82.28
CA VAL BA 226 34.57 52.62 83.68
C VAL BA 226 35.69 52.13 84.59
N LEU BA 227 36.31 51.02 84.25
CA LEU BA 227 37.37 50.50 85.08
C LEU BA 227 38.58 51.45 85.11
N ALA BA 228 38.96 51.98 83.94
CA ALA BA 228 40.07 52.91 83.86
C ALA BA 228 39.78 54.21 84.57
N LYS BA 229 38.55 54.69 84.45
CA LYS BA 229 38.17 55.94 85.05
C LYS BA 229 38.23 55.86 86.54
N ALA BA 230 37.82 54.74 87.13
CA ALA BA 230 37.90 54.70 88.57
C ALA BA 230 39.32 54.95 89.02
N LEU BA 231 40.33 54.41 88.32
CA LEU BA 231 41.69 54.72 88.80
C LEU BA 231 42.02 56.18 88.64
N VAL BA 232 41.58 56.78 87.52
CA VAL BA 232 41.89 58.18 87.26
C VAL BA 232 41.32 59.08 88.34
N GLU BA 233 40.08 58.80 88.75
CA GLU BA 233 39.43 59.59 89.77
C GLU BA 233 40.08 59.38 91.15
N ILE BA 234 40.52 58.16 91.46
CA ILE BA 234 41.16 57.91 92.75
C ILE BA 234 42.39 58.79 92.85
N THR BA 235 43.11 58.88 91.75
CA THR BA 235 44.32 59.67 91.62
C THR BA 235 44.12 61.15 91.36
N ALA BA 236 42.89 61.64 91.24
CA ALA BA 236 42.70 63.06 90.92
C ALA BA 236 43.32 63.97 91.95
N THR BA 237 43.27 63.57 93.21
CA THR BA 237 43.77 64.42 94.27
C THR BA 237 45.28 64.41 94.33
N LEU BA 238 45.91 63.52 93.60
CA LEU BA 238 47.36 63.46 93.59
C LEU BA 238 47.88 64.30 92.43
N ARG BA 239 46.98 64.82 91.60
CA ARG BA 239 47.34 65.55 90.40
C ARG BA 239 46.91 67.01 90.47
N PHE BA 240 45.89 67.30 91.22
CA PHE BA 240 45.40 68.66 91.36
C PHE BA 240 45.64 69.13 92.77
N ASN BA 241 45.69 70.43 93.00
CA ASN BA 241 45.96 70.90 94.36
C ASN BA 241 44.69 70.89 95.20
N SER BA 242 44.33 69.68 95.55
CA SER BA 242 43.13 69.29 96.24
C SER BA 242 43.27 69.45 97.76
N PRO BA 243 42.18 69.67 98.54
CA PRO BA 243 42.29 69.72 100.00
C PRO BA 243 42.07 68.32 100.58
N LEU BA 244 42.34 67.27 99.79
CA LEU BA 244 42.07 65.88 100.26
C LEU BA 244 43.07 64.92 99.60
N ASN BA 245 43.37 63.79 100.25
CA ASN BA 245 44.27 62.77 99.71
C ASN BA 245 45.42 63.44 98.95
N ARG BA 246 45.90 64.56 99.51
CA ARG BA 246 46.98 65.33 98.92
C ARG BA 246 48.15 64.47 98.48
N SER BA 247 48.41 63.41 99.21
CA SER BA 247 49.51 62.51 98.89
C SER BA 247 49.15 61.10 99.26
N MET BA 248 49.92 60.15 98.74
CA MET BA 248 49.69 58.73 99.02
C MET BA 248 49.87 58.42 100.49
N MET BA 249 50.75 59.16 101.15
CA MET BA 249 50.96 58.96 102.57
C MET BA 249 49.72 59.35 103.36
N GLU BA 250 48.98 60.34 102.87
CA GLU BA 250 47.76 60.81 103.57
C GLU BA 250 46.62 59.82 103.27
N MET BA 251 46.64 59.19 102.10
CA MET BA 251 45.59 58.20 101.85
C MET BA 251 45.78 57.04 102.80
N SER BA 252 47.03 56.67 103.03
CA SER BA 252 47.32 55.58 103.91
C SER BA 252 46.90 55.90 105.34
N THR BA 253 47.23 57.10 105.81
CA THR BA 253 46.89 57.47 107.22
C THR BA 253 45.38 57.62 107.41
N ASN BA 254 44.65 58.06 106.36
CA ASN BA 254 43.22 58.28 106.46
C ASN BA 254 42.42 56.99 106.42
N LEU BA 255 42.87 56.03 105.62
CA LEU BA 255 42.13 54.81 105.41
C LEU BA 255 42.58 53.51 106.08
N VAL BA 256 43.85 53.35 106.42
CA VAL BA 256 44.30 52.04 106.92
C VAL BA 256 44.78 52.04 108.38
N PRO BA 257 43.95 51.69 109.39
CA PRO BA 257 44.30 51.68 110.80
C PRO BA 257 45.24 50.57 111.27
N PHE BA 258 45.27 49.47 110.55
CA PHE BA 258 46.13 48.35 110.92
C PHE BA 258 46.82 47.90 109.66
N PRO BA 259 48.08 47.43 109.70
CA PRO BA 259 48.82 46.96 108.55
C PRO BA 259 48.11 45.96 107.65
N ARG BA 260 47.28 45.08 108.21
CA ARG BA 260 46.59 44.11 107.37
C ARG BA 260 45.28 44.61 106.82
N ASN BA 261 44.64 45.58 107.47
CA ASN BA 261 43.32 45.98 107.01
C ASN BA 261 43.41 47.09 105.99
N HIS BA 262 44.04 46.78 104.87
CA HIS BA 262 44.26 47.77 103.84
C HIS BA 262 43.47 47.56 102.56
N PHE BA 263 42.52 46.64 102.53
CA PHE BA 263 41.79 46.40 101.31
C PHE BA 263 40.59 47.31 101.23
N LEU BA 264 40.55 48.14 100.21
CA LEU BA 264 39.53 49.17 100.05
C LEU BA 264 38.56 49.01 98.91
N MET BA 265 37.35 49.48 99.13
CA MET BA 265 36.27 49.48 98.17
C MET BA 265 36.02 50.85 97.60
N THR BA 266 35.47 50.94 96.39
CA THR BA 266 35.14 52.26 95.87
C THR BA 266 33.73 52.35 95.37
N SER BA 267 33.31 53.59 95.21
CA SER BA 267 32.01 53.97 94.69
C SER BA 267 32.15 55.16 93.79
N MET BA 268 31.50 55.14 92.64
CA MET BA 268 31.68 56.24 91.70
C MET BA 268 30.42 56.72 91.03
N SER BA 269 30.33 58.04 90.85
CA SER BA 269 29.23 58.66 90.16
C SER BA 269 29.73 59.87 89.37
N PRO BA 270 29.30 60.03 88.12
CA PRO BA 270 28.33 59.32 87.31
C PRO BA 270 28.77 58.08 86.55
N LEU BA 271 29.86 57.44 86.95
CA LEU BA 271 30.44 56.26 86.29
C LEU BA 271 31.11 56.61 84.98
N GLU BA 272 30.37 57.17 84.03
CA GLU BA 272 30.95 57.68 82.81
C GLU BA 272 30.11 58.81 82.25
N THR BA 273 30.77 59.78 81.67
CA THR BA 273 30.13 60.95 81.12
C THR BA 273 29.12 60.58 80.04
N SER BA 274 29.50 59.62 79.19
CA SER BA 274 28.65 59.15 78.11
C SER BA 274 27.44 58.36 78.58
N LEU BA 275 27.46 57.91 79.83
CA LEU BA 275 26.29 57.20 80.41
C LEU BA 275 25.28 58.25 80.89
N THR BA 276 25.78 59.40 81.35
CA THR BA 276 24.89 60.49 81.84
C THR BA 276 24.98 61.69 80.89
N SER BA 277 24.12 61.73 79.86
CA SER BA 277 24.17 62.82 78.85
C SER BA 277 22.92 63.69 78.96
N ALA BA 278 22.77 64.66 78.04
CA ALA BA 278 21.59 65.56 78.04
C ALA BA 278 21.56 66.36 79.35
N HIS BA 279 20.38 66.44 79.99
CA HIS BA 279 20.24 67.26 81.23
C HIS BA 279 20.82 66.48 82.42
N GLN BA 280 22.03 66.86 82.84
CA GLN BA 280 22.69 66.11 83.95
C GLN BA 280 23.06 67.09 85.04
N LYS BA 281 22.13 67.98 85.40
CA LYS BA 281 22.39 68.89 86.53
C LYS BA 281 22.33 68.07 87.81
N ILE BA 282 23.42 67.36 88.13
CA ILE BA 282 23.44 66.51 89.36
C ILE BA 282 23.73 67.45 90.54
N GLU BA 283 22.72 67.76 91.34
CA GLU BA 283 22.91 68.70 92.48
C GLU BA 283 23.79 68.04 93.53
N THR BA 284 24.52 68.86 94.30
CA THR BA 284 25.40 68.31 95.37
C THR BA 284 24.64 67.27 96.18
N LYS BA 285 23.34 67.45 96.36
CA LYS BA 285 22.55 66.54 97.22
C LYS BA 285 22.41 65.15 96.58
N GLU BA 286 22.11 65.06 95.29
CA GLU BA 286 21.91 63.77 94.70
C GLU BA 286 23.23 63.08 94.55
N LEU BA 287 24.30 63.81 94.24
CA LEU BA 287 25.57 63.15 94.07
C LEU BA 287 25.95 62.38 95.32
N MET BA 288 25.79 62.98 96.50
CA MET BA 288 26.18 62.21 97.66
C MET BA 288 25.26 61.06 97.99
N GLN BA 289 24.00 61.11 97.57
CA GLN BA 289 23.18 59.95 97.84
C GLN BA 289 23.56 58.84 96.86
N ASP BA 290 23.92 59.22 95.63
CA ASP BA 290 24.29 58.23 94.61
C ASP BA 290 25.54 57.48 95.01
N LEU BA 291 26.46 58.15 95.67
CA LEU BA 291 27.70 57.53 96.04
C LEU BA 291 27.59 56.44 97.13
N ILE BA 292 26.46 56.31 97.81
CA ILE BA 292 26.32 55.20 98.74
C ILE BA 292 25.18 54.29 98.30
N ASP BA 293 24.77 54.45 97.05
CA ASP BA 293 23.72 53.64 96.45
C ASP BA 293 24.29 52.33 95.96
N GLN BA 294 23.49 51.30 95.93
CA GLN BA 294 23.97 50.03 95.45
C GLN BA 294 24.47 50.04 94.04
N ASP BA 295 23.89 50.86 93.19
CA ASP BA 295 24.26 50.82 91.80
C ASP BA 295 25.51 51.61 91.47
N HIS BA 296 26.13 52.20 92.46
CA HIS BA 296 27.36 52.93 92.23
C HIS BA 296 28.55 52.29 92.92
N ILE BA 297 28.35 51.14 93.56
CA ILE BA 297 29.45 50.54 94.29
C ILE BA 297 30.07 49.45 93.46
N LEU BA 298 31.38 49.53 93.22
CA LEU BA 298 32.03 48.59 92.34
C LEU BA 298 32.54 47.37 93.10
N ALA BA 299 31.60 46.74 93.80
CA ALA BA 299 31.81 45.57 94.63
C ALA BA 299 30.46 45.01 94.97
N PRO BA 300 30.30 43.72 95.29
CA PRO BA 300 29.05 43.14 95.73
C PRO BA 300 28.80 43.47 97.19
N ILE BA 301 28.73 44.77 97.46
CA ILE BA 301 28.58 45.32 98.79
C ILE BA 301 27.48 46.33 98.94
N THR BA 302 26.70 46.13 99.97
CA THR BA 302 25.64 47.04 100.37
C THR BA 302 26.21 47.75 101.58
N VAL BA 303 26.22 49.08 101.63
CA VAL BA 303 26.88 49.73 102.75
C VAL BA 303 26.17 49.48 104.06
N GLU BA 304 24.85 49.30 103.98
CA GLU BA 304 23.98 49.04 105.10
C GLU BA 304 24.25 47.69 105.75
N LYS BA 305 24.94 46.79 105.06
CA LYS BA 305 25.19 45.47 105.59
C LYS BA 305 26.67 45.25 105.81
N GLY BA 306 27.15 45.75 106.92
CA GLY BA 306 28.56 45.72 107.26
C GLY BA 306 28.94 46.95 108.04
N VAL BA 307 30.21 47.05 108.41
CA VAL BA 307 30.67 48.15 109.24
C VAL BA 307 31.87 48.89 108.64
N PHE BA 308 31.80 50.22 108.70
CA PHE BA 308 32.86 51.08 108.22
C PHE BA 308 33.94 51.27 109.25
N THR BA 309 35.15 51.34 108.78
CA THR BA 309 36.29 51.65 109.62
C THR BA 309 36.81 53.03 109.22
N ALA BA 310 36.67 53.35 107.94
CA ALA BA 310 37.11 54.63 107.42
C ALA BA 310 36.29 54.99 106.20
N PHE BA 311 36.06 56.28 105.96
CA PHE BA 311 35.28 56.64 104.80
C PHE BA 311 35.62 58.03 104.26
N VAL BA 312 36.15 58.09 103.06
CA VAL BA 312 36.52 59.37 102.46
C VAL BA 312 35.80 59.64 101.16
N ILE BA 313 35.13 60.77 101.07
CA ILE BA 313 34.40 61.15 99.88
C ILE BA 313 35.09 62.30 99.14
N ALA BA 314 35.56 62.03 97.94
CA ALA BA 314 36.25 63.04 97.16
C ALA BA 314 35.41 63.50 96.00
N LEU BA 315 34.99 64.74 96.03
CA LEU BA 315 34.12 65.28 95.02
C LEU BA 315 34.90 66.21 94.13
N ARG BA 316 34.34 66.52 92.97
CA ARG BA 316 34.95 67.47 92.08
C ARG BA 316 33.90 68.49 91.67
N GLY BA 317 34.28 69.75 91.59
CA GLY BA 317 33.37 70.83 91.20
C GLY BA 317 32.85 71.54 92.42
N GLU BA 318 32.04 72.56 92.24
CA GLU BA 318 31.56 73.24 93.41
C GLU BA 318 30.59 72.33 94.13
N ASN BA 319 30.85 72.18 95.42
CA ASN BA 319 30.12 71.36 96.34
C ASN BA 319 30.07 72.05 97.69
N PRO BA 320 29.13 72.94 97.96
CA PRO BA 320 29.08 73.76 99.15
C PRO BA 320 29.18 72.87 100.36
N HIS BA 321 29.96 73.30 101.35
CA HIS BA 321 30.20 72.46 102.50
C HIS BA 321 28.99 72.27 103.37
N SER BA 322 28.06 73.22 103.38
CA SER BA 322 26.88 73.06 104.19
C SER BA 322 25.99 71.97 103.65
N ILE BA 323 26.13 71.65 102.37
CA ILE BA 323 25.32 70.61 101.80
C ILE BA 323 26.00 69.33 102.10
N LEU BA 324 27.32 69.31 102.00
CA LEU BA 324 28.00 68.06 102.24
C LEU BA 324 27.74 67.62 103.66
N GLN BA 325 27.70 68.56 104.61
CA GLN BA 325 27.46 68.16 105.98
C GLN BA 325 26.04 67.68 106.20
N ASN BA 326 25.06 68.28 105.54
CA ASN BA 326 23.72 67.75 105.75
C ASN BA 326 23.56 66.39 105.10
N SER BA 327 24.24 66.16 103.98
CA SER BA 327 24.17 64.87 103.32
C SER BA 327 24.78 63.80 104.19
N ILE BA 328 25.89 64.11 104.86
CA ILE BA 328 26.50 63.13 105.74
C ILE BA 328 25.61 62.86 106.93
N LYS BA 329 25.08 63.88 107.56
CA LYS BA 329 24.23 63.63 108.72
C LYS BA 329 23.05 62.77 108.33
N GLY BA 330 22.54 62.99 107.12
CA GLY BA 330 21.41 62.32 106.54
C GLY BA 330 21.68 60.86 106.16
N PHE BA 331 22.93 60.40 106.31
CA PHE BA 331 23.24 59.02 106.03
C PHE BA 331 22.60 58.17 107.12
N GLY BA 332 22.37 58.74 108.31
CA GLY BA 332 21.72 57.99 109.36
C GLY BA 332 22.50 56.76 109.74
N ASP BA 333 21.82 55.63 109.79
CA ASP BA 333 22.44 54.36 110.13
C ASP BA 333 22.78 53.53 108.93
N ARG BA 334 22.77 54.14 107.74
CA ARG BA 334 23.16 53.41 106.55
C ARG BA 334 24.66 53.30 106.56
N VAL BA 335 25.31 54.32 107.13
CA VAL BA 335 26.74 54.36 107.24
C VAL BA 335 27.09 54.29 108.70
N LYS BA 336 27.51 53.11 109.15
CA LYS BA 336 27.77 52.91 110.55
C LYS BA 336 29.15 52.34 110.79
N PHE BA 337 29.76 52.78 111.90
CA PHE BA 337 31.14 52.34 112.26
C PHE BA 337 31.08 51.59 113.57
N SER BA 338 32.24 51.29 114.16
CA SER BA 338 32.29 50.59 115.46
C SER BA 338 31.99 51.60 116.58
N GLU BA 339 31.79 51.11 117.81
CA GLU BA 339 31.54 52.03 118.96
C GLU BA 339 32.90 52.54 119.44
N ILE BA 340 34.00 52.03 118.88
CA ILE BA 340 35.35 52.52 119.25
C ILE BA 340 35.79 53.58 118.22
N PHE BA 341 34.89 54.03 117.35
CA PHE BA 341 35.27 55.09 116.44
C PHE BA 341 34.20 56.17 116.41
N PRO BA 342 34.57 57.42 116.17
CA PRO BA 342 33.66 58.48 115.85
C PRO BA 342 33.24 58.21 114.43
N THR BA 343 32.13 58.75 113.98
CA THR BA 343 31.76 58.56 112.58
C THR BA 343 32.60 59.44 111.70
N ALA BA 344 33.82 59.02 111.50
CA ALA BA 344 34.84 59.76 110.80
C ALA BA 344 34.69 59.71 109.31
N ILE BA 345 33.68 60.44 108.84
CA ILE BA 345 33.40 60.53 107.42
C ILE BA 345 33.91 61.87 106.95
N LYS BA 346 34.87 61.86 106.02
CA LYS BA 346 35.50 63.14 105.58
C LYS BA 346 35.15 63.43 104.12
N ALA BA 347 34.70 64.65 103.84
CA ALA BA 347 34.30 64.98 102.47
C ALA BA 347 34.70 66.40 102.11
N ASP BA 348 35.11 66.57 100.87
CA ASP BA 348 35.44 67.90 100.31
C ASP BA 348 35.52 67.79 98.80
N SER BA 349 35.81 68.90 98.10
CA SER BA 349 35.93 68.83 96.65
C SER BA 349 37.12 69.54 96.01
N THR BA 350 37.49 69.04 94.84
CA THR BA 350 38.58 69.55 94.01
C THR BA 350 38.15 69.96 92.61
N THR BA 351 39.14 70.29 91.80
CA THR BA 351 38.97 70.79 90.43
C THR BA 351 38.38 69.85 89.38
N LEU BA 352 37.42 70.41 88.63
CA LEU BA 352 36.79 69.65 87.52
C LEU BA 352 37.41 70.06 86.19
N THR BA 353 37.71 69.10 85.34
CA THR BA 353 38.34 69.20 84.06
C THR BA 353 37.44 68.82 82.88
N ASP BA 354 36.36 68.10 83.16
CA ASP BA 354 35.44 67.58 82.16
C ASP BA 354 34.31 68.56 81.93
N GLU BA 355 34.31 69.21 80.78
CA GLU BA 355 33.38 70.27 80.46
C GLU BA 355 31.94 69.82 80.34
N LYS BA 356 31.69 68.51 80.29
CA LYS BA 356 30.34 68.03 80.16
C LYS BA 356 29.65 67.76 81.50
N LEU BA 357 30.39 67.81 82.60
CA LEU BA 357 29.77 67.49 83.88
C LEU BA 357 29.79 68.62 84.87
N ALA BA 358 28.64 68.87 85.47
CA ALA BA 358 28.53 69.89 86.49
C ALA BA 358 29.37 69.57 87.71
N ARG BA 359 29.44 68.30 88.07
CA ARG BA 359 30.19 67.82 89.21
C ARG BA 359 30.29 66.32 89.15
N SER BA 360 31.17 65.76 89.97
CA SER BA 360 31.33 64.31 90.03
C SER BA 360 31.98 63.89 91.31
N GLY BA 361 32.07 62.58 91.55
CA GLY BA 361 32.82 62.15 92.73
C GLY BA 361 33.06 60.66 92.86
N ILE BA 362 33.95 60.34 93.79
CA ILE BA 362 34.36 58.97 94.09
C ILE BA 362 34.60 58.79 95.57
N THR BA 363 34.34 57.60 96.10
CA THR BA 363 34.65 57.42 97.50
C THR BA 363 35.60 56.26 97.67
N LEU BA 364 36.32 56.30 98.79
CA LEU BA 364 37.22 55.26 99.21
C LEU BA 364 36.73 54.73 100.55
N MET BA 365 36.43 53.44 100.60
CA MET BA 365 35.86 52.91 101.82
C MET BA 365 36.63 51.76 102.42
N ASN BA 366 36.78 51.79 103.73
CA ASN BA 366 37.39 50.67 104.40
C ASN BA 366 36.20 50.08 105.13
N HIS BA 367 35.69 48.99 104.58
CA HIS BA 367 34.43 48.40 105.01
C HIS BA 367 34.54 46.89 105.08
N SER BA 368 33.93 46.31 106.10
CA SER BA 368 33.99 44.88 106.38
C SER BA 368 33.41 44.00 105.30
N GLY BA 369 32.63 44.56 104.38
CA GLY BA 369 32.01 43.82 103.29
C GLY BA 369 33.05 43.19 102.37
N VAL BA 370 34.30 43.65 102.42
CA VAL BA 370 35.32 43.04 101.59
C VAL BA 370 35.50 41.58 101.94
N ALA BA 371 35.27 41.25 103.20
CA ALA BA 371 35.41 39.91 103.70
C ALA BA 371 34.50 38.95 102.99
N ASN BA 372 33.39 39.44 102.45
CA ASN BA 372 32.45 38.57 101.77
C ASN BA 372 32.98 38.14 100.43
N LEU BA 373 33.78 38.98 99.78
CA LEU BA 373 34.33 38.63 98.48
C LEU BA 373 35.42 37.63 98.71
N PHE BA 374 36.19 37.86 99.77
CA PHE BA 374 37.25 36.95 100.06
C PHE BA 374 36.68 35.60 100.43
N GLN BA 375 35.59 35.55 101.22
CA GLN BA 375 35.04 34.26 101.57
C GLN BA 375 34.47 33.56 100.36
N PHE BA 376 33.85 34.30 99.45
CA PHE BA 376 33.31 33.66 98.26
C PHE BA 376 34.40 32.95 97.49
N LEU BA 377 35.50 33.63 97.25
CA LEU BA 377 36.59 33.06 96.51
C LEU BA 377 37.26 31.94 97.28
N LEU BA 378 37.36 32.09 98.61
CA LEU BA 378 38.00 31.07 99.41
C LEU BA 378 37.18 29.80 99.40
N THR BA 379 35.86 29.88 99.45
CA THR BA 379 35.07 28.66 99.41
C THR BA 379 35.32 27.93 98.10
N GLN BA 380 35.38 28.67 96.98
CA GLN BA 380 35.61 28.00 95.70
C GLN BA 380 36.98 27.33 95.70
N PHE BA 381 37.97 28.00 96.29
CA PHE BA 381 39.32 27.47 96.40
C PHE BA 381 39.29 26.15 97.12
N GLU BA 382 38.62 26.10 98.26
CA GLU BA 382 38.57 24.89 99.05
C GLU BA 382 37.90 23.73 98.33
N LEU BA 383 36.83 23.99 97.59
CA LEU BA 383 36.20 22.87 96.90
C LEU BA 383 37.15 22.23 95.90
N MET BA 384 37.90 23.07 95.19
CA MET BA 384 38.84 22.53 94.23
C MET BA 384 40.06 21.92 94.88
N TYR BA 385 40.62 22.60 95.87
CA TYR BA 385 41.85 22.16 96.48
C TYR BA 385 41.69 20.83 97.15
N ASP BA 386 40.61 20.65 97.88
CA ASP BA 386 40.39 19.45 98.66
C ASP BA 386 40.21 18.20 97.80
N HIS BA 387 39.97 18.37 96.50
CA HIS BA 387 39.81 17.24 95.62
C HIS BA 387 40.87 17.28 94.51
N ASP BA 388 41.94 18.04 94.72
CA ASP BA 388 43.08 18.21 93.83
C ASP BA 388 42.75 18.64 92.40
N ALA BA 389 41.74 19.48 92.20
CA ALA BA 389 41.47 19.80 90.81
C ALA BA 389 42.53 20.73 90.28
N PHE BA 390 43.13 20.39 89.14
CA PHE BA 390 44.13 21.23 88.50
C PHE BA 390 45.33 21.56 89.34
N THR BA 391 45.69 20.74 90.34
CA THR BA 391 46.85 21.12 91.14
C THR BA 391 48.14 20.65 90.52
N THR BA 392 48.05 19.69 89.62
CA THR BA 392 49.26 19.16 89.01
C THR BA 392 49.95 20.25 88.20
N TRP BA 393 49.18 21.16 87.65
CA TRP BA 393 49.77 22.18 86.82
C TRP BA 393 50.61 23.16 87.62
N TYR BA 394 50.35 23.29 88.91
CA TYR BA 394 51.11 24.21 89.73
C TYR BA 394 52.28 23.47 90.36
N TYR BA 395 52.07 22.19 90.67
CA TYR BA 395 53.11 21.41 91.33
C TYR BA 395 54.25 21.18 90.36
N GLN BA 396 53.92 21.09 89.07
CA GLN BA 396 54.90 20.87 88.02
C GLN BA 396 55.85 22.04 87.86
N GLU BA 397 55.50 23.21 88.40
CA GLU BA 397 56.36 24.36 88.26
C GLU BA 397 56.89 24.85 89.61
N GLY BA 398 56.91 23.95 90.60
CA GLY BA 398 57.50 24.27 91.90
C GLY BA 398 56.57 24.62 93.06
N MET BA 399 55.27 24.60 92.90
CA MET BA 399 54.47 24.93 94.06
C MET BA 399 54.22 23.79 95.00
N GLN BA 400 55.17 23.54 95.86
CA GLN BA 400 55.07 22.45 96.82
C GLN BA 400 53.70 22.66 97.50
N PRO BA 401 52.90 21.61 97.76
CA PRO BA 401 51.56 21.68 98.35
C PRO BA 401 51.35 22.55 99.59
N SER BA 402 52.35 22.68 100.47
CA SER BA 402 52.18 23.48 101.67
C SER BA 402 52.01 24.95 101.35
N GLU BA 403 52.37 25.34 100.13
CA GLU BA 403 52.28 26.70 99.65
C GLU BA 403 50.80 27.08 99.52
N PHE BA 404 49.97 26.11 99.12
CA PHE BA 404 48.55 26.33 98.95
C PHE BA 404 47.89 26.38 100.30
N GLU BA 405 48.35 25.51 101.19
CA GLU BA 405 47.80 25.45 102.52
C GLU BA 405 48.08 26.73 103.27
N ALA BA 406 49.27 27.31 103.09
CA ALA BA 406 49.58 28.55 103.76
C ALA BA 406 48.67 29.66 103.29
N ALA BA 407 48.41 29.74 101.98
CA ALA BA 407 47.54 30.80 101.47
C ALA BA 407 46.13 30.65 102.01
N LYS BA 408 45.67 29.40 102.11
CA LYS BA 408 44.35 29.12 102.62
C LYS BA 408 44.20 29.63 104.03
N ASN BA 409 45.19 29.37 104.87
CA ASN BA 409 45.08 29.81 106.23
C ASN BA 409 45.20 31.32 106.38
N ASN BA 410 46.09 31.95 105.63
CA ASN BA 410 46.25 33.42 105.72
C ASN BA 410 44.94 34.12 105.36
N ILE BA 411 44.25 33.68 104.29
CA ILE BA 411 43.05 34.36 103.88
C ILE BA 411 41.96 34.10 104.91
N GLN BA 412 41.85 32.87 105.44
CA GLN BA 412 40.77 32.69 106.40
C GLN BA 412 40.99 33.62 107.60
N LYS BA 413 42.26 33.83 108.00
CA LYS BA 413 42.54 34.75 109.10
C LYS BA 413 42.16 36.18 108.73
N LEU BA 414 42.41 36.58 107.49
CA LEU BA 414 42.10 37.94 107.04
C LEU BA 414 40.60 38.17 107.08
N ILE BA 415 39.83 37.18 106.66
CA ILE BA 415 38.38 37.27 106.66
C ILE BA 415 37.89 37.41 108.08
N THR BA 416 38.45 36.60 108.97
CA THR BA 416 38.08 36.60 110.36
C THR BA 416 38.31 37.97 110.96
N GLU BA 417 39.45 38.58 110.67
CA GLU BA 417 39.77 39.90 111.18
C GLU BA 417 38.84 41.00 110.67
N TYR BA 418 38.48 40.97 109.38
CA TYR BA 418 37.58 42.02 108.88
C TYR BA 418 36.20 41.91 109.45
N LYS BA 419 35.77 40.72 109.81
CA LYS BA 419 34.45 40.55 110.36
C LYS BA 419 34.37 40.75 111.87
N GLN BA 420 35.48 41.10 112.52
CA GLN BA 420 35.48 41.22 114.00
C GLN BA 420 34.34 42.15 114.44
N ASP BA 421 34.18 43.30 113.80
CA ASP BA 421 33.17 44.30 114.25
C ASP BA 421 31.75 43.83 113.92
N GLU BA 422 31.61 42.91 112.96
CA GLU BA 422 30.26 42.38 112.62
C GLU BA 422 29.68 41.69 113.86
N TYR BA 423 30.47 40.86 114.55
CA TYR BA 423 30.00 40.18 115.77
C TYR BA 423 29.88 41.21 116.90
PB GDP CA . 65.73 -80.88 -72.85
O1B GDP CA . 65.57 -79.94 -73.99
O2B GDP CA . 66.70 -80.30 -71.69
O3B GDP CA . 66.45 -82.26 -73.26
O3A GDP CA . 64.32 -81.11 -72.20
PA GDP CA . 63.41 -82.40 -72.12
O1A GDP CA . 62.52 -82.45 -73.29
O2A GDP CA . 64.27 -83.75 -72.04
O5' GDP CA . 62.50 -82.29 -70.79
C5' GDP CA . 62.83 -82.72 -69.43
C4' GDP CA . 61.54 -82.82 -68.59
O4' GDP CA . 60.87 -81.55 -68.58
C3' GDP CA . 60.52 -83.80 -69.19
O3' GDP CA . 60.86 -85.13 -68.82
C2' GDP CA . 59.18 -83.30 -68.58
O2' GDP CA . 58.93 -83.93 -67.30
C1' GDP CA . 59.43 -81.77 -68.41
N9 GDP CA . 58.66 -80.95 -69.40
C8 GDP CA . 58.87 -80.89 -70.76
N7 GDP CA . 58.20 -79.90 -71.30
C5 GDP CA . 57.51 -79.25 -70.34
C6 GDP CA . 56.62 -78.10 -70.29
O6 GDP CA . 56.22 -77.54 -71.30
N1 GDP CA . 56.20 -77.64 -69.05
C2 GDP CA . 56.43 -78.37 -67.89
N2 GDP CA . 55.87 -77.98 -66.72
N3 GDP CA . 57.19 -79.48 -67.91
C4 GDP CA . 57.79 -79.94 -69.10
PB GDP DA . 41.55 -39.61 -102.85
O1B GDP DA . 40.29 -39.16 -103.49
O2B GDP DA . 42.50 -38.36 -102.42
O3B GDP DA . 42.51 -40.46 -103.82
O3A GDP DA . 41.19 -40.39 -101.53
PA GDP DA . 41.39 -41.91 -101.14
O1A GDP DA . 40.19 -42.68 -101.54
O2A GDP DA . 42.70 -42.54 -101.83
O5' GDP DA . 41.55 -42.00 -99.53
C5' GDP DA . 42.76 -41.87 -98.74
C4' GDP DA . 42.51 -42.45 -97.32
O4' GDP DA . 41.42 -41.75 -96.70
C3' GDP DA . 42.07 -43.92 -97.35
O3' GDP DA . 43.22 -44.76 -97.48
C2' GDP DA . 41.34 -44.08 -95.99
O2' GDP DA . 42.26 -44.44 -94.94
C1' GDP DA . 40.75 -42.64 -95.75
N9 GDP DA . 39.26 -42.60 -95.93
C8 GDP DA . 38.57 -42.74 -97.13
N7 GDP DA . 37.32 -42.40 -96.99
C5 GDP DA . 37.11 -42.01 -95.72
C6 GDP DA . 35.96 -41.52 -94.96
O6 GDP DA . 34.82 -41.48 -95.41
N1 GDP DA . 36.16 -41.08 -93.65
C2 GDP DA . 37.37 -41.30 -92.99
N2 GDP DA . 37.50 -41.02 -91.69
N3 GDP DA . 38.43 -41.82 -93.66
C4 GDP DA . 38.36 -42.14 -95.02
PB GDP EA . -12.95 -24.94 -104.93
O1B GDP EA . -14.34 -25.38 -104.61
O2B GDP EA . -12.81 -23.32 -104.95
O3B GDP EA . -12.48 -25.36 -106.39
O3A GDP EA . -11.98 -25.47 -103.80
PA GDP EA . -10.82 -26.53 -103.85
O1A GDP EA . -11.35 -27.87 -103.57
O2A GDP EA . -10.06 -26.53 -105.28
O5' GDP EA . -9.74 -26.16 -102.71
C5' GDP EA . -8.62 -25.24 -102.78
C4' GDP EA . -7.64 -25.52 -101.62
O4' GDP EA . -8.32 -25.37 -100.37
C3' GDP EA . -7.12 -26.96 -101.61
O3' GDP EA . -6.03 -27.10 -102.53
C2' GDP EA . -6.69 -27.16 -100.13
O2' GDP EA . -5.34 -26.74 -99.92
C1' GDP EA . -7.70 -26.24 -99.37
N9 GDP EA . -8.74 -27.02 -98.61
C8 GDP EA . -9.77 -27.77 -99.15
N7 GDP EA . -10.63 -28.10 -98.24
C5 GDP EA . -10.24 -27.60 -97.05
C6 GDP EA . -10.77 -27.63 -95.69
O6 GDP EA . -11.74 -28.30 -95.37
N1 GDP EA . -10.14 -26.86 -94.72
C2 GDP EA . -8.90 -26.27 -94.96
N2 GDP EA . -8.22 -25.68 -93.96
N3 GDP EA . -8.35 -26.30 -96.20
C4 GDP EA . -9.00 -26.91 -97.27
PB GDP FA . -55.39 -41.71 -71.63
O1B GDP FA . -55.81 -42.72 -70.62
O2B GDP FA . -56.20 -40.31 -71.47
O3B GDP FA . -55.72 -42.15 -73.13
O3A GDP FA . -53.86 -41.39 -71.40
PA GDP FA . -52.60 -41.67 -72.31
O1A GDP FA . -52.05 -43.00 -71.99
O2A GDP FA . -52.96 -41.60 -73.88
O5' GDP FA . -51.49 -40.55 -71.99
C5' GDP FA . -51.35 -39.23 -72.57
C4' GDP FA . -49.93 -38.68 -72.29
O4' GDP FA . -49.71 -38.64 -70.87
C3' GDP FA . -48.83 -39.60 -72.83
O3' GDP FA . -48.63 -39.35 -74.22
C2' GDP FA . -47.60 -39.21 -71.96
O2' GDP FA . -46.87 -38.10 -72.52
C1' GDP FA . -48.28 -38.79 -70.60
N9 GDP FA . -48.05 -39.80 -69.51
C8 GDP FA . -48.59 -41.07 -69.44
N7 GDP FA . -48.41 -41.60 -68.27
C5 GDP FA . -47.75 -40.73 -67.48
C6 GDP FA . -47.28 -40.71 -66.10
O6 GDP FA . -47.33 -41.69 -65.37
N1 GDP FA . -46.74 -39.53 -65.59
C2 GDP FA . -46.45 -38.45 -66.43
N2 GDP FA . -45.79 -37.37 -65.95
N3 GDP FA . -46.81 -38.46 -67.73
C4 GDP FA . -47.51 -39.55 -68.28
PB GDP GA . -52.92 -70.02 -22.81
O1B GDP GA . -52.05 -70.86 -21.93
O2B GDP GA . -54.08 -69.26 -21.97
O3B GDP GA . -53.74 -70.89 -23.87
O3A GDP GA . -52.04 -68.92 -23.49
PA GDP GA . -51.64 -68.70 -25.00
O1A GDP GA . -50.39 -69.42 -25.29
O2A GDP GA . -52.80 -69.18 -26.00
O5' GDP GA . -51.38 -67.11 -25.23
C5' GDP GA . -52.36 -66.09 -25.57
C4' GDP GA . -51.62 -64.84 -26.10
O4' GDP GA . -50.70 -64.36 -25.12
C3' GDP GA . -50.76 -65.15 -27.33
O3' GDP GA . -51.58 -65.14 -28.50
C2' GDP GA . -49.72 -63.98 -27.32
O2' GDP GA . -50.21 -62.83 -28.02
C1' GDP GA . -49.58 -63.69 -25.78
N9 GDP GA . -48.27 -64.16 -25.23
C8 GDP GA . -47.86 -65.47 -25.06
N7 GDP GA . -46.79 -65.53 -24.32
C5 GDP GA . -46.41 -64.29 -23.95
C6 GDP GA . -45.35 -63.72 -23.15
O6 GDP GA . -44.41 -64.39 -22.71
N1 GDP GA . -45.37 -62.35 -22.88
C2 GDP GA . -46.26 -61.51 -23.54
N2 GDP GA . -46.16 -60.17 -23.39
N3 GDP GA . -47.21 -62.01 -24.34
C4 GDP GA . -47.36 -63.38 -24.55
PB GDP HA . -7.88 -80.98 9.50
O1B GDP HA . -6.39 -81.01 9.53
O2B GDP HA . -8.53 -80.77 10.96
O3B GDP HA . -8.52 -82.37 9.02
O3A GDP HA . -8.34 -79.77 8.61
PA GDP HA . -9.09 -79.73 7.22
O1A GDP HA . -8.10 -79.74 6.12
O2A GDP HA . -10.11 -80.97 7.05
O5' GDP HA . -9.92 -78.35 7.14
C5' GDP HA . -11.28 -78.08 7.63
C4' GDP HA . -11.82 -76.80 6.96
O4' GDP HA . -10.95 -75.69 7.26
C3' GDP HA . -11.83 -76.87 5.43
O3' GDP HA . -13.01 -77.57 5.00
C2' GDP HA . -11.82 -75.38 5.01
O2' GDP HA . -13.16 -74.84 4.95
C1' GDP HA . -11.01 -74.71 6.18
N9 GDP HA . -9.63 -74.28 5.76
C8 GDP HA . -8.58 -75.11 5.44
N7 GDP HA . -7.46 -74.45 5.36
C5 GDP HA . -7.70 -73.15 5.63
C6 GDP HA . -6.89 -71.93 5.70
O6 GDP HA . -5.71 -71.90 5.40
N1 GDP HA . -7.50 -70.75 6.16
C2 GDP HA . -8.88 -70.67 6.31
N2 GDP HA . -9.46 -69.49 6.59
N3 GDP HA . -9.66 -71.76 6.17
C4 GDP HA . -9.11 -73.02 5.88
PB GDP IA . 44.15 -59.21 6.15
O1B GDP IA . 45.09 -58.44 5.29
O2B GDP IA . 44.48 -59.03 7.73
O3B GDP IA . 44.24 -60.79 5.94
O3A GDP IA . 42.69 -58.64 5.93
PA GDP IA . 41.42 -59.32 5.30
O1A GDP IA . 41.39 -59.06 3.84
O2A GDP IA . 41.36 -60.90 5.57
O5' GDP IA . 40.11 -58.64 5.95
C5' GDP IA . 39.42 -59.00 7.18
C4' GDP IA . 38.01 -58.38 7.20
O4' GDP IA . 38.12 -56.95 7.09
C3' GDP IA . 37.16 -58.80 5.99
O3' GDP IA . 36.57 -60.08 6.24
C2' GDP IA . 36.11 -57.66 5.90
O2' GDP IA . 34.96 -57.93 6.72
C1' GDP IA . 36.91 -56.42 6.44
N9 GDP IA . 37.28 -55.45 5.35
C8 GDP IA . 38.19 -55.65 4.34
N7 GDP IA . 38.46 -54.54 3.71
C5 GDP IA . 37.76 -53.54 4.28
C6 GDP IA . 37.64 -52.10 4.06
O6 GDP IA . 38.16 -51.53 3.11
N1 GDP IA . 36.89 -51.34 4.96
C2 GDP IA . 36.08 -51.96 5.92
N2 GDP IA . 35.25 -51.23 6.68
N3 GDP IA . 36.13 -53.29 6.09
C4 GDP IA . 36.98 -54.12 5.34
PB GDP JA . 61.85 -14.91 -23.82
O1B GDP JA . 61.52 -13.99 -24.94
O2B GDP JA . 62.88 -14.23 -22.76
O3B GDP JA . 62.65 -16.22 -24.29
O3A GDP JA . 60.54 -15.25 -23.03
PA GDP JA . 59.76 -16.61 -22.86
O1A GDP JA . 58.76 -16.75 -23.94
O2A GDP JA . 60.74 -17.88 -22.87
O5' GDP JA . 58.98 -16.57 -21.45
C5' GDP JA . 59.46 -16.95 -20.13
C4' GDP JA . 58.28 -17.16 -19.17
O4' GDP JA . 57.51 -15.95 -19.09
C3' GDP JA . 57.29 -18.22 -19.67
O3' GDP JA . 57.77 -19.52 -19.32
C2' GDP JA . 55.98 -17.84 -18.92
O2' GDP JA . 55.91 -18.47 -17.63
C1' GDP JA . 56.11 -16.27 -18.79
N9 GDP JA . 55.18 -15.54 -19.70
C8 GDP JA . 55.25 -15.48 -21.08
N7 GDP JA . 54.45 -14.56 -21.56
C5 GDP JA . 53.81 -13.96 -20.53
C6 GDP JA . 52.83 -12.89 -20.40
O6 GDP JA . 52.29 -12.37 -21.36
N1 GDP JA . 52.49 -12.45 -19.12
C2 GDP JA . 52.89 -13.15 -17.99
N2 GDP JA . 52.42 -12.80 -16.77
N3 GDP JA . 53.74 -14.19 -18.09
C4 GDP JA . 54.26 -14.60 -19.32
PB GDP KA . 31.48 23.88 -51.40
O1B GDP KA . 30.13 24.21 -51.92
O2B GDP KA . 32.35 25.21 -51.06
O3B GDP KA . 32.40 23.11 -52.46
O3A GDP KA . 31.32 23.08 -50.05
PA GDP KA . 31.67 21.59 -49.68
O1A GDP KA . 30.52 20.72 -49.96
O2A GDP KA . 32.97 21.05 -50.48
O5' GDP KA . 31.98 21.52 -48.09
C5' GDP KA . 33.26 21.76 -47.42
C4' GDP KA . 33.19 21.18 -45.99
O4' GDP KA . 32.11 21.79 -45.27
C3' GDP KA . 32.88 19.68 -45.97
O3' GDP KA . 34.08 18.93 -46.21
C2' GDP KA . 32.31 19.47 -44.55
O2' GDP KA . 33.35 19.21 -43.59
C1' GDP KA . 31.61 20.85 -44.26
N9 GDP KA . 30.12 20.76 -44.30
C8 GDP KA . 29.34 20.56 -45.41
N7 GDP KA . 28.08 20.79 -45.15
C5 GDP KA . 27.95 21.17 -43.87
C6 GDP KA . 26.84 21.57 -43.00
O6 GDP KA . 25.67 21.50 -43.36
N1 GDP KA . 27.14 22.04 -41.73
C2 GDP KA . 28.41 21.92 -41.19
N2 GDP KA . 28.64 22.23 -39.89
N3 GDP KA . 29.44 21.49 -41.95
C4 GDP KA . 29.27 21.15 -43.30
PB GDP LA . -24.03 33.82 -48.26
O1B GDP LA . -25.33 33.27 -47.80
O2B GDP LA . -24.03 35.45 -48.29
O3B GDP LA . -23.66 33.43 -49.75
O3A GDP LA . -22.92 33.39 -47.22
PA GDP LA . -21.68 32.43 -47.39
O1A GDP LA . -22.06 31.04 -47.06
O2A GDP LA . -21.06 32.48 -48.88
O5' GDP LA . -20.54 32.90 -46.34
C5' GDP LA . -19.50 33.91 -46.53
C4' GDP LA . -18.39 33.72 -45.47
O4' GDP LA . -18.97 33.83 -44.16
C3' GDP LA . -17.77 32.33 -45.51
O3' GDP LA . -16.76 32.29 -46.54
C2' GDP LA . -17.18 32.18 -44.08
O2' GDP LA . -15.84 32.72 -43.99
C1' GDP LA . -18.18 33.03 -43.22
N9 GDP LA . -19.08 32.17 -42.36
C8 GDP LA . -20.08 31.33 -42.80
N7 GDP LA . -20.82 30.93 -41.82
C5 GDP LA . -20.37 31.47 -40.67
C6 GDP LA . -20.76 31.41 -39.27
O6 GDP LA . -21.64 30.67 -38.85
N1 GDP LA . -20.10 32.23 -38.36
C2 GDP LA . -18.95 32.93 -38.72
N2 GDP LA . -18.23 33.59 -37.79
N3 GDP LA . -18.52 32.94 -39.99
C4 GDP LA . -19.22 32.26 -41.00
PB GDP MA . -61.50 13.79 -11.02
O1B GDP MA . -61.74 12.76 -9.97
O2B GDP MA . -62.41 15.12 -10.78
O3B GDP MA . -61.93 13.32 -12.49
O3A GDP MA . -59.99 14.25 -10.94
PA GDP MA . -58.81 14.07 -11.97
O1A GDP MA . -58.11 12.80 -11.70
O2A GDP MA . -59.32 14.09 -13.49
O5' GDP MA . -57.77 15.29 -11.76
C5' GDP MA . -57.80 16.61 -12.36
C4' GDP MA . -56.41 17.28 -12.21
O4' GDP MA . -56.05 17.36 -10.83
C3' GDP MA . -55.28 16.45 -12.85
O3' GDP MA . -55.24 16.71 -14.26
C2' GDP MA . -54.02 16.95 -12.10
O2' GDP MA . -53.46 18.11 -12.74
C1' GDP MA . -54.60 17.32 -10.68
N9 GDP MA . -54.19 16.34 -9.62
C8 GDP MA . -54.60 15.03 -9.50
N7 GDP MA . -54.27 14.53 -8.35
C5 GDP MA . -53.62 15.47 -7.63
C6 GDP MA . -53.01 15.54 -6.30
O6 GDP MA . -52.91 14.57 -5.57
N1 GDP MA . -52.54 16.76 -5.85
C2 GDP MA . -52.42 17.86 -6.71
N2 GDP MA . -51.81 18.98 -6.30
N3 GDP MA . -52.91 17.80 -7.96
C4 GDP MA . -53.54 16.65 -8.45
PB GDP NA . -51.96 -13.76 37.36
O1B GDP NA . -50.94 -14.49 38.15
O2B GDP NA . -53.10 -13.08 38.30
O3B GDP NA . -52.81 -14.71 36.39
O3A GDP NA . -51.25 -12.58 36.60
PA GDP NA . -51.01 -12.34 35.05
O1A GDP NA . -49.74 -12.96 34.64
O2A GDP NA . -52.22 -12.94 34.16
O5' GDP NA . -50.92 -10.75 34.79
C5' GDP NA . -52.00 -9.81 34.56
C4' GDP NA . -51.44 -8.50 33.95
O4' GDP NA . -50.47 -7.95 34.85
C3' GDP NA . -50.67 -8.74 32.65
O3' GDP NA . -51.60 -8.83 31.56
C2' GDP NA . -49.74 -7.50 32.57
O2' GDP NA . -50.40 -6.40 31.91
C1' GDP NA . -49.47 -7.18 34.08
N9 GDP NA . -48.09 -7.53 34.50
C8 GDP NA . -47.56 -8.80 34.64
N7 GDP NA . -46.42 -8.78 35.27
C5 GDP NA . -46.11 -7.50 35.59
C6 GDP NA . -45.02 -6.83 36.29
O6 GDP NA . -44.01 -7.41 36.64
N1 GDP NA . -45.13 -5.47 36.55
C2 GDP NA . -46.16 -4.70 35.99
N2 GDP NA . -46.16 -3.36 36.13
N3 GDP NA . -47.14 -5.29 35.28
C4 GDP NA . -47.19 -6.68 35.10
PB GDP OA . -3.27 -20.54 65.21
O1B GDP OA . -1.79 -20.43 65.10
O2B GDP OA . -3.80 -20.36 66.74
O3B GDP OA . -3.84 -21.98 64.80
O3A GDP OA . -3.92 -19.37 64.37
PA GDP OA . -4.79 -19.40 63.06
O1A GDP OA . -3.92 -19.34 61.87
O2A GDP OA . -5.73 -20.72 62.98
O5' GDP OA . -5.76 -18.10 63.06
C5' GDP OA . -7.06 -17.95 63.67
C4' GDP OA . -7.77 -16.72 63.06
O4' GDP OA . -6.97 -15.54 63.28
C3' GDP OA . -7.93 -16.81 61.54
O3' GDP OA . -9.07 -17.61 61.22
C2' GDP OA . -8.09 -15.32 61.12
O2' GDP OA . -9.47 -14.90 61.18
C1' GDP OA . -7.23 -14.58 62.21
N9 GDP OA . -5.95 -14.04 61.65
C8 GDP OA . -4.85 -14.78 61.24
N7 GDP OA . -3.81 -14.03 61.05
C5 GDP OA . -4.14 -12.74 61.33
C6 GDP OA . -3.43 -11.47 61.34
O6 GDP OA . -2.30 -11.34 60.91
N1 GDP OA . -4.09 -10.35 61.84
C2 GDP OA . -5.46 -10.37 62.12
N2 GDP OA . -6.11 -9.24 62.46
N3 GDP OA . -6.14 -11.53 62.06
C4 GDP OA . -5.52 -12.74 61.72
PB GDP PA . 46.14 5.58 56.87
O1B GDP PA . 46.92 6.41 55.92
O2B GDP PA . 46.61 5.79 58.41
O3B GDP PA . 46.35 4.01 56.65
O3A GDP PA . 44.63 6.00 56.79
PA GDP PA . 43.36 5.22 56.27
O1A GDP PA . 43.17 5.46 54.84
O2A GDP PA . 43.47 3.64 56.56
O5' GDP PA . 42.06 5.80 57.06
C5' GDP PA . 41.53 5.37 58.35
C4' GDP PA . 40.08 5.88 58.50
O4' GDP PA . 40.05 7.31 58.38
C3' GDP PA . 39.16 5.38 57.38
O3' GDP PA . 38.71 4.06 57.69
C2' GDP PA . 38.01 6.42 57.39
O2' GDP PA . 36.97 6.07 58.33
C1' GDP PA . 38.75 7.74 57.85
N9 GDP PA . 38.93 8.72 56.73
C8 GDP PA . 39.75 8.59 55.63
N7 GDP PA . 39.87 9.71 54.99
C5 GDP PA . 39.14 10.66 55.61
C6 GDP PA . 38.87 12.08 55.40
O6 GDP PA . 39.25 12.68 54.41
N1 GDP PA . 38.15 12.77 56.38
C2 GDP PA . 37.49 12.10 57.41
N2 GDP PA . 36.68 12.77 58.24
N3 GDP PA . 37.67 10.77 57.58
C4 GDP PA . 38.51 10.02 56.75
#